data_9E1B
#
_entry.id   9E1B
#
_cell.length_a   1.00
_cell.length_b   1.00
_cell.length_c   1.00
_cell.angle_alpha   90.00
_cell.angle_beta   90.00
_cell.angle_gamma   90.00
#
_symmetry.space_group_name_H-M   'P 1'
#
loop_
_entity.id
_entity.type
_entity.pdbx_description
1 polymer 'Ryanodine receptor 1'
2 polymer 'Peptidyl-prolyl cis-trans isomerase FKBP1A'
3 non-polymer "ADENOSINE-5'-TRIPHOSPHATE"
4 non-polymer 'CALCIUM ION'
5 non-polymer 'ZINC ION'
6 non-polymer dyphylline
#
loop_
_entity_poly.entity_id
_entity_poly.type
_entity_poly.pdbx_seq_one_letter_code
_entity_poly.pdbx_strand_id
1 'polypeptide(L)'
;MGDGGEGEDEVQFLRTDDEVVLQCSATVLKEQLKLCLAAEGFGNRLCFLEPTSNAQNVPPDLAICCFTLEQSLSVRALQE
MLANTVEAGVESSQGGGHRTLLYGHAILLRHAHSRMYLSCLTTSRSMTDKLAFDVGLQEDATGEACWWTMHPASKQRSEG
EKVRVGDDLILVSVSSERYLHLSTASGELQVDASFMQTLWNMNPICSCCEEGYVTGGHVLRLFHGHMDECLTISAADSDD
QRRLVYYEGGAVCTHARSLWRLEPLRISWSGSHLRWGQPLRIRHVTTGRYLALTEDQGLVVVDACKAHTKATSFCFRVSK
EKLDTAPKRDVEGMGPPEIKYGESLCFVQHVASGLWLTYAAPDPKALRLGVLKKKAILHQEGHMDDALFLTRCQQEESQA
ARMIHSTAGLYNQFIKGLDSFSGKPRGSGPPAGPALPIEAVILSLQDLIGYFEPPSEELQHEEKQSKLRSLRNRQSLFQE
EGMLSLVLNCIDRLNVYTTAAHFAEYAGEEAAESWKEIVNLLYELLASLIRGNRANCALFSTNLDWVVSKLDRLEASSGI
LEVLYCVLIESPEVLNIIQENHIKSIISLLDKHGRNHKVLDVLCSLCVCNGVAVRSNQDLITENLLPGRELLLQTNLINY
VTSIRPNIFVGRAEGSTQYGKWYFEVMVDEVVPFLTAQATHLRVGWALTEGYSPYPGGGEGWGGNGVGDDLYSYGFDGLH
LWTGHVARPVTSPGQHLLAPEDVVSCCLDLSVPSISFRINGCPVQGVFEAFNLDGLFFPVVSFSAGVKVRFLLGGRHGEF
KFLPPPGYAPCHEAVLPRERLRLEPIKEYRREGPRGPHLVGPSRCLSHTDFVPCPVDTVQIVLPPHLERIREKLAENIHE
LWALTRIEQGWTYGPVRDDNKRLHPCLVNFHSLPEPERNYNLQMSGETLKTLLALGCHVGMADEKAEDNLKKTKLPKTYM
MSNGYKPAPLDLSHVRLTPAQTTLVDRLAENGHNVWARDRVAQGWSYSAVQDIPARRNPRLVPYRLLDEATKRSNRDSLC
QAVRTLLGYGYNIEPPDQEPSQVENQSRWDRVRIFRAEKSYTVQSGRWYFEFEAVTTGEMRVGWARPELRPDVELGADEL
AYVFNGHRGQRWHLGSEPFGRPWQSGDVVGCMIDLTENTIIFTLNGEVLMSDSGSETAFREIEIGDGFLPVCSLGPGQVG
HLNLGQDVSSLRFFAICGLQEGFEPFAINMQRPVTTWFSKSLPQFEPVPPEHPHYEVARMDGTVDTPPCLRLAHRTWGSQ
NSLVEMLFLRLSLPVQFHQHFRCTAGATPLAPPGLQPPAEDEARAAEPDPDYENLRRSAGGWGEAEGGKEGTAKEGTPGG
TPQPGVEAQPVRAENEKDATTEKNKKRGFLFKAKKAAMMTQPPATPALPRLPHDVVPADNRDDPEIILNTTTYYYSVRVF
AGQEPSCVWVGWVTPDYHQHDMNFDLSKVRAVTVTMGDEQGNVHSSLKCSNCYMVWGGDFVSPGQQGRISHTDLVIGCLV
DLATGLMTFTANGKESNTFFQVEPNTKLFPAVFVLPTHQNVIQFELGKQKNIMPLSAAMFLSERKNPAPQCPPRLEVQML
MPVSWSRMPNHFLQVETRRAGERLGWAVQCQDPLTMMALHIPEENRCMDILELSERLDLQRFHSHTLRLYRAVCALGNNR
VAHALCSHVDQAQLLHALEDAHLPGPLRAGYYDLLISIHLESACRSRRSMLSEYIVPLTPETRAITLFPPGRKGGNARRH
GLPGVGVTTSLRPPHHFSPPCFVAALPAAGVAEAPARLSPAIPLEALRDKALRMLGEAVRDGGQHARDPVGGSVEFQFVP
VLKLVSTLLVMGIFGDEDVKQILKMIEPEVFTEEEEEEEEEEEEEEEEEEDEEEKEEDEEEEEKEDAEKEEEEAPEGEKE
DLEEGLLQMKLPESVKLQMCNLLEYFCDQELQHRVESLAAFAERYVDKLQANQRSRYALLMRAFTMSAAETARRTREFRS
PPQEQINMLLHFKDEADEEDCPLPEDIRQDLQDFHQDLLAHCGIQLEGEEEEPEEETSLSSRLRSLLETVRLVKKKEEKP
EEELPAEEKKPQSLQELVSHMVVRWAQEDYVQSPELVRAMFSLLHRQYDGLGELLRALPRAYTISPSSVEDTMSLLECLG
QIRSLLIVQMGPQEENLMIQSIGNIMNNKVFYQHPNLMRALGMHETVMEVMVNVLGGGETKEIRFPKMVTSCCRFLCYFC
RISRQNQRSMFDHLSYLLENSGIGLGMQGSTPLDVAAASVIDNNELALALQEQDLEKVVSYLAGCGLQSCPMLLAKGYPD
IGWNPCGGERYLDFLRFAVFVNGESVEENANVVVRLLIRKPECFGPALRGEGGSGLLAAIEEAIRISEDPARDGPGVRRD
RRREHFGEEPPEENRVHLGHAIMSFYAALIDLLGRCAPEMHLIQAGKGEALRIRAILRSLVPLDDLVGIISLPLQIPTLG
KDGALVQPKMSASFVPDHKASMVLFLDRVYGIENQDFLLHVLDVGFLPDMRAAASLDTATFSTTEMALALNRYLCLAVLP
LITKCAPLFAGTEHRAIMVDSMLHTVYRLSRGRSLTKAQRDVIEDCLMALCRYIRPSMLQHLLRRLVFDVPILNEFAKMP
LKLLTNHYERCWKYYCLPTGWANFGVTSEEELHLTRKLFWGIFDSLAHKKYDQELYRMAMPCLCAIAGALPPDYVDASYS
SKAEKKATVDAEGNFDPRPVETLNVIIPEKLDSFINKFAEYTHEKWAFDKIQNNWSYGENVDEELKTHPMLRPYKTFSEK
DKEIYRWPIKESLKAMIAWEWTIEKAREGEEERTEKKKTRKISQTAQTYDPREGYNPQPPDLSGVTLSRELQAMAEQLAE
NYHNTWGRKKKQELEAKGGGTHPLLVPYDTLTAKEKARDREKAQELLKFLQMNGYAVTRGLKDMELDTSSIEKRFAFGFL
QQLLRWMDISQEFIAHLEAVVSSGRVEKSPHEQEIKFFAKILLPLINQYFTNHCLYFLSTPAKVLGSGGHASNKEKEMIT
SLFCKLAALVRHRVSLFGTDAPAVVNCLHILARSLDARTVMKSGPEIVKAGLRSFFESASEDIEKMVENLRLGKVSQART
QVKGVGQNLTYTTVALLPVLTTLFQHIAQHQFGDDVILDDVQVSCYRTLCSIYSLGTTKNTYVEKLRPALGECLARLAAA
MPVAFLEPQLNEYNACSVYTTKSPRERAILGLPNSVEEMCPDIPVLDRLMADIGGLAESGARYTEMPHVIEITLPMLCSY
LPRWWERGPEAPPPALPAGAPPPCTAVTSDHLNSLLGNILRIIVNNLGIDEATWMKRLAVFAQPIVSRARPELLHSHFIP
TIGRLRKRAGKVVAEEEQLRLEAKAEAEEGELLVRDEFSVLCRDLYALYPLLIRYVDNNRAHWLTEPNANAEELFRMVGE
IFIYWSKSHNFKREEQNFVVQNEINNMSFLTADSKSKMAKAGDAQSGGSDQERTKKKRRGDRYSVQTSLIVATLKKMLPI
GLNMCAPTDQDLIMLAKTRYALKDTDEEVREFLQNNLHLQGKVEGSPSLRWQMALYRGLPGREEDADDPEKIVRRVQEVS
AVLYHLEQTEHPYKSKKAVWHKLLSKQRRRAVVACFRMTPLYNLPTHRACNMFLESYKAAWILTEDHSFEDRMIDDLSKA
GEQEEEEEEVEEKKPDPLHQLVLHFSRTALTEKSKLDEDYLYMAYADIMAKSCHLEEGGENGEAEEEEVEVSFEEKEMEK
QRLLYQQSRLHTRGAAEMVLQMISACKGETGAMVSSTLKLGISILNGGNAEVQQKMLDYLKDKKEVGFFQSIQALMQTCS
VLDLNAFERQNKAEGLGMVNEDGTVINRQNGEKVMADDEFTQDLFRFLQLLCEGHNNDFQNYLRTQTGNTTTINIIICTV
DYLLRLQESISDFYWYYSGKDVIEEQGKRNFSKAMSVAKQVFNSLTEYIQGPCTGNQQSLAHSRLWDAVVGFLHVFAHMM
MKLAQDSSQIELLKELLDLQKDMVVMLLSLLEGNVVNGMIARQMVDMLVESSSNVEMILKFFDMFLKLKDIVGSEAFQDY
VTDPRGLISKKDFQKAMDSQKQFTGPEIQFLLSCSEADENEMINFEEFANRFQEPARDIGFNVAVLLTNLSEHVPHDPRL
RNFLELAESILEYFRPYLGRIEIMGASRRIERIYFEISETNRAQWEMPQVKESKRQFIFDVVNEGGEAEKMELFVSFCED
TIFEMQIAAQISEPEGEPEADEDEGMGEAAAEGAEEGAAGAEGAAGTVAAGATARLAAAAARALRGLSYRSLRRRVRRLR
RLTAREAATALAALLWAVVARAGAAGAGAAAGALRLLWGSLFGGGLVEGAKKVTVTELLAGMPDPTSDEVHGEQPAGPGG
DADGAGEGEGEGDAAEGDGDEEVAGHEAGPGGAEGVVAVADGGPFRPEGAGGLGDMGDTTPAEPPTPEGSPILKRKLGVD
GEEEELVPEPEPEPEPEPEKADEENGEKEEVPEAPPEPPKKAPPSPPAKKEEAGGAGMEFWGELEVQRVKFLNYLSRNFY
TLRFLALFLAFAINFILLFYKVSDSPPGEDDMEGSAAGDLAGAGSGGGSGWGSGAGEEAEGDEDENMVYYFLEESTGYME
PALWCLSLLHTLVAFLCIIGYNCLKVPLVIFKREKELARKLEFDGLYITEQPGDDDVKGQWDRLVLNTPSFPSNYWDKFV
KRKVLDKHGDIFGRERIAELLGMDLASLEITAHNERKPDPPPGLLTWLMSIDVKYQIWKFGVIFTDNSFLYLGWYMVMSL
LGHYNNFFFAAHLLDIAMGVKTLRTILSSVTHNGKQLVMTVGLLAVVVYLYTVVAFNFFRKFYNKSEDEDEPDMKCDDMM
TCYLFHMYVGVRAGGGIGDEIEDPAGDEYELYRVVFDITFFFFVIVILLAIIQGLIIDAFGELRDQQEQVKEDMETKCFI
CGIGSDYFDTTPHGFETHTLEEHNLANYMFFLMYLINKDETEHTGQESYVWKMYQERCWDFFPAGDCFRKQYEDQLS
;
A,B,D,C
2 'polypeptide(L)'
;MGVQVETISPGDGRTFPKRGQTCVVHYTGMLEDGKKFDSSRDRNKPFKFMLGKQEVIRGWEEGVAQMSVGQRAKLTISPD
YAYGATGHPGIIPPHATLVFDVELLKLE
;
E,H,G,F
#
loop_
_chem_comp.id
_chem_comp.type
_chem_comp.name
_chem_comp.formula
A1BD2 non-polymer dyphylline 'C10 H14 N4 O4'
ATP non-polymer ADENOSINE-5'-TRIPHOSPHATE 'C10 H16 N5 O13 P3'
CA non-polymer 'CALCIUM ION' 'Ca 2'
ZN non-polymer 'ZINC ION' 'Zn 2'
#
# COMPACT_ATOMS: atom_id res chain seq x y z
N GLU A 10 28.69 2.67 -5.45
CA GLU A 10 29.73 3.35 -6.22
C GLU A 10 31.05 2.59 -6.11
N VAL A 11 31.96 2.86 -7.05
CA VAL A 11 33.32 2.35 -6.99
C VAL A 11 34.04 3.08 -5.86
N GLN A 12 34.48 2.33 -4.85
CA GLN A 12 35.13 2.95 -3.71
C GLN A 12 36.37 3.70 -4.16
N PHE A 13 36.32 5.03 -4.01
CA PHE A 13 37.40 5.89 -4.45
C PHE A 13 38.27 6.24 -3.25
N LEU A 14 39.52 5.80 -3.29
CA LEU A 14 40.37 5.86 -2.11
C LEU A 14 40.74 7.29 -1.76
N ARG A 15 40.08 7.83 -0.74
CA ARG A 15 40.36 9.15 -0.21
C ARG A 15 41.50 9.03 0.78
N THR A 16 42.39 10.03 0.79
CA THR A 16 43.45 10.09 1.79
C THR A 16 42.88 9.93 3.19
N ASP A 17 43.71 9.39 4.08
CA ASP A 17 43.45 9.03 5.47
C ASP A 17 42.68 7.71 5.58
N ASP A 18 42.47 7.00 4.47
CA ASP A 18 41.88 5.68 4.54
C ASP A 18 42.83 4.70 5.22
N GLU A 19 42.28 3.68 5.87
CA GLU A 19 43.09 2.62 6.45
C GLU A 19 43.10 1.44 5.50
N VAL A 20 44.30 0.98 5.15
CA VAL A 20 44.54 0.22 3.92
C VAL A 20 45.52 -0.90 4.19
N VAL A 21 45.31 -2.03 3.50
CA VAL A 21 46.30 -3.08 3.38
C VAL A 21 46.60 -3.31 1.90
N LEU A 22 47.89 -3.33 1.57
CA LEU A 22 48.29 -3.68 0.21
C LEU A 22 48.46 -5.19 0.10
N GLN A 23 48.20 -5.73 -1.08
CA GLN A 23 48.11 -7.17 -1.27
C GLN A 23 48.86 -7.58 -2.52
N CYS A 24 49.53 -8.72 -2.47
CA CYS A 24 50.19 -9.32 -3.62
C CYS A 24 49.76 -10.78 -3.73
N SER A 25 49.53 -11.24 -4.95
CA SER A 25 49.11 -12.60 -5.20
C SER A 25 50.10 -13.29 -6.13
N ALA A 26 50.87 -14.21 -5.56
CA ALA A 26 51.82 -15.00 -6.33
C ALA A 26 51.43 -16.46 -6.23
N THR A 27 51.41 -17.15 -7.36
CA THR A 27 50.99 -18.55 -7.36
C THR A 27 52.02 -19.42 -6.67
N VAL A 28 51.54 -20.37 -5.87
CA VAL A 28 52.37 -21.33 -5.17
C VAL A 28 51.91 -22.72 -5.58
N LEU A 29 52.84 -23.56 -6.02
CA LEU A 29 52.52 -24.90 -6.50
C LEU A 29 51.36 -24.89 -7.50
N LYS A 30 51.50 -24.06 -8.54
CA LYS A 30 50.52 -23.74 -9.57
C LYS A 30 49.22 -23.18 -9.02
N GLU A 31 49.16 -22.87 -7.72
CA GLU A 31 47.94 -22.37 -7.10
C GLU A 31 48.22 -20.98 -6.57
N GLN A 32 47.30 -20.06 -6.83
CA GLN A 32 47.53 -18.67 -6.43
C GLN A 32 47.37 -18.52 -4.92
N LEU A 33 48.42 -18.04 -4.28
CA LEU A 33 48.43 -17.79 -2.84
C LEU A 33 48.30 -16.29 -2.60
N LYS A 34 47.41 -15.91 -1.70
CA LYS A 34 47.15 -14.52 -1.38
C LYS A 34 48.02 -14.12 -0.20
N LEU A 35 48.92 -13.17 -0.40
CA LEU A 35 49.83 -12.71 0.63
C LEU A 35 49.71 -11.20 0.79
N CYS A 36 50.07 -10.71 1.97
CA CYS A 36 50.03 -9.29 2.27
C CYS A 36 51.34 -8.88 2.94
N LEU A 37 51.77 -7.65 2.69
CA LEU A 37 52.99 -7.15 3.30
C LEU A 37 52.74 -6.59 4.68
N ALA A 38 53.53 -7.06 5.64
CA ALA A 38 53.53 -6.53 7.00
C ALA A 38 54.96 -6.35 7.46
N ALA A 39 55.23 -5.20 8.08
CA ALA A 39 56.53 -4.90 8.65
C ALA A 39 56.38 -4.78 10.16
N GLU A 40 57.14 -5.59 10.89
CA GLU A 40 56.97 -5.65 12.35
C GLU A 40 57.25 -4.31 13.00
N GLY A 41 58.10 -3.49 12.38
CA GLY A 41 58.43 -2.21 12.97
C GLY A 41 59.52 -2.40 14.02
N PHE A 42 59.11 -2.40 15.28
CA PHE A 42 60.04 -2.70 16.35
C PHE A 42 60.64 -4.09 16.16
N GLY A 43 61.94 -4.19 16.36
CA GLY A 43 62.63 -5.45 16.15
C GLY A 43 63.23 -5.57 14.76
N ASN A 44 62.38 -5.45 13.73
CA ASN A 44 62.84 -5.52 12.35
C ASN A 44 62.19 -4.40 11.55
N ARG A 45 63.02 -3.63 10.84
CA ARG A 45 62.48 -2.61 9.95
C ARG A 45 61.89 -3.24 8.69
N LEU A 46 62.55 -4.28 8.17
CA LEU A 46 62.15 -4.87 6.89
C LEU A 46 60.77 -5.51 7.00
N CYS A 47 60.01 -5.41 5.92
CA CYS A 47 58.68 -6.03 5.88
C CYS A 47 58.79 -7.49 5.45
N PHE A 48 57.79 -8.26 5.83
CA PHE A 48 57.70 -9.67 5.47
C PHE A 48 56.29 -9.98 4.99
N LEU A 49 56.18 -10.99 4.15
CA LEU A 49 54.92 -11.39 3.55
C LEU A 49 54.14 -12.27 4.52
N GLU A 50 52.84 -12.01 4.64
CA GLU A 50 51.96 -12.89 5.37
C GLU A 50 50.85 -13.39 4.46
N PRO A 51 50.65 -14.69 4.35
CA PRO A 51 49.60 -15.20 3.46
C PRO A 51 48.25 -15.26 4.14
N THR A 52 47.23 -14.71 3.50
CA THR A 52 45.87 -14.75 4.02
C THR A 52 45.01 -15.78 3.31
N SER A 53 45.62 -16.67 2.52
CA SER A 53 44.85 -17.64 1.75
C SER A 53 44.11 -18.61 2.66
N ASN A 54 44.77 -19.06 3.73
CA ASN A 54 44.16 -20.06 4.59
C ASN A 54 42.90 -19.54 5.26
N ALA A 55 43.03 -18.54 6.12
CA ALA A 55 41.90 -17.95 6.84
C ALA A 55 41.12 -19.03 7.59
N GLN A 56 40.33 -19.82 6.85
CA GLN A 56 39.59 -20.91 7.45
C GLN A 56 40.53 -21.92 8.10
N ASN A 57 41.76 -22.00 7.61
CA ASN A 57 42.73 -22.91 8.22
C ASN A 57 43.49 -22.22 9.34
N VAL A 58 43.98 -21.01 9.09
CA VAL A 58 44.77 -20.27 10.07
C VAL A 58 44.55 -18.78 9.83
N PRO A 59 44.42 -17.98 10.88
CA PRO A 59 44.17 -16.55 10.69
C PRO A 59 45.47 -15.78 10.52
N PRO A 60 45.60 -15.05 9.42
CA PRO A 60 46.68 -14.07 9.33
C PRO A 60 46.45 -12.94 10.31
N ASP A 61 47.55 -12.33 10.77
CA ASP A 61 47.49 -11.22 11.70
C ASP A 61 47.29 -9.94 10.90
N LEU A 62 46.03 -9.52 10.74
CA LEU A 62 45.75 -8.34 9.93
C LEU A 62 46.27 -7.09 10.60
N ALA A 63 46.33 -7.07 11.92
CA ALA A 63 46.69 -5.84 12.64
C ALA A 63 48.08 -5.37 12.26
N ILE A 64 49.05 -6.28 12.19
CA ILE A 64 50.40 -5.88 11.80
C ILE A 64 50.42 -5.49 10.34
N CYS A 65 49.53 -6.07 9.54
CA CYS A 65 49.47 -5.74 8.12
C CYS A 65 48.72 -4.44 7.89
N CYS A 66 48.03 -3.93 8.90
CA CYS A 66 47.28 -2.70 8.75
C CYS A 66 48.21 -1.54 8.39
N PHE A 67 47.80 -0.74 7.41
CA PHE A 67 48.56 0.42 7.00
C PHE A 67 47.59 1.57 6.78
N THR A 68 48.10 2.79 6.87
CA THR A 68 47.32 3.99 6.59
C THR A 68 48.09 4.89 5.66
N LEU A 69 47.37 5.64 4.85
CA LEU A 69 47.98 6.55 3.88
C LEU A 69 47.57 7.97 4.27
N GLU A 70 48.51 8.91 4.21
CA GLU A 70 48.29 10.21 4.82
C GLU A 70 48.11 11.29 3.77
N GLN A 71 49.10 11.46 2.89
CA GLN A 71 49.06 12.56 1.93
C GLN A 71 49.32 12.02 0.54
N SER A 72 48.60 12.61 -0.43
CA SER A 72 48.77 12.29 -1.84
C SER A 72 49.17 13.56 -2.57
N LEU A 73 50.35 13.54 -3.18
CA LEU A 73 50.91 14.71 -3.84
C LEU A 73 51.39 14.33 -5.22
N SER A 74 51.22 15.24 -6.18
CA SER A 74 51.80 15.05 -7.51
C SER A 74 53.31 14.98 -7.40
N VAL A 75 53.95 14.50 -8.46
CA VAL A 75 55.40 14.39 -8.45
C VAL A 75 56.04 15.75 -8.26
N ARG A 76 55.55 16.76 -8.99
CA ARG A 76 56.11 18.10 -8.88
C ARG A 76 55.87 18.67 -7.49
N ALA A 77 54.62 18.65 -7.02
CA ALA A 77 54.30 19.15 -5.69
C ALA A 77 55.20 18.51 -4.64
N LEU A 78 55.42 17.20 -4.78
CA LEU A 78 56.33 16.50 -3.89
C LEU A 78 57.74 17.05 -4.00
N GLN A 79 58.19 17.34 -5.23
CA GLN A 79 59.53 17.91 -5.37
C GLN A 79 59.66 19.22 -4.59
N GLU A 80 58.71 20.13 -4.77
CA GLU A 80 58.89 21.42 -4.10
C GLU A 80 58.66 21.32 -2.59
N MET A 81 57.80 20.41 -2.13
CA MET A 81 57.58 20.40 -0.68
C MET A 81 58.72 19.69 0.02
N LEU A 82 59.41 18.78 -0.69
CA LEU A 82 60.70 18.30 -0.17
C LEU A 82 61.73 19.42 -0.20
N ALA A 83 61.70 20.26 -1.24
CA ALA A 83 62.59 21.41 -1.27
C ALA A 83 62.32 22.35 -0.11
N ASN A 84 61.09 22.34 0.41
CA ASN A 84 60.74 23.15 1.55
C ASN A 84 60.43 22.28 2.76
N HIS A 98 42.49 16.33 2.33
CA HIS A 98 41.57 15.29 1.87
C HIS A 98 41.42 15.29 0.35
N ARG A 99 42.17 14.43 -0.32
CA ARG A 99 42.08 14.25 -1.76
C ARG A 99 42.03 12.77 -2.08
N THR A 100 41.12 12.39 -2.97
CA THR A 100 41.04 11.00 -3.39
C THR A 100 42.28 10.64 -4.20
N LEU A 101 42.71 9.39 -4.08
CA LEU A 101 43.94 8.96 -4.74
C LEU A 101 43.86 9.14 -6.25
N LEU A 102 44.89 9.76 -6.81
CA LEU A 102 44.97 10.00 -8.25
C LEU A 102 46.20 9.28 -8.79
N TYR A 103 46.06 8.64 -9.94
CA TYR A 103 47.21 8.01 -10.58
C TYR A 103 48.29 9.04 -10.84
N GLY A 104 49.53 8.68 -10.50
CA GLY A 104 50.65 9.58 -10.66
C GLY A 104 50.94 10.46 -9.47
N HIS A 105 49.95 10.75 -8.64
CA HIS A 105 50.19 11.53 -7.43
C HIS A 105 50.70 10.63 -6.32
N ALA A 106 51.94 10.87 -5.90
CA ALA A 106 52.57 10.00 -4.90
C ALA A 106 51.85 10.07 -3.57
N ILE A 107 51.76 8.92 -2.90
CA ILE A 107 51.07 8.81 -1.61
C ILE A 107 52.07 8.44 -0.53
N LEU A 108 51.95 9.09 0.62
CA LEU A 108 52.63 8.70 1.85
C LEU A 108 51.74 7.70 2.59
N LEU A 109 52.26 6.51 2.86
CA LEU A 109 51.48 5.43 3.45
C LEU A 109 52.24 4.83 4.62
N ARG A 110 51.66 4.97 5.82
CA ARG A 110 52.34 4.68 7.07
C ARG A 110 51.63 3.54 7.77
N HIS A 111 52.38 2.77 8.57
CA HIS A 111 51.79 1.61 9.23
C HIS A 111 51.14 2.03 10.54
N ALA A 112 49.93 1.51 10.78
CA ALA A 112 49.15 1.96 11.93
C ALA A 112 49.84 1.63 13.25
N HIS A 113 50.23 0.37 13.44
CA HIS A 113 50.86 -0.01 14.70
C HIS A 113 52.20 0.67 14.88
N SER A 114 52.99 0.78 13.81
CA SER A 114 54.29 1.41 13.93
C SER A 114 54.15 2.91 14.17
N ARG A 115 53.09 3.52 13.65
CA ARG A 115 53.02 4.97 13.50
C ARG A 115 54.26 5.48 12.77
N MET A 116 54.76 4.67 11.85
CA MET A 116 56.00 4.93 11.15
C MET A 116 55.80 4.54 9.70
N TYR A 117 56.44 5.26 8.79
CA TYR A 117 56.08 5.25 7.38
C TYR A 117 57.08 4.42 6.59
N LEU A 118 56.59 3.71 5.58
CA LEU A 118 57.41 2.73 4.86
C LEU A 118 58.39 3.40 3.91
N SER A 119 59.56 2.79 3.77
CA SER A 119 60.59 3.27 2.87
C SER A 119 61.48 2.11 2.44
N CYS A 120 62.23 2.30 1.36
CA CYS A 120 63.21 1.30 0.97
C CYS A 120 64.55 1.61 1.61
N LEU A 121 65.06 0.64 2.37
CA LEU A 121 66.35 0.81 3.02
C LEU A 121 67.45 0.84 1.97
N THR A 122 68.45 1.69 2.20
CA THR A 122 69.56 1.81 1.26
C THR A 122 70.32 0.49 1.13
N THR A 123 70.27 -0.34 2.16
CA THR A 123 70.98 -1.60 2.14
C THR A 123 70.37 -2.54 1.11
N SER A 124 71.11 -3.58 0.75
CA SER A 124 70.67 -4.59 -0.20
C SER A 124 70.79 -5.96 0.48
N ARG A 125 69.72 -6.39 1.14
CA ARG A 125 69.72 -7.70 1.77
C ARG A 125 69.85 -8.80 0.72
N SER A 126 69.45 -8.51 -0.51
CA SER A 126 69.53 -9.52 -1.57
C SER A 126 70.97 -9.84 -1.91
N MET A 127 71.39 -11.07 -1.61
CA MET A 127 72.72 -11.51 -2.04
C MET A 127 72.78 -11.65 -3.55
N THR A 128 71.68 -12.06 -4.17
CA THR A 128 71.71 -12.34 -5.61
C THR A 128 71.78 -11.05 -6.41
N ASP A 129 71.00 -10.05 -6.04
CA ASP A 129 70.95 -8.77 -6.75
C ASP A 129 71.40 -7.66 -5.80
N LYS A 130 72.44 -6.93 -6.19
CA LYS A 130 72.88 -5.79 -5.38
C LYS A 130 71.89 -4.64 -5.48
N LEU A 131 71.24 -4.50 -6.64
CA LEU A 131 70.26 -3.43 -6.80
C LEU A 131 69.05 -3.64 -5.90
N ALA A 132 68.67 -4.89 -5.67
CA ALA A 132 67.49 -5.17 -4.87
C ALA A 132 67.67 -4.68 -3.44
N PHE A 133 66.77 -3.82 -3.00
CA PHE A 133 66.90 -3.15 -1.71
C PHE A 133 65.70 -3.51 -0.84
N ASP A 134 65.97 -3.84 0.41
CA ASP A 134 64.91 -4.15 1.35
C ASP A 134 64.09 -2.90 1.67
N VAL A 135 62.80 -3.09 1.86
CA VAL A 135 61.87 -2.01 2.17
C VAL A 135 61.58 -2.04 3.67
N GLY A 136 61.74 -0.90 4.32
CA GLY A 136 61.56 -0.83 5.76
C GLY A 136 60.85 0.45 6.19
N LEU A 137 60.16 0.36 7.31
CA LEU A 137 59.46 1.52 7.83
C LEU A 137 60.45 2.56 8.34
N GLN A 138 60.25 3.81 7.92
CA GLN A 138 61.17 4.90 8.23
C GLN A 138 60.53 5.86 9.21
N GLU A 139 61.32 6.35 10.17
CA GLU A 139 60.82 7.30 11.14
C GLU A 139 60.48 8.64 10.48
N ASP A 140 61.19 8.99 9.42
CA ASP A 140 60.99 10.26 8.73
C ASP A 140 60.13 10.01 7.50
N ALA A 141 59.44 11.06 7.05
CA ALA A 141 58.64 10.95 5.84
C ALA A 141 59.41 11.43 4.61
N THR A 142 60.43 12.26 4.82
CA THR A 142 61.22 12.77 3.71
C THR A 142 62.09 11.67 3.13
N GLY A 143 62.49 11.86 1.89
CA GLY A 143 63.25 10.85 1.17
C GLY A 143 62.47 10.32 -0.03
N GLU A 144 63.07 10.43 -1.21
CA GLU A 144 62.34 10.10 -2.43
C GLU A 144 62.18 8.60 -2.56
N ALA A 145 63.19 7.84 -2.13
CA ALA A 145 63.07 6.38 -2.07
C ALA A 145 61.91 5.97 -1.18
N CYS A 146 61.69 6.72 -0.10
CA CYS A 146 60.55 6.47 0.77
C CYS A 146 59.25 6.63 0.01
N TRP A 147 59.20 7.61 -0.89
CA TRP A 147 58.00 7.85 -1.70
C TRP A 147 57.94 6.89 -2.87
N TRP A 148 56.76 6.77 -3.46
CA TRP A 148 56.52 5.83 -4.54
C TRP A 148 55.70 6.50 -5.62
N THR A 149 55.76 5.93 -6.82
CA THR A 149 54.94 6.38 -7.94
C THR A 149 53.95 5.28 -8.29
N MET A 150 52.70 5.67 -8.54
CA MET A 150 51.63 4.73 -8.79
C MET A 150 51.09 4.94 -10.20
N HIS A 151 50.97 3.85 -10.94
CA HIS A 151 50.53 3.88 -12.32
C HIS A 151 49.58 2.74 -12.60
N PRO A 152 48.66 2.92 -13.54
CA PRO A 152 47.78 1.82 -13.92
C PRO A 152 48.57 0.64 -14.47
N ALA A 153 48.15 -0.56 -14.10
CA ALA A 153 48.84 -1.75 -14.60
C ALA A 153 48.61 -1.93 -16.09
N SER A 154 47.36 -1.85 -16.53
CA SER A 154 47.02 -2.00 -17.93
C SER A 154 46.35 -0.72 -18.43
N LYS A 155 45.81 -0.79 -19.65
CA LYS A 155 45.47 0.43 -20.37
C LYS A 155 44.04 0.87 -20.11
N GLN A 156 43.18 -0.02 -19.65
CA GLN A 156 41.80 0.39 -19.36
C GLN A 156 41.79 1.45 -18.26
N ARG A 157 42.59 1.25 -17.22
CA ARG A 157 42.91 2.34 -16.32
C ARG A 157 43.93 3.26 -16.99
N SER A 158 43.83 4.56 -16.72
CA SER A 158 44.66 5.56 -17.37
C SER A 158 45.60 6.20 -16.37
N GLU A 159 46.75 6.65 -16.86
CA GLU A 159 47.66 7.43 -16.02
C GLU A 159 47.10 8.82 -15.80
N GLY A 160 47.38 9.38 -14.64
CA GLY A 160 46.93 10.74 -14.33
C GLY A 160 45.43 10.87 -14.20
N GLU A 161 44.78 9.86 -13.63
CA GLU A 161 43.36 9.91 -13.34
C GLU A 161 43.10 9.33 -11.96
N LYS A 162 41.82 9.19 -11.62
CA LYS A 162 41.45 8.77 -10.29
C LYS A 162 41.65 7.26 -10.12
N VAL A 163 42.18 6.87 -8.97
CA VAL A 163 42.41 5.45 -8.68
C VAL A 163 41.12 4.84 -8.13
N ARG A 164 40.82 3.62 -8.57
CA ARG A 164 39.62 2.91 -8.15
C ARG A 164 39.99 1.84 -7.13
N VAL A 165 38.99 1.35 -6.40
CA VAL A 165 39.21 0.26 -5.46
C VAL A 165 39.54 -1.02 -6.22
N GLY A 166 40.40 -1.84 -5.63
CA GLY A 166 40.74 -3.13 -6.22
C GLY A 166 41.58 -3.06 -7.46
N ASP A 167 42.10 -1.89 -7.80
CA ASP A 167 42.89 -1.73 -9.02
C ASP A 167 44.23 -2.45 -8.89
N ASP A 168 44.86 -2.66 -10.03
CA ASP A 168 46.18 -3.26 -10.05
C ASP A 168 47.25 -2.19 -10.24
N LEU A 169 48.13 -2.06 -9.25
CA LEU A 169 49.11 -0.99 -9.22
C LEU A 169 50.51 -1.55 -9.15
N ILE A 170 51.42 -0.92 -9.90
CA ILE A 170 52.83 -1.31 -9.93
C ILE A 170 53.64 -0.08 -9.57
N LEU A 171 54.59 -0.25 -8.64
CA LEU A 171 55.15 0.87 -7.89
C LEU A 171 56.68 0.83 -7.92
N VAL A 172 57.30 1.93 -8.32
CA VAL A 172 58.74 2.14 -8.16
C VAL A 172 58.95 3.11 -7.00
N SER A 173 59.85 2.75 -6.09
CA SER A 173 60.36 3.74 -5.15
C SER A 173 61.23 4.73 -5.90
N VAL A 174 60.99 6.02 -5.66
CA VAL A 174 61.41 7.05 -6.60
C VAL A 174 62.93 7.10 -6.71
N SER A 175 63.63 7.19 -5.57
CA SER A 175 65.09 7.15 -5.63
C SER A 175 65.55 5.81 -6.17
N SER A 176 64.89 4.73 -5.75
CA SER A 176 65.22 3.41 -6.27
C SER A 176 64.91 3.33 -7.76
N GLU A 177 63.78 3.90 -8.18
CA GLU A 177 63.20 3.59 -9.48
C GLU A 177 63.06 2.08 -9.65
N ARG A 178 62.85 1.39 -8.54
CA ARG A 178 62.80 -0.06 -8.49
C ARG A 178 61.36 -0.47 -8.19
N TYR A 179 60.79 -1.28 -9.06
CA TYR A 179 59.46 -1.81 -8.80
C TYR A 179 59.48 -2.77 -7.62
N LEU A 180 58.40 -2.77 -6.85
CA LEU A 180 58.29 -3.71 -5.75
C LEU A 180 58.19 -5.13 -6.30
N HIS A 181 58.96 -6.04 -5.72
CA HIS A 181 59.14 -7.36 -6.32
C HIS A 181 59.39 -8.39 -5.23
N LEU A 182 59.15 -9.65 -5.59
CA LEU A 182 59.36 -10.78 -4.69
C LEU A 182 60.62 -11.52 -5.11
N SER A 183 61.55 -11.68 -4.17
CA SER A 183 62.80 -12.38 -4.44
C SER A 183 62.51 -13.87 -4.49
N THR A 184 62.01 -14.34 -5.62
CA THR A 184 61.78 -15.77 -5.81
C THR A 184 63.07 -16.55 -5.85
N ALA A 185 64.21 -15.88 -6.00
CA ALA A 185 65.49 -16.55 -5.82
C ALA A 185 65.56 -17.20 -4.45
N SER A 186 65.17 -16.48 -3.42
CA SER A 186 64.83 -17.13 -2.16
C SER A 186 63.66 -18.06 -2.39
N GLY A 187 63.76 -19.29 -1.87
CA GLY A 187 62.71 -20.26 -2.09
C GLY A 187 61.36 -19.74 -1.64
N GLU A 188 61.31 -19.13 -0.47
CA GLU A 188 60.12 -18.38 -0.07
C GLU A 188 60.12 -17.03 -0.77
N LEU A 189 58.93 -16.53 -1.07
CA LEU A 189 58.83 -15.19 -1.63
C LEU A 189 59.27 -14.16 -0.59
N GLN A 190 60.21 -13.31 -0.98
CA GLN A 190 60.72 -12.25 -0.12
C GLN A 190 60.69 -10.94 -0.90
N VAL A 191 60.09 -9.91 -0.29
CA VAL A 191 59.89 -8.66 -1.01
C VAL A 191 61.22 -7.97 -1.22
N ASP A 192 61.39 -7.39 -2.42
CA ASP A 192 62.60 -6.68 -2.78
C ASP A 192 62.25 -5.58 -3.78
N ALA A 193 62.94 -4.46 -3.64
CA ALA A 193 62.78 -3.34 -4.56
C ALA A 193 63.73 -3.54 -5.74
N SER A 194 63.16 -3.85 -6.90
CA SER A 194 63.95 -4.14 -8.08
C SER A 194 63.35 -3.42 -9.29
N PHE A 195 64.21 -3.16 -10.27
CA PHE A 195 63.73 -2.52 -11.49
C PHE A 195 62.63 -3.35 -12.15
N MET A 196 62.75 -4.68 -12.10
CA MET A 196 61.69 -5.53 -12.63
C MET A 196 60.45 -5.42 -11.75
N GLN A 197 59.30 -5.68 -12.37
CA GLN A 197 58.01 -5.33 -11.79
C GLN A 197 57.32 -6.55 -11.20
N THR A 198 56.61 -6.33 -10.09
CA THR A 198 55.68 -7.30 -9.54
C THR A 198 54.42 -6.55 -9.12
N LEU A 199 53.27 -6.99 -9.64
CA LEU A 199 52.03 -6.25 -9.46
C LEU A 199 51.62 -6.25 -7.99
N TRP A 200 50.92 -5.19 -7.58
CA TRP A 200 50.44 -5.05 -6.22
C TRP A 200 49.01 -4.52 -6.25
N ASN A 201 48.13 -5.15 -5.48
CA ASN A 201 46.71 -4.80 -5.48
C ASN A 201 46.27 -4.28 -4.12
N MET A 202 45.45 -3.24 -4.15
CA MET A 202 45.00 -2.51 -2.97
C MET A 202 43.63 -3.01 -2.56
N ASN A 203 43.43 -3.20 -1.25
CA ASN A 203 42.19 -3.67 -0.66
C ASN A 203 41.88 -2.82 0.56
N PRO A 204 40.74 -2.15 0.61
CA PRO A 204 40.45 -1.25 1.74
C PRO A 204 40.20 -2.02 3.01
N ILE A 205 40.60 -1.44 4.14
CA ILE A 205 40.24 -2.02 5.43
C ILE A 205 39.14 -1.22 6.10
N CYS A 206 39.36 0.10 6.26
CA CYS A 206 38.37 0.98 6.85
C CYS A 206 38.58 2.38 6.31
N SER A 207 37.48 3.11 6.14
CA SER A 207 37.53 4.45 5.55
C SER A 207 37.20 5.54 6.56
N CYS A 208 36.02 5.49 7.16
CA CYS A 208 35.61 6.52 8.10
C CYS A 208 34.68 5.90 9.14
N CYS A 209 35.01 6.14 10.41
CA CYS A 209 34.27 5.60 11.53
C CYS A 209 33.63 6.74 12.30
N GLU A 210 32.33 6.64 12.53
CA GLU A 210 31.63 7.67 13.28
C GLU A 210 32.04 7.63 14.74
N GLU A 211 31.77 8.71 15.47
CA GLU A 211 32.06 8.73 16.89
C GLU A 211 31.34 7.60 17.59
N GLY A 212 32.03 6.92 18.50
CA GLY A 212 31.48 5.69 19.03
C GLY A 212 31.35 4.68 17.91
N TYR A 213 30.28 3.89 17.99
CA TYR A 213 29.88 3.03 16.88
C TYR A 213 30.97 2.04 16.46
N VAL A 214 31.20 1.01 17.27
CA VAL A 214 32.33 0.10 17.08
C VAL A 214 32.50 -0.27 15.62
N THR A 215 33.75 -0.36 15.20
CA THR A 215 34.12 -0.78 13.86
C THR A 215 35.19 -1.84 13.97
N GLY A 216 35.32 -2.65 12.93
CA GLY A 216 36.33 -3.68 12.93
C GLY A 216 37.73 -3.09 12.97
N GLY A 217 38.69 -3.90 13.40
CA GLY A 217 40.06 -3.48 13.42
C GLY A 217 40.44 -2.54 14.54
N HIS A 218 39.59 -2.39 15.56
CA HIS A 218 39.87 -1.52 16.69
C HIS A 218 39.93 -2.35 17.97
N VAL A 219 40.99 -2.14 18.75
CA VAL A 219 41.15 -2.85 20.01
C VAL A 219 40.08 -2.38 20.99
N LEU A 220 39.66 -3.28 21.88
CA LEU A 220 38.51 -3.03 22.73
C LEU A 220 38.66 -3.78 24.05
N ARG A 221 37.91 -3.32 25.05
CA ARG A 221 37.83 -3.97 26.34
C ARG A 221 36.35 -4.16 26.69
N LEU A 222 36.02 -5.32 27.23
CA LEU A 222 34.62 -5.71 27.43
C LEU A 222 34.38 -6.07 28.89
N PHE A 223 33.32 -5.51 29.46
CA PHE A 223 32.97 -5.70 30.87
C PHE A 223 31.66 -6.46 30.97
N HIS A 224 31.73 -7.70 31.45
CA HIS A 224 30.50 -8.48 31.65
C HIS A 224 29.60 -7.82 32.68
N GLY A 225 30.18 -7.37 33.79
CA GLY A 225 29.42 -6.59 34.74
C GLY A 225 29.36 -5.13 34.35
N HIS A 226 28.63 -4.36 35.15
CA HIS A 226 28.47 -2.93 34.91
C HIS A 226 29.68 -2.18 35.48
N MET A 227 30.80 -2.31 34.74
CA MET A 227 32.09 -1.71 35.02
C MET A 227 32.72 -2.27 36.28
N ASP A 228 32.07 -3.19 36.98
CA ASP A 228 32.67 -3.78 38.18
C ASP A 228 33.79 -4.75 37.82
N GLU A 229 33.71 -5.37 36.66
CA GLU A 229 34.67 -6.40 36.28
C GLU A 229 34.70 -6.55 34.78
N CYS A 230 35.79 -7.12 34.28
CA CYS A 230 36.04 -7.24 32.85
C CYS A 230 36.60 -8.63 32.53
N LEU A 231 36.46 -9.03 31.27
CA LEU A 231 36.98 -10.31 30.84
C LEU A 231 38.48 -10.24 30.59
N THR A 232 39.22 -11.15 31.20
CA THR A 232 40.67 -11.12 31.12
C THR A 232 41.23 -12.54 31.18
N ILE A 233 42.46 -12.68 30.69
CA ILE A 233 43.19 -13.93 30.87
C ILE A 233 43.70 -14.02 32.30
N SER A 234 44.21 -15.20 32.65
CA SER A 234 44.85 -15.37 33.94
C SER A 234 46.11 -14.53 34.01
N ALA A 235 46.53 -14.22 35.23
CA ALA A 235 47.77 -13.46 35.41
C ALA A 235 48.96 -14.26 34.88
N ALA A 236 50.01 -13.53 34.52
CA ALA A 236 51.18 -14.16 33.93
C ALA A 236 51.82 -15.12 34.92
N ASP A 237 52.60 -16.07 34.37
CA ASP A 237 53.30 -17.12 35.10
C ASP A 237 52.34 -18.06 35.83
N SER A 238 51.06 -18.06 35.48
CA SER A 238 50.12 -18.96 36.12
C SER A 238 50.33 -20.39 35.63
N ASP A 239 49.93 -21.35 36.47
CA ASP A 239 50.06 -22.75 36.11
C ASP A 239 49.22 -23.11 34.90
N ASP A 240 48.03 -22.51 34.78
CA ASP A 240 47.17 -22.78 33.64
C ASP A 240 47.75 -22.25 32.35
N GLN A 241 48.81 -21.44 32.44
CA GLN A 241 49.44 -20.77 31.31
C GLN A 241 48.48 -19.78 30.65
N ARG A 242 47.57 -19.20 31.42
CA ARG A 242 46.60 -18.20 31.00
C ARG A 242 45.65 -18.73 29.93
N ARG A 243 45.54 -20.05 29.77
CA ARG A 243 44.56 -20.60 28.85
C ARG A 243 43.13 -20.28 29.29
N LEU A 244 42.88 -20.38 30.59
CA LEU A 244 41.55 -20.14 31.14
C LEU A 244 41.33 -18.65 31.36
N VAL A 245 40.19 -18.16 30.89
CA VAL A 245 39.82 -16.75 31.03
C VAL A 245 38.67 -16.66 32.03
N TYR A 246 38.84 -15.81 33.04
CA TYR A 246 37.87 -15.67 34.11
C TYR A 246 37.41 -14.22 34.18
N TYR A 247 36.14 -14.03 34.47
CA TYR A 247 35.62 -12.68 34.66
C TYR A 247 36.17 -12.10 35.96
N GLU A 248 37.06 -11.11 35.82
CA GLU A 248 37.77 -10.58 36.97
C GLU A 248 37.65 -9.06 36.99
N GLY A 249 37.64 -8.49 38.19
CA GLY A 249 37.55 -7.07 38.35
C GLY A 249 38.60 -6.50 39.29
N GLY A 250 39.11 -5.32 38.96
CA GLY A 250 40.11 -4.69 39.79
C GLY A 250 41.09 -3.91 38.94
N ALA A 251 42.36 -3.93 39.39
CA ALA A 251 43.42 -3.31 38.62
C ALA A 251 43.60 -4.01 37.27
N VAL A 252 43.19 -5.27 37.17
CA VAL A 252 43.27 -5.99 35.91
C VAL A 252 42.48 -5.26 34.83
N CYS A 253 41.39 -4.59 35.23
CA CYS A 253 40.58 -3.85 34.27
C CYS A 253 41.41 -2.77 33.59
N THR A 254 42.24 -2.07 34.37
CA THR A 254 43.17 -1.12 33.76
C THR A 254 44.29 -1.84 33.05
N HIS A 255 44.59 -3.07 33.46
CA HIS A 255 45.74 -3.79 32.93
C HIS A 255 45.52 -4.20 31.48
N ALA A 256 46.61 -4.59 30.83
CA ALA A 256 46.55 -4.95 29.42
C ALA A 256 45.96 -6.33 29.21
N ARG A 257 46.13 -7.22 30.20
CA ARG A 257 45.59 -8.56 30.06
C ARG A 257 44.07 -8.53 29.90
N SER A 258 43.41 -7.51 30.43
CA SER A 258 41.98 -7.38 30.24
C SER A 258 41.66 -6.89 28.83
N LEU A 259 42.60 -6.22 28.19
CA LEU A 259 42.40 -5.78 26.82
C LEU A 259 42.31 -6.98 25.89
N TRP A 260 41.47 -6.87 24.86
CA TRP A 260 41.28 -7.95 23.91
C TRP A 260 41.30 -7.40 22.49
N ARG A 261 41.62 -8.28 21.55
CA ARG A 261 41.66 -7.93 20.13
C ARG A 261 40.58 -8.72 19.41
N LEU A 262 39.82 -8.04 18.56
CA LEU A 262 38.70 -8.62 17.83
C LEU A 262 38.85 -8.33 16.35
N GLU A 263 38.76 -9.37 15.53
CA GLU A 263 38.91 -9.21 14.09
C GLU A 263 37.77 -9.93 13.36
N PRO A 264 37.31 -9.40 12.24
CA PRO A 264 36.27 -10.09 11.47
C PRO A 264 36.84 -11.26 10.69
N LEU A 265 35.92 -12.05 10.13
CA LEU A 265 36.34 -13.18 9.32
C LEU A 265 36.82 -12.74 7.95
N ARG A 266 36.00 -11.96 7.24
CA ARG A 266 36.38 -11.51 5.90
C ARG A 266 37.52 -10.51 5.98
N ILE A 267 38.51 -10.67 5.11
CA ILE A 267 39.68 -9.79 5.13
C ILE A 267 39.32 -8.42 4.60
N SER A 268 38.66 -8.36 3.44
CA SER A 268 38.31 -7.08 2.85
C SER A 268 37.32 -6.33 3.73
N TRP A 269 37.53 -5.03 3.86
CA TRP A 269 36.67 -4.17 4.69
C TRP A 269 36.56 -4.72 6.11
N SER A 270 37.70 -5.20 6.63
CA SER A 270 37.72 -5.69 8.01
C SER A 270 37.41 -4.57 8.99
N GLY A 271 37.84 -3.34 8.68
CA GLY A 271 37.62 -2.23 9.59
C GLY A 271 36.23 -1.63 9.51
N SER A 272 35.34 -2.23 8.72
CA SER A 272 34.00 -1.69 8.55
C SER A 272 33.24 -1.67 9.87
N HIS A 273 32.08 -0.99 9.86
CA HIS A 273 31.20 -1.04 11.01
C HIS A 273 30.87 -2.48 11.37
N LEU A 274 31.08 -2.83 12.63
CA LEU A 274 30.73 -4.15 13.10
C LEU A 274 29.22 -4.33 13.06
N ARG A 275 28.77 -5.46 12.52
CA ARG A 275 27.37 -5.71 12.28
C ARG A 275 26.81 -6.69 13.30
N TRP A 276 25.53 -6.53 13.62
CA TRP A 276 24.89 -7.40 14.59
C TRP A 276 24.88 -8.84 14.08
N GLY A 277 25.33 -9.76 14.92
CA GLY A 277 25.46 -11.14 14.51
C GLY A 277 26.58 -11.43 13.54
N GLN A 278 27.53 -10.52 13.39
CA GLN A 278 28.61 -10.73 12.44
C GLN A 278 29.50 -11.88 12.90
N PRO A 279 29.96 -12.72 11.99
CA PRO A 279 31.01 -13.69 12.35
C PRO A 279 32.29 -12.97 12.70
N LEU A 280 32.86 -13.32 13.85
CA LEU A 280 33.98 -12.58 14.41
C LEU A 280 34.96 -13.56 15.02
N ARG A 281 36.23 -13.17 15.03
CA ARG A 281 37.29 -13.96 15.63
C ARG A 281 37.95 -13.15 16.74
N ILE A 282 38.21 -13.81 17.87
CA ILE A 282 38.71 -13.16 19.07
C ILE A 282 40.11 -13.69 19.36
N ARG A 283 41.08 -12.79 19.40
CA ARG A 283 42.45 -13.10 19.77
C ARG A 283 42.86 -12.17 20.89
N HIS A 284 43.44 -12.71 21.96
CA HIS A 284 43.86 -11.84 23.05
C HIS A 284 45.12 -11.09 22.66
N VAL A 285 45.15 -9.79 22.94
CA VAL A 285 46.19 -8.93 22.38
C VAL A 285 47.56 -9.31 22.94
N THR A 286 47.65 -9.48 24.26
CA THR A 286 48.96 -9.75 24.86
C THR A 286 49.45 -11.14 24.50
N THR A 287 48.59 -12.15 24.63
CA THR A 287 48.99 -13.50 24.30
C THR A 287 49.25 -13.65 22.80
N GLY A 288 48.38 -13.07 21.98
CA GLY A 288 48.37 -13.37 20.56
C GLY A 288 47.68 -14.67 20.23
N ARG A 289 47.11 -15.35 21.21
CA ARG A 289 46.35 -16.57 20.96
C ARG A 289 44.87 -16.26 20.87
N TYR A 290 44.14 -17.13 20.18
CA TYR A 290 42.73 -16.91 19.87
C TYR A 290 41.84 -17.58 20.92
N LEU A 291 40.66 -17.01 21.12
CA LEU A 291 39.66 -17.65 21.95
C LEU A 291 38.80 -18.59 21.11
N ALA A 292 38.63 -19.82 21.59
CA ALA A 292 37.92 -20.84 20.82
C ALA A 292 37.38 -21.89 21.77
N LEU A 293 36.67 -22.86 21.19
CA LEU A 293 36.03 -23.94 21.93
C LEU A 293 36.83 -25.22 21.71
N THR A 294 37.15 -25.91 22.80
CA THR A 294 37.75 -27.23 22.75
C THR A 294 36.85 -28.21 23.49
N GLU A 295 36.65 -29.39 22.93
CA GLU A 295 35.74 -30.36 23.54
C GLU A 295 36.20 -30.72 24.95
N ASP A 296 37.51 -30.86 25.15
CA ASP A 296 38.02 -31.24 26.46
C ASP A 296 37.90 -30.11 27.47
N GLN A 297 38.25 -28.88 27.06
CA GLN A 297 38.34 -27.78 28.00
C GLN A 297 37.25 -26.73 27.82
N GLY A 298 36.16 -27.06 27.13
CA GLY A 298 35.17 -26.05 26.86
C GLY A 298 35.76 -24.99 25.97
N LEU A 299 35.77 -23.74 26.45
CA LEU A 299 36.39 -22.65 25.73
C LEU A 299 37.61 -22.16 26.49
N VAL A 300 38.75 -22.09 25.81
CA VAL A 300 39.98 -21.53 26.35
C VAL A 300 40.67 -20.76 25.24
N VAL A 301 41.62 -19.92 25.63
CA VAL A 301 42.41 -19.19 24.65
C VAL A 301 43.41 -20.15 24.02
N VAL A 302 43.39 -20.23 22.68
CA VAL A 302 44.17 -21.21 21.95
C VAL A 302 45.07 -20.51 20.94
N ASP A 303 46.17 -21.17 20.61
CA ASP A 303 47.12 -20.64 19.66
C ASP A 303 46.47 -20.53 18.28
N ALA A 304 46.97 -19.59 17.48
CA ALA A 304 46.40 -19.36 16.15
C ALA A 304 46.55 -20.58 15.26
N CYS A 305 47.70 -21.25 15.31
CA CYS A 305 47.89 -22.45 14.50
C CYS A 305 46.90 -23.53 14.90
N LYS A 306 46.66 -23.69 16.20
CA LYS A 306 45.67 -24.65 16.65
C LYS A 306 44.26 -24.20 16.30
N ALA A 307 44.06 -22.90 16.13
CA ALA A 307 42.73 -22.37 15.87
C ALA A 307 42.20 -22.89 14.54
N HIS A 308 40.94 -23.31 14.55
CA HIS A 308 40.32 -23.98 13.42
C HIS A 308 39.33 -23.07 12.69
N THR A 309 39.12 -21.87 13.20
CA THR A 309 38.44 -20.77 12.52
C THR A 309 36.93 -20.98 12.47
N LYS A 310 36.47 -22.18 12.83
CA LYS A 310 35.03 -22.38 12.92
C LYS A 310 34.61 -22.50 14.37
N ALA A 311 35.24 -23.42 15.12
CA ALA A 311 35.11 -23.39 16.56
C ALA A 311 35.69 -22.09 17.12
N THR A 312 36.65 -21.50 16.40
CA THR A 312 37.21 -20.22 16.82
C THR A 312 36.24 -19.08 16.53
N SER A 313 35.39 -19.24 15.51
CA SER A 313 34.50 -18.16 15.10
C SER A 313 33.38 -17.96 16.12
N PHE A 314 33.19 -16.71 16.51
CA PHE A 314 32.13 -16.32 17.43
C PHE A 314 31.36 -15.16 16.82
N CYS A 315 30.12 -14.99 17.26
CA CYS A 315 29.27 -13.90 16.79
C CYS A 315 28.76 -13.10 17.98
N PHE A 316 28.56 -11.81 17.76
CA PHE A 316 28.06 -10.94 18.82
C PHE A 316 26.59 -10.61 18.57
N ARG A 317 25.78 -10.68 19.62
CA ARG A 317 24.33 -10.60 19.50
C ARG A 317 23.78 -9.52 20.40
N VAL A 318 22.78 -8.79 19.91
CA VAL A 318 22.10 -7.79 20.74
C VAL A 318 21.01 -8.46 21.58
N SER A 319 20.60 -9.67 21.21
CA SER A 319 19.44 -10.31 21.79
C SER A 319 19.78 -11.71 22.25
N LYS A 320 19.28 -12.10 23.42
CA LYS A 320 19.48 -13.46 23.89
C LYS A 320 18.65 -14.46 23.09
N GLU A 321 17.37 -14.16 22.88
CA GLU A 321 16.54 -15.08 22.11
C GLU A 321 17.06 -15.16 20.68
N LYS A 322 16.98 -16.34 20.09
CA LYS A 322 17.71 -16.66 18.87
C LYS A 322 16.73 -17.07 17.78
N LEU A 323 16.82 -16.41 16.63
CA LEU A 323 16.12 -16.90 15.45
C LEU A 323 17.10 -17.37 14.38
N ASP A 324 18.18 -16.62 14.17
CA ASP A 324 19.27 -16.94 13.25
C ASP A 324 18.77 -17.43 11.90
N THR A 325 17.65 -16.89 11.40
CA THR A 325 17.00 -17.48 10.24
C THR A 325 17.76 -17.16 8.96
N ALA A 326 17.86 -15.88 8.61
CA ALA A 326 18.46 -15.47 7.35
C ALA A 326 19.76 -14.74 7.61
N PRO A 327 20.88 -15.19 7.03
CA PRO A 327 22.13 -14.47 7.22
C PRO A 327 22.11 -13.13 6.49
N LYS A 328 22.73 -12.13 7.12
CA LYS A 328 22.85 -10.82 6.52
C LYS A 328 23.73 -10.88 5.27
N ARG A 329 23.40 -10.05 4.28
CA ARG A 329 24.20 -10.01 3.07
C ARG A 329 25.48 -9.22 3.31
N ASP A 330 26.60 -9.76 2.84
CA ASP A 330 27.88 -9.07 3.00
C ASP A 330 27.88 -7.78 2.19
N VAL A 331 28.40 -6.72 2.80
CA VAL A 331 28.41 -5.40 2.19
C VAL A 331 29.84 -4.88 2.18
N GLU A 332 30.30 -4.44 1.01
CA GLU A 332 31.58 -3.77 0.93
C GLU A 332 31.40 -2.30 1.30
N GLY A 333 32.50 -1.65 1.63
CA GLY A 333 32.46 -0.28 2.09
C GLY A 333 32.41 -0.21 3.60
N MET A 334 31.99 0.96 4.09
CA MET A 334 31.99 1.20 5.53
C MET A 334 30.89 0.41 6.22
N GLY A 335 29.76 0.21 5.52
CA GLY A 335 28.67 -0.58 6.02
C GLY A 335 27.77 0.19 6.95
N PRO A 336 26.58 -0.36 7.24
CA PRO A 336 25.71 0.25 8.24
C PRO A 336 26.34 0.13 9.62
N PRO A 337 26.18 1.14 10.45
CA PRO A 337 26.71 1.03 11.82
C PRO A 337 25.72 0.39 12.78
N GLU A 338 26.07 -0.76 13.35
CA GLU A 338 25.13 -1.48 14.21
C GLU A 338 25.36 -1.18 15.68
N ILE A 339 26.55 -1.48 16.18
CA ILE A 339 26.85 -1.45 17.61
C ILE A 339 27.63 -0.19 17.91
N LYS A 340 27.42 0.37 19.10
CA LYS A 340 28.00 1.65 19.49
C LYS A 340 29.15 1.43 20.45
N TYR A 341 30.21 2.22 20.29
CA TYR A 341 31.45 1.99 21.03
C TYR A 341 31.33 2.56 22.43
N GLY A 342 31.15 1.66 23.40
CA GLY A 342 30.95 2.06 24.77
C GLY A 342 29.52 2.36 25.16
N GLU A 343 28.56 2.17 24.26
CA GLU A 343 27.17 2.47 24.52
C GLU A 343 26.28 1.23 24.48
N SER A 344 26.35 0.45 23.41
CA SER A 344 25.46 -0.69 23.25
C SER A 344 25.87 -1.84 24.17
N LEU A 345 24.90 -2.65 24.55
CA LEU A 345 25.13 -3.87 25.31
C LEU A 345 24.83 -5.06 24.41
N CYS A 346 25.65 -6.09 24.50
CA CYS A 346 25.68 -7.14 23.49
C CYS A 346 25.83 -8.51 24.13
N PHE A 347 25.25 -9.52 23.50
CA PHE A 347 25.51 -10.91 23.88
C PHE A 347 26.57 -11.50 22.97
N VAL A 348 27.39 -12.39 23.55
CA VAL A 348 28.46 -13.05 22.81
C VAL A 348 28.06 -14.50 22.58
N GLN A 349 28.16 -14.94 21.33
CA GLN A 349 27.65 -16.25 20.92
C GLN A 349 28.65 -16.95 20.02
N HIS A 350 28.79 -18.26 20.20
CA HIS A 350 29.62 -19.05 19.31
C HIS A 350 28.76 -19.62 18.18
N VAL A 351 29.14 -19.30 16.95
CA VAL A 351 28.29 -19.62 15.79
C VAL A 351 28.12 -21.13 15.65
N ALA A 352 29.21 -21.89 15.84
CA ALA A 352 29.10 -23.33 15.71
C ALA A 352 28.36 -23.94 16.89
N SER A 353 28.71 -23.51 18.10
CA SER A 353 28.10 -24.09 19.30
C SER A 353 26.66 -23.64 19.45
N GLY A 354 26.40 -22.34 19.28
CA GLY A 354 25.15 -21.78 19.70
C GLY A 354 25.03 -21.65 21.21
N LEU A 355 26.07 -22.03 21.95
CA LEU A 355 26.08 -22.02 23.39
C LEU A 355 26.31 -20.59 23.88
N TRP A 356 25.56 -20.20 24.92
CA TRP A 356 25.66 -18.84 25.44
C TRP A 356 26.83 -18.77 26.41
N LEU A 357 27.71 -17.78 26.20
CA LEU A 357 28.83 -17.59 27.10
C LEU A 357 28.38 -16.86 28.37
N THR A 358 28.64 -17.49 29.51
CA THR A 358 28.29 -16.92 30.80
C THR A 358 29.36 -17.25 31.80
N TYR A 359 29.23 -16.64 32.97
CA TYR A 359 30.12 -16.95 34.09
C TYR A 359 29.82 -18.33 34.64
N ALA A 360 30.84 -18.94 35.27
CA ALA A 360 30.66 -20.26 35.85
C ALA A 360 29.80 -20.21 37.11
N ALA A 361 29.49 -18.98 37.57
CA ALA A 361 28.76 -18.68 38.80
C ALA A 361 29.71 -18.87 39.98
N PRO A 362 29.50 -18.17 41.10
CA PRO A 362 30.44 -18.30 42.22
C PRO A 362 30.47 -19.72 42.76
N ASP A 363 31.63 -20.34 42.68
CA ASP A 363 31.79 -21.71 43.15
C ASP A 363 31.83 -21.74 44.68
N PRO A 364 31.40 -22.85 45.28
CA PRO A 364 31.58 -23.00 46.73
C PRO A 364 33.06 -23.01 47.08
N LYS A 365 33.38 -22.41 48.23
CA LYS A 365 34.70 -22.40 48.86
C LYS A 365 35.61 -21.46 48.07
N ALA A 366 35.17 -20.98 46.89
CA ALA A 366 35.96 -20.00 46.16
C ALA A 366 35.98 -18.66 46.89
N LEU A 367 34.91 -18.35 47.62
CA LEU A 367 34.92 -17.15 48.46
C LEU A 367 36.01 -17.23 49.52
N ARG A 368 36.36 -18.45 49.94
CA ARG A 368 37.45 -18.61 50.89
C ARG A 368 38.78 -18.15 50.28
N LEU A 369 39.02 -18.49 49.01
CA LEU A 369 40.15 -17.89 48.30
C LEU A 369 39.98 -16.38 48.19
N GLY A 370 38.75 -15.93 47.97
CA GLY A 370 38.50 -14.52 47.75
C GLY A 370 38.76 -14.05 46.35
N VAL A 371 38.95 -14.98 45.40
CA VAL A 371 39.19 -14.59 44.01
C VAL A 371 37.94 -13.91 43.46
N LEU A 372 38.15 -12.82 42.74
CA LEU A 372 37.08 -12.13 42.04
C LEU A 372 36.93 -12.63 40.60
N LYS A 373 37.71 -13.65 40.23
CA LYS A 373 37.73 -14.16 38.86
C LYS A 373 36.98 -15.48 38.82
N LYS A 374 36.05 -15.60 37.87
CA LYS A 374 35.23 -16.79 37.71
C LYS A 374 35.25 -17.23 36.25
N LYS A 375 35.47 -18.52 36.04
CA LYS A 375 35.73 -19.06 34.71
C LYS A 375 34.58 -18.77 33.76
N ALA A 376 34.91 -18.40 32.54
CA ALA A 376 33.92 -18.28 31.48
C ALA A 376 33.48 -19.65 31.01
N ILE A 377 32.17 -19.88 30.98
CA ILE A 377 31.61 -21.17 30.60
C ILE A 377 30.54 -20.95 29.55
N LEU A 378 30.31 -21.99 28.74
CA LEU A 378 29.30 -21.97 27.69
C LEU A 378 28.06 -22.67 28.21
N HIS A 379 26.95 -21.94 28.27
CA HIS A 379 25.70 -22.45 28.83
C HIS A 379 24.59 -22.32 27.80
N GLN A 380 23.78 -23.37 27.66
CA GLN A 380 22.65 -23.28 26.75
C GLN A 380 21.67 -22.21 27.18
N GLU A 381 21.28 -22.22 28.46
CA GLU A 381 20.42 -21.15 28.97
C GLU A 381 21.24 -19.89 29.23
N GLY A 382 22.50 -20.05 29.60
CA GLY A 382 23.30 -18.88 29.89
C GLY A 382 23.02 -18.33 31.28
N HIS A 383 22.85 -17.02 31.34
CA HIS A 383 22.48 -16.33 32.57
C HIS A 383 21.83 -15.00 32.22
N MET A 384 21.34 -14.32 33.27
CA MET A 384 20.73 -13.02 33.07
C MET A 384 21.73 -11.99 32.58
N ASP A 385 22.95 -12.03 33.11
CA ASP A 385 23.97 -11.03 32.80
C ASP A 385 24.79 -11.39 31.57
N ASP A 386 24.25 -12.20 30.66
CA ASP A 386 25.00 -12.57 29.46
C ASP A 386 25.23 -11.36 28.57
N ALA A 387 24.43 -10.31 28.73
CA ALA A 387 24.68 -9.07 28.00
C ALA A 387 26.03 -8.51 28.38
N LEU A 388 26.88 -8.32 27.38
CA LEU A 388 28.26 -7.91 27.57
C LEU A 388 28.39 -6.44 27.20
N PHE A 389 28.84 -5.63 28.16
CA PHE A 389 29.10 -4.23 27.85
C PHE A 389 30.53 -4.07 27.37
N LEU A 390 30.73 -3.11 26.48
CA LEU A 390 31.96 -2.96 25.72
C LEU A 390 32.53 -1.57 25.93
N THR A 391 33.85 -1.43 25.90
CA THR A 391 34.51 -0.16 26.12
C THR A 391 35.59 0.07 25.06
N ARG A 392 35.88 1.34 24.82
CA ARG A 392 36.94 1.72 23.90
C ARG A 392 38.31 1.55 24.54
N CYS A 393 39.24 0.98 23.79
CA CYS A 393 40.63 0.86 24.18
C CYS A 393 41.35 2.16 23.87
N GLN A 394 42.62 2.26 24.28
CA GLN A 394 43.37 3.48 24.04
C GLN A 394 44.54 3.18 23.11
N GLN A 395 44.81 4.11 22.19
CA GLN A 395 45.68 3.82 21.06
C GLN A 395 47.09 3.42 21.48
N GLU A 396 47.75 4.25 22.29
CA GLU A 396 49.14 3.95 22.64
C GLU A 396 49.21 2.75 23.57
N GLU A 397 48.16 2.53 24.36
CA GLU A 397 48.12 1.32 25.17
C GLU A 397 48.09 0.07 24.30
N SER A 398 47.25 0.08 23.26
CA SER A 398 47.20 -1.06 22.35
C SER A 398 48.52 -1.24 21.62
N GLN A 399 49.12 -0.13 21.19
CA GLN A 399 50.43 -0.20 20.56
C GLN A 399 51.44 -0.85 21.49
N ALA A 400 51.46 -0.42 22.75
CA ALA A 400 52.36 -0.99 23.73
C ALA A 400 52.11 -2.47 23.88
N ALA A 401 50.85 -2.88 23.96
CA ALA A 401 50.55 -4.30 24.16
C ALA A 401 51.04 -5.13 22.97
N ARG A 402 50.80 -4.64 21.75
CA ARG A 402 51.29 -5.35 20.57
C ARG A 402 52.80 -5.50 20.61
N MET A 403 53.51 -4.41 20.89
CA MET A 403 54.96 -4.47 20.89
C MET A 403 55.46 -5.34 22.03
N ILE A 404 54.75 -5.35 23.16
CA ILE A 404 55.12 -6.23 24.27
C ILE A 404 54.97 -7.68 23.87
N HIS A 405 53.89 -8.01 23.15
CA HIS A 405 53.73 -9.39 22.72
C HIS A 405 54.85 -9.81 21.79
N SER A 406 55.18 -8.97 20.81
CA SER A 406 56.27 -9.32 19.91
C SER A 406 57.59 -9.46 20.67
N THR A 407 57.84 -8.52 21.59
CA THR A 407 59.05 -8.56 22.39
C THR A 407 59.13 -9.83 23.22
N ALA A 408 58.02 -10.22 23.85
CA ALA A 408 58.01 -11.41 24.67
C ALA A 408 58.29 -12.65 23.84
N GLY A 409 57.66 -12.74 22.66
CA GLY A 409 57.91 -13.89 21.82
C GLY A 409 59.36 -13.99 21.39
N LEU A 410 59.92 -12.88 20.92
CA LEU A 410 61.30 -12.92 20.45
C LEU A 410 62.26 -13.23 21.59
N TYR A 411 62.00 -12.69 22.78
CA TYR A 411 62.92 -12.93 23.89
C TYR A 411 62.79 -14.34 24.42
N ASN A 412 61.58 -14.91 24.39
CA ASN A 412 61.43 -16.30 24.77
C ASN A 412 62.20 -17.19 23.82
N GLN A 413 62.12 -16.92 22.52
CA GLN A 413 62.88 -17.71 21.56
C GLN A 413 64.38 -17.55 21.78
N PHE A 414 64.82 -16.31 22.05
CA PHE A 414 66.24 -16.06 22.26
C PHE A 414 66.76 -16.77 23.51
N ILE A 415 65.98 -16.73 24.59
CA ILE A 415 66.32 -17.47 25.80
C ILE A 415 66.36 -18.97 25.53
N LYS A 416 65.41 -19.46 24.72
CA LYS A 416 65.43 -20.86 24.35
C LYS A 416 66.73 -21.22 23.65
N GLY A 417 67.19 -20.35 22.74
CA GLY A 417 68.47 -20.59 22.10
C GLY A 417 69.62 -20.60 23.08
N LEU A 418 69.62 -19.64 24.02
CA LEU A 418 70.66 -19.62 25.04
C LEU A 418 70.72 -20.95 25.80
N ASP A 419 69.57 -21.40 26.29
CA ASP A 419 69.53 -22.68 26.98
C ASP A 419 69.95 -23.81 26.04
N SER A 420 69.68 -23.66 24.75
CA SER A 420 70.05 -24.67 23.78
C SER A 420 71.56 -24.86 23.74
N PHE A 421 72.32 -23.78 23.58
CA PHE A 421 73.77 -23.96 23.57
C PHE A 421 74.38 -23.92 24.97
N SER A 422 73.58 -23.62 26.00
CA SER A 422 74.11 -23.56 27.35
C SER A 422 74.60 -24.93 27.81
N GLY A 423 73.85 -25.99 27.49
CA GLY A 423 74.15 -27.30 28.02
C GLY A 423 75.52 -27.82 27.59
N LYS A 424 75.86 -27.62 26.32
CA LYS A 424 77.06 -28.22 25.77
C LYS A 424 78.07 -27.14 25.40
N PRO A 425 79.31 -27.25 25.86
CA PRO A 425 80.38 -26.39 25.34
C PRO A 425 80.68 -26.74 23.89
N ARG A 426 80.57 -25.74 23.02
CA ARG A 426 80.77 -25.98 21.60
C ARG A 426 82.20 -26.45 21.31
N GLY A 427 83.19 -25.82 21.93
CA GLY A 427 84.56 -26.18 21.65
C GLY A 427 84.93 -25.85 20.22
N SER A 428 85.86 -26.62 19.67
CA SER A 428 86.34 -26.40 18.31
C SER A 428 85.42 -27.13 17.31
N GLY A 429 84.21 -26.61 17.20
CA GLY A 429 83.23 -27.15 16.29
C GLY A 429 82.22 -26.11 15.88
N PRO A 430 81.15 -26.54 15.19
CA PRO A 430 80.06 -25.62 14.91
C PRO A 430 79.18 -25.45 16.13
N PRO A 431 78.53 -24.29 16.28
CA PRO A 431 77.62 -24.12 17.43
C PRO A 431 76.48 -25.13 17.46
N ALA A 432 76.09 -25.66 16.30
CA ALA A 432 75.08 -26.70 16.16
C ALA A 432 73.71 -26.26 16.64
N GLY A 433 73.48 -24.94 16.73
CA GLY A 433 72.18 -24.42 17.13
C GLY A 433 71.72 -23.34 16.18
N PRO A 434 70.41 -23.10 16.14
CA PRO A 434 69.90 -21.99 15.32
C PRO A 434 70.52 -20.67 15.75
N ALA A 435 70.81 -19.83 14.75
CA ALA A 435 71.52 -18.59 15.01
C ALA A 435 70.73 -17.71 15.97
N LEU A 436 71.43 -17.15 16.94
CA LEU A 436 70.80 -16.23 17.87
C LEU A 436 70.30 -15.00 17.12
N PRO A 437 69.14 -14.48 17.48
CA PRO A 437 68.66 -13.24 16.83
C PRO A 437 69.38 -12.03 17.40
N ILE A 438 70.68 -11.94 17.13
CA ILE A 438 71.51 -10.93 17.76
C ILE A 438 71.12 -9.54 17.30
N GLU A 439 71.16 -9.28 16.00
CA GLU A 439 70.75 -7.98 15.48
C GLU A 439 69.31 -7.68 15.90
N ALA A 440 68.46 -8.71 15.95
CA ALA A 440 67.08 -8.50 16.36
C ALA A 440 66.99 -7.98 17.79
N VAL A 441 67.74 -8.58 18.71
CA VAL A 441 67.65 -8.14 20.10
C VAL A 441 68.29 -6.76 20.25
N ILE A 442 69.36 -6.48 19.50
CA ILE A 442 69.93 -5.13 19.57
C ILE A 442 68.89 -4.10 19.12
N LEU A 443 68.21 -4.36 18.01
CA LEU A 443 67.22 -3.41 17.55
C LEU A 443 66.06 -3.29 18.54
N SER A 444 65.64 -4.42 19.12
CA SER A 444 64.54 -4.39 20.08
C SER A 444 64.91 -3.56 21.30
N LEU A 445 66.10 -3.80 21.87
CA LEU A 445 66.56 -2.99 22.99
C LEU A 445 66.65 -1.52 22.62
N GLN A 446 67.20 -1.21 21.46
CA GLN A 446 67.35 0.18 21.07
C GLN A 446 66.00 0.87 20.98
N ASP A 447 65.03 0.21 20.33
CA ASP A 447 63.69 0.77 20.25
C ASP A 447 63.07 0.91 21.64
N LEU A 448 63.33 -0.05 22.52
CA LEU A 448 62.76 0.02 23.86
C LEU A 448 63.32 1.20 24.64
N ILE A 449 64.62 1.45 24.53
CA ILE A 449 65.19 2.64 25.16
C ILE A 449 64.57 3.90 24.57
N GLY A 450 64.49 3.97 23.24
CA GLY A 450 63.93 5.15 22.62
C GLY A 450 62.49 5.40 23.01
N TYR A 451 61.74 4.33 23.25
CA TYR A 451 60.32 4.46 23.56
C TYR A 451 60.11 4.53 25.06
N PHE A 452 61.18 4.36 25.83
CA PHE A 452 61.18 4.56 27.27
C PHE A 452 61.94 5.81 27.69
N GLU A 453 62.51 6.54 26.73
CA GLU A 453 63.46 7.58 27.06
C GLU A 453 62.72 8.74 27.74
N PRO A 454 63.12 9.11 28.96
CA PRO A 454 62.31 10.05 29.74
C PRO A 454 62.30 11.42 29.10
N PRO A 455 61.24 12.21 29.34
CA PRO A 455 61.13 13.50 28.65
C PRO A 455 62.24 14.45 29.05
N SER A 456 62.60 15.32 28.11
CA SER A 456 63.54 16.40 28.42
C SER A 456 62.93 17.36 29.42
N GLU A 457 63.74 17.76 30.40
CA GLU A 457 63.23 18.62 31.47
C GLU A 457 62.87 20.00 30.94
N GLU A 458 63.38 20.37 29.76
CA GLU A 458 63.11 21.70 29.23
C GLU A 458 61.66 21.85 28.82
N LEU A 459 60.98 20.73 28.57
CA LEU A 459 59.56 20.79 28.22
C LEU A 459 58.77 21.39 29.37
N GLN A 460 57.70 22.09 29.03
CA GLN A 460 56.92 22.82 30.03
C GLN A 460 56.24 21.85 31.00
N HIS A 461 55.72 22.42 32.08
CA HIS A 461 55.30 21.61 33.21
C HIS A 461 54.13 20.70 32.86
N GLU A 462 53.13 21.22 32.13
CA GLU A 462 51.91 20.44 31.92
C GLU A 462 52.14 19.24 31.01
N GLU A 463 52.75 19.45 29.83
CA GLU A 463 53.01 18.32 28.97
C GLU A 463 54.07 17.41 29.57
N LYS A 464 54.99 17.99 30.36
CA LYS A 464 55.95 17.15 31.06
C LYS A 464 55.24 16.20 32.02
N GLN A 465 54.30 16.72 32.81
CA GLN A 465 53.54 15.89 33.73
C GLN A 465 52.74 14.84 32.98
N SER A 466 52.12 15.23 31.86
CA SER A 466 51.36 14.27 31.07
C SER A 466 52.26 13.15 30.55
N LYS A 467 53.46 13.51 30.09
CA LYS A 467 54.34 12.49 29.53
C LYS A 467 54.87 11.58 30.63
N LEU A 468 55.14 12.12 31.81
CA LEU A 468 55.53 11.25 32.92
C LEU A 468 54.36 10.37 33.36
N ARG A 469 53.13 10.87 33.26
CA ARG A 469 51.97 10.02 33.54
C ARG A 469 51.91 8.86 32.55
N SER A 470 52.16 9.16 31.28
CA SER A 470 52.26 8.10 30.29
C SER A 470 53.39 7.13 30.64
N LEU A 471 54.48 7.65 31.20
CA LEU A 471 55.57 6.79 31.64
C LEU A 471 55.13 5.86 32.76
N ARG A 472 54.37 6.39 33.72
CA ARG A 472 53.82 5.54 34.78
C ARG A 472 52.96 4.44 34.18
N ASN A 473 52.05 4.80 33.29
CA ASN A 473 51.16 3.80 32.69
C ASN A 473 51.97 2.75 31.95
N ARG A 474 52.97 3.19 31.19
CA ARG A 474 53.79 2.29 30.38
C ARG A 474 54.59 1.35 31.26
N GLN A 475 55.24 1.88 32.30
CA GLN A 475 56.00 1.04 33.20
C GLN A 475 55.09 0.04 33.90
N SER A 476 53.89 0.47 34.27
CA SER A 476 52.94 -0.45 34.89
C SER A 476 52.58 -1.58 33.93
N LEU A 477 52.36 -1.24 32.66
CA LEU A 477 52.00 -2.27 31.68
C LEU A 477 53.13 -3.28 31.50
N PHE A 478 54.35 -2.79 31.35
CA PHE A 478 55.48 -3.73 31.23
C PHE A 478 55.66 -4.53 32.51
N GLN A 479 55.28 -3.95 33.65
CA GLN A 479 55.39 -4.67 34.91
C GLN A 479 54.40 -5.82 34.97
N GLU A 480 53.13 -5.56 34.67
CA GLU A 480 52.13 -6.62 34.72
C GLU A 480 52.43 -7.68 33.68
N GLU A 481 52.94 -7.28 32.52
CA GLU A 481 53.20 -8.24 31.45
C GLU A 481 54.33 -9.20 31.84
N GLY A 482 55.26 -8.76 32.67
CA GLY A 482 56.34 -9.63 33.10
C GLY A 482 57.66 -9.43 32.39
N MET A 483 57.76 -8.41 31.54
CA MET A 483 59.02 -8.13 30.86
C MET A 483 60.16 -7.92 31.84
N LEU A 484 59.88 -7.28 32.98
CA LEU A 484 60.92 -7.15 34.00
C LEU A 484 61.50 -8.50 34.35
N SER A 485 60.65 -9.45 34.70
CA SER A 485 61.12 -10.76 35.12
C SER A 485 61.86 -11.46 33.99
N LEU A 486 61.30 -11.46 32.78
CA LEU A 486 61.92 -12.23 31.72
C LEU A 486 63.25 -11.62 31.31
N VAL A 487 63.35 -10.29 31.32
CA VAL A 487 64.63 -9.66 31.03
C VAL A 487 65.64 -9.96 32.13
N LEU A 488 65.20 -10.02 33.39
CA LEU A 488 66.13 -10.42 34.44
C LEU A 488 66.64 -11.84 34.20
N ASN A 489 65.76 -12.74 33.75
CA ASN A 489 66.22 -14.08 33.40
C ASN A 489 67.24 -14.02 32.27
N CYS A 490 67.02 -13.14 31.28
CA CYS A 490 68.00 -12.96 30.23
C CYS A 490 69.35 -12.55 30.81
N ILE A 491 69.35 -11.54 31.69
CA ILE A 491 70.60 -11.07 32.27
C ILE A 491 71.30 -12.21 32.99
N ASP A 492 70.55 -13.00 33.74
CA ASP A 492 71.16 -14.14 34.43
C ASP A 492 71.79 -15.10 33.44
N ARG A 493 71.07 -15.43 32.36
CA ARG A 493 71.57 -16.42 31.42
C ARG A 493 72.84 -15.94 30.72
N LEU A 494 72.89 -14.68 30.30
CA LEU A 494 74.14 -14.20 29.73
C LEU A 494 75.20 -13.98 30.82
N ASN A 495 74.77 -13.90 32.08
CA ASN A 495 75.74 -13.69 33.15
C ASN A 495 76.41 -14.99 33.55
N VAL A 496 75.81 -16.14 33.21
CA VAL A 496 76.48 -17.40 33.48
C VAL A 496 77.81 -17.46 32.74
N TYR A 497 77.92 -16.73 31.64
CA TYR A 497 79.19 -16.61 30.93
C TYR A 497 79.97 -15.42 31.47
N THR A 498 81.24 -15.65 31.77
CA THR A 498 82.05 -14.61 32.40
C THR A 498 82.50 -13.56 31.40
N THR A 499 83.28 -13.96 30.40
CA THR A 499 83.87 -13.03 29.46
C THR A 499 83.33 -13.29 28.06
N ALA A 500 83.66 -12.37 27.15
CA ALA A 500 83.21 -12.51 25.77
C ALA A 500 83.79 -13.77 25.14
N ALA A 501 85.10 -14.00 25.28
CA ALA A 501 85.70 -15.19 24.70
C ALA A 501 85.18 -16.45 25.37
N HIS A 502 84.99 -16.42 26.69
CA HIS A 502 84.47 -17.58 27.38
C HIS A 502 83.08 -17.93 26.89
N PHE A 503 82.23 -16.91 26.70
CA PHE A 503 80.91 -17.14 26.12
C PHE A 503 81.04 -17.67 24.70
N ALA A 504 81.98 -17.14 23.92
CA ALA A 504 82.19 -17.62 22.57
C ALA A 504 82.52 -19.10 22.56
N GLU A 505 83.27 -19.56 23.55
CA GLU A 505 83.65 -20.97 23.59
C GLU A 505 82.42 -21.86 23.60
N TYR A 506 81.30 -21.35 24.13
CA TYR A 506 80.02 -22.05 23.98
C TYR A 506 79.33 -21.67 22.67
N ALA A 507 79.54 -20.44 22.21
CA ALA A 507 78.73 -19.90 21.11
C ALA A 507 79.53 -19.58 19.86
N GLY A 508 80.75 -19.09 19.98
CA GLY A 508 81.53 -18.68 18.83
C GLY A 508 81.73 -17.19 18.77
N GLU A 509 82.81 -16.78 18.08
CA GLU A 509 83.18 -15.38 18.02
C GLU A 509 82.07 -14.55 17.36
N GLU A 510 81.46 -15.09 16.30
CA GLU A 510 80.40 -14.40 15.58
C GLU A 510 79.21 -14.10 16.49
N ALA A 511 79.08 -14.83 17.60
CA ALA A 511 78.11 -14.44 18.60
C ALA A 511 78.76 -13.58 19.67
N ALA A 512 80.07 -13.71 19.83
CA ALA A 512 80.75 -13.09 20.97
C ALA A 512 80.85 -11.58 20.80
N GLU A 513 81.16 -11.11 19.60
CA GLU A 513 81.61 -9.72 19.45
C GLU A 513 80.56 -8.75 20.02
N SER A 514 79.29 -9.09 19.87
CA SER A 514 78.23 -8.20 20.32
C SER A 514 78.01 -8.31 21.83
N TRP A 515 78.44 -9.41 22.43
CA TRP A 515 78.03 -9.76 23.78
C TRP A 515 78.22 -8.62 24.77
N LYS A 516 79.33 -7.89 24.66
CA LYS A 516 79.57 -6.73 25.52
C LYS A 516 78.45 -5.72 25.37
N GLU A 517 78.15 -5.32 24.13
CA GLU A 517 77.10 -4.34 23.91
C GLU A 517 75.74 -4.89 24.34
N ILE A 518 75.53 -6.19 24.12
CA ILE A 518 74.26 -6.80 24.51
C ILE A 518 74.03 -6.64 26.00
N VAL A 519 75.02 -7.03 26.81
CA VAL A 519 74.80 -6.98 28.25
C VAL A 519 74.70 -5.54 28.72
N ASN A 520 75.52 -4.64 28.16
CA ASN A 520 75.45 -3.24 28.58
C ASN A 520 74.09 -2.64 28.27
N LEU A 521 73.62 -2.82 27.03
CA LEU A 521 72.34 -2.24 26.65
C LEU A 521 71.20 -2.91 27.37
N LEU A 522 71.36 -4.19 27.74
CA LEU A 522 70.36 -4.86 28.54
C LEU A 522 70.23 -4.23 29.91
N TYR A 523 71.36 -4.03 30.59
CA TYR A 523 71.31 -3.33 31.87
C TYR A 523 70.71 -1.94 31.71
N GLU A 524 71.01 -1.28 30.59
CA GLU A 524 70.39 0.01 30.32
C GLU A 524 68.88 -0.11 30.24
N LEU A 525 68.39 -1.17 29.59
CA LEU A 525 66.96 -1.40 29.52
C LEU A 525 66.36 -1.59 30.91
N LEU A 526 67.02 -2.37 31.76
CA LEU A 526 66.52 -2.54 33.12
C LEU A 526 66.44 -1.20 33.82
N ALA A 527 67.49 -0.39 33.71
CA ALA A 527 67.48 0.91 34.38
C ALA A 527 66.35 1.78 33.88
N SER A 528 66.17 1.83 32.56
CA SER A 528 65.11 2.66 31.99
C SER A 528 63.74 2.18 32.44
N LEU A 529 63.52 0.87 32.46
CA LEU A 529 62.21 0.36 32.82
C LEU A 529 61.90 0.61 34.29
N ILE A 530 62.88 0.39 35.17
CA ILE A 530 62.60 0.47 36.60
C ILE A 530 62.58 1.92 37.07
N ARG A 531 63.26 2.81 36.35
CA ARG A 531 63.45 4.16 36.84
C ARG A 531 62.13 4.88 37.04
N GLY A 532 61.97 5.48 38.22
CA GLY A 532 60.81 6.30 38.52
C GLY A 532 59.53 5.56 38.83
N ASN A 533 59.61 4.27 39.18
CA ASN A 533 58.41 3.48 39.43
C ASN A 533 58.51 2.76 40.76
N ARG A 534 57.60 3.11 41.69
CA ARG A 534 57.53 2.43 42.97
C ARG A 534 57.29 0.93 42.78
N ALA A 535 56.35 0.58 41.90
CA ALA A 535 56.06 -0.83 41.67
C ALA A 535 57.27 -1.55 41.09
N ASN A 536 57.99 -0.90 40.17
CA ASN A 536 59.19 -1.52 39.63
C ASN A 536 60.22 -1.76 40.72
N CYS A 537 60.48 -0.77 41.57
CA CYS A 537 61.48 -0.94 42.61
C CYS A 537 61.02 -1.93 43.67
N ALA A 538 59.71 -2.15 43.77
CA ALA A 538 59.19 -3.05 44.81
C ALA A 538 59.74 -4.46 44.64
N LEU A 539 59.73 -4.98 43.41
CA LEU A 539 60.17 -6.36 43.20
C LEU A 539 61.65 -6.51 43.49
N PHE A 540 62.45 -5.51 43.10
CA PHE A 540 63.88 -5.60 43.33
C PHE A 540 64.19 -5.68 44.82
N SER A 541 63.27 -5.19 45.65
CA SER A 541 63.46 -5.29 47.10
C SER A 541 63.48 -6.75 47.54
N THR A 542 62.72 -7.61 46.87
CA THR A 542 62.70 -9.02 47.25
C THR A 542 64.07 -9.64 47.12
N ASN A 543 64.80 -9.33 46.05
CA ASN A 543 66.15 -9.83 45.84
C ASN A 543 67.09 -8.66 45.51
N LEU A 544 67.56 -8.00 46.57
CA LEU A 544 68.56 -6.97 46.39
C LEU A 544 69.95 -7.57 46.26
N ASP A 545 70.22 -8.64 46.99
CA ASP A 545 71.51 -9.32 46.90
C ASP A 545 71.77 -9.80 45.48
N TRP A 546 70.71 -10.13 44.75
CA TRP A 546 70.88 -10.48 43.34
C TRP A 546 71.57 -9.36 42.58
N VAL A 547 71.11 -8.13 42.79
CA VAL A 547 71.80 -6.98 42.20
C VAL A 547 73.20 -6.86 42.79
N VAL A 548 73.32 -7.03 44.11
CA VAL A 548 74.57 -6.78 44.81
C VAL A 548 75.69 -7.63 44.21
N SER A 549 75.43 -8.91 43.98
CA SER A 549 76.44 -9.78 43.40
C SER A 549 76.86 -9.30 42.02
N LYS A 550 75.89 -8.82 41.22
CA LYS A 550 76.23 -8.38 39.87
C LYS A 550 76.93 -7.03 39.89
N LEU A 551 76.82 -6.28 40.99
CA LEU A 551 77.54 -5.01 41.07
C LEU A 551 79.04 -5.21 40.95
N ASP A 552 79.55 -6.33 41.47
CA ASP A 552 80.99 -6.57 41.41
C ASP A 552 81.44 -6.89 39.99
N ARG A 553 80.51 -7.31 39.13
CA ARG A 553 80.87 -7.73 37.79
C ARG A 553 81.37 -6.54 36.99
N LEU A 554 82.21 -6.80 35.99
CA LEU A 554 83.02 -5.72 35.42
C LEU A 554 82.45 -5.21 34.10
N GLU A 555 81.92 -6.10 33.26
CA GLU A 555 81.72 -5.76 31.85
C GLU A 555 80.74 -4.60 31.68
N ALA A 556 79.75 -4.47 32.56
CA ALA A 556 78.73 -3.43 32.45
C ALA A 556 78.61 -2.72 33.80
N SER A 557 79.75 -2.40 34.39
CA SER A 557 79.77 -1.83 35.73
C SER A 557 78.95 -0.55 35.80
N SER A 558 79.12 0.33 34.82
CA SER A 558 78.36 1.57 34.82
C SER A 558 76.86 1.31 34.76
N GLY A 559 76.44 0.39 33.89
CA GLY A 559 75.02 0.10 33.78
C GLY A 559 74.43 -0.45 35.06
N ILE A 560 75.14 -1.40 35.68
CA ILE A 560 74.64 -1.97 36.93
C ILE A 560 74.60 -0.90 38.02
N LEU A 561 75.58 0.01 38.00
CA LEU A 561 75.57 1.09 38.97
C LEU A 561 74.36 1.99 38.79
N GLU A 562 74.03 2.32 37.54
CA GLU A 562 72.84 3.14 37.30
C GLU A 562 71.57 2.40 37.74
N VAL A 563 71.51 1.09 37.47
CA VAL A 563 70.37 0.30 37.93
C VAL A 563 70.22 0.40 39.43
N LEU A 564 71.32 0.20 40.16
CA LEU A 564 71.27 0.30 41.62
C LEU A 564 70.87 1.69 42.06
N TYR A 565 71.36 2.72 41.36
CA TYR A 565 70.99 4.09 41.69
C TYR A 565 69.48 4.28 41.60
N CYS A 566 68.89 3.87 40.47
CA CYS A 566 67.44 4.03 40.32
C CYS A 566 66.69 3.24 41.38
N VAL A 567 67.17 2.03 41.70
CA VAL A 567 66.49 1.23 42.72
C VAL A 567 66.51 1.94 44.06
N LEU A 568 67.67 2.46 44.47
CA LEU A 568 67.78 3.06 45.80
C LEU A 568 67.03 4.37 45.89
N ILE A 569 67.19 5.25 44.90
CA ILE A 569 66.66 6.61 45.04
C ILE A 569 65.14 6.60 45.03
N GLU A 570 64.52 5.51 44.61
CA GLU A 570 63.08 5.53 44.38
C GLU A 570 62.33 4.79 45.48
N SER A 571 62.95 3.81 46.11
CA SER A 571 62.26 2.96 47.07
C SER A 571 62.89 3.07 48.45
N PRO A 572 62.11 3.31 49.50
CA PRO A 572 62.68 3.29 50.86
C PRO A 572 62.90 1.89 51.40
N GLU A 573 62.01 0.95 51.07
CA GLU A 573 62.09 -0.39 51.64
C GLU A 573 63.41 -1.05 51.29
N VAL A 574 63.88 -0.86 50.07
CA VAL A 574 65.20 -1.35 49.69
C VAL A 574 66.25 -0.79 50.64
N LEU A 575 66.11 0.47 51.02
CA LEU A 575 67.04 1.06 51.96
C LEU A 575 66.94 0.41 53.33
N ASN A 576 65.72 0.06 53.74
CA ASN A 576 65.56 -0.64 55.02
C ASN A 576 66.24 -2.00 55.01
N ILE A 577 66.15 -2.73 53.90
CA ILE A 577 66.53 -4.14 53.95
C ILE A 577 68.03 -4.35 53.73
N ILE A 578 68.76 -3.31 53.33
CA ILE A 578 70.17 -3.48 53.00
C ILE A 578 70.95 -3.83 54.25
N GLN A 579 72.04 -4.58 54.08
CA GLN A 579 72.81 -5.08 55.21
C GLN A 579 74.29 -4.73 55.06
N GLU A 580 75.02 -5.00 56.16
CA GLU A 580 76.40 -4.56 56.26
C GLU A 580 77.28 -5.19 55.19
N ASN A 581 77.04 -6.47 54.87
CA ASN A 581 77.79 -7.09 53.80
C ASN A 581 77.56 -6.36 52.49
N HIS A 582 76.33 -5.91 52.24
CA HIS A 582 76.05 -5.17 51.01
C HIS A 582 76.78 -3.84 50.99
N ILE A 583 76.75 -3.11 52.11
CA ILE A 583 77.45 -1.83 52.15
C ILE A 583 78.95 -2.04 51.95
N LYS A 584 79.50 -3.08 52.57
CA LYS A 584 80.91 -3.39 52.42
C LYS A 584 81.23 -3.72 50.97
N SER A 585 80.33 -4.43 50.30
CA SER A 585 80.53 -4.73 48.88
C SER A 585 80.55 -3.44 48.07
N ILE A 586 79.68 -2.49 48.39
CA ILE A 586 79.67 -1.22 47.67
C ILE A 586 80.99 -0.49 47.87
N ILE A 587 81.49 -0.47 49.10
CA ILE A 587 82.79 0.18 49.35
C ILE A 587 83.90 -0.54 48.61
N SER A 588 83.81 -1.87 48.52
CA SER A 588 84.78 -2.63 47.76
C SER A 588 84.74 -2.25 46.28
N LEU A 589 83.53 -2.01 45.76
CA LEU A 589 83.42 -1.52 44.39
C LEU A 589 84.09 -0.17 44.24
N LEU A 590 83.88 0.72 45.21
CA LEU A 590 84.56 2.01 45.17
C LEU A 590 86.06 1.82 45.09
N ASP A 591 86.60 0.94 45.94
CA ASP A 591 88.02 0.61 45.88
C ASP A 591 88.41 0.15 44.48
N LYS A 592 87.80 -0.93 43.99
CA LYS A 592 88.34 -1.61 42.82
C LYS A 592 88.13 -0.81 41.54
N HIS A 593 87.06 -0.03 41.47
CA HIS A 593 86.84 0.82 40.31
C HIS A 593 87.38 2.23 40.50
N GLY A 594 88.00 2.52 41.64
CA GLY A 594 88.58 3.82 41.85
C GLY A 594 87.53 4.85 42.21
N ARG A 595 87.99 6.09 42.36
CA ARG A 595 87.11 7.18 42.75
C ARG A 595 86.04 7.41 41.67
N ASN A 596 84.80 7.60 42.11
CA ASN A 596 83.70 7.87 41.20
C ASN A 596 82.63 8.65 41.94
N HIS A 597 82.38 9.87 41.47
CA HIS A 597 81.31 10.69 42.04
C HIS A 597 79.98 9.97 41.94
N LYS A 598 79.78 9.17 40.89
CA LYS A 598 78.52 8.45 40.76
C LYS A 598 78.33 7.45 41.89
N VAL A 599 79.34 6.63 42.15
CA VAL A 599 79.27 5.68 43.26
C VAL A 599 79.06 6.44 44.57
N LEU A 600 79.74 7.57 44.71
CA LEU A 600 79.58 8.37 45.92
C LEU A 600 78.14 8.82 46.08
N ASP A 601 77.49 9.25 45.00
CA ASP A 601 76.11 9.69 45.08
C ASP A 601 75.17 8.54 45.39
N VAL A 602 75.42 7.36 44.82
CA VAL A 602 74.60 6.20 45.18
C VAL A 602 74.72 5.93 46.66
N LEU A 603 75.92 6.06 47.22
CA LEU A 603 76.08 5.86 48.65
C LEU A 603 75.35 6.96 49.43
N CYS A 604 75.40 8.19 48.95
CA CYS A 604 74.63 9.27 49.60
C CYS A 604 73.16 8.93 49.65
N SER A 605 72.60 8.43 48.54
CA SER A 605 71.22 7.98 48.55
C SER A 605 71.02 6.85 49.55
N LEU A 606 72.02 5.97 49.67
CA LEU A 606 71.95 4.91 50.66
C LEU A 606 71.87 5.48 52.07
N CYS A 607 72.42 6.68 52.29
CA CYS A 607 72.34 7.27 53.63
C CYS A 607 70.90 7.61 54.01
N VAL A 608 70.25 8.50 53.27
CA VAL A 608 68.94 9.03 53.64
C VAL A 608 68.01 8.87 52.43
N CYS A 609 66.72 8.71 52.70
CA CYS A 609 65.72 8.59 51.64
C CYS A 609 64.36 9.01 52.17
N ASN A 610 63.56 9.62 51.31
CA ASN A 610 62.17 9.98 51.62
C ASN A 610 62.08 10.83 52.88
N GLY A 611 63.11 11.62 53.13
CA GLY A 611 63.12 12.49 54.29
C GLY A 611 63.41 11.79 55.61
N VAL A 612 63.74 10.50 55.58
CA VAL A 612 64.07 9.74 56.78
C VAL A 612 65.41 9.06 56.55
N ALA A 613 66.23 9.00 57.60
CA ALA A 613 67.57 8.43 57.51
C ALA A 613 67.62 7.16 58.35
N VAL A 614 68.17 6.09 57.75
CA VAL A 614 68.30 4.84 58.49
C VAL A 614 69.46 4.96 59.46
N ARG A 615 69.14 4.94 60.75
CA ARG A 615 70.17 4.98 61.78
C ARG A 615 71.21 3.90 61.57
N SER A 616 70.75 2.66 61.37
CA SER A 616 71.66 1.54 61.20
C SER A 616 72.53 1.72 59.96
N ASN A 617 71.93 2.15 58.84
CA ASN A 617 72.70 2.30 57.62
C ASN A 617 73.78 3.36 57.78
N GLN A 618 73.43 4.52 58.33
CA GLN A 618 74.41 5.57 58.52
C GLN A 618 75.53 5.11 59.45
N ASP A 619 75.16 4.46 60.56
CA ASP A 619 76.18 4.01 61.50
C ASP A 619 77.11 3.00 60.83
N LEU A 620 76.53 2.06 60.07
CA LEU A 620 77.35 1.03 59.44
C LEU A 620 78.31 1.63 58.44
N ILE A 621 77.83 2.56 57.60
CA ILE A 621 78.72 3.11 56.59
C ILE A 621 79.82 3.94 57.23
N THR A 622 79.47 4.74 58.24
CA THR A 622 80.51 5.45 58.97
C THR A 622 81.56 4.47 59.50
N GLU A 623 81.10 3.41 60.18
CA GLU A 623 82.01 2.48 60.83
C GLU A 623 82.94 1.80 59.83
N ASN A 624 82.40 1.36 58.70
CA ASN A 624 83.21 0.51 57.83
C ASN A 624 83.97 1.30 56.76
N LEU A 625 83.62 2.57 56.53
CA LEU A 625 84.35 3.33 55.52
C LEU A 625 85.21 4.43 56.16
N LEU A 626 84.63 5.22 57.05
CA LEU A 626 85.30 6.44 57.48
C LEU A 626 86.66 6.22 58.17
N PRO A 627 86.83 5.31 59.13
CA PRO A 627 88.08 5.31 59.90
C PRO A 627 89.33 5.10 59.08
N GLY A 628 89.29 4.21 58.08
CA GLY A 628 90.49 3.94 57.32
C GLY A 628 90.98 5.15 56.57
N ARG A 629 90.07 5.90 55.96
CA ARG A 629 90.31 7.16 55.26
C ARG A 629 91.23 7.01 54.05
N GLU A 630 91.57 5.79 53.64
CA GLU A 630 92.41 5.63 52.47
C GLU A 630 91.61 5.85 51.19
N LEU A 631 90.35 5.44 51.18
CA LEU A 631 89.52 5.63 50.00
C LEU A 631 89.27 7.10 49.72
N LEU A 632 88.85 7.85 50.72
CA LEU A 632 88.37 9.21 50.54
C LEU A 632 89.51 10.18 50.83
N LEU A 633 89.69 11.15 49.94
CA LEU A 633 90.78 12.11 50.08
C LEU A 633 90.59 12.95 51.33
N GLN A 634 91.68 13.19 52.05
CA GLN A 634 91.65 13.84 53.35
C GLN A 634 92.43 15.13 53.30
N THR A 635 91.90 16.17 53.93
CA THR A 635 92.52 17.49 53.96
C THR A 635 92.82 17.89 55.40
N ASN A 636 93.89 18.67 55.58
CA ASN A 636 94.26 19.18 56.88
C ASN A 636 95.03 20.49 56.71
N LEU A 637 94.98 21.32 57.74
CA LEU A 637 95.70 22.58 57.70
C LEU A 637 97.17 22.38 58.10
N ILE A 638 98.07 22.86 57.26
CA ILE A 638 99.51 22.74 57.49
C ILE A 638 100.15 24.10 57.31
N ASN A 639 100.95 24.50 58.30
CA ASN A 639 101.68 25.75 58.19
C ASN A 639 102.74 25.66 57.10
N TYR A 640 103.03 26.79 56.47
CA TYR A 640 104.05 26.82 55.43
C TYR A 640 105.43 26.55 56.01
N VAL A 641 106.25 25.87 55.22
CA VAL A 641 107.63 25.58 55.58
C VAL A 641 108.53 26.16 54.51
N THR A 642 109.51 26.96 54.92
CA THR A 642 110.44 27.57 53.99
C THR A 642 111.87 27.25 54.42
N SER A 643 112.79 27.36 53.47
CA SER A 643 114.20 27.07 53.71
C SER A 643 115.06 28.07 52.96
N ILE A 644 116.11 28.56 53.61
CA ILE A 644 117.01 29.55 53.04
C ILE A 644 118.44 29.04 53.21
N ARG A 645 119.24 29.20 52.16
CA ARG A 645 120.55 28.59 52.08
C ARG A 645 121.64 29.65 51.92
N PRO A 646 122.86 29.38 52.37
CA PRO A 646 123.98 30.27 52.04
C PRO A 646 124.55 29.92 50.68
N ASN A 647 125.33 30.85 50.13
CA ASN A 647 125.90 30.68 48.80
C ASN A 647 127.26 29.98 48.89
N ILE A 648 127.26 28.87 49.61
CA ILE A 648 128.43 28.00 49.74
C ILE A 648 128.04 26.60 49.27
N PHE A 649 128.83 26.04 48.36
CA PHE A 649 128.55 24.74 47.78
C PHE A 649 129.85 23.95 47.64
N VAL A 650 129.81 22.67 48.01
CA VAL A 650 130.97 21.79 47.90
C VAL A 650 130.50 20.43 47.42
N GLY A 651 131.26 19.85 46.49
CA GLY A 651 130.97 18.51 46.00
C GLY A 651 132.24 17.79 45.66
N ARG A 652 132.18 16.46 45.71
CA ARG A 652 133.37 15.62 45.55
C ARG A 652 133.28 14.87 44.23
N ALA A 653 134.33 14.99 43.42
CA ALA A 653 134.48 14.21 42.21
C ALA A 653 135.96 13.99 41.97
N GLU A 654 136.26 13.12 41.00
CA GLU A 654 137.65 12.86 40.65
C GLU A 654 138.29 14.13 40.11
N GLY A 655 139.32 14.60 40.82
CA GLY A 655 139.94 15.86 40.48
C GLY A 655 139.27 17.08 41.07
N SER A 656 138.48 16.91 42.12
CA SER A 656 137.82 18.06 42.75
C SER A 656 138.85 18.99 43.36
N THR A 657 138.55 20.28 43.36
CA THR A 657 139.46 21.26 43.92
C THR A 657 139.16 21.52 45.39
N GLN A 658 137.91 21.31 45.80
CA GLN A 658 137.52 21.62 47.17
C GLN A 658 138.05 20.58 48.15
N TYR A 659 138.25 21.02 49.40
CA TYR A 659 138.75 20.13 50.43
C TYR A 659 137.61 19.32 51.03
N GLY A 660 137.93 18.08 51.41
CA GLY A 660 136.88 17.09 51.64
C GLY A 660 136.01 17.36 52.86
N LYS A 661 136.57 17.97 53.89
CA LYS A 661 135.91 18.03 55.20
C LYS A 661 135.65 19.47 55.62
N TRP A 662 134.44 19.72 56.12
CA TRP A 662 134.03 21.03 56.58
C TRP A 662 133.10 20.91 57.77
N TYR A 663 132.93 22.02 58.50
CA TYR A 663 132.09 22.07 59.69
C TYR A 663 131.45 23.44 59.78
N PHE A 664 130.19 23.47 60.23
CA PHE A 664 129.43 24.69 60.40
C PHE A 664 128.53 24.57 61.62
N GLU A 665 128.04 25.71 62.11
CA GLU A 665 127.11 25.72 63.22
C GLU A 665 126.04 26.78 63.00
N VAL A 666 124.87 26.58 63.61
CA VAL A 666 123.73 27.49 63.51
C VAL A 666 123.21 27.78 64.91
N MET A 667 122.84 29.05 65.13
CA MET A 667 122.53 29.58 66.45
C MET A 667 121.04 29.91 66.51
N VAL A 668 120.31 29.18 67.36
CA VAL A 668 118.86 29.26 67.43
C VAL A 668 118.46 30.33 68.43
N ASP A 669 118.10 31.51 67.94
CA ASP A 669 117.81 32.63 68.83
C ASP A 669 116.58 32.35 69.68
N GLU A 670 115.49 31.90 69.06
CA GLU A 670 114.30 31.59 69.83
C GLU A 670 113.44 30.61 69.03
N VAL A 671 112.52 29.96 69.72
CA VAL A 671 111.57 29.05 69.09
C VAL A 671 110.21 29.27 69.72
N VAL A 672 109.19 29.38 68.89
CA VAL A 672 107.81 29.43 69.33
C VAL A 672 107.22 28.04 69.18
N PRO A 673 106.96 27.32 70.27
CA PRO A 673 106.44 25.95 70.13
C PRO A 673 105.15 25.88 69.35
N PHE A 674 104.25 26.85 69.55
CA PHE A 674 103.02 26.94 68.79
C PHE A 674 102.81 28.39 68.35
N LEU A 675 103.40 28.74 67.21
CA LEU A 675 103.00 29.99 66.56
C LEU A 675 101.58 29.86 66.03
N THR A 676 101.23 28.68 65.53
CA THR A 676 99.87 28.36 65.11
C THR A 676 99.45 27.09 65.82
N ALA A 677 98.32 26.54 65.40
CA ALA A 677 97.87 25.26 65.94
C ALA A 677 98.86 24.15 65.61
N GLN A 678 99.36 24.12 64.38
CA GLN A 678 100.39 23.17 64.03
C GLN A 678 101.73 23.61 64.60
N ALA A 679 102.50 22.64 65.10
CA ALA A 679 103.78 22.94 65.71
C ALA A 679 104.76 23.47 64.66
N THR A 680 105.63 24.39 65.10
CA THR A 680 106.62 24.96 64.19
C THR A 680 107.71 23.94 63.88
N HIS A 681 108.32 24.08 62.71
CA HIS A 681 109.34 23.16 62.23
C HIS A 681 110.61 23.93 61.88
N LEU A 682 111.74 23.48 62.42
CA LEU A 682 113.04 24.00 62.05
C LEU A 682 113.98 22.84 61.76
N ARG A 683 114.74 22.94 60.67
CA ARG A 683 115.69 21.92 60.28
C ARG A 683 117.02 22.58 59.95
N VAL A 684 118.11 21.91 60.30
CA VAL A 684 119.45 22.35 59.95
C VAL A 684 120.21 21.14 59.41
N GLY A 685 120.71 21.25 58.20
CA GLY A 685 121.44 20.14 57.61
C GLY A 685 121.96 20.47 56.23
N TRP A 686 122.71 19.52 55.67
CA TRP A 686 123.31 19.65 54.35
C TRP A 686 122.33 19.13 53.30
N ALA A 687 122.17 19.88 52.22
CA ALA A 687 121.28 19.50 51.12
C ALA A 687 122.06 19.44 49.82
N LEU A 688 121.65 18.53 48.94
CA LEU A 688 122.27 18.40 47.63
C LEU A 688 121.81 19.54 46.73
N THR A 689 122.76 20.06 45.93
CA THR A 689 122.45 21.18 45.05
C THR A 689 121.40 20.82 44.02
N GLU A 690 121.53 19.66 43.39
CA GLU A 690 120.66 19.27 42.30
C GLU A 690 119.74 18.13 42.72
N GLY A 691 118.45 18.31 42.48
CA GLY A 691 117.47 17.31 42.86
C GLY A 691 116.70 17.62 44.11
N TYR A 692 117.11 18.63 44.88
CA TYR A 692 116.35 19.11 46.02
C TYR A 692 115.64 20.39 45.61
N SER A 693 114.30 20.33 45.55
CA SER A 693 113.49 21.45 45.11
C SER A 693 112.42 21.73 46.17
N PRO A 694 112.82 22.35 47.28
CA PRO A 694 111.83 22.69 48.30
C PRO A 694 110.83 23.69 47.76
N TYR A 695 109.60 23.24 47.59
CA TYR A 695 108.60 24.07 46.94
C TYR A 695 107.54 24.48 47.95
N PRO A 696 107.14 25.74 47.96
CA PRO A 696 106.12 26.19 48.92
C PRO A 696 104.80 25.47 48.71
N GLY A 697 104.10 25.27 49.82
CA GLY A 697 102.77 24.69 49.73
C GLY A 697 102.82 23.20 49.47
N GLY A 698 102.30 22.80 48.31
CA GLY A 698 102.19 21.39 47.99
C GLY A 698 103.56 20.71 47.99
N GLY A 699 103.61 19.54 48.62
CA GLY A 699 104.85 18.80 48.70
C GLY A 699 104.57 17.32 48.90
N GLU A 700 105.65 16.54 48.91
CA GLU A 700 105.53 15.12 49.12
C GLU A 700 105.17 14.82 50.56
N GLY A 701 104.62 13.64 50.81
CA GLY A 701 104.27 13.27 52.16
C GLY A 701 103.07 14.03 52.65
N TRP A 702 103.01 14.22 53.97
CA TRP A 702 101.84 14.84 54.57
C TRP A 702 101.76 16.32 54.27
N GLY A 703 102.86 16.89 53.80
CA GLY A 703 102.95 18.32 53.54
C GLY A 703 104.03 18.97 54.38
N GLY A 704 104.19 20.27 54.17
CA GLY A 704 105.23 21.01 54.87
C GLY A 704 106.61 20.50 54.55
N ASN A 705 106.88 20.20 53.29
CA ASN A 705 108.15 19.60 52.90
C ASN A 705 109.30 20.53 53.21
N GLY A 706 110.38 19.97 53.77
CA GLY A 706 111.55 20.75 54.11
C GLY A 706 112.80 19.90 54.00
N VAL A 707 113.91 20.48 54.45
CA VAL A 707 115.17 19.75 54.45
C VAL A 707 115.04 18.52 55.33
N GLY A 708 115.59 17.40 54.87
CA GLY A 708 115.45 16.14 55.56
C GLY A 708 114.14 15.43 55.34
N ASP A 709 113.17 16.08 54.70
CA ASP A 709 111.90 15.46 54.38
C ASP A 709 111.89 14.82 53.01
N ASP A 710 113.02 14.84 52.30
CA ASP A 710 113.17 14.21 51.01
C ASP A 710 114.50 13.47 50.99
N LEU A 711 114.61 12.51 50.07
CA LEU A 711 115.82 11.70 50.03
C LEU A 711 117.00 12.52 49.54
N TYR A 712 116.74 13.66 48.90
CA TYR A 712 117.83 14.45 48.34
C TYR A 712 118.48 15.34 49.39
N SER A 713 117.76 15.70 50.44
CA SER A 713 118.22 16.65 51.43
C SER A 713 118.16 16.02 52.81
N TYR A 714 119.01 16.49 53.72
CA TYR A 714 119.14 15.90 55.05
C TYR A 714 119.29 17.00 56.09
N GLY A 715 118.80 16.74 57.31
CA GLY A 715 118.85 17.72 58.37
C GLY A 715 118.64 17.08 59.72
N PHE A 716 118.60 17.92 60.74
CA PHE A 716 118.48 17.50 62.14
C PHE A 716 117.20 18.07 62.73
N ASP A 717 116.45 17.22 63.44
CA ASP A 717 115.19 17.64 64.04
C ASP A 717 115.36 18.00 65.50
N GLY A 718 116.49 17.63 66.10
CA GLY A 718 116.67 17.74 67.53
C GLY A 718 116.36 16.46 68.28
N LEU A 719 115.29 15.76 67.92
CA LEU A 719 115.05 14.42 68.42
C LEU A 719 115.30 13.34 67.39
N HIS A 720 115.22 13.66 66.10
CA HIS A 720 115.31 12.64 65.08
C HIS A 720 116.25 13.13 63.99
N LEU A 721 116.80 12.17 63.26
CA LEU A 721 117.66 12.45 62.12
C LEU A 721 116.89 12.14 60.86
N TRP A 722 116.60 13.17 60.08
CA TRP A 722 115.61 13.09 59.00
C TRP A 722 116.27 12.64 57.72
N THR A 723 115.70 11.59 57.11
CA THR A 723 116.12 11.09 55.81
C THR A 723 114.90 10.70 55.01
N GLY A 724 114.66 11.39 53.90
CA GLY A 724 113.63 10.97 52.97
C GLY A 724 112.24 10.88 53.58
N HIS A 725 111.83 11.90 54.33
CA HIS A 725 110.54 11.96 54.99
C HIS A 725 110.35 10.86 56.04
N VAL A 726 111.43 10.25 56.51
CA VAL A 726 111.37 9.28 57.60
C VAL A 726 112.25 9.80 58.73
N ALA A 727 111.68 9.91 59.92
CA ALA A 727 112.38 10.42 61.09
C ALA A 727 112.81 9.26 61.97
N ARG A 728 114.11 9.12 62.18
CA ARG A 728 114.65 8.10 63.04
C ARG A 728 115.12 8.73 64.34
N PRO A 729 114.52 8.38 65.48
CA PRO A 729 114.98 8.96 66.74
C PRO A 729 116.42 8.56 67.04
N VAL A 730 117.24 9.57 67.27
CA VAL A 730 118.65 9.39 67.62
C VAL A 730 118.84 9.82 69.07
N THR A 731 119.39 8.92 69.88
CA THR A 731 119.65 9.24 71.27
C THR A 731 120.70 10.36 71.34
N SER A 732 120.53 11.24 72.31
CA SER A 732 121.50 12.30 72.55
C SER A 732 121.41 12.73 74.00
N PRO A 733 122.54 13.05 74.63
CA PRO A 733 122.51 13.52 76.03
C PRO A 733 121.69 14.79 76.15
N GLY A 734 120.77 14.79 77.10
CA GLY A 734 119.87 15.93 77.23
C GLY A 734 119.05 16.16 75.98
N GLN A 735 118.51 15.09 75.40
CA GLN A 735 117.78 15.20 74.14
C GLN A 735 116.58 16.13 74.29
N HIS A 736 116.49 17.09 73.39
CA HIS A 736 115.36 18.00 73.34
C HIS A 736 115.32 18.66 71.98
N LEU A 737 114.17 19.24 71.66
CA LEU A 737 114.03 20.00 70.43
C LEU A 737 114.94 21.22 70.47
N LEU A 738 115.31 21.71 69.29
CA LEU A 738 116.16 22.88 69.22
C LEU A 738 115.53 24.03 70.00
N ALA A 739 116.32 24.63 70.88
CA ALA A 739 115.84 25.57 71.88
C ALA A 739 116.61 26.87 71.77
N PRO A 740 116.05 27.96 72.27
CA PRO A 740 116.79 29.22 72.28
C PRO A 740 118.09 29.08 73.04
N GLU A 741 119.11 29.80 72.59
CA GLU A 741 120.46 29.82 73.13
C GLU A 741 121.16 28.48 72.92
N ASP A 742 120.75 27.68 71.94
CA ASP A 742 121.45 26.45 71.63
C ASP A 742 122.22 26.57 70.33
N VAL A 743 123.39 25.94 70.28
CA VAL A 743 124.23 25.94 69.09
C VAL A 743 124.28 24.52 68.56
N VAL A 744 123.82 24.33 67.33
CA VAL A 744 123.83 23.04 66.66
C VAL A 744 124.89 23.08 65.58
N SER A 745 125.65 21.98 65.45
CA SER A 745 126.78 21.91 64.54
C SER A 745 126.70 20.64 63.71
N CYS A 746 127.10 20.74 62.45
CA CYS A 746 127.13 19.60 61.54
C CYS A 746 128.49 19.56 60.86
N CYS A 747 129.04 18.37 60.71
CA CYS A 747 130.32 18.16 60.05
C CYS A 747 130.15 17.14 58.94
N LEU A 748 130.75 17.40 57.79
CA LEU A 748 130.60 16.57 56.62
C LEU A 748 131.96 16.09 56.14
N ASP A 749 132.05 14.80 55.81
CA ASP A 749 133.22 14.22 55.19
C ASP A 749 132.83 13.53 53.90
N LEU A 750 133.41 13.97 52.78
CA LEU A 750 133.12 13.34 51.50
C LEU A 750 133.96 12.09 51.30
N SER A 751 135.02 11.94 52.09
CA SER A 751 135.94 10.82 51.89
C SER A 751 135.29 9.49 52.27
N VAL A 752 134.56 9.47 53.39
CA VAL A 752 133.99 8.21 53.87
C VAL A 752 132.98 7.63 52.90
N PRO A 753 131.98 8.37 52.40
CA PRO A 753 131.57 9.74 52.72
C PRO A 753 130.72 9.75 53.99
N SER A 754 130.75 10.81 54.79
CA SER A 754 130.02 10.82 56.05
C SER A 754 129.58 12.24 56.40
N ILE A 755 128.46 12.32 57.10
CA ILE A 755 127.96 13.55 57.68
C ILE A 755 127.68 13.29 59.15
N SER A 756 128.16 14.20 60.01
CA SER A 756 128.08 14.03 61.45
C SER A 756 127.47 15.28 62.08
N PHE A 757 126.90 15.12 63.28
CA PHE A 757 126.22 16.20 63.97
C PHE A 757 126.74 16.29 65.40
N ARG A 758 126.87 17.50 65.92
CA ARG A 758 127.27 17.75 67.30
C ARG A 758 126.49 18.94 67.83
N ILE A 759 125.99 18.82 69.06
CA ILE A 759 125.10 19.82 69.64
C ILE A 759 125.68 20.28 70.97
N ASN A 760 125.80 21.60 71.13
CA ASN A 760 126.14 22.24 72.41
C ASN A 760 127.37 21.60 73.04
N GLY A 761 128.33 21.22 72.22
CA GLY A 761 129.54 20.59 72.71
C GLY A 761 129.45 19.11 72.95
N CYS A 762 128.27 18.51 72.77
CA CYS A 762 128.12 17.08 72.94
C CYS A 762 127.84 16.42 71.60
N PRO A 763 128.49 15.31 71.29
CA PRO A 763 128.32 14.70 69.97
C PRO A 763 126.95 14.07 69.81
N VAL A 764 126.46 14.06 68.57
CA VAL A 764 125.26 13.34 68.20
C VAL A 764 125.69 12.08 67.48
N GLN A 765 125.31 10.92 68.03
CA GLN A 765 125.73 9.63 67.48
C GLN A 765 124.82 9.25 66.31
N GLY A 766 124.75 10.15 65.35
CA GLY A 766 124.06 9.92 64.10
C GLY A 766 124.99 10.08 62.92
N VAL A 767 125.17 9.04 62.13
CA VAL A 767 126.16 9.00 61.07
C VAL A 767 125.46 8.69 59.75
N PHE A 768 125.84 9.41 58.70
CA PHE A 768 125.30 9.21 57.36
C PHE A 768 126.32 8.48 56.51
N GLU A 769 125.91 7.38 55.90
CA GLU A 769 126.80 6.53 55.14
C GLU A 769 126.22 6.26 53.77
N ALA A 770 127.12 6.05 52.80
CA ALA A 770 126.76 5.57 51.47
C ALA A 770 125.74 6.48 50.79
N PHE A 771 125.83 7.78 51.06
CA PHE A 771 124.99 8.72 50.33
C PHE A 771 125.66 9.08 49.01
N ASN A 772 124.84 9.27 47.99
CA ASN A 772 125.34 9.46 46.64
C ASN A 772 126.11 10.78 46.51
N LEU A 773 127.13 10.77 45.66
CA LEU A 773 128.01 11.92 45.44
C LEU A 773 127.75 12.61 44.11
N ASP A 774 126.50 12.64 43.64
CA ASP A 774 126.24 13.13 42.29
C ASP A 774 126.60 14.61 42.14
N GLY A 775 126.13 15.45 43.06
CA GLY A 775 126.33 16.88 42.93
C GLY A 775 126.87 17.48 44.21
N LEU A 776 126.98 18.81 44.20
CA LEU A 776 127.52 19.52 45.35
C LEU A 776 126.53 19.48 46.51
N PHE A 777 127.07 19.56 47.73
CA PHE A 777 126.29 19.53 48.95
C PHE A 777 126.40 20.87 49.64
N PHE A 778 125.26 21.42 50.06
CA PHE A 778 125.27 22.69 50.76
C PHE A 778 124.47 22.59 52.06
N PRO A 779 124.98 23.13 53.15
CA PRO A 779 124.15 23.26 54.35
C PRO A 779 123.02 24.25 54.12
N VAL A 780 121.90 24.04 54.82
CA VAL A 780 120.73 24.88 54.65
C VAL A 780 119.83 24.71 55.86
N VAL A 781 119.12 25.78 56.22
CA VAL A 781 118.20 25.78 57.35
C VAL A 781 116.78 25.84 56.84
N SER A 782 115.95 24.89 57.27
CA SER A 782 114.54 24.83 56.90
C SER A 782 113.71 25.24 58.10
N PHE A 783 113.31 26.51 58.14
CA PHE A 783 112.58 27.06 59.27
C PHE A 783 111.12 27.28 58.87
N SER A 784 110.21 26.85 59.73
CA SER A 784 108.82 27.24 59.55
C SER A 784 108.62 28.67 60.04
N ALA A 785 107.37 29.09 60.07
CA ALA A 785 107.06 30.47 60.42
C ALA A 785 107.30 30.73 61.91
N GLY A 786 107.73 31.95 62.21
CA GLY A 786 107.77 32.43 63.57
C GLY A 786 109.04 32.17 64.36
N VAL A 787 110.16 31.89 63.69
CA VAL A 787 111.42 31.62 64.38
C VAL A 787 112.52 32.46 63.75
N LYS A 788 113.56 32.75 64.54
CA LYS A 788 114.78 33.34 64.03
C LYS A 788 115.94 32.40 64.35
N VAL A 789 116.79 32.13 63.36
CA VAL A 789 118.00 31.34 63.55
C VAL A 789 119.18 32.14 63.02
N ARG A 790 120.30 32.02 63.72
CA ARG A 790 121.54 32.70 63.35
C ARG A 790 122.52 31.67 62.80
N PHE A 791 123.06 31.95 61.62
CA PHE A 791 124.01 31.05 60.97
C PHE A 791 125.41 31.57 61.21
N LEU A 792 126.26 30.73 61.79
CA LEU A 792 127.65 31.08 62.07
C LEU A 792 128.53 30.32 61.08
N LEU A 793 128.99 31.01 60.05
CA LEU A 793 129.74 30.32 58.99
C LEU A 793 131.22 30.26 59.31
N GLY A 794 131.70 31.11 60.22
CA GLY A 794 133.05 31.01 60.70
C GLY A 794 134.00 32.04 60.08
N GLY A 795 135.17 32.12 60.69
CA GLY A 795 136.20 33.04 60.21
C GLY A 795 135.75 34.48 60.30
N ARG A 796 135.87 35.20 59.18
CA ARG A 796 135.44 36.58 59.14
C ARG A 796 133.94 36.72 59.38
N HIS A 797 133.18 35.71 58.96
CA HIS A 797 131.73 35.72 59.07
C HIS A 797 131.31 34.83 60.22
N GLY A 798 131.13 35.42 61.39
CA GLY A 798 130.86 34.66 62.59
C GLY A 798 132.07 33.87 63.04
N GLU A 799 131.99 33.37 64.27
CA GLU A 799 133.02 32.47 64.78
C GLU A 799 132.33 31.29 65.46
N PHE A 800 133.06 30.18 65.51
CA PHE A 800 132.54 28.93 66.03
C PHE A 800 132.67 28.93 67.55
N LYS A 801 131.55 28.71 68.25
CA LYS A 801 131.60 28.59 69.70
C LYS A 801 132.46 27.42 70.13
N PHE A 802 132.42 26.34 69.37
CA PHE A 802 133.18 25.13 69.68
C PHE A 802 134.20 24.90 68.57
N LEU A 803 135.40 24.52 68.96
CA LEU A 803 136.49 24.37 68.00
C LEU A 803 136.15 23.27 67.00
N PRO A 804 136.50 23.46 65.73
CA PRO A 804 136.12 22.48 64.72
C PRO A 804 136.82 21.16 64.96
N PRO A 805 136.19 20.05 64.58
CA PRO A 805 136.87 18.75 64.65
C PRO A 805 138.12 18.77 63.80
N PRO A 806 139.16 18.06 64.22
CA PRO A 806 140.46 18.17 63.53
C PRO A 806 140.34 17.82 62.06
N GLY A 807 141.06 18.58 61.23
CA GLY A 807 141.05 18.35 59.80
C GLY A 807 139.81 18.83 59.08
N TYR A 808 138.93 19.55 59.75
CA TYR A 808 137.69 20.02 59.14
C TYR A 808 137.84 21.50 58.82
N ALA A 809 137.83 21.82 57.53
CA ALA A 809 137.98 23.21 57.12
C ALA A 809 136.76 24.03 57.53
N PRO A 810 136.95 25.30 57.86
CA PRO A 810 135.80 26.17 58.12
C PRO A 810 134.92 26.27 56.89
N CYS A 811 133.61 26.24 57.12
CA CYS A 811 132.67 26.23 56.00
C CYS A 811 132.71 27.55 55.24
N HIS A 812 133.01 28.65 55.93
CA HIS A 812 133.11 29.93 55.25
C HIS A 812 134.23 29.93 54.23
N GLU A 813 135.25 29.11 54.45
CA GLU A 813 136.39 29.06 53.53
C GLU A 813 135.96 28.52 52.17
N ALA A 814 134.79 27.88 52.10
CA ALA A 814 134.38 27.24 50.86
C ALA A 814 133.81 28.25 49.87
N VAL A 815 133.71 29.52 50.27
CA VAL A 815 133.11 30.52 49.41
C VAL A 815 133.90 30.64 48.11
N LEU A 816 133.18 30.72 46.99
CA LEU A 816 133.82 30.82 45.71
C LEU A 816 134.29 32.26 45.46
N PRO A 817 135.40 32.43 44.75
CA PRO A 817 135.95 33.79 44.57
C PRO A 817 135.02 34.73 43.84
N ARG A 818 134.24 34.21 42.88
CA ARG A 818 133.48 35.09 41.99
C ARG A 818 132.44 35.91 42.73
N GLU A 819 131.71 35.29 43.66
CA GLU A 819 130.57 35.92 44.30
C GLU A 819 130.86 36.09 45.79
N ARG A 820 130.25 37.11 46.38
CA ARG A 820 130.43 37.34 47.82
C ARG A 820 129.44 36.51 48.62
N LEU A 821 129.83 36.22 49.86
CA LEU A 821 129.00 35.39 50.72
C LEU A 821 127.69 36.09 51.03
N ARG A 822 126.60 35.33 50.94
CA ARG A 822 125.26 35.87 51.15
C ARG A 822 124.29 34.71 51.33
N LEU A 823 123.21 34.97 52.06
CA LEU A 823 122.19 33.97 52.33
C LEU A 823 121.03 34.17 51.37
N GLU A 824 120.62 33.10 50.69
CA GLU A 824 119.64 33.19 49.63
C GLU A 824 118.66 32.03 49.65
N PRO A 825 117.41 32.28 49.25
CA PRO A 825 116.47 31.17 49.05
C PRO A 825 116.85 30.34 47.84
N ILE A 826 116.52 29.05 47.89
CA ILE A 826 116.98 28.07 46.92
C ILE A 826 115.82 27.71 46.00
N LYS A 827 116.07 27.75 44.69
CA LYS A 827 115.04 27.54 43.67
C LYS A 827 113.82 28.43 43.89
N GLU A 828 114.05 29.66 44.34
CA GLU A 828 112.99 30.63 44.48
C GLU A 828 112.57 31.11 43.10
N TYR A 829 111.27 31.33 42.91
CA TYR A 829 110.79 31.77 41.61
C TYR A 829 110.22 33.17 41.67
N ARG A 830 109.57 33.51 42.78
CA ARG A 830 108.91 34.79 42.96
C ARG A 830 109.68 35.61 43.97
N ARG A 831 110.33 36.68 43.49
CA ARG A 831 111.09 37.57 44.34
C ARG A 831 110.43 38.94 44.36
N GLU A 832 110.32 39.52 45.54
CA GLU A 832 109.66 40.82 45.66
C GLU A 832 110.52 41.93 45.07
N GLY A 833 109.96 42.62 44.09
CA GLY A 833 110.61 43.77 43.51
C GLY A 833 110.01 45.06 44.04
N PRO A 834 110.80 46.12 44.07
CA PRO A 834 110.30 47.38 44.66
C PRO A 834 109.04 47.91 44.00
N ARG A 835 108.98 47.87 42.67
CA ARG A 835 107.76 48.30 42.00
C ARG A 835 106.67 47.25 42.12
N GLY A 836 107.04 45.98 41.99
CA GLY A 836 106.12 44.88 42.14
C GLY A 836 106.87 43.57 42.20
N PRO A 837 106.21 42.50 42.66
CA PRO A 837 106.89 41.21 42.75
C PRO A 837 107.43 40.77 41.40
N HIS A 838 108.63 40.22 41.41
CA HIS A 838 109.34 39.83 40.20
C HIS A 838 109.39 38.32 40.09
N LEU A 839 108.87 37.78 39.00
CA LEU A 839 109.05 36.37 38.71
C LEU A 839 110.49 36.14 38.23
N VAL A 840 111.06 35.01 38.63
CA VAL A 840 112.44 34.68 38.33
C VAL A 840 112.48 33.32 37.66
N GLY A 841 113.20 33.23 36.55
CA GLY A 841 113.38 31.98 35.85
C GLY A 841 114.35 31.08 36.59
N PRO A 842 114.48 29.83 36.13
CA PRO A 842 115.38 28.89 36.79
C PRO A 842 116.83 29.35 36.69
N SER A 843 117.60 29.11 37.74
CA SER A 843 119.01 29.44 37.70
C SER A 843 119.84 28.23 37.30
N ARG A 844 121.06 28.50 36.83
CA ARG A 844 122.02 27.45 36.54
C ARG A 844 122.84 27.18 37.79
N CYS A 845 123.12 25.91 38.06
CA CYS A 845 123.87 25.52 39.24
C CYS A 845 125.21 24.95 38.81
N LEU A 846 126.25 25.37 39.53
CA LEU A 846 127.59 24.84 39.31
C LEU A 846 127.61 23.37 39.69
N SER A 847 128.49 22.60 39.05
CA SER A 847 128.55 21.16 39.25
C SER A 847 129.93 20.71 39.66
N HIS A 848 129.98 19.51 40.24
CA HIS A 848 131.24 18.89 40.58
C HIS A 848 132.18 18.83 39.38
N THR A 849 131.62 18.54 38.20
CA THR A 849 132.43 18.55 37.00
C THR A 849 133.04 19.92 36.77
N ASP A 850 132.27 20.98 37.02
CA ASP A 850 132.80 22.33 36.89
C ASP A 850 133.92 22.57 37.88
N PHE A 851 133.76 22.07 39.12
CA PHE A 851 134.83 22.19 40.09
C PHE A 851 136.10 21.48 39.62
N VAL A 852 135.94 20.35 38.95
CA VAL A 852 137.12 19.65 38.45
C VAL A 852 137.66 20.37 37.22
N PRO A 853 138.95 20.68 37.15
CA PRO A 853 139.50 21.26 35.92
C PRO A 853 139.44 20.26 34.77
N CYS A 854 139.32 20.79 33.56
CA CYS A 854 139.24 20.00 32.34
C CYS A 854 140.27 20.51 31.34
N PRO A 855 141.54 20.16 31.54
CA PRO A 855 142.59 20.64 30.63
C PRO A 855 142.48 20.00 29.26
N VAL A 856 143.08 20.68 28.27
CA VAL A 856 143.12 20.11 26.93
C VAL A 856 144.22 19.06 26.87
N ASP A 857 144.04 18.09 25.98
CA ASP A 857 144.93 16.94 25.92
C ASP A 857 146.35 17.35 25.55
N THR A 858 147.32 16.73 26.23
CA THR A 858 148.74 17.00 26.00
C THR A 858 149.59 15.74 25.98
N VAL A 859 149.00 14.57 25.69
CA VAL A 859 149.74 13.32 25.80
C VAL A 859 150.86 13.26 24.76
N GLN A 860 150.55 13.58 23.51
CA GLN A 860 151.51 13.50 22.42
C GLN A 860 151.98 14.91 22.08
N ILE A 861 153.28 15.06 21.85
CA ILE A 861 153.88 16.34 21.52
C ILE A 861 154.70 16.18 20.24
N VAL A 862 154.43 17.01 19.25
CA VAL A 862 155.16 17.00 17.98
C VAL A 862 155.93 18.30 17.88
N LEU A 863 157.25 18.19 17.71
CA LEU A 863 158.10 19.35 17.64
C LEU A 863 158.96 19.31 16.39
N PRO A 864 158.65 20.11 15.38
CA PRO A 864 159.58 20.30 14.26
C PRO A 864 160.87 20.93 14.78
N PRO A 865 162.01 20.68 14.13
CA PRO A 865 163.27 21.23 14.64
C PRO A 865 163.28 22.75 14.73
N HIS A 866 162.69 23.43 13.75
CA HIS A 866 162.65 24.88 13.80
C HIS A 866 161.74 25.36 14.93
N LEU A 867 160.55 24.75 15.05
CA LEU A 867 159.71 25.03 16.21
C LEU A 867 160.47 24.80 17.51
N GLU A 868 161.34 23.79 17.54
CA GLU A 868 162.03 23.42 18.77
C GLU A 868 163.05 24.47 19.16
N ARG A 869 163.92 24.86 18.23
CA ARG A 869 164.91 25.89 18.56
C ARG A 869 164.22 27.21 18.89
N ILE A 870 163.18 27.56 18.12
CA ILE A 870 162.47 28.79 18.41
C ILE A 870 161.75 28.73 19.75
N ARG A 871 161.27 27.54 20.15
CA ARG A 871 160.54 27.50 21.43
C ARG A 871 161.50 27.58 22.59
N GLU A 872 162.73 27.07 22.43
CA GLU A 872 163.74 27.35 23.46
C GLU A 872 164.03 28.84 23.52
N LYS A 873 164.11 29.48 22.36
CA LYS A 873 164.31 30.92 22.34
C LYS A 873 163.15 31.65 23.02
N LEU A 874 161.92 31.19 22.77
CA LEU A 874 160.77 31.75 23.47
C LEU A 874 160.87 31.52 24.97
N ALA A 875 161.36 30.34 25.39
CA ALA A 875 161.50 30.08 26.81
C ALA A 875 162.41 31.11 27.46
N GLU A 876 163.62 31.29 26.91
CA GLU A 876 164.53 32.28 27.49
C GLU A 876 163.95 33.69 27.39
N ASN A 877 163.25 33.98 26.29
CA ASN A 877 162.73 35.32 26.08
C ASN A 877 161.58 35.63 27.05
N ILE A 878 160.71 34.67 27.29
CA ILE A 878 159.64 34.89 28.26
C ILE A 878 160.19 34.92 29.67
N HIS A 879 161.31 34.24 29.92
CA HIS A 879 161.93 34.36 31.23
C HIS A 879 162.50 35.76 31.45
N GLU A 880 163.13 36.33 30.42
CA GLU A 880 163.65 37.69 30.60
C GLU A 880 162.49 38.69 30.68
N LEU A 881 161.40 38.43 29.95
CA LEU A 881 160.20 39.26 30.10
C LEU A 881 159.61 39.11 31.50
N TRP A 882 159.73 37.92 32.09
CA TRP A 882 159.34 37.72 33.48
C TRP A 882 160.21 38.56 34.40
N ALA A 883 161.49 38.68 34.08
CA ALA A 883 162.36 39.59 34.81
C ALA A 883 161.86 41.04 34.69
N LEU A 884 161.43 41.43 33.48
CA LEU A 884 160.81 42.74 33.34
C LEU A 884 159.56 42.89 34.20
N THR A 885 158.72 41.87 34.23
CA THR A 885 157.52 41.94 35.08
C THR A 885 157.91 42.13 36.54
N ARG A 886 158.94 41.42 36.98
CA ARG A 886 159.41 41.55 38.36
C ARG A 886 159.92 42.96 38.63
N ILE A 887 160.69 43.54 37.70
CA ILE A 887 161.26 44.86 37.99
C ILE A 887 160.19 45.94 37.95
N GLU A 888 159.18 45.79 37.08
CA GLU A 888 158.01 46.66 37.19
C GLU A 888 157.30 46.46 38.52
N GLN A 889 157.24 45.21 39.01
CA GLN A 889 156.76 44.98 40.37
C GLN A 889 157.65 45.67 41.39
N GLY A 890 158.87 46.03 41.00
CA GLY A 890 159.84 46.59 41.89
C GLY A 890 160.74 45.57 42.53
N TRP A 891 160.61 44.30 42.16
CA TRP A 891 161.36 43.23 42.80
C TRP A 891 162.85 43.38 42.51
N THR A 892 163.66 43.14 43.53
CA THR A 892 165.11 43.18 43.40
C THR A 892 165.65 41.76 43.54
N TYR A 893 166.94 41.61 43.29
CA TYR A 893 167.59 40.33 43.53
C TYR A 893 167.82 40.16 45.03
N GLY A 894 167.74 38.92 45.50
CA GLY A 894 167.93 38.65 46.90
C GLY A 894 168.00 37.18 47.25
N PRO A 895 168.42 36.89 48.48
CA PRO A 895 168.54 35.48 48.90
C PRO A 895 167.21 34.72 48.89
N VAL A 896 166.12 35.37 49.24
CA VAL A 896 164.83 34.70 49.44
C VAL A 896 163.79 35.36 48.56
N ARG A 897 163.02 34.54 47.85
CA ARG A 897 161.98 35.01 46.95
C ARG A 897 160.75 35.41 47.77
N ASP A 898 160.57 36.71 47.98
CA ASP A 898 159.41 37.24 48.66
C ASP A 898 159.15 38.66 48.18
N ASP A 899 157.89 38.95 47.86
CA ASP A 899 157.54 40.28 47.39
C ASP A 899 157.62 41.31 48.52
N ASN A 900 157.30 40.89 49.75
CA ASN A 900 157.38 41.81 50.87
C ASN A 900 158.81 42.29 51.10
N LYS A 901 159.78 41.38 50.98
CA LYS A 901 161.18 41.78 51.10
C LYS A 901 161.64 42.54 49.86
N ARG A 902 160.92 42.40 48.74
CA ARG A 902 161.29 43.01 47.47
C ARG A 902 162.63 42.49 46.98
N LEU A 903 162.96 41.24 47.31
CA LEU A 903 164.22 40.60 46.94
C LEU A 903 163.89 39.23 46.35
N HIS A 904 164.66 38.82 45.34
CA HIS A 904 164.31 37.63 44.55
C HIS A 904 165.57 36.96 43.98
N PRO A 905 165.82 35.69 44.30
CA PRO A 905 167.02 35.05 43.74
C PRO A 905 166.93 34.75 42.26
N CYS A 906 165.81 34.19 41.79
CA CYS A 906 165.70 33.79 40.40
C CYS A 906 165.69 35.00 39.48
N LEU A 907 165.28 36.15 39.99
CA LEU A 907 165.20 37.36 39.16
C LEU A 907 166.59 37.94 38.92
N VAL A 908 167.05 37.84 37.68
CA VAL A 908 168.32 38.37 37.21
C VAL A 908 168.52 38.03 35.73
N ASN A 909 168.63 36.73 35.42
CA ASN A 909 168.86 36.29 34.06
C ASN A 909 168.39 34.86 33.91
N PHE A 910 167.93 34.52 32.70
CA PHE A 910 167.50 33.15 32.43
C PHE A 910 168.67 32.18 32.57
N HIS A 911 169.86 32.59 32.12
CA HIS A 911 171.05 31.77 32.35
C HIS A 911 171.36 31.68 33.83
N SER A 912 171.25 32.80 34.56
CA SER A 912 171.41 32.76 36.01
C SER A 912 170.26 32.01 36.65
N LEU A 913 169.08 32.06 36.04
CA LEU A 913 167.99 31.21 36.46
C LEU A 913 168.34 29.75 36.14
N PRO A 914 167.92 28.80 36.97
CA PRO A 914 168.21 27.39 36.66
C PRO A 914 167.53 26.95 35.37
N GLU A 915 168.29 26.21 34.56
CA GLU A 915 167.74 25.61 33.36
C GLU A 915 166.55 24.69 33.61
N PRO A 916 166.50 23.88 34.68
CA PRO A 916 165.25 23.15 34.97
C PRO A 916 164.05 24.06 35.15
N GLU A 917 164.23 25.23 35.77
CA GLU A 917 163.13 26.18 35.86
C GLU A 917 162.79 26.78 34.51
N ARG A 918 163.81 26.99 33.66
CA ARG A 918 163.54 27.37 32.28
C ARG A 918 162.77 26.28 31.55
N ASN A 919 162.93 25.04 32.00
CA ASN A 919 162.39 23.90 31.27
C ASN A 919 160.88 23.82 31.42
N TYR A 920 160.35 24.36 32.52
CA TYR A 920 158.92 24.31 32.74
C TYR A 920 158.16 25.01 31.60
N ASN A 921 158.84 25.95 30.94
CA ASN A 921 158.20 26.66 29.85
C ASN A 921 158.47 25.98 28.51
N LEU A 922 159.38 25.03 28.48
CA LEU A 922 159.50 24.23 27.28
C LEU A 922 158.20 23.48 27.01
N GLN A 923 157.60 22.92 28.06
CA GLN A 923 156.36 22.18 27.87
C GLN A 923 155.19 23.11 27.58
N MET A 924 155.15 24.34 28.12
CA MET A 924 153.97 25.15 27.81
C MET A 924 154.09 25.69 26.40
N SER A 925 155.33 25.86 25.93
CA SER A 925 155.51 26.19 24.51
C SER A 925 155.08 25.04 23.63
N GLY A 926 155.49 23.82 23.97
CA GLY A 926 155.03 22.66 23.24
C GLY A 926 153.52 22.52 23.29
N GLU A 927 152.91 22.88 24.42
CA GLU A 927 151.47 22.80 24.56
C GLU A 927 150.78 23.88 23.74
N THR A 928 151.38 25.07 23.66
CA THR A 928 150.84 26.09 22.76
C THR A 928 150.82 25.60 21.33
N LEU A 929 151.95 25.10 20.83
CA LEU A 929 151.96 24.58 19.47
C LEU A 929 151.00 23.42 19.32
N LYS A 930 150.94 22.55 20.32
CA LYS A 930 150.03 21.41 20.30
C LYS A 930 148.59 21.86 20.17
N THR A 931 148.20 22.88 20.95
CA THR A 931 146.83 23.35 20.90
C THR A 931 146.54 24.07 19.60
N LEU A 932 147.56 24.72 19.03
CA LEU A 932 147.38 25.34 17.73
C LEU A 932 147.10 24.29 16.65
N LEU A 933 147.84 23.18 16.68
CA LEU A 933 147.53 22.09 15.77
C LEU A 933 146.19 21.44 16.13
N ALA A 934 145.83 21.43 17.41
CA ALA A 934 144.66 20.69 17.85
C ALA A 934 143.38 21.45 17.52
N LEU A 935 143.47 22.77 17.40
CA LEU A 935 142.31 23.53 16.93
C LEU A 935 142.33 23.68 15.41
N GLY A 936 143.42 23.25 14.78
CA GLY A 936 143.58 23.40 13.35
C GLY A 936 144.30 24.66 12.93
N CYS A 937 144.60 25.56 13.87
CA CYS A 937 145.30 26.79 13.52
C CYS A 937 146.81 26.55 13.44
N HIS A 938 147.31 26.40 12.22
CA HIS A 938 148.71 26.10 11.97
C HIS A 938 149.55 27.32 12.31
N VAL A 939 150.72 27.08 12.89
CA VAL A 939 151.66 28.13 13.27
C VAL A 939 152.92 27.96 12.43
N GLY A 940 153.34 29.04 11.79
CA GLY A 940 154.52 29.01 10.94
C GLY A 940 155.08 30.40 10.76
N MET A 941 156.20 30.48 10.04
CA MET A 941 156.88 31.75 9.83
C MET A 941 155.99 32.72 9.06
N ALA A 942 155.51 33.76 9.74
CA ALA A 942 154.94 34.89 9.02
C ALA A 942 156.04 35.67 8.30
N ASP A 943 157.12 35.97 9.01
CA ASP A 943 158.34 36.51 8.42
C ASP A 943 159.51 35.71 8.97
N GLU A 944 160.37 35.22 8.08
CA GLU A 944 161.49 34.39 8.51
C GLU A 944 162.58 35.25 9.16
N LYS A 945 162.83 36.44 8.60
CA LYS A 945 163.86 37.31 9.15
C LYS A 945 163.51 37.76 10.56
N ALA A 946 162.21 37.82 10.89
CA ALA A 946 161.80 38.18 12.24
C ALA A 946 162.28 37.15 13.25
N GLU A 947 162.18 35.86 12.92
CA GLU A 947 162.68 34.83 13.82
C GLU A 947 164.20 34.72 13.74
N ASP A 948 164.78 35.07 12.59
CA ASP A 948 166.24 35.07 12.48
C ASP A 948 166.85 36.10 13.42
N ASN A 949 166.35 37.33 13.38
CA ASN A 949 166.82 38.42 14.24
C ASN A 949 165.62 39.25 14.69
N LEU A 950 165.62 39.64 15.96
CA LEU A 950 164.55 40.42 16.54
C LEU A 950 165.09 41.77 16.99
N LYS A 951 164.38 42.85 16.64
CA LYS A 951 164.74 44.16 17.17
C LYS A 951 164.52 44.19 18.67
N LYS A 952 165.47 44.78 19.39
CA LYS A 952 165.52 44.69 20.84
C LYS A 952 165.52 46.08 21.45
N THR A 953 164.56 46.34 22.32
CA THR A 953 164.58 47.57 23.10
C THR A 953 165.61 47.45 24.23
N LYS A 954 166.16 48.58 24.64
CA LYS A 954 167.19 48.61 25.66
C LYS A 954 166.59 49.00 26.99
N LEU A 955 166.67 48.10 27.97
CA LEU A 955 166.22 48.42 29.31
C LEU A 955 167.20 49.36 29.98
N PRO A 956 166.73 50.46 30.56
CA PRO A 956 167.63 51.34 31.32
C PRO A 956 168.21 50.59 32.52
N LYS A 957 169.48 50.89 32.81
CA LYS A 957 170.10 50.30 34.00
C LYS A 957 169.53 50.91 35.27
N THR A 958 168.73 51.97 35.13
CA THR A 958 168.07 52.58 36.28
C THR A 958 167.19 51.59 37.02
N TYR A 959 166.65 50.61 36.30
CA TYR A 959 165.89 49.54 36.94
C TYR A 959 166.71 48.94 38.08
N MET A 960 166.09 48.83 39.25
CA MET A 960 166.80 48.52 40.49
C MET A 960 166.59 47.08 40.90
N MET A 961 167.70 46.34 40.98
CA MET A 961 167.77 45.01 41.59
C MET A 961 169.20 44.74 42.01
N SER A 962 169.36 43.81 42.95
CA SER A 962 170.66 43.65 43.61
C SER A 962 171.73 43.17 42.64
N ASN A 963 171.36 42.30 41.69
CA ASN A 963 172.36 41.78 40.77
C ASN A 963 172.77 42.82 39.73
N GLY A 964 171.83 43.63 39.27
CA GLY A 964 172.15 44.73 38.38
C GLY A 964 171.87 44.50 36.90
N TYR A 965 171.32 43.36 36.51
CA TYR A 965 171.18 43.03 35.09
C TYR A 965 169.79 42.48 34.80
N LYS A 966 169.20 42.95 33.69
CA LYS A 966 168.02 42.36 33.04
C LYS A 966 168.33 42.21 31.56
N PRO A 967 168.00 41.08 30.95
CA PRO A 967 168.15 40.96 29.49
C PRO A 967 167.10 41.77 28.76
N ALA A 968 167.46 42.25 27.56
CA ALA A 968 166.59 43.16 26.82
C ALA A 968 165.36 42.43 26.29
N PRO A 969 164.22 43.11 26.19
CA PRO A 969 163.05 42.50 25.56
C PRO A 969 162.96 42.88 24.09
N LEU A 970 161.97 42.28 23.41
CA LEU A 970 161.78 42.54 21.99
C LEU A 970 161.25 43.95 21.76
N ASP A 971 161.25 44.37 20.51
CA ASP A 971 160.51 45.57 20.14
C ASP A 971 159.02 45.27 20.10
N LEU A 972 158.25 46.00 20.91
CA LEU A 972 156.84 45.67 21.07
C LEU A 972 155.97 46.36 20.03
N SER A 973 156.42 47.53 19.54
CA SER A 973 155.55 48.39 18.76
C SER A 973 155.18 47.78 17.41
N HIS A 974 156.13 47.10 16.76
CA HIS A 974 155.95 46.75 15.35
C HIS A 974 154.89 45.67 15.17
N VAL A 975 154.43 45.05 16.25
CA VAL A 975 153.40 44.03 16.14
C VAL A 975 152.06 44.58 16.61
N ARG A 976 151.00 44.23 15.88
CA ARG A 976 149.64 44.56 16.27
C ARG A 976 148.87 43.27 16.53
N LEU A 977 147.65 43.41 17.05
CA LEU A 977 146.86 42.29 17.52
C LEU A 977 145.54 42.22 16.77
N THR A 978 144.98 41.01 16.66
CA THR A 978 143.68 40.84 16.04
C THR A 978 142.71 40.17 17.02
N PRO A 979 141.43 40.55 16.99
CA PRO A 979 140.49 40.03 18.00
C PRO A 979 140.35 38.51 18.00
N ALA A 980 140.38 37.88 16.83
CA ALA A 980 140.34 36.42 16.80
C ALA A 980 141.55 35.84 17.50
N GLN A 981 142.73 36.41 17.26
CA GLN A 981 143.92 35.97 17.96
C GLN A 981 143.78 36.17 19.46
N THR A 982 143.14 37.26 19.87
CA THR A 982 142.89 37.48 21.29
C THR A 982 142.02 36.37 21.86
N THR A 983 140.98 35.96 21.13
CA THR A 983 140.16 34.85 21.60
C THR A 983 140.98 33.57 21.74
N LEU A 984 141.83 33.28 20.74
CA LEU A 984 142.66 32.08 20.83
C LEU A 984 143.58 32.14 22.04
N VAL A 985 144.15 33.30 22.32
CA VAL A 985 145.11 33.37 23.41
C VAL A 985 144.39 33.40 24.77
N ASP A 986 143.13 33.84 24.79
CA ASP A 986 142.33 33.64 26.00
C ASP A 986 142.08 32.17 26.23
N ARG A 987 141.83 31.41 25.17
CA ARG A 987 141.76 29.95 25.33
C ARG A 987 143.08 29.41 25.85
N LEU A 988 144.19 29.97 25.36
CA LEU A 988 145.51 29.54 25.82
C LEU A 988 145.68 29.81 27.31
N ALA A 989 145.20 30.96 27.77
CA ALA A 989 145.24 31.27 29.20
C ALA A 989 144.37 30.29 29.99
N GLU A 990 143.19 29.98 29.46
CA GLU A 990 142.35 28.93 30.03
C GLU A 990 143.15 27.65 30.21
N ASN A 991 143.82 27.21 29.15
CA ASN A 991 144.59 25.98 29.22
C ASN A 991 145.71 26.07 30.23
N GLY A 992 146.39 27.21 30.28
CA GLY A 992 147.49 27.36 31.23
C GLY A 992 147.03 27.26 32.66
N HIS A 993 145.92 27.93 32.98
CA HIS A 993 145.36 27.79 34.32
C HIS A 993 144.96 26.35 34.58
N ASN A 994 144.41 25.67 33.57
CA ASN A 994 144.04 24.27 33.75
C ASN A 994 145.26 23.39 34.03
N VAL A 995 146.36 23.67 33.34
CA VAL A 995 147.60 22.92 33.57
C VAL A 995 148.08 23.14 34.98
N TRP A 996 148.11 24.39 35.43
CA TRP A 996 148.52 24.67 36.79
C TRP A 996 147.60 23.96 37.78
N ALA A 997 146.30 23.92 37.46
CA ALA A 997 145.33 23.27 38.33
C ALA A 997 145.60 21.78 38.46
N ARG A 998 145.83 21.09 37.33
CA ARG A 998 146.06 19.66 37.44
C ARG A 998 147.38 19.39 38.16
N ASP A 999 148.39 20.23 37.89
CA ASP A 999 149.67 20.07 38.57
C ASP A 999 149.49 20.21 40.07
N ARG A 1000 148.74 21.20 40.52
CA ARG A 1000 148.58 21.42 41.95
C ARG A 1000 147.69 20.36 42.57
N VAL A 1001 146.76 19.81 41.79
CA VAL A 1001 145.97 18.67 42.27
C VAL A 1001 146.88 17.47 42.49
N ALA A 1002 147.78 17.21 41.54
CA ALA A 1002 148.78 16.17 41.75
C ALA A 1002 149.64 16.48 42.96
N GLN A 1003 149.86 17.76 43.23
CA GLN A 1003 150.53 18.16 44.46
C GLN A 1003 149.68 17.78 45.68
N GLY A 1004 148.40 17.50 45.46
CA GLY A 1004 147.49 17.29 46.56
C GLY A 1004 146.90 18.56 47.13
N TRP A 1005 147.28 19.71 46.60
CA TRP A 1005 146.80 20.98 47.11
C TRP A 1005 145.30 21.11 46.88
N SER A 1006 144.63 21.86 47.74
CA SER A 1006 143.20 22.07 47.63
C SER A 1006 142.88 23.56 47.65
N TYR A 1007 141.62 23.87 47.34
CA TYR A 1007 141.16 25.26 47.36
C TYR A 1007 140.83 25.70 48.78
N SER A 1008 140.87 27.01 49.00
CA SER A 1008 140.45 27.61 50.25
C SER A 1008 140.18 29.09 50.03
N ALA A 1009 139.60 29.73 51.05
CA ALA A 1009 139.44 31.18 51.00
C ALA A 1009 140.76 31.87 51.24
N VAL A 1010 141.65 31.24 51.99
CA VAL A 1010 142.96 31.79 52.32
C VAL A 1010 144.03 30.83 51.83
N GLN A 1011 145.25 31.33 51.67
CA GLN A 1011 146.36 30.54 51.16
C GLN A 1011 147.29 30.21 52.31
N ASP A 1012 147.61 28.93 52.47
CA ASP A 1012 148.59 28.49 53.46
C ASP A 1012 149.45 27.40 52.85
N ILE A 1013 150.78 27.60 52.89
CA ILE A 1013 151.68 26.61 52.33
C ILE A 1013 151.58 25.28 53.07
N PRO A 1014 151.65 25.22 54.41
CA PRO A 1014 151.54 23.90 55.07
C PRO A 1014 150.19 23.24 54.86
N ALA A 1015 149.10 23.98 54.98
CA ALA A 1015 147.78 23.38 54.79
C ALA A 1015 147.57 22.95 53.35
N ARG A 1016 148.41 23.46 52.44
CA ARG A 1016 148.29 23.18 51.02
C ARG A 1016 146.91 23.57 50.50
N ARG A 1017 146.40 24.69 51.00
CA ARG A 1017 145.10 25.22 50.63
C ARG A 1017 145.31 26.61 50.04
N ASN A 1018 144.68 26.86 48.89
CA ASN A 1018 144.97 28.09 48.17
C ASN A 1018 143.78 28.58 47.36
N PRO A 1019 143.48 29.88 47.46
CA PRO A 1019 142.39 30.44 46.63
C PRO A 1019 142.64 30.31 45.15
N ARG A 1020 143.89 30.47 44.70
CA ARG A 1020 144.15 30.48 43.26
C ARG A 1020 143.82 29.13 42.64
N LEU A 1021 143.91 28.05 43.42
CA LEU A 1021 143.65 26.71 42.88
C LEU A 1021 142.15 26.61 42.67
N VAL A 1022 141.73 26.89 41.45
CA VAL A 1022 140.33 26.84 41.04
C VAL A 1022 140.29 26.91 39.52
N PRO A 1023 139.30 26.27 38.91
CA PRO A 1023 139.18 26.37 37.45
C PRO A 1023 139.04 27.80 36.98
N TYR A 1024 139.64 28.08 35.83
CA TYR A 1024 139.74 29.46 35.35
C TYR A 1024 138.37 30.09 35.13
N ARG A 1025 137.44 29.35 34.53
CA ARG A 1025 136.10 29.90 34.34
C ARG A 1025 135.45 30.21 35.69
N LEU A 1026 135.61 29.32 36.66
CA LEU A 1026 135.01 29.54 37.97
C LEU A 1026 135.68 30.69 38.70
N LEU A 1027 136.91 31.02 38.32
CA LEU A 1027 137.67 32.03 39.02
C LEU A 1027 137.00 33.39 38.92
N ASP A 1028 137.13 34.18 39.98
CA ASP A 1028 136.53 35.50 40.03
C ASP A 1028 137.06 36.38 38.91
N GLU A 1029 136.34 37.47 38.63
CA GLU A 1029 136.74 38.35 37.54
C GLU A 1029 138.02 39.10 37.86
N ALA A 1030 138.22 39.48 39.12
CA ALA A 1030 139.43 40.22 39.47
C ALA A 1030 140.68 39.38 39.31
N THR A 1031 140.69 38.19 39.91
CA THR A 1031 141.85 37.30 39.77
C THR A 1031 141.97 36.80 38.34
N LYS A 1032 140.83 36.62 37.66
CA LYS A 1032 140.86 36.27 36.26
C LYS A 1032 141.54 37.35 35.45
N ARG A 1033 141.25 38.62 35.76
CA ARG A 1033 141.89 39.73 35.07
C ARG A 1033 143.37 39.79 35.41
N SER A 1034 143.74 39.46 36.64
CA SER A 1034 145.16 39.44 37.00
C SER A 1034 145.92 38.37 36.21
N ASN A 1035 145.43 37.13 36.26
CA ASN A 1035 146.10 36.06 35.54
C ASN A 1035 146.02 36.29 34.03
N ARG A 1036 144.96 36.91 33.56
CA ARG A 1036 144.82 37.15 32.13
C ARG A 1036 145.71 38.29 31.69
N ASP A 1037 145.93 39.28 32.55
CA ASP A 1037 146.91 40.31 32.25
C ASP A 1037 148.30 39.70 32.15
N SER A 1038 148.66 38.84 33.10
CA SER A 1038 149.97 38.19 33.03
C SER A 1038 150.10 37.33 31.78
N LEU A 1039 149.10 36.50 31.50
CA LEU A 1039 149.21 35.56 30.41
C LEU A 1039 149.07 36.26 29.06
N CYS A 1040 148.34 37.38 29.01
CA CYS A 1040 148.26 38.15 27.78
C CYS A 1040 149.47 39.05 27.62
N GLN A 1041 150.23 39.28 28.69
CA GLN A 1041 151.56 39.84 28.52
C GLN A 1041 152.49 38.82 27.90
N ALA A 1042 152.39 37.56 28.36
CA ALA A 1042 153.07 36.48 27.66
C ALA A 1042 152.63 36.41 26.20
N VAL A 1043 151.34 36.64 25.95
CA VAL A 1043 150.82 36.67 24.59
C VAL A 1043 151.36 37.86 23.81
N ARG A 1044 151.53 38.99 24.49
CA ARG A 1044 152.14 40.16 23.86
C ARG A 1044 153.55 39.82 23.38
N THR A 1045 154.30 39.11 24.22
CA THR A 1045 155.62 38.63 23.79
C THR A 1045 155.49 37.64 22.64
N LEU A 1046 154.49 36.76 22.70
CA LEU A 1046 154.31 35.75 21.65
C LEU A 1046 154.01 36.42 20.31
N LEU A 1047 153.19 37.46 20.32
CA LEU A 1047 152.91 38.19 19.08
C LEU A 1047 154.13 38.98 18.64
N GLY A 1048 154.92 39.47 19.60
CA GLY A 1048 156.19 40.10 19.25
C GLY A 1048 157.13 39.13 18.56
N TYR A 1049 156.97 37.84 18.83
CA TYR A 1049 157.71 36.84 18.07
C TYR A 1049 157.33 36.89 16.59
N GLY A 1050 156.04 36.81 16.30
CA GLY A 1050 155.56 37.08 14.96
C GLY A 1050 155.46 35.89 14.02
N TYR A 1051 155.06 34.73 14.49
CA TYR A 1051 154.67 33.66 13.59
C TYR A 1051 153.33 33.97 12.92
N ASN A 1052 153.05 33.27 11.83
CA ASN A 1052 151.72 33.35 11.25
C ASN A 1052 150.75 32.49 12.04
N ILE A 1053 149.49 32.91 12.08
CA ILE A 1053 148.43 32.16 12.74
C ILE A 1053 147.28 32.03 11.77
N GLU A 1054 147.27 30.93 11.01
CA GLU A 1054 146.13 30.59 10.19
C GLU A 1054 144.95 30.32 11.10
N PRO A 1055 143.90 31.13 11.07
CA PRO A 1055 142.83 31.00 12.06
C PRO A 1055 142.19 29.62 12.01
N PRO A 1056 141.86 29.05 13.16
CA PRO A 1056 141.30 27.70 13.18
C PRO A 1056 139.88 27.69 12.64
N ASP A 1057 139.54 26.60 11.95
CA ASP A 1057 138.17 26.42 11.50
C ASP A 1057 137.24 26.30 12.69
N GLN A 1058 136.32 27.25 12.82
CA GLN A 1058 135.51 27.37 14.03
C GLN A 1058 134.70 26.11 14.28
N GLU A 1059 134.75 25.62 15.52
CA GLU A 1059 134.05 24.43 15.94
C GLU A 1059 132.93 24.79 16.89
N PRO A 1060 131.67 24.61 16.51
CA PRO A 1060 130.57 24.91 17.44
C PRO A 1060 130.40 23.81 18.48
N SER A 1061 129.61 24.12 19.51
CA SER A 1061 129.34 23.17 20.58
C SER A 1061 128.06 23.58 21.31
N GLN A 1062 127.53 22.64 22.10
CA GLN A 1062 126.32 22.86 22.88
C GLN A 1062 126.63 22.59 24.34
N VAL A 1063 126.03 23.38 25.24
CA VAL A 1063 126.39 23.32 26.65
C VAL A 1063 125.44 22.41 27.41
N GLU A 1064 124.14 22.65 27.28
CA GLU A 1064 123.11 21.96 28.08
C GLU A 1064 123.42 22.12 29.57
N ASN A 1065 123.43 23.37 30.05
CA ASN A 1065 123.67 23.61 31.47
C ASN A 1065 122.51 23.13 32.32
N GLN A 1066 121.28 23.31 31.83
CA GLN A 1066 120.08 22.89 32.53
C GLN A 1066 119.34 21.88 31.68
N SER A 1067 118.60 20.99 32.33
CA SER A 1067 117.80 20.03 31.61
C SER A 1067 116.71 20.75 30.82
N ARG A 1068 116.29 20.11 29.72
CA ARG A 1068 115.36 20.74 28.80
C ARG A 1068 114.10 21.24 29.52
N TRP A 1069 113.65 20.50 30.52
CA TRP A 1069 112.47 20.91 31.27
C TRP A 1069 112.79 22.06 32.21
N ASP A 1070 113.97 22.02 32.85
CA ASP A 1070 114.36 23.10 33.75
C ASP A 1070 114.85 24.31 32.96
N ARG A 1071 114.92 24.19 31.63
CA ARG A 1071 115.37 25.30 30.81
C ARG A 1071 114.48 26.53 31.00
N VAL A 1072 113.17 26.36 30.86
CA VAL A 1072 112.22 27.46 30.87
C VAL A 1072 111.10 27.13 31.84
N ARG A 1073 110.71 28.12 32.64
CA ARG A 1073 109.52 28.02 33.47
C ARG A 1073 108.47 28.97 32.92
N ILE A 1074 107.27 28.45 32.67
CA ILE A 1074 106.19 29.20 32.05
C ILE A 1074 105.15 29.51 33.11
N PHE A 1075 104.68 30.75 33.12
CA PHE A 1075 103.74 31.22 34.12
C PHE A 1075 102.45 31.69 33.43
N ARG A 1076 101.31 31.20 33.91
CA ARG A 1076 100.04 31.44 33.26
C ARG A 1076 98.96 31.65 34.33
N ALA A 1077 97.88 32.31 33.92
CA ALA A 1077 96.76 32.54 34.81
C ALA A 1077 95.86 31.32 34.89
N GLU A 1078 95.03 31.28 35.92
CA GLU A 1078 94.10 30.16 36.11
C GLU A 1078 93.05 30.17 35.01
N LYS A 1079 92.56 28.97 34.68
CA LYS A 1079 91.61 28.81 33.59
C LYS A 1079 90.35 29.61 33.82
N SER A 1080 89.93 29.76 35.08
CA SER A 1080 88.69 30.45 35.39
C SER A 1080 88.74 31.90 34.93
N TYR A 1081 89.91 32.52 35.00
CA TYR A 1081 90.02 33.94 34.64
C TYR A 1081 90.09 34.14 33.14
N THR A 1082 89.93 33.08 32.35
CA THR A 1082 89.99 33.21 30.90
C THR A 1082 88.89 34.14 30.39
N VAL A 1083 89.26 34.98 29.43
CA VAL A 1083 88.32 35.89 28.78
C VAL A 1083 88.05 35.36 27.38
N GLN A 1084 86.77 35.40 26.98
CA GLN A 1084 86.37 34.92 25.67
C GLN A 1084 85.91 36.04 24.75
N SER A 1085 85.96 37.28 25.21
CA SER A 1085 85.57 38.43 24.40
C SER A 1085 86.18 39.69 25.00
N GLY A 1086 85.81 40.83 24.43
CA GLY A 1086 86.30 42.11 24.91
C GLY A 1086 87.71 42.40 24.45
N ARG A 1087 88.26 43.48 24.99
CA ARG A 1087 89.61 43.93 24.67
C ARG A 1087 90.37 44.14 25.96
N TRP A 1088 91.62 43.69 26.00
CA TRP A 1088 92.39 43.68 27.23
C TRP A 1088 93.85 44.01 26.98
N TYR A 1089 94.51 44.51 28.02
CA TYR A 1089 95.91 44.91 27.98
C TYR A 1089 96.58 44.47 29.27
N PHE A 1090 97.74 43.83 29.14
CA PHE A 1090 98.64 43.61 30.28
C PHE A 1090 100.05 43.97 29.87
N GLU A 1091 100.77 44.61 30.78
CA GLU A 1091 102.11 45.13 30.52
C GLU A 1091 103.13 44.29 31.27
N PHE A 1092 104.22 43.95 30.59
CA PHE A 1092 105.28 43.14 31.17
C PHE A 1092 106.56 43.97 31.29
N GLU A 1093 107.17 43.93 32.46
CA GLU A 1093 108.45 44.58 32.72
C GLU A 1093 109.54 43.52 32.68
N ALA A 1094 110.55 43.73 31.84
CA ALA A 1094 111.67 42.81 31.71
C ALA A 1094 112.80 43.28 32.59
N VAL A 1095 112.91 42.69 33.79
CA VAL A 1095 114.01 43.04 34.69
C VAL A 1095 115.34 42.61 34.08
N THR A 1096 115.34 41.48 33.38
CA THR A 1096 116.54 40.95 32.74
C THR A 1096 116.42 41.08 31.22
N THR A 1097 117.56 41.33 30.57
CA THR A 1097 117.55 41.46 29.12
C THR A 1097 117.60 40.10 28.43
N GLY A 1098 117.63 39.01 29.19
CA GLY A 1098 117.65 37.69 28.59
C GLY A 1098 116.38 37.41 27.80
N GLU A 1099 116.25 36.16 27.37
CA GLU A 1099 115.10 35.80 26.55
C GLU A 1099 113.92 35.38 27.41
N MET A 1100 112.79 36.05 27.20
CA MET A 1100 111.50 35.59 27.68
C MET A 1100 110.49 35.73 26.56
N ARG A 1101 109.45 34.92 26.61
CA ARG A 1101 108.34 35.01 25.67
C ARG A 1101 107.08 35.35 26.44
N VAL A 1102 106.32 36.32 25.92
CA VAL A 1102 105.09 36.78 26.55
C VAL A 1102 104.02 36.90 25.47
N GLY A 1103 102.78 36.59 25.83
CA GLY A 1103 101.68 36.72 24.90
C GLY A 1103 100.44 36.03 25.41
N TRP A 1104 99.34 36.26 24.71
CA TRP A 1104 98.09 35.61 25.04
C TRP A 1104 98.13 34.15 24.56
N ALA A 1105 97.43 33.28 25.28
CA ALA A 1105 97.44 31.85 24.94
C ALA A 1105 96.14 31.21 25.37
N ARG A 1106 95.88 30.02 24.83
CA ARG A 1106 94.68 29.29 25.18
C ARG A 1106 94.83 28.69 26.59
N PRO A 1107 93.73 28.40 27.28
CA PRO A 1107 93.85 27.98 28.69
C PRO A 1107 94.53 26.65 28.88
N GLU A 1108 94.12 25.63 28.13
CA GLU A 1108 94.55 24.26 28.35
C GLU A 1108 95.92 23.95 27.75
N LEU A 1109 96.75 24.96 27.50
CA LEU A 1109 98.07 24.73 26.92
C LEU A 1109 98.90 23.78 27.77
N ARG A 1110 99.58 22.85 27.12
CA ARG A 1110 100.41 21.88 27.82
C ARG A 1110 101.72 22.53 28.27
N PRO A 1111 102.06 22.40 29.55
CA PRO A 1111 103.33 22.99 30.02
C PRO A 1111 104.55 22.37 29.36
N ASP A 1112 104.47 21.10 28.96
CA ASP A 1112 105.64 20.43 28.42
C ASP A 1112 106.08 21.01 27.08
N VAL A 1113 105.13 21.23 26.18
CA VAL A 1113 105.48 21.70 24.84
C VAL A 1113 105.99 23.13 24.92
N GLU A 1114 106.99 23.44 24.10
CA GLU A 1114 107.55 24.78 24.07
C GLU A 1114 106.55 25.78 23.49
N LEU A 1115 106.51 26.97 24.08
CA LEU A 1115 105.62 28.02 23.61
C LEU A 1115 105.98 28.44 22.20
N GLY A 1116 104.95 28.79 21.41
CA GLY A 1116 105.15 29.35 20.09
C GLY A 1116 105.56 28.36 19.03
N ALA A 1117 106.17 27.23 19.40
CA ALA A 1117 106.50 26.21 18.41
C ALA A 1117 105.24 25.67 17.76
N ASP A 1118 104.19 25.48 18.55
CA ASP A 1118 102.91 25.03 18.01
C ASP A 1118 102.02 26.22 17.71
N GLU A 1119 100.91 25.93 17.03
CA GLU A 1119 99.88 26.96 16.81
C GLU A 1119 99.12 27.26 18.09
N LEU A 1120 99.54 26.64 19.20
CA LEU A 1120 98.73 26.62 20.40
C LEU A 1120 98.90 27.89 21.23
N ALA A 1121 100.14 28.36 21.37
CA ALA A 1121 100.43 29.55 22.16
C ALA A 1121 100.96 30.66 21.25
N TYR A 1122 100.57 31.90 21.55
CA TYR A 1122 101.01 33.08 20.82
C TYR A 1122 101.87 33.94 21.72
N VAL A 1123 103.15 34.05 21.38
CA VAL A 1123 104.11 34.81 22.19
C VAL A 1123 105.11 35.47 21.24
N PHE A 1124 105.82 36.45 21.78
CA PHE A 1124 106.91 37.11 21.07
C PHE A 1124 108.05 37.34 22.07
N ASN A 1125 109.28 37.08 21.62
CA ASN A 1125 110.45 37.29 22.45
C ASN A 1125 111.25 38.45 21.87
N GLY A 1126 111.54 39.44 22.71
CA GLY A 1126 112.39 40.53 22.27
C GLY A 1126 113.81 40.07 21.98
N HIS A 1127 114.34 39.16 22.80
CA HIS A 1127 115.76 38.85 22.74
C HIS A 1127 116.17 38.38 21.35
N ARG A 1128 115.41 37.47 20.75
CA ARG A 1128 115.67 37.12 19.35
C ARG A 1128 115.06 38.15 18.42
N GLY A 1129 114.18 39.00 18.94
CA GLY A 1129 113.45 39.91 18.08
C GLY A 1129 112.54 39.20 17.10
N GLN A 1130 111.81 38.19 17.56
CA GLN A 1130 111.01 37.34 16.69
C GLN A 1130 109.79 36.85 17.43
N ARG A 1131 108.66 36.83 16.73
CA ARG A 1131 107.38 36.39 17.28
C ARG A 1131 107.19 34.92 16.98
N TRP A 1132 106.55 34.21 17.91
CA TRP A 1132 106.39 32.77 17.79
C TRP A 1132 104.92 32.41 17.80
N HIS A 1133 104.49 31.66 16.79
CA HIS A 1133 103.21 30.98 16.77
C HIS A 1133 103.23 30.00 15.61
N LEU A 1134 102.87 28.74 15.88
CA LEU A 1134 103.05 27.67 14.92
C LEU A 1134 104.47 27.69 14.38
N GLY A 1135 105.42 27.77 15.30
CA GLY A 1135 106.80 28.04 14.96
C GLY A 1135 107.17 29.48 15.23
N SER A 1136 108.43 29.80 14.93
CA SER A 1136 109.00 31.11 15.21
C SER A 1136 109.29 31.83 13.91
N GLU A 1137 108.81 33.07 13.80
CA GLU A 1137 109.05 33.91 12.63
C GLU A 1137 109.31 35.34 13.05
N PRO A 1138 110.21 36.05 12.38
CA PRO A 1138 110.74 37.31 12.92
C PRO A 1138 109.67 38.38 13.04
N PHE A 1139 109.85 39.26 14.03
CA PHE A 1139 108.97 40.40 14.23
C PHE A 1139 109.56 41.31 15.30
N GLY A 1140 109.42 42.61 15.09
CA GLY A 1140 109.80 43.57 16.11
C GLY A 1140 111.30 43.80 16.24
N ARG A 1141 111.66 44.42 17.36
CA ARG A 1141 113.02 44.84 17.66
C ARG A 1141 113.43 44.34 19.03
N PRO A 1142 114.69 43.93 19.20
CA PRO A 1142 115.12 43.40 20.50
C PRO A 1142 115.04 44.43 21.61
N TRP A 1143 114.51 44.00 22.75
CA TRP A 1143 114.33 44.88 23.89
C TRP A 1143 115.64 45.11 24.62
N GLN A 1144 115.61 46.02 25.58
CA GLN A 1144 116.73 46.32 26.45
C GLN A 1144 116.34 46.09 27.90
N SER A 1145 117.33 46.16 28.78
CA SER A 1145 117.05 45.99 30.21
C SER A 1145 116.16 47.12 30.71
N GLY A 1146 115.16 46.77 31.51
CA GLY A 1146 114.21 47.74 32.00
C GLY A 1146 113.09 48.08 31.05
N ASP A 1147 113.05 47.44 29.88
CA ASP A 1147 112.00 47.72 28.92
C ASP A 1147 110.66 47.17 29.41
N VAL A 1148 109.60 47.93 29.16
CA VAL A 1148 108.25 47.51 29.51
C VAL A 1148 107.48 47.24 28.22
N VAL A 1149 107.00 46.01 28.08
CA VAL A 1149 106.30 45.57 26.88
C VAL A 1149 104.86 45.28 27.25
N GLY A 1150 103.94 45.69 26.38
CA GLY A 1150 102.51 45.51 26.60
C GLY A 1150 101.90 44.59 25.54
N CYS A 1151 100.86 43.87 25.94
CA CYS A 1151 100.16 42.93 25.07
C CYS A 1151 98.71 43.37 24.93
N MET A 1152 98.12 43.06 23.79
CA MET A 1152 96.99 43.82 23.26
C MET A 1152 96.10 42.86 22.47
N ILE A 1153 94.96 42.49 23.06
CA ILE A 1153 94.11 41.45 22.50
C ILE A 1153 92.69 41.97 22.36
N ASP A 1154 92.08 41.72 21.21
CA ASP A 1154 90.69 42.03 20.93
C ASP A 1154 90.10 40.87 20.14
N LEU A 1155 89.19 40.13 20.78
CA LEU A 1155 88.56 39.01 20.11
C LEU A 1155 87.62 39.47 19.00
N THR A 1156 86.98 40.62 19.19
CA THR A 1156 86.17 41.17 18.11
C THR A 1156 87.03 41.51 16.90
N GLU A 1157 88.18 42.15 17.14
CA GLU A 1157 89.07 42.48 16.03
C GLU A 1157 89.75 41.22 15.50
N ASN A 1158 90.01 40.26 16.39
CA ASN A 1158 90.61 38.96 16.05
C ASN A 1158 92.07 39.08 15.67
N THR A 1159 92.77 40.06 16.25
CA THR A 1159 94.21 40.20 16.04
C THR A 1159 94.90 40.40 17.39
N ILE A 1160 96.20 40.15 17.41
CA ILE A 1160 97.02 40.30 18.61
C ILE A 1160 98.05 41.39 18.33
N ILE A 1161 98.13 42.37 19.23
CA ILE A 1161 98.99 43.55 19.03
C ILE A 1161 100.01 43.56 20.15
N PHE A 1162 101.22 44.02 19.83
CA PHE A 1162 102.31 44.09 20.79
C PHE A 1162 102.88 45.51 20.80
N THR A 1163 103.19 46.03 21.99
CA THR A 1163 103.71 47.38 22.14
C THR A 1163 104.85 47.40 23.15
N LEU A 1164 105.79 48.32 22.96
CA LEU A 1164 106.95 48.45 23.82
C LEU A 1164 107.14 49.90 24.24
N ASN A 1165 107.29 50.12 25.55
CA ASN A 1165 107.61 51.44 26.09
C ASN A 1165 106.59 52.49 25.65
N GLY A 1166 105.34 52.06 25.50
CA GLY A 1166 104.32 52.94 24.98
C GLY A 1166 104.28 53.05 23.47
N GLU A 1167 105.20 52.39 22.77
CA GLU A 1167 105.28 52.44 21.32
C GLU A 1167 104.94 51.08 20.76
N VAL A 1168 104.01 51.04 19.80
CA VAL A 1168 103.58 49.78 19.23
C VAL A 1168 104.71 49.16 18.42
N LEU A 1169 104.98 47.88 18.66
CA LEU A 1169 105.93 47.15 17.83
C LEU A 1169 105.42 47.09 16.40
N MET A 1170 106.34 47.21 15.45
CA MET A 1170 105.99 47.41 14.06
C MET A 1170 106.58 46.22 13.31
N SER A 1171 105.75 45.53 12.54
CA SER A 1171 106.16 44.27 11.93
C SER A 1171 107.23 44.48 10.86
N ASP A 1172 107.80 43.37 10.38
CA ASP A 1172 108.66 43.38 9.20
C ASP A 1172 107.79 43.20 7.96
N SER A 1173 106.78 44.07 7.87
CA SER A 1173 105.74 43.95 6.85
C SER A 1173 104.96 45.24 6.83
N GLY A 1174 103.84 45.23 6.11
CA GLY A 1174 102.94 46.36 6.16
C GLY A 1174 102.19 46.47 7.49
N SER A 1175 101.68 45.35 7.98
CA SER A 1175 100.75 45.38 9.10
C SER A 1175 101.44 45.75 10.41
N GLU A 1176 100.73 46.48 11.26
CA GLU A 1176 101.19 46.80 12.60
C GLU A 1176 101.12 45.63 13.56
N THR A 1177 100.02 44.88 13.56
CA THR A 1177 99.76 43.84 14.55
C THR A 1177 100.54 42.57 14.21
N ALA A 1178 101.01 41.88 15.24
CA ALA A 1178 101.89 40.74 15.04
C ALA A 1178 101.11 39.53 14.52
N PHE A 1179 99.94 39.26 15.10
CA PHE A 1179 99.12 38.11 14.72
C PHE A 1179 97.75 38.60 14.27
N ARG A 1180 97.19 37.95 13.26
CA ARG A 1180 95.96 38.39 12.63
C ARG A 1180 95.01 37.21 12.45
N GLU A 1181 93.72 37.54 12.39
CA GLU A 1181 92.67 36.58 12.03
C GLU A 1181 92.67 35.37 12.94
N ILE A 1182 92.94 35.58 14.23
CA ILE A 1182 92.86 34.48 15.19
C ILE A 1182 91.42 34.31 15.63
N GLU A 1183 91.00 33.05 15.77
CA GLU A 1183 89.64 32.72 16.15
C GLU A 1183 89.50 32.79 17.66
N ILE A 1184 88.29 33.07 18.14
CA ILE A 1184 88.06 33.13 19.57
C ILE A 1184 88.27 31.76 20.21
N GLY A 1185 87.65 30.73 19.64
CA GLY A 1185 87.79 29.40 20.20
C GLY A 1185 87.24 29.32 21.61
N ASP A 1186 87.88 28.49 22.44
CA ASP A 1186 87.44 28.34 23.81
C ASP A 1186 87.70 29.60 24.63
N GLY A 1187 88.67 30.39 24.23
CA GLY A 1187 89.03 31.58 24.98
C GLY A 1187 90.54 31.70 25.06
N PHE A 1188 90.99 32.90 25.41
CA PHE A 1188 92.40 33.22 25.44
C PHE A 1188 92.80 33.69 26.83
N LEU A 1189 94.02 33.36 27.24
CA LEU A 1189 94.55 33.71 28.54
C LEU A 1189 95.95 34.29 28.34
N PRO A 1190 96.33 35.30 29.12
CA PRO A 1190 97.71 35.80 29.02
C PRO A 1190 98.68 34.81 29.62
N VAL A 1191 99.76 34.53 28.90
CA VAL A 1191 100.78 33.59 29.34
C VAL A 1191 102.14 34.30 29.32
N CYS A 1192 103.03 33.86 30.19
CA CYS A 1192 104.36 34.45 30.30
C CYS A 1192 105.36 33.35 30.60
N SER A 1193 106.43 33.30 29.82
CA SER A 1193 107.48 32.30 29.99
C SER A 1193 108.80 33.02 30.27
N LEU A 1194 109.53 32.52 31.25
CA LEU A 1194 110.81 33.10 31.63
C LEU A 1194 111.93 32.14 31.28
N GLY A 1195 112.96 32.66 30.61
CA GLY A 1195 114.13 31.88 30.31
C GLY A 1195 114.94 31.63 31.57
N PRO A 1196 115.95 30.77 31.47
CA PRO A 1196 116.76 30.46 32.65
C PRO A 1196 117.45 31.72 33.18
N GLY A 1197 117.46 31.85 34.49
CA GLY A 1197 118.13 32.98 35.11
C GLY A 1197 117.59 34.34 34.74
N GLN A 1198 116.34 34.40 34.28
CA GLN A 1198 115.74 35.65 33.85
C GLN A 1198 114.75 36.13 34.88
N VAL A 1199 114.80 37.42 35.19
CA VAL A 1199 113.89 38.06 36.14
C VAL A 1199 112.99 39.00 35.35
N GLY A 1200 111.69 38.95 35.66
CA GLY A 1200 110.73 39.81 34.99
C GLY A 1200 109.54 40.07 35.88
N HIS A 1201 108.80 41.12 35.53
CA HIS A 1201 107.61 41.52 36.26
C HIS A 1201 106.49 41.81 35.28
N LEU A 1202 105.30 41.31 35.58
CA LEU A 1202 104.12 41.56 34.76
C LEU A 1202 102.99 42.07 35.65
N ASN A 1203 102.13 42.90 35.08
CA ASN A 1203 100.95 43.39 35.76
C ASN A 1203 99.75 43.27 34.82
N LEU A 1204 98.66 42.73 35.34
CA LEU A 1204 97.44 42.58 34.55
C LEU A 1204 96.53 43.80 34.66
N GLY A 1205 96.94 44.84 35.39
CA GLY A 1205 96.19 46.06 35.48
C GLY A 1205 95.44 46.28 36.77
N GLN A 1206 95.90 45.69 37.88
CA GLN A 1206 95.22 45.92 39.15
C GLN A 1206 95.29 47.39 39.55
N ASP A 1207 96.43 48.02 39.35
CA ASP A 1207 96.59 49.46 39.49
C ASP A 1207 96.78 50.07 38.12
N VAL A 1208 95.96 51.06 37.78
CA VAL A 1208 96.13 51.76 36.51
C VAL A 1208 97.45 52.51 36.51
N SER A 1209 97.80 53.13 37.63
CA SER A 1209 99.03 53.93 37.70
C SER A 1209 100.26 53.08 37.41
N SER A 1210 100.20 51.80 37.74
CA SER A 1210 101.33 50.92 37.46
C SER A 1210 101.61 50.85 35.96
N LEU A 1211 100.56 50.68 35.16
CA LEU A 1211 100.72 50.62 33.71
C LEU A 1211 100.56 52.02 33.12
N ARG A 1212 101.55 52.86 33.43
CA ARG A 1212 101.58 54.21 32.88
C ARG A 1212 101.68 54.19 31.35
N PHE A 1213 102.37 53.19 30.80
CA PHE A 1213 102.50 53.10 29.36
C PHE A 1213 101.16 52.81 28.70
N PHE A 1214 100.32 52.00 29.35
CA PHE A 1214 99.01 51.69 28.78
C PHE A 1214 98.20 52.95 28.57
N ALA A 1215 98.41 53.97 29.39
CA ALA A 1215 97.85 55.28 29.10
C ALA A 1215 98.38 55.82 27.78
N ILE A 1216 99.69 55.67 27.56
CA ILE A 1216 100.28 56.13 26.31
C ILE A 1216 99.87 55.22 25.15
N CYS A 1217 99.91 53.90 25.35
CA CYS A 1217 99.61 52.96 24.29
C CYS A 1217 98.34 52.20 24.61
N GLY A 1218 97.36 52.30 23.71
CA GLY A 1218 96.16 51.50 23.83
C GLY A 1218 95.06 52.07 24.70
N LEU A 1219 95.31 53.20 25.38
CA LEU A 1219 94.27 53.79 26.22
C LEU A 1219 93.06 54.21 25.39
N GLN A 1220 93.30 54.84 24.25
CA GLN A 1220 92.19 55.24 23.38
C GLN A 1220 91.52 54.02 22.77
N GLU A 1221 92.32 52.99 22.45
CA GLU A 1221 91.75 51.70 22.05
C GLU A 1221 90.93 51.10 23.17
N GLY A 1222 91.24 51.47 24.41
CA GLY A 1222 90.39 51.10 25.54
C GLY A 1222 90.34 49.63 25.83
N PHE A 1223 91.47 48.94 25.71
CA PHE A 1223 91.54 47.54 26.07
C PHE A 1223 91.63 47.41 27.59
N GLU A 1224 90.49 47.14 28.22
CA GLU A 1224 90.44 47.14 29.67
C GLU A 1224 91.42 46.11 30.22
N PRO A 1225 92.29 46.52 31.15
CA PRO A 1225 93.31 45.60 31.65
C PRO A 1225 92.68 44.36 32.28
N PHE A 1226 93.44 43.26 32.21
CA PHE A 1226 92.95 42.00 32.77
C PHE A 1226 92.57 42.15 34.23
N ALA A 1227 93.34 42.95 34.98
CA ALA A 1227 93.12 43.12 36.40
C ALA A 1227 92.54 44.48 36.75
N ILE A 1228 91.98 45.20 35.78
CA ILE A 1228 91.49 46.54 36.06
C ILE A 1228 90.40 46.49 37.12
N ASN A 1229 89.61 45.42 37.14
CA ASN A 1229 88.65 45.19 38.21
C ASN A 1229 88.79 43.74 38.70
N MET A 1230 89.73 43.53 39.61
CA MET A 1230 89.78 42.36 40.48
C MET A 1230 89.97 42.83 41.91
N GLN A 1231 89.24 42.22 42.84
CA GLN A 1231 89.45 42.51 44.26
CA GLN A 1231 89.45 42.52 44.25
C GLN A 1231 90.82 42.04 44.72
N ARG A 1232 91.22 40.86 44.27
CA ARG A 1232 92.48 40.24 44.64
C ARG A 1232 93.33 40.09 43.39
N PRO A 1233 94.65 39.99 43.52
CA PRO A 1233 95.47 39.66 42.37
C PRO A 1233 95.04 38.32 41.77
N VAL A 1234 95.05 38.26 40.44
CA VAL A 1234 94.57 37.06 39.77
C VAL A 1234 95.50 35.90 40.07
N THR A 1235 94.93 34.79 40.54
CA THR A 1235 95.73 33.61 40.83
C THR A 1235 96.34 33.08 39.54
N THR A 1236 97.62 32.74 39.61
CA THR A 1236 98.37 32.29 38.45
C THR A 1236 99.09 30.99 38.80
N TRP A 1237 99.45 30.24 37.75
CA TRP A 1237 100.01 28.90 37.91
C TRP A 1237 101.39 28.86 37.26
N PHE A 1238 102.30 28.08 37.84
CA PHE A 1238 103.64 27.91 37.31
C PHE A 1238 103.84 26.46 36.90
N SER A 1239 104.72 26.24 35.93
CA SER A 1239 105.10 24.88 35.58
C SER A 1239 106.10 24.35 36.61
N LYS A 1240 105.78 23.20 37.19
CA LYS A 1240 106.60 22.60 38.24
C LYS A 1240 107.63 21.68 37.60
N SER A 1241 108.90 21.92 37.90
CA SER A 1241 109.97 21.13 37.30
C SER A 1241 109.95 19.69 37.79
N LEU A 1242 109.53 19.47 39.03
CA LEU A 1242 109.57 18.13 39.60
C LEU A 1242 108.61 17.22 38.85
N PRO A 1243 109.01 15.98 38.55
CA PRO A 1243 108.13 15.09 37.80
C PRO A 1243 107.22 14.29 38.73
N GLN A 1244 105.96 14.15 38.31
CA GLN A 1244 105.00 13.29 38.99
C GLN A 1244 104.53 12.24 38.01
N PHE A 1245 104.29 11.03 38.51
CA PHE A 1245 103.68 10.00 37.68
C PHE A 1245 102.22 10.35 37.39
N GLU A 1246 101.81 10.15 36.13
CA GLU A 1246 100.46 10.43 35.69
C GLU A 1246 99.97 9.28 34.83
N PRO A 1247 98.66 9.08 34.76
CA PRO A 1247 98.13 8.01 33.90
C PRO A 1247 98.52 8.23 32.46
N VAL A 1248 98.79 7.12 31.76
CA VAL A 1248 99.21 7.24 30.36
C VAL A 1248 98.04 7.75 29.53
N PRO A 1249 98.21 8.81 28.75
CA PRO A 1249 97.12 9.29 27.90
C PRO A 1249 96.75 8.25 26.87
N PRO A 1250 95.48 7.85 26.81
CA PRO A 1250 95.09 6.81 25.85
C PRO A 1250 95.37 7.18 24.41
N GLU A 1251 95.30 8.46 24.09
CA GLU A 1251 95.52 8.96 22.73
C GLU A 1251 96.96 9.36 22.47
N HIS A 1252 97.84 9.17 23.44
CA HIS A 1252 99.21 9.65 23.29
C HIS A 1252 99.89 8.92 22.13
N PRO A 1253 100.47 9.63 21.17
CA PRO A 1253 100.80 9.01 19.87
C PRO A 1253 101.84 7.90 19.95
N HIS A 1254 102.81 7.99 20.85
CA HIS A 1254 103.97 7.11 20.73
C HIS A 1254 103.72 5.75 21.35
N TYR A 1255 102.97 5.71 22.45
CA TYR A 1255 102.90 4.51 23.27
C TYR A 1255 101.44 4.09 23.43
N GLU A 1256 101.23 2.77 23.46
CA GLU A 1256 99.90 2.20 23.64
C GLU A 1256 99.94 1.16 24.74
N VAL A 1257 98.99 1.25 25.67
CA VAL A 1257 98.85 0.29 26.76
C VAL A 1257 97.49 -0.38 26.63
N ALA A 1258 97.48 -1.71 26.61
CA ALA A 1258 96.25 -2.48 26.43
C ALA A 1258 96.12 -3.51 27.54
N ARG A 1259 94.90 -3.75 27.98
CA ARG A 1259 94.65 -4.77 28.99
C ARG A 1259 94.31 -6.10 28.33
N MET A 1260 95.06 -7.14 28.70
CA MET A 1260 94.82 -8.49 28.21
C MET A 1260 94.06 -9.27 29.26
N ASP A 1261 92.93 -9.84 28.86
CA ASP A 1261 92.13 -10.64 29.79
C ASP A 1261 92.88 -11.92 30.14
N GLY A 1262 92.78 -12.32 31.40
CA GLY A 1262 93.40 -13.56 31.82
C GLY A 1262 92.69 -14.76 31.22
N THR A 1263 93.46 -15.78 30.90
CA THR A 1263 92.95 -17.02 30.34
C THR A 1263 93.39 -18.19 31.22
N VAL A 1264 93.03 -19.39 30.79
CA VAL A 1264 93.44 -20.58 31.51
C VAL A 1264 94.96 -20.70 31.53
N ASP A 1265 95.59 -20.55 30.37
CA ASP A 1265 97.05 -20.62 30.31
C ASP A 1265 97.68 -19.30 30.73
N THR A 1266 97.07 -18.18 30.37
CA THR A 1266 97.65 -16.87 30.60
C THR A 1266 96.91 -16.14 31.70
N PRO A 1267 97.57 -15.78 32.79
CA PRO A 1267 96.93 -14.94 33.80
C PRO A 1267 96.66 -13.55 33.22
N PRO A 1268 95.88 -12.73 33.92
CA PRO A 1268 95.65 -11.37 33.42
C PRO A 1268 96.95 -10.59 33.30
N CYS A 1269 97.05 -9.81 32.23
CA CYS A 1269 98.24 -9.02 31.95
C CYS A 1269 97.82 -7.73 31.27
N LEU A 1270 98.76 -6.80 31.18
CA LEU A 1270 98.62 -5.60 30.38
C LEU A 1270 99.88 -5.44 29.54
N ARG A 1271 99.71 -4.95 28.31
CA ARG A 1271 100.75 -5.00 27.30
C ARG A 1271 101.04 -3.59 26.79
N LEU A 1272 102.32 -3.29 26.61
CA LEU A 1272 102.76 -2.02 26.07
C LEU A 1272 103.51 -2.26 24.76
N ALA A 1273 103.11 -1.56 23.71
CA ALA A 1273 103.82 -1.57 22.44
C ALA A 1273 104.05 -0.14 21.99
N HIS A 1274 105.16 0.07 21.30
CA HIS A 1274 105.52 1.39 20.81
C HIS A 1274 104.83 1.62 19.48
N ARG A 1275 103.90 2.57 19.45
CA ARG A 1275 103.09 2.78 18.26
C ARG A 1275 103.93 3.28 17.09
N THR A 1276 104.89 4.16 17.37
CA THR A 1276 105.66 4.76 16.28
C THR A 1276 106.89 3.94 15.94
N TRP A 1277 107.18 2.90 16.71
CA TRP A 1277 108.36 2.09 16.42
C TRP A 1277 108.25 1.45 15.04
N GLY A 1278 109.38 1.38 14.35
CA GLY A 1278 109.40 0.92 12.98
C GLY A 1278 108.94 1.96 11.97
N SER A 1279 108.70 3.18 12.40
CA SER A 1279 108.19 4.24 11.55
C SER A 1279 109.06 5.47 11.66
N GLN A 1280 109.02 6.31 10.63
CA GLN A 1280 109.79 7.54 10.62
C GLN A 1280 109.26 8.48 11.70
N ASN A 1281 110.17 9.33 12.20
CA ASN A 1281 109.92 10.25 13.31
C ASN A 1281 109.55 9.53 14.60
N SER A 1282 109.99 8.30 14.78
CA SER A 1282 109.75 7.60 16.04
C SER A 1282 110.52 8.28 17.15
N LEU A 1283 109.96 8.22 18.36
CA LEU A 1283 110.58 8.81 19.54
C LEU A 1283 111.06 7.69 20.46
N VAL A 1284 112.35 7.71 20.77
CA VAL A 1284 112.96 6.74 21.66
C VAL A 1284 113.54 7.47 22.86
N GLU A 1285 113.21 7.02 24.05
CA GLU A 1285 113.69 7.65 25.27
C GLU A 1285 113.49 6.70 26.44
N MET A 1286 114.16 7.01 27.55
CA MET A 1286 113.97 6.23 28.77
C MET A 1286 112.54 6.38 29.25
N LEU A 1287 111.87 5.25 29.45
CA LEU A 1287 110.45 5.24 29.81
C LEU A 1287 110.30 4.77 31.24
N PHE A 1288 109.53 5.54 32.03
CA PHE A 1288 109.24 5.20 33.42
C PHE A 1288 107.75 4.87 33.52
N LEU A 1289 107.44 3.61 33.83
CA LEU A 1289 106.06 3.17 33.98
C LEU A 1289 105.82 2.72 35.40
N ARG A 1290 104.71 3.19 35.97
CA ARG A 1290 104.29 2.86 37.32
C ARG A 1290 102.86 2.35 37.28
N LEU A 1291 102.60 1.24 37.96
CA LEU A 1291 101.22 0.83 38.17
C LEU A 1291 100.58 1.72 39.22
N SER A 1292 99.28 2.00 39.04
CA SER A 1292 98.63 3.05 39.81
C SER A 1292 98.60 2.72 41.30
N LEU A 1293 98.16 1.52 41.65
CA LEU A 1293 97.91 1.22 43.06
C LEU A 1293 99.17 0.71 43.73
N PRO A 1294 99.49 1.20 44.92
CA PRO A 1294 100.71 0.77 45.60
C PRO A 1294 100.51 -0.51 46.37
N VAL A 1295 101.60 -0.95 47.01
CA VAL A 1295 101.58 -2.07 47.94
C VAL A 1295 102.16 -1.57 49.26
N GLN A 1296 101.47 -1.87 50.36
CA GLN A 1296 101.88 -1.41 51.68
C GLN A 1296 102.32 -2.59 52.53
N PHE A 1297 103.52 -2.49 53.09
CA PHE A 1297 104.01 -3.53 53.99
C PHE A 1297 103.29 -3.43 55.34
N HIS A 1298 103.35 -4.52 56.10
CA HIS A 1298 102.63 -4.59 57.36
C HIS A 1298 103.16 -3.55 58.34
N GLN A 1299 102.23 -3.00 59.14
CA GLN A 1299 102.62 -2.00 60.11
C GLN A 1299 103.55 -2.58 61.17
N HIS A 1300 103.17 -3.71 61.76
CA HIS A 1300 104.00 -4.39 62.74
C HIS A 1300 104.62 -5.62 62.09
N PHE A 1301 105.93 -5.59 61.90
CA PHE A 1301 106.63 -6.73 61.34
C PHE A 1301 106.54 -7.93 62.26
N ARG A 1302 106.53 -9.12 61.65
CA ARG A 1302 106.49 -10.35 62.43
C ARG A 1302 107.71 -10.46 63.32
N CYS A 1303 107.49 -10.89 64.56
CA CYS A 1303 108.57 -11.00 65.53
C CYS A 1303 109.54 -12.08 65.09
N THR A 1304 110.84 -11.77 65.18
CA THR A 1304 111.91 -12.67 64.78
C THR A 1304 111.75 -13.13 63.33
N ASP A 1419 99.17 -32.01 41.32
CA ASP A 1419 100.22 -31.28 42.02
C ASP A 1419 100.05 -29.78 41.86
N ASN A 1420 101.08 -29.04 42.29
CA ASN A 1420 101.23 -27.59 42.14
C ASN A 1420 99.92 -26.83 42.34
N ARG A 1421 99.10 -27.29 43.27
CA ARG A 1421 97.98 -26.52 43.81
C ARG A 1421 98.27 -26.19 45.26
N ASP A 1422 98.26 -24.90 45.59
CA ASP A 1422 98.50 -24.47 46.95
C ASP A 1422 97.45 -25.03 47.89
N ASP A 1423 97.90 -25.60 49.00
CA ASP A 1423 96.96 -26.16 49.95
C ASP A 1423 96.18 -25.03 50.63
N PRO A 1424 94.95 -25.28 51.07
CA PRO A 1424 94.18 -24.20 51.70
C PRO A 1424 94.89 -23.59 52.90
N GLU A 1425 95.55 -24.42 53.72
CA GLU A 1425 96.19 -23.89 54.92
C GLU A 1425 97.25 -22.85 54.57
N ILE A 1426 98.11 -23.15 53.59
CA ILE A 1426 99.14 -22.19 53.23
C ILE A 1426 98.52 -21.00 52.52
N ILE A 1427 97.50 -21.24 51.69
CA ILE A 1427 96.95 -20.14 50.89
C ILE A 1427 96.15 -19.19 51.77
N LEU A 1428 95.86 -19.60 53.01
CA LEU A 1428 95.32 -18.63 53.96
C LEU A 1428 96.44 -17.90 54.70
N ASN A 1429 97.62 -18.51 54.81
CA ASN A 1429 98.58 -18.05 55.79
C ASN A 1429 99.66 -17.16 55.17
N THR A 1430 100.39 -17.68 54.18
CA THR A 1430 101.60 -17.00 53.72
C THR A 1430 101.26 -15.63 53.15
N THR A 1431 102.28 -14.76 53.11
CA THR A 1431 102.10 -13.35 52.80
C THR A 1431 103.02 -12.91 51.66
N THR A 1432 103.48 -13.85 50.85
CA THR A 1432 104.37 -13.56 49.74
C THR A 1432 103.55 -13.32 48.47
N TYR A 1433 103.91 -12.30 47.71
CA TYR A 1433 103.28 -11.98 46.45
C TYR A 1433 104.33 -11.94 45.36
N TYR A 1434 103.98 -12.41 44.17
CA TYR A 1434 104.89 -12.48 43.04
C TYR A 1434 104.22 -11.91 41.79
N TYR A 1435 104.79 -10.85 41.25
CA TYR A 1435 104.32 -10.25 40.02
C TYR A 1435 105.39 -10.43 38.95
N SER A 1436 104.95 -10.72 37.73
CA SER A 1436 105.86 -11.10 36.66
C SER A 1436 105.92 -10.00 35.61
N VAL A 1437 107.13 -9.58 35.27
CA VAL A 1437 107.38 -8.61 34.21
C VAL A 1437 107.95 -9.36 33.02
N ARG A 1438 107.29 -9.26 31.88
CA ARG A 1438 107.67 -9.98 30.68
C ARG A 1438 108.35 -9.04 29.71
N VAL A 1439 109.54 -9.41 29.26
CA VAL A 1439 110.29 -8.65 28.28
C VAL A 1439 110.15 -9.35 26.94
N PHE A 1440 109.55 -8.67 25.97
CA PHE A 1440 109.34 -9.26 24.66
C PHE A 1440 110.67 -9.46 23.95
N ALA A 1441 110.70 -10.44 23.06
CA ALA A 1441 111.87 -10.64 22.22
C ALA A 1441 112.06 -9.43 21.31
N GLY A 1442 113.32 -9.13 21.01
CA GLY A 1442 113.66 -7.95 20.27
C GLY A 1442 113.95 -6.72 21.11
N GLN A 1443 113.78 -6.82 22.43
CA GLN A 1443 114.14 -5.76 23.35
C GLN A 1443 115.29 -6.23 24.22
N GLU A 1444 116.37 -5.45 24.25
CA GLU A 1444 117.54 -5.86 25.02
C GLU A 1444 117.25 -5.73 26.51
N PRO A 1445 117.49 -6.78 27.30
CA PRO A 1445 117.31 -6.65 28.76
C PRO A 1445 118.22 -5.61 29.37
N SER A 1446 119.30 -5.25 28.67
CA SER A 1446 120.18 -4.21 29.16
C SER A 1446 119.44 -2.90 29.37
N CYS A 1447 118.42 -2.64 28.54
CA CYS A 1447 117.65 -1.41 28.69
C CYS A 1447 116.57 -1.57 29.75
N VAL A 1448 116.13 -2.80 30.00
CA VAL A 1448 115.04 -3.03 30.93
C VAL A 1448 115.56 -2.92 32.37
N TRP A 1449 114.82 -2.18 33.20
CA TRP A 1449 115.05 -2.15 34.63
C TRP A 1449 113.73 -2.45 35.33
N VAL A 1450 113.75 -3.44 36.21
CA VAL A 1450 112.53 -3.95 36.85
C VAL A 1450 112.70 -3.80 38.36
N GLY A 1451 111.69 -3.23 39.01
CA GLY A 1451 111.68 -3.15 40.45
C GLY A 1451 110.68 -2.15 40.98
N TRP A 1452 110.18 -2.45 42.17
CA TRP A 1452 109.19 -1.59 42.81
C TRP A 1452 109.82 -0.24 43.20
N VAL A 1453 108.98 0.78 43.23
CA VAL A 1453 109.42 2.15 43.52
C VAL A 1453 108.60 2.70 44.68
N THR A 1454 109.25 3.50 45.53
CA THR A 1454 108.53 4.22 46.57
C THR A 1454 107.86 5.46 45.99
N PRO A 1455 106.83 5.98 46.66
CA PRO A 1455 106.21 7.22 46.18
C PRO A 1455 107.17 8.40 46.16
N ASP A 1456 108.19 8.37 47.02
CA ASP A 1456 109.10 9.50 47.14
C ASP A 1456 109.83 9.75 45.82
N TYR A 1457 110.18 8.67 45.11
CA TYR A 1457 111.01 8.79 43.91
C TYR A 1457 110.40 9.72 42.88
N HIS A 1458 111.21 10.65 42.39
CA HIS A 1458 110.82 11.54 41.31
C HIS A 1458 111.93 11.80 40.30
N GLN A 1459 113.07 11.14 40.44
CA GLN A 1459 114.20 11.39 39.55
C GLN A 1459 113.85 11.03 38.11
N HIS A 1460 114.24 11.89 37.18
CA HIS A 1460 114.05 11.65 35.75
C HIS A 1460 115.40 11.72 35.07
N ASP A 1461 115.88 10.59 34.56
CA ASP A 1461 117.14 10.53 33.84
C ASP A 1461 116.93 9.77 32.54
N MET A 1462 117.50 10.29 31.45
CA MET A 1462 117.49 9.55 30.20
C MET A 1462 118.38 8.31 30.30
N ASN A 1463 119.56 8.46 30.88
CA ASN A 1463 120.48 7.33 31.07
C ASN A 1463 120.38 6.81 32.51
N PHE A 1464 119.21 6.28 32.83
CA PHE A 1464 119.00 5.65 34.13
C PHE A 1464 119.87 4.41 34.26
N ASP A 1465 120.32 4.14 35.48
CA ASP A 1465 121.15 2.97 35.74
C ASP A 1465 121.08 2.59 37.21
N LEU A 1466 121.47 1.35 37.50
CA LEU A 1466 121.39 0.84 38.87
C LEU A 1466 122.37 1.56 39.79
N SER A 1467 123.42 2.15 39.22
CA SER A 1467 124.26 3.04 40.02
C SER A 1467 123.66 4.44 40.08
N LYS A 1468 122.88 4.81 39.06
CA LYS A 1468 122.28 6.14 39.04
C LYS A 1468 121.20 6.27 40.09
N VAL A 1469 120.49 5.19 40.38
CA VAL A 1469 119.38 5.28 41.33
C VAL A 1469 119.92 5.67 42.70
N ARG A 1470 119.25 6.63 43.33
CA ARG A 1470 119.77 7.21 44.56
C ARG A 1470 119.52 6.27 45.74
N ALA A 1471 120.42 6.34 46.73
CA ALA A 1471 120.30 5.52 47.93
C ALA A 1471 121.15 6.13 49.04
N VAL A 1472 120.85 5.74 50.28
CA VAL A 1472 121.55 6.25 51.45
C VAL A 1472 121.46 5.22 52.57
N THR A 1473 122.44 5.25 53.45
CA THR A 1473 122.50 4.36 54.61
C THR A 1473 122.59 5.20 55.88
N VAL A 1474 121.77 4.85 56.86
CA VAL A 1474 121.77 5.51 58.16
C VAL A 1474 122.10 4.47 59.22
N THR A 1475 123.09 4.78 60.06
CA THR A 1475 123.57 3.86 61.08
C THR A 1475 123.33 4.44 62.46
N MET A 1476 122.87 3.60 63.38
CA MET A 1476 122.65 4.00 64.76
C MET A 1476 123.65 3.26 65.65
N GLY A 1477 124.49 4.02 66.35
CA GLY A 1477 125.52 3.44 67.18
C GLY A 1477 125.72 4.25 68.44
N ASP A 1478 126.30 3.60 69.44
CA ASP A 1478 126.55 4.24 70.73
C ASP A 1478 127.73 5.21 70.59
N GLU A 1479 128.12 5.80 71.73
CA GLU A 1479 129.35 6.58 71.75
C GLU A 1479 130.53 5.73 71.29
N GLN A 1480 130.70 4.55 71.88
CA GLN A 1480 131.57 3.54 71.30
C GLN A 1480 130.93 3.05 70.01
N GLY A 1481 131.75 2.51 69.11
CA GLY A 1481 131.29 2.16 67.77
C GLY A 1481 129.95 1.45 67.78
N ASN A 1482 129.93 0.22 68.30
CA ASN A 1482 128.74 -0.42 68.88
C ASN A 1482 127.48 -0.01 68.10
N VAL A 1483 127.45 -0.35 66.81
CA VAL A 1483 126.33 0.06 65.99
C VAL A 1483 125.10 -0.75 66.38
N HIS A 1484 124.11 -0.07 66.96
CA HIS A 1484 122.87 -0.76 67.31
C HIS A 1484 122.16 -1.27 66.06
N SER A 1485 122.12 -0.45 65.00
CA SER A 1485 121.50 -0.86 63.76
C SER A 1485 121.93 0.12 62.66
N SER A 1486 121.98 -0.40 61.44
CA SER A 1486 122.27 0.39 60.26
C SER A 1486 121.16 0.18 59.25
N LEU A 1487 120.58 1.27 58.76
CA LEU A 1487 119.44 1.22 57.86
C LEU A 1487 119.81 1.82 56.51
N LYS A 1488 119.45 1.13 55.44
CA LYS A 1488 119.62 1.61 54.08
C LYS A 1488 118.25 1.90 53.48
N CYS A 1489 118.10 3.08 52.90
CA CYS A 1489 116.85 3.49 52.27
C CYS A 1489 117.16 4.05 50.89
N SER A 1490 116.29 3.74 49.93
CA SER A 1490 116.44 4.24 48.57
C SER A 1490 115.07 4.57 48.01
N ASN A 1491 115.05 5.52 47.07
CA ASN A 1491 113.79 5.94 46.47
C ASN A 1491 113.12 4.79 45.72
N CYS A 1492 113.91 3.96 45.04
CA CYS A 1492 113.38 2.82 44.32
C CYS A 1492 114.39 1.69 44.30
N TYR A 1493 113.89 0.46 44.38
CA TYR A 1493 114.70 -0.73 44.30
C TYR A 1493 114.38 -1.45 43.01
N MET A 1494 115.41 -1.74 42.22
CA MET A 1494 115.22 -2.34 40.91
C MET A 1494 116.35 -3.34 40.66
N VAL A 1495 116.08 -4.28 39.76
CA VAL A 1495 117.09 -5.23 39.29
C VAL A 1495 117.28 -5.00 37.80
N TRP A 1496 118.55 -4.86 37.39
CA TRP A 1496 118.84 -4.63 35.99
C TRP A 1496 118.62 -5.89 35.17
N GLY A 1497 117.93 -5.75 34.05
CA GLY A 1497 117.78 -6.87 33.14
C GLY A 1497 119.10 -7.28 32.53
N GLY A 1498 119.98 -6.31 32.27
CA GLY A 1498 121.23 -6.60 31.60
C GLY A 1498 122.11 -7.55 32.40
N ASP A 1499 122.19 -7.35 33.71
CA ASP A 1499 123.02 -8.23 34.53
C ASP A 1499 122.28 -9.52 34.87
N PHE A 1500 120.96 -9.53 34.70
CA PHE A 1500 120.19 -10.70 35.10
C PHE A 1500 120.36 -11.84 34.09
N VAL A 1501 120.54 -11.50 32.82
CA VAL A 1501 120.65 -12.52 31.79
C VAL A 1501 121.97 -13.27 31.93
N SER A 1502 122.10 -14.37 31.20
CA SER A 1502 123.37 -15.04 31.04
C SER A 1502 124.39 -14.08 30.42
N PRO A 1503 125.68 -14.42 30.43
CA PRO A 1503 126.67 -13.55 29.79
C PRO A 1503 126.24 -13.20 28.37
N GLY A 1504 126.28 -11.90 28.06
CA GLY A 1504 125.46 -11.36 27.01
C GLY A 1504 126.03 -11.41 25.61
N GLN A 1505 127.17 -12.08 25.43
CA GLN A 1505 127.60 -12.39 24.07
C GLN A 1505 126.61 -13.34 23.42
N GLN A 1506 126.12 -14.32 24.17
CA GLN A 1506 125.10 -15.22 23.66
C GLN A 1506 123.80 -14.47 23.43
N GLY A 1507 123.09 -14.84 22.38
CA GLY A 1507 121.74 -14.35 22.19
C GLY A 1507 121.60 -12.86 21.96
N ARG A 1508 122.49 -12.27 21.15
CA ARG A 1508 122.26 -10.89 20.72
C ARG A 1508 120.94 -10.78 19.96
N ILE A 1509 120.66 -11.74 19.09
CA ILE A 1509 119.37 -11.88 18.43
C ILE A 1509 118.74 -13.15 18.98
N SER A 1510 117.87 -13.00 19.96
CA SER A 1510 117.24 -14.13 20.63
C SER A 1510 115.77 -14.17 20.28
N HIS A 1511 115.33 -15.28 19.71
CA HIS A 1511 113.91 -15.50 19.48
C HIS A 1511 113.16 -15.57 20.80
N THR A 1512 113.80 -16.14 21.82
CA THR A 1512 113.16 -16.26 23.13
C THR A 1512 112.92 -14.90 23.74
N ASP A 1513 111.85 -14.80 24.53
CA ASP A 1513 111.53 -13.59 25.27
C ASP A 1513 111.72 -13.87 26.75
N LEU A 1514 112.05 -12.83 27.51
CA LEU A 1514 112.39 -13.04 28.92
C LEU A 1514 111.28 -12.52 29.82
N VAL A 1515 111.17 -13.13 31.00
CA VAL A 1515 110.25 -12.69 32.05
C VAL A 1515 111.08 -12.46 33.31
N ILE A 1516 110.65 -11.51 34.13
CA ILE A 1516 111.24 -11.25 35.43
C ILE A 1516 110.15 -11.28 36.47
N GLY A 1517 110.38 -11.99 37.57
CA GLY A 1517 109.44 -12.01 38.67
C GLY A 1517 110.07 -11.57 39.97
N CYS A 1518 109.31 -10.85 40.79
CA CYS A 1518 109.80 -10.32 42.06
C CYS A 1518 108.90 -10.80 43.19
N LEU A 1519 109.50 -11.09 44.33
CA LEU A 1519 108.79 -11.61 45.49
C LEU A 1519 108.84 -10.59 46.62
N VAL A 1520 107.69 -10.30 47.21
CA VAL A 1520 107.57 -9.39 48.34
C VAL A 1520 106.65 -10.02 49.37
N ASP A 1521 106.98 -9.85 50.65
CA ASP A 1521 106.17 -10.33 51.75
C ASP A 1521 105.87 -9.17 52.68
N LEU A 1522 104.59 -8.88 52.90
CA LEU A 1522 104.22 -7.71 53.69
C LEU A 1522 104.76 -7.81 55.11
N ALA A 1523 104.88 -9.03 55.64
CA ALA A 1523 105.40 -9.20 56.98
C ALA A 1523 106.92 -9.29 56.98
N THR A 1524 107.51 -9.79 55.89
CA THR A 1524 108.93 -10.06 55.81
C THR A 1524 109.61 -9.05 54.90
N GLY A 1525 110.59 -8.32 55.43
CA GLY A 1525 111.24 -7.30 54.65
C GLY A 1525 112.04 -7.87 53.49
N LEU A 1526 112.23 -9.18 53.48
CA LEU A 1526 112.93 -9.82 52.38
C LEU A 1526 112.19 -9.55 51.08
N MET A 1527 112.96 -9.17 50.06
CA MET A 1527 112.43 -8.78 48.77
C MET A 1527 113.33 -9.37 47.71
N THR A 1528 112.81 -10.32 46.94
CA THR A 1528 113.64 -11.16 46.08
C THR A 1528 113.07 -11.17 44.67
N PHE A 1529 113.96 -11.38 43.69
CA PHE A 1529 113.60 -11.39 42.28
C PHE A 1529 114.12 -12.67 41.64
N THR A 1530 113.25 -13.36 40.91
CA THR A 1530 113.66 -14.49 40.08
C THR A 1530 113.21 -14.23 38.64
N ALA A 1531 114.15 -14.33 37.69
CA ALA A 1531 113.80 -14.06 36.31
C ALA A 1531 112.96 -15.18 35.71
N ASN A 1532 113.55 -16.37 35.60
CA ASN A 1532 112.88 -17.48 34.92
C ASN A 1532 113.07 -18.75 35.73
N GLY A 1533 112.84 -18.65 37.04
CA GLY A 1533 112.91 -19.80 37.91
C GLY A 1533 114.15 -19.89 38.77
N LYS A 1534 115.08 -18.96 38.65
CA LYS A 1534 116.28 -18.93 39.48
C LYS A 1534 116.29 -17.64 40.28
N GLU A 1535 116.35 -17.76 41.60
CA GLU A 1535 116.41 -16.60 42.46
C GLU A 1535 117.71 -15.84 42.24
N SER A 1536 117.60 -14.52 42.09
CA SER A 1536 118.78 -13.68 42.00
C SER A 1536 119.49 -13.65 43.33
N ASN A 1537 120.82 -13.57 43.29
CA ASN A 1537 121.59 -13.41 44.51
C ASN A 1537 121.22 -12.13 45.23
N THR A 1538 120.77 -11.12 44.49
CA THR A 1538 120.40 -9.85 45.09
C THR A 1538 119.09 -9.98 45.84
N PHE A 1539 118.96 -9.22 46.92
CA PHE A 1539 117.71 -9.09 47.66
C PHE A 1539 117.68 -7.75 48.36
N PHE A 1540 116.48 -7.32 48.74
CA PHE A 1540 116.27 -6.02 49.35
C PHE A 1540 115.55 -6.18 50.67
N GLN A 1541 115.85 -5.31 51.62
CA GLN A 1541 115.20 -5.30 52.92
C GLN A 1541 114.53 -3.95 53.13
N VAL A 1542 113.32 -3.97 53.67
CA VAL A 1542 112.51 -2.76 53.81
C VAL A 1542 112.15 -2.55 55.28
N GLU A 1543 111.38 -1.51 55.52
CA GLU A 1543 111.06 -1.11 56.88
C GLU A 1543 109.55 -1.23 57.10
N PRO A 1544 109.13 -1.57 58.33
CA PRO A 1544 107.71 -1.87 58.56
C PRO A 1544 106.80 -0.73 58.18
N ASN A 1545 105.63 -1.08 57.64
CA ASN A 1545 104.60 -0.15 57.16
C ASN A 1545 105.14 0.63 55.98
N THR A 1546 105.97 0.01 55.15
CA THR A 1546 106.46 0.69 53.94
C THR A 1546 105.45 0.57 52.82
N LYS A 1547 105.26 1.65 52.07
CA LYS A 1547 104.43 1.67 50.90
C LYS A 1547 105.33 1.70 49.66
N LEU A 1548 105.04 0.83 48.71
CA LEU A 1548 105.81 0.74 47.47
C LEU A 1548 104.87 0.65 46.29
N PHE A 1549 105.39 1.03 45.13
CA PHE A 1549 104.65 0.93 43.88
C PHE A 1549 105.39 0.01 42.93
N PRO A 1550 104.74 -1.02 42.39
CA PRO A 1550 105.41 -1.86 41.39
C PRO A 1550 105.58 -1.07 40.10
N ALA A 1551 106.81 -1.08 39.58
CA ALA A 1551 107.13 -0.26 38.43
C ALA A 1551 108.27 -0.89 37.65
N VAL A 1552 108.45 -0.43 36.42
CA VAL A 1552 109.54 -0.88 35.55
C VAL A 1552 110.01 0.30 34.74
N PHE A 1553 111.32 0.46 34.61
CA PHE A 1553 111.92 1.47 33.76
C PHE A 1553 112.61 0.77 32.61
N VAL A 1554 112.25 1.13 31.39
CA VAL A 1554 112.73 0.43 30.20
C VAL A 1554 112.84 1.41 29.04
N LEU A 1555 113.85 1.20 28.21
CA LEU A 1555 114.01 1.96 26.98
C LEU A 1555 113.61 1.08 25.81
N PRO A 1556 112.67 1.52 24.98
CA PRO A 1556 112.12 0.62 23.97
C PRO A 1556 113.04 0.44 22.76
N THR A 1557 113.17 -0.80 22.30
CA THR A 1557 113.89 -1.12 21.07
C THR A 1557 113.14 -2.08 20.19
N HIS A 1558 111.85 -2.30 20.45
CA HIS A 1558 111.04 -3.23 19.70
C HIS A 1558 109.68 -2.61 19.42
N GLN A 1559 109.00 -3.17 18.41
CA GLN A 1559 107.64 -2.73 18.11
C GLN A 1559 106.73 -2.95 19.31
N ASN A 1560 106.89 -4.07 19.99
CA ASN A 1560 106.18 -4.35 21.24
C ASN A 1560 107.20 -4.27 22.37
N VAL A 1561 106.94 -3.40 23.35
CA VAL A 1561 107.97 -3.05 24.32
C VAL A 1561 108.03 -4.08 25.43
N ILE A 1562 106.96 -4.22 26.20
CA ILE A 1562 107.00 -4.97 27.45
C ILE A 1562 105.57 -5.27 27.88
N GLN A 1563 105.40 -6.42 28.55
CA GLN A 1563 104.11 -6.83 29.10
C GLN A 1563 104.22 -6.92 30.62
N PHE A 1564 103.24 -6.34 31.31
CA PHE A 1564 103.10 -6.49 32.75
C PHE A 1564 102.11 -7.61 33.01
N GLU A 1565 102.56 -8.68 33.67
CA GLU A 1565 101.73 -9.83 33.94
C GLU A 1565 101.45 -9.91 35.43
N LEU A 1566 100.22 -10.26 35.78
CA LEU A 1566 99.85 -10.57 37.15
C LEU A 1566 99.52 -12.05 37.20
N GLY A 1567 100.53 -12.87 37.47
CA GLY A 1567 100.35 -14.30 37.56
C GLY A 1567 100.99 -14.81 38.83
N LYS A 1568 100.38 -15.85 39.40
CA LYS A 1568 100.67 -16.26 40.77
C LYS A 1568 101.28 -17.64 40.80
N GLN A 1569 102.42 -17.76 41.45
CA GLN A 1569 103.05 -19.06 41.67
C GLN A 1569 102.29 -19.81 42.76
N LYS A 1570 102.50 -21.12 42.81
CA LYS A 1570 101.88 -21.93 43.84
C LYS A 1570 102.33 -21.46 45.22
N ASN A 1571 101.36 -21.26 46.11
CA ASN A 1571 101.53 -20.75 47.47
C ASN A 1571 101.90 -19.28 47.48
N ILE A 1572 101.65 -18.55 46.40
CA ILE A 1572 101.94 -17.12 46.33
C ILE A 1572 100.63 -16.37 46.22
N MET A 1573 100.43 -15.41 47.13
CA MET A 1573 99.18 -14.67 47.16
C MET A 1573 99.09 -13.72 45.96
N PRO A 1574 97.90 -13.56 45.40
CA PRO A 1574 97.73 -12.63 44.29
C PRO A 1574 98.08 -11.20 44.70
N LEU A 1575 98.72 -10.50 43.76
CA LEU A 1575 99.06 -9.10 44.02
C LEU A 1575 97.81 -8.28 44.26
N SER A 1576 96.74 -8.57 43.50
CA SER A 1576 95.48 -7.87 43.68
C SER A 1576 94.99 -7.97 45.12
N ALA A 1577 95.27 -9.10 45.77
CA ALA A 1577 94.91 -9.23 47.18
C ALA A 1577 95.66 -8.21 48.03
N ALA A 1578 96.94 -7.99 47.73
CA ALA A 1578 97.69 -6.95 48.44
C ALA A 1578 97.10 -5.57 48.14
N MET A 1579 96.70 -5.34 46.89
CA MET A 1579 96.17 -4.03 46.52
C MET A 1579 94.86 -3.72 47.24
N PHE A 1580 93.94 -4.69 47.30
CA PHE A 1580 92.58 -4.42 47.77
C PHE A 1580 92.19 -5.38 48.88
N LEU A 1581 91.52 -4.86 49.90
CA LEU A 1581 91.15 -5.68 51.04
C LEU A 1581 90.03 -6.65 50.71
N SER A 1582 89.18 -6.29 49.74
CA SER A 1582 88.00 -7.11 49.46
C SER A 1582 88.37 -8.53 49.08
N GLU A 1583 89.27 -8.69 48.12
CA GLU A 1583 89.76 -9.99 47.72
C GLU A 1583 91.09 -10.35 48.38
N ARG A 1584 91.50 -9.56 49.38
CA ARG A 1584 92.75 -9.84 50.09
C ARG A 1584 92.82 -11.29 50.56
N LYS A 1585 91.69 -11.82 51.04
CA LYS A 1585 91.65 -13.24 51.39
C LYS A 1585 91.68 -14.11 50.13
N ASN A 1586 90.94 -13.70 49.11
CA ASN A 1586 90.77 -14.54 47.93
C ASN A 1586 92.09 -14.75 47.21
N PRO A 1587 92.40 -15.98 46.76
CA PRO A 1587 93.66 -16.19 46.03
C PRO A 1587 93.52 -15.97 44.53
N ALA A 1588 92.30 -15.87 44.02
CA ALA A 1588 92.12 -15.76 42.58
C ALA A 1588 92.68 -14.45 42.06
N PRO A 1589 93.46 -14.46 40.99
CA PRO A 1589 94.00 -13.22 40.45
C PRO A 1589 92.98 -12.47 39.63
N GLN A 1590 92.95 -11.14 39.80
CA GLN A 1590 92.14 -10.26 38.97
C GLN A 1590 92.92 -8.99 38.69
N CYS A 1591 92.52 -8.29 37.63
CA CYS A 1591 93.06 -6.98 37.33
C CYS A 1591 91.96 -5.95 37.55
N PRO A 1592 92.01 -5.20 38.65
CA PRO A 1592 90.97 -4.21 38.91
C PRO A 1592 91.00 -3.10 37.89
N PRO A 1593 89.86 -2.51 37.57
CA PRO A 1593 89.85 -1.38 36.63
C PRO A 1593 90.67 -0.20 37.11
N ARG A 1594 90.73 0.02 38.42
CA ARG A 1594 91.44 1.18 38.95
C ARG A 1594 92.93 1.09 38.66
N LEU A 1595 93.51 -0.10 38.74
CA LEU A 1595 94.91 -0.26 38.41
C LEU A 1595 95.19 0.18 36.99
N GLU A 1596 96.27 0.93 36.81
CA GLU A 1596 96.60 1.48 35.50
C GLU A 1596 98.06 1.87 35.50
N VAL A 1597 98.68 1.82 34.33
CA VAL A 1597 100.06 2.27 34.18
C VAL A 1597 100.11 3.78 34.30
N GLN A 1598 101.06 4.27 35.08
CA GLN A 1598 101.31 5.69 35.24
C GLN A 1598 102.58 6.05 34.48
N MET A 1599 102.54 7.16 33.75
CA MET A 1599 103.66 7.64 32.98
C MET A 1599 104.25 8.86 33.69
N LEU A 1600 105.57 8.90 33.82
CA LEU A 1600 106.20 10.01 34.51
C LEU A 1600 106.17 11.27 33.64
N MET A 1601 105.27 12.18 33.99
CA MET A 1601 105.18 13.46 33.35
C MET A 1601 106.15 14.43 34.00
N PRO A 1602 107.09 15.00 33.25
CA PRO A 1602 108.17 15.78 33.88
C PRO A 1602 107.71 17.08 34.51
N VAL A 1603 106.88 17.86 33.84
CA VAL A 1603 106.49 19.18 34.30
C VAL A 1603 104.97 19.24 34.42
N SER A 1604 104.50 20.01 35.39
CA SER A 1604 103.08 20.10 35.71
C SER A 1604 102.73 21.54 36.07
N TRP A 1605 101.51 21.95 35.75
CA TRP A 1605 101.01 23.23 36.22
C TRP A 1605 100.85 23.20 37.73
N SER A 1606 101.08 24.33 38.37
CA SER A 1606 100.94 24.45 39.81
C SER A 1606 100.67 25.91 40.17
N ARG A 1607 99.62 26.12 40.95
CA ARG A 1607 99.34 27.45 41.49
C ARG A 1607 100.39 27.85 42.52
N MET A 1608 100.97 29.03 42.36
CA MET A 1608 101.72 29.60 43.47
C MET A 1608 100.75 30.19 44.48
N PRO A 1609 101.09 30.17 45.76
CA PRO A 1609 100.17 30.69 46.77
C PRO A 1609 99.95 32.19 46.60
N ASN A 1610 98.78 32.65 47.06
CA ASN A 1610 98.47 34.07 46.98
C ASN A 1610 99.39 34.88 47.87
N HIS A 1611 100.03 34.23 48.84
CA HIS A 1611 100.96 34.89 49.74
C HIS A 1611 102.15 33.98 50.00
N PHE A 1612 103.28 34.57 50.38
CA PHE A 1612 104.51 33.85 50.65
C PHE A 1612 105.08 34.28 51.98
N LEU A 1613 105.81 33.37 52.63
CA LEU A 1613 106.44 33.71 53.90
C LEU A 1613 107.50 34.77 53.69
N GLN A 1614 107.59 35.71 54.63
CA GLN A 1614 108.49 36.84 54.53
C GLN A 1614 109.67 36.63 55.47
N VAL A 1615 110.87 36.59 54.91
CA VAL A 1615 112.08 36.39 55.69
C VAL A 1615 113.08 37.49 55.33
N GLU A 1616 113.70 38.06 56.36
CA GLU A 1616 114.76 39.05 56.18
C GLU A 1616 116.08 38.44 56.61
N THR A 1617 117.14 38.81 55.91
CA THR A 1617 118.48 38.27 56.14
C THR A 1617 119.47 39.41 56.27
N ARG A 1618 120.40 39.28 57.22
CA ARG A 1618 121.47 40.26 57.36
C ARG A 1618 122.60 39.64 58.16
N ARG A 1619 123.78 40.23 58.03
CA ARG A 1619 124.89 39.95 58.94
C ARG A 1619 124.69 40.83 60.17
N ALA A 1620 124.26 40.22 61.27
CA ALA A 1620 124.07 40.99 62.50
C ALA A 1620 125.39 41.60 62.95
N GLY A 1621 126.50 40.91 62.70
CA GLY A 1621 127.81 41.45 63.01
C GLY A 1621 128.87 40.44 62.66
N GLU A 1622 130.11 40.93 62.53
CA GLU A 1622 131.22 40.03 62.26
C GLU A 1622 131.35 39.00 63.36
N ARG A 1623 131.26 39.43 64.61
CA ARG A 1623 131.20 38.47 65.71
C ARG A 1623 129.83 37.83 65.80
N LEU A 1624 128.77 38.60 65.51
CA LEU A 1624 127.42 38.05 65.58
C LEU A 1624 127.18 37.02 64.51
N GLY A 1625 127.56 37.31 63.27
CA GLY A 1625 127.30 36.41 62.17
C GLY A 1625 125.98 36.73 61.47
N TRP A 1626 125.69 35.94 60.45
CA TRP A 1626 124.44 36.11 59.71
C TRP A 1626 123.29 35.44 60.42
N ALA A 1627 122.15 36.11 60.43
CA ALA A 1627 120.93 35.59 61.02
C ALA A 1627 119.75 35.88 60.11
N VAL A 1628 118.73 35.04 60.21
CA VAL A 1628 117.49 35.21 59.45
C VAL A 1628 116.35 35.33 60.45
N GLN A 1629 115.27 35.97 60.04
CA GLN A 1629 114.11 36.15 60.89
C GLN A 1629 112.85 36.08 60.05
N CYS A 1630 111.84 35.36 60.55
CA CYS A 1630 110.51 35.34 59.94
C CYS A 1630 109.51 35.16 61.07
N GLN A 1631 108.62 36.14 61.24
CA GLN A 1631 107.70 36.18 62.36
C GLN A 1631 106.23 36.24 61.93
N ASP A 1632 105.94 35.84 60.69
CA ASP A 1632 104.59 35.93 60.16
C ASP A 1632 103.98 34.53 60.03
N PRO A 1633 102.88 34.26 60.71
CA PRO A 1633 102.23 32.96 60.55
C PRO A 1633 101.39 32.88 59.29
N LEU A 1634 101.74 31.95 58.40
CA LEU A 1634 101.02 31.75 57.15
C LEU A 1634 100.77 30.26 56.96
N THR A 1635 99.49 29.89 56.85
CA THR A 1635 99.09 28.49 56.83
C THR A 1635 98.18 28.26 55.62
N MET A 1636 98.34 27.10 54.98
CA MET A 1636 97.57 26.75 53.80
C MET A 1636 96.93 25.39 54.01
N MET A 1637 95.66 25.27 53.60
CA MET A 1637 94.96 24.00 53.72
C MET A 1637 95.34 23.10 52.56
N ALA A 1638 95.96 21.96 52.88
CA ALA A 1638 96.43 21.02 51.88
C ALA A 1638 95.50 19.82 51.87
N LEU A 1639 94.96 19.50 50.71
CA LEU A 1639 94.12 18.33 50.53
C LEU A 1639 95.00 17.18 50.06
N HIS A 1640 95.40 16.33 50.99
CA HIS A 1640 96.32 15.23 50.73
C HIS A 1640 95.57 14.04 50.18
N ILE A 1641 96.18 13.37 49.21
CA ILE A 1641 95.58 12.19 48.58
C ILE A 1641 96.29 10.97 49.14
N PRO A 1642 95.57 10.02 49.75
CA PRO A 1642 96.26 8.99 50.55
C PRO A 1642 97.19 8.10 49.77
N GLU A 1643 96.73 7.53 48.65
CA GLU A 1643 97.50 6.49 47.98
C GLU A 1643 98.85 7.00 47.52
N GLU A 1644 98.89 8.20 46.93
CA GLU A 1644 100.15 8.74 46.45
C GLU A 1644 100.99 9.27 47.60
N ASN A 1645 100.40 9.41 48.79
CA ASN A 1645 101.09 9.92 49.96
C ASN A 1645 101.70 11.30 49.70
N ARG A 1646 100.86 12.23 49.24
CA ARG A 1646 101.30 13.58 48.93
C ARG A 1646 100.21 14.56 49.33
N CYS A 1647 100.62 15.79 49.61
CA CYS A 1647 99.69 16.87 49.90
C CYS A 1647 99.49 17.67 48.62
N MET A 1648 98.38 18.38 48.54
CA MET A 1648 98.06 19.16 47.36
C MET A 1648 97.10 20.26 47.75
N ASP A 1649 97.35 21.46 47.25
CA ASP A 1649 96.60 22.63 47.69
C ASP A 1649 95.16 22.58 47.21
N ILE A 1650 94.24 22.97 48.09
CA ILE A 1650 92.82 22.97 47.72
C ILE A 1650 92.57 23.95 46.58
N LEU A 1651 93.18 25.12 46.65
CA LEU A 1651 92.99 26.12 45.60
C LEU A 1651 93.38 25.55 44.24
N GLU A 1652 94.40 24.70 44.20
CA GLU A 1652 94.79 24.06 42.95
C GLU A 1652 93.70 23.14 42.45
N LEU A 1653 92.96 22.52 43.36
CA LEU A 1653 91.93 21.56 42.95
C LEU A 1653 90.84 22.23 42.13
N SER A 1654 90.72 23.55 42.23
CA SER A 1654 89.72 24.27 41.45
C SER A 1654 89.90 24.03 39.97
N GLU A 1655 91.14 23.87 39.51
CA GLU A 1655 91.38 23.68 38.09
C GLU A 1655 91.03 22.27 37.65
N ARG A 1656 91.28 21.27 38.49
CA ARG A 1656 90.96 19.88 38.16
C ARG A 1656 89.49 19.62 38.48
N LEU A 1657 88.67 19.59 37.42
CA LEU A 1657 87.22 19.44 37.60
C LEU A 1657 86.89 18.10 38.22
N ASP A 1658 87.61 17.04 37.85
CA ASP A 1658 87.32 15.72 38.40
C ASP A 1658 87.50 15.72 39.91
N LEU A 1659 88.63 16.25 40.39
CA LEU A 1659 88.87 16.30 41.82
C LEU A 1659 87.87 17.21 42.50
N GLN A 1660 87.53 18.33 41.86
CA GLN A 1660 86.53 19.23 42.42
C GLN A 1660 85.21 18.51 42.63
N ARG A 1661 84.73 17.81 41.60
CA ARG A 1661 83.47 17.10 41.70
C ARG A 1661 83.54 16.01 42.76
N PHE A 1662 84.62 15.25 42.78
CA PHE A 1662 84.72 14.16 43.75
C PHE A 1662 84.73 14.70 45.18
N HIS A 1663 85.46 15.78 45.43
CA HIS A 1663 85.52 16.30 46.78
C HIS A 1663 84.20 16.95 47.17
N SER A 1664 83.52 17.59 46.21
CA SER A 1664 82.21 18.15 46.51
C SER A 1664 81.22 17.05 46.88
N HIS A 1665 81.24 15.95 46.13
CA HIS A 1665 80.37 14.84 46.47
C HIS A 1665 80.79 14.17 47.77
N THR A 1666 82.09 14.24 48.10
CA THR A 1666 82.54 13.77 49.40
C THR A 1666 81.95 14.61 50.52
N LEU A 1667 81.95 15.92 50.33
CA LEU A 1667 81.35 16.81 51.32
C LEU A 1667 79.87 16.50 51.45
N ARG A 1668 79.19 16.31 50.33
CA ARG A 1668 77.77 15.97 50.36
C ARG A 1668 77.55 14.61 51.00
N LEU A 1669 78.52 13.71 50.89
CA LEU A 1669 78.41 12.40 51.52
C LEU A 1669 78.50 12.51 53.04
N TYR A 1670 79.46 13.29 53.52
CA TYR A 1670 79.49 13.58 54.95
C TYR A 1670 78.15 14.19 55.38
N ARG A 1671 77.61 15.07 54.55
CA ARG A 1671 76.34 15.70 54.88
C ARG A 1671 75.24 14.66 54.99
N ALA A 1672 75.16 13.75 54.02
CA ALA A 1672 74.10 12.75 54.02
C ALA A 1672 74.23 11.82 55.21
N VAL A 1673 75.45 11.37 55.51
CA VAL A 1673 75.63 10.41 56.59
C VAL A 1673 75.36 11.07 57.94
N CYS A 1674 75.60 12.38 58.03
CA CYS A 1674 75.38 13.05 59.31
C CYS A 1674 73.92 13.42 59.51
N ALA A 1675 73.10 13.28 58.46
CA ALA A 1675 71.78 13.89 58.41
C ALA A 1675 70.90 13.44 59.58
N LEU A 1676 69.86 14.24 59.84
CA LEU A 1676 68.82 13.91 60.82
C LEU A 1676 69.39 13.84 62.24
N GLY A 1677 70.41 14.65 62.49
CA GLY A 1677 70.96 14.74 63.83
C GLY A 1677 71.64 13.49 64.31
N ASN A 1678 72.36 12.80 63.43
CA ASN A 1678 73.19 11.66 63.82
C ASN A 1678 74.39 12.20 64.56
N ASN A 1679 74.26 12.27 65.89
CA ASN A 1679 75.26 12.99 66.68
C ASN A 1679 76.57 12.22 66.78
N ARG A 1680 76.50 10.91 66.98
CA ARG A 1680 77.73 10.13 67.06
C ARG A 1680 78.47 10.18 65.74
N VAL A 1681 77.74 10.06 64.63
CA VAL A 1681 78.34 10.23 63.31
C VAL A 1681 78.97 11.62 63.19
N ALA A 1682 78.27 12.64 63.71
CA ALA A 1682 78.78 13.99 63.62
C ALA A 1682 80.10 14.13 64.35
N HIS A 1683 80.19 13.58 65.55
CA HIS A 1683 81.46 13.60 66.28
C HIS A 1683 82.54 12.87 65.51
N ALA A 1684 82.19 11.73 64.90
CA ALA A 1684 83.15 11.02 64.08
C ALA A 1684 83.68 11.91 62.96
N LEU A 1685 82.80 12.69 62.33
CA LEU A 1685 83.26 13.63 61.31
C LEU A 1685 84.15 14.71 61.92
N CYS A 1686 83.80 15.20 63.11
CA CYS A 1686 84.66 16.16 63.78
C CYS A 1686 86.06 15.61 63.96
N SER A 1687 86.17 14.29 64.09
CA SER A 1687 87.50 13.67 64.04
C SER A 1687 88.15 13.88 62.69
N HIS A 1688 87.38 13.73 61.61
CA HIS A 1688 87.97 13.84 60.28
C HIS A 1688 88.07 15.30 59.84
N VAL A 1689 87.07 16.11 60.18
CA VAL A 1689 87.02 17.50 59.75
C VAL A 1689 87.20 18.39 60.97
N ASP A 1690 88.19 19.27 60.91
CA ASP A 1690 88.46 20.16 62.03
C ASP A 1690 87.56 21.38 61.98
N GLN A 1691 87.07 21.78 63.17
CA GLN A 1691 86.24 22.98 63.25
C GLN A 1691 87.01 24.21 62.81
N ALA A 1692 88.26 24.35 63.27
CA ALA A 1692 89.07 25.48 62.84
C ALA A 1692 89.35 25.44 61.35
N GLN A 1693 89.53 24.23 60.81
CA GLN A 1693 89.65 24.09 59.37
C GLN A 1693 88.43 24.62 58.66
N LEU A 1694 87.24 24.27 59.15
CA LEU A 1694 86.02 24.78 58.56
C LEU A 1694 85.96 26.30 58.65
N LEU A 1695 86.34 26.85 59.79
CA LEU A 1695 86.32 28.30 59.96
C LEU A 1695 87.24 28.97 58.95
N HIS A 1696 88.46 28.46 58.81
CA HIS A 1696 89.39 29.06 57.85
C HIS A 1696 88.84 28.92 56.43
N ALA A 1697 88.20 27.78 56.14
CA ALA A 1697 87.60 27.60 54.82
C ALA A 1697 86.54 28.66 54.56
N LEU A 1698 85.74 28.99 55.57
CA LEU A 1698 84.79 30.09 55.42
C LEU A 1698 85.52 31.40 55.15
N GLU A 1699 86.61 31.65 55.88
CA GLU A 1699 87.32 32.92 55.73
C GLU A 1699 87.90 33.07 54.33
N ASP A 1700 88.47 32.00 53.78
CA ASP A 1700 89.15 32.11 52.49
C ASP A 1700 88.14 32.32 51.37
N ALA A 1701 88.46 33.25 50.47
CA ALA A 1701 87.55 33.56 49.37
C ALA A 1701 87.99 32.90 48.08
N HIS A 1702 89.28 32.59 47.95
CA HIS A 1702 89.78 32.05 46.70
C HIS A 1702 89.27 30.64 46.44
N LEU A 1703 88.81 29.97 47.49
CA LEU A 1703 88.43 28.57 47.35
C LEU A 1703 87.17 28.46 46.48
N PRO A 1704 87.05 27.40 45.68
CA PRO A 1704 85.97 27.35 44.69
C PRO A 1704 84.59 27.27 45.32
N GLY A 1705 83.60 27.77 44.57
CA GLY A 1705 82.23 27.90 45.06
C GLY A 1705 81.55 26.62 45.48
N PRO A 1706 81.58 25.55 44.68
CA PRO A 1706 80.97 24.30 45.16
C PRO A 1706 81.61 23.80 46.43
N LEU A 1707 82.93 23.92 46.55
CA LEU A 1707 83.59 23.52 47.77
C LEU A 1707 83.14 24.36 48.96
N ARG A 1708 83.06 25.68 48.79
CA ARG A 1708 82.68 26.50 49.94
C ARG A 1708 81.25 26.22 50.33
N ALA A 1709 80.38 25.98 49.35
CA ALA A 1709 79.01 25.59 49.67
C ALA A 1709 79.00 24.30 50.48
N GLY A 1710 79.80 23.32 50.06
CA GLY A 1710 79.86 22.06 50.80
C GLY A 1710 80.35 22.24 52.22
N TYR A 1711 81.45 22.97 52.40
CA TYR A 1711 81.98 23.15 53.76
C TYR A 1711 81.03 23.97 54.63
N TYR A 1712 80.39 24.98 54.06
CA TYR A 1712 79.43 25.75 54.83
C TYR A 1712 78.28 24.87 55.27
N ASP A 1713 77.78 24.03 54.37
CA ASP A 1713 76.72 23.09 54.73
C ASP A 1713 77.17 22.16 55.83
N LEU A 1714 78.41 21.65 55.73
CA LEU A 1714 78.89 20.74 56.76
C LEU A 1714 78.99 21.43 58.11
N LEU A 1715 79.53 22.63 58.16
CA LEU A 1715 79.57 23.33 59.44
C LEU A 1715 78.17 23.49 60.01
N ILE A 1716 77.28 24.10 59.22
CA ILE A 1716 75.93 24.41 59.67
C ILE A 1716 75.25 23.15 60.19
N SER A 1717 75.38 22.05 59.45
CA SER A 1717 74.65 20.86 59.80
C SER A 1717 75.34 20.07 60.91
N ILE A 1718 76.56 19.61 60.65
CA ILE A 1718 77.28 18.78 61.61
C ILE A 1718 77.35 19.45 62.98
N HIS A 1719 77.15 20.77 63.04
CA HIS A 1719 77.09 21.38 64.37
C HIS A 1719 75.73 21.92 64.74
N LEU A 1720 75.01 22.58 63.83
CA LEU A 1720 73.82 23.30 64.27
C LEU A 1720 72.53 22.52 64.00
N GLU A 1721 72.50 21.72 62.93
CA GLU A 1721 71.21 21.33 62.35
C GLU A 1721 70.27 20.69 63.35
N SER A 1722 70.81 19.97 64.34
CA SER A 1722 69.95 19.37 65.35
C SER A 1722 69.24 20.46 66.16
N ALA A 1723 70.00 21.41 66.71
CA ALA A 1723 69.39 22.53 67.38
C ALA A 1723 68.50 23.31 66.43
N CYS A 1724 68.86 23.36 65.16
CA CYS A 1724 68.07 24.09 64.18
C CYS A 1724 66.68 23.50 64.05
N ARG A 1725 66.60 22.20 63.80
CA ARG A 1725 65.29 21.57 63.63
C ARG A 1725 64.51 21.61 64.93
N SER A 1726 65.17 21.38 66.07
CA SER A 1726 64.46 21.47 67.34
C SER A 1726 63.85 22.86 67.53
N ARG A 1727 64.67 23.90 67.40
CA ARG A 1727 64.21 25.27 67.61
C ARG A 1727 63.10 25.62 66.65
N ARG A 1728 63.24 25.26 65.37
CA ARG A 1728 62.21 25.56 64.41
C ARG A 1728 60.91 24.86 64.76
N SER A 1729 61.00 23.62 65.25
CA SER A 1729 59.79 22.91 65.65
C SER A 1729 59.09 23.63 66.79
N MET A 1730 59.85 24.10 67.78
CA MET A 1730 59.19 24.74 68.91
C MET A 1730 58.96 26.22 68.69
N LEU A 1731 59.32 26.73 67.50
CA LEU A 1731 59.04 28.13 67.20
C LEU A 1731 57.55 28.40 67.12
N SER A 1732 56.79 27.43 66.60
CA SER A 1732 55.36 27.65 66.40
C SER A 1732 54.63 27.92 67.70
N GLU A 1733 54.92 27.13 68.73
CA GLU A 1733 54.25 27.29 70.01
C GLU A 1733 54.63 28.61 70.66
N TYR A 1734 53.63 29.32 71.19
CA TYR A 1734 53.80 30.65 71.77
C TYR A 1734 53.32 30.59 73.21
N ILE A 1735 54.25 30.46 74.15
CA ILE A 1735 53.94 30.36 75.56
C ILE A 1735 54.68 31.49 76.29
N VAL A 1736 53.95 32.25 77.09
CA VAL A 1736 54.47 33.44 77.75
C VAL A 1736 54.29 33.28 79.25
N PRO A 1737 55.35 33.35 80.05
CA PRO A 1737 55.17 33.37 81.50
C PRO A 1737 54.71 34.72 81.99
N LEU A 1738 54.17 34.73 83.21
CA LEU A 1738 53.69 35.97 83.83
C LEU A 1738 54.79 36.58 84.70
N THR A 1739 55.93 36.83 84.05
CA THR A 1739 57.04 37.47 84.72
C THR A 1739 56.75 38.96 84.90
N PRO A 1740 57.26 39.57 85.96
CA PRO A 1740 57.28 41.04 85.99
C PRO A 1740 58.00 41.63 84.80
N GLU A 1741 59.07 40.96 84.35
CA GLU A 1741 59.71 41.36 83.11
C GLU A 1741 58.74 41.28 81.95
N THR A 1742 57.93 40.22 81.89
CA THR A 1742 56.91 40.14 80.86
C THR A 1742 55.95 41.32 80.98
N ARG A 1743 55.59 41.70 82.20
CA ARG A 1743 54.70 42.83 82.40
CA ARG A 1743 54.70 42.83 82.40
C ARG A 1743 55.32 44.11 81.87
N ALA A 1744 56.64 44.24 81.99
CA ALA A 1744 57.31 45.45 81.53
C ALA A 1744 57.14 45.65 80.02
N ILE A 1745 56.93 44.57 79.28
CA ILE A 1745 56.88 44.66 77.83
C ILE A 1745 55.63 45.42 77.38
N THR A 1746 55.80 46.25 76.36
CA THR A 1746 54.69 46.97 75.74
C THR A 1746 54.79 46.82 74.23
N LEU A 1747 53.67 47.07 73.55
CA LEU A 1747 53.67 46.98 72.09
C LEU A 1747 54.59 48.02 71.46
N PHE A 1748 54.53 49.26 71.96
CA PHE A 1748 55.29 50.34 71.37
C PHE A 1748 56.36 50.84 72.33
N PRO A 1749 57.56 51.14 71.83
CA PRO A 1749 58.60 51.70 72.68
C PRO A 1749 58.18 53.03 73.25
N PRO A 1750 58.56 53.33 74.50
CA PRO A 1750 58.21 54.63 75.08
C PRO A 1750 58.89 55.76 74.36
N GLY A 1751 58.25 56.93 74.38
CA GLY A 1751 58.79 58.10 73.73
C GLY A 1751 57.86 59.29 73.92
N ARG A 1752 58.32 60.45 73.47
CA ARG A 1752 57.52 61.67 73.59
C ARG A 1752 56.35 61.65 72.64
N LYS A 1753 56.50 61.02 71.48
CA LYS A 1753 55.44 60.95 70.49
C LYS A 1753 54.42 59.88 70.88
N GLY A 1754 53.19 60.06 70.41
CA GLY A 1754 52.15 59.07 70.67
C GLY A 1754 52.54 57.72 70.11
N GLY A 1755 52.10 56.66 70.81
CA GLY A 1755 52.58 55.32 70.48
C GLY A 1755 52.26 54.90 69.06
N ASN A 1756 51.01 55.10 68.63
CA ASN A 1756 50.66 54.81 67.24
C ASN A 1756 51.44 55.72 66.30
N ALA A 1757 51.57 56.99 66.65
CA ALA A 1757 52.38 57.90 65.84
C ALA A 1757 53.87 57.58 65.98
N ARG A 1758 54.26 56.97 67.09
CA ARG A 1758 55.66 56.60 67.28
C ARG A 1758 56.07 55.53 66.29
N ARG A 1759 57.34 55.57 65.89
CA ARG A 1759 57.86 54.56 64.98
C ARG A 1759 57.73 53.18 65.58
N HIS A 1760 57.35 52.20 64.74
CA HIS A 1760 57.31 50.83 65.19
C HIS A 1760 58.68 50.40 65.69
N GLY A 1761 58.69 49.67 66.81
CA GLY A 1761 59.94 49.21 67.38
C GLY A 1761 60.76 48.44 66.37
N LEU A 1762 62.07 48.66 66.42
CA LEU A 1762 62.96 48.04 65.46
C LEU A 1762 62.87 46.53 65.61
N PRO A 1763 62.52 45.80 64.54
CA PRO A 1763 62.20 44.38 64.69
C PRO A 1763 63.38 43.57 65.22
N GLY A 1764 63.07 42.56 66.01
CA GLY A 1764 64.10 41.72 66.59
C GLY A 1764 64.79 42.31 67.79
N VAL A 1765 64.44 43.52 68.19
CA VAL A 1765 65.09 44.22 69.29
C VAL A 1765 64.09 44.36 70.42
N GLY A 1766 64.50 43.97 71.61
CA GLY A 1766 63.64 44.00 72.76
C GLY A 1766 63.78 42.70 73.53
N VAL A 1767 62.87 42.48 74.47
CA VAL A 1767 62.89 41.30 75.32
C VAL A 1767 61.70 40.43 74.94
N THR A 1768 61.98 39.19 74.55
CA THR A 1768 60.95 38.19 74.28
C THR A 1768 61.06 37.10 75.31
N THR A 1769 60.02 36.96 76.14
CA THR A 1769 60.05 36.00 77.23
C THR A 1769 59.42 34.66 76.87
N SER A 1770 59.15 34.41 75.58
CA SER A 1770 58.63 33.12 75.18
C SER A 1770 59.58 32.01 75.62
N LEU A 1771 59.04 31.01 76.30
CA LEU A 1771 59.88 30.01 76.94
C LEU A 1771 60.50 29.07 75.91
N ARG A 1772 61.80 29.24 75.67
CA ARG A 1772 62.55 28.42 74.73
C ARG A 1772 63.66 27.71 75.49
N PRO A 1773 63.75 26.39 75.41
CA PRO A 1773 64.83 25.67 76.09
C PRO A 1773 66.19 26.07 75.54
N PRO A 1774 67.21 26.12 76.39
CA PRO A 1774 68.55 26.48 75.91
C PRO A 1774 69.10 25.40 75.00
N HIS A 1775 69.92 25.83 74.04
CA HIS A 1775 70.60 24.88 73.18
C HIS A 1775 71.62 24.10 73.99
N HIS A 1776 71.72 22.80 73.72
CA HIS A 1776 72.58 21.91 74.48
C HIS A 1776 73.61 21.27 73.55
N PHE A 1777 74.88 21.37 73.93
CA PHE A 1777 75.96 20.87 73.12
C PHE A 1777 76.95 20.11 73.99
N SER A 1778 77.66 19.16 73.38
CA SER A 1778 78.68 18.39 74.06
C SER A 1778 80.03 18.71 73.45
N PRO A 1779 81.05 19.02 74.26
CA PRO A 1779 82.38 19.28 73.73
C PRO A 1779 82.91 18.05 73.01
N PRO A 1780 83.57 18.22 71.88
CA PRO A 1780 84.14 17.07 71.18
C PRO A 1780 85.50 16.69 71.74
N CYS A 1781 85.58 15.53 72.37
CA CYS A 1781 86.81 15.03 72.95
C CYS A 1781 86.88 13.52 72.77
N PHE A 1782 88.00 13.04 72.25
CA PHE A 1782 88.15 11.62 71.99
C PHE A 1782 89.07 10.93 73.00
N VAL A 1783 89.69 11.69 73.89
CA VAL A 1783 90.51 11.07 74.94
C VAL A 1783 89.61 10.50 76.04
N ALA A 1784 88.31 10.83 75.98
CA ALA A 1784 87.37 10.29 76.95
C ALA A 1784 87.30 8.77 76.85
N ALA A 1785 87.16 8.13 78.01
CA ALA A 1785 87.14 6.67 78.06
C ALA A 1785 85.92 6.12 77.32
N LEU A 1786 86.08 4.94 76.75
CA LEU A 1786 84.99 4.29 76.04
C LEU A 1786 83.86 3.98 77.03
N PRO A 1787 82.62 4.24 76.66
CA PRO A 1787 81.50 3.96 77.59
C PRO A 1787 81.39 2.48 77.91
N ALA A 1788 81.58 2.16 79.18
CA ALA A 1788 81.42 0.77 79.62
C ALA A 1788 79.97 0.32 79.51
N ALA A 1789 79.03 1.26 79.61
CA ALA A 1789 77.62 0.93 79.49
C ALA A 1789 77.32 0.45 78.08
N GLY A 1790 76.34 -0.45 77.97
CA GLY A 1790 75.99 -1.00 76.67
C GLY A 1790 75.38 0.04 75.75
N VAL A 1791 75.51 -0.21 74.44
CA VAL A 1791 74.93 0.67 73.44
C VAL A 1791 73.41 0.65 73.56
N ALA A 1792 72.80 1.80 73.23
CA ALA A 1792 71.36 2.03 73.25
C ALA A 1792 70.83 2.16 74.67
N GLU A 1793 71.72 2.07 75.67
CA GLU A 1793 71.31 2.33 77.04
C GLU A 1793 71.81 3.69 77.50
N ALA A 1794 72.99 4.09 77.07
CA ALA A 1794 73.49 5.42 77.38
C ALA A 1794 72.68 6.46 76.61
N PRO A 1795 72.49 7.66 77.17
CA PRO A 1795 71.76 8.70 76.45
C PRO A 1795 72.49 9.11 75.18
N ALA A 1796 71.71 9.51 74.18
CA ALA A 1796 72.30 9.90 72.90
C ALA A 1796 73.22 11.10 73.08
N ARG A 1797 74.36 11.06 72.40
CA ARG A 1797 75.34 12.12 72.51
C ARG A 1797 74.76 13.44 72.01
N LEU A 1798 75.13 14.53 72.66
CA LEU A 1798 74.73 15.85 72.18
C LEU A 1798 75.53 16.22 70.94
N SER A 1799 75.04 17.22 70.23
CA SER A 1799 75.76 17.71 69.06
C SER A 1799 77.07 18.35 69.49
N PRO A 1800 78.12 18.28 68.67
CA PRO A 1800 79.40 18.88 69.05
C PRO A 1800 79.27 20.39 69.24
N ALA A 1801 80.08 20.92 70.15
CA ALA A 1801 79.97 22.31 70.54
C ALA A 1801 80.86 23.19 69.67
N ILE A 1802 80.35 24.37 69.35
CA ILE A 1802 81.04 25.39 68.55
C ILE A 1802 81.05 26.69 69.34
N PRO A 1803 82.15 27.46 69.27
CA PRO A 1803 82.15 28.77 69.93
C PRO A 1803 81.20 29.71 69.22
N LEU A 1804 80.03 29.90 69.84
CA LEU A 1804 78.92 30.52 69.13
C LEU A 1804 79.14 32.03 68.99
N GLU A 1805 79.69 32.66 70.02
CA GLU A 1805 79.96 34.09 69.93
C GLU A 1805 80.93 34.40 68.81
N ALA A 1806 82.06 33.69 68.77
CA ALA A 1806 83.05 33.91 67.72
C ALA A 1806 82.46 33.60 66.36
N LEU A 1807 81.67 32.53 66.27
CA LEU A 1807 81.02 32.21 65.00
C LEU A 1807 80.10 33.34 64.56
N ARG A 1808 79.38 33.93 65.50
CA ARG A 1808 78.51 35.05 65.16
C ARG A 1808 79.33 36.22 64.63
N ASP A 1809 80.44 36.54 65.30
CA ASP A 1809 81.23 37.68 64.85
C ASP A 1809 81.79 37.45 63.46
N LYS A 1810 82.29 36.25 63.17
CA LYS A 1810 82.81 36.02 61.83
C LYS A 1810 81.70 36.03 60.80
N ALA A 1811 80.55 35.43 61.12
CA ALA A 1811 79.43 35.48 60.18
C ALA A 1811 79.10 36.91 59.84
N LEU A 1812 79.04 37.78 60.86
CA LEU A 1812 78.82 39.20 60.63
C LEU A 1812 79.93 39.78 59.74
N ARG A 1813 81.17 39.35 59.96
CA ARG A 1813 82.28 39.94 59.24
C ARG A 1813 82.22 39.64 57.76
N MET A 1814 82.11 38.36 57.37
CA MET A 1814 81.99 38.10 55.94
C MET A 1814 80.64 38.54 55.39
N LEU A 1815 79.62 38.73 56.23
CA LEU A 1815 78.42 39.38 55.72
C LEU A 1815 78.73 40.79 55.26
N GLY A 1816 79.44 41.54 56.09
CA GLY A 1816 79.85 42.88 55.70
C GLY A 1816 80.73 42.87 54.46
N GLU A 1817 81.65 41.90 54.39
CA GLU A 1817 82.49 41.80 53.20
C GLU A 1817 81.67 41.54 51.95
N ALA A 1818 80.66 40.67 52.05
CA ALA A 1818 79.80 40.39 50.91
C ALA A 1818 79.06 41.64 50.46
N VAL A 1819 78.51 42.40 51.42
CA VAL A 1819 77.82 43.63 51.06
C VAL A 1819 78.77 44.60 50.38
N ARG A 1820 79.98 44.75 50.94
CA ARG A 1820 80.95 45.67 50.36
C ARG A 1820 81.33 45.26 48.95
N ASP A 1821 81.59 43.97 48.73
CA ASP A 1821 81.99 43.51 47.40
C ASP A 1821 80.85 43.68 46.40
N GLY A 1822 79.61 43.39 46.83
CA GLY A 1822 78.48 43.64 45.97
C GLY A 1822 78.39 45.09 45.55
N GLY A 1823 78.64 46.00 46.50
CA GLY A 1823 78.76 47.40 46.14
C GLY A 1823 79.88 47.63 45.14
N GLN A 1824 80.99 46.91 45.31
CA GLN A 1824 82.15 47.11 44.44
C GLN A 1824 81.86 46.65 43.02
N HIS A 1825 80.99 45.65 42.86
CA HIS A 1825 80.76 45.03 41.56
C HIS A 1825 82.06 44.55 40.94
N ALA A 1826 82.91 43.95 41.76
CA ALA A 1826 84.14 43.37 41.26
C ALA A 1826 83.81 42.27 40.26
N ARG A 1827 84.64 42.17 39.21
CA ARG A 1827 84.35 41.20 38.16
C ARG A 1827 84.38 39.78 38.70
N ASP A 1828 85.30 39.47 39.60
CA ASP A 1828 85.41 38.15 40.17
C ASP A 1828 84.61 38.08 41.47
N PRO A 1829 83.49 37.36 41.50
CA PRO A 1829 82.80 37.18 42.78
C PRO A 1829 83.51 36.13 43.62
N VAL A 1830 83.27 36.20 44.92
CA VAL A 1830 83.82 35.18 45.82
C VAL A 1830 83.21 33.84 45.46
N GLY A 1831 84.06 32.84 45.25
CA GLY A 1831 83.59 31.53 44.85
C GLY A 1831 83.22 31.40 43.39
N GLY A 1832 83.43 32.43 42.59
CA GLY A 1832 83.18 32.34 41.16
C GLY A 1832 81.82 32.79 40.71
N SER A 1833 80.88 33.01 41.62
CA SER A 1833 79.55 33.48 41.26
C SER A 1833 79.02 34.37 42.37
N VAL A 1834 78.11 35.28 42.02
CA VAL A 1834 77.48 36.12 43.03
C VAL A 1834 76.68 35.26 44.00
N GLU A 1835 75.87 34.34 43.46
CA GLU A 1835 75.11 33.45 44.34
C GLU A 1835 76.03 32.56 45.14
N PHE A 1836 77.12 32.08 44.52
CA PHE A 1836 78.08 31.27 45.27
C PHE A 1836 78.69 32.07 46.40
N GLN A 1837 78.90 33.37 46.19
CA GLN A 1837 79.44 34.23 47.22
C GLN A 1837 78.46 34.40 48.37
N PHE A 1838 77.21 34.69 48.05
CA PHE A 1838 76.29 35.14 49.10
C PHE A 1838 75.62 33.96 49.80
N VAL A 1839 75.18 32.94 49.04
CA VAL A 1839 74.25 31.95 49.58
C VAL A 1839 74.73 31.36 50.90
N PRO A 1840 75.96 30.87 51.04
CA PRO A 1840 76.37 30.34 52.35
C PRO A 1840 76.28 31.35 53.47
N VAL A 1841 76.54 32.63 53.17
CA VAL A 1841 76.45 33.65 54.20
C VAL A 1841 75.01 33.76 54.71
N LEU A 1842 74.04 33.77 53.79
CA LEU A 1842 72.65 33.83 54.23
C LEU A 1842 72.23 32.57 54.96
N LYS A 1843 72.77 31.41 54.57
CA LYS A 1843 72.50 30.20 55.34
C LYS A 1843 72.99 30.35 56.77
N LEU A 1844 74.22 30.82 56.95
CA LEU A 1844 74.77 31.01 58.29
C LEU A 1844 73.93 32.00 59.07
N VAL A 1845 73.55 33.11 58.43
CA VAL A 1845 72.77 34.13 59.12
C VAL A 1845 71.41 33.56 59.53
N SER A 1846 70.77 32.82 58.63
CA SER A 1846 69.49 32.21 58.94
C SER A 1846 69.59 31.32 60.16
N THR A 1847 70.57 30.42 60.15
CA THR A 1847 70.70 29.48 61.26
C THR A 1847 70.98 30.20 62.57
N LEU A 1848 71.92 31.14 62.55
CA LEU A 1848 72.27 31.84 63.79
C LEU A 1848 71.09 32.65 64.32
N LEU A 1849 70.39 33.35 63.43
CA LEU A 1849 69.24 34.13 63.87
C LEU A 1849 68.14 33.24 64.44
N VAL A 1850 67.90 32.09 63.81
CA VAL A 1850 66.83 31.21 64.29
C VAL A 1850 67.23 30.61 65.63
N MET A 1851 68.51 30.28 65.81
CA MET A 1851 68.98 29.88 67.13
C MET A 1851 68.79 31.00 68.14
N GLY A 1852 68.89 32.25 67.69
CA GLY A 1852 68.80 33.37 68.58
C GLY A 1852 70.09 33.71 69.28
N ILE A 1853 71.15 32.94 69.06
CA ILE A 1853 72.46 33.28 69.61
C ILE A 1853 72.91 34.63 69.06
N PHE A 1854 72.43 34.98 67.87
CA PHE A 1854 72.83 36.23 67.24
C PHE A 1854 72.38 37.40 68.09
N GLY A 1855 73.34 38.08 68.71
CA GLY A 1855 73.01 39.09 69.71
C GLY A 1855 72.25 40.26 69.11
N ASP A 1856 71.53 40.97 69.99
CA ASP A 1856 70.58 42.00 69.53
C ASP A 1856 71.28 43.10 68.75
N GLU A 1857 72.44 43.56 69.23
CA GLU A 1857 73.15 44.60 68.50
C GLU A 1857 73.55 44.10 67.11
N ASP A 1858 73.98 42.85 67.01
CA ASP A 1858 74.33 42.30 65.72
C ASP A 1858 73.10 42.16 64.83
N VAL A 1859 71.94 41.87 65.41
CA VAL A 1859 70.71 41.86 64.63
C VAL A 1859 70.42 43.24 64.08
N LYS A 1860 70.63 44.27 64.90
CA LYS A 1860 70.52 45.63 64.40
C LYS A 1860 71.45 45.85 63.21
N GLN A 1861 72.70 45.40 63.33
CA GLN A 1861 73.64 45.52 62.23
C GLN A 1861 73.11 44.83 60.98
N ILE A 1862 72.61 43.60 61.13
CA ILE A 1862 72.08 42.86 59.99
C ILE A 1862 70.96 43.64 59.34
N LEU A 1863 70.10 44.24 60.15
CA LEU A 1863 69.02 45.05 59.60
C LEU A 1863 69.57 46.21 58.79
N LYS A 1864 70.61 46.87 59.30
CA LYS A 1864 71.23 47.95 58.52
C LYS A 1864 71.73 47.44 57.17
N MET A 1865 72.37 46.27 57.17
CA MET A 1865 72.85 45.74 55.89
C MET A 1865 71.69 45.42 54.95
N ILE A 1866 70.60 44.86 55.47
CA ILE A 1866 69.46 44.55 54.62
C ILE A 1866 68.90 45.81 54.00
N GLU A 1867 68.62 46.81 54.83
CA GLU A 1867 68.08 48.10 54.39
C GLU A 1867 68.58 49.20 55.31
N PRO A 1868 69.66 49.90 54.94
CA PRO A 1868 70.21 50.91 55.86
C PRO A 1868 69.24 52.03 56.15
N GLU A 1869 68.76 52.72 55.11
CA GLU A 1869 67.91 53.88 55.31
C GLU A 1869 66.65 53.53 56.09
N VAL A 1870 66.21 52.27 55.99
CA VAL A 1870 65.00 51.86 56.69
C VAL A 1870 65.24 51.77 58.18
N PHE A 1871 66.26 51.03 58.58
CA PHE A 1871 66.43 50.66 59.97
C PHE A 1871 67.32 51.61 60.76
N THR A 1872 67.67 52.77 60.19
CA THR A 1872 68.32 53.80 60.98
C THR A 1872 67.44 54.18 62.16
N GLU A 1873 68.06 54.31 63.33
CA GLU A 1873 67.36 54.63 64.56
C GLU A 1873 67.79 56.02 65.02
N GLU A 1874 66.81 56.86 65.33
CA GLU A 1874 67.06 58.22 65.78
C GLU A 1874 67.78 58.22 67.13
N LEU A 1922 78.66 54.49 50.53
CA LEU A 1922 77.41 54.29 51.25
C LEU A 1922 76.92 52.86 51.10
N GLU A 1923 76.45 52.27 52.20
CA GLU A 1923 75.86 50.94 52.13
C GLU A 1923 74.52 51.01 51.42
N GLU A 1924 74.35 50.16 50.41
CA GLU A 1924 73.11 50.07 49.65
C GLU A 1924 72.33 48.87 50.16
N GLY A 1925 71.00 48.95 50.07
CA GLY A 1925 70.18 47.85 50.53
C GLY A 1925 70.47 46.58 49.74
N LEU A 1926 70.35 45.44 50.43
CA LEU A 1926 70.52 44.17 49.75
C LEU A 1926 69.51 44.02 48.62
N LEU A 1927 68.30 44.51 48.82
CA LEU A 1927 67.31 44.53 47.75
C LEU A 1927 67.76 45.44 46.62
N GLN A 1928 68.35 46.59 46.97
CA GLN A 1928 68.83 47.52 45.95
C GLN A 1928 69.93 46.88 45.11
N MET A 1929 70.72 46.00 45.73
CA MET A 1929 71.82 45.37 45.03
C MET A 1929 71.33 44.46 43.91
N LYS A 1930 70.15 43.85 44.10
CA LYS A 1930 69.56 42.87 43.20
C LYS A 1930 70.35 41.58 43.28
N LEU A 1931 69.66 40.44 43.27
CA LEU A 1931 70.33 39.18 43.55
C LEU A 1931 69.72 38.10 42.69
N PRO A 1932 70.45 37.01 42.43
CA PRO A 1932 69.86 35.88 41.73
C PRO A 1932 68.76 35.23 42.54
N GLU A 1933 68.03 34.32 41.89
CA GLU A 1933 66.78 33.82 42.43
C GLU A 1933 67.00 33.06 43.74
N SER A 1934 68.04 32.25 43.82
CA SER A 1934 68.31 31.53 45.06
C SER A 1934 68.61 32.48 46.21
N VAL A 1935 69.43 33.50 45.94
CA VAL A 1935 69.75 34.49 46.97
C VAL A 1935 68.48 35.18 47.42
N LYS A 1936 67.60 35.49 46.47
CA LYS A 1936 66.28 36.01 46.82
C LYS A 1936 65.55 35.05 47.75
N LEU A 1937 65.62 33.75 47.46
CA LEU A 1937 64.95 32.78 48.31
C LEU A 1937 65.42 32.89 49.75
N GLN A 1938 66.73 32.87 49.97
CA GLN A 1938 67.17 32.80 51.36
C GLN A 1938 67.04 34.15 52.07
N MET A 1939 67.18 35.28 51.37
CA MET A 1939 66.99 36.51 52.13
C MET A 1939 65.51 36.72 52.41
N CYS A 1940 64.65 36.16 51.56
CA CYS A 1940 63.23 36.11 51.89
C CYS A 1940 63.01 35.28 53.15
N ASN A 1941 63.76 34.18 53.29
CA ASN A 1941 63.67 33.43 54.55
C ASN A 1941 64.10 34.28 55.74
N LEU A 1942 65.15 35.10 55.56
CA LEU A 1942 65.54 36.00 56.64
C LEU A 1942 64.41 36.95 57.02
N LEU A 1943 63.78 37.56 56.01
CA LEU A 1943 62.64 38.43 56.30
C LEU A 1943 61.53 37.65 57.00
N GLU A 1944 61.33 36.40 56.60
CA GLU A 1944 60.29 35.59 57.23
C GLU A 1944 60.60 35.39 58.71
N TYR A 1945 61.85 35.12 59.04
CA TYR A 1945 62.23 34.99 60.44
C TYR A 1945 61.98 36.29 61.20
N PHE A 1946 62.35 37.42 60.59
CA PHE A 1946 62.14 38.69 61.25
C PHE A 1946 60.66 38.92 61.52
N CYS A 1947 59.81 38.60 60.56
CA CYS A 1947 58.38 38.79 60.73
C CYS A 1947 57.82 37.86 61.80
N ASP A 1948 58.31 36.62 61.85
CA ASP A 1948 57.88 35.71 62.90
C ASP A 1948 58.23 36.25 64.27
N GLN A 1949 59.45 36.77 64.42
CA GLN A 1949 59.83 37.35 65.71
C GLN A 1949 58.95 38.54 66.04
N GLU A 1950 58.62 39.35 65.02
CA GLU A 1950 57.77 40.51 65.25
C GLU A 1950 56.40 40.06 65.75
N LEU A 1951 55.83 39.04 65.11
CA LEU A 1951 54.53 38.54 65.53
C LEU A 1951 54.58 37.98 66.94
N GLN A 1952 55.67 37.29 67.27
CA GLN A 1952 55.85 36.82 68.65
C GLN A 1952 55.86 37.98 69.62
N HIS A 1953 56.52 39.07 69.24
CA HIS A 1953 56.53 40.27 70.08
C HIS A 1953 55.11 40.80 70.27
N ARG A 1954 54.32 40.81 69.20
CA ARG A 1954 52.92 41.22 69.34
C ARG A 1954 52.21 40.34 70.35
N VAL A 1955 52.39 39.02 70.24
CA VAL A 1955 51.70 38.09 71.10
C VAL A 1955 52.05 38.36 72.55
N GLU A 1956 53.34 38.52 72.85
CA GLU A 1956 53.73 38.78 74.23
C GLU A 1956 53.22 40.14 74.70
N SER A 1957 53.11 41.09 73.78
CA SER A 1957 52.56 42.40 74.14
C SER A 1957 51.11 42.27 74.59
N LEU A 1958 50.29 41.55 73.81
CA LEU A 1958 48.91 41.34 74.25
C LEU A 1958 48.88 40.56 75.54
N ALA A 1959 49.82 39.63 75.74
CA ALA A 1959 49.86 38.90 76.99
C ALA A 1959 50.10 39.83 78.18
N ALA A 1960 51.05 40.75 78.05
CA ALA A 1960 51.34 41.68 79.13
C ALA A 1960 50.15 42.61 79.39
N PHE A 1961 49.52 43.10 78.33
CA PHE A 1961 48.33 43.90 78.52
C PHE A 1961 47.26 43.09 79.23
N ALA A 1962 47.15 41.81 78.90
CA ALA A 1962 46.19 40.94 79.55
C ALA A 1962 46.48 40.82 81.03
N GLU A 1963 47.76 40.73 81.39
CA GLU A 1963 48.13 40.70 82.80
C GLU A 1963 47.66 41.96 83.51
N ARG A 1964 47.98 43.13 82.94
CA ARG A 1964 47.55 44.37 83.57
C ARG A 1964 46.04 44.44 83.68
N TYR A 1965 45.35 44.09 82.59
CA TYR A 1965 43.89 44.17 82.56
C TYR A 1965 43.27 43.23 83.58
N VAL A 1966 43.77 42.00 83.69
CA VAL A 1966 43.15 41.06 84.62
C VAL A 1966 43.39 41.50 86.04
N ASP A 1967 44.55 42.11 86.32
CA ASP A 1967 44.75 42.69 87.64
C ASP A 1967 43.71 43.77 87.91
N LYS A 1968 43.48 44.65 86.93
CA LYS A 1968 42.48 45.69 87.09
C LYS A 1968 41.09 45.09 87.31
N LEU A 1969 40.77 44.04 86.54
CA LEU A 1969 39.47 43.41 86.68
C LEU A 1969 39.28 42.79 88.05
N GLN A 1970 40.32 42.13 88.57
CA GLN A 1970 40.20 41.52 89.88
C GLN A 1970 39.97 42.59 90.94
N ALA A 1971 40.74 43.67 90.89
CA ALA A 1971 40.53 44.75 91.85
C ALA A 1971 39.13 45.32 91.73
N ASN A 1972 38.72 45.66 90.51
CA ASN A 1972 37.43 46.32 90.33
C ASN A 1972 36.28 45.40 90.68
N GLN A 1973 36.44 44.09 90.49
CA GLN A 1973 35.29 43.22 90.66
C GLN A 1973 35.20 42.77 92.12
N ARG A 1974 36.35 42.71 92.82
CA ARG A 1974 36.32 42.73 94.28
C ARG A 1974 35.55 43.92 94.80
N SER A 1975 35.86 45.11 94.28
CA SER A 1975 35.14 46.31 94.71
C SER A 1975 33.65 46.19 94.41
N ARG A 1976 33.32 45.67 93.22
CA ARG A 1976 31.93 45.47 92.84
C ARG A 1976 31.21 44.53 93.80
N TYR A 1977 31.85 43.42 94.15
CA TYR A 1977 31.22 42.47 95.06
C TYR A 1977 31.06 43.07 96.45
N ALA A 1978 32.06 43.83 96.89
CA ALA A 1978 31.96 44.50 98.18
C ALA A 1978 30.78 45.46 98.19
N LEU A 1979 30.60 46.20 97.10
CA LEU A 1979 29.41 47.02 96.96
C LEU A 1979 28.16 46.16 96.98
N LEU A 1980 28.22 44.98 96.37
CA LEU A 1980 27.06 44.10 96.32
C LEU A 1980 26.60 43.72 97.71
N MET A 1981 27.51 43.25 98.57
CA MET A 1981 27.14 42.98 99.96
C MET A 1981 26.71 44.26 100.66
N ARG A 1982 27.11 45.42 100.13
CA ARG A 1982 26.68 46.67 100.72
C ARG A 1982 25.35 47.12 100.13
N ALA A 1983 25.21 47.04 98.81
CA ALA A 1983 24.08 47.68 98.14
C ALA A 1983 22.89 46.74 98.00
N PHE A 1984 23.05 45.47 98.36
CA PHE A 1984 21.95 44.52 98.18
C PHE A 1984 20.77 44.85 99.10
N THR A 1985 21.02 45.63 100.15
CA THR A 1985 19.92 46.01 101.04
C THR A 1985 19.01 47.04 100.40
N MET A 1986 19.55 47.93 99.56
CA MET A 1986 18.72 48.98 98.98
C MET A 1986 17.84 48.45 97.86
N SER A 1987 18.46 47.96 96.78
CA SER A 1987 17.75 47.61 95.55
C SER A 1987 17.83 46.10 95.36
N ALA A 1988 16.74 45.51 94.88
CA ALA A 1988 16.72 44.06 94.68
C ALA A 1988 16.77 43.69 93.20
N ALA A 1989 16.04 44.43 92.36
CA ALA A 1989 15.98 44.08 90.95
C ALA A 1989 17.34 44.17 90.28
N GLU A 1990 18.09 45.25 90.55
CA GLU A 1990 19.45 45.32 90.05
C GLU A 1990 20.35 44.32 90.76
N THR A 1991 20.09 44.09 92.04
CA THR A 1991 20.85 43.08 92.77
C THR A 1991 20.60 41.69 92.19
N ALA A 1992 19.36 41.41 91.78
CA ALA A 1992 19.05 40.12 91.19
C ALA A 1992 19.85 39.87 89.92
N ARG A 1993 19.90 40.88 89.04
CA ARG A 1993 20.68 40.73 87.81
C ARG A 1993 22.16 40.66 88.09
N ARG A 1994 22.65 41.51 89.00
CA ARG A 1994 24.08 41.53 89.29
C ARG A 1994 24.54 40.23 89.91
N THR A 1995 23.73 39.65 90.79
CA THR A 1995 24.03 38.32 91.32
C THR A 1995 23.99 37.29 90.20
N ARG A 1996 22.99 37.38 89.32
CA ARG A 1996 22.94 36.47 88.18
C ARG A 1996 24.21 36.57 87.35
N GLU A 1997 24.75 37.78 87.20
CA GLU A 1997 26.06 37.94 86.58
C GLU A 1997 27.11 37.18 87.37
N PHE A 1998 27.05 37.27 88.70
CA PHE A 1998 27.97 36.48 89.51
C PHE A 1998 27.55 35.01 89.54
N ARG A 1999 26.25 34.74 89.34
CA ARG A 1999 25.80 33.36 89.22
C ARG A 1999 26.42 32.70 87.99
N SER A 2000 26.76 33.49 86.99
CA SER A 2000 27.35 32.97 85.77
C SER A 2000 28.70 32.32 86.07
N PRO A 2001 29.10 31.31 85.29
CA PRO A 2001 30.43 30.75 85.45
C PRO A 2001 31.48 31.81 85.16
N PRO A 2002 32.65 31.71 85.80
CA PRO A 2002 33.62 32.80 85.70
C PRO A 2002 34.04 33.11 84.27
N GLN A 2003 34.11 32.10 83.41
CA GLN A 2003 34.48 32.36 82.03
C GLN A 2003 33.42 33.20 81.33
N GLU A 2004 32.14 32.85 81.51
CA GLU A 2004 31.08 33.64 80.92
C GLU A 2004 31.03 35.03 81.54
N GLN A 2005 31.45 35.13 82.80
CA GLN A 2005 31.56 36.44 83.45
C GLN A 2005 32.60 37.30 82.74
N ILE A 2006 33.77 36.72 82.48
CA ILE A 2006 34.76 37.43 81.68
C ILE A 2006 34.18 37.80 80.33
N ASN A 2007 33.41 36.89 79.74
CA ASN A 2007 32.90 37.12 78.40
C ASN A 2007 31.98 38.34 78.36
N MET A 2008 30.97 38.39 79.22
CA MET A 2008 30.02 39.50 79.07
C MET A 2008 30.59 40.76 79.71
N LEU A 2009 31.65 40.63 80.51
CA LEU A 2009 32.44 41.82 80.83
C LEU A 2009 33.09 42.39 79.58
N LEU A 2010 33.67 41.51 78.75
CA LEU A 2010 34.36 41.99 77.55
C LEU A 2010 33.39 42.56 76.52
N HIS A 2011 32.09 42.55 76.81
CA HIS A 2011 31.09 42.97 75.84
C HIS A 2011 30.87 44.48 75.92
N PHE A 2012 31.97 45.21 75.68
CA PHE A 2012 31.95 46.66 75.56
C PHE A 2012 32.32 47.15 74.17
N LYS A 2013 32.72 46.25 73.28
CA LYS A 2013 33.21 46.67 71.96
C LYS A 2013 32.11 47.34 71.15
N ASP A 2014 30.90 46.78 71.16
CA ASP A 2014 29.86 47.25 70.26
C ASP A 2014 29.41 48.66 70.61
N GLU A 2015 29.51 49.04 71.89
CA GLU A 2015 29.04 50.28 72.50
C GLU A 2015 27.52 50.28 72.62
N ALA A 2016 26.82 49.31 72.04
CA ALA A 2016 25.38 49.21 72.24
C ALA A 2016 25.07 48.82 73.68
N ASP A 2017 25.80 47.87 74.24
CA ASP A 2017 25.61 47.44 75.61
C ASP A 2017 26.81 47.76 76.50
N GLU A 2018 27.70 48.65 76.04
CA GLU A 2018 28.86 49.01 76.86
C GLU A 2018 28.44 49.56 78.21
N GLU A 2019 27.35 50.34 78.25
CA GLU A 2019 26.82 50.82 79.51
C GLU A 2019 26.34 49.67 80.40
N ASP A 2020 25.91 48.56 79.78
CA ASP A 2020 25.45 47.42 80.54
C ASP A 2020 26.60 46.74 81.26
N CYS A 2021 27.81 46.83 80.70
CA CYS A 2021 28.96 46.24 81.35
C CYS A 2021 29.25 46.95 82.66
N PRO A 2022 29.43 46.22 83.77
CA PRO A 2022 29.69 46.89 85.05
C PRO A 2022 30.99 47.67 85.08
N LEU A 2023 31.92 47.36 84.19
CA LEU A 2023 33.21 48.04 84.22
C LEU A 2023 33.03 49.51 83.93
N PRO A 2024 33.78 50.39 84.59
CA PRO A 2024 33.61 51.83 84.38
C PRO A 2024 34.20 52.31 83.07
N GLU A 2025 33.74 53.50 82.67
CA GLU A 2025 34.12 54.05 81.37
C GLU A 2025 35.61 54.31 81.29
N ASP A 2026 36.24 54.60 82.43
CA ASP A 2026 37.69 54.85 82.40
C ASP A 2026 38.45 53.60 81.96
N ILE A 2027 38.18 52.46 82.58
CA ILE A 2027 38.91 51.24 82.22
C ILE A 2027 38.53 50.82 80.81
N ARG A 2028 37.26 50.99 80.44
CA ARG A 2028 36.89 50.74 79.05
C ARG A 2028 37.67 51.64 78.11
N GLN A 2029 37.97 52.87 78.54
CA GLN A 2029 38.70 53.79 77.69
C GLN A 2029 40.13 53.33 77.47
N ASP A 2030 40.82 52.94 78.55
CA ASP A 2030 42.21 52.52 78.34
C ASP A 2030 42.28 51.21 77.57
N LEU A 2031 41.29 50.32 77.75
CA LEU A 2031 41.33 49.09 76.96
C LEU A 2031 41.07 49.39 75.48
N GLN A 2032 40.20 50.37 75.20
CA GLN A 2032 40.01 50.79 73.82
C GLN A 2032 41.28 51.41 73.26
N ASP A 2033 42.00 52.16 74.10
CA ASP A 2033 43.30 52.69 73.67
C ASP A 2033 44.25 51.56 73.33
N PHE A 2034 44.26 50.50 74.14
CA PHE A 2034 45.07 49.34 73.82
C PHE A 2034 44.66 48.74 72.49
N HIS A 2035 43.35 48.64 72.25
CA HIS A 2035 42.89 48.05 70.99
C HIS A 2035 43.34 48.87 69.80
N GLN A 2036 43.24 50.19 69.91
CA GLN A 2036 43.72 51.06 68.83
C GLN A 2036 45.22 50.90 68.65
N ASP A 2037 45.96 50.80 69.74
CA ASP A 2037 47.40 50.57 69.65
C ASP A 2037 47.71 49.26 68.92
N LEU A 2038 46.96 48.21 69.25
CA LEU A 2038 47.18 46.92 68.60
C LEU A 2038 46.88 47.02 67.12
N LEU A 2039 45.78 47.69 66.76
CA LEU A 2039 45.45 47.86 65.36
C LEU A 2039 46.55 48.62 64.62
N ALA A 2040 47.05 49.70 65.24
CA ALA A 2040 48.10 50.48 64.60
C ALA A 2040 49.36 49.67 64.41
N HIS A 2041 49.76 48.89 65.42
CA HIS A 2041 50.92 48.03 65.26
C HIS A 2041 50.70 47.01 64.16
N CYS A 2042 49.49 46.48 64.06
CA CYS A 2042 49.17 45.58 62.96
C CYS A 2042 49.11 46.31 61.64
N GLY A 2043 49.04 47.64 61.68
CA GLY A 2043 48.83 48.40 60.48
C GLY A 2043 47.42 48.34 59.95
N ILE A 2044 46.51 47.70 60.66
CA ILE A 2044 45.12 47.61 60.23
C ILE A 2044 44.50 49.00 60.17
N GLN A 2045 44.79 49.83 61.18
CA GLN A 2045 44.22 51.16 61.23
C GLN A 2045 44.82 52.06 60.16
N LEU A 2046 44.09 53.09 59.77
CA LEU A 2046 44.57 54.04 58.78
C LEU A 2046 45.03 55.32 59.47
N GLU A 2088 56.73 60.07 52.50
CA GLU A 2088 57.97 59.39 52.19
C GLU A 2088 57.72 58.14 51.34
N LYS A 2089 58.40 58.05 50.20
CA LYS A 2089 58.23 56.89 49.33
C LYS A 2089 58.72 55.62 50.02
N LYS A 2090 59.83 55.70 50.73
CA LYS A 2090 60.35 54.54 51.42
C LYS A 2090 59.41 54.16 52.57
N PRO A 2091 58.98 52.90 52.65
CA PRO A 2091 57.79 52.58 53.46
C PRO A 2091 57.92 52.91 54.93
N GLN A 2092 59.13 52.85 55.48
CA GLN A 2092 59.43 52.98 56.91
C GLN A 2092 58.87 51.81 57.71
N SER A 2093 58.21 50.85 57.06
CA SER A 2093 57.61 49.72 57.74
C SER A 2093 58.08 48.44 57.07
N LEU A 2094 58.45 47.45 57.89
CA LEU A 2094 59.01 46.22 57.34
C LEU A 2094 58.00 45.50 56.46
N GLN A 2095 56.75 45.44 56.89
CA GLN A 2095 55.74 44.75 56.10
C GLN A 2095 55.55 45.42 54.74
N GLU A 2096 55.44 46.74 54.73
CA GLU A 2096 55.22 47.43 53.47
C GLU A 2096 56.43 47.33 52.56
N LEU A 2097 57.64 47.37 53.13
CA LEU A 2097 58.82 47.24 52.29
C LEU A 2097 58.95 45.84 51.72
N VAL A 2098 58.58 44.83 52.50
CA VAL A 2098 58.58 43.47 51.99
C VAL A 2098 57.57 43.33 50.87
N SER A 2099 56.37 43.90 51.06
CA SER A 2099 55.37 43.89 50.00
C SER A 2099 55.90 44.55 48.74
N HIS A 2100 56.55 45.71 48.91
CA HIS A 2100 57.09 46.41 47.76
CA HIS A 2100 57.08 46.41 47.75
C HIS A 2100 58.16 45.59 47.06
N MET A 2101 59.01 44.91 47.83
CA MET A 2101 60.05 44.09 47.25
C MET A 2101 59.47 42.91 46.46
N VAL A 2102 58.43 42.26 47.02
CA VAL A 2102 57.79 41.17 46.28
C VAL A 2102 57.19 41.69 44.98
N VAL A 2103 56.47 42.81 45.06
CA VAL A 2103 55.84 43.37 43.87
C VAL A 2103 56.89 43.78 42.85
N ARG A 2104 57.98 44.36 43.31
CA ARG A 2104 59.03 44.82 42.41
C ARG A 2104 59.71 43.65 41.73
N TRP A 2105 59.90 42.54 42.45
CA TRP A 2105 60.48 41.35 41.82
C TRP A 2105 59.56 40.78 40.76
N ALA A 2106 58.28 40.58 41.11
CA ALA A 2106 57.34 40.06 40.13
C ALA A 2106 57.22 41.02 38.95
N GLN A 2107 57.46 42.31 39.20
CA GLN A 2107 57.42 43.29 38.12
C GLN A 2107 58.64 43.16 37.22
N GLU A 2108 59.81 42.98 37.82
CA GLU A 2108 61.04 42.86 37.04
C GLU A 2108 61.00 41.63 36.15
N ASP A 2109 60.56 40.49 36.69
CA ASP A 2109 60.58 39.29 35.90
C ASP A 2109 59.66 38.25 36.50
N TYR A 2110 59.28 37.28 35.67
CA TYR A 2110 58.57 36.12 36.17
C TYR A 2110 59.53 35.18 36.87
N VAL A 2111 59.19 34.79 38.09
CA VAL A 2111 60.04 33.87 38.85
C VAL A 2111 59.94 32.48 38.25
N GLN A 2112 61.10 31.84 38.06
CA GLN A 2112 61.15 30.52 37.46
C GLN A 2112 61.31 29.39 38.48
N SER A 2113 61.43 29.72 39.77
CA SER A 2113 61.53 28.72 40.80
C SER A 2113 60.22 28.64 41.57
N PRO A 2114 59.44 27.57 41.42
CA PRO A 2114 58.15 27.51 42.11
C PRO A 2114 58.25 27.60 43.61
N GLU A 2115 59.30 27.05 44.22
CA GLU A 2115 59.46 27.20 45.66
C GLU A 2115 59.69 28.66 46.03
N LEU A 2116 60.47 29.37 45.22
CA LEU A 2116 60.65 30.80 45.44
C LEU A 2116 59.33 31.54 45.32
N VAL A 2117 58.52 31.19 44.31
CA VAL A 2117 57.23 31.83 44.14
C VAL A 2117 56.35 31.61 45.36
N ARG A 2118 56.30 30.35 45.81
CA ARG A 2118 55.55 30.02 47.02
C ARG A 2118 56.00 30.86 48.20
N ALA A 2119 57.32 30.97 48.38
CA ALA A 2119 57.86 31.71 49.51
C ALA A 2119 57.47 33.19 49.44
N MET A 2120 57.69 33.82 48.28
CA MET A 2120 57.43 35.25 48.19
C MET A 2120 55.96 35.55 48.37
N PHE A 2121 55.08 34.73 47.78
CA PHE A 2121 53.66 35.03 47.90
C PHE A 2121 53.16 34.75 49.31
N SER A 2122 53.70 33.72 49.97
CA SER A 2122 53.34 33.50 51.37
C SER A 2122 53.76 34.69 52.22
N LEU A 2123 54.99 35.18 52.01
CA LEU A 2123 55.45 36.32 52.78
C LEU A 2123 54.59 37.55 52.50
N LEU A 2124 54.23 37.76 51.24
CA LEU A 2124 53.41 38.91 50.87
C LEU A 2124 52.06 38.84 51.55
N HIS A 2125 51.36 37.73 51.41
CA HIS A 2125 50.08 37.55 52.07
C HIS A 2125 50.20 37.79 53.57
N ARG A 2126 51.25 37.25 54.17
CA ARG A 2126 51.41 37.38 55.61
C ARG A 2126 51.60 38.82 56.02
N GLN A 2127 52.48 39.55 55.33
CA GLN A 2127 52.63 40.98 55.63
C GLN A 2127 51.33 41.74 55.41
N TYR A 2128 50.47 41.24 54.52
CA TYR A 2128 49.21 41.94 54.31
C TYR A 2128 48.20 41.63 55.40
N ASP A 2129 48.31 40.48 56.06
CA ASP A 2129 47.32 40.08 57.07
C ASP A 2129 48.01 39.77 58.38
N GLY A 2130 48.37 40.82 59.13
CA GLY A 2130 48.91 40.62 60.45
C GLY A 2130 47.83 40.28 61.46
N LEU A 2131 46.68 40.91 61.32
CA LEU A 2131 45.53 40.51 62.12
C LEU A 2131 45.22 39.05 61.89
N GLY A 2132 45.36 38.58 60.65
CA GLY A 2132 45.15 37.18 60.37
C GLY A 2132 46.19 36.28 61.02
N GLU A 2133 47.46 36.68 60.98
CA GLU A 2133 48.46 35.90 61.72
C GLU A 2133 48.08 35.82 63.19
N LEU A 2134 47.59 36.91 63.75
CA LEU A 2134 47.23 36.89 65.17
C LEU A 2134 46.03 36.00 65.42
N LEU A 2135 45.05 36.00 64.51
CA LEU A 2135 43.96 35.04 64.61
C LEU A 2135 44.50 33.61 64.62
N ARG A 2136 45.42 33.31 63.73
CA ARG A 2136 45.88 31.92 63.60
C ARG A 2136 46.74 31.51 64.80
N ALA A 2137 47.43 32.48 65.41
CA ALA A 2137 48.37 32.13 66.46
C ALA A 2137 47.72 32.16 67.83
N LEU A 2138 46.65 32.94 67.99
CA LEU A 2138 46.03 33.10 69.30
C LEU A 2138 45.64 31.77 69.94
N PRO A 2139 45.00 30.82 69.23
CA PRO A 2139 44.77 29.51 69.87
C PRO A 2139 46.05 28.84 70.29
N ARG A 2140 47.13 29.03 69.54
CA ARG A 2140 48.40 28.43 69.90
C ARG A 2140 49.01 29.12 71.10
N ALA A 2141 48.59 30.35 71.38
CA ALA A 2141 49.14 31.09 72.51
C ALA A 2141 48.65 30.52 73.83
N TYR A 2142 49.45 30.71 74.88
CA TYR A 2142 49.09 30.26 76.22
C TYR A 2142 49.93 31.01 77.24
N THR A 2143 49.42 31.10 78.46
CA THR A 2143 50.09 31.79 79.56
C THR A 2143 50.35 30.81 80.69
N ILE A 2144 51.53 30.90 81.30
CA ILE A 2144 51.95 30.00 82.36
C ILE A 2144 52.36 30.82 83.57
N SER A 2145 51.98 30.34 84.76
CA SER A 2145 52.38 31.03 85.98
C SER A 2145 53.89 30.97 86.14
N PRO A 2146 54.51 32.00 86.72
CA PRO A 2146 55.98 32.00 86.83
C PRO A 2146 56.53 30.88 87.69
N SER A 2147 55.76 30.38 88.64
CA SER A 2147 56.28 29.40 89.59
C SER A 2147 56.68 28.11 88.89
N SER A 2148 55.83 27.60 87.99
CA SER A 2148 56.09 26.31 87.38
C SER A 2148 56.86 26.47 86.07
N VAL A 2149 57.58 27.57 85.91
CA VAL A 2149 58.27 27.83 84.65
C VAL A 2149 59.33 26.77 84.38
N GLU A 2150 60.10 26.40 85.40
CA GLU A 2150 61.17 25.43 85.18
C GLU A 2150 60.62 24.05 84.81
N ASP A 2151 59.54 23.62 85.47
CA ASP A 2151 58.96 22.33 85.13
C ASP A 2151 58.35 22.37 83.74
N THR A 2152 57.72 23.49 83.38
CA THR A 2152 57.22 23.64 82.03
C THR A 2152 58.35 23.56 81.01
N MET A 2153 59.49 24.18 81.34
CA MET A 2153 60.64 24.12 80.45
C MET A 2153 61.11 22.69 80.28
N SER A 2154 61.17 21.94 81.38
CA SER A 2154 61.51 20.53 81.29
C SER A 2154 60.55 19.80 80.35
N LEU A 2155 59.25 20.07 80.49
CA LEU A 2155 58.28 19.42 79.63
C LEU A 2155 58.50 19.77 78.17
N LEU A 2156 58.76 21.05 77.88
CA LEU A 2156 59.04 21.44 76.50
C LEU A 2156 60.27 20.71 75.97
N GLU A 2157 61.28 20.52 76.82
CA GLU A 2157 62.44 19.72 76.40
C GLU A 2157 62.02 18.30 76.05
N CYS A 2158 61.17 17.70 76.88
CA CYS A 2158 60.69 16.36 76.57
C CYS A 2158 59.97 16.32 75.23
N LEU A 2159 59.06 17.27 75.00
CA LEU A 2159 58.34 17.29 73.73
C LEU A 2159 59.27 17.51 72.56
N GLY A 2160 60.34 18.28 72.77
CA GLY A 2160 61.35 18.41 71.74
C GLY A 2160 61.99 17.07 71.41
N GLN A 2161 62.29 16.28 72.44
CA GLN A 2161 62.81 14.94 72.19
C GLN A 2161 61.79 14.09 71.43
N ILE A 2162 60.52 14.19 71.79
CA ILE A 2162 59.50 13.42 71.09
C ILE A 2162 59.45 13.78 69.61
N ARG A 2163 59.37 15.08 69.31
CA ARG A 2163 59.35 15.51 67.91
C ARG A 2163 60.62 15.11 67.20
N SER A 2164 61.74 15.04 67.94
CA SER A 2164 63.01 14.66 67.34
C SER A 2164 62.94 13.26 66.77
N LEU A 2165 62.29 12.33 67.47
CA LEU A 2165 62.32 10.94 67.06
C LEU A 2165 61.36 10.67 65.90
N LEU A 2166 60.47 11.62 65.61
CA LEU A 2166 59.51 11.39 64.55
C LEU A 2166 60.19 11.25 63.19
N ILE A 2167 61.21 12.06 62.92
CA ILE A 2167 61.87 12.03 61.62
C ILE A 2167 62.66 10.73 61.46
N VAL A 2168 63.28 10.25 62.53
CA VAL A 2168 64.13 9.07 62.44
C VAL A 2168 63.28 7.82 62.27
N GLN A 2169 63.85 6.82 61.60
CA GLN A 2169 63.25 5.50 61.59
C GLN A 2169 63.57 4.80 62.90
N MET A 2170 62.62 3.98 63.36
CA MET A 2170 62.65 3.48 64.73
C MET A 2170 63.81 2.51 64.92
N GLY A 2171 64.58 2.73 65.99
CA GLY A 2171 65.65 1.83 66.39
C GLY A 2171 65.69 1.66 67.89
N PRO A 2172 66.33 0.59 68.37
CA PRO A 2172 66.22 0.24 69.81
C PRO A 2172 66.66 1.34 70.76
N GLN A 2173 67.72 2.08 70.43
CA GLN A 2173 68.11 3.21 71.25
C GLN A 2173 66.99 4.24 71.30
N GLU A 2174 66.37 4.51 70.15
CA GLU A 2174 65.25 5.44 70.10
C GLU A 2174 64.08 4.90 70.92
N GLU A 2175 63.92 3.58 70.93
CA GLU A 2175 62.91 2.94 71.72
C GLU A 2175 63.08 3.26 73.19
N ASN A 2176 64.26 2.98 73.72
CA ASN A 2176 64.51 3.34 75.11
C ASN A 2176 64.28 4.83 75.32
N LEU A 2177 64.71 5.63 74.34
CA LEU A 2177 64.63 7.08 74.44
C LEU A 2177 63.21 7.55 74.68
N MET A 2178 62.29 7.19 73.78
CA MET A 2178 60.96 7.78 73.92
C MET A 2178 60.17 7.07 75.02
N ILE A 2179 60.51 5.84 75.35
CA ILE A 2179 59.88 5.23 76.53
C ILE A 2179 60.19 6.07 77.77
N GLN A 2180 61.47 6.37 78.00
CA GLN A 2180 61.79 7.12 79.21
C GLN A 2180 61.30 8.56 79.10
N SER A 2181 61.27 9.12 77.88
CA SER A 2181 60.75 10.46 77.70
C SER A 2181 59.26 10.53 78.02
N ILE A 2182 58.49 9.56 77.55
CA ILE A 2182 57.08 9.48 77.90
C ILE A 2182 56.93 9.34 79.41
N GLY A 2183 57.77 8.51 80.02
CA GLY A 2183 57.74 8.39 81.47
C GLY A 2183 57.94 9.73 82.16
N ASN A 2184 58.90 10.52 81.66
CA ASN A 2184 59.10 11.87 82.18
C ASN A 2184 57.83 12.71 82.00
N ILE A 2185 57.18 12.58 80.85
CA ILE A 2185 55.97 13.37 80.60
C ILE A 2185 54.90 13.04 81.64
N MET A 2186 54.68 11.76 81.91
CA MET A 2186 53.76 11.40 83.00
C MET A 2186 54.24 11.96 84.34
N ASN A 2187 55.55 11.91 84.60
CA ASN A 2187 56.03 12.36 85.90
C ASN A 2187 55.83 13.86 86.10
N ASN A 2188 55.63 14.61 85.02
CA ASN A 2188 55.56 16.06 85.13
C ASN A 2188 54.24 16.48 85.76
N LYS A 2189 54.32 17.36 86.76
CA LYS A 2189 53.11 17.87 87.40
C LYS A 2189 52.40 18.88 86.51
N VAL A 2190 53.17 19.71 85.81
CA VAL A 2190 52.58 20.61 84.82
C VAL A 2190 51.79 19.81 83.81
N PHE A 2191 52.25 18.59 83.50
CA PHE A 2191 51.49 17.74 82.59
C PHE A 2191 50.12 17.43 83.18
N TYR A 2192 50.01 17.36 84.51
CA TYR A 2192 48.69 17.24 85.10
C TYR A 2192 47.94 18.56 85.09
N GLN A 2193 48.64 19.69 85.11
CA GLN A 2193 47.98 20.90 85.58
C GLN A 2193 47.20 21.63 84.48
N HIS A 2194 47.77 21.78 83.28
CA HIS A 2194 47.12 22.58 82.23
C HIS A 2194 46.64 21.73 81.05
N PRO A 2195 45.54 21.00 81.17
CA PRO A 2195 45.12 20.13 80.05
C PRO A 2195 44.94 20.88 78.75
N ASN A 2196 44.37 22.09 78.80
CA ASN A 2196 44.22 22.87 77.59
C ASN A 2196 45.58 23.21 77.00
N LEU A 2197 46.57 23.45 77.85
CA LEU A 2197 47.89 23.78 77.34
C LEU A 2197 48.49 22.61 76.59
N MET A 2198 48.41 21.40 77.15
CA MET A 2198 48.89 20.27 76.34
C MET A 2198 48.10 20.18 75.04
N ARG A 2199 46.77 20.30 75.12
CA ARG A 2199 45.94 20.19 73.92
C ARG A 2199 46.45 21.13 72.85
N ALA A 2200 46.81 22.35 73.24
CA ALA A 2200 47.42 23.30 72.30
C ALA A 2200 48.75 22.78 71.79
N LEU A 2201 49.58 22.22 72.68
CA LEU A 2201 50.93 21.82 72.28
C LEU A 2201 50.90 20.59 71.38
N GLY A 2202 49.93 19.69 71.60
CA GLY A 2202 49.71 18.59 70.67
C GLY A 2202 50.63 17.40 70.81
N MET A 2203 51.18 17.15 72.00
CA MET A 2203 52.02 15.97 72.17
C MET A 2203 51.22 14.71 71.90
N HIS A 2204 49.94 14.71 72.23
CA HIS A 2204 49.11 13.55 71.93
C HIS A 2204 49.01 13.31 70.43
N GLU A 2205 48.89 14.38 69.65
CA GLU A 2205 48.89 14.22 68.20
C GLU A 2205 50.20 13.64 67.72
N THR A 2206 51.33 14.17 68.21
CA THR A 2206 52.62 13.62 67.81
C THR A 2206 52.75 12.17 68.24
N VAL A 2207 52.16 11.81 69.38
CA VAL A 2207 52.28 10.45 69.90
C VAL A 2207 51.50 9.49 69.04
N MET A 2208 50.28 9.85 68.65
CA MET A 2208 49.55 8.96 67.75
C MET A 2208 50.24 8.89 66.39
N GLU A 2209 50.89 9.99 65.98
CA GLU A 2209 51.66 9.94 64.74
C GLU A 2209 52.77 8.91 64.81
N VAL A 2210 53.59 8.96 65.87
CA VAL A 2210 54.69 8.00 65.96
C VAL A 2210 54.12 6.59 66.13
N MET A 2211 53.01 6.46 66.84
CA MET A 2211 52.32 5.18 66.94
C MET A 2211 52.03 4.61 65.57
N VAL A 2212 51.43 5.40 64.68
CA VAL A 2212 51.02 4.84 63.39
C VAL A 2212 52.22 4.66 62.48
N ASN A 2213 53.27 5.48 62.67
CA ASN A 2213 54.51 5.23 61.94
C ASN A 2213 55.08 3.87 62.30
N VAL A 2214 55.08 3.53 63.60
CA VAL A 2214 55.53 2.21 64.02
C VAL A 2214 54.61 1.13 63.47
N LEU A 2215 53.29 1.38 63.53
CA LEU A 2215 52.33 0.34 63.15
C LEU A 2215 52.36 0.05 61.65
N GLY A 2216 52.66 1.06 60.83
CA GLY A 2216 52.44 0.92 59.40
C GLY A 2216 53.29 -0.17 58.77
N GLY A 2217 54.46 -0.44 59.33
CA GLY A 2217 55.39 -1.39 58.75
C GLY A 2217 55.18 -2.79 59.28
N GLY A 2218 54.43 -3.58 58.51
CA GLY A 2218 54.33 -5.02 58.79
C GLY A 2218 53.88 -5.36 60.19
N GLU A 2219 52.85 -4.66 60.70
CA GLU A 2219 52.38 -4.94 62.04
C GLU A 2219 51.80 -6.35 62.16
N THR A 2220 51.08 -6.79 61.12
CA THR A 2220 50.44 -8.10 61.18
C THR A 2220 51.48 -9.23 61.22
N LYS A 2221 52.46 -9.20 60.32
CA LYS A 2221 53.47 -10.25 60.31
C LYS A 2221 54.28 -10.24 61.60
N GLU A 2222 54.60 -9.05 62.10
CA GLU A 2222 55.40 -8.93 63.32
C GLU A 2222 55.02 -7.63 64.01
N ILE A 2223 54.55 -7.76 65.24
CA ILE A 2223 54.23 -6.61 66.07
C ILE A 2223 55.56 -6.08 66.58
N ARG A 2224 56.20 -5.24 65.78
CA ARG A 2224 57.49 -4.70 66.18
C ARG A 2224 57.31 -3.82 67.41
N PHE A 2225 58.13 -4.09 68.42
CA PHE A 2225 58.18 -3.31 69.63
C PHE A 2225 56.83 -3.21 70.37
N PRO A 2226 56.39 -4.28 71.00
CA PRO A 2226 55.26 -4.15 71.92
C PRO A 2226 55.55 -3.16 73.02
N LYS A 2227 56.82 -2.93 73.32
CA LYS A 2227 57.16 -1.84 74.24
C LYS A 2227 56.72 -0.50 73.67
N MET A 2228 57.01 -0.24 72.38
CA MET A 2228 56.43 0.96 71.76
C MET A 2228 54.92 1.00 71.90
N VAL A 2229 54.25 -0.08 71.52
CA VAL A 2229 52.80 0.05 71.44
C VAL A 2229 52.20 0.22 72.83
N THR A 2230 52.74 -0.51 73.82
CA THR A 2230 52.25 -0.40 75.19
C THR A 2230 52.53 0.99 75.77
N SER A 2231 53.72 1.53 75.54
CA SER A 2231 54.02 2.87 76.03
C SER A 2231 53.12 3.90 75.38
N CYS A 2232 52.89 3.76 74.07
CA CYS A 2232 52.02 4.69 73.37
C CYS A 2232 50.62 4.65 73.94
N CYS A 2233 50.10 3.45 74.24
CA CYS A 2233 48.87 3.43 75.02
C CYS A 2233 49.06 4.19 76.31
N ARG A 2234 49.92 3.69 77.21
CA ARG A 2234 50.01 4.27 78.55
C ARG A 2234 49.89 5.78 78.50
N PHE A 2235 50.60 6.41 77.57
CA PHE A 2235 50.45 7.85 77.40
C PHE A 2235 49.02 8.23 76.97
N LEU A 2236 48.57 7.70 75.82
CA LEU A 2236 47.28 8.13 75.29
C LEU A 2236 46.13 7.72 76.20
N CYS A 2237 46.22 6.51 76.76
CA CYS A 2237 45.28 5.99 77.73
C CYS A 2237 45.21 6.89 78.97
N TYR A 2238 46.36 7.33 79.47
CA TYR A 2238 46.36 8.30 80.53
C TYR A 2238 45.67 9.58 80.10
N PHE A 2239 45.91 10.00 78.86
CA PHE A 2239 45.26 11.21 78.34
C PHE A 2239 43.74 11.04 78.36
N CYS A 2240 43.26 9.85 78.01
CA CYS A 2240 41.85 9.54 78.19
C CYS A 2240 41.42 9.79 79.63
N ARG A 2241 42.21 9.27 80.57
CA ARG A 2241 41.87 9.45 81.98
C ARG A 2241 41.96 10.91 82.40
N ILE A 2242 42.63 11.74 81.60
CA ILE A 2242 42.89 13.11 82.01
C ILE A 2242 41.63 13.97 81.88
N SER A 2243 41.12 14.13 80.65
CA SER A 2243 40.10 15.14 80.42
C SER A 2243 39.06 14.65 79.42
N ARG A 2244 37.85 15.19 79.58
CA ARG A 2244 36.76 14.89 78.67
C ARG A 2244 36.92 15.64 77.35
N GLN A 2245 37.44 16.87 77.41
CA GLN A 2245 37.79 17.57 76.19
C GLN A 2245 38.89 16.82 75.44
N ASN A 2246 39.89 16.31 76.17
CA ASN A 2246 40.89 15.45 75.56
C ASN A 2246 40.24 14.21 74.97
N GLN A 2247 39.24 13.67 75.67
CA GLN A 2247 38.52 12.52 75.17
C GLN A 2247 37.91 12.81 73.80
N ARG A 2248 37.26 13.96 73.67
CA ARG A 2248 36.75 14.37 72.36
C ARG A 2248 37.88 14.52 71.35
N SER A 2249 38.99 15.14 71.78
CA SER A 2249 40.09 15.40 70.86
C SER A 2249 40.56 14.11 70.20
N MET A 2250 40.80 13.06 70.98
CA MET A 2250 41.24 11.81 70.36
C MET A 2250 40.05 11.08 69.73
N PHE A 2251 38.84 11.33 70.23
CA PHE A 2251 37.64 10.76 69.63
C PHE A 2251 37.54 11.13 68.16
N ASP A 2252 38.06 12.30 67.79
CA ASP A 2252 38.07 12.68 66.39
C ASP A 2252 38.80 11.67 65.53
N HIS A 2253 39.85 11.04 66.06
CA HIS A 2253 40.62 10.08 65.29
C HIS A 2253 40.18 8.63 65.52
N LEU A 2254 39.08 8.43 66.25
CA LEU A 2254 38.79 7.10 66.77
C LEU A 2254 38.59 6.08 65.66
N SER A 2255 38.03 6.51 64.52
CA SER A 2255 37.80 5.56 63.43
C SER A 2255 39.10 4.97 62.91
N TYR A 2256 40.05 5.84 62.55
CA TYR A 2256 41.31 5.34 62.03
C TYR A 2256 42.12 4.65 63.12
N LEU A 2257 41.95 5.08 64.37
CA LEU A 2257 42.58 4.35 65.47
C LEU A 2257 42.06 2.93 65.55
N LEU A 2258 40.74 2.75 65.44
CA LEU A 2258 40.16 1.42 65.46
C LEU A 2258 40.62 0.60 64.28
N GLU A 2259 40.74 1.23 63.11
CA GLU A 2259 41.22 0.51 61.94
C GLU A 2259 42.58 -0.11 62.19
N ASN A 2260 43.49 0.67 62.78
CA ASN A 2260 44.78 0.12 63.19
C ASN A 2260 44.62 -0.86 64.34
N SER A 2261 43.64 -0.59 65.22
CA SER A 2261 43.48 -1.42 66.41
C SER A 2261 42.91 -2.79 66.06
N GLY A 2262 42.50 -2.98 64.80
CA GLY A 2262 41.95 -4.26 64.40
C GLY A 2262 42.92 -5.41 64.62
N ILE A 2263 44.22 -5.14 64.52
CA ILE A 2263 45.22 -6.15 64.83
C ILE A 2263 45.94 -5.82 66.13
N GLY A 2264 45.80 -4.57 66.59
CA GLY A 2264 46.56 -4.12 67.74
C GLY A 2264 46.14 -4.80 69.04
N LEU A 2265 44.89 -5.27 69.11
CA LEU A 2265 44.40 -5.85 70.36
C LEU A 2265 45.16 -7.13 70.70
N GLY A 2266 45.65 -7.84 69.69
CA GLY A 2266 46.40 -9.05 69.96
C GLY A 2266 47.65 -8.80 70.78
N MET A 2267 48.09 -7.54 70.81
CA MET A 2267 49.25 -7.18 71.61
C MET A 2267 48.88 -7.26 73.09
N GLN A 2268 49.90 -7.40 73.93
CA GLN A 2268 49.69 -7.76 75.33
CA GLN A 2268 49.68 -7.76 75.32
C GLN A 2268 48.91 -6.69 76.08
N GLY A 2269 48.03 -7.13 76.97
CA GLY A 2269 47.35 -6.23 77.88
C GLY A 2269 46.75 -5.02 77.19
N SER A 2270 47.32 -3.86 77.47
CA SER A 2270 46.79 -2.61 76.93
C SER A 2270 47.15 -2.47 75.45
N THR A 2271 46.15 -2.11 74.65
CA THR A 2271 46.24 -2.08 73.20
C THR A 2271 45.60 -0.82 72.65
N PRO A 2272 45.83 -0.53 71.36
CA PRO A 2272 45.07 0.55 70.71
C PRO A 2272 43.57 0.37 70.82
N LEU A 2273 43.08 -0.87 70.75
CA LEU A 2273 41.68 -1.11 71.05
C LEU A 2273 41.35 -0.61 72.45
N ASP A 2274 42.27 -0.81 73.40
CA ASP A 2274 42.01 -0.39 74.77
C ASP A 2274 41.97 1.13 74.88
N VAL A 2275 42.85 1.83 74.16
CA VAL A 2275 42.81 3.29 74.22
C VAL A 2275 41.54 3.80 73.56
N ALA A 2276 41.10 3.15 72.48
CA ALA A 2276 39.83 3.54 71.86
C ALA A 2276 38.68 3.32 72.82
N ALA A 2277 38.70 2.21 73.56
CA ALA A 2277 37.67 1.97 74.56
C ALA A 2277 37.70 3.03 75.65
N ALA A 2278 38.91 3.41 76.08
CA ALA A 2278 39.02 4.44 77.11
C ALA A 2278 38.52 5.78 76.59
N SER A 2279 38.56 5.99 75.28
CA SER A 2279 38.07 7.24 74.74
C SER A 2279 36.55 7.36 74.87
N VAL A 2280 35.82 6.32 74.49
CA VAL A 2280 34.36 6.42 74.41
C VAL A 2280 33.74 6.58 75.79
N ILE A 2281 34.32 5.93 76.80
CA ILE A 2281 33.66 5.82 78.09
C ILE A 2281 33.68 7.19 78.78
N ASP A 2282 32.67 7.44 79.61
CA ASP A 2282 32.47 8.64 80.43
C ASP A 2282 31.87 9.82 79.68
N ASN A 2283 31.37 9.65 78.45
CA ASN A 2283 30.63 10.71 77.78
C ASN A 2283 29.48 10.14 76.99
N ASN A 2284 28.26 10.52 77.39
CA ASN A 2284 27.07 10.15 76.62
C ASN A 2284 27.12 10.75 75.23
N GLU A 2285 27.64 11.97 75.11
CA GLU A 2285 27.77 12.58 73.79
C GLU A 2285 28.72 11.80 72.90
N LEU A 2286 29.84 11.34 73.46
CA LEU A 2286 30.73 10.48 72.69
C LEU A 2286 30.03 9.18 72.31
N ALA A 2287 29.25 8.61 73.23
CA ALA A 2287 28.52 7.39 72.90
C ALA A 2287 27.54 7.62 71.76
N LEU A 2288 26.86 8.75 71.77
CA LEU A 2288 25.96 9.08 70.67
C LEU A 2288 26.72 9.28 69.37
N ALA A 2289 27.91 9.88 69.46
CA ALA A 2289 28.70 10.15 68.26
C ALA A 2289 29.31 8.86 67.72
N LEU A 2290 29.20 7.76 68.45
CA LEU A 2290 29.71 6.48 67.97
C LEU A 2290 29.07 6.14 66.63
N GLN A 2291 29.87 5.56 65.75
CA GLN A 2291 29.49 5.42 64.34
C GLN A 2291 29.14 3.98 64.02
N GLU A 2292 28.04 3.81 63.28
CA GLU A 2292 27.57 2.48 62.93
C GLU A 2292 28.58 1.76 62.04
N GLN A 2293 29.25 2.48 61.16
CA GLN A 2293 30.29 1.85 60.33
C GLN A 2293 31.49 1.43 61.18
N ASP A 2294 31.80 2.20 62.21
CA ASP A 2294 32.84 1.78 63.14
C ASP A 2294 32.41 0.49 63.83
N LEU A 2295 31.15 0.42 64.25
CA LEU A 2295 30.61 -0.81 64.78
C LEU A 2295 30.67 -1.93 63.75
N GLU A 2296 30.48 -1.59 62.47
CA GLU A 2296 30.60 -2.56 61.41
C GLU A 2296 31.98 -3.19 61.41
N LYS A 2297 33.00 -2.35 61.44
CA LYS A 2297 34.38 -2.86 61.43
C LYS A 2297 34.65 -3.68 62.68
N VAL A 2298 34.14 -3.23 63.83
CA VAL A 2298 34.41 -3.95 65.07
C VAL A 2298 33.74 -5.32 65.06
N VAL A 2299 32.48 -5.38 64.61
CA VAL A 2299 31.76 -6.64 64.61
C VAL A 2299 32.34 -7.58 63.54
N SER A 2300 32.78 -7.02 62.42
CA SER A 2300 33.49 -7.82 61.44
C SER A 2300 34.74 -8.43 62.07
N TYR A 2301 35.45 -7.63 62.85
CA TYR A 2301 36.62 -8.13 63.56
C TYR A 2301 36.23 -9.26 64.50
N LEU A 2302 35.12 -9.07 65.23
CA LEU A 2302 34.65 -10.08 66.17
C LEU A 2302 34.32 -11.38 65.47
N ALA A 2303 33.64 -11.29 64.33
CA ALA A 2303 33.35 -12.48 63.54
C ALA A 2303 34.63 -13.15 63.06
N GLY A 2304 35.60 -12.35 62.63
CA GLY A 2304 36.87 -12.91 62.19
C GLY A 2304 37.56 -13.70 63.28
N CYS A 2305 37.56 -13.18 64.51
CA CYS A 2305 38.08 -13.97 65.63
C CYS A 2305 37.33 -15.29 65.74
N GLY A 2306 36.01 -15.27 65.51
CA GLY A 2306 35.26 -16.50 65.56
C GLY A 2306 35.56 -17.42 64.40
N LEU A 2307 36.17 -16.89 63.34
CA LEU A 2307 36.44 -17.71 62.16
C LEU A 2307 37.58 -18.68 62.43
N GLN A 2308 38.64 -18.24 63.11
CA GLN A 2308 39.73 -19.13 63.45
C GLN A 2308 40.43 -18.61 64.70
N SER A 2309 41.25 -19.46 65.29
CA SER A 2309 42.07 -19.03 66.41
C SER A 2309 43.24 -18.19 65.92
N CYS A 2310 43.90 -17.54 66.87
CA CYS A 2310 45.08 -16.75 66.54
C CYS A 2310 46.23 -17.66 66.14
N PRO A 2311 47.08 -17.25 65.19
CA PRO A 2311 48.19 -18.11 64.78
C PRO A 2311 49.29 -18.24 65.82
N MET A 2312 49.52 -17.20 66.64
CA MET A 2312 50.61 -17.28 67.61
C MET A 2312 50.33 -18.33 68.68
N LEU A 2313 49.06 -18.69 68.87
CA LEU A 2313 48.74 -19.83 69.73
C LEU A 2313 49.45 -21.08 69.24
N LEU A 2314 49.28 -21.42 67.96
CA LEU A 2314 50.05 -22.51 67.38
C LEU A 2314 51.54 -22.23 67.45
N ALA A 2315 51.93 -20.97 67.23
CA ALA A 2315 53.33 -20.60 67.41
C ALA A 2315 53.76 -20.78 68.86
N LYS A 2316 52.82 -20.66 69.80
CA LYS A 2316 53.15 -20.94 71.20
C LYS A 2316 53.23 -22.43 71.47
N GLY A 2317 52.79 -23.24 70.52
CA GLY A 2317 52.49 -24.63 70.81
C GLY A 2317 51.14 -24.82 71.47
N TYR A 2318 50.41 -23.73 71.68
CA TYR A 2318 49.05 -23.80 72.17
C TYR A 2318 48.17 -24.50 71.14
N PRO A 2319 47.46 -25.56 71.51
CA PRO A 2319 46.68 -26.32 70.53
C PRO A 2319 45.60 -25.46 69.88
N ASP A 2320 45.30 -25.79 68.61
CA ASP A 2320 44.40 -24.98 67.80
C ASP A 2320 42.96 -25.15 68.25
N ILE A 2321 42.18 -24.08 68.05
CA ILE A 2321 40.74 -24.07 68.27
C ILE A 2321 40.09 -23.35 67.10
N GLY A 2322 38.81 -23.67 66.86
CA GLY A 2322 38.17 -23.22 65.63
C GLY A 2322 37.98 -21.71 65.55
N TRP A 2323 38.24 -21.01 66.65
CA TRP A 2323 37.98 -19.58 66.70
C TRP A 2323 38.93 -18.91 67.69
N ASN A 2324 39.04 -17.58 67.56
CA ASN A 2324 39.86 -16.79 68.47
C ASN A 2324 38.97 -16.25 69.58
N PRO A 2325 39.13 -16.70 70.81
CA PRO A 2325 38.30 -16.16 71.90
C PRO A 2325 38.82 -14.85 72.45
N CYS A 2326 40.15 -14.70 72.55
CA CYS A 2326 40.69 -13.57 73.29
C CYS A 2326 40.46 -12.25 72.56
N GLY A 2327 40.78 -12.20 71.27
CA GLY A 2327 40.55 -10.99 70.52
C GLY A 2327 39.08 -10.61 70.46
N GLY A 2328 38.22 -11.60 70.29
CA GLY A 2328 36.79 -11.35 70.35
C GLY A 2328 36.38 -10.79 71.70
N GLU A 2329 37.00 -11.29 72.78
CA GLU A 2329 36.71 -10.77 74.10
C GLU A 2329 37.13 -9.31 74.22
N ARG A 2330 38.29 -8.95 73.68
CA ARG A 2330 38.70 -7.56 73.74
C ARG A 2330 37.76 -6.67 72.94
N TYR A 2331 37.36 -7.10 71.75
CA TYR A 2331 36.37 -6.34 70.99
C TYR A 2331 35.07 -6.21 71.79
N LEU A 2332 34.67 -7.28 72.46
CA LEU A 2332 33.42 -7.27 73.20
C LEU A 2332 33.49 -6.28 74.36
N ASP A 2333 34.59 -6.28 75.10
CA ASP A 2333 34.70 -5.36 76.23
C ASP A 2333 34.80 -3.92 75.74
N PHE A 2334 35.43 -3.71 74.58
CA PHE A 2334 35.36 -2.40 73.95
C PHE A 2334 33.91 -1.99 73.71
N LEU A 2335 33.14 -2.90 73.13
CA LEU A 2335 31.73 -2.59 72.85
C LEU A 2335 30.96 -2.35 74.14
N ARG A 2336 31.36 -2.99 75.23
CA ARG A 2336 30.61 -2.85 76.47
C ARG A 2336 30.95 -1.53 77.17
N PHE A 2337 32.23 -1.13 77.12
CA PHE A 2337 32.57 0.24 77.50
C PHE A 2337 31.81 1.23 76.63
N ALA A 2338 31.56 0.88 75.37
CA ALA A 2338 30.80 1.76 74.50
C ALA A 2338 29.35 1.87 74.95
N VAL A 2339 28.69 0.74 75.21
CA VAL A 2339 27.26 0.75 75.47
C VAL A 2339 26.94 1.43 76.79
N PHE A 2340 27.63 1.04 77.86
CA PHE A 2340 27.40 1.62 79.18
C PHE A 2340 28.32 2.81 79.40
N VAL A 2341 27.73 4.00 79.41
CA VAL A 2341 28.37 5.20 79.94
C VAL A 2341 27.69 5.51 81.26
N ASN A 2342 28.47 5.56 82.33
CA ASN A 2342 27.93 5.65 83.68
C ASN A 2342 26.97 4.51 83.98
N GLY A 2343 27.27 3.34 83.42
CA GLY A 2343 26.41 2.19 83.60
C GLY A 2343 25.08 2.30 82.91
N GLU A 2344 24.96 3.16 81.91
CA GLU A 2344 23.68 3.42 81.24
C GLU A 2344 23.81 3.06 79.76
N SER A 2345 22.85 2.29 79.26
CA SER A 2345 22.93 1.80 77.90
C SER A 2345 22.49 2.85 76.89
N VAL A 2346 23.12 2.82 75.73
CA VAL A 2346 22.70 3.61 74.58
C VAL A 2346 21.82 2.71 73.72
N GLU A 2347 20.52 3.01 73.69
CA GLU A 2347 19.58 2.10 73.06
C GLU A 2347 19.84 1.98 71.56
N GLU A 2348 20.17 3.10 70.92
CA GLU A 2348 20.48 3.05 69.48
C GLU A 2348 21.67 2.15 69.23
N ASN A 2349 22.72 2.31 70.03
CA ASN A 2349 23.89 1.45 69.88
C ASN A 2349 23.52 -0.01 70.10
N ALA A 2350 22.69 -0.29 71.10
CA ALA A 2350 22.26 -1.65 71.34
C ALA A 2350 21.52 -2.21 70.14
N ASN A 2351 20.64 -1.40 69.54
CA ASN A 2351 19.93 -1.86 68.35
C ASN A 2351 20.89 -2.17 67.21
N VAL A 2352 21.87 -1.30 66.99
CA VAL A 2352 22.83 -1.55 65.91
C VAL A 2352 23.60 -2.83 66.16
N VAL A 2353 24.08 -3.02 67.39
CA VAL A 2353 24.83 -4.24 67.70
C VAL A 2353 23.95 -5.46 67.55
N VAL A 2354 22.66 -5.32 67.88
CA VAL A 2354 21.73 -6.43 67.66
C VAL A 2354 21.63 -6.75 66.18
N ARG A 2355 21.54 -5.71 65.35
CA ARG A 2355 21.51 -5.94 63.91
C ARG A 2355 22.75 -6.71 63.47
N LEU A 2356 23.91 -6.26 63.91
CA LEU A 2356 25.15 -6.89 63.47
C LEU A 2356 25.23 -8.32 63.97
N LEU A 2357 24.78 -8.56 65.20
CA LEU A 2357 24.77 -9.92 65.72
C LEU A 2357 23.89 -10.82 64.88
N ILE A 2358 22.69 -10.35 64.54
CA ILE A 2358 21.78 -11.20 63.77
C ILE A 2358 22.31 -11.39 62.35
N ARG A 2359 23.10 -10.45 61.84
CA ARG A 2359 23.84 -10.72 60.60
C ARG A 2359 24.93 -11.76 60.83
N LYS A 2360 25.50 -11.81 62.01
CA LYS A 2360 26.65 -12.69 62.20
C LYS A 2360 26.33 -13.83 63.15
N PRO A 2361 26.09 -15.03 62.62
CA PRO A 2361 26.01 -16.20 63.52
C PRO A 2361 27.30 -16.42 64.28
N GLU A 2362 28.43 -16.04 63.68
CA GLU A 2362 29.70 -16.14 64.36
C GLU A 2362 29.72 -15.22 65.58
N CYS A 2363 28.94 -14.14 65.55
CA CYS A 2363 28.79 -13.31 66.74
C CYS A 2363 28.15 -14.09 67.86
N PHE A 2364 27.14 -14.90 67.55
CA PHE A 2364 26.60 -15.81 68.55
C PHE A 2364 27.65 -16.83 68.96
N GLY A 2365 28.54 -17.19 68.05
CA GLY A 2365 29.66 -18.04 68.38
C GLY A 2365 29.34 -19.51 68.29
N PRO A 2366 30.37 -20.35 68.41
CA PRO A 2366 30.14 -21.80 68.28
C PRO A 2366 29.09 -22.33 69.24
N ALA A 2367 29.20 -22.00 70.53
CA ALA A 2367 28.14 -22.36 71.46
C ALA A 2367 26.87 -21.61 71.11
N LEU A 2368 25.73 -22.27 71.33
CA LEU A 2368 24.43 -21.71 70.98
C LEU A 2368 24.38 -21.33 69.50
N ARG A 2369 24.97 -22.19 68.67
CA ARG A 2369 24.97 -21.93 67.24
CA ARG A 2369 24.98 -21.94 67.23
C ARG A 2369 23.56 -22.02 66.66
N GLY A 2370 22.72 -22.86 67.26
CA GLY A 2370 21.39 -23.09 66.74
C GLY A 2370 21.33 -24.45 66.08
N GLU A 2371 21.23 -24.49 64.76
CA GLU A 2371 21.41 -25.74 64.05
C GLU A 2371 22.86 -26.20 64.18
N GLY A 2372 23.03 -27.46 64.58
CA GLY A 2372 24.36 -27.91 64.98
C GLY A 2372 24.90 -27.05 66.10
N GLY A 2373 24.05 -26.68 67.05
CA GLY A 2373 24.37 -25.67 68.05
C GLY A 2373 24.66 -26.30 69.40
N SER A 2374 25.94 -26.30 69.76
CA SER A 2374 26.33 -26.69 71.11
C SER A 2374 25.72 -25.73 72.11
N GLY A 2375 25.09 -26.30 73.15
CA GLY A 2375 24.52 -25.47 74.19
C GLY A 2375 25.61 -24.68 74.90
N LEU A 2376 25.25 -23.47 75.35
CA LEU A 2376 26.22 -22.66 76.09
C LEU A 2376 26.63 -23.37 77.37
N LEU A 2377 25.68 -23.98 78.06
CA LEU A 2377 26.01 -24.78 79.24
C LEU A 2377 27.01 -25.88 78.89
N ALA A 2378 26.71 -26.67 77.86
CA ALA A 2378 27.59 -27.77 77.49
C ALA A 2378 28.98 -27.25 77.13
N ALA A 2379 29.04 -26.12 76.44
CA ALA A 2379 30.33 -25.52 76.13
C ALA A 2379 31.07 -25.13 77.40
N ILE A 2380 30.34 -24.63 78.40
CA ILE A 2380 31.00 -24.26 79.66
C ILE A 2380 31.59 -25.47 80.34
N GLU A 2381 30.83 -26.57 80.43
CA GLU A 2381 31.39 -27.77 81.06
C GLU A 2381 32.54 -28.33 80.25
N GLU A 2382 32.45 -28.26 78.92
CA GLU A 2382 33.56 -28.71 78.09
C GLU A 2382 34.80 -27.86 78.32
N ALA A 2383 34.60 -26.55 78.49
CA ALA A 2383 35.73 -25.67 78.77
C ALA A 2383 36.34 -25.96 80.13
N ILE A 2384 35.50 -26.25 81.12
CA ILE A 2384 36.02 -26.64 82.43
C ILE A 2384 36.82 -27.93 82.31
N ARG A 2385 36.32 -28.87 81.50
CA ARG A 2385 37.04 -30.12 81.27
C ARG A 2385 38.37 -29.87 80.58
N ILE A 2386 38.41 -28.93 79.64
CA ILE A 2386 39.65 -28.61 78.95
C ILE A 2386 40.65 -27.99 79.91
N SER A 2387 40.18 -27.05 80.74
CA SER A 2387 41.05 -26.47 81.76
C SER A 2387 41.56 -27.55 82.70
N GLU A 2388 40.74 -28.57 82.97
CA GLU A 2388 41.23 -29.74 83.69
C GLU A 2388 42.31 -30.45 82.89
N ASP A 2389 42.15 -30.51 81.58
CA ASP A 2389 43.05 -31.28 80.75
C ASP A 2389 44.44 -30.64 80.73
N PRO A 2390 45.47 -31.36 81.13
CA PRO A 2390 46.83 -30.83 81.00
C PRO A 2390 47.31 -30.90 79.57
N ALA A 2391 47.97 -29.83 79.12
CA ALA A 2391 48.59 -29.67 77.80
C ALA A 2391 47.57 -29.49 76.68
N ARG A 2392 46.26 -29.58 76.94
CA ARG A 2392 45.32 -29.11 75.93
C ARG A 2392 45.31 -27.59 75.90
N ASP A 2393 45.72 -26.96 76.99
CA ASP A 2393 45.87 -25.51 77.01
C ASP A 2393 47.34 -25.09 76.99
N GLY A 2394 48.24 -26.07 77.05
CA GLY A 2394 49.65 -25.77 77.11
C GLY A 2394 50.48 -26.56 76.12
N PRO A 2395 51.49 -25.92 75.53
CA PRO A 2395 52.42 -26.67 74.67
C PRO A 2395 53.20 -27.74 75.40
N GLY A 2396 53.77 -27.41 76.55
CA GLY A 2396 54.55 -28.38 77.31
C GLY A 2396 55.76 -28.93 76.57
N VAL A 2397 56.70 -28.07 76.22
CA VAL A 2397 57.89 -28.51 75.51
C VAL A 2397 59.07 -28.67 76.47
N PRO A 2410 56.60 -20.70 82.13
CA PRO A 2410 55.96 -19.46 81.67
C PRO A 2410 56.68 -18.21 82.14
N PRO A 2411 57.69 -17.77 81.37
CA PRO A 2411 58.40 -16.54 81.76
C PRO A 2411 57.51 -15.32 81.83
N GLU A 2412 56.48 -15.25 80.99
CA GLU A 2412 55.58 -14.10 81.02
C GLU A 2412 54.26 -14.43 81.70
N GLU A 2413 53.97 -15.73 81.86
CA GLU A 2413 52.77 -16.27 82.51
C GLU A 2413 51.48 -15.75 81.89
N ASN A 2414 51.55 -15.05 80.76
CA ASN A 2414 50.34 -14.49 80.17
C ASN A 2414 49.51 -15.58 79.49
N ARG A 2415 50.11 -16.74 79.25
CA ARG A 2415 49.39 -17.84 78.65
C ARG A 2415 48.24 -18.27 79.55
N VAL A 2416 47.06 -18.44 78.96
CA VAL A 2416 45.82 -18.63 79.69
C VAL A 2416 45.12 -19.85 79.14
N HIS A 2417 44.56 -20.66 80.04
CA HIS A 2417 43.85 -21.86 79.63
C HIS A 2417 42.73 -21.51 78.66
N LEU A 2418 42.67 -22.27 77.58
CA LEU A 2418 41.71 -22.00 76.51
C LEU A 2418 40.29 -22.07 77.03
N GLY A 2419 40.02 -22.95 77.99
CA GLY A 2419 38.70 -22.98 78.58
C GLY A 2419 38.34 -21.68 79.28
N HIS A 2420 39.25 -21.19 80.12
CA HIS A 2420 39.04 -19.91 80.79
C HIS A 2420 38.88 -18.80 79.76
N ALA A 2421 39.65 -18.86 78.67
CA ALA A 2421 39.60 -17.81 77.65
C ALA A 2421 38.28 -17.82 76.89
N ILE A 2422 37.81 -19.00 76.46
CA ILE A 2422 36.57 -19.06 75.69
C ILE A 2422 35.39 -18.66 76.55
N MET A 2423 35.35 -19.15 77.79
CA MET A 2423 34.27 -18.76 78.68
C MET A 2423 34.39 -17.30 79.08
N SER A 2424 35.60 -16.74 79.09
CA SER A 2424 35.72 -15.30 79.26
C SER A 2424 35.05 -14.57 78.10
N PHE A 2425 35.31 -15.03 76.89
CA PHE A 2425 34.63 -14.48 75.72
C PHE A 2425 33.12 -14.59 75.86
N TYR A 2426 32.63 -15.73 76.36
CA TYR A 2426 31.19 -15.93 76.40
C TYR A 2426 30.55 -15.11 77.50
N ALA A 2427 31.24 -14.96 78.63
CA ALA A 2427 30.76 -14.05 79.66
C ALA A 2427 30.76 -12.62 79.17
N ALA A 2428 31.74 -12.26 78.36
CA ALA A 2428 31.74 -10.94 77.74
C ALA A 2428 30.53 -10.78 76.81
N LEU A 2429 30.26 -11.79 76.00
CA LEU A 2429 29.11 -11.74 75.11
C LEU A 2429 27.82 -11.58 75.90
N ILE A 2430 27.72 -12.34 76.99
CA ILE A 2430 26.55 -12.23 77.87
C ILE A 2430 26.47 -10.85 78.49
N ASP A 2431 27.62 -10.25 78.79
CA ASP A 2431 27.63 -8.91 79.36
C ASP A 2431 27.10 -7.89 78.37
N LEU A 2432 27.63 -7.90 77.14
CA LEU A 2432 27.04 -7.10 76.07
C LEU A 2432 25.55 -7.35 75.94
N LEU A 2433 25.14 -8.61 76.01
CA LEU A 2433 23.77 -8.94 75.71
C LEU A 2433 22.84 -8.46 76.82
N GLY A 2434 23.33 -8.48 78.06
CA GLY A 2434 22.54 -7.97 79.17
C GLY A 2434 22.49 -6.45 79.21
N ARG A 2435 23.60 -5.80 78.88
CA ARG A 2435 23.61 -4.34 78.86
C ARG A 2435 22.78 -3.82 77.70
N CYS A 2436 22.73 -4.56 76.60
CA CYS A 2436 21.97 -4.12 75.44
C CYS A 2436 20.47 -4.25 75.68
N ALA A 2437 20.08 -4.92 76.76
CA ALA A 2437 18.67 -5.08 77.06
C ALA A 2437 18.03 -3.71 77.33
N PRO A 2438 16.79 -3.50 76.93
CA PRO A 2438 16.14 -2.21 77.20
C PRO A 2438 15.96 -1.98 78.69
N GLU A 2439 15.52 -0.77 79.03
CA GLU A 2439 15.49 -0.39 80.43
C GLU A 2439 14.09 -0.51 81.01
N MET A 2440 14.05 -0.64 82.34
CA MET A 2440 12.78 -0.79 83.04
C MET A 2440 11.84 0.36 82.69
N HIS A 2441 12.38 1.56 82.53
CA HIS A 2441 11.59 2.61 81.91
C HIS A 2441 11.67 2.44 80.40
N LEU A 2442 10.54 2.71 79.74
CA LEU A 2442 10.29 2.38 78.33
C LEU A 2442 10.11 0.88 78.16
N ILE A 2443 10.31 0.10 79.24
CA ILE A 2443 9.69 -1.22 79.29
C ILE A 2443 8.36 -1.16 80.02
N GLN A 2444 8.24 -0.32 81.06
CA GLN A 2444 6.95 -0.21 81.72
C GLN A 2444 5.94 0.43 80.80
N ALA A 2445 6.38 1.42 80.02
CA ALA A 2445 5.58 1.91 78.90
C ALA A 2445 5.63 0.91 77.75
N GLY A 2446 6.70 0.14 77.67
CA GLY A 2446 6.75 -0.94 76.69
C GLY A 2446 6.86 -0.49 75.26
N LYS A 2447 7.99 0.11 74.88
CA LYS A 2447 8.19 0.44 73.48
C LYS A 2447 8.31 -0.86 72.67
N GLY A 2448 7.52 -0.95 71.61
CA GLY A 2448 7.35 -2.23 70.92
C GLY A 2448 8.66 -2.82 70.44
N GLU A 2449 9.49 -2.00 69.79
CA GLU A 2449 10.79 -2.49 69.34
C GLU A 2449 11.65 -2.90 70.53
N ALA A 2450 11.52 -2.19 71.65
CA ALA A 2450 12.29 -2.55 72.84
C ALA A 2450 11.92 -3.95 73.33
N LEU A 2451 10.62 -4.20 73.51
CA LEU A 2451 10.23 -5.54 73.95
C LEU A 2451 10.56 -6.58 72.89
N ARG A 2452 10.55 -6.19 71.62
CA ARG A 2452 10.89 -7.14 70.57
C ARG A 2452 12.35 -7.57 70.68
N ILE A 2453 13.26 -6.59 70.83
CA ILE A 2453 14.66 -6.92 71.04
C ILE A 2453 14.83 -7.75 72.29
N ARG A 2454 14.13 -7.39 73.36
CA ARG A 2454 14.23 -8.15 74.61
C ARG A 2454 13.78 -9.60 74.40
N ALA A 2455 12.72 -9.78 73.61
CA ALA A 2455 12.26 -11.13 73.30
C ALA A 2455 13.29 -11.89 72.49
N ILE A 2456 13.94 -11.23 71.54
CA ILE A 2456 15.00 -11.89 70.78
C ILE A 2456 16.14 -12.28 71.70
N LEU A 2457 16.45 -11.43 72.68
CA LEU A 2457 17.48 -11.76 73.65
C LEU A 2457 17.11 -13.00 74.45
N ARG A 2458 15.88 -13.03 74.95
CA ARG A 2458 15.44 -14.19 75.74
C ARG A 2458 15.38 -15.45 74.88
N SER A 2459 15.11 -15.28 73.58
CA SER A 2459 15.10 -16.43 72.68
C SER A 2459 16.50 -16.94 72.45
N LEU A 2460 17.46 -16.02 72.24
CA LEU A 2460 18.84 -16.42 72.03
C LEU A 2460 19.40 -17.11 73.27
N VAL A 2461 19.03 -16.62 74.45
CA VAL A 2461 19.58 -17.10 75.71
C VAL A 2461 18.46 -17.74 76.51
N PRO A 2462 18.37 -19.06 76.56
CA PRO A 2462 17.30 -19.71 77.32
C PRO A 2462 17.47 -19.48 78.81
N LEU A 2463 16.34 -19.17 79.46
CA LEU A 2463 16.36 -18.93 80.90
C LEU A 2463 16.80 -20.19 81.65
N ASP A 2464 16.32 -21.35 81.22
CA ASP A 2464 16.75 -22.60 81.85
C ASP A 2464 18.24 -22.84 81.62
N ASP A 2465 18.75 -22.47 80.46
CA ASP A 2465 20.19 -22.56 80.23
C ASP A 2465 20.96 -21.70 81.21
N LEU A 2466 20.49 -20.46 81.42
CA LEU A 2466 21.14 -19.60 82.41
C LEU A 2466 20.98 -20.16 83.82
N VAL A 2467 19.86 -20.80 84.10
CA VAL A 2467 19.65 -21.42 85.40
C VAL A 2467 20.68 -22.53 85.61
N GLY A 2468 20.94 -23.32 84.58
CA GLY A 2468 22.00 -24.30 84.66
C GLY A 2468 23.35 -23.66 84.86
N ILE A 2469 23.61 -22.55 84.17
CA ILE A 2469 24.91 -21.89 84.28
C ILE A 2469 25.14 -21.39 85.70
N ILE A 2470 24.15 -20.72 86.28
CA ILE A 2470 24.29 -20.25 87.65
C ILE A 2470 24.36 -21.44 88.60
N SER A 2471 23.70 -22.54 88.23
CA SER A 2471 23.75 -23.75 89.05
C SER A 2471 25.15 -24.35 89.06
N LEU A 2472 25.99 -23.97 88.12
CA LEU A 2472 27.32 -24.56 88.03
C LEU A 2472 28.12 -24.21 89.28
N PRO A 2473 28.60 -25.20 90.02
CA PRO A 2473 29.42 -24.91 91.19
C PRO A 2473 30.78 -24.37 90.80
N LEU A 2474 31.37 -23.60 91.71
CA LEU A 2474 32.70 -23.04 91.55
C LEU A 2474 33.63 -23.71 92.56
N GLN A 2475 34.81 -24.11 92.10
CA GLN A 2475 35.78 -24.67 93.01
C GLN A 2475 36.17 -23.60 94.03
N ILE A 2476 36.30 -24.02 95.28
CA ILE A 2476 36.68 -23.14 96.38
C ILE A 2476 38.07 -23.55 96.83
N PRO A 2477 39.00 -22.61 97.01
CA PRO A 2477 40.30 -22.97 97.57
C PRO A 2477 40.16 -23.56 98.96
N THR A 2478 40.89 -24.63 99.21
CA THR A 2478 40.77 -25.38 100.46
C THR A 2478 42.14 -25.66 101.04
N LEU A 2479 42.20 -25.75 102.37
CA LEU A 2479 43.42 -26.17 103.04
C LEU A 2479 43.73 -27.63 102.70
N GLY A 2480 45.01 -27.97 102.70
CA GLY A 2480 45.39 -29.34 102.42
C GLY A 2480 46.87 -29.57 102.60
N LYS A 2481 47.27 -30.82 102.41
CA LYS A 2481 48.67 -31.26 102.44
C LYS A 2481 49.42 -30.70 103.65
N ASP A 2482 48.85 -30.98 104.84
CA ASP A 2482 49.05 -30.51 106.22
C ASP A 2482 48.15 -29.31 106.49
N GLY A 2483 47.27 -28.99 105.55
CA GLY A 2483 46.37 -27.87 105.73
C GLY A 2483 46.78 -26.60 105.02
N ALA A 2484 47.76 -26.65 104.12
CA ALA A 2484 48.04 -25.50 103.27
C ALA A 2484 46.93 -25.33 102.26
N LEU A 2485 46.51 -24.08 102.05
CA LEU A 2485 45.39 -23.82 101.16
C LEU A 2485 45.78 -24.13 99.71
N VAL A 2486 44.86 -24.76 98.99
CA VAL A 2486 45.06 -25.12 97.59
C VAL A 2486 44.25 -24.17 96.74
N GLN A 2487 44.94 -23.31 95.99
CA GLN A 2487 44.30 -22.33 95.14
C GLN A 2487 44.65 -22.58 93.68
N PRO A 2488 43.68 -22.88 92.83
CA PRO A 2488 43.98 -23.03 91.39
C PRO A 2488 44.35 -21.70 90.77
N LYS A 2489 45.01 -21.78 89.61
CA LYS A 2489 45.40 -20.57 88.90
C LYS A 2489 44.19 -19.99 88.16
N MET A 2490 44.07 -18.66 88.18
CA MET A 2490 42.88 -18.01 87.65
C MET A 2490 42.85 -18.06 86.12
N SER A 2491 44.01 -18.15 85.49
CA SER A 2491 44.03 -18.30 84.04
C SER A 2491 43.43 -19.63 83.62
N ALA A 2492 43.24 -20.55 84.57
CA ALA A 2492 42.53 -21.79 84.29
C ALA A 2492 41.16 -21.79 84.94
N SER A 2493 40.99 -21.03 86.02
CA SER A 2493 39.83 -21.19 86.89
C SER A 2493 38.58 -20.61 86.26
N PHE A 2494 37.44 -21.27 86.50
CA PHE A 2494 36.15 -20.74 86.09
C PHE A 2494 35.71 -19.70 87.12
N VAL A 2495 35.41 -18.50 86.67
CA VAL A 2495 35.46 -17.37 87.59
C VAL A 2495 34.10 -16.81 87.99
N PRO A 2496 34.01 -16.34 89.24
CA PRO A 2496 32.83 -15.60 89.68
C PRO A 2496 32.58 -14.35 88.84
N ASP A 2497 33.61 -13.80 88.20
CA ASP A 2497 33.36 -12.69 87.29
C ASP A 2497 32.43 -13.12 86.16
N HIS A 2498 32.72 -14.27 85.55
CA HIS A 2498 31.82 -14.78 84.52
C HIS A 2498 30.45 -15.06 85.11
N LYS A 2499 30.42 -15.73 86.29
CA LYS A 2499 29.14 -16.07 86.88
C LYS A 2499 28.30 -14.82 87.12
N ALA A 2500 28.95 -13.73 87.52
CA ALA A 2500 28.26 -12.46 87.72
C ALA A 2500 27.80 -11.88 86.40
N SER A 2501 28.56 -12.10 85.32
CA SER A 2501 28.06 -11.67 84.01
C SER A 2501 26.75 -12.37 83.68
N MET A 2502 26.70 -13.69 83.89
CA MET A 2502 25.42 -14.39 83.76
C MET A 2502 24.34 -13.73 84.62
N VAL A 2503 24.61 -13.54 85.90
CA VAL A 2503 23.57 -13.06 86.82
C VAL A 2503 23.09 -11.67 86.40
N LEU A 2504 24.02 -10.83 85.95
CA LEU A 2504 23.67 -9.51 85.46
C LEU A 2504 22.77 -9.61 84.25
N PHE A 2505 23.06 -10.54 83.34
CA PHE A 2505 22.17 -10.72 82.20
C PHE A 2505 20.79 -11.14 82.67
N LEU A 2506 20.72 -12.06 83.64
CA LEU A 2506 19.43 -12.49 84.16
C LEU A 2506 18.62 -11.31 84.69
N ASP A 2507 19.23 -10.51 85.56
CA ASP A 2507 18.47 -9.43 86.18
C ASP A 2507 18.15 -8.33 85.16
N ARG A 2508 19.00 -8.16 84.15
CA ARG A 2508 18.74 -7.13 83.16
C ARG A 2508 17.63 -7.53 82.20
N VAL A 2509 17.59 -8.80 81.80
CA VAL A 2509 16.69 -9.26 80.75
C VAL A 2509 15.51 -10.03 81.33
N TYR A 2510 15.78 -11.17 81.95
CA TYR A 2510 14.68 -11.97 82.50
C TYR A 2510 14.15 -11.36 83.78
N GLY A 2511 15.03 -10.82 84.61
CA GLY A 2511 14.59 -10.21 85.86
C GLY A 2511 13.96 -11.21 86.80
N ILE A 2512 13.05 -10.69 87.62
CA ILE A 2512 12.33 -11.47 88.62
C ILE A 2512 10.84 -11.40 88.32
N GLU A 2513 10.20 -12.56 88.23
CA GLU A 2513 8.77 -12.64 87.97
C GLU A 2513 8.00 -13.36 89.07
N ASN A 2514 8.46 -14.53 89.51
CA ASN A 2514 7.74 -15.35 90.46
C ASN A 2514 8.60 -15.62 91.68
N GLN A 2515 7.96 -15.71 92.85
CA GLN A 2515 8.70 -15.98 94.07
C GLN A 2515 9.23 -17.40 94.09
N ASP A 2516 8.43 -18.37 93.66
CA ASP A 2516 8.91 -19.75 93.59
C ASP A 2516 9.99 -19.90 92.54
N PHE A 2517 9.85 -19.18 91.43
CA PHE A 2517 10.92 -19.13 90.43
C PHE A 2517 12.20 -18.57 91.04
N LEU A 2518 12.07 -17.50 91.83
CA LEU A 2518 13.20 -16.96 92.55
C LEU A 2518 13.83 -18.01 93.46
N LEU A 2519 13.00 -18.74 94.20
CA LEU A 2519 13.50 -19.73 95.14
C LEU A 2519 14.26 -20.83 94.42
N HIS A 2520 13.73 -21.29 93.28
CA HIS A 2520 14.40 -22.37 92.56
C HIS A 2520 15.69 -21.88 91.93
N VAL A 2521 15.70 -20.63 91.44
CA VAL A 2521 16.94 -20.05 90.93
C VAL A 2521 17.98 -19.98 92.04
N LEU A 2522 17.56 -19.57 93.23
CA LEU A 2522 18.48 -19.53 94.36
C LEU A 2522 19.04 -20.91 94.67
N ASP A 2523 18.17 -21.90 94.78
CA ASP A 2523 18.62 -23.21 95.25
C ASP A 2523 19.42 -23.93 94.18
N VAL A 2524 19.29 -23.53 92.92
CA VAL A 2524 20.18 -24.11 91.91
C VAL A 2524 21.52 -23.39 91.89
N GLY A 2525 21.50 -22.06 91.90
CA GLY A 2525 22.75 -21.34 91.77
C GLY A 2525 23.15 -20.42 92.91
N PHE A 2526 22.18 -19.80 93.58
CA PHE A 2526 22.53 -18.76 94.55
C PHE A 2526 22.75 -19.34 95.93
N LEU A 2527 21.95 -20.32 96.33
CA LEU A 2527 22.16 -20.91 97.64
C LEU A 2527 23.36 -21.85 97.72
N PRO A 2528 23.73 -22.62 96.70
CA PRO A 2528 25.05 -23.25 96.80
C PRO A 2528 26.16 -22.22 96.97
N ASP A 2529 26.09 -21.12 96.21
CA ASP A 2529 27.05 -20.03 96.37
C ASP A 2529 27.01 -19.42 97.76
N MET A 2530 25.84 -19.44 98.39
CA MET A 2530 25.71 -18.77 99.68
C MET A 2530 26.15 -19.67 100.82
N ARG A 2531 25.96 -21.00 100.70
CA ARG A 2531 26.72 -21.90 101.58
C ARG A 2531 28.22 -21.74 101.38
N ALA A 2532 28.66 -21.58 100.13
CA ALA A 2532 30.07 -21.35 99.87
C ALA A 2532 30.54 -20.08 100.56
N ALA A 2533 29.73 -19.01 100.49
CA ALA A 2533 30.08 -17.75 101.14
C ALA A 2533 30.13 -17.92 102.65
N ALA A 2534 29.19 -18.69 103.21
CA ALA A 2534 29.24 -18.99 104.63
C ALA A 2534 30.56 -19.67 104.98
N SER A 2535 30.98 -20.62 104.17
CA SER A 2535 32.28 -21.25 104.37
C SER A 2535 33.41 -20.25 104.23
N LEU A 2536 33.21 -19.21 103.41
CA LEU A 2536 34.27 -18.25 103.13
C LEU A 2536 34.67 -17.49 104.38
N ASP A 2537 33.76 -17.35 105.34
CA ASP A 2537 34.05 -16.56 106.55
C ASP A 2537 34.98 -17.36 107.44
N THR A 2538 36.27 -17.33 107.09
CA THR A 2538 37.32 -17.99 107.83
C THR A 2538 38.55 -17.09 107.83
N ALA A 2539 39.30 -17.12 108.94
CA ALA A 2539 40.44 -16.22 109.09
C ALA A 2539 41.43 -16.38 107.94
N THR A 2540 41.84 -17.61 107.66
CA THR A 2540 42.69 -17.85 106.50
C THR A 2540 41.97 -17.53 105.21
N PHE A 2541 40.69 -17.90 105.12
CA PHE A 2541 39.92 -17.64 103.92
C PHE A 2541 39.72 -16.14 103.70
N SER A 2542 39.52 -15.39 104.79
CA SER A 2542 39.34 -13.94 104.67
C SER A 2542 40.53 -13.30 103.99
N THR A 2543 41.72 -13.90 104.14
CA THR A 2543 42.90 -13.38 103.46
C THR A 2543 42.81 -13.57 101.95
N THR A 2544 42.16 -14.64 101.50
CA THR A 2544 42.26 -15.02 100.11
C THR A 2544 41.53 -14.05 99.19
N GLU A 2545 42.28 -13.52 98.23
CA GLU A 2545 41.74 -12.60 97.24
C GLU A 2545 40.56 -13.22 96.50
N MET A 2546 40.56 -14.54 96.33
CA MET A 2546 39.48 -15.16 95.59
C MET A 2546 38.19 -15.15 96.39
N ALA A 2547 38.25 -15.49 97.68
CA ALA A 2547 37.07 -15.35 98.52
C ALA A 2547 36.62 -13.89 98.57
N LEU A 2548 37.58 -12.96 98.55
CA LEU A 2548 37.20 -11.56 98.47
C LEU A 2548 36.41 -11.28 97.19
N ALA A 2549 36.84 -11.84 96.07
CA ALA A 2549 36.15 -11.65 94.80
C ALA A 2549 34.76 -12.28 94.83
N LEU A 2550 34.64 -13.45 95.46
CA LEU A 2550 33.32 -14.01 95.72
C LEU A 2550 32.44 -13.01 96.45
N ASN A 2551 32.95 -12.45 97.54
CA ASN A 2551 32.17 -11.44 98.26
C ASN A 2551 31.77 -10.31 97.34
N ARG A 2552 32.72 -9.84 96.53
CA ARG A 2552 32.43 -8.77 95.58
C ARG A 2552 31.23 -9.12 94.71
N TYR A 2553 31.36 -10.16 93.88
CA TYR A 2553 30.33 -10.33 92.85
C TYR A 2553 29.02 -10.76 93.47
N LEU A 2554 29.05 -11.48 94.60
CA LEU A 2554 27.81 -11.79 95.28
C LEU A 2554 27.10 -10.52 95.73
N CYS A 2555 27.83 -9.60 96.35
CA CYS A 2555 27.19 -8.38 96.82
C CYS A 2555 26.70 -7.52 95.66
N LEU A 2556 27.49 -7.44 94.59
CA LEU A 2556 27.09 -6.59 93.46
C LEU A 2556 25.82 -7.12 92.81
N ALA A 2557 25.56 -8.42 92.91
CA ALA A 2557 24.46 -9.05 92.21
C ALA A 2557 23.40 -9.63 93.14
N VAL A 2558 23.81 -10.52 94.05
CA VAL A 2558 22.84 -11.22 94.89
C VAL A 2558 22.13 -10.23 95.80
N LEU A 2559 22.85 -9.24 96.31
CA LEU A 2559 22.20 -8.24 97.15
C LEU A 2559 21.12 -7.44 96.40
N PRO A 2560 21.37 -6.86 95.22
CA PRO A 2560 20.26 -6.23 94.49
C PRO A 2560 19.16 -7.21 94.15
N LEU A 2561 19.52 -8.48 93.93
CA LEU A 2561 18.50 -9.49 93.70
C LEU A 2561 17.59 -9.62 94.91
N ILE A 2562 18.16 -9.63 96.11
CA ILE A 2562 17.34 -9.67 97.32
C ILE A 2562 16.50 -8.41 97.42
N THR A 2563 17.09 -7.25 97.09
CA THR A 2563 16.34 -6.00 97.15
C THR A 2563 15.08 -6.08 96.30
N LYS A 2564 15.22 -6.47 95.03
CA LYS A 2564 14.06 -6.51 94.16
C LYS A 2564 13.11 -7.64 94.55
N CYS A 2565 13.65 -8.77 95.01
CA CYS A 2565 12.84 -9.97 95.21
C CYS A 2565 12.22 -10.05 96.60
N ALA A 2566 12.58 -9.15 97.51
CA ALA A 2566 12.05 -9.23 98.87
C ALA A 2566 10.53 -9.21 98.93
N PRO A 2567 9.80 -8.34 98.21
CA PRO A 2567 8.34 -8.46 98.21
C PRO A 2567 7.87 -9.82 97.76
N LEU A 2568 8.53 -10.41 96.75
CA LEU A 2568 8.24 -11.79 96.38
C LEU A 2568 8.70 -12.74 97.47
N PHE A 2569 9.81 -12.41 98.14
CA PHE A 2569 10.30 -13.26 99.22
C PHE A 2569 9.27 -13.40 100.33
N ALA A 2570 8.37 -12.42 100.45
CA ALA A 2570 7.30 -12.53 101.43
C ALA A 2570 6.24 -13.54 100.98
N GLY A 2571 6.48 -14.24 99.88
CA GLY A 2571 5.41 -15.02 99.26
C GLY A 2571 5.00 -16.26 100.04
N THR A 2572 5.87 -17.26 100.09
CA THR A 2572 5.47 -18.62 100.43
C THR A 2572 5.77 -18.92 101.89
N GLU A 2573 5.21 -20.03 102.39
CA GLU A 2573 5.42 -20.41 103.79
C GLU A 2573 6.44 -21.54 103.92
N HIS A 2574 6.30 -22.58 103.08
CA HIS A 2574 7.01 -23.83 103.29
C HIS A 2574 8.53 -23.66 103.22
N ARG A 2575 9.00 -22.76 102.36
CA ARG A 2575 10.44 -22.60 102.19
C ARG A 2575 11.08 -21.87 103.36
N ALA A 2576 10.33 -21.68 104.45
CA ALA A 2576 10.79 -20.87 105.57
C ALA A 2576 12.10 -21.41 106.14
N ILE A 2577 12.28 -22.73 106.15
CA ILE A 2577 13.50 -23.27 106.73
C ILE A 2577 14.72 -22.83 105.94
N MET A 2578 14.65 -22.93 104.62
CA MET A 2578 15.85 -22.67 103.82
C MET A 2578 16.05 -21.15 103.78
N VAL A 2579 14.95 -20.41 103.79
CA VAL A 2579 15.03 -18.95 103.86
C VAL A 2579 15.70 -18.50 105.15
N ASP A 2580 15.28 -19.04 106.29
CA ASP A 2580 15.92 -18.64 107.53
C ASP A 2580 17.37 -19.12 107.53
N SER A 2581 17.65 -20.18 106.77
CA SER A 2581 19.03 -20.63 106.64
C SER A 2581 19.90 -19.59 105.93
N MET A 2582 19.45 -19.05 104.79
CA MET A 2582 20.37 -18.14 104.11
C MET A 2582 20.35 -16.81 104.83
N LEU A 2583 19.29 -16.56 105.61
CA LEU A 2583 19.33 -15.44 106.54
C LEU A 2583 20.47 -15.61 107.52
N HIS A 2584 20.60 -16.80 108.10
CA HIS A 2584 21.69 -17.07 109.03
CA HIS A 2584 21.69 -17.04 109.03
C HIS A 2584 23.04 -16.87 108.35
N THR A 2585 23.19 -17.38 107.14
CA THR A 2585 24.46 -17.24 106.44
C THR A 2585 24.76 -15.78 106.13
N VAL A 2586 23.78 -15.02 105.64
CA VAL A 2586 24.05 -13.64 105.27
C VAL A 2586 24.34 -12.81 106.51
N TYR A 2587 23.75 -13.18 107.65
CA TYR A 2587 24.15 -12.55 108.91
C TYR A 2587 25.61 -12.87 109.23
N ARG A 2588 26.00 -14.12 109.00
CA ARG A 2588 27.40 -14.51 109.16
C ARG A 2588 28.31 -13.65 108.29
N LEU A 2589 27.94 -13.46 107.02
CA LEU A 2589 28.76 -12.64 106.13
C LEU A 2589 28.74 -11.18 106.56
N SER A 2590 27.60 -10.70 107.04
CA SER A 2590 27.50 -9.34 107.54
C SER A 2590 28.49 -9.11 108.67
N ARG A 2591 28.56 -10.05 109.61
CA ARG A 2591 29.63 -10.03 110.61
C ARG A 2591 30.84 -10.73 109.97
N GLY A 2592 31.42 -10.02 109.00
CA GLY A 2592 32.51 -10.54 108.21
C GLY A 2592 33.68 -9.57 108.18
N ARG A 2593 34.86 -10.08 108.55
CA ARG A 2593 36.05 -9.26 108.56
C ARG A 2593 36.60 -9.07 107.15
N SER A 2594 37.53 -8.13 107.01
CA SER A 2594 38.19 -7.81 105.74
C SER A 2594 37.17 -7.60 104.62
N LEU A 2595 36.12 -6.85 104.93
CA LEU A 2595 35.05 -6.57 103.96
C LEU A 2595 34.92 -5.06 103.81
N THR A 2596 34.80 -4.60 102.57
CA THR A 2596 34.73 -3.16 102.32
C THR A 2596 33.47 -2.58 102.96
N LYS A 2597 33.62 -1.39 103.53
CA LYS A 2597 32.57 -0.85 104.39
C LYS A 2597 31.28 -0.57 103.63
N ALA A 2598 31.37 0.05 102.46
CA ALA A 2598 30.17 0.35 101.69
C ALA A 2598 29.46 -0.92 101.28
N GLN A 2599 30.21 -1.92 100.81
CA GLN A 2599 29.62 -3.19 100.44
C GLN A 2599 28.93 -3.84 101.62
N ARG A 2600 29.59 -3.84 102.78
CA ARG A 2600 28.99 -4.41 103.98
C ARG A 2600 27.70 -3.69 104.33
N ASP A 2601 27.69 -2.37 104.21
CA ASP A 2601 26.48 -1.61 104.45
C ASP A 2601 25.38 -2.03 103.50
N VAL A 2602 25.71 -2.24 102.23
CA VAL A 2602 24.72 -2.73 101.27
C VAL A 2602 24.15 -4.05 101.74
N ILE A 2603 25.01 -4.97 102.20
CA ILE A 2603 24.50 -6.23 102.71
C ILE A 2603 23.52 -6.00 103.84
N GLU A 2604 23.86 -5.11 104.78
CA GLU A 2604 22.97 -4.85 105.91
C GLU A 2604 21.62 -4.31 105.44
N ASP A 2605 21.64 -3.37 104.49
CA ASP A 2605 20.38 -2.81 103.99
C ASP A 2605 19.53 -3.88 103.33
N CYS A 2606 20.14 -4.74 102.51
CA CYS A 2606 19.37 -5.82 101.92
C CYS A 2606 18.81 -6.73 103.00
N LEU A 2607 19.58 -6.99 104.05
CA LEU A 2607 19.08 -7.86 105.11
C LEU A 2607 17.87 -7.27 105.80
N MET A 2608 17.91 -5.99 106.16
CA MET A 2608 16.73 -5.39 106.80
C MET A 2608 15.55 -5.41 105.86
N ALA A 2609 15.77 -5.05 104.58
CA ALA A 2609 14.68 -4.98 103.63
C ALA A 2609 14.01 -6.33 103.47
N LEU A 2610 14.81 -7.39 103.34
CA LEU A 2610 14.25 -8.73 103.25
C LEU A 2610 13.56 -9.12 104.55
N CYS A 2611 14.13 -8.71 105.68
CA CYS A 2611 13.57 -9.06 106.98
C CYS A 2611 12.17 -8.49 107.14
N ARG A 2612 11.93 -7.29 106.63
CA ARG A 2612 10.59 -6.71 106.73
CA ARG A 2612 10.60 -6.72 106.73
C ARG A 2612 9.55 -7.63 106.10
N TYR A 2613 9.83 -8.12 104.89
CA TYR A 2613 8.88 -8.98 104.20
C TYR A 2613 8.81 -10.36 104.84
N ILE A 2614 9.90 -10.80 105.46
CA ILE A 2614 9.89 -12.14 106.05
C ILE A 2614 9.01 -12.17 107.29
N ARG A 2615 8.23 -13.24 107.42
CA ARG A 2615 7.29 -13.39 108.51
C ARG A 2615 8.01 -13.54 109.85
N PRO A 2616 7.42 -13.02 110.93
CA PRO A 2616 8.06 -13.17 112.25
C PRO A 2616 8.22 -14.63 112.65
N SER A 2617 7.26 -15.48 112.28
CA SER A 2617 7.42 -16.90 112.54
C SER A 2617 8.64 -17.46 111.84
N MET A 2618 8.84 -17.04 110.58
CA MET A 2618 10.08 -17.37 109.89
C MET A 2618 11.29 -16.83 110.65
N LEU A 2619 11.14 -15.64 111.23
CA LEU A 2619 12.29 -14.91 111.74
C LEU A 2619 12.92 -15.58 112.95
N GLN A 2620 12.19 -16.49 113.60
CA GLN A 2620 12.49 -16.86 114.98
C GLN A 2620 13.94 -17.30 115.16
N HIS A 2621 14.44 -18.16 114.28
CA HIS A 2621 15.77 -18.71 114.51
C HIS A 2621 16.86 -17.66 114.26
N LEU A 2622 16.70 -16.85 113.21
CA LEU A 2622 17.59 -15.73 113.03
C LEU A 2622 17.54 -14.80 114.24
N LEU A 2623 16.35 -14.64 114.81
CA LEU A 2623 16.21 -13.84 116.02
C LEU A 2623 17.05 -14.43 117.15
N ARG A 2624 17.01 -15.76 117.33
CA ARG A 2624 17.82 -16.35 118.39
C ARG A 2624 19.30 -16.13 118.11
N ARG A 2625 19.70 -16.18 116.84
CA ARG A 2625 21.09 -15.91 116.51
C ARG A 2625 21.47 -14.49 116.89
N LEU A 2626 20.60 -13.53 116.59
CA LEU A 2626 20.87 -12.15 117.00
C LEU A 2626 20.88 -12.02 118.52
N VAL A 2627 20.06 -12.82 119.21
CA VAL A 2627 20.14 -12.87 120.67
C VAL A 2627 21.53 -13.29 121.11
N PHE A 2628 22.05 -14.35 120.51
CA PHE A 2628 23.41 -14.80 120.83
C PHE A 2628 24.42 -13.72 120.49
N ASP A 2629 24.17 -12.93 119.45
CA ASP A 2629 25.14 -11.94 119.01
C ASP A 2629 25.02 -10.65 119.81
N VAL A 2630 23.94 -10.49 120.56
CA VAL A 2630 23.72 -9.23 121.29
C VAL A 2630 24.77 -8.96 122.35
N PRO A 2631 25.09 -9.89 123.27
CA PRO A 2631 25.73 -9.48 124.53
C PRO A 2631 27.06 -8.75 124.38
N ILE A 2632 27.74 -8.91 123.24
CA ILE A 2632 29.03 -8.25 123.07
C ILE A 2632 28.86 -6.74 123.08
N LEU A 2633 27.74 -6.25 122.51
CA LEU A 2633 27.46 -4.82 122.42
C LEU A 2633 28.58 -4.05 121.74
N ASN A 2634 29.32 -4.70 120.84
CA ASN A 2634 30.37 -4.02 120.13
C ASN A 2634 29.79 -3.26 118.94
N GLU A 2635 30.60 -2.39 118.36
CA GLU A 2635 30.13 -1.53 117.26
C GLU A 2635 29.68 -2.35 116.07
N PHE A 2636 30.21 -3.57 115.91
CA PHE A 2636 29.86 -4.38 114.76
C PHE A 2636 28.41 -4.87 114.85
N ALA A 2637 27.92 -5.09 116.07
CA ALA A 2637 26.56 -5.61 116.21
C ALA A 2637 25.52 -4.48 116.19
N LYS A 2638 25.98 -3.23 116.20
CA LYS A 2638 25.05 -2.12 116.45
C LYS A 2638 24.03 -1.96 115.32
N MET A 2639 24.49 -1.98 114.07
CA MET A 2639 23.53 -1.91 112.97
C MET A 2639 22.57 -3.10 112.96
N PRO A 2640 23.00 -4.34 113.22
CA PRO A 2640 22.01 -5.40 113.47
C PRO A 2640 21.02 -5.06 114.58
N LEU A 2641 21.47 -4.43 115.67
CA LEU A 2641 20.53 -4.04 116.71
C LEU A 2641 19.51 -3.04 116.19
N LYS A 2642 19.97 -2.07 115.39
CA LYS A 2642 19.02 -1.09 114.85
C LYS A 2642 18.02 -1.75 113.91
N LEU A 2643 18.48 -2.65 113.04
CA LEU A 2643 17.52 -3.33 112.16
C LEU A 2643 16.57 -4.19 112.97
N LEU A 2644 17.06 -4.75 114.08
CA LEU A 2644 16.21 -5.48 115.00
C LEU A 2644 15.10 -4.59 115.53
N THR A 2645 15.47 -3.41 116.00
CA THR A 2645 14.48 -2.48 116.51
C THR A 2645 13.47 -2.13 115.44
N ASN A 2646 13.94 -1.93 114.20
CA ASN A 2646 13.03 -1.57 113.12
C ASN A 2646 12.02 -2.69 112.85
N HIS A 2647 12.48 -3.93 112.76
CA HIS A 2647 11.51 -4.96 112.36
C HIS A 2647 10.60 -5.30 113.53
N TYR A 2648 11.09 -5.14 114.76
CA TYR A 2648 10.21 -5.24 115.92
C TYR A 2648 9.15 -4.16 115.88
N GLU A 2649 9.52 -2.96 115.45
CA GLU A 2649 8.53 -1.92 115.20
C GLU A 2649 7.53 -2.39 114.15
N ARG A 2650 8.01 -3.08 113.12
CA ARG A 2650 7.11 -3.59 112.09
C ARG A 2650 6.12 -4.59 112.67
N CYS A 2651 6.58 -5.51 113.51
CA CYS A 2651 5.71 -6.53 114.09
C CYS A 2651 5.36 -6.22 115.54
N TRP A 2652 5.42 -4.94 115.94
CA TRP A 2652 5.02 -4.58 117.29
C TRP A 2652 3.56 -4.92 117.54
N LYS A 2653 2.70 -4.69 116.54
CA LYS A 2653 1.31 -5.07 116.67
C LYS A 2653 1.16 -6.57 116.85
N TYR A 2654 1.92 -7.35 116.08
CA TYR A 2654 1.85 -8.81 116.18
C TYR A 2654 2.26 -9.28 117.56
N TYR A 2655 3.34 -8.71 118.11
CA TYR A 2655 3.80 -9.13 119.42
C TYR A 2655 2.85 -8.69 120.53
N CYS A 2656 2.31 -7.46 120.42
CA CYS A 2656 1.49 -6.95 121.51
C CYS A 2656 0.10 -7.56 121.51
N LEU A 2657 -0.40 -7.94 120.34
CA LEU A 2657 -1.77 -8.41 120.25
C LEU A 2657 -1.95 -9.72 121.00
N PRO A 2658 -2.83 -9.77 122.02
CA PRO A 2658 -3.13 -11.07 122.63
C PRO A 2658 -3.74 -12.05 121.65
N THR A 2659 -4.59 -11.56 120.74
CA THR A 2659 -5.11 -12.41 119.68
C THR A 2659 -4.04 -12.70 118.63
N GLY A 2660 -3.10 -11.78 118.48
CA GLY A 2660 -2.08 -11.90 117.46
C GLY A 2660 -2.49 -11.24 116.15
N TRP A 2661 -1.49 -10.79 115.41
CA TRP A 2661 -1.73 -10.13 114.14
C TRP A 2661 -2.24 -11.14 113.11
N ALA A 2662 -3.25 -10.71 112.35
CA ALA A 2662 -3.83 -11.57 111.33
C ALA A 2662 -2.76 -12.01 110.34
N ASN A 2663 -2.78 -13.30 110.00
CA ASN A 2663 -1.85 -13.91 109.06
C ASN A 2663 -0.44 -13.95 109.64
N PHE A 2664 -0.26 -13.41 110.84
CA PHE A 2664 1.06 -13.42 111.46
C PHE A 2664 1.09 -14.36 112.67
N GLY A 2665 -0.03 -14.51 113.35
CA GLY A 2665 -0.08 -15.39 114.49
C GLY A 2665 0.30 -14.68 115.78
N VAL A 2666 0.77 -15.47 116.74
CA VAL A 2666 1.14 -14.97 118.06
C VAL A 2666 2.58 -15.39 118.34
N THR A 2667 3.24 -14.67 119.23
CA THR A 2667 4.57 -15.06 119.66
C THR A 2667 4.53 -16.34 120.48
N SER A 2668 5.56 -17.17 120.32
CA SER A 2668 5.66 -18.38 121.13
C SER A 2668 5.98 -18.05 122.58
N GLU A 2669 6.49 -16.84 122.83
CA GLU A 2669 6.84 -16.23 124.11
C GLU A 2669 8.15 -16.74 124.69
N GLU A 2670 8.72 -17.83 124.17
CA GLU A 2670 10.13 -18.09 124.47
C GLU A 2670 11.01 -17.16 123.66
N GLU A 2671 10.59 -16.85 122.44
CA GLU A 2671 11.19 -15.75 121.71
C GLU A 2671 11.03 -14.45 122.48
N LEU A 2672 9.85 -14.21 123.04
CA LEU A 2672 9.66 -13.03 123.88
C LEU A 2672 10.45 -13.15 125.17
N HIS A 2673 10.69 -14.37 125.65
CA HIS A 2673 11.54 -14.55 126.81
C HIS A 2673 12.96 -14.08 126.51
N LEU A 2674 13.52 -14.52 125.39
CA LEU A 2674 14.84 -14.04 125.01
C LEU A 2674 14.83 -12.56 124.72
N THR A 2675 13.70 -12.03 124.24
CA THR A 2675 13.61 -10.61 123.98
C THR A 2675 13.66 -9.82 125.29
N ARG A 2676 12.98 -10.32 126.32
CA ARG A 2676 13.08 -9.74 127.66
C ARG A 2676 14.51 -9.80 128.17
N LYS A 2677 15.16 -10.95 127.97
CA LYS A 2677 16.52 -11.09 128.47
C LYS A 2677 17.48 -10.19 127.70
N LEU A 2678 17.19 -9.92 126.43
CA LEU A 2678 17.97 -8.94 125.68
C LEU A 2678 17.73 -7.53 126.18
N PHE A 2679 16.48 -7.21 126.53
CA PHE A 2679 16.22 -5.94 127.19
C PHE A 2679 17.11 -5.78 128.40
N TRP A 2680 17.10 -6.78 129.28
CA TRP A 2680 17.91 -6.73 130.50
C TRP A 2680 19.39 -6.65 130.17
N GLY A 2681 19.86 -7.46 129.22
CA GLY A 2681 21.28 -7.50 128.91
C GLY A 2681 21.77 -6.22 128.28
N ILE A 2682 21.00 -5.66 127.35
CA ILE A 2682 21.37 -4.39 126.74
C ILE A 2682 21.42 -3.30 127.79
N PHE A 2683 20.41 -3.24 128.66
CA PHE A 2683 20.41 -2.22 129.70
C PHE A 2683 21.61 -2.39 130.63
N ASP A 2684 21.89 -3.62 131.07
CA ASP A 2684 23.01 -3.86 131.96
C ASP A 2684 24.33 -3.52 131.29
N SER A 2685 24.51 -3.94 130.04
CA SER A 2685 25.77 -3.70 129.34
C SER A 2685 25.99 -2.22 129.12
N LEU A 2686 24.94 -1.48 128.76
CA LEU A 2686 25.10 -0.05 128.57
C LEU A 2686 25.39 0.63 129.90
N ALA A 2687 24.80 0.14 130.99
CA ALA A 2687 25.11 0.68 132.30
C ALA A 2687 26.57 0.46 132.65
N HIS A 2688 27.10 -0.73 132.37
CA HIS A 2688 28.51 -0.98 132.60
C HIS A 2688 29.38 -0.09 131.72
N LYS A 2689 29.00 0.07 130.47
CA LYS A 2689 29.76 0.92 129.55
C LYS A 2689 29.65 2.37 129.99
N LYS A 2690 30.76 3.10 129.86
CA LYS A 2690 30.73 4.53 130.09
C LYS A 2690 30.05 5.21 128.92
N TYR A 2691 29.57 6.43 129.16
CA TYR A 2691 28.86 7.15 128.11
C TYR A 2691 29.76 7.35 126.90
N ASP A 2692 29.22 7.05 125.72
CA ASP A 2692 29.87 7.37 124.46
C ASP A 2692 28.82 7.98 123.55
N GLN A 2693 29.20 9.04 122.86
CA GLN A 2693 28.26 9.69 121.96
C GLN A 2693 27.87 8.77 120.81
N GLU A 2694 28.82 7.97 120.31
CA GLU A 2694 28.47 7.04 119.24
C GLU A 2694 27.58 5.93 119.77
N LEU A 2695 27.80 5.50 121.01
CA LEU A 2695 26.90 4.54 121.64
C LEU A 2695 25.49 5.10 121.73
N TYR A 2696 25.37 6.36 122.13
CA TYR A 2696 24.03 6.96 122.21
C TYR A 2696 23.45 7.21 120.82
N ARG A 2697 24.33 7.40 119.83
CA ARG A 2697 23.88 7.51 118.45
C ARG A 2697 23.27 6.20 117.99
N MET A 2698 23.88 5.09 118.39
CA MET A 2698 23.22 3.79 118.25
C MET A 2698 21.90 3.80 119.02
N ALA A 2699 21.90 4.41 120.20
CA ALA A 2699 20.85 4.10 121.17
C ALA A 2699 19.69 5.09 121.17
N MET A 2700 19.59 6.01 120.22
CA MET A 2700 18.29 6.68 120.09
C MET A 2700 17.21 5.70 119.66
N PRO A 2701 17.39 4.84 118.66
CA PRO A 2701 16.40 3.77 118.45
C PRO A 2701 16.21 2.90 119.67
N CYS A 2702 17.29 2.71 120.44
CA CYS A 2702 17.27 2.17 121.80
C CYS A 2702 16.57 0.84 121.92
N LEU A 2703 16.42 0.39 123.16
CA LEU A 2703 15.58 -0.73 123.52
C LEU A 2703 14.15 -0.28 123.80
N CYS A 2704 13.83 0.97 123.51
CA CYS A 2704 12.46 1.46 123.67
C CYS A 2704 11.54 0.78 122.67
N ALA A 2705 12.01 0.55 121.45
CA ALA A 2705 11.21 -0.22 120.50
C ALA A 2705 10.98 -1.63 121.03
N ILE A 2706 12.01 -2.22 121.63
CA ILE A 2706 11.85 -3.53 122.26
C ILE A 2706 10.77 -3.48 123.34
N ALA A 2707 10.84 -2.46 124.20
CA ALA A 2707 9.86 -2.34 125.27
C ALA A 2707 8.45 -2.20 124.72
N GLY A 2708 8.28 -1.39 123.68
CA GLY A 2708 6.99 -1.28 123.04
C GLY A 2708 6.51 -2.60 122.45
N ALA A 2709 7.44 -3.39 121.93
CA ALA A 2709 7.08 -4.71 121.43
C ALA A 2709 6.59 -5.61 122.56
N LEU A 2710 7.27 -5.60 123.69
CA LEU A 2710 6.85 -6.45 124.81
C LEU A 2710 5.54 -5.96 125.40
N PRO A 2711 4.58 -6.84 125.63
CA PRO A 2711 3.48 -6.52 126.54
C PRO A 2711 3.95 -6.60 127.98
N PRO A 2712 3.54 -5.67 128.83
CA PRO A 2712 4.06 -5.67 130.21
C PRO A 2712 3.56 -6.84 131.04
N ASP A 2713 2.44 -7.44 130.65
CA ASP A 2713 1.71 -8.30 131.57
C ASP A 2713 2.20 -9.75 131.51
N TYR A 2714 2.87 -10.14 130.43
CA TYR A 2714 3.20 -11.55 130.28
C TYR A 2714 4.30 -11.93 131.28
N VAL A 2715 4.40 -13.23 131.55
CA VAL A 2715 5.35 -13.78 132.50
C VAL A 2715 6.29 -14.72 131.76
N ASP A 2716 7.59 -14.54 131.97
CA ASP A 2716 8.57 -15.42 131.35
C ASP A 2716 8.41 -16.85 131.86
N ALA A 2717 8.80 -17.80 131.02
CA ALA A 2717 8.59 -19.21 131.36
C ALA A 2717 9.34 -19.60 132.62
N SER A 2718 10.59 -19.14 132.76
CA SER A 2718 11.39 -19.42 133.94
C SER A 2718 12.04 -18.14 134.43
N TYR A 2719 12.18 -18.04 135.76
CA TYR A 2719 12.82 -16.89 136.40
C TYR A 2719 13.93 -17.42 137.33
N SER A 2720 15.10 -17.64 136.76
CA SER A 2720 16.25 -18.13 137.52
C SER A 2720 17.53 -17.72 136.78
N SER A 2721 18.64 -17.72 137.51
CA SER A 2721 19.92 -17.40 136.90
C SER A 2721 20.40 -18.55 136.03
N LYS A 2722 20.80 -18.23 134.80
CA LYS A 2722 21.30 -19.25 133.89
C LYS A 2722 22.64 -19.79 134.37
N ALA A 2723 23.49 -18.94 134.95
CA ALA A 2723 24.81 -19.31 135.43
C ALA A 2723 25.65 -19.96 134.31
N GLU A 2724 25.51 -19.42 133.10
CA GLU A 2724 26.24 -19.94 131.96
C GLU A 2724 26.68 -18.78 131.07
N LYS A 2725 27.93 -18.86 130.61
CA LYS A 2725 28.49 -17.84 129.73
C LYS A 2725 29.30 -18.47 128.62
N ASN A 2734 34.63 -17.33 122.92
CA ASN A 2734 33.26 -17.08 122.47
C ASN A 2734 32.27 -17.47 123.57
N PHE A 2735 31.84 -18.74 123.55
CA PHE A 2735 30.91 -19.27 124.53
C PHE A 2735 31.48 -20.58 125.07
N ASP A 2736 31.58 -20.68 126.39
CA ASP A 2736 32.22 -21.82 127.02
C ASP A 2736 31.29 -22.43 128.07
N PRO A 2737 30.72 -23.60 127.81
CA PRO A 2737 29.95 -24.29 128.85
C PRO A 2737 30.81 -25.25 129.65
N ARG A 2738 30.48 -25.42 130.93
CA ARG A 2738 31.26 -26.29 131.81
C ARG A 2738 30.38 -27.40 132.35
N PRO A 2739 30.68 -28.66 132.07
CA PRO A 2739 29.91 -29.76 132.66
C PRO A 2739 30.35 -30.06 134.08
N VAL A 2740 29.48 -30.78 134.79
CA VAL A 2740 29.74 -31.23 136.15
C VAL A 2740 29.77 -32.74 136.15
N GLU A 2741 30.82 -33.32 136.71
CA GLU A 2741 31.08 -34.75 136.64
C GLU A 2741 31.45 -35.27 138.02
N THR A 2742 31.15 -36.54 138.27
CA THR A 2742 31.36 -37.13 139.60
C THR A 2742 32.72 -37.78 139.76
N LEU A 2743 33.62 -37.65 138.78
CA LEU A 2743 34.99 -38.10 139.00
C LEU A 2743 35.65 -37.33 140.13
N ASN A 2744 35.33 -36.05 140.27
CA ASN A 2744 35.82 -35.28 141.41
C ASN A 2744 34.92 -35.46 142.63
N VAL A 2745 33.60 -35.43 142.41
CA VAL A 2745 32.62 -35.58 143.48
C VAL A 2745 32.70 -37.01 144.01
N ILE A 2746 32.12 -37.24 145.19
CA ILE A 2746 32.08 -38.59 145.75
C ILE A 2746 31.24 -39.47 144.84
N ILE A 2747 31.90 -40.44 144.20
CA ILE A 2747 31.24 -41.35 143.28
C ILE A 2747 30.78 -42.57 144.07
N PRO A 2748 29.50 -42.91 144.04
CA PRO A 2748 29.05 -44.13 144.72
C PRO A 2748 29.08 -45.33 143.79
N GLU A 2749 29.70 -46.41 144.24
CA GLU A 2749 29.58 -47.68 143.54
C GLU A 2749 28.19 -48.27 143.71
N LYS A 2750 27.46 -47.78 144.71
CA LYS A 2750 26.21 -48.42 145.14
C LYS A 2750 25.20 -48.52 144.01
N LEU A 2751 24.95 -47.42 143.28
CA LEU A 2751 23.83 -47.41 142.35
C LEU A 2751 24.19 -48.09 141.03
N ASP A 2752 25.33 -48.78 140.97
CA ASP A 2752 25.65 -49.54 139.77
C ASP A 2752 24.60 -50.61 139.49
N SER A 2753 23.95 -51.10 140.54
CA SER A 2753 22.78 -51.96 140.36
C SER A 2753 21.71 -51.24 139.57
N PHE A 2754 21.44 -49.97 139.91
CA PHE A 2754 20.47 -49.20 139.14
C PHE A 2754 20.95 -48.93 137.73
N ILE A 2755 22.26 -48.78 137.54
CA ILE A 2755 22.80 -48.58 136.19
C ILE A 2755 22.52 -49.79 135.32
N ASN A 2756 22.79 -50.99 135.84
CA ASN A 2756 22.47 -52.21 135.11
C ASN A 2756 20.96 -52.35 134.92
N LYS A 2757 20.18 -51.99 135.94
CA LYS A 2757 18.73 -52.08 135.86
C LYS A 2757 18.18 -51.17 134.77
N PHE A 2758 18.71 -49.94 134.69
CA PHE A 2758 18.26 -49.00 133.67
C PHE A 2758 18.75 -49.41 132.29
N ALA A 2759 19.92 -50.04 132.20
CA ALA A 2759 20.35 -50.57 130.92
C ALA A 2759 19.39 -51.66 130.44
N GLU A 2760 19.06 -52.60 131.33
CA GLU A 2760 18.12 -53.65 130.98
C GLU A 2760 16.75 -53.08 130.62
N TYR A 2761 16.31 -52.05 131.34
CA TYR A 2761 14.96 -51.54 131.12
C TYR A 2761 14.91 -50.56 129.97
N THR A 2762 16.06 -50.02 129.55
CA THR A 2762 16.09 -49.29 128.29
C THR A 2762 16.12 -50.25 127.11
N HIS A 2763 16.78 -51.39 127.29
CA HIS A 2763 16.64 -52.46 126.30
C HIS A 2763 15.19 -52.91 126.21
N GLU A 2764 14.49 -52.92 127.35
CA GLU A 2764 13.07 -53.25 127.38
C GLU A 2764 12.23 -52.15 126.75
N LYS A 2765 12.55 -50.89 127.04
CA LYS A 2765 12.03 -49.76 126.27
C LYS A 2765 12.03 -50.07 124.78
N TRP A 2766 13.21 -50.31 124.23
CA TRP A 2766 13.34 -50.49 122.78
C TRP A 2766 12.56 -51.72 122.31
N ALA A 2767 12.70 -52.84 123.02
CA ALA A 2767 12.04 -54.07 122.61
C ALA A 2767 10.52 -53.91 122.60
N PHE A 2768 9.96 -53.35 123.66
CA PHE A 2768 8.51 -53.23 123.75
C PHE A 2768 8.00 -52.20 122.76
N ASP A 2769 8.81 -51.17 122.48
CA ASP A 2769 8.40 -50.22 121.44
C ASP A 2769 8.34 -50.88 120.07
N LYS A 2770 9.33 -51.69 119.73
CA LYS A 2770 9.28 -52.36 118.43
C LYS A 2770 8.24 -53.48 118.43
N ILE A 2771 7.77 -53.90 119.60
CA ILE A 2771 6.57 -54.74 119.64
C ILE A 2771 5.32 -53.92 119.30
N GLN A 2772 5.21 -52.71 119.86
CA GLN A 2772 4.03 -51.90 119.55
C GLN A 2772 4.07 -51.40 118.11
N ASN A 2773 5.23 -51.44 117.47
CA ASN A 2773 5.35 -50.83 116.15
C ASN A 2773 4.62 -51.65 115.08
N ASN A 2774 4.27 -52.90 115.39
CA ASN A 2774 3.41 -53.78 114.60
C ASN A 2774 4.04 -54.30 113.31
N TRP A 2775 5.36 -54.18 113.12
CA TRP A 2775 6.01 -54.68 111.92
C TRP A 2775 6.88 -55.88 112.24
N SER A 2776 7.31 -56.58 111.20
CA SER A 2776 8.02 -57.85 111.37
C SER A 2776 9.32 -57.67 112.15
N TYR A 2777 9.51 -58.53 113.15
CA TYR A 2777 10.68 -58.43 114.01
C TYR A 2777 11.90 -59.07 113.35
N GLY A 2778 13.08 -58.56 113.67
CA GLY A 2778 14.31 -59.09 113.12
C GLY A 2778 15.45 -59.02 114.11
N GLU A 2779 16.06 -60.17 114.37
CA GLU A 2779 17.22 -60.22 115.26
C GLU A 2779 18.41 -59.49 114.66
N ASN A 2780 18.62 -59.66 113.36
CA ASN A 2780 19.71 -58.98 112.67
C ASN A 2780 19.43 -57.48 112.53
N VAL A 2781 20.42 -56.77 112.01
CA VAL A 2781 20.32 -55.33 111.77
C VAL A 2781 19.48 -55.10 110.52
N ASP A 2782 18.43 -54.30 110.65
CA ASP A 2782 17.65 -53.82 109.53
C ASP A 2782 17.09 -52.45 109.86
N GLU A 2783 17.69 -51.40 109.29
CA GLU A 2783 17.15 -50.06 109.47
C GLU A 2783 15.77 -49.92 108.85
N GLU A 2784 15.58 -50.50 107.66
CA GLU A 2784 14.28 -50.46 107.00
C GLU A 2784 13.23 -51.18 107.85
N LEU A 2785 13.57 -52.35 108.37
CA LEU A 2785 12.63 -53.07 109.24
C LEU A 2785 12.55 -52.43 110.60
N LYS A 2786 13.39 -51.43 110.88
CA LYS A 2786 13.39 -50.75 112.17
C LYS A 2786 13.85 -51.67 113.29
N THR A 2787 14.22 -52.89 112.92
CA THR A 2787 14.57 -53.94 113.88
C THR A 2787 16.05 -53.84 114.21
N HIS A 2788 16.34 -53.50 115.46
CA HIS A 2788 17.71 -53.31 115.91
C HIS A 2788 18.43 -54.65 115.96
N PRO A 2789 19.76 -54.67 115.87
CA PRO A 2789 20.50 -55.91 116.12
C PRO A 2789 20.28 -56.46 117.52
N MET A 2790 19.95 -55.57 118.47
CA MET A 2790 19.67 -56.02 119.83
C MET A 2790 18.35 -56.75 119.91
N LEU A 2791 17.53 -56.66 118.88
CA LEU A 2791 16.19 -57.24 118.94
C LEU A 2791 16.30 -58.75 119.12
N ARG A 2792 16.01 -59.19 120.34
CA ARG A 2792 16.14 -60.58 120.72
C ARG A 2792 15.10 -60.85 121.80
N PRO A 2793 14.76 -62.12 122.03
CA PRO A 2793 13.87 -62.44 123.15
C PRO A 2793 14.51 -62.00 124.47
N TYR A 2794 13.65 -61.64 125.43
CA TYR A 2794 14.13 -61.04 126.67
C TYR A 2794 15.05 -61.97 127.43
N LYS A 2795 14.76 -63.28 127.41
CA LYS A 2795 15.60 -64.23 128.13
C LYS A 2795 16.98 -64.39 127.49
N THR A 2796 17.09 -64.09 126.19
CA THR A 2796 18.36 -64.22 125.50
C THR A 2796 19.25 -63.01 125.74
N PHE A 2797 18.99 -62.28 126.82
CA PHE A 2797 19.69 -61.03 127.10
C PHE A 2797 21.19 -61.27 127.21
N SER A 2798 21.97 -60.45 126.51
CA SER A 2798 23.40 -60.69 126.36
C SER A 2798 24.22 -59.78 127.27
N GLU A 2799 25.31 -60.34 127.80
CA GLU A 2799 26.16 -59.60 128.73
C GLU A 2799 26.96 -58.52 128.02
N LYS A 2800 27.24 -58.72 126.72
CA LYS A 2800 28.05 -57.75 125.99
C LYS A 2800 27.33 -56.40 125.90
N ASP A 2801 26.01 -56.41 125.71
CA ASP A 2801 25.29 -55.15 125.67
C ASP A 2801 25.08 -54.59 127.06
N LYS A 2802 25.12 -55.44 128.09
CA LYS A 2802 25.18 -54.94 129.46
C LYS A 2802 26.43 -54.11 129.69
N GLU A 2803 27.60 -54.66 129.30
CA GLU A 2803 28.86 -54.01 129.62
C GLU A 2803 29.03 -52.70 128.86
N ILE A 2804 28.44 -52.59 127.67
CA ILE A 2804 28.62 -51.38 126.87
C ILE A 2804 27.60 -50.32 127.25
N TYR A 2805 26.39 -50.74 127.66
CA TYR A 2805 25.38 -49.77 128.03
C TYR A 2805 25.56 -49.31 129.47
N ARG A 2806 26.48 -49.94 130.20
CA ARG A 2806 26.77 -49.49 131.55
C ARG A 2806 27.40 -48.11 131.54
N TRP A 2807 28.12 -47.77 130.47
CA TRP A 2807 28.80 -46.49 130.42
C TRP A 2807 27.88 -45.29 130.18
N PRO A 2808 26.93 -45.32 129.23
CA PRO A 2808 26.03 -44.16 129.10
C PRO A 2808 25.17 -43.92 130.32
N ILE A 2809 24.54 -44.97 130.85
CA ILE A 2809 23.74 -44.82 132.06
C ILE A 2809 24.60 -44.44 133.25
N LYS A 2810 25.85 -44.94 133.28
CA LYS A 2810 26.81 -44.50 134.29
C LYS A 2810 27.03 -43.00 134.22
N GLU A 2811 27.30 -42.48 133.01
CA GLU A 2811 27.54 -41.06 132.86
C GLU A 2811 26.31 -40.25 133.27
N SER A 2812 25.11 -40.72 132.89
CA SER A 2812 23.89 -40.02 133.25
C SER A 2812 23.71 -39.96 134.77
N LEU A 2813 23.82 -41.10 135.45
CA LEU A 2813 23.65 -41.14 136.89
C LEU A 2813 24.73 -40.33 137.60
N LYS A 2814 25.96 -40.38 137.10
CA LYS A 2814 27.04 -39.64 137.75
C LYS A 2814 26.85 -38.14 137.58
N ALA A 2815 26.40 -37.69 136.41
CA ALA A 2815 26.07 -36.27 136.26
C ALA A 2815 24.94 -35.86 137.18
N MET A 2816 23.92 -36.73 137.31
CA MET A 2816 22.83 -36.48 138.24
C MET A 2816 23.35 -36.30 139.65
N ILE A 2817 24.25 -37.18 140.09
CA ILE A 2817 24.83 -37.06 141.43
C ILE A 2817 25.66 -35.78 141.55
N ALA A 2818 26.46 -35.48 140.52
CA ALA A 2818 27.40 -34.38 140.61
C ALA A 2818 26.70 -33.03 140.67
N TRP A 2819 25.56 -32.89 139.99
CA TRP A 2819 24.89 -31.59 139.91
C TRP A 2819 24.23 -31.25 141.25
N GLU A 2820 25.07 -31.11 142.28
CA GLU A 2820 24.69 -30.66 143.63
C GLU A 2820 23.35 -31.26 144.08
N TRP A 2821 23.13 -32.53 143.74
CA TRP A 2821 21.89 -33.21 144.08
C TRP A 2821 22.20 -34.43 144.95
N THR A 2822 21.56 -34.49 146.11
CA THR A 2822 21.68 -35.66 146.96
C THR A 2822 20.67 -36.73 146.53
N ILE A 2823 20.66 -37.85 147.25
CA ILE A 2823 19.76 -38.96 146.95
C ILE A 2823 19.14 -39.47 148.24
N GLU A 2824 17.94 -38.97 148.54
CA GLU A 2824 17.17 -39.50 149.67
C GLU A 2824 15.69 -39.25 149.41
N LYS A 2825 14.96 -40.33 149.14
CA LYS A 2825 13.52 -40.31 148.99
C LYS A 2825 12.88 -40.92 150.22
N ALA A 2826 11.56 -41.11 150.17
CA ALA A 2826 10.86 -41.69 151.31
C ALA A 2826 11.28 -43.13 151.57
N ARG A 2827 11.34 -43.94 150.51
CA ARG A 2827 11.66 -45.36 150.66
C ARG A 2827 12.33 -45.89 149.40
N GLU A 2828 13.02 -47.03 149.54
CA GLU A 2828 13.60 -47.72 148.40
C GLU A 2828 12.52 -48.42 147.59
N GLY A 2829 12.66 -48.38 146.26
CA GLY A 2829 11.75 -49.07 145.35
C GLY A 2829 12.49 -50.11 144.53
N GLU A 2830 12.15 -51.38 144.79
CA GLU A 2830 12.73 -52.56 144.15
C GLU A 2830 14.19 -52.40 143.70
N TYR A 2855 7.20 -45.21 122.22
CA TYR A 2855 7.97 -45.14 123.46
C TYR A 2855 7.09 -45.37 124.69
N ASN A 2856 7.28 -46.51 125.33
CA ASN A 2856 6.54 -46.83 126.55
C ASN A 2856 7.30 -47.85 127.38
N PRO A 2857 7.47 -47.59 128.68
CA PRO A 2857 8.24 -48.51 129.52
C PRO A 2857 7.34 -49.53 130.21
N GLN A 2858 7.98 -50.45 130.93
CA GLN A 2858 7.21 -51.36 131.77
C GLN A 2858 6.59 -50.67 132.97
N PRO A 2859 7.31 -49.90 133.77
CA PRO A 2859 6.64 -49.02 134.74
C PRO A 2859 6.20 -47.74 134.04
N PRO A 2860 4.91 -47.43 134.05
CA PRO A 2860 4.42 -46.35 133.18
C PRO A 2860 4.86 -44.98 133.67
N ASP A 2861 5.84 -44.41 132.98
CA ASP A 2861 6.33 -43.08 133.30
C ASP A 2861 5.70 -42.07 132.34
N LEU A 2862 4.47 -41.66 132.64
CA LEU A 2862 3.67 -40.88 131.71
C LEU A 2862 3.40 -39.52 132.33
N SER A 2863 3.15 -38.53 131.47
CA SER A 2863 2.83 -37.19 131.95
C SER A 2863 1.56 -37.18 132.78
N GLY A 2864 0.72 -38.20 132.62
CA GLY A 2864 -0.44 -38.33 133.49
C GLY A 2864 -0.06 -38.46 134.95
N VAL A 2865 1.05 -39.17 135.22
CA VAL A 2865 1.58 -39.21 136.58
C VAL A 2865 2.03 -37.81 136.98
N THR A 2866 1.70 -37.42 138.21
CA THR A 2866 1.99 -36.08 138.67
C THR A 2866 3.50 -35.84 138.76
N LEU A 2867 3.90 -34.60 138.48
CA LEU A 2867 5.29 -34.20 138.56
C LEU A 2867 5.37 -32.74 139.00
N SER A 2868 6.49 -32.40 139.62
CA SER A 2868 6.67 -31.05 140.14
C SER A 2868 7.30 -30.12 139.11
N ARG A 2869 6.87 -28.85 139.14
CA ARG A 2869 7.38 -27.88 138.19
C ARG A 2869 8.88 -27.65 138.37
N GLU A 2870 9.33 -27.50 139.61
CA GLU A 2870 10.77 -27.35 139.86
CA GLU A 2870 10.76 -27.35 139.84
C GLU A 2870 11.52 -28.63 139.50
N LEU A 2871 10.89 -29.79 139.70
CA LEU A 2871 11.51 -31.04 139.30
C LEU A 2871 11.73 -31.07 137.80
N GLN A 2872 10.73 -30.62 137.03
CA GLN A 2872 10.89 -30.53 135.57
C GLN A 2872 11.94 -29.49 135.20
N ALA A 2873 12.02 -28.40 135.94
CA ALA A 2873 13.02 -27.37 135.64
C ALA A 2873 14.43 -27.91 135.83
N MET A 2874 14.68 -28.62 136.93
CA MET A 2874 16.02 -29.17 137.14
C MET A 2874 16.25 -30.41 136.28
N ALA A 2875 15.18 -31.05 135.82
CA ALA A 2875 15.32 -32.07 134.79
C ALA A 2875 15.81 -31.46 133.48
N GLU A 2876 15.23 -30.33 133.09
CA GLU A 2876 15.71 -29.61 131.92
C GLU A 2876 17.12 -29.10 132.13
N GLN A 2877 17.47 -28.77 133.38
CA GLN A 2877 18.85 -28.38 133.68
C GLN A 2877 19.82 -29.54 133.45
N LEU A 2878 19.47 -30.73 133.94
CA LEU A 2878 20.33 -31.89 133.70
C LEU A 2878 20.39 -32.24 132.22
N ALA A 2879 19.27 -32.10 131.51
CA ALA A 2879 19.28 -32.31 130.07
C ALA A 2879 20.12 -31.25 129.37
N GLU A 2880 20.14 -30.04 129.91
CA GLU A 2880 21.00 -28.99 129.36
C GLU A 2880 22.47 -29.32 129.57
N ASN A 2881 22.81 -29.91 130.71
CA ASN A 2881 24.19 -30.33 130.92
C ASN A 2881 24.55 -31.49 130.00
N TYR A 2882 23.60 -32.40 129.76
CA TYR A 2882 23.83 -33.47 128.80
C TYR A 2882 24.07 -32.89 127.41
N HIS A 2883 23.29 -31.87 127.05
CA HIS A 2883 23.54 -31.13 125.82
C HIS A 2883 24.93 -30.50 125.83
N ASN A 2884 25.32 -29.89 126.95
CA ASN A 2884 26.63 -29.26 127.05
C ASN A 2884 27.73 -30.27 126.78
N THR A 2885 27.66 -31.43 127.43
CA THR A 2885 28.71 -32.44 127.27
C THR A 2885 28.71 -33.04 125.86
N TRP A 2886 27.53 -33.41 125.37
CA TRP A 2886 27.45 -34.04 124.06
C TRP A 2886 27.89 -33.07 122.96
N GLY A 2887 27.29 -31.88 122.91
CA GLY A 2887 27.70 -30.91 121.92
C GLY A 2887 29.13 -30.46 122.14
N ARG A 2888 29.62 -30.56 123.39
CA ARG A 2888 30.99 -30.17 123.66
C ARG A 2888 31.97 -31.13 123.00
N LYS A 2889 31.83 -32.43 123.24
CA LYS A 2889 32.78 -33.34 122.60
C LYS A 2889 32.54 -33.37 121.10
N LYS A 2890 31.30 -33.11 120.67
CA LYS A 2890 31.02 -32.97 119.25
C LYS A 2890 31.81 -31.81 118.63
N LYS A 2891 31.83 -30.65 119.30
CA LYS A 2891 32.59 -29.53 118.79
C LYS A 2891 34.09 -29.80 118.86
N GLN A 2892 34.56 -30.48 119.91
CA GLN A 2892 35.99 -30.82 119.97
C GLN A 2892 36.39 -31.69 118.79
N GLU A 2893 35.55 -32.67 118.43
CA GLU A 2893 35.82 -33.43 117.21
C GLU A 2893 35.76 -32.54 115.97
N LEU A 2894 34.81 -31.61 115.93
CA LEU A 2894 34.54 -30.88 114.70
C LEU A 2894 35.56 -29.78 114.44
N GLU A 2895 36.25 -29.30 115.48
CA GLU A 2895 37.15 -28.15 115.27
C GLU A 2895 38.45 -28.59 114.61
N ALA A 2896 38.79 -29.88 114.71
CA ALA A 2896 39.97 -30.38 114.04
C ALA A 2896 39.86 -30.17 112.53
N LYS A 2897 38.64 -30.20 111.99
CA LYS A 2897 38.43 -29.79 110.61
C LYS A 2897 38.73 -28.30 110.43
N GLY A 2898 38.38 -27.49 111.43
CA GLY A 2898 38.62 -26.06 111.35
C GLY A 2898 37.43 -25.23 110.94
N GLY A 2899 36.24 -25.81 110.88
CA GLY A 2899 35.06 -25.07 110.47
C GLY A 2899 33.81 -25.84 110.80
N GLY A 2900 32.71 -25.41 110.20
CA GLY A 2900 31.42 -26.06 110.41
C GLY A 2900 30.89 -25.92 111.82
N THR A 2901 31.01 -24.73 112.40
CA THR A 2901 30.40 -24.48 113.70
C THR A 2901 28.88 -24.58 113.59
N HIS A 2902 28.29 -25.34 114.50
CA HIS A 2902 26.86 -25.63 114.40
C HIS A 2902 26.03 -24.42 114.79
N PRO A 2903 25.23 -23.87 113.87
CA PRO A 2903 24.28 -22.82 114.28
C PRO A 2903 23.24 -23.33 115.27
N LEU A 2904 22.84 -24.60 115.15
CA LEU A 2904 21.81 -25.15 116.01
C LEU A 2904 22.30 -25.28 117.44
N LEU A 2905 23.61 -25.48 117.62
CA LEU A 2905 24.15 -25.67 118.96
C LEU A 2905 24.29 -24.33 119.67
N VAL A 2906 23.35 -24.03 120.55
CA VAL A 2906 23.25 -22.72 121.19
C VAL A 2906 22.77 -22.93 122.63
N PRO A 2907 22.73 -21.88 123.47
CA PRO A 2907 22.18 -22.07 124.82
C PRO A 2907 20.74 -22.54 124.80
N TYR A 2908 20.34 -23.23 125.87
CA TYR A 2908 19.06 -23.92 125.92
C TYR A 2908 17.89 -22.96 125.76
N ASP A 2909 17.95 -21.81 126.44
CA ASP A 2909 16.87 -20.84 126.33
C ASP A 2909 16.73 -20.30 124.92
N THR A 2910 17.85 -20.03 124.26
CA THR A 2910 17.81 -19.48 122.91
C THR A 2910 17.18 -20.47 121.92
N LEU A 2911 17.59 -21.73 121.97
CA LEU A 2911 17.05 -22.72 121.06
C LEU A 2911 15.58 -23.02 121.39
N THR A 2912 14.81 -23.28 120.34
CA THR A 2912 13.37 -23.42 120.48
C THR A 2912 13.01 -24.67 121.28
N ALA A 2913 11.84 -24.63 121.94
CA ALA A 2913 11.43 -25.74 122.78
C ALA A 2913 11.19 -27.00 121.98
N LYS A 2914 10.65 -26.88 120.77
CA LYS A 2914 10.34 -28.06 119.97
C LYS A 2914 11.60 -28.81 119.58
N GLU A 2915 12.70 -28.09 119.35
CA GLU A 2915 13.98 -28.76 119.12
C GLU A 2915 14.44 -29.49 120.37
N LYS A 2916 14.25 -28.87 121.54
CA LYS A 2916 14.65 -29.50 122.79
C LYS A 2916 13.53 -30.35 123.36
N ALA A 2917 12.48 -30.60 122.58
CA ALA A 2917 11.36 -31.39 123.07
C ALA A 2917 11.80 -32.81 123.44
N ARG A 2918 12.62 -33.43 122.60
CA ARG A 2918 13.11 -34.77 122.90
C ARG A 2918 13.96 -34.77 124.16
N ASP A 2919 14.84 -33.78 124.31
CA ASP A 2919 15.68 -33.70 125.51
C ASP A 2919 14.84 -33.52 126.76
N ARG A 2920 13.84 -32.64 126.70
CA ARG A 2920 12.99 -32.40 127.86
C ARG A 2920 12.16 -33.63 128.20
N GLU A 2921 11.63 -34.32 127.18
CA GLU A 2921 10.85 -35.52 127.43
C GLU A 2921 11.72 -36.60 128.06
N LYS A 2922 12.94 -36.79 127.54
CA LYS A 2922 13.85 -37.76 128.13
C LYS A 2922 14.17 -37.41 129.57
N ALA A 2923 14.41 -36.12 129.85
CA ALA A 2923 14.73 -35.70 131.21
C ALA A 2923 13.57 -35.96 132.15
N GLN A 2924 12.35 -35.59 131.74
CA GLN A 2924 11.20 -35.80 132.62
C GLN A 2924 10.95 -37.29 132.85
N GLU A 2925 11.09 -38.10 131.80
CA GLU A 2925 10.93 -39.55 131.94
C GLU A 2925 11.96 -40.11 132.91
N LEU A 2926 13.23 -39.71 132.75
CA LEU A 2926 14.28 -40.20 133.63
C LEU A 2926 14.01 -39.80 135.07
N LEU A 2927 13.63 -38.54 135.29
CA LEU A 2927 13.38 -38.08 136.66
C LEU A 2927 12.23 -38.83 137.31
N LYS A 2928 11.09 -38.97 136.63
CA LYS A 2928 9.96 -39.67 137.26
C LYS A 2928 10.27 -41.15 137.47
N PHE A 2929 10.89 -41.79 136.47
CA PHE A 2929 11.22 -43.20 136.57
C PHE A 2929 12.20 -43.46 137.72
N LEU A 2930 13.22 -42.60 137.84
CA LEU A 2930 14.23 -42.83 138.86
C LEU A 2930 13.69 -42.42 140.23
N GLN A 2931 12.78 -41.44 140.26
CA GLN A 2931 12.08 -41.12 141.50
C GLN A 2931 11.31 -42.33 142.02
N MET A 2932 10.65 -43.06 141.12
CA MET A 2932 10.04 -44.32 141.53
C MET A 2932 11.13 -45.31 141.97
N ASN A 2933 12.27 -45.30 141.29
CA ASN A 2933 13.32 -46.29 141.57
C ASN A 2933 13.88 -46.15 142.98
N GLY A 2934 14.26 -44.93 143.39
CA GLY A 2934 14.68 -44.74 144.76
C GLY A 2934 15.84 -43.80 145.04
N TYR A 2935 16.79 -43.64 144.13
CA TYR A 2935 17.93 -42.76 144.43
C TYR A 2935 18.18 -41.75 143.32
N ALA A 2936 17.48 -40.63 143.37
CA ALA A 2936 17.60 -39.57 142.37
C ALA A 2936 17.66 -38.21 143.06
N VAL A 2937 17.54 -37.15 142.27
CA VAL A 2937 17.54 -35.79 142.78
C VAL A 2937 16.15 -35.47 143.28
N THR A 2938 16.07 -34.90 144.48
CA THR A 2938 14.82 -34.43 145.06
C THR A 2938 15.13 -33.27 146.00
N ARG A 2939 14.30 -32.23 145.93
CA ARG A 2939 14.49 -31.05 146.78
C ARG A 2939 14.16 -31.37 148.23
N LEU A 2946 12.49 -18.72 142.16
CA LEU A 2946 12.23 -19.58 143.30
C LEU A 2946 11.24 -18.93 144.26
N ASP A 2947 10.03 -19.49 144.32
CA ASP A 2947 8.96 -19.01 145.20
C ASP A 2947 8.52 -17.60 144.84
N THR A 2948 8.99 -17.10 143.70
CA THR A 2948 8.61 -15.77 143.24
C THR A 2948 7.12 -15.74 142.89
N SER A 2949 6.48 -14.61 143.21
CA SER A 2949 5.06 -14.46 142.95
C SER A 2949 4.80 -14.54 141.46
N SER A 2950 3.66 -15.16 141.09
CA SER A 2950 3.26 -15.22 139.70
C SER A 2950 3.10 -13.83 139.11
N ILE A 2951 2.82 -12.85 139.96
CA ILE A 2951 2.61 -11.48 139.48
C ILE A 2951 3.94 -10.77 139.30
N GLU A 2952 4.94 -11.12 140.12
CA GLU A 2952 6.21 -10.42 140.07
C GLU A 2952 6.98 -10.74 138.79
N LYS A 2953 6.82 -11.96 138.28
CA LYS A 2953 7.57 -12.34 137.07
C LYS A 2953 6.95 -11.74 135.81
N ARG A 2954 5.96 -10.85 135.97
CA ARG A 2954 5.53 -10.05 134.84
C ARG A 2954 6.66 -9.15 134.38
N PHE A 2955 6.70 -8.88 133.08
CA PHE A 2955 7.74 -8.00 132.55
C PHE A 2955 7.63 -6.62 133.15
N ALA A 2956 6.41 -6.14 133.36
CA ALA A 2956 6.22 -4.84 134.01
C ALA A 2956 6.79 -4.85 135.42
N PHE A 2957 6.47 -5.88 136.19
CA PHE A 2957 6.95 -5.93 137.57
C PHE A 2957 8.47 -6.00 137.60
N GLY A 2958 9.07 -6.78 136.70
CA GLY A 2958 10.52 -6.84 136.63
C GLY A 2958 11.13 -5.50 136.25
N PHE A 2959 10.53 -4.83 135.26
CA PHE A 2959 11.03 -3.53 134.85
C PHE A 2959 10.92 -2.52 135.98
N LEU A 2960 9.90 -2.65 136.83
CA LEU A 2960 9.76 -1.70 137.92
C LEU A 2960 10.64 -2.04 139.11
N GLN A 2961 10.97 -3.31 139.32
CA GLN A 2961 12.01 -3.58 140.29
C GLN A 2961 13.35 -3.03 139.83
N GLN A 2962 13.66 -3.22 138.54
CA GLN A 2962 14.85 -2.60 137.99
C GLN A 2962 14.75 -1.08 138.06
N LEU A 2963 13.53 -0.55 138.00
CA LEU A 2963 13.34 0.89 138.08
C LEU A 2963 13.53 1.39 139.50
N LEU A 2964 13.15 0.59 140.49
CA LEU A 2964 13.43 0.96 141.88
C LEU A 2964 14.92 0.90 142.17
N ARG A 2965 15.63 -0.04 141.56
CA ARG A 2965 17.09 -0.03 141.72
C ARG A 2965 17.70 1.15 140.98
N TRP A 2966 17.16 1.47 139.80
CA TRP A 2966 17.49 2.72 139.13
C TRP A 2966 17.18 3.91 140.03
N MET A 2967 16.19 3.76 140.91
CA MET A 2967 15.75 4.88 141.72
C MET A 2967 16.65 5.05 142.93
N ASP A 2968 17.17 3.95 143.45
CA ASP A 2968 18.26 4.04 144.43
C ASP A 2968 19.47 4.73 143.79
N ILE A 2969 19.80 4.33 142.56
CA ILE A 2969 20.83 5.05 141.81
C ILE A 2969 20.42 6.51 141.64
N SER A 2970 19.13 6.76 141.50
CA SER A 2970 18.63 8.12 141.35
C SER A 2970 18.93 8.94 142.59
N GLN A 2971 18.59 8.41 143.76
CA GLN A 2971 18.85 9.12 145.00
C GLN A 2971 20.34 9.37 145.18
N GLU A 2972 21.16 8.36 144.88
CA GLU A 2972 22.58 8.57 145.11
C GLU A 2972 23.17 9.61 144.17
N PHE A 2973 22.77 9.61 142.87
CA PHE A 2973 23.45 10.58 142.02
C PHE A 2973 22.88 11.96 142.24
N ILE A 2974 21.63 12.08 142.66
CA ILE A 2974 21.11 13.41 142.96
C ILE A 2974 21.79 13.95 144.21
N ALA A 2975 22.05 13.09 145.20
CA ALA A 2975 22.83 13.54 146.35
C ALA A 2975 24.21 14.02 145.91
N HIS A 2976 24.89 13.22 145.10
CA HIS A 2976 26.21 13.60 144.62
C HIS A 2976 26.17 14.89 143.81
N LEU A 2977 25.16 15.03 142.95
CA LEU A 2977 25.08 16.19 142.08
C LEU A 2977 24.79 17.45 142.86
N GLU A 2978 23.87 17.38 143.83
CA GLU A 2978 23.63 18.52 144.70
C GLU A 2978 24.89 18.88 145.48
N ALA A 2979 25.63 17.87 145.96
CA ALA A 2979 26.87 18.17 146.68
C ALA A 2979 27.86 18.91 145.79
N VAL A 2980 28.10 18.40 144.58
CA VAL A 2980 29.11 18.99 143.71
C VAL A 2980 28.65 20.35 143.21
N VAL A 2981 27.34 20.54 143.03
CA VAL A 2981 26.84 21.83 142.60
C VAL A 2981 26.99 22.85 143.73
N SER A 2982 26.68 22.45 144.96
CA SER A 2982 26.82 23.36 146.10
C SER A 2982 28.27 23.75 146.30
N SER A 2983 29.19 22.79 146.21
CA SER A 2983 30.59 23.09 146.45
C SER A 2983 31.46 22.02 145.80
N GLY A 2984 32.51 22.49 145.13
CA GLY A 2984 33.52 21.60 144.59
C GLY A 2984 33.01 20.64 143.53
N ARG A 2985 32.66 21.17 142.36
CA ARG A 2985 32.20 20.31 141.28
C ARG A 2985 33.29 19.33 140.87
N VAL A 2986 32.90 18.05 140.75
CA VAL A 2986 33.88 17.01 140.47
C VAL A 2986 34.10 16.89 138.97
N GLU A 2987 35.37 16.80 138.58
CA GLU A 2987 35.68 16.59 137.16
C GLU A 2987 35.43 15.15 136.77
N LYS A 2988 35.68 14.21 137.69
CA LYS A 2988 35.42 12.80 137.40
C LYS A 2988 33.94 12.54 137.12
N SER A 2989 33.07 12.97 138.02
CA SER A 2989 31.64 12.74 137.91
C SER A 2989 31.37 11.26 137.65
N PRO A 2990 31.70 10.37 138.60
CA PRO A 2990 31.48 8.94 138.35
C PRO A 2990 30.01 8.58 138.17
N HIS A 2991 29.12 9.41 138.71
CA HIS A 2991 27.69 9.13 138.57
C HIS A 2991 27.20 9.50 137.17
N GLU A 2992 28.03 10.19 136.38
CA GLU A 2992 27.53 10.85 135.18
C GLU A 2992 27.09 9.85 134.12
N GLN A 2993 27.76 8.69 134.05
CA GLN A 2993 27.35 7.69 133.07
C GLN A 2993 25.94 7.21 133.35
N GLU A 2994 25.64 6.87 134.61
CA GLU A 2994 24.28 6.51 134.98
C GLU A 2994 23.34 7.70 134.84
N ILE A 2995 23.87 8.91 135.02
CA ILE A 2995 23.07 10.13 134.83
C ILE A 2995 22.55 10.18 133.42
N LYS A 2996 23.43 9.98 132.45
CA LYS A 2996 23.03 9.99 131.05
C LYS A 2996 22.12 8.80 130.74
N PHE A 2997 22.48 7.62 131.25
CA PHE A 2997 21.70 6.42 130.97
C PHE A 2997 20.28 6.56 131.53
N PHE A 2998 20.10 7.40 132.55
CA PHE A 2998 18.77 7.62 133.09
C PHE A 2998 18.06 8.73 132.33
N ALA A 2999 18.65 9.93 132.30
CA ALA A 2999 17.98 11.08 131.73
C ALA A 2999 17.75 10.91 130.22
N LYS A 3000 18.81 10.61 129.48
CA LYS A 3000 18.69 10.58 128.02
C LYS A 3000 18.08 9.28 127.54
N ILE A 3001 18.16 8.22 128.34
CA ILE A 3001 17.75 6.89 127.92
C ILE A 3001 16.58 6.39 128.76
N LEU A 3002 16.77 6.26 130.08
CA LEU A 3002 15.73 5.67 130.91
C LEU A 3002 14.50 6.56 131.00
N LEU A 3003 14.69 7.88 130.99
CA LEU A 3003 13.52 8.76 130.98
C LEU A 3003 12.67 8.58 129.72
N PRO A 3004 13.23 8.63 128.50
CA PRO A 3004 12.40 8.30 127.33
C PRO A 3004 11.87 6.88 127.37
N LEU A 3005 12.63 5.94 127.95
CA LEU A 3005 12.14 4.59 128.11
C LEU A 3005 10.84 4.56 128.90
N ILE A 3006 10.85 5.18 130.08
CA ILE A 3006 9.65 5.26 130.89
C ILE A 3006 8.55 5.98 130.12
N ASN A 3007 8.92 7.05 129.43
CA ASN A 3007 7.94 7.84 128.68
C ASN A 3007 7.17 6.95 127.72
N GLN A 3008 7.86 6.35 126.75
CA GLN A 3008 7.15 5.61 125.72
C GLN A 3008 6.53 4.34 126.28
N TYR A 3009 7.19 3.71 127.26
CA TYR A 3009 6.66 2.50 127.85
C TYR A 3009 5.32 2.74 128.51
N PHE A 3010 5.25 3.75 129.38
CA PHE A 3010 3.98 4.08 130.02
C PHE A 3010 2.99 4.63 129.01
N THR A 3011 3.49 5.27 127.95
CA THR A 3011 2.61 5.75 126.89
C THR A 3011 1.87 4.59 126.25
N ASN A 3012 2.57 3.51 125.93
CA ASN A 3012 1.94 2.37 125.27
C ASN A 3012 1.00 1.64 126.22
N HIS A 3013 1.31 1.64 127.51
CA HIS A 3013 0.68 0.75 128.47
C HIS A 3013 -0.09 1.48 129.57
N CYS A 3014 -0.39 2.77 129.37
CA CYS A 3014 -1.20 3.50 130.34
C CYS A 3014 -2.55 2.83 130.54
N LEU A 3015 -3.16 2.36 129.45
CA LEU A 3015 -4.45 1.70 129.57
C LEU A 3015 -4.35 0.42 130.37
N TYR A 3016 -3.31 -0.38 130.13
CA TYR A 3016 -3.16 -1.63 130.87
C TYR A 3016 -2.91 -1.35 132.35
N PHE A 3017 -2.13 -0.31 132.65
CA PHE A 3017 -1.98 0.11 134.04
C PHE A 3017 -3.32 0.51 134.64
N LEU A 3018 -4.15 1.20 133.86
CA LEU A 3018 -5.41 1.71 134.38
C LEU A 3018 -6.43 0.61 134.57
N SER A 3019 -6.29 -0.50 133.83
CA SER A 3019 -7.30 -1.55 133.83
C SER A 3019 -7.53 -2.11 135.22
N THR A 3020 -8.80 -2.40 135.52
CA THR A 3020 -9.24 -2.90 136.81
C THR A 3020 -9.95 -4.22 136.60
N PRO A 3021 -9.93 -5.11 137.61
CA PRO A 3021 -10.64 -6.39 137.44
C PRO A 3021 -12.12 -6.21 137.18
N ALA A 3022 -12.76 -5.24 137.83
CA ALA A 3022 -14.17 -4.97 137.56
C ALA A 3022 -14.35 -4.41 136.16
N LYS A 3023 -13.55 -3.42 135.79
CA LYS A 3023 -13.59 -2.83 134.47
C LYS A 3023 -12.17 -2.64 133.99
N VAL A 3024 -11.74 -3.46 133.05
CA VAL A 3024 -10.45 -3.29 132.40
C VAL A 3024 -10.57 -2.15 131.39
N LEU A 3025 -9.94 -1.02 131.71
CA LEU A 3025 -9.95 0.10 130.78
C LEU A 3025 -9.07 -0.17 129.57
N GLY A 3026 -7.95 -0.86 129.79
CA GLY A 3026 -7.19 -1.36 128.67
C GLY A 3026 -7.85 -2.58 128.05
N SER A 3027 -7.36 -2.98 126.88
CA SER A 3027 -7.93 -4.12 126.19
C SER A 3027 -7.71 -5.41 126.98
N GLY A 3028 -6.48 -5.65 127.43
CA GLY A 3028 -6.17 -6.84 128.19
C GLY A 3028 -5.09 -6.64 129.22
N GLY A 3029 -5.16 -7.38 130.32
CA GLY A 3029 -4.12 -7.31 131.32
C GLY A 3029 -4.39 -6.26 132.38
N HIS A 3030 -4.18 -6.65 133.63
CA HIS A 3030 -4.31 -5.76 134.78
C HIS A 3030 -2.97 -5.59 135.46
N ALA A 3031 -2.53 -4.35 135.60
CA ALA A 3031 -1.35 -4.06 136.41
C ALA A 3031 -1.71 -4.16 137.88
N SER A 3032 -0.98 -5.02 138.61
CA SER A 3032 -1.33 -5.36 139.97
C SER A 3032 -1.40 -4.11 140.85
N ASN A 3033 -2.10 -4.24 141.98
CA ASN A 3033 -2.24 -3.10 142.88
C ASN A 3033 -0.88 -2.67 143.44
N LYS A 3034 -0.07 -3.64 143.87
CA LYS A 3034 1.26 -3.31 144.39
C LYS A 3034 2.12 -2.70 143.29
N GLU A 3035 2.00 -3.21 142.07
CA GLU A 3035 2.73 -2.63 140.96
C GLU A 3035 2.30 -1.18 140.74
N LYS A 3036 1.00 -0.91 140.80
CA LYS A 3036 0.51 0.45 140.69
C LYS A 3036 1.07 1.32 141.80
N GLU A 3037 1.16 0.77 143.01
CA GLU A 3037 1.68 1.51 144.14
C GLU A 3037 3.14 1.88 143.91
N MET A 3038 3.93 0.98 143.35
CA MET A 3038 5.33 1.34 143.13
C MET A 3038 5.45 2.34 141.98
N ILE A 3039 4.55 2.28 141.00
CA ILE A 3039 4.52 3.34 139.99
C ILE A 3039 4.22 4.69 140.64
N THR A 3040 3.28 4.70 141.59
CA THR A 3040 2.98 5.95 142.30
C THR A 3040 4.19 6.44 143.07
N SER A 3041 4.87 5.52 143.75
CA SER A 3041 6.07 5.88 144.48
C SER A 3041 7.14 6.42 143.54
N LEU A 3042 7.22 5.87 142.34
CA LEU A 3042 8.17 6.38 141.36
C LEU A 3042 7.80 7.78 140.89
N PHE A 3043 6.50 8.04 140.76
CA PHE A 3043 6.07 9.40 140.44
C PHE A 3043 6.49 10.36 141.55
N CYS A 3044 6.28 9.97 142.80
CA CYS A 3044 6.70 10.81 143.92
C CYS A 3044 8.21 11.01 143.91
N LYS A 3045 8.96 9.95 143.59
CA LYS A 3045 10.41 10.05 143.58
C LYS A 3045 10.90 10.96 142.46
N LEU A 3046 10.26 10.88 141.28
CA LEU A 3046 10.57 11.84 140.23
C LEU A 3046 10.27 13.26 140.65
N ALA A 3047 9.17 13.45 141.39
CA ALA A 3047 8.88 14.79 141.91
C ALA A 3047 10.00 15.26 142.82
N ALA A 3048 10.45 14.40 143.73
CA ALA A 3048 11.53 14.75 144.64
C ALA A 3048 12.82 15.03 143.88
N LEU A 3049 13.05 14.29 142.78
CA LEU A 3049 14.24 14.52 141.99
C LEU A 3049 14.20 15.85 141.27
N VAL A 3050 13.06 16.20 140.67
CA VAL A 3050 12.97 17.45 139.93
C VAL A 3050 12.91 18.62 140.90
N ARG A 3051 12.65 18.33 142.18
CA ARG A 3051 12.62 19.37 143.20
C ARG A 3051 13.94 20.11 143.20
N HIS A 3052 13.89 21.39 142.80
CA HIS A 3052 15.09 22.19 142.51
C HIS A 3052 16.07 21.46 141.60
N ARG A 3053 15.66 21.12 140.39
CA ARG A 3053 16.54 20.40 139.46
C ARG A 3053 16.45 20.90 138.03
N VAL A 3054 15.67 21.95 137.76
CA VAL A 3054 15.49 22.39 136.39
C VAL A 3054 16.81 22.88 135.81
N SER A 3055 17.56 23.69 136.56
CA SER A 3055 18.85 24.17 136.08
C SER A 3055 19.83 23.02 135.93
N LEU A 3056 19.82 22.08 136.88
CA LEU A 3056 20.78 20.99 136.86
C LEU A 3056 20.54 20.05 135.70
N PHE A 3057 19.28 19.61 135.52
CA PHE A 3057 18.97 18.73 134.40
C PHE A 3057 19.10 19.46 133.06
N GLY A 3058 18.69 20.71 133.01
CA GLY A 3058 18.82 21.47 131.77
C GLY A 3058 17.91 20.93 130.70
N THR A 3059 18.51 20.31 129.68
CA THR A 3059 17.76 19.88 128.51
C THR A 3059 16.76 18.79 128.85
N ASP A 3060 17.04 18.00 129.89
CA ASP A 3060 16.21 16.83 130.15
C ASP A 3060 14.96 17.19 130.95
N ALA A 3061 14.91 18.41 131.49
CA ALA A 3061 13.75 18.80 132.29
C ALA A 3061 12.42 18.68 131.54
N PRO A 3062 12.30 19.07 130.27
CA PRO A 3062 11.04 18.78 129.56
C PRO A 3062 10.72 17.30 129.52
N ALA A 3063 11.73 16.44 129.31
CA ALA A 3063 11.49 15.02 129.33
C ALA A 3063 10.97 14.59 130.70
N VAL A 3064 11.54 15.15 131.76
CA VAL A 3064 11.08 14.84 133.11
C VAL A 3064 9.61 15.20 133.26
N VAL A 3065 9.23 16.40 132.81
CA VAL A 3065 7.85 16.84 133.04
C VAL A 3065 6.87 16.00 132.23
N ASN A 3066 7.25 15.63 131.00
CA ASN A 3066 6.37 14.75 130.23
C ASN A 3066 6.25 13.38 130.88
N CYS A 3067 7.37 12.85 131.40
CA CYS A 3067 7.31 11.57 132.10
C CYS A 3067 6.40 11.65 133.31
N LEU A 3068 6.47 12.77 134.06
CA LEU A 3068 5.55 12.94 135.18
C LEU A 3068 4.10 12.99 134.71
N HIS A 3069 3.85 13.64 133.57
CA HIS A 3069 2.49 13.68 133.05
C HIS A 3069 1.98 12.28 132.74
N ILE A 3070 2.78 11.48 132.03
CA ILE A 3070 2.38 10.13 131.70
C ILE A 3070 2.21 9.30 132.97
N LEU A 3071 3.09 9.53 133.95
CA LEU A 3071 3.00 8.85 135.23
C LEU A 3071 1.68 9.13 135.92
N ALA A 3072 1.27 10.40 135.93
CA ALA A 3072 -0.01 10.77 136.52
C ALA A 3072 -1.16 10.12 135.77
N ARG A 3073 -1.07 10.08 134.44
CA ARG A 3073 -2.17 9.51 133.66
C ARG A 3073 -2.25 8.00 133.86
N SER A 3074 -1.13 7.34 134.18
CA SER A 3074 -1.11 5.89 134.18
C SER A 3074 -1.82 5.30 135.39
N LEU A 3075 -1.82 6.03 136.52
CA LEU A 3075 -2.13 5.41 137.80
C LEU A 3075 -3.64 5.31 138.04
N ASP A 3076 -4.03 4.37 138.89
CA ASP A 3076 -5.41 4.24 139.36
C ASP A 3076 -5.43 4.71 140.81
N ALA A 3077 -5.75 5.99 141.00
CA ALA A 3077 -5.53 6.62 142.29
C ALA A 3077 -6.56 6.17 143.33
N ARG A 3078 -7.77 5.80 142.89
CA ARG A 3078 -8.72 5.27 143.86
C ARG A 3078 -8.23 3.95 144.44
N THR A 3079 -7.77 3.03 143.60
CA THR A 3079 -7.16 1.82 144.13
C THR A 3079 -5.96 2.18 145.00
N VAL A 3080 -5.23 3.23 144.61
CA VAL A 3080 -4.05 3.62 145.35
C VAL A 3080 -4.40 3.97 146.79
N MET A 3081 -5.37 4.87 146.98
CA MET A 3081 -5.62 5.33 148.35
C MET A 3081 -6.49 4.32 149.10
N LYS A 3082 -7.23 3.47 148.37
CA LYS A 3082 -7.98 2.41 149.04
C LYS A 3082 -7.05 1.36 149.63
N SER A 3083 -6.09 0.89 148.83
CA SER A 3083 -5.17 -0.18 149.26
C SER A 3083 -3.76 0.19 148.82
N GLY A 3084 -3.02 0.81 149.72
CA GLY A 3084 -1.66 1.19 149.45
C GLY A 3084 -0.76 1.08 150.67
N PRO A 3085 0.52 0.78 150.45
CA PRO A 3085 1.47 0.82 151.56
C PRO A 3085 1.58 2.24 152.10
N GLU A 3086 1.45 2.35 153.43
CA GLU A 3086 1.39 3.67 154.06
C GLU A 3086 2.61 4.50 153.71
N ILE A 3087 3.74 3.85 153.43
CA ILE A 3087 4.92 4.59 152.99
C ILE A 3087 4.64 5.31 151.67
N VAL A 3088 4.04 4.59 150.71
CA VAL A 3088 3.74 5.19 149.41
C VAL A 3088 2.66 6.25 149.56
N LYS A 3089 1.65 5.97 150.38
CA LYS A 3089 0.59 6.95 150.59
C LYS A 3089 1.15 8.22 151.21
N ALA A 3090 2.06 8.09 152.18
CA ALA A 3090 2.67 9.24 152.80
C ALA A 3090 3.58 9.97 151.82
N GLY A 3091 4.24 9.25 150.94
CA GLY A 3091 5.03 9.90 149.91
C GLY A 3091 4.19 10.76 149.00
N LEU A 3092 3.06 10.22 148.56
CA LEU A 3092 2.15 11.00 147.71
C LEU A 3092 1.57 12.19 148.47
N ARG A 3093 1.22 11.96 149.75
CA ARG A 3093 0.80 13.04 150.62
C ARG A 3093 1.84 14.16 150.67
N SER A 3094 3.10 13.80 150.95
CA SER A 3094 4.15 14.79 151.05
C SER A 3094 4.39 15.46 149.71
N PHE A 3095 4.13 14.76 148.61
CA PHE A 3095 4.22 15.39 147.30
C PHE A 3095 3.19 16.51 147.18
N PHE A 3096 1.93 16.23 147.55
CA PHE A 3096 0.94 17.29 147.58
C PHE A 3096 1.38 18.43 148.49
N GLU A 3097 1.87 18.10 149.68
CA GLU A 3097 2.21 19.13 150.65
C GLU A 3097 3.35 20.01 150.16
N SER A 3098 4.37 19.39 149.56
CA SER A 3098 5.47 20.16 149.00
C SER A 3098 4.99 21.05 147.88
N ALA A 3099 4.11 20.54 147.03
CA ALA A 3099 3.53 21.37 145.98
C ALA A 3099 2.81 22.57 146.59
N SER A 3100 2.04 22.34 147.65
CA SER A 3100 1.30 23.42 148.29
C SER A 3100 2.24 24.46 148.89
N GLU A 3101 3.31 24.00 149.55
CA GLU A 3101 4.30 24.94 150.06
C GLU A 3101 4.91 25.75 148.94
N ASP A 3102 5.19 25.12 147.81
CA ASP A 3102 5.67 25.86 146.65
C ASP A 3102 4.66 26.92 146.25
N ILE A 3103 3.37 26.57 146.21
CA ILE A 3103 2.35 27.53 145.82
C ILE A 3103 2.34 28.72 146.75
N GLU A 3104 2.43 28.48 148.05
CA GLU A 3104 2.52 29.59 148.99
C GLU A 3104 3.79 30.41 148.78
N LYS A 3105 4.87 29.77 148.31
CA LYS A 3105 6.06 30.54 147.96
C LYS A 3105 5.80 31.46 146.78
N MET A 3106 5.12 30.96 145.74
CA MET A 3106 4.61 31.87 144.71
C MET A 3106 3.79 33.00 145.31
N VAL A 3107 2.97 32.72 146.32
CA VAL A 3107 2.18 33.78 146.92
C VAL A 3107 3.09 34.86 147.50
N GLU A 3108 4.05 34.46 148.35
CA GLU A 3108 4.89 35.45 149.01
C GLU A 3108 5.76 36.21 148.00
N ASN A 3109 6.09 35.57 146.88
CA ASN A 3109 6.75 36.31 145.81
C ASN A 3109 5.81 37.30 145.15
N LEU A 3110 4.55 36.90 144.94
CA LEU A 3110 3.61 37.75 144.24
C LEU A 3110 3.10 38.87 145.12
N ARG A 3111 3.46 38.86 146.40
CA ARG A 3111 3.31 40.10 147.19
C ARG A 3111 4.28 41.18 146.72
N LEU A 3112 5.34 40.78 146.01
CA LEU A 3112 6.38 41.64 145.47
C LEU A 3112 7.07 42.52 146.50
N GLY A 3113 7.37 42.01 147.70
CA GLY A 3113 8.32 42.72 148.54
C GLY A 3113 9.68 42.84 147.87
N LYS A 3114 10.08 41.80 147.15
CA LYS A 3114 11.31 41.84 146.37
C LYS A 3114 10.98 41.52 144.91
N VAL A 3115 11.85 41.95 144.00
CA VAL A 3115 11.50 42.00 142.57
C VAL A 3115 11.03 40.65 142.06
N SER A 3116 11.74 39.58 142.42
CA SER A 3116 11.39 38.21 142.03
C SER A 3116 11.25 38.07 140.52
N LYS A 3123 16.80 35.51 143.14
CA LYS A 3123 17.76 34.69 142.43
C LYS A 3123 17.29 33.23 142.55
N GLY A 3124 17.46 32.65 143.74
CA GLY A 3124 16.99 31.29 143.94
C GLY A 3124 15.49 31.18 143.94
N VAL A 3125 14.81 32.19 144.50
CA VAL A 3125 13.35 32.17 144.52
C VAL A 3125 12.81 32.33 143.09
N GLY A 3126 13.49 33.12 142.27
CA GLY A 3126 13.07 33.25 140.88
C GLY A 3126 13.20 31.95 140.10
N GLN A 3127 14.33 31.25 140.29
CA GLN A 3127 14.50 29.97 139.61
C GLN A 3127 13.49 28.95 140.14
N ASN A 3128 13.19 29.01 141.44
CA ASN A 3128 12.15 28.15 141.98
C ASN A 3128 10.79 28.46 141.38
N LEU A 3129 10.47 29.74 141.20
CA LEU A 3129 9.18 30.11 140.62
C LEU A 3129 9.08 29.61 139.19
N THR A 3130 10.13 29.81 138.41
CA THR A 3130 10.14 29.30 137.05
C THR A 3130 10.00 27.79 137.04
N TYR A 3131 10.73 27.11 137.94
CA TYR A 3131 10.68 25.66 138.03
C TYR A 3131 9.29 25.16 138.35
N THR A 3132 8.63 25.79 139.31
CA THR A 3132 7.25 25.45 139.62
C THR A 3132 6.35 25.66 138.41
N THR A 3133 6.59 26.74 137.66
CA THR A 3133 5.69 27.06 136.55
C THR A 3133 5.97 26.22 135.32
N VAL A 3134 7.12 25.54 135.27
CA VAL A 3134 7.40 24.70 134.11
C VAL A 3134 7.18 23.24 134.47
N ALA A 3135 7.41 22.88 135.73
CA ALA A 3135 7.26 21.51 136.17
C ALA A 3135 6.09 21.32 137.12
N LEU A 3136 6.08 22.03 138.26
CA LEU A 3136 5.08 21.74 139.27
C LEU A 3136 3.69 22.12 138.81
N LEU A 3137 3.52 23.33 138.28
CA LEU A 3137 2.19 23.70 137.79
C LEU A 3137 1.71 22.76 136.69
N PRO A 3138 2.51 22.42 135.68
CA PRO A 3138 2.04 21.44 134.69
C PRO A 3138 1.70 20.09 135.28
N VAL A 3139 2.48 19.58 136.24
CA VAL A 3139 2.19 18.24 136.74
C VAL A 3139 0.94 18.27 137.60
N LEU A 3140 0.73 19.35 138.36
CA LEU A 3140 -0.52 19.49 139.10
C LEU A 3140 -1.70 19.54 138.14
N THR A 3141 -1.56 20.28 137.03
CA THR A 3141 -2.64 20.28 136.03
C THR A 3141 -2.89 18.87 135.50
N THR A 3142 -1.81 18.12 135.26
CA THR A 3142 -1.95 16.77 134.76
C THR A 3142 -2.73 15.91 135.74
N LEU A 3143 -2.37 15.97 137.02
CA LEU A 3143 -3.13 15.25 138.04
C LEU A 3143 -4.57 15.72 138.05
N PHE A 3144 -4.81 17.02 137.87
CA PHE A 3144 -6.17 17.51 137.90
C PHE A 3144 -7.00 16.89 136.79
N GLN A 3145 -6.55 16.93 135.54
CA GLN A 3145 -7.39 16.36 134.49
C GLN A 3145 -7.51 14.86 134.64
N HIS A 3146 -6.43 14.20 135.06
CA HIS A 3146 -6.47 12.74 135.18
C HIS A 3146 -7.48 12.32 136.24
N ILE A 3147 -7.38 12.89 137.44
CA ILE A 3147 -8.36 12.68 138.49
C ILE A 3147 -9.75 13.08 138.01
N ALA A 3148 -9.84 14.12 137.19
CA ALA A 3148 -11.14 14.65 136.81
C ALA A 3148 -11.89 13.68 135.90
N GLN A 3149 -11.32 13.38 134.73
CA GLN A 3149 -12.04 12.51 133.80
C GLN A 3149 -12.11 11.09 134.35
N HIS A 3150 -11.11 10.67 135.13
CA HIS A 3150 -11.23 9.39 135.81
C HIS A 3150 -12.13 9.49 137.03
N GLN A 3151 -12.50 10.70 137.43
CA GLN A 3151 -13.34 10.99 138.59
C GLN A 3151 -12.73 10.43 139.86
N PHE A 3152 -11.40 10.38 139.97
CA PHE A 3152 -10.77 9.82 141.17
C PHE A 3152 -10.89 10.77 142.35
N GLY A 3153 -11.34 12.01 142.11
CA GLY A 3153 -11.22 13.04 143.13
C GLY A 3153 -11.92 12.72 144.43
N ASP A 3154 -13.16 12.21 144.35
CA ASP A 3154 -13.90 11.89 145.56
C ASP A 3154 -13.17 10.85 146.39
N ASP A 3155 -12.63 9.82 145.74
CA ASP A 3155 -11.92 8.77 146.46
C ASP A 3155 -10.60 9.29 147.03
N VAL A 3156 -9.91 10.14 146.28
CA VAL A 3156 -8.53 10.46 146.62
C VAL A 3156 -8.45 11.62 147.59
N ILE A 3157 -9.04 12.75 147.23
CA ILE A 3157 -8.94 13.99 147.99
C ILE A 3157 -9.99 13.94 149.09
N LEU A 3158 -9.57 13.59 150.31
CA LEU A 3158 -10.50 13.58 151.43
C LEU A 3158 -10.16 14.61 152.49
N ASP A 3159 -8.98 14.52 153.11
CA ASP A 3159 -8.60 15.50 154.13
C ASP A 3159 -7.29 16.21 153.80
N ASP A 3160 -6.23 15.43 153.61
CA ASP A 3160 -4.91 16.03 153.43
C ASP A 3160 -4.79 16.66 152.05
N VAL A 3161 -5.22 15.95 151.01
CA VAL A 3161 -5.29 16.57 149.70
C VAL A 3161 -6.29 17.73 149.74
N GLN A 3162 -7.34 17.58 150.53
CA GLN A 3162 -8.33 18.64 150.64
C GLN A 3162 -7.75 19.89 151.29
N VAL A 3163 -6.98 19.73 152.38
CA VAL A 3163 -6.41 20.91 153.03
C VAL A 3163 -5.35 21.54 152.14
N SER A 3164 -4.56 20.72 151.44
CA SER A 3164 -3.60 21.27 150.50
C SER A 3164 -4.31 22.05 149.40
N CYS A 3165 -5.42 21.52 148.88
CA CYS A 3165 -6.15 22.21 147.84
C CYS A 3165 -6.79 23.49 148.37
N TYR A 3166 -7.21 23.49 149.63
CA TYR A 3166 -7.76 24.71 150.21
C TYR A 3166 -6.68 25.77 150.36
N ARG A 3167 -5.48 25.36 150.77
CA ARG A 3167 -4.35 26.29 150.79
C ARG A 3167 -4.10 26.84 149.40
N THR A 3168 -4.14 25.97 148.39
CA THR A 3168 -3.95 26.40 147.01
C THR A 3168 -5.03 27.38 146.58
N LEU A 3169 -6.27 27.15 147.01
CA LEU A 3169 -7.37 28.02 146.63
C LEU A 3169 -7.22 29.40 147.25
N CYS A 3170 -6.95 29.46 148.55
CA CYS A 3170 -6.69 30.74 149.19
C CYS A 3170 -5.50 31.43 148.53
N SER A 3171 -4.50 30.65 148.14
CA SER A 3171 -3.35 31.19 147.43
C SER A 3171 -3.77 31.87 146.14
N ILE A 3172 -4.39 31.12 145.22
CA ILE A 3172 -4.70 31.65 143.91
C ILE A 3172 -5.62 32.84 144.03
N TYR A 3173 -6.57 32.80 144.98
CA TYR A 3173 -7.43 33.95 145.17
C TYR A 3173 -6.62 35.16 145.64
N SER A 3174 -5.63 34.93 146.51
CA SER A 3174 -4.75 36.01 146.93
C SER A 3174 -3.98 36.57 145.75
N LEU A 3175 -3.49 35.70 144.86
CA LEU A 3175 -2.81 36.19 143.67
C LEU A 3175 -3.76 36.99 142.78
N GLY A 3176 -5.06 36.66 142.83
CA GLY A 3176 -6.03 37.47 142.12
C GLY A 3176 -6.11 38.89 142.67
N THR A 3177 -5.90 39.04 143.97
CA THR A 3177 -5.97 40.36 144.59
C THR A 3177 -4.86 41.28 144.09
N THR A 3178 -3.64 40.75 143.98
CA THR A 3178 -2.51 41.58 143.57
C THR A 3178 -2.45 41.74 142.06
N LYS A 3179 -1.85 42.83 141.60
CA LYS A 3179 -1.67 43.12 140.18
C LYS A 3179 -0.20 43.49 139.94
N ASN A 3180 0.43 42.78 139.01
CA ASN A 3180 1.81 43.02 138.63
C ASN A 3180 2.01 42.54 137.21
N THR A 3181 3.12 42.93 136.59
CA THR A 3181 3.47 42.37 135.29
C THR A 3181 3.70 40.86 135.40
N TYR A 3182 4.36 40.43 136.48
CA TYR A 3182 4.47 39.02 136.78
C TYR A 3182 3.10 38.38 136.90
N VAL A 3183 2.16 39.09 137.53
CA VAL A 3183 0.78 38.61 137.56
C VAL A 3183 0.26 38.43 136.15
N GLU A 3184 0.52 39.40 135.26
CA GLU A 3184 0.03 39.30 133.89
C GLU A 3184 0.57 38.05 133.20
N LYS A 3185 1.87 37.79 133.33
CA LYS A 3185 2.41 36.62 132.65
C LYS A 3185 1.92 35.32 133.27
N LEU A 3186 1.80 35.25 134.60
CA LEU A 3186 1.42 33.98 135.20
C LEU A 3186 -0.09 33.74 135.15
N ARG A 3187 -0.87 34.78 134.89
CA ARG A 3187 -2.32 34.64 134.93
C ARG A 3187 -2.87 33.57 133.99
N PRO A 3188 -2.40 33.41 132.75
CA PRO A 3188 -2.88 32.27 131.95
C PRO A 3188 -2.62 30.93 132.62
N ALA A 3189 -1.37 30.67 132.99
CA ALA A 3189 -1.02 29.40 133.61
C ALA A 3189 -1.72 29.23 134.95
N LEU A 3190 -1.73 30.28 135.77
CA LEU A 3190 -2.39 30.19 137.06
C LEU A 3190 -3.88 29.91 136.90
N GLY A 3191 -4.52 30.58 135.95
CA GLY A 3191 -5.95 30.39 135.75
C GLY A 3191 -6.27 28.99 135.25
N GLU A 3192 -5.49 28.49 134.29
CA GLU A 3192 -5.75 27.14 133.81
C GLU A 3192 -5.50 26.09 134.89
N CYS A 3193 -4.43 26.26 135.67
CA CYS A 3193 -4.18 25.33 136.77
C CYS A 3193 -5.32 25.37 137.78
N LEU A 3194 -5.80 26.56 138.11
CA LEU A 3194 -6.89 26.69 139.06
C LEU A 3194 -8.17 26.07 138.52
N ALA A 3195 -8.47 26.27 137.24
CA ALA A 3195 -9.67 25.67 136.67
C ALA A 3195 -9.59 24.15 136.72
N ARG A 3196 -8.43 23.60 136.37
CA ARG A 3196 -8.27 22.15 136.44
C ARG A 3196 -8.41 21.66 137.88
N LEU A 3197 -7.82 22.39 138.83
CA LEU A 3197 -7.93 22.03 140.24
C LEU A 3197 -9.37 22.06 140.70
N ALA A 3198 -10.13 23.08 140.31
CA ALA A 3198 -11.53 23.18 140.71
C ALA A 3198 -12.34 22.04 140.12
N ALA A 3199 -12.08 21.68 138.86
CA ALA A 3199 -12.80 20.56 138.27
C ALA A 3199 -12.48 19.25 138.97
N ALA A 3200 -11.22 19.06 139.36
CA ALA A 3200 -10.84 17.81 140.02
C ALA A 3200 -11.27 17.79 141.48
N MET A 3201 -11.51 18.96 142.07
CA MET A 3201 -11.66 19.06 143.52
C MET A 3201 -13.02 18.49 143.93
N PRO A 3202 -13.07 17.57 144.89
CA PRO A 3202 -14.35 16.92 145.20
C PRO A 3202 -15.24 17.71 146.14
N VAL A 3203 -14.83 18.90 146.57
CA VAL A 3203 -15.67 19.68 147.48
C VAL A 3203 -16.05 21.00 146.81
N ALA A 3204 -17.35 21.27 146.78
CA ALA A 3204 -17.89 22.49 146.19
C ALA A 3204 -17.78 23.62 147.21
N PHE A 3205 -16.79 24.49 147.05
CA PHE A 3205 -16.44 25.41 148.12
C PHE A 3205 -17.38 26.61 148.18
N LEU A 3206 -18.14 26.86 147.11
CA LEU A 3206 -18.94 28.09 147.08
C LEU A 3206 -20.16 27.99 147.98
N GLU A 3207 -20.75 26.81 148.11
CA GLU A 3207 -21.91 26.65 148.99
C GLU A 3207 -21.47 26.02 150.30
N PRO A 3208 -21.37 26.78 151.38
CA PRO A 3208 -20.81 26.22 152.62
C PRO A 3208 -21.76 25.28 153.35
N GLN A 3209 -23.02 25.66 153.52
CA GLN A 3209 -23.92 24.89 154.36
C GLN A 3209 -24.22 23.53 153.76
N LEU A 3210 -24.33 23.47 152.43
CA LEU A 3210 -24.56 22.19 151.77
C LEU A 3210 -23.43 21.21 152.05
N ASN A 3211 -22.18 21.65 151.80
CA ASN A 3211 -21.04 20.77 152.05
C ASN A 3211 -20.92 20.45 153.54
N GLU A 3212 -21.34 21.37 154.40
CA GLU A 3212 -21.41 21.04 155.83
C GLU A 3212 -22.35 19.89 156.06
N TYR A 3213 -23.50 19.89 155.36
CA TYR A 3213 -24.43 18.78 155.50
C TYR A 3213 -23.83 17.49 154.95
N ASN A 3214 -23.20 17.55 153.78
CA ASN A 3214 -22.71 16.33 153.14
C ASN A 3214 -21.51 15.78 153.90
N ALA A 3215 -21.30 14.46 153.76
CA ALA A 3215 -20.27 13.79 154.54
C ALA A 3215 -18.91 13.87 153.85
N CYS A 3216 -18.88 14.37 152.62
CA CYS A 3216 -17.62 14.50 151.88
C CYS A 3216 -17.00 15.85 152.26
N SER A 3217 -16.44 15.92 153.46
CA SER A 3217 -15.73 17.10 153.93
C SER A 3217 -14.74 16.70 155.00
N VAL A 3218 -13.78 17.58 155.27
CA VAL A 3218 -12.76 17.28 156.26
C VAL A 3218 -13.37 17.16 157.64
N TYR A 3219 -14.33 18.02 157.98
CA TYR A 3219 -14.95 17.95 159.29
C TYR A 3219 -15.72 16.66 159.48
N THR A 3220 -16.48 16.25 158.47
CA THR A 3220 -17.25 15.02 158.58
C THR A 3220 -16.35 13.80 158.61
N THR A 3221 -15.35 13.75 157.73
CA THR A 3221 -14.44 12.61 157.72
C THR A 3221 -13.66 12.51 159.02
N LYS A 3222 -13.23 13.65 159.56
CA LYS A 3222 -12.49 13.72 160.81
C LYS A 3222 -12.98 14.92 161.60
N SER A 3223 -13.53 14.66 162.78
CA SER A 3223 -14.14 15.73 163.56
C SER A 3223 -13.08 16.76 163.97
N PRO A 3224 -13.48 18.02 164.17
CA PRO A 3224 -12.49 19.03 164.57
C PRO A 3224 -11.76 18.69 165.86
N ARG A 3225 -12.44 18.00 166.79
CA ARG A 3225 -11.75 17.50 167.98
C ARG A 3225 -10.61 16.58 167.58
N GLU A 3226 -10.87 15.67 166.65
CA GLU A 3226 -9.80 14.88 166.07
C GLU A 3226 -8.90 15.77 165.22
N ARG A 3227 -7.65 15.33 165.05
CA ARG A 3227 -6.58 16.13 164.42
C ARG A 3227 -6.66 17.60 164.83
N ALA A 3228 -7.00 17.84 166.10
CA ALA A 3228 -7.07 19.21 166.60
C ALA A 3228 -5.71 19.88 166.49
N ILE A 3229 -4.64 19.09 166.51
CA ILE A 3229 -3.31 19.62 166.24
C ILE A 3229 -3.26 20.23 164.84
N LEU A 3230 -3.86 19.55 163.87
CA LEU A 3230 -3.96 20.11 162.54
C LEU A 3230 -4.86 21.34 162.57
N GLY A 3231 -4.53 22.32 161.72
CA GLY A 3231 -5.28 23.56 161.72
C GLY A 3231 -6.75 23.33 161.42
N LEU A 3232 -7.60 23.62 162.40
CA LEU A 3232 -9.04 23.45 162.28
C LEU A 3232 -9.71 24.80 162.11
N PRO A 3233 -10.10 25.18 160.89
CA PRO A 3233 -10.90 26.41 160.76
C PRO A 3233 -12.24 26.33 161.47
N ASN A 3234 -12.75 25.12 161.70
CA ASN A 3234 -14.03 24.80 162.31
C ASN A 3234 -15.18 25.20 161.40
N SER A 3235 -14.90 25.77 160.22
CA SER A 3235 -15.91 26.17 159.26
C SER A 3235 -15.30 26.13 157.87
N VAL A 3236 -16.06 25.61 156.91
CA VAL A 3236 -15.60 25.58 155.53
C VAL A 3236 -15.34 26.99 155.02
N GLU A 3237 -16.18 27.94 155.42
CA GLU A 3237 -15.89 29.34 155.16
C GLU A 3237 -14.60 29.75 155.86
N GLU A 3238 -14.40 29.30 157.10
CA GLU A 3238 -13.23 29.72 157.85
C GLU A 3238 -11.94 29.22 157.21
N MET A 3239 -12.00 28.12 156.45
CA MET A 3239 -10.80 27.67 155.74
C MET A 3239 -10.34 28.70 154.72
N CYS A 3240 -11.24 29.14 153.85
CA CYS A 3240 -10.93 30.12 152.81
C CYS A 3240 -12.01 31.19 152.79
N PRO A 3241 -12.01 32.09 153.78
CA PRO A 3241 -13.05 33.13 153.81
C PRO A 3241 -12.93 34.15 152.70
N ASP A 3242 -11.74 34.27 152.11
CA ASP A 3242 -11.51 35.33 151.13
C ASP A 3242 -12.39 35.18 149.90
N ILE A 3243 -12.48 33.97 149.36
CA ILE A 3243 -13.28 33.79 148.13
C ILE A 3243 -14.75 34.03 148.45
N PRO A 3244 -15.45 34.85 147.67
CA PRO A 3244 -16.85 35.14 147.98
C PRO A 3244 -17.76 33.95 147.69
N VAL A 3245 -19.00 34.07 148.17
CA VAL A 3245 -19.99 33.03 147.96
C VAL A 3245 -20.49 33.07 146.53
N LEU A 3246 -21.07 31.95 146.08
CA LEU A 3246 -21.41 31.79 144.67
C LEU A 3246 -22.32 32.89 144.16
N ASP A 3247 -23.54 32.98 144.69
CA ASP A 3247 -24.51 33.94 144.16
C ASP A 3247 -23.94 35.35 144.15
N ARG A 3248 -23.11 35.68 145.15
CA ARG A 3248 -22.42 36.95 145.12
C ARG A 3248 -21.49 37.05 143.90
N LEU A 3249 -20.73 35.99 143.62
CA LEU A 3249 -19.84 36.02 142.46
C LEU A 3249 -20.62 36.16 141.17
N MET A 3250 -21.74 35.43 141.04
CA MET A 3250 -22.58 35.56 139.86
C MET A 3250 -23.13 36.98 139.72
N ALA A 3251 -23.54 37.59 140.85
CA ALA A 3251 -24.00 38.96 140.79
C ALA A 3251 -22.89 39.89 140.30
N ASP A 3252 -21.68 39.69 140.80
CA ASP A 3252 -20.55 40.51 140.36
C ASP A 3252 -20.28 40.31 138.87
N ILE A 3253 -20.35 39.06 138.41
CA ILE A 3253 -20.07 38.78 137.00
C ILE A 3253 -21.13 39.43 136.13
N GLY A 3254 -22.39 39.34 136.52
CA GLY A 3254 -23.44 39.99 135.76
C GLY A 3254 -23.29 41.50 135.74
N GLY A 3255 -22.87 42.08 136.88
CA GLY A 3255 -22.62 43.51 136.91
C GLY A 3255 -21.51 43.92 135.96
N LEU A 3256 -20.39 43.22 135.99
CA LEU A 3256 -19.32 43.51 135.04
C LEU A 3256 -19.80 43.31 133.62
N ALA A 3257 -20.67 42.31 133.40
CA ALA A 3257 -21.17 42.03 132.06
C ALA A 3257 -21.98 43.20 131.52
N GLU A 3258 -22.96 43.68 132.30
CA GLU A 3258 -23.80 44.75 131.76
C GLU A 3258 -23.03 46.07 131.76
N SER A 3259 -22.02 46.19 132.61
CA SER A 3259 -21.13 47.34 132.54
C SER A 3259 -20.35 47.34 131.23
N GLY A 3260 -19.93 46.16 130.78
CA GLY A 3260 -19.20 46.07 129.53
C GLY A 3260 -17.80 46.65 129.57
N ALA A 3261 -17.19 46.68 130.75
CA ALA A 3261 -15.84 47.22 130.86
C ALA A 3261 -14.83 46.29 130.20
N ARG A 3262 -13.73 46.87 129.75
CA ARG A 3262 -12.72 46.13 128.99
C ARG A 3262 -12.06 45.07 129.85
N TYR A 3263 -11.41 44.12 129.17
CA TYR A 3263 -10.75 43.03 129.89
C TYR A 3263 -9.69 43.56 130.83
N THR A 3264 -9.00 44.63 130.45
CA THR A 3264 -8.01 45.22 131.33
C THR A 3264 -8.66 45.75 132.61
N GLU A 3265 -9.97 45.99 132.58
CA GLU A 3265 -10.64 46.47 133.78
C GLU A 3265 -10.86 45.34 134.78
N MET A 3266 -11.15 44.13 134.30
CA MET A 3266 -11.24 42.95 135.16
C MET A 3266 -10.36 41.85 134.60
N PRO A 3267 -9.04 42.09 134.54
CA PRO A 3267 -8.16 41.06 133.96
C PRO A 3267 -8.07 39.82 134.82
N HIS A 3268 -7.99 40.00 136.15
CA HIS A 3268 -8.07 38.85 137.04
C HIS A 3268 -9.40 38.13 136.90
N VAL A 3269 -10.49 38.88 136.83
CA VAL A 3269 -11.81 38.26 136.80
C VAL A 3269 -11.96 37.38 135.56
N ILE A 3270 -11.62 37.92 134.39
CA ILE A 3270 -11.76 37.11 133.17
C ILE A 3270 -10.72 36.00 133.15
N GLU A 3271 -9.50 36.29 133.60
CA GLU A 3271 -8.42 35.31 133.53
C GLU A 3271 -8.54 34.25 134.61
N ILE A 3272 -9.14 34.58 135.74
CA ILE A 3272 -9.16 33.72 136.92
C ILE A 3272 -10.58 33.40 137.36
N THR A 3273 -11.38 34.44 137.63
CA THR A 3273 -12.73 34.22 138.15
C THR A 3273 -13.61 33.51 137.13
N LEU A 3274 -13.62 34.00 135.90
CA LEU A 3274 -14.38 33.31 134.86
C LEU A 3274 -13.93 31.86 134.72
N PRO A 3275 -12.63 31.54 134.69
CA PRO A 3275 -12.25 30.12 134.60
C PRO A 3275 -12.67 29.27 135.79
N MET A 3276 -12.46 29.70 137.05
CA MET A 3276 -12.76 28.71 138.09
C MET A 3276 -14.27 28.59 138.25
N LEU A 3277 -15.01 29.66 137.95
CA LEU A 3277 -16.46 29.52 137.88
C LEU A 3277 -16.87 28.54 136.80
N CYS A 3278 -16.24 28.63 135.63
CA CYS A 3278 -16.57 27.73 134.54
C CYS A 3278 -16.31 26.29 134.91
N SER A 3279 -15.18 26.02 135.56
CA SER A 3279 -14.88 24.66 135.99
C SER A 3279 -15.81 24.20 137.11
N TYR A 3280 -16.09 25.09 138.05
CA TYR A 3280 -16.86 24.75 139.24
C TYR A 3280 -18.30 24.38 138.87
N LEU A 3281 -18.91 25.17 137.99
CA LEU A 3281 -20.36 25.14 137.86
C LEU A 3281 -20.90 23.79 137.43
N PRO A 3282 -20.46 23.18 136.32
CA PRO A 3282 -21.08 21.90 135.89
C PRO A 3282 -20.76 20.76 136.84
N ARG A 3283 -19.46 20.60 137.15
CA ARG A 3283 -19.02 19.48 137.98
C ARG A 3283 -19.84 19.37 139.25
N TRP A 3284 -20.44 20.48 139.67
CA TRP A 3284 -21.38 20.41 140.78
C TRP A 3284 -22.82 20.37 140.29
N TRP A 3285 -23.06 20.77 139.04
CA TRP A 3285 -24.41 20.70 138.52
C TRP A 3285 -24.90 19.27 138.40
N GLU A 3286 -24.10 18.38 137.83
CA GLU A 3286 -24.56 17.00 137.69
C GLU A 3286 -24.76 16.34 139.03
N ARG A 3287 -23.86 16.57 139.98
CA ARG A 3287 -24.07 16.04 141.32
C ARG A 3287 -25.11 16.86 142.08
N GLY A 3288 -25.42 18.06 141.59
CA GLY A 3288 -26.47 18.87 142.14
C GLY A 3288 -27.82 18.43 141.62
N PRO A 3289 -28.86 19.19 141.97
CA PRO A 3289 -30.21 18.85 141.49
C PRO A 3289 -30.35 19.15 140.01
N GLU A 3290 -31.50 18.78 139.45
CA GLU A 3290 -31.90 18.92 138.05
C GLU A 3290 -31.12 17.97 137.15
N ALA A 3291 -30.12 17.26 137.67
CA ALA A 3291 -29.53 16.17 136.92
C ALA A 3291 -30.22 14.85 137.32
N PRO A 3292 -30.35 13.92 136.39
CA PRO A 3292 -31.17 12.73 136.65
C PRO A 3292 -30.57 11.87 137.75
N PRO A 3293 -31.23 11.81 138.91
CA PRO A 3293 -30.70 11.01 140.00
C PRO A 3293 -31.25 9.60 139.97
N PRO A 3294 -30.41 8.59 140.18
CA PRO A 3294 -30.94 7.24 140.36
C PRO A 3294 -31.81 7.18 141.60
N ALA A 3295 -32.97 6.53 141.46
CA ALA A 3295 -34.04 6.67 142.44
C ALA A 3295 -33.60 6.24 143.84
N LEU A 3296 -33.05 5.04 143.96
CA LEU A 3296 -32.59 4.59 145.27
C LEU A 3296 -31.44 5.45 145.80
N PRO A 3297 -30.40 5.76 145.02
CA PRO A 3297 -29.43 6.77 145.49
C PRO A 3297 -30.07 8.12 145.76
N ALA A 3298 -31.07 8.50 144.98
CA ALA A 3298 -31.76 9.77 145.22
C ALA A 3298 -32.50 9.75 146.55
N GLY A 3299 -33.07 8.60 146.91
CA GLY A 3299 -33.86 8.55 148.12
C GLY A 3299 -33.05 8.25 149.36
N ALA A 3300 -32.66 9.33 150.06
CA ALA A 3300 -32.00 9.43 151.36
C ALA A 3300 -31.32 10.79 151.47
N PRO A 3301 -30.33 11.12 150.62
CA PRO A 3301 -29.65 12.40 150.76
C PRO A 3301 -30.25 13.46 149.86
N PRO A 3302 -30.37 14.69 150.35
CA PRO A 3302 -30.64 15.81 149.46
C PRO A 3302 -29.45 16.03 148.54
N PRO A 3303 -29.66 16.66 147.37
CA PRO A 3303 -28.53 16.92 146.47
C PRO A 3303 -27.44 17.70 147.18
N CYS A 3304 -26.20 17.30 146.94
CA CYS A 3304 -25.08 17.92 147.64
C CYS A 3304 -25.02 19.41 147.37
N THR A 3305 -24.83 19.80 146.11
CA THR A 3305 -24.80 21.20 145.76
C THR A 3305 -26.20 21.68 145.39
N ALA A 3306 -26.33 22.98 145.17
CA ALA A 3306 -27.58 23.58 144.73
C ALA A 3306 -27.49 24.13 143.31
N VAL A 3307 -26.50 23.70 142.53
CA VAL A 3307 -26.35 24.20 141.17
C VAL A 3307 -27.55 23.81 140.32
N THR A 3308 -28.04 24.77 139.55
CA THR A 3308 -29.23 24.57 138.75
C THR A 3308 -28.97 24.91 137.29
N SER A 3309 -29.85 24.42 136.43
CA SER A 3309 -29.71 24.66 135.00
C SER A 3309 -29.83 26.13 134.66
N ASP A 3310 -30.72 26.85 135.37
CA ASP A 3310 -30.84 28.28 135.12
C ASP A 3310 -29.59 29.01 135.61
N HIS A 3311 -28.98 28.51 136.69
CA HIS A 3311 -27.68 29.06 137.10
C HIS A 3311 -26.65 28.87 136.00
N LEU A 3312 -26.61 27.68 135.42
CA LEU A 3312 -25.72 27.38 134.31
C LEU A 3312 -25.96 28.36 133.17
N ASN A 3313 -27.23 28.53 132.80
CA ASN A 3313 -27.58 29.41 131.68
C ASN A 3313 -27.21 30.85 131.98
N SER A 3314 -27.45 31.31 133.20
CA SER A 3314 -27.11 32.69 133.55
C SER A 3314 -25.62 32.93 133.47
N LEU A 3315 -24.82 31.99 133.96
CA LEU A 3315 -23.38 32.16 133.85
C LEU A 3315 -22.96 32.17 132.39
N LEU A 3316 -23.57 31.31 131.56
CA LEU A 3316 -23.24 31.33 130.14
C LEU A 3316 -23.59 32.65 129.50
N GLY A 3317 -24.75 33.20 129.85
CA GLY A 3317 -25.12 34.51 129.33
C GLY A 3317 -24.14 35.58 129.74
N ASN A 3318 -23.63 35.47 130.98
CA ASN A 3318 -22.58 36.38 131.43
C ASN A 3318 -21.33 36.25 130.57
N ILE A 3319 -20.95 35.00 130.25
CA ILE A 3319 -19.80 34.79 129.37
C ILE A 3319 -20.04 35.42 128.02
N LEU A 3320 -21.24 35.23 127.47
CA LEU A 3320 -21.55 35.82 126.16
C LEU A 3320 -21.47 37.33 126.22
N ARG A 3321 -22.00 37.93 127.30
CA ARG A 3321 -21.94 39.38 127.46
C ARG A 3321 -20.49 39.86 127.54
N ILE A 3322 -19.66 39.17 128.31
CA ILE A 3322 -18.27 39.60 128.43
C ILE A 3322 -17.59 39.46 127.07
N ILE A 3323 -17.97 38.44 126.30
CA ILE A 3323 -17.39 38.25 124.97
C ILE A 3323 -17.73 39.42 124.07
N VAL A 3324 -19.01 39.79 124.00
CA VAL A 3324 -19.40 40.86 123.08
C VAL A 3324 -18.82 42.19 123.53
N ASN A 3325 -18.79 42.42 124.85
CA ASN A 3325 -18.21 43.67 125.35
C ASN A 3325 -16.74 43.76 125.00
N ASN A 3326 -16.00 42.66 125.10
CA ASN A 3326 -14.58 42.67 124.83
C ASN A 3326 -14.25 42.52 123.35
N LEU A 3327 -15.23 42.57 122.46
CA LEU A 3327 -14.95 42.45 121.03
C LEU A 3327 -14.09 43.60 120.53
N GLY A 3328 -14.18 44.76 121.21
CA GLY A 3328 -13.41 45.92 120.76
C GLY A 3328 -11.91 45.72 120.88
N ILE A 3329 -11.48 44.91 121.85
CA ILE A 3329 -10.06 44.72 122.09
C ILE A 3329 -9.40 44.04 120.90
N ASP A 3330 -8.25 44.58 120.48
CA ASP A 3330 -7.57 44.06 119.31
C ASP A 3330 -6.96 42.68 119.56
N GLU A 3331 -6.22 42.52 120.65
CA GLU A 3331 -5.48 41.30 120.93
C GLU A 3331 -6.03 40.66 122.19
N ALA A 3332 -6.29 39.36 122.12
CA ALA A 3332 -6.88 38.60 123.22
C ALA A 3332 -6.70 37.12 122.95
N THR A 3333 -6.08 36.40 123.90
CA THR A 3333 -6.09 34.94 123.85
C THR A 3333 -6.86 34.38 125.04
N TRP A 3334 -7.00 35.19 126.09
CA TRP A 3334 -7.80 34.80 127.24
C TRP A 3334 -9.20 34.40 126.84
N MET A 3335 -9.75 35.01 125.79
CA MET A 3335 -11.13 34.68 125.44
C MET A 3335 -11.23 33.34 124.72
N LYS A 3336 -10.21 32.96 123.92
CA LYS A 3336 -10.28 31.60 123.38
C LYS A 3336 -10.12 30.58 124.50
N ARG A 3337 -9.23 30.86 125.46
CA ARG A 3337 -9.14 29.93 126.59
C ARG A 3337 -10.47 29.83 127.32
N LEU A 3338 -11.12 30.98 127.55
CA LEU A 3338 -12.40 30.98 128.25
C LEU A 3338 -13.45 30.21 127.47
N ALA A 3339 -13.47 30.38 126.15
CA ALA A 3339 -14.45 29.69 125.33
C ALA A 3339 -14.23 28.18 125.36
N VAL A 3340 -12.98 27.74 125.23
CA VAL A 3340 -12.73 26.30 125.26
C VAL A 3340 -13.03 25.73 126.63
N PHE A 3341 -12.90 26.55 127.68
CA PHE A 3341 -13.40 26.12 128.99
C PHE A 3341 -14.91 26.05 129.00
N ALA A 3342 -15.57 26.97 128.29
CA ALA A 3342 -17.02 27.09 128.39
C ALA A 3342 -17.73 26.23 127.35
N GLN A 3343 -16.99 25.39 126.64
CA GLN A 3343 -17.62 24.49 125.68
C GLN A 3343 -18.73 23.65 126.32
N PRO A 3344 -18.56 23.01 127.48
CA PRO A 3344 -19.63 22.14 128.00
C PRO A 3344 -20.88 22.91 128.44
N ILE A 3345 -20.69 24.00 129.18
CA ILE A 3345 -21.84 24.76 129.68
C ILE A 3345 -22.71 25.24 128.53
N VAL A 3346 -22.10 25.51 127.38
CA VAL A 3346 -22.88 25.88 126.21
C VAL A 3346 -23.80 24.73 125.80
N SER A 3347 -23.27 23.51 125.81
CA SER A 3347 -24.11 22.34 125.53
C SER A 3347 -25.19 22.17 126.60
N ARG A 3348 -24.92 22.64 127.82
CA ARG A 3348 -25.90 22.47 128.89
C ARG A 3348 -27.01 23.51 128.82
N ALA A 3349 -26.72 24.65 128.22
CA ALA A 3349 -27.64 25.79 128.28
C ALA A 3349 -28.95 25.53 127.55
N ARG A 3350 -29.85 26.51 127.63
CA ARG A 3350 -31.16 26.39 126.99
C ARG A 3350 -31.29 27.41 125.85
N PRO A 3351 -32.14 27.12 124.85
CA PRO A 3351 -32.17 27.98 123.65
C PRO A 3351 -32.79 29.36 123.86
N GLU A 3352 -33.62 29.54 124.89
CA GLU A 3352 -34.28 30.83 125.07
C GLU A 3352 -33.27 31.95 125.27
N LEU A 3353 -32.22 31.70 126.06
CA LEU A 3353 -31.20 32.73 126.25
C LEU A 3353 -30.46 33.01 124.95
N LEU A 3354 -30.28 31.99 124.12
CA LEU A 3354 -29.72 32.24 122.78
C LEU A 3354 -30.61 33.20 122.02
N HIS A 3355 -31.92 33.00 122.07
CA HIS A 3355 -32.82 33.93 121.40
C HIS A 3355 -32.68 35.33 121.98
N SER A 3356 -32.56 35.42 123.30
CA SER A 3356 -32.46 36.72 123.94
C SER A 3356 -31.10 37.38 123.68
N HIS A 3357 -30.02 36.61 123.81
CA HIS A 3357 -28.68 37.18 123.81
C HIS A 3357 -27.85 36.74 122.61
N PHE A 3358 -27.77 35.43 122.36
CA PHE A 3358 -26.88 34.93 121.32
C PHE A 3358 -27.30 35.44 119.96
N ILE A 3359 -28.61 35.59 119.75
CA ILE A 3359 -29.09 36.18 118.49
C ILE A 3359 -28.61 37.61 118.31
N PRO A 3360 -28.75 38.52 119.29
CA PRO A 3360 -28.12 39.84 119.13
C PRO A 3360 -26.62 39.77 118.93
N THR A 3361 -25.94 38.81 119.57
CA THR A 3361 -24.51 38.69 119.35
C THR A 3361 -24.20 38.39 117.89
N ILE A 3362 -24.85 37.37 117.32
CA ILE A 3362 -24.63 37.04 115.92
C ILE A 3362 -24.99 38.22 115.03
N GLY A 3363 -26.05 38.95 115.38
CA GLY A 3363 -26.40 40.13 114.60
C GLY A 3363 -25.30 41.17 114.60
N ARG A 3364 -24.71 41.43 115.76
CA ARG A 3364 -23.68 42.45 115.86
C ARG A 3364 -22.42 42.02 115.14
N LEU A 3365 -22.05 40.74 115.26
CA LEU A 3365 -20.93 40.23 114.47
C LEU A 3365 -21.21 40.32 112.98
N ARG A 3366 -22.47 40.12 112.60
CA ARG A 3366 -22.85 40.19 111.18
C ARG A 3366 -22.68 41.60 110.64
N LYS A 3367 -23.16 42.61 111.38
CA LYS A 3367 -22.98 43.98 110.91
C LYS A 3367 -21.51 44.39 110.91
N ARG A 3368 -20.74 43.92 111.91
CA ARG A 3368 -19.30 44.12 111.86
C ARG A 3368 -18.70 43.55 110.57
N ALA A 3369 -19.11 42.33 110.23
CA ALA A 3369 -18.65 41.70 109.00
C ALA A 3369 -19.04 42.53 107.79
N GLY A 3370 -20.26 43.06 107.80
CA GLY A 3370 -20.67 43.92 106.71
C GLY A 3370 -19.75 45.10 106.52
N LYS A 3371 -19.39 45.76 107.62
CA LYS A 3371 -18.48 46.91 107.52
C LYS A 3371 -17.13 46.49 106.97
N VAL A 3372 -16.55 45.41 107.50
CA VAL A 3372 -15.19 45.07 107.08
C VAL A 3372 -15.17 44.62 105.63
N VAL A 3373 -16.18 43.87 105.20
CA VAL A 3373 -16.22 43.46 103.81
C VAL A 3373 -16.50 44.66 102.90
N ALA A 3374 -17.23 45.65 103.40
CA ALA A 3374 -17.40 46.88 102.63
C ALA A 3374 -16.05 47.58 102.42
N GLU A 3375 -15.24 47.62 103.48
CA GLU A 3375 -13.89 48.15 103.33
C GLU A 3375 -13.10 47.34 102.32
N GLU A 3376 -13.26 46.01 102.35
CA GLU A 3376 -12.55 45.16 101.39
C GLU A 3376 -12.98 45.46 99.96
N GLU A 3377 -14.28 45.66 99.73
CA GLU A 3377 -14.74 46.02 98.40
C GLU A 3377 -14.17 47.37 97.97
N GLN A 3378 -14.08 48.32 98.90
CA GLN A 3378 -13.44 49.59 98.56
C GLN A 3378 -11.99 49.39 98.16
N LEU A 3379 -11.27 48.56 98.91
CA LEU A 3379 -9.86 48.33 98.61
C LEU A 3379 -9.69 47.70 97.23
N ARG A 3380 -10.50 46.69 96.91
CA ARG A 3380 -10.38 46.08 95.59
C ARG A 3380 -10.92 47.01 94.51
N LEU A 3381 -11.77 47.97 94.90
CA LEU A 3381 -12.24 48.98 93.96
C LEU A 3381 -11.10 49.89 93.53
N GLU A 3382 -10.36 50.43 94.49
CA GLU A 3382 -9.26 51.33 94.20
C GLU A 3382 -7.96 50.57 94.35
N ALA A 3383 -7.32 50.24 93.23
CA ALA A 3383 -6.09 49.46 93.21
C ALA A 3383 -4.92 50.40 92.95
N LYS A 3384 -4.00 50.47 93.91
CA LYS A 3384 -2.85 51.35 93.82
C LYS A 3384 -1.92 51.01 94.97
N ALA A 3385 -0.64 51.37 94.82
CA ALA A 3385 0.35 51.05 95.83
C ALA A 3385 -0.05 51.58 97.21
N GLU A 3386 -0.61 52.79 97.26
CA GLU A 3386 -0.94 53.38 98.57
C GLU A 3386 -2.09 52.66 99.25
N ALA A 3387 -2.79 51.78 98.52
CA ALA A 3387 -3.84 50.98 99.14
C ALA A 3387 -3.26 49.91 100.05
N GLU A 3388 -2.00 49.51 99.82
CA GLU A 3388 -1.39 48.47 100.62
C GLU A 3388 -1.26 48.90 102.08
N GLU A 3389 -0.87 50.15 102.31
CA GLU A 3389 -1.11 50.75 103.62
C GLU A 3389 -2.61 50.91 103.83
N GLY A 3390 -3.07 50.57 105.03
CA GLY A 3390 -4.48 50.33 105.26
C GLY A 3390 -4.93 48.94 104.91
N GLU A 3391 -4.39 48.34 103.85
CA GLU A 3391 -4.67 46.93 103.57
C GLU A 3391 -4.17 46.05 104.70
N LEU A 3392 -2.97 46.32 105.21
CA LEU A 3392 -2.46 45.54 106.33
C LEU A 3392 -3.29 45.77 107.58
N LEU A 3393 -3.79 46.99 107.78
CA LEU A 3393 -4.58 47.28 108.96
C LEU A 3393 -5.92 46.56 108.91
N VAL A 3394 -6.60 46.60 107.78
CA VAL A 3394 -7.85 45.86 107.65
C VAL A 3394 -7.57 44.36 107.68
N ARG A 3395 -6.37 43.94 107.27
CA ARG A 3395 -6.02 42.53 107.39
C ARG A 3395 -5.88 42.13 108.85
N ASP A 3396 -5.28 42.99 109.66
CA ASP A 3396 -5.21 42.72 111.10
C ASP A 3396 -6.61 42.71 111.71
N GLU A 3397 -7.47 43.61 111.27
CA GLU A 3397 -8.85 43.62 111.74
C GLU A 3397 -9.56 42.32 111.37
N PHE A 3398 -9.35 41.84 110.15
CA PHE A 3398 -9.93 40.57 109.75
C PHE A 3398 -9.37 39.43 110.58
N SER A 3399 -8.08 39.49 110.92
CA SER A 3399 -7.49 38.47 111.77
C SER A 3399 -8.16 38.45 113.14
N VAL A 3400 -8.37 39.61 113.73
CA VAL A 3400 -8.95 39.66 115.08
C VAL A 3400 -10.40 39.22 115.04
N LEU A 3401 -11.13 39.56 113.98
CA LEU A 3401 -12.53 39.14 113.93
C LEU A 3401 -12.62 37.67 113.59
N CYS A 3402 -11.65 37.13 112.86
CA CYS A 3402 -11.55 35.69 112.70
C CYS A 3402 -11.31 35.02 114.05
N ARG A 3403 -10.46 35.63 114.87
CA ARG A 3403 -10.28 35.15 116.24
C ARG A 3403 -11.60 35.09 116.97
N ASP A 3404 -12.36 36.19 116.92
CA ASP A 3404 -13.64 36.25 117.64
C ASP A 3404 -14.61 35.18 117.13
N LEU A 3405 -14.78 35.11 115.80
CA LEU A 3405 -15.71 34.14 115.24
C LEU A 3405 -15.27 32.72 115.51
N TYR A 3406 -13.97 32.44 115.42
CA TYR A 3406 -13.48 31.10 115.65
C TYR A 3406 -13.70 30.69 117.10
N ALA A 3407 -13.51 31.62 118.04
CA ALA A 3407 -13.84 31.34 119.44
C ALA A 3407 -15.33 31.06 119.58
N LEU A 3408 -16.17 31.85 118.92
CA LEU A 3408 -17.61 31.66 119.03
C LEU A 3408 -18.06 30.37 118.35
N TYR A 3409 -17.26 29.86 117.42
CA TYR A 3409 -17.72 28.81 116.52
C TYR A 3409 -18.06 27.49 117.21
N PRO A 3410 -17.16 26.85 117.97
CA PRO A 3410 -17.45 25.47 118.39
C PRO A 3410 -18.62 25.36 119.35
N LEU A 3411 -18.68 26.26 120.34
CA LEU A 3411 -19.79 26.25 121.27
C LEU A 3411 -21.10 26.52 120.55
N LEU A 3412 -21.11 27.49 119.64
CA LEU A 3412 -22.30 27.74 118.85
C LEU A 3412 -22.67 26.51 118.03
N ILE A 3413 -21.66 25.75 117.59
CA ILE A 3413 -21.93 24.57 116.77
C ILE A 3413 -22.63 23.50 117.59
N ARG A 3414 -22.12 23.21 118.78
CA ARG A 3414 -22.82 22.28 119.66
C ARG A 3414 -24.24 22.76 119.93
N TYR A 3415 -24.36 24.06 120.20
CA TYR A 3415 -25.62 24.64 120.62
C TYR A 3415 -26.63 24.54 119.49
N VAL A 3416 -26.18 24.73 118.26
CA VAL A 3416 -27.08 24.62 117.12
C VAL A 3416 -27.30 23.16 116.76
N ASP A 3417 -26.46 22.25 117.26
CA ASP A 3417 -26.82 20.84 117.13
C ASP A 3417 -28.07 20.53 117.93
N ASN A 3418 -28.09 20.86 119.22
CA ASN A 3418 -29.32 20.61 119.96
C ASN A 3418 -30.47 21.44 119.40
N ASN A 3419 -30.19 22.70 119.07
CA ASN A 3419 -31.22 23.56 118.48
C ASN A 3419 -31.71 22.99 117.16
N ARG A 3420 -30.85 22.32 116.40
CA ARG A 3420 -31.26 21.67 115.17
C ARG A 3420 -32.24 20.56 115.46
N ALA A 3421 -31.96 19.78 116.50
CA ALA A 3421 -32.94 18.79 116.93
C ALA A 3421 -34.30 19.44 117.21
N HIS A 3422 -34.31 20.48 118.03
CA HIS A 3422 -35.60 21.07 118.41
CA HIS A 3422 -35.57 21.11 118.42
C HIS A 3422 -36.17 21.93 117.29
N TRP A 3423 -35.39 22.20 116.25
CA TRP A 3423 -35.89 23.00 115.13
C TRP A 3423 -36.50 22.11 114.07
N LEU A 3424 -35.89 20.95 113.83
CA LEU A 3424 -36.58 19.90 113.09
C LEU A 3424 -37.84 19.50 113.83
N THR A 3425 -37.84 19.61 115.16
CA THR A 3425 -39.08 19.52 115.90
C THR A 3425 -40.03 20.65 115.51
N GLU A 3426 -39.54 21.89 115.56
CA GLU A 3426 -40.33 23.06 115.17
C GLU A 3426 -39.38 24.19 114.78
N PRO A 3427 -39.40 24.62 113.52
CA PRO A 3427 -38.45 25.65 113.06
C PRO A 3427 -38.69 26.99 113.74
N ASN A 3428 -37.62 27.77 113.85
CA ASN A 3428 -37.67 29.11 114.42
C ASN A 3428 -37.31 30.13 113.34
N ALA A 3429 -38.14 31.16 113.20
CA ALA A 3429 -37.87 32.21 112.22
C ALA A 3429 -36.62 33.00 112.60
N ASN A 3430 -36.43 33.24 113.90
CA ASN A 3430 -35.19 33.90 114.33
C ASN A 3430 -33.99 33.04 114.00
N ALA A 3431 -34.09 31.74 114.20
CA ALA A 3431 -33.04 30.82 113.77
C ALA A 3431 -32.80 30.94 112.27
N GLU A 3432 -33.87 31.06 111.50
CA GLU A 3432 -33.74 31.26 110.06
C GLU A 3432 -32.93 32.51 109.77
N GLU A 3433 -33.24 33.61 110.45
CA GLU A 3433 -32.51 34.86 110.24
C GLU A 3433 -31.04 34.70 110.58
N LEU A 3434 -30.75 34.04 111.71
CA LEU A 3434 -29.35 33.75 112.04
C LEU A 3434 -28.68 32.98 110.91
N PHE A 3435 -29.36 31.95 110.40
CA PHE A 3435 -28.80 31.16 109.32
C PHE A 3435 -28.46 32.04 108.12
N ARG A 3436 -29.40 32.89 107.70
CA ARG A 3436 -29.15 33.73 106.53
C ARG A 3436 -27.95 34.63 106.77
N MET A 3437 -27.89 35.27 107.93
CA MET A 3437 -26.84 36.27 108.14
C MET A 3437 -25.47 35.64 108.31
N VAL A 3438 -25.38 34.50 109.00
CA VAL A 3438 -24.08 33.85 109.11
C VAL A 3438 -23.65 33.28 107.76
N GLY A 3439 -24.61 32.77 106.98
CA GLY A 3439 -24.28 32.31 105.65
C GLY A 3439 -23.81 33.45 104.77
N GLU A 3440 -24.40 34.63 104.94
CA GLU A 3440 -23.94 35.80 104.21
C GLU A 3440 -22.52 36.16 104.61
N ILE A 3441 -22.22 36.06 105.91
CA ILE A 3441 -20.84 36.25 106.37
C ILE A 3441 -19.92 35.29 105.64
N PHE A 3442 -20.34 34.02 105.53
CA PHE A 3442 -19.53 33.04 104.82
C PHE A 3442 -19.37 33.41 103.35
N ILE A 3443 -20.44 33.87 102.71
CA ILE A 3443 -20.35 34.28 101.32
C ILE A 3443 -19.34 35.39 101.16
N TYR A 3444 -19.36 36.36 102.08
CA TYR A 3444 -18.38 37.44 102.04
C TYR A 3444 -16.97 36.88 102.18
N TRP A 3445 -16.77 35.95 103.13
CA TRP A 3445 -15.43 35.42 103.36
C TRP A 3445 -14.91 34.66 102.16
N SER A 3446 -15.74 33.77 101.61
CA SER A 3446 -15.33 33.00 100.44
C SER A 3446 -15.13 33.90 99.24
N LYS A 3447 -15.92 34.97 99.15
CA LYS A 3447 -15.75 35.94 98.07
C LYS A 3447 -14.38 36.61 98.15
N SER A 3448 -13.99 37.02 99.34
CA SER A 3448 -12.73 37.72 99.55
C SER A 3448 -11.64 36.68 99.79
N HIS A 3449 -10.95 36.31 98.71
CA HIS A 3449 -9.82 35.39 98.82
C HIS A 3449 -8.79 35.92 99.81
N ASN A 3450 -8.62 37.24 99.85
CA ASN A 3450 -7.72 37.81 100.84
C ASN A 3450 -8.21 37.52 102.24
N PHE A 3451 -9.53 37.63 102.48
CA PHE A 3451 -10.08 37.31 103.78
C PHE A 3451 -9.79 35.86 104.13
N LYS A 3452 -9.87 34.98 103.13
CA LYS A 3452 -9.53 33.59 103.35
C LYS A 3452 -8.06 33.44 103.77
N ARG A 3453 -7.15 34.15 103.10
CA ARG A 3453 -5.74 34.04 103.45
C ARG A 3453 -5.49 34.57 104.85
N GLU A 3454 -6.06 35.72 105.19
CA GLU A 3454 -5.91 36.23 106.55
C GLU A 3454 -6.50 35.28 107.58
N GLU A 3455 -7.56 34.56 107.23
CA GLU A 3455 -8.12 33.59 108.15
C GLU A 3455 -7.15 32.44 108.40
N GLN A 3456 -6.56 31.90 107.34
CA GLN A 3456 -5.61 30.81 107.54
C GLN A 3456 -4.35 31.30 108.24
N ASN A 3457 -3.93 32.54 107.95
CA ASN A 3457 -2.79 33.11 108.67
C ASN A 3457 -3.12 33.29 110.14
N PHE A 3458 -4.36 33.67 110.45
CA PHE A 3458 -4.79 33.70 111.85
C PHE A 3458 -4.66 32.32 112.47
N VAL A 3459 -5.08 31.29 111.74
CA VAL A 3459 -4.93 29.93 112.25
C VAL A 3459 -3.47 29.63 112.57
N VAL A 3460 -2.57 29.95 111.64
CA VAL A 3460 -1.16 29.59 111.83
C VAL A 3460 -0.53 30.40 112.94
N GLN A 3461 -0.89 31.67 113.08
CA GLN A 3461 -0.27 32.48 114.12
C GLN A 3461 -0.82 32.12 115.49
N ASN A 3462 -2.07 31.68 115.54
CA ASN A 3462 -2.57 31.06 116.77
C ASN A 3462 -1.90 29.73 117.01
N GLU A 3463 -1.36 29.12 115.95
CA GLU A 3463 -0.71 27.82 115.96
C GLU A 3463 -1.72 26.74 116.37
N ILE A 3464 -3.02 27.07 116.35
CA ILE A 3464 -4.03 26.07 116.62
C ILE A 3464 -3.96 24.99 115.55
N ASN A 3465 -3.82 23.74 115.98
CA ASN A 3465 -3.69 22.64 115.03
C ASN A 3465 -5.02 22.38 114.33
N ASN A 3466 -6.09 23.02 114.81
CA ASN A 3466 -7.46 22.89 114.30
C ASN A 3466 -7.99 21.49 114.60
N MET A 3467 -7.15 20.64 115.18
CA MET A 3467 -7.61 19.35 115.67
C MET A 3467 -8.43 19.53 116.94
N SER A 3468 -8.23 20.65 117.64
CA SER A 3468 -8.92 20.88 118.90
C SER A 3468 -10.44 20.94 118.73
N PHE A 3469 -10.91 21.68 117.71
CA PHE A 3469 -12.34 21.80 117.52
C PHE A 3469 -12.94 20.50 117.04
N LEU A 3470 -12.21 19.74 116.23
CA LEU A 3470 -12.70 18.43 115.80
C LEU A 3470 -12.80 17.47 116.97
N THR A 3471 -11.81 17.48 117.87
CA THR A 3471 -11.89 16.66 119.07
C THR A 3471 -13.02 17.11 119.98
N ALA A 3472 -13.28 18.41 120.05
CA ALA A 3472 -14.41 18.90 120.83
C ALA A 3472 -15.72 18.41 120.24
N ASP A 3473 -15.84 18.44 118.91
CA ASP A 3473 -17.04 17.92 118.25
C ASP A 3473 -17.21 16.43 118.53
N SER A 3474 -16.11 15.67 118.49
CA SER A 3474 -16.21 14.23 118.76
C SER A 3474 -16.63 13.97 120.20
N LYS A 3475 -16.01 14.69 121.15
CA LYS A 3475 -16.33 14.47 122.57
C LYS A 3475 -17.74 14.96 122.90
N SER A 3476 -18.28 15.86 122.07
CA SER A 3476 -19.67 16.28 122.26
C SER A 3476 -20.62 15.33 121.56
N LYS A 3477 -20.13 14.57 120.58
CA LYS A 3477 -20.93 13.52 119.98
C LYS A 3477 -20.61 12.16 120.57
N MET A 3478 -19.79 12.14 121.63
CA MET A 3478 -19.33 10.92 122.30
C MET A 3478 -18.80 9.88 121.31
N ALA A 3479 -17.85 10.27 120.47
CA ALA A 3479 -17.25 9.37 119.48
C ALA A 3479 -16.62 8.16 120.14
N ARG A 3498 0.50 17.90 106.70
CA ARG A 3498 0.86 19.31 106.75
C ARG A 3498 -0.38 20.19 106.64
N ARG A 3499 -0.39 21.06 105.63
CA ARG A 3499 -1.52 21.97 105.44
C ARG A 3499 -2.78 21.20 105.04
N GLY A 3500 -2.63 20.20 104.18
CA GLY A 3500 -3.80 19.45 103.73
C GLY A 3500 -4.38 18.56 104.81
N ASP A 3501 -3.71 18.48 105.96
CA ASP A 3501 -4.20 17.63 107.05
C ASP A 3501 -4.67 18.50 108.22
N ARG A 3502 -3.93 19.55 108.53
CA ARG A 3502 -4.25 20.34 109.72
C ARG A 3502 -5.44 21.26 109.48
N TYR A 3503 -5.29 22.21 108.56
CA TYR A 3503 -6.33 23.20 108.28
C TYR A 3503 -6.84 22.99 106.86
N SER A 3504 -8.13 22.69 106.74
CA SER A 3504 -8.75 22.49 105.44
C SER A 3504 -10.17 22.99 105.50
N VAL A 3505 -10.86 22.87 104.35
CA VAL A 3505 -12.25 23.31 104.28
C VAL A 3505 -13.11 22.52 105.26
N GLN A 3506 -12.95 21.20 105.28
CA GLN A 3506 -13.68 20.39 106.24
C GLN A 3506 -13.24 20.71 107.66
N THR A 3507 -11.99 21.14 107.84
CA THR A 3507 -11.51 21.52 109.16
C THR A 3507 -11.89 22.95 109.49
N SER A 3508 -12.14 23.77 108.47
CA SER A 3508 -12.50 25.16 108.70
C SER A 3508 -13.81 25.26 109.46
N LEU A 3509 -13.77 25.96 110.60
CA LEU A 3509 -14.90 25.95 111.51
C LEU A 3509 -16.11 26.68 110.92
N ILE A 3510 -15.86 27.73 110.14
CA ILE A 3510 -16.97 28.39 109.46
C ILE A 3510 -17.66 27.41 108.52
N VAL A 3511 -16.87 26.61 107.80
CA VAL A 3511 -17.46 25.67 106.85
C VAL A 3511 -18.20 24.56 107.59
N ALA A 3512 -17.67 24.13 108.74
CA ALA A 3512 -18.41 23.17 109.55
C ALA A 3512 -19.75 23.75 110.00
N THR A 3513 -19.73 25.01 110.43
CA THR A 3513 -20.98 25.69 110.80
C THR A 3513 -21.93 25.73 109.62
N LEU A 3514 -21.39 25.91 108.41
CA LEU A 3514 -22.22 25.84 107.21
C LEU A 3514 -22.86 24.46 107.08
N LYS A 3515 -22.07 23.42 107.30
CA LYS A 3515 -22.62 22.06 107.28
C LYS A 3515 -23.76 21.94 108.29
N LYS A 3516 -23.67 22.69 109.38
CA LYS A 3516 -24.74 22.64 110.38
C LYS A 3516 -25.96 23.43 109.94
N MET A 3517 -25.76 24.59 109.29
CA MET A 3517 -26.93 25.39 108.92
C MET A 3517 -27.61 24.82 107.70
N LEU A 3518 -26.92 23.95 106.96
CA LEU A 3518 -27.51 23.41 105.74
C LEU A 3518 -28.89 22.81 105.97
N PRO A 3519 -29.13 22.02 107.02
CA PRO A 3519 -30.53 21.69 107.34
C PRO A 3519 -31.40 22.90 107.56
N ILE A 3520 -30.86 23.94 108.23
CA ILE A 3520 -31.66 25.08 108.63
C ILE A 3520 -32.25 25.79 107.41
N GLY A 3521 -31.57 25.70 106.28
CA GLY A 3521 -32.16 26.24 105.07
C GLY A 3521 -32.93 25.19 104.29
N LEU A 3522 -32.35 23.99 104.17
CA LEU A 3522 -32.91 23.00 103.27
C LEU A 3522 -34.31 22.56 103.73
N ASN A 3523 -34.58 22.64 105.03
CA ASN A 3523 -35.91 22.29 105.53
C ASN A 3523 -36.96 23.23 104.97
N MET A 3524 -36.67 24.54 104.98
CA MET A 3524 -37.68 25.49 104.49
C MET A 3524 -37.67 25.57 102.98
N CYS A 3525 -36.60 25.11 102.32
CA CYS A 3525 -36.65 25.01 100.87
C CYS A 3525 -37.82 24.14 100.44
N ALA A 3526 -38.61 24.65 99.50
CA ALA A 3526 -39.78 23.92 99.06
C ALA A 3526 -39.40 22.93 97.96
N PRO A 3527 -39.81 21.66 98.10
CA PRO A 3527 -39.63 20.72 97.00
C PRO A 3527 -40.29 21.20 95.71
N THR A 3528 -41.43 21.89 95.82
CA THR A 3528 -41.97 22.58 94.65
C THR A 3528 -40.96 23.55 94.09
N ASP A 3529 -40.29 24.30 94.97
CA ASP A 3529 -39.24 25.19 94.52
C ASP A 3529 -38.05 24.41 93.98
N GLN A 3530 -37.80 23.21 94.50
CA GLN A 3530 -36.48 22.60 94.41
C GLN A 3530 -35.93 22.59 92.98
N ASP A 3531 -36.77 22.31 91.99
CA ASP A 3531 -36.29 22.38 90.62
C ASP A 3531 -35.82 23.80 90.29
N LEU A 3532 -36.61 24.80 90.67
CA LEU A 3532 -36.21 26.18 90.49
C LEU A 3532 -34.99 26.51 91.36
N ILE A 3533 -34.75 25.72 92.41
CA ILE A 3533 -33.60 25.96 93.27
C ILE A 3533 -32.32 25.49 92.58
N MET A 3534 -32.36 24.30 91.95
CA MET A 3534 -31.25 23.92 91.07
C MET A 3534 -31.06 24.94 89.96
N LEU A 3535 -32.16 25.43 89.38
CA LEU A 3535 -32.01 26.42 88.32
C LEU A 3535 -31.37 27.69 88.86
N ALA A 3536 -31.72 28.09 90.07
CA ALA A 3536 -31.10 29.25 90.70
C ALA A 3536 -29.64 28.98 91.02
N LYS A 3537 -29.29 27.72 91.31
CA LYS A 3537 -27.89 27.37 91.46
C LYS A 3537 -27.14 27.60 90.16
N THR A 3538 -27.74 27.21 89.04
CA THR A 3538 -27.16 27.53 87.74
C THR A 3538 -27.03 29.03 87.54
N ARG A 3539 -28.06 29.77 87.95
CA ARG A 3539 -28.05 31.23 87.81
C ARG A 3539 -26.90 31.83 88.62
N TYR A 3540 -26.69 31.35 89.84
CA TYR A 3540 -25.61 31.85 90.66
C TYR A 3540 -24.25 31.40 90.11
N ALA A 3541 -24.23 30.25 89.43
CA ALA A 3541 -23.03 29.86 88.69
C ALA A 3541 -22.78 30.82 87.53
N LEU A 3542 -23.84 31.45 87.03
CA LEU A 3542 -23.66 32.53 86.06
C LEU A 3542 -23.05 33.75 86.71
N LYS A 3543 -22.96 33.75 88.04
CA LYS A 3543 -22.35 34.79 88.87
C LYS A 3543 -23.16 36.07 88.82
N ASP A 3544 -24.44 35.99 88.50
CA ASP A 3544 -25.28 37.17 88.48
C ASP A 3544 -25.57 37.66 89.89
N THR A 3545 -25.78 38.96 90.02
CA THR A 3545 -26.05 39.54 91.33
C THR A 3545 -27.38 39.03 91.87
N ASP A 3546 -27.57 39.21 93.19
CA ASP A 3546 -28.78 38.70 93.83
C ASP A 3546 -30.03 39.40 93.31
N GLU A 3547 -29.92 40.67 92.94
CA GLU A 3547 -31.06 41.35 92.35
C GLU A 3547 -31.36 40.80 90.97
N GLU A 3548 -30.33 40.46 90.21
CA GLU A 3548 -30.56 39.79 88.93
C GLU A 3548 -31.21 38.43 89.14
N VAL A 3549 -30.83 37.74 90.22
CA VAL A 3549 -31.50 36.50 90.60
C VAL A 3549 -32.96 36.78 90.93
N ARG A 3550 -33.23 37.89 91.60
CA ARG A 3550 -34.61 38.27 91.91
C ARG A 3550 -35.41 38.45 90.64
N GLU A 3551 -34.85 39.16 89.66
CA GLU A 3551 -35.54 39.36 88.39
C GLU A 3551 -35.72 38.04 87.65
N PHE A 3552 -34.70 37.18 87.69
CA PHE A 3552 -34.83 35.85 87.10
C PHE A 3552 -35.97 35.08 87.73
N LEU A 3553 -36.15 35.26 89.04
CA LEU A 3553 -37.27 34.63 89.73
C LEU A 3553 -38.59 35.24 89.28
N GLN A 3554 -38.63 36.56 89.12
CA GLN A 3554 -39.86 37.23 88.72
C GLN A 3554 -40.32 36.71 87.36
N ASN A 3555 -39.39 36.56 86.42
CA ASN A 3555 -39.72 35.90 85.18
C ASN A 3555 -40.08 34.43 85.42
N ASN A 3556 -39.36 33.78 86.34
CA ASN A 3556 -39.60 32.38 86.64
C ASN A 3556 -40.79 32.18 87.56
N LEU A 3557 -41.49 33.25 87.92
CA LEU A 3557 -42.69 33.11 88.74
C LEU A 3557 -43.75 32.28 88.04
N HIS A 3558 -43.50 31.90 86.79
CA HIS A 3558 -44.45 31.09 86.04
C HIS A 3558 -43.87 29.72 85.74
N LEU A 3559 -42.55 29.58 85.84
CA LEU A 3559 -41.87 28.33 85.49
C LEU A 3559 -41.20 27.68 86.69
N GLN A 3560 -41.70 27.90 87.90
CA GLN A 3560 -41.14 27.24 89.07
C GLN A 3560 -41.35 25.74 88.96
N GLY A 3561 -40.57 24.98 89.73
CA GLY A 3561 -40.67 23.54 89.68
C GLY A 3561 -42.03 23.06 90.13
N LYS A 3562 -42.42 21.88 89.63
CA LYS A 3562 -43.70 21.29 89.91
C LYS A 3562 -43.52 20.10 90.84
N VAL A 3563 -44.64 19.64 91.41
CA VAL A 3563 -44.58 18.61 92.44
C VAL A 3563 -45.20 17.31 91.96
N GLU A 3564 -46.07 17.40 90.96
CA GLU A 3564 -46.67 16.20 90.39
C GLU A 3564 -45.62 15.33 89.70
N GLY A 3565 -44.43 15.88 89.45
CA GLY A 3565 -43.43 15.16 88.68
C GLY A 3565 -42.99 13.86 89.33
N SER A 3566 -42.76 13.88 90.63
CA SER A 3566 -42.18 12.70 91.27
C SER A 3566 -42.95 12.33 92.54
N PRO A 3567 -43.11 11.03 92.80
CA PRO A 3567 -43.68 10.61 94.10
C PRO A 3567 -42.85 11.06 95.28
N SER A 3568 -41.54 11.17 95.10
CA SER A 3568 -40.70 11.75 96.12
C SER A 3568 -41.23 13.10 96.53
N LEU A 3569 -41.59 13.94 95.56
CA LEU A 3569 -42.16 15.24 95.85
C LEU A 3569 -43.52 15.10 96.54
N ARG A 3570 -44.29 14.07 96.17
CA ARG A 3570 -45.57 13.84 96.84
C ARG A 3570 -45.38 13.66 98.34
N TRP A 3571 -44.50 12.73 98.74
CA TRP A 3571 -44.27 12.56 100.17
C TRP A 3571 -43.58 13.79 100.76
N GLN A 3572 -42.80 14.49 99.94
CA GLN A 3572 -42.11 15.67 100.44
C GLN A 3572 -43.11 16.73 100.90
N MET A 3573 -44.11 17.03 100.08
CA MET A 3573 -45.16 17.94 100.53
C MET A 3573 -46.04 17.31 101.59
N ALA A 3574 -46.20 15.98 101.56
CA ALA A 3574 -46.94 15.34 102.63
C ALA A 3574 -46.35 15.70 103.98
N LEU A 3575 -45.02 15.58 104.11
CA LEU A 3575 -44.36 15.97 105.34
C LEU A 3575 -44.30 17.50 105.48
N TYR A 3576 -44.29 18.21 104.35
CA TYR A 3576 -44.22 19.66 104.42
C TYR A 3576 -45.44 20.24 105.12
N ARG A 3577 -46.64 19.85 104.68
CA ARG A 3577 -47.83 20.21 105.44
C ARG A 3577 -47.82 19.50 106.79
N GLY A 3578 -47.29 18.27 106.83
CA GLY A 3578 -47.19 17.57 108.09
C GLY A 3578 -46.38 18.34 109.12
N LEU A 3579 -45.43 19.14 108.65
CA LEU A 3579 -44.74 20.04 109.56
C LEU A 3579 -45.71 21.15 109.96
N PRO A 3580 -46.05 21.26 111.25
CA PRO A 3580 -47.10 22.22 111.63
C PRO A 3580 -46.77 23.66 111.33
N GLY A 3581 -45.49 24.03 111.42
CA GLY A 3581 -45.12 25.42 111.20
C GLY A 3581 -45.20 25.83 109.75
N ARG A 3582 -45.30 24.86 108.84
CA ARG A 3582 -45.36 25.13 107.42
C ARG A 3582 -46.82 25.28 106.99
N GLU A 3583 -47.14 26.45 106.43
CA GLU A 3583 -48.46 26.70 105.86
C GLU A 3583 -48.29 27.35 104.48
N GLU A 3584 -48.79 26.67 103.45
CA GLU A 3584 -48.73 27.22 102.10
C GLU A 3584 -49.50 28.53 102.02
N ASP A 3585 -50.57 28.65 102.81
CA ASP A 3585 -51.28 29.92 102.91
C ASP A 3585 -50.37 31.02 103.46
N ALA A 3586 -49.59 30.70 104.48
CA ALA A 3586 -48.65 31.68 105.03
C ALA A 3586 -47.55 32.00 104.03
N ASP A 3587 -47.23 31.06 103.15
CA ASP A 3587 -46.21 31.30 102.14
C ASP A 3587 -46.63 32.42 101.21
N ASP A 3588 -45.68 33.30 100.89
CA ASP A 3588 -45.91 34.47 100.06
C ASP A 3588 -44.91 34.48 98.91
N PRO A 3589 -45.26 35.04 97.75
CA PRO A 3589 -44.32 35.04 96.63
C PRO A 3589 -43.03 35.79 96.92
N GLU A 3590 -43.12 36.96 97.54
CA GLU A 3590 -41.93 37.74 97.80
C GLU A 3590 -41.02 37.05 98.80
N LYS A 3591 -41.60 36.54 99.89
CA LYS A 3591 -40.81 35.81 100.87
C LYS A 3591 -40.17 34.58 100.24
N ILE A 3592 -40.95 33.87 99.42
CA ILE A 3592 -40.45 32.60 98.90
C ILE A 3592 -39.33 32.84 97.89
N VAL A 3593 -39.44 33.89 97.07
CA VAL A 3593 -38.35 34.19 96.16
C VAL A 3593 -37.14 34.70 96.92
N ARG A 3594 -37.36 35.39 98.05
CA ARG A 3594 -36.23 35.84 98.85
C ARG A 3594 -35.45 34.64 99.39
N ARG A 3595 -36.19 33.65 99.93
CA ARG A 3595 -35.50 32.48 100.44
C ARG A 3595 -34.84 31.69 99.32
N VAL A 3596 -35.50 31.61 98.15
CA VAL A 3596 -34.82 31.09 96.98
C VAL A 3596 -33.47 31.76 96.80
N GLN A 3597 -33.45 33.09 96.73
CA GLN A 3597 -32.22 33.75 96.28
C GLN A 3597 -31.09 33.56 97.29
N GLU A 3598 -31.33 33.81 98.58
CA GLU A 3598 -30.16 33.78 99.45
C GLU A 3598 -29.77 32.33 99.76
N VAL A 3599 -30.75 31.43 99.85
CA VAL A 3599 -30.41 30.02 100.08
C VAL A 3599 -29.67 29.46 98.88
N SER A 3600 -30.04 29.88 97.67
CA SER A 3600 -29.35 29.39 96.48
C SER A 3600 -27.94 29.94 96.40
N ALA A 3601 -27.75 31.22 96.77
CA ALA A 3601 -26.40 31.75 96.83
C ALA A 3601 -25.56 30.98 97.84
N VAL A 3602 -26.15 30.69 99.00
CA VAL A 3602 -25.46 29.92 100.03
C VAL A 3602 -25.10 28.55 99.50
N LEU A 3603 -26.03 27.89 98.81
CA LEU A 3603 -25.79 26.56 98.29
C LEU A 3603 -24.70 26.57 97.23
N TYR A 3604 -24.71 27.58 96.36
CA TYR A 3604 -23.68 27.68 95.34
C TYR A 3604 -22.30 27.84 95.97
N HIS A 3605 -22.19 28.73 96.95
CA HIS A 3605 -20.93 28.89 97.66
C HIS A 3605 -20.54 27.60 98.37
N LEU A 3606 -21.53 26.85 98.88
CA LEU A 3606 -21.23 25.57 99.49
C LEU A 3606 -20.67 24.59 98.48
N GLU A 3607 -21.17 24.62 97.25
CA GLU A 3607 -20.55 23.81 96.21
C GLU A 3607 -19.10 24.21 96.01
N GLN A 3608 -18.85 25.52 95.87
CA GLN A 3608 -17.48 25.98 95.64
C GLN A 3608 -16.55 25.54 96.76
N THR A 3609 -17.06 25.52 98.00
CA THR A 3609 -16.24 25.05 99.11
C THR A 3609 -16.10 23.53 99.12
N GLU A 3610 -17.18 22.83 98.82
CA GLU A 3610 -17.17 21.37 98.86
C GLU A 3610 -16.19 20.80 97.85
N HIS A 3611 -16.14 21.39 96.66
CA HIS A 3611 -15.14 21.03 95.66
C HIS A 3611 -14.18 22.20 95.54
N PRO A 3612 -13.24 22.31 96.48
CA PRO A 3612 -12.30 23.45 96.41
C PRO A 3612 -11.17 23.21 95.43
N TYR A 3613 -11.03 21.98 94.93
CA TYR A 3613 -9.94 21.61 94.04
C TYR A 3613 -8.58 21.94 94.66
N LYS A 3614 -8.38 21.46 95.89
CA LYS A 3614 -7.14 21.75 96.61
C LYS A 3614 -5.94 21.19 95.87
N SER A 3615 -6.06 19.99 95.31
CA SER A 3615 -5.01 19.46 94.46
C SER A 3615 -5.10 20.05 93.06
N LYS A 3616 -3.95 20.38 92.49
CA LYS A 3616 -3.79 20.91 91.14
C LYS A 3616 -4.57 22.23 91.05
N LYS A 3617 -4.24 23.21 91.89
CA LYS A 3617 -4.77 24.55 91.72
C LYS A 3617 -3.66 25.54 91.42
N ALA A 3618 -2.44 25.22 91.84
CA ALA A 3618 -1.23 25.98 91.52
C ALA A 3618 -0.07 25.00 91.57
N VAL A 3619 0.36 24.53 90.40
CA VAL A 3619 1.25 23.39 90.34
C VAL A 3619 2.65 23.77 90.81
N TRP A 3620 3.35 22.80 91.41
CA TRP A 3620 4.75 22.94 91.79
C TRP A 3620 5.42 21.58 91.58
N HIS A 3621 6.25 21.48 90.54
CA HIS A 3621 6.87 20.21 90.22
C HIS A 3621 8.23 20.07 90.91
N LYS A 3622 9.02 21.13 90.91
CA LYS A 3622 10.35 21.15 91.53
C LYS A 3622 11.24 20.04 90.96
N LEU A 3623 11.13 19.81 89.65
CA LEU A 3623 12.06 18.89 89.00
C LEU A 3623 13.31 19.62 88.54
N LEU A 3624 13.20 20.92 88.30
CA LEU A 3624 14.38 21.75 88.06
C LEU A 3624 15.12 22.05 89.36
N SER A 3625 14.40 22.01 90.49
CA SER A 3625 14.99 22.43 91.76
C SER A 3625 16.07 21.48 92.24
N LYS A 3626 15.93 20.18 91.91
CA LYS A 3626 16.93 19.22 92.37
C LYS A 3626 18.29 19.47 91.71
N GLN A 3627 18.31 19.74 90.41
CA GLN A 3627 19.57 20.09 89.77
C GLN A 3627 19.95 21.54 90.04
N ARG A 3628 18.97 22.36 90.45
CA ARG A 3628 19.25 23.75 90.79
C ARG A 3628 19.95 23.83 92.14
N ARG A 3629 19.73 22.85 93.00
CA ARG A 3629 20.56 22.73 94.20
C ARG A 3629 22.02 22.53 93.83
N ARG A 3630 22.28 21.65 92.87
CA ARG A 3630 23.64 21.50 92.35
C ARG A 3630 24.11 22.80 91.71
N ALA A 3631 23.21 23.53 91.07
CA ALA A 3631 23.57 24.80 90.44
C ALA A 3631 24.01 25.83 91.48
N VAL A 3632 23.28 25.93 92.60
CA VAL A 3632 23.67 26.90 93.63
C VAL A 3632 24.93 26.44 94.34
N VAL A 3633 25.12 25.13 94.47
CA VAL A 3633 26.39 24.63 95.01
C VAL A 3633 27.54 25.03 94.09
N ALA A 3634 27.32 24.97 92.78
CA ALA A 3634 28.38 25.33 91.84
C ALA A 3634 28.48 26.84 91.67
N CYS A 3635 27.48 27.58 92.17
CA CYS A 3635 27.51 29.04 92.08
C CYS A 3635 28.21 29.64 93.30
N PHE A 3636 27.98 29.08 94.48
CA PHE A 3636 28.82 29.39 95.62
C PHE A 3636 30.23 28.85 95.37
N ARG A 3637 30.33 27.71 94.69
CA ARG A 3637 31.62 27.21 94.25
C ARG A 3637 32.15 28.02 93.07
N MET A 3638 31.26 28.69 92.33
CA MET A 3638 31.70 29.59 91.28
C MET A 3638 32.65 30.61 91.87
N THR A 3639 33.89 30.56 91.40
CA THR A 3639 34.92 31.41 91.95
C THR A 3639 34.88 32.79 91.29
N PRO A 3640 34.68 33.84 92.07
CA PRO A 3640 34.74 35.18 91.50
C PRO A 3640 36.11 35.44 90.91
N LEU A 3641 36.11 36.23 89.83
CA LEU A 3641 37.33 36.35 89.04
C LEU A 3641 38.49 36.92 89.87
N TYR A 3642 38.18 37.58 91.00
CA TYR A 3642 39.27 38.00 91.88
C TYR A 3642 39.88 36.81 92.60
N ASN A 3643 39.05 35.82 92.96
CA ASN A 3643 39.58 34.61 93.58
C ASN A 3643 40.15 33.68 92.53
N LEU A 3644 39.86 33.93 91.26
CA LEU A 3644 40.33 33.06 90.20
C LEU A 3644 41.85 33.10 90.13
N PRO A 3645 42.50 31.98 89.81
CA PRO A 3645 43.96 32.00 89.67
C PRO A 3645 44.40 32.97 88.58
N THR A 3646 45.52 33.64 88.82
CA THR A 3646 45.92 34.75 87.95
C THR A 3646 46.26 34.26 86.55
N HIS A 3647 47.09 33.24 86.44
CA HIS A 3647 47.47 32.73 85.12
C HIS A 3647 46.27 32.15 84.38
N ARG A 3648 45.43 31.38 85.09
CA ARG A 3648 44.25 30.81 84.44
C ARG A 3648 43.33 31.92 83.94
N ALA A 3649 43.13 32.95 84.77
CA ALA A 3649 42.31 34.08 84.38
C ALA A 3649 42.90 34.78 83.16
N CYS A 3650 44.22 34.93 83.12
CA CYS A 3650 44.85 35.52 81.95
C CYS A 3650 44.54 34.71 80.69
N ASN A 3651 44.62 33.39 80.79
CA ASN A 3651 44.35 32.56 79.62
C ASN A 3651 42.90 32.71 79.15
N MET A 3652 41.95 32.63 80.09
CA MET A 3652 40.55 32.71 79.68
C MET A 3652 40.21 34.11 79.17
N PHE A 3653 40.85 35.13 79.72
CA PHE A 3653 40.68 36.47 79.18
C PHE A 3653 41.24 36.57 77.76
N LEU A 3654 42.37 35.93 77.51
CA LEU A 3654 42.90 35.93 76.16
C LEU A 3654 41.90 35.33 75.19
N GLU A 3655 41.32 34.20 75.56
CA GLU A 3655 40.30 33.58 74.71
C GLU A 3655 39.10 34.51 74.54
N SER A 3656 38.64 35.11 75.64
CA SER A 3656 37.46 35.98 75.58
C SER A 3656 37.71 37.18 74.68
N TYR A 3657 38.87 37.80 74.80
CA TYR A 3657 39.18 38.96 73.97
C TYR A 3657 39.30 38.55 72.51
N LYS A 3658 39.94 37.41 72.24
CA LYS A 3658 40.08 36.98 70.86
C LYS A 3658 38.71 36.71 70.24
N ALA A 3659 37.77 36.25 71.06
CA ALA A 3659 36.41 36.04 70.54
C ALA A 3659 35.68 37.36 70.36
N ALA A 3660 35.82 38.28 71.32
CA ALA A 3660 34.94 39.45 71.36
C ALA A 3660 35.39 40.54 70.42
N TRP A 3661 36.70 40.76 70.30
CA TRP A 3661 37.20 41.91 69.57
C TRP A 3661 37.86 41.58 68.24
N ILE A 3662 38.92 40.78 68.27
CA ILE A 3662 39.74 40.65 67.07
C ILE A 3662 39.02 39.83 66.01
N LEU A 3663 38.26 38.83 66.43
CA LEU A 3663 37.48 38.05 65.47
C LEU A 3663 36.38 38.90 64.84
N THR A 3664 35.77 39.78 65.63
CA THR A 3664 34.68 40.60 65.11
C THR A 3664 35.19 41.62 64.09
N GLU A 3665 36.26 42.33 64.43
CA GLU A 3665 36.75 43.37 63.53
C GLU A 3665 37.47 42.77 62.33
N ASP A 3666 37.20 43.33 61.16
CA ASP A 3666 37.87 42.95 59.93
C ASP A 3666 37.71 44.09 58.95
N HIS A 3667 38.76 44.36 58.18
CA HIS A 3667 38.70 45.33 57.08
C HIS A 3667 39.24 44.67 55.82
N SER A 3668 38.67 45.03 54.68
CA SER A 3668 38.98 44.38 53.41
C SER A 3668 40.18 45.06 52.78
N PHE A 3669 41.38 44.61 53.13
CA PHE A 3669 42.58 45.02 52.40
C PHE A 3669 42.78 44.21 51.14
N GLU A 3670 41.94 43.20 50.91
CA GLU A 3670 42.15 42.27 49.81
C GLU A 3670 41.87 42.93 48.47
N ASP A 3671 40.95 43.91 48.45
CA ASP A 3671 40.69 44.62 47.21
C ASP A 3671 41.94 45.33 46.70
N ARG A 3672 42.58 46.12 47.56
CA ARG A 3672 43.81 46.79 47.13
C ARG A 3672 44.93 45.79 46.96
N MET A 3673 44.90 44.69 47.70
CA MET A 3673 45.87 43.62 47.46
C MET A 3673 45.82 43.15 46.02
N ILE A 3674 44.63 42.79 45.55
CA ILE A 3674 44.46 42.33 44.18
C ILE A 3674 44.79 43.44 43.20
N ASP A 3675 44.43 44.67 43.55
CA ASP A 3675 44.73 45.80 42.67
C ASP A 3675 46.23 45.94 42.46
N ASP A 3676 47.00 45.93 43.55
CA ASP A 3676 48.45 46.04 43.44
C ASP A 3676 49.04 44.84 42.71
N LEU A 3677 48.58 43.63 43.04
CA LEU A 3677 49.10 42.45 42.38
C LEU A 3677 48.73 42.45 40.90
N SER A 3678 47.77 43.28 40.52
CA SER A 3678 47.32 43.33 39.13
C SER A 3678 48.11 44.36 38.33
N LYS A 3679 48.33 45.54 38.89
CA LYS A 3679 48.88 46.64 38.13
C LYS A 3679 50.27 46.31 37.59
N ALA A 3680 50.55 46.77 36.38
CA ALA A 3680 51.85 46.60 35.74
C ALA A 3680 52.51 47.96 35.60
N GLY A 3681 53.76 48.06 36.04
CA GLY A 3681 54.46 49.33 36.00
C GLY A 3681 55.89 49.28 35.51
N GLU A 3682 56.24 50.20 34.63
CA GLU A 3682 57.56 50.39 34.03
C GLU A 3682 58.08 49.15 33.29
N GLN A 3683 57.21 48.25 32.82
CA GLN A 3683 57.68 47.21 31.90
C GLN A 3683 57.89 47.77 30.50
N GLU A 3684 57.13 48.80 30.14
CA GLU A 3684 57.01 49.21 28.74
C GLU A 3684 58.32 49.79 28.22
N GLU A 3685 59.20 50.27 29.10
CA GLU A 3685 60.45 50.85 28.64
C GLU A 3685 61.35 49.79 28.02
N GLU A 3686 61.16 48.53 28.41
CA GLU A 3686 61.96 47.44 27.85
C GLU A 3686 61.61 47.20 26.38
N GLU A 3687 60.32 47.08 26.08
CA GLU A 3687 59.79 47.02 24.72
C GLU A 3687 59.99 45.66 24.05
N GLU A 3688 60.59 44.69 24.74
CA GLU A 3688 60.62 43.33 24.18
C GLU A 3688 59.77 42.38 25.01
N GLU A 3689 59.50 42.74 26.27
CA GLU A 3689 58.65 41.90 27.11
C GLU A 3689 57.22 41.87 26.59
N VAL A 3690 56.80 42.95 25.91
CA VAL A 3690 55.46 43.01 25.35
C VAL A 3690 55.28 41.91 24.31
N GLU A 3691 56.31 41.64 23.52
CA GLU A 3691 56.25 40.55 22.55
C GLU A 3691 56.29 39.20 23.25
N GLU A 3692 56.78 39.16 24.49
CA GLU A 3692 56.86 37.91 25.22
C GLU A 3692 55.69 37.76 26.18
N LYS A 3693 55.02 38.89 26.49
CA LYS A 3693 53.85 38.89 27.38
C LYS A 3693 54.23 38.35 28.76
N LYS A 3694 55.07 39.10 29.45
CA LYS A 3694 55.49 38.71 30.79
C LYS A 3694 54.29 38.77 31.73
N PRO A 3695 54.18 37.84 32.69
CA PRO A 3695 53.00 37.80 33.54
C PRO A 3695 53.02 38.87 34.61
N ASP A 3696 51.88 39.55 34.76
CA ASP A 3696 51.68 40.46 35.87
C ASP A 3696 51.68 39.66 37.17
N PRO A 3697 51.98 40.29 38.31
CA PRO A 3697 52.13 39.52 39.55
C PRO A 3697 50.92 38.67 39.88
N LEU A 3698 49.71 39.17 39.64
CA LEU A 3698 48.53 38.31 39.74
C LEU A 3698 48.68 37.10 38.83
N HIS A 3699 49.03 37.32 37.57
CA HIS A 3699 49.12 36.21 36.63
C HIS A 3699 50.18 35.22 37.05
N GLN A 3700 51.25 35.71 37.70
CA GLN A 3700 52.31 34.83 38.17
C GLN A 3700 51.81 33.95 39.32
N LEU A 3701 51.11 34.55 40.28
CA LEU A 3701 50.56 33.76 41.37
C LEU A 3701 49.59 32.72 40.83
N VAL A 3702 48.75 33.12 39.88
CA VAL A 3702 47.84 32.20 39.21
C VAL A 3702 48.60 31.08 38.54
N LEU A 3703 49.66 31.41 37.81
CA LEU A 3703 50.39 30.38 37.08
C LEU A 3703 51.03 29.39 38.04
N HIS A 3704 51.53 29.88 39.18
CA HIS A 3704 52.14 28.98 40.16
C HIS A 3704 51.09 28.08 40.81
N PHE A 3705 49.91 28.63 41.11
CA PHE A 3705 48.85 27.79 41.64
C PHE A 3705 48.44 26.72 40.63
N SER A 3706 48.39 27.08 39.35
CA SER A 3706 48.11 26.10 38.31
C SER A 3706 49.22 25.04 38.27
N ARG A 3707 50.47 25.47 38.45
CA ARG A 3707 51.59 24.54 38.51
C ARG A 3707 51.40 23.54 39.64
N THR A 3708 51.01 24.03 40.82
CA THR A 3708 50.79 23.13 41.94
C THR A 3708 49.65 22.17 41.67
N ALA A 3709 48.54 22.68 41.13
CA ALA A 3709 47.37 21.84 40.92
C ALA A 3709 47.61 20.78 39.86
N LEU A 3710 48.14 21.19 38.70
CA LEU A 3710 48.32 20.27 37.59
C LEU A 3710 49.33 19.18 37.93
N THR A 3711 50.32 19.51 38.76
CA THR A 3711 51.29 18.51 39.19
C THR A 3711 50.56 17.35 39.87
N GLU A 3712 50.89 16.14 39.46
CA GLU A 3712 50.15 14.95 39.88
C GLU A 3712 50.60 14.53 41.27
N LYS A 3713 49.62 14.28 42.13
CA LYS A 3713 49.86 13.76 43.47
C LYS A 3713 48.73 12.82 43.83
N SER A 3714 49.05 11.84 44.69
CA SER A 3714 48.06 10.83 45.04
C SER A 3714 46.87 11.43 45.75
N LYS A 3715 47.12 12.34 46.70
CA LYS A 3715 46.07 12.97 47.48
C LYS A 3715 46.15 14.48 47.30
N LEU A 3716 44.99 15.12 47.13
CA LEU A 3716 44.96 16.57 47.07
C LEU A 3716 45.36 17.15 48.42
N ASP A 3717 46.57 17.67 48.50
CA ASP A 3717 47.15 18.17 49.74
C ASP A 3717 46.56 19.54 50.04
N GLU A 3718 46.27 19.80 51.30
CA GLU A 3718 45.77 21.11 51.70
C GLU A 3718 46.92 22.10 51.74
N ASP A 3719 46.72 23.27 51.13
CA ASP A 3719 47.63 24.38 51.27
C ASP A 3719 46.88 25.56 51.86
N TYR A 3720 47.30 26.00 53.04
CA TYR A 3720 46.67 27.16 53.66
C TYR A 3720 46.85 28.40 52.80
N LEU A 3721 47.95 28.47 52.05
CA LEU A 3721 48.16 29.62 51.19
C LEU A 3721 47.11 29.66 50.08
N TYR A 3722 46.85 28.53 49.44
CA TYR A 3722 45.84 28.52 48.39
C TYR A 3722 44.46 28.72 48.97
N MET A 3723 44.21 28.13 50.15
CA MET A 3723 43.04 28.46 50.96
C MET A 3723 42.80 29.97 50.97
N ALA A 3724 43.72 30.69 51.60
CA ALA A 3724 43.50 32.11 51.86
C ALA A 3724 43.51 32.91 50.58
N TYR A 3725 44.41 32.57 49.65
CA TYR A 3725 44.52 33.33 48.42
C TYR A 3725 43.24 33.20 47.61
N ALA A 3726 42.70 31.99 47.48
CA ALA A 3726 41.46 31.81 46.75
C ALA A 3726 40.31 32.55 47.41
N ASP A 3727 40.24 32.50 48.74
CA ASP A 3727 39.22 33.31 49.41
C ASP A 3727 39.38 34.77 49.08
N ILE A 3728 40.62 35.25 49.01
CA ILE A 3728 40.88 36.64 48.72
C ILE A 3728 40.41 37.00 47.32
N MET A 3729 40.75 36.17 46.33
CA MET A 3729 40.32 36.47 44.97
C MET A 3729 38.81 36.45 44.87
N ALA A 3730 38.15 35.49 45.52
CA ALA A 3730 36.69 35.44 45.45
C ALA A 3730 36.08 36.71 46.05
N LYS A 3731 36.55 37.10 47.24
CA LYS A 3731 35.95 38.24 47.90
C LYS A 3731 36.21 39.52 47.12
N SER A 3732 37.43 39.68 46.59
CA SER A 3732 37.72 40.85 45.79
C SER A 3732 36.89 40.85 44.50
N CYS A 3733 36.69 39.68 43.91
CA CYS A 3733 35.97 39.60 42.64
C CYS A 3733 34.52 40.02 42.81
N HIS A 3734 33.83 39.48 43.82
CA HIS A 3734 32.43 39.85 43.95
C HIS A 3734 32.28 41.24 44.57
N LEU A 3735 33.16 41.59 45.51
CA LEU A 3735 33.21 42.92 46.14
C LEU A 3735 31.81 43.46 46.43
N GLU A 3736 31.05 42.73 47.24
CA GLU A 3736 29.69 43.11 47.58
C GLU A 3736 29.19 42.31 48.79
N VAL A 3749 17.09 51.73 47.52
CA VAL A 3749 16.96 50.57 46.65
C VAL A 3749 16.55 51.00 45.25
N GLU A 3750 16.25 52.28 45.10
CA GLU A 3750 15.80 52.85 43.84
C GLU A 3750 17.00 53.10 42.95
N VAL A 3751 17.63 52.03 42.48
CA VAL A 3751 18.79 52.11 41.61
C VAL A 3751 18.31 52.41 40.20
N SER A 3752 18.87 53.45 39.60
CA SER A 3752 18.58 53.74 38.20
C SER A 3752 19.03 52.59 37.32
N PHE A 3753 18.53 52.56 36.10
CA PHE A 3753 19.07 51.56 35.16
C PHE A 3753 20.55 51.84 35.11
N GLU A 3754 20.90 53.08 34.83
CA GLU A 3754 22.32 53.40 34.68
C GLU A 3754 23.11 52.89 35.88
N GLU A 3755 22.59 53.07 37.09
CA GLU A 3755 23.31 52.64 38.28
C GLU A 3755 23.44 51.12 38.33
N LYS A 3756 22.36 50.42 38.05
CA LYS A 3756 22.40 48.96 38.06
C LYS A 3756 23.36 48.44 37.00
N GLU A 3757 23.32 49.04 35.80
CA GLU A 3757 24.23 48.60 34.76
C GLU A 3757 25.67 48.96 35.08
N MET A 3758 25.88 50.03 35.85
CA MET A 3758 27.25 50.36 36.24
C MET A 3758 27.77 49.33 37.22
N GLU A 3759 26.91 48.87 38.15
CA GLU A 3759 27.30 47.75 38.99
C GLU A 3759 27.61 46.51 38.15
N LYS A 3760 26.79 46.24 37.14
CA LYS A 3760 27.03 45.08 36.29
C LYS A 3760 28.37 45.20 35.59
N GLN A 3761 28.68 46.38 35.05
CA GLN A 3761 29.95 46.57 34.38
C GLN A 3761 31.12 46.46 35.35
N ARG A 3762 30.92 46.92 36.58
CA ARG A 3762 31.97 46.77 37.58
C ARG A 3762 32.23 45.29 37.87
N LEU A 3763 31.16 44.50 38.01
CA LEU A 3763 31.32 43.07 38.23
C LEU A 3763 32.00 42.42 37.06
N LEU A 3764 31.63 42.82 35.84
CA LEU A 3764 32.29 42.30 34.66
C LEU A 3764 33.77 42.62 34.68
N TYR A 3765 34.14 43.82 35.12
CA TYR A 3765 35.55 44.18 35.13
C TYR A 3765 36.32 43.36 36.14
N GLN A 3766 35.76 43.15 37.34
CA GLN A 3766 36.50 42.36 38.32
C GLN A 3766 36.59 40.91 37.89
N GLN A 3767 35.53 40.37 37.31
CA GLN A 3767 35.63 39.02 36.77
C GLN A 3767 36.62 38.97 35.60
N SER A 3768 36.75 40.07 34.87
CA SER A 3768 37.69 40.12 33.77
C SER A 3768 39.11 40.03 34.26
N ARG A 3769 39.45 40.84 35.27
CA ARG A 3769 40.82 40.85 35.75
C ARG A 3769 41.23 39.47 36.29
N LEU A 3770 40.24 38.68 36.68
CA LEU A 3770 40.53 37.33 37.14
C LEU A 3770 40.65 36.36 35.97
N HIS A 3771 39.67 36.39 35.04
CA HIS A 3771 39.65 35.36 34.01
C HIS A 3771 40.73 35.61 32.97
N THR A 3772 41.33 36.80 32.97
CA THR A 3772 42.51 37.02 32.16
C THR A 3772 43.66 36.13 32.61
N ARG A 3773 43.58 35.61 33.84
CA ARG A 3773 44.68 34.84 34.39
C ARG A 3773 44.51 33.34 34.09
N GLY A 3774 43.29 32.90 33.84
CA GLY A 3774 43.01 31.47 33.78
C GLY A 3774 42.51 30.89 35.08
N ALA A 3775 41.96 31.73 35.96
CA ALA A 3775 41.59 31.29 37.29
C ALA A 3775 40.58 30.16 37.24
N ALA A 3776 39.54 30.29 36.43
CA ALA A 3776 38.53 29.23 36.39
C ALA A 3776 39.08 28.00 35.67
N GLU A 3777 40.02 28.19 34.75
CA GLU A 3777 40.69 27.04 34.13
C GLU A 3777 41.37 26.20 35.21
N MET A 3778 42.15 26.84 36.07
CA MET A 3778 42.80 26.05 37.12
C MET A 3778 41.78 25.60 38.14
N VAL A 3779 40.63 26.27 38.22
CA VAL A 3779 39.60 25.80 39.12
C VAL A 3779 39.14 24.42 38.67
N LEU A 3780 38.89 24.28 37.38
CA LEU A 3780 38.59 22.96 36.81
C LEU A 3780 39.75 22.01 37.04
N GLN A 3781 40.98 22.50 36.88
CA GLN A 3781 42.14 21.65 37.17
C GLN A 3781 42.15 21.20 38.63
N MET A 3782 41.74 22.08 39.55
CA MET A 3782 41.75 21.75 40.96
C MET A 3782 40.75 20.63 41.19
N ILE A 3783 39.58 20.74 40.54
CA ILE A 3783 38.58 19.68 40.67
C ILE A 3783 39.14 18.36 40.16
N SER A 3784 39.80 18.39 39.00
CA SER A 3784 40.35 17.18 38.44
C SER A 3784 41.38 16.56 39.38
N ALA A 3785 42.23 17.38 39.99
CA ALA A 3785 43.21 16.87 40.92
C ALA A 3785 42.57 16.48 42.26
N CYS A 3786 41.41 17.05 42.56
CA CYS A 3786 40.73 16.77 43.82
C CYS A 3786 40.04 15.42 43.75
N LYS A 3787 39.60 15.02 42.57
CA LYS A 3787 39.11 13.66 42.34
C LYS A 3787 37.93 13.32 43.25
N GLY A 3788 37.08 14.30 43.47
CA GLY A 3788 35.88 14.08 44.27
C GLY A 3788 36.16 13.80 45.73
N GLU A 3789 37.06 14.56 46.34
CA GLU A 3789 37.37 14.44 47.75
C GLU A 3789 36.97 15.73 48.46
N THR A 3790 35.90 15.66 49.24
CA THR A 3790 35.40 16.84 49.94
C THR A 3790 36.44 17.37 50.92
N GLY A 3791 36.59 18.68 50.95
CA GLY A 3791 37.54 19.31 51.84
C GLY A 3791 37.49 20.82 51.70
N ALA A 3792 38.19 21.49 52.61
CA ALA A 3792 38.23 22.94 52.57
C ALA A 3792 38.81 23.42 51.25
N MET A 3793 39.77 22.68 50.69
CA MET A 3793 40.40 23.10 49.44
C MET A 3793 39.36 23.21 48.33
N VAL A 3794 38.63 22.12 48.10
CA VAL A 3794 37.65 22.09 47.02
C VAL A 3794 36.51 23.06 47.33
N SER A 3795 36.13 23.16 48.61
CA SER A 3795 35.07 24.09 48.97
C SER A 3795 35.43 25.53 48.61
N SER A 3796 36.62 25.97 49.02
CA SER A 3796 37.02 27.34 48.73
C SER A 3796 37.20 27.58 47.25
N THR A 3797 37.75 26.60 46.53
CA THR A 3797 38.01 26.85 45.12
C THR A 3797 36.70 26.85 44.34
N LEU A 3798 35.74 26.02 44.73
CA LEU A 3798 34.41 26.10 44.16
C LEU A 3798 33.76 27.45 44.47
N LYS A 3799 33.98 27.96 45.68
CA LYS A 3799 33.46 29.29 46.01
C LYS A 3799 34.09 30.35 45.12
N LEU A 3800 35.39 30.22 44.85
CA LEU A 3800 36.07 31.18 43.98
C LEU A 3800 35.52 31.09 42.56
N GLY A 3801 35.25 29.88 42.10
CA GLY A 3801 34.58 29.72 40.81
C GLY A 3801 33.20 30.35 40.82
N ILE A 3802 32.49 30.24 41.94
CA ILE A 3802 31.21 30.91 42.08
C ILE A 3802 31.38 32.41 41.91
N SER A 3803 32.41 32.97 42.54
CA SER A 3803 32.65 34.40 42.45
C SER A 3803 32.95 34.81 41.02
N ILE A 3804 33.82 34.05 40.34
CA ILE A 3804 34.21 34.44 38.99
C ILE A 3804 33.04 34.27 38.03
N LEU A 3805 32.14 33.32 38.32
CA LEU A 3805 31.01 33.08 37.43
C LEU A 3805 29.82 33.97 37.79
N ASN A 3806 29.90 34.67 38.91
CA ASN A 3806 28.73 35.41 39.41
C ASN A 3806 28.17 36.32 38.32
N GLY A 3807 26.86 36.26 38.17
CA GLY A 3807 26.21 36.93 37.06
C GLY A 3807 26.29 36.17 35.76
N GLY A 3808 26.91 35.00 35.74
CA GLY A 3808 26.98 34.21 34.51
C GLY A 3808 27.71 34.92 33.40
N ASN A 3809 29.01 35.13 33.55
CA ASN A 3809 29.77 35.79 32.51
C ASN A 3809 29.93 34.86 31.32
N ALA A 3810 29.39 35.28 30.17
CA ALA A 3810 29.46 34.46 28.98
C ALA A 3810 30.89 34.17 28.59
N GLU A 3811 31.79 35.13 28.80
CA GLU A 3811 33.19 34.90 28.44
C GLU A 3811 33.80 33.78 29.28
N VAL A 3812 33.55 33.79 30.59
CA VAL A 3812 34.06 32.73 31.44
C VAL A 3812 33.45 31.39 31.04
N GLN A 3813 32.13 31.37 30.83
CA GLN A 3813 31.51 30.12 30.37
C GLN A 3813 32.18 29.63 29.10
N GLN A 3814 32.50 30.56 28.20
CA GLN A 3814 33.15 30.21 26.95
C GLN A 3814 34.50 29.55 27.20
N LYS A 3815 35.36 30.20 27.99
CA LYS A 3815 36.71 29.68 28.16
C LYS A 3815 36.70 28.35 28.88
N MET A 3816 35.88 28.19 29.90
CA MET A 3816 35.80 26.88 30.56
C MET A 3816 35.23 25.81 29.64
N LEU A 3817 34.28 26.16 28.77
CA LEU A 3817 33.80 25.19 27.80
C LEU A 3817 34.93 24.73 26.89
N ASP A 3818 35.71 25.67 26.36
CA ASP A 3818 36.85 25.29 25.53
C ASP A 3818 37.85 24.45 26.31
N TYR A 3819 38.11 24.81 27.56
CA TYR A 3819 39.09 24.07 28.34
C TYR A 3819 38.64 22.63 28.56
N LEU A 3820 37.41 22.44 28.99
CA LEU A 3820 36.89 21.08 29.14
C LEU A 3820 37.00 20.33 27.82
N LYS A 3821 36.70 21.00 26.71
CA LYS A 3821 36.79 20.34 25.41
C LYS A 3821 38.23 19.90 25.13
N ASP A 3822 39.20 20.80 25.32
CA ASP A 3822 40.55 20.51 24.86
C ASP A 3822 41.29 19.61 25.82
N LYS A 3823 40.80 19.45 27.04
CA LYS A 3823 41.34 18.41 27.90
C LYS A 3823 40.67 17.07 27.63
N LYS A 3824 39.39 17.11 27.21
CA LYS A 3824 38.58 15.91 26.95
C LYS A 3824 38.87 14.79 27.95
N GLU A 3825 38.92 15.15 29.22
CA GLU A 3825 39.38 14.23 30.26
C GLU A 3825 38.22 13.96 31.23
N VAL A 3826 38.09 12.70 31.64
CA VAL A 3826 36.92 12.29 32.40
C VAL A 3826 37.09 12.60 33.88
N GLY A 3827 38.34 12.71 34.33
CA GLY A 3827 38.61 12.79 35.75
C GLY A 3827 37.88 13.93 36.45
N PHE A 3828 37.73 15.07 35.78
CA PHE A 3828 37.01 16.19 36.37
C PHE A 3828 35.55 15.82 36.62
N PHE A 3829 34.89 15.20 35.63
CA PHE A 3829 33.50 14.83 35.80
C PHE A 3829 33.37 13.71 36.83
N GLN A 3830 34.36 12.82 36.88
CA GLN A 3830 34.39 11.80 37.92
C GLN A 3830 34.47 12.44 39.29
N SER A 3831 35.28 13.48 39.42
CA SER A 3831 35.34 14.25 40.65
C SER A 3831 33.98 14.84 40.98
N ILE A 3832 33.29 15.37 39.97
CA ILE A 3832 31.98 15.96 40.19
C ILE A 3832 31.00 14.92 40.74
N GLN A 3833 30.97 13.73 40.11
CA GLN A 3833 30.07 12.69 40.58
C GLN A 3833 30.41 12.25 41.99
N ALA A 3834 31.69 11.98 42.27
CA ALA A 3834 32.04 11.61 43.63
C ALA A 3834 31.61 12.69 44.61
N LEU A 3835 31.76 13.95 44.22
CA LEU A 3835 31.40 15.04 45.10
C LEU A 3835 29.92 15.03 45.42
N MET A 3836 29.07 14.89 44.40
CA MET A 3836 27.63 14.99 44.70
C MET A 3836 27.16 13.72 45.38
N GLN A 3837 27.94 12.63 45.26
CA GLN A 3837 27.73 11.48 46.14
C GLN A 3837 28.01 11.85 47.58
N THR A 3838 29.07 12.63 47.81
CA THR A 3838 29.43 13.04 49.16
C THR A 3838 28.41 14.00 49.75
N CYS A 3839 27.62 14.66 48.89
CA CYS A 3839 26.61 15.59 49.39
C CYS A 3839 25.61 14.87 50.29
N SER A 3840 25.34 15.49 51.44
CA SER A 3840 24.53 14.84 52.45
C SER A 3840 23.04 15.11 52.26
N VAL A 3841 22.22 14.25 52.87
CA VAL A 3841 20.79 14.44 52.96
C VAL A 3841 20.39 14.19 54.42
N LEU A 3842 19.17 14.61 54.76
CA LEU A 3842 18.73 14.54 56.14
C LEU A 3842 18.66 13.09 56.61
N ASP A 3843 19.21 12.85 57.80
CA ASP A 3843 19.21 11.53 58.41
C ASP A 3843 18.36 11.54 59.67
N LEU A 3844 17.38 10.65 59.72
CA LEU A 3844 16.53 10.54 60.90
C LEU A 3844 17.35 10.14 62.12
N ASN A 3845 18.29 9.21 61.95
CA ASN A 3845 19.12 8.80 63.08
C ASN A 3845 19.94 9.97 63.61
N ALA A 3846 20.51 10.77 62.70
CA ALA A 3846 21.26 11.94 63.13
C ALA A 3846 20.36 12.92 63.85
N PHE A 3847 19.12 13.11 63.35
CA PHE A 3847 18.24 14.07 63.99
C PHE A 3847 17.81 13.60 65.37
N GLU A 3848 17.61 12.29 65.55
CA GLU A 3848 17.26 11.80 66.88
C GLU A 3848 18.46 11.82 67.81
N ARG A 3849 19.67 11.65 67.26
CA ARG A 3849 20.85 11.84 68.09
C ARG A 3849 20.97 13.29 68.56
N GLN A 3850 20.68 14.23 67.67
CA GLN A 3850 20.64 15.64 68.05
C GLN A 3850 19.56 15.88 69.08
N ASN A 3851 18.40 15.23 68.90
CA ASN A 3851 17.31 15.38 69.85
C ASN A 3851 17.71 14.87 71.22
N LYS A 3852 18.40 13.73 71.26
CA LYS A 3852 18.98 13.25 72.51
C LYS A 3852 19.93 14.28 73.10
N ALA A 3853 20.79 14.88 72.26
CA ALA A 3853 21.73 15.86 72.76
C ALA A 3853 21.00 17.01 73.45
N GLU A 3854 20.02 17.60 72.77
CA GLU A 3854 19.30 18.73 73.35
C GLU A 3854 18.51 18.32 74.59
N GLY A 3855 17.80 17.19 74.51
CA GLY A 3855 16.97 16.77 75.64
C GLY A 3855 17.79 16.43 76.86
N LEU A 3856 18.90 15.71 76.68
CA LEU A 3856 19.79 15.41 77.79
C LEU A 3856 20.39 16.69 78.35
N GLY A 3857 20.99 17.51 77.50
CA GLY A 3857 21.57 18.76 77.97
C GLY A 3857 22.56 18.55 79.09
N MET A 3858 23.45 17.57 78.95
CA MET A 3858 24.30 17.15 80.05
C MET A 3858 25.17 18.32 80.53
N VAL A 3859 25.32 18.40 81.86
CA VAL A 3859 26.11 19.46 82.45
C VAL A 3859 27.59 19.20 82.20
N ASN A 3860 28.25 20.14 81.53
CA ASN A 3860 29.69 20.05 81.36
C ASN A 3860 30.37 20.15 82.72
N GLU A 3861 31.41 19.33 82.90
CA GLU A 3861 32.00 19.16 84.23
C GLU A 3861 32.53 20.48 84.79
N ASP A 3862 32.93 21.40 83.92
CA ASP A 3862 33.38 22.71 84.39
C ASP A 3862 32.18 23.54 84.83
N GLY A 3863 32.00 23.66 86.15
CA GLY A 3863 30.85 24.38 86.67
C GLY A 3863 29.56 23.71 86.24
N THR A 3864 28.61 24.52 85.80
CA THR A 3864 27.32 24.04 85.31
C THR A 3864 27.08 24.62 83.93
N VAL A 3865 27.16 23.78 82.90
CA VAL A 3865 26.89 24.21 81.52
C VAL A 3865 25.74 23.39 80.96
N ILE A 3866 24.52 23.92 81.07
CA ILE A 3866 23.36 23.20 80.58
C ILE A 3866 23.12 23.53 79.11
N ASN A 3867 22.49 22.60 78.40
CA ASN A 3867 22.05 22.80 77.02
C ASN A 3867 23.21 23.18 76.10
N ARG A 3868 24.31 22.43 76.18
CA ARG A 3868 25.39 22.64 75.24
C ARG A 3868 24.98 22.17 73.85
N GLN A 3869 25.31 22.98 72.83
CA GLN A 3869 24.97 22.66 71.45
C GLN A 3869 26.24 22.52 70.64
N ASN A 3870 26.43 21.36 70.04
CA ASN A 3870 27.54 21.14 69.12
C ASN A 3870 27.14 21.57 67.71
N GLY A 3871 28.14 21.61 66.84
CA GLY A 3871 27.85 21.85 65.43
C GLY A 3871 26.90 20.80 64.88
N GLU A 3872 25.79 21.26 64.32
CA GLU A 3872 24.75 20.35 63.88
C GLU A 3872 25.28 19.41 62.80
N LYS A 3873 25.35 18.12 63.15
CA LYS A 3873 25.84 17.13 62.20
C LYS A 3873 24.95 17.05 60.97
N VAL A 3874 23.66 17.35 61.14
CA VAL A 3874 22.75 17.35 60.01
C VAL A 3874 23.11 18.50 59.08
N MET A 3875 23.34 18.18 57.81
CA MET A 3875 23.72 19.19 56.81
C MET A 3875 24.97 19.95 57.22
N ALA A 3876 25.98 19.20 57.67
CA ALA A 3876 27.29 19.81 57.92
C ALA A 3876 27.89 20.35 56.64
N ASP A 3877 27.70 19.65 55.53
CA ASP A 3877 28.23 20.05 54.23
C ASP A 3877 27.21 20.78 53.38
N ASP A 3878 26.09 21.22 53.96
CA ASP A 3878 25.03 21.80 53.16
C ASP A 3878 25.48 23.06 52.43
N GLU A 3879 26.32 23.88 53.09
CA GLU A 3879 26.83 25.07 52.42
C GLU A 3879 27.67 24.71 51.21
N PHE A 3880 28.50 23.67 51.33
CA PHE A 3880 29.31 23.25 50.20
C PHE A 3880 28.44 22.66 49.10
N THR A 3881 27.38 21.96 49.47
CA THR A 3881 26.44 21.45 48.48
C THR A 3881 25.76 22.59 47.75
N GLN A 3882 25.35 23.62 48.49
CA GLN A 3882 24.82 24.83 47.89
C GLN A 3882 25.81 25.41 46.90
N ASP A 3883 27.08 25.50 47.31
CA ASP A 3883 28.10 26.08 46.45
C ASP A 3883 28.25 25.27 45.18
N LEU A 3884 28.26 23.93 45.30
CA LEU A 3884 28.45 23.09 44.13
C LEU A 3884 27.27 23.21 43.16
N PHE A 3885 26.05 23.18 43.69
CA PHE A 3885 24.90 23.26 42.80
C PHE A 3885 24.77 24.64 42.18
N ARG A 3886 25.13 25.69 42.92
CA ARG A 3886 25.17 27.02 42.34
C ARG A 3886 26.26 27.13 41.30
N PHE A 3887 27.35 26.38 41.48
CA PHE A 3887 28.40 26.33 40.47
C PHE A 3887 27.88 25.75 39.17
N LEU A 3888 27.21 24.62 39.23
CA LEU A 3888 26.63 24.05 38.02
C LEU A 3888 25.59 24.99 37.44
N GLN A 3889 24.77 25.59 38.30
CA GLN A 3889 23.85 26.64 37.89
C GLN A 3889 24.55 27.68 37.03
N LEU A 3890 25.63 28.25 37.55
CA LEU A 3890 26.27 29.39 36.88
C LEU A 3890 26.98 28.94 35.61
N LEU A 3891 27.50 27.71 35.59
CA LEU A 3891 28.04 27.18 34.35
C LEU A 3891 26.95 27.13 33.28
N CYS A 3892 25.77 26.65 33.65
CA CYS A 3892 24.72 26.51 32.64
C CYS A 3892 23.98 27.82 32.39
N GLU A 3893 24.25 28.86 33.17
CA GLU A 3893 23.55 30.13 33.03
C GLU A 3893 23.68 30.70 31.62
N GLY A 3894 22.82 31.67 31.33
CA GLY A 3894 22.76 32.24 30.00
C GLY A 3894 22.03 31.40 28.98
N HIS A 3895 21.47 30.27 29.41
CA HIS A 3895 20.78 29.35 28.51
C HIS A 3895 21.71 28.90 27.38
N ASN A 3896 22.98 28.72 27.70
CA ASN A 3896 23.95 28.36 26.68
C ASN A 3896 23.77 26.90 26.31
N ASN A 3897 23.06 26.67 25.19
CA ASN A 3897 22.67 25.32 24.81
C ASN A 3897 23.87 24.43 24.61
N ASP A 3898 24.97 24.98 24.09
CA ASP A 3898 26.18 24.16 23.92
C ASP A 3898 26.68 23.67 25.26
N PHE A 3899 26.67 24.53 26.28
CA PHE A 3899 27.10 24.09 27.60
C PHE A 3899 26.16 23.05 28.18
N GLN A 3900 24.85 23.24 27.99
CA GLN A 3900 23.92 22.22 28.48
C GLN A 3900 24.13 20.89 27.76
N ASN A 3901 24.42 20.94 26.46
CA ASN A 3901 24.72 19.72 25.73
C ASN A 3901 25.99 19.05 26.26
N TYR A 3902 27.01 19.84 26.56
CA TYR A 3902 28.24 19.28 27.11
C TYR A 3902 27.96 18.62 28.46
N LEU A 3903 27.13 19.25 29.29
CA LEU A 3903 26.76 18.65 30.56
C LEU A 3903 26.01 17.35 30.35
N ARG A 3904 25.11 17.32 29.37
CA ARG A 3904 24.35 16.10 29.11
C ARG A 3904 25.25 14.98 28.61
N THR A 3905 26.21 15.32 27.76
CA THR A 3905 27.05 14.33 27.12
C THR A 3905 28.39 14.95 26.77
N GLN A 3906 29.45 14.21 27.08
CA GLN A 3906 30.82 14.63 26.83
C GLN A 3906 31.40 13.74 25.74
N THR A 3907 31.23 14.16 24.49
CA THR A 3907 31.71 13.35 23.38
C THR A 3907 33.22 13.17 23.41
N GLY A 3908 33.95 14.24 23.71
CA GLY A 3908 35.40 14.14 23.77
C GLY A 3908 35.87 13.16 24.83
N ASN A 3909 35.14 13.06 25.93
CA ASN A 3909 35.47 12.09 26.96
C ASN A 3909 35.29 10.67 26.43
N THR A 3910 36.21 9.78 26.82
CA THR A 3910 36.04 8.37 26.49
C THR A 3910 34.80 7.80 27.17
N THR A 3911 34.57 8.18 28.43
CA THR A 3911 33.37 7.80 29.16
C THR A 3911 32.56 9.07 29.45
N THR A 3912 31.27 9.03 29.11
CA THR A 3912 30.40 10.18 29.21
C THR A 3912 29.45 10.01 30.40
N ILE A 3913 29.30 11.07 31.18
CA ILE A 3913 28.45 11.07 32.37
C ILE A 3913 27.41 12.17 32.22
N ASN A 3914 26.23 11.95 32.77
CA ASN A 3914 25.16 12.93 32.74
C ASN A 3914 24.99 13.54 34.14
N ILE A 3915 25.61 14.69 34.34
CA ILE A 3915 25.54 15.35 35.64
C ILE A 3915 24.09 15.70 35.97
N ILE A 3916 23.25 15.89 34.95
CA ILE A 3916 21.86 16.22 35.21
C ILE A 3916 21.13 15.06 35.85
N ILE A 3917 21.32 13.83 35.34
CA ILE A 3917 20.65 12.71 35.97
C ILE A 3917 21.28 12.42 37.33
N CYS A 3918 22.57 12.71 37.48
CA CYS A 3918 23.17 12.62 38.80
C CYS A 3918 22.48 13.58 39.77
N THR A 3919 22.21 14.80 39.32
CA THR A 3919 21.45 15.76 40.11
C THR A 3919 20.08 15.22 40.43
N VAL A 3920 19.44 14.57 39.46
CA VAL A 3920 18.13 13.98 39.70
C VAL A 3920 18.21 12.95 40.81
N ASP A 3921 19.23 12.10 40.78
CA ASP A 3921 19.40 11.10 41.83
C ASP A 3921 19.57 11.76 43.19
N TYR A 3922 20.43 12.79 43.26
CA TYR A 3922 20.61 13.49 44.53
C TYR A 3922 19.29 14.09 45.00
N LEU A 3923 18.49 14.61 44.06
CA LEU A 3923 17.19 15.14 44.42
C LEU A 3923 16.31 14.05 45.01
N LEU A 3924 16.38 12.84 44.46
CA LEU A 3924 15.60 11.74 45.02
C LEU A 3924 16.01 11.46 46.45
N ARG A 3925 17.32 11.42 46.72
CA ARG A 3925 17.75 11.23 48.11
C ARG A 3925 17.26 12.37 48.99
N LEU A 3926 17.22 13.58 48.44
CA LEU A 3926 16.69 14.71 49.18
C LEU A 3926 15.23 14.48 49.53
N GLN A 3927 14.43 13.98 48.59
CA GLN A 3927 13.03 13.72 48.90
C GLN A 3927 12.89 12.65 49.95
N GLU A 3928 13.69 11.59 49.86
CA GLU A 3928 13.57 10.52 50.85
C GLU A 3928 13.85 11.06 52.24
N SER A 3929 14.92 11.84 52.37
CA SER A 3929 15.23 12.47 53.66
C SER A 3929 14.09 13.38 54.12
N ILE A 3930 13.58 14.20 53.21
CA ILE A 3930 12.53 15.16 53.56
C ILE A 3930 11.28 14.43 54.02
N SER A 3931 10.94 13.33 53.34
CA SER A 3931 9.73 12.58 53.65
C SER A 3931 9.87 11.86 54.98
N ASP A 3932 11.05 11.31 55.27
CA ASP A 3932 11.24 10.69 56.58
C ASP A 3932 11.10 11.73 57.69
N PHE A 3933 11.70 12.91 57.52
CA PHE A 3933 11.54 13.95 58.53
C PHE A 3933 10.10 14.42 58.61
N TYR A 3934 9.40 14.49 57.47
CA TYR A 3934 7.99 14.80 57.48
C TYR A 3934 7.19 13.82 58.30
N TRP A 3935 7.43 12.52 58.11
CA TRP A 3935 6.72 11.53 58.91
C TRP A 3935 7.04 11.69 60.39
N TYR A 3936 8.32 11.91 60.70
CA TYR A 3936 8.72 12.01 62.10
C TYR A 3936 8.00 13.16 62.78
N TYR A 3937 7.94 14.32 62.13
CA TYR A 3937 7.26 15.45 62.75
C TYR A 3937 5.75 15.36 62.54
N SER A 3938 5.30 14.46 61.67
CA SER A 3938 3.88 14.21 61.52
C SER A 3938 3.36 13.42 62.70
N GLY A 3939 4.18 12.50 63.21
CA GLY A 3939 3.84 11.87 64.48
C GLY A 3939 3.70 12.88 65.59
N LYS A 3940 4.61 13.85 65.64
CA LYS A 3940 4.48 14.94 66.61
C LYS A 3940 3.33 15.85 66.24
N ASP A 3941 2.84 16.60 67.23
CA ASP A 3941 1.76 17.55 66.96
C ASP A 3941 2.26 18.77 66.22
N VAL A 3942 3.47 19.22 66.54
CA VAL A 3942 4.01 20.46 66.00
C VAL A 3942 5.52 20.31 65.87
N ILE A 3943 6.09 21.03 64.89
CA ILE A 3943 7.53 20.96 64.67
C ILE A 3943 8.24 21.87 65.66
N GLU A 3944 9.24 21.32 66.34
CA GLU A 3944 10.03 22.09 67.29
C GLU A 3944 10.98 23.02 66.54
N GLU A 3945 11.43 24.08 67.22
CA GLU A 3945 12.13 25.18 66.54
C GLU A 3945 13.40 24.71 65.83
N GLN A 3946 14.21 23.89 66.49
CA GLN A 3946 15.42 23.40 65.85
C GLN A 3946 15.09 22.58 64.61
N GLY A 3947 14.03 21.77 64.68
CA GLY A 3947 13.56 21.10 63.49
C GLY A 3947 13.14 22.07 62.41
N LYS A 3948 12.47 23.17 62.80
CA LYS A 3948 12.09 24.17 61.82
C LYS A 3948 13.31 24.70 61.09
N ARG A 3949 14.37 25.01 61.84
CA ARG A 3949 15.61 25.48 61.22
C ARG A 3949 16.20 24.41 60.32
N ASN A 3950 16.13 23.15 60.75
CA ASN A 3950 16.69 22.05 59.97
C ASN A 3950 16.00 21.93 58.62
N PHE A 3951 14.66 21.82 58.63
CA PHE A 3951 13.93 21.86 57.37
C PHE A 3951 14.25 23.13 56.59
N SER A 3952 14.38 24.27 57.26
CA SER A 3952 14.61 25.52 56.55
C SER A 3952 15.88 25.45 55.72
N LYS A 3953 16.98 25.04 56.34
CA LYS A 3953 18.23 24.92 55.60
C LYS A 3953 18.13 23.85 54.52
N ALA A 3954 17.43 22.74 54.82
CA ALA A 3954 17.28 21.69 53.83
C ALA A 3954 16.53 22.19 52.60
N MET A 3955 15.46 22.95 52.80
CA MET A 3955 14.66 23.37 51.66
C MET A 3955 15.31 24.54 50.95
N SER A 3956 16.18 25.27 51.63
CA SER A 3956 17.02 26.23 50.92
C SER A 3956 17.95 25.49 49.96
N VAL A 3957 18.55 24.39 50.44
CA VAL A 3957 19.35 23.56 49.55
C VAL A 3957 18.50 23.05 48.40
N ALA A 3958 17.29 22.62 48.70
CA ALA A 3958 16.39 22.12 47.66
C ALA A 3958 16.03 23.22 46.68
N LYS A 3959 15.87 24.44 47.17
CA LYS A 3959 15.57 25.57 46.30
C LYS A 3959 16.70 25.80 45.32
N GLN A 3960 17.93 25.79 45.81
CA GLN A 3960 19.07 25.94 44.90
C GLN A 3960 19.13 24.79 43.91
N VAL A 3961 18.84 23.57 44.37
CA VAL A 3961 18.87 22.41 43.47
C VAL A 3961 17.83 22.57 42.38
N PHE A 3962 16.62 22.99 42.76
CA PHE A 3962 15.55 23.18 41.78
C PHE A 3962 15.92 24.28 40.80
N ASN A 3963 16.55 25.34 41.30
CA ASN A 3963 17.00 26.41 40.41
C ASN A 3963 18.02 25.89 39.42
N SER A 3964 18.94 25.04 39.89
CA SER A 3964 19.94 24.46 39.01
C SER A 3964 19.29 23.61 37.92
N LEU A 3965 18.32 22.78 38.31
CA LEU A 3965 17.63 21.97 37.33
C LEU A 3965 16.88 22.84 36.33
N THR A 3966 16.24 23.90 36.82
CA THR A 3966 15.53 24.83 35.96
C THR A 3966 16.49 25.45 34.96
N GLU A 3967 17.68 25.82 35.41
CA GLU A 3967 18.65 26.40 34.49
C GLU A 3967 19.08 25.37 33.46
N TYR A 3968 19.28 24.12 33.88
CA TYR A 3968 19.67 23.09 32.93
C TYR A 3968 18.63 22.93 31.85
N ILE A 3969 17.35 22.88 32.24
CA ILE A 3969 16.30 22.59 31.27
C ILE A 3969 16.03 23.82 30.41
N GLN A 3970 16.28 25.00 30.95
CA GLN A 3970 15.93 26.24 30.26
C GLN A 3970 16.73 26.41 28.97
N GLY A 3971 16.24 27.29 28.11
CA GLY A 3971 16.93 27.63 26.89
C GLY A 3971 16.07 27.58 25.63
N PRO A 3972 15.26 26.54 25.47
CA PRO A 3972 15.29 25.23 26.12
C PRO A 3972 16.19 24.28 25.36
N CYS A 3973 16.88 23.37 26.05
CA CYS A 3973 17.71 22.37 25.41
C CYS A 3973 16.87 21.10 25.25
N THR A 3974 16.59 20.73 23.99
CA THR A 3974 15.69 19.61 23.73
C THR A 3974 16.26 18.30 24.24
N GLY A 3975 17.57 18.12 24.11
CA GLY A 3975 18.20 16.93 24.66
C GLY A 3975 18.00 16.84 26.17
N ASN A 3976 18.16 17.97 26.86
CA ASN A 3976 17.87 18.00 28.28
C ASN A 3976 16.41 17.69 28.55
N GLN A 3977 15.52 18.22 27.70
CA GLN A 3977 14.10 17.95 27.83
C GLN A 3977 13.84 16.45 27.82
N GLN A 3978 14.38 15.76 26.81
CA GLN A 3978 14.18 14.31 26.71
C GLN A 3978 14.83 13.58 27.87
N SER A 3979 16.03 14.01 28.28
CA SER A 3979 16.72 13.33 29.37
C SER A 3979 15.90 13.40 30.65
N LEU A 3980 15.35 14.58 30.97
CA LEU A 3980 14.44 14.67 32.11
C LEU A 3980 13.19 13.84 31.88
N ALA A 3981 12.69 13.82 30.64
CA ALA A 3981 11.45 13.13 30.36
C ALA A 3981 11.56 11.65 30.69
N HIS A 3982 12.64 11.00 30.26
CA HIS A 3982 12.80 9.58 30.54
C HIS A 3982 13.24 9.35 31.98
N SER A 3983 13.74 10.40 32.64
CA SER A 3983 14.19 10.25 34.02
C SER A 3983 13.01 10.12 34.97
N ARG A 3984 13.33 10.00 36.26
CA ARG A 3984 12.35 9.74 37.30
C ARG A 3984 11.93 11.03 38.03
N LEU A 3985 12.33 12.19 37.52
CA LEU A 3985 11.99 13.43 38.20
C LEU A 3985 10.48 13.63 38.28
N TRP A 3986 9.71 12.90 37.47
CA TRP A 3986 8.26 12.91 37.65
C TRP A 3986 7.86 12.29 38.99
N ASP A 3987 8.41 11.11 39.30
CA ASP A 3987 8.19 10.54 40.62
C ASP A 3987 8.73 11.46 41.69
N ALA A 3988 9.84 12.14 41.39
CA ALA A 3988 10.37 13.13 42.32
C ALA A 3988 9.35 14.22 42.58
N VAL A 3989 8.70 14.72 41.53
CA VAL A 3989 7.71 15.78 41.69
C VAL A 3989 6.53 15.27 42.48
N VAL A 3990 6.13 14.02 42.25
CA VAL A 3990 5.01 13.46 42.99
C VAL A 3990 5.32 13.40 44.48
N GLY A 3991 6.50 12.87 44.83
CA GLY A 3991 6.87 12.83 46.22
C GLY A 3991 6.95 14.20 46.85
N PHE A 3992 7.55 15.15 46.13
CA PHE A 3992 7.63 16.51 46.63
C PHE A 3992 6.25 17.11 46.82
N LEU A 3993 5.32 16.82 45.91
CA LEU A 3993 3.97 17.37 46.03
C LEU A 3993 3.25 16.81 47.25
N HIS A 3994 3.38 15.51 47.49
CA HIS A 3994 2.75 14.95 48.68
C HIS A 3994 3.34 15.56 49.94
N VAL A 3995 4.67 15.71 49.97
CA VAL A 3995 5.31 16.38 51.10
C VAL A 3995 4.77 17.79 51.24
N PHE A 3996 4.69 18.53 50.12
CA PHE A 3996 4.23 19.90 50.17
C PHE A 3996 2.85 19.98 50.79
N ALA A 3997 1.90 19.19 50.28
CA ALA A 3997 0.54 19.23 50.78
C ALA A 3997 0.50 18.97 52.28
N HIS A 3998 1.18 17.92 52.73
CA HIS A 3998 1.11 17.59 54.15
C HIS A 3998 1.75 18.67 55.02
N MET A 3999 2.86 19.25 54.57
CA MET A 3999 3.41 20.37 55.35
C MET A 3999 2.48 21.58 55.36
N MET A 4000 1.77 21.85 54.26
CA MET A 4000 0.84 22.98 54.33
C MET A 4000 -0.26 22.73 55.35
N MET A 4001 -0.87 21.54 55.33
CA MET A 4001 -1.88 21.28 56.36
C MET A 4001 -1.30 21.35 57.76
N LYS A 4002 -0.07 20.86 57.96
CA LYS A 4002 0.50 20.90 59.30
C LYS A 4002 0.85 22.31 59.73
N LEU A 4003 1.50 23.08 58.86
CA LEU A 4003 1.97 24.41 59.20
C LEU A 4003 0.82 25.38 59.41
N ALA A 4004 -0.28 25.18 58.69
CA ALA A 4004 -1.33 26.19 58.62
C ALA A 4004 -1.91 26.52 59.99
N GLN A 4005 -1.83 25.57 60.94
CA GLN A 4005 -2.50 25.77 62.22
C GLN A 4005 -1.78 26.80 63.08
N ASP A 4006 -0.45 26.72 63.15
CA ASP A 4006 0.32 27.48 64.11
C ASP A 4006 0.73 28.81 63.50
N SER A 4007 0.77 29.85 64.34
CA SER A 4007 1.17 31.17 63.87
C SER A 4007 2.68 31.27 63.71
N SER A 4008 3.45 30.60 64.57
CA SER A 4008 4.91 30.72 64.50
C SER A 4008 5.45 30.07 63.24
N GLN A 4009 4.68 29.15 62.64
CA GLN A 4009 5.21 28.36 61.53
C GLN A 4009 5.14 29.13 60.22
N ILE A 4010 4.56 30.33 60.23
CA ILE A 4010 4.23 31.01 58.99
C ILE A 4010 5.49 31.35 58.20
N GLU A 4011 6.61 31.57 58.88
CA GLU A 4011 7.83 31.91 58.16
C GLU A 4011 8.35 30.72 57.35
N LEU A 4012 8.42 29.56 57.99
CA LEU A 4012 8.79 28.35 57.25
C LEU A 4012 7.75 28.05 56.16
N LEU A 4013 6.49 28.39 56.42
CA LEU A 4013 5.46 28.21 55.40
C LEU A 4013 5.72 29.09 54.19
N LYS A 4014 6.15 30.33 54.43
CA LYS A 4014 6.52 31.22 53.33
C LYS A 4014 7.68 30.65 52.55
N GLU A 4015 8.69 30.15 53.25
CA GLU A 4015 9.83 29.57 52.56
C GLU A 4015 9.41 28.35 51.75
N LEU A 4016 8.44 27.59 52.27
CA LEU A 4016 7.92 26.45 51.53
C LEU A 4016 7.14 26.90 50.31
N LEU A 4017 6.41 28.01 50.43
CA LEU A 4017 5.72 28.56 49.27
C LEU A 4017 6.72 28.94 48.19
N ASP A 4018 7.84 29.54 48.58
CA ASP A 4018 8.88 29.87 47.61
C ASP A 4018 9.48 28.61 47.00
N LEU A 4019 9.67 27.57 47.80
CA LEU A 4019 10.19 26.31 47.27
C LEU A 4019 9.22 25.71 46.26
N GLN A 4020 7.93 25.75 46.55
CA GLN A 4020 6.93 25.27 45.60
C GLN A 4020 6.89 26.15 44.36
N LYS A 4021 7.17 27.45 44.52
CA LYS A 4021 7.30 28.31 43.36
C LYS A 4021 8.43 27.84 42.47
N ASP A 4022 9.59 27.53 43.06
CA ASP A 4022 10.69 27.02 42.27
C ASP A 4022 10.33 25.69 41.61
N MET A 4023 9.57 24.87 42.33
CA MET A 4023 9.11 23.59 41.77
C MET A 4023 8.24 23.83 40.55
N VAL A 4024 7.29 24.76 40.65
CA VAL A 4024 6.40 25.04 39.54
C VAL A 4024 7.18 25.63 38.38
N VAL A 4025 8.18 26.46 38.68
CA VAL A 4025 9.02 27.02 37.62
C VAL A 4025 9.78 25.91 36.92
N MET A 4026 10.27 24.94 37.68
CA MET A 4026 10.91 23.77 37.08
C MET A 4026 9.95 23.06 36.14
N LEU A 4027 8.72 22.81 36.59
CA LEU A 4027 7.74 22.15 35.74
C LEU A 4027 7.46 22.95 34.48
N LEU A 4028 7.31 24.26 34.62
CA LEU A 4028 7.04 25.11 33.46
C LEU A 4028 8.20 25.07 32.48
N SER A 4029 9.43 25.18 32.99
CA SER A 4029 10.60 25.15 32.11
C SER A 4029 10.68 23.83 31.38
N LEU A 4030 10.31 22.74 32.04
CA LEU A 4030 10.16 21.48 31.31
C LEU A 4030 9.08 21.59 30.25
N LEU A 4031 7.99 22.28 30.57
CA LEU A 4031 6.89 22.38 29.62
C LEU A 4031 7.17 23.41 28.54
N GLU A 4032 8.25 24.18 28.70
CA GLU A 4032 8.58 25.21 27.72
C GLU A 4032 8.86 24.58 26.37
N GLY A 4033 8.36 25.23 25.31
CA GLY A 4033 8.51 24.71 23.97
C GLY A 4033 7.66 23.52 23.63
N ASN A 4034 6.68 23.20 24.46
CA ASN A 4034 5.86 22.01 24.23
C ASN A 4034 4.92 22.21 23.06
N VAL A 4035 4.67 21.12 22.34
CA VAL A 4035 3.64 21.11 21.30
C VAL A 4035 2.35 20.54 21.88
N VAL A 4036 1.22 21.10 21.45
CA VAL A 4036 -0.07 20.68 21.97
C VAL A 4036 -0.21 19.16 21.85
N ASN A 4037 -0.64 18.54 22.95
CA ASN A 4037 -0.71 17.08 23.05
C ASN A 4037 0.65 16.44 22.74
N GLY A 4038 1.72 17.08 23.21
CA GLY A 4038 3.04 16.51 23.03
C GLY A 4038 3.33 15.45 24.08
N MET A 4039 4.44 14.74 23.88
CA MET A 4039 4.79 13.65 24.78
C MET A 4039 5.23 14.19 26.14
N ILE A 4040 5.95 15.32 26.14
CA ILE A 4040 6.34 15.92 27.41
C ILE A 4040 5.10 16.37 28.18
N ALA A 4041 4.19 17.09 27.51
CA ALA A 4041 2.96 17.51 28.17
C ALA A 4041 2.15 16.32 28.62
N ARG A 4042 2.21 15.21 27.87
CA ARG A 4042 1.52 14.01 28.27
C ARG A 4042 2.08 13.49 29.59
N GLN A 4043 3.41 13.49 29.73
CA GLN A 4043 3.98 13.06 30.99
C GLN A 4043 3.64 14.02 32.14
N MET A 4044 3.64 15.34 31.87
CA MET A 4044 3.19 16.26 32.91
C MET A 4044 1.77 15.93 33.38
N VAL A 4045 0.84 15.74 32.43
CA VAL A 4045 -0.54 15.56 32.84
C VAL A 4045 -0.71 14.22 33.56
N ASP A 4046 -0.01 13.18 33.09
CA ASP A 4046 -0.08 11.91 33.79
C ASP A 4046 0.47 12.02 35.20
N MET A 4047 1.55 12.79 35.37
CA MET A 4047 2.16 12.89 36.69
C MET A 4047 1.27 13.72 37.62
N LEU A 4048 0.58 14.73 37.07
CA LEU A 4048 -0.51 15.34 37.82
C LEU A 4048 -1.53 14.29 38.24
N VAL A 4049 -1.88 13.39 37.31
CA VAL A 4049 -2.95 12.44 37.58
C VAL A 4049 -2.58 11.52 38.73
N GLU A 4050 -1.35 10.99 38.72
CA GLU A 4050 -0.98 10.08 39.80
C GLU A 4050 -0.85 10.82 41.13
N SER A 4051 -0.65 12.13 41.07
CA SER A 4051 -0.61 12.97 42.27
C SER A 4051 -1.93 13.69 42.51
N SER A 4052 -3.02 13.21 41.91
CA SER A 4052 -4.28 13.95 41.93
C SER A 4052 -4.72 14.28 43.34
N SER A 4053 -4.48 13.37 44.29
CA SER A 4053 -4.84 13.67 45.69
C SER A 4053 -4.09 14.91 46.17
N ASN A 4054 -2.77 14.83 46.27
CA ASN A 4054 -2.00 15.96 46.77
C ASN A 4054 -2.35 17.23 46.02
N VAL A 4055 -2.58 17.10 44.72
CA VAL A 4055 -3.04 18.23 43.92
C VAL A 4055 -4.33 18.81 44.50
N GLU A 4056 -5.29 17.95 44.84
CA GLU A 4056 -6.60 18.47 45.22
C GLU A 4056 -6.56 19.09 46.60
N MET A 4057 -5.81 18.52 47.55
CA MET A 4057 -5.75 19.23 48.83
C MET A 4057 -4.91 20.51 48.73
N ILE A 4058 -3.92 20.55 47.84
CA ILE A 4058 -3.19 21.80 47.64
C ILE A 4058 -4.13 22.88 47.10
N LEU A 4059 -4.86 22.54 46.04
CA LEU A 4059 -5.82 23.47 45.47
C LEU A 4059 -6.86 23.85 46.50
N LYS A 4060 -7.27 22.90 47.33
CA LYS A 4060 -8.24 23.19 48.37
C LYS A 4060 -7.70 24.21 49.36
N PHE A 4061 -6.44 24.05 49.76
CA PHE A 4061 -5.81 25.02 50.65
C PHE A 4061 -5.89 26.42 50.06
N PHE A 4062 -5.43 26.56 48.82
CA PHE A 4062 -5.43 27.89 48.21
C PHE A 4062 -6.85 28.44 48.09
N ASP A 4063 -7.80 27.60 47.67
CA ASP A 4063 -9.14 28.12 47.43
C ASP A 4063 -9.85 28.43 48.73
N MET A 4064 -9.59 27.67 49.81
CA MET A 4064 -10.22 28.03 51.07
C MET A 4064 -9.70 29.37 51.56
N PHE A 4065 -8.40 29.62 51.41
CA PHE A 4065 -7.92 30.95 51.79
C PHE A 4065 -8.54 32.05 50.93
N LEU A 4066 -8.65 31.82 49.61
CA LEU A 4066 -9.25 32.84 48.76
C LEU A 4066 -10.71 33.09 49.14
N LYS A 4067 -11.48 32.01 49.33
CA LYS A 4067 -12.88 32.14 49.69
C LYS A 4067 -13.05 32.82 51.05
N LEU A 4068 -12.20 32.46 52.01
CA LEU A 4068 -12.18 33.16 53.28
C LEU A 4068 -11.94 34.64 53.08
N LYS A 4069 -11.04 34.99 52.15
CA LYS A 4069 -10.76 36.40 51.88
C LYS A 4069 -12.01 37.14 51.43
N ASP A 4070 -12.71 36.62 50.41
CA ASP A 4070 -13.86 37.39 49.94
C ASP A 4070 -15.00 37.35 50.95
N ILE A 4071 -15.07 36.28 51.76
CA ILE A 4071 -16.13 36.22 52.77
C ILE A 4071 -15.89 37.25 53.87
N VAL A 4072 -14.65 37.37 54.35
CA VAL A 4072 -14.39 38.40 55.35
C VAL A 4072 -14.52 39.77 54.71
N GLY A 4073 -14.39 39.83 53.39
CA GLY A 4073 -14.81 41.04 52.68
C GLY A 4073 -16.32 41.13 52.54
N SER A 4074 -17.02 40.00 52.68
CA SER A 4074 -18.45 39.97 52.37
C SER A 4074 -19.28 40.67 53.44
N GLU A 4075 -20.23 41.48 52.98
CA GLU A 4075 -21.06 42.26 53.89
C GLU A 4075 -21.96 41.37 54.74
N ALA A 4076 -22.32 40.20 54.23
CA ALA A 4076 -23.09 39.26 55.05
C ALA A 4076 -22.28 38.81 56.25
N PHE A 4077 -21.00 38.50 56.04
CA PHE A 4077 -20.12 38.17 57.15
C PHE A 4077 -19.93 39.36 58.07
N GLN A 4078 -19.85 40.58 57.51
CA GLN A 4078 -19.74 41.76 58.37
C GLN A 4078 -20.96 41.91 59.26
N ASP A 4079 -22.15 41.67 58.71
CA ASP A 4079 -23.36 41.68 59.52
C ASP A 4079 -23.32 40.59 60.58
N TYR A 4080 -22.80 39.42 60.22
CA TYR A 4080 -22.67 38.33 61.18
C TYR A 4080 -21.79 38.75 62.36
N VAL A 4081 -20.67 39.42 62.07
CA VAL A 4081 -19.82 39.93 63.15
C VAL A 4081 -20.57 41.04 63.88
N THR A 4082 -20.89 40.78 65.15
CA THR A 4082 -21.63 41.73 65.97
C THR A 4082 -20.74 42.45 66.97
N ASP A 4083 -19.43 42.22 66.93
CA ASP A 4083 -18.53 42.88 67.88
C ASP A 4083 -18.12 44.24 67.36
N PRO A 4084 -18.32 45.30 68.15
CA PRO A 4084 -17.70 46.59 67.79
C PRO A 4084 -16.18 46.49 67.74
N ARG A 4085 -15.60 45.58 68.53
CA ARG A 4085 -14.16 45.39 68.50
C ARG A 4085 -13.72 44.70 67.21
N GLY A 4086 -14.64 44.04 66.53
CA GLY A 4086 -14.32 43.29 65.33
C GLY A 4086 -13.97 41.84 65.55
N LEU A 4087 -14.30 41.27 66.71
CA LEU A 4087 -13.96 39.89 66.98
C LEU A 4087 -15.19 39.00 66.93
N ILE A 4088 -15.13 37.97 66.11
CA ILE A 4088 -16.26 37.08 65.87
C ILE A 4088 -16.05 35.80 66.67
N SER A 4089 -17.13 35.28 67.25
CA SER A 4089 -17.05 34.03 67.98
C SER A 4089 -16.92 32.85 67.02
N LYS A 4090 -16.29 31.78 67.50
CA LYS A 4090 -16.19 30.57 66.69
C LYS A 4090 -17.58 30.04 66.34
N LYS A 4091 -18.51 30.13 67.28
CA LYS A 4091 -19.89 29.75 66.97
C LYS A 4091 -20.51 30.71 65.96
N ASP A 4092 -20.33 32.01 66.17
CA ASP A 4092 -20.86 32.99 65.23
C ASP A 4092 -20.20 32.85 63.86
N PHE A 4093 -18.90 32.59 63.84
CA PHE A 4093 -18.20 32.39 62.57
C PHE A 4093 -18.71 31.15 61.87
N GLN A 4094 -18.88 30.05 62.62
CA GLN A 4094 -19.51 28.85 62.09
C GLN A 4094 -20.86 29.15 61.47
N LYS A 4095 -21.70 29.91 62.17
CA LYS A 4095 -23.01 30.27 61.66
C LYS A 4095 -22.89 31.07 60.37
N ALA A 4096 -21.95 32.01 60.31
CA ALA A 4096 -21.75 32.79 59.10
C ALA A 4096 -21.44 31.89 57.92
N MET A 4097 -20.45 31.00 58.07
CA MET A 4097 -20.08 30.15 56.94
C MET A 4097 -21.20 29.19 56.56
N ASP A 4098 -21.87 28.57 57.54
CA ASP A 4098 -22.92 27.63 57.17
C ASP A 4098 -24.10 28.36 56.54
N SER A 4099 -24.25 29.65 56.83
CA SER A 4099 -25.21 30.46 56.09
C SER A 4099 -24.75 30.67 54.65
N GLN A 4100 -23.46 31.02 54.47
CA GLN A 4100 -22.95 31.19 53.12
C GLN A 4100 -22.87 29.86 52.38
N LYS A 4101 -22.78 28.75 53.12
CA LYS A 4101 -22.71 27.38 52.61
C LYS A 4101 -21.54 27.18 51.65
N GLN A 4102 -20.60 28.11 51.58
CA GLN A 4102 -19.47 27.95 50.67
C GLN A 4102 -18.56 26.80 51.10
N PHE A 4103 -18.36 26.66 52.40
CA PHE A 4103 -17.43 25.68 52.96
C PHE A 4103 -18.21 24.51 53.53
N THR A 4104 -17.68 23.30 53.34
CA THR A 4104 -18.25 22.13 53.99
C THR A 4104 -17.94 22.16 55.49
N GLY A 4105 -18.60 21.27 56.24
CA GLY A 4105 -18.40 21.19 57.67
C GLY A 4105 -16.99 20.82 58.10
N PRO A 4106 -16.43 19.73 57.60
CA PRO A 4106 -15.02 19.45 57.91
C PRO A 4106 -14.10 20.56 57.45
N GLU A 4107 -14.42 21.20 56.33
CA GLU A 4107 -13.63 22.31 55.84
C GLU A 4107 -13.65 23.46 56.84
N ILE A 4108 -14.82 23.77 57.39
CA ILE A 4108 -14.92 24.85 58.36
C ILE A 4108 -14.18 24.50 59.64
N GLN A 4109 -14.27 23.24 60.06
CA GLN A 4109 -13.53 22.83 61.24
C GLN A 4109 -12.02 22.96 61.02
N PHE A 4110 -11.54 22.55 59.85
CA PHE A 4110 -10.12 22.67 59.54
C PHE A 4110 -9.70 24.13 59.50
N LEU A 4111 -10.52 24.99 58.90
CA LEU A 4111 -10.15 26.38 58.77
C LEU A 4111 -10.25 27.11 60.11
N LEU A 4112 -11.13 26.62 60.99
CA LEU A 4112 -11.19 27.17 62.34
C LEU A 4112 -9.98 26.77 63.15
N SER A 4113 -9.55 25.51 63.02
CA SER A 4113 -8.33 25.08 63.68
C SER A 4113 -7.14 25.88 63.17
N CYS A 4114 -7.08 26.12 61.86
CA CYS A 4114 -6.04 26.97 61.31
C CYS A 4114 -6.20 28.41 61.80
N SER A 4115 -7.42 28.80 62.12
CA SER A 4115 -7.69 30.17 62.57
C SER A 4115 -7.20 30.36 63.99
N GLU A 4116 -6.50 31.47 64.22
CA GLU A 4116 -6.04 31.78 65.56
C GLU A 4116 -7.19 32.28 66.42
N ALA A 4117 -7.43 31.59 67.53
CA ALA A 4117 -8.45 31.97 68.49
C ALA A 4117 -7.78 32.35 69.81
N ASP A 4118 -8.08 33.56 70.29
CA ASP A 4118 -7.48 34.04 71.52
C ASP A 4118 -8.17 33.43 72.74
N GLU A 4119 -7.83 33.96 73.92
CA GLU A 4119 -8.34 33.39 75.16
C GLU A 4119 -9.86 33.44 75.22
N ASN A 4120 -10.47 34.46 74.62
CA ASN A 4120 -11.92 34.59 74.65
C ASN A 4120 -12.57 33.68 73.62
N GLU A 4121 -11.75 32.98 72.83
CA GLU A 4121 -12.11 32.24 71.62
C GLU A 4121 -12.53 33.21 70.54
N MET A 4122 -12.31 34.51 70.73
CA MET A 4122 -12.67 35.50 69.74
C MET A 4122 -11.74 35.36 68.55
N ILE A 4123 -12.20 35.75 67.37
CA ILE A 4123 -11.41 35.66 66.14
C ILE A 4123 -11.31 37.03 65.51
N ASN A 4124 -10.08 37.45 65.22
CA ASN A 4124 -9.84 38.66 64.43
C ASN A 4124 -9.65 38.24 62.98
N PHE A 4125 -10.69 38.39 62.17
CA PHE A 4125 -10.66 37.84 60.82
C PHE A 4125 -9.70 38.62 59.93
N GLU A 4126 -9.38 39.85 60.30
CA GLU A 4126 -8.58 40.72 59.44
C GLU A 4126 -7.18 40.16 59.22
N GLU A 4127 -6.40 40.03 60.30
CA GLU A 4127 -5.06 39.49 60.16
C GLU A 4127 -5.10 38.04 59.70
N PHE A 4128 -6.16 37.31 60.07
CA PHE A 4128 -6.30 35.93 59.63
C PHE A 4128 -6.34 35.85 58.11
N ALA A 4129 -7.12 36.73 57.47
CA ALA A 4129 -7.18 36.74 56.02
C ALA A 4129 -5.91 37.32 55.41
N ASN A 4130 -5.39 38.39 55.99
CA ASN A 4130 -4.27 39.10 55.37
C ASN A 4130 -2.99 38.28 55.41
N ARG A 4131 -2.75 37.56 56.51
CA ARG A 4131 -1.47 36.88 56.70
C ARG A 4131 -1.25 35.80 55.64
N PHE A 4132 -2.33 35.23 55.12
CA PHE A 4132 -2.19 34.10 54.20
C PHE A 4132 -2.26 34.55 52.75
N GLN A 4133 -3.09 35.55 52.46
CA GLN A 4133 -3.34 35.93 51.06
C GLN A 4133 -2.08 36.43 50.38
N GLU A 4134 -1.35 37.33 51.04
CA GLU A 4134 -0.17 37.92 50.39
C GLU A 4134 0.89 36.89 50.02
N PRO A 4135 1.38 36.03 50.92
CA PRO A 4135 2.40 35.07 50.49
C PRO A 4135 1.91 34.10 49.43
N ALA A 4136 0.63 33.71 49.49
CA ALA A 4136 0.13 32.68 48.61
C ALA A 4136 -0.08 33.21 47.19
N ARG A 4137 0.01 34.53 47.02
CA ARG A 4137 -0.33 35.13 45.73
C ARG A 4137 0.56 34.59 44.61
N ASP A 4138 1.87 34.63 44.80
CA ASP A 4138 2.79 34.25 43.73
C ASP A 4138 2.67 32.76 43.41
N ILE A 4139 2.59 31.91 44.43
CA ILE A 4139 2.53 30.48 44.19
C ILE A 4139 1.21 30.10 43.55
N GLY A 4140 0.11 30.71 44.00
CA GLY A 4140 -1.17 30.46 43.37
C GLY A 4140 -1.18 30.92 41.91
N PHE A 4141 -0.57 32.08 41.65
CA PHE A 4141 -0.47 32.55 40.28
C PHE A 4141 0.29 31.56 39.41
N ASN A 4142 1.43 31.07 39.90
CA ASN A 4142 2.21 30.13 39.12
C ASN A 4142 1.46 28.82 38.90
N VAL A 4143 0.77 28.34 39.92
CA VAL A 4143 0.00 27.11 39.79
C VAL A 4143 -1.09 27.29 38.74
N ALA A 4144 -1.79 28.43 38.79
CA ALA A 4144 -2.83 28.70 37.81
C ALA A 4144 -2.24 28.77 36.40
N VAL A 4145 -1.07 29.40 36.26
CA VAL A 4145 -0.44 29.50 34.96
C VAL A 4145 -0.12 28.12 34.43
N LEU A 4146 0.42 27.25 35.28
CA LEU A 4146 0.71 25.87 34.86
C LEU A 4146 -0.56 25.15 34.44
N LEU A 4147 -1.64 25.32 35.21
CA LEU A 4147 -2.88 24.63 34.88
C LEU A 4147 -3.42 25.09 33.54
N THR A 4148 -3.43 26.39 33.29
CA THR A 4148 -3.89 26.88 31.98
C THR A 4148 -2.99 26.41 30.86
N ASN A 4149 -1.67 26.39 31.10
CA ASN A 4149 -0.76 25.93 30.05
C ASN A 4149 -1.04 24.48 29.69
N LEU A 4150 -1.22 23.63 30.70
CA LEU A 4150 -1.53 22.23 30.42
C LEU A 4150 -2.88 22.09 29.74
N SER A 4151 -3.84 22.92 30.14
CA SER A 4151 -5.15 22.89 29.49
C SER A 4151 -5.03 23.24 28.01
N GLU A 4152 -4.23 24.27 27.71
CA GLU A 4152 -4.04 24.66 26.32
C GLU A 4152 -3.33 23.58 25.53
N HIS A 4153 -2.29 22.98 26.11
CA HIS A 4153 -1.51 21.98 25.37
C HIS A 4153 -2.31 20.71 25.15
N VAL A 4154 -2.94 20.18 26.19
CA VAL A 4154 -3.77 18.99 26.08
C VAL A 4154 -5.22 19.43 26.24
N PRO A 4155 -5.99 19.50 25.16
CA PRO A 4155 -7.37 20.00 25.28
C PRO A 4155 -8.33 19.02 25.91
N HIS A 4156 -8.07 17.72 25.75
CA HIS A 4156 -9.06 16.69 26.03
C HIS A 4156 -8.54 15.74 27.11
N ASP A 4157 -8.85 16.05 28.37
CA ASP A 4157 -8.68 15.12 29.47
C ASP A 4157 -9.71 15.44 30.54
N PRO A 4158 -10.66 14.53 30.79
CA PRO A 4158 -11.64 14.79 31.87
C PRO A 4158 -10.98 14.99 33.22
N ARG A 4159 -9.86 14.31 33.47
CA ARG A 4159 -9.14 14.54 34.71
C ARG A 4159 -8.66 15.98 34.80
N LEU A 4160 -8.10 16.50 33.70
CA LEU A 4160 -7.67 17.89 33.69
C LEU A 4160 -8.85 18.82 33.90
N ARG A 4161 -10.00 18.51 33.28
CA ARG A 4161 -11.19 19.31 33.50
C ARG A 4161 -11.54 19.35 34.98
N ASN A 4162 -11.53 18.20 35.66
CA ASN A 4162 -11.94 18.17 37.05
C ASN A 4162 -10.96 18.93 37.92
N PHE A 4163 -9.65 18.77 37.67
CA PHE A 4163 -8.68 19.54 38.42
C PHE A 4163 -8.90 21.04 38.24
N LEU A 4164 -9.15 21.46 37.00
CA LEU A 4164 -9.43 22.87 36.75
C LEU A 4164 -10.66 23.32 37.52
N GLU A 4165 -11.70 22.48 37.55
CA GLU A 4165 -12.90 22.82 38.31
C GLU A 4165 -12.58 23.01 39.79
N LEU A 4166 -11.67 22.19 40.32
CA LEU A 4166 -11.24 22.41 41.70
C LEU A 4166 -10.56 23.76 41.85
N ALA A 4167 -9.74 24.15 40.88
CA ALA A 4167 -9.02 25.41 40.94
C ALA A 4167 -9.79 26.55 40.29
N GLU A 4168 -11.09 26.41 40.11
CA GLU A 4168 -11.86 27.41 39.37
C GLU A 4168 -11.82 28.76 40.09
N SER A 4169 -11.96 28.76 41.41
CA SER A 4169 -11.92 30.03 42.15
C SER A 4169 -10.57 30.70 42.01
N ILE A 4170 -9.49 29.93 42.11
CA ILE A 4170 -8.15 30.47 41.94
C ILE A 4170 -8.00 31.08 40.55
N LEU A 4171 -8.47 30.35 39.53
CA LEU A 4171 -8.39 30.82 38.16
C LEU A 4171 -9.15 32.13 37.98
N GLU A 4172 -10.35 32.21 38.55
CA GLU A 4172 -11.15 33.43 38.41
C GLU A 4172 -10.50 34.59 39.13
N TYR A 4173 -9.95 34.35 40.33
CA TYR A 4173 -9.31 35.45 41.06
C TYR A 4173 -8.09 35.95 40.31
N PHE A 4174 -7.28 35.04 39.77
CA PHE A 4174 -6.08 35.42 39.07
C PHE A 4174 -6.31 35.79 37.61
N ARG A 4175 -7.55 35.70 37.14
CA ARG A 4175 -7.82 35.92 35.72
C ARG A 4175 -7.28 37.27 35.24
N PRO A 4176 -7.56 38.41 35.88
CA PRO A 4176 -6.93 39.65 35.42
C PRO A 4176 -5.42 39.58 35.46
N TYR A 4177 -4.87 38.85 36.44
CA TYR A 4177 -3.43 38.90 36.68
C TYR A 4177 -2.67 38.08 35.66
N LEU A 4178 -3.24 36.96 35.20
CA LEU A 4178 -2.59 36.18 34.15
C LEU A 4178 -2.48 37.00 32.88
N GLY A 4179 -1.31 36.90 32.24
CA GLY A 4179 -1.11 37.56 30.97
C GLY A 4179 -0.79 36.56 29.88
N ARG A 4180 -1.61 36.54 28.84
CA ARG A 4180 -1.46 35.60 27.73
C ARG A 4180 -1.00 36.36 26.50
N ILE A 4181 0.00 35.84 25.82
CA ILE A 4181 0.54 36.50 24.64
C ILE A 4181 1.09 35.45 23.70
N GLU A 4182 1.08 35.77 22.41
CA GLU A 4182 1.54 34.86 21.35
C GLU A 4182 2.84 35.37 20.78
N ILE A 4183 3.76 34.43 20.50
CA ILE A 4183 5.11 34.74 20.06
C ILE A 4183 5.41 33.87 18.85
N MET A 4184 6.00 34.46 17.82
CA MET A 4184 6.40 33.65 16.68
C MET A 4184 7.55 32.76 17.12
N GLY A 4185 7.39 31.46 16.90
CA GLY A 4185 8.34 30.51 17.45
C GLY A 4185 9.66 30.52 16.70
N ALA A 4186 10.75 30.61 17.46
CA ALA A 4186 12.07 30.46 16.86
C ALA A 4186 12.20 29.09 16.20
N SER A 4187 11.39 28.13 16.65
CA SER A 4187 11.29 26.84 15.97
C SER A 4187 10.46 26.95 14.70
N ARG A 4188 10.18 28.17 14.24
CA ARG A 4188 9.36 28.43 13.07
C ARG A 4188 7.94 27.92 13.27
N ARG A 4189 7.56 27.71 14.52
CA ARG A 4189 6.22 27.31 14.89
C ARG A 4189 5.73 28.22 16.02
N ILE A 4190 4.65 28.96 15.75
CA ILE A 4190 4.21 29.98 16.70
C ILE A 4190 3.92 29.35 18.05
N GLU A 4191 4.12 30.12 19.11
CA GLU A 4191 4.01 29.63 20.47
C GLU A 4191 3.25 30.63 21.33
N ARG A 4192 2.94 30.22 22.55
CA ARG A 4192 2.27 31.07 23.52
C ARG A 4192 3.15 31.23 24.74
N ILE A 4193 3.09 32.41 25.36
CA ILE A 4193 3.89 32.73 26.54
C ILE A 4193 2.97 33.37 27.57
N TYR A 4194 3.16 33.02 28.83
CA TYR A 4194 2.33 33.52 29.92
C TYR A 4194 3.20 34.27 30.91
N PHE A 4195 2.69 35.39 31.41
CA PHE A 4195 3.45 36.30 32.24
C PHE A 4195 2.54 36.99 33.25
N GLU A 4196 3.15 37.55 34.29
CA GLU A 4196 2.38 38.23 35.32
C GLU A 4196 2.21 39.71 34.97
N ILE A 4197 1.04 40.25 35.27
CA ILE A 4197 0.72 41.65 35.02
C ILE A 4197 0.47 42.33 36.35
N SER A 4198 1.20 43.42 36.60
CA SER A 4198 1.02 44.17 37.84
C SER A 4198 -0.31 44.89 37.85
N GLU A 4199 -1.01 44.82 38.99
CA GLU A 4199 -2.22 45.60 39.15
C GLU A 4199 -1.92 47.08 39.07
N THR A 4200 -0.78 47.50 39.64
CA THR A 4200 -0.36 48.89 39.51
C THR A 4200 -0.16 49.27 38.06
N ASN A 4201 0.48 48.38 37.29
CA ASN A 4201 0.70 48.68 35.88
C ASN A 4201 -0.61 48.76 35.11
N ARG A 4202 -1.57 47.88 35.43
CA ARG A 4202 -2.88 47.99 34.81
C ARG A 4202 -3.52 49.33 35.15
N ALA A 4203 -3.49 49.71 36.43
CA ALA A 4203 -4.05 50.99 36.81
C ALA A 4203 -3.42 52.13 36.03
N GLN A 4204 -2.09 52.09 35.88
CA GLN A 4204 -1.40 53.08 35.06
C GLN A 4204 -1.90 53.04 33.63
N TRP A 4205 -2.21 51.84 33.12
CA TRP A 4205 -2.80 51.73 31.80
C TRP A 4205 -4.19 52.34 31.75
N GLU A 4206 -4.81 52.52 32.92
CA GLU A 4206 -6.21 52.94 32.94
C GLU A 4206 -6.36 54.45 32.86
N MET A 4207 -5.24 55.19 32.79
CA MET A 4207 -5.35 56.64 32.70
C MET A 4207 -6.01 57.07 31.38
N PRO A 4208 -7.00 57.96 31.45
CA PRO A 4208 -7.71 58.36 30.23
C PRO A 4208 -6.80 58.94 29.17
N GLN A 4209 -5.81 59.75 29.55
CA GLN A 4209 -5.00 60.41 28.54
C GLN A 4209 -4.07 59.41 27.84
N VAL A 4210 -3.61 58.38 28.56
CA VAL A 4210 -2.81 57.37 27.88
C VAL A 4210 -3.71 56.55 26.96
N LYS A 4211 -4.96 56.34 27.34
CA LYS A 4211 -5.89 55.72 26.38
C LYS A 4211 -6.08 56.59 25.14
N GLU A 4212 -6.19 57.91 25.31
CA GLU A 4212 -6.36 58.78 24.15
C GLU A 4212 -5.13 58.73 23.25
N SER A 4213 -3.93 58.75 23.84
CA SER A 4213 -2.72 58.64 23.04
C SER A 4213 -2.69 57.29 22.32
N LYS A 4214 -3.17 56.24 22.98
CA LYS A 4214 -3.28 54.95 22.33
C LYS A 4214 -4.20 55.03 21.12
N ARG A 4215 -5.34 55.70 21.27
CA ARG A 4215 -6.26 55.84 20.16
C ARG A 4215 -5.62 56.60 19.00
N GLN A 4216 -4.90 57.69 19.33
CA GLN A 4216 -4.22 58.44 18.28
C GLN A 4216 -3.21 57.57 17.56
N PHE A 4217 -2.39 56.85 18.30
CA PHE A 4217 -1.39 55.97 17.69
C PHE A 4217 -2.06 54.92 16.82
N ILE A 4218 -3.16 54.35 17.29
CA ILE A 4218 -3.88 53.34 16.53
C ILE A 4218 -4.37 53.93 15.21
N PHE A 4219 -4.94 55.13 15.28
CA PHE A 4219 -5.42 55.76 14.06
C PHE A 4219 -4.28 55.98 13.08
N ASP A 4220 -3.14 56.49 13.58
CA ASP A 4220 -2.02 56.76 12.70
C ASP A 4220 -1.50 55.49 12.04
N VAL A 4221 -1.36 54.40 12.80
CA VAL A 4221 -0.80 53.19 12.20
C VAL A 4221 -1.80 52.59 11.21
N VAL A 4222 -3.08 52.55 11.57
CA VAL A 4222 -4.07 51.99 10.65
C VAL A 4222 -4.13 52.81 9.37
N ASN A 4223 -3.79 54.11 9.45
CA ASN A 4223 -4.02 54.95 8.28
C ASN A 4223 -2.77 55.05 7.39
N GLU A 4224 -1.57 55.22 7.98
CA GLU A 4224 -0.38 55.38 7.13
C GLU A 4224 0.61 54.21 7.27
N GLY A 4225 0.45 53.35 8.26
CA GLY A 4225 1.51 52.42 8.64
C GLY A 4225 1.44 51.12 7.84
N GLY A 4226 2.49 50.90 7.05
CA GLY A 4226 2.64 49.61 6.39
C GLY A 4226 3.08 48.53 7.35
N GLU A 4227 2.99 47.28 6.89
CA GLU A 4227 3.20 46.14 7.78
C GLU A 4227 4.61 46.16 8.38
N ALA A 4228 5.63 46.41 7.56
CA ALA A 4228 7.00 46.46 8.07
C ALA A 4228 7.16 47.60 9.06
N GLU A 4229 6.62 48.77 8.72
CA GLU A 4229 6.71 49.91 9.64
C GLU A 4229 5.84 49.68 10.88
N LYS A 4230 4.65 49.13 10.69
CA LYS A 4230 3.69 49.01 11.80
C LYS A 4230 4.32 48.30 12.99
N MET A 4231 5.22 47.37 12.73
CA MET A 4231 5.84 46.62 13.81
C MET A 4231 6.71 47.54 14.67
N GLU A 4232 7.62 48.26 14.02
CA GLU A 4232 8.48 49.20 14.73
C GLU A 4232 7.64 50.30 15.37
N LEU A 4233 6.57 50.72 14.70
CA LEU A 4233 5.71 51.76 15.23
C LEU A 4233 5.06 51.31 16.53
N PHE A 4234 4.59 50.06 16.58
CA PHE A 4234 4.03 49.55 17.83
C PHE A 4234 5.09 49.50 18.92
N VAL A 4235 6.30 49.07 18.58
CA VAL A 4235 7.36 49.04 19.58
C VAL A 4235 7.61 50.44 20.12
N SER A 4236 7.73 51.41 19.23
CA SER A 4236 8.01 52.78 19.65
C SER A 4236 6.87 53.36 20.45
N PHE A 4237 5.63 53.02 20.07
CA PHE A 4237 4.48 53.48 20.84
C PHE A 4237 4.53 52.95 22.26
N CYS A 4238 4.86 51.66 22.41
CA CYS A 4238 4.98 51.10 23.74
C CYS A 4238 6.10 51.78 24.52
N GLU A 4239 7.13 52.15 23.80
CA GLU A 4239 8.23 52.81 24.50
C GLU A 4239 7.65 54.08 25.07
N ASP A 4240 7.26 54.97 24.17
CA ASP A 4240 6.72 56.24 24.61
C ASP A 4240 5.73 56.04 25.75
N THR A 4241 4.94 54.98 25.66
CA THR A 4241 3.91 54.72 26.66
C THR A 4241 4.54 54.48 28.02
N ILE A 4242 5.55 53.62 28.10
CA ILE A 4242 6.20 53.37 29.39
C ILE A 4242 6.86 54.64 29.90
N PHE A 4243 7.47 55.41 28.99
CA PHE A 4243 7.96 56.73 29.40
C PHE A 4243 6.85 57.51 30.08
N GLU A 4244 5.65 57.46 29.52
CA GLU A 4244 4.56 58.26 30.07
C GLU A 4244 4.12 57.69 31.42
N MET A 4245 4.21 56.36 31.60
CA MET A 4245 3.94 55.84 32.93
C MET A 4245 4.91 56.41 33.96
N GLN A 4246 6.22 56.41 33.67
CA GLN A 4246 7.10 56.98 34.70
C GLN A 4246 6.84 58.47 34.88
N ILE A 4247 6.51 59.17 33.79
CA ILE A 4247 6.18 60.59 33.91
C ILE A 4247 5.02 60.78 34.88
N ALA A 4248 3.95 60.01 34.67
CA ALA A 4248 2.81 60.08 35.58
C ALA A 4248 3.20 59.65 36.98
N ALA A 4249 4.20 58.78 37.09
CA ALA A 4249 4.65 58.35 38.41
C ALA A 4249 5.24 59.52 39.19
N GLN A 4250 6.13 60.29 38.57
CA GLN A 4250 6.65 61.45 39.30
C GLN A 4250 5.57 62.51 39.52
N ILE A 4251 4.80 62.83 38.47
CA ILE A 4251 3.83 63.92 38.62
C ILE A 4251 2.67 63.49 39.50
N SER A 4252 2.61 62.21 39.86
CA SER A 4252 1.45 61.68 40.55
C SER A 4252 1.36 62.23 41.97
N GLU A 4253 0.12 62.33 42.46
CA GLU A 4253 -0.09 62.76 43.83
C GLU A 4253 0.47 61.72 44.79
N PRO A 4254 1.05 62.15 45.93
CA PRO A 4254 1.53 61.28 47.02
C PRO A 4254 0.59 60.14 47.35
N PHE A 4540 16.65 77.80 54.38
CA PHE A 4540 15.24 78.17 54.29
C PHE A 4540 14.68 77.79 52.94
N TRP A 4541 15.57 77.36 52.04
CA TRP A 4541 15.16 77.16 50.65
C TRP A 4541 14.67 75.75 50.41
N GLY A 4542 14.95 74.82 51.33
CA GLY A 4542 14.44 73.47 51.17
C GLY A 4542 12.93 73.40 51.24
N GLU A 4543 12.35 74.11 52.22
CA GLU A 4543 10.89 74.14 52.34
C GLU A 4543 10.26 74.77 51.11
N LEU A 4544 10.83 75.89 50.64
CA LEU A 4544 10.30 76.53 49.45
C LEU A 4544 10.42 75.63 48.24
N GLU A 4545 11.50 74.87 48.14
CA GLU A 4545 11.68 74.00 46.99
C GLU A 4545 10.71 72.83 47.01
N VAL A 4546 10.47 72.26 48.19
CA VAL A 4546 9.52 71.14 48.25
C VAL A 4546 8.10 71.63 47.99
N GLN A 4547 7.77 72.83 48.49
CA GLN A 4547 6.48 73.41 48.13
C GLN A 4547 6.41 73.68 46.63
N ARG A 4548 7.54 74.09 46.03
CA ARG A 4548 7.57 74.35 44.60
C ARG A 4548 7.30 73.09 43.79
N VAL A 4549 7.95 71.98 44.16
CA VAL A 4549 7.72 70.75 43.40
C VAL A 4549 6.33 70.21 43.66
N LYS A 4550 5.80 70.42 44.87
CA LYS A 4550 4.41 70.05 45.12
C LYS A 4550 3.46 70.83 44.21
N PHE A 4551 3.67 72.14 44.11
CA PHE A 4551 2.81 72.96 43.27
C PHE A 4551 2.98 72.59 41.81
N LEU A 4552 4.20 72.27 41.39
CA LEU A 4552 4.42 71.85 40.01
C LEU A 4552 3.68 70.56 39.71
N ASN A 4553 3.76 69.58 40.61
CA ASN A 4553 3.05 68.34 40.41
C ASN A 4553 1.55 68.57 40.38
N TYR A 4554 1.05 69.47 41.24
CA TYR A 4554 -0.38 69.75 41.25
C TYR A 4554 -0.82 70.39 39.94
N LEU A 4555 -0.07 71.37 39.46
CA LEU A 4555 -0.39 72.01 38.19
C LEU A 4555 -0.34 71.02 37.05
N SER A 4556 0.61 70.08 37.09
CA SER A 4556 0.69 69.07 36.05
C SER A 4556 -0.50 68.12 36.10
N ARG A 4557 -0.85 67.65 37.30
CA ARG A 4557 -2.01 66.78 37.44
C ARG A 4557 -3.27 67.44 36.92
N ASN A 4558 -3.45 68.72 37.22
CA ASN A 4558 -4.66 69.44 36.88
C ASN A 4558 -4.54 70.19 35.56
N PHE A 4559 -3.74 69.69 34.62
CA PHE A 4559 -3.50 70.45 33.40
C PHE A 4559 -4.76 70.60 32.57
N TYR A 4560 -5.46 69.50 32.30
CA TYR A 4560 -6.66 69.58 31.48
C TYR A 4560 -7.74 70.39 32.18
N THR A 4561 -7.80 70.28 33.51
CA THR A 4561 -8.73 71.11 34.27
C THR A 4561 -8.42 72.58 34.07
N LEU A 4562 -7.17 72.98 34.28
CA LEU A 4562 -6.80 74.36 34.07
C LEU A 4562 -7.08 74.77 32.63
N ARG A 4563 -6.93 73.84 31.70
CA ARG A 4563 -7.17 74.12 30.29
C ARG A 4563 -8.63 74.49 30.03
N PHE A 4564 -9.57 73.64 30.47
CA PHE A 4564 -10.94 73.92 30.07
C PHE A 4564 -11.53 75.04 30.92
N LEU A 4565 -11.05 75.20 32.16
CA LEU A 4565 -11.43 76.40 32.90
C LEU A 4565 -10.90 77.65 32.21
N ALA A 4566 -9.72 77.55 31.59
CA ALA A 4566 -9.18 78.69 30.87
C ALA A 4566 -10.03 79.05 29.66
N LEU A 4567 -10.44 78.03 28.88
CA LEU A 4567 -11.22 78.36 27.68
C LEU A 4567 -12.62 78.84 28.06
N PHE A 4568 -13.19 78.29 29.13
CA PHE A 4568 -14.46 78.80 29.64
C PHE A 4568 -14.29 80.23 30.11
N LEU A 4569 -13.17 80.53 30.77
CA LEU A 4569 -12.88 81.88 31.20
C LEU A 4569 -12.86 82.83 30.01
N ALA A 4570 -12.17 82.43 28.94
CA ALA A 4570 -12.08 83.27 27.75
C ALA A 4570 -13.46 83.50 27.13
N PHE A 4571 -14.30 82.46 27.10
CA PHE A 4571 -15.66 82.63 26.61
C PHE A 4571 -16.42 83.62 27.46
N ALA A 4572 -16.25 83.55 28.79
CA ALA A 4572 -16.89 84.51 29.67
C ALA A 4572 -16.41 85.92 29.39
N ILE A 4573 -15.10 86.10 29.19
CA ILE A 4573 -14.57 87.42 28.87
C ILE A 4573 -15.18 87.93 27.58
N ASN A 4574 -15.33 87.07 26.59
CA ASN A 4574 -15.95 87.49 25.33
C ASN A 4574 -17.39 87.97 25.58
N PHE A 4575 -18.14 87.20 26.37
CA PHE A 4575 -19.51 87.60 26.67
C PHE A 4575 -19.55 88.94 27.38
N ILE A 4576 -18.59 89.18 28.26
CA ILE A 4576 -18.51 90.49 28.92
C ILE A 4576 -18.15 91.57 27.91
N LEU A 4577 -17.32 91.23 26.92
CA LEU A 4577 -17.01 92.18 25.85
C LEU A 4577 -18.27 92.58 25.11
N LEU A 4578 -19.20 91.65 24.95
CA LEU A 4578 -20.52 92.01 24.46
C LEU A 4578 -21.15 93.04 25.40
N PHE A 4579 -22.07 93.82 24.85
CA PHE A 4579 -22.84 94.90 25.50
C PHE A 4579 -22.03 96.18 25.64
N TYR A 4580 -20.94 96.34 24.89
CA TYR A 4580 -20.07 97.51 25.04
C TYR A 4580 -20.35 98.51 23.92
N LYS A 4581 -20.94 99.64 24.28
CA LYS A 4581 -21.49 100.58 23.30
C LYS A 4581 -20.40 101.51 22.80
N VAL A 4582 -20.76 102.36 21.84
CA VAL A 4582 -19.92 103.47 21.40
C VAL A 4582 -20.80 104.70 21.21
N SER A 4583 -20.19 105.87 21.27
CA SER A 4583 -20.80 107.15 20.91
C SER A 4583 -19.75 108.24 20.98
N ASP A 4584 -20.06 109.37 20.35
CA ASP A 4584 -19.08 110.45 20.28
C ASP A 4584 -18.86 111.11 21.64
N SER A 4585 -19.95 111.43 22.33
CA SER A 4585 -19.84 112.20 23.56
C SER A 4585 -19.26 111.33 24.68
N PRO A 4586 -18.57 111.92 25.65
CA PRO A 4586 -18.11 111.15 26.81
C PRO A 4586 -19.29 110.62 27.61
N PRO A 4587 -19.12 109.49 28.29
CA PRO A 4587 -20.20 108.85 29.06
C PRO A 4587 -20.80 109.77 30.11
N ASN A 4626 -12.90 114.52 16.24
CA ASN A 4626 -13.85 113.98 17.22
C ASN A 4626 -13.48 112.56 17.63
N MET A 4627 -13.43 112.33 18.94
CA MET A 4627 -13.15 111.01 19.49
C MET A 4627 -14.46 110.35 19.90
N VAL A 4628 -14.75 109.19 19.31
CA VAL A 4628 -15.96 108.46 19.68
C VAL A 4628 -15.68 107.66 20.94
N TYR A 4629 -16.43 107.95 21.99
CA TYR A 4629 -16.19 107.41 23.32
C TYR A 4629 -16.78 106.02 23.41
N TYR A 4630 -15.91 105.02 23.47
CA TYR A 4630 -16.32 103.61 23.57
C TYR A 4630 -16.63 103.31 25.02
N PHE A 4631 -17.90 103.44 25.40
CA PHE A 4631 -18.34 103.23 26.76
C PHE A 4631 -19.41 102.14 26.81
N LEU A 4632 -19.50 101.44 27.94
CA LEU A 4632 -20.47 100.37 28.08
C LEU A 4632 -21.54 100.75 29.10
N GLU A 4633 -22.80 100.63 28.69
CA GLU A 4633 -23.93 100.94 29.56
C GLU A 4633 -24.62 99.65 29.99
N GLU A 4634 -24.83 99.52 31.30
CA GLU A 4634 -25.69 98.49 31.86
C GLU A 4634 -26.14 98.99 33.23
N SER A 4635 -27.10 98.28 33.83
CA SER A 4635 -27.73 98.78 35.04
C SER A 4635 -26.75 98.88 36.21
N THR A 4636 -25.99 97.81 36.46
CA THR A 4636 -25.20 97.75 37.69
C THR A 4636 -23.96 98.62 37.62
N GLY A 4637 -23.31 98.68 36.46
CA GLY A 4637 -22.01 99.29 36.34
C GLY A 4637 -20.87 98.40 36.78
N TYR A 4638 -21.15 97.15 37.14
CA TYR A 4638 -20.14 96.28 37.73
C TYR A 4638 -19.27 95.63 36.66
N MET A 4639 -19.77 95.54 35.42
CA MET A 4639 -19.10 94.71 34.42
C MET A 4639 -17.77 95.29 34.00
N GLU A 4640 -17.52 96.57 34.23
CA GLU A 4640 -16.20 97.10 33.91
C GLU A 4640 -15.12 96.56 34.85
N PRO A 4641 -15.21 96.73 36.18
CA PRO A 4641 -14.25 96.04 37.04
C PRO A 4641 -14.30 94.54 36.87
N ALA A 4642 -15.49 93.99 36.59
CA ALA A 4642 -15.58 92.56 36.37
C ALA A 4642 -14.70 92.13 35.20
N LEU A 4643 -14.79 92.84 34.08
CA LEU A 4643 -13.98 92.52 32.91
C LEU A 4643 -12.50 92.70 33.22
N TRP A 4644 -12.14 93.75 33.95
CA TRP A 4644 -10.73 93.96 34.23
C TRP A 4644 -10.15 92.82 35.08
N CYS A 4645 -10.84 92.46 36.17
CA CYS A 4645 -10.37 91.35 36.99
C CYS A 4645 -10.37 90.04 36.21
N LEU A 4646 -11.39 89.82 35.38
CA LEU A 4646 -11.46 88.59 34.59
C LEU A 4646 -10.31 88.53 33.60
N SER A 4647 -9.91 89.67 33.04
CA SER A 4647 -8.75 89.70 32.16
C SER A 4647 -7.49 89.31 32.92
N LEU A 4648 -7.32 89.85 34.13
CA LEU A 4648 -6.16 89.46 34.93
C LEU A 4648 -6.16 87.96 35.18
N LEU A 4649 -7.32 87.41 35.54
CA LEU A 4649 -7.41 85.98 35.80
C LEU A 4649 -7.08 85.18 34.55
N HIS A 4650 -7.58 85.61 33.40
CA HIS A 4650 -7.27 84.89 32.16
C HIS A 4650 -5.79 84.89 31.90
N THR A 4651 -5.13 86.02 32.08
CA THR A 4651 -3.69 86.08 31.82
C THR A 4651 -2.93 85.15 32.74
N LEU A 4652 -3.21 85.18 34.04
CA LEU A 4652 -2.41 84.36 34.95
C LEU A 4652 -2.71 82.87 34.74
N VAL A 4653 -3.96 82.54 34.44
CA VAL A 4653 -4.31 81.16 34.16
C VAL A 4653 -3.60 80.68 32.90
N ALA A 4654 -3.53 81.54 31.88
CA ALA A 4654 -2.82 81.16 30.66
C ALA A 4654 -1.35 80.91 30.93
N PHE A 4655 -0.72 81.77 31.74
CA PHE A 4655 0.70 81.54 32.05
C PHE A 4655 0.89 80.23 32.80
N LEU A 4656 0.00 79.94 33.74
CA LEU A 4656 0.05 78.67 34.44
C LEU A 4656 -0.09 77.51 33.46
N CYS A 4657 -0.98 77.64 32.49
CA CYS A 4657 -1.12 76.61 31.46
C CYS A 4657 0.18 76.41 30.71
N ILE A 4658 0.85 77.51 30.35
CA ILE A 4658 2.08 77.40 29.59
C ILE A 4658 3.12 76.62 30.39
N ILE A 4659 3.33 77.02 31.64
CA ILE A 4659 4.39 76.37 32.42
C ILE A 4659 4.02 74.92 32.69
N GLY A 4660 2.75 74.65 32.97
CA GLY A 4660 2.33 73.28 33.20
C GLY A 4660 2.57 72.39 32.00
N TYR A 4661 2.18 72.86 30.81
CA TYR A 4661 2.41 72.08 29.61
C TYR A 4661 3.90 71.86 29.39
N ASN A 4662 4.70 72.91 29.57
CA ASN A 4662 6.14 72.77 29.42
C ASN A 4662 6.68 71.69 30.34
N CYS A 4663 6.11 71.56 31.53
CA CYS A 4663 6.60 70.55 32.44
C CYS A 4663 5.97 69.19 32.17
N LEU A 4664 4.89 69.16 31.38
CA LEU A 4664 4.18 67.90 31.24
C LEU A 4664 4.57 67.14 29.97
N LYS A 4665 4.31 67.71 28.79
CA LYS A 4665 4.53 66.98 27.54
C LYS A 4665 5.89 67.26 26.91
N VAL A 4666 6.48 68.42 27.16
CA VAL A 4666 7.83 68.68 26.67
C VAL A 4666 8.79 67.57 27.07
N PRO A 4667 8.73 67.02 28.30
CA PRO A 4667 9.57 65.84 28.58
C PRO A 4667 9.33 64.71 27.60
N LEU A 4668 8.09 64.45 27.23
CA LEU A 4668 7.83 63.38 26.26
C LEU A 4668 8.43 63.70 24.90
N VAL A 4669 8.29 64.95 24.46
CA VAL A 4669 8.84 65.34 23.16
C VAL A 4669 10.34 65.15 23.16
N ILE A 4670 10.99 65.63 24.22
CA ILE A 4670 12.44 65.46 24.35
C ILE A 4670 12.79 63.99 24.35
N PHE A 4671 12.00 63.17 25.05
CA PHE A 4671 12.31 61.76 25.12
C PHE A 4671 12.26 61.10 23.75
N LYS A 4672 11.20 61.36 22.99
CA LYS A 4672 11.08 60.71 21.69
C LYS A 4672 12.19 61.17 20.76
N ARG A 4673 12.49 62.48 20.74
CA ARG A 4673 13.54 62.95 19.85
C ARG A 4673 14.90 62.36 20.25
N GLU A 4674 15.19 62.33 21.56
CA GLU A 4674 16.44 61.75 22.01
C GLU A 4674 16.52 60.28 21.63
N LYS A 4675 15.42 59.54 21.81
CA LYS A 4675 15.44 58.12 21.51
C LYS A 4675 15.68 57.87 20.03
N GLU A 4676 15.02 58.64 19.16
CA GLU A 4676 15.18 58.36 17.73
C GLU A 4676 16.57 58.75 17.27
N LEU A 4677 17.11 59.86 17.80
CA LEU A 4677 18.48 60.22 17.44
C LEU A 4677 19.47 59.19 17.95
N ALA A 4678 19.22 58.64 19.14
CA ALA A 4678 20.10 57.61 19.67
C ALA A 4678 20.06 56.38 18.79
N ARG A 4679 18.86 55.97 18.35
CA ARG A 4679 18.78 54.83 17.45
C ARG A 4679 19.52 55.11 16.15
N LYS A 4680 19.36 56.32 15.60
CA LYS A 4680 20.04 56.65 14.35
C LYS A 4680 21.55 56.55 14.50
N LEU A 4681 22.12 57.19 15.51
CA LEU A 4681 23.57 57.17 15.65
C LEU A 4681 24.06 55.79 16.11
N GLU A 4682 23.16 54.98 16.67
CA GLU A 4682 23.55 53.63 17.05
C GLU A 4682 23.65 52.71 15.85
N PHE A 4683 22.69 52.81 14.93
CA PHE A 4683 22.66 51.91 13.79
C PHE A 4683 22.89 52.62 12.47
N ASP A 4684 22.08 53.64 12.15
CA ASP A 4684 22.33 54.41 10.94
C ASP A 4684 23.66 55.13 11.03
N GLY A 4685 23.93 55.77 12.16
CA GLY A 4685 25.20 56.46 12.36
C GLY A 4685 25.47 57.53 11.31
N LEU A 4686 24.43 58.26 10.91
CA LEU A 4686 24.59 59.24 9.84
C LEU A 4686 25.60 60.31 10.23
N TYR A 4687 25.48 60.87 11.43
CA TYR A 4687 26.41 61.89 11.86
C TYR A 4687 27.81 61.32 11.99
N ILE A 4688 27.93 60.02 12.23
CA ILE A 4688 29.23 59.37 12.18
C ILE A 4688 29.72 59.27 10.75
N THR A 4689 28.87 58.78 9.85
CA THR A 4689 29.29 58.55 8.47
C THR A 4689 28.48 59.32 7.44
N GLU A 4690 27.15 59.19 7.44
CA GLU A 4690 26.36 59.71 6.34
C GLU A 4690 26.23 61.23 6.38
N GLN A 4691 26.26 61.80 7.59
CA GLN A 4691 26.11 63.22 7.85
C GLN A 4691 24.68 63.66 7.53
N PRO A 4692 24.24 64.81 8.03
CA PRO A 4692 22.88 65.27 7.69
C PRO A 4692 22.77 65.60 6.22
N GLY A 4693 21.56 65.46 5.69
CA GLY A 4693 21.34 65.77 4.29
C GLY A 4693 21.42 67.27 4.01
N ASP A 4694 21.54 68.07 5.07
CA ASP A 4694 21.59 69.53 5.07
C ASP A 4694 20.26 70.13 4.64
N ASP A 4695 19.25 69.32 4.34
CA ASP A 4695 17.91 69.80 4.05
C ASP A 4695 16.94 69.57 5.20
N ASP A 4696 17.38 68.90 6.27
CA ASP A 4696 16.53 68.61 7.42
C ASP A 4696 16.94 69.51 8.57
N VAL A 4697 16.08 70.51 8.86
CA VAL A 4697 16.37 71.43 9.94
C VAL A 4697 16.42 70.70 11.28
N LYS A 4698 15.60 69.66 11.43
CA LYS A 4698 15.68 68.85 12.64
C LYS A 4698 17.07 68.22 12.78
N GLY A 4699 17.59 67.67 11.68
CA GLY A 4699 18.92 67.11 11.72
C GLY A 4699 19.98 68.15 12.04
N GLN A 4700 19.87 69.33 11.42
CA GLN A 4700 20.85 70.38 11.67
C GLN A 4700 20.82 70.79 13.14
N TRP A 4701 19.63 70.96 13.71
CA TRP A 4701 19.52 71.23 15.14
C TRP A 4701 20.12 70.09 15.95
N ASP A 4702 20.01 68.86 15.44
CA ASP A 4702 20.52 67.71 16.18
C ASP A 4702 22.05 67.66 16.14
N ARG A 4703 22.67 68.50 15.32
CA ARG A 4703 24.12 68.45 15.20
C ARG A 4703 24.80 68.93 16.48
N LEU A 4704 24.28 70.00 17.09
CA LEU A 4704 25.00 70.64 18.18
C LEU A 4704 24.84 69.89 19.49
N VAL A 4705 23.81 69.04 19.60
CA VAL A 4705 23.50 68.43 20.88
C VAL A 4705 24.41 67.24 21.14
N LEU A 4706 25.02 66.69 20.10
CA LEU A 4706 25.77 65.45 20.24
C LEU A 4706 26.94 65.60 21.22
N ASN A 4707 27.66 66.72 21.15
CA ASN A 4707 28.85 66.88 21.99
C ASN A 4707 28.47 67.20 23.43
N THR A 4708 27.22 67.62 23.66
CA THR A 4708 26.82 68.06 24.99
C THR A 4708 26.91 66.90 25.98
N PRO A 4709 27.33 67.16 27.22
CA PRO A 4709 27.55 66.06 28.17
C PRO A 4709 26.27 65.41 28.64
N SER A 4710 25.22 66.19 28.91
CA SER A 4710 24.02 65.62 29.50
C SER A 4710 23.40 64.55 28.61
N PHE A 4711 23.14 64.89 27.35
CA PHE A 4711 22.67 63.94 26.35
C PHE A 4711 21.48 63.14 26.87
N PRO A 4712 21.40 61.77 26.77
CA PRO A 4712 20.03 61.25 26.82
C PRO A 4712 19.46 61.20 28.23
N SER A 4713 19.22 62.38 28.79
CA SER A 4713 18.62 62.46 30.13
C SER A 4713 17.25 61.83 30.14
N ASN A 4714 16.45 62.08 29.10
CA ASN A 4714 15.11 61.52 29.05
C ASN A 4714 15.14 60.03 28.72
N TYR A 4715 16.03 59.61 27.83
CA TYR A 4715 16.09 58.20 27.47
C TYR A 4715 16.56 57.38 28.66
N TRP A 4716 16.02 56.19 28.77
CA TRP A 4716 16.27 55.36 29.98
C TRP A 4716 17.66 54.79 30.00
N ASP A 4717 18.33 54.75 28.86
CA ASP A 4717 19.70 54.28 28.78
C ASP A 4717 20.61 55.45 28.43
N LYS A 4718 21.71 55.59 29.18
CA LYS A 4718 22.68 56.64 28.90
C LYS A 4718 24.04 56.11 28.50
N PHE A 4719 24.22 54.79 28.42
CA PHE A 4719 25.47 54.24 27.89
C PHE A 4719 25.54 54.27 26.38
N VAL A 4720 24.64 55.01 25.73
CA VAL A 4720 24.59 55.04 24.27
C VAL A 4720 25.91 55.55 23.71
N LYS A 4721 26.54 56.52 24.39
CA LYS A 4721 27.81 57.04 23.90
C LYS A 4721 28.88 55.95 23.85
N ARG A 4722 29.01 55.19 24.94
CA ARG A 4722 29.98 54.10 24.94
C ARG A 4722 29.64 53.04 23.90
N LYS A 4723 28.35 52.75 23.75
CA LYS A 4723 27.96 51.73 22.77
C LYS A 4723 28.31 52.17 21.36
N VAL A 4724 28.06 53.43 21.01
CA VAL A 4724 28.44 53.93 19.70
C VAL A 4724 29.95 53.89 19.54
N LEU A 4725 30.68 54.23 20.60
CA LEU A 4725 32.13 54.14 20.53
C LEU A 4725 32.57 52.72 20.17
N ASP A 4726 32.09 51.74 20.93
CA ASP A 4726 32.49 50.35 20.64
C ASP A 4726 32.02 49.91 19.27
N LYS A 4727 30.94 50.53 18.76
CA LYS A 4727 30.36 50.04 17.52
C LYS A 4727 31.09 50.59 16.29
N HIS A 4728 31.47 51.86 16.32
CA HIS A 4728 32.04 52.49 15.13
C HIS A 4728 33.42 53.10 15.33
N GLY A 4729 34.10 52.83 16.45
CA GLY A 4729 35.40 53.44 16.67
C GLY A 4729 36.44 52.95 15.69
N ASP A 4730 36.38 51.68 15.31
CA ASP A 4730 37.37 51.13 14.40
C ASP A 4730 37.40 51.92 13.10
N ILE A 4731 36.24 52.11 12.48
CA ILE A 4731 36.18 52.86 11.23
C ILE A 4731 36.44 54.34 11.48
N PHE A 4732 35.82 54.90 12.52
CA PHE A 4732 35.84 56.35 12.66
C PHE A 4732 37.06 56.82 13.45
N GLY A 4733 37.58 56.00 14.35
CA GLY A 4733 38.71 56.43 15.16
C GLY A 4733 38.29 56.87 16.53
N ARG A 4734 39.07 56.41 17.53
CA ARG A 4734 38.75 56.72 18.93
C ARG A 4734 38.67 58.22 19.17
N GLU A 4735 39.66 58.96 18.69
CA GLU A 4735 39.65 60.41 18.87
C GLU A 4735 38.44 61.04 18.20
N ARG A 4736 38.00 60.47 17.08
CA ARG A 4736 36.85 61.04 16.37
C ARG A 4736 35.56 60.80 17.13
N ILE A 4737 35.38 59.58 17.67
CA ILE A 4737 34.27 59.37 18.58
C ILE A 4737 34.35 60.34 19.75
N ALA A 4738 35.55 60.56 20.27
CA ALA A 4738 35.73 61.46 21.40
C ALA A 4738 35.22 62.85 21.07
N GLU A 4739 35.64 63.41 19.94
CA GLU A 4739 35.26 64.78 19.64
C GLU A 4739 33.79 64.87 19.26
N LEU A 4740 33.27 63.83 18.58
CA LEU A 4740 31.88 63.87 18.15
C LEU A 4740 30.95 63.84 19.34
N LEU A 4741 31.18 62.95 20.30
CA LEU A 4741 30.31 62.88 21.46
C LEU A 4741 30.72 63.83 22.57
N GLY A 4742 31.83 64.55 22.41
CA GLY A 4742 32.25 65.48 23.44
C GLY A 4742 32.61 64.81 24.75
N MET A 4743 33.26 63.65 24.68
CA MET A 4743 33.67 62.92 25.87
C MET A 4743 35.11 62.44 25.71
N ASP A 4744 35.79 62.25 26.83
CA ASP A 4744 37.17 61.80 26.82
C ASP A 4744 37.23 60.28 26.94
N LEU A 4745 38.02 59.66 26.06
CA LEU A 4745 38.23 58.22 26.13
C LEU A 4745 38.89 57.82 27.44
N ALA A 4746 39.88 58.60 27.87
CA ALA A 4746 40.62 58.27 29.09
C ALA A 4746 39.69 58.22 30.29
N SER A 4747 38.75 59.16 30.37
CA SER A 4747 37.80 59.17 31.48
C SER A 4747 36.98 57.89 31.49
N LEU A 4748 36.47 57.47 30.32
CA LEU A 4748 35.67 56.25 30.28
C LEU A 4748 36.49 55.05 30.71
N GLU A 4749 37.73 54.93 30.22
CA GLU A 4749 38.49 53.73 30.56
C GLU A 4749 38.87 53.72 32.05
N ILE A 4750 39.22 54.87 32.62
CA ILE A 4750 39.61 54.88 34.03
C ILE A 4750 38.39 54.60 34.91
N THR A 4751 37.23 55.13 34.53
CA THR A 4751 36.02 54.81 35.28
C THR A 4751 35.67 53.33 35.17
N ALA A 4752 35.87 52.73 34.00
CA ALA A 4752 35.64 51.30 33.84
C ALA A 4752 36.60 50.50 34.72
N HIS A 4753 37.87 50.92 34.78
CA HIS A 4753 38.85 50.18 35.58
C HIS A 4753 38.54 50.29 37.07
N ASN A 4754 38.34 51.50 37.56
CA ASN A 4754 38.15 51.72 38.99
C ASN A 4754 36.90 52.54 39.24
N GLU A 4755 36.15 52.16 40.27
CA GLU A 4755 34.97 52.91 40.67
C GLU A 4755 35.37 54.29 41.16
N ARG A 4756 34.52 55.28 40.86
CA ARG A 4756 34.77 56.67 41.24
C ARG A 4756 33.54 57.21 41.95
N LYS A 4757 33.76 58.00 42.99
CA LYS A 4757 32.68 58.57 43.79
C LYS A 4757 32.85 60.08 43.87
N PRO A 4758 32.45 60.83 42.85
CA PRO A 4758 32.62 62.28 42.89
C PRO A 4758 31.43 62.99 43.52
N ASP A 4759 31.30 62.90 44.83
CA ASP A 4759 30.19 63.55 45.51
C ASP A 4759 30.40 65.07 45.49
N PRO A 4760 29.46 65.83 44.93
CA PRO A 4760 29.66 67.27 44.78
C PRO A 4760 29.07 68.04 45.95
N PRO A 4761 29.71 69.13 46.35
CA PRO A 4761 29.14 69.99 47.40
C PRO A 4761 27.92 70.72 46.89
N PRO A 4762 26.91 70.92 47.73
CA PRO A 4762 25.72 71.68 47.30
C PRO A 4762 25.97 73.18 47.39
N GLY A 4763 25.71 73.88 46.30
CA GLY A 4763 25.86 75.32 46.27
C GLY A 4763 25.10 75.91 45.11
N LEU A 4764 24.64 77.15 45.29
CA LEU A 4764 23.86 77.80 44.26
C LEU A 4764 24.70 78.05 43.01
N LEU A 4765 25.88 78.64 43.17
CA LEU A 4765 26.75 78.87 42.01
C LEU A 4765 27.21 77.55 41.41
N THR A 4766 27.53 76.55 42.24
CA THR A 4766 27.94 75.25 41.73
C THR A 4766 26.85 74.65 40.86
N TRP A 4767 25.61 74.70 41.33
CA TRP A 4767 24.48 74.26 40.52
C TRP A 4767 24.31 75.11 39.27
N LEU A 4768 24.71 76.38 39.33
CA LEU A 4768 24.63 77.24 38.15
C LEU A 4768 25.58 76.76 37.07
N MET A 4769 26.84 76.45 37.43
CA MET A 4769 27.74 75.86 36.46
C MET A 4769 27.26 74.48 36.00
N SER A 4770 26.50 73.79 36.85
CA SER A 4770 26.02 72.46 36.49
C SER A 4770 25.17 72.50 35.23
N ILE A 4771 24.42 73.59 35.03
CA ILE A 4771 23.60 73.73 33.84
C ILE A 4771 24.49 73.92 32.62
N ASP A 4772 24.24 73.13 31.58
CA ASP A 4772 25.01 73.21 30.33
C ASP A 4772 24.24 74.02 29.32
N VAL A 4773 24.83 75.12 28.87
CA VAL A 4773 24.13 76.07 28.01
C VAL A 4773 23.81 75.44 26.66
N LYS A 4774 24.67 74.54 26.19
CA LYS A 4774 24.45 73.96 24.87
C LYS A 4774 23.24 73.02 24.88
N TYR A 4775 23.18 72.12 25.86
CA TYR A 4775 22.00 71.29 25.98
C TYR A 4775 20.76 72.14 26.24
N GLN A 4776 20.92 73.20 27.02
CA GLN A 4776 19.78 74.07 27.32
C GLN A 4776 19.24 74.73 26.07
N ILE A 4777 20.12 75.24 25.21
CA ILE A 4777 19.65 75.92 24.01
C ILE A 4777 19.06 74.90 23.04
N TRP A 4778 19.65 73.71 22.96
CA TRP A 4778 19.07 72.67 22.11
C TRP A 4778 17.66 72.32 22.57
N LYS A 4779 17.49 72.11 23.87
CA LYS A 4779 16.17 71.77 24.39
C LYS A 4779 15.19 72.92 24.18
N PHE A 4780 15.65 74.16 24.38
CA PHE A 4780 14.78 75.31 24.19
C PHE A 4780 14.31 75.40 22.74
N GLY A 4781 15.22 75.21 21.79
CA GLY A 4781 14.83 75.18 20.40
C GLY A 4781 13.83 74.07 20.10
N VAL A 4782 14.08 72.89 20.65
CA VAL A 4782 13.16 71.77 20.45
C VAL A 4782 11.78 72.12 20.99
N ILE A 4783 11.74 72.77 22.15
CA ILE A 4783 10.45 73.23 22.70
C ILE A 4783 9.79 74.19 21.72
N PHE A 4784 10.56 75.13 21.18
CA PHE A 4784 10.00 76.11 20.25
C PHE A 4784 9.50 75.44 18.97
N THR A 4785 10.01 74.25 18.66
CA THR A 4785 9.64 73.60 17.40
C THR A 4785 8.18 73.17 17.39
N ASP A 4786 7.68 72.62 18.49
CA ASP A 4786 6.43 71.88 18.41
C ASP A 4786 5.23 72.80 18.30
N ASN A 4787 4.24 72.37 17.50
CA ASN A 4787 3.08 73.21 17.22
C ASN A 4787 2.24 73.42 18.45
N SER A 4788 2.23 72.45 19.37
CA SER A 4788 1.46 72.62 20.60
C SER A 4788 2.00 73.80 21.41
N PHE A 4789 3.31 73.83 21.64
CA PHE A 4789 3.89 74.96 22.36
C PHE A 4789 3.71 76.25 21.59
N LEU A 4790 3.83 76.19 20.25
CA LEU A 4790 3.61 77.40 19.47
C LEU A 4790 2.20 77.95 19.69
N TYR A 4791 1.20 77.06 19.68
CA TYR A 4791 -0.17 77.50 19.89
C TYR A 4791 -0.38 78.05 21.30
N LEU A 4792 0.21 77.42 22.30
CA LEU A 4792 0.04 77.93 23.66
C LEU A 4792 0.74 79.28 23.83
N GLY A 4793 1.89 79.46 23.20
CA GLY A 4793 2.52 80.76 23.20
C GLY A 4793 1.69 81.80 22.48
N TRP A 4794 1.00 81.38 21.42
CA TRP A 4794 0.03 82.26 20.77
C TRP A 4794 -1.05 82.69 21.76
N TYR A 4795 -1.56 81.74 22.55
CA TYR A 4795 -2.53 82.08 23.58
C TYR A 4795 -1.95 83.10 24.54
N MET A 4796 -0.70 82.88 24.96
CA MET A 4796 -0.05 83.81 25.89
C MET A 4796 0.03 85.21 25.30
N VAL A 4797 0.52 85.34 24.07
CA VAL A 4797 0.74 86.67 23.51
C VAL A 4797 -0.60 87.36 23.29
N MET A 4798 -1.63 86.63 22.88
CA MET A 4798 -2.93 87.26 22.73
C MET A 4798 -3.53 87.65 24.08
N SER A 4799 -3.21 86.93 25.15
CA SER A 4799 -3.67 87.38 26.46
C SER A 4799 -2.98 88.68 26.87
N LEU A 4800 -1.66 88.76 26.65
CA LEU A 4800 -0.96 89.99 26.95
C LEU A 4800 -1.48 91.15 26.11
N LEU A 4801 -1.83 90.87 24.85
CA LEU A 4801 -2.39 91.91 24.00
C LEU A 4801 -3.78 92.31 24.45
N GLY A 4802 -4.57 91.34 24.91
CA GLY A 4802 -5.89 91.66 25.43
C GLY A 4802 -5.82 92.54 26.65
N HIS A 4803 -4.76 92.38 27.45
CA HIS A 4803 -4.53 93.35 28.51
C HIS A 4803 -4.36 94.75 27.96
N TYR A 4804 -3.65 94.89 26.84
CA TYR A 4804 -3.51 96.21 26.23
C TYR A 4804 -4.86 96.73 25.75
N ASN A 4805 -5.64 95.90 25.08
CA ASN A 4805 -6.98 96.26 24.62
C ASN A 4805 -7.90 95.08 24.88
N ASN A 4806 -8.98 95.34 25.62
CA ASN A 4806 -9.86 94.26 26.05
C ASN A 4806 -10.48 93.55 24.85
N PHE A 4807 -10.68 94.26 23.74
CA PHE A 4807 -11.33 93.65 22.58
C PHE A 4807 -10.47 92.55 21.97
N PHE A 4808 -9.15 92.71 22.00
CA PHE A 4808 -8.28 91.71 21.38
C PHE A 4808 -8.40 90.36 22.08
N PHE A 4809 -8.94 90.33 23.29
CA PHE A 4809 -9.19 89.07 23.97
C PHE A 4809 -10.13 88.17 23.19
N ALA A 4810 -10.96 88.75 22.31
CA ALA A 4810 -11.91 87.95 21.56
C ALA A 4810 -11.22 86.92 20.67
N ALA A 4811 -9.94 87.15 20.34
CA ALA A 4811 -9.21 86.21 19.51
C ALA A 4811 -9.07 84.86 20.18
N HIS A 4812 -9.13 84.81 21.51
CA HIS A 4812 -9.02 83.55 22.22
C HIS A 4812 -10.20 82.63 21.94
N LEU A 4813 -11.29 83.16 21.39
CA LEU A 4813 -12.47 82.36 21.13
C LEU A 4813 -12.20 81.23 20.14
N LEU A 4814 -11.12 81.32 19.36
CA LEU A 4814 -10.83 80.28 18.39
C LEU A 4814 -10.42 78.97 19.03
N ASP A 4815 -10.17 78.95 20.34
CA ASP A 4815 -9.72 77.74 21.01
C ASP A 4815 -10.75 76.61 20.91
N ILE A 4816 -12.02 76.96 20.64
CA ILE A 4816 -13.05 75.94 20.55
C ILE A 4816 -12.74 74.97 19.42
N ALA A 4817 -12.19 75.49 18.32
CA ALA A 4817 -11.87 74.64 17.17
C ALA A 4817 -10.85 73.57 17.55
N MET A 4818 -9.81 73.96 18.29
CA MET A 4818 -8.86 72.97 18.79
C MET A 4818 -9.55 72.02 19.77
N GLY A 4819 -10.43 72.56 20.61
CA GLY A 4819 -11.05 71.74 21.63
C GLY A 4819 -11.88 70.61 21.07
N VAL A 4820 -12.67 70.88 20.03
CA VAL A 4820 -13.59 69.91 19.46
C VAL A 4820 -12.88 69.11 18.37
N LYS A 4821 -13.03 67.79 18.43
CA LYS A 4821 -12.45 66.93 17.40
C LYS A 4821 -13.04 67.25 16.04
N THR A 4822 -14.35 67.45 15.95
CA THR A 4822 -14.98 67.75 14.66
C THR A 4822 -14.49 69.09 14.11
N LEU A 4823 -14.41 70.12 14.96
CA LEU A 4823 -13.93 71.41 14.49
C LEU A 4823 -12.48 71.33 14.06
N ARG A 4824 -11.67 70.60 14.80
CA ARG A 4824 -10.29 70.36 14.37
C ARG A 4824 -10.27 69.65 13.03
N THR A 4825 -11.23 68.73 12.81
CA THR A 4825 -11.32 68.07 11.51
C THR A 4825 -11.62 69.08 10.41
N ILE A 4826 -12.52 70.04 10.69
CA ILE A 4826 -12.81 71.08 9.71
C ILE A 4826 -11.55 71.85 9.36
N LEU A 4827 -10.84 72.33 10.39
CA LEU A 4827 -9.69 73.19 10.13
C LEU A 4827 -8.56 72.41 9.46
N SER A 4828 -8.46 71.12 9.75
CA SER A 4828 -7.47 70.30 9.08
C SER A 4828 -7.86 70.03 7.63
N SER A 4829 -9.15 69.85 7.38
CA SER A 4829 -9.63 69.63 6.03
C SER A 4829 -9.37 70.85 5.16
N VAL A 4830 -9.47 72.04 5.75
CA VAL A 4830 -9.16 73.26 4.99
C VAL A 4830 -7.74 73.19 4.45
N THR A 4831 -6.79 72.77 5.29
CA THR A 4831 -5.40 72.72 4.86
C THR A 4831 -5.10 71.43 4.10
N HIS A 4832 -6.05 70.49 4.10
CA HIS A 4832 -5.78 69.17 3.56
C HIS A 4832 -5.52 69.22 2.05
N ASN A 4833 -6.14 70.17 1.36
CA ASN A 4833 -5.95 70.34 -0.07
C ASN A 4833 -5.50 71.74 -0.43
N GLY A 4834 -4.66 72.35 0.42
CA GLY A 4834 -4.32 73.76 0.24
C GLY A 4834 -3.64 74.04 -1.09
N LYS A 4835 -2.77 73.13 -1.53
CA LYS A 4835 -2.06 73.36 -2.79
C LYS A 4835 -3.04 73.43 -3.96
N GLN A 4836 -3.89 72.42 -4.09
CA GLN A 4836 -4.88 72.41 -5.16
C GLN A 4836 -5.80 73.61 -5.07
N LEU A 4837 -6.18 73.99 -3.85
CA LEU A 4837 -6.92 75.24 -3.67
C LEU A 4837 -6.14 76.41 -4.24
N VAL A 4838 -4.83 76.43 -4.04
CA VAL A 4838 -4.02 77.55 -4.51
C VAL A 4838 -4.05 77.64 -6.03
N MET A 4839 -3.79 76.52 -6.73
CA MET A 4839 -3.81 76.63 -8.19
C MET A 4839 -5.21 76.87 -8.72
N THR A 4840 -6.25 76.35 -8.06
CA THR A 4840 -7.60 76.63 -8.52
C THR A 4840 -7.94 78.11 -8.40
N VAL A 4841 -7.57 78.72 -7.26
CA VAL A 4841 -7.81 80.15 -7.09
C VAL A 4841 -6.98 80.95 -8.09
N GLY A 4842 -5.77 80.47 -8.39
CA GLY A 4842 -4.97 81.13 -9.41
C GLY A 4842 -5.64 81.11 -10.76
N LEU A 4843 -6.22 79.97 -11.14
CA LEU A 4843 -6.96 79.89 -12.39
C LEU A 4843 -8.17 80.81 -12.36
N LEU A 4844 -8.84 80.91 -11.21
CA LEU A 4844 -9.97 81.82 -11.08
C LEU A 4844 -9.54 83.25 -11.33
N ALA A 4845 -8.45 83.68 -10.68
CA ALA A 4845 -7.94 85.01 -10.89
C ALA A 4845 -7.56 85.23 -12.34
N VAL A 4846 -7.00 84.20 -12.98
CA VAL A 4846 -6.60 84.32 -14.37
C VAL A 4846 -7.80 84.57 -15.26
N VAL A 4847 -8.86 83.78 -15.10
CA VAL A 4847 -10.03 83.92 -15.97
C VAL A 4847 -10.73 85.25 -15.71
N VAL A 4848 -10.81 85.66 -14.45
CA VAL A 4848 -11.36 86.97 -14.15
C VAL A 4848 -10.53 88.05 -14.82
N TYR A 4849 -9.20 87.88 -14.82
CA TYR A 4849 -8.34 88.86 -15.49
C TYR A 4849 -8.63 88.92 -16.98
N LEU A 4850 -8.80 87.76 -17.61
CA LEU A 4850 -9.09 87.77 -19.05
C LEU A 4850 -10.39 88.48 -19.34
N TYR A 4851 -11.43 88.22 -18.53
CA TYR A 4851 -12.69 88.92 -18.74
C TYR A 4851 -12.52 90.42 -18.51
N THR A 4852 -11.71 90.79 -17.52
CA THR A 4852 -11.46 92.20 -17.26
C THR A 4852 -10.79 92.86 -18.46
N VAL A 4853 -9.81 92.19 -19.05
CA VAL A 4853 -9.14 92.73 -20.23
C VAL A 4853 -10.13 92.87 -21.38
N VAL A 4854 -10.98 91.87 -21.60
CA VAL A 4854 -11.93 91.94 -22.69
C VAL A 4854 -12.85 93.15 -22.52
N ALA A 4855 -13.37 93.33 -21.30
CA ALA A 4855 -14.22 94.47 -21.03
C ALA A 4855 -13.47 95.78 -21.21
N PHE A 4856 -12.22 95.82 -20.75
CA PHE A 4856 -11.45 97.05 -20.79
C PHE A 4856 -11.10 97.44 -22.22
N ASN A 4857 -10.97 96.45 -23.10
CA ASN A 4857 -10.72 96.78 -24.50
C ASN A 4857 -11.99 97.20 -25.22
N PHE A 4858 -13.09 96.45 -25.05
CA PHE A 4858 -14.25 96.65 -25.91
C PHE A 4858 -15.48 97.21 -25.22
N PHE A 4859 -15.80 96.77 -24.01
CA PHE A 4859 -17.04 97.16 -23.35
C PHE A 4859 -16.86 98.30 -22.38
N ARG A 4860 -15.95 99.23 -22.67
CA ARG A 4860 -15.58 100.27 -21.70
C ARG A 4860 -16.77 101.17 -21.37
N LYS A 4861 -17.56 101.56 -22.38
CA LYS A 4861 -18.62 102.53 -22.16
C LYS A 4861 -19.69 101.99 -21.24
N PHE A 4862 -19.75 100.67 -21.09
CA PHE A 4862 -20.87 100.05 -20.38
C PHE A 4862 -20.78 100.25 -18.88
N TYR A 4863 -19.55 100.34 -18.35
CA TYR A 4863 -19.34 100.00 -16.95
C TYR A 4863 -19.68 101.16 -16.01
N ASN A 4864 -20.46 102.12 -16.47
CA ASN A 4864 -20.85 103.21 -15.58
C ASN A 4864 -21.92 102.73 -14.61
N LYS A 4865 -21.67 102.90 -13.31
CA LYS A 4865 -22.61 102.51 -12.28
C LYS A 4865 -23.14 103.71 -11.51
N SER A 4866 -22.79 104.93 -11.93
CA SER A 4866 -23.23 106.11 -11.21
C SER A 4866 -24.74 106.29 -11.35
N GLU A 4867 -25.39 106.61 -10.24
CA GLU A 4867 -26.84 106.84 -10.29
C GLU A 4867 -27.16 108.14 -11.00
N ASP A 4868 -26.40 109.20 -10.73
CA ASP A 4868 -26.62 110.50 -11.34
C ASP A 4868 -25.73 110.65 -12.57
N GLU A 4869 -26.19 111.46 -13.52
CA GLU A 4869 -25.41 111.70 -14.73
C GLU A 4869 -24.30 112.71 -14.49
N ASP A 4870 -24.52 113.65 -13.57
CA ASP A 4870 -23.57 114.74 -13.38
C ASP A 4870 -22.24 114.22 -12.82
N GLU A 4871 -22.31 113.29 -11.87
CA GLU A 4871 -21.10 112.68 -11.34
C GLU A 4871 -21.01 111.25 -11.84
N PRO A 4872 -20.31 110.99 -12.93
CA PRO A 4872 -20.26 109.63 -13.45
C PRO A 4872 -19.12 108.82 -12.87
N ASP A 4873 -19.30 107.51 -12.75
CA ASP A 4873 -18.22 106.62 -12.33
C ASP A 4873 -17.88 105.70 -13.48
N MET A 4874 -16.59 105.58 -13.77
CA MET A 4874 -16.09 104.66 -14.77
C MET A 4874 -15.30 103.58 -14.05
N LYS A 4875 -15.80 102.35 -14.09
CA LYS A 4875 -15.02 101.26 -13.53
C LYS A 4875 -13.71 101.09 -14.27
N CYS A 4876 -13.70 101.20 -15.59
CA CYS A 4876 -12.42 101.03 -16.24
C CYS A 4876 -12.22 101.92 -17.45
N ASP A 4877 -12.48 103.22 -17.28
CA ASP A 4877 -11.49 104.19 -17.73
C ASP A 4877 -10.22 104.05 -16.89
N ASP A 4878 -10.32 103.34 -15.76
CA ASP A 4878 -9.18 103.10 -14.89
C ASP A 4878 -8.94 101.60 -14.69
N MET A 4879 -7.66 101.20 -14.77
CA MET A 4879 -7.31 99.78 -14.77
C MET A 4879 -7.58 99.11 -13.42
N MET A 4880 -7.07 99.69 -12.33
CA MET A 4880 -7.33 99.12 -11.00
C MET A 4880 -8.81 98.95 -10.77
N THR A 4881 -9.60 99.93 -11.18
CA THR A 4881 -11.02 99.90 -10.88
C THR A 4881 -11.73 98.86 -11.75
N CYS A 4882 -11.34 98.73 -13.02
CA CYS A 4882 -11.85 97.61 -13.82
C CYS A 4882 -11.62 96.30 -13.11
N TYR A 4883 -10.37 96.04 -12.72
CA TYR A 4883 -10.09 94.74 -12.13
C TYR A 4883 -10.81 94.56 -10.80
N LEU A 4884 -10.77 95.58 -9.94
CA LEU A 4884 -11.36 95.48 -8.61
C LEU A 4884 -12.86 95.30 -8.69
N PHE A 4885 -13.55 96.17 -9.42
CA PHE A 4885 -14.97 95.99 -9.60
C PHE A 4885 -15.27 94.61 -10.15
N HIS A 4886 -14.53 94.21 -11.20
CA HIS A 4886 -14.82 92.94 -11.85
C HIS A 4886 -14.80 91.80 -10.85
N MET A 4887 -13.63 91.49 -10.26
CA MET A 4887 -13.59 90.28 -9.46
C MET A 4887 -14.44 90.45 -8.21
N TYR A 4888 -14.42 91.65 -7.60
CA TYR A 4888 -15.11 91.84 -6.34
C TYR A 4888 -16.61 91.62 -6.49
N VAL A 4889 -17.24 92.23 -7.50
CA VAL A 4889 -18.67 92.07 -7.62
C VAL A 4889 -19.01 90.73 -8.27
N GLY A 4890 -18.19 90.27 -9.23
CA GLY A 4890 -18.51 89.07 -9.95
C GLY A 4890 -18.46 87.83 -9.08
N VAL A 4891 -17.43 87.73 -8.23
CA VAL A 4891 -17.32 86.56 -7.37
C VAL A 4891 -18.52 86.45 -6.45
N ARG A 4892 -18.94 87.57 -5.85
CA ARG A 4892 -20.05 87.52 -4.92
C ARG A 4892 -21.37 87.29 -5.64
N ALA A 4893 -21.58 87.97 -6.76
CA ALA A 4893 -22.91 88.04 -7.35
C ALA A 4893 -23.35 86.69 -7.88
N GLY A 4894 -24.45 86.17 -7.32
CA GLY A 4894 -25.04 84.97 -7.87
C GLY A 4894 -25.59 85.21 -9.26
N GLY A 4895 -26.21 86.37 -9.48
CA GLY A 4895 -26.64 86.71 -10.82
C GLY A 4895 -25.48 87.01 -11.74
N GLY A 4896 -24.34 87.38 -11.17
CA GLY A 4896 -23.14 87.59 -11.96
C GLY A 4896 -22.96 89.03 -12.41
N ILE A 4897 -21.96 89.21 -13.27
CA ILE A 4897 -21.61 90.55 -13.74
C ILE A 4897 -22.77 91.16 -14.52
N GLY A 4898 -23.56 90.31 -15.19
CA GLY A 4898 -24.72 90.81 -15.90
C GLY A 4898 -25.72 91.47 -14.96
N ASP A 4899 -25.91 90.90 -13.77
CA ASP A 4899 -26.79 91.52 -12.79
C ASP A 4899 -26.27 92.89 -12.37
N GLU A 4900 -24.96 93.01 -12.19
CA GLU A 4900 -24.40 94.28 -11.74
C GLU A 4900 -24.50 95.35 -12.82
N ILE A 4901 -24.12 95.01 -14.05
CA ILE A 4901 -24.10 96.00 -15.12
C ILE A 4901 -25.49 96.11 -15.76
N GLU A 4902 -25.66 97.17 -16.55
CA GLU A 4902 -26.96 97.44 -17.16
C GLU A 4902 -27.26 96.43 -18.25
N ASP A 4903 -28.46 96.55 -18.83
CA ASP A 4903 -28.86 95.61 -19.86
C ASP A 4903 -28.10 95.88 -21.17
N PRO A 4904 -27.96 94.88 -22.03
CA PRO A 4904 -27.33 95.13 -23.34
C PRO A 4904 -28.29 95.73 -24.35
N ALA A 4905 -29.60 95.57 -24.14
CA ALA A 4905 -30.57 95.97 -25.15
C ALA A 4905 -30.46 97.46 -25.45
N GLY A 4906 -30.55 97.78 -26.73
CA GLY A 4906 -30.39 99.15 -27.18
C GLY A 4906 -29.03 99.48 -27.75
N ASP A 4907 -28.17 98.49 -27.96
CA ASP A 4907 -26.85 98.72 -28.51
C ASP A 4907 -26.54 97.67 -29.57
N GLU A 4908 -25.69 98.05 -30.52
CA GLU A 4908 -25.34 97.15 -31.61
C GLU A 4908 -24.46 96.01 -31.11
N TYR A 4909 -23.71 96.23 -30.04
CA TYR A 4909 -22.87 95.20 -29.44
C TYR A 4909 -23.61 94.35 -28.44
N GLU A 4910 -24.95 94.42 -28.40
CA GLU A 4910 -25.70 93.73 -27.37
C GLU A 4910 -25.52 92.23 -27.46
N LEU A 4911 -25.35 91.69 -28.67
CA LEU A 4911 -25.15 90.25 -28.81
C LEU A 4911 -23.84 89.83 -28.15
N TYR A 4912 -22.76 90.56 -28.43
CA TYR A 4912 -21.48 90.24 -27.79
C TYR A 4912 -21.54 90.45 -26.29
N ARG A 4913 -22.27 91.47 -25.83
CA ARG A 4913 -22.41 91.68 -24.40
C ARG A 4913 -23.13 90.50 -23.75
N VAL A 4914 -24.19 90.01 -24.40
CA VAL A 4914 -24.89 88.84 -23.89
C VAL A 4914 -23.96 87.65 -23.82
N VAL A 4915 -23.17 87.44 -24.87
CA VAL A 4915 -22.21 86.34 -24.86
C VAL A 4915 -21.24 86.50 -23.69
N PHE A 4916 -20.74 87.71 -23.49
CA PHE A 4916 -19.78 87.96 -22.42
C PHE A 4916 -20.36 87.64 -21.06
N ASP A 4917 -21.53 88.21 -20.75
CA ASP A 4917 -22.13 87.99 -19.44
C ASP A 4917 -22.50 86.53 -19.22
N ILE A 4918 -23.11 85.90 -20.24
CA ILE A 4918 -23.52 84.52 -20.09
C ILE A 4918 -22.32 83.61 -19.89
N THR A 4919 -21.24 83.84 -20.64
CA THR A 4919 -20.04 83.04 -20.48
C THR A 4919 -19.43 83.22 -19.10
N PHE A 4920 -19.34 84.47 -18.64
CA PHE A 4920 -18.79 84.70 -17.31
C PHE A 4920 -19.60 83.98 -16.26
N PHE A 4921 -20.93 84.12 -16.30
CA PHE A 4921 -21.77 83.48 -15.32
C PHE A 4921 -21.69 81.96 -15.43
N PHE A 4922 -21.54 81.45 -16.65
CA PHE A 4922 -21.64 80.02 -16.88
C PHE A 4922 -20.36 79.32 -16.41
N PHE A 4923 -19.20 79.89 -16.71
CA PHE A 4923 -17.95 79.26 -16.30
C PHE A 4923 -17.46 79.76 -14.96
N VAL A 4924 -17.20 81.06 -14.83
CA VAL A 4924 -16.44 81.56 -13.69
C VAL A 4924 -17.27 81.47 -12.41
N ILE A 4925 -18.53 81.86 -12.48
CA ILE A 4925 -19.27 82.13 -11.25
C ILE A 4925 -19.95 80.87 -10.71
N VAL A 4926 -20.38 79.98 -11.58
CA VAL A 4926 -21.10 78.79 -11.16
C VAL A 4926 -20.23 77.54 -11.25
N ILE A 4927 -19.60 77.29 -12.40
CA ILE A 4927 -18.81 76.07 -12.54
C ILE A 4927 -17.55 76.13 -11.70
N LEU A 4928 -16.78 77.22 -11.82
CA LEU A 4928 -15.50 77.28 -11.13
C LEU A 4928 -15.71 77.39 -9.62
N LEU A 4929 -16.63 78.25 -9.19
CA LEU A 4929 -16.96 78.31 -7.76
C LEU A 4929 -17.44 76.97 -7.26
N ALA A 4930 -18.24 76.27 -8.08
CA ALA A 4930 -18.72 74.95 -7.68
C ALA A 4930 -17.56 73.99 -7.49
N ILE A 4931 -16.59 74.00 -8.40
CA ILE A 4931 -15.46 73.08 -8.27
C ILE A 4931 -14.65 73.38 -7.02
N ILE A 4932 -14.35 74.66 -6.79
CA ILE A 4932 -13.48 74.97 -5.65
C ILE A 4932 -14.20 74.68 -4.34
N GLN A 4933 -15.51 74.96 -4.28
CA GLN A 4933 -16.27 74.63 -3.08
C GLN A 4933 -16.36 73.12 -2.88
N GLY A 4934 -16.61 72.40 -3.97
CA GLY A 4934 -16.69 70.95 -3.89
C GLY A 4934 -15.39 70.35 -3.38
N LEU A 4935 -14.26 70.91 -3.80
CA LEU A 4935 -12.99 70.39 -3.35
C LEU A 4935 -12.90 70.38 -1.83
N ILE A 4936 -13.23 71.49 -1.18
CA ILE A 4936 -13.11 71.52 0.28
C ILE A 4936 -14.16 70.65 0.94
N ILE A 4937 -15.40 70.65 0.43
CA ILE A 4937 -16.42 69.88 1.13
C ILE A 4937 -16.13 68.39 1.02
N ASP A 4938 -15.75 67.91 -0.16
CA ASP A 4938 -15.47 66.48 -0.27
C ASP A 4938 -14.13 66.14 0.37
N ALA A 4939 -13.26 67.13 0.55
CA ALA A 4939 -12.08 66.90 1.38
C ALA A 4939 -12.47 66.58 2.81
N PHE A 4940 -13.39 67.38 3.37
CA PHE A 4940 -13.90 67.05 4.70
C PHE A 4940 -14.59 65.69 4.73
N GLY A 4941 -15.41 65.42 3.72
CA GLY A 4941 -16.07 64.13 3.66
C GLY A 4941 -15.07 62.99 3.62
N GLU A 4942 -14.00 63.15 2.85
CA GLU A 4942 -12.97 62.14 2.76
C GLU A 4942 -12.27 61.95 4.09
N LEU A 4943 -11.98 63.05 4.79
CA LEU A 4943 -11.33 62.93 6.10
C LEU A 4943 -12.23 62.16 7.06
N ARG A 4944 -13.51 62.52 7.13
CA ARG A 4944 -14.43 61.85 8.03
C ARG A 4944 -14.54 60.37 7.70
N ASP A 4945 -14.67 60.05 6.41
CA ASP A 4945 -14.78 58.64 6.05
C ASP A 4945 -13.47 57.90 6.28
N GLN A 4946 -12.34 58.62 6.26
CA GLN A 4946 -11.09 57.98 6.70
C GLN A 4946 -11.17 57.58 8.16
N GLN A 4947 -11.69 58.46 9.01
CA GLN A 4947 -11.84 58.09 10.41
C GLN A 4947 -12.74 56.87 10.56
N GLU A 4948 -13.89 56.90 9.90
CA GLU A 4948 -14.83 55.79 9.98
C GLU A 4948 -14.21 54.51 9.44
N GLN A 4949 -13.47 54.61 8.33
CA GLN A 4949 -12.87 53.44 7.72
C GLN A 4949 -11.78 52.87 8.60
N VAL A 4950 -11.02 53.74 9.28
CA VAL A 4950 -10.00 53.27 10.20
C VAL A 4950 -10.64 52.49 11.33
N LYS A 4951 -11.72 53.04 11.90
CA LYS A 4951 -12.42 52.31 12.95
C LYS A 4951 -12.92 50.97 12.45
N GLU A 4952 -13.57 50.97 11.28
CA GLU A 4952 -14.15 49.76 10.74
C GLU A 4952 -13.08 48.71 10.46
N ASP A 4953 -11.97 49.11 9.86
CA ASP A 4953 -10.88 48.17 9.59
C ASP A 4953 -10.30 47.64 10.89
N MET A 4954 -10.19 48.49 11.91
CA MET A 4954 -9.64 48.03 13.18
C MET A 4954 -10.51 46.94 13.75
N GLU A 4955 -11.84 47.11 13.68
CA GLU A 4955 -12.73 46.04 14.12
C GLU A 4955 -12.70 44.85 13.18
N THR A 4956 -12.37 45.08 11.91
CA THR A 4956 -12.46 44.00 10.92
C THR A 4956 -11.21 43.13 10.94
N LYS A 4957 -10.13 43.63 11.51
CA LYS A 4957 -8.84 42.97 11.40
C LYS A 4957 -8.19 42.90 12.77
N CYS A 4958 -7.49 41.80 13.03
CA CYS A 4958 -6.68 41.72 14.22
C CYS A 4958 -5.38 42.49 13.99
N PHE A 4959 -5.10 43.43 14.90
CA PHE A 4959 -4.03 44.40 14.66
C PHE A 4959 -2.68 43.74 14.50
N ILE A 4960 -2.38 42.73 15.32
CA ILE A 4960 -1.10 42.06 15.25
C ILE A 4960 -1.16 40.87 14.29
N CYS A 4961 -2.26 40.12 14.32
CA CYS A 4961 -2.42 39.00 13.38
C CYS A 4961 -2.34 39.46 11.94
N GLY A 4962 -3.07 40.53 11.61
CA GLY A 4962 -3.29 40.82 10.21
C GLY A 4962 -4.11 39.75 9.53
N ILE A 4963 -4.94 39.04 10.29
CA ILE A 4963 -5.68 37.89 9.80
C ILE A 4963 -7.17 38.17 9.95
N GLY A 4964 -7.94 37.74 8.96
CA GLY A 4964 -9.33 38.12 8.89
C GLY A 4964 -10.09 37.73 10.15
N SER A 4965 -10.86 38.68 10.68
CA SER A 4965 -11.68 38.43 11.86
C SER A 4965 -12.67 37.30 11.61
N ASP A 4966 -13.01 37.08 10.34
CA ASP A 4966 -13.98 36.03 9.99
C ASP A 4966 -13.48 34.65 10.40
N TYR A 4967 -12.20 34.36 10.14
CA TYR A 4967 -11.67 33.04 10.44
C TYR A 4967 -11.81 32.72 11.91
N PHE A 4968 -11.47 33.68 12.78
CA PHE A 4968 -11.75 33.51 14.20
C PHE A 4968 -13.24 33.41 14.44
N ASP A 4969 -14.04 34.18 13.70
CA ASP A 4969 -15.44 34.36 14.02
C ASP A 4969 -16.29 33.16 13.64
N THR A 4970 -15.70 32.14 13.02
CA THR A 4970 -16.46 30.90 12.81
C THR A 4970 -16.93 30.32 14.14
N THR A 4971 -16.06 30.32 15.15
CA THR A 4971 -16.52 30.12 16.51
C THR A 4971 -17.20 31.39 16.99
N PRO A 4972 -18.20 31.27 17.88
CA PRO A 4972 -18.89 32.46 18.37
C PRO A 4972 -17.92 33.43 19.04
N HIS A 4973 -18.11 34.72 18.76
CA HIS A 4973 -17.20 35.80 19.14
C HIS A 4973 -15.74 35.37 19.07
N GLY A 4974 -15.38 34.66 17.99
CA GLY A 4974 -14.01 34.19 17.86
C GLY A 4974 -13.02 35.33 17.73
N PHE A 4975 -13.37 36.33 16.92
CA PHE A 4975 -12.50 37.50 16.81
C PHE A 4975 -12.42 38.23 18.15
N GLU A 4976 -13.54 38.30 18.87
CA GLU A 4976 -13.50 38.92 20.18
C GLU A 4976 -12.53 38.20 21.10
N THR A 4977 -12.56 36.87 21.09
CA THR A 4977 -11.61 36.11 21.88
C THR A 4977 -10.18 36.39 21.43
N HIS A 4978 -9.96 36.39 20.12
CA HIS A 4978 -8.63 36.71 19.61
C HIS A 4978 -8.13 38.04 20.16
N THR A 4979 -9.00 39.04 20.19
CA THR A 4979 -8.59 40.35 20.68
C THR A 4979 -8.32 40.33 22.17
N LEU A 4980 -9.23 39.77 22.97
CA LEU A 4980 -9.09 39.92 24.42
C LEU A 4980 -8.00 39.03 24.98
N GLU A 4981 -7.92 37.77 24.53
CA GLU A 4981 -6.91 36.89 25.12
C GLU A 4981 -5.75 36.61 24.17
N GLU A 4982 -6.06 36.15 22.96
CA GLU A 4982 -5.03 35.63 22.08
C GLU A 4982 -4.00 36.70 21.70
N HIS A 4983 -4.48 37.84 21.21
CA HIS A 4983 -3.61 38.84 20.60
C HIS A 4983 -3.90 40.26 21.08
N ASN A 4984 -4.02 40.47 22.39
CA ASN A 4984 -4.29 41.81 22.88
C ASN A 4984 -3.04 42.68 22.83
N LEU A 4985 -3.18 43.86 22.23
CA LEU A 4985 -2.05 44.78 22.19
C LEU A 4985 -1.68 45.25 23.60
N ALA A 4986 -2.68 45.34 24.48
CA ALA A 4986 -2.39 45.61 25.87
C ALA A 4986 -1.56 44.49 26.47
N ASN A 4987 -1.88 43.23 26.12
CA ASN A 4987 -1.06 42.12 26.57
C ASN A 4987 0.37 42.24 26.06
N TYR A 4988 0.52 42.67 24.80
CA TYR A 4988 1.87 42.84 24.25
C TYR A 4988 2.65 43.88 25.04
N MET A 4989 2.05 45.05 25.27
CA MET A 4989 2.77 46.10 25.99
C MET A 4989 3.04 45.68 27.42
N PHE A 4990 2.10 44.98 28.04
CA PHE A 4990 2.31 44.49 29.40
C PHE A 4990 3.47 43.50 29.45
N PHE A 4991 3.54 42.61 28.46
CA PHE A 4991 4.67 41.68 28.39
C PHE A 4991 5.97 42.44 28.23
N LEU A 4992 5.96 43.51 27.43
CA LEU A 4992 7.18 44.28 27.24
C LEU A 4992 7.65 44.90 28.56
N MET A 4993 6.72 45.54 29.29
CA MET A 4993 7.15 46.16 30.56
C MET A 4993 7.58 45.09 31.55
N TYR A 4994 6.90 43.94 31.55
CA TYR A 4994 7.32 42.85 32.43
C TYR A 4994 8.73 42.41 32.10
N LEU A 4995 9.05 42.31 30.81
CA LEU A 4995 10.41 41.96 30.39
C LEU A 4995 11.40 42.99 30.89
N ILE A 4996 11.05 44.27 30.82
CA ILE A 4996 11.94 45.32 31.31
C ILE A 4996 12.16 45.16 32.80
N ASN A 4997 11.10 44.90 33.56
CA ASN A 4997 11.21 44.86 35.01
C ASN A 4997 11.99 43.62 35.49
N LYS A 4998 11.67 42.46 34.94
CA LYS A 4998 12.28 41.22 35.44
C LYS A 4998 13.77 41.19 35.13
N ASP A 4999 14.53 40.56 36.01
CA ASP A 4999 15.96 40.40 35.80
C ASP A 4999 16.21 39.45 34.63
N GLU A 5000 17.23 39.76 33.83
CA GLU A 5000 17.50 38.96 32.63
C GLU A 5000 17.94 37.55 33.00
N THR A 5001 18.69 37.39 34.08
CA THR A 5001 19.07 36.05 34.51
C THR A 5001 17.84 35.23 34.90
N GLU A 5002 16.85 35.88 35.49
CA GLU A 5002 15.63 35.17 35.87
C GLU A 5002 14.70 34.99 34.67
N HIS A 5003 14.96 35.72 33.59
CA HIS A 5003 14.17 35.57 32.38
C HIS A 5003 14.22 34.12 31.90
N THR A 5004 13.06 33.63 31.44
CA THR A 5004 13.01 32.28 30.88
C THR A 5004 13.84 32.21 29.61
N GLY A 5005 13.91 31.01 29.03
CA GLY A 5005 14.60 30.87 27.77
C GLY A 5005 13.98 31.70 26.68
N GLN A 5006 12.65 31.58 26.51
CA GLN A 5006 11.97 32.38 25.50
C GLN A 5006 11.95 33.85 25.89
N GLU A 5007 11.86 34.13 27.19
CA GLU A 5007 11.90 35.52 27.62
C GLU A 5007 13.21 36.17 27.22
N SER A 5008 14.33 35.49 27.48
CA SER A 5008 15.62 36.02 27.08
C SER A 5008 15.74 36.08 25.57
N TYR A 5009 15.14 35.13 24.87
CA TYR A 5009 15.16 35.17 23.41
C TYR A 5009 14.46 36.42 22.89
N VAL A 5010 13.28 36.72 23.43
CA VAL A 5010 12.55 37.92 23.00
C VAL A 5010 13.32 39.17 23.39
N TRP A 5011 13.93 39.17 24.57
CA TRP A 5011 14.70 40.35 24.98
C TRP A 5011 15.88 40.58 24.05
N LYS A 5012 16.61 39.53 23.70
CA LYS A 5012 17.70 39.66 22.76
C LYS A 5012 17.20 40.12 21.41
N MET A 5013 16.03 39.63 21.01
CA MET A 5013 15.46 40.04 19.74
C MET A 5013 15.14 41.54 19.76
N TYR A 5014 14.80 42.06 20.93
CA TYR A 5014 14.46 43.50 20.96
C TYR A 5014 15.75 44.25 20.93
N GLN A 5015 16.74 43.76 21.64
CA GLN A 5015 18.03 44.44 21.57
C GLN A 5015 18.53 44.48 20.14
N GLU A 5016 18.30 43.42 19.38
CA GLU A 5016 18.70 43.40 17.97
C GLU A 5016 17.87 44.37 17.16
N ARG A 5017 16.74 44.81 17.71
CA ARG A 5017 15.76 45.70 17.09
C ARG A 5017 15.05 45.05 15.91
N CYS A 5018 15.36 43.80 15.57
CA CYS A 5018 14.56 43.07 14.60
C CYS A 5018 13.21 42.76 15.21
N TRP A 5019 12.19 42.66 14.37
CA TRP A 5019 10.82 42.49 14.84
C TRP A 5019 10.18 41.19 14.38
N ASP A 5020 10.98 40.18 14.05
CA ASP A 5020 10.42 38.92 13.58
C ASP A 5020 9.64 38.21 14.69
N PHE A 5021 9.97 38.51 15.94
CA PHE A 5021 9.35 37.82 17.07
C PHE A 5021 7.84 38.00 17.07
N PHE A 5022 7.38 39.17 16.67
CA PHE A 5022 5.95 39.37 16.57
C PHE A 5022 5.35 38.45 15.51
N PRO A 5023 4.31 37.70 15.85
CA PRO A 5023 3.70 36.80 14.86
C PRO A 5023 3.15 37.57 13.67
N ALA A 5024 3.24 36.96 12.50
CA ALA A 5024 2.75 37.55 11.27
C ALA A 5024 1.98 36.51 10.48
N GLY A 5025 0.73 36.82 10.14
CA GLY A 5025 -0.07 35.95 9.31
C GLY A 5025 -0.26 34.55 9.86
N ASP A 5026 -0.15 34.39 11.18
CA ASP A 5026 -0.34 33.09 11.80
C ASP A 5026 -1.00 33.28 13.15
N CYS A 5027 -1.68 32.24 13.61
CA CYS A 5027 -2.34 32.25 14.91
C CYS A 5027 -2.17 30.89 15.57
N PHE A 5028 -2.29 30.90 16.90
CA PHE A 5028 -2.17 29.66 17.65
C PHE A 5028 -3.14 28.61 17.13
N ARG A 5029 -4.37 29.01 16.84
CA ARG A 5029 -5.35 28.04 16.36
C ARG A 5029 -4.96 27.48 15.01
N LYS A 5030 -4.89 28.34 13.99
CA LYS A 5030 -4.74 27.84 12.63
C LYS A 5030 -3.41 27.12 12.46
N GLN A 5031 -2.39 27.48 13.24
CA GLN A 5031 -1.13 26.74 13.14
C GLN A 5031 -1.28 25.38 13.80
N TYR A 5032 -2.19 25.27 14.78
CA TYR A 5032 -2.48 24.02 15.46
C TYR A 5032 -3.82 23.43 15.03
N GLU A 5033 -4.52 24.05 14.09
CA GLU A 5033 -5.91 23.70 13.82
C GLU A 5033 -6.08 22.21 13.52
N ASP A 5034 -5.21 21.66 12.68
CA ASP A 5034 -5.37 20.28 12.24
C ASP A 5034 -5.42 19.31 13.41
N GLN A 5035 -4.69 19.62 14.49
CA GLN A 5035 -4.63 18.70 15.62
C GLN A 5035 -5.62 19.11 16.69
N LEU A 5036 -5.70 20.40 17.00
CA LEU A 5036 -6.59 20.88 18.04
C LEU A 5036 -8.05 20.60 17.70
N SER A 5037 -8.43 20.84 16.45
CA SER A 5037 -9.82 20.69 16.00
C SER A 5037 -10.81 21.39 16.93
N GLY B 2 103.45 -1.23 76.69
CA GLY B 2 102.11 -0.67 76.77
C GLY B 2 102.08 0.83 76.61
N VAL B 3 102.73 1.54 77.52
CA VAL B 3 102.86 2.99 77.47
C VAL B 3 104.34 3.32 77.41
N GLN B 4 104.74 4.08 76.38
CA GLN B 4 106.10 4.54 76.21
C GLN B 4 106.10 6.06 76.18
N VAL B 5 107.05 6.66 76.89
CA VAL B 5 107.09 8.10 77.11
C VAL B 5 108.40 8.64 76.58
N GLU B 6 108.32 9.70 75.78
CA GLU B 6 109.49 10.42 75.30
C GLU B 6 109.21 11.92 75.44
N THR B 7 110.26 12.69 75.66
CA THR B 7 110.13 14.12 75.91
C THR B 7 110.69 14.90 74.72
N ILE B 8 109.93 15.89 74.26
CA ILE B 8 110.45 16.78 73.23
C ILE B 8 111.16 17.97 73.87
N SER B 9 110.56 18.56 74.90
CA SER B 9 111.17 19.65 75.63
C SER B 9 111.22 19.30 77.11
N PRO B 10 112.28 19.68 77.82
CA PRO B 10 112.37 19.34 79.25
C PRO B 10 111.35 20.12 80.07
N GLY B 11 110.95 19.54 81.19
CA GLY B 11 110.09 20.24 82.12
C GLY B 11 110.82 20.60 83.40
N ASP B 12 110.09 21.24 84.32
CA ASP B 12 110.68 21.63 85.60
C ASP B 12 111.13 20.40 86.39
N GLY B 13 110.30 19.37 86.43
CA GLY B 13 110.59 18.18 87.21
C GLY B 13 110.38 18.33 88.70
N ARG B 14 110.51 19.55 89.23
CA ARG B 14 110.19 19.80 90.64
C ARG B 14 108.70 19.69 90.91
N THR B 15 107.86 19.79 89.89
CA THR B 15 106.42 19.62 90.02
C THR B 15 106.00 18.47 89.14
N PHE B 16 105.14 17.61 89.67
CA PHE B 16 104.69 16.40 89.01
C PHE B 16 103.18 16.25 89.12
N PRO B 17 102.57 15.48 88.24
CA PRO B 17 101.16 15.13 88.44
C PRO B 17 101.00 14.22 89.65
N LYS B 18 100.27 14.69 90.65
CA LYS B 18 99.77 13.84 91.73
C LYS B 18 98.30 13.53 91.43
N ARG B 19 97.91 12.29 91.65
CA ARG B 19 96.51 11.92 91.44
C ARG B 19 95.62 12.67 92.43
N GLY B 20 94.59 13.34 91.91
CA GLY B 20 93.61 13.97 92.76
C GLY B 20 93.27 15.41 92.47
N GLN B 21 93.97 16.09 91.56
CA GLN B 21 93.62 17.45 91.18
C GLN B 21 93.39 17.47 89.67
N THR B 22 92.49 18.35 89.23
CA THR B 22 92.30 18.54 87.80
C THR B 22 93.55 19.16 87.19
N CYS B 23 93.88 18.71 85.99
CA CYS B 23 95.05 19.17 85.25
C CYS B 23 94.60 19.60 83.87
N VAL B 24 95.16 20.71 83.38
CA VAL B 24 94.84 21.22 82.05
C VAL B 24 95.99 20.85 81.11
N VAL B 25 95.64 20.26 79.96
CA VAL B 25 96.62 19.84 78.98
C VAL B 25 96.16 20.22 77.59
N HIS B 26 97.13 20.36 76.68
CA HIS B 26 96.85 20.68 75.29
C HIS B 26 97.51 19.61 74.44
N TYR B 27 96.72 18.94 73.60
CA TYR B 27 97.15 17.69 72.97
C TYR B 27 96.76 17.66 71.51
N THR B 28 97.46 16.83 70.75
CA THR B 28 97.13 16.53 69.36
C THR B 28 97.15 15.02 69.17
N GLY B 29 95.98 14.41 69.04
CA GLY B 29 95.86 12.98 68.85
C GLY B 29 95.93 12.62 67.38
N MET B 30 96.90 11.78 67.04
CA MET B 30 97.10 11.33 65.68
C MET B 30 97.31 9.82 65.65
N LEU B 31 97.07 9.23 64.47
CA LEU B 31 97.16 7.80 64.32
C LEU B 31 98.62 7.35 64.27
N GLU B 32 98.81 6.06 63.97
CA GLU B 32 100.15 5.49 64.00
C GLU B 32 100.94 5.92 62.76
N ASP B 33 100.28 5.97 61.60
CA ASP B 33 100.94 6.45 60.40
C ASP B 33 101.21 7.94 60.44
N GLY B 34 100.61 8.66 61.38
CA GLY B 34 100.72 10.10 61.45
C GLY B 34 99.45 10.85 61.15
N LYS B 35 98.39 10.15 60.73
CA LYS B 35 97.12 10.81 60.45
C LYS B 35 96.55 11.40 61.73
N LYS B 36 96.21 12.69 61.68
CA LYS B 36 95.71 13.41 62.84
C LYS B 36 94.19 13.24 62.91
N PHE B 37 93.71 12.82 64.08
CA PHE B 37 92.26 12.67 64.25
C PHE B 37 91.71 13.72 65.23
N ASP B 38 92.53 14.15 66.19
CA ASP B 38 92.08 15.14 67.17
C ASP B 38 93.26 16.04 67.53
N SER B 39 92.98 17.33 67.67
CA SER B 39 93.98 18.30 68.09
C SER B 39 93.31 19.36 68.94
N SER B 40 93.64 19.37 70.24
CA SER B 40 93.14 20.43 71.11
C SER B 40 93.63 21.79 70.65
N ARG B 41 94.85 21.84 70.10
CA ARG B 41 95.40 23.10 69.60
C ARG B 41 94.49 23.68 68.53
N ASP B 42 93.90 22.83 67.70
CA ASP B 42 92.92 23.31 66.74
C ASP B 42 91.73 23.94 67.45
N ARG B 43 91.41 23.46 68.65
CA ARG B 43 90.28 24.00 69.38
C ARG B 43 90.68 25.20 70.21
N ASN B 44 91.98 25.44 70.36
CA ASN B 44 92.58 26.59 71.04
C ASN B 44 92.27 26.62 72.53
N LYS B 45 91.48 25.68 73.04
CA LYS B 45 91.28 25.56 74.47
C LYS B 45 91.88 24.25 74.95
N PRO B 46 92.70 24.28 76.00
CA PRO B 46 93.31 23.04 76.49
C PRO B 46 92.26 22.13 77.10
N PHE B 47 92.57 20.84 77.13
CA PHE B 47 91.62 19.85 77.61
C PHE B 47 91.74 19.70 79.12
N LYS B 48 90.59 19.60 79.80
CA LYS B 48 90.52 19.50 81.25
C LYS B 48 90.28 18.05 81.65
N PHE B 49 91.04 17.59 82.65
CA PHE B 49 90.85 16.26 83.23
C PHE B 49 91.31 16.32 84.67
N MET B 50 90.82 15.37 85.48
CA MET B 50 91.26 15.26 86.87
C MET B 50 91.75 13.83 87.07
N LEU B 51 92.97 13.69 87.62
CA LEU B 51 93.64 12.40 87.63
C LEU B 51 92.95 11.39 88.55
N GLY B 52 92.65 10.23 87.99
CA GLY B 52 92.06 9.15 88.75
C GLY B 52 90.57 8.98 88.57
N LYS B 53 89.89 9.91 87.91
CA LYS B 53 88.46 9.73 87.67
C LYS B 53 88.21 8.68 86.59
N GLN B 54 89.23 8.40 85.78
CA GLN B 54 89.21 7.43 84.69
C GLN B 54 88.24 7.85 83.59
N GLU B 55 87.86 9.13 83.54
CA GLU B 55 87.05 9.60 82.42
C GLU B 55 87.84 9.52 81.11
N VAL B 56 89.15 9.64 81.20
CA VAL B 56 90.03 9.52 80.05
C VAL B 56 90.50 8.07 79.90
N ILE B 57 90.93 7.74 78.68
CA ILE B 57 91.59 6.46 78.43
C ILE B 57 92.56 6.13 79.56
N ARG B 58 92.46 4.89 80.05
CA ARG B 58 93.23 4.49 81.22
C ARG B 58 94.73 4.53 80.95
N GLY B 59 95.15 4.15 79.75
CA GLY B 59 96.56 4.20 79.43
C GLY B 59 97.11 5.62 79.43
N TRP B 60 96.30 6.57 78.96
CA TRP B 60 96.77 7.94 78.86
C TRP B 60 96.94 8.53 80.26
N GLU B 61 96.04 8.15 81.18
CA GLU B 61 96.04 8.69 82.54
C GLU B 61 97.35 8.38 83.25
N GLU B 62 97.75 7.10 83.27
CA GLU B 62 99.05 6.76 83.82
C GLU B 62 100.16 7.40 83.02
N GLY B 63 100.01 7.44 81.69
CA GLY B 63 101.07 7.97 80.85
C GLY B 63 101.34 9.45 81.10
N VAL B 64 100.32 10.18 81.53
CA VAL B 64 100.53 11.59 81.89
C VAL B 64 101.30 11.71 83.20
N ALA B 65 101.09 10.76 84.11
CA ALA B 65 101.57 10.91 85.49
C ALA B 65 103.08 11.08 85.55
N GLN B 66 103.83 10.26 84.79
CA GLN B 66 105.28 10.34 84.87
C GLN B 66 105.80 11.60 84.20
N MET B 67 104.94 12.31 83.47
CA MET B 67 105.41 13.41 82.65
C MET B 67 105.35 14.71 83.44
N SER B 68 106.48 15.42 83.46
CA SER B 68 106.57 16.61 84.30
C SER B 68 105.80 17.78 83.70
N VAL B 69 105.53 18.78 84.54
CA VAL B 69 104.77 19.94 84.11
C VAL B 69 105.63 20.79 83.19
N GLY B 70 105.00 21.37 82.18
CA GLY B 70 105.72 22.17 81.20
C GLY B 70 106.70 21.39 80.36
N GLN B 71 106.55 20.08 80.29
CA GLN B 71 107.49 19.22 79.57
C GLN B 71 106.78 18.63 78.36
N ARG B 72 107.21 19.05 77.17
CA ARG B 72 106.57 18.62 75.93
C ARG B 72 106.80 17.13 75.74
N ALA B 73 105.72 16.40 75.49
CA ALA B 73 105.72 14.95 75.65
C ALA B 73 105.46 14.27 74.32
N LYS B 74 106.05 13.08 74.19
CA LYS B 74 105.86 12.21 73.05
C LYS B 74 105.44 10.85 73.59
N LEU B 75 104.15 10.52 73.45
CA LEU B 75 103.54 9.40 74.15
C LEU B 75 102.88 8.46 73.16
N THR B 76 103.01 7.16 73.41
CA THR B 76 102.38 6.12 72.60
C THR B 76 101.56 5.22 73.52
N ILE B 77 100.41 4.75 73.02
CA ILE B 77 99.51 3.89 73.77
C ILE B 77 99.36 2.57 73.03
N SER B 78 99.51 1.46 73.75
CA SER B 78 99.21 0.15 73.18
C SER B 78 97.71 -0.09 73.21
N PRO B 79 97.19 -0.93 72.30
CA PRO B 79 95.73 -1.09 72.21
C PRO B 79 95.09 -1.53 73.52
N ASP B 80 95.76 -2.39 74.28
CA ASP B 80 95.20 -2.80 75.56
C ASP B 80 95.04 -1.61 76.52
N TYR B 81 96.02 -0.72 76.57
CA TYR B 81 95.82 0.55 77.27
C TYR B 81 94.93 1.49 76.46
N ALA B 82 94.87 1.31 75.14
CA ALA B 82 94.07 2.16 74.27
C ALA B 82 92.65 1.59 74.17
N TYR B 83 91.90 2.05 73.17
CA TYR B 83 90.52 1.61 72.99
C TYR B 83 90.44 0.10 72.78
N GLY B 84 91.48 -0.50 72.23
CA GLY B 84 91.57 -1.94 72.17
C GLY B 84 90.84 -2.56 71.00
N ALA B 85 90.44 -3.82 71.21
CA ALA B 85 89.84 -4.61 70.13
C ALA B 85 88.57 -3.96 69.60
N THR B 86 87.72 -3.45 70.50
CA THR B 86 86.54 -2.74 70.05
C THR B 86 86.91 -1.45 69.33
N GLY B 87 87.93 -0.75 69.83
CA GLY B 87 88.31 0.51 69.23
C GLY B 87 87.25 1.57 69.43
N HIS B 88 87.47 2.72 68.80
CA HIS B 88 86.49 3.78 68.83
C HIS B 88 85.62 3.69 67.59
N PRO B 89 84.30 3.58 67.73
CA PRO B 89 83.43 3.58 66.55
C PRO B 89 83.67 4.81 65.69
N GLY B 90 84.18 4.59 64.48
CA GLY B 90 84.37 5.66 63.52
C GLY B 90 85.72 6.31 63.54
N ILE B 91 86.21 6.69 64.73
CA ILE B 91 87.41 7.51 64.79
C ILE B 91 88.67 6.65 64.78
N ILE B 92 88.78 5.72 65.73
CA ILE B 92 89.97 4.87 65.81
C ILE B 92 89.64 3.47 65.33
N PRO B 93 90.43 2.91 64.41
CA PRO B 93 90.18 1.55 63.94
C PRO B 93 90.38 0.54 65.06
N PRO B 94 89.70 -0.60 64.99
CA PRO B 94 89.77 -1.57 66.09
C PRO B 94 91.17 -2.15 66.27
N HIS B 95 91.48 -2.46 67.53
CA HIS B 95 92.69 -3.21 67.91
C HIS B 95 93.96 -2.57 67.32
N ALA B 96 94.05 -1.26 67.41
CA ALA B 96 95.20 -0.51 66.92
C ALA B 96 95.82 0.27 68.07
N THR B 97 97.11 0.55 67.96
CA THR B 97 97.78 1.38 68.95
C THR B 97 97.31 2.83 68.82
N LEU B 98 97.88 3.72 69.62
CA LEU B 98 97.50 5.12 69.60
C LEU B 98 98.65 5.98 70.10
N VAL B 99 98.77 7.19 69.55
CA VAL B 99 99.89 8.09 69.81
C VAL B 99 99.34 9.48 70.10
N PHE B 100 99.88 10.13 71.13
CA PHE B 100 99.54 11.51 71.46
C PHE B 100 100.79 12.32 71.76
N ASP B 101 100.61 13.62 71.98
CA ASP B 101 101.62 14.49 72.55
C ASP B 101 100.94 15.37 73.60
N VAL B 102 101.46 15.34 74.83
CA VAL B 102 100.77 15.93 75.97
C VAL B 102 101.54 17.15 76.44
N GLU B 103 100.83 18.26 76.58
CA GLU B 103 101.37 19.50 77.15
C GLU B 103 100.73 19.74 78.50
N LEU B 104 101.47 19.45 79.57
CA LEU B 104 100.94 19.68 80.92
C LEU B 104 101.12 21.16 81.25
N LEU B 105 100.11 21.95 80.90
CA LEU B 105 100.20 23.39 81.12
C LEU B 105 100.23 23.74 82.61
N LYS B 106 99.23 23.28 83.36
CA LYS B 106 99.10 23.71 84.75
C LYS B 106 98.02 22.87 85.40
N LEU B 107 98.21 22.57 86.68
CA LEU B 107 97.35 21.67 87.43
C LEU B 107 96.57 22.45 88.47
N GLU B 108 95.26 22.20 88.55
CA GLU B 108 94.45 22.74 89.63
C GLU B 108 94.43 21.79 90.82
N GLY C 2 84.09 -17.91 -94.17
CA GLY C 2 84.76 -16.71 -93.70
C GLY C 2 84.22 -15.44 -94.33
N VAL C 3 85.01 -14.83 -95.21
CA VAL C 3 84.63 -13.62 -95.93
C VAL C 3 84.70 -13.92 -97.43
N GLN C 4 83.60 -13.68 -98.12
CA GLN C 4 83.52 -13.87 -99.57
C GLN C 4 83.11 -12.56 -100.20
N VAL C 5 83.72 -12.22 -101.34
CA VAL C 5 83.54 -10.94 -101.99
C VAL C 5 83.08 -11.18 -103.42
N GLU C 6 82.04 -10.47 -103.83
CA GLU C 6 81.63 -10.42 -105.23
C GLU C 6 81.32 -8.96 -105.54
N THR C 7 81.74 -8.50 -106.70
CA THR C 7 81.67 -7.08 -107.06
C THR C 7 80.55 -6.85 -108.05
N ILE C 8 79.78 -5.78 -107.84
CA ILE C 8 78.75 -5.41 -108.79
C ILE C 8 79.24 -4.30 -109.71
N SER C 9 79.65 -3.17 -109.15
CA SER C 9 80.21 -2.10 -109.96
C SER C 9 81.72 -2.14 -109.87
N PRO C 10 82.43 -1.88 -110.97
CA PRO C 10 83.89 -1.91 -110.92
C PRO C 10 84.46 -0.72 -110.16
N GLY C 11 85.60 -0.94 -109.52
CA GLY C 11 86.34 0.16 -108.94
C GLY C 11 87.50 0.57 -109.82
N ASP C 12 88.16 1.66 -109.43
CA ASP C 12 89.30 2.13 -110.21
C ASP C 12 90.44 1.12 -110.17
N GLY C 13 90.61 0.43 -109.05
CA GLY C 13 91.69 -0.52 -108.90
C GLY C 13 93.04 0.09 -108.62
N ARG C 14 93.27 1.33 -109.03
CA ARG C 14 94.51 2.02 -108.74
C ARG C 14 94.57 2.58 -107.32
N THR C 15 93.42 2.67 -106.65
CA THR C 15 93.35 3.19 -105.29
C THR C 15 92.68 2.16 -104.40
N PHE C 16 93.18 2.02 -103.18
CA PHE C 16 92.76 1.00 -102.25
C PHE C 16 92.81 1.54 -100.82
N PRO C 17 92.16 0.87 -99.87
CA PRO C 17 92.29 1.31 -98.48
C PRO C 17 93.71 1.15 -97.96
N LYS C 18 94.11 2.05 -97.08
CA LYS C 18 95.39 1.97 -96.39
C LYS C 18 95.15 1.59 -94.93
N ARG C 19 95.95 0.66 -94.42
CA ARG C 19 95.92 0.34 -93.01
C ARG C 19 96.22 1.58 -92.18
N GLY C 20 95.31 1.93 -91.29
CA GLY C 20 95.44 3.13 -90.50
C GLY C 20 94.92 4.39 -91.16
N GLN C 21 94.22 4.27 -92.28
CA GLN C 21 93.67 5.41 -92.98
C GLN C 21 92.16 5.23 -93.10
N THR C 22 91.40 6.21 -92.62
CA THR C 22 89.95 6.05 -92.53
C THR C 22 89.29 6.29 -93.87
N CYS C 23 88.21 5.56 -94.12
CA CYS C 23 87.44 5.68 -95.35
C CYS C 23 85.97 5.75 -95.01
N VAL C 24 85.23 6.57 -95.75
CA VAL C 24 83.79 6.70 -95.59
C VAL C 24 83.13 5.66 -96.48
N VAL C 25 82.15 4.94 -95.93
CA VAL C 25 81.44 3.90 -96.65
C VAL C 25 79.96 4.04 -96.40
N HIS C 26 79.17 3.51 -97.32
CA HIS C 26 77.71 3.62 -97.30
C HIS C 26 77.14 2.22 -97.51
N TYR C 27 76.40 1.72 -96.52
CA TYR C 27 76.13 0.30 -96.42
C TYR C 27 74.68 0.03 -96.06
N THR C 28 74.24 -1.19 -96.32
CA THR C 28 72.98 -1.73 -95.83
C THR C 28 73.24 -3.13 -95.29
N GLY C 29 72.71 -3.42 -94.10
CA GLY C 29 72.89 -4.71 -93.46
C GLY C 29 71.59 -5.50 -93.43
N MET C 30 71.64 -6.69 -94.02
CA MET C 30 70.53 -7.63 -93.96
C MET C 30 71.08 -9.03 -93.69
N LEU C 31 70.24 -9.87 -93.10
CA LEU C 31 70.64 -11.22 -92.75
C LEU C 31 70.68 -12.11 -94.00
N GLU C 32 70.93 -13.40 -93.77
CA GLU C 32 70.94 -14.35 -94.88
C GLU C 32 69.57 -14.45 -95.52
N ASP C 33 68.51 -14.43 -94.71
CA ASP C 33 67.16 -14.48 -95.25
C ASP C 33 66.84 -13.25 -96.09
N GLY C 34 67.62 -12.18 -95.95
CA GLY C 34 67.42 -10.98 -96.73
C GLY C 34 66.76 -9.83 -96.01
N LYS C 35 66.21 -10.05 -94.81
CA LYS C 35 65.54 -8.98 -94.11
C LYS C 35 66.55 -7.95 -93.60
N LYS C 36 66.29 -6.70 -93.91
CA LYS C 36 67.22 -5.60 -93.63
C LYS C 36 67.13 -5.23 -92.15
N PHE C 37 68.29 -5.14 -91.50
CA PHE C 37 68.31 -4.71 -90.11
C PHE C 37 68.96 -3.35 -89.95
N ASP C 38 69.96 -3.04 -90.76
CA ASP C 38 70.65 -1.76 -90.70
C ASP C 38 70.88 -1.24 -92.10
N SER C 39 70.81 0.08 -92.25
CA SER C 39 70.97 0.73 -93.54
C SER C 39 71.49 2.15 -93.36
N SER C 40 72.72 2.39 -93.81
CA SER C 40 73.20 3.75 -93.90
C SER C 40 72.40 4.53 -94.94
N ARG C 41 71.76 3.81 -95.87
CA ARG C 41 70.90 4.46 -96.84
C ARG C 41 69.75 5.19 -96.15
N ASP C 42 69.16 4.54 -95.15
CA ASP C 42 68.10 5.20 -94.38
C ASP C 42 68.67 6.36 -93.57
N ARG C 43 69.94 6.28 -93.18
CA ARG C 43 70.51 7.33 -92.35
C ARG C 43 70.95 8.52 -93.18
N ASN C 44 71.08 8.32 -94.49
CA ASN C 44 71.39 9.35 -95.48
C ASN C 44 72.80 9.91 -95.33
N LYS C 45 73.54 9.50 -94.31
CA LYS C 45 74.95 9.85 -94.22
C LYS C 45 75.79 8.58 -94.24
N PRO C 46 76.88 8.56 -95.01
CA PRO C 46 77.72 7.37 -95.04
C PRO C 46 78.43 7.15 -93.71
N PHE C 47 78.78 5.90 -93.45
CA PHE C 47 79.39 5.55 -92.18
C PHE C 47 80.90 5.72 -92.25
N LYS C 48 81.46 6.35 -91.22
CA LYS C 48 82.90 6.64 -91.16
C LYS C 48 83.55 5.56 -90.30
N PHE C 49 84.72 5.08 -90.73
CA PHE C 49 85.45 4.14 -89.89
C PHE C 49 86.95 4.20 -90.16
N MET C 50 87.71 3.96 -89.11
CA MET C 50 89.17 3.91 -89.11
C MET C 50 89.61 2.50 -89.51
N LEU C 51 90.50 2.42 -90.50
CA LEU C 51 91.04 1.13 -90.89
C LEU C 51 92.02 0.61 -89.85
N GLY C 52 91.79 -0.61 -89.39
CA GLY C 52 92.68 -1.26 -88.45
C GLY C 52 92.44 -0.90 -87.00
N LYS C 53 91.55 0.05 -86.71
CA LYS C 53 91.26 0.38 -85.31
C LYS C 53 90.45 -0.72 -84.64
N GLN C 54 89.78 -1.55 -85.44
CA GLN C 54 88.98 -2.70 -85.02
C GLN C 54 87.71 -2.26 -84.32
N GLU C 55 87.28 -1.01 -84.48
CA GLU C 55 85.97 -0.61 -83.96
C GLU C 55 84.86 -1.36 -84.69
N VAL C 56 85.06 -1.65 -85.97
CA VAL C 56 84.17 -2.52 -86.71
C VAL C 56 84.65 -3.96 -86.58
N ILE C 57 83.71 -4.91 -86.68
CA ILE C 57 84.10 -6.31 -86.66
C ILE C 57 85.18 -6.57 -87.71
N ARG C 58 86.22 -7.27 -87.30
CA ARG C 58 87.41 -7.41 -88.15
C ARG C 58 87.06 -8.09 -89.47
N GLY C 59 86.06 -8.98 -89.47
CA GLY C 59 85.60 -9.56 -90.72
C GLY C 59 85.18 -8.49 -91.72
N TRP C 60 84.27 -7.61 -91.31
CA TRP C 60 83.85 -6.52 -92.18
C TRP C 60 85.03 -5.60 -92.48
N GLU C 61 85.95 -5.45 -91.54
CA GLU C 61 87.10 -4.58 -91.76
C GLU C 61 87.93 -5.06 -92.94
N GLU C 62 88.32 -6.34 -92.94
CA GLU C 62 89.09 -6.83 -94.08
C GLU C 62 88.22 -6.85 -95.34
N GLY C 63 86.93 -7.18 -95.19
CA GLY C 63 86.06 -7.19 -96.34
C GLY C 63 86.05 -5.87 -97.09
N VAL C 64 86.01 -4.76 -96.35
CA VAL C 64 86.18 -3.46 -96.97
C VAL C 64 87.63 -3.25 -97.38
N ALA C 65 88.57 -3.95 -96.72
CA ALA C 65 89.98 -3.74 -97.04
C ALA C 65 90.30 -4.15 -98.47
N GLN C 66 89.81 -5.31 -98.93
CA GLN C 66 90.11 -5.67 -100.32
C GLN C 66 89.27 -4.83 -101.28
N MET C 67 88.31 -4.08 -100.75
CA MET C 67 87.37 -3.36 -101.57
C MET C 67 88.03 -2.14 -102.22
N SER C 68 87.70 -1.90 -103.49
CA SER C 68 88.27 -0.77 -104.21
C SER C 68 87.30 0.42 -104.22
N VAL C 69 87.86 1.61 -104.49
CA VAL C 69 87.07 2.83 -104.47
C VAL C 69 86.13 2.87 -105.67
N GLY C 70 84.89 3.27 -105.41
CA GLY C 70 83.88 3.31 -106.46
C GLY C 70 83.42 1.95 -106.93
N GLN C 71 83.70 0.90 -106.16
CA GLN C 71 83.35 -0.46 -106.53
C GLN C 71 82.19 -0.92 -105.66
N ARG C 72 81.04 -1.16 -106.29
CA ARG C 72 79.84 -1.59 -105.58
C ARG C 72 79.84 -3.11 -105.58
N ALA C 73 79.64 -3.70 -104.41
CA ALA C 73 79.89 -5.12 -104.24
C ALA C 73 79.04 -5.69 -103.10
N LYS C 74 78.87 -7.01 -103.11
CA LYS C 74 78.28 -7.73 -102.00
C LYS C 74 79.39 -8.28 -101.12
N LEU C 75 79.21 -8.17 -99.81
CA LEU C 75 80.10 -8.74 -98.83
C LEU C 75 79.32 -9.73 -97.98
N THR C 76 79.93 -10.87 -97.68
CA THR C 76 79.33 -11.90 -96.84
C THR C 76 80.29 -12.24 -95.71
N ILE C 77 79.76 -12.37 -94.50
CA ILE C 77 80.56 -12.62 -93.31
C ILE C 77 80.06 -13.88 -92.65
N SER C 78 80.96 -14.86 -92.49
CA SER C 78 80.62 -16.05 -91.75
C SER C 78 80.49 -15.71 -90.26
N PRO C 79 79.70 -16.49 -89.51
CA PRO C 79 79.47 -16.14 -88.09
C PRO C 79 80.77 -16.03 -87.30
N ASP C 80 81.75 -16.87 -87.59
CA ASP C 80 83.03 -16.78 -86.90
C ASP C 80 83.71 -15.43 -87.14
N TYR C 81 83.67 -14.93 -88.39
CA TYR C 81 84.14 -13.58 -88.64
C TYR C 81 83.10 -12.55 -88.21
N ALA C 82 81.85 -12.98 -88.05
CA ALA C 82 80.77 -12.10 -87.64
C ALA C 82 80.67 -12.11 -86.12
N TYR C 83 79.55 -11.64 -85.58
CA TYR C 83 79.40 -11.50 -84.13
C TYR C 83 79.57 -12.84 -83.41
N GLY C 84 79.35 -13.94 -84.12
CA GLY C 84 79.67 -15.24 -83.58
C GLY C 84 78.55 -15.85 -82.76
N ALA C 85 78.95 -16.80 -81.91
CA ALA C 85 77.98 -17.57 -81.13
C ALA C 85 77.16 -16.66 -80.22
N THR C 86 77.81 -15.69 -79.57
CA THR C 86 77.06 -14.75 -78.74
C THR C 86 76.13 -13.90 -79.58
N GLY C 87 76.58 -13.46 -80.76
CA GLY C 87 75.77 -12.63 -81.61
C GLY C 87 75.51 -11.27 -80.96
N HIS C 88 74.62 -10.51 -81.59
CA HIS C 88 74.22 -9.23 -81.06
C HIS C 88 72.82 -9.32 -80.50
N PRO C 89 72.65 -9.12 -79.20
CA PRO C 89 71.32 -9.24 -78.60
C PRO C 89 70.30 -8.35 -79.30
N GLY C 90 69.30 -8.99 -79.89
CA GLY C 90 68.23 -8.26 -80.57
C GLY C 90 68.45 -8.06 -82.05
N ILE C 91 69.61 -7.53 -82.44
CA ILE C 91 69.80 -7.16 -83.84
C ILE C 91 70.22 -8.37 -84.66
N ILE C 92 71.20 -9.13 -84.20
CA ILE C 92 71.67 -10.31 -84.93
C ILE C 92 71.45 -11.57 -84.10
N PRO C 93 70.78 -12.59 -84.64
CA PRO C 93 70.62 -13.84 -83.91
C PRO C 93 71.96 -14.52 -83.68
N PRO C 94 72.07 -15.34 -82.65
CA PRO C 94 73.36 -15.98 -82.34
C PRO C 94 73.85 -16.85 -83.48
N HIS C 95 75.18 -16.85 -83.67
CA HIS C 95 75.87 -17.65 -84.69
C HIS C 95 75.13 -17.61 -86.04
N ALA C 96 75.01 -16.42 -86.60
CA ALA C 96 74.33 -16.21 -87.86
C ALA C 96 75.29 -15.58 -88.86
N THR C 97 75.20 -16.01 -90.11
CA THR C 97 75.99 -15.42 -91.18
C THR C 97 75.46 -14.03 -91.51
N LEU C 98 76.38 -13.11 -91.79
CA LEU C 98 76.02 -11.74 -92.13
C LEU C 98 76.43 -11.45 -93.57
N VAL C 99 75.68 -10.56 -94.22
CA VAL C 99 75.94 -10.16 -95.60
C VAL C 99 75.61 -8.69 -95.74
N PHE C 100 76.52 -7.93 -96.35
CA PHE C 100 76.38 -6.49 -96.50
C PHE C 100 76.71 -6.09 -97.94
N ASP C 101 76.32 -4.88 -98.30
CA ASP C 101 76.79 -4.21 -99.51
C ASP C 101 77.50 -2.93 -99.11
N VAL C 102 78.77 -2.81 -99.46
CA VAL C 102 79.62 -1.73 -98.97
C VAL C 102 80.05 -0.88 -100.15
N GLU C 103 79.83 0.44 -100.02
CA GLU C 103 80.23 1.40 -101.05
C GLU C 103 81.34 2.26 -100.47
N LEU C 104 82.54 2.15 -101.04
CA LEU C 104 83.68 2.90 -100.54
C LEU C 104 83.69 4.26 -101.25
N LEU C 105 82.94 5.19 -100.65
CA LEU C 105 82.75 6.50 -101.27
C LEU C 105 84.03 7.31 -101.29
N LYS C 106 84.71 7.42 -100.15
CA LYS C 106 85.86 8.30 -100.04
C LYS C 106 86.72 7.84 -98.88
N LEU C 107 88.00 8.21 -98.95
CA LEU C 107 88.98 7.88 -97.94
C LEU C 107 89.41 9.17 -97.26
N GLU C 108 89.43 9.17 -95.93
CA GLU C 108 89.76 10.38 -95.19
C GLU C 108 91.08 10.23 -94.42
N GLY D 2 -77.27 -72.05 -71.23
CA GLY D 2 -77.10 -71.20 -72.40
C GLY D 2 -78.02 -70.00 -72.40
N VAL D 3 -78.94 -69.96 -73.36
CA VAL D 3 -79.93 -68.89 -73.46
C VAL D 3 -81.32 -69.49 -73.35
N GLN D 4 -82.02 -69.12 -72.28
CA GLN D 4 -83.39 -69.57 -72.03
C GLN D 4 -84.34 -68.41 -72.30
N VAL D 5 -85.38 -68.66 -73.08
CA VAL D 5 -86.32 -67.63 -73.51
C VAL D 5 -87.72 -68.02 -73.04
N GLU D 6 -88.47 -67.04 -72.54
CA GLU D 6 -89.86 -67.23 -72.17
C GLU D 6 -90.59 -65.90 -72.32
N THR D 7 -91.86 -65.96 -72.71
CA THR D 7 -92.65 -64.78 -73.01
C THR D 7 -93.65 -64.51 -71.88
N ILE D 8 -93.66 -63.28 -71.38
CA ILE D 8 -94.66 -62.91 -70.39
C ILE D 8 -95.84 -62.22 -71.06
N SER D 9 -95.58 -61.45 -72.13
CA SER D 9 -96.64 -60.90 -72.94
C SER D 9 -96.43 -61.31 -74.39
N PRO D 10 -97.49 -61.70 -75.09
CA PRO D 10 -97.34 -62.15 -76.48
C PRO D 10 -96.98 -61.01 -77.42
N GLY D 11 -96.29 -61.35 -78.50
CA GLY D 11 -96.05 -60.39 -79.55
C GLY D 11 -96.86 -60.70 -80.79
N ASP D 12 -96.65 -59.88 -81.83
CA ASP D 12 -97.37 -60.10 -83.08
C ASP D 12 -97.01 -61.44 -83.71
N GLY D 13 -95.73 -61.79 -83.67
CA GLY D 13 -95.26 -63.03 -84.25
C GLY D 13 -95.10 -63.03 -85.75
N ARG D 14 -95.84 -62.19 -86.47
CA ARG D 14 -95.69 -62.08 -87.91
C ARG D 14 -94.49 -61.24 -88.32
N THR D 15 -93.94 -60.45 -87.40
CA THR D 15 -92.77 -59.64 -87.66
C THR D 15 -91.65 -60.08 -86.74
N PHE D 16 -90.44 -60.17 -87.28
CA PHE D 16 -89.31 -60.68 -86.53
C PHE D 16 -88.11 -59.78 -86.73
N PRO D 17 -87.19 -59.74 -85.75
CA PRO D 17 -85.92 -59.03 -85.97
C PRO D 17 -85.18 -59.64 -87.13
N LYS D 18 -84.62 -58.78 -87.98
CA LYS D 18 -83.91 -59.21 -89.17
C LYS D 18 -82.43 -58.90 -88.96
N ARG D 19 -81.58 -59.90 -89.18
CA ARG D 19 -80.16 -59.77 -88.89
C ARG D 19 -79.55 -58.65 -89.72
N GLY D 20 -78.92 -57.70 -89.05
CA GLY D 20 -78.40 -56.53 -89.71
C GLY D 20 -79.27 -55.30 -89.62
N GLN D 21 -80.32 -55.33 -88.81
CA GLN D 21 -81.24 -54.21 -88.65
C GLN D 21 -81.16 -53.72 -87.21
N THR D 22 -81.07 -52.41 -87.03
CA THR D 22 -81.00 -51.88 -85.68
C THR D 22 -82.36 -51.99 -85.00
N CYS D 23 -82.33 -52.29 -83.70
CA CYS D 23 -83.53 -52.50 -82.91
C CYS D 23 -83.48 -51.61 -81.68
N VAL D 24 -84.56 -50.88 -81.43
CA VAL D 24 -84.71 -50.07 -80.23
C VAL D 24 -85.50 -50.89 -79.23
N VAL D 25 -84.95 -51.04 -78.03
CA VAL D 25 -85.53 -51.91 -77.01
C VAL D 25 -85.44 -51.25 -75.65
N HIS D 26 -86.34 -51.66 -74.76
CA HIS D 26 -86.29 -51.29 -73.35
C HIS D 26 -86.08 -52.56 -72.54
N TYR D 27 -85.19 -52.50 -71.55
CA TYR D 27 -84.84 -53.68 -70.78
C TYR D 27 -84.54 -53.28 -69.35
N THR D 28 -84.65 -54.25 -68.46
CA THR D 28 -84.16 -54.14 -67.09
C THR D 28 -83.22 -55.31 -66.84
N GLY D 29 -82.04 -55.03 -66.29
CA GLY D 29 -81.07 -56.05 -65.97
C GLY D 29 -80.99 -56.28 -64.47
N MET D 30 -81.30 -57.50 -64.05
CA MET D 30 -81.14 -57.90 -62.67
C MET D 30 -80.38 -59.21 -62.60
N LEU D 31 -79.72 -59.43 -61.46
CA LEU D 31 -78.99 -60.66 -61.26
C LEU D 31 -79.96 -61.83 -61.06
N GLU D 32 -79.39 -63.01 -60.82
CA GLU D 32 -80.21 -64.19 -60.56
C GLU D 32 -81.00 -64.02 -59.27
N ASP D 33 -80.41 -63.42 -58.25
CA ASP D 33 -81.11 -63.20 -57.00
C ASP D 33 -82.24 -62.20 -57.14
N GLY D 34 -82.31 -61.48 -58.25
CA GLY D 34 -83.35 -60.50 -58.49
C GLY D 34 -82.93 -59.05 -58.31
N LYS D 35 -81.74 -58.80 -57.79
CA LYS D 35 -81.29 -57.43 -57.59
C LYS D 35 -81.01 -56.77 -58.93
N LYS D 36 -81.65 -55.62 -59.15
CA LYS D 36 -81.60 -54.91 -60.42
C LYS D 36 -80.31 -54.10 -60.48
N PHE D 37 -79.57 -54.23 -61.59
CA PHE D 37 -78.36 -53.44 -61.76
C PHE D 37 -78.51 -52.40 -62.85
N ASP D 38 -79.29 -52.70 -63.89
CA ASP D 38 -79.50 -51.78 -65.00
C ASP D 38 -80.95 -51.82 -65.43
N SER D 39 -81.51 -50.65 -65.74
CA SER D 39 -82.86 -50.53 -66.26
C SER D 39 -82.91 -49.44 -67.30
N SER D 40 -83.15 -49.82 -68.55
CA SER D 40 -83.29 -48.83 -69.61
C SER D 40 -84.46 -47.90 -69.33
N ARG D 41 -85.49 -48.41 -68.66
CA ARG D 41 -86.61 -47.55 -68.27
C ARG D 41 -86.17 -46.48 -67.29
N ASP D 42 -85.29 -46.84 -66.36
CA ASP D 42 -84.69 -45.82 -65.50
C ASP D 42 -83.90 -44.81 -66.31
N ARG D 43 -83.34 -45.25 -67.44
CA ARG D 43 -82.66 -44.31 -68.32
C ARG D 43 -83.67 -43.43 -69.04
N ASN D 44 -84.91 -43.88 -69.14
CA ASN D 44 -86.05 -43.21 -69.77
C ASN D 44 -85.94 -43.15 -71.29
N LYS D 45 -84.84 -43.61 -71.88
CA LYS D 45 -84.77 -43.75 -73.32
C LYS D 45 -84.49 -45.20 -73.66
N PRO D 46 -85.09 -45.75 -74.71
CA PRO D 46 -84.86 -47.15 -75.05
C PRO D 46 -83.47 -47.37 -75.61
N PHE D 47 -82.85 -48.47 -75.20
CA PHE D 47 -81.53 -48.81 -75.70
C PHE D 47 -81.61 -49.26 -77.15
N LYS D 48 -80.64 -48.83 -77.95
CA LYS D 48 -80.63 -49.10 -79.39
C LYS D 48 -79.42 -49.95 -79.73
N PHE D 49 -79.63 -51.01 -80.51
CA PHE D 49 -78.56 -51.88 -80.95
C PHE D 49 -78.89 -52.40 -82.34
N MET D 50 -77.84 -52.72 -83.10
CA MET D 50 -77.97 -53.15 -84.48
C MET D 50 -77.49 -54.59 -84.58
N LEU D 51 -78.35 -55.45 -85.10
CA LEU D 51 -78.12 -56.90 -85.02
C LEU D 51 -76.90 -57.32 -85.83
N GLY D 52 -76.04 -58.12 -85.20
CA GLY D 52 -74.85 -58.61 -85.85
C GLY D 52 -73.61 -57.76 -85.62
N LYS D 53 -73.74 -56.59 -84.99
CA LYS D 53 -72.56 -55.78 -84.71
C LYS D 53 -71.79 -56.33 -83.53
N GLN D 54 -72.44 -57.14 -82.70
CA GLN D 54 -71.89 -57.78 -81.50
C GLN D 54 -71.58 -56.74 -80.42
N GLU D 55 -72.14 -55.54 -80.49
CA GLU D 55 -71.99 -54.59 -79.40
C GLU D 55 -72.68 -55.10 -78.15
N VAL D 56 -73.84 -55.74 -78.30
CA VAL D 56 -74.49 -56.43 -77.21
C VAL D 56 -73.77 -57.76 -76.96
N ILE D 57 -73.80 -58.23 -75.71
CA ILE D 57 -73.26 -59.54 -75.42
C ILE D 57 -73.84 -60.56 -76.39
N ARG D 58 -72.96 -61.23 -77.12
CA ARG D 58 -73.39 -62.05 -78.25
C ARG D 58 -74.32 -63.16 -77.81
N GLY D 59 -74.20 -63.58 -76.55
CA GLY D 59 -75.23 -64.44 -75.98
C GLY D 59 -76.57 -63.75 -75.85
N TRP D 60 -76.57 -62.49 -75.38
CA TRP D 60 -77.81 -61.75 -75.26
C TRP D 60 -78.37 -61.40 -76.64
N GLU D 61 -77.48 -61.17 -77.61
CA GLU D 61 -77.93 -60.72 -78.92
C GLU D 61 -78.82 -61.76 -79.59
N GLU D 62 -78.41 -63.03 -79.57
CA GLU D 62 -79.23 -64.06 -80.21
C GLU D 62 -80.58 -64.18 -79.50
N GLY D 63 -80.57 -64.13 -78.17
CA GLY D 63 -81.81 -64.30 -77.41
C GLY D 63 -82.85 -63.25 -77.77
N VAL D 64 -82.41 -62.09 -78.24
CA VAL D 64 -83.34 -61.09 -78.73
C VAL D 64 -83.97 -61.56 -80.04
N ALA D 65 -83.19 -62.24 -80.88
CA ALA D 65 -83.60 -62.49 -82.25
C ALA D 65 -84.89 -63.29 -82.33
N GLN D 66 -85.01 -64.37 -81.55
CA GLN D 66 -86.19 -65.21 -81.64
C GLN D 66 -87.42 -64.49 -81.09
N MET D 67 -87.20 -63.39 -80.39
CA MET D 67 -88.30 -62.74 -79.68
C MET D 67 -89.03 -61.79 -80.62
N SER D 68 -90.35 -61.95 -80.70
CA SER D 68 -91.13 -61.16 -81.65
C SER D 68 -91.29 -59.72 -81.16
N VAL D 69 -91.69 -58.86 -82.09
CA VAL D 69 -91.92 -57.46 -81.75
C VAL D 69 -93.17 -57.34 -80.89
N GLY D 70 -93.14 -56.39 -79.96
CA GLY D 70 -94.24 -56.25 -79.02
C GLY D 70 -94.40 -57.40 -78.06
N GLN D 71 -93.37 -58.21 -77.88
CA GLN D 71 -93.43 -59.40 -77.05
C GLN D 71 -92.51 -59.21 -75.85
N ARG D 72 -93.09 -59.26 -74.65
CA ARG D 72 -92.35 -59.04 -73.42
C ARG D 72 -91.68 -60.36 -73.04
N ALA D 73 -90.37 -60.31 -72.80
CA ALA D 73 -89.55 -61.50 -72.71
C ALA D 73 -89.00 -61.67 -71.31
N LYS D 74 -88.71 -62.93 -70.95
CA LYS D 74 -87.85 -63.25 -69.83
C LYS D 74 -86.68 -64.06 -70.36
N LEU D 75 -85.48 -63.49 -70.26
CA LEU D 75 -84.29 -64.04 -70.87
C LEU D 75 -83.28 -64.38 -69.79
N THR D 76 -82.71 -65.58 -69.85
CA THR D 76 -81.66 -66.00 -68.94
C THR D 76 -80.41 -66.33 -69.74
N ILE D 77 -79.28 -65.78 -69.30
CA ILE D 77 -78.00 -65.93 -70.00
C ILE D 77 -77.04 -66.71 -69.11
N SER D 78 -76.48 -67.78 -69.66
CA SER D 78 -75.44 -68.52 -68.96
C SER D 78 -74.12 -67.76 -69.04
N PRO D 79 -73.23 -67.94 -68.06
CA PRO D 79 -72.01 -67.13 -68.03
C PRO D 79 -71.18 -67.28 -69.29
N ASP D 80 -71.12 -68.48 -69.86
CA ASP D 80 -70.43 -68.65 -71.14
C ASP D 80 -71.05 -67.78 -72.23
N TYR D 81 -72.38 -67.66 -72.25
CA TYR D 81 -73.00 -66.73 -73.16
C TYR D 81 -72.92 -65.31 -72.61
N ALA D 82 -72.79 -65.18 -71.30
CA ALA D 82 -72.75 -63.89 -70.61
C ALA D 82 -71.30 -63.43 -70.49
N TYR D 83 -71.04 -62.46 -69.61
CA TYR D 83 -69.71 -61.89 -69.48
C TYR D 83 -68.68 -62.94 -69.13
N GLY D 84 -69.10 -64.01 -68.45
CA GLY D 84 -68.23 -65.16 -68.26
C GLY D 84 -67.40 -65.10 -67.00
N ALA D 85 -66.31 -65.88 -67.04
CA ALA D 85 -65.46 -66.04 -65.87
C ALA D 85 -64.87 -64.70 -65.43
N THR D 86 -64.41 -63.89 -66.39
CA THR D 86 -63.93 -62.55 -66.04
C THR D 86 -65.07 -61.69 -65.51
N GLY D 87 -66.25 -61.79 -66.10
CA GLY D 87 -67.37 -61.00 -65.67
C GLY D 87 -67.14 -59.52 -65.96
N HIS D 88 -68.01 -58.69 -65.39
CA HIS D 88 -67.88 -57.25 -65.53
C HIS D 88 -67.36 -56.67 -64.23
N PRO D 89 -66.20 -56.04 -64.24
CA PRO D 89 -65.67 -55.44 -63.01
C PRO D 89 -66.66 -54.48 -62.40
N GLY D 90 -67.10 -54.80 -61.18
CA GLY D 90 -68.00 -53.93 -60.45
C GLY D 90 -69.48 -54.27 -60.60
N ILE D 91 -69.96 -54.38 -61.84
CA ILE D 91 -71.39 -54.52 -62.05
C ILE D 91 -71.82 -55.98 -61.93
N ILE D 92 -71.19 -56.87 -62.67
CA ILE D 92 -71.58 -58.28 -62.66
C ILE D 92 -70.49 -59.13 -62.00
N PRO D 93 -70.84 -59.94 -61.01
CA PRO D 93 -69.85 -60.83 -60.39
C PRO D 93 -69.35 -61.85 -61.39
N PRO D 94 -68.12 -62.34 -61.20
CA PRO D 94 -67.54 -63.26 -62.19
C PRO D 94 -68.31 -64.56 -62.32
N HIS D 95 -68.39 -65.06 -63.55
CA HIS D 95 -68.88 -66.41 -63.86
C HIS D 95 -70.27 -66.67 -63.27
N ALA D 96 -71.13 -65.65 -63.34
CA ALA D 96 -72.49 -65.74 -62.83
C ALA D 96 -73.47 -65.60 -63.98
N THR D 97 -74.55 -66.37 -63.95
CA THR D 97 -75.59 -66.24 -64.95
C THR D 97 -76.29 -64.90 -64.79
N LEU D 98 -77.00 -64.48 -65.84
CA LEU D 98 -77.66 -63.18 -65.86
C LEU D 98 -79.06 -63.31 -66.43
N VAL D 99 -79.97 -62.47 -65.96
CA VAL D 99 -81.38 -62.50 -66.34
C VAL D 99 -81.78 -61.10 -66.79
N PHE D 100 -82.55 -61.03 -67.88
CA PHE D 100 -83.07 -59.77 -68.38
C PHE D 100 -84.53 -59.94 -68.78
N ASP D 101 -85.24 -58.83 -68.93
CA ASP D 101 -86.54 -58.79 -69.59
C ASP D 101 -86.47 -57.77 -70.72
N VAL D 102 -86.86 -58.20 -71.92
CA VAL D 102 -86.62 -57.44 -73.14
C VAL D 102 -87.94 -56.96 -73.70
N GLU D 103 -88.05 -55.66 -73.94
CA GLU D 103 -89.18 -55.06 -74.63
C GLU D 103 -88.70 -54.55 -75.99
N LEU D 104 -89.10 -55.24 -77.05
CA LEU D 104 -88.75 -54.83 -78.42
C LEU D 104 -89.83 -53.86 -78.91
N LEU D 105 -89.60 -52.59 -78.64
CA LEU D 105 -90.58 -51.58 -79.03
C LEU D 105 -90.63 -51.40 -80.54
N LYS D 106 -89.47 -51.25 -81.17
CA LYS D 106 -89.45 -50.97 -82.60
C LYS D 106 -88.08 -51.33 -83.16
N LEU D 107 -88.03 -51.45 -84.49
CA LEU D 107 -86.79 -51.64 -85.21
C LEU D 107 -86.67 -50.50 -86.23
N GLU D 108 -85.52 -49.83 -86.22
CA GLU D 108 -85.32 -48.70 -87.12
C GLU D 108 -84.54 -49.10 -88.36
N GLY E 2 -58.90 -55.16 98.82
CA GLY E 2 -60.20 -54.79 98.32
C GLY E 2 -60.60 -53.37 98.68
N VAL E 3 -61.64 -53.24 99.52
CA VAL E 3 -62.11 -51.96 100.00
C VAL E 3 -61.97 -51.92 101.52
N GLN E 4 -61.09 -51.06 102.01
CA GLN E 4 -60.84 -50.92 103.44
C GLN E 4 -61.52 -49.65 103.93
N VAL E 5 -62.16 -49.73 105.09
CA VAL E 5 -62.93 -48.63 105.65
C VAL E 5 -62.43 -48.34 107.05
N GLU E 6 -62.18 -47.07 107.33
CA GLU E 6 -61.83 -46.60 108.66
C GLU E 6 -62.27 -45.14 108.76
N THR E 7 -62.84 -44.78 109.91
CA THR E 7 -63.51 -43.49 110.06
C THR E 7 -62.65 -42.51 110.84
N ILE E 8 -62.72 -41.24 110.46
CA ILE E 8 -62.16 -40.18 111.30
C ILE E 8 -63.25 -39.53 112.14
N SER E 9 -64.40 -39.26 111.55
CA SER E 9 -65.54 -38.78 112.31
C SER E 9 -66.69 -39.78 112.19
N PRO E 10 -67.35 -40.12 113.29
CA PRO E 10 -68.48 -41.04 113.19
C PRO E 10 -69.66 -40.40 112.48
N GLY E 11 -70.44 -41.24 111.81
CA GLY E 11 -71.70 -40.77 111.25
C GLY E 11 -72.87 -41.11 112.15
N ASP E 12 -74.06 -40.69 111.72
CA ASP E 12 -75.26 -41.00 112.48
C ASP E 12 -75.50 -42.50 112.54
N GLY E 13 -75.30 -43.20 111.43
CA GLY E 13 -75.54 -44.62 111.34
C GLY E 13 -77.00 -45.02 111.25
N ARG E 14 -77.92 -44.19 111.73
CA ARG E 14 -79.34 -44.43 111.57
C ARG E 14 -79.81 -44.22 110.13
N THR E 15 -79.01 -43.55 109.31
CA THR E 15 -79.33 -43.32 107.91
C THR E 15 -78.23 -43.90 107.05
N PHE E 16 -78.62 -44.60 105.99
CA PHE E 16 -77.67 -45.26 105.11
C PHE E 16 -78.03 -45.01 103.65
N PRO E 17 -77.05 -45.05 102.76
CA PRO E 17 -77.35 -44.93 101.33
C PRO E 17 -78.22 -46.08 100.86
N LYS E 18 -79.13 -45.79 99.94
CA LYS E 18 -80.04 -46.79 99.39
C LYS E 18 -79.68 -47.02 97.93
N ARG E 19 -79.56 -48.30 97.56
CA ARG E 19 -79.21 -48.67 96.19
C ARG E 19 -80.16 -48.01 95.20
N GLY E 20 -79.60 -47.12 94.37
CA GLY E 20 -80.38 -46.37 93.42
C GLY E 20 -80.72 -44.95 93.84
N GLN E 21 -80.09 -44.43 94.89
CA GLN E 21 -80.35 -43.08 95.37
C GLN E 21 -79.12 -42.22 95.15
N THR E 22 -79.34 -40.97 94.73
CA THR E 22 -78.24 -40.06 94.53
C THR E 22 -77.61 -39.70 95.87
N CYS E 23 -76.28 -39.59 95.89
CA CYS E 23 -75.54 -39.20 97.06
C CYS E 23 -74.54 -38.13 96.69
N VAL E 24 -74.44 -37.10 97.53
CA VAL E 24 -73.44 -36.05 97.35
C VAL E 24 -72.36 -36.23 98.41
N VAL E 25 -71.12 -36.24 97.97
CA VAL E 25 -69.98 -36.46 98.86
C VAL E 25 -68.89 -35.45 98.52
N HIS E 26 -68.03 -35.18 99.50
CA HIS E 26 -66.80 -34.45 99.29
C HIS E 26 -65.63 -35.39 99.52
N TYR E 27 -64.69 -35.42 98.58
CA TYR E 27 -63.61 -36.38 98.62
C TYR E 27 -62.32 -35.71 98.18
N THR E 28 -61.21 -36.26 98.62
CA THR E 28 -59.90 -35.95 98.08
C THR E 28 -59.25 -37.26 97.65
N GLY E 29 -58.57 -37.24 96.50
CA GLY E 29 -57.94 -38.43 95.96
C GLY E 29 -56.43 -38.32 96.01
N MET E 30 -55.81 -39.21 96.78
CA MET E 30 -54.36 -39.30 96.83
C MET E 30 -53.94 -40.72 96.50
N LEU E 31 -52.72 -40.85 96.00
CA LEU E 31 -52.17 -42.18 95.79
C LEU E 31 -51.84 -42.83 97.14
N GLU E 32 -51.38 -44.08 97.07
CA GLU E 32 -51.02 -44.79 98.29
C GLU E 32 -49.85 -44.11 98.99
N ASP E 33 -48.96 -43.47 98.23
CA ASP E 33 -47.85 -42.75 98.84
C ASP E 33 -48.30 -41.46 99.51
N GLY E 34 -49.51 -40.99 99.21
CA GLY E 34 -50.00 -39.75 99.76
C GLY E 34 -50.10 -38.60 98.78
N LYS E 35 -49.57 -38.74 97.57
CA LYS E 35 -49.65 -37.67 96.58
C LYS E 35 -51.09 -37.48 96.13
N LYS E 36 -51.61 -36.28 96.35
CA LYS E 36 -53.00 -35.95 96.03
C LYS E 36 -53.11 -35.69 94.53
N PHE E 37 -54.10 -36.33 93.90
CA PHE E 37 -54.31 -36.12 92.47
C PHE E 37 -55.65 -35.46 92.19
N ASP E 38 -56.64 -35.69 93.03
CA ASP E 38 -57.97 -35.12 92.85
C ASP E 38 -58.50 -34.68 94.20
N SER E 39 -59.22 -33.55 94.20
CA SER E 39 -59.84 -33.02 95.41
C SER E 39 -61.16 -32.36 95.05
N SER E 40 -62.25 -32.91 95.58
CA SER E 40 -63.54 -32.24 95.45
C SER E 40 -63.51 -30.88 96.15
N ARG E 41 -62.65 -30.75 97.15
CA ARG E 41 -62.47 -29.44 97.79
C ARG E 41 -61.87 -28.45 96.81
N ASP E 42 -60.88 -28.89 96.02
CA ASP E 42 -60.35 -28.05 94.97
C ASP E 42 -61.42 -27.71 93.94
N ARG E 43 -62.33 -28.65 93.68
CA ARG E 43 -63.49 -28.36 92.86
C ARG E 43 -64.34 -27.27 93.49
N ASN E 44 -64.41 -27.25 94.82
CA ASN E 44 -65.20 -26.34 95.67
C ASN E 44 -66.69 -26.63 95.60
N LYS E 45 -67.13 -27.57 94.76
CA LYS E 45 -68.48 -28.07 94.85
C LYS E 45 -68.44 -29.55 95.21
N PRO E 46 -69.34 -30.03 96.05
CA PRO E 46 -69.37 -31.46 96.36
C PRO E 46 -69.76 -32.28 95.14
N PHE E 47 -69.32 -33.53 95.12
CA PHE E 47 -69.50 -34.37 93.95
C PHE E 47 -70.78 -35.20 94.08
N LYS E 48 -71.57 -35.23 93.02
CA LYS E 48 -72.85 -35.92 92.99
C LYS E 48 -72.66 -37.26 92.28
N PHE E 49 -73.26 -38.32 92.82
CA PHE E 49 -73.21 -39.61 92.13
C PHE E 49 -74.46 -40.43 92.42
N MET E 50 -74.77 -41.30 91.47
CA MET E 50 -75.92 -42.20 91.51
C MET E 50 -75.47 -43.57 91.99
N LEU E 51 -76.13 -44.10 93.01
CA LEU E 51 -75.80 -45.43 93.49
C LEU E 51 -76.28 -46.48 92.49
N GLY E 52 -75.38 -47.39 92.14
CA GLY E 52 -75.70 -48.48 91.25
C GLY E 52 -75.64 -48.15 89.77
N LYS E 53 -75.52 -46.88 89.40
CA LYS E 53 -75.41 -46.53 87.99
C LYS E 53 -74.04 -46.92 87.45
N GLN E 54 -73.08 -47.13 88.35
CA GLN E 54 -71.71 -47.55 88.05
C GLN E 54 -70.94 -46.50 87.26
N GLU E 55 -71.34 -45.23 87.31
CA GLU E 55 -70.52 -44.18 86.74
C GLU E 55 -69.21 -44.05 87.51
N VAL E 56 -69.26 -44.26 88.82
CA VAL E 56 -68.07 -44.36 89.64
C VAL E 56 -67.56 -45.81 89.61
N ILE E 57 -66.24 -45.97 89.75
CA ILE E 57 -65.68 -47.32 89.84
C ILE E 57 -66.39 -48.08 90.95
N ARG E 58 -66.77 -49.33 90.64
CA ARG E 58 -67.63 -50.09 91.55
C ARG E 58 -66.99 -50.26 92.92
N GLY E 59 -65.66 -50.33 92.98
CA GLY E 59 -64.99 -50.40 94.26
C GLY E 59 -65.34 -49.21 95.14
N TRP E 60 -65.13 -48.00 94.63
CA TRP E 60 -65.50 -46.80 95.37
C TRP E 60 -67.00 -46.76 95.61
N GLU E 61 -67.78 -47.29 94.67
CA GLU E 61 -69.22 -47.29 94.82
C GLU E 61 -69.65 -48.04 96.07
N GLU E 62 -69.20 -49.28 96.22
CA GLU E 62 -69.55 -50.02 97.44
C GLU E 62 -68.90 -49.39 98.65
N GLY E 63 -67.67 -48.89 98.51
CA GLY E 63 -66.99 -48.29 99.64
C GLY E 63 -67.79 -47.15 100.25
N VAL E 64 -68.38 -46.31 99.41
CA VAL E 64 -69.30 -45.29 99.91
C VAL E 64 -70.61 -45.93 100.33
N ALA E 65 -70.96 -47.08 99.73
CA ALA E 65 -72.25 -47.70 100.04
C ALA E 65 -72.34 -48.12 101.51
N GLN E 66 -71.30 -48.77 102.04
CA GLN E 66 -71.39 -49.14 103.45
C GLN E 66 -71.23 -47.93 104.35
N MET E 67 -70.86 -46.79 103.78
CA MET E 67 -70.53 -45.62 104.58
C MET E 67 -71.79 -44.96 105.11
N SER E 68 -71.71 -44.48 106.36
CA SER E 68 -72.86 -43.82 106.97
C SER E 68 -72.87 -42.33 106.64
N VAL E 69 -74.06 -41.74 106.73
CA VAL E 69 -74.21 -40.33 106.43
C VAL E 69 -73.53 -39.49 107.50
N GLY E 70 -72.85 -38.43 107.07
CA GLY E 70 -72.15 -37.56 107.99
C GLY E 70 -70.93 -38.19 108.64
N GLN E 71 -70.29 -39.15 107.99
CA GLN E 71 -69.17 -39.87 108.57
C GLN E 71 -67.92 -39.63 107.73
N ARG E 72 -67.00 -38.85 108.27
CA ARG E 72 -65.73 -38.56 107.61
C ARG E 72 -64.85 -39.78 107.80
N ALA E 73 -64.56 -40.48 106.71
CA ALA E 73 -63.84 -41.75 106.76
C ALA E 73 -62.89 -41.84 105.59
N LYS E 74 -61.94 -42.77 105.69
CA LYS E 74 -60.96 -42.98 104.63
C LYS E 74 -61.32 -44.27 103.91
N LEU E 75 -61.09 -44.31 102.61
CA LEU E 75 -61.33 -45.48 101.80
C LEU E 75 -60.03 -45.92 101.15
N THR E 76 -59.78 -47.22 101.14
CA THR E 76 -58.61 -47.79 100.47
C THR E 76 -59.08 -48.79 99.43
N ILE E 77 -58.63 -48.61 98.19
CA ILE E 77 -59.09 -49.41 97.06
C ILE E 77 -57.91 -50.23 96.55
N SER E 78 -58.12 -51.54 96.42
CA SER E 78 -57.16 -52.39 95.78
C SER E 78 -57.22 -52.18 94.26
N PRO E 79 -56.11 -52.41 93.55
CA PRO E 79 -56.11 -52.12 92.11
C PRO E 79 -57.18 -52.87 91.35
N ASP E 80 -57.47 -54.11 91.75
CA ASP E 80 -58.55 -54.84 91.10
C ASP E 80 -59.90 -54.15 91.28
N TYR E 81 -60.18 -53.63 92.47
CA TYR E 81 -61.35 -52.77 92.63
C TYR E 81 -61.12 -51.39 92.05
N ALA E 82 -59.85 -51.00 91.92
CA ALA E 82 -59.49 -49.70 91.37
C ALA E 82 -59.38 -49.80 89.86
N TYR E 83 -58.76 -48.80 89.23
CA TYR E 83 -58.70 -48.75 87.77
C TYR E 83 -58.00 -49.97 87.19
N GLY E 84 -57.14 -50.63 87.97
CA GLY E 84 -56.61 -51.91 87.58
C GLY E 84 -55.31 -51.82 86.81
N ALA E 85 -55.04 -52.92 86.09
CA ALA E 85 -53.77 -53.04 85.36
C ALA E 85 -53.61 -51.95 84.33
N THR E 86 -54.68 -51.63 83.59
CA THR E 86 -54.61 -50.52 82.65
C THR E 86 -54.44 -49.20 83.38
N GLY E 87 -55.11 -49.03 84.52
CA GLY E 87 -55.02 -47.78 85.24
C GLY E 87 -55.70 -46.66 84.48
N HIS E 88 -55.49 -45.45 84.97
CA HIS E 88 -56.03 -44.27 84.33
C HIS E 88 -54.92 -43.53 83.61
N PRO E 89 -55.03 -43.33 82.30
CA PRO E 89 -53.92 -42.73 81.54
C PRO E 89 -53.51 -41.39 82.12
N GLY E 90 -52.27 -41.33 82.59
CA GLY E 90 -51.70 -40.10 83.10
C GLY E 90 -51.99 -39.80 84.55
N ILE E 91 -53.24 -40.02 84.98
CA ILE E 91 -53.65 -39.59 86.31
C ILE E 91 -53.30 -40.65 87.35
N ILE E 92 -53.67 -41.90 87.10
CA ILE E 92 -53.32 -42.99 88.03
C ILE E 92 -52.38 -43.97 87.36
N PRO E 93 -51.25 -44.30 87.99
CA PRO E 93 -50.32 -45.26 87.41
C PRO E 93 -50.95 -46.64 87.32
N PRO E 94 -50.52 -47.46 86.37
CA PRO E 94 -51.14 -48.77 86.16
C PRO E 94 -51.00 -49.67 87.37
N HIS E 95 -52.06 -50.44 87.64
CA HIS E 95 -52.05 -51.52 88.63
C HIS E 95 -51.59 -51.03 90.01
N ALA E 96 -51.94 -49.80 90.34
CA ALA E 96 -51.57 -49.18 91.59
C ALA E 96 -52.78 -49.12 92.51
N THR E 97 -52.56 -49.34 93.80
CA THR E 97 -53.63 -49.23 94.77
C THR E 97 -54.11 -47.78 94.86
N LEU E 98 -55.32 -47.59 95.37
CA LEU E 98 -55.90 -46.26 95.49
C LEU E 98 -56.42 -46.04 96.91
N VAL E 99 -56.25 -44.82 97.41
CA VAL E 99 -56.71 -44.42 98.73
C VAL E 99 -57.61 -43.21 98.57
N PHE E 100 -58.69 -43.15 99.33
CA PHE E 100 -59.63 -42.05 99.28
C PHE E 100 -60.05 -41.68 100.70
N ASP E 101 -60.46 -40.44 100.89
CA ASP E 101 -61.16 -40.01 102.09
C ASP E 101 -62.46 -39.35 101.65
N VAL E 102 -63.58 -39.87 102.17
CA VAL E 102 -64.90 -39.48 101.70
C VAL E 102 -65.71 -38.99 102.89
N GLU E 103 -66.62 -38.06 102.64
CA GLU E 103 -67.62 -37.62 103.62
C GLU E 103 -68.93 -37.39 102.87
N LEU E 104 -69.96 -38.15 103.24
CA LEU E 104 -71.24 -38.11 102.54
C LEU E 104 -72.11 -37.02 103.17
N LEU E 105 -72.11 -35.85 102.52
CA LEU E 105 -72.84 -34.72 103.06
C LEU E 105 -74.35 -34.94 103.04
N LYS E 106 -74.88 -35.40 101.91
CA LYS E 106 -76.32 -35.49 101.75
C LYS E 106 -76.60 -36.49 100.64
N LEU E 107 -77.86 -36.91 100.56
CA LEU E 107 -78.33 -37.78 99.49
C LEU E 107 -79.45 -37.07 98.75
N GLU E 108 -79.35 -37.01 97.44
CA GLU E 108 -80.35 -36.32 96.63
C GLU E 108 -81.49 -37.26 96.27
N GLU F 10 7.13 -2.77 28.30
CA GLU F 10 7.69 -2.13 29.48
C GLU F 10 8.01 -3.18 30.55
N VAL F 11 8.87 -2.81 31.49
CA VAL F 11 9.14 -3.64 32.66
C VAL F 11 7.92 -3.58 33.56
N GLN F 12 7.30 -4.74 33.78
CA GLN F 12 6.08 -4.79 34.57
C GLN F 12 6.36 -4.26 35.97
N PHE F 13 5.74 -3.12 36.29
CA PHE F 13 5.94 -2.46 37.56
C PHE F 13 4.79 -2.82 38.49
N LEU F 14 5.12 -3.51 39.58
CA LEU F 14 4.10 -4.11 40.42
C LEU F 14 3.30 -3.05 41.16
N ARG F 15 2.08 -2.80 40.68
CA ARG F 15 1.15 -1.89 41.31
C ARG F 15 0.38 -2.66 42.37
N THR F 16 0.12 -2.00 43.50
CA THR F 16 -0.71 -2.58 44.54
C THR F 16 -2.02 -3.12 43.95
N ASP F 17 -2.55 -4.14 44.61
CA ASP F 17 -3.74 -4.92 44.26
C ASP F 17 -3.44 -5.94 43.17
N ASP F 18 -2.19 -6.11 42.77
CA ASP F 18 -1.83 -7.16 41.83
C ASP F 18 -2.00 -8.53 42.50
N GLU F 19 -2.29 -9.54 41.69
CA GLU F 19 -2.37 -10.92 42.18
C GLU F 19 -1.05 -11.61 41.87
N VAL F 20 -0.43 -12.19 42.89
CA VAL F 20 1.00 -12.46 42.91
C VAL F 20 1.27 -13.81 43.56
N VAL F 21 2.29 -14.50 43.04
CA VAL F 21 2.90 -15.65 43.72
C VAL F 21 4.37 -15.36 43.94
N LEU F 22 4.83 -15.57 45.16
CA LEU F 22 6.25 -15.48 45.46
C LEU F 22 6.91 -16.82 45.21
N GLN F 23 8.18 -16.79 44.80
CA GLN F 23 8.87 -17.98 44.33
C GLN F 23 10.26 -18.06 44.93
N CYS F 24 10.69 -19.27 45.27
CA CYS F 24 12.05 -19.53 45.73
C CYS F 24 12.63 -20.68 44.93
N SER F 25 13.90 -20.57 44.58
CA SER F 25 14.59 -21.59 43.79
C SER F 25 15.79 -22.10 44.57
N ALA F 26 15.69 -23.32 45.07
CA ALA F 26 16.79 -23.98 45.76
C ALA F 26 17.18 -25.22 44.98
N THR F 27 18.48 -25.40 44.76
CA THR F 27 18.94 -26.54 43.98
C THR F 27 18.73 -27.84 44.75
N VAL F 28 18.27 -28.86 44.02
CA VAL F 28 18.07 -30.19 44.57
C VAL F 28 18.90 -31.17 43.73
N LEU F 29 19.72 -31.98 44.41
CA LEU F 29 20.62 -32.91 43.74
C LEU F 29 21.40 -32.23 42.63
N LYS F 30 22.08 -31.14 42.98
CA LYS F 30 22.82 -30.22 42.12
C LYS F 30 21.97 -29.60 41.01
N GLU F 31 20.65 -29.80 41.05
CA GLU F 31 19.77 -29.29 40.02
C GLU F 31 18.80 -28.31 40.66
N GLN F 32 18.60 -27.17 40.02
CA GLN F 32 17.75 -26.14 40.63
C GLN F 32 16.29 -26.53 40.52
N LEU F 33 15.63 -26.61 41.67
CA LEU F 33 14.22 -26.93 41.75
C LEU F 33 13.43 -25.66 42.03
N LYS F 34 12.37 -25.44 41.27
CA LYS F 34 11.54 -24.25 41.41
C LYS F 34 10.39 -24.56 42.35
N LEU F 35 10.33 -23.85 43.48
CA LEU F 35 9.31 -24.06 44.49
C LEU F 35 8.60 -22.75 44.78
N CYS F 36 7.36 -22.85 45.26
CA CYS F 36 6.55 -21.69 45.61
C CYS F 36 5.94 -21.90 46.99
N LEU F 37 5.76 -20.82 47.73
CA LEU F 37 5.15 -20.91 49.05
C LEU F 37 3.64 -20.87 48.96
N ALA F 38 3.00 -21.85 49.60
CA ALA F 38 1.55 -21.89 49.74
C ALA F 38 1.22 -22.26 51.18
N ALA F 39 0.25 -21.54 51.74
CA ALA F 39 -0.25 -21.82 53.08
C ALA F 39 -1.70 -22.24 52.97
N GLU F 40 -2.01 -23.42 53.49
CA GLU F 40 -3.35 -23.99 53.31
C GLU F 40 -4.41 -23.11 53.96
N GLY F 41 -4.05 -22.36 54.99
CA GLY F 41 -5.03 -21.52 55.66
C GLY F 41 -5.81 -22.36 56.65
N PHE F 42 -7.02 -22.74 56.27
CA PHE F 42 -7.81 -23.65 57.08
C PHE F 42 -7.05 -24.95 57.28
N GLY F 43 -7.07 -25.45 58.50
CA GLY F 43 -6.35 -26.66 58.83
C GLY F 43 -4.96 -26.40 59.36
N ASN F 44 -4.13 -25.68 58.59
CA ASN F 44 -2.78 -25.34 59.00
C ASN F 44 -2.51 -23.88 58.67
N ARG F 45 -2.05 -23.13 59.68
CA ARG F 45 -1.65 -21.75 59.43
C ARG F 45 -0.32 -21.69 58.70
N LEU F 46 0.61 -22.58 59.05
CA LEU F 46 1.96 -22.53 58.49
C LEU F 46 1.95 -22.80 56.99
N CYS F 47 2.84 -22.11 56.27
CA CYS F 47 2.96 -22.31 54.84
C CYS F 47 3.89 -23.48 54.55
N PHE F 48 3.72 -24.06 53.37
CA PHE F 48 4.55 -25.15 52.90
C PHE F 48 4.96 -24.90 51.46
N LEU F 49 6.10 -25.45 51.08
CA LEU F 49 6.66 -25.26 49.75
C LEU F 49 6.00 -26.22 48.77
N GLU F 50 5.66 -25.71 47.59
CA GLU F 50 5.20 -26.55 46.50
C GLU F 50 6.11 -26.37 45.30
N PRO F 51 6.67 -27.44 44.75
CA PRO F 51 7.56 -27.30 43.60
C PRO F 51 6.81 -27.27 42.28
N THR F 52 7.09 -26.29 41.45
CA THR F 52 6.49 -26.17 40.13
C THR F 52 7.43 -26.61 39.02
N SER F 53 8.55 -27.25 39.37
CA SER F 53 9.53 -27.63 38.36
C SER F 53 8.97 -28.66 37.39
N ASN F 54 8.20 -29.63 37.90
CA ASN F 54 7.70 -30.70 37.04
C ASN F 54 6.76 -30.17 35.97
N ALA F 55 5.61 -29.64 36.37
CA ALA F 55 4.62 -29.10 35.45
C ALA F 55 4.23 -30.14 34.41
N GLN F 56 5.12 -30.38 33.44
CA GLN F 56 4.87 -31.39 32.42
C GLN F 56 4.74 -32.76 33.06
N ASN F 57 5.36 -32.97 34.22
CA ASN F 57 5.23 -34.24 34.90
C ASN F 57 4.02 -34.24 35.83
N VAL F 58 3.87 -33.20 36.62
CA VAL F 58 2.77 -33.11 37.58
C VAL F 58 2.43 -31.64 37.78
N PRO F 59 1.15 -31.29 37.88
CA PRO F 59 0.78 -29.88 38.02
C PRO F 59 0.80 -29.44 39.49
N PRO F 60 1.56 -28.40 39.81
CA PRO F 60 1.41 -27.77 41.11
C PRO F 60 0.07 -27.08 41.20
N ASP F 61 -0.46 -26.99 42.43
CA ASP F 61 -1.74 -26.34 42.67
C ASP F 61 -1.48 -24.84 42.82
N LEU F 62 -1.62 -24.10 41.73
CA LEU F 62 -1.32 -22.67 41.77
C LEU F 62 -2.34 -21.93 42.62
N ALA F 63 -3.58 -22.43 42.69
CA ALA F 63 -4.64 -21.70 43.37
C ALA F 63 -4.31 -21.48 44.84
N ILE F 64 -3.82 -22.51 45.53
CA ILE F 64 -3.46 -22.34 46.92
C ILE F 64 -2.24 -21.44 47.04
N CYS F 65 -1.39 -21.44 46.02
CA CYS F 65 -0.20 -20.60 46.06
C CYS F 65 -0.53 -19.16 45.69
N CYS F 66 -1.73 -18.92 45.16
CA CYS F 66 -2.11 -17.57 44.78
C CYS F 66 -2.11 -16.64 45.99
N PHE F 67 -1.53 -15.45 45.81
CA PHE F 67 -1.49 -14.45 46.85
C PHE F 67 -1.80 -13.10 46.22
N THR F 68 -2.29 -12.18 47.04
CA THR F 68 -2.55 -10.81 46.62
C THR F 68 -1.92 -9.85 47.61
N LEU F 69 -1.52 -8.69 47.11
CA LEU F 69 -0.89 -7.66 47.95
C LEU F 69 -1.81 -6.44 47.93
N GLU F 70 -2.00 -5.82 49.10
CA GLU F 70 -3.05 -4.83 49.24
C GLU F 70 -2.49 -3.43 49.36
N GLN F 71 -1.64 -3.19 50.36
CA GLN F 71 -1.15 -1.84 50.61
C GLN F 71 0.36 -1.85 50.70
N SER F 72 0.98 -0.80 50.17
CA SER F 72 2.41 -0.58 50.25
C SER F 72 2.68 0.72 50.96
N LEU F 73 3.36 0.65 52.10
CA LEU F 73 3.60 1.80 52.96
C LEU F 73 5.08 1.86 53.30
N SER F 74 5.62 3.08 53.38
CA SER F 74 6.97 3.26 53.89
C SER F 74 7.06 2.78 55.33
N VAL F 75 8.28 2.58 55.81
CA VAL F 75 8.48 2.13 57.18
C VAL F 75 7.87 3.11 58.16
N ARG F 76 8.13 4.40 57.95
CA ARG F 76 7.59 5.42 58.86
C ARG F 76 6.07 5.46 58.80
N ALA F 77 5.51 5.58 57.59
CA ALA F 77 4.07 5.60 57.43
C ALA F 77 3.44 4.41 58.11
N LEU F 78 4.05 3.25 57.97
CA LEU F 78 3.58 2.06 58.65
C LEU F 78 3.64 2.24 60.17
N GLN F 79 4.70 2.84 60.68
CA GLN F 79 4.78 3.07 62.11
C GLN F 79 3.60 3.90 62.59
N GLU F 80 3.32 5.02 61.93
CA GLU F 80 2.26 5.87 62.46
C GLU F 80 0.88 5.28 62.22
N MET F 81 0.68 4.50 61.14
CA MET F 81 -0.67 4.00 60.92
C MET F 81 -0.94 2.81 61.83
N LEU F 82 0.11 2.11 62.26
CA LEU F 82 -0.05 1.16 63.36
C LEU F 82 -0.32 1.90 64.66
N ALA F 83 0.33 3.06 64.85
CA ALA F 83 0.04 3.87 66.03
C ALA F 83 -1.41 4.34 66.02
N ASN F 84 -2.01 4.44 64.85
CA ASN F 84 -3.40 4.82 64.73
C ASN F 84 -4.25 3.67 64.20
N HIS F 98 -3.58 3.01 45.31
CA HIS F 98 -2.87 2.49 44.15
C HIS F 98 -1.49 3.10 43.99
N ARG F 99 -0.47 2.40 44.48
CA ARG F 99 0.92 2.81 44.34
C ARG F 99 1.74 1.62 43.89
N THR F 100 2.60 1.85 42.90
CA THR F 100 3.50 0.79 42.46
C THR F 100 4.51 0.47 43.55
N LEU F 101 4.90 -0.80 43.62
CA LEU F 101 5.79 -1.25 44.69
C LEU F 101 7.12 -0.50 44.64
N LEU F 102 7.53 0.01 45.80
CA LEU F 102 8.77 0.74 45.95
C LEU F 102 9.66 0.01 46.94
N TYR F 103 10.95 -0.10 46.61
CA TYR F 103 11.90 -0.70 47.54
C TYR F 103 11.88 0.05 48.87
N GLY F 104 11.81 -0.72 49.96
CA GLY F 104 11.76 -0.14 51.28
C GLY F 104 10.37 0.13 51.81
N HIS F 105 9.38 0.32 50.94
CA HIS F 105 8.01 0.50 51.39
C HIS F 105 7.36 -0.85 51.64
N ALA F 106 7.02 -1.12 52.89
CA ALA F 106 6.48 -2.42 53.28
C ALA F 106 5.15 -2.68 52.60
N ILE F 107 4.92 -3.93 52.21
CA ILE F 107 3.70 -4.34 51.52
C ILE F 107 2.94 -5.34 52.38
N LEU F 108 1.62 -5.16 52.45
CA LEU F 108 0.71 -6.15 53.00
C LEU F 108 0.29 -7.09 51.87
N LEU F 109 0.52 -8.38 52.05
CA LEU F 109 0.29 -9.37 51.01
C LEU F 109 -0.50 -10.54 51.58
N ARG F 110 -1.72 -10.73 51.06
CA ARG F 110 -2.70 -11.62 51.65
C ARG F 110 -3.02 -12.73 50.65
N HIS F 111 -3.40 -13.90 51.17
CA HIS F 111 -3.65 -15.04 50.30
C HIS F 111 -5.08 -15.00 49.79
N ALA F 112 -5.25 -15.25 48.48
CA ALA F 112 -6.55 -15.09 47.85
C ALA F 112 -7.58 -16.06 48.43
N HIS F 113 -7.26 -17.35 48.47
CA HIS F 113 -8.22 -18.32 48.97
C HIS F 113 -8.49 -18.11 50.46
N SER F 114 -7.46 -17.82 51.23
CA SER F 114 -7.67 -17.62 52.66
C SER F 114 -8.44 -16.34 52.94
N ARG F 115 -8.30 -15.33 52.07
CA ARG F 115 -8.69 -13.97 52.40
C ARG F 115 -8.07 -13.55 53.73
N MET F 116 -6.87 -14.05 53.99
CA MET F 116 -6.19 -13.87 55.25
C MET F 116 -4.71 -13.61 54.94
N TYR F 117 -4.08 -12.78 55.76
CA TYR F 117 -2.81 -12.18 55.40
C TYR F 117 -1.66 -12.87 56.14
N LEU F 118 -0.52 -13.01 55.47
CA LEU F 118 0.58 -13.80 55.99
C LEU F 118 1.32 -13.09 57.11
N SER F 119 1.81 -13.87 58.07
CA SER F 119 2.58 -13.36 59.20
C SER F 119 3.49 -14.46 59.73
N CYS F 120 4.49 -14.06 60.49
CA CYS F 120 5.32 -15.05 61.17
C CYS F 120 4.75 -15.36 62.55
N LEU F 121 4.46 -16.63 62.77
CA LEU F 121 3.93 -17.05 64.07
C LEU F 121 5.02 -16.90 65.14
N THR F 122 4.59 -16.48 66.33
CA THR F 122 5.54 -16.30 67.42
C THR F 122 6.21 -17.61 67.78
N THR F 123 5.55 -18.74 67.52
CA THR F 123 6.11 -20.04 67.86
C THR F 123 7.34 -20.32 67.01
N SER F 124 8.12 -21.30 67.45
CA SER F 124 9.33 -21.73 66.73
C SER F 124 9.21 -23.24 66.50
N ARG F 125 8.64 -23.61 65.35
CA ARG F 125 8.54 -25.01 64.98
C ARG F 125 9.91 -25.63 64.81
N SER F 126 10.92 -24.81 64.50
CA SER F 126 12.27 -25.31 64.30
C SER F 126 12.85 -25.84 65.61
N MET F 127 13.07 -27.15 65.68
CA MET F 127 13.75 -27.71 66.82
C MET F 127 15.22 -27.28 66.84
N THR F 128 15.83 -27.14 65.67
CA THR F 128 17.26 -26.86 65.63
C THR F 128 17.54 -25.42 66.03
N ASP F 129 16.75 -24.47 65.55
CA ASP F 129 16.93 -23.06 65.86
C ASP F 129 15.71 -22.53 66.59
N LYS F 130 15.92 -22.00 67.79
CA LYS F 130 14.81 -21.39 68.53
C LYS F 130 14.37 -20.09 67.88
N LEU F 131 15.32 -19.36 67.29
CA LEU F 131 14.98 -18.10 66.64
C LEU F 131 14.08 -18.32 65.43
N ALA F 132 14.29 -19.43 64.71
CA ALA F 132 13.53 -19.69 63.50
C ALA F 132 12.05 -19.85 63.82
N PHE F 133 11.23 -19.01 63.19
CA PHE F 133 9.81 -18.93 63.50
C PHE F 133 9.01 -19.28 62.25
N ASP F 134 7.99 -20.13 62.43
CA ASP F 134 7.13 -20.48 61.32
C ASP F 134 6.28 -19.28 60.88
N VAL F 135 6.04 -19.20 59.58
CA VAL F 135 5.27 -18.12 58.97
C VAL F 135 3.87 -18.64 58.70
N GLY F 136 2.86 -17.92 59.16
CA GLY F 136 1.48 -18.35 59.02
C GLY F 136 0.55 -17.19 58.69
N LEU F 137 -0.54 -17.53 58.00
CA LEU F 137 -1.51 -16.51 57.64
C LEU F 137 -2.26 -16.03 58.88
N GLN F 138 -2.34 -14.71 59.03
CA GLN F 138 -2.91 -14.08 60.21
C GLN F 138 -4.25 -13.43 59.86
N GLU F 139 -5.22 -13.56 60.76
CA GLU F 139 -6.53 -12.95 60.54
C GLU F 139 -6.44 -11.42 60.57
N ASP F 140 -5.51 -10.89 61.34
CA ASP F 140 -5.34 -9.44 61.49
C ASP F 140 -4.21 -8.98 60.58
N ALA F 141 -4.25 -7.70 60.21
CA ALA F 141 -3.16 -7.14 59.41
C ALA F 141 -2.12 -6.45 60.28
N THR F 142 -2.52 -6.05 61.48
CA THR F 142 -1.59 -5.37 62.38
C THR F 142 -0.55 -6.35 62.91
N GLY F 143 0.57 -5.82 63.34
CA GLY F 143 1.68 -6.63 63.80
C GLY F 143 2.89 -6.46 62.90
N GLU F 144 4.00 -6.06 63.51
CA GLU F 144 5.18 -5.71 62.71
C GLU F 144 5.84 -6.97 62.15
N ALA F 145 5.82 -8.06 62.92
CA ALA F 145 6.28 -9.34 62.40
C ALA F 145 5.47 -9.76 61.18
N CYS F 146 4.18 -9.44 61.18
CA CYS F 146 3.35 -9.71 60.01
C CYS F 146 3.86 -8.95 58.80
N TRP F 147 4.34 -7.73 59.01
CA TRP F 147 4.86 -6.91 57.93
C TRP F 147 6.29 -7.31 57.61
N TRP F 148 6.75 -6.89 56.43
CA TRP F 148 8.07 -7.27 55.94
C TRP F 148 8.74 -6.05 55.33
N THR F 149 10.07 -6.12 55.23
CA THR F 149 10.86 -5.09 54.56
C THR F 149 11.47 -5.70 53.31
N MET F 150 11.43 -4.94 52.21
CA MET F 150 11.89 -5.41 50.91
C MET F 150 13.06 -4.56 50.45
N HIS F 151 14.13 -5.22 50.04
CA HIS F 151 15.35 -4.56 49.63
C HIS F 151 15.92 -5.23 48.39
N PRO F 152 16.63 -4.49 47.55
CA PRO F 152 17.29 -5.10 46.40
C PRO F 152 18.30 -6.15 46.85
N ALA F 153 18.36 -7.26 46.13
CA ALA F 153 19.33 -8.30 46.46
C ALA F 153 20.74 -7.84 46.18
N SER F 154 20.99 -7.28 44.99
CA SER F 154 22.31 -6.80 44.62
C SER F 154 22.23 -5.30 44.34
N LYS F 155 23.33 -4.78 43.79
CA LYS F 155 23.52 -3.33 43.79
C LYS F 155 22.96 -2.67 42.53
N GLN F 156 22.77 -3.43 41.45
CA GLN F 156 22.21 -2.82 40.25
C GLN F 156 20.80 -2.29 40.53
N ARG F 157 20.00 -3.07 41.25
CA ARG F 157 18.80 -2.51 41.86
C ARG F 157 19.21 -1.70 43.08
N SER F 158 18.46 -0.62 43.34
CA SER F 158 18.80 0.31 44.40
C SER F 158 17.73 0.26 45.49
N GLU F 159 18.13 0.57 46.72
CA GLU F 159 17.19 0.72 47.80
C GLU F 159 16.42 2.02 47.65
N GLY F 160 15.16 2.01 48.08
CA GLY F 160 14.34 3.21 48.01
C GLY F 160 14.01 3.65 46.61
N GLU F 161 13.78 2.71 45.70
CA GLU F 161 13.35 3.00 44.35
C GLU F 161 12.26 2.02 43.94
N LYS F 162 11.86 2.09 42.68
CA LYS F 162 10.73 1.30 42.22
C LYS F 162 11.15 -0.16 42.00
N VAL F 163 10.27 -1.07 42.41
CA VAL F 163 10.56 -2.50 42.24
C VAL F 163 10.13 -2.93 40.85
N ARG F 164 10.94 -3.78 40.22
CA ARG F 164 10.68 -4.27 38.87
C ARG F 164 10.17 -5.70 38.94
N VAL F 165 9.57 -6.16 37.85
CA VAL F 165 9.11 -7.55 37.77
C VAL F 165 10.32 -8.48 37.73
N GLY F 166 10.17 -9.65 38.33
CA GLY F 166 11.21 -10.66 38.30
C GLY F 166 12.43 -10.34 39.14
N ASP F 167 12.37 -9.30 39.96
CA ASP F 167 13.52 -8.90 40.75
C ASP F 167 13.80 -9.92 41.84
N ASP F 168 15.00 -9.84 42.40
CA ASP F 168 15.37 -10.70 43.50
C ASP F 168 15.27 -9.94 44.81
N LEU F 169 14.40 -10.41 45.70
CA LEU F 169 14.10 -9.72 46.94
C LEU F 169 14.39 -10.60 48.14
N ILE F 170 14.95 -9.99 49.18
CA ILE F 170 15.26 -10.66 50.43
C ILE F 170 14.56 -9.91 51.55
N LEU F 171 13.87 -10.64 52.42
CA LEU F 171 12.83 -10.07 53.27
C LEU F 171 13.03 -10.48 54.71
N VAL F 172 13.07 -9.50 55.62
CA VAL F 172 12.99 -9.74 57.06
C VAL F 172 11.59 -9.36 57.54
N SER F 173 10.98 -10.25 58.30
CA SER F 173 9.80 -9.86 59.07
C SER F 173 10.23 -8.90 60.17
N VAL F 174 9.50 -7.79 60.29
CA VAL F 174 10.06 -6.62 60.97
C VAL F 174 10.30 -6.92 62.44
N SER F 175 9.28 -7.44 63.14
CA SER F 175 9.51 -7.82 64.53
C SER F 175 10.55 -8.92 64.63
N SER F 176 10.47 -9.88 63.70
CA SER F 176 11.48 -10.93 63.65
C SER F 176 12.84 -10.38 63.33
N GLU F 177 12.91 -9.43 62.39
CA GLU F 177 14.17 -9.06 61.74
C GLU F 177 14.86 -10.31 61.19
N ARG F 178 14.05 -11.29 60.81
CA ARG F 178 14.53 -12.59 60.36
C ARG F 178 14.25 -12.71 58.88
N TYR F 179 15.29 -12.97 58.10
CA TYR F 179 15.10 -13.20 56.67
C TYR F 179 14.35 -14.51 56.44
N LEU F 180 13.52 -14.52 55.41
CA LEU F 180 12.84 -15.76 55.06
C LEU F 180 13.86 -16.78 54.56
N HIS F 181 13.73 -18.00 55.06
CA HIS F 181 14.77 -19.00 54.88
C HIS F 181 14.17 -20.40 54.82
N LEU F 182 14.93 -21.32 54.25
CA LEU F 182 14.54 -22.72 54.16
C LEU F 182 15.33 -23.53 55.18
N SER F 183 14.62 -24.27 56.02
CA SER F 183 15.25 -25.10 57.03
C SER F 183 15.80 -26.34 56.36
N THR F 184 16.97 -26.21 55.74
CA THR F 184 17.64 -27.35 55.13
C THR F 184 18.10 -28.36 56.17
N ALA F 185 18.11 -27.99 57.45
CA ALA F 185 18.32 -28.98 58.50
C ALA F 185 17.31 -30.10 58.38
N SER F 186 16.03 -29.74 58.21
CA SER F 186 15.08 -30.70 57.71
C SER F 186 15.51 -31.16 56.32
N GLY F 187 15.48 -32.47 56.10
CA GLY F 187 15.92 -32.99 54.82
C GLY F 187 15.18 -32.36 53.66
N GLU F 188 13.86 -32.25 53.77
CA GLU F 188 13.10 -31.43 52.84
C GLU F 188 13.26 -29.97 53.20
N LEU F 189 13.23 -29.11 52.20
CA LEU F 189 13.25 -27.67 52.46
C LEU F 189 11.96 -27.26 53.17
N GLN F 190 12.11 -26.59 54.30
CA GLN F 190 10.99 -26.09 55.08
C GLN F 190 11.22 -24.63 55.40
N VAL F 191 10.23 -23.79 55.10
CA VAL F 191 10.42 -22.36 55.26
C VAL F 191 10.50 -21.99 56.73
N ASP F 192 11.42 -21.06 57.04
CA ASP F 192 11.63 -20.60 58.40
C ASP F 192 12.11 -19.16 58.36
N ALA F 193 11.65 -18.38 59.34
CA ALA F 193 12.07 -16.99 59.48
C ALA F 193 13.34 -16.96 60.32
N SER F 194 14.47 -16.65 59.69
CA SER F 194 15.75 -16.67 60.37
C SER F 194 16.55 -15.42 59.99
N PHE F 195 17.45 -15.03 60.88
CA PHE F 195 18.30 -13.88 60.58
C PHE F 195 19.09 -14.10 59.30
N MET F 196 19.55 -15.33 59.05
CA MET F 196 20.23 -15.62 57.80
C MET F 196 19.25 -15.55 56.64
N GLN F 197 19.79 -15.26 55.46
CA GLN F 197 18.99 -14.84 54.31
C GLN F 197 18.81 -15.98 53.33
N THR F 198 17.63 -16.03 52.71
CA THR F 198 17.37 -16.86 51.54
C THR F 198 16.57 -16.04 50.54
N LEU F 199 17.10 -15.95 49.32
CA LEU F 199 16.54 -15.04 48.32
C LEU F 199 15.13 -15.50 47.94
N TRP F 200 14.30 -14.54 47.55
CA TRP F 200 12.93 -14.80 47.13
C TRP F 200 12.62 -13.96 45.90
N ASN F 201 12.03 -14.59 44.87
CA ASN F 201 11.76 -13.93 43.60
C ASN F 201 10.27 -13.86 43.33
N MET F 202 9.82 -12.72 42.82
CA MET F 202 8.43 -12.40 42.60
C MET F 202 8.08 -12.66 41.13
N ASN F 203 6.92 -13.28 40.91
CA ASN F 203 6.42 -13.60 39.58
C ASN F 203 4.94 -13.23 39.53
N PRO F 204 4.53 -12.37 38.59
CA PRO F 204 3.13 -11.92 38.58
C PRO F 204 2.19 -13.03 38.12
N ILE F 205 0.98 -13.04 38.67
CA ILE F 205 -0.03 -13.95 38.18
C ILE F 205 -1.06 -13.20 37.34
N CYS F 206 -1.66 -12.16 37.90
CA CYS F 206 -2.63 -11.35 37.19
C CYS F 206 -2.62 -9.94 37.78
N SER F 207 -2.85 -8.96 36.91
CA SER F 207 -2.78 -7.56 37.32
C SER F 207 -4.14 -6.88 37.31
N CYS F 208 -4.81 -6.85 36.16
CA CYS F 208 -6.10 -6.19 36.04
C CYS F 208 -6.92 -6.90 34.99
N CYS F 209 -8.15 -7.25 35.38
CA CYS F 209 -9.08 -7.97 34.51
C CYS F 209 -10.28 -7.09 34.22
N GLU F 210 -10.59 -6.94 32.94
CA GLU F 210 -11.72 -6.12 32.55
C GLU F 210 -13.02 -6.82 32.93
N GLU F 211 -14.11 -6.06 32.97
CA GLU F 211 -15.41 -6.65 33.27
C GLU F 211 -15.73 -7.75 32.25
N GLY F 212 -16.24 -8.87 32.76
CA GLY F 212 -16.35 -10.02 31.89
C GLY F 212 -14.95 -10.47 31.48
N TYR F 213 -14.86 -10.94 30.23
CA TYR F 213 -13.56 -11.18 29.62
C TYR F 213 -12.70 -12.18 30.40
N VAL F 214 -13.06 -13.47 30.34
CA VAL F 214 -12.43 -14.48 31.17
C VAL F 214 -10.91 -14.31 31.24
N THR F 215 -10.37 -14.54 32.41
CA THR F 215 -8.94 -14.50 32.66
C THR F 215 -8.55 -15.76 33.40
N GLY F 216 -7.26 -16.12 33.29
CA GLY F 216 -6.79 -17.29 33.99
C GLY F 216 -6.88 -17.13 35.49
N GLY F 217 -6.90 -18.25 36.19
CA GLY F 217 -6.92 -18.23 37.64
C GLY F 217 -8.26 -17.91 38.26
N HIS F 218 -9.34 -17.95 37.48
CA HIS F 218 -10.68 -17.67 38.00
C HIS F 218 -11.56 -18.90 37.83
N VAL F 219 -12.25 -19.28 38.91
CA VAL F 219 -13.14 -20.42 38.87
C VAL F 219 -14.32 -20.11 37.97
N LEU F 220 -14.87 -21.14 37.34
CA LEU F 220 -15.87 -20.95 36.29
C LEU F 220 -16.79 -22.15 36.24
N ARG F 221 -17.97 -21.94 35.65
CA ARG F 221 -18.95 -22.99 35.39
C ARG F 221 -19.35 -22.92 33.93
N LEU F 222 -19.47 -24.08 33.28
CA LEU F 222 -19.66 -24.15 31.85
C LEU F 222 -20.91 -24.95 31.52
N PHE F 223 -21.75 -24.42 30.65
CA PHE F 223 -23.02 -25.02 30.27
C PHE F 223 -22.97 -25.41 28.80
N HIS F 224 -22.97 -26.72 28.53
CA HIS F 224 -22.99 -27.17 27.14
C HIS F 224 -24.29 -26.76 26.46
N GLY F 225 -25.42 -26.92 27.14
CA GLY F 225 -26.66 -26.40 26.63
C GLY F 225 -26.83 -24.92 26.96
N HIS F 226 -27.93 -24.35 26.47
CA HIS F 226 -28.25 -22.96 26.70
C HIS F 226 -28.91 -22.80 28.08
N MET F 227 -28.06 -22.91 29.11
CA MET F 227 -28.40 -22.81 30.52
C MET F 227 -29.30 -23.95 30.99
N ASP F 228 -29.68 -24.87 30.11
CA ASP F 228 -30.52 -25.99 30.54
C ASP F 228 -29.72 -27.00 31.35
N GLU F 229 -28.42 -27.11 31.08
CA GLU F 229 -27.61 -28.12 31.72
C GLU F 229 -26.14 -27.70 31.71
N CYS F 230 -25.36 -28.28 32.61
CA CYS F 230 -23.97 -27.92 32.81
C CYS F 230 -23.11 -29.17 32.97
N LEU F 231 -21.81 -29.01 32.73
CA LEU F 231 -20.90 -30.13 32.87
C LEU F 231 -20.53 -30.33 34.34
N THR F 232 -20.69 -31.58 34.80
CA THR F 232 -20.47 -31.88 36.21
C THR F 232 -19.96 -33.31 36.36
N ILE F 233 -19.32 -33.56 37.49
CA ILE F 233 -18.95 -34.92 37.87
C ILE F 233 -20.19 -35.66 38.34
N SER F 234 -20.03 -36.98 38.51
CA SER F 234 -21.10 -37.78 39.08
C SER F 234 -21.34 -37.37 40.53
N ALA F 235 -22.54 -37.66 41.02
CA ALA F 235 -22.85 -37.36 42.41
C ALA F 235 -21.94 -38.16 43.34
N ALA F 236 -21.75 -37.64 44.55
CA ALA F 236 -20.86 -38.28 45.50
C ALA F 236 -21.35 -39.67 45.86
N ASP F 237 -20.43 -40.50 46.36
CA ASP F 237 -20.64 -41.89 46.75
C ASP F 237 -21.07 -42.75 45.57
N SER F 238 -20.90 -42.31 44.34
CA SER F 238 -21.25 -43.12 43.19
C SER F 238 -20.26 -44.27 43.00
N ASP F 239 -20.73 -45.33 42.36
CA ASP F 239 -19.88 -46.49 42.10
C ASP F 239 -18.71 -46.13 41.19
N ASP F 240 -18.95 -45.25 40.21
CA ASP F 240 -17.88 -44.85 39.30
C ASP F 240 -16.82 -44.03 40.00
N GLN F 241 -17.09 -43.62 41.24
CA GLN F 241 -16.22 -42.74 42.02
C GLN F 241 -16.07 -41.37 41.37
N ARG F 242 -17.09 -40.92 40.66
CA ARG F 242 -17.16 -39.63 39.99
C ARG F 242 -16.09 -39.46 38.93
N ARG F 243 -15.48 -40.55 38.46
CA ARG F 243 -14.52 -40.44 37.37
C ARG F 243 -15.20 -39.97 36.09
N LEU F 244 -16.39 -40.48 35.82
CA LEU F 244 -17.13 -40.15 34.60
C LEU F 244 -17.89 -38.84 34.80
N VAL F 245 -17.76 -37.93 33.83
CA VAL F 245 -18.44 -36.65 33.86
C VAL F 245 -19.51 -36.66 32.79
N TYR F 246 -20.74 -36.33 33.17
CA TYR F 246 -21.88 -36.36 32.29
C TYR F 246 -22.52 -34.99 32.24
N TYR F 247 -23.01 -34.60 31.06
CA TYR F 247 -23.72 -33.35 30.93
C TYR F 247 -25.07 -33.45 31.62
N GLU F 248 -25.22 -32.74 32.74
CA GLU F 248 -26.39 -32.88 33.58
C GLU F 248 -26.97 -31.50 33.88
N GLY F 249 -28.29 -31.45 34.03
CA GLY F 249 -28.97 -30.22 34.34
C GLY F 249 -29.93 -30.33 35.50
N GLY F 250 -30.00 -29.28 36.31
CA GLY F 250 -30.89 -29.28 37.45
C GLY F 250 -30.29 -28.52 38.61
N ALA F 251 -30.56 -29.02 39.82
CA ALA F 251 -29.96 -28.43 41.00
C ALA F 251 -28.43 -28.60 40.98
N VAL F 252 -27.93 -29.58 40.24
CA VAL F 252 -26.50 -29.77 40.12
C VAL F 252 -25.85 -28.51 39.55
N CYS F 253 -26.57 -27.80 38.69
CA CYS F 253 -26.03 -26.57 38.11
C CYS F 253 -25.71 -25.55 39.20
N THR F 254 -26.60 -25.43 40.18
CA THR F 254 -26.28 -24.59 41.34
C THR F 254 -25.24 -25.24 42.22
N HIS F 255 -25.15 -26.57 42.18
CA HIS F 255 -24.27 -27.29 43.09
C HIS F 255 -22.80 -27.06 42.76
N ALA F 256 -21.94 -27.43 43.70
CA ALA F 256 -20.51 -27.20 43.54
C ALA F 256 -19.89 -28.21 42.59
N ARG F 257 -20.46 -29.42 42.51
CA ARG F 257 -19.90 -30.43 41.63
C ARG F 257 -19.92 -29.96 40.18
N SER F 258 -20.86 -29.09 39.83
CA SER F 258 -20.87 -28.54 38.47
C SER F 258 -19.78 -27.49 38.29
N LEU F 259 -19.33 -26.88 39.39
CA LEU F 259 -18.24 -25.92 39.30
C LEU F 259 -16.96 -26.62 38.90
N TRP F 260 -16.13 -25.92 38.11
CA TRP F 260 -14.88 -26.48 37.63
C TRP F 260 -13.77 -25.46 37.79
N ARG F 261 -12.54 -25.96 37.87
CA ARG F 261 -11.36 -25.14 37.99
C ARG F 261 -10.51 -25.29 36.74
N LEU F 262 -10.05 -24.17 36.18
CA LEU F 262 -9.29 -24.14 34.94
C LEU F 262 -8.01 -23.35 35.16
N GLU F 263 -6.87 -23.94 34.79
CA GLU F 263 -5.59 -23.30 34.97
C GLU F 263 -4.77 -23.38 33.69
N PRO F 264 -3.97 -22.37 33.38
CA PRO F 264 -3.12 -22.44 32.19
C PRO F 264 -1.91 -23.31 32.41
N LEU F 265 -1.21 -23.59 31.31
CA LEU F 265 0.00 -24.40 31.40
C LEU F 265 1.16 -23.61 31.98
N ARG F 266 1.45 -22.44 31.41
CA ARG F 266 2.56 -21.62 31.88
C ARG F 266 2.24 -21.05 33.25
N ILE F 267 3.23 -21.11 34.16
CA ILE F 267 3.00 -20.62 35.52
C ILE F 267 2.96 -19.10 35.54
N SER F 268 3.94 -18.46 34.92
CA SER F 268 3.98 -17.00 34.93
C SER F 268 2.79 -16.42 34.18
N TRP F 269 2.22 -15.37 34.74
CA TRP F 269 1.05 -14.70 34.16
C TRP F 269 -0.07 -15.69 33.91
N SER F 270 -0.27 -16.60 34.87
CA SER F 270 -1.36 -17.56 34.75
C SER F 270 -2.70 -16.86 34.77
N GLY F 271 -2.82 -15.76 35.52
CA GLY F 271 -4.08 -15.05 35.61
C GLY F 271 -4.37 -14.15 34.43
N SER F 272 -3.52 -14.16 33.41
CA SER F 272 -3.70 -13.27 32.28
C SER F 272 -5.01 -13.55 31.55
N HIS F 273 -5.37 -12.67 30.62
CA HIS F 273 -6.51 -12.92 29.76
C HIS F 273 -6.35 -14.26 29.05
N LEU F 274 -7.38 -15.10 29.17
CA LEU F 274 -7.37 -16.37 28.46
C LEU F 274 -7.43 -16.13 26.96
N ARG F 275 -6.56 -16.83 26.22
CA ARG F 275 -6.39 -16.61 24.80
C ARG F 275 -7.05 -17.73 24.01
N TRP F 276 -7.53 -17.39 22.82
CA TRP F 276 -8.19 -18.37 21.97
C TRP F 276 -7.20 -19.44 21.57
N GLY F 277 -7.58 -20.71 21.77
CA GLY F 277 -6.70 -21.82 21.50
C GLY F 277 -5.57 -21.98 22.50
N GLN F 278 -5.67 -21.35 23.66
CA GLN F 278 -4.60 -21.46 24.65
C GLN F 278 -4.51 -22.88 25.18
N PRO F 279 -3.30 -23.39 25.41
CA PRO F 279 -3.18 -24.65 26.15
C PRO F 279 -3.64 -24.46 27.58
N LEU F 280 -4.51 -25.36 28.03
CA LEU F 280 -5.18 -25.19 29.31
C LEU F 280 -5.29 -26.53 30.00
N ARG F 281 -5.30 -26.50 31.33
CA ARG F 281 -5.46 -27.72 32.13
C ARG F 281 -6.71 -27.58 32.98
N ILE F 282 -7.48 -28.65 33.06
CA ILE F 282 -8.78 -28.66 33.72
C ILE F 282 -8.72 -29.58 34.91
N ARG F 283 -8.97 -29.04 36.10
CA ARG F 283 -9.05 -29.80 37.34
C ARG F 283 -10.40 -29.49 38.00
N HIS F 284 -11.12 -30.53 38.41
CA HIS F 284 -12.41 -30.27 39.05
C HIS F 284 -12.18 -29.77 40.47
N VAL F 285 -12.90 -28.72 40.84
CA VAL F 285 -12.59 -28.01 42.08
C VAL F 285 -12.83 -28.90 43.29
N THR F 286 -13.98 -29.58 43.35
CA THR F 286 -14.30 -30.37 44.54
C THR F 286 -13.41 -31.59 44.63
N THR F 287 -13.26 -32.32 43.53
CA THR F 287 -12.41 -33.50 43.54
C THR F 287 -10.94 -33.14 43.75
N GLY F 288 -10.49 -32.09 43.06
CA GLY F 288 -9.07 -31.83 42.97
C GLY F 288 -8.36 -32.68 41.95
N ARG F 289 -9.08 -33.51 41.21
CA ARG F 289 -8.49 -34.32 40.16
C ARG F 289 -8.68 -33.62 38.81
N TYR F 290 -7.80 -33.97 37.88
CA TYR F 290 -7.74 -33.31 36.58
C TYR F 290 -8.56 -34.07 35.55
N LEU F 291 -9.08 -33.35 34.56
CA LEU F 291 -9.72 -33.98 33.42
C LEU F 291 -8.70 -34.29 32.35
N ALA F 292 -8.71 -35.52 31.84
CA ALA F 292 -7.71 -35.96 30.89
C ALA F 292 -8.26 -37.13 30.08
N LEU F 293 -7.45 -37.58 29.13
CA LEU F 293 -7.81 -38.67 28.23
C LEU F 293 -7.05 -39.93 28.64
N THR F 294 -7.78 -41.04 28.78
CA THR F 294 -7.18 -42.35 29.00
C THR F 294 -7.62 -43.27 27.86
N GLU F 295 -6.68 -44.07 27.34
CA GLU F 295 -7.00 -44.93 26.22
C GLU F 295 -8.12 -45.90 26.57
N ASP F 296 -8.12 -46.43 27.79
CA ASP F 296 -9.13 -47.39 28.17
C ASP F 296 -10.50 -46.74 28.37
N GLN F 297 -10.53 -45.58 29.03
CA GLN F 297 -11.79 -44.96 29.43
C GLN F 297 -12.11 -43.69 28.66
N GLY F 298 -11.47 -43.46 27.52
CA GLY F 298 -11.70 -42.20 26.83
C GLY F 298 -11.20 -41.06 27.69
N LEU F 299 -12.09 -40.14 28.05
CA LEU F 299 -11.75 -39.05 28.94
C LEU F 299 -12.51 -39.21 30.24
N VAL F 300 -11.78 -39.16 31.36
CA VAL F 300 -12.35 -39.18 32.70
C VAL F 300 -11.54 -38.25 33.57
N VAL F 301 -12.10 -37.89 34.71
CA VAL F 301 -11.36 -37.07 35.66
C VAL F 301 -10.32 -37.93 36.36
N VAL F 302 -9.07 -37.49 36.32
CA VAL F 302 -7.95 -38.28 36.80
C VAL F 302 -7.18 -37.51 37.85
N ASP F 303 -6.52 -38.25 38.73
CA ASP F 303 -5.72 -37.64 39.79
C ASP F 303 -4.55 -36.87 39.19
N ALA F 304 -4.10 -35.85 39.92
CA ALA F 304 -3.02 -35.00 39.43
C ALA F 304 -1.73 -35.79 39.24
N CYS F 305 -1.41 -36.69 40.17
CA CYS F 305 -0.21 -37.50 40.02
C CYS F 305 -0.29 -38.37 38.77
N LYS F 306 -1.46 -38.95 38.51
CA LYS F 306 -1.64 -39.73 37.28
C LYS F 306 -1.62 -38.84 36.05
N ALA F 307 -1.96 -37.56 36.21
CA ALA F 307 -2.05 -36.66 35.08
C ALA F 307 -0.69 -36.48 34.43
N HIS F 308 -0.68 -36.55 33.10
CA HIS F 308 0.55 -36.57 32.32
C HIS F 308 0.78 -35.24 31.60
N THR F 309 -0.15 -34.30 31.73
CA THR F 309 0.01 -32.89 31.37
C THR F 309 -0.02 -32.69 29.86
N LYS F 310 0.02 -33.77 29.10
CA LYS F 310 -0.13 -33.63 27.65
C LYS F 310 -1.48 -34.18 27.22
N ALA F 311 -1.77 -35.44 27.58
CA ALA F 311 -3.14 -35.92 27.47
C ALA F 311 -4.06 -35.12 28.39
N THR F 312 -3.50 -34.56 29.46
CA THR F 312 -4.29 -33.72 30.34
C THR F 312 -4.54 -32.35 29.72
N SER F 313 -3.63 -31.90 28.86
CA SER F 313 -3.73 -30.56 28.29
C SER F 313 -4.87 -30.48 27.29
N PHE F 314 -5.71 -29.47 27.44
CA PHE F 314 -6.81 -29.20 26.52
C PHE F 314 -6.75 -27.75 26.10
N CYS F 315 -7.36 -27.45 24.95
CA CYS F 315 -7.40 -26.09 24.42
C CYS F 315 -8.85 -25.69 24.16
N PHE F 316 -9.14 -24.42 24.32
CA PHE F 316 -10.48 -23.91 24.07
C PHE F 316 -10.52 -23.15 22.76
N ARG F 317 -11.55 -23.42 21.96
CA ARG F 317 -11.62 -22.93 20.58
C ARG F 317 -12.91 -22.17 20.35
N VAL F 318 -12.83 -21.09 19.58
CA VAL F 318 -14.02 -20.34 19.20
C VAL F 318 -14.69 -20.97 17.98
N SER F 319 -13.95 -21.81 17.25
CA SER F 319 -14.38 -22.31 15.97
C SER F 319 -14.24 -23.82 15.91
N LYS F 320 -15.25 -24.49 15.33
CA LYS F 320 -15.17 -25.94 15.15
C LYS F 320 -14.16 -26.32 14.08
N GLU F 321 -14.20 -25.65 12.93
CA GLU F 321 -13.24 -25.96 11.88
C GLU F 321 -11.84 -25.62 12.35
N LYS F 322 -10.87 -26.44 11.95
CA LYS F 322 -9.55 -26.43 12.56
C LYS F 322 -8.50 -26.16 11.51
N LEU F 323 -7.65 -25.15 11.76
CA LEU F 323 -6.46 -24.96 10.95
C LEU F 323 -5.20 -25.23 11.77
N ASP F 324 -5.17 -24.75 13.02
CA ASP F 324 -4.08 -24.96 13.97
C ASP F 324 -2.70 -24.76 13.35
N THR F 325 -2.56 -23.81 12.42
CA THR F 325 -1.33 -23.74 11.63
C THR F 325 -0.18 -23.16 12.43
N ALA F 326 -0.32 -21.91 12.88
CA ALA F 326 0.77 -21.21 13.56
C ALA F 326 0.39 -20.99 15.02
N PRO F 327 1.21 -21.44 15.96
CA PRO F 327 0.91 -21.18 17.38
C PRO F 327 1.10 -19.72 17.72
N LYS F 328 0.22 -19.22 18.58
CA LYS F 328 0.31 -17.85 19.05
C LYS F 328 1.58 -17.66 19.88
N ARG F 329 2.16 -16.47 19.78
CA ARG F 329 3.35 -16.17 20.56
C ARG F 329 2.98 -15.87 22.01
N ASP F 330 3.72 -16.45 22.93
CA ASP F 330 3.46 -16.22 24.35
C ASP F 330 3.75 -14.77 24.70
N VAL F 331 2.85 -14.18 25.49
CA VAL F 331 2.95 -12.77 25.86
C VAL F 331 2.91 -12.67 27.38
N GLU F 332 3.89 -11.96 27.93
CA GLU F 332 3.85 -11.64 29.35
C GLU F 332 2.97 -10.43 29.58
N GLY F 333 2.54 -10.25 30.83
CA GLY F 333 1.60 -9.19 31.14
C GLY F 333 0.17 -9.69 31.13
N MET F 334 -0.75 -8.73 31.03
CA MET F 334 -2.16 -9.06 31.12
C MET F 334 -2.63 -9.74 29.83
N GLY F 335 -2.05 -9.37 28.70
CA GLY F 335 -2.33 -10.00 27.44
C GLY F 335 -3.57 -9.43 26.78
N PRO F 336 -3.75 -9.74 25.48
CA PRO F 336 -5.00 -9.35 24.82
C PRO F 336 -6.16 -10.13 25.40
N PRO F 337 -7.32 -9.52 25.53
CA PRO F 337 -8.49 -10.26 26.01
C PRO F 337 -9.24 -10.95 24.87
N GLU F 338 -9.32 -12.27 24.92
CA GLU F 338 -9.95 -13.00 23.81
C GLU F 338 -11.40 -13.35 24.12
N ILE F 339 -11.63 -14.11 25.19
CA ILE F 339 -12.93 -14.70 25.48
C ILE F 339 -13.58 -13.88 26.59
N LYS F 340 -14.91 -13.78 26.54
CA LYS F 340 -15.67 -12.93 27.44
C LYS F 340 -16.37 -13.78 28.49
N TYR F 341 -16.39 -13.27 29.73
CA TYR F 341 -16.86 -14.06 30.86
C TYR F 341 -18.37 -14.07 30.90
N GLY F 342 -18.97 -15.19 30.48
CA GLY F 342 -20.41 -15.30 30.41
C GLY F 342 -21.02 -14.81 29.11
N GLU F 343 -20.21 -14.41 28.14
CA GLU F 343 -20.71 -13.89 26.87
C GLU F 343 -20.33 -14.75 25.69
N SER F 344 -19.04 -15.07 25.54
CA SER F 344 -18.59 -15.80 24.38
C SER F 344 -18.96 -17.27 24.47
N LEU F 345 -19.12 -17.90 23.31
CA LEU F 345 -19.37 -19.33 23.20
C LEU F 345 -18.13 -19.98 22.58
N CYS F 346 -17.74 -21.14 23.10
CA CYS F 346 -16.43 -21.70 22.84
C CYS F 346 -16.52 -23.20 22.61
N PHE F 347 -15.63 -23.72 21.77
CA PHE F 347 -15.45 -25.16 21.65
C PHE F 347 -14.28 -25.61 22.51
N VAL F 348 -14.40 -26.82 23.05
CA VAL F 348 -13.38 -27.41 23.91
C VAL F 348 -12.67 -28.51 23.13
N GLN F 349 -11.34 -28.46 23.09
CA GLN F 349 -10.55 -29.33 22.24
C GLN F 349 -9.35 -29.86 23.02
N HIS F 350 -9.03 -31.14 22.80
CA HIS F 350 -7.82 -31.72 23.37
C HIS F 350 -6.67 -31.58 22.39
N VAL F 351 -5.59 -30.92 22.83
CA VAL F 351 -4.51 -30.56 21.93
C VAL F 351 -3.85 -31.82 21.36
N ALA F 352 -3.63 -32.83 22.19
CA ALA F 352 -3.00 -34.05 21.71
C ALA F 352 -3.95 -34.85 20.84
N SER F 353 -5.19 -35.02 21.29
CA SER F 353 -6.14 -35.82 20.55
C SER F 353 -6.62 -35.12 19.28
N GLY F 354 -6.95 -33.84 19.39
CA GLY F 354 -7.68 -33.18 18.33
C GLY F 354 -9.13 -33.61 18.26
N LEU F 355 -9.57 -34.49 19.16
CA LEU F 355 -10.91 -35.02 19.17
C LEU F 355 -11.85 -33.99 19.78
N TRP F 356 -13.03 -33.84 19.18
CA TRP F 356 -14.00 -32.86 19.64
C TRP F 356 -14.79 -33.45 20.80
N LEU F 357 -14.86 -32.71 21.91
CA LEU F 357 -15.66 -33.16 23.04
C LEU F 357 -17.14 -32.88 22.81
N THR F 358 -17.95 -33.94 22.89
CA THR F 358 -19.37 -33.83 22.72
C THR F 358 -20.08 -34.78 23.67
N TYR F 359 -21.40 -34.63 23.70
CA TYR F 359 -22.21 -35.55 24.49
C TYR F 359 -22.26 -36.92 23.82
N ALA F 360 -22.51 -37.95 24.63
CA ALA F 360 -22.59 -39.31 24.11
C ALA F 360 -23.87 -39.51 23.30
N ALA F 361 -24.78 -38.53 23.33
CA ALA F 361 -26.10 -38.55 22.72
C ALA F 361 -27.02 -39.39 23.59
N PRO F 362 -28.33 -39.14 23.57
CA PRO F 362 -29.22 -39.92 24.45
C PRO F 362 -29.21 -41.40 24.09
N ASP F 363 -28.78 -42.21 25.04
CA ASP F 363 -28.71 -43.64 24.83
C ASP F 363 -30.10 -44.26 24.86
N PRO F 364 -30.31 -45.35 24.14
CA PRO F 364 -31.57 -46.09 24.28
C PRO F 364 -31.74 -46.60 25.70
N LYS F 365 -32.99 -46.58 26.18
CA LYS F 365 -33.43 -47.14 27.46
C LYS F 365 -32.94 -46.22 28.59
N ALA F 366 -32.07 -45.26 28.29
CA ALA F 366 -31.67 -44.29 29.31
C ALA F 366 -32.83 -43.39 29.71
N LEU F 367 -33.73 -43.12 28.76
CA LEU F 367 -34.94 -42.37 29.09
C LEU F 367 -35.78 -43.11 30.12
N ARG F 368 -35.69 -44.44 30.14
CA ARG F 368 -36.40 -45.22 31.15
C ARG F 368 -35.86 -44.92 32.55
N LEU F 369 -34.54 -44.78 32.67
CA LEU F 369 -33.98 -44.27 33.92
C LEU F 369 -34.45 -42.85 34.18
N GLY F 370 -34.53 -42.05 33.11
CA GLY F 370 -34.87 -40.66 33.26
C GLY F 370 -33.71 -39.77 33.63
N VAL F 371 -32.48 -40.28 33.55
CA VAL F 371 -31.32 -39.46 33.88
C VAL F 371 -31.17 -38.34 32.86
N LEU F 372 -30.88 -37.15 33.36
CA LEU F 372 -30.59 -36.01 32.51
C LEU F 372 -29.10 -35.87 32.23
N LYS F 373 -28.30 -36.83 32.70
CA LYS F 373 -26.85 -36.78 32.58
C LYS F 373 -26.41 -37.75 31.50
N LYS F 374 -25.59 -37.26 30.58
CA LYS F 374 -25.09 -38.06 29.46
C LYS F 374 -23.58 -37.91 29.35
N LYS F 375 -22.89 -39.03 29.21
CA LYS F 375 -21.44 -39.08 29.31
C LYS F 375 -20.79 -38.17 28.27
N ALA F 376 -19.75 -37.46 28.70
CA ALA F 376 -18.93 -36.71 27.77
C ALA F 376 -18.04 -37.65 26.97
N ILE F 377 -18.07 -37.50 25.64
CA ILE F 377 -17.30 -38.37 24.76
C ILE F 377 -16.51 -37.51 23.78
N LEU F 378 -15.42 -38.08 23.28
CA LEU F 378 -14.56 -37.41 22.31
C LEU F 378 -14.92 -37.92 20.93
N HIS F 379 -15.36 -37.01 20.05
CA HIS F 379 -15.82 -37.37 18.72
C HIS F 379 -15.04 -36.57 17.68
N GLN F 380 -14.62 -37.26 16.61
CA GLN F 380 -13.92 -36.56 15.54
C GLN F 380 -14.81 -35.52 14.90
N GLU F 381 -16.03 -35.91 14.52
CA GLU F 381 -16.98 -34.94 13.99
C GLU F 381 -17.60 -34.12 15.11
N GLY F 382 -17.74 -34.72 16.29
CA GLY F 382 -18.36 -33.98 17.39
C GLY F 382 -19.87 -33.95 17.26
N HIS F 383 -20.42 -32.76 17.45
CA HIS F 383 -21.85 -32.52 17.29
C HIS F 383 -22.08 -31.04 17.03
N MET F 384 -23.35 -30.71 16.74
CA MET F 384 -23.70 -29.32 16.50
C MET F 384 -23.51 -28.47 17.75
N ASP F 385 -23.87 -29.00 18.91
CA ASP F 385 -23.83 -28.25 20.16
C ASP F 385 -22.47 -28.31 20.85
N ASP F 386 -21.39 -28.56 20.11
CA ASP F 386 -20.07 -28.62 20.72
C ASP F 386 -19.65 -27.26 21.27
N ALA F 387 -20.28 -26.19 20.79
CA ALA F 387 -20.02 -24.87 21.36
C ALA F 387 -20.44 -24.84 22.82
N LEU F 388 -19.48 -24.52 23.69
CA LEU F 388 -19.67 -24.57 25.12
C LEU F 388 -19.84 -23.15 25.65
N PHE F 389 -20.97 -22.90 26.30
CA PHE F 389 -21.16 -21.61 26.94
C PHE F 389 -20.62 -21.63 28.35
N LEU F 390 -20.14 -20.48 28.80
CA LEU F 390 -19.35 -20.38 30.03
C LEU F 390 -20.00 -19.36 30.95
N THR F 391 -19.88 -19.57 32.25
CA THR F 391 -20.46 -18.68 33.24
C THR F 391 -19.46 -18.34 34.34
N ARG F 392 -19.66 -17.19 34.96
CA ARG F 392 -18.84 -16.77 36.08
C ARG F 392 -19.24 -17.52 37.35
N CYS F 393 -18.23 -17.96 38.09
CA CYS F 393 -18.40 -18.57 39.40
C CYS F 393 -18.51 -17.47 40.45
N GLN F 394 -18.78 -17.85 41.68
CA GLN F 394 -18.92 -16.86 42.74
C GLN F 394 -17.83 -17.07 43.78
N GLN F 395 -17.29 -15.97 44.30
CA GLN F 395 -16.05 -16.01 45.05
C GLN F 395 -16.14 -16.88 46.30
N GLU F 396 -17.12 -16.62 47.16
CA GLU F 396 -17.18 -17.36 48.42
C GLU F 396 -17.61 -18.80 48.17
N GLU F 397 -18.38 -19.03 47.11
CA GLU F 397 -18.69 -20.40 46.73
C GLU F 397 -17.43 -21.18 46.37
N SER F 398 -16.56 -20.57 45.56
CA SER F 398 -15.31 -21.23 45.19
C SER F 398 -14.43 -21.45 46.41
N GLN F 399 -14.37 -20.44 47.29
CA GLN F 399 -13.63 -20.60 48.53
C GLN F 399 -14.15 -21.78 49.34
N ALA F 400 -15.46 -21.87 49.46
CA ALA F 400 -16.07 -22.98 50.18
C ALA F 400 -15.69 -24.30 49.55
N ALA F 401 -15.76 -24.38 48.22
CA ALA F 401 -15.46 -25.64 47.54
C ALA F 401 -14.01 -26.06 47.78
N ARG F 402 -13.08 -25.10 47.69
CA ARG F 402 -11.68 -25.40 47.96
C ARG F 402 -11.50 -25.94 49.37
N MET F 403 -12.07 -25.24 50.35
CA MET F 403 -11.90 -25.66 51.73
C MET F 403 -12.59 -26.99 51.98
N ILE F 404 -13.70 -27.25 51.30
CA ILE F 404 -14.37 -28.54 51.42
C ILE F 404 -13.50 -29.65 50.87
N HIS F 405 -12.83 -29.40 49.74
CA HIS F 405 -11.94 -30.43 49.21
C HIS F 405 -10.82 -30.74 50.19
N SER F 406 -10.17 -29.70 50.72
CA SER F 406 -9.10 -29.94 51.68
C SER F 406 -9.61 -30.68 52.90
N THR F 407 -10.77 -30.26 53.40
CA THR F 407 -11.38 -30.89 54.56
C THR F 407 -11.67 -32.36 54.30
N ALA F 408 -12.23 -32.67 53.13
CA ALA F 408 -12.57 -34.04 52.80
C ALA F 408 -11.31 -34.90 52.72
N GLY F 409 -10.26 -34.38 52.08
CA GLY F 409 -9.03 -35.15 52.01
C GLY F 409 -8.44 -35.44 53.38
N LEU F 410 -8.36 -34.41 54.23
CA LEU F 410 -7.76 -34.61 55.54
C LEU F 410 -8.60 -35.56 56.38
N TYR F 411 -9.93 -35.46 56.27
CA TYR F 411 -10.77 -36.33 57.10
C TYR F 411 -10.76 -37.75 56.59
N ASN F 412 -10.66 -37.94 55.28
CA ASN F 412 -10.52 -39.29 54.75
C ASN F 412 -9.23 -39.92 55.25
N GLN F 413 -8.14 -39.16 55.24
CA GLN F 413 -6.88 -39.70 55.76
C GLN F 413 -6.99 -40.02 57.25
N PHE F 414 -7.64 -39.13 58.01
CA PHE F 414 -7.77 -39.33 59.44
C PHE F 414 -8.62 -40.56 59.75
N ILE F 415 -9.72 -40.74 59.01
CA ILE F 415 -10.53 -41.95 59.15
C ILE F 415 -9.72 -43.19 58.78
N LYS F 416 -8.91 -43.08 57.73
CA LYS F 416 -8.05 -44.20 57.36
C LYS F 416 -7.14 -44.58 58.51
N GLY F 417 -6.57 -43.58 59.19
CA GLY F 417 -5.74 -43.87 60.36
C GLY F 417 -6.53 -44.53 61.47
N LEU F 418 -7.74 -44.04 61.73
CA LEU F 418 -8.59 -44.67 62.74
C LEU F 418 -8.79 -46.14 62.44
N ASP F 419 -9.21 -46.44 61.21
CA ASP F 419 -9.39 -47.84 60.82
C ASP F 419 -8.07 -48.60 60.92
N SER F 420 -6.95 -47.90 60.70
CA SER F 420 -5.66 -48.54 60.78
C SER F 420 -5.38 -49.07 62.18
N PHE F 421 -5.56 -48.23 63.21
CA PHE F 421 -5.33 -48.76 64.54
C PHE F 421 -6.57 -49.40 65.15
N SER F 422 -7.71 -49.31 64.46
CA SER F 422 -8.93 -49.92 65.00
C SER F 422 -8.80 -51.43 65.10
N GLY F 423 -8.20 -52.06 64.08
CA GLY F 423 -8.20 -53.51 64.03
C GLY F 423 -7.47 -54.15 65.19
N LYS F 424 -6.33 -53.58 65.57
CA LYS F 424 -5.46 -54.20 66.56
C LYS F 424 -5.41 -53.35 67.83
N PRO F 425 -5.66 -53.94 69.00
CA PRO F 425 -5.38 -53.24 70.25
C PRO F 425 -3.88 -53.08 70.44
N ARG F 426 -3.45 -51.83 70.61
CA ARG F 426 -2.02 -51.56 70.73
C ARG F 426 -1.43 -52.23 71.98
N GLY F 427 -2.14 -52.15 73.10
CA GLY F 427 -1.61 -52.71 74.32
C GLY F 427 -0.36 -51.97 74.76
N SER F 428 0.54 -52.67 75.45
CA SER F 428 1.77 -52.08 75.96
C SER F 428 2.85 -52.14 74.88
N GLY F 429 2.64 -51.33 73.84
CA GLY F 429 3.58 -51.22 72.76
C GLY F 429 3.47 -49.88 72.06
N PRO F 430 4.15 -49.73 70.93
CA PRO F 430 3.96 -48.53 70.12
C PRO F 430 2.68 -48.63 69.32
N PRO F 431 2.04 -47.49 69.01
CA PRO F 431 0.82 -47.54 68.18
C PRO F 431 1.04 -48.16 66.82
N ALA F 432 2.27 -48.10 66.30
CA ALA F 432 2.67 -48.73 65.04
C ALA F 432 1.92 -48.17 63.84
N GLY F 433 1.33 -46.97 63.97
CA GLY F 433 0.65 -46.34 62.87
C GLY F 433 1.07 -44.89 62.71
N PRO F 434 0.89 -44.34 61.52
CA PRO F 434 1.19 -42.92 61.33
C PRO F 434 0.40 -42.06 62.28
N ALA F 435 1.03 -41.00 62.79
CA ALA F 435 0.42 -40.17 63.81
C ALA F 435 -0.88 -39.56 63.29
N LEU F 436 -1.91 -39.60 64.12
CA LEU F 436 -3.17 -38.97 63.76
C LEU F 436 -2.97 -37.46 63.62
N PRO F 437 -3.61 -36.84 62.65
CA PRO F 437 -3.51 -35.37 62.51
C PRO F 437 -4.40 -34.68 63.54
N ILE F 438 -4.05 -34.85 64.82
CA ILE F 438 -4.91 -34.38 65.89
C ILE F 438 -5.03 -32.87 65.89
N GLU F 439 -3.91 -32.15 66.00
CA GLU F 439 -3.95 -30.70 65.95
C GLU F 439 -4.61 -30.23 64.65
N ALA F 440 -4.36 -30.95 63.55
CA ALA F 440 -4.97 -30.58 62.28
C ALA F 440 -6.49 -30.63 62.35
N VAL F 441 -7.05 -31.70 62.91
CA VAL F 441 -8.50 -31.81 62.94
C VAL F 441 -9.07 -30.80 63.94
N ILE F 442 -8.36 -30.53 65.05
CA ILE F 442 -8.85 -29.49 65.95
C ILE F 442 -8.93 -28.16 65.24
N LEU F 443 -7.88 -27.79 64.50
CA LEU F 443 -7.90 -26.52 63.80
C LEU F 443 -8.98 -26.50 62.73
N SER F 444 -9.16 -27.62 62.02
CA SER F 444 -10.17 -27.68 60.98
C SER F 444 -11.56 -27.50 61.56
N LEU F 445 -11.87 -28.22 62.64
CA LEU F 445 -13.16 -28.04 63.30
C LEU F 445 -13.35 -26.61 63.79
N GLN F 446 -12.31 -26.03 64.40
CA GLN F 446 -12.45 -24.68 64.92
C GLN F 446 -12.75 -23.70 63.80
N ASP F 447 -12.02 -23.80 62.69
CA ASP F 447 -12.29 -22.93 61.56
C ASP F 447 -13.68 -23.18 61.00
N LEU F 448 -14.13 -24.43 60.99
CA LEU F 448 -15.46 -24.73 60.47
C LEU F 448 -16.55 -24.11 61.33
N ILE F 449 -16.39 -24.17 62.66
CA ILE F 449 -17.35 -23.49 63.52
C ILE F 449 -17.32 -22.00 63.27
N GLY F 450 -16.13 -21.42 63.20
CA GLY F 450 -16.04 -19.98 62.98
C GLY F 450 -16.66 -19.55 61.67
N TYR F 451 -16.57 -20.41 60.65
CA TYR F 451 -17.04 -20.05 59.33
C TYR F 451 -18.49 -20.50 59.14
N PHE F 452 -19.02 -21.21 60.13
CA PHE F 452 -20.43 -21.58 60.18
C PHE F 452 -21.18 -20.81 61.26
N GLU F 453 -20.51 -19.95 62.00
CA GLU F 453 -21.09 -19.38 63.20
C GLU F 453 -22.21 -18.42 62.81
N PRO F 454 -23.44 -18.64 63.31
CA PRO F 454 -24.58 -17.90 62.79
C PRO F 454 -24.49 -16.43 63.13
N PRO F 455 -25.11 -15.56 62.34
CA PRO F 455 -24.95 -14.12 62.57
C PRO F 455 -25.55 -13.70 63.91
N SER F 456 -24.96 -12.65 64.49
CA SER F 456 -25.53 -12.05 65.68
C SER F 456 -26.87 -11.43 65.37
N GLU F 457 -27.84 -11.63 66.25
CA GLU F 457 -29.20 -11.14 66.01
C GLU F 457 -29.25 -9.62 66.03
N GLU F 458 -28.24 -8.97 66.62
CA GLU F 458 -28.25 -7.52 66.72
C GLU F 458 -28.08 -6.87 65.35
N LEU F 459 -27.52 -7.60 64.40
CA LEU F 459 -27.36 -7.06 63.05
C LEU F 459 -28.73 -6.77 62.45
N GLN F 460 -28.78 -5.74 61.60
CA GLN F 460 -30.06 -5.29 61.07
C GLN F 460 -30.67 -6.34 60.15
N HIS F 461 -31.93 -6.11 59.80
CA HIS F 461 -32.74 -7.15 59.18
C HIS F 461 -32.20 -7.54 57.80
N GLU F 462 -31.82 -6.55 56.99
CA GLU F 462 -31.47 -6.86 55.61
C GLU F 462 -30.17 -7.64 55.49
N GLU F 463 -29.09 -7.16 56.12
CA GLU F 463 -27.85 -7.91 56.07
C GLU F 463 -27.97 -9.21 56.86
N LYS F 464 -28.81 -9.22 57.89
CA LYS F 464 -29.06 -10.48 58.59
C LYS F 464 -29.67 -11.51 57.66
N GLN F 465 -30.69 -11.11 56.89
CA GLN F 465 -31.32 -12.01 55.94
C GLN F 465 -30.34 -12.46 54.88
N SER F 466 -29.51 -11.54 54.39
CA SER F 466 -28.51 -11.90 53.39
C SER F 466 -27.52 -12.93 53.95
N LYS F 467 -27.10 -12.74 55.19
CA LYS F 467 -26.12 -13.65 55.78
C LYS F 467 -26.74 -15.01 56.04
N LEU F 468 -28.01 -15.04 56.46
CA LEU F 468 -28.68 -16.33 56.59
C LEU F 468 -28.89 -16.99 55.23
N ARG F 469 -29.11 -16.20 54.18
CA ARG F 469 -29.18 -16.77 52.84
C ARG F 469 -27.86 -17.42 52.45
N SER F 470 -26.76 -16.74 52.77
CA SER F 470 -25.45 -17.34 52.58
C SER F 470 -25.31 -18.62 53.40
N LEU F 471 -25.89 -18.63 54.60
CA LEU F 471 -25.87 -19.83 55.42
C LEU F 471 -26.62 -20.98 54.75
N ARG F 472 -27.78 -20.68 54.16
CA ARG F 472 -28.51 -21.70 53.40
C ARG F 472 -27.66 -22.24 52.27
N ASN F 473 -27.06 -21.35 51.49
CA ASN F 473 -26.24 -21.80 50.36
C ASN F 473 -25.08 -22.66 50.86
N ARG F 474 -24.42 -22.22 51.93
CA ARG F 474 -23.27 -22.93 52.47
C ARG F 474 -23.66 -24.30 53.00
N GLN F 475 -24.74 -24.38 53.77
CA GLN F 475 -25.20 -25.66 54.27
C GLN F 475 -25.56 -26.59 53.13
N SER F 476 -26.20 -26.05 52.09
CA SER F 476 -26.53 -26.86 50.93
C SER F 476 -25.28 -27.41 50.27
N LEU F 477 -24.25 -26.58 50.14
CA LEU F 477 -23.00 -27.03 49.52
C LEU F 477 -22.36 -28.15 50.33
N PHE F 478 -22.25 -27.96 51.64
CA PHE F 478 -21.69 -29.04 52.46
C PHE F 478 -22.56 -30.28 52.43
N GLN F 479 -23.87 -30.10 52.22
CA GLN F 479 -24.76 -31.24 52.14
C GLN F 479 -24.50 -32.05 50.86
N GLU F 480 -24.45 -31.38 49.72
CA GLU F 480 -24.22 -32.09 48.47
C GLU F 480 -22.83 -32.72 48.46
N GLU F 481 -21.85 -32.05 49.07
CA GLU F 481 -20.50 -32.57 49.06
C GLU F 481 -20.39 -33.86 49.86
N GLY F 482 -21.21 -34.01 50.91
CA GLY F 482 -21.19 -35.22 51.70
C GLY F 482 -20.46 -35.10 53.02
N MET F 483 -20.03 -33.90 53.40
CA MET F 483 -19.38 -33.71 54.68
C MET F 483 -20.25 -34.17 55.83
N LEU F 484 -21.55 -33.96 55.74
CA LEU F 484 -22.43 -34.49 56.79
C LEU F 484 -22.21 -35.98 56.98
N SER F 485 -22.28 -36.75 55.89
CA SER F 485 -22.14 -38.18 56.00
C SER F 485 -20.77 -38.57 56.51
N LEU F 486 -19.71 -37.97 55.97
CA LEU F 486 -18.38 -38.42 56.35
C LEU F 486 -18.07 -38.04 57.80
N VAL F 487 -18.57 -36.89 58.26
CA VAL F 487 -18.39 -36.54 59.66
C VAL F 487 -19.18 -37.48 60.56
N LEU F 488 -20.37 -37.89 60.12
CA LEU F 488 -21.11 -38.88 60.90
C LEU F 488 -20.31 -40.18 61.01
N ASN F 489 -19.68 -40.60 59.93
CA ASN F 489 -18.80 -41.76 60.00
C ASN F 489 -17.67 -41.55 60.99
N CYS F 490 -17.11 -40.34 61.01
CA CYS F 490 -16.08 -40.02 62.01
C CYS F 490 -16.62 -40.21 63.42
N ILE F 491 -17.81 -39.65 63.69
CA ILE F 491 -18.39 -39.76 65.03
C ILE F 491 -18.56 -41.22 65.40
N ASP F 492 -19.06 -42.02 64.46
CA ASP F 492 -19.22 -43.45 64.73
C ASP F 492 -17.89 -44.09 65.08
N ARG F 493 -16.85 -43.79 64.30
CA ARG F 493 -15.56 -44.45 64.51
C ARG F 493 -14.95 -44.07 65.85
N LEU F 494 -15.01 -42.80 66.24
CA LEU F 494 -14.53 -42.47 67.59
C LEU F 494 -15.50 -42.95 68.66
N ASN F 495 -16.74 -43.25 68.28
CA ASN F 495 -17.71 -43.72 69.26
C ASN F 495 -17.54 -45.20 69.56
N VAL F 496 -16.87 -45.93 68.66
CA VAL F 496 -16.58 -47.33 68.97
C VAL F 496 -15.74 -47.43 70.23
N TYR F 497 -14.97 -46.40 70.54
CA TYR F 497 -14.23 -46.34 71.78
C TYR F 497 -15.08 -45.68 72.85
N THR F 498 -15.14 -46.31 74.03
CA THR F 498 -16.02 -45.83 75.08
C THR F 498 -15.42 -44.63 75.81
N THR F 499 -14.26 -44.81 76.44
CA THR F 499 -13.67 -43.76 77.25
C THR F 499 -12.35 -43.33 76.66
N ALA F 500 -11.80 -42.25 77.23
CA ALA F 500 -10.51 -41.74 76.75
C ALA F 500 -9.41 -42.77 76.96
N ALA F 501 -9.33 -43.35 78.16
CA ALA F 501 -8.29 -44.35 78.42
C ALA F 501 -8.50 -45.60 77.58
N HIS F 502 -9.76 -46.02 77.41
CA HIS F 502 -10.03 -47.20 76.59
C HIS F 502 -9.60 -46.96 75.15
N PHE F 503 -9.88 -45.77 74.61
CA PHE F 503 -9.40 -45.43 73.29
C PHE F 503 -7.88 -45.39 73.25
N ALA F 504 -7.25 -44.86 74.30
CA ALA F 504 -5.80 -44.84 74.37
C ALA F 504 -5.22 -46.23 74.27
N GLU F 505 -5.90 -47.20 74.88
CA GLU F 505 -5.38 -48.57 74.86
C GLU F 505 -5.20 -49.06 73.44
N TYR F 506 -6.00 -48.53 72.50
CA TYR F 506 -5.74 -48.77 71.09
C TYR F 506 -4.74 -47.76 70.52
N ALA F 507 -4.73 -46.54 71.05
CA ALA F 507 -3.99 -45.45 70.42
C ALA F 507 -2.86 -44.90 71.26
N GLY F 508 -3.03 -44.81 72.57
CA GLY F 508 -2.04 -44.20 73.43
C GLY F 508 -2.50 -42.89 74.04
N GLU F 509 -1.89 -42.54 75.17
CA GLU F 509 -2.29 -41.36 75.91
C GLU F 509 -2.12 -40.09 75.07
N GLU F 510 -1.00 -40.03 74.33
CA GLU F 510 -0.69 -38.87 73.50
C GLU F 510 -1.77 -38.65 72.44
N ALA F 511 -2.54 -39.69 72.12
CA ALA F 511 -3.72 -39.48 71.29
C ALA F 511 -4.96 -39.28 72.15
N ALA F 512 -4.92 -39.78 73.38
CA ALA F 512 -6.12 -39.83 74.21
C ALA F 512 -6.51 -38.45 74.71
N GLU F 513 -5.53 -37.64 75.14
CA GLU F 513 -5.85 -36.46 75.94
C GLU F 513 -6.83 -35.56 75.21
N SER F 514 -6.71 -35.49 73.89
CA SER F 514 -7.56 -34.60 73.11
C SER F 514 -8.94 -35.20 72.88
N TRP F 515 -9.05 -36.52 72.99
CA TRP F 515 -10.23 -37.24 72.50
C TRP F 515 -11.53 -36.64 73.01
N LYS F 516 -11.57 -36.23 74.27
CA LYS F 516 -12.76 -35.59 74.81
C LYS F 516 -13.12 -34.35 74.01
N GLU F 517 -12.15 -33.45 73.84
CA GLU F 517 -12.41 -32.23 73.09
C GLU F 517 -12.74 -32.55 71.63
N ILE F 518 -12.10 -33.57 71.07
CA ILE F 518 -12.36 -33.93 69.69
C ILE F 518 -13.83 -34.31 69.51
N VAL F 519 -14.33 -35.19 70.36
CA VAL F 519 -15.71 -35.65 70.16
C VAL F 519 -16.68 -34.51 70.47
N ASN F 520 -16.40 -33.71 71.50
CA ASN F 520 -17.30 -32.61 71.81
C ASN F 520 -17.37 -31.60 70.67
N LEU F 521 -16.21 -31.18 70.15
CA LEU F 521 -16.21 -30.19 69.09
C LEU F 521 -16.75 -30.79 67.80
N LEU F 522 -16.61 -32.10 67.61
CA LEU F 522 -17.21 -32.75 66.47
C LEU F 522 -18.73 -32.68 66.52
N TYR F 523 -19.31 -33.04 67.67
CA TYR F 523 -20.75 -32.88 67.82
C TYR F 523 -21.17 -31.44 67.62
N GLU F 524 -20.34 -30.50 68.07
CA GLU F 524 -20.62 -29.09 67.84
C GLU F 524 -20.66 -28.79 66.35
N LEU F 525 -19.73 -29.37 65.59
CA LEU F 525 -19.74 -29.19 64.13
C LEU F 525 -21.01 -29.73 63.52
N LEU F 526 -21.45 -30.91 63.95
CA LEU F 526 -22.70 -31.45 63.42
C LEU F 526 -23.86 -30.51 63.71
N ALA F 527 -23.94 -30.01 64.94
CA ALA F 527 -25.03 -29.10 65.29
C ALA F 527 -24.99 -27.85 64.44
N SER F 528 -23.80 -27.26 64.27
CA SER F 528 -23.69 -26.04 63.48
C SER F 528 -24.09 -26.29 62.03
N LEU F 529 -23.64 -27.41 61.46
CA LEU F 529 -23.93 -27.68 60.05
C LEU F 529 -25.42 -27.93 59.84
N ILE F 530 -26.05 -28.71 60.72
CA ILE F 530 -27.43 -29.10 60.49
C ILE F 530 -28.39 -27.98 60.85
N ARG F 531 -27.97 -27.08 61.74
CA ARG F 531 -28.90 -26.11 62.31
C ARG F 531 -29.49 -25.22 61.22
N GLY F 532 -30.81 -25.09 61.24
CA GLY F 532 -31.51 -24.19 60.35
C GLY F 532 -31.66 -24.64 58.92
N ASN F 533 -31.51 -25.95 58.63
CA ASN F 533 -31.58 -26.44 57.28
C ASN F 533 -32.55 -27.62 57.18
N ARG F 534 -33.62 -27.42 56.40
CA ARG F 534 -34.57 -28.50 56.16
C ARG F 534 -33.88 -29.70 55.52
N ALA F 535 -33.04 -29.45 54.51
CA ALA F 535 -32.34 -30.54 53.85
C ALA F 535 -31.43 -31.27 54.81
N ASN F 536 -30.74 -30.53 55.68
CA ASN F 536 -29.87 -31.16 56.67
C ASN F 536 -30.68 -32.06 57.60
N CYS F 537 -31.81 -31.55 58.11
CA CYS F 537 -32.60 -32.35 59.04
C CYS F 537 -33.27 -33.52 58.34
N ALA F 538 -33.42 -33.43 57.01
CA ALA F 538 -34.11 -34.49 56.29
C ALA F 538 -33.39 -35.82 56.41
N LEU F 539 -32.07 -35.82 56.25
CA LEU F 539 -31.33 -37.08 56.30
C LEU F 539 -31.37 -37.69 57.69
N PHE F 540 -31.29 -36.86 58.73
CA PHE F 540 -31.32 -37.38 60.08
C PHE F 540 -32.64 -38.09 60.37
N SER F 541 -33.69 -37.74 59.62
CA SER F 541 -34.97 -38.42 59.78
C SER F 541 -34.85 -39.90 59.40
N THR F 542 -33.99 -40.22 58.44
CA THR F 542 -33.84 -41.61 58.03
C THR F 542 -33.35 -42.46 59.19
N ASN F 543 -32.40 -41.96 59.96
CA ASN F 543 -31.88 -42.67 61.13
C ASN F 543 -31.90 -41.73 62.35
N LEU F 544 -33.07 -41.66 62.99
CA LEU F 544 -33.17 -40.93 64.23
C LEU F 544 -32.68 -41.76 65.41
N ASP F 545 -32.94 -43.06 65.38
CA ASP F 545 -32.47 -43.96 66.43
C ASP F 545 -30.97 -43.92 66.55
N TRP F 546 -30.28 -43.66 65.44
CA TRP F 546 -28.83 -43.49 65.50
C TRP F 546 -28.46 -42.37 66.45
N VAL F 547 -29.14 -41.24 66.36
CA VAL F 547 -28.94 -40.17 67.33
C VAL F 547 -29.38 -40.63 68.71
N VAL F 548 -30.53 -41.31 68.77
CA VAL F 548 -31.13 -41.67 70.05
C VAL F 548 -30.15 -42.48 70.90
N SER F 549 -29.50 -43.47 70.29
CA SER F 549 -28.54 -44.28 71.03
C SER F 549 -27.40 -43.43 71.57
N LYS F 550 -26.94 -42.46 70.77
CA LYS F 550 -25.81 -41.64 71.20
C LYS F 550 -26.24 -40.62 72.25
N LEU F 551 -27.55 -40.34 72.35
CA LEU F 551 -28.00 -39.42 73.38
C LEU F 551 -27.66 -39.93 74.77
N ASP F 552 -27.68 -41.25 74.97
CA ASP F 552 -27.38 -41.80 76.28
C ASP F 552 -25.91 -41.66 76.62
N ARG F 553 -25.06 -41.48 75.61
CA ARG F 553 -23.62 -41.44 75.84
C ARG F 553 -23.26 -40.20 76.64
N LEU F 554 -22.16 -40.26 77.38
CA LEU F 554 -21.93 -39.29 78.44
C LEU F 554 -20.95 -38.19 78.04
N GLU F 555 -19.91 -38.53 77.28
CA GLU F 555 -18.76 -37.64 77.17
C GLU F 555 -19.12 -36.30 76.54
N ALA F 556 -20.09 -36.28 75.63
CA ALA F 556 -20.47 -35.05 74.93
C ALA F 556 -21.99 -34.89 75.00
N SER F 557 -22.53 -35.12 76.20
CA SER F 557 -23.98 -35.12 76.38
C SER F 557 -24.59 -33.80 75.94
N SER F 558 -23.99 -32.69 76.32
CA SER F 558 -24.51 -31.39 75.93
C SER F 558 -24.53 -31.23 74.42
N GLY F 559 -23.43 -31.62 73.76
CA GLY F 559 -23.36 -31.48 72.32
C GLY F 559 -24.42 -32.31 71.62
N ILE F 560 -24.58 -33.56 72.04
CA ILE F 560 -25.58 -34.41 71.41
C ILE F 560 -26.98 -33.86 71.67
N LEU F 561 -27.19 -33.29 72.85
CA LEU F 561 -28.48 -32.69 73.15
C LEU F 561 -28.76 -31.52 72.22
N GLU F 562 -27.76 -30.67 71.99
CA GLU F 562 -27.96 -29.56 71.05
C GLU F 562 -28.24 -30.07 69.65
N VAL F 563 -27.52 -31.11 69.23
CA VAL F 563 -27.78 -31.70 67.92
C VAL F 563 -29.23 -32.14 67.80
N LEU F 564 -29.71 -32.87 68.81
CA LEU F 564 -31.10 -33.32 68.79
C LEU F 564 -32.05 -32.14 68.78
N TYR F 565 -31.73 -31.09 69.54
CA TYR F 565 -32.56 -29.90 69.55
C TYR F 565 -32.71 -29.32 68.16
N CYS F 566 -31.59 -29.11 67.47
CA CYS F 566 -31.66 -28.55 66.12
C CYS F 566 -32.43 -29.47 65.19
N VAL F 567 -32.24 -30.78 65.32
CA VAL F 567 -32.97 -31.71 64.45
C VAL F 567 -34.46 -31.59 64.67
N LEU F 568 -34.91 -31.57 65.93
CA LEU F 568 -36.34 -31.57 66.20
C LEU F 568 -36.98 -30.25 65.83
N ILE F 569 -36.37 -29.13 66.23
CA ILE F 569 -37.04 -27.84 66.08
C ILE F 569 -37.19 -27.46 64.62
N GLU F 570 -36.47 -28.12 63.73
CA GLU F 570 -36.42 -27.66 62.34
C GLU F 570 -37.25 -28.54 61.42
N SER F 571 -37.41 -29.81 61.75
CA SER F 571 -38.06 -30.76 60.86
C SER F 571 -39.31 -31.34 61.51
N PRO F 572 -40.45 -31.33 60.82
CA PRO F 572 -41.64 -32.00 61.37
C PRO F 572 -41.62 -33.51 61.20
N GLU F 573 -41.06 -33.99 60.10
CA GLU F 573 -41.10 -35.42 59.80
C GLU F 573 -40.39 -36.22 60.89
N VAL F 574 -39.28 -35.70 61.40
CA VAL F 574 -38.61 -36.32 62.53
C VAL F 574 -39.58 -36.45 63.70
N LEU F 575 -40.41 -35.43 63.90
CA LEU F 575 -41.40 -35.49 64.97
C LEU F 575 -42.43 -36.58 64.69
N ASN F 576 -42.82 -36.73 63.43
CA ASN F 576 -43.77 -37.80 63.09
C ASN F 576 -43.20 -39.17 63.38
N ILE F 577 -41.92 -39.38 63.09
CA ILE F 577 -41.41 -40.76 63.07
C ILE F 577 -40.97 -41.23 64.46
N ILE F 578 -40.90 -40.33 65.44
CA ILE F 578 -40.38 -40.71 66.75
C ILE F 578 -41.33 -41.70 67.40
N GLN F 579 -40.79 -42.58 68.25
CA GLN F 579 -41.56 -43.64 68.86
C GLN F 579 -41.40 -43.64 70.38
N GLU F 580 -42.23 -44.47 71.01
CA GLU F 580 -42.34 -44.47 72.47
C GLU F 580 -41.04 -44.85 73.13
N ASN F 581 -40.31 -45.81 72.55
CA ASN F 581 -39.00 -46.14 73.10
C ASN F 581 -38.08 -44.94 73.08
N HIS F 582 -38.14 -44.14 72.01
CA HIS F 582 -37.30 -42.95 71.94
C HIS F 582 -37.69 -41.94 73.00
N ILE F 583 -39.00 -41.70 73.18
CA ILE F 583 -39.43 -40.75 74.20
C ILE F 583 -39.00 -41.24 75.58
N LYS F 584 -39.15 -42.53 75.83
CA LYS F 584 -38.74 -43.10 77.11
C LYS F 584 -37.24 -42.93 77.32
N SER F 585 -36.46 -43.09 76.26
CA SER F 585 -35.03 -42.86 76.36
C SER F 585 -34.73 -41.41 76.73
N ILE F 586 -35.47 -40.48 76.15
CA ILE F 586 -35.26 -39.07 76.49
C ILE F 586 -35.57 -38.82 77.96
N ILE F 587 -36.67 -39.39 78.45
CA ILE F 587 -37.00 -39.23 79.87
C ILE F 587 -35.92 -39.87 80.74
N SER F 588 -35.38 -41.00 80.29
CA SER F 588 -34.28 -41.64 81.02
C SER F 588 -33.07 -40.72 81.08
N LEU F 589 -32.79 -40.02 79.99
CA LEU F 589 -31.72 -39.03 80.00
C LEU F 589 -32.01 -37.95 81.02
N LEU F 590 -33.25 -37.46 81.06
CA LEU F 590 -33.61 -36.46 82.05
C LEU F 590 -33.31 -36.99 83.45
N ASP F 591 -33.72 -38.22 83.74
CA ASP F 591 -33.37 -38.85 85.01
C ASP F 591 -31.88 -38.83 85.27
N LYS F 592 -31.11 -39.45 84.38
CA LYS F 592 -29.72 -39.76 84.71
C LYS F 592 -28.84 -38.51 84.71
N HIS F 593 -29.17 -37.51 83.89
CA HIS F 593 -28.43 -36.26 83.91
C HIS F 593 -29.05 -35.21 84.82
N GLY F 594 -30.15 -35.55 85.50
CA GLY F 594 -30.76 -34.60 86.41
C GLY F 594 -31.59 -33.56 85.68
N ARG F 595 -32.12 -32.63 86.46
CA ARG F 595 -32.96 -31.58 85.91
C ARG F 595 -32.17 -30.71 84.94
N ASN F 596 -32.77 -30.38 83.80
CA ASN F 596 -32.14 -29.53 82.81
C ASN F 596 -33.22 -28.84 81.99
N HIS F 597 -33.26 -27.51 82.09
CA HIS F 597 -34.18 -26.73 81.28
C HIS F 597 -33.98 -27.00 79.80
N LYS F 598 -32.74 -27.28 79.39
CA LYS F 598 -32.49 -27.54 77.98
C LYS F 598 -33.19 -28.82 77.53
N VAL F 599 -33.03 -29.91 78.28
CA VAL F 599 -33.73 -31.15 77.96
C VAL F 599 -35.23 -30.91 77.97
N LEU F 600 -35.71 -30.13 78.94
CA LEU F 600 -37.12 -29.83 79.00
C LEU F 600 -37.60 -29.13 77.73
N ASP F 601 -36.81 -28.17 77.23
CA ASP F 601 -37.20 -27.47 76.01
C ASP F 601 -37.17 -28.38 74.80
N VAL F 602 -36.18 -29.27 74.72
CA VAL F 602 -36.18 -30.25 73.62
C VAL F 602 -37.45 -31.07 73.66
N LEU F 603 -37.87 -31.47 74.85
CA LEU F 603 -39.11 -32.23 74.96
C LEU F 603 -40.31 -31.36 74.54
N CYS F 604 -40.31 -30.09 74.94
CA CYS F 604 -41.38 -29.19 74.50
C CYS F 604 -41.46 -29.14 72.99
N SER F 605 -40.32 -29.03 72.31
CA SER F 605 -40.30 -29.08 70.85
C SER F 605 -40.84 -30.41 70.36
N LEU F 606 -40.53 -31.49 71.08
CA LEU F 606 -41.07 -32.80 70.74
C LEU F 606 -42.60 -32.80 70.82
N CYS F 607 -43.17 -31.95 71.67
CA CYS F 607 -44.63 -31.91 71.76
C CYS F 607 -45.27 -31.40 70.47
N VAL F 608 -44.98 -30.16 70.09
CA VAL F 608 -45.63 -29.50 68.97
C VAL F 608 -44.56 -28.95 68.03
N CYS F 609 -44.89 -28.88 66.74
CA CYS F 609 -43.97 -28.34 65.74
C CYS F 609 -44.76 -27.82 64.55
N ASN F 610 -44.26 -26.74 63.94
CA ASN F 610 -44.83 -26.19 62.70
C ASN F 610 -46.32 -25.89 62.84
N GLY F 611 -46.73 -25.54 64.06
CA GLY F 611 -48.11 -25.21 64.30
C GLY F 611 -49.05 -26.40 64.40
N VAL F 612 -48.53 -27.62 64.36
CA VAL F 612 -49.33 -28.83 64.49
C VAL F 612 -48.73 -29.69 65.59
N ALA F 613 -49.58 -30.34 66.37
CA ALA F 613 -49.15 -31.16 67.49
C ALA F 613 -49.45 -32.61 67.20
N VAL F 614 -48.47 -33.48 67.44
CA VAL F 614 -48.67 -34.90 67.23
C VAL F 614 -49.50 -35.46 68.39
N ARG F 615 -50.71 -35.89 68.07
CA ARG F 615 -51.58 -36.50 69.07
C ARG F 615 -50.88 -37.64 69.78
N SER F 616 -50.30 -38.55 69.00
CA SER F 616 -49.63 -39.71 69.58
C SER F 616 -48.47 -39.30 70.45
N ASN F 617 -47.65 -38.35 69.99
CA ASN F 617 -46.48 -37.94 70.77
C ASN F 617 -46.90 -37.33 72.10
N GLN F 618 -47.88 -36.42 72.07
CA GLN F 618 -48.32 -35.80 73.31
C GLN F 618 -48.90 -36.84 74.26
N ASP F 619 -49.73 -37.74 73.74
CA ASP F 619 -50.33 -38.75 74.60
C ASP F 619 -49.25 -39.64 75.21
N LEU F 620 -48.27 -40.05 74.41
CA LEU F 620 -47.22 -40.93 74.90
C LEU F 620 -46.40 -40.25 75.99
N ILE F 621 -46.02 -38.99 75.78
CA ILE F 621 -45.18 -38.34 76.78
C ILE F 621 -45.97 -38.13 78.07
N THR F 622 -47.23 -37.70 77.96
CA THR F 622 -48.06 -37.61 79.15
C THR F 622 -48.08 -38.94 79.89
N GLU F 623 -48.37 -40.02 79.16
CA GLU F 623 -48.54 -41.32 79.80
C GLU F 623 -47.27 -41.79 80.50
N ASN F 624 -46.11 -41.62 79.86
CA ASN F 624 -44.91 -42.24 80.40
C ASN F 624 -44.14 -41.33 81.34
N LEU F 625 -44.42 -40.03 81.35
CA LEU F 625 -43.69 -39.15 82.25
C LEU F 625 -44.58 -38.62 83.38
N LEU F 626 -45.76 -38.11 83.04
CA LEU F 626 -46.54 -37.35 84.02
C LEU F 626 -46.94 -38.15 85.27
N PRO F 627 -47.48 -39.36 85.19
CA PRO F 627 -48.07 -39.97 86.39
C PRO F 627 -47.10 -40.16 87.54
N GLY F 628 -45.86 -40.57 87.25
CA GLY F 628 -44.92 -40.82 88.33
C GLY F 628 -44.62 -39.58 89.14
N ARG F 629 -44.42 -38.46 88.46
CA ARG F 629 -44.20 -37.13 89.03
C ARG F 629 -42.93 -37.03 89.86
N GLU F 630 -42.07 -38.06 89.87
CA GLU F 630 -40.84 -37.96 90.63
C GLU F 630 -39.83 -37.08 89.92
N LEU F 631 -39.79 -37.12 88.59
CA LEU F 631 -38.85 -36.30 87.83
C LEU F 631 -39.16 -34.82 88.00
N LEU F 632 -40.41 -34.43 87.78
CA LEU F 632 -40.79 -33.03 87.70
C LEU F 632 -41.28 -32.56 89.06
N LEU F 633 -40.78 -31.41 89.50
CA LEU F 633 -41.15 -30.88 90.80
C LEU F 633 -42.65 -30.56 90.85
N GLN F 634 -43.27 -30.88 91.97
CA GLN F 634 -44.71 -30.80 92.13
C GLN F 634 -45.05 -29.81 93.23
N THR F 635 -46.07 -28.99 93.00
CA THR F 635 -46.51 -27.98 93.96
C THR F 635 -47.96 -28.24 94.36
N ASN F 636 -48.29 -27.89 95.60
CA ASN F 636 -49.65 -28.01 96.10
C ASN F 636 -49.87 -26.99 97.19
N LEU F 637 -51.14 -26.62 97.39
CA LEU F 637 -51.48 -25.66 98.42
C LEU F 637 -51.63 -26.34 99.76
N ILE F 638 -50.93 -25.82 100.77
CA ILE F 638 -50.95 -26.38 102.12
C ILE F 638 -51.20 -25.26 103.11
N ASN F 639 -52.18 -25.48 104.00
CA ASN F 639 -52.46 -24.50 105.04
C ASN F 639 -51.31 -24.44 106.03
N TYR F 640 -51.10 -23.27 106.61
CA TYR F 640 -50.05 -23.10 107.59
C TYR F 640 -50.33 -23.92 108.84
N VAL F 641 -49.27 -24.43 109.46
CA VAL F 641 -49.35 -25.17 110.70
C VAL F 641 -48.47 -24.46 111.72
N THR F 642 -49.04 -24.16 112.88
CA THR F 642 -48.31 -23.49 113.95
C THR F 642 -48.43 -24.29 115.23
N SER F 643 -47.50 -24.06 116.16
CA SER F 643 -47.46 -24.77 117.42
C SER F 643 -47.05 -23.81 118.51
N ILE F 644 -47.71 -23.89 119.67
CA ILE F 644 -47.45 -23.02 120.81
C ILE F 644 -47.26 -23.89 122.03
N ARG F 645 -46.26 -23.55 122.85
CA ARG F 645 -45.83 -24.39 123.95
C ARG F 645 -45.95 -23.65 125.28
N PRO F 646 -46.15 -24.37 126.38
CA PRO F 646 -46.04 -23.73 127.70
C PRO F 646 -44.60 -23.69 128.15
N ASN F 647 -44.34 -22.84 129.15
CA ASN F 647 -42.99 -22.62 129.65
C ASN F 647 -42.68 -23.62 130.76
N ILE F 648 -42.93 -24.89 130.46
CA ILE F 648 -42.62 -26.00 131.36
C ILE F 648 -41.72 -26.97 130.60
N PHE F 649 -40.59 -27.33 131.20
CA PHE F 649 -39.61 -28.21 130.58
C PHE F 649 -39.06 -29.18 131.62
N VAL F 650 -38.94 -30.44 131.24
CA VAL F 650 -38.40 -31.49 132.11
C VAL F 650 -37.50 -32.39 131.29
N GLY F 651 -36.35 -32.76 131.86
CA GLY F 651 -35.45 -33.68 131.21
C GLY F 651 -34.73 -34.52 132.24
N ARG F 652 -34.30 -35.71 131.82
CA ARG F 652 -33.73 -36.69 132.73
C ARG F 652 -32.25 -36.84 132.44
N ALA F 653 -31.43 -36.70 133.48
CA ALA F 653 -30.01 -36.96 133.41
C ALA F 653 -29.54 -37.44 134.77
N GLU F 654 -28.30 -37.92 134.82
CA GLU F 654 -27.74 -38.37 136.08
C GLU F 654 -27.63 -37.20 137.05
N GLY F 655 -28.35 -37.30 138.16
CA GLY F 655 -28.42 -36.21 139.10
C GLY F 655 -29.48 -35.18 138.79
N SER F 656 -30.49 -35.52 137.99
CA SER F 656 -31.54 -34.58 137.68
C SER F 656 -32.34 -34.24 138.92
N THR F 657 -32.84 -33.00 138.97
CA THR F 657 -33.62 -32.57 140.12
C THR F 657 -35.11 -32.82 139.91
N GLN F 658 -35.55 -32.85 138.65
CA GLN F 658 -36.96 -33.00 138.36
C GLN F 658 -37.44 -34.42 138.60
N TYR F 659 -38.73 -34.56 138.91
CA TYR F 659 -39.32 -35.86 139.15
C TYR F 659 -39.70 -36.54 137.83
N GLY F 660 -39.57 -37.86 137.81
CA GLY F 660 -39.53 -38.57 136.53
C GLY F 660 -40.85 -38.56 135.77
N LYS F 661 -41.97 -38.55 136.48
CA LYS F 661 -43.26 -38.83 135.87
C LYS F 661 -44.21 -37.65 136.01
N TRP F 662 -44.89 -37.30 134.91
CA TRP F 662 -45.84 -36.20 134.88
C TRP F 662 -46.99 -36.53 133.95
N TYR F 663 -48.07 -35.77 134.09
CA TYR F 663 -49.29 -35.98 133.30
C TYR F 663 -49.95 -34.62 133.06
N PHE F 664 -50.50 -34.46 131.85
CA PHE F 664 -51.19 -33.23 131.46
C PHE F 664 -52.37 -33.59 130.57
N GLU F 665 -53.28 -32.63 130.40
CA GLU F 665 -54.42 -32.80 129.51
C GLU F 665 -54.71 -31.50 128.77
N VAL F 666 -55.33 -31.63 127.60
CA VAL F 666 -55.68 -30.49 126.75
C VAL F 666 -57.14 -30.63 126.33
N MET F 667 -57.84 -29.49 126.31
CA MET F 667 -59.29 -29.44 126.17
C MET F 667 -59.62 -28.80 124.82
N VAL F 668 -60.22 -29.57 123.93
CA VAL F 668 -60.46 -29.17 122.55
C VAL F 668 -61.82 -28.50 122.47
N ASP F 669 -61.83 -27.16 122.44
CA ASP F 669 -63.10 -26.44 122.46
C ASP F 669 -63.92 -26.69 121.21
N GLU F 670 -63.29 -26.59 120.03
CA GLU F 670 -64.01 -26.86 118.80
C GLU F 670 -63.01 -27.21 117.71
N VAL F 671 -63.51 -27.83 116.65
CA VAL F 671 -62.70 -28.16 115.49
C VAL F 671 -63.51 -27.86 114.24
N VAL F 672 -62.89 -27.19 113.28
CA VAL F 672 -63.47 -26.97 111.97
C VAL F 672 -62.87 -28.00 111.02
N PRO F 673 -63.66 -29.00 110.58
CA PRO F 673 -63.08 -30.03 109.71
C PRO F 673 -62.47 -29.47 108.44
N PHE F 674 -63.10 -28.46 107.84
CA PHE F 674 -62.56 -27.78 106.68
C PHE F 674 -62.71 -26.28 106.87
N LEU F 675 -61.72 -25.68 107.53
CA LEU F 675 -61.61 -24.22 107.48
C LEU F 675 -61.22 -23.78 106.08
N THR F 676 -60.36 -24.55 105.42
CA THR F 676 -60.00 -24.34 104.03
C THR F 676 -60.25 -25.65 103.28
N ALA F 677 -59.77 -25.68 102.04
CA ALA F 677 -59.85 -26.91 101.26
C ALA F 677 -59.05 -28.03 101.91
N GLN F 678 -57.85 -27.71 102.38
CA GLN F 678 -57.06 -28.69 103.11
C GLN F 678 -57.61 -28.86 104.52
N ALA F 679 -57.63 -30.10 105.01
CA ALA F 679 -58.17 -30.38 106.32
C ALA F 679 -57.29 -29.75 107.41
N THR F 680 -57.94 -29.32 108.49
CA THR F 680 -57.21 -28.71 109.60
C THR F 680 -56.44 -29.78 110.36
N HIS F 681 -55.34 -29.37 110.99
CA HIS F 681 -54.46 -30.26 111.72
C HIS F 681 -54.27 -29.76 113.15
N LEU F 682 -54.48 -30.65 114.11
CA LEU F 682 -54.20 -30.37 115.51
C LEU F 682 -53.40 -31.53 116.09
N ARG F 683 -52.36 -31.21 116.83
CA ARG F 683 -51.52 -32.22 117.48
C ARG F 683 -51.32 -31.83 118.94
N VAL F 684 -51.28 -32.84 119.81
CA VAL F 684 -50.97 -32.66 121.22
C VAL F 684 -49.96 -33.72 121.61
N GLY F 685 -48.82 -33.29 122.13
CA GLY F 685 -47.79 -34.24 122.53
C GLY F 685 -46.58 -33.54 123.11
N TRP F 686 -45.64 -34.37 123.57
CA TRP F 686 -44.40 -33.91 124.18
C TRP F 686 -43.35 -33.73 123.10
N ALA F 687 -42.63 -32.61 123.14
CA ALA F 687 -41.57 -32.32 122.19
C ALA F 687 -40.26 -32.07 122.90
N LEU F 688 -39.17 -32.45 122.25
CA LEU F 688 -37.84 -32.23 122.81
C LEU F 688 -37.45 -30.76 122.68
N THR F 689 -36.82 -30.22 123.73
CA THR F 689 -36.45 -28.81 123.74
C THR F 689 -35.46 -28.48 122.62
N GLU F 690 -34.45 -29.32 122.43
CA GLU F 690 -33.38 -29.03 121.48
C GLU F 690 -33.46 -29.97 120.29
N GLY F 691 -33.44 -29.40 119.09
CA GLY F 691 -33.53 -30.18 117.88
C GLY F 691 -34.89 -30.19 117.23
N TYR F 692 -35.91 -29.68 117.90
CA TYR F 692 -37.23 -29.50 117.30
C TYR F 692 -37.39 -28.03 116.96
N SER F 693 -37.45 -27.72 115.67
CA SER F 693 -37.54 -26.35 115.18
C SER F 693 -38.73 -26.25 114.24
N PRO F 694 -39.95 -26.21 114.78
CA PRO F 694 -41.13 -26.04 113.93
C PRO F 694 -41.08 -24.69 113.24
N TYR F 695 -40.89 -24.72 111.93
CA TYR F 695 -40.71 -23.49 111.20
C TYR F 695 -41.90 -23.24 110.28
N PRO F 696 -42.40 -22.02 110.24
CA PRO F 696 -43.56 -21.73 109.39
C PRO F 696 -43.25 -21.95 107.92
N GLY F 697 -44.27 -22.38 107.20
CA GLY F 697 -44.13 -22.54 105.77
C GLY F 697 -43.33 -23.78 105.42
N GLY F 698 -42.17 -23.55 104.79
CA GLY F 698 -41.38 -24.68 104.31
C GLY F 698 -40.99 -25.61 105.43
N GLY F 699 -41.14 -26.92 105.17
CA GLY F 699 -40.81 -27.92 106.16
C GLY F 699 -40.50 -29.24 105.49
N GLU F 700 -40.10 -30.20 106.33
CA GLU F 700 -39.78 -31.53 105.82
C GLU F 700 -41.06 -32.25 105.40
N GLY F 701 -40.91 -33.24 104.54
CA GLY F 701 -42.07 -34.01 104.12
C GLY F 701 -42.94 -33.21 103.17
N TRP F 702 -44.23 -33.52 103.16
CA TRP F 702 -45.14 -32.92 102.21
C TRP F 702 -45.39 -31.45 102.54
N GLY F 703 -45.05 -31.04 103.75
CA GLY F 703 -45.33 -29.69 104.22
C GLY F 703 -46.23 -29.70 105.44
N GLY F 704 -46.49 -28.50 105.94
CA GLY F 704 -47.28 -28.36 107.15
C GLY F 704 -46.67 -29.04 108.34
N ASN F 705 -45.35 -28.90 108.51
CA ASN F 705 -44.64 -29.61 109.56
C ASN F 705 -45.15 -29.18 110.93
N GLY F 706 -45.34 -30.16 111.82
CA GLY F 706 -45.81 -29.90 113.16
C GLY F 706 -45.27 -30.93 114.14
N VAL F 707 -45.79 -30.86 115.37
CA VAL F 707 -45.39 -31.83 116.37
C VAL F 707 -45.78 -33.22 115.92
N GLY F 708 -44.88 -34.18 116.13
CA GLY F 708 -45.08 -35.53 115.67
C GLY F 708 -44.75 -35.74 114.21
N ASP F 709 -44.50 -34.69 113.46
CA ASP F 709 -44.12 -34.80 112.05
C ASP F 709 -42.62 -34.86 111.88
N ASP F 710 -41.86 -34.84 112.97
CA ASP F 710 -40.41 -34.95 112.93
C ASP F 710 -39.98 -35.94 114.01
N LEU F 711 -38.78 -36.48 113.85
CA LEU F 711 -38.30 -37.49 114.79
C LEU F 711 -38.03 -36.87 116.16
N TYR F 712 -37.89 -35.54 116.21
CA TYR F 712 -37.53 -34.90 117.47
C TYR F 712 -38.76 -34.67 118.34
N SER F 713 -39.94 -34.56 117.74
CA SER F 713 -41.16 -34.21 118.46
C SER F 713 -42.21 -35.29 118.24
N TYR F 714 -43.13 -35.42 119.18
CA TYR F 714 -44.13 -36.47 119.16
C TYR F 714 -45.47 -35.93 119.60
N GLY F 715 -46.56 -36.49 119.06
CA GLY F 715 -47.89 -36.03 119.38
C GLY F 715 -48.94 -37.07 119.01
N PHE F 716 -50.20 -36.68 119.20
CA PHE F 716 -51.34 -37.56 118.97
C PHE F 716 -52.23 -36.96 117.90
N ASP F 717 -52.66 -37.80 116.95
CA ASP F 717 -53.50 -37.32 115.86
C ASP F 717 -54.97 -37.60 116.13
N GLY F 718 -55.27 -38.44 117.11
CA GLY F 718 -56.61 -38.93 117.31
C GLY F 718 -56.87 -40.27 116.68
N LEU F 719 -56.40 -40.50 115.46
CA LEU F 719 -56.41 -41.82 114.85
C LEU F 719 -55.03 -42.47 114.80
N HIS F 720 -53.97 -41.67 114.80
CA HIS F 720 -52.63 -42.21 114.61
C HIS F 720 -51.70 -41.61 115.64
N LEU F 721 -50.63 -42.32 115.91
CA LEU F 721 -49.59 -41.85 116.82
C LEU F 721 -48.38 -41.46 115.99
N TRP F 722 -48.07 -40.17 115.97
CA TRP F 722 -47.15 -39.58 115.00
C TRP F 722 -45.72 -39.67 115.50
N THR F 723 -44.84 -40.23 114.67
CA THR F 723 -43.41 -40.29 114.94
C THR F 723 -42.66 -40.03 113.65
N GLY F 724 -41.90 -38.94 113.62
CA GLY F 724 -41.01 -38.70 112.49
C GLY F 724 -41.68 -38.67 111.15
N HIS F 725 -42.79 -37.94 111.03
CA HIS F 725 -43.56 -37.81 109.80
C HIS F 725 -44.16 -39.13 109.33
N VAL F 726 -44.25 -40.13 110.20
CA VAL F 726 -44.91 -41.38 109.89
C VAL F 726 -46.05 -41.58 110.88
N ALA F 727 -47.26 -41.78 110.36
CA ALA F 727 -48.44 -41.95 111.18
C ALA F 727 -48.80 -43.42 111.27
N ARG F 728 -48.80 -43.95 112.50
CA ARG F 728 -49.17 -45.33 112.74
C ARG F 728 -50.56 -45.36 113.37
N PRO F 729 -51.54 -45.95 112.70
CA PRO F 729 -52.88 -46.04 113.29
C PRO F 729 -52.86 -46.86 114.58
N VAL F 730 -53.35 -46.25 115.65
CA VAL F 730 -53.45 -46.91 116.94
C VAL F 730 -54.93 -47.11 117.25
N THR F 731 -55.30 -48.37 117.53
CA THR F 731 -56.68 -48.66 117.89
C THR F 731 -57.04 -47.95 119.20
N SER F 732 -58.28 -47.50 119.28
CA SER F 732 -58.78 -46.88 120.50
C SER F 732 -60.29 -47.02 120.54
N PRO F 733 -60.87 -47.27 121.72
CA PRO F 733 -62.33 -47.36 121.82
C PRO F 733 -62.99 -46.07 121.37
N GLY F 734 -63.97 -46.19 120.49
CA GLY F 734 -64.60 -45.00 119.93
C GLY F 734 -63.61 -44.12 119.20
N GLN F 735 -62.74 -44.72 118.39
CA GLN F 735 -61.70 -43.97 117.71
C GLN F 735 -62.29 -42.90 116.81
N HIS F 736 -61.82 -41.67 116.99
CA HIS F 736 -62.22 -40.57 116.15
C HIS F 736 -61.21 -39.45 116.28
N LEU F 737 -61.25 -38.52 115.33
CA LEU F 737 -60.40 -37.36 115.39
C LEU F 737 -60.77 -36.51 116.60
N LEU F 738 -59.83 -35.72 117.09
CA LEU F 738 -60.09 -34.86 118.23
C LEU F 738 -61.30 -33.97 117.93
N ALA F 739 -62.25 -33.96 118.86
CA ALA F 739 -63.57 -33.39 118.66
C ALA F 739 -63.85 -32.38 119.76
N PRO F 740 -64.77 -31.45 119.51
CA PRO F 740 -65.16 -30.51 120.57
C PRO F 740 -65.68 -31.26 121.79
N GLU F 741 -65.41 -30.71 122.97
CA GLU F 741 -65.78 -31.23 124.27
C GLU F 741 -65.02 -32.52 124.58
N ASP F 742 -63.86 -32.75 123.96
CA ASP F 742 -63.07 -33.92 124.30
C ASP F 742 -61.82 -33.50 125.07
N VAL F 743 -61.42 -34.34 126.02
CA VAL F 743 -60.24 -34.11 126.82
C VAL F 743 -59.22 -35.19 126.49
N VAL F 744 -58.07 -34.77 125.99
CA VAL F 744 -56.98 -35.68 125.64
C VAL F 744 -55.87 -35.50 126.68
N SER F 745 -55.28 -36.61 127.10
CA SER F 745 -54.29 -36.60 128.16
C SER F 745 -53.07 -37.42 127.74
N CYS F 746 -51.89 -36.96 128.15
CA CYS F 746 -50.64 -37.63 127.86
C CYS F 746 -49.85 -37.74 129.15
N CYS F 747 -49.22 -38.90 129.36
CA CYS F 747 -48.41 -39.14 130.54
C CYS F 747 -47.02 -39.60 130.10
N LEU F 748 -45.99 -39.08 130.75
CA LEU F 748 -44.61 -39.34 130.36
C LEU F 748 -43.85 -39.93 131.54
N ASP F 749 -43.07 -40.97 131.28
CA ASP F 749 -42.16 -41.55 132.26
C ASP F 749 -40.75 -41.58 131.67
N LEU F 750 -39.82 -40.91 132.35
CA LEU F 750 -38.44 -40.91 131.89
C LEU F 750 -37.71 -42.16 132.37
N SER F 751 -38.27 -42.86 133.35
CA SER F 751 -37.59 -44.01 133.92
C SER F 751 -37.53 -45.17 132.94
N VAL F 752 -38.63 -45.43 132.24
CA VAL F 752 -38.68 -46.60 131.35
C VAL F 752 -37.68 -46.50 130.21
N PRO F 753 -37.59 -45.39 129.45
CA PRO F 753 -38.43 -44.19 129.42
C PRO F 753 -39.69 -44.46 128.63
N SER F 754 -40.82 -43.82 128.95
CA SER F 754 -42.06 -44.10 128.24
C SER F 754 -42.94 -42.87 128.21
N ILE F 755 -43.74 -42.78 127.15
CA ILE F 755 -44.78 -41.77 127.01
C ILE F 755 -46.08 -42.48 126.68
N SER F 756 -47.16 -42.12 127.39
CA SER F 756 -48.44 -42.79 127.27
C SER F 756 -49.53 -41.76 127.01
N PHE F 757 -50.65 -42.21 126.44
CA PHE F 757 -51.75 -41.34 126.07
C PHE F 757 -53.05 -41.95 126.60
N ARG F 758 -53.95 -41.09 127.06
CA ARG F 758 -55.28 -41.49 127.52
C ARG F 758 -56.28 -40.43 127.10
N ILE F 759 -57.42 -40.87 126.58
CA ILE F 759 -58.43 -39.98 126.00
C ILE F 759 -59.77 -40.22 126.69
N ASN F 760 -60.38 -39.13 127.17
CA ASN F 760 -61.76 -39.14 127.67
C ASN F 760 -61.99 -40.26 128.68
N GLY F 761 -60.98 -40.52 129.51
CA GLY F 761 -61.08 -41.57 130.50
C GLY F 761 -60.78 -42.95 130.00
N CYS F 762 -60.51 -43.13 128.70
CA CYS F 762 -60.17 -44.43 128.18
C CYS F 762 -58.72 -44.44 127.73
N PRO F 763 -57.96 -45.48 128.04
CA PRO F 763 -56.54 -45.48 127.71
C PRO F 763 -56.30 -45.64 126.23
N VAL F 764 -55.21 -45.05 125.75
CA VAL F 764 -54.73 -45.25 124.39
C VAL F 764 -53.55 -46.21 124.45
N GLN F 765 -53.69 -47.36 123.78
CA GLN F 765 -52.67 -48.40 123.84
C GLN F 765 -51.54 -48.08 122.85
N GLY F 766 -50.99 -46.89 123.02
CA GLY F 766 -49.81 -46.46 122.28
C GLY F 766 -48.69 -46.09 123.22
N VAL F 767 -47.56 -46.78 123.10
CA VAL F 767 -46.45 -46.66 124.06
C VAL F 767 -45.21 -46.26 123.29
N PHE F 768 -44.45 -45.31 123.84
CA PHE F 768 -43.20 -44.85 123.27
C PHE F 768 -42.04 -45.43 124.06
N GLU F 769 -41.12 -46.08 123.35
CA GLU F 769 -40.00 -46.77 123.98
C GLU F 769 -38.69 -46.36 123.34
N ALA F 770 -37.63 -46.40 124.15
CA ALA F 770 -36.26 -46.23 123.67
C ALA F 770 -36.07 -44.92 122.93
N PHE F 771 -36.79 -43.89 123.36
CA PHE F 771 -36.53 -42.56 122.82
C PHE F 771 -35.37 -41.91 123.55
N ASN F 772 -34.58 -41.14 122.81
CA ASN F 772 -33.35 -40.58 123.35
C ASN F 772 -33.63 -39.56 124.44
N LEU F 773 -32.73 -39.49 125.41
CA LEU F 773 -32.85 -38.61 126.57
C LEU F 773 -31.90 -37.43 126.51
N ASP F 774 -31.61 -36.91 125.31
CA ASP F 774 -30.56 -35.90 125.18
C ASP F 774 -30.92 -34.62 125.93
N GLY F 775 -32.12 -34.08 125.70
CA GLY F 775 -32.50 -32.82 126.30
C GLY F 775 -33.85 -32.90 126.98
N LEU F 776 -34.31 -31.75 127.45
CA LEU F 776 -35.58 -31.68 128.16
C LEU F 776 -36.75 -31.90 127.21
N PHE F 777 -37.84 -32.43 127.75
CA PHE F 777 -39.03 -32.73 127.00
C PHE F 777 -40.15 -31.81 127.47
N PHE F 778 -40.87 -31.19 126.52
CA PHE F 778 -41.98 -30.33 126.87
C PHE F 778 -43.22 -30.72 126.08
N PRO F 779 -44.38 -30.77 126.73
CA PRO F 779 -45.62 -30.90 125.96
C PRO F 779 -45.88 -29.65 125.15
N VAL F 780 -46.58 -29.82 124.03
CA VAL F 780 -46.86 -28.71 123.12
C VAL F 780 -48.01 -29.10 122.21
N VAL F 781 -48.80 -28.10 121.82
CA VAL F 781 -49.95 -28.30 120.94
C VAL F 781 -49.63 -27.70 119.58
N SER F 782 -49.78 -28.50 118.54
CA SER F 782 -49.57 -28.05 117.16
C SER F 782 -50.92 -27.93 116.46
N PHE F 783 -51.46 -26.72 116.43
CA PHE F 783 -52.78 -26.47 115.88
C PHE F 783 -52.65 -25.76 114.54
N SER F 784 -53.38 -26.24 113.55
CA SER F 784 -53.50 -25.48 112.32
C SER F 784 -54.50 -24.34 112.52
N ALA F 785 -54.81 -23.66 111.42
CA ALA F 785 -55.66 -22.49 111.50
C ALA F 785 -57.10 -22.88 111.80
N GLY F 786 -57.79 -22.01 112.55
CA GLY F 786 -59.23 -22.12 112.72
C GLY F 786 -59.72 -22.96 113.87
N VAL F 787 -58.89 -23.24 114.88
CA VAL F 787 -59.29 -24.05 116.02
C VAL F 787 -58.91 -23.34 117.30
N LYS F 788 -59.62 -23.64 118.38
CA LYS F 788 -59.23 -23.24 119.73
C LYS F 788 -59.07 -24.48 120.59
N VAL F 789 -57.96 -24.55 121.32
CA VAL F 789 -57.72 -25.63 122.28
C VAL F 789 -57.40 -25.01 123.63
N ARG F 790 -57.88 -25.67 124.68
CA ARG F 790 -57.65 -25.24 126.05
C ARG F 790 -56.67 -26.19 126.71
N PHE F 791 -55.63 -25.63 127.31
CA PHE F 791 -54.60 -26.42 127.96
C PHE F 791 -54.86 -26.39 129.46
N LEU F 792 -55.00 -27.58 130.05
CA LEU F 792 -55.23 -27.72 131.49
C LEU F 792 -53.96 -28.26 132.12
N LEU F 793 -53.19 -27.36 132.75
CA LEU F 793 -51.89 -27.75 133.28
C LEU F 793 -52.01 -28.30 134.70
N GLY F 794 -53.10 -28.00 135.38
CA GLY F 794 -53.37 -28.61 136.67
C GLY F 794 -53.08 -27.70 137.85
N GLY F 795 -53.53 -28.16 139.01
CA GLY F 795 -53.32 -27.41 140.24
C GLY F 795 -53.98 -26.06 140.19
N ARG F 796 -53.19 -25.02 140.50
CA ARG F 796 -53.70 -23.66 140.47
C ARG F 796 -54.12 -23.26 139.07
N HIS F 797 -53.45 -23.80 138.06
CA HIS F 797 -53.71 -23.46 136.66
C HIS F 797 -54.49 -24.60 136.02
N GLY F 798 -55.82 -24.47 136.01
CA GLY F 798 -56.68 -25.53 135.55
C GLY F 798 -56.67 -26.72 136.50
N GLU F 799 -57.63 -27.60 136.30
CA GLU F 799 -57.68 -28.85 137.03
C GLU F 799 -57.96 -29.99 136.07
N PHE F 800 -57.53 -31.18 136.46
CA PHE F 800 -57.61 -32.37 135.62
C PHE F 800 -59.01 -32.97 135.75
N LYS F 801 -59.68 -33.15 134.62
CA LYS F 801 -60.98 -33.81 134.65
C LYS F 801 -60.87 -35.24 135.16
N PHE F 802 -59.77 -35.91 134.81
CA PHE F 802 -59.53 -37.29 135.22
C PHE F 802 -58.32 -37.33 136.13
N LEU F 803 -58.41 -38.12 137.19
CA LEU F 803 -57.36 -38.15 138.19
C LEU F 803 -56.07 -38.68 137.57
N PRO F 804 -54.92 -38.11 137.94
CA PRO F 804 -53.67 -38.51 137.31
C PRO F 804 -53.34 -39.95 137.63
N PRO F 805 -52.66 -40.65 136.71
CA PRO F 805 -52.18 -41.99 137.02
C PRO F 805 -51.26 -41.97 138.23
N PRO F 806 -51.28 -43.02 139.05
CA PRO F 806 -50.55 -42.98 140.32
C PRO F 806 -49.07 -42.72 140.10
N GLY F 807 -48.51 -41.90 140.99
CA GLY F 807 -47.10 -41.56 140.92
C GLY F 807 -46.74 -40.57 139.86
N TYR F 808 -47.71 -39.95 139.20
CA TYR F 808 -47.45 -38.99 138.13
C TYR F 808 -47.67 -37.59 138.67
N ALA F 809 -46.60 -36.80 138.75
CA ALA F 809 -46.71 -35.45 139.27
C ALA F 809 -47.52 -34.58 138.33
N PRO F 810 -48.26 -33.62 138.85
CA PRO F 810 -48.93 -32.65 137.99
C PRO F 810 -47.93 -31.87 137.17
N CYS F 811 -48.27 -31.67 135.89
CA CYS F 811 -47.33 -31.02 134.98
C CYS F 811 -47.10 -29.56 135.37
N HIS F 812 -48.10 -28.92 135.96
CA HIS F 812 -47.93 -27.54 136.40
C HIS F 812 -46.86 -27.43 137.48
N GLU F 813 -46.66 -28.51 138.25
CA GLU F 813 -45.67 -28.48 139.32
C GLU F 813 -44.27 -28.34 138.75
N ALA F 814 -44.09 -28.60 137.46
CA ALA F 814 -42.75 -28.60 136.88
C ALA F 814 -42.26 -27.19 136.60
N VAL F 815 -43.11 -26.18 136.86
CA VAL F 815 -42.73 -24.81 136.55
C VAL F 815 -41.49 -24.40 137.34
N LEU F 816 -40.56 -23.73 136.66
CA LEU F 816 -39.33 -23.31 137.30
C LEU F 816 -39.58 -22.05 138.14
N PRO F 817 -38.87 -21.91 139.25
CA PRO F 817 -39.14 -20.78 140.15
C PRO F 817 -38.89 -19.43 139.51
N ARG F 818 -37.92 -19.32 138.61
CA ARG F 818 -37.49 -18.02 138.12
C ARG F 818 -38.58 -17.31 137.34
N GLU F 819 -39.28 -18.03 136.48
CA GLU F 819 -40.23 -17.43 135.55
C GLU F 819 -41.64 -17.91 135.89
N ARG F 820 -42.63 -17.08 135.57
CA ARG F 820 -44.02 -17.45 135.81
C ARG F 820 -44.56 -18.25 134.64
N LEU F 821 -45.57 -19.07 134.93
CA LEU F 821 -46.15 -19.93 133.93
C LEU F 821 -46.83 -19.10 132.85
N ARG F 822 -46.58 -19.46 131.58
CA ARG F 822 -47.12 -18.73 130.45
C ARG F 822 -46.96 -19.60 129.21
N LEU F 823 -47.85 -19.36 128.24
CA LEU F 823 -47.84 -20.10 126.98
C LEU F 823 -47.15 -19.27 125.91
N GLU F 824 -46.18 -19.87 125.23
CA GLU F 824 -45.33 -19.14 124.31
C GLU F 824 -45.03 -19.93 123.05
N PRO F 825 -44.89 -19.25 121.92
CA PRO F 825 -44.40 -19.92 120.71
C PRO F 825 -42.93 -20.31 120.85
N ILE F 826 -42.56 -21.38 120.17
CA ILE F 826 -41.25 -22.00 120.35
C ILE F 826 -40.39 -21.70 119.13
N LYS F 827 -39.17 -21.22 119.38
CA LYS F 827 -38.25 -20.76 118.34
C LYS F 827 -38.90 -19.76 117.40
N GLU F 828 -39.73 -18.89 117.95
CA GLU F 828 -40.35 -17.80 117.20
C GLU F 828 -39.28 -16.76 116.92
N TYR F 829 -39.32 -16.16 115.73
CA TYR F 829 -38.32 -15.16 115.38
C TYR F 829 -38.96 -13.79 115.21
N ARG F 830 -40.17 -13.75 114.68
CA ARG F 830 -40.87 -12.51 114.39
C ARG F 830 -42.02 -12.35 115.36
N ARG F 831 -41.90 -11.38 116.27
CA ARG F 831 -42.93 -11.09 117.26
C ARG F 831 -43.51 -9.72 116.99
N GLU F 832 -44.84 -9.61 117.05
CA GLU F 832 -45.48 -8.35 116.76
C GLU F 832 -45.24 -7.35 117.89
N GLY F 833 -44.64 -6.21 117.54
CA GLY F 833 -44.46 -5.13 118.47
C GLY F 833 -45.48 -4.03 118.24
N PRO F 834 -45.81 -3.29 119.30
CA PRO F 834 -46.87 -2.27 119.17
C PRO F 834 -46.58 -1.24 118.09
N ARG F 835 -45.34 -0.75 118.01
CA ARG F 835 -45.00 0.20 116.96
C ARG F 835 -44.85 -0.52 115.62
N GLY F 836 -44.23 -1.70 115.63
CA GLY F 836 -44.07 -2.50 114.45
C GLY F 836 -43.57 -3.88 114.81
N PRO F 837 -43.67 -4.83 113.90
CA PRO F 837 -43.22 -6.20 114.20
C PRO F 837 -41.75 -6.21 114.59
N HIS F 838 -41.43 -7.01 115.60
CA HIS F 838 -40.10 -7.08 116.16
C HIS F 838 -39.45 -8.40 115.80
N LEU F 839 -38.29 -8.33 115.15
CA LEU F 839 -37.48 -9.53 114.95
C LEU F 839 -36.82 -9.91 116.26
N VAL F 840 -36.72 -11.22 116.50
CA VAL F 840 -36.17 -11.74 117.75
C VAL F 840 -35.06 -12.72 117.41
N GLY F 841 -33.91 -12.54 118.07
CA GLY F 841 -32.79 -13.45 117.91
C GLY F 841 -33.04 -14.77 118.60
N PRO F 842 -32.15 -15.73 118.38
CA PRO F 842 -32.33 -17.05 119.00
C PRO F 842 -32.25 -16.96 120.52
N SER F 843 -33.06 -17.78 121.19
CA SER F 843 -32.99 -17.82 122.65
C SER F 843 -32.09 -18.95 123.11
N ARG F 844 -31.63 -18.84 124.35
CA ARG F 844 -30.87 -19.90 125.00
C ARG F 844 -31.85 -20.82 125.72
N CYS F 845 -31.60 -22.12 125.65
CA CYS F 845 -32.48 -23.10 126.26
C CYS F 845 -31.75 -23.79 127.39
N LEU F 846 -32.45 -23.94 128.52
CA LEU F 846 -31.90 -24.67 129.65
C LEU F 846 -31.72 -26.14 129.27
N SER F 847 -30.76 -26.80 129.92
CA SER F 847 -30.41 -28.16 129.57
C SER F 847 -30.49 -29.07 130.79
N HIS F 848 -30.59 -30.37 130.50
CA HIS F 848 -30.55 -31.37 131.55
C HIS F 848 -29.31 -31.20 132.44
N THR F 849 -28.18 -30.89 131.82
CA THR F 849 -26.97 -30.62 132.60
C THR F 849 -27.19 -29.46 133.55
N ASP F 850 -27.89 -28.41 133.09
CA ASP F 850 -28.20 -27.29 133.98
C ASP F 850 -29.09 -27.74 135.13
N PHE F 851 -30.07 -28.61 134.84
CA PHE F 851 -30.90 -29.14 135.91
C PHE F 851 -30.07 -29.90 136.93
N VAL F 852 -29.06 -30.63 136.47
CA VAL F 852 -28.22 -31.36 137.42
C VAL F 852 -27.28 -30.39 138.12
N PRO F 853 -27.19 -30.41 139.44
CA PRO F 853 -26.21 -29.57 140.12
C PRO F 853 -24.79 -30.01 139.80
N CYS F 854 -23.88 -29.04 139.83
CA CYS F 854 -22.46 -29.27 139.52
C CYS F 854 -21.62 -28.70 140.66
N PRO F 855 -21.54 -29.40 141.78
CA PRO F 855 -20.76 -28.88 142.91
C PRO F 855 -19.27 -28.92 142.64
N VAL F 856 -18.54 -28.09 143.39
CA VAL F 856 -17.09 -28.10 143.28
C VAL F 856 -16.53 -29.29 144.05
N ASP F 857 -15.37 -29.76 143.61
CA ASP F 857 -14.80 -31.00 144.15
C ASP F 857 -14.46 -30.85 145.62
N THR F 858 -14.77 -31.89 146.40
CA THR F 858 -14.50 -31.92 147.83
C THR F 858 -13.94 -33.26 148.31
N VAL F 859 -13.30 -34.02 147.42
CA VAL F 859 -12.87 -35.38 147.80
C VAL F 859 -11.77 -35.32 148.85
N GLN F 860 -10.76 -34.49 148.64
CA GLN F 860 -9.63 -34.38 149.54
C GLN F 860 -9.76 -33.12 150.37
N ILE F 861 -9.48 -33.22 151.66
CA ILE F 861 -9.56 -32.09 152.59
C ILE F 861 -8.24 -31.98 153.33
N VAL F 862 -7.65 -30.79 153.29
CA VAL F 862 -6.40 -30.49 153.98
C VAL F 862 -6.70 -29.50 155.08
N LEU F 863 -6.37 -29.86 156.32
CA LEU F 863 -6.62 -29.01 157.46
C LEU F 863 -5.37 -28.80 158.27
N PRO F 864 -4.75 -27.61 158.17
CA PRO F 864 -3.69 -27.27 159.13
C PRO F 864 -4.25 -27.22 160.53
N PRO F 865 -3.44 -27.48 161.55
CA PRO F 865 -3.99 -27.50 162.92
C PRO F 865 -4.62 -26.18 163.35
N HIS F 866 -4.01 -25.05 162.96
CA HIS F 866 -4.60 -23.76 163.32
C HIS F 866 -5.90 -23.54 162.57
N LEU F 867 -5.93 -23.83 161.28
CA LEU F 867 -7.19 -23.81 160.54
C LEU F 867 -8.22 -24.70 161.21
N GLU F 868 -7.80 -25.83 161.76
CA GLU F 868 -8.73 -26.79 162.34
C GLU F 868 -9.38 -26.26 163.61
N ARG F 869 -8.55 -25.78 164.55
CA ARG F 869 -9.13 -25.24 165.77
C ARG F 869 -9.98 -24.01 165.48
N ILE F 870 -9.51 -23.15 164.57
CA ILE F 870 -10.30 -21.97 164.23
C ILE F 870 -11.59 -22.36 163.52
N ARG F 871 -11.59 -23.45 162.74
CA ARG F 871 -12.82 -23.79 162.04
C ARG F 871 -13.84 -24.41 162.98
N GLU F 872 -13.38 -25.11 164.02
CA GLU F 872 -14.32 -25.50 165.06
C GLU F 872 -14.88 -24.26 165.76
N LYS F 873 -14.03 -23.26 166.01
CA LYS F 873 -14.52 -22.02 166.59
C LYS F 873 -15.53 -21.34 165.67
N LEU F 874 -15.27 -21.35 164.37
CA LEU F 874 -16.25 -20.83 163.40
C LEU F 874 -17.54 -21.64 163.45
N ALA F 875 -17.43 -22.96 163.60
CA ALA F 875 -18.65 -23.77 163.67
C ALA F 875 -19.53 -23.32 164.83
N GLU F 876 -18.96 -23.25 166.04
CA GLU F 876 -19.75 -22.82 167.18
C GLU F 876 -20.23 -21.38 167.02
N ASN F 877 -19.40 -20.52 166.41
CA ASN F 877 -19.74 -19.11 166.27
C ASN F 877 -20.88 -18.93 165.26
N ILE F 878 -20.85 -19.66 164.16
CA ILE F 878 -21.93 -19.55 163.19
C ILE F 878 -23.19 -20.21 163.73
N HIS F 879 -23.05 -21.19 164.63
CA HIS F 879 -24.25 -21.73 165.26
C HIS F 879 -24.89 -20.71 166.19
N GLU F 880 -24.09 -19.96 166.95
CA GLU F 880 -24.69 -18.94 167.81
C GLU F 880 -25.25 -17.80 166.97
N LEU F 881 -24.59 -17.48 165.86
CA LEU F 881 -25.16 -16.50 164.93
C LEU F 881 -26.46 -17.02 164.32
N TRP F 882 -26.57 -18.33 164.11
CA TRP F 882 -27.82 -18.93 163.69
C TRP F 882 -28.89 -18.75 164.76
N ALA F 883 -28.50 -18.84 166.02
CA ALA F 883 -29.42 -18.52 167.11
C ALA F 883 -29.88 -17.07 167.02
N LEU F 884 -28.96 -16.16 166.71
CA LEU F 884 -29.36 -14.76 166.47
C LEU F 884 -30.34 -14.65 165.31
N THR F 885 -30.10 -15.36 164.21
CA THR F 885 -31.03 -15.32 163.09
C THR F 885 -32.40 -15.80 163.52
N ARG F 886 -32.45 -16.86 164.33
CA ARG F 886 -33.72 -17.38 164.81
C ARG F 886 -34.43 -16.35 165.69
N ILE F 887 -33.71 -15.67 166.58
CA ILE F 887 -34.38 -14.75 167.49
C ILE F 887 -34.86 -13.50 166.75
N GLU F 888 -34.10 -13.06 165.74
CA GLU F 888 -34.64 -12.02 164.85
C GLU F 888 -35.88 -12.54 164.12
N GLN F 889 -35.89 -13.81 163.72
CA GLN F 889 -37.10 -14.42 163.20
C GLN F 889 -38.21 -14.42 164.25
N GLY F 890 -37.84 -14.25 165.52
CA GLY F 890 -38.78 -14.33 166.61
C GLY F 890 -38.90 -15.71 167.21
N TRP F 891 -38.10 -16.66 166.73
CA TRP F 891 -38.23 -18.04 167.16
C TRP F 891 -37.87 -18.17 168.63
N THR F 892 -38.64 -18.98 169.36
CA THR F 892 -38.38 -19.26 170.76
C THR F 892 -37.94 -20.71 170.89
N TYR F 893 -37.51 -21.06 172.11
CA TYR F 893 -37.21 -22.47 172.37
C TYR F 893 -38.50 -23.24 172.55
N GLY F 894 -38.49 -24.51 172.14
CA GLY F 894 -39.67 -25.33 172.26
C GLY F 894 -39.46 -26.79 171.93
N PRO F 895 -40.45 -27.62 172.25
CA PRO F 895 -40.31 -29.06 171.98
C PRO F 895 -40.17 -29.40 170.51
N VAL F 896 -40.85 -28.68 169.63
CA VAL F 896 -40.93 -29.03 168.21
C VAL F 896 -40.46 -27.85 167.38
N ARG F 897 -39.58 -28.12 166.42
CA ARG F 897 -39.03 -27.09 165.53
C ARG F 897 -40.07 -26.75 164.47
N ASP F 898 -40.75 -25.62 164.65
CA ASP F 898 -41.70 -25.11 163.67
C ASP F 898 -41.80 -23.60 163.81
N ASP F 899 -41.74 -22.90 162.68
CA ASP F 899 -41.82 -21.44 162.71
C ASP F 899 -43.22 -20.98 163.06
N ASN F 900 -44.24 -21.74 162.65
CA ASN F 900 -45.61 -21.37 162.98
C ASN F 900 -45.84 -21.38 164.49
N LYS F 901 -45.31 -22.40 165.17
CA LYS F 901 -45.41 -22.42 166.63
C LYS F 901 -44.50 -21.40 167.27
N ARG F 902 -43.49 -20.92 166.53
CA ARG F 902 -42.49 -19.99 167.05
C ARG F 902 -41.70 -20.61 168.21
N LEU F 903 -41.53 -21.93 168.18
CA LEU F 903 -40.81 -22.68 169.21
C LEU F 903 -39.81 -23.59 168.53
N HIS F 904 -38.63 -23.76 169.15
CA HIS F 904 -37.52 -24.45 168.50
C HIS F 904 -36.61 -25.14 169.52
N PRO F 905 -36.42 -26.45 169.42
CA PRO F 905 -35.54 -27.12 170.39
C PRO F 905 -34.07 -26.80 170.22
N CYS F 906 -33.56 -26.84 168.98
CA CYS F 906 -32.13 -26.65 168.77
C CYS F 906 -31.72 -25.21 169.08
N LEU F 907 -32.65 -24.27 169.00
CA LEU F 907 -32.33 -22.87 169.25
C LEU F 907 -32.17 -22.61 170.74
N VAL F 908 -30.94 -22.33 171.15
CA VAL F 908 -30.55 -22.00 172.52
C VAL F 908 -29.05 -21.81 172.62
N ASN F 909 -28.28 -22.87 172.37
CA ASN F 909 -26.83 -22.81 172.47
C ASN F 909 -26.22 -23.91 171.62
N PHE F 910 -25.03 -23.64 171.08
CA PHE F 910 -24.33 -24.66 170.30
C PHE F 910 -23.98 -25.86 171.16
N HIS F 911 -23.58 -25.63 172.41
CA HIS F 911 -23.38 -26.74 173.34
C HIS F 911 -24.70 -27.46 173.61
N SER F 912 -25.78 -26.71 173.82
CA SER F 912 -27.09 -27.33 173.97
C SER F 912 -27.54 -27.95 172.65
N LEU F 913 -27.11 -27.38 171.53
CA LEU F 913 -27.30 -28.03 170.25
C LEU F 913 -26.44 -29.30 170.19
N PRO F 914 -26.91 -30.35 169.54
CA PRO F 914 -26.08 -31.56 169.43
C PRO F 914 -24.80 -31.30 168.65
N GLU F 915 -23.70 -31.85 169.18
CA GLU F 915 -22.43 -31.78 168.48
C GLU F 915 -22.46 -32.40 167.09
N PRO F 916 -23.16 -33.51 166.83
CA PRO F 916 -23.29 -33.96 165.42
C PRO F 916 -23.92 -32.92 164.52
N GLU F 917 -24.89 -32.15 165.01
CA GLU F 917 -25.45 -31.07 164.21
C GLU F 917 -24.44 -29.94 164.04
N ARG F 918 -23.63 -29.68 165.07
CA ARG F 918 -22.51 -28.75 164.92
C ARG F 918 -21.53 -29.26 163.87
N ASN F 919 -21.47 -30.58 163.69
CA ASN F 919 -20.44 -31.18 162.87
C ASN F 919 -20.70 -30.93 161.39
N TYR F 920 -21.98 -30.73 161.03
CA TYR F 920 -22.33 -30.49 159.63
C TYR F 920 -21.59 -29.26 159.11
N ASN F 921 -21.25 -28.33 160.00
CA ASN F 921 -20.57 -27.12 159.58
C ASN F 921 -19.05 -27.29 159.65
N LEU F 922 -18.58 -28.36 160.26
CA LEU F 922 -17.16 -28.65 160.16
C LEU F 922 -16.79 -28.89 158.71
N GLN F 923 -17.62 -29.64 157.97
CA GLN F 923 -17.30 -29.91 156.58
C GLN F 923 -17.51 -28.69 155.70
N MET F 924 -18.45 -27.78 156.02
CA MET F 924 -18.58 -26.65 155.09
C MET F 924 -17.46 -25.67 155.34
N SER F 925 -16.95 -25.63 156.59
CA SER F 925 -15.74 -24.85 156.85
C SER F 925 -14.55 -25.44 156.11
N GLY F 926 -14.38 -26.77 156.18
CA GLY F 926 -13.33 -27.41 155.41
C GLY F 926 -13.49 -27.18 153.92
N GLU F 927 -14.73 -27.13 153.44
CA GLU F 927 -14.99 -26.88 152.03
C GLU F 927 -14.69 -25.45 151.66
N THR F 928 -14.97 -24.51 152.56
CA THR F 928 -14.58 -23.13 152.31
C THR F 928 -13.08 -23.01 152.15
N LEU F 929 -12.32 -23.55 153.10
CA LEU F 929 -10.86 -23.50 152.98
C LEU F 929 -10.40 -24.25 151.73
N LYS F 930 -11.02 -25.39 151.44
CA LYS F 930 -10.68 -26.15 150.25
C LYS F 930 -10.89 -25.35 148.99
N THR F 931 -12.01 -24.64 148.90
CA THR F 931 -12.29 -23.85 147.70
C THR F 931 -11.37 -22.65 147.62
N LEU F 932 -10.97 -22.12 148.77
CA LEU F 932 -10.01 -21.02 148.76
C LEU F 932 -8.67 -21.49 148.20
N LEU F 933 -8.21 -22.67 148.62
CA LEU F 933 -7.00 -23.22 148.00
C LEU F 933 -7.24 -23.59 146.55
N ALA F 934 -8.47 -24.00 146.21
CA ALA F 934 -8.72 -24.53 144.88
C ALA F 934 -8.83 -23.41 143.85
N LEU F 935 -9.18 -22.20 144.29
CA LEU F 935 -9.15 -21.06 143.39
C LEU F 935 -7.80 -20.37 143.44
N GLY F 936 -6.94 -20.78 144.37
CA GLY F 936 -5.66 -20.14 144.56
C GLY F 936 -5.65 -19.04 145.60
N CYS F 937 -6.81 -18.67 146.13
CA CYS F 937 -6.86 -17.62 147.14
C CYS F 937 -6.54 -18.18 148.52
N HIS F 938 -5.31 -17.99 148.95
CA HIS F 938 -4.82 -18.50 150.23
C HIS F 938 -5.48 -17.75 151.38
N VAL F 939 -5.81 -18.48 152.44
CA VAL F 939 -6.44 -17.93 153.63
C VAL F 939 -5.47 -18.08 154.79
N GLY F 940 -5.23 -16.97 155.49
CA GLY F 940 -4.30 -16.97 156.61
C GLY F 940 -4.59 -15.80 157.52
N MET F 941 -3.83 -15.75 158.62
CA MET F 941 -4.02 -14.71 159.62
C MET F 941 -3.75 -13.33 159.02
N ALA F 942 -4.81 -12.54 158.85
CA ALA F 942 -4.61 -11.11 158.61
C ALA F 942 -4.12 -10.42 159.86
N ASP F 943 -4.76 -10.69 161.00
CA ASP F 943 -4.29 -10.30 162.32
C ASP F 943 -4.39 -11.51 163.23
N GLU F 944 -3.28 -11.82 163.92
CA GLU F 944 -3.27 -13.01 164.78
C GLU F 944 -4.06 -12.76 166.05
N LYS F 945 -3.96 -11.55 166.60
CA LYS F 945 -4.67 -11.24 167.84
C LYS F 945 -6.18 -11.28 167.63
N ALA F 946 -6.63 -11.03 166.40
CA ALA F 946 -8.06 -11.11 166.11
C ALA F 946 -8.57 -12.54 166.30
N GLU F 947 -7.82 -13.53 165.83
CA GLU F 947 -8.22 -14.92 166.05
C GLU F 947 -7.95 -15.37 167.48
N ASP F 948 -6.94 -14.77 168.13
CA ASP F 948 -6.69 -15.08 169.53
C ASP F 948 -7.87 -14.67 170.41
N ASN F 949 -8.33 -13.42 170.26
CA ASN F 949 -9.47 -12.91 171.00
C ASN F 949 -10.32 -12.04 170.09
N LEU F 950 -11.63 -12.17 170.19
CA LEU F 950 -12.57 -11.42 169.38
C LEU F 950 -13.42 -10.53 170.27
N LYS F 951 -13.56 -9.26 169.88
CA LYS F 951 -14.49 -8.37 170.58
C LYS F 951 -15.92 -8.86 170.38
N LYS F 952 -16.69 -8.85 171.45
CA LYS F 952 -17.99 -9.49 171.48
C LYS F 952 -19.06 -8.48 171.87
N THR F 953 -20.07 -8.34 171.02
CA THR F 953 -21.24 -7.54 171.37
C THR F 953 -22.12 -8.33 172.32
N LYS F 954 -22.86 -7.62 173.17
CA LYS F 954 -23.70 -8.23 174.18
C LYS F 954 -25.14 -8.24 173.71
N LEU F 955 -25.71 -9.43 173.55
CA LEU F 955 -27.11 -9.54 173.20
C LEU F 955 -27.98 -9.21 174.40
N PRO F 956 -28.96 -8.32 174.26
CA PRO F 956 -29.89 -8.06 175.36
C PRO F 956 -30.65 -9.32 175.72
N LYS F 957 -30.91 -9.49 177.02
CA LYS F 957 -31.73 -10.61 177.46
C LYS F 957 -33.19 -10.40 177.08
N THR F 958 -33.53 -9.20 176.60
CA THR F 958 -34.89 -8.91 176.13
C THR F 958 -35.30 -9.87 175.03
N TYR F 959 -34.34 -10.34 174.24
CA TYR F 959 -34.62 -11.35 173.22
C TYR F 959 -35.37 -12.51 173.85
N MET F 960 -36.49 -12.90 173.23
CA MET F 960 -37.43 -13.82 173.83
C MET F 960 -37.32 -15.21 173.24
N MET F 961 -37.01 -16.18 174.10
CA MET F 961 -37.09 -17.59 173.82
C MET F 961 -37.22 -18.37 175.12
N SER F 962 -37.73 -19.59 175.02
CA SER F 962 -38.15 -20.30 176.23
C SER F 962 -36.97 -20.64 177.12
N ASN F 963 -35.82 -20.96 176.54
CA ASN F 963 -34.67 -21.33 177.35
C ASN F 963 -34.05 -20.11 178.02
N GLY F 964 -34.00 -18.97 177.34
CA GLY F 964 -33.54 -17.74 177.93
C GLY F 964 -32.12 -17.32 177.60
N TYR F 965 -31.40 -18.05 176.76
CA TYR F 965 -29.99 -17.77 176.53
C TYR F 965 -29.65 -17.80 175.04
N LYS F 966 -28.87 -16.82 174.60
CA LYS F 966 -28.18 -16.81 173.30
C LYS F 966 -26.72 -16.46 173.56
N PRO F 967 -25.78 -17.15 172.93
CA PRO F 967 -24.37 -16.74 173.03
C PRO F 967 -24.10 -15.47 172.24
N ALA F 968 -23.13 -14.69 172.71
CA ALA F 968 -22.86 -13.39 172.12
C ALA F 968 -22.23 -13.53 170.74
N PRO F 969 -22.51 -12.60 169.82
CA PRO F 969 -21.83 -12.60 168.53
C PRO F 969 -20.62 -11.68 168.54
N LEU F 970 -19.88 -11.72 167.43
CA LEU F 970 -18.67 -10.91 167.31
C LEU F 970 -19.04 -9.43 167.18
N ASP F 971 -18.03 -8.58 167.29
CA ASP F 971 -18.19 -7.19 166.91
C ASP F 971 -18.22 -7.07 165.38
N LEU F 972 -19.31 -6.53 164.85
CA LEU F 972 -19.48 -6.53 163.39
C LEU F 972 -18.86 -5.29 162.75
N SER F 973 -18.78 -4.19 163.50
CA SER F 973 -18.46 -2.90 162.89
C SER F 973 -17.03 -2.85 162.37
N HIS F 974 -16.09 -3.45 163.10
CA HIS F 974 -14.67 -3.19 162.82
C HIS F 974 -14.21 -3.81 161.50
N VAL F 975 -15.05 -4.65 160.90
CA VAL F 975 -14.68 -5.27 159.63
C VAL F 975 -15.46 -4.62 158.49
N ARG F 976 -14.78 -4.40 157.37
CA ARG F 976 -15.39 -3.91 156.14
C ARG F 976 -15.25 -4.96 155.06
N LEU F 977 -15.91 -4.72 153.93
CA LEU F 977 -16.02 -5.71 152.86
C LEU F 977 -15.45 -5.15 151.57
N THR F 978 -14.97 -6.05 150.71
CA THR F 978 -14.47 -5.65 149.41
C THR F 978 -15.23 -6.37 148.30
N PRO F 979 -15.47 -5.70 147.16
CA PRO F 979 -16.32 -6.31 146.12
C PRO F 979 -15.79 -7.62 145.57
N ALA F 980 -14.47 -7.75 145.43
CA ALA F 980 -13.91 -9.03 144.99
C ALA F 980 -14.23 -10.12 146.00
N GLN F 981 -14.09 -9.81 147.29
CA GLN F 981 -14.45 -10.77 148.32
C GLN F 981 -15.93 -11.12 148.25
N THR F 982 -16.77 -10.14 147.92
CA THR F 982 -18.18 -10.42 147.75
C THR F 982 -18.41 -11.41 146.61
N THR F 983 -17.69 -11.23 145.50
CA THR F 983 -17.81 -12.20 144.41
C THR F 983 -17.39 -13.60 144.85
N LEU F 984 -16.27 -13.70 145.59
CA LEU F 984 -15.83 -15.00 146.06
C LEU F 984 -16.88 -15.64 146.96
N VAL F 985 -17.50 -14.85 147.83
CA VAL F 985 -18.43 -15.44 148.78
C VAL F 985 -19.76 -15.75 148.10
N ASP F 986 -20.08 -15.05 147.02
CA ASP F 986 -21.22 -15.48 146.19
C ASP F 986 -20.92 -16.82 145.55
N ARG F 987 -19.69 -17.04 145.10
CA ARG F 987 -19.33 -18.37 144.64
C ARG F 987 -19.46 -19.39 145.76
N LEU F 988 -19.10 -18.98 146.98
CA LEU F 988 -19.22 -19.87 148.13
C LEU F 988 -20.69 -20.23 148.37
N ALA F 989 -21.59 -19.26 148.23
CA ALA F 989 -23.01 -19.54 148.35
C ALA F 989 -23.48 -20.48 147.25
N GLU F 990 -23.00 -20.27 146.03
CA GLU F 990 -23.24 -21.21 144.94
C GLU F 990 -22.86 -22.62 145.35
N ASN F 991 -21.65 -22.78 145.88
CA ASN F 991 -21.18 -24.10 146.29
C ASN F 991 -22.03 -24.68 147.41
N GLY F 992 -22.42 -23.84 148.37
CA GLY F 992 -23.22 -24.35 149.47
C GLY F 992 -24.58 -24.87 149.00
N HIS F 993 -25.23 -24.12 148.11
CA HIS F 993 -26.48 -24.60 147.53
C HIS F 993 -26.24 -25.89 146.76
N ASN F 994 -25.11 -25.98 146.05
CA ASN F 994 -24.81 -27.20 145.31
C ASN F 994 -24.62 -28.38 146.24
N VAL F 995 -23.97 -28.16 147.39
CA VAL F 995 -23.77 -29.22 148.37
C VAL F 995 -25.12 -29.69 148.91
N TRP F 996 -25.98 -28.74 149.26
CA TRP F 996 -27.31 -29.11 149.74
C TRP F 996 -28.06 -29.88 148.66
N ALA F 997 -27.87 -29.47 147.40
CA ALA F 997 -28.55 -30.14 146.30
C ALA F 997 -28.10 -31.58 146.16
N ARG F 998 -26.79 -31.83 146.18
CA ARG F 998 -26.34 -33.21 146.03
C ARG F 998 -26.77 -34.04 147.23
N ASP F 999 -26.71 -33.45 148.42
CA ASP F 999 -27.15 -34.16 149.60
C ASP F 999 -28.61 -34.57 149.49
N ARG F 1000 -29.47 -33.65 149.02
CA ARG F 1000 -30.89 -33.97 148.94
C ARG F 1000 -31.18 -34.93 147.79
N VAL F 1001 -30.35 -34.89 146.74
CA VAL F 1001 -30.46 -35.88 145.69
C VAL F 1001 -30.14 -37.26 146.23
N ALA F 1002 -29.07 -37.37 147.02
CA ALA F 1002 -28.78 -38.62 147.69
C ALA F 1002 -29.92 -39.02 148.61
N GLN F 1003 -30.62 -38.03 149.18
CA GLN F 1003 -31.83 -38.32 149.93
C GLN F 1003 -32.91 -38.89 149.03
N GLY F 1004 -32.74 -38.75 147.71
CA GLY F 1004 -33.78 -39.11 146.78
C GLY F 1004 -34.83 -38.06 146.56
N TRP F 1005 -34.71 -36.92 147.24
CA TRP F 1005 -35.70 -35.86 147.12
C TRP F 1005 -35.68 -35.28 145.71
N SER F 1006 -36.83 -34.77 145.28
CA SER F 1006 -36.95 -34.19 143.95
C SER F 1006 -37.55 -32.79 144.04
N TYR F 1007 -37.51 -32.08 142.92
CA TYR F 1007 -38.07 -30.74 142.85
C TYR F 1007 -39.58 -30.80 142.67
N SER F 1008 -40.25 -29.72 143.06
CA SER F 1008 -41.68 -29.55 142.82
C SER F 1008 -42.04 -28.09 142.96
N ALA F 1009 -43.27 -27.75 142.58
CA ALA F 1009 -43.77 -26.40 142.82
C ALA F 1009 -44.11 -26.20 144.29
N VAL F 1010 -44.47 -27.28 144.97
CA VAL F 1010 -44.85 -27.23 146.38
C VAL F 1010 -43.94 -28.17 147.14
N GLN F 1011 -43.83 -27.96 148.45
CA GLN F 1011 -42.96 -28.76 149.31
C GLN F 1011 -43.81 -29.72 150.12
N ASP F 1012 -43.45 -31.01 150.09
CA ASP F 1012 -44.11 -32.01 150.91
C ASP F 1012 -43.06 -32.97 151.44
N ILE F 1013 -43.03 -33.14 152.76
CA ILE F 1013 -42.05 -34.05 153.37
C ILE F 1013 -42.27 -35.49 152.90
N PRO F 1014 -43.48 -36.07 152.97
CA PRO F 1014 -43.63 -37.45 152.51
C PRO F 1014 -43.32 -37.63 151.02
N ALA F 1015 -43.84 -36.74 150.17
CA ALA F 1015 -43.58 -36.87 148.74
C ALA F 1015 -42.10 -36.65 148.42
N ARG F 1016 -41.36 -36.08 149.36
CA ARG F 1016 -39.94 -35.76 149.16
C ARG F 1016 -39.76 -34.87 147.94
N ARG F 1017 -40.69 -33.92 147.77
CA ARG F 1017 -40.68 -32.99 146.65
C ARG F 1017 -40.60 -31.59 147.22
N ASN F 1018 -39.70 -30.76 146.68
CA ASN F 1018 -39.44 -29.47 147.30
C ASN F 1018 -39.01 -28.42 146.28
N PRO F 1019 -39.59 -27.22 146.34
CA PRO F 1019 -39.15 -26.15 145.45
C PRO F 1019 -37.70 -25.76 145.64
N ARG F 1020 -37.22 -25.76 146.89
CA ARG F 1020 -35.86 -25.29 147.14
C ARG F 1020 -34.83 -26.16 146.44
N LEU F 1021 -35.15 -27.45 146.24
CA LEU F 1021 -34.19 -28.36 145.64
C LEU F 1021 -34.12 -28.01 144.16
N VAL F 1022 -33.13 -27.18 143.83
CA VAL F 1022 -32.89 -26.74 142.47
C VAL F 1022 -31.51 -26.08 142.43
N PRO F 1023 -30.81 -26.18 141.31
CA PRO F 1023 -29.50 -25.51 141.22
C PRO F 1023 -29.62 -24.02 141.48
N TYR F 1024 -28.58 -23.48 142.12
CA TYR F 1024 -28.63 -22.10 142.59
C TYR F 1024 -28.79 -21.11 141.45
N ARG F 1025 -28.07 -21.31 140.35
CA ARG F 1025 -28.24 -20.42 139.21
C ARG F 1025 -29.67 -20.48 138.67
N LEU F 1026 -30.22 -21.68 138.58
CA LEU F 1026 -31.59 -21.83 138.07
C LEU F 1026 -32.61 -21.25 139.02
N LEU F 1027 -32.24 -21.13 140.30
CA LEU F 1027 -33.18 -20.68 141.31
C LEU F 1027 -33.65 -19.26 141.04
N ASP F 1028 -34.91 -18.99 141.38
CA ASP F 1028 -35.49 -17.67 141.16
C ASP F 1028 -34.71 -16.61 141.90
N GLU F 1029 -34.93 -15.35 141.51
CA GLU F 1029 -34.19 -14.25 142.13
C GLU F 1029 -34.64 -14.02 143.57
N ALA F 1030 -35.92 -14.21 143.87
CA ALA F 1030 -36.39 -13.98 145.23
C ALA F 1030 -35.80 -15.00 146.21
N THR F 1031 -35.91 -16.28 145.88
CA THR F 1031 -35.35 -17.30 146.76
C THR F 1031 -33.82 -17.24 146.73
N LYS F 1032 -33.25 -16.87 145.59
CA LYS F 1032 -31.81 -16.65 145.52
C LYS F 1032 -31.39 -15.54 146.46
N ARG F 1033 -32.18 -14.47 146.53
CA ARG F 1033 -31.88 -13.38 147.45
C ARG F 1033 -32.05 -13.82 148.88
N SER F 1034 -33.03 -14.67 149.15
CA SER F 1034 -33.21 -15.17 150.52
C SER F 1034 -32.02 -16.02 150.96
N ASN F 1035 -31.66 -17.02 150.16
CA ASN F 1035 -30.52 -17.88 150.50
C ASN F 1035 -29.23 -17.09 150.49
N ARG F 1036 -29.12 -16.09 149.62
CA ARG F 1036 -27.90 -15.30 149.56
C ARG F 1036 -27.81 -14.34 150.72
N ASP F 1037 -28.95 -13.84 151.21
CA ASP F 1037 -28.94 -13.05 152.43
C ASP F 1037 -28.48 -13.90 153.60
N SER F 1038 -29.00 -15.12 153.71
CA SER F 1038 -28.56 -16.00 154.80
C SER F 1038 -27.09 -16.33 154.69
N LEU F 1039 -26.64 -16.71 153.49
CA LEU F 1039 -25.26 -17.16 153.34
C LEU F 1039 -24.28 -16.00 153.39
N CYS F 1040 -24.73 -14.80 152.99
CA CYS F 1040 -23.87 -13.63 153.11
C CYS F 1040 -23.93 -13.06 154.53
N GLN F 1041 -24.92 -13.45 155.32
CA GLN F 1041 -24.83 -13.22 156.76
C GLN F 1041 -23.78 -14.14 157.37
N ALA F 1042 -23.75 -15.39 156.94
CA ALA F 1042 -22.65 -16.27 157.30
C ALA F 1042 -21.31 -15.67 156.86
N VAL F 1043 -21.30 -15.05 155.69
CA VAL F 1043 -20.11 -14.37 155.17
C VAL F 1043 -19.77 -13.16 156.01
N ARG F 1044 -20.78 -12.44 156.49
CA ARG F 1044 -20.55 -11.32 157.39
C ARG F 1044 -19.85 -11.80 158.65
N THR F 1045 -20.29 -12.92 159.19
CA THR F 1045 -19.58 -13.53 160.32
C THR F 1045 -18.16 -13.95 159.93
N LEU F 1046 -18.00 -14.50 158.73
CA LEU F 1046 -16.69 -14.95 158.27
C LEU F 1046 -15.71 -13.78 158.16
N LEU F 1047 -16.19 -12.65 157.66
CA LEU F 1047 -15.35 -11.46 157.58
C LEU F 1047 -15.09 -10.90 158.97
N GLY F 1048 -16.07 -11.02 159.87
CA GLY F 1048 -15.84 -10.64 161.26
C GLY F 1048 -14.75 -11.48 161.90
N TYR F 1049 -14.55 -12.70 161.40
CA TYR F 1049 -13.40 -13.49 161.84
C TYR F 1049 -12.09 -12.79 161.47
N GLY F 1050 -11.93 -12.42 160.20
CA GLY F 1050 -10.85 -11.55 159.81
C GLY F 1050 -9.55 -12.22 159.39
N TYR F 1051 -9.61 -13.36 158.69
CA TYR F 1051 -8.42 -13.87 158.01
C TYR F 1051 -8.07 -13.00 156.81
N ASN F 1052 -6.83 -13.14 156.34
CA ASN F 1052 -6.46 -12.52 155.09
C ASN F 1052 -6.98 -13.34 153.92
N ILE F 1053 -7.31 -12.67 152.83
CA ILE F 1053 -7.76 -13.31 151.61
C ILE F 1053 -6.92 -12.79 150.45
N GLU F 1054 -5.83 -13.47 150.15
CA GLU F 1054 -5.07 -13.18 148.96
C GLU F 1054 -5.93 -13.48 147.75
N PRO F 1055 -6.31 -12.48 146.95
CA PRO F 1055 -7.30 -12.70 145.90
C PRO F 1055 -6.82 -13.74 144.90
N PRO F 1056 -7.71 -14.61 144.45
CA PRO F 1056 -7.30 -15.68 143.54
C PRO F 1056 -6.95 -15.13 142.16
N ASP F 1057 -5.96 -15.75 141.54
CA ASP F 1057 -5.61 -15.39 140.17
C ASP F 1057 -6.77 -15.73 139.24
N GLN F 1058 -7.33 -14.70 138.62
CA GLN F 1058 -8.57 -14.85 137.88
C GLN F 1058 -8.43 -15.86 136.75
N GLU F 1059 -9.41 -16.77 136.67
CA GLU F 1059 -9.43 -17.82 135.68
C GLU F 1059 -10.57 -17.59 134.70
N PRO F 1060 -10.28 -17.29 133.44
CA PRO F 1060 -11.37 -17.08 132.47
C PRO F 1060 -11.95 -18.41 132.00
N SER F 1061 -13.09 -18.34 131.34
CA SER F 1061 -13.78 -19.51 130.83
C SER F 1061 -14.72 -19.11 129.70
N GLN F 1062 -15.18 -20.11 128.94
CA GLN F 1062 -16.11 -19.91 127.83
C GLN F 1062 -17.33 -20.78 128.07
N VAL F 1063 -18.51 -20.26 127.72
CA VAL F 1063 -19.75 -20.95 128.05
C VAL F 1063 -20.24 -21.80 126.88
N GLU F 1064 -20.34 -21.22 125.69
CA GLU F 1064 -20.94 -21.87 124.53
C GLU F 1064 -22.34 -22.38 124.87
N ASN F 1065 -23.24 -21.45 125.21
CA ASN F 1065 -24.61 -21.83 125.53
C ASN F 1065 -25.35 -22.28 124.28
N GLN F 1066 -25.09 -21.63 123.15
CA GLN F 1066 -25.72 -21.97 121.87
C GLN F 1066 -24.63 -22.36 120.89
N SER F 1067 -25.00 -23.22 119.93
CA SER F 1067 -24.07 -23.60 118.89
C SER F 1067 -23.71 -22.39 118.05
N ARG F 1068 -22.51 -22.43 117.46
CA ARG F 1068 -21.98 -21.29 116.72
C ARG F 1068 -22.95 -20.81 115.67
N TRP F 1069 -23.67 -21.73 115.03
CA TRP F 1069 -24.64 -21.35 114.01
C TRP F 1069 -25.90 -20.76 114.64
N ASP F 1070 -26.35 -21.34 115.75
CA ASP F 1070 -27.52 -20.81 116.44
C ASP F 1070 -27.18 -19.55 117.23
N ARG F 1071 -25.91 -19.18 117.25
CA ARG F 1071 -25.50 -17.99 117.99
C ARG F 1071 -26.22 -16.75 117.47
N VAL F 1072 -26.16 -16.51 116.16
CA VAL F 1072 -26.67 -15.29 115.55
C VAL F 1072 -27.57 -15.67 114.38
N ARG F 1073 -28.70 -15.01 114.28
CA ARG F 1073 -29.57 -15.10 113.10
C ARG F 1073 -29.51 -13.78 112.35
N ILE F 1074 -29.21 -13.86 111.06
CA ILE F 1074 -29.02 -12.69 110.22
C ILE F 1074 -30.23 -12.55 109.30
N PHE F 1075 -30.75 -11.33 109.19
CA PHE F 1075 -31.94 -11.05 108.41
C PHE F 1075 -31.61 -10.06 107.30
N ARG F 1076 -31.99 -10.38 106.08
CA ARG F 1076 -31.62 -9.60 104.91
C ARG F 1076 -32.79 -9.54 103.93
N ALA F 1077 -32.76 -8.54 103.07
CA ALA F 1077 -33.80 -8.39 102.06
C ALA F 1077 -33.51 -9.29 100.86
N GLU F 1078 -34.54 -9.50 100.06
CA GLU F 1078 -34.41 -10.33 98.87
C GLU F 1078 -33.51 -9.65 97.84
N LYS F 1079 -32.82 -10.47 97.05
CA LYS F 1079 -31.85 -9.97 96.09
C LYS F 1079 -32.49 -9.03 95.09
N SER F 1080 -33.76 -9.27 94.74
CA SER F 1080 -34.42 -8.45 93.73
C SER F 1080 -34.52 -7.00 94.17
N TYR F 1081 -34.69 -6.76 95.47
CA TYR F 1081 -34.85 -5.40 95.95
C TYR F 1081 -33.53 -4.66 96.07
N THR F 1082 -32.43 -5.27 95.62
CA THR F 1082 -31.13 -4.62 95.71
C THR F 1082 -31.11 -3.33 94.91
N VAL F 1083 -30.49 -2.30 95.48
CA VAL F 1083 -30.31 -1.02 94.83
C VAL F 1083 -28.86 -0.89 94.42
N GLN F 1084 -28.64 -0.39 93.21
CA GLN F 1084 -27.29 -0.21 92.68
C GLN F 1084 -26.90 1.25 92.54
N SER F 1085 -27.77 2.17 92.93
CA SER F 1085 -27.47 3.59 92.86
C SER F 1085 -28.43 4.34 93.79
N GLY F 1086 -28.36 5.66 93.74
CA GLY F 1086 -29.20 6.49 94.56
C GLY F 1086 -28.74 6.57 96.00
N ARG F 1087 -29.57 7.20 96.82
CA ARG F 1087 -29.30 7.38 98.24
C ARG F 1087 -30.49 6.90 99.05
N TRP F 1088 -30.23 6.16 100.12
CA TRP F 1088 -31.28 5.49 100.85
C TRP F 1088 -31.01 5.52 102.35
N TYR F 1089 -32.09 5.41 103.13
CA TYR F 1089 -32.05 5.43 104.57
C TYR F 1089 -33.01 4.38 105.11
N PHE F 1090 -32.54 3.57 106.05
CA PHE F 1090 -33.42 2.72 106.86
C PHE F 1090 -33.02 2.84 108.32
N GLU F 1091 -34.02 2.88 109.18
CA GLU F 1091 -33.82 3.12 110.62
C GLU F 1091 -34.10 1.82 111.37
N PHE F 1092 -33.23 1.50 112.33
CA PHE F 1092 -33.37 0.30 113.13
C PHE F 1092 -33.65 0.68 114.58
N GLU F 1093 -34.65 0.04 115.17
CA GLU F 1093 -34.98 0.20 116.57
C GLU F 1093 -34.46 -1.00 117.33
N ALA F 1094 -33.64 -0.75 118.35
CA ALA F 1094 -33.07 -1.80 119.18
C ALA F 1094 -33.94 -2.00 120.41
N VAL F 1095 -34.82 -2.99 120.36
CA VAL F 1095 -35.66 -3.30 121.51
C VAL F 1095 -34.80 -3.79 122.67
N THR F 1096 -33.74 -4.53 122.37
CA THR F 1096 -32.83 -5.05 123.37
C THR F 1096 -31.50 -4.34 123.29
N THR F 1097 -30.86 -4.15 124.44
CA THR F 1097 -29.56 -3.50 124.47
C THR F 1097 -28.43 -4.45 124.15
N GLY F 1098 -28.73 -5.72 123.89
CA GLY F 1098 -27.69 -6.67 123.54
C GLY F 1098 -26.99 -6.32 122.24
N GLU F 1099 -26.15 -7.24 121.77
CA GLU F 1099 -25.38 -6.96 120.57
C GLU F 1099 -26.16 -7.36 119.32
N MET F 1100 -26.32 -6.40 118.41
CA MET F 1100 -26.75 -6.67 117.05
C MET F 1100 -25.86 -5.86 116.11
N ARG F 1101 -25.72 -6.35 114.88
CA ARG F 1101 -24.99 -5.64 113.84
C ARG F 1101 -25.96 -5.30 112.72
N VAL F 1102 -25.92 -4.06 112.25
CA VAL F 1102 -26.81 -3.57 111.20
C VAL F 1102 -25.97 -2.79 110.20
N GLY F 1103 -26.32 -2.89 108.93
CA GLY F 1103 -25.62 -2.15 107.89
C GLY F 1103 -25.97 -2.65 106.52
N TRP F 1104 -25.52 -1.90 105.52
CA TRP F 1104 -25.71 -2.30 104.13
C TRP F 1104 -24.75 -3.42 103.78
N ALA F 1105 -25.16 -4.30 102.87
CA ALA F 1105 -24.34 -5.44 102.50
C ALA F 1105 -24.64 -5.85 101.07
N ARG F 1106 -23.74 -6.65 100.49
CA ARG F 1106 -23.93 -7.13 99.14
C ARG F 1106 -24.99 -8.23 99.13
N PRO F 1107 -25.64 -8.48 97.99
CA PRO F 1107 -26.78 -9.41 98.00
C PRO F 1107 -26.40 -10.85 98.29
N GLU F 1108 -25.38 -11.36 97.62
CA GLU F 1108 -25.04 -12.78 97.67
C GLU F 1108 -24.23 -13.17 98.90
N LEU F 1109 -24.28 -12.39 99.97
CA LEU F 1109 -23.51 -12.70 101.18
C LEU F 1109 -23.88 -14.08 101.71
N ARG F 1110 -22.86 -14.83 102.12
CA ARG F 1110 -23.07 -16.16 102.65
C ARG F 1110 -23.59 -16.08 104.09
N PRO F 1111 -24.69 -16.76 104.39
CA PRO F 1111 -25.20 -16.75 105.77
C PRO F 1111 -24.23 -17.35 106.77
N ASP F 1112 -23.41 -18.30 106.35
CA ASP F 1112 -22.54 -19.01 107.29
C ASP F 1112 -21.47 -18.08 107.88
N VAL F 1113 -20.80 -17.30 107.01
CA VAL F 1113 -19.71 -16.47 107.48
C VAL F 1113 -20.24 -15.35 108.35
N GLU F 1114 -19.49 -15.01 109.39
CA GLU F 1114 -19.90 -13.95 110.30
C GLU F 1114 -19.83 -12.59 109.61
N LEU F 1115 -20.81 -11.74 109.89
CA LEU F 1115 -20.84 -10.40 109.31
C LEU F 1115 -19.65 -9.58 109.77
N GLY F 1116 -19.17 -8.72 108.88
CA GLY F 1116 -18.12 -7.77 109.21
C GLY F 1116 -16.73 -8.36 109.34
N ALA F 1117 -16.60 -9.65 109.62
CA ALA F 1117 -15.29 -10.27 109.65
C ALA F 1117 -14.61 -10.19 108.29
N ASP F 1118 -15.38 -10.40 107.23
CA ASP F 1118 -14.87 -10.28 105.89
C ASP F 1118 -15.11 -8.88 105.34
N GLU F 1119 -14.51 -8.60 104.19
CA GLU F 1119 -14.77 -7.34 103.49
C GLU F 1119 -16.15 -7.37 102.84
N LEU F 1120 -16.90 -8.44 103.09
CA LEU F 1120 -18.09 -8.72 102.30
C LEU F 1120 -19.31 -7.95 102.81
N ALA F 1121 -19.47 -7.87 104.13
CA ALA F 1121 -20.61 -7.19 104.74
C ALA F 1121 -20.11 -6.00 105.54
N TYR F 1122 -20.88 -4.91 105.51
CA TYR F 1122 -20.58 -3.69 106.24
C TYR F 1122 -21.64 -3.48 107.31
N VAL F 1123 -21.23 -3.58 108.58
CA VAL F 1123 -22.14 -3.44 109.71
C VAL F 1123 -21.41 -2.74 110.85
N PHE F 1124 -22.19 -2.24 111.80
CA PHE F 1124 -21.67 -1.66 113.03
C PHE F 1124 -22.53 -2.11 114.18
N ASN F 1125 -21.90 -2.50 115.29
CA ASN F 1125 -22.62 -2.90 116.49
C ASN F 1125 -22.43 -1.85 117.56
N GLY F 1126 -23.53 -1.36 118.11
CA GLY F 1126 -23.43 -0.45 119.23
C GLY F 1126 -22.85 -1.09 120.48
N HIS F 1127 -23.22 -2.35 120.73
CA HIS F 1127 -22.89 -2.95 122.02
C HIS F 1127 -21.39 -2.95 122.29
N ARG F 1128 -20.59 -3.36 121.31
CA ARG F 1128 -19.15 -3.20 121.45
C ARG F 1128 -18.72 -1.78 121.13
N GLY F 1129 -19.60 -0.99 120.53
CA GLY F 1129 -19.20 0.32 120.07
C GLY F 1129 -18.14 0.29 118.99
N GLN F 1130 -18.27 -0.61 118.02
CA GLN F 1130 -17.24 -0.83 117.03
C GLN F 1130 -17.88 -1.25 115.71
N ARG F 1131 -17.36 -0.71 114.61
CA ARG F 1131 -17.85 -0.99 113.27
C ARG F 1131 -17.05 -2.14 112.68
N TRP F 1132 -17.72 -2.97 111.88
CA TRP F 1132 -17.11 -4.16 111.33
C TRP F 1132 -17.13 -4.12 109.81
N HIS F 1133 -15.97 -4.30 109.20
CA HIS F 1133 -15.84 -4.59 107.77
C HIS F 1133 -14.41 -5.02 107.53
N LEU F 1134 -14.25 -6.15 106.84
CA LEU F 1134 -12.94 -6.79 106.71
C LEU F 1134 -12.31 -6.92 108.10
N GLY F 1135 -13.08 -7.43 109.04
CA GLY F 1135 -12.72 -7.41 110.42
C GLY F 1135 -13.46 -6.32 111.19
N SER F 1136 -13.16 -6.23 112.47
CA SER F 1136 -13.83 -5.33 113.38
C SER F 1136 -12.86 -4.26 113.87
N GLU F 1137 -13.25 -2.99 113.72
CA GLU F 1137 -12.45 -1.87 114.18
C GLU F 1137 -13.34 -0.81 114.82
N PRO F 1138 -12.87 -0.15 115.88
CA PRO F 1138 -13.78 0.63 116.74
C PRO F 1138 -14.40 1.80 116.00
N PHE F 1139 -15.61 2.17 116.42
CA PHE F 1139 -16.30 3.33 115.87
C PHE F 1139 -17.56 3.58 116.69
N GLY F 1140 -17.86 4.86 116.92
CA GLY F 1140 -19.10 5.25 117.55
C GLY F 1140 -19.14 5.03 119.04
N ARG F 1141 -20.36 5.07 119.57
CA ARG F 1141 -20.65 4.98 121.00
C ARG F 1141 -21.70 3.91 121.26
N PRO F 1142 -21.58 3.17 122.36
CA PRO F 1142 -22.54 2.10 122.64
C PRO F 1142 -23.95 2.63 122.83
N TRP F 1143 -24.90 1.95 122.21
CA TRP F 1143 -26.30 2.34 122.29
C TRP F 1143 -26.92 1.93 123.62
N GLN F 1144 -28.14 2.40 123.83
CA GLN F 1144 -28.94 2.05 125.00
C GLN F 1144 -30.24 1.41 124.56
N SER F 1145 -30.98 0.87 125.52
CA SER F 1145 -32.27 0.26 125.22
C SER F 1145 -33.23 1.31 124.68
N GLY F 1146 -33.96 0.93 123.63
CA GLY F 1146 -34.87 1.85 122.97
C GLY F 1146 -34.22 2.79 121.98
N ASP F 1147 -32.91 2.68 121.77
CA ASP F 1147 -32.24 3.56 120.82
C ASP F 1147 -32.63 3.21 119.39
N VAL F 1148 -32.78 4.26 118.57
CA VAL F 1148 -33.10 4.09 117.17
C VAL F 1148 -31.89 4.51 116.35
N VAL F 1149 -31.37 3.60 115.55
CA VAL F 1149 -30.17 3.82 114.76
C VAL F 1149 -30.57 3.80 113.29
N GLY F 1150 -30.00 4.72 112.51
CA GLY F 1150 -30.29 4.82 111.09
C GLY F 1150 -29.04 4.57 110.25
N CYS F 1151 -29.26 4.03 109.06
CA CYS F 1151 -28.19 3.70 108.13
C CYS F 1151 -28.37 4.51 106.84
N MET F 1152 -27.26 4.82 106.19
CA MET F 1152 -27.17 5.98 105.31
C MET F 1152 -26.19 5.64 104.19
N ILE F 1153 -26.72 5.37 102.99
CA ILE F 1153 -25.91 4.86 101.89
C ILE F 1153 -26.13 5.74 100.66
N ASP F 1154 -25.02 6.10 100.01
CA ASP F 1154 -25.02 6.83 98.75
C ASP F 1154 -23.94 6.25 97.87
N LEU F 1155 -24.36 5.58 96.79
CA LEU F 1155 -23.39 4.98 95.87
C LEU F 1155 -22.64 6.05 95.10
N THR F 1156 -23.29 7.16 94.79
CA THR F 1156 -22.59 8.26 94.16
C THR F 1156 -21.49 8.81 95.07
N GLU F 1157 -21.82 9.01 96.35
CA GLU F 1157 -20.83 9.49 97.30
C GLU F 1157 -19.82 8.40 97.60
N ASN F 1158 -20.26 7.13 97.60
CA ASN F 1158 -19.40 5.97 97.81
C ASN F 1158 -18.94 5.85 99.26
N THR F 1159 -19.76 6.31 100.20
CA THR F 1159 -19.48 6.17 101.62
C THR F 1159 -20.72 5.67 102.34
N ILE F 1160 -20.51 5.11 103.53
CA ILE F 1160 -21.58 4.59 104.36
C ILE F 1160 -21.61 5.41 105.65
N ILE F 1161 -22.78 5.92 106.00
CA ILE F 1161 -22.94 6.82 107.13
C ILE F 1161 -23.88 6.17 108.14
N PHE F 1162 -23.63 6.39 109.43
CA PHE F 1162 -24.43 5.82 110.49
C PHE F 1162 -24.88 6.94 111.42
N THR F 1163 -26.13 6.86 111.87
CA THR F 1163 -26.70 7.88 112.74
C THR F 1163 -27.53 7.23 113.85
N LEU F 1164 -27.60 7.89 115.00
CA LEU F 1164 -28.32 7.39 116.15
C LEU F 1164 -29.20 8.48 116.74
N ASN F 1165 -30.48 8.15 116.94
CA ASN F 1165 -31.42 9.04 117.61
C ASN F 1165 -31.50 10.39 116.92
N GLY F 1166 -31.35 10.38 115.59
CA GLY F 1166 -31.29 11.62 114.84
C GLY F 1166 -29.95 12.29 114.83
N GLU F 1167 -28.96 11.74 115.53
CA GLU F 1167 -27.63 12.31 115.62
C GLU F 1167 -26.64 11.39 114.92
N VAL F 1168 -25.84 11.96 114.01
CA VAL F 1168 -24.89 11.15 113.25
C VAL F 1168 -23.81 10.62 114.17
N LEU F 1169 -23.54 9.32 114.09
CA LEU F 1169 -22.41 8.76 114.79
C LEU F 1169 -21.11 9.37 114.28
N MET F 1170 -20.18 9.59 115.19
CA MET F 1170 -19.00 10.39 114.91
C MET F 1170 -17.82 9.47 115.15
N SER F 1171 -16.93 9.35 114.16
CA SER F 1171 -15.87 8.35 114.22
C SER F 1171 -14.85 8.68 115.30
N ASP F 1172 -13.94 7.73 115.54
CA ASP F 1172 -12.76 7.98 116.37
C ASP F 1172 -11.64 8.50 115.47
N SER F 1173 -11.97 9.56 114.74
CA SER F 1173 -11.09 10.09 113.70
C SER F 1173 -11.63 11.46 113.30
N GLY F 1174 -11.08 12.00 112.22
CA GLY F 1174 -11.63 13.21 111.66
C GLY F 1174 -12.97 12.99 110.98
N SER F 1175 -13.08 11.93 110.18
CA SER F 1175 -14.22 11.77 109.30
C SER F 1175 -15.50 11.43 110.07
N GLU F 1176 -16.63 11.94 109.59
CA GLU F 1176 -17.94 11.61 110.12
C GLU F 1176 -18.40 10.21 109.75
N THR F 1177 -18.25 9.82 108.48
CA THR F 1177 -18.82 8.59 107.95
C THR F 1177 -17.96 7.40 108.35
N ALA F 1178 -18.62 6.27 108.63
CA ALA F 1178 -17.90 5.10 109.15
C ALA F 1178 -17.08 4.41 108.08
N PHE F 1179 -17.64 4.25 106.88
CA PHE F 1179 -16.96 3.58 105.77
C PHE F 1179 -16.88 4.53 104.59
N ARG F 1180 -15.76 4.46 103.88
CA ARG F 1180 -15.45 5.40 102.80
C ARG F 1180 -14.97 4.66 101.57
N GLU F 1181 -15.17 5.30 100.41
CA GLU F 1181 -14.61 4.85 99.15
C GLU F 1181 -15.00 3.41 98.82
N ILE F 1182 -16.24 3.05 99.14
CA ILE F 1182 -16.74 1.74 98.77
C ILE F 1182 -17.25 1.77 97.34
N GLU F 1183 -16.96 0.71 96.59
CA GLU F 1183 -17.33 0.60 95.19
C GLU F 1183 -18.77 0.13 95.09
N ILE F 1184 -19.44 0.50 93.99
CA ILE F 1184 -20.83 0.07 93.79
C ILE F 1184 -20.89 -1.45 93.63
N GLY F 1185 -20.07 -1.99 92.75
CA GLY F 1185 -20.08 -3.43 92.52
C GLY F 1185 -21.41 -3.90 91.98
N ASP F 1186 -21.81 -5.10 92.38
CA ASP F 1186 -23.08 -5.65 91.91
C ASP F 1186 -24.26 -4.90 92.50
N GLY F 1187 -24.08 -4.28 93.65
CA GLY F 1187 -25.16 -3.59 94.33
C GLY F 1187 -25.12 -3.90 95.81
N PHE F 1188 -25.84 -3.07 96.57
CA PHE F 1188 -25.83 -3.15 98.02
C PHE F 1188 -27.25 -3.35 98.53
N LEU F 1189 -27.37 -4.11 99.62
CA LEU F 1189 -28.64 -4.42 100.23
C LEU F 1189 -28.53 -4.18 101.73
N PRO F 1190 -29.57 -3.68 102.38
CA PRO F 1190 -29.51 -3.54 103.84
C PRO F 1190 -29.61 -4.90 104.51
N VAL F 1191 -28.73 -5.13 105.47
CA VAL F 1191 -28.69 -6.40 106.20
C VAL F 1191 -28.78 -6.09 107.68
N CYS F 1192 -29.32 -7.03 108.44
CA CYS F 1192 -29.51 -6.89 109.88
C CYS F 1192 -29.28 -8.23 110.54
N SER F 1193 -28.43 -8.25 111.56
CA SER F 1193 -28.11 -9.46 112.30
C SER F 1193 -28.49 -9.26 113.76
N LEU F 1194 -29.13 -10.26 114.34
CA LEU F 1194 -29.57 -10.20 115.72
C LEU F 1194 -28.78 -11.21 116.54
N GLY F 1195 -28.23 -10.76 117.67
CA GLY F 1195 -27.55 -11.63 118.58
C GLY F 1195 -28.54 -12.53 119.30
N PRO F 1196 -28.03 -13.51 120.04
CA PRO F 1196 -28.93 -14.43 120.73
C PRO F 1196 -29.80 -13.68 121.74
N GLY F 1197 -31.07 -14.06 121.79
CA GLY F 1197 -31.98 -13.46 122.75
C GLY F 1197 -32.19 -11.98 122.59
N GLN F 1198 -31.90 -11.44 121.42
CA GLN F 1198 -32.02 -10.00 121.17
C GLN F 1198 -33.27 -9.72 120.35
N VAL F 1199 -34.01 -8.71 120.74
CA VAL F 1199 -35.21 -8.26 120.05
C VAL F 1199 -34.92 -6.90 119.43
N GLY F 1200 -35.32 -6.73 118.18
CA GLY F 1200 -35.11 -5.48 117.48
C GLY F 1200 -36.17 -5.28 116.41
N HIS F 1201 -36.30 -4.03 115.99
CA HIS F 1201 -37.24 -3.64 114.95
C HIS F 1201 -36.56 -2.73 113.95
N LEU F 1202 -36.79 -2.99 112.67
CA LEU F 1202 -36.24 -2.17 111.60
C LEU F 1202 -37.37 -1.77 110.66
N ASN F 1203 -37.23 -0.60 110.04
CA ASN F 1203 -38.16 -0.12 109.04
C ASN F 1203 -37.39 0.42 107.86
N LEU F 1204 -37.78 0.02 106.66
CA LEU F 1204 -37.13 0.49 105.45
C LEU F 1204 -37.77 1.77 104.89
N GLY F 1205 -38.77 2.30 105.58
CA GLY F 1205 -39.37 3.55 105.19
C GLY F 1205 -40.74 3.45 104.53
N GLN F 1206 -41.49 2.39 104.81
CA GLN F 1206 -42.83 2.28 104.23
C GLN F 1206 -43.72 3.42 104.70
N ASP F 1207 -43.64 3.77 105.98
CA ASP F 1207 -44.29 4.97 106.50
C ASP F 1207 -43.20 5.98 106.85
N VAL F 1208 -43.35 7.20 106.33
CA VAL F 1208 -42.41 8.25 106.68
C VAL F 1208 -42.54 8.59 108.17
N SER F 1209 -43.77 8.64 108.67
CA SER F 1209 -43.99 9.01 110.06
C SER F 1209 -43.28 8.06 111.01
N SER F 1210 -43.13 6.80 110.61
CA SER F 1210 -42.43 5.84 111.46
C SER F 1210 -40.99 6.27 111.70
N LEU F 1211 -40.30 6.70 110.65
CA LEU F 1211 -38.92 7.15 110.78
C LEU F 1211 -38.90 8.67 111.01
N ARG F 1212 -39.38 9.05 112.19
CA ARG F 1212 -39.35 10.45 112.58
C ARG F 1212 -37.93 10.98 112.66
N PHE F 1213 -36.98 10.13 113.06
CA PHE F 1213 -35.59 10.56 113.16
C PHE F 1213 -35.03 10.89 111.78
N PHE F 1214 -35.42 10.13 110.76
CA PHE F 1214 -34.93 10.39 109.41
C PHE F 1214 -35.26 11.81 108.98
N ALA F 1215 -36.37 12.35 109.46
CA ALA F 1215 -36.64 13.77 109.26
C ALA F 1215 -35.57 14.61 109.92
N ILE F 1216 -35.16 14.24 111.14
CA ILE F 1216 -34.10 14.96 111.83
C ILE F 1216 -32.75 14.70 111.18
N CYS F 1217 -32.45 13.44 110.86
CA CYS F 1217 -31.15 13.08 110.32
C CYS F 1217 -31.31 12.60 108.89
N GLY F 1218 -30.63 13.27 107.96
CA GLY F 1218 -30.57 12.82 106.58
C GLY F 1218 -31.70 13.26 105.70
N LEU F 1219 -32.71 13.95 106.24
CA LEU F 1219 -33.81 14.42 105.40
C LEU F 1219 -33.33 15.41 104.35
N GLN F 1220 -32.47 16.35 104.75
CA GLN F 1220 -31.93 17.31 103.79
C GLN F 1220 -30.99 16.61 102.82
N GLU F 1221 -30.24 15.62 103.30
CA GLU F 1221 -29.46 14.77 102.40
C GLU F 1221 -30.37 14.00 101.45
N GLY F 1222 -31.62 13.79 101.85
CA GLY F 1222 -32.61 13.26 100.94
C GLY F 1222 -32.35 11.84 100.49
N PHE F 1223 -31.88 11.00 101.39
CA PHE F 1223 -31.70 9.58 101.08
C PHE F 1223 -33.04 8.87 101.14
N GLU F 1224 -33.65 8.68 99.97
CA GLU F 1224 -35.00 8.14 99.92
C GLU F 1224 -35.04 6.78 100.60
N PRO F 1225 -35.95 6.58 101.54
CA PRO F 1225 -35.97 5.31 102.28
C PRO F 1225 -36.18 4.12 101.35
N PHE F 1226 -35.63 2.98 101.76
CA PHE F 1226 -35.74 1.77 100.95
C PHE F 1226 -37.19 1.45 100.64
N ALA F 1227 -38.09 1.68 101.60
CA ALA F 1227 -39.49 1.35 101.43
C ALA F 1227 -40.37 2.57 101.25
N ILE F 1228 -39.78 3.73 100.91
CA ILE F 1228 -40.59 4.94 100.81
C ILE F 1228 -41.67 4.77 99.74
N ASN F 1229 -41.38 4.00 98.69
CA ASN F 1229 -42.39 3.63 97.70
C ASN F 1229 -42.31 2.12 97.45
N MET F 1230 -42.96 1.34 98.31
CA MET F 1230 -43.35 -0.03 98.03
C MET F 1230 -44.83 -0.19 98.35
N GLN F 1231 -45.54 -0.91 97.48
CA GLN F 1231 -46.93 -1.24 97.77
CA GLN F 1231 -46.93 -1.24 97.77
C GLN F 1231 -47.04 -2.18 98.96
N ARG F 1232 -46.16 -3.17 99.03
CA ARG F 1232 -46.15 -4.17 100.08
C ARG F 1232 -44.84 -4.04 100.84
N PRO F 1233 -44.79 -4.51 102.08
CA PRO F 1233 -43.50 -4.58 102.78
C PRO F 1233 -42.52 -5.43 102.01
N VAL F 1234 -41.26 -4.99 101.98
CA VAL F 1234 -40.26 -5.69 101.19
C VAL F 1234 -40.02 -7.07 101.78
N THR F 1235 -40.11 -8.09 100.93
CA THR F 1235 -39.85 -9.45 101.38
C THR F 1235 -38.40 -9.59 101.82
N THR F 1236 -38.21 -10.25 102.95
CA THR F 1236 -36.90 -10.40 103.56
C THR F 1236 -36.67 -11.86 103.89
N TRP F 1237 -35.40 -12.23 104.03
CA TRP F 1237 -35.00 -13.61 104.21
C TRP F 1237 -34.24 -13.76 105.52
N PHE F 1238 -34.40 -14.90 106.19
CA PHE F 1238 -33.70 -15.18 107.43
C PHE F 1238 -32.78 -16.38 107.23
N SER F 1239 -31.70 -16.42 108.01
CA SER F 1239 -30.85 -17.59 108.01
C SER F 1239 -31.50 -18.71 108.83
N LYS F 1240 -31.65 -19.88 108.21
CA LYS F 1240 -32.32 -21.02 108.84
C LYS F 1240 -31.29 -21.86 109.58
N SER F 1241 -31.52 -22.06 110.88
CA SER F 1241 -30.57 -22.81 111.68
C SER F 1241 -30.50 -24.27 111.27
N LEU F 1242 -31.61 -24.83 110.82
CA LEU F 1242 -31.65 -26.25 110.49
C LEU F 1242 -30.73 -26.54 109.32
N PRO F 1243 -29.96 -27.63 109.37
CA PRO F 1243 -29.03 -27.93 108.27
C PRO F 1243 -29.69 -28.76 107.18
N GLN F 1244 -29.39 -28.41 105.93
CA GLN F 1244 -29.81 -29.19 104.78
C GLN F 1244 -28.57 -29.64 104.03
N PHE F 1245 -28.62 -30.85 103.47
CA PHE F 1245 -27.55 -31.30 102.60
C PHE F 1245 -27.56 -30.51 101.30
N GLU F 1246 -26.37 -30.11 100.86
CA GLU F 1246 -26.20 -29.36 99.63
C GLU F 1246 -25.04 -29.93 98.83
N PRO F 1247 -25.04 -29.76 97.51
CA PRO F 1247 -23.92 -30.26 96.71
C PRO F 1247 -22.61 -29.61 97.14
N VAL F 1248 -21.54 -30.40 97.10
CA VAL F 1248 -20.23 -29.88 97.53
C VAL F 1248 -19.78 -28.82 96.54
N PRO F 1249 -19.42 -27.61 96.99
CA PRO F 1249 -18.93 -26.60 96.06
C PRO F 1249 -17.63 -27.04 95.43
N PRO F 1250 -17.57 -27.05 94.09
CA PRO F 1250 -16.34 -27.52 93.43
C PRO F 1250 -15.11 -26.71 93.79
N GLU F 1251 -15.28 -25.43 94.08
CA GLU F 1251 -14.19 -24.54 94.41
C GLU F 1251 -13.93 -24.44 95.91
N HIS F 1252 -14.67 -25.19 96.72
CA HIS F 1252 -14.56 -25.06 98.17
C HIS F 1252 -13.15 -25.44 98.61
N PRO F 1253 -12.47 -24.58 99.36
CA PRO F 1253 -11.00 -24.74 99.51
C PRO F 1253 -10.56 -26.01 100.19
N HIS F 1254 -11.31 -26.51 101.17
CA HIS F 1254 -10.77 -27.54 102.05
C HIS F 1254 -10.88 -28.93 101.42
N TYR F 1255 -11.96 -29.20 100.71
CA TYR F 1255 -12.30 -30.56 100.31
C TYR F 1255 -12.45 -30.64 98.80
N GLU F 1256 -12.02 -31.75 98.23
CA GLU F 1256 -12.11 -32.00 96.81
C GLU F 1256 -12.76 -33.35 96.56
N VAL F 1257 -13.74 -33.39 95.68
CA VAL F 1257 -14.41 -34.62 95.29
C VAL F 1257 -14.20 -34.82 93.79
N ALA F 1258 -13.71 -36.00 93.42
CA ALA F 1258 -13.39 -36.31 92.03
C ALA F 1258 -14.04 -37.62 91.63
N ARG F 1259 -14.50 -37.69 90.39
CA ARG F 1259 -15.09 -38.92 89.87
C ARG F 1259 -14.04 -39.78 89.18
N MET F 1260 -13.92 -41.02 89.62
CA MET F 1260 -13.00 -41.98 89.03
C MET F 1260 -13.78 -42.90 88.08
N ASP F 1261 -13.32 -42.96 86.84
CA ASP F 1261 -13.97 -43.83 85.86
C ASP F 1261 -13.75 -45.29 86.23
N GLY F 1262 -14.79 -46.10 86.03
CA GLY F 1262 -14.66 -47.51 86.29
C GLY F 1262 -13.74 -48.18 85.28
N THR F 1263 -12.98 -49.17 85.75
CA THR F 1263 -12.08 -49.93 84.91
C THR F 1263 -12.43 -51.41 85.02
N VAL F 1264 -11.62 -52.23 84.35
CA VAL F 1264 -11.82 -53.68 84.43
C VAL F 1264 -11.63 -54.15 85.86
N ASP F 1265 -10.55 -53.75 86.50
CA ASP F 1265 -10.31 -54.15 87.87
C ASP F 1265 -11.11 -53.29 88.85
N THR F 1266 -11.25 -52.00 88.56
CA THR F 1266 -11.88 -51.08 89.48
C THR F 1266 -13.24 -50.65 88.97
N PRO F 1267 -14.32 -50.91 89.71
CA PRO F 1267 -15.61 -50.37 89.33
C PRO F 1267 -15.62 -48.86 89.43
N PRO F 1268 -16.64 -48.18 88.93
CA PRO F 1268 -16.70 -46.72 89.05
C PRO F 1268 -16.73 -46.31 90.52
N CYS F 1269 -16.00 -45.23 90.83
CA CYS F 1269 -15.92 -44.72 92.18
C CYS F 1269 -15.80 -43.21 92.13
N LEU F 1270 -15.96 -42.58 93.30
CA LEU F 1270 -15.66 -41.18 93.47
C LEU F 1270 -14.80 -41.03 94.73
N ARG F 1271 -13.86 -40.10 94.69
CA ARG F 1271 -12.79 -40.02 95.68
C ARG F 1271 -12.81 -38.65 96.33
N LEU F 1272 -12.62 -38.62 97.65
CA LEU F 1272 -12.52 -37.39 98.41
C LEU F 1272 -11.16 -37.30 99.06
N ALA F 1273 -10.48 -36.18 98.87
CA ALA F 1273 -9.22 -35.89 99.53
C ALA F 1273 -9.31 -34.51 100.15
N HIS F 1274 -8.63 -34.33 101.28
CA HIS F 1274 -8.61 -33.06 101.99
C HIS F 1274 -7.53 -32.18 101.38
N ARG F 1275 -7.95 -31.10 100.73
CA ARG F 1275 -7.00 -30.26 100.01
C ARG F 1275 -6.01 -29.58 100.95
N THR F 1276 -6.49 -29.13 102.12
CA THR F 1276 -5.61 -28.37 103.01
C THR F 1276 -4.87 -29.29 103.98
N TRP F 1277 -5.17 -30.59 103.97
CA TRP F 1277 -4.49 -31.50 104.88
C TRP F 1277 -2.99 -31.52 104.61
N GLY F 1278 -2.21 -31.60 105.68
CA GLY F 1278 -0.77 -31.49 105.57
C GLY F 1278 -0.27 -30.08 105.39
N SER F 1279 -1.14 -29.08 105.50
CA SER F 1279 -0.77 -27.69 105.29
C SER F 1279 -1.24 -26.85 106.47
N GLN F 1280 -0.59 -25.71 106.65
CA GLN F 1280 -0.95 -24.79 107.72
C GLN F 1280 -2.35 -24.23 107.48
N ASN F 1281 -3.03 -23.89 108.57
CA ASN F 1281 -4.41 -23.42 108.59
C ASN F 1281 -5.38 -24.45 108.04
N SER F 1282 -5.05 -25.74 108.13
CA SER F 1282 -5.99 -26.78 107.72
C SER F 1282 -7.19 -26.79 108.66
N LEU F 1283 -8.34 -27.15 108.10
CA LEU F 1283 -9.59 -27.23 108.86
C LEU F 1283 -9.99 -28.69 109.03
N VAL F 1284 -10.15 -29.12 110.27
CA VAL F 1284 -10.54 -30.49 110.59
C VAL F 1284 -11.85 -30.41 111.37
N GLU F 1285 -12.84 -31.19 110.92
CA GLU F 1285 -14.15 -31.21 111.56
C GLU F 1285 -14.90 -32.45 111.11
N MET F 1286 -15.97 -32.75 111.83
CA MET F 1286 -16.83 -33.87 111.46
C MET F 1286 -17.49 -33.56 110.12
N LEU F 1287 -17.33 -34.47 109.17
CA LEU F 1287 -17.81 -34.27 107.81
C LEU F 1287 -18.99 -35.18 107.54
N PHE F 1288 -20.07 -34.61 107.00
CA PHE F 1288 -21.26 -35.35 106.63
C PHE F 1288 -21.40 -35.32 105.12
N LEU F 1289 -21.27 -36.48 104.48
CA LEU F 1289 -21.38 -36.59 103.03
C LEU F 1289 -22.57 -37.46 102.68
N ARG F 1290 -23.38 -36.98 101.74
CA ARG F 1290 -24.56 -37.68 101.25
C ARG F 1290 -24.49 -37.76 99.74
N LEU F 1291 -24.74 -38.94 99.18
CA LEU F 1291 -24.93 -39.04 97.75
C LEU F 1291 -26.30 -38.48 97.37
N SER F 1292 -26.37 -37.84 96.20
CA SER F 1292 -27.54 -37.04 95.87
C SER F 1292 -28.79 -37.88 95.75
N LEU F 1293 -28.73 -38.97 95.01
CA LEU F 1293 -29.95 -39.71 94.69
C LEU F 1293 -30.25 -40.74 95.76
N PRO F 1294 -31.50 -40.83 96.20
CA PRO F 1294 -31.84 -41.77 97.27
C PRO F 1294 -32.11 -43.16 96.73
N VAL F 1295 -32.42 -44.07 97.66
CA VAL F 1295 -32.89 -45.41 97.34
C VAL F 1295 -34.23 -45.61 98.04
N GLN F 1296 -35.21 -46.13 97.30
CA GLN F 1296 -36.55 -46.31 97.82
C GLN F 1296 -36.87 -47.79 97.93
N PHE F 1297 -37.30 -48.22 99.11
CA PHE F 1297 -37.70 -49.60 99.31
C PHE F 1297 -39.06 -49.84 98.64
N HIS F 1298 -39.36 -51.12 98.40
CA HIS F 1298 -40.59 -51.48 97.70
C HIS F 1298 -41.81 -51.05 98.50
N GLN F 1299 -42.85 -50.63 97.76
CA GLN F 1299 -44.08 -50.20 98.40
C GLN F 1299 -44.74 -51.35 99.15
N HIS F 1300 -44.92 -52.49 98.48
CA HIS F 1300 -45.49 -53.68 99.10
C HIS F 1300 -44.38 -54.68 99.34
N PHE F 1301 -44.08 -54.91 100.62
CA PHE F 1301 -43.07 -55.89 100.99
C PHE F 1301 -43.50 -57.29 100.57
N ARG F 1302 -42.50 -58.11 100.24
CA ARG F 1302 -42.78 -59.49 99.86
C ARG F 1302 -43.44 -60.23 101.02
N CYS F 1303 -44.45 -61.03 100.68
CA CYS F 1303 -45.19 -61.76 101.70
C CYS F 1303 -44.28 -62.81 102.35
N THR F 1304 -44.35 -62.88 103.67
CA THR F 1304 -43.54 -63.81 104.46
C THR F 1304 -42.05 -63.63 104.18
N ASP F 1419 -16.15 -68.99 86.86
CA ASP F 1419 -16.95 -68.88 88.07
C ASP F 1419 -17.36 -67.43 88.32
N ASN F 1420 -17.92 -67.20 89.52
CA ASN F 1420 -18.29 -65.87 90.05
C ASN F 1420 -18.89 -64.95 88.99
N ARG F 1421 -19.68 -65.52 88.09
CA ARG F 1421 -20.57 -64.75 87.22
C ARG F 1421 -22.00 -65.07 87.60
N ASP F 1422 -22.77 -64.04 87.94
CA ASP F 1422 -24.17 -64.23 88.30
C ASP F 1422 -24.94 -64.82 87.12
N ASP F 1423 -25.71 -65.86 87.40
CA ASP F 1423 -26.50 -66.48 86.35
C ASP F 1423 -27.61 -65.54 85.92
N PRO F 1424 -28.06 -65.61 84.67
CA PRO F 1424 -29.13 -64.71 84.22
C PRO F 1424 -30.37 -64.79 85.08
N GLU F 1425 -30.76 -66.00 85.49
CA GLU F 1425 -32.01 -66.15 86.25
C GLU F 1425 -31.94 -65.35 87.54
N ILE F 1426 -30.84 -65.47 88.30
CA ILE F 1426 -30.75 -64.73 89.55
C ILE F 1426 -30.59 -63.24 89.27
N ILE F 1427 -29.83 -62.89 88.22
CA ILE F 1427 -29.55 -61.47 87.98
C ILE F 1427 -30.80 -60.76 87.48
N LEU F 1428 -31.83 -61.51 87.09
CA LEU F 1428 -33.12 -60.88 86.84
C LEU F 1428 -33.95 -60.78 88.11
N ASN F 1429 -33.69 -61.68 89.08
CA ASN F 1429 -34.67 -61.87 90.15
C ASN F 1429 -34.31 -61.12 91.42
N THR F 1430 -33.13 -61.38 91.98
CA THR F 1430 -32.82 -60.90 93.32
C THR F 1430 -32.83 -59.38 93.38
N THR F 1431 -32.99 -58.85 94.58
CA THR F 1431 -33.25 -57.43 94.79
C THR F 1431 -32.25 -56.84 95.79
N THR F 1432 -31.09 -57.49 95.98
CA THR F 1432 -30.08 -57.02 96.91
C THR F 1432 -29.08 -56.14 96.18
N TYR F 1433 -28.72 -55.02 96.81
CA TYR F 1433 -27.73 -54.10 96.27
C TYR F 1433 -26.62 -53.91 97.30
N TYR F 1434 -25.39 -53.80 96.83
CA TYR F 1434 -24.22 -53.67 97.68
C TYR F 1434 -23.35 -52.53 97.19
N TYR F 1435 -23.17 -51.51 98.03
CA TYR F 1435 -22.30 -50.39 97.73
C TYR F 1435 -21.13 -50.43 98.71
N SER F 1436 -19.94 -50.10 98.20
CA SER F 1436 -18.71 -50.27 98.97
C SER F 1436 -18.13 -48.90 99.32
N VAL F 1437 -17.84 -48.71 100.60
CA VAL F 1437 -17.19 -47.51 101.10
C VAL F 1437 -15.76 -47.86 101.44
N ARG F 1438 -14.81 -47.17 100.83
CA ARG F 1438 -13.39 -47.47 100.99
C ARG F 1438 -12.75 -46.42 101.89
N VAL F 1439 -12.08 -46.88 102.94
CA VAL F 1439 -11.37 -46.02 103.87
C VAL F 1439 -9.89 -46.11 103.54
N PHE F 1440 -9.32 -44.99 103.13
CA PHE F 1440 -7.91 -44.96 102.78
C PHE F 1440 -7.03 -45.20 104.00
N ALA F 1441 -5.85 -45.76 103.76
CA ALA F 1441 -4.88 -45.90 104.82
C ALA F 1441 -4.46 -44.54 105.34
N GLY F 1442 -4.16 -44.48 106.63
CA GLY F 1442 -3.85 -43.21 107.28
C GLY F 1442 -5.06 -42.53 107.90
N GLN F 1443 -6.26 -43.06 107.71
CA GLN F 1443 -7.45 -42.54 108.35
C GLN F 1443 -7.97 -43.59 109.33
N GLU F 1444 -8.16 -43.18 110.58
CA GLU F 1444 -8.60 -44.12 111.60
C GLU F 1444 -10.06 -44.50 111.35
N PRO F 1445 -10.39 -45.79 111.31
CA PRO F 1445 -11.80 -46.18 111.17
C PRO F 1445 -12.64 -45.72 112.33
N SER F 1446 -12.02 -45.41 113.47
CA SER F 1446 -12.76 -44.88 114.60
C SER F 1446 -13.50 -43.60 114.24
N CYS F 1447 -12.94 -42.81 113.33
CA CYS F 1447 -13.60 -41.58 112.93
C CYS F 1447 -14.64 -41.84 111.85
N VAL F 1448 -14.47 -42.92 111.09
CA VAL F 1448 -15.38 -43.21 109.98
C VAL F 1448 -16.68 -43.78 110.51
N TRP F 1449 -17.79 -43.26 110.01
CA TRP F 1449 -19.11 -43.82 110.24
C TRP F 1449 -19.79 -44.03 108.89
N VAL F 1450 -20.24 -45.25 108.64
CA VAL F 1450 -20.78 -45.63 107.34
C VAL F 1450 -22.21 -46.11 107.53
N GLY F 1451 -23.13 -45.59 106.72
CA GLY F 1451 -24.49 -46.08 106.74
C GLY F 1451 -25.45 -45.14 106.05
N TRP F 1452 -26.50 -45.71 105.50
CA TRP F 1452 -27.51 -44.95 104.79
C TRP F 1452 -28.28 -44.06 105.75
N VAL F 1453 -28.78 -42.94 105.23
CA VAL F 1453 -29.49 -41.94 106.02
C VAL F 1453 -30.86 -41.68 105.38
N THR F 1454 -31.86 -41.45 106.22
CA THR F 1454 -33.17 -41.02 105.74
C THR F 1454 -33.15 -39.53 105.43
N PRO F 1455 -34.07 -39.06 104.58
CA PRO F 1455 -34.13 -37.62 104.32
C PRO F 1455 -34.43 -36.81 105.56
N ASP F 1456 -35.13 -37.40 106.53
CA ASP F 1456 -35.54 -36.67 107.73
C ASP F 1456 -34.33 -36.14 108.48
N TYR F 1457 -33.25 -36.91 108.52
CA TYR F 1457 -32.09 -36.57 109.35
C TYR F 1457 -31.55 -35.19 109.01
N HIS F 1458 -31.34 -34.39 110.05
CA HIS F 1458 -30.71 -33.08 109.91
C HIS F 1458 -29.75 -32.75 111.04
N GLN F 1459 -29.52 -33.68 111.96
CA GLN F 1459 -28.67 -33.39 113.11
C GLN F 1459 -27.24 -33.10 112.67
N HIS F 1460 -26.65 -32.07 113.28
CA HIS F 1460 -25.26 -31.71 113.03
C HIS F 1460 -24.51 -31.71 114.35
N ASP F 1461 -23.57 -32.64 114.49
CA ASP F 1461 -22.76 -32.75 115.69
C ASP F 1461 -21.30 -32.89 115.28
N MET F 1462 -20.42 -32.15 115.97
CA MET F 1462 -18.99 -32.34 115.75
C MET F 1462 -18.55 -33.69 116.27
N ASN F 1463 -19.01 -34.08 117.45
CA ASN F 1463 -18.68 -35.38 118.03
C ASN F 1463 -19.83 -36.36 117.80
N PHE F 1464 -20.06 -36.67 116.53
CA PHE F 1464 -21.06 -37.67 116.16
C PHE F 1464 -20.64 -39.05 116.66
N ASP F 1465 -21.62 -39.86 117.02
CA ASP F 1465 -21.35 -41.20 117.51
C ASP F 1465 -22.58 -42.07 117.34
N LEU F 1466 -22.36 -43.39 117.38
CA LEU F 1466 -23.45 -44.34 117.17
C LEU F 1466 -24.46 -44.29 118.31
N SER F 1467 -24.04 -43.81 119.48
CA SER F 1467 -25.01 -43.53 120.53
C SER F 1467 -25.63 -42.16 120.34
N LYS F 1468 -24.91 -41.26 119.68
CA LYS F 1468 -25.43 -39.91 119.47
C LYS F 1468 -26.57 -39.92 118.47
N VAL F 1469 -26.53 -40.81 117.48
CA VAL F 1469 -27.55 -40.83 116.44
C VAL F 1469 -28.90 -41.12 117.09
N ARG F 1470 -29.90 -40.34 116.70
CA ARG F 1470 -31.20 -40.42 117.35
C ARG F 1470 -31.98 -41.64 116.86
N ALA F 1471 -32.82 -42.18 117.75
CA ALA F 1471 -33.64 -43.33 117.42
C ALA F 1471 -34.80 -43.42 118.40
N VAL F 1472 -35.84 -44.16 118.02
CA VAL F 1472 -37.03 -44.32 118.83
C VAL F 1472 -37.72 -45.63 118.47
N THR F 1473 -38.44 -46.18 119.43
CA THR F 1473 -39.18 -47.43 119.24
C THR F 1473 -40.65 -47.19 119.56
N VAL F 1474 -41.53 -47.66 118.69
CA VAL F 1474 -42.97 -47.56 118.87
C VAL F 1474 -43.53 -48.97 118.91
N THR F 1475 -44.31 -49.26 119.94
CA THR F 1475 -44.87 -50.60 120.16
C THR F 1475 -46.39 -50.53 120.09
N MET F 1476 -46.99 -51.52 119.44
CA MET F 1476 -48.43 -51.64 119.33
C MET F 1476 -48.88 -52.87 120.09
N GLY F 1477 -49.72 -52.67 121.10
CA GLY F 1477 -50.17 -53.75 121.94
C GLY F 1477 -51.61 -53.56 122.37
N ASP F 1478 -52.23 -54.67 122.74
CA ASP F 1478 -53.63 -54.65 123.17
C ASP F 1478 -53.73 -54.02 124.56
N GLU F 1479 -54.95 -54.03 125.11
CA GLU F 1479 -55.13 -53.65 126.50
C GLU F 1479 -54.28 -54.52 127.41
N GLN F 1480 -54.38 -55.84 127.25
CA GLN F 1480 -53.37 -56.74 127.80
C GLN F 1480 -52.07 -56.53 127.06
N GLY F 1481 -50.96 -56.87 127.70
CA GLY F 1481 -49.64 -56.57 127.15
C GLY F 1481 -49.53 -56.86 125.67
N ASN F 1482 -49.57 -58.16 125.32
CA ASN F 1482 -49.99 -58.64 124.00
C ASN F 1482 -49.56 -57.67 122.90
N VAL F 1483 -48.25 -57.48 122.77
CA VAL F 1483 -47.75 -56.53 121.79
C VAL F 1483 -47.96 -57.09 120.40
N HIS F 1484 -48.84 -56.45 119.63
CA HIS F 1484 -49.04 -56.88 118.26
C HIS F 1484 -47.77 -56.69 117.44
N SER F 1485 -47.11 -55.55 117.61
CA SER F 1485 -45.86 -55.28 116.90
C SER F 1485 -45.16 -54.12 117.57
N SER F 1486 -43.84 -54.13 117.48
CA SER F 1486 -42.99 -53.05 117.97
C SER F 1486 -42.09 -52.57 116.83
N LEU F 1487 -42.11 -51.28 116.58
CA LEU F 1487 -41.38 -50.69 115.46
C LEU F 1487 -40.31 -49.75 115.98
N LYS F 1488 -39.11 -49.86 115.43
CA LYS F 1488 -38.00 -48.96 115.72
C LYS F 1488 -37.69 -48.14 114.48
N CYS F 1489 -37.61 -46.83 114.65
CA CYS F 1489 -37.30 -45.91 113.56
C CYS F 1489 -36.19 -44.97 114.01
N SER F 1490 -35.27 -44.67 113.09
CA SER F 1490 -34.18 -43.75 113.36
C SER F 1490 -33.94 -42.89 112.13
N ASN F 1491 -33.40 -41.68 112.37
CA ASN F 1491 -33.13 -40.77 111.27
C ASN F 1491 -32.10 -41.34 110.30
N CYS F 1492 -31.08 -42.02 110.84
CA CYS F 1492 -30.06 -42.64 110.01
C CYS F 1492 -29.53 -43.88 110.68
N TYR F 1493 -29.21 -44.88 109.86
CA TYR F 1493 -28.62 -46.13 110.32
C TYR F 1493 -27.19 -46.20 109.81
N MET F 1494 -26.25 -46.42 110.72
CA MET F 1494 -24.84 -46.42 110.37
C MET F 1494 -24.12 -47.49 111.18
N VAL F 1495 -22.97 -47.92 110.68
CA VAL F 1495 -22.09 -48.84 111.38
C VAL F 1495 -20.77 -48.12 111.63
N TRP F 1496 -20.31 -48.16 112.88
CA TRP F 1496 -19.07 -47.50 113.22
C TRP F 1496 -17.87 -48.26 112.66
N GLY F 1497 -16.96 -47.53 112.02
CA GLY F 1497 -15.73 -48.16 111.57
C GLY F 1497 -14.86 -48.62 112.73
N GLY F 1498 -14.89 -47.86 113.83
CA GLY F 1498 -14.03 -48.20 114.96
C GLY F 1498 -14.34 -49.56 115.56
N ASP F 1499 -15.62 -49.90 115.69
CA ASP F 1499 -15.97 -51.19 116.25
C ASP F 1499 -15.89 -52.29 115.19
N PHE F 1500 -15.87 -51.91 113.92
CA PHE F 1500 -15.90 -52.92 112.86
C PHE F 1500 -14.54 -53.58 112.71
N VAL F 1501 -13.46 -52.86 112.98
CA VAL F 1501 -12.12 -53.40 112.79
C VAL F 1501 -11.85 -54.44 113.87
N SER F 1502 -10.75 -55.19 113.68
CA SER F 1502 -10.23 -56.05 114.73
C SER F 1502 -9.90 -55.20 115.97
N PRO F 1503 -9.65 -55.84 117.12
CA PRO F 1503 -9.27 -55.06 118.30
C PRO F 1503 -8.12 -54.10 117.98
N GLY F 1504 -8.31 -52.84 118.38
CA GLY F 1504 -7.61 -51.76 117.72
C GLY F 1504 -6.23 -51.42 118.26
N GLN F 1505 -5.70 -52.23 119.17
CA GLN F 1505 -4.28 -52.11 119.50
C GLN F 1505 -3.45 -52.44 118.28
N GLN F 1506 -3.84 -53.48 117.55
CA GLN F 1506 -3.16 -53.85 116.32
C GLN F 1506 -3.35 -52.76 115.27
N GLY F 1507 -2.31 -52.51 114.49
CA GLY F 1507 -2.45 -51.67 113.31
C GLY F 1507 -2.81 -50.23 113.60
N ARG F 1508 -2.17 -49.61 114.60
CA ARG F 1508 -2.30 -48.16 114.75
C ARG F 1508 -1.78 -47.45 113.51
N ILE F 1509 -0.64 -47.91 112.98
CA ILE F 1509 -0.12 -47.46 111.69
C ILE F 1509 -0.23 -48.64 110.74
N SER F 1510 -1.30 -48.66 109.95
CA SER F 1510 -1.58 -49.76 109.05
C SER F 1510 -1.39 -49.29 107.61
N HIS F 1511 -0.50 -49.97 106.89
CA HIS F 1511 -0.36 -49.71 105.47
C HIS F 1511 -1.64 -50.09 104.72
N THR F 1512 -2.31 -51.14 105.18
CA THR F 1512 -3.54 -51.59 104.55
C THR F 1512 -4.63 -50.54 104.69
N ASP F 1513 -5.50 -50.47 103.69
CA ASP F 1513 -6.67 -49.60 103.71
C ASP F 1513 -7.92 -50.46 103.82
N LEU F 1514 -8.96 -49.91 104.42
CA LEU F 1514 -10.15 -50.70 104.70
C LEU F 1514 -11.30 -50.30 103.78
N VAL F 1515 -12.18 -51.26 103.51
CA VAL F 1515 -13.40 -51.04 102.75
C VAL F 1515 -14.57 -51.52 103.60
N ILE F 1516 -15.71 -50.87 103.46
CA ILE F 1516 -16.95 -51.29 104.11
C ILE F 1516 -18.03 -51.43 103.04
N GLY F 1517 -18.75 -52.55 103.08
CA GLY F 1517 -19.87 -52.74 102.18
C GLY F 1517 -21.16 -52.98 102.91
N CYS F 1518 -22.26 -52.47 102.37
CA CYS F 1518 -23.58 -52.59 102.99
C CYS F 1518 -24.54 -53.23 102.00
N LEU F 1519 -25.44 -54.06 102.51
CA LEU F 1519 -26.39 -54.79 101.69
C LEU F 1519 -27.80 -54.32 102.01
N VAL F 1520 -28.57 -54.01 100.98
CA VAL F 1520 -29.97 -53.59 101.12
C VAL F 1520 -30.79 -54.30 100.06
N ASP F 1521 -31.99 -54.73 100.44
CA ASP F 1521 -32.93 -55.36 99.52
C ASP F 1521 -34.24 -54.60 99.57
N LEU F 1522 -34.69 -54.10 98.40
CA LEU F 1522 -35.88 -53.26 98.37
C LEU F 1522 -37.10 -54.03 98.87
N ALA F 1523 -37.14 -55.34 98.65
CA ALA F 1523 -38.27 -56.14 99.12
C ALA F 1523 -38.07 -56.60 100.56
N THR F 1524 -36.82 -56.78 100.97
CA THR F 1524 -36.50 -57.35 102.28
C THR F 1524 -35.95 -56.27 103.19
N GLY F 1525 -36.60 -56.07 104.34
CA GLY F 1525 -36.18 -55.02 105.24
C GLY F 1525 -34.82 -55.29 105.85
N LEU F 1526 -34.32 -56.51 105.68
CA LEU F 1526 -32.99 -56.83 106.17
C LEU F 1526 -31.95 -55.92 105.53
N MET F 1527 -31.07 -55.38 106.37
CA MET F 1527 -30.07 -54.41 105.97
C MET F 1527 -28.78 -54.76 106.67
N THR F 1528 -27.78 -55.21 105.91
CA THR F 1528 -26.59 -55.83 106.47
C THR F 1528 -25.34 -55.16 105.92
N PHE F 1529 -24.27 -55.20 106.71
CA PHE F 1529 -23.00 -54.59 106.36
C PHE F 1529 -21.88 -55.61 106.51
N THR F 1530 -21.04 -55.74 105.49
CA THR F 1530 -19.82 -56.54 105.57
C THR F 1530 -18.64 -55.64 105.20
N ALA F 1531 -17.63 -55.62 106.07
CA ALA F 1531 -16.48 -54.76 105.81
C ALA F 1531 -15.60 -55.32 104.70
N ASN F 1532 -15.01 -56.49 104.93
CA ASN F 1532 -14.05 -57.05 103.99
C ASN F 1532 -14.33 -58.54 103.83
N GLY F 1533 -15.59 -58.89 103.64
CA GLY F 1533 -15.97 -60.26 103.40
C GLY F 1533 -16.60 -60.98 104.56
N LYS F 1534 -16.73 -60.33 105.71
CA LYS F 1534 -17.38 -60.93 106.88
C LYS F 1534 -18.59 -60.07 107.24
N GLU F 1535 -19.76 -60.70 107.27
CA GLU F 1535 -20.98 -60.00 107.65
C GLU F 1535 -20.91 -59.56 109.10
N SER F 1536 -21.26 -58.31 109.36
CA SER F 1536 -21.35 -57.82 110.72
C SER F 1536 -22.52 -58.48 111.42
N ASN F 1537 -22.38 -58.72 112.72
CA ASN F 1537 -23.48 -59.24 113.51
C ASN F 1537 -24.65 -58.27 113.50
N THR F 1538 -24.37 -56.98 113.35
CA THR F 1538 -25.43 -55.98 113.32
C THR F 1538 -26.23 -56.04 112.03
N PHE F 1539 -27.51 -55.74 112.12
CA PHE F 1539 -28.37 -55.61 110.95
C PHE F 1539 -29.51 -54.66 111.30
N PHE F 1540 -30.15 -54.13 110.26
CA PHE F 1540 -31.19 -53.14 110.42
C PHE F 1540 -32.45 -53.60 109.68
N GLN F 1541 -33.60 -53.26 110.21
CA GLN F 1541 -34.89 -53.58 109.60
C GLN F 1541 -35.63 -52.28 109.32
N VAL F 1542 -36.27 -52.20 108.15
CA VAL F 1542 -36.92 -50.98 107.70
C VAL F 1542 -38.37 -51.26 107.41
N GLU F 1543 -39.07 -50.23 106.96
CA GLU F 1543 -40.51 -50.30 106.76
C GLU F 1543 -40.83 -50.13 105.27
N PRO F 1544 -41.89 -50.77 104.78
CA PRO F 1544 -42.13 -50.79 103.34
C PRO F 1544 -42.30 -49.38 102.76
N ASN F 1545 -41.80 -49.21 101.54
CA ASN F 1545 -41.80 -47.94 100.80
C ASN F 1545 -40.93 -46.93 101.53
N THR F 1546 -39.84 -47.37 102.16
CA THR F 1546 -38.94 -46.43 102.81
C THR F 1546 -37.95 -45.87 101.80
N LYS F 1547 -37.68 -44.57 101.92
CA LYS F 1547 -36.67 -43.90 101.11
C LYS F 1547 -35.45 -43.63 101.97
N LEU F 1548 -34.28 -43.98 101.46
CA LEU F 1548 -33.02 -43.79 102.18
C LEU F 1548 -32.00 -43.18 101.25
N PHE F 1549 -31.00 -42.53 101.84
CA PHE F 1549 -29.89 -41.96 101.10
C PHE F 1549 -28.59 -42.61 101.56
N PRO F 1550 -27.80 -43.17 100.65
CA PRO F 1550 -26.50 -43.70 101.07
C PRO F 1550 -25.56 -42.56 101.43
N ALA F 1551 -24.95 -42.67 102.61
CA ALA F 1551 -24.15 -41.59 103.15
C ALA F 1551 -23.08 -42.15 104.07
N VAL F 1552 -22.09 -41.32 104.36
CA VAL F 1552 -21.00 -41.67 105.28
C VAL F 1552 -20.63 -40.41 106.05
N PHE F 1553 -20.43 -40.56 107.36
CA PHE F 1553 -19.95 -39.48 108.20
C PHE F 1553 -18.56 -39.85 108.68
N VAL F 1554 -17.59 -38.97 108.42
CA VAL F 1554 -16.18 -39.27 108.69
C VAL F 1554 -15.46 -37.99 109.05
N LEU F 1555 -14.50 -38.11 109.97
CA LEU F 1555 -13.63 -37.02 110.33
C LEU F 1555 -12.27 -37.24 109.70
N PRO F 1556 -11.76 -36.32 108.90
CA PRO F 1556 -10.55 -36.60 108.13
C PRO F 1556 -9.28 -36.52 108.95
N THR F 1557 -8.37 -37.49 108.74
CA THR F 1557 -7.06 -37.50 109.36
C THR F 1557 -5.96 -37.83 108.36
N HIS F 1558 -6.27 -37.79 107.06
CA HIS F 1558 -5.32 -38.14 106.03
C HIS F 1558 -5.42 -37.14 104.89
N GLN F 1559 -4.36 -37.09 104.08
CA GLN F 1559 -4.39 -36.25 102.89
C GLN F 1559 -5.52 -36.66 101.96
N ASN F 1560 -5.73 -37.96 101.81
CA ASN F 1560 -6.85 -38.51 101.05
C ASN F 1560 -7.82 -39.11 102.06
N VAL F 1561 -9.06 -38.64 102.05
CA VAL F 1561 -9.98 -38.95 103.14
C VAL F 1561 -10.64 -40.32 102.92
N ILE F 1562 -11.42 -40.46 101.85
CA ILE F 1562 -12.28 -41.61 101.69
C ILE F 1562 -12.73 -41.69 100.24
N GLN F 1563 -12.96 -42.91 99.77
CA GLN F 1563 -13.46 -43.16 98.42
C GLN F 1563 -14.81 -43.85 98.50
N PHE F 1564 -15.76 -43.34 97.72
CA PHE F 1564 -17.05 -43.99 97.55
C PHE F 1564 -16.99 -44.84 96.29
N GLU F 1565 -17.17 -46.15 96.45
CA GLU F 1565 -17.10 -47.07 95.33
C GLU F 1565 -18.48 -47.64 95.04
N LEU F 1566 -18.80 -47.78 93.76
CA LEU F 1566 -20.00 -48.47 93.33
C LEU F 1566 -19.54 -49.73 92.61
N GLY F 1567 -19.39 -50.82 93.37
CA GLY F 1567 -18.97 -52.08 92.79
C GLY F 1567 -19.90 -53.18 93.28
N LYS F 1568 -20.10 -54.16 92.41
CA LYS F 1568 -21.19 -55.11 92.59
C LYS F 1568 -20.66 -56.52 92.79
N GLN F 1569 -21.09 -57.15 93.87
CA GLN F 1569 -20.76 -58.55 94.12
C GLN F 1569 -21.58 -59.44 93.19
N LYS F 1570 -21.13 -60.68 93.04
CA LYS F 1570 -21.86 -61.63 92.22
C LYS F 1570 -23.24 -61.85 92.79
N ASN F 1571 -24.25 -61.78 91.91
CA ASN F 1571 -25.68 -61.87 92.22
C ASN F 1571 -26.19 -60.65 92.97
N ILE F 1572 -25.47 -59.53 92.94
CA ILE F 1572 -25.90 -58.31 93.61
C ILE F 1572 -26.20 -57.26 92.54
N MET F 1573 -27.42 -56.70 92.61
CA MET F 1573 -27.85 -55.75 91.61
C MET F 1573 -27.09 -54.43 91.77
N PRO F 1574 -26.75 -53.77 90.66
CA PRO F 1574 -26.08 -52.48 90.76
C PRO F 1574 -26.93 -51.45 91.49
N LEU F 1575 -26.27 -50.63 92.29
CA LEU F 1575 -26.96 -49.56 93.00
C LEU F 1575 -27.62 -48.62 92.01
N SER F 1576 -26.93 -48.32 90.91
CA SER F 1576 -27.48 -47.44 89.88
C SER F 1576 -28.83 -47.95 89.40
N ALA F 1577 -29.00 -49.27 89.34
CA ALA F 1577 -30.29 -49.84 88.98
C ALA F 1577 -31.36 -49.43 89.97
N ALA F 1578 -31.04 -49.45 91.27
CA ALA F 1578 -31.98 -48.97 92.27
C ALA F 1578 -32.27 -47.48 92.08
N MET F 1579 -31.25 -46.71 91.75
CA MET F 1579 -31.43 -45.26 91.59
C MET F 1579 -32.35 -44.93 90.43
N PHE F 1580 -32.16 -45.59 89.28
CA PHE F 1580 -32.83 -45.18 88.05
C PHE F 1580 -33.54 -46.36 87.41
N LEU F 1581 -34.75 -46.12 86.91
CA LEU F 1581 -35.56 -47.20 86.34
C LEU F 1581 -35.01 -47.65 85.00
N SER F 1582 -34.33 -46.75 84.27
CA SER F 1582 -33.90 -47.07 82.91
C SER F 1582 -33.00 -48.29 82.89
N GLU F 1583 -31.95 -48.30 83.70
CA GLU F 1583 -31.06 -49.43 83.81
C GLU F 1583 -31.40 -50.33 85.00
N ARG F 1584 -32.57 -50.12 85.61
CA ARG F 1584 -32.99 -50.94 86.74
C ARG F 1584 -32.89 -52.42 86.41
N LYS F 1585 -33.26 -52.80 85.19
CA LYS F 1585 -33.08 -54.18 84.76
C LYS F 1585 -31.60 -54.49 84.55
N ASN F 1586 -30.87 -53.55 83.96
CA ASN F 1586 -29.50 -53.82 83.56
C ASN F 1586 -28.61 -54.06 84.77
N PRO F 1587 -27.73 -55.06 84.72
CA PRO F 1587 -26.82 -55.29 85.87
C PRO F 1587 -25.54 -54.49 85.80
N ALA F 1588 -25.23 -53.90 84.65
CA ALA F 1588 -23.96 -53.22 84.50
C ALA F 1588 -23.90 -51.99 85.40
N PRO F 1589 -22.81 -51.79 86.13
CA PRO F 1589 -22.71 -50.62 87.00
C PRO F 1589 -22.33 -49.38 86.21
N GLN F 1590 -22.98 -48.26 86.54
CA GLN F 1590 -22.60 -46.96 86.00
C GLN F 1590 -22.73 -45.92 87.10
N CYS F 1591 -22.04 -44.79 86.89
CA CYS F 1591 -22.18 -43.64 87.77
C CYS F 1591 -22.87 -42.54 87.01
N PRO F 1592 -24.15 -42.30 87.25
CA PRO F 1592 -24.87 -41.26 86.51
C PRO F 1592 -24.33 -39.88 86.84
N PRO F 1593 -24.37 -38.95 85.90
CA PRO F 1593 -23.90 -37.58 86.21
C PRO F 1593 -24.69 -36.93 87.32
N ARG F 1594 -25.99 -37.23 87.44
CA ARG F 1594 -26.81 -36.58 88.44
C ARG F 1594 -26.35 -36.92 89.85
N LEU F 1595 -25.93 -38.16 90.08
CA LEU F 1595 -25.42 -38.54 91.38
C LEU F 1595 -24.23 -37.66 91.76
N GLU F 1596 -24.23 -37.19 93.00
CA GLU F 1596 -23.18 -36.30 93.47
C GLU F 1596 -23.18 -36.31 94.99
N VAL F 1597 -22.00 -36.07 95.56
CA VAL F 1597 -21.87 -35.97 97.01
C VAL F 1597 -22.53 -34.67 97.47
N GLN F 1598 -23.33 -34.78 98.52
CA GLN F 1598 -23.97 -33.62 99.15
C GLN F 1598 -23.26 -33.33 100.47
N MET F 1599 -22.99 -32.06 100.73
CA MET F 1599 -22.34 -31.62 101.94
C MET F 1599 -23.37 -30.94 102.83
N LEU F 1600 -23.37 -31.29 104.11
CA LEU F 1600 -24.34 -30.72 105.03
C LEU F 1600 -24.00 -29.27 105.34
N MET F 1601 -24.75 -28.36 104.72
CA MET F 1601 -24.63 -26.95 104.98
C MET F 1601 -25.48 -26.59 106.18
N PRO F 1602 -24.90 -26.02 107.23
CA PRO F 1602 -25.65 -25.84 108.49
C PRO F 1602 -26.75 -24.79 108.40
N VAL F 1603 -26.49 -23.64 107.81
CA VAL F 1603 -27.45 -22.54 107.80
C VAL F 1603 -27.74 -22.15 106.35
N SER F 1604 -28.97 -21.71 106.10
CA SER F 1604 -29.45 -21.39 104.76
C SER F 1604 -30.34 -20.17 104.82
N TRP F 1605 -30.31 -19.38 103.76
CA TRP F 1605 -31.27 -18.28 103.64
C TRP F 1605 -32.67 -18.85 103.46
N SER F 1606 -33.66 -18.13 104.01
CA SER F 1606 -35.05 -18.54 103.91
C SER F 1606 -35.94 -17.32 104.04
N ARG F 1607 -36.85 -17.14 103.10
CA ARG F 1607 -37.86 -16.10 103.18
C ARG F 1607 -38.85 -16.39 104.30
N MET F 1608 -39.06 -15.43 105.18
CA MET F 1608 -40.22 -15.52 106.06
C MET F 1608 -41.47 -15.13 105.30
N PRO F 1609 -42.62 -15.73 105.62
CA PRO F 1609 -43.85 -15.41 104.89
C PRO F 1609 -44.24 -13.96 105.07
N ASN F 1610 -44.96 -13.43 104.07
CA ASN F 1610 -45.43 -12.06 104.17
C ASN F 1610 -46.45 -11.90 105.28
N HIS F 1611 -47.06 -13.00 105.72
CA HIS F 1611 -48.04 -12.99 106.80
C HIS F 1611 -47.82 -14.19 107.70
N PHE F 1612 -48.27 -14.09 108.94
CA PHE F 1612 -48.11 -15.15 109.92
C PHE F 1612 -49.44 -15.41 110.61
N LEU F 1613 -49.64 -16.64 111.06
CA LEU F 1613 -50.87 -16.98 111.75
C LEU F 1613 -50.94 -16.22 113.07
N GLN F 1614 -52.15 -15.77 113.41
CA GLN F 1614 -52.36 -14.95 114.59
C GLN F 1614 -53.04 -15.79 115.67
N VAL F 1615 -52.38 -15.92 116.81
CA VAL F 1615 -52.91 -16.69 117.93
C VAL F 1615 -52.86 -15.82 119.18
N GLU F 1616 -53.96 -15.86 119.94
CA GLU F 1616 -54.04 -15.17 121.22
C GLU F 1616 -54.07 -16.20 122.33
N THR F 1617 -53.45 -15.88 123.46
CA THR F 1617 -53.32 -16.78 124.59
C THR F 1617 -53.75 -16.05 125.85
N ARG F 1618 -54.48 -16.76 126.72
CA ARG F 1618 -54.86 -16.22 128.01
C ARG F 1618 -55.25 -17.36 128.94
N ARG F 1619 -55.21 -17.08 130.24
CA ARG F 1619 -55.84 -17.94 131.23
C ARG F 1619 -57.32 -17.57 131.27
N ALA F 1620 -58.17 -18.42 130.70
CA ALA F 1620 -59.60 -18.16 130.74
C ALA F 1620 -60.11 -18.12 132.17
N GLY F 1621 -59.51 -18.91 133.05
CA GLY F 1621 -59.85 -18.87 134.47
C GLY F 1621 -59.05 -19.90 135.21
N GLU F 1622 -58.98 -19.72 136.54
CA GLU F 1622 -58.29 -20.71 137.35
C GLU F 1622 -58.91 -22.08 137.21
N ARG F 1623 -60.24 -22.15 137.23
CA ARG F 1623 -60.92 -23.40 136.92
C ARG F 1623 -60.91 -23.66 135.42
N LEU F 1624 -61.03 -22.61 134.62
CA LEU F 1624 -61.05 -22.77 133.17
C LEU F 1624 -59.70 -23.24 132.65
N GLY F 1625 -58.62 -22.60 133.10
CA GLY F 1625 -57.29 -22.91 132.60
C GLY F 1625 -56.91 -22.04 131.42
N TRP F 1626 -55.70 -22.29 130.92
CA TRP F 1626 -55.22 -21.54 129.76
C TRP F 1626 -55.75 -22.12 128.47
N ALA F 1627 -56.13 -21.24 127.55
CA ALA F 1627 -56.61 -21.63 126.24
C ALA F 1627 -56.00 -20.72 125.18
N VAL F 1628 -55.89 -21.25 123.97
CA VAL F 1628 -55.38 -20.51 122.82
C VAL F 1628 -56.48 -20.49 121.77
N GLN F 1629 -56.44 -19.50 120.90
CA GLN F 1629 -57.41 -19.37 119.82
C GLN F 1629 -56.74 -18.80 118.60
N CYS F 1630 -57.05 -19.38 117.44
CA CYS F 1630 -56.63 -18.83 116.14
C CYS F 1630 -57.71 -19.16 115.14
N GLN F 1631 -58.31 -18.13 114.54
CA GLN F 1631 -59.47 -18.29 113.67
C GLN F 1631 -59.23 -17.72 112.28
N ASP F 1632 -57.99 -17.53 111.88
CA ASP F 1632 -57.67 -16.91 110.61
C ASP F 1632 -57.11 -17.95 109.64
N PRO F 1633 -57.76 -18.18 108.50
CA PRO F 1633 -57.20 -19.11 107.52
C PRO F 1633 -56.09 -18.50 106.70
N LEU F 1634 -54.90 -19.08 106.77
CA LEU F 1634 -53.74 -18.61 106.03
C LEU F 1634 -53.05 -19.80 105.37
N THR F 1635 -52.96 -19.77 104.05
CA THR F 1635 -52.46 -20.90 103.28
C THR F 1635 -51.36 -20.42 102.34
N MET F 1636 -50.33 -21.25 102.17
CA MET F 1636 -49.19 -20.93 101.33
C MET F 1636 -48.96 -22.06 100.34
N MET F 1637 -48.68 -21.69 99.10
CA MET F 1637 -48.39 -22.70 98.08
C MET F 1637 -46.96 -23.16 98.19
N ALA F 1638 -46.78 -24.45 98.49
CA ALA F 1638 -45.46 -25.03 98.67
C ALA F 1638 -45.11 -25.86 97.46
N LEU F 1639 -43.97 -25.57 96.84
CA LEU F 1639 -43.49 -26.34 95.71
C LEU F 1639 -42.52 -27.41 96.24
N HIS F 1640 -43.04 -28.61 96.40
CA HIS F 1640 -42.31 -29.72 97.00
C HIS F 1640 -41.44 -30.39 95.95
N ILE F 1641 -40.23 -30.77 96.34
CA ILE F 1641 -39.29 -31.43 95.45
C ILE F 1641 -39.28 -32.92 95.81
N PRO F 1642 -39.59 -33.81 94.86
CA PRO F 1642 -39.89 -35.20 95.23
C PRO F 1642 -38.73 -35.93 95.89
N GLU F 1643 -37.54 -35.91 95.29
CA GLU F 1643 -36.46 -36.77 95.73
C GLU F 1643 -36.07 -36.47 97.18
N GLU F 1644 -35.96 -35.20 97.53
CA GLU F 1644 -35.58 -34.86 98.90
C GLU F 1644 -36.75 -35.02 99.86
N ASN F 1645 -37.96 -35.19 99.32
CA ASN F 1645 -39.16 -35.36 100.14
C ASN F 1645 -39.35 -34.18 101.09
N ARG F 1646 -39.35 -32.97 100.54
CA ARG F 1646 -39.51 -31.76 101.32
C ARG F 1646 -40.35 -30.78 100.55
N CYS F 1647 -41.00 -29.88 101.28
CA CYS F 1647 -41.77 -28.80 100.68
C CYS F 1647 -40.90 -27.56 100.70
N MET F 1648 -41.21 -26.60 99.82
CA MET F 1648 -40.41 -25.39 99.71
C MET F 1648 -41.29 -24.31 99.10
N ASP F 1649 -41.23 -23.11 99.67
CA ASP F 1649 -42.15 -22.05 99.27
C ASP F 1649 -41.83 -21.55 97.86
N ILE F 1650 -42.88 -21.30 97.08
CA ILE F 1650 -42.69 -20.81 95.72
C ILE F 1650 -42.02 -19.46 95.73
N LEU F 1651 -42.44 -18.57 96.64
CA LEU F 1651 -41.85 -17.25 96.73
C LEU F 1651 -40.34 -17.34 96.94
N GLU F 1652 -39.89 -18.33 97.70
CA GLU F 1652 -38.47 -18.53 97.89
C GLU F 1652 -37.78 -18.89 96.59
N LEU F 1653 -38.47 -19.60 95.71
CA LEU F 1653 -37.87 -20.04 94.46
C LEU F 1653 -37.46 -18.86 93.58
N SER F 1654 -38.05 -17.70 93.83
CA SER F 1654 -37.70 -16.51 93.05
C SER F 1654 -36.20 -16.20 93.16
N GLU F 1655 -35.60 -16.50 94.32
CA GLU F 1655 -34.19 -16.18 94.49
C GLU F 1655 -33.30 -17.19 93.77
N ARG F 1656 -33.69 -18.46 93.74
CA ARG F 1656 -32.92 -19.48 93.05
C ARG F 1656 -33.27 -19.47 91.56
N LEU F 1657 -32.38 -18.89 90.76
CA LEU F 1657 -32.63 -18.74 89.34
C LEU F 1657 -32.76 -20.08 88.64
N ASP F 1658 -31.95 -21.06 89.06
CA ASP F 1658 -32.02 -22.37 88.42
C ASP F 1658 -33.39 -23.00 88.60
N LEU F 1659 -33.90 -22.99 89.83
CA LEU F 1659 -35.23 -23.54 90.08
C LEU F 1659 -36.30 -22.73 89.36
N GLN F 1660 -36.15 -21.41 89.35
CA GLN F 1660 -37.10 -20.57 88.63
C GLN F 1660 -37.16 -20.96 87.16
N ARG F 1661 -36.00 -21.08 86.52
CA ARG F 1661 -35.98 -21.43 85.10
C ARG F 1661 -36.55 -22.82 84.87
N PHE F 1662 -36.19 -23.78 85.71
CA PHE F 1662 -36.68 -25.14 85.50
C PHE F 1662 -38.19 -25.20 85.67
N HIS F 1663 -38.74 -24.51 86.67
CA HIS F 1663 -40.18 -24.57 86.88
C HIS F 1663 -40.91 -23.81 85.79
N SER F 1664 -40.34 -22.71 85.30
CA SER F 1664 -40.96 -22.00 84.19
C SER F 1664 -40.99 -22.87 82.95
N HIS F 1665 -39.90 -23.57 82.66
CA HIS F 1665 -39.91 -24.47 81.52
C HIS F 1665 -40.82 -25.66 81.75
N THR F 1666 -41.01 -26.05 83.01
CA THR F 1666 -42.00 -27.07 83.32
C THR F 1666 -43.40 -26.60 82.99
N LEU F 1667 -43.70 -25.36 83.35
CA LEU F 1667 -45.00 -24.79 83.02
C LEU F 1667 -45.18 -24.75 81.50
N ARG F 1668 -44.14 -24.33 80.80
CA ARG F 1668 -44.19 -24.28 79.34
C ARG F 1668 -44.31 -25.68 78.76
N LEU F 1669 -43.77 -26.69 79.45
CA LEU F 1669 -43.90 -28.06 78.98
C LEU F 1669 -45.33 -28.56 79.11
N TYR F 1670 -45.96 -28.29 80.25
CA TYR F 1670 -47.39 -28.57 80.36
C TYR F 1670 -48.15 -27.86 79.25
N ARG F 1671 -47.76 -26.62 78.96
CA ARG F 1671 -48.44 -25.87 77.91
C ARG F 1671 -48.27 -26.56 76.56
N ALA F 1672 -47.05 -26.99 76.24
CA ALA F 1672 -46.80 -27.62 74.95
C ALA F 1672 -47.55 -28.93 74.82
N VAL F 1673 -47.54 -29.75 75.87
CA VAL F 1673 -48.17 -31.06 75.78
C VAL F 1673 -49.68 -30.91 75.71
N CYS F 1674 -50.22 -29.84 76.30
CA CYS F 1674 -51.67 -29.67 76.29
C CYS F 1674 -52.14 -29.05 74.97
N ALA F 1675 -51.20 -28.57 74.14
CA ALA F 1675 -51.53 -27.68 73.03
C ALA F 1675 -52.53 -28.31 72.07
N LEU F 1676 -53.18 -27.43 71.29
CA LEU F 1676 -54.06 -27.83 70.20
C LEU F 1676 -55.30 -28.58 70.73
N GLY F 1677 -55.72 -28.20 71.94
CA GLY F 1677 -56.94 -28.77 72.50
C GLY F 1677 -56.85 -30.24 72.82
N ASN F 1678 -55.70 -30.69 73.32
CA ASN F 1678 -55.56 -32.06 73.80
C ASN F 1678 -56.32 -32.16 75.12
N ASN F 1679 -57.59 -32.57 75.02
CA ASN F 1679 -58.48 -32.48 76.16
C ASN F 1679 -58.16 -33.53 77.21
N ARG F 1680 -57.87 -34.76 76.79
CA ARG F 1680 -57.53 -35.79 77.77
C ARG F 1680 -56.25 -35.44 78.49
N VAL F 1681 -55.26 -34.93 77.76
CA VAL F 1681 -54.04 -34.44 78.38
C VAL F 1681 -54.37 -33.31 79.35
N ALA F 1682 -55.28 -32.42 78.96
CA ALA F 1682 -55.64 -31.31 79.82
C ALA F 1682 -56.23 -31.79 81.13
N HIS F 1683 -57.13 -32.77 81.07
CA HIS F 1683 -57.68 -33.33 82.30
C HIS F 1683 -56.58 -33.96 83.14
N ALA F 1684 -55.65 -34.67 82.49
CA ALA F 1684 -54.52 -35.22 83.22
C ALA F 1684 -53.76 -34.14 83.97
N LEU F 1685 -53.55 -32.99 83.33
CA LEU F 1685 -52.90 -31.88 84.03
C LEU F 1685 -53.75 -31.38 85.17
N CYS F 1686 -55.07 -31.29 84.97
CA CYS F 1686 -55.95 -30.90 86.06
C CYS F 1686 -55.77 -31.82 87.26
N SER F 1687 -55.41 -33.08 87.02
CA SER F 1687 -55.00 -33.94 88.11
C SER F 1687 -53.74 -33.40 88.80
N HIS F 1688 -52.77 -32.95 88.02
CA HIS F 1688 -51.52 -32.48 88.62
C HIS F 1688 -51.63 -31.05 89.11
N VAL F 1689 -52.34 -30.19 88.36
CA VAL F 1689 -52.46 -28.78 88.69
C VAL F 1689 -53.89 -28.50 89.11
N ASP F 1690 -54.05 -27.93 90.31
CA ASP F 1690 -55.38 -27.64 90.81
C ASP F 1690 -55.88 -26.31 90.27
N GLN F 1691 -57.16 -26.27 89.91
CA GLN F 1691 -57.77 -25.03 89.45
C GLN F 1691 -57.73 -23.95 90.51
N ALA F 1692 -58.07 -24.31 91.76
CA ALA F 1692 -58.01 -23.35 92.84
C ALA F 1692 -56.58 -22.90 93.09
N GLN F 1693 -55.62 -23.81 92.94
CA GLN F 1693 -54.22 -23.42 93.02
C GLN F 1693 -53.88 -22.37 91.98
N LEU F 1694 -54.34 -22.57 90.74
CA LEU F 1694 -54.10 -21.59 89.70
C LEU F 1694 -54.74 -20.25 90.05
N LEU F 1695 -55.96 -20.29 90.57
CA LEU F 1695 -56.65 -19.06 90.95
C LEU F 1695 -55.86 -18.31 92.01
N HIS F 1696 -55.42 -19.01 93.05
CA HIS F 1696 -54.64 -18.37 94.10
C HIS F 1696 -53.34 -17.81 93.53
N ALA F 1697 -52.72 -18.55 92.60
CA ALA F 1697 -51.50 -18.06 91.97
C ALA F 1697 -51.75 -16.75 91.24
N LEU F 1698 -52.90 -16.64 90.57
CA LEU F 1698 -53.26 -15.36 89.95
C LEU F 1698 -53.40 -14.28 91.01
N GLU F 1699 -54.06 -14.61 92.12
CA GLU F 1699 -54.30 -13.59 93.15
C GLU F 1699 -53.00 -13.08 93.75
N ASP F 1700 -52.04 -13.96 94.00
CA ASP F 1700 -50.81 -13.55 94.68
C ASP F 1700 -49.96 -12.69 93.76
N ALA F 1701 -49.43 -11.59 94.32
CA ALA F 1701 -48.63 -10.68 93.52
C ALA F 1701 -47.14 -10.89 93.77
N HIS F 1702 -46.77 -11.45 94.92
CA HIS F 1702 -45.36 -11.58 95.26
C HIS F 1702 -44.67 -12.60 94.37
N LEU F 1703 -45.44 -13.49 93.75
CA LEU F 1703 -44.85 -14.59 93.01
C LEU F 1703 -44.14 -14.04 91.77
N PRO F 1704 -43.02 -14.65 91.36
CA PRO F 1704 -42.20 -14.05 90.29
C PRO F 1704 -42.90 -14.01 88.95
N GLY F 1705 -42.50 -13.04 88.12
CA GLY F 1705 -43.13 -12.77 86.85
C GLY F 1705 -43.14 -13.90 85.85
N PRO F 1706 -42.00 -14.55 85.59
CA PRO F 1706 -42.05 -15.69 84.66
C PRO F 1706 -43.00 -16.78 85.14
N LEU F 1707 -43.00 -17.04 86.44
CA LEU F 1707 -43.92 -18.04 86.98
C LEU F 1707 -45.37 -17.63 86.78
N ARG F 1708 -45.70 -16.36 87.06
CA ARG F 1708 -47.09 -15.97 86.92
C ARG F 1708 -47.51 -16.00 85.46
N ALA F 1709 -46.61 -15.63 84.56
CA ALA F 1709 -46.91 -15.76 83.14
C ALA F 1709 -47.20 -17.21 82.79
N GLY F 1710 -46.36 -18.13 83.29
CA GLY F 1710 -46.58 -19.54 83.01
C GLY F 1710 -47.92 -20.04 83.52
N TYR F 1711 -48.24 -19.74 84.79
CA TYR F 1711 -49.50 -20.22 85.36
C TYR F 1711 -50.69 -19.59 84.67
N TYR F 1712 -50.60 -18.31 84.32
CA TYR F 1712 -51.70 -17.67 83.61
C TYR F 1712 -51.91 -18.33 82.26
N ASP F 1713 -50.82 -18.63 81.55
CA ASP F 1713 -50.93 -19.32 80.28
C ASP F 1713 -51.56 -20.68 80.46
N LEU F 1714 -51.15 -21.41 81.51
CA LEU F 1714 -51.72 -22.74 81.74
C LEU F 1714 -53.21 -22.66 82.02
N LEU F 1715 -53.64 -21.73 82.86
CA LEU F 1715 -55.07 -21.61 83.10
C LEU F 1715 -55.80 -21.32 81.80
N ILE F 1716 -55.39 -20.26 81.11
CA ILE F 1716 -56.07 -19.82 79.89
C ILE F 1716 -56.16 -20.96 78.89
N SER F 1717 -55.07 -21.70 78.73
CA SER F 1717 -55.04 -22.71 77.69
C SER F 1717 -55.70 -24.00 78.15
N ILE F 1718 -55.16 -24.62 79.20
CA ILE F 1718 -55.68 -25.91 79.67
C ILE F 1718 -57.18 -25.85 79.92
N HIS F 1719 -57.73 -24.64 80.09
CA HIS F 1719 -59.19 -24.58 80.21
C HIS F 1719 -59.88 -23.90 79.04
N LEU F 1720 -59.35 -22.79 78.52
CA LEU F 1720 -60.15 -22.02 77.58
C LEU F 1720 -59.75 -22.29 76.13
N GLU F 1721 -58.48 -22.60 75.87
CA GLU F 1721 -57.92 -22.39 74.52
C GLU F 1721 -58.72 -23.11 73.45
N SER F 1722 -59.32 -24.26 73.78
CA SER F 1722 -60.13 -24.96 72.79
C SER F 1722 -61.34 -24.12 72.40
N ALA F 1723 -62.11 -23.66 73.39
CA ALA F 1723 -63.22 -22.77 73.12
C ALA F 1723 -62.72 -21.49 72.46
N CYS F 1724 -61.51 -21.05 72.82
CA CYS F 1724 -60.95 -19.84 72.26
C CYS F 1724 -60.76 -19.97 70.75
N ARG F 1725 -60.07 -21.02 70.32
CA ARG F 1725 -59.83 -21.19 68.90
C ARG F 1725 -61.12 -21.44 68.15
N SER F 1726 -62.03 -22.24 68.74
CA SER F 1726 -63.31 -22.46 68.08
C SER F 1726 -64.06 -21.15 67.88
N ARG F 1727 -64.23 -20.38 68.95
CA ARG F 1727 -64.97 -19.12 68.87
C ARG F 1727 -64.33 -18.17 67.90
N ARG F 1728 -63.00 -18.05 67.93
CA ARG F 1728 -62.31 -17.14 67.01
C ARG F 1728 -62.53 -17.58 65.58
N SER F 1729 -62.52 -18.89 65.33
CA SER F 1729 -62.77 -19.38 63.97
C SER F 1729 -64.16 -18.99 63.49
N MET F 1730 -65.16 -19.13 64.36
CA MET F 1730 -66.52 -18.83 63.90
C MET F 1730 -66.87 -17.36 64.09
N LEU F 1731 -65.92 -16.55 64.57
CA LEU F 1731 -66.17 -15.12 64.68
C LEU F 1731 -66.35 -14.47 63.32
N SER F 1732 -65.60 -14.96 62.31
CA SER F 1732 -65.64 -14.32 61.00
C SER F 1732 -67.03 -14.40 60.38
N GLU F 1733 -67.67 -15.56 60.45
CA GLU F 1733 -68.98 -15.73 59.85
C GLU F 1733 -70.02 -14.89 60.58
N TYR F 1734 -70.87 -14.21 59.81
CA TYR F 1734 -71.87 -13.29 60.34
C TYR F 1734 -73.24 -13.77 59.86
N ILE F 1735 -73.95 -14.47 60.73
CA ILE F 1735 -75.26 -15.01 60.40
C ILE F 1735 -76.27 -14.47 61.42
N VAL F 1736 -77.37 -13.92 60.92
CA VAL F 1736 -78.35 -13.23 61.75
C VAL F 1736 -79.71 -13.90 61.54
N PRO F 1737 -80.36 -14.39 62.58
CA PRO F 1737 -81.72 -14.89 62.42
C PRO F 1737 -82.72 -13.75 62.34
N LEU F 1738 -83.91 -14.07 61.85
CA LEU F 1738 -84.98 -13.08 61.72
C LEU F 1738 -85.89 -13.13 62.94
N THR F 1739 -85.27 -12.96 64.10
CA THR F 1739 -85.99 -12.91 65.35
C THR F 1739 -86.73 -11.58 65.47
N PRO F 1740 -87.88 -11.56 66.14
CA PRO F 1740 -88.44 -10.27 66.56
C PRO F 1740 -87.47 -9.47 67.40
N GLU F 1741 -86.70 -10.17 68.24
CA GLU F 1741 -85.63 -9.51 68.97
C GLU F 1741 -84.62 -8.89 68.01
N THR F 1742 -84.27 -9.62 66.94
CA THR F 1742 -83.41 -9.04 65.93
C THR F 1742 -84.04 -7.79 65.33
N ARG F 1743 -85.35 -7.83 65.08
CA ARG F 1743 -86.04 -6.67 64.54
CA ARG F 1743 -86.04 -6.67 64.54
C ARG F 1743 -85.96 -5.49 65.48
N ALA F 1744 -85.96 -5.75 66.79
CA ALA F 1744 -85.91 -4.66 67.76
C ALA F 1744 -84.60 -3.87 67.65
N ILE F 1745 -83.54 -4.50 67.15
CA ILE F 1745 -82.24 -3.86 67.13
C ILE F 1745 -82.24 -2.71 66.12
N THR F 1746 -81.57 -1.62 66.50
CA THR F 1746 -81.37 -0.46 65.64
C THR F 1746 -79.91 -0.05 65.69
N LEU F 1747 -79.48 0.71 64.68
CA LEU F 1747 -78.10 1.18 64.64
C LEU F 1747 -77.80 2.11 65.81
N PHE F 1748 -78.72 3.05 66.09
CA PHE F 1748 -78.48 4.05 67.12
C PHE F 1748 -79.44 3.86 68.28
N PRO F 1749 -78.96 4.01 69.52
CA PRO F 1749 -79.85 3.93 70.68
C PRO F 1749 -80.91 5.00 70.64
N PRO F 1750 -82.12 4.70 71.09
CA PRO F 1750 -83.17 5.73 71.10
C PRO F 1750 -82.84 6.84 72.06
N GLY F 1751 -83.35 8.04 71.76
CA GLY F 1751 -83.12 9.19 72.60
C GLY F 1751 -83.82 10.41 72.03
N ARG F 1752 -83.77 11.50 72.79
CA ARG F 1752 -84.42 12.74 72.35
C ARG F 1752 -83.65 13.38 71.21
N LYS F 1753 -82.33 13.22 71.18
CA LYS F 1753 -81.51 13.80 70.14
C LYS F 1753 -81.59 12.95 68.87
N GLY F 1754 -81.34 13.59 67.73
CA GLY F 1754 -81.35 12.87 66.46
C GLY F 1754 -80.29 11.78 66.46
N GLY F 1755 -80.59 10.68 65.76
CA GLY F 1755 -79.75 9.50 65.86
C GLY F 1755 -78.32 9.74 65.43
N ASN F 1756 -78.13 10.39 64.28
CA ASN F 1756 -76.78 10.75 63.85
C ASN F 1756 -76.14 11.72 64.84
N ALA F 1757 -76.92 12.68 65.33
CA ALA F 1757 -76.41 13.60 66.35
C ALA F 1757 -76.27 12.89 67.70
N ARG F 1758 -77.04 11.82 67.91
CA ARG F 1758 -76.93 11.08 69.16
C ARG F 1758 -75.58 10.39 69.26
N ARG F 1759 -75.09 10.26 70.48
CA ARG F 1759 -73.82 9.58 70.71
C ARG F 1759 -73.90 8.15 70.21
N HIS F 1760 -72.81 7.69 69.58
CA HIS F 1760 -72.73 6.31 69.18
C HIS F 1760 -72.89 5.39 70.38
N GLY F 1761 -73.66 4.32 70.19
CA GLY F 1761 -73.89 3.38 71.27
C GLY F 1761 -72.59 2.87 71.85
N LEU F 1762 -72.59 2.72 73.16
CA LEU F 1762 -71.37 2.31 73.85
C LEU F 1762 -70.97 0.92 73.36
N PRO F 1763 -69.76 0.76 72.81
CA PRO F 1763 -69.41 -0.48 72.11
C PRO F 1763 -69.47 -1.69 73.04
N GLY F 1764 -69.88 -2.81 72.47
CA GLY F 1764 -70.00 -4.04 73.23
C GLY F 1764 -71.25 -4.14 74.06
N VAL F 1765 -72.10 -3.12 74.06
CA VAL F 1765 -73.30 -3.08 74.88
C VAL F 1765 -74.51 -3.13 73.96
N GLY F 1766 -75.42 -4.03 74.25
CA GLY F 1766 -76.59 -4.23 73.44
C GLY F 1766 -76.82 -5.71 73.22
N VAL F 1767 -77.70 -6.03 72.28
CA VAL F 1767 -78.06 -7.41 71.98
C VAL F 1767 -77.52 -7.75 70.61
N THR F 1768 -76.69 -8.78 70.53
CA THR F 1768 -76.17 -9.30 69.27
C THR F 1768 -76.72 -10.70 69.08
N THR F 1769 -77.54 -10.87 68.05
CA THR F 1769 -78.20 -12.15 67.82
C THR F 1769 -77.45 -13.05 66.85
N SER F 1770 -76.21 -12.72 66.52
CA SER F 1770 -75.42 -13.59 65.67
C SER F 1770 -75.32 -14.98 66.28
N LEU F 1771 -75.65 -16.00 65.49
CA LEU F 1771 -75.78 -17.33 66.03
C LEU F 1771 -74.42 -17.94 66.36
N ARG F 1772 -74.13 -18.03 67.66
CA ARG F 1772 -72.89 -18.58 68.15
C ARG F 1772 -73.22 -19.79 69.03
N PRO F 1773 -72.64 -20.95 68.76
CA PRO F 1773 -72.89 -22.12 69.61
C PRO F 1773 -72.38 -21.89 71.02
N PRO F 1774 -73.09 -22.43 72.03
CA PRO F 1774 -72.63 -22.26 73.41
C PRO F 1774 -71.34 -23.02 73.65
N HIS F 1775 -70.52 -22.47 74.54
CA HIS F 1775 -69.30 -23.16 74.95
C HIS F 1775 -69.67 -24.43 75.71
N HIS F 1776 -68.93 -25.51 75.46
CA HIS F 1776 -69.23 -26.80 76.05
C HIS F 1776 -68.03 -27.28 76.85
N PHE F 1777 -68.27 -27.65 78.11
CA PHE F 1777 -67.23 -28.06 79.01
C PHE F 1777 -67.65 -29.32 79.75
N SER F 1778 -66.66 -30.11 80.18
CA SER F 1778 -66.91 -31.30 80.95
C SER F 1778 -66.32 -31.14 82.34
N PRO F 1779 -67.08 -31.42 83.41
CA PRO F 1779 -66.53 -31.32 84.75
C PRO F 1779 -65.37 -32.27 84.93
N PRO F 1780 -64.32 -31.86 85.61
CA PRO F 1780 -63.19 -32.76 85.84
C PRO F 1780 -63.43 -33.65 87.05
N CYS F 1781 -63.58 -34.95 86.81
CA CYS F 1781 -63.81 -35.91 87.87
C CYS F 1781 -63.08 -37.21 87.51
N PHE F 1782 -62.31 -37.73 88.46
CA PHE F 1782 -61.54 -38.94 88.23
C PHE F 1782 -62.13 -40.16 88.91
N VAL F 1783 -63.16 -39.99 89.74
CA VAL F 1783 -63.82 -41.13 90.35
C VAL F 1783 -64.71 -41.83 89.33
N ALA F 1784 -64.93 -41.20 88.18
CA ALA F 1784 -65.74 -41.80 87.13
C ALA F 1784 -65.11 -43.10 86.65
N ALA F 1785 -65.95 -44.07 86.33
CA ALA F 1785 -65.47 -45.38 85.92
C ALA F 1785 -64.72 -45.29 84.60
N LEU F 1786 -63.74 -46.17 84.44
CA LEU F 1786 -62.97 -46.21 83.21
C LEU F 1786 -63.89 -46.57 82.04
N PRO F 1787 -63.77 -45.89 80.90
CA PRO F 1787 -64.65 -46.21 79.77
C PRO F 1787 -64.42 -47.62 79.26
N ALA F 1788 -65.47 -48.44 79.35
CA ALA F 1788 -65.38 -49.80 78.83
C ALA F 1788 -65.27 -49.80 77.31
N ALA F 1789 -65.81 -48.76 76.66
CA ALA F 1789 -65.72 -48.66 75.21
C ALA F 1789 -64.26 -48.47 74.78
N GLY F 1790 -63.94 -48.99 73.59
CA GLY F 1790 -62.58 -48.90 73.11
C GLY F 1790 -62.17 -47.48 72.80
N VAL F 1791 -60.86 -47.24 72.86
CA VAL F 1791 -60.31 -45.93 72.53
C VAL F 1791 -60.57 -45.61 71.06
N ALA F 1792 -60.75 -44.31 70.78
CA ALA F 1792 -61.01 -43.76 69.46
C ALA F 1792 -62.43 -44.04 69.00
N GLU F 1793 -63.21 -44.72 69.83
CA GLU F 1793 -64.62 -44.90 69.51
C GLU F 1793 -65.50 -43.99 70.36
N ALA F 1794 -65.11 -43.77 71.61
CA ALA F 1794 -65.83 -42.82 72.45
C ALA F 1794 -65.58 -41.40 71.94
N PRO F 1795 -66.56 -40.50 72.09
CA PRO F 1795 -66.35 -39.12 71.67
C PRO F 1795 -65.24 -38.46 72.47
N ALA F 1796 -64.54 -37.52 71.84
CA ALA F 1796 -63.44 -36.84 72.51
C ALA F 1796 -63.95 -36.08 73.72
N ARG F 1797 -63.17 -36.14 74.80
CA ARG F 1797 -63.56 -35.48 76.03
C ARG F 1797 -63.63 -33.97 75.82
N LEU F 1798 -64.59 -33.33 76.49
CA LEU F 1798 -64.67 -31.88 76.46
C LEU F 1798 -63.57 -31.28 77.33
N SER F 1799 -63.33 -29.99 77.13
CA SER F 1799 -62.34 -29.30 77.94
C SER F 1799 -62.84 -29.21 79.39
N PRO F 1800 -61.94 -29.23 80.36
CA PRO F 1800 -62.38 -29.16 81.76
C PRO F 1800 -63.12 -27.86 82.06
N ALA F 1801 -64.07 -27.94 82.97
CA ALA F 1801 -64.94 -26.80 83.24
C ALA F 1801 -64.36 -25.91 84.34
N ILE F 1802 -64.55 -24.61 84.17
CA ILE F 1802 -64.10 -23.59 85.11
C ILE F 1802 -65.31 -22.72 85.48
N PRO F 1803 -65.40 -22.29 86.74
CA PRO F 1803 -66.48 -21.37 87.09
C PRO F 1803 -66.27 -20.02 86.44
N LEU F 1804 -67.03 -19.79 85.36
CA LEU F 1804 -66.73 -18.69 84.47
C LEU F 1804 -67.12 -17.35 85.08
N GLU F 1805 -68.25 -17.31 85.80
CA GLU F 1805 -68.66 -16.07 86.44
C GLU F 1805 -67.61 -15.62 87.45
N ALA F 1806 -67.21 -16.52 88.36
CA ALA F 1806 -66.21 -16.17 89.35
C ALA F 1806 -64.89 -15.79 88.70
N LEU F 1807 -64.51 -16.51 87.65
CA LEU F 1807 -63.29 -16.17 86.93
C LEU F 1807 -63.39 -14.76 86.35
N ARG F 1808 -64.55 -14.40 85.81
CA ARG F 1808 -64.73 -13.05 85.29
C ARG F 1808 -64.58 -12.01 86.39
N ASP F 1809 -65.20 -12.26 87.55
CA ASP F 1809 -65.12 -11.27 88.62
C ASP F 1809 -63.68 -11.09 89.08
N LYS F 1810 -62.93 -12.18 89.24
CA LYS F 1810 -61.55 -12.01 89.68
C LYS F 1810 -60.72 -11.33 88.60
N ALA F 1811 -60.91 -11.70 87.34
CA ALA F 1811 -60.18 -11.03 86.27
C ALA F 1811 -60.42 -9.53 86.34
N LEU F 1812 -61.69 -9.13 86.52
CA LEU F 1812 -62.01 -7.72 86.70
C LEU F 1812 -61.29 -7.15 87.91
N ARG F 1813 -61.21 -7.92 89.00
CA ARG F 1813 -60.64 -7.40 90.23
C ARG F 1813 -59.16 -7.09 90.07
N MET F 1814 -58.35 -8.06 89.62
CA MET F 1814 -56.93 -7.73 89.43
C MET F 1814 -56.72 -6.78 88.25
N LEU F 1815 -57.68 -6.68 87.32
CA LEU F 1815 -57.57 -5.61 86.34
C LEU F 1815 -57.63 -4.25 87.02
N GLY F 1816 -58.59 -4.07 87.91
CA GLY F 1816 -58.67 -2.83 88.67
C GLY F 1816 -57.43 -2.60 89.51
N GLU F 1817 -56.92 -3.66 90.13
CA GLU F 1817 -55.68 -3.53 90.91
C GLU F 1817 -54.53 -3.07 90.04
N ALA F 1818 -54.41 -3.63 88.83
CA ALA F 1818 -53.34 -3.22 87.93
C ALA F 1818 -53.46 -1.76 87.56
N VAL F 1819 -54.68 -1.31 87.24
CA VAL F 1819 -54.87 0.10 86.90
C VAL F 1819 -54.49 0.98 88.08
N ARG F 1820 -54.93 0.60 89.29
CA ARG F 1820 -54.63 1.40 90.47
C ARG F 1820 -53.13 1.47 90.70
N ASP F 1821 -52.44 0.34 90.62
CA ASP F 1821 -51.00 0.33 90.88
C ASP F 1821 -50.25 1.14 89.82
N GLY F 1822 -50.67 1.02 88.55
CA GLY F 1822 -50.09 1.86 87.52
C GLY F 1822 -50.24 3.33 87.83
N GLY F 1823 -51.41 3.73 88.31
CA GLY F 1823 -51.58 5.08 88.81
C GLY F 1823 -50.62 5.38 89.96
N GLN F 1824 -50.40 4.40 90.82
CA GLN F 1824 -49.54 4.61 91.98
C GLN F 1824 -48.09 4.81 91.59
N HIS F 1825 -47.67 4.20 90.48
CA HIS F 1825 -46.27 4.20 90.08
C HIS F 1825 -45.38 3.68 91.20
N ALA F 1826 -45.84 2.62 91.86
CA ALA F 1826 -45.02 1.99 92.88
C ALA F 1826 -43.73 1.47 92.26
N ARG F 1827 -42.64 1.56 93.03
CA ARG F 1827 -41.34 1.16 92.49
C ARG F 1827 -41.34 -0.31 92.12
N ASP F 1828 -41.96 -1.15 92.94
CA ASP F 1828 -41.99 -2.58 92.67
C ASP F 1828 -43.25 -2.93 91.90
N PRO F 1829 -43.15 -3.30 90.63
CA PRO F 1829 -44.33 -3.78 89.92
C PRO F 1829 -44.65 -5.20 90.31
N VAL F 1830 -45.91 -5.58 90.12
CA VAL F 1830 -46.31 -6.95 90.37
C VAL F 1830 -45.56 -7.86 89.41
N GLY F 1831 -44.91 -8.89 89.96
CA GLY F 1831 -44.12 -9.79 89.15
C GLY F 1831 -42.76 -9.26 88.75
N GLY F 1832 -42.37 -8.09 89.24
CA GLY F 1832 -41.04 -7.56 88.97
C GLY F 1832 -40.92 -6.65 87.77
N SER F 1833 -41.95 -6.57 86.92
CA SER F 1833 -41.94 -5.68 85.78
C SER F 1833 -43.34 -5.18 85.51
N VAL F 1834 -43.43 -4.01 84.88
CA VAL F 1834 -44.75 -3.48 84.50
C VAL F 1834 -45.41 -4.41 83.51
N GLU F 1835 -44.67 -4.84 82.48
CA GLU F 1835 -45.23 -5.76 81.51
C GLU F 1835 -45.55 -7.09 82.16
N PHE F 1836 -44.69 -7.55 83.07
CA PHE F 1836 -44.99 -8.80 83.77
C PHE F 1836 -46.27 -8.67 84.58
N GLN F 1837 -46.52 -7.49 85.13
CA GLN F 1837 -47.72 -7.24 85.90
C GLN F 1837 -48.96 -7.27 85.00
N PHE F 1838 -48.91 -6.58 83.87
CA PHE F 1838 -50.12 -6.36 83.11
C PHE F 1838 -50.43 -7.49 82.15
N VAL F 1839 -49.40 -8.01 81.46
CA VAL F 1839 -49.63 -8.86 80.29
C VAL F 1839 -50.60 -10.01 80.59
N PRO F 1840 -50.42 -10.81 81.65
CA PRO F 1840 -51.40 -11.88 81.90
C PRO F 1840 -52.80 -11.37 82.10
N VAL F 1841 -52.97 -10.19 82.69
CA VAL F 1841 -54.30 -9.64 82.88
C VAL F 1841 -54.96 -9.37 81.53
N LEU F 1842 -54.21 -8.79 80.60
CA LEU F 1842 -54.80 -8.54 79.29
C LEU F 1842 -55.05 -9.84 78.54
N LYS F 1843 -54.21 -10.85 78.74
CA LYS F 1843 -54.52 -12.16 78.16
C LYS F 1843 -55.85 -12.69 78.66
N LEU F 1844 -56.04 -12.65 79.98
CA LEU F 1844 -57.30 -13.12 80.56
C LEU F 1844 -58.47 -12.33 80.03
N VAL F 1845 -58.34 -11.00 79.97
CA VAL F 1845 -59.42 -10.15 79.49
C VAL F 1845 -59.73 -10.47 78.04
N SER F 1846 -58.69 -10.64 77.21
CA SER F 1846 -58.89 -10.97 75.81
C SER F 1846 -59.69 -12.26 75.68
N THR F 1847 -59.26 -13.30 76.38
CA THR F 1847 -59.92 -14.59 76.24
C THR F 1847 -61.37 -14.51 76.72
N LEU F 1848 -61.60 -13.90 77.88
CA LEU F 1848 -62.95 -13.84 78.40
C LEU F 1848 -63.86 -13.02 77.49
N LEU F 1849 -63.37 -11.88 77.00
CA LEU F 1849 -64.19 -11.06 76.10
C LEU F 1849 -64.51 -11.80 74.81
N VAL F 1850 -63.53 -12.52 74.26
CA VAL F 1850 -63.77 -13.22 73.01
C VAL F 1850 -64.76 -14.36 73.22
N MET F 1851 -64.66 -15.05 74.36
CA MET F 1851 -65.69 -16.03 74.71
C MET F 1851 -67.05 -15.35 74.85
N GLY F 1852 -67.07 -14.09 75.27
CA GLY F 1852 -68.32 -13.41 75.50
C GLY F 1852 -68.96 -13.70 76.84
N ILE F 1853 -68.36 -14.56 77.64
CA ILE F 1853 -68.85 -14.80 78.99
C ILE F 1853 -68.78 -13.50 79.79
N PHE F 1854 -67.87 -12.62 79.43
CA PHE F 1854 -67.69 -11.37 80.14
C PHE F 1854 -68.95 -10.53 80.03
N GLY F 1855 -69.68 -10.40 81.15
CA GLY F 1855 -70.99 -9.80 81.11
C GLY F 1855 -70.95 -8.34 80.70
N ASP F 1856 -72.09 -7.85 80.20
CA ASP F 1856 -72.14 -6.53 79.56
C ASP F 1856 -71.74 -5.42 80.53
N GLU F 1857 -72.23 -5.48 81.76
CA GLU F 1857 -71.86 -4.47 82.74
C GLU F 1857 -70.35 -4.48 82.98
N ASP F 1858 -69.76 -5.67 83.06
CA ASP F 1858 -68.32 -5.77 83.24
C ASP F 1858 -67.58 -5.23 82.02
N VAL F 1859 -68.14 -5.42 80.82
CA VAL F 1859 -67.54 -4.85 79.62
C VAL F 1859 -67.56 -3.32 79.72
N LYS F 1860 -68.67 -2.77 80.21
CA LYS F 1860 -68.72 -1.33 80.47
C LYS F 1860 -67.59 -0.93 81.41
N GLN F 1861 -67.41 -1.68 82.49
CA GLN F 1861 -66.34 -1.41 83.43
C GLN F 1861 -64.97 -1.40 82.73
N ILE F 1862 -64.73 -2.43 81.93
CA ILE F 1862 -63.46 -2.53 81.20
C ILE F 1862 -63.26 -1.32 80.33
N LEU F 1863 -64.32 -0.86 79.66
CA LEU F 1863 -64.22 0.34 78.84
C LEU F 1863 -63.83 1.54 79.69
N LYS F 1864 -64.44 1.68 80.88
CA LYS F 1864 -64.04 2.78 81.76
C LYS F 1864 -62.55 2.71 82.10
N MET F 1865 -62.05 1.51 82.39
CA MET F 1865 -60.63 1.40 82.71
C MET F 1865 -59.76 1.76 81.50
N ILE F 1866 -60.17 1.33 80.31
CA ILE F 1866 -59.39 1.66 79.12
C ILE F 1866 -59.32 3.16 78.93
N GLU F 1867 -60.48 3.81 78.93
CA GLU F 1867 -60.59 5.26 78.76
C GLU F 1867 -61.80 5.77 79.54
N PRO F 1868 -61.59 6.26 80.76
CA PRO F 1868 -62.75 6.67 81.57
C PRO F 1868 -63.53 7.81 80.95
N GLU F 1869 -62.87 8.93 80.67
CA GLU F 1869 -63.57 10.11 80.17
C GLU F 1869 -64.29 9.82 78.86
N VAL F 1870 -63.80 8.84 78.10
CA VAL F 1870 -64.42 8.52 76.82
C VAL F 1870 -65.74 7.81 77.02
N PHE F 1871 -65.74 6.75 77.82
CA PHE F 1871 -66.88 5.84 77.88
C PHE F 1871 -67.85 6.17 79.00
N THR F 1872 -67.70 7.33 79.64
CA THR F 1872 -68.74 7.79 80.56
C THR F 1872 -70.07 7.91 79.83
N GLU F 1873 -71.13 7.42 80.46
CA GLU F 1873 -72.47 7.42 79.88
C GLU F 1873 -73.34 8.37 80.66
N GLU F 1874 -74.03 9.25 79.94
CA GLU F 1874 -74.92 10.22 80.57
C GLU F 1874 -76.10 9.54 81.27
N LEU F 1922 -58.23 9.77 90.66
CA LEU F 1922 -58.96 9.63 89.41
C LEU F 1922 -58.34 8.53 88.55
N GLU F 1923 -59.20 7.71 87.95
CA GLU F 1923 -58.72 6.70 87.01
C GLU F 1923 -58.22 7.37 85.73
N GLU F 1924 -57.00 7.03 85.34
CA GLU F 1924 -56.40 7.55 84.11
C GLU F 1924 -56.52 6.48 83.04
N GLY F 1925 -56.60 6.92 81.78
CA GLY F 1925 -56.71 5.97 80.70
C GLY F 1925 -55.49 5.07 80.63
N LEU F 1926 -55.73 3.82 80.21
CA LEU F 1926 -54.62 2.90 80.02
C LEU F 1926 -53.62 3.44 79.01
N LEU F 1927 -54.13 4.11 77.97
CA LEU F 1927 -53.24 4.78 77.03
C LEU F 1927 -52.48 5.91 77.70
N GLN F 1928 -53.16 6.65 78.58
CA GLN F 1928 -52.49 7.75 79.29
C GLN F 1928 -51.38 7.22 80.17
N MET F 1929 -51.54 6.00 80.68
CA MET F 1929 -50.54 5.42 81.58
C MET F 1929 -49.23 5.16 80.86
N LYS F 1930 -49.32 4.84 79.56
CA LYS F 1930 -48.18 4.46 78.71
C LYS F 1930 -47.71 3.08 79.13
N LEU F 1931 -47.36 2.24 78.16
CA LEU F 1931 -47.10 0.84 78.46
C LEU F 1931 -45.96 0.36 77.58
N PRO F 1932 -45.26 -0.70 77.98
CA PRO F 1932 -44.25 -1.30 77.10
C PRO F 1932 -44.90 -1.91 75.87
N GLU F 1933 -44.03 -2.28 74.92
CA GLU F 1933 -44.49 -2.63 73.58
C GLU F 1933 -45.41 -3.85 73.59
N SER F 1934 -45.07 -4.86 74.38
CA SER F 1934 -45.93 -6.05 74.44
C SER F 1934 -47.30 -5.70 75.00
N VAL F 1935 -47.34 -4.90 76.06
CA VAL F 1935 -48.62 -4.49 76.64
C VAL F 1935 -49.42 -3.72 75.60
N LYS F 1936 -48.75 -2.87 74.84
CA LYS F 1936 -49.40 -2.21 73.71
C LYS F 1936 -49.99 -3.23 72.75
N LEU F 1937 -49.24 -4.29 72.47
CA LEU F 1937 -49.75 -5.32 71.56
C LEU F 1937 -51.07 -5.88 72.05
N GLN F 1938 -51.12 -6.31 73.30
CA GLN F 1938 -52.34 -7.00 73.71
C GLN F 1938 -53.50 -6.04 73.96
N MET F 1939 -53.25 -4.81 74.39
CA MET F 1939 -54.41 -3.95 74.55
C MET F 1939 -54.91 -3.49 73.18
N CYS F 1940 -54.01 -3.45 72.20
CA CYS F 1940 -54.44 -3.28 70.82
C CYS F 1940 -55.34 -4.43 70.38
N ASN F 1941 -55.00 -5.65 70.81
CA ASN F 1941 -55.89 -6.77 70.53
C ASN F 1941 -57.26 -6.58 71.19
N LEU F 1942 -57.28 -6.03 72.40
CA LEU F 1942 -58.57 -5.74 73.03
C LEU F 1942 -59.37 -4.76 72.20
N LEU F 1943 -58.73 -3.67 71.76
CA LEU F 1943 -59.43 -2.72 70.90
C LEU F 1943 -59.91 -3.40 69.62
N GLU F 1944 -59.12 -4.31 69.08
CA GLU F 1944 -59.51 -5.02 67.88
C GLU F 1944 -60.77 -5.83 68.11
N TYR F 1945 -60.85 -6.51 69.26
CA TYR F 1945 -62.07 -7.25 69.59
C TYR F 1945 -63.27 -6.32 69.70
N PHE F 1946 -63.07 -5.17 70.36
CA PHE F 1946 -64.17 -4.23 70.51
C PHE F 1946 -64.66 -3.76 69.14
N CYS F 1947 -63.74 -3.46 68.24
CA CYS F 1947 -64.12 -3.01 66.92
C CYS F 1947 -64.83 -4.10 66.13
N ASP F 1948 -64.37 -5.35 66.27
CA ASP F 1948 -65.06 -6.45 65.60
C ASP F 1948 -66.49 -6.57 66.10
N GLN F 1949 -66.69 -6.47 67.41
CA GLN F 1949 -68.05 -6.53 67.94
C GLN F 1949 -68.87 -5.38 67.41
N GLU F 1950 -68.27 -4.19 67.32
CA GLU F 1950 -69.00 -3.03 66.81
C GLU F 1950 -69.43 -3.27 65.37
N LEU F 1951 -68.54 -3.80 64.54
CA LEU F 1951 -68.88 -4.08 63.16
C LEU F 1951 -69.98 -5.13 63.06
N GLN F 1952 -69.92 -6.15 63.92
CA GLN F 1952 -71.00 -7.13 63.98
C GLN F 1952 -72.32 -6.46 64.30
N HIS F 1953 -72.30 -5.51 65.23
CA HIS F 1953 -73.51 -4.76 65.56
C HIS F 1953 -74.03 -4.00 64.35
N ARG F 1954 -73.12 -3.39 63.59
CA ARG F 1954 -73.54 -2.73 62.36
C ARG F 1954 -74.23 -3.72 61.43
N VAL F 1955 -73.63 -4.89 61.25
CA VAL F 1955 -74.18 -5.89 60.32
C VAL F 1955 -75.58 -6.28 60.74
N GLU F 1956 -75.78 -6.57 62.03
CA GLU F 1956 -77.11 -6.95 62.48
C GLU F 1956 -78.08 -5.79 62.37
N SER F 1957 -77.59 -4.56 62.51
CA SER F 1957 -78.47 -3.41 62.34
C SER F 1957 -78.98 -3.32 60.91
N LEU F 1958 -78.09 -3.47 59.92
CA LEU F 1958 -78.55 -3.47 58.55
C LEU F 1958 -79.48 -4.65 58.30
N ALA F 1959 -79.23 -5.79 58.96
CA ALA F 1959 -80.12 -6.93 58.81
C ALA F 1959 -81.52 -6.60 59.29
N ALA F 1960 -81.64 -5.95 60.45
CA ALA F 1960 -82.96 -5.62 60.98
C ALA F 1960 -83.66 -4.59 60.11
N PHE F 1961 -82.91 -3.60 59.62
CA PHE F 1961 -83.50 -2.65 58.69
C PHE F 1961 -83.98 -3.38 57.45
N ALA F 1962 -83.22 -4.37 56.99
CA ALA F 1962 -83.62 -5.15 55.82
C ALA F 1962 -84.91 -5.89 56.09
N GLU F 1963 -85.07 -6.42 57.29
CA GLU F 1963 -86.33 -7.08 57.64
C GLU F 1963 -87.49 -6.10 57.54
N ARG F 1964 -87.36 -4.93 58.17
CA ARG F 1964 -88.44 -3.95 58.09
C ARG F 1964 -88.72 -3.55 56.65
N TYR F 1965 -87.66 -3.29 55.89
CA TYR F 1965 -87.82 -2.84 54.51
C TYR F 1965 -88.48 -3.90 53.65
N VAL F 1966 -88.08 -5.17 53.80
CA VAL F 1966 -88.66 -6.20 52.95
C VAL F 1966 -90.13 -6.40 53.31
N ASP F 1967 -90.47 -6.25 54.59
CA ASP F 1967 -91.88 -6.29 54.95
C ASP F 1967 -92.64 -5.17 54.24
N LYS F 1968 -92.07 -3.96 54.26
CA LYS F 1968 -92.71 -2.84 53.57
C LYS F 1968 -92.83 -3.11 52.09
N LEU F 1969 -91.79 -3.68 51.48
CA LEU F 1969 -91.82 -3.96 50.05
C LEU F 1969 -92.89 -4.99 49.72
N GLN F 1970 -93.01 -6.03 50.53
CA GLN F 1970 -94.02 -7.04 50.25
C GLN F 1970 -95.41 -6.43 50.34
N ALA F 1971 -95.67 -5.63 51.38
CA ALA F 1971 -96.98 -4.99 51.47
C ALA F 1971 -97.23 -4.09 50.26
N ASN F 1972 -96.27 -3.21 49.95
CA ASN F 1972 -96.48 -2.23 48.90
C ASN F 1972 -96.58 -2.90 47.54
N GLN F 1973 -95.92 -4.04 47.34
CA GLN F 1973 -95.88 -4.60 46.00
C GLN F 1973 -97.08 -5.52 45.80
N ARG F 1974 -97.58 -6.11 46.89
CA ARG F 1974 -98.94 -6.66 46.86
C ARG F 1974 -99.94 -5.59 46.45
N SER F 1975 -99.86 -4.41 47.07
CA SER F 1975 -100.77 -3.33 46.70
C SER F 1975 -100.59 -2.95 45.24
N ARG F 1976 -99.35 -2.89 44.78
CA ARG F 1976 -99.07 -2.57 43.38
C ARG F 1976 -99.69 -3.59 42.44
N TYR F 1977 -99.55 -4.87 42.76
CA TYR F 1977 -100.11 -5.90 41.90
C TYR F 1977 -101.63 -5.85 41.91
N ALA F 1978 -102.21 -5.59 43.09
CA ALA F 1978 -103.66 -5.46 43.17
C ALA F 1978 -104.14 -4.30 42.31
N LEU F 1979 -103.42 -3.19 42.32
CA LEU F 1979 -103.71 -2.11 41.40
C LEU F 1979 -103.56 -2.57 39.95
N LEU F 1980 -102.55 -3.41 39.69
CA LEU F 1980 -102.31 -3.89 38.34
C LEU F 1980 -103.51 -4.64 37.79
N MET F 1981 -104.03 -5.61 38.55
CA MET F 1981 -105.26 -6.27 38.13
C MET F 1981 -106.43 -5.30 38.06
N ARG F 1982 -106.31 -4.17 38.76
CA ARG F 1982 -107.36 -3.16 38.69
C ARG F 1982 -107.11 -2.21 37.53
N ALA F 1983 -105.87 -1.74 37.37
CA ALA F 1983 -105.61 -0.63 36.45
C ALA F 1983 -105.27 -1.12 35.05
N PHE F 1984 -105.13 -2.43 34.86
CA PHE F 1984 -104.73 -2.94 33.55
C PHE F 1984 -105.81 -2.69 32.51
N THR F 1985 -107.05 -2.46 32.95
CA THR F 1985 -108.13 -2.18 32.01
C THR F 1985 -108.01 -0.78 31.40
N MET F 1986 -107.49 0.18 32.16
CA MET F 1986 -107.43 1.55 31.64
C MET F 1986 -106.28 1.71 30.65
N SER F 1987 -105.05 1.54 31.11
CA SER F 1987 -103.86 1.86 30.32
C SER F 1987 -103.12 0.57 30.00
N ALA F 1988 -102.58 0.49 28.78
CA ALA F 1988 -101.87 -0.72 28.37
C ALA F 1988 -100.37 -0.50 28.31
N ALA F 1989 -99.93 0.66 27.81
CA ALA F 1989 -98.50 0.91 27.65
C ALA F 1989 -97.77 0.89 28.99
N GLU F 1990 -98.33 1.56 29.99
CA GLU F 1990 -97.75 1.48 31.33
C GLU F 1990 -97.95 0.10 31.92
N THR F 1991 -99.08 -0.54 31.62
CA THR F 1991 -99.30 -1.90 32.07
C THR F 1991 -98.30 -2.85 31.45
N ALA F 1992 -97.95 -2.63 30.18
CA ALA F 1992 -96.97 -3.50 29.53
C ALA F 1992 -95.62 -3.42 30.23
N ARG F 1993 -95.15 -2.22 30.55
CA ARG F 1993 -93.88 -2.08 31.25
C ARG F 1993 -93.96 -2.61 32.66
N ARG F 1994 -95.06 -2.32 33.37
CA ARG F 1994 -95.19 -2.76 34.75
C ARG F 1994 -95.23 -4.29 34.84
N THR F 1995 -95.93 -4.93 33.91
CA THR F 1995 -95.90 -6.39 33.84
C THR F 1995 -94.50 -6.88 33.52
N ARG F 1996 -93.82 -6.21 32.57
CA ARG F 1996 -92.44 -6.57 32.27
C ARG F 1996 -91.57 -6.49 33.52
N GLU F 1997 -91.82 -5.48 34.36
CA GLU F 1997 -91.16 -5.44 35.67
C GLU F 1997 -91.50 -6.69 36.48
N PHE F 1998 -92.77 -7.09 36.45
CA PHE F 1998 -93.15 -8.34 37.12
C PHE F 1998 -92.69 -9.54 36.32
N ARG F 1999 -92.53 -9.39 35.00
CA ARG F 1999 -91.98 -10.46 34.19
C ARG F 1999 -90.53 -10.74 34.59
N SER F 2000 -89.86 -9.74 35.13
CA SER F 2000 -88.48 -9.90 35.56
C SER F 2000 -88.37 -10.92 36.68
N PRO F 2001 -87.24 -11.62 36.78
CA PRO F 2001 -87.04 -12.51 37.90
C PRO F 2001 -87.06 -11.73 39.21
N PRO F 2002 -87.48 -12.35 40.30
CA PRO F 2002 -87.69 -11.58 41.55
C PRO F 2002 -86.43 -10.86 42.02
N GLN F 2003 -85.26 -11.47 41.83
CA GLN F 2003 -84.03 -10.80 42.24
C GLN F 2003 -83.81 -9.53 41.45
N GLU F 2004 -83.99 -9.58 40.12
CA GLU F 2004 -83.83 -8.38 39.31
C GLU F 2004 -84.92 -7.37 39.65
N GLN F 2005 -86.08 -7.87 40.08
CA GLN F 2005 -87.14 -6.98 40.54
C GLN F 2005 -86.68 -6.21 41.77
N ILE F 2006 -86.11 -6.92 42.75
CA ILE F 2006 -85.52 -6.23 43.90
C ILE F 2006 -84.47 -5.24 43.42
N ASN F 2007 -83.67 -5.64 42.44
CA ASN F 2007 -82.56 -4.79 41.99
C ASN F 2007 -83.06 -3.47 41.44
N MET F 2008 -84.00 -3.49 40.49
CA MET F 2008 -84.36 -2.21 39.88
C MET F 2008 -85.35 -1.47 40.77
N LEU F 2009 -85.93 -2.16 41.76
CA LEU F 2009 -86.57 -1.41 42.85
C LEU F 2009 -85.55 -0.59 43.61
N LEU F 2010 -84.40 -1.20 43.93
CA LEU F 2010 -83.39 -0.50 44.72
C LEU F 2010 -82.74 0.64 43.94
N HIS F 2011 -83.15 0.84 42.69
CA HIS F 2011 -82.51 1.84 41.83
C HIS F 2011 -83.16 3.21 42.05
N PHE F 2012 -83.09 3.68 43.29
CA PHE F 2012 -83.50 5.02 43.66
C PHE F 2012 -82.35 5.89 44.15
N LYS F 2013 -81.15 5.32 44.30
CA LYS F 2013 -80.04 6.07 44.87
C LYS F 2013 -79.65 7.25 44.00
N ASP F 2014 -79.58 7.05 42.68
CA ASP F 2014 -79.03 8.07 41.80
C ASP F 2014 -79.92 9.30 41.74
N GLU F 2015 -81.22 9.13 41.95
CA GLU F 2015 -82.29 10.13 41.84
C GLU F 2015 -82.56 10.47 40.38
N ALA F 2016 -81.74 10.00 39.44
CA ALA F 2016 -82.04 10.19 38.03
C ALA F 2016 -83.27 9.39 37.62
N ASP F 2017 -83.37 8.13 38.07
CA ASP F 2017 -84.50 7.28 37.77
C ASP F 2017 -85.31 6.94 39.02
N GLU F 2018 -85.12 7.67 40.12
CA GLU F 2018 -85.88 7.41 41.34
C GLU F 2018 -87.38 7.48 41.09
N GLU F 2019 -87.81 8.43 40.25
CA GLU F 2019 -89.21 8.52 39.88
C GLU F 2019 -89.66 7.28 39.11
N ASP F 2020 -88.74 6.64 38.39
CA ASP F 2020 -89.08 5.44 37.64
C ASP F 2020 -89.38 4.27 38.57
N CYS F 2021 -88.76 4.26 39.75
CA CYS F 2021 -89.02 3.20 40.69
C CYS F 2021 -90.47 3.27 41.18
N PRO F 2022 -91.21 2.16 41.15
CA PRO F 2022 -92.61 2.21 41.59
C PRO F 2022 -92.78 2.57 43.05
N LEU F 2023 -91.75 2.39 43.86
CA LEU F 2023 -91.87 2.66 45.28
C LEU F 2023 -92.17 4.14 45.51
N PRO F 2024 -93.03 4.46 46.48
CA PRO F 2024 -93.36 5.88 46.71
C PRO F 2024 -92.26 6.65 47.40
N GLU F 2025 -92.37 7.99 47.27
CA GLU F 2025 -91.33 8.86 47.77
C GLU F 2025 -91.20 8.76 49.28
N ASP F 2026 -92.28 8.42 49.99
CA ASP F 2026 -92.19 8.30 51.44
C ASP F 2026 -91.25 7.17 51.84
N ILE F 2027 -91.44 5.97 51.27
CA ILE F 2027 -90.60 4.84 51.64
C ILE F 2027 -89.18 5.09 51.15
N ARG F 2028 -89.03 5.71 49.97
CA ARG F 2028 -87.69 6.10 49.54
C ARG F 2028 -87.06 7.06 50.53
N GLN F 2029 -87.88 7.92 51.15
CA GLN F 2029 -87.34 8.88 52.10
C GLN F 2029 -86.83 8.19 53.36
N ASP F 2030 -87.61 7.27 53.92
CA ASP F 2030 -87.12 6.63 55.14
C ASP F 2030 -85.92 5.73 54.86
N LEU F 2031 -85.86 5.12 53.67
CA LEU F 2031 -84.68 4.31 53.37
C LEU F 2031 -83.46 5.20 53.18
N GLN F 2032 -83.64 6.39 52.61
CA GLN F 2032 -82.54 7.34 52.54
C GLN F 2032 -82.11 7.78 53.93
N ASP F 2033 -83.07 7.96 54.83
CA ASP F 2033 -82.75 8.27 56.22
C ASP F 2033 -81.92 7.15 56.83
N PHE F 2034 -82.28 5.90 56.56
CA PHE F 2034 -81.47 4.79 57.01
C PHE F 2034 -80.07 4.85 56.45
N HIS F 2035 -79.94 5.18 55.17
CA HIS F 2035 -78.62 5.24 54.56
C HIS F 2035 -77.77 6.31 55.21
N GLN F 2036 -78.36 7.48 55.47
CA GLN F 2036 -77.63 8.54 56.17
C GLN F 2036 -77.23 8.10 57.57
N ASP F 2037 -78.13 7.40 58.26
CA ASP F 2037 -77.81 6.87 59.58
C ASP F 2037 -76.64 5.90 59.52
N LEU F 2038 -76.63 5.03 58.52
CA LEU F 2038 -75.54 4.07 58.37
C LEU F 2038 -74.23 4.79 58.10
N LEU F 2039 -74.26 5.80 57.23
CA LEU F 2039 -73.05 6.57 56.96
C LEU F 2039 -72.54 7.25 58.21
N ALA F 2040 -73.45 7.84 58.99
CA ALA F 2040 -73.04 8.52 60.21
C ALA F 2040 -72.42 7.56 61.20
N HIS F 2041 -73.04 6.39 61.38
CA HIS F 2041 -72.45 5.38 62.27
C HIS F 2041 -71.09 4.94 61.77
N CYS F 2042 -70.93 4.81 60.45
CA CYS F 2042 -69.63 4.50 59.90
C CYS F 2042 -68.67 5.67 60.04
N GLY F 2043 -69.20 6.85 60.33
CA GLY F 2043 -68.39 8.04 60.34
C GLY F 2043 -68.01 8.55 58.97
N ILE F 2044 -68.54 7.93 57.91
CA ILE F 2044 -68.26 8.36 56.55
C ILE F 2044 -68.77 9.78 56.33
N GLN F 2045 -69.98 10.06 56.83
CA GLN F 2045 -70.58 11.37 56.65
C GLN F 2045 -69.84 12.43 57.47
N LEU F 2046 -69.93 13.67 57.04
CA LEU F 2046 -69.31 14.78 57.75
C LEU F 2046 -70.35 15.55 58.56
N GLU F 2088 -64.39 19.49 71.07
CA GLU F 2088 -63.72 18.67 72.09
C GLU F 2088 -62.52 17.95 71.50
N LYS F 2089 -61.36 18.13 72.13
CA LYS F 2089 -60.15 17.47 71.65
C LYS F 2089 -60.27 15.96 71.77
N LYS F 2090 -60.85 15.48 72.87
CA LYS F 2090 -61.00 14.05 73.05
C LYS F 2090 -62.03 13.52 72.06
N PRO F 2091 -61.69 12.47 71.29
CA PRO F 2091 -62.45 12.18 70.06
C PRO F 2091 -63.92 11.88 70.29
N GLN F 2092 -64.29 11.31 71.43
CA GLN F 2092 -65.62 10.82 71.77
C GLN F 2092 -65.99 9.62 70.92
N SER F 2093 -65.12 9.17 70.01
CA SER F 2093 -65.40 8.06 69.13
C SER F 2093 -64.27 7.05 69.23
N LEU F 2094 -64.62 5.77 69.33
CA LEU F 2094 -63.61 4.74 69.53
C LEU F 2094 -62.64 4.69 68.36
N GLN F 2095 -63.15 4.77 67.13
CA GLN F 2095 -62.28 4.71 65.97
C GLN F 2095 -61.28 5.87 65.96
N GLU F 2096 -61.76 7.08 66.23
CA GLU F 2096 -60.86 8.23 66.19
C GLU F 2096 -59.85 8.18 67.33
N LEU F 2097 -60.27 7.70 68.50
CA LEU F 2097 -59.33 7.60 69.61
C LEU F 2097 -58.28 6.54 69.35
N VAL F 2098 -58.67 5.43 68.71
CA VAL F 2098 -57.70 4.41 68.35
C VAL F 2098 -56.72 4.96 67.32
N SER F 2099 -57.23 5.71 66.34
CA SER F 2099 -56.35 6.34 65.36
C SER F 2099 -55.38 7.28 66.05
N HIS F 2100 -55.87 8.09 66.99
CA HIS F 2100 -55.00 9.01 67.70
CA HIS F 2100 -55.00 9.02 67.69
C HIS F 2100 -53.95 8.28 68.50
N MET F 2101 -54.33 7.16 69.13
CA MET F 2101 -53.37 6.39 69.92
C MET F 2101 -52.29 5.78 69.03
N VAL F 2102 -52.67 5.26 67.86
CA VAL F 2102 -51.67 4.72 66.94
C VAL F 2102 -50.72 5.82 66.50
N VAL F 2103 -51.27 6.98 66.11
CA VAL F 2103 -50.45 8.08 65.65
C VAL F 2103 -49.54 8.57 66.77
N ARG F 2104 -50.06 8.64 67.99
CA ARG F 2104 -49.27 9.13 69.11
C ARG F 2104 -48.15 8.16 69.45
N TRP F 2105 -48.39 6.86 69.32
CA TRP F 2105 -47.32 5.89 69.56
C TRP F 2105 -46.22 6.02 68.51
N ALA F 2106 -46.61 6.02 67.24
CA ALA F 2106 -45.61 6.18 66.18
C ALA F 2106 -44.89 7.50 66.32
N GLN F 2107 -45.55 8.50 66.91
CA GLN F 2107 -44.92 9.79 67.13
C GLN F 2107 -43.91 9.70 68.27
N GLU F 2108 -44.28 9.03 69.35
CA GLU F 2108 -43.39 8.90 70.49
C GLU F 2108 -42.12 8.15 70.12
N ASP F 2109 -42.25 7.05 69.39
CA ASP F 2109 -41.07 6.27 69.07
C ASP F 2109 -41.36 5.34 67.91
N TYR F 2110 -40.28 4.89 67.28
CA TYR F 2110 -40.38 3.84 66.28
C TYR F 2110 -40.59 2.50 66.97
N VAL F 2111 -41.62 1.77 66.53
CA VAL F 2111 -41.90 0.46 67.10
C VAL F 2111 -40.86 -0.53 66.62
N GLN F 2112 -40.32 -1.32 67.56
CA GLN F 2112 -39.28 -2.28 67.25
C GLN F 2112 -39.80 -3.71 67.10
N SER F 2113 -41.09 -3.93 67.30
CA SER F 2113 -41.69 -5.24 67.14
C SER F 2113 -42.51 -5.27 65.86
N PRO F 2114 -42.05 -5.97 64.83
CA PRO F 2114 -42.81 -5.97 63.56
C PRO F 2114 -44.22 -6.48 63.68
N GLU F 2115 -44.48 -7.47 64.55
CA GLU F 2115 -45.84 -7.92 64.75
C GLU F 2115 -46.69 -6.80 65.37
N LEU F 2116 -46.12 -6.07 66.32
CA LEU F 2116 -46.83 -4.92 66.87
C LEU F 2116 -47.12 -3.89 65.80
N VAL F 2117 -46.15 -3.62 64.93
CA VAL F 2117 -46.35 -2.65 63.85
C VAL F 2117 -47.50 -3.10 62.96
N ARG F 2118 -47.47 -4.37 62.57
CA ARG F 2118 -48.54 -4.94 61.76
C ARG F 2118 -49.89 -4.75 62.43
N ALA F 2119 -49.95 -5.05 63.73
CA ALA F 2119 -51.21 -4.94 64.45
C ALA F 2119 -51.72 -3.50 64.48
N MET F 2120 -50.85 -2.56 64.85
CA MET F 2120 -51.32 -1.19 65.00
C MET F 2120 -51.76 -0.62 63.65
N PHE F 2121 -51.01 -0.90 62.59
CA PHE F 2121 -51.38 -0.34 61.30
C PHE F 2121 -52.63 -0.99 60.75
N SER F 2122 -52.81 -2.29 60.99
CA SER F 2122 -54.06 -2.92 60.59
C SER F 2122 -55.24 -2.29 61.32
N LEU F 2123 -55.10 -2.09 62.63
CA LEU F 2123 -56.18 -1.47 63.39
C LEU F 2123 -56.45 -0.06 62.90
N LEU F 2124 -55.39 0.70 62.62
CA LEU F 2124 -55.56 2.07 62.13
C LEU F 2124 -56.32 2.09 60.81
N HIS F 2125 -55.85 1.32 59.83
CA HIS F 2125 -56.53 1.23 58.55
C HIS F 2125 -57.98 0.85 58.75
N ARG F 2126 -58.24 -0.12 59.62
CA ARG F 2126 -59.60 -0.59 59.80
C ARG F 2126 -60.49 0.50 60.38
N GLN F 2127 -60.02 1.19 61.43
CA GLN F 2127 -60.80 2.31 61.95
C GLN F 2127 -61.01 3.39 60.91
N TYR F 2128 -60.10 3.50 59.95
CA TYR F 2128 -60.29 4.52 58.92
C TYR F 2128 -61.30 4.09 57.86
N ASP F 2129 -61.47 2.79 57.65
CA ASP F 2129 -62.36 2.30 56.60
C ASP F 2129 -63.40 1.34 57.20
N GLY F 2130 -64.42 1.92 57.82
CA GLY F 2130 -65.53 1.10 58.30
C GLY F 2130 -66.45 0.68 57.17
N LEU F 2131 -66.67 1.60 56.22
CA LEU F 2131 -67.39 1.22 55.01
C LEU F 2131 -66.68 0.08 54.32
N GLY F 2132 -65.35 0.09 54.33
CA GLY F 2132 -64.60 -1.00 53.75
C GLY F 2132 -64.76 -2.30 54.51
N GLU F 2133 -64.74 -2.25 55.84
CA GLU F 2133 -65.04 -3.47 56.58
C GLU F 2133 -66.41 -4.01 56.20
N LEU F 2134 -67.38 -3.12 56.03
CA LEU F 2134 -68.72 -3.58 55.68
C LEU F 2134 -68.76 -4.18 54.28
N LEU F 2135 -68.01 -3.59 53.34
CA LEU F 2135 -67.87 -4.21 52.03
C LEU F 2135 -67.31 -5.62 52.15
N ARG F 2136 -66.27 -5.79 52.96
CA ARG F 2136 -65.61 -7.09 53.03
C ARG F 2136 -66.48 -8.11 53.75
N ALA F 2137 -67.31 -7.66 54.68
CA ALA F 2137 -68.07 -8.61 55.50
C ALA F 2137 -69.42 -8.93 54.88
N LEU F 2138 -69.96 -8.03 54.07
CA LEU F 2138 -71.30 -8.23 53.51
C LEU F 2138 -71.45 -9.56 52.77
N PRO F 2139 -70.52 -9.98 51.90
CA PRO F 2139 -70.65 -11.32 51.32
C PRO F 2139 -70.67 -12.41 52.37
N ARG F 2140 -69.93 -12.22 53.46
CA ARG F 2140 -69.90 -13.21 54.53
C ARG F 2140 -71.21 -13.20 55.31
N ALA F 2141 -71.95 -12.10 55.24
CA ALA F 2141 -73.20 -12.00 55.98
C ALA F 2141 -74.28 -12.90 55.35
N TYR F 2142 -75.23 -13.33 56.17
CA TYR F 2142 -76.35 -14.14 55.71
C TYR F 2142 -77.48 -14.06 56.72
N THR F 2143 -78.70 -14.32 56.26
CA THR F 2143 -79.89 -14.29 57.10
C THR F 2143 -80.56 -15.65 57.09
N ILE F 2144 -81.03 -16.10 58.25
CA ILE F 2144 -81.63 -17.41 58.41
C ILE F 2144 -83.01 -17.24 59.04
N SER F 2145 -83.98 -18.00 58.55
CA SER F 2145 -85.31 -17.96 59.12
C SER F 2145 -85.29 -18.46 60.56
N PRO F 2146 -86.12 -17.91 61.43
CA PRO F 2146 -86.07 -18.32 62.85
C PRO F 2146 -86.40 -19.79 63.08
N SER F 2147 -87.19 -20.40 62.20
CA SER F 2147 -87.65 -21.76 62.44
C SER F 2147 -86.50 -22.75 62.46
N SER F 2148 -85.57 -22.63 61.51
CA SER F 2148 -84.50 -23.63 61.41
C SER F 2148 -83.26 -23.19 62.19
N VAL F 2149 -83.44 -22.32 63.18
CA VAL F 2149 -82.31 -21.78 63.92
C VAL F 2149 -81.56 -22.90 64.65
N GLU F 2150 -82.28 -23.81 65.29
CA GLU F 2150 -81.61 -24.85 66.06
C GLU F 2150 -80.83 -25.81 65.16
N ASP F 2151 -81.40 -26.17 64.01
CA ASP F 2151 -80.69 -27.05 63.09
C ASP F 2151 -79.47 -26.33 62.51
N THR F 2152 -79.62 -25.05 62.20
CA THR F 2152 -78.47 -24.27 61.75
C THR F 2152 -77.38 -24.24 62.81
N MET F 2153 -77.78 -24.09 64.08
CA MET F 2153 -76.82 -24.10 65.17
C MET F 2153 -76.09 -25.43 65.24
N SER F 2154 -76.83 -26.53 65.10
CA SER F 2154 -76.19 -27.84 65.04
C SER F 2154 -75.18 -27.90 63.92
N LEU F 2155 -75.54 -27.38 62.74
CA LEU F 2155 -74.61 -27.39 61.61
C LEU F 2155 -73.35 -26.58 61.92
N LEU F 2156 -73.52 -25.40 62.52
CA LEU F 2156 -72.35 -24.60 62.90
C LEU F 2156 -71.48 -25.36 63.88
N GLU F 2157 -72.08 -26.10 64.80
CA GLU F 2157 -71.27 -26.94 65.69
C GLU F 2157 -70.48 -27.97 64.91
N CYS F 2158 -71.12 -28.61 63.93
CA CYS F 2158 -70.41 -29.57 63.09
C CYS F 2158 -69.23 -28.92 62.38
N LEU F 2159 -69.45 -27.75 61.78
CA LEU F 2159 -68.36 -27.08 61.07
C LEU F 2159 -67.25 -26.67 62.04
N GLY F 2160 -67.62 -26.33 63.27
CA GLY F 2160 -66.60 -26.08 64.27
C GLY F 2160 -65.75 -27.31 64.52
N GLN F 2161 -66.38 -28.48 64.60
CA GLN F 2161 -65.61 -29.71 64.73
C GLN F 2161 -64.70 -29.92 63.53
N ILE F 2162 -65.20 -29.64 62.32
CA ILE F 2162 -64.39 -29.82 61.12
C ILE F 2162 -63.16 -28.93 61.18
N ARG F 2163 -63.36 -27.63 61.46
CA ARG F 2163 -62.22 -26.72 61.54
C ARG F 2163 -61.28 -27.12 62.66
N SER F 2164 -61.83 -27.73 63.71
CA SER F 2164 -61.00 -28.18 64.84
C SER F 2164 -59.96 -29.19 64.39
N LEU F 2165 -60.35 -30.12 63.52
CA LEU F 2165 -59.46 -31.21 63.17
C LEU F 2165 -58.40 -30.78 62.16
N LEU F 2166 -58.55 -29.60 61.57
CA LEU F 2166 -57.59 -29.15 60.57
C LEU F 2166 -56.21 -28.94 61.18
N ILE F 2167 -56.15 -28.37 62.38
CA ILE F 2167 -54.86 -28.07 63.00
C ILE F 2167 -54.16 -29.36 63.41
N VAL F 2168 -54.92 -30.36 63.88
CA VAL F 2168 -54.31 -31.58 64.38
C VAL F 2168 -53.78 -32.42 63.22
N GLN F 2169 -52.75 -33.20 63.50
CA GLN F 2169 -52.32 -34.22 62.57
C GLN F 2169 -53.25 -35.43 62.67
N MET F 2170 -53.47 -36.09 61.54
CA MET F 2170 -54.56 -37.06 61.44
C MET F 2170 -54.27 -38.29 62.30
N GLY F 2171 -55.26 -38.69 63.09
CA GLY F 2171 -55.18 -39.91 63.88
C GLY F 2171 -56.51 -40.64 63.88
N PRO F 2172 -56.50 -41.94 64.21
CA PRO F 2172 -57.71 -42.76 64.02
C PRO F 2172 -58.94 -42.25 64.75
N GLN F 2173 -58.79 -41.73 65.96
CA GLN F 2173 -59.93 -41.13 66.65
C GLN F 2173 -60.46 -39.95 65.85
N GLU F 2174 -59.55 -39.12 65.33
CA GLU F 2174 -59.97 -38.00 64.49
C GLU F 2174 -60.65 -38.49 63.23
N GLU F 2175 -60.20 -39.63 62.72
CA GLU F 2175 -60.81 -40.26 61.57
C GLU F 2175 -62.28 -40.56 61.83
N ASN F 2176 -62.54 -41.31 62.89
CA ASN F 2176 -63.93 -41.58 63.23
C ASN F 2176 -64.69 -40.27 63.42
N LEU F 2177 -64.02 -39.29 64.04
CA LEU F 2177 -64.66 -38.02 64.36
C LEU F 2177 -65.19 -37.34 63.13
N MET F 2178 -64.33 -37.09 62.13
CA MET F 2178 -64.81 -36.28 61.01
C MET F 2178 -65.65 -37.13 60.07
N ILE F 2179 -65.48 -38.44 60.06
CA ILE F 2179 -66.42 -39.27 59.31
C ILE F 2179 -67.83 -39.07 59.82
N GLN F 2180 -68.02 -39.20 61.14
CA GLN F 2180 -69.38 -39.07 61.65
C GLN F 2180 -69.85 -37.62 61.58
N SER F 2181 -68.93 -36.66 61.69
CA SER F 2181 -69.30 -35.26 61.55
C SER F 2181 -69.79 -34.95 60.15
N ILE F 2182 -69.08 -35.45 59.13
CA ILE F 2182 -69.52 -35.30 57.76
C ILE F 2182 -70.88 -35.96 57.58
N GLY F 2183 -71.06 -37.14 58.17
CA GLY F 2183 -72.36 -37.78 58.11
C GLY F 2183 -73.45 -36.90 58.67
N ASN F 2184 -73.18 -36.24 59.80
CA ASN F 2184 -74.14 -35.29 60.36
C ASN F 2184 -74.42 -34.16 59.38
N ILE F 2185 -73.37 -33.68 58.71
CA ILE F 2185 -73.55 -32.58 57.75
C ILE F 2185 -74.51 -32.98 56.64
N MET F 2186 -74.32 -34.18 56.08
CA MET F 2186 -75.30 -34.68 55.11
C MET F 2186 -76.68 -34.81 55.72
N ASN F 2187 -76.77 -35.27 56.97
CA ASN F 2187 -78.08 -35.49 57.56
C ASN F 2187 -78.84 -34.18 57.77
N ASN F 2188 -78.12 -33.06 57.78
CA ASN F 2188 -78.77 -31.79 58.10
C ASN F 2188 -79.64 -31.32 56.95
N LYS F 2189 -80.87 -30.93 57.28
CA LYS F 2189 -81.79 -30.42 56.26
C LYS F 2189 -81.40 -29.00 55.83
N VAL F 2190 -80.96 -28.18 56.80
CA VAL F 2190 -80.45 -26.86 56.48
C VAL F 2190 -79.30 -27.00 55.49
N PHE F 2191 -78.52 -28.08 55.61
CA PHE F 2191 -77.45 -28.31 54.64
C PHE F 2191 -78.04 -28.46 53.24
N TYR F 2192 -79.24 -29.00 53.13
CA TYR F 2192 -79.88 -29.00 51.81
C TYR F 2192 -80.45 -27.62 51.45
N GLN F 2193 -80.79 -26.80 52.44
CA GLN F 2193 -81.74 -25.74 52.14
C GLN F 2193 -81.07 -24.48 51.57
N HIS F 2194 -79.95 -24.03 52.15
CA HIS F 2194 -79.34 -22.76 51.74
C HIS F 2194 -77.98 -22.96 51.06
N PRO F 2195 -77.95 -23.38 49.79
CA PRO F 2195 -76.64 -23.62 49.15
C PRO F 2195 -75.72 -22.42 49.17
N ASN F 2196 -76.27 -21.22 48.95
CA ASN F 2196 -75.46 -20.03 49.02
C ASN F 2196 -74.89 -19.84 50.41
N LEU F 2197 -75.66 -20.19 51.44
CA LEU F 2197 -75.17 -20.04 52.80
C LEU F 2197 -73.98 -20.95 53.06
N MET F 2198 -74.05 -22.22 52.65
CA MET F 2198 -72.86 -23.04 52.80
C MET F 2198 -71.70 -22.43 52.01
N ARG F 2199 -71.96 -22.02 50.76
CA ARG F 2199 -70.90 -21.46 49.93
C ARG F 2199 -70.19 -20.34 50.68
N ALA F 2200 -70.96 -19.48 51.36
CA ALA F 2200 -70.37 -18.45 52.19
C ALA F 2200 -69.57 -19.05 53.34
N LEU F 2201 -70.11 -20.09 53.98
CA LEU F 2201 -69.45 -20.63 55.17
C LEU F 2201 -68.17 -21.38 54.80
N GLY F 2202 -68.14 -22.02 53.64
CA GLY F 2202 -66.91 -22.60 53.12
C GLY F 2202 -66.51 -23.95 53.68
N MET F 2203 -67.47 -24.76 54.14
CA MET F 2203 -67.11 -26.08 54.63
C MET F 2203 -66.48 -26.90 53.52
N HIS F 2204 -66.92 -26.70 52.29
CA HIS F 2204 -66.31 -27.42 51.17
C HIS F 2204 -64.85 -27.04 51.01
N GLU F 2205 -64.53 -25.76 51.18
CA GLU F 2205 -63.12 -25.36 51.13
C GLU F 2205 -62.33 -26.02 52.24
N THR F 2206 -62.87 -26.02 53.46
CA THR F 2206 -62.15 -26.67 54.56
C THR F 2206 -62.01 -28.17 54.29
N VAL F 2207 -63.00 -28.77 53.63
CA VAL F 2207 -62.97 -30.21 53.38
C VAL F 2207 -61.90 -30.54 52.35
N MET F 2208 -61.81 -29.77 51.28
CA MET F 2208 -60.73 -30.04 50.34
C MET F 2208 -59.37 -29.77 50.98
N GLU F 2209 -59.33 -28.80 51.90
CA GLU F 2209 -58.08 -28.55 52.62
C GLU F 2209 -57.65 -29.77 53.42
N VAL F 2210 -58.56 -30.34 54.22
CA VAL F 2210 -58.18 -31.51 55.02
C VAL F 2210 -57.89 -32.68 54.09
N MET F 2211 -58.63 -32.78 52.98
CA MET F 2211 -58.32 -33.79 51.97
C MET F 2211 -56.87 -33.71 51.53
N VAL F 2212 -56.40 -32.52 51.16
CA VAL F 2212 -55.04 -32.43 50.62
C VAL F 2212 -54.01 -32.54 51.73
N ASN F 2213 -54.37 -32.15 52.95
CA ASN F 2213 -53.47 -32.41 54.07
C ASN F 2213 -53.25 -33.91 54.25
N VAL F 2214 -54.33 -34.69 54.17
CA VAL F 2214 -54.19 -36.15 54.24
C VAL F 2214 -53.39 -36.67 53.05
N LEU F 2215 -53.67 -36.14 51.86
CA LEU F 2215 -53.05 -36.67 50.65
C LEU F 2215 -51.57 -36.38 50.60
N GLY F 2216 -51.13 -35.25 51.15
CA GLY F 2216 -49.78 -34.78 50.91
C GLY F 2216 -48.70 -35.72 51.43
N GLY F 2217 -49.01 -36.47 52.48
CA GLY F 2217 -48.03 -37.33 53.12
C GLY F 2217 -48.02 -38.73 52.53
N GLY F 2218 -47.12 -38.96 51.59
CA GLY F 2218 -46.86 -40.32 51.10
C GLY F 2218 -48.08 -41.03 50.58
N GLU F 2219 -48.91 -40.35 49.79
CA GLU F 2219 -50.11 -40.98 49.26
C GLU F 2219 -49.76 -42.14 48.33
N THR F 2220 -48.72 -41.96 47.51
CA THR F 2220 -48.36 -42.99 46.53
C THR F 2220 -47.89 -44.26 47.22
N LYS F 2221 -46.96 -44.15 48.18
CA LYS F 2221 -46.47 -45.32 48.87
C LYS F 2221 -47.57 -46.02 49.65
N GLU F 2222 -48.44 -45.23 50.29
CA GLU F 2222 -49.51 -45.77 51.09
C GLU F 2222 -50.67 -44.78 51.07
N ILE F 2223 -51.82 -45.25 50.59
CA ILE F 2223 -53.03 -44.46 50.61
C ILE F 2223 -53.55 -44.51 52.03
N ARG F 2224 -53.05 -43.62 52.88
CA ARG F 2224 -53.48 -43.61 54.26
C ARG F 2224 -54.96 -43.25 54.32
N PHE F 2225 -55.70 -44.08 55.05
CA PHE F 2225 -57.11 -43.84 55.31
C PHE F 2225 -57.97 -43.70 54.05
N PRO F 2226 -58.21 -44.79 53.33
CA PRO F 2226 -59.23 -44.73 52.28
C PRO F 2226 -60.58 -44.34 52.83
N LYS F 2227 -60.81 -44.56 54.13
CA LYS F 2227 -62.01 -44.03 54.75
C LYS F 2227 -62.02 -42.51 54.69
N MET F 2228 -60.89 -41.86 55.03
CA MET F 2228 -60.81 -40.41 54.80
C MET F 2228 -61.11 -40.05 53.36
N VAL F 2229 -60.44 -40.71 52.41
CA VAL F 2229 -60.57 -40.19 51.05
C VAL F 2229 -61.98 -40.42 50.53
N THR F 2230 -62.58 -41.58 50.85
CA THR F 2230 -63.94 -41.87 50.42
C THR F 2230 -64.94 -40.93 51.06
N SER F 2231 -64.81 -40.65 52.36
CA SER F 2231 -65.72 -39.72 53.02
C SER F 2231 -65.58 -38.32 52.42
N CYS F 2232 -64.35 -37.90 52.16
CA CYS F 2232 -64.12 -36.59 51.57
C CYS F 2232 -64.79 -36.48 50.21
N CYS F 2233 -64.68 -37.54 49.39
CA CYS F 2233 -65.52 -37.55 48.20
C CYS F 2233 -66.98 -37.41 48.61
N ARG F 2234 -67.53 -38.41 49.29
CA ARG F 2234 -68.97 -38.42 49.54
C ARG F 2234 -69.49 -37.02 49.84
N PHE F 2235 -68.79 -36.29 50.69
CA PHE F 2235 -69.17 -34.89 50.93
C PHE F 2235 -69.05 -34.04 49.66
N LEU F 2236 -67.86 -33.96 49.08
CA LEU F 2236 -67.65 -33.06 47.95
C LEU F 2236 -68.47 -33.49 46.73
N CYS F 2237 -68.54 -34.80 46.51
CA CYS F 2237 -69.34 -35.38 45.45
C CYS F 2237 -70.82 -35.04 45.63
N TYR F 2238 -71.32 -35.12 46.86
CA TYR F 2238 -72.67 -34.66 47.14
C TYR F 2238 -72.80 -33.18 46.82
N PHE F 2239 -71.78 -32.40 47.16
CA PHE F 2239 -71.81 -30.97 46.85
C PHE F 2239 -71.92 -30.74 45.35
N CYS F 2240 -71.22 -31.55 44.57
CA CYS F 2240 -71.43 -31.54 43.12
C CYS F 2240 -72.89 -31.76 42.79
N ARG F 2241 -73.49 -32.78 43.40
CA ARG F 2241 -74.89 -33.06 43.12
C ARG F 2241 -75.80 -31.94 43.61
N ILE F 2242 -75.29 -31.07 44.48
CA ILE F 2242 -76.14 -30.06 45.10
C ILE F 2242 -76.46 -28.94 44.12
N SER F 2243 -75.44 -28.20 43.68
CA SER F 2243 -75.70 -26.95 42.98
C SER F 2243 -74.71 -26.76 41.84
N ARG F 2244 -75.18 -26.03 40.82
CA ARG F 2244 -74.35 -25.68 39.68
C ARG F 2244 -73.38 -24.55 40.04
N GLN F 2245 -73.83 -23.61 40.87
CA GLN F 2245 -72.91 -22.61 41.40
C GLN F 2245 -71.82 -23.27 42.24
N ASN F 2246 -72.22 -24.25 43.06
CA ASN F 2246 -71.23 -25.04 43.79
C ASN F 2246 -70.30 -25.76 42.83
N GLN F 2247 -70.86 -26.25 41.72
CA GLN F 2247 -70.05 -26.91 40.71
C GLN F 2247 -68.97 -25.99 40.21
N ARG F 2248 -69.32 -24.74 39.89
CA ARG F 2248 -68.31 -23.76 39.50
C ARG F 2248 -67.32 -23.53 40.63
N SER F 2249 -67.81 -23.42 41.87
CA SER F 2249 -66.95 -23.12 42.99
C SER F 2249 -65.82 -24.12 43.09
N MET F 2250 -66.13 -25.42 43.05
CA MET F 2250 -65.06 -26.40 43.12
C MET F 2250 -64.34 -26.53 41.78
N PHE F 2251 -65.02 -26.18 40.68
CA PHE F 2251 -64.38 -26.16 39.37
C PHE F 2251 -63.16 -25.26 39.37
N ASP F 2252 -63.20 -24.21 40.19
CA ASP F 2252 -62.04 -23.33 40.29
C ASP F 2252 -60.80 -24.10 40.71
N HIS F 2253 -60.94 -25.12 41.56
CA HIS F 2253 -59.81 -25.89 42.04
C HIS F 2253 -59.54 -27.13 41.22
N LEU F 2254 -60.26 -27.33 40.11
CA LEU F 2254 -60.29 -28.64 39.46
C LEU F 2254 -58.91 -29.07 38.99
N SER F 2255 -58.08 -28.12 38.57
CA SER F 2255 -56.75 -28.49 38.08
C SER F 2255 -55.91 -29.14 39.18
N TYR F 2256 -55.79 -28.48 40.33
CA TYR F 2256 -54.99 -29.04 41.40
C TYR F 2256 -55.67 -30.28 42.00
N LEU F 2257 -57.00 -30.32 41.96
CA LEU F 2257 -57.68 -31.54 42.37
C LEU F 2257 -57.30 -32.71 41.48
N LEU F 2258 -57.27 -32.50 40.17
CA LEU F 2258 -56.88 -33.55 39.24
C LEU F 2258 -55.43 -33.95 39.46
N GLU F 2259 -54.56 -32.98 39.74
CA GLU F 2259 -53.16 -33.30 39.99
C GLU F 2259 -53.04 -34.28 41.15
N ASN F 2260 -53.77 -34.04 42.24
CA ASN F 2260 -53.80 -35.00 43.33
C ASN F 2260 -54.54 -36.27 42.91
N SER F 2261 -55.55 -36.12 42.05
CA SER F 2261 -56.36 -37.27 41.67
C SER F 2261 -55.61 -38.21 40.73
N GLY F 2262 -54.41 -37.81 40.30
CA GLY F 2262 -53.63 -38.66 39.42
C GLY F 2262 -53.32 -40.01 40.04
N ILE F 2263 -53.20 -40.05 41.37
CA ILE F 2263 -53.00 -41.33 42.06
C ILE F 2263 -54.25 -41.70 42.84
N GLY F 2264 -55.15 -40.72 43.05
CA GLY F 2264 -56.30 -40.95 43.90
C GLY F 2264 -57.30 -41.93 43.32
N LEU F 2265 -57.32 -42.07 41.99
CA LEU F 2265 -58.32 -42.94 41.37
C LEU F 2265 -58.09 -44.40 41.75
N GLY F 2266 -56.85 -44.78 42.02
CA GLY F 2266 -56.57 -46.14 42.42
C GLY F 2266 -57.30 -46.53 43.70
N MET F 2267 -57.73 -45.54 44.46
CA MET F 2267 -58.48 -45.81 45.68
C MET F 2267 -59.86 -46.35 45.31
N GLN F 2268 -60.48 -47.05 46.25
CA GLN F 2268 -61.66 -47.84 45.95
CA GLN F 2268 -61.67 -47.85 45.94
C GLN F 2268 -62.84 -46.97 45.50
N GLY F 2269 -63.58 -47.49 44.53
CA GLY F 2269 -64.83 -46.86 44.13
C GLY F 2269 -64.71 -45.37 43.87
N SER F 2270 -65.32 -44.59 44.75
CA SER F 2270 -65.32 -43.14 44.57
C SER F 2270 -63.97 -42.55 44.94
N THR F 2271 -63.47 -41.66 44.07
CA THR F 2271 -62.13 -41.12 44.16
C THR F 2271 -62.13 -39.62 43.90
N PRO F 2272 -61.03 -38.94 44.19
CA PRO F 2272 -60.90 -37.54 43.74
C PRO F 2272 -61.10 -37.36 42.26
N LEU F 2273 -60.62 -38.32 41.45
CA LEU F 2273 -60.98 -38.30 40.04
C LEU F 2273 -62.48 -38.30 39.85
N ASP F 2274 -63.19 -39.07 40.69
CA ASP F 2274 -64.64 -39.14 40.56
C ASP F 2274 -65.30 -37.83 40.95
N VAL F 2275 -64.78 -37.14 41.97
CA VAL F 2275 -65.38 -35.85 42.33
C VAL F 2275 -65.09 -34.82 41.24
N ALA F 2276 -63.90 -34.90 40.64
CA ALA F 2276 -63.60 -34.00 39.53
C ALA F 2276 -64.53 -34.26 38.36
N ALA F 2277 -64.82 -35.53 38.08
CA ALA F 2277 -65.75 -35.88 37.03
C ALA F 2277 -67.15 -35.35 37.35
N ALA F 2278 -67.56 -35.47 38.61
CA ALA F 2278 -68.87 -34.97 39.01
C ALA F 2278 -68.94 -33.46 38.88
N SER F 2279 -67.78 -32.78 38.97
CA SER F 2279 -67.79 -31.33 38.84
C SER F 2279 -68.12 -30.91 37.41
N VAL F 2280 -67.47 -31.51 36.42
CA VAL F 2280 -67.58 -31.02 35.05
C VAL F 2280 -68.98 -31.25 34.50
N ILE F 2281 -69.63 -32.35 34.89
CA ILE F 2281 -70.86 -32.77 34.23
C ILE F 2281 -71.98 -31.82 34.63
N ASP F 2282 -72.95 -31.65 33.73
CA ASP F 2282 -74.16 -30.85 33.85
C ASP F 2282 -73.95 -29.35 33.60
N ASN F 2283 -72.81 -28.92 33.06
CA ASN F 2283 -72.65 -27.54 32.65
C ASN F 2283 -71.84 -27.46 31.36
N ASN F 2284 -72.47 -26.97 30.30
CA ASN F 2284 -71.76 -26.71 29.06
C ASN F 2284 -70.68 -25.65 29.25
N GLU F 2285 -70.95 -24.66 30.09
CA GLU F 2285 -69.94 -23.64 30.38
C GLU F 2285 -68.73 -24.25 31.09
N LEU F 2286 -68.97 -25.15 32.04
CA LEU F 2286 -67.85 -25.85 32.65
C LEU F 2286 -67.09 -26.68 31.63
N ALA F 2287 -67.82 -27.34 30.73
CA ALA F 2287 -67.16 -28.13 29.68
C ALA F 2287 -66.28 -27.25 28.80
N LEU F 2288 -66.77 -26.06 28.45
CA LEU F 2288 -65.98 -25.13 27.67
C LEU F 2288 -64.76 -24.66 28.47
N ALA F 2289 -64.94 -24.45 29.76
CA ALA F 2289 -63.84 -23.96 30.60
C ALA F 2289 -62.80 -25.05 30.84
N LEU F 2290 -63.10 -26.28 30.42
CA LEU F 2290 -62.14 -27.37 30.57
C LEU F 2290 -60.84 -27.01 29.85
N GLN F 2291 -59.73 -27.39 30.46
CA GLN F 2291 -58.42 -26.89 30.06
C GLN F 2291 -57.63 -27.97 29.33
N GLU F 2292 -56.99 -27.56 28.22
CA GLU F 2292 -56.24 -28.50 27.41
C GLU F 2292 -55.06 -29.06 28.17
N GLN F 2293 -54.42 -28.25 29.03
CA GLN F 2293 -53.33 -28.76 29.84
C GLN F 2293 -53.82 -29.76 30.88
N ASP F 2294 -55.02 -29.52 31.41
CA ASP F 2294 -55.62 -30.52 32.29
C ASP F 2294 -55.85 -31.82 31.53
N LEU F 2295 -56.33 -31.71 30.30
CA LEU F 2295 -56.45 -32.89 29.44
C LEU F 2295 -55.08 -33.51 29.19
N GLU F 2296 -54.04 -32.67 29.10
CA GLU F 2296 -52.69 -33.18 28.95
C GLU F 2296 -52.31 -34.08 30.10
N LYS F 2297 -52.53 -33.59 31.32
CA LYS F 2297 -52.20 -34.39 32.50
C LYS F 2297 -53.03 -35.67 32.54
N VAL F 2298 -54.31 -35.58 32.18
CA VAL F 2298 -55.18 -36.75 32.24
C VAL F 2298 -54.73 -37.80 31.23
N VAL F 2299 -54.43 -37.37 30.01
CA VAL F 2299 -54.03 -38.31 28.97
C VAL F 2299 -52.66 -38.89 29.27
N SER F 2300 -51.77 -38.07 29.83
CA SER F 2300 -50.50 -38.60 30.30
C SER F 2300 -50.72 -39.69 31.34
N TYR F 2301 -51.67 -39.45 32.24
CA TYR F 2301 -52.02 -40.46 33.23
C TYR F 2301 -52.53 -41.72 32.55
N LEU F 2302 -53.38 -41.56 31.54
CA LEU F 2302 -53.94 -42.69 30.82
C LEU F 2302 -52.86 -43.50 30.15
N ALA F 2303 -51.90 -42.82 29.52
CA ALA F 2303 -50.77 -43.52 28.91
C ALA F 2303 -49.95 -44.24 29.95
N GLY F 2304 -49.74 -43.61 31.11
CA GLY F 2304 -49.00 -44.26 32.17
C GLY F 2304 -49.64 -45.55 32.63
N CYS F 2305 -50.97 -45.56 32.77
CA CYS F 2305 -51.67 -46.81 33.05
C CYS F 2305 -51.37 -47.84 31.98
N GLY F 2306 -51.30 -47.41 30.72
CA GLY F 2306 -50.98 -48.34 29.66
C GLY F 2306 -49.54 -48.78 29.69
N LEU F 2307 -48.69 -48.06 30.42
CA LEU F 2307 -47.27 -48.42 30.45
C LEU F 2307 -47.04 -49.67 31.29
N GLN F 2308 -47.72 -49.80 32.42
CA GLN F 2308 -47.60 -51.00 33.24
C GLN F 2308 -48.87 -51.18 34.05
N SER F 2309 -49.02 -52.37 34.62
CA SER F 2309 -50.13 -52.61 35.52
C SER F 2309 -49.86 -51.97 36.88
N CYS F 2310 -50.90 -51.92 37.70
CA CYS F 2310 -50.76 -51.39 39.04
C CYS F 2310 -49.93 -52.33 39.91
N PRO F 2311 -49.12 -51.81 40.83
CA PRO F 2311 -48.31 -52.71 41.67
C PRO F 2311 -49.11 -53.50 42.69
N MET F 2312 -50.21 -52.94 43.20
CA MET F 2312 -50.98 -53.65 44.23
C MET F 2312 -51.61 -54.91 43.67
N LEU F 2313 -51.79 -54.99 42.35
CA LEU F 2313 -52.21 -56.25 41.74
C LEU F 2313 -51.22 -57.36 42.08
N LEU F 2314 -49.93 -57.13 41.83
CA LEU F 2314 -48.92 -58.08 42.26
C LEU F 2314 -48.93 -58.22 43.78
N ALA F 2315 -49.14 -57.12 44.50
CA ALA F 2315 -49.29 -57.21 45.95
C ALA F 2315 -50.52 -58.02 46.31
N LYS F 2316 -51.53 -58.04 45.45
CA LYS F 2316 -52.70 -58.89 45.69
C LYS F 2316 -52.41 -60.34 45.36
N GLY F 2317 -51.28 -60.60 44.70
CA GLY F 2317 -51.08 -61.88 44.05
C GLY F 2317 -51.75 -61.95 42.71
N TYR F 2318 -52.41 -60.88 42.30
CA TYR F 2318 -53.00 -60.79 40.97
C TYR F 2318 -51.88 -60.80 39.93
N PRO F 2319 -51.91 -61.72 38.96
CA PRO F 2319 -50.81 -61.82 38.00
C PRO F 2319 -50.63 -60.54 37.19
N ASP F 2320 -49.38 -60.28 36.81
CA ASP F 2320 -49.01 -59.03 36.16
C ASP F 2320 -49.52 -58.98 34.73
N ILE F 2321 -49.79 -57.76 34.27
CA ILE F 2321 -50.16 -57.48 32.89
C ILE F 2321 -49.42 -56.22 32.45
N GLY F 2322 -49.21 -56.10 31.14
CA GLY F 2322 -48.29 -55.08 30.64
C GLY F 2322 -48.79 -53.66 30.86
N TRP F 2323 -50.04 -53.51 31.31
CA TRP F 2323 -50.63 -52.19 31.45
C TRP F 2323 -51.69 -52.19 32.54
N ASN F 2324 -52.03 -51.00 33.01
CA ASN F 2324 -53.08 -50.85 34.02
C ASN F 2324 -54.39 -50.56 33.32
N PRO F 2325 -55.36 -51.47 33.34
CA PRO F 2325 -56.65 -51.19 32.70
C PRO F 2325 -57.58 -50.36 33.56
N CYS F 2326 -57.59 -50.59 34.88
CA CYS F 2326 -58.62 -49.99 35.71
C CYS F 2326 -58.45 -48.50 35.84
N GLY F 2327 -57.24 -48.04 36.16
CA GLY F 2327 -57.00 -46.61 36.26
C GLY F 2327 -57.26 -45.89 34.96
N GLY F 2328 -56.81 -46.49 33.85
CA GLY F 2328 -57.13 -45.93 32.55
C GLY F 2328 -58.62 -45.84 32.32
N GLU F 2329 -59.37 -46.84 32.78
CA GLU F 2329 -60.81 -46.81 32.64
C GLU F 2329 -61.41 -45.67 33.44
N ARG F 2330 -60.92 -45.43 34.65
CA ARG F 2330 -61.43 -44.31 35.43
C ARG F 2330 -61.12 -42.98 34.76
N TYR F 2331 -59.89 -42.82 34.25
CA TYR F 2331 -59.58 -41.61 33.50
C TYR F 2331 -60.50 -41.47 32.30
N LEU F 2332 -60.77 -42.58 31.62
CA LEU F 2332 -61.60 -42.54 30.42
C LEU F 2332 -63.02 -42.11 30.76
N ASP F 2333 -63.59 -42.67 31.82
CA ASP F 2333 -64.95 -42.29 32.19
C ASP F 2333 -65.01 -40.85 32.67
N PHE F 2334 -63.95 -40.38 33.33
CA PHE F 2334 -63.86 -38.95 33.62
C PHE F 2334 -63.93 -38.15 32.33
N LEU F 2335 -63.15 -38.53 31.33
CA LEU F 2335 -63.14 -37.81 30.07
C LEU F 2335 -64.51 -37.88 29.40
N ARG F 2336 -65.25 -38.97 29.61
CA ARG F 2336 -66.53 -39.12 28.94
C ARG F 2336 -67.62 -38.30 29.63
N PHE F 2337 -67.58 -38.24 30.95
CA PHE F 2337 -68.39 -37.25 31.65
C PHE F 2337 -68.04 -35.84 31.20
N ALA F 2338 -66.76 -35.63 30.85
CA ALA F 2338 -66.36 -34.32 30.36
C ALA F 2338 -66.97 -34.02 28.99
N VAL F 2339 -66.87 -34.97 28.06
CA VAL F 2339 -67.26 -34.70 26.68
C VAL F 2339 -68.77 -34.52 26.56
N PHE F 2340 -69.54 -35.43 27.13
CA PHE F 2340 -71.00 -35.36 27.07
C PHE F 2340 -71.53 -34.61 28.28
N VAL F 2341 -72.03 -33.40 28.03
CA VAL F 2341 -72.89 -32.70 28.98
C VAL F 2341 -74.29 -32.75 28.40
N ASN F 2342 -75.23 -33.31 29.18
CA ASN F 2342 -76.58 -33.59 28.69
C ASN F 2342 -76.52 -34.49 27.46
N GLY F 2343 -75.56 -35.39 27.42
CA GLY F 2343 -75.39 -36.27 26.29
C GLY F 2343 -74.93 -35.59 25.02
N GLU F 2344 -74.33 -34.41 25.14
CA GLU F 2344 -73.94 -33.60 23.99
C GLU F 2344 -72.44 -33.39 24.01
N SER F 2345 -71.79 -33.66 22.87
CA SER F 2345 -70.35 -33.60 22.81
C SER F 2345 -69.84 -32.17 22.66
N VAL F 2346 -68.68 -31.91 23.27
CA VAL F 2346 -67.94 -30.67 23.07
C VAL F 2346 -66.93 -30.93 21.97
N GLU F 2347 -67.15 -30.32 20.80
CA GLU F 2347 -66.32 -30.67 19.65
C GLU F 2347 -64.88 -30.26 19.87
N GLU F 2348 -64.64 -29.10 20.48
CA GLU F 2348 -63.27 -28.68 20.76
C GLU F 2348 -62.58 -29.69 21.67
N ASN F 2349 -63.27 -30.12 22.72
CA ASN F 2349 -62.70 -31.12 23.62
C ASN F 2349 -62.41 -32.41 22.86
N ALA F 2350 -63.32 -32.82 21.99
CA ALA F 2350 -63.09 -34.03 21.20
C ALA F 2350 -61.86 -33.89 20.34
N ASN F 2351 -61.68 -32.72 19.70
CA ASN F 2351 -60.49 -32.50 18.89
C ASN F 2351 -59.23 -32.59 19.73
N VAL F 2352 -59.24 -31.97 20.92
CA VAL F 2352 -58.04 -32.03 21.76
C VAL F 2352 -57.73 -33.46 22.15
N VAL F 2353 -58.75 -34.21 22.57
CA VAL F 2353 -58.51 -35.60 22.97
C VAL F 2353 -58.03 -36.42 21.77
N VAL F 2354 -58.51 -36.09 20.58
CA VAL F 2354 -58.01 -36.76 19.38
C VAL F 2354 -56.53 -36.47 19.20
N ARG F 2355 -56.15 -35.20 19.38
CA ARG F 2355 -54.73 -34.86 19.29
C ARG F 2355 -53.92 -35.68 20.27
N LEU F 2356 -54.37 -35.73 21.52
CA LEU F 2356 -53.60 -36.45 22.53
C LEU F 2356 -53.53 -37.94 22.22
N LEU F 2357 -54.63 -38.50 21.73
CA LEU F 2357 -54.63 -39.90 21.36
C LEU F 2357 -53.62 -40.17 20.25
N ILE F 2358 -53.59 -39.32 19.23
CA ILE F 2358 -52.66 -39.56 18.12
C ILE F 2358 -51.23 -39.33 18.57
N ARG F 2359 -51.02 -38.48 19.58
CA ARG F 2359 -49.70 -38.45 20.21
C ARG F 2359 -49.41 -39.73 20.99
N LYS F 2360 -50.44 -40.38 21.52
CA LYS F 2360 -50.17 -41.50 22.40
C LYS F 2360 -50.66 -42.80 21.78
N PRO F 2361 -49.76 -43.61 21.22
CA PRO F 2361 -50.18 -44.98 20.83
C PRO F 2361 -50.67 -45.78 22.02
N GLU F 2362 -50.12 -45.51 23.19
CA GLU F 2362 -50.59 -46.17 24.40
C GLU F 2362 -52.05 -45.82 24.67
N CYS F 2363 -52.49 -44.64 24.22
CA CYS F 2363 -53.91 -44.31 24.31
C CYS F 2363 -54.74 -45.28 23.48
N PHE F 2364 -54.26 -45.63 22.28
CA PHE F 2364 -54.91 -46.68 21.52
C PHE F 2364 -54.81 -48.01 22.25
N GLY F 2365 -53.74 -48.20 23.01
CA GLY F 2365 -53.63 -49.36 23.86
C GLY F 2365 -53.04 -50.56 23.15
N PRO F 2366 -52.74 -51.62 23.91
CA PRO F 2366 -52.12 -52.81 23.31
C PRO F 2366 -52.92 -53.37 22.15
N ALA F 2367 -54.22 -53.60 22.35
CA ALA F 2367 -55.07 -54.01 21.24
C ALA F 2367 -55.14 -52.89 20.21
N LEU F 2368 -55.25 -53.26 18.95
CA LEU F 2368 -55.26 -52.31 17.84
C LEU F 2368 -54.03 -51.41 17.89
N ARG F 2369 -52.88 -52.01 18.23
CA ARG F 2369 -51.65 -51.23 18.29
CA ARG F 2369 -51.64 -51.25 18.29
C ARG F 2369 -51.24 -50.75 16.91
N GLY F 2370 -51.57 -51.49 15.86
CA GLY F 2370 -51.14 -51.18 14.52
C GLY F 2370 -50.05 -52.14 14.09
N GLU F 2371 -48.82 -51.65 13.99
CA GLU F 2371 -47.69 -52.54 13.81
C GLU F 2371 -47.50 -53.36 15.08
N GLY F 2372 -47.39 -54.67 14.91
CA GLY F 2372 -47.46 -55.54 16.06
C GLY F 2372 -48.75 -55.35 16.83
N GLY F 2373 -49.85 -55.17 16.12
CA GLY F 2373 -51.10 -54.73 16.70
C GLY F 2373 -52.11 -55.87 16.82
N SER F 2374 -52.30 -56.32 18.04
CA SER F 2374 -53.36 -57.28 18.32
C SER F 2374 -54.71 -56.65 18.00
N GLY F 2375 -55.53 -57.39 17.24
CA GLY F 2375 -56.85 -56.89 16.93
C GLY F 2375 -57.68 -56.73 18.19
N LEU F 2376 -58.57 -55.75 18.17
CA LEU F 2376 -59.44 -55.54 19.32
C LEU F 2376 -60.34 -56.76 19.54
N LEU F 2377 -60.86 -57.33 18.45
CA LEU F 2377 -61.62 -58.57 18.56
C LEU F 2377 -60.79 -59.67 19.23
N ALA F 2378 -59.59 -59.91 18.72
CA ALA F 2378 -58.74 -60.96 19.26
C ALA F 2378 -58.45 -60.72 20.73
N ALA F 2379 -58.22 -59.46 21.10
CA ALA F 2379 -58.02 -59.13 22.50
C ALA F 2379 -59.25 -59.44 23.32
N ILE F 2380 -60.44 -59.21 22.76
CA ILE F 2380 -61.67 -59.50 23.49
C ILE F 2380 -61.80 -61.00 23.74
N GLU F 2381 -61.57 -61.82 22.71
CA GLU F 2381 -61.65 -63.27 22.93
C GLU F 2381 -60.58 -63.74 23.89
N GLU F 2382 -59.38 -63.15 23.81
CA GLU F 2382 -58.33 -63.53 24.75
C GLU F 2382 -58.72 -63.17 26.17
N ALA F 2383 -59.38 -62.02 26.34
CA ALA F 2383 -59.84 -61.61 27.67
C ALA F 2383 -60.91 -62.54 28.18
N ILE F 2384 -61.82 -62.97 27.30
CA ILE F 2384 -62.84 -63.93 27.70
C ILE F 2384 -62.18 -65.24 28.11
N ARG F 2385 -61.14 -65.65 27.37
CA ARG F 2385 -60.39 -66.85 27.72
C ARG F 2385 -59.71 -66.70 29.08
N ILE F 2386 -59.17 -65.52 29.36
CA ILE F 2386 -58.51 -65.29 30.65
C ILE F 2386 -59.53 -65.35 31.77
N SER F 2387 -60.68 -64.71 31.58
CA SER F 2387 -61.75 -64.79 32.57
C SER F 2387 -62.18 -66.24 32.79
N GLU F 2388 -62.15 -67.04 31.72
CA GLU F 2388 -62.34 -68.48 31.87
C GLU F 2388 -61.23 -69.08 32.72
N ASP F 2389 -60.00 -68.60 32.55
CA ASP F 2389 -58.86 -69.20 33.19
C ASP F 2389 -58.92 -68.97 34.70
N PRO F 2390 -58.93 -70.01 35.50
CA PRO F 2390 -58.86 -69.83 36.96
C PRO F 2390 -57.45 -69.48 37.40
N ALA F 2391 -57.34 -68.52 38.32
CA ALA F 2391 -56.12 -68.03 38.95
C ALA F 2391 -55.26 -67.19 38.01
N ARG F 2392 -55.61 -67.05 36.73
CA ARG F 2392 -54.94 -66.01 35.94
C ARG F 2392 -55.46 -64.64 36.35
N ASP F 2393 -56.67 -64.60 36.93
CA ASP F 2393 -57.19 -63.34 37.46
C ASP F 2393 -57.17 -63.33 38.98
N GLY F 2394 -56.77 -64.44 39.59
CA GLY F 2394 -56.78 -64.56 41.03
C GLY F 2394 -55.49 -65.10 41.61
N PRO F 2395 -55.08 -64.56 42.76
CA PRO F 2395 -53.91 -65.13 43.44
C PRO F 2395 -54.12 -66.56 43.90
N GLY F 2396 -55.23 -66.85 44.55
CA GLY F 2396 -55.50 -68.19 45.04
C GLY F 2396 -54.50 -68.71 46.04
N VAL F 2397 -54.39 -68.04 47.19
CA VAL F 2397 -53.44 -68.46 48.22
C VAL F 2397 -54.15 -69.26 49.30
N PRO F 2410 -62.54 -63.67 49.11
CA PRO F 2410 -62.63 -62.24 48.83
C PRO F 2410 -63.44 -61.48 49.87
N PRO F 2411 -62.79 -61.05 50.95
CA PRO F 2411 -63.51 -60.28 51.97
C PRO F 2411 -64.12 -59.00 51.45
N GLU F 2412 -63.47 -58.35 50.47
CA GLU F 2412 -64.02 -57.11 49.92
C GLU F 2412 -64.67 -57.34 48.56
N GLU F 2413 -64.38 -58.48 47.93
CA GLU F 2413 -64.90 -58.91 46.63
C GLU F 2413 -64.66 -57.88 45.53
N ASN F 2414 -63.85 -56.85 45.78
CA ASN F 2414 -63.63 -55.84 44.76
C ASN F 2414 -62.70 -56.34 43.67
N ARG F 2415 -62.00 -57.44 43.93
CA ARG F 2415 -61.12 -58.02 42.93
C ARG F 2415 -61.93 -58.45 41.72
N VAL F 2416 -61.43 -58.08 40.54
CA VAL F 2416 -62.17 -58.21 39.29
C VAL F 2416 -61.29 -58.92 38.29
N HIS F 2417 -61.89 -59.84 37.54
CA HIS F 2417 -61.15 -60.58 36.51
C HIS F 2417 -60.50 -59.62 35.53
N LEU F 2418 -59.22 -59.87 35.27
CA LEU F 2418 -58.43 -58.99 34.41
C LEU F 2418 -59.04 -58.89 33.03
N GLY F 2419 -59.65 -59.96 32.53
CA GLY F 2419 -60.32 -59.89 31.25
C GLY F 2419 -61.46 -58.90 31.26
N HIS F 2420 -62.34 -59.02 32.28
CA HIS F 2420 -63.43 -58.07 32.42
C HIS F 2420 -62.91 -56.65 32.58
N ALA F 2421 -61.79 -56.49 33.29
CA ALA F 2421 -61.24 -55.16 33.52
C ALA F 2421 -60.67 -54.55 32.24
N ILE F 2422 -59.90 -55.31 31.47
CA ILE F 2422 -59.29 -54.77 30.25
C ILE F 2422 -60.36 -54.45 29.23
N MET F 2423 -61.33 -55.35 29.07
CA MET F 2423 -62.42 -55.06 28.14
C MET F 2423 -63.31 -53.93 28.65
N SER F 2424 -63.39 -53.74 29.97
CA SER F 2424 -64.05 -52.54 30.47
C SER F 2424 -63.32 -51.30 30.04
N PHE F 2425 -61.99 -51.31 30.15
CA PHE F 2425 -61.18 -50.22 29.64
C PHE F 2425 -61.45 -49.98 28.15
N TYR F 2426 -61.54 -51.07 27.37
CA TYR F 2426 -61.65 -50.91 25.93
C TYR F 2426 -63.04 -50.43 25.54
N ALA F 2427 -64.07 -50.88 26.26
CA ALA F 2427 -65.40 -50.36 26.04
C ALA F 2427 -65.47 -48.89 26.42
N ALA F 2428 -64.73 -48.51 27.47
CA ALA F 2428 -64.64 -47.10 27.82
C ALA F 2428 -63.97 -46.30 26.70
N LEU F 2429 -62.88 -46.83 26.16
CA LEU F 2429 -62.20 -46.15 25.06
C LEU F 2429 -63.12 -46.00 23.87
N ILE F 2430 -63.87 -47.05 23.57
CA ILE F 2430 -64.85 -47.00 22.48
C ILE F 2430 -65.93 -45.98 22.79
N ASP F 2431 -66.31 -45.85 24.05
CA ASP F 2431 -67.32 -44.87 24.43
C ASP F 2431 -66.82 -43.45 24.19
N LEU F 2432 -65.63 -43.13 24.69
CA LEU F 2432 -64.99 -41.86 24.34
C LEU F 2432 -64.93 -41.66 22.84
N LEU F 2433 -64.58 -42.72 22.10
CA LEU F 2433 -64.33 -42.55 20.68
C LEU F 2433 -65.63 -42.31 19.93
N GLY F 2434 -66.73 -42.91 20.40
CA GLY F 2434 -68.01 -42.68 19.78
C GLY F 2434 -68.61 -41.34 20.14
N ARG F 2435 -68.43 -40.92 21.40
CA ARG F 2435 -68.94 -39.61 21.79
C ARG F 2435 -68.15 -38.48 21.14
N CYS F 2436 -66.86 -38.72 20.88
CA CYS F 2436 -66.03 -37.70 20.26
C CYS F 2436 -66.36 -37.53 18.79
N ALA F 2437 -67.16 -38.44 18.24
CA ALA F 2437 -67.52 -38.33 16.83
C ALA F 2437 -68.34 -37.07 16.60
N PRO F 2438 -68.18 -36.41 15.46
CA PRO F 2438 -68.97 -35.20 15.18
C PRO F 2438 -70.45 -35.52 15.08
N GLU F 2439 -71.24 -34.46 14.99
CA GLU F 2439 -72.69 -34.64 15.07
C GLU F 2439 -73.33 -34.62 13.68
N MET F 2440 -74.51 -35.23 13.62
CA MET F 2440 -75.25 -35.31 12.35
C MET F 2440 -75.43 -33.92 11.76
N HIS F 2441 -75.66 -32.91 12.61
CA HIS F 2441 -75.55 -31.55 12.13
C HIS F 2441 -74.08 -31.15 12.15
N LEU F 2442 -73.69 -30.38 11.14
CA LEU F 2442 -72.30 -30.08 10.80
C LEU F 2442 -71.61 -31.31 10.22
N ILE F 2443 -72.31 -32.46 10.21
CA ILE F 2443 -71.93 -33.50 9.25
C ILE F 2443 -72.77 -33.39 7.98
N GLN F 2444 -74.05 -33.01 8.11
CA GLN F 2444 -74.85 -32.84 6.90
C GLN F 2444 -74.33 -31.66 6.09
N ALA F 2445 -73.92 -30.59 6.79
CA ALA F 2445 -73.15 -29.54 6.14
C ALA F 2445 -71.72 -30.00 5.91
N GLY F 2446 -71.25 -30.93 6.74
CA GLY F 2446 -69.94 -31.53 6.49
C GLY F 2446 -68.77 -30.61 6.71
N LYS F 2447 -68.52 -30.21 7.96
CA LYS F 2447 -67.31 -29.45 8.24
C LYS F 2447 -66.10 -30.33 8.00
N GLY F 2448 -65.16 -29.81 7.20
CA GLY F 2448 -64.08 -30.66 6.69
C GLY F 2448 -63.27 -31.32 7.79
N GLU F 2449 -62.88 -30.56 8.82
CA GLU F 2449 -62.15 -31.16 9.93
C GLU F 2449 -63.01 -32.19 10.64
N ALA F 2450 -64.32 -31.93 10.73
CA ALA F 2450 -65.21 -32.90 11.37
C ALA F 2450 -65.19 -34.23 10.64
N LEU F 2451 -65.40 -34.21 9.32
CA LEU F 2451 -65.37 -35.46 8.56
C LEU F 2451 -63.99 -36.07 8.61
N ARG F 2452 -62.95 -35.25 8.70
CA ARG F 2452 -61.60 -35.78 8.77
C ARG F 2452 -61.38 -36.56 10.06
N ILE F 2453 -61.78 -35.98 11.20
CA ILE F 2453 -61.71 -36.70 12.47
C ILE F 2453 -62.55 -37.97 12.41
N ARG F 2454 -63.75 -37.88 11.83
CA ARG F 2454 -64.61 -39.05 11.72
C ARG F 2454 -63.94 -40.14 10.90
N ALA F 2455 -63.25 -39.75 9.82
CA ALA F 2455 -62.53 -40.72 9.01
C ALA F 2455 -61.39 -41.35 9.80
N ILE F 2456 -60.68 -40.55 10.59
CA ILE F 2456 -59.63 -41.13 11.43
C ILE F 2456 -60.23 -42.11 12.42
N LEU F 2457 -61.40 -41.79 12.95
CA LEU F 2457 -62.07 -42.71 13.87
C LEU F 2457 -62.39 -44.02 13.17
N ARG F 2458 -62.98 -43.95 11.98
CA ARG F 2458 -63.34 -45.15 11.25
C ARG F 2458 -62.10 -45.94 10.84
N SER F 2459 -60.99 -45.24 10.62
CA SER F 2459 -59.74 -45.91 10.29
C SER F 2459 -59.19 -46.63 11.51
N LEU F 2460 -59.22 -45.98 12.67
CA LEU F 2460 -58.74 -46.60 13.89
C LEU F 2460 -59.58 -47.81 14.26
N VAL F 2461 -60.88 -47.74 14.03
CA VAL F 2461 -61.82 -48.78 14.45
C VAL F 2461 -62.45 -49.37 13.19
N PRO F 2462 -62.02 -50.55 12.75
CA PRO F 2462 -62.60 -51.14 11.54
C PRO F 2462 -64.05 -51.55 11.76
N LEU F 2463 -64.88 -51.23 10.78
CA LEU F 2463 -66.30 -51.57 10.85
C LEU F 2463 -66.50 -53.08 10.93
N ASP F 2464 -65.71 -53.84 10.17
CA ASP F 2464 -65.81 -55.30 10.25
C ASP F 2464 -65.36 -55.80 11.61
N ASP F 2465 -64.35 -55.15 12.20
CA ASP F 2465 -63.95 -55.50 13.56
C ASP F 2465 -65.10 -55.30 14.53
N LEU F 2466 -65.79 -54.16 14.43
CA LEU F 2466 -66.95 -53.93 15.28
C LEU F 2466 -68.07 -54.92 14.99
N VAL F 2467 -68.22 -55.31 13.73
CA VAL F 2467 -69.21 -56.31 13.38
C VAL F 2467 -68.90 -57.63 14.06
N GLY F 2468 -67.62 -58.01 14.08
CA GLY F 2468 -67.24 -59.18 14.84
C GLY F 2468 -67.51 -59.03 16.32
N ILE F 2469 -67.25 -57.84 16.87
CA ILE F 2469 -67.46 -57.62 18.30
C ILE F 2469 -68.92 -57.76 18.66
N ILE F 2470 -69.81 -57.14 17.88
CA ILE F 2470 -71.24 -57.27 18.16
C ILE F 2470 -71.67 -58.71 17.91
N SER F 2471 -71.00 -59.39 16.98
CA SER F 2471 -71.32 -60.79 16.70
C SER F 2471 -70.96 -61.68 17.88
N LEU F 2472 -70.13 -61.19 18.78
CA LEU F 2472 -69.70 -62.01 19.91
C LEU F 2472 -70.90 -62.38 20.77
N PRO F 2473 -71.17 -63.66 20.97
CA PRO F 2473 -72.28 -64.05 21.84
C PRO F 2473 -71.97 -63.76 23.30
N LEU F 2474 -73.03 -63.57 24.08
CA LEU F 2474 -72.95 -63.35 25.51
C LEU F 2474 -73.54 -64.54 26.22
N GLN F 2475 -72.83 -65.02 27.25
CA GLN F 2475 -73.38 -66.12 28.04
C GLN F 2475 -74.66 -65.65 28.70
N ILE F 2476 -75.66 -66.52 28.72
CA ILE F 2476 -76.96 -66.25 29.33
C ILE F 2476 -77.08 -67.13 30.56
N PRO F 2477 -77.48 -66.59 31.71
CA PRO F 2477 -77.73 -67.45 32.87
C PRO F 2477 -78.82 -68.46 32.56
N THR F 2478 -78.60 -69.70 32.99
CA THR F 2478 -79.49 -70.80 32.68
C THR F 2478 -79.78 -71.62 33.92
N LEU F 2479 -80.97 -72.23 33.95
CA LEU F 2479 -81.31 -73.15 35.02
C LEU F 2479 -80.44 -74.40 34.91
N GLY F 2480 -80.18 -75.02 36.06
CA GLY F 2480 -79.38 -76.24 36.05
C GLY F 2480 -79.31 -76.88 37.41
N LYS F 2481 -78.63 -78.03 37.46
CA LYS F 2481 -78.36 -78.78 38.68
C LYS F 2481 -79.59 -78.91 39.56
N ASP F 2482 -80.65 -79.48 38.94
CA ASP F 2482 -82.08 -79.64 39.26
C ASP F 2482 -82.86 -78.45 38.72
N GLY F 2483 -82.20 -77.59 37.96
CA GLY F 2483 -82.87 -76.43 37.41
C GLY F 2483 -82.63 -75.13 38.14
N ALA F 2484 -81.67 -75.08 39.06
CA ALA F 2484 -81.28 -73.81 39.65
C ALA F 2484 -80.52 -72.98 38.62
N LEU F 2485 -80.82 -71.70 38.55
CA LEU F 2485 -80.20 -70.84 37.54
C LEU F 2485 -78.72 -70.68 37.83
N VAL F 2486 -77.92 -70.73 36.77
CA VAL F 2486 -76.48 -70.58 36.86
C VAL F 2486 -76.12 -69.19 36.34
N GLN F 2487 -75.65 -68.32 37.23
CA GLN F 2487 -75.30 -66.97 36.87
C GLN F 2487 -73.81 -66.73 37.15
N PRO F 2488 -73.02 -66.42 36.12
CA PRO F 2488 -71.61 -66.10 36.37
C PRO F 2488 -71.47 -64.78 37.08
N LYS F 2489 -70.31 -64.56 37.70
CA LYS F 2489 -70.04 -63.32 38.38
C LYS F 2489 -69.69 -62.22 37.38
N MET F 2490 -70.20 -61.01 37.64
CA MET F 2490 -70.07 -59.93 36.66
C MET F 2490 -68.65 -59.40 36.60
N SER F 2491 -67.91 -59.52 37.71
CA SER F 2491 -66.51 -59.11 37.69
C SER F 2491 -65.69 -59.99 36.74
N ALA F 2492 -66.27 -61.12 36.31
CA ALA F 2492 -65.63 -61.94 35.29
C ALA F 2492 -66.38 -61.84 33.96
N SER F 2493 -67.67 -61.54 34.01
CA SER F 2493 -68.53 -61.72 32.86
C SER F 2493 -68.29 -60.64 31.80
N PHE F 2494 -68.40 -61.05 30.54
CA PHE F 2494 -68.36 -60.09 29.44
C PHE F 2494 -69.73 -59.45 29.29
N VAL F 2495 -69.79 -58.12 29.34
CA VAL F 2495 -71.05 -57.49 29.69
C VAL F 2495 -71.76 -56.79 28.54
N PRO F 2496 -73.10 -56.83 28.58
CA PRO F 2496 -73.90 -56.03 27.65
C PRO F 2496 -73.60 -54.55 27.75
N ASP F 2497 -73.10 -54.07 28.88
CA ASP F 2497 -72.68 -52.67 28.94
C ASP F 2497 -71.59 -52.40 27.93
N HIS F 2498 -70.57 -53.26 27.89
CA HIS F 2498 -69.53 -53.10 26.88
C HIS F 2498 -70.11 -53.24 25.48
N LYS F 2499 -70.96 -54.25 25.29
CA LYS F 2499 -71.52 -54.47 23.95
C LYS F 2499 -72.29 -53.24 23.49
N ALA F 2500 -72.99 -52.59 24.42
CA ALA F 2500 -73.70 -51.36 24.10
C ALA F 2500 -72.74 -50.22 23.81
N SER F 2501 -71.58 -50.20 24.47
CA SER F 2501 -70.57 -49.20 24.11
C SER F 2501 -70.14 -49.36 22.66
N MET F 2502 -69.88 -50.60 22.25
CA MET F 2502 -69.64 -50.86 20.83
C MET F 2502 -70.78 -50.34 19.96
N VAL F 2503 -72.02 -50.71 20.29
CA VAL F 2503 -73.14 -50.37 19.41
C VAL F 2503 -73.31 -48.86 19.33
N LEU F 2504 -73.11 -48.17 20.46
CA LEU F 2504 -73.16 -46.72 20.47
C LEU F 2504 -72.10 -46.12 19.57
N PHE F 2505 -70.88 -46.69 19.61
CA PHE F 2505 -69.87 -46.19 18.69
C PHE F 2505 -70.30 -46.39 17.24
N LEU F 2506 -70.86 -47.57 16.94
CA LEU F 2506 -71.33 -47.82 15.57
C LEU F 2506 -72.33 -46.77 15.13
N ASP F 2507 -73.37 -46.53 15.93
CA ASP F 2507 -74.41 -45.61 15.50
C ASP F 2507 -73.90 -44.18 15.48
N ARG F 2508 -72.94 -43.86 16.34
CA ARG F 2508 -72.42 -42.50 16.37
C ARG F 2508 -71.51 -42.22 15.18
N VAL F 2509 -70.67 -43.18 14.80
CA VAL F 2509 -69.63 -42.97 13.81
C VAL F 2509 -70.02 -43.57 12.46
N TYR F 2510 -70.14 -44.90 12.41
CA TYR F 2510 -70.48 -45.54 11.15
C TYR F 2510 -71.95 -45.34 10.80
N GLY F 2511 -72.82 -45.40 11.80
CA GLY F 2511 -74.24 -45.22 11.55
C GLY F 2511 -74.83 -46.32 10.67
N ILE F 2512 -75.86 -45.92 9.94
CA ILE F 2512 -76.58 -46.83 9.04
C ILE F 2512 -76.48 -46.28 7.62
N GLU F 2513 -76.05 -47.11 6.69
CA GLU F 2513 -75.94 -46.74 5.29
C GLU F 2513 -76.78 -47.59 4.36
N ASN F 2514 -76.71 -48.91 4.49
CA ASN F 2514 -77.37 -49.83 3.57
C ASN F 2514 -78.30 -50.74 4.33
N GLN F 2515 -79.41 -51.10 3.69
CA GLN F 2515 -80.38 -52.00 4.33
C GLN F 2515 -79.83 -53.41 4.47
N ASP F 2516 -79.15 -53.91 3.43
CA ASP F 2516 -78.55 -55.23 3.51
C ASP F 2516 -77.40 -55.23 4.51
N PHE F 2517 -76.64 -54.14 4.57
CA PHE F 2517 -75.62 -53.99 5.61
C PHE F 2517 -76.26 -54.03 6.99
N LEU F 2518 -77.39 -53.35 7.16
CA LEU F 2518 -78.14 -53.43 8.41
C LEU F 2518 -78.53 -54.86 8.73
N LEU F 2519 -79.05 -55.57 7.73
CA LEU F 2519 -79.49 -56.94 7.94
C LEU F 2519 -78.34 -57.84 8.37
N HIS F 2520 -77.18 -57.70 7.73
CA HIS F 2520 -76.05 -58.55 8.08
C HIS F 2520 -75.51 -58.18 9.46
N VAL F 2521 -75.51 -56.90 9.81
CA VAL F 2521 -75.12 -56.50 11.15
C VAL F 2521 -76.06 -57.12 12.17
N LEU F 2522 -77.37 -57.10 11.88
CA LEU F 2522 -78.32 -57.71 12.80
C LEU F 2522 -78.05 -59.20 12.95
N ASP F 2523 -77.88 -59.92 11.84
CA ASP F 2523 -77.80 -61.36 11.93
C ASP F 2523 -76.45 -61.81 12.50
N VAL F 2524 -75.45 -60.95 12.48
CA VAL F 2524 -74.21 -61.30 13.17
C VAL F 2524 -74.31 -60.99 14.65
N GLY F 2525 -74.81 -59.79 14.99
CA GLY F 2525 -74.82 -59.41 16.40
C GLY F 2525 -76.16 -59.13 17.04
N PHE F 2526 -77.11 -58.59 16.28
CA PHE F 2526 -78.35 -58.11 16.89
C PHE F 2526 -79.40 -59.21 16.95
N LEU F 2527 -79.49 -60.03 15.92
CA LEU F 2527 -80.47 -61.11 15.96
C LEU F 2527 -80.08 -62.27 16.86
N PRO F 2528 -78.82 -62.66 17.01
CA PRO F 2528 -78.53 -63.60 18.11
C PRO F 2528 -78.95 -63.03 19.47
N ASP F 2529 -78.66 -61.74 19.68
CA ASP F 2529 -79.09 -61.07 20.91
C ASP F 2529 -80.60 -61.04 21.03
N MET F 2530 -81.31 -60.99 19.91
CA MET F 2530 -82.75 -60.85 19.98
C MET F 2530 -83.44 -62.21 20.16
N ARG F 2531 -82.87 -63.29 19.61
CA ARG F 2531 -83.28 -64.62 20.10
C ARG F 2531 -82.98 -64.77 21.59
N ALA F 2532 -81.84 -64.27 22.04
CA ALA F 2532 -81.54 -64.33 23.47
C ALA F 2532 -82.58 -63.56 24.27
N ALA F 2533 -82.99 -62.39 23.78
CA ALA F 2533 -84.02 -61.60 24.46
C ALA F 2533 -85.35 -62.33 24.47
N ALA F 2534 -85.69 -62.99 23.35
CA ALA F 2534 -86.89 -63.81 23.32
C ALA F 2534 -86.84 -64.87 24.41
N SER F 2535 -85.68 -65.52 24.55
CA SER F 2535 -85.51 -66.49 25.63
C SER F 2535 -85.61 -65.82 27.00
N LEU F 2536 -85.25 -64.54 27.08
CA LEU F 2536 -85.24 -63.85 28.36
C LEU F 2536 -86.63 -63.74 28.96
N ASP F 2537 -87.66 -63.74 28.13
CA ASP F 2537 -89.03 -63.58 28.62
C ASP F 2537 -89.48 -64.87 29.31
N THR F 2538 -89.02 -65.01 30.55
CA THR F 2538 -89.35 -66.15 31.39
C THR F 2538 -89.55 -65.66 32.81
N ALA F 2539 -90.49 -66.27 33.53
CA ALA F 2539 -90.84 -65.82 34.87
C ALA F 2539 -89.60 -65.77 35.77
N THR F 2540 -88.86 -66.88 35.83
CA THR F 2540 -87.61 -66.87 36.60
C THR F 2540 -86.60 -65.90 35.97
N PHE F 2541 -86.52 -65.89 34.64
CA PHE F 2541 -85.59 -65.00 33.97
C PHE F 2541 -85.95 -63.54 34.20
N SER F 2542 -87.25 -63.23 34.20
CA SER F 2542 -87.68 -61.86 34.42
C SER F 2542 -87.17 -61.32 35.75
N THR F 2543 -86.95 -62.21 36.72
CA THR F 2543 -86.39 -61.79 37.99
C THR F 2543 -84.94 -61.36 37.85
N THR F 2544 -84.21 -61.97 36.92
CA THR F 2544 -82.76 -61.82 36.92
C THR F 2544 -82.34 -60.43 36.48
N GLU F 2545 -81.56 -59.78 37.34
CA GLU F 2545 -81.04 -58.45 37.07
C GLU F 2545 -80.26 -58.42 35.76
N MET F 2546 -79.62 -59.53 35.40
CA MET F 2546 -78.82 -59.54 34.19
C MET F 2546 -79.70 -59.51 32.96
N ALA F 2547 -80.77 -60.31 32.93
CA ALA F 2547 -81.72 -60.20 31.83
C ALA F 2547 -82.34 -58.82 31.80
N LEU F 2548 -82.57 -58.22 32.97
CA LEU F 2548 -83.04 -56.84 32.99
C LEU F 2548 -82.04 -55.92 32.30
N ALA F 2549 -80.74 -56.11 32.56
CA ALA F 2549 -79.72 -55.28 31.94
C ALA F 2549 -79.66 -55.51 30.43
N LEU F 2550 -79.84 -56.75 29.99
CA LEU F 2550 -80.00 -57.01 28.56
C LEU F 2550 -81.14 -56.19 28.00
N ASN F 2551 -82.31 -56.22 28.64
CA ASN F 2551 -83.42 -55.41 28.17
C ASN F 2551 -83.02 -53.95 28.09
N ARG F 2552 -82.33 -53.46 29.13
CA ARG F 2552 -81.88 -52.07 29.13
C ARG F 2552 -81.07 -51.76 27.88
N TYR F 2553 -79.92 -52.40 27.72
CA TYR F 2553 -79.01 -51.92 26.69
C TYR F 2553 -79.57 -52.19 25.31
N LEU F 2554 -80.35 -53.28 25.15
CA LEU F 2554 -80.99 -53.50 23.87
C LEU F 2554 -81.93 -52.36 23.53
N CYS F 2555 -82.77 -51.94 24.50
CA CYS F 2555 -83.72 -50.89 24.21
C CYS F 2555 -83.01 -49.56 23.98
N LEU F 2556 -81.96 -49.27 24.75
CA LEU F 2556 -81.27 -48.00 24.58
C LEU F 2556 -80.61 -47.90 23.22
N ALA F 2557 -80.27 -49.04 22.61
CA ALA F 2557 -79.49 -49.04 21.37
C ALA F 2557 -80.26 -49.66 20.21
N VAL F 2558 -80.73 -50.90 20.37
CA VAL F 2558 -81.36 -51.59 19.24
C VAL F 2558 -82.64 -50.88 18.83
N LEU F 2559 -83.40 -50.37 19.80
CA LEU F 2559 -84.61 -49.63 19.44
C LEU F 2559 -84.31 -48.38 18.62
N PRO F 2560 -83.41 -47.47 19.02
CA PRO F 2560 -83.08 -46.35 18.12
C PRO F 2560 -82.52 -46.83 16.79
N LEU F 2561 -81.82 -47.97 16.79
CA LEU F 2561 -81.35 -48.52 15.53
C LEU F 2561 -82.52 -48.87 14.62
N ILE F 2562 -83.56 -49.48 15.18
CA ILE F 2562 -84.76 -49.76 14.39
C ILE F 2562 -85.40 -48.46 13.92
N THR F 2563 -85.44 -47.46 14.79
CA THR F 2563 -86.03 -46.18 14.41
C THR F 2563 -85.36 -45.60 13.17
N LYS F 2564 -84.02 -45.52 13.20
CA LYS F 2564 -83.32 -44.93 12.07
C LYS F 2564 -83.37 -45.85 10.85
N CYS F 2565 -83.33 -47.17 11.07
CA CYS F 2565 -83.17 -48.11 9.96
C CYS F 2565 -84.49 -48.54 9.34
N ALA F 2566 -85.62 -48.17 9.94
CA ALA F 2566 -86.91 -48.62 9.41
C ALA F 2566 -87.14 -48.25 7.95
N PRO F 2567 -86.86 -47.03 7.50
CA PRO F 2567 -86.98 -46.77 6.05
C PRO F 2567 -86.10 -47.69 5.22
N LEU F 2568 -84.90 -47.99 5.70
CA LEU F 2568 -84.08 -49.01 5.04
C LEU F 2568 -84.71 -50.39 5.23
N PHE F 2569 -85.32 -50.63 6.39
CA PHE F 2569 -85.95 -51.92 6.63
C PHE F 2569 -87.05 -52.20 5.61
N ALA F 2570 -87.61 -51.15 5.02
CA ALA F 2570 -88.59 -51.35 3.95
C ALA F 2570 -87.92 -51.81 2.66
N GLY F 2571 -86.62 -52.09 2.70
CA GLY F 2571 -85.88 -52.27 1.46
C GLY F 2571 -86.19 -53.56 0.72
N THR F 2572 -85.78 -54.70 1.29
CA THR F 2572 -85.66 -55.94 0.54
C THR F 2572 -86.86 -56.85 0.75
N GLU F 2573 -86.99 -57.88 -0.09
CA GLU F 2573 -88.11 -58.79 0.01
C GLU F 2573 -87.71 -60.11 0.68
N HIS F 2574 -86.57 -60.67 0.26
CA HIS F 2574 -86.24 -62.05 0.61
C HIS F 2574 -86.09 -62.25 2.11
N ARG F 2575 -85.55 -61.25 2.81
CA ARG F 2575 -85.30 -61.39 4.24
C ARG F 2575 -86.58 -61.35 5.06
N ALA F 2576 -87.74 -61.40 4.40
CA ALA F 2576 -89.03 -61.23 5.07
C ALA F 2576 -89.24 -62.24 6.18
N ILE F 2577 -88.74 -63.47 6.00
CA ILE F 2577 -88.94 -64.48 7.02
C ILE F 2577 -88.24 -64.10 8.31
N MET F 2578 -86.99 -63.66 8.22
CA MET F 2578 -86.22 -63.42 9.43
C MET F 2578 -86.71 -62.12 10.04
N VAL F 2579 -87.10 -61.17 9.18
CA VAL F 2579 -87.69 -59.92 9.65
C VAL F 2579 -88.98 -60.18 10.44
N ASP F 2580 -89.88 -60.98 9.89
CA ASP F 2580 -91.10 -61.25 10.62
C ASP F 2580 -90.79 -62.04 11.88
N SER F 2581 -89.66 -62.78 11.86
CA SER F 2581 -89.24 -63.47 13.06
C SER F 2581 -88.86 -62.50 14.18
N MET F 2582 -88.04 -61.48 13.89
CA MET F 2582 -87.65 -60.64 15.03
C MET F 2582 -88.80 -59.71 15.36
N LEU F 2583 -89.72 -59.51 14.42
CA LEU F 2583 -90.98 -58.88 14.76
C LEU F 2583 -91.73 -59.69 15.82
N HIS F 2584 -91.81 -61.01 15.62
CA HIS F 2584 -92.46 -61.86 16.60
CA HIS F 2584 -92.46 -61.85 16.60
C HIS F 2584 -91.76 -61.76 17.95
N THR F 2585 -90.43 -61.81 17.94
CA THR F 2585 -89.71 -61.73 19.21
C THR F 2585 -89.90 -60.39 19.90
N VAL F 2586 -89.84 -59.29 19.15
CA VAL F 2586 -89.97 -57.99 19.79
C VAL F 2586 -91.39 -57.79 20.29
N TYR F 2587 -92.38 -58.39 19.63
CA TYR F 2587 -93.72 -58.40 20.20
C TYR F 2587 -93.74 -59.18 21.51
N ARG F 2588 -93.04 -60.31 21.54
CA ARG F 2588 -92.90 -61.07 22.79
C ARG F 2588 -92.31 -60.20 23.90
N LEU F 2589 -91.26 -59.45 23.59
CA LEU F 2589 -90.63 -58.59 24.59
C LEU F 2589 -91.56 -57.45 24.97
N SER F 2590 -92.30 -56.92 24.00
CA SER F 2590 -93.27 -55.87 24.28
C SER F 2590 -94.29 -56.34 25.29
N ARG F 2591 -94.81 -57.55 25.12
CA ARG F 2591 -95.63 -58.18 26.15
C ARG F 2591 -94.66 -58.85 27.13
N GLY F 2592 -93.96 -58.01 27.88
CA GLY F 2592 -92.91 -58.45 28.78
C GLY F 2592 -93.11 -57.87 30.17
N ARG F 2593 -93.15 -58.75 31.17
CA ARG F 2593 -93.33 -58.33 32.55
C ARG F 2593 -92.04 -57.76 33.11
N SER F 2594 -92.16 -57.09 34.26
CA SER F 2594 -91.02 -56.50 34.98
C SER F 2594 -90.17 -55.63 34.05
N LEU F 2595 -90.83 -54.82 33.24
CA LEU F 2595 -90.16 -53.94 32.29
C LEU F 2595 -90.58 -52.50 32.57
N THR F 2596 -89.61 -51.59 32.58
CA THR F 2596 -89.91 -50.20 32.90
C THR F 2596 -90.84 -49.61 31.85
N LYS F 2597 -91.79 -48.80 32.31
CA LYS F 2597 -92.90 -48.37 31.47
C LYS F 2597 -92.43 -47.53 30.29
N ALA F 2598 -91.56 -46.55 30.55
CA ALA F 2598 -91.09 -45.69 29.47
C ALA F 2598 -90.31 -46.49 28.43
N GLN F 2599 -89.44 -47.38 28.88
CA GLN F 2599 -88.69 -48.23 27.97
C GLN F 2599 -89.62 -49.09 27.13
N ARG F 2600 -90.63 -49.69 27.77
CA ARG F 2600 -91.60 -50.51 27.05
C ARG F 2600 -92.33 -49.68 26.00
N ASP F 2601 -92.68 -48.44 26.35
CA ASP F 2601 -93.32 -47.54 25.40
C ASP F 2601 -92.40 -47.29 24.21
N VAL F 2602 -91.11 -47.09 24.47
CA VAL F 2602 -90.16 -46.92 23.38
C VAL F 2602 -90.16 -48.13 22.47
N ILE F 2603 -90.18 -49.33 23.05
CA ILE F 2603 -90.23 -50.53 22.22
C ILE F 2603 -91.47 -50.49 21.34
N GLU F 2604 -92.62 -50.14 21.92
CA GLU F 2604 -93.85 -50.12 21.14
C GLU F 2604 -93.77 -49.12 19.98
N ASP F 2605 -93.22 -47.93 20.25
CA ASP F 2605 -93.09 -46.93 19.20
C ASP F 2605 -92.19 -47.41 18.08
N CYS F 2606 -91.06 -48.03 18.43
CA CYS F 2606 -90.20 -48.58 17.39
C CYS F 2606 -90.92 -49.66 16.61
N LEU F 2607 -91.73 -50.47 17.28
CA LEU F 2607 -92.45 -51.53 16.58
C LEU F 2607 -93.43 -50.95 15.57
N MET F 2608 -94.22 -49.95 15.96
CA MET F 2608 -95.15 -49.37 15.00
C MET F 2608 -94.39 -48.73 13.84
N ALA F 2609 -93.32 -47.99 14.15
CA ALA F 2609 -92.58 -47.29 13.11
C ALA F 2609 -92.01 -48.28 12.09
N LEU F 2610 -91.42 -49.37 12.58
CA LEU F 2610 -90.91 -50.39 11.68
C LEU F 2610 -92.05 -51.06 10.92
N CYS F 2611 -93.19 -51.26 11.58
CA CYS F 2611 -94.32 -51.93 10.95
C CYS F 2611 -94.83 -51.14 9.76
N ARG F 2612 -94.82 -49.80 9.85
CA ARG F 2612 -95.25 -48.99 8.72
CA ARG F 2612 -95.25 -48.99 8.72
C ARG F 2612 -94.45 -49.31 7.46
N TYR F 2613 -93.12 -49.35 7.61
CA TYR F 2613 -92.27 -49.63 6.46
C TYR F 2613 -92.38 -51.08 6.01
N ILE F 2614 -92.67 -51.99 6.94
CA ILE F 2614 -92.74 -53.39 6.58
C ILE F 2614 -93.97 -53.67 5.73
N ARG F 2615 -93.78 -54.48 4.68
CA ARG F 2615 -94.84 -54.78 3.74
C ARG F 2615 -95.94 -55.60 4.40
N PRO F 2616 -97.19 -55.41 3.97
CA PRO F 2616 -98.28 -56.20 4.55
C PRO F 2616 -98.12 -57.69 4.31
N SER F 2617 -97.57 -58.07 3.16
CA SER F 2617 -97.28 -59.47 2.91
C SER F 2617 -96.30 -60.00 3.94
N MET F 2618 -95.26 -59.22 4.25
CA MET F 2618 -94.37 -59.56 5.35
C MET F 2618 -95.13 -59.67 6.65
N LEU F 2619 -96.12 -58.79 6.85
CA LEU F 2619 -96.74 -58.62 8.15
C LEU F 2619 -97.55 -59.83 8.58
N GLN F 2620 -97.89 -60.70 7.62
CA GLN F 2620 -99.01 -61.63 7.82
C GLN F 2620 -98.87 -62.46 9.10
N HIS F 2621 -97.69 -63.01 9.35
CA HIS F 2621 -97.55 -63.92 10.48
C HIS F 2621 -97.60 -63.16 11.81
N LEU F 2622 -96.93 -62.01 11.86
CA LEU F 2622 -97.09 -61.15 13.04
C LEU F 2622 -98.54 -60.77 13.23
N LEU F 2623 -99.26 -60.55 12.14
CA LEU F 2623 -100.68 -60.27 12.23
C LEU F 2623 -101.42 -61.42 12.88
N ARG F 2624 -101.12 -62.66 12.47
CA ARG F 2624 -101.79 -63.79 13.11
C ARG F 2624 -101.45 -63.87 14.59
N ARG F 2625 -100.22 -63.54 14.94
CA ARG F 2625 -99.87 -63.52 16.36
C ARG F 2625 -100.69 -62.48 17.12
N LEU F 2626 -100.86 -61.29 16.52
CA LEU F 2626 -101.71 -60.29 17.17
C LEU F 2626 -103.15 -60.75 17.22
N VAL F 2627 -103.59 -61.52 16.22
CA VAL F 2627 -104.92 -62.14 16.28
C VAL F 2627 -105.03 -63.02 17.52
N PHE F 2628 -104.02 -63.88 17.73
CA PHE F 2628 -104.03 -64.73 18.91
C PHE F 2628 -103.99 -63.90 20.18
N ASP F 2629 -103.34 -62.74 20.13
CA ASP F 2629 -103.19 -61.93 21.35
C ASP F 2629 -104.41 -61.06 21.59
N VAL F 2630 -105.28 -60.92 20.59
CA VAL F 2630 -106.43 -60.02 20.73
C VAL F 2630 -107.40 -60.45 21.82
N PRO F 2631 -107.89 -61.70 21.87
CA PRO F 2631 -109.13 -61.96 22.60
C PRO F 2631 -109.11 -61.60 24.08
N ILE F 2632 -107.93 -61.49 24.68
CA ILE F 2632 -107.87 -61.15 26.11
C ILE F 2632 -108.46 -59.76 26.35
N LEU F 2633 -108.22 -58.83 25.41
CA LEU F 2633 -108.69 -57.45 25.52
C LEU F 2633 -108.22 -56.79 26.81
N ASN F 2634 -107.08 -57.22 27.34
CA ASN F 2634 -106.54 -56.60 28.53
C ASN F 2634 -105.78 -55.33 28.17
N GLU F 2635 -105.47 -54.54 29.19
CA GLU F 2635 -104.83 -53.24 28.97
C GLU F 2635 -103.46 -53.40 28.30
N PHE F 2636 -102.83 -54.56 28.47
CA PHE F 2636 -101.50 -54.77 27.92
C PHE F 2636 -101.55 -54.87 26.40
N ALA F 2637 -102.66 -55.40 25.86
CA ALA F 2637 -102.74 -55.58 24.42
C ALA F 2637 -103.24 -54.32 23.73
N LYS F 2638 -103.67 -53.32 24.51
CA LYS F 2638 -104.39 -52.19 23.92
C LYS F 2638 -103.51 -51.36 22.98
N MET F 2639 -102.30 -51.02 23.40
CA MET F 2639 -101.41 -50.31 22.49
C MET F 2639 -101.06 -51.12 21.25
N PRO F 2640 -100.82 -52.43 21.33
CA PRO F 2640 -100.77 -53.22 20.09
C PRO F 2640 -102.02 -53.10 19.24
N LEU F 2641 -103.21 -53.06 19.85
CA LEU F 2641 -104.42 -52.87 19.04
C LEU F 2641 -104.41 -51.52 18.33
N LYS F 2642 -103.97 -50.47 19.03
CA LYS F 2642 -103.92 -49.16 18.39
C LYS F 2642 -102.92 -49.14 17.24
N LEU F 2643 -101.73 -49.73 17.43
CA LEU F 2643 -100.78 -49.75 16.33
C LEU F 2643 -101.32 -50.60 15.18
N LEU F 2644 -102.09 -51.64 15.51
CA LEU F 2644 -102.75 -52.42 14.48
C LEU F 2644 -103.70 -51.56 13.67
N THR F 2645 -104.53 -50.78 14.35
CA THR F 2645 -105.44 -49.88 13.65
C THR F 2645 -104.67 -48.91 12.76
N ASN F 2646 -103.56 -48.38 13.27
CA ASN F 2646 -102.78 -47.44 12.49
C ASN F 2646 -102.24 -48.07 11.22
N HIS F 2647 -101.65 -49.27 11.31
CA HIS F 2647 -101.01 -49.78 10.11
C HIS F 2647 -102.07 -50.31 9.14
N TYR F 2648 -103.22 -50.74 9.66
CA TYR F 2648 -104.34 -51.05 8.79
C TYR F 2648 -104.80 -49.81 8.05
N GLU F 2649 -104.81 -48.67 8.74
CA GLU F 2649 -105.06 -47.39 8.07
C GLU F 2649 -104.03 -47.17 6.97
N ARG F 2650 -102.76 -47.51 7.25
CA ARG F 2650 -101.71 -47.37 6.24
C ARG F 2650 -102.00 -48.22 5.01
N CYS F 2651 -102.38 -49.48 5.22
CA CYS F 2651 -102.66 -50.38 4.10
C CYS F 2651 -104.15 -50.56 3.85
N TRP F 2652 -104.97 -49.60 4.25
CA TRP F 2652 -106.40 -49.69 3.97
C TRP F 2652 -106.66 -49.71 2.48
N LYS F 2653 -105.90 -48.92 1.71
CA LYS F 2653 -106.04 -48.96 0.26
C LYS F 2653 -105.68 -50.33 -0.28
N TYR F 2654 -104.60 -50.92 0.24
CA TYR F 2654 -104.18 -52.24 -0.23
C TYR F 2654 -105.24 -53.28 0.04
N TYR F 2655 -105.83 -53.26 1.24
CA TYR F 2655 -106.84 -54.24 1.57
C TYR F 2655 -108.13 -54.02 0.78
N CYS F 2656 -108.54 -52.76 0.60
CA CYS F 2656 -109.82 -52.50 -0.05
C CYS F 2656 -109.74 -52.71 -1.56
N LEU F 2657 -108.57 -52.47 -2.15
CA LEU F 2657 -108.46 -52.51 -3.59
C LEU F 2657 -108.70 -53.93 -4.12
N PRO F 2658 -109.72 -54.14 -4.97
CA PRO F 2658 -109.85 -55.44 -5.62
C PRO F 2658 -108.65 -55.80 -6.47
N THR F 2659 -108.08 -54.80 -7.15
CA THR F 2659 -106.84 -55.04 -7.89
C THR F 2659 -105.67 -55.16 -6.94
N GLY F 2660 -105.74 -54.52 -5.79
CA GLY F 2660 -104.65 -54.49 -4.85
C GLY F 2660 -103.72 -53.31 -5.07
N TRP F 2661 -103.09 -52.89 -3.98
CA TRP F 2661 -102.18 -51.75 -4.04
C TRP F 2661 -100.92 -52.14 -4.81
N ALA F 2662 -100.47 -51.22 -5.66
CA ALA F 2662 -99.28 -51.44 -6.46
C ALA F 2662 -98.09 -51.73 -5.55
N ASN F 2663 -97.31 -52.74 -5.93
CA ASN F 2663 -96.12 -53.17 -5.20
C ASN F 2663 -96.50 -53.78 -3.85
N PHE F 2664 -97.78 -53.79 -3.53
CA PHE F 2664 -98.21 -54.36 -2.26
C PHE F 2664 -98.98 -55.67 -2.48
N GLY F 2665 -99.68 -55.78 -3.59
CA GLY F 2665 -100.42 -56.99 -3.88
C GLY F 2665 -101.84 -56.93 -3.32
N VAL F 2666 -102.39 -58.11 -3.07
CA VAL F 2666 -103.75 -58.27 -2.57
C VAL F 2666 -103.70 -59.11 -1.31
N THR F 2667 -104.72 -58.97 -0.47
CA THR F 2667 -104.84 -59.81 0.71
C THR F 2667 -105.13 -61.25 0.32
N SER F 2668 -104.58 -62.19 1.09
CA SER F 2668 -104.88 -63.60 0.85
C SER F 2668 -106.31 -63.93 1.26
N GLU F 2669 -106.92 -63.08 2.08
CA GLU F 2669 -108.29 -63.10 2.58
C GLU F 2669 -108.50 -64.11 3.71
N GLU F 2670 -107.56 -65.02 3.97
CA GLU F 2670 -107.61 -65.71 5.25
C GLU F 2670 -107.10 -64.80 6.34
N GLU F 2671 -106.12 -63.96 6.02
CA GLU F 2671 -105.78 -62.85 6.89
C GLU F 2671 -106.99 -61.95 7.10
N LEU F 2672 -107.72 -61.66 6.03
CA LEU F 2672 -108.93 -60.87 6.17
C LEU F 2672 -110.01 -61.66 6.91
N HIS F 2673 -109.99 -62.99 6.80
CA HIS F 2673 -110.90 -63.81 7.57
C HIS F 2673 -110.66 -63.62 9.07
N LEU F 2674 -109.39 -63.72 9.49
CA LEU F 2674 -109.06 -63.50 10.89
C LEU F 2674 -109.34 -62.05 11.28
N THR F 2675 -109.20 -61.13 10.33
CA THR F 2675 -109.50 -59.73 10.62
C THR F 2675 -110.99 -59.55 10.90
N ARG F 2676 -111.83 -60.22 10.11
CA ARG F 2676 -113.27 -60.23 10.37
C ARG F 2676 -113.57 -60.83 11.73
N LYS F 2677 -112.91 -61.94 12.04
CA LYS F 2677 -113.17 -62.59 13.32
C LYS F 2677 -112.69 -61.73 14.47
N LEU F 2678 -111.63 -60.94 14.27
CA LEU F 2678 -111.21 -59.99 15.28
C LEU F 2678 -112.21 -58.85 15.44
N PHE F 2679 -112.78 -58.39 14.32
CA PHE F 2679 -113.88 -57.44 14.41
C PHE F 2679 -114.98 -57.98 15.33
N TRP F 2680 -115.42 -59.21 15.04
CA TRP F 2680 -116.48 -59.81 15.85
C TRP F 2680 -116.05 -59.99 17.30
N GLY F 2681 -114.83 -60.47 17.52
CA GLY F 2681 -114.38 -60.75 18.87
C GLY F 2681 -114.20 -59.49 19.69
N ILE F 2682 -113.64 -58.45 19.09
CA ILE F 2682 -113.49 -57.18 19.80
C ILE F 2682 -114.85 -56.61 20.14
N PHE F 2683 -115.79 -56.64 19.19
CA PHE F 2683 -117.12 -56.13 19.48
C PHE F 2683 -117.79 -56.92 20.58
N ASP F 2684 -117.72 -58.25 20.52
CA ASP F 2684 -118.34 -59.09 21.54
C ASP F 2684 -117.70 -58.86 22.91
N SER F 2685 -116.37 -58.81 22.95
CA SER F 2685 -115.68 -58.65 24.22
C SER F 2685 -115.99 -57.29 24.84
N LEU F 2686 -116.03 -56.24 24.02
CA LEU F 2686 -116.37 -54.93 24.56
C LEU F 2686 -117.81 -54.90 25.04
N ALA F 2687 -118.70 -55.61 24.34
CA ALA F 2687 -120.08 -55.69 24.79
C ALA F 2687 -120.17 -56.39 26.15
N HIS F 2688 -119.42 -57.47 26.32
CA HIS F 2688 -119.39 -58.14 27.62
C HIS F 2688 -118.81 -57.24 28.69
N LYS F 2689 -117.74 -56.51 28.36
CA LYS F 2689 -117.13 -55.61 29.32
C LYS F 2689 -118.07 -54.44 29.61
N LYS F 2690 -118.10 -54.04 30.87
CA LYS F 2690 -118.84 -52.84 31.24
C LYS F 2690 -118.07 -51.61 30.76
N TYR F 2691 -118.78 -50.49 30.64
CA TYR F 2691 -118.15 -49.28 30.14
C TYR F 2691 -117.00 -48.88 31.06
N ASP F 2692 -115.86 -48.56 30.45
CA ASP F 2692 -114.74 -47.97 31.16
C ASP F 2692 -114.23 -46.82 30.31
N GLN F 2693 -113.94 -45.69 30.97
CA GLN F 2693 -113.44 -44.54 30.23
C GLN F 2693 -112.09 -44.83 29.60
N GLU F 2694 -111.23 -45.59 30.30
CA GLU F 2694 -109.94 -45.94 29.71
C GLU F 2694 -110.11 -46.90 28.55
N LEU F 2695 -111.09 -47.80 28.65
CA LEU F 2695 -111.42 -48.67 27.53
C LEU F 2695 -111.86 -47.85 26.33
N TYR F 2696 -112.69 -46.84 26.54
CA TYR F 2696 -113.13 -46.02 25.42
C TYR F 2696 -111.99 -45.13 24.93
N ARG F 2697 -111.05 -44.80 25.83
CA ARG F 2697 -109.86 -44.06 25.42
C ARG F 2697 -109.02 -44.91 24.48
N MET F 2698 -108.92 -46.20 24.75
CA MET F 2698 -108.40 -47.13 23.77
C MET F 2698 -109.25 -47.08 22.50
N ALA F 2699 -110.56 -47.00 22.66
CA ALA F 2699 -111.46 -47.38 21.58
C ALA F 2699 -111.95 -46.20 20.73
N MET F 2700 -111.41 -44.99 20.89
CA MET F 2700 -111.67 -44.03 19.82
C MET F 2700 -111.03 -44.46 18.50
N PRO F 2701 -109.76 -44.91 18.45
CA PRO F 2701 -109.28 -45.53 17.20
C PRO F 2701 -110.12 -46.71 16.79
N CYS F 2702 -110.66 -47.45 17.78
CA CYS F 2702 -111.72 -48.43 17.62
C CYS F 2702 -111.43 -49.50 16.58
N LEU F 2703 -112.43 -50.33 16.32
CA LEU F 2703 -112.45 -51.25 15.20
C LEU F 2703 -113.01 -50.59 13.96
N CYS F 2704 -113.24 -49.28 13.99
CA CYS F 2704 -113.70 -48.57 12.81
C CYS F 2704 -112.64 -48.58 11.72
N ALA F 2705 -111.37 -48.42 12.11
CA ALA F 2705 -110.29 -48.57 11.13
C ALA F 2705 -110.29 -49.96 10.53
N ILE F 2706 -110.54 -50.98 11.36
CA ILE F 2706 -110.66 -52.33 10.85
C ILE F 2706 -111.78 -52.42 9.83
N ALA F 2707 -112.95 -51.87 10.17
CA ALA F 2707 -114.10 -51.91 9.27
C ALA F 2707 -113.78 -51.23 7.95
N GLY F 2708 -113.11 -50.07 8.00
CA GLY F 2708 -112.71 -49.40 6.78
C GLY F 2708 -111.74 -50.24 5.97
N ALA F 2709 -110.86 -50.99 6.65
CA ALA F 2709 -109.96 -51.89 5.94
C ALA F 2709 -110.73 -52.99 5.22
N LEU F 2710 -111.71 -53.58 5.88
CA LEU F 2710 -112.48 -54.65 5.26
C LEU F 2710 -113.36 -54.10 4.13
N PRO F 2711 -113.35 -54.74 2.97
CA PRO F 2711 -114.42 -54.52 2.00
C PRO F 2711 -115.67 -55.26 2.43
N PRO F 2712 -116.84 -54.64 2.30
CA PRO F 2712 -118.06 -55.30 2.79
C PRO F 2712 -118.46 -56.53 2.00
N ASP F 2713 -118.00 -56.64 0.77
CA ASP F 2713 -118.62 -57.57 -0.17
C ASP F 2713 -117.99 -58.96 -0.09
N TYR F 2714 -116.78 -59.07 0.45
CA TYR F 2714 -116.09 -60.35 0.38
C TYR F 2714 -116.76 -61.34 1.33
N VAL F 2715 -116.53 -62.62 1.07
CA VAL F 2715 -117.11 -63.71 1.86
C VAL F 2715 -115.98 -64.50 2.49
N ASP F 2716 -116.11 -64.75 3.79
CA ASP F 2716 -115.11 -65.54 4.50
C ASP F 2716 -115.08 -66.97 3.95
N ALA F 2717 -113.91 -67.61 4.07
CA ALA F 2717 -113.73 -68.94 3.50
C ALA F 2717 -114.69 -69.94 4.12
N SER F 2718 -114.85 -69.90 5.43
CA SER F 2718 -115.76 -70.79 6.13
C SER F 2718 -116.61 -70.00 7.10
N TYR F 2719 -117.85 -70.45 7.28
CA TYR F 2719 -118.80 -69.83 8.21
C TYR F 2719 -119.35 -70.93 9.12
N SER F 2720 -118.62 -71.21 10.20
CA SER F 2720 -119.02 -72.21 11.18
C SER F 2720 -118.35 -71.90 12.51
N SER F 2721 -118.92 -72.44 13.58
CA SER F 2721 -118.33 -72.25 14.90
C SER F 2721 -117.05 -73.07 15.04
N LYS F 2722 -115.99 -72.41 15.51
CA LYS F 2722 -114.72 -73.11 15.72
C LYS F 2722 -114.82 -74.11 16.86
N ALA F 2723 -115.59 -73.77 17.91
CA ALA F 2723 -115.75 -74.63 19.08
C ALA F 2723 -114.40 -74.99 19.70
N GLU F 2724 -113.49 -74.02 19.72
CA GLU F 2724 -112.16 -74.22 20.27
C GLU F 2724 -111.71 -72.96 21.01
N LYS F 2725 -111.13 -73.17 22.19
CA LYS F 2725 -110.63 -72.07 23.00
C LYS F 2725 -109.27 -72.43 23.61
N ASN F 2734 -103.85 -70.59 29.03
CA ASN F 2734 -103.67 -69.86 27.78
C ASN F 2734 -104.65 -70.38 26.72
N PHE F 2735 -104.22 -71.37 25.96
CA PHE F 2735 -105.03 -72.00 24.93
C PHE F 2735 -105.00 -73.50 25.13
N ASP F 2736 -106.18 -74.13 25.20
CA ASP F 2736 -106.28 -75.53 25.51
C ASP F 2736 -107.12 -76.24 24.45
N PRO F 2737 -106.52 -77.05 23.58
CA PRO F 2737 -107.32 -77.86 22.65
C PRO F 2737 -107.62 -79.24 23.22
N ARG F 2738 -108.76 -79.79 22.87
CA ARG F 2738 -109.19 -81.08 23.38
C ARG F 2738 -109.38 -82.06 22.24
N PRO F 2739 -108.64 -83.16 22.18
CA PRO F 2739 -108.86 -84.15 21.14
C PRO F 2739 -110.01 -85.08 21.49
N VAL F 2740 -110.50 -85.77 20.46
CA VAL F 2740 -111.58 -86.75 20.59
C VAL F 2740 -111.03 -88.10 20.21
N GLU F 2741 -111.22 -89.09 21.07
CA GLU F 2741 -110.61 -90.41 20.92
C GLU F 2741 -111.67 -91.49 21.14
N THR F 2742 -111.46 -92.65 20.53
CA THR F 2742 -112.46 -93.71 20.56
C THR F 2742 -112.23 -94.71 21.69
N LEU F 2743 -111.28 -94.44 22.59
CA LEU F 2743 -111.17 -95.27 23.79
C LEU F 2743 -112.43 -95.18 24.63
N ASN F 2744 -113.05 -94.00 24.68
CA ASN F 2744 -114.34 -93.88 25.37
C ASN F 2744 -115.49 -94.27 24.45
N VAL F 2745 -115.44 -93.83 23.19
CA VAL F 2745 -116.48 -94.12 22.21
C VAL F 2745 -116.46 -95.61 21.90
N ILE F 2746 -117.53 -96.12 21.28
CA ILE F 2746 -117.55 -97.52 20.88
C ILE F 2746 -116.47 -97.76 19.82
N ILE F 2747 -115.46 -98.54 20.19
CA ILE F 2747 -114.34 -98.84 19.31
C ILE F 2747 -114.69 -100.12 18.54
N PRO F 2748 -114.67 -100.08 17.22
CA PRO F 2748 -114.90 -101.32 16.45
C PRO F 2748 -113.60 -102.04 16.15
N GLU F 2749 -113.56 -103.34 16.46
CA GLU F 2749 -112.46 -104.17 16.00
C GLU F 2749 -112.55 -104.40 14.49
N LYS F 2750 -113.74 -104.18 13.92
CA LYS F 2750 -114.03 -104.59 12.55
C LYS F 2750 -113.05 -104.01 11.55
N LEU F 2751 -112.81 -102.69 11.61
CA LEU F 2751 -112.07 -102.05 10.53
C LEU F 2751 -110.57 -102.23 10.68
N ASP F 2752 -110.14 -103.12 11.59
CA ASP F 2752 -108.71 -103.43 11.70
C ASP F 2752 -108.18 -104.00 10.39
N SER F 2753 -109.05 -104.67 9.64
CA SER F 2753 -108.69 -105.09 8.28
C SER F 2753 -108.34 -103.87 7.43
N PHE F 2754 -109.14 -102.80 7.53
CA PHE F 2754 -108.80 -101.59 6.79
C PHE F 2754 -107.54 -100.92 7.33
N ILE F 2755 -107.29 -101.06 8.64
CA ILE F 2755 -106.06 -100.49 9.20
C ILE F 2755 -104.84 -101.18 8.60
N ASN F 2756 -104.86 -102.51 8.53
CA ASN F 2756 -103.77 -103.24 7.89
C ASN F 2756 -103.70 -102.92 6.39
N LYS F 2757 -104.86 -102.79 5.75
CA LYS F 2757 -104.91 -102.48 4.33
C LYS F 2757 -104.29 -101.11 4.05
N PHE F 2758 -104.60 -100.12 4.88
CA PHE F 2758 -104.05 -98.79 4.71
C PHE F 2758 -102.57 -98.74 5.06
N ALA F 2759 -102.14 -99.57 6.02
CA ALA F 2759 -100.71 -99.67 6.28
C ALA F 2759 -99.97 -100.22 5.07
N GLU F 2760 -100.49 -101.30 4.49
CA GLU F 2760 -99.88 -101.88 3.29
C GLU F 2760 -99.91 -100.88 2.14
N TYR F 2761 -101.00 -100.14 1.99
CA TYR F 2761 -101.11 -99.27 0.83
C TYR F 2761 -100.41 -97.93 1.05
N THR F 2762 -100.09 -97.59 2.29
CA THR F 2762 -99.19 -96.46 2.53
C THR F 2762 -97.75 -96.88 2.28
N HIS F 2763 -97.43 -98.14 2.61
CA HIS F 2763 -96.14 -98.68 2.18
C HIS F 2763 -96.06 -98.68 0.66
N GLU F 2764 -97.18 -98.95 0.00
CA GLU F 2764 -97.23 -98.91 -1.47
C GLU F 2764 -97.14 -97.46 -1.98
N LYS F 2765 -97.83 -96.53 -1.32
CA LYS F 2765 -97.58 -95.11 -1.52
C LYS F 2765 -96.09 -94.83 -1.61
N TRP F 2766 -95.36 -95.13 -0.54
CA TRP F 2766 -93.95 -94.76 -0.47
C TRP F 2766 -93.15 -95.49 -1.56
N ALA F 2767 -93.38 -96.79 -1.72
CA ALA F 2767 -92.63 -97.57 -2.70
C ALA F 2767 -92.83 -97.03 -4.11
N PHE F 2768 -94.09 -96.80 -4.50
CA PHE F 2768 -94.37 -96.37 -5.86
C PHE F 2768 -93.87 -94.94 -6.07
N ASP F 2769 -93.90 -94.12 -5.02
CA ASP F 2769 -93.33 -92.77 -5.15
C ASP F 2769 -91.83 -92.83 -5.40
N LYS F 2770 -91.10 -93.68 -4.66
CA LYS F 2770 -89.67 -93.77 -4.91
C LYS F 2770 -89.37 -94.52 -6.20
N ILE F 2771 -90.36 -95.21 -6.77
CA ILE F 2771 -90.21 -95.67 -8.15
C ILE F 2771 -90.33 -94.51 -9.13
N GLN F 2772 -91.29 -93.60 -8.91
CA GLN F 2772 -91.43 -92.47 -9.82
C GLN F 2772 -90.28 -91.49 -9.66
N ASN F 2773 -89.54 -91.57 -8.55
CA ASN F 2773 -88.52 -90.57 -8.27
C ASN F 2773 -87.32 -90.70 -9.20
N ASN F 2774 -87.20 -91.85 -9.88
CA ASN F 2774 -86.23 -92.12 -10.95
C ASN F 2774 -84.78 -92.25 -10.50
N TRP F 2775 -84.51 -92.41 -9.19
CA TRP F 2775 -83.15 -92.56 -8.71
C TRP F 2775 -82.92 -93.97 -8.19
N SER F 2776 -81.65 -94.32 -7.96
CA SER F 2776 -81.27 -95.68 -7.64
C SER F 2776 -81.93 -96.14 -6.34
N TYR F 2777 -82.52 -97.33 -6.37
CA TYR F 2777 -83.22 -97.86 -5.21
C TYR F 2777 -82.25 -98.48 -4.23
N GLY F 2778 -82.62 -98.45 -2.96
CA GLY F 2778 -81.78 -99.03 -1.91
C GLY F 2778 -82.60 -99.62 -0.79
N GLU F 2779 -82.36 -100.90 -0.50
CA GLU F 2779 -83.05 -101.56 0.60
C GLU F 2779 -82.62 -101.00 1.93
N ASN F 2780 -81.33 -100.69 2.08
CA ASN F 2780 -80.83 -100.10 3.31
C ASN F 2780 -81.28 -98.66 3.45
N VAL F 2781 -80.95 -98.06 4.59
CA VAL F 2781 -81.26 -96.67 4.89
C VAL F 2781 -80.27 -95.79 4.14
N ASP F 2782 -80.80 -94.85 3.36
CA ASP F 2782 -80.01 -93.80 2.73
C ASP F 2782 -80.88 -92.56 2.56
N GLU F 2783 -80.66 -91.57 3.42
CA GLU F 2783 -81.38 -90.30 3.27
C GLU F 2783 -80.99 -89.61 1.97
N GLU F 2784 -79.70 -89.63 1.64
CA GLU F 2784 -79.26 -89.01 0.39
C GLU F 2784 -79.89 -89.70 -0.81
N LEU F 2785 -79.91 -91.04 -0.81
CA LEU F 2785 -80.54 -91.77 -1.89
C LEU F 2785 -82.06 -91.69 -1.80
N LYS F 2786 -82.58 -91.12 -0.71
CA LYS F 2786 -84.02 -90.99 -0.52
C LYS F 2786 -84.67 -92.36 -0.33
N THR F 2787 -83.85 -93.41 -0.32
CA THR F 2787 -84.32 -94.78 -0.26
C THR F 2787 -84.50 -95.19 1.20
N HIS F 2788 -85.76 -95.43 1.58
CA HIS F 2788 -86.10 -95.78 2.95
C HIS F 2788 -85.59 -97.18 3.27
N PRO F 2789 -85.36 -97.48 4.56
CA PRO F 2789 -85.05 -98.88 4.91
C PRO F 2789 -86.17 -99.83 4.58
N MET F 2790 -87.41 -99.31 4.50
CA MET F 2790 -88.54 -100.16 4.12
C MET F 2790 -88.48 -100.52 2.64
N LEU F 2791 -87.65 -99.83 1.87
CA LEU F 2791 -87.64 -100.04 0.43
C LEU F 2791 -87.25 -101.48 0.12
N ARG F 2792 -88.25 -102.26 -0.27
CA ARG F 2792 -88.09 -103.68 -0.53
C ARG F 2792 -89.09 -104.07 -1.60
N PRO F 2793 -88.88 -105.20 -2.27
CA PRO F 2793 -89.90 -105.69 -3.21
C PRO F 2793 -91.21 -105.96 -2.47
N TYR F 2794 -92.32 -105.79 -3.19
CA TYR F 2794 -93.63 -105.84 -2.56
C TYR F 2794 -93.90 -107.20 -1.93
N LYS F 2795 -93.44 -108.27 -2.56
CA LYS F 2795 -93.67 -109.61 -2.01
C LYS F 2795 -92.87 -109.84 -0.74
N THR F 2796 -91.78 -109.11 -0.55
CA THR F 2796 -90.95 -109.30 0.64
C THR F 2796 -91.52 -108.52 1.83
N PHE F 2797 -92.82 -108.21 1.78
CA PHE F 2797 -93.45 -107.38 2.79
C PHE F 2797 -93.30 -108.02 4.17
N SER F 2798 -92.88 -107.22 5.14
CA SER F 2798 -92.49 -107.74 6.45
C SER F 2798 -93.58 -107.48 7.49
N GLU F 2799 -93.76 -108.45 8.39
CA GLU F 2799 -94.80 -108.34 9.41
C GLU F 2799 -94.43 -107.31 10.48
N LYS F 2800 -93.14 -107.07 10.69
CA LYS F 2800 -92.72 -106.12 11.71
C LYS F 2800 -93.20 -104.72 11.40
N ASP F 2801 -93.17 -104.32 10.13
CA ASP F 2801 -93.67 -103.00 9.77
C ASP F 2801 -95.19 -102.97 9.73
N LYS F 2802 -95.83 -104.13 9.54
CA LYS F 2802 -97.27 -104.22 9.74
C LYS F 2802 -97.65 -103.89 11.17
N GLU F 2803 -96.95 -104.50 12.13
CA GLU F 2803 -97.36 -104.37 13.53
C GLU F 2803 -97.12 -102.96 14.05
N ILE F 2804 -96.11 -102.27 13.51
CA ILE F 2804 -95.79 -100.93 14.01
C ILE F 2804 -96.64 -99.88 13.31
N TYR F 2805 -96.98 -100.10 12.04
CA TYR F 2805 -97.80 -99.11 11.33
C TYR F 2805 -99.28 -99.30 11.63
N ARG F 2806 -99.63 -100.37 12.34
CA ARG F 2806 -101.01 -100.56 12.75
C ARG F 2806 -101.44 -99.47 13.74
N TRP F 2807 -100.49 -98.95 14.52
CA TRP F 2807 -100.84 -97.95 15.54
C TRP F 2807 -101.15 -96.57 14.96
N PRO F 2808 -100.36 -96.00 14.04
CA PRO F 2808 -100.74 -94.69 13.48
C PRO F 2808 -102.06 -94.71 12.73
N ILE F 2809 -102.24 -95.71 11.85
CA ILE F 2809 -103.49 -95.82 11.11
C ILE F 2809 -104.64 -96.14 12.05
N LYS F 2810 -104.36 -96.91 13.11
CA LYS F 2810 -105.35 -97.15 14.15
C LYS F 2810 -105.80 -95.84 14.78
N GLU F 2811 -104.85 -94.99 15.17
CA GLU F 2811 -105.21 -93.72 15.79
C GLU F 2811 -106.01 -92.85 14.83
N SER F 2812 -105.61 -92.83 13.56
CA SER F 2812 -106.33 -92.03 12.56
C SER F 2812 -107.77 -92.50 12.41
N LEU F 2813 -107.97 -93.81 12.20
CA LEU F 2813 -109.32 -94.34 12.04
C LEU F 2813 -110.15 -94.16 13.30
N LYS F 2814 -109.54 -94.32 14.47
CA LYS F 2814 -110.30 -94.18 15.71
C LYS F 2814 -110.70 -92.73 15.95
N ALA F 2815 -109.83 -91.78 15.62
CA ALA F 2815 -110.23 -90.37 15.69
C ALA F 2815 -111.36 -90.08 14.72
N MET F 2816 -111.27 -90.64 13.51
CA MET F 2816 -112.34 -90.49 12.52
C MET F 2816 -113.66 -91.00 13.08
N ILE F 2817 -113.65 -92.18 13.70
CA ILE F 2817 -114.87 -92.71 14.29
C ILE F 2817 -115.36 -91.84 15.44
N ALA F 2818 -114.44 -91.37 16.29
CA ALA F 2818 -114.81 -90.67 17.50
C ALA F 2818 -115.43 -89.31 17.19
N TRP F 2819 -114.97 -88.64 16.14
CA TRP F 2819 -115.45 -87.28 15.85
C TRP F 2819 -116.87 -87.31 15.30
N GLU F 2820 -117.79 -87.79 16.15
CA GLU F 2820 -119.24 -87.81 15.90
C GLU F 2820 -119.58 -88.18 14.46
N TRP F 2821 -118.84 -89.12 13.90
CA TRP F 2821 -119.04 -89.56 12.53
C TRP F 2821 -119.37 -91.04 12.50
N THR F 2822 -120.48 -91.38 11.87
CA THR F 2822 -120.83 -92.78 11.66
C THR F 2822 -120.16 -93.30 10.40
N ILE F 2823 -120.40 -94.57 10.09
CA ILE F 2823 -119.81 -95.23 8.92
C ILE F 2823 -120.90 -96.01 8.19
N GLU F 2824 -121.48 -95.39 7.17
CA GLU F 2824 -122.43 -96.08 6.30
C GLU F 2824 -122.44 -95.40 4.93
N LYS F 2825 -121.86 -96.08 3.95
CA LYS F 2825 -121.89 -95.63 2.56
C LYS F 2825 -122.88 -96.49 1.78
N ALA F 2826 -122.90 -96.32 0.46
CA ALA F 2826 -123.82 -97.08 -0.37
C ALA F 2826 -123.49 -98.56 -0.36
N ARG F 2827 -122.21 -98.91 -0.51
CA ARG F 2827 -121.79 -100.30 -0.59
C ARG F 2827 -120.37 -100.47 -0.11
N GLU F 2828 -120.01 -101.71 0.24
CA GLU F 2828 -118.64 -102.04 0.62
C GLU F 2828 -117.75 -102.09 -0.62
N GLY F 2829 -116.53 -101.59 -0.47
CA GLY F 2829 -115.53 -101.62 -1.53
C GLY F 2829 -114.31 -102.44 -1.11
N GLU F 2830 -114.13 -103.57 -1.78
CA GLU F 2830 -113.04 -104.53 -1.54
C GLU F 2830 -112.53 -104.57 -0.11
N TYR F 2855 -96.00 -88.31 -4.95
CA TYR F 2855 -97.08 -88.90 -4.18
C TYR F 2855 -98.23 -89.35 -5.09
N ASN F 2856 -98.39 -90.68 -5.22
CA ASN F 2856 -99.48 -91.22 -6.01
C ASN F 2856 -99.80 -92.64 -5.55
N PRO F 2857 -101.08 -92.94 -5.31
CA PRO F 2857 -101.45 -94.26 -4.81
C PRO F 2857 -101.81 -95.21 -5.95
N GLN F 2858 -102.07 -96.46 -5.59
CA GLN F 2858 -102.59 -97.41 -6.58
C GLN F 2858 -104.03 -97.08 -6.99
N PRO F 2859 -104.99 -96.88 -6.07
CA PRO F 2859 -106.26 -96.29 -6.48
C PRO F 2859 -106.12 -94.78 -6.55
N PRO F 2860 -106.38 -94.19 -7.72
CA PRO F 2860 -106.03 -92.77 -7.89
C PRO F 2860 -106.92 -91.85 -7.10
N ASP F 2861 -106.38 -91.32 -6.00
CA ASP F 2861 -107.11 -90.38 -5.17
C ASP F 2861 -106.67 -88.96 -5.50
N LEU F 2862 -107.21 -88.41 -6.57
CA LEU F 2862 -106.72 -87.15 -7.13
C LEU F 2862 -107.82 -86.11 -7.03
N SER F 2863 -107.41 -84.84 -7.00
CA SER F 2863 -108.37 -83.75 -6.93
C SER F 2863 -109.28 -83.73 -8.15
N GLY F 2864 -108.85 -84.37 -9.25
CA GLY F 2864 -109.73 -84.52 -10.40
C GLY F 2864 -110.98 -85.30 -10.06
N VAL F 2865 -110.87 -86.30 -9.18
CA VAL F 2865 -112.06 -86.98 -8.67
C VAL F 2865 -112.89 -86.00 -7.85
N THR F 2866 -114.20 -86.04 -8.08
CA THR F 2866 -115.09 -85.08 -7.43
C THR F 2866 -115.09 -85.28 -5.91
N LEU F 2867 -115.24 -84.17 -5.19
CA LEU F 2867 -115.31 -84.19 -3.73
C LEU F 2867 -116.24 -83.09 -3.26
N SER F 2868 -116.82 -83.28 -2.08
CA SER F 2868 -117.78 -82.33 -1.54
C SER F 2868 -117.09 -81.27 -0.70
N ARG F 2869 -117.62 -80.05 -0.76
CA ARG F 2869 -117.05 -78.93 -0.01
C ARG F 2869 -117.14 -79.17 1.49
N GLU F 2870 -118.30 -79.63 1.98
CA GLU F 2870 -118.42 -79.95 3.39
CA GLU F 2870 -118.41 -79.94 3.40
C GLU F 2870 -117.55 -81.14 3.77
N LEU F 2871 -117.39 -82.09 2.85
CA LEU F 2871 -116.50 -83.21 3.11
C LEU F 2871 -115.06 -82.73 3.30
N GLN F 2872 -114.62 -81.79 2.47
CA GLN F 2872 -113.29 -81.19 2.64
C GLN F 2872 -113.21 -80.40 3.93
N ALA F 2873 -114.29 -79.71 4.31
CA ALA F 2873 -114.28 -78.93 5.55
C ALA F 2873 -114.10 -79.84 6.76
N MET F 2874 -114.84 -80.95 6.82
CA MET F 2874 -114.70 -81.86 7.94
C MET F 2874 -113.42 -82.70 7.84
N ALA F 2875 -112.88 -82.82 6.62
CA ALA F 2875 -111.54 -83.38 6.47
C ALA F 2875 -110.50 -82.46 7.11
N GLU F 2876 -110.61 -81.16 6.85
CA GLU F 2876 -109.73 -80.20 7.51
C GLU F 2876 -109.97 -80.19 9.02
N GLN F 2877 -111.20 -80.45 9.44
CA GLN F 2877 -111.49 -80.56 10.88
C GLN F 2877 -110.74 -81.73 11.49
N LEU F 2878 -110.79 -82.90 10.84
CA LEU F 2878 -110.06 -84.06 11.34
C LEU F 2878 -108.56 -83.82 11.31
N ALA F 2879 -108.08 -83.15 10.26
CA ALA F 2879 -106.66 -82.80 10.21
C ALA F 2879 -106.30 -81.81 11.31
N GLU F 2880 -107.24 -80.92 11.66
CA GLU F 2880 -107.03 -80.00 12.77
C GLU F 2880 -106.95 -80.74 14.09
N ASN F 2881 -107.76 -81.79 14.26
CA ASN F 2881 -107.65 -82.60 15.47
C ASN F 2881 -106.34 -83.37 15.50
N TYR F 2882 -105.89 -83.85 14.34
CA TYR F 2882 -104.58 -84.49 14.27
C TYR F 2882 -103.48 -83.51 14.65
N HIS F 2883 -103.61 -82.27 14.18
CA HIS F 2883 -102.71 -81.20 14.62
C HIS F 2883 -102.80 -80.99 16.12
N ASN F 2884 -104.02 -80.98 16.67
CA ASN F 2884 -104.19 -80.78 18.10
C ASN F 2884 -103.46 -81.85 18.89
N THR F 2885 -103.64 -83.12 18.50
CA THR F 2885 -103.03 -84.21 19.25
C THR F 2885 -101.51 -84.22 19.07
N TRP F 2886 -101.03 -84.08 17.84
CA TRP F 2886 -99.60 -84.12 17.59
C TRP F 2886 -98.88 -82.95 18.26
N GLY F 2887 -99.34 -81.73 18.00
CA GLY F 2887 -98.74 -80.58 18.66
C GLY F 2887 -98.96 -80.62 20.16
N ARG F 2888 -100.02 -81.29 20.62
CA ARG F 2888 -100.26 -81.41 22.04
C ARG F 2888 -99.20 -82.24 22.72
N LYS F 2889 -98.97 -83.46 22.22
CA LYS F 2889 -97.95 -84.28 22.89
C LYS F 2889 -96.57 -83.68 22.65
N LYS F 2890 -96.39 -82.97 21.53
CA LYS F 2890 -95.16 -82.23 21.29
C LYS F 2890 -94.92 -81.18 22.37
N LYS F 2891 -95.96 -80.40 22.69
CA LYS F 2891 -95.82 -79.39 23.75
C LYS F 2891 -95.62 -80.03 25.11
N GLN F 2892 -96.30 -81.15 25.38
CA GLN F 2892 -96.08 -81.84 26.65
C GLN F 2892 -94.64 -82.27 26.80
N GLU F 2893 -94.03 -82.79 25.74
CA GLU F 2893 -92.60 -83.09 25.78
C GLU F 2893 -91.78 -81.81 25.95
N LEU F 2894 -92.19 -80.72 25.30
CA LEU F 2894 -91.34 -79.54 25.23
C LEU F 2894 -91.38 -78.70 26.51
N GLU F 2895 -92.45 -78.84 27.31
CA GLU F 2895 -92.58 -77.98 28.48
C GLU F 2895 -91.67 -78.44 29.61
N ALA F 2896 -91.27 -79.71 29.58
CA ALA F 2896 -90.32 -80.20 30.59
C ALA F 2896 -89.03 -79.41 30.54
N LYS F 2897 -88.64 -78.94 29.36
CA LYS F 2897 -87.54 -77.99 29.25
C LYS F 2897 -87.88 -76.68 29.94
N GLY F 2898 -89.13 -76.25 29.84
CA GLY F 2898 -89.56 -75.00 30.46
C GLY F 2898 -89.60 -73.80 29.53
N GLY F 2899 -89.45 -74.01 28.23
CA GLY F 2899 -89.48 -72.90 27.29
C GLY F 2899 -89.64 -73.40 25.87
N GLY F 2900 -89.34 -72.50 24.94
CA GLY F 2900 -89.44 -72.83 23.53
C GLY F 2900 -90.85 -73.11 23.05
N THR F 2901 -91.81 -72.31 23.50
CA THR F 2901 -93.17 -72.41 22.98
C THR F 2901 -93.18 -72.09 21.49
N HIS F 2902 -93.83 -72.95 20.71
CA HIS F 2902 -93.77 -72.83 19.27
C HIS F 2902 -94.66 -71.68 18.80
N PRO F 2903 -94.09 -70.64 18.17
CA PRO F 2903 -94.96 -69.63 17.53
C PRO F 2903 -95.80 -70.19 16.41
N LEU F 2904 -95.26 -71.18 15.68
CA LEU F 2904 -95.97 -71.74 14.54
C LEU F 2904 -97.20 -72.52 14.99
N LEU F 2905 -97.16 -73.09 16.19
CA LEU F 2905 -98.27 -73.90 16.66
C LEU F 2905 -99.39 -73.00 17.17
N VAL F 2906 -100.42 -72.83 16.34
CA VAL F 2906 -101.50 -71.89 16.59
C VAL F 2906 -102.81 -72.51 16.09
N PRO F 2907 -103.97 -71.88 16.33
CA PRO F 2907 -105.22 -72.41 15.77
C PRO F 2907 -105.17 -72.47 14.25
N TYR F 2908 -105.96 -73.39 13.68
CA TYR F 2908 -105.88 -73.69 12.26
C TYR F 2908 -106.21 -72.48 11.40
N ASP F 2909 -107.24 -71.73 11.77
CA ASP F 2909 -107.62 -70.56 11.00
C ASP F 2909 -106.52 -69.52 11.00
N THR F 2910 -105.88 -69.30 12.16
CA THR F 2910 -104.83 -68.29 12.26
C THR F 2910 -103.64 -68.63 11.37
N LEU F 2911 -103.18 -69.88 11.43
CA LEU F 2911 -102.03 -70.29 10.64
C LEU F 2911 -102.39 -70.31 9.14
N THR F 2912 -101.39 -69.95 8.32
CA THR F 2912 -101.63 -69.78 6.90
C THR F 2912 -101.96 -71.10 6.22
N ALA F 2913 -102.71 -71.02 5.11
CA ALA F 2913 -103.13 -72.22 4.41
C ALA F 2913 -101.95 -72.99 3.84
N LYS F 2914 -100.93 -72.28 3.35
CA LYS F 2914 -99.80 -72.96 2.72
C LYS F 2914 -99.03 -73.79 3.74
N GLU F 2915 -98.96 -73.34 4.98
CA GLU F 2915 -98.37 -74.16 6.04
C GLU F 2915 -99.22 -75.40 6.28
N LYS F 2916 -100.55 -75.25 6.27
CA LYS F 2916 -101.43 -76.40 6.49
C LYS F 2916 -101.77 -77.08 5.19
N ALA F 2917 -101.07 -76.74 4.11
CA ALA F 2917 -101.35 -77.36 2.81
C ALA F 2917 -101.13 -78.86 2.85
N ARG F 2918 -100.04 -79.31 3.47
CA ARG F 2918 -99.78 -80.75 3.58
C ARG F 2918 -100.86 -81.44 4.40
N ASP F 2919 -101.27 -80.82 5.51
CA ASP F 2919 -102.31 -81.42 6.35
C ASP F 2919 -103.63 -81.52 5.59
N ARG F 2920 -104.00 -80.46 4.88
CA ARG F 2920 -105.25 -80.46 4.12
C ARG F 2920 -105.21 -81.48 2.99
N GLU F 2921 -104.07 -81.58 2.30
CA GLU F 2921 -103.95 -82.55 1.22
C GLU F 2921 -104.04 -83.97 1.76
N LYS F 2922 -103.37 -84.25 2.88
CA LYS F 2922 -103.46 -85.57 3.49
C LYS F 2922 -104.89 -85.87 3.90
N ALA F 2923 -105.59 -84.89 4.49
CA ALA F 2923 -106.97 -85.11 4.92
C ALA F 2923 -107.87 -85.41 3.73
N GLN F 2924 -107.75 -84.62 2.65
CA GLN F 2924 -108.61 -84.85 1.49
C GLN F 2924 -108.31 -86.21 0.85
N GLU F 2925 -107.03 -86.56 0.75
CA GLU F 2925 -106.66 -87.87 0.22
C GLU F 2925 -107.23 -89.00 1.06
N LEU F 2926 -107.09 -88.90 2.38
CA LEU F 2926 -107.62 -89.93 3.27
C LEU F 2926 -109.13 -90.05 3.13
N LEU F 2927 -109.83 -88.91 3.10
CA LEU F 2927 -111.29 -88.97 2.98
C LEU F 2927 -111.75 -89.58 1.67
N LYS F 2928 -111.18 -89.16 0.54
CA LYS F 2928 -111.64 -89.74 -0.73
C LYS F 2928 -111.25 -91.23 -0.84
N PHE F 2929 -110.04 -91.58 -0.41
CA PHE F 2929 -109.58 -92.96 -0.47
C PHE F 2929 -110.45 -93.85 0.40
N LEU F 2930 -110.77 -93.40 1.61
CA LEU F 2930 -111.52 -94.23 2.53
C LEU F 2930 -113.00 -94.25 2.12
N GLN F 2931 -113.47 -93.17 1.51
CA GLN F 2931 -114.81 -93.17 0.92
C GLN F 2931 -114.93 -94.25 -0.14
N MET F 2932 -113.91 -94.40 -0.97
CA MET F 2932 -113.90 -95.52 -1.90
C MET F 2932 -113.82 -96.84 -1.13
N ASN F 2933 -113.08 -96.87 -0.02
CA ASN F 2933 -112.87 -98.11 0.71
C ASN F 2933 -114.17 -98.66 1.30
N GLY F 2934 -114.94 -97.83 2.01
CA GLY F 2934 -116.24 -98.27 2.45
C GLY F 2934 -116.72 -97.84 3.82
N TYR F 2935 -115.84 -97.58 4.79
CA TYR F 2935 -116.31 -97.21 6.12
C TYR F 2935 -115.62 -95.96 6.63
N ALA F 2936 -116.14 -94.79 6.27
CA ALA F 2936 -115.60 -93.50 6.67
C ALA F 2936 -116.72 -92.57 7.09
N VAL F 2937 -116.39 -91.29 7.26
CA VAL F 2937 -117.35 -90.26 7.63
C VAL F 2937 -118.08 -89.82 6.38
N THR F 2938 -119.41 -89.75 6.46
CA THR F 2938 -120.25 -89.23 5.39
C THR F 2938 -121.50 -88.63 6.00
N ARG F 2939 -121.90 -87.47 5.50
CA ARG F 2939 -123.09 -86.79 6.00
C ARG F 2939 -124.35 -87.54 5.60
N LEU F 2946 -123.50 -73.55 7.41
CA LEU F 2946 -124.27 -74.68 6.93
C LEU F 2946 -125.51 -74.22 6.16
N ASP F 2947 -125.48 -74.44 4.84
CA ASP F 2947 -126.59 -74.08 3.95
C ASP F 2947 -126.82 -72.57 3.90
N THR F 2948 -125.88 -71.81 4.49
CA THR F 2948 -125.98 -70.36 4.47
C THR F 2948 -125.83 -69.82 3.06
N SER F 2949 -126.59 -68.79 2.75
CA SER F 2949 -126.56 -68.20 1.42
C SER F 2949 -125.18 -67.63 1.14
N SER F 2950 -124.75 -67.77 -0.12
CA SER F 2950 -123.46 -67.20 -0.52
C SER F 2950 -123.45 -65.69 -0.31
N ILE F 2951 -124.62 -65.06 -0.30
CA ILE F 2951 -124.69 -63.62 -0.15
C ILE F 2951 -124.64 -63.25 1.33
N GLU F 2952 -125.17 -64.12 2.20
CA GLU F 2952 -125.24 -63.79 3.62
C GLU F 2952 -123.86 -63.79 4.25
N LYS F 2953 -122.96 -64.64 3.78
CA LYS F 2953 -121.63 -64.71 4.39
C LYS F 2953 -120.75 -63.54 3.94
N ARG F 2954 -121.32 -62.56 3.25
CA ARG F 2954 -120.62 -61.32 3.04
C ARG F 2954 -120.38 -60.63 4.38
N PHE F 2955 -119.27 -59.91 4.49
CA PHE F 2955 -118.99 -59.18 5.72
C PHE F 2955 -120.08 -58.15 5.99
N ALA F 2956 -120.56 -57.49 4.94
CA ALA F 2956 -121.65 -56.53 5.12
C ALA F 2956 -122.89 -57.21 5.66
N PHE F 2957 -123.28 -58.34 5.08
CA PHE F 2957 -124.47 -59.04 5.54
C PHE F 2957 -124.32 -59.49 6.99
N GLY F 2958 -123.14 -59.99 7.34
CA GLY F 2958 -122.90 -60.38 8.73
C GLY F 2958 -122.97 -59.20 9.68
N PHE F 2959 -122.36 -58.08 9.28
CA PHE F 2959 -122.40 -56.88 10.11
C PHE F 2959 -123.82 -56.39 10.28
N LEU F 2960 -124.67 -56.58 9.26
CA LEU F 2960 -126.04 -56.09 9.39
C LEU F 2960 -126.92 -57.07 10.15
N GLN F 2961 -126.62 -58.36 10.12
CA GLN F 2961 -127.32 -59.25 11.06
C GLN F 2961 -126.94 -58.90 12.49
N GLN F 2962 -125.65 -58.67 12.74
CA GLN F 2962 -125.23 -58.20 14.05
C GLN F 2962 -125.86 -56.85 14.37
N LEU F 2963 -126.13 -56.05 13.34
CA LEU F 2963 -126.75 -54.75 13.55
C LEU F 2963 -128.22 -54.89 13.87
N LEU F 2964 -128.89 -55.87 13.29
CA LEU F 2964 -130.28 -56.15 13.66
C LEU F 2964 -130.38 -56.67 15.08
N ARG F 2965 -129.39 -57.47 15.51
CA ARG F 2965 -129.39 -57.88 16.91
C ARG F 2965 -129.06 -56.70 17.82
N TRP F 2966 -128.14 -55.84 17.38
CA TRP F 2966 -127.95 -54.55 18.04
C TRP F 2966 -129.24 -53.75 18.06
N MET F 2967 -130.11 -53.97 17.07
CA MET F 2967 -131.31 -53.16 16.96
C MET F 2967 -132.41 -53.69 17.88
N ASP F 2968 -132.43 -55.00 18.08
CA ASP F 2968 -133.25 -55.56 19.15
C ASP F 2968 -132.78 -55.02 20.50
N ILE F 2969 -131.46 -54.99 20.71
CA ILE F 2969 -130.92 -54.32 21.88
C ILE F 2969 -131.34 -52.86 21.90
N SER F 2970 -131.44 -52.26 20.72
CA SER F 2970 -131.84 -50.87 20.62
C SER F 2970 -133.26 -50.67 21.13
N GLN F 2971 -134.18 -51.50 20.66
CA GLN F 2971 -135.56 -51.40 21.09
C GLN F 2971 -135.66 -51.62 22.60
N GLU F 2972 -134.93 -52.61 23.12
CA GLU F 2972 -135.07 -52.87 24.55
C GLU F 2972 -134.50 -51.72 25.39
N PHE F 2973 -133.35 -51.15 25.01
CA PHE F 2973 -132.83 -50.13 25.92
C PHE F 2973 -133.61 -48.84 25.75
N ILE F 2974 -134.17 -48.59 24.57
CA ILE F 2974 -134.99 -47.37 24.44
C ILE F 2974 -136.27 -47.53 25.25
N ALA F 2975 -136.85 -48.74 25.26
CA ALA F 2975 -137.99 -48.97 26.13
C ALA F 2975 -137.62 -48.72 27.59
N HIS F 2976 -136.49 -49.29 28.03
CA HIS F 2976 -136.05 -49.11 29.41
C HIS F 2976 -135.78 -47.65 29.71
N LEU F 2977 -135.15 -46.93 28.78
CA LEU F 2977 -134.75 -45.55 29.01
C LEU F 2977 -135.98 -44.65 29.07
N GLU F 2978 -136.94 -44.86 28.18
CA GLU F 2978 -138.18 -44.11 28.27
C GLU F 2978 -138.90 -44.40 29.58
N ALA F 2979 -138.91 -45.65 30.01
CA ALA F 2979 -139.55 -45.98 31.28
C ALA F 2979 -138.90 -45.23 32.44
N VAL F 2980 -137.56 -45.29 32.52
CA VAL F 2980 -136.87 -44.69 33.66
C VAL F 2980 -136.93 -43.17 33.59
N VAL F 2981 -136.98 -42.61 32.38
CA VAL F 2981 -137.11 -41.16 32.24
C VAL F 2981 -138.50 -40.71 32.67
N SER F 2982 -139.53 -41.47 32.25
CA SER F 2982 -140.89 -41.12 32.64
C SER F 2982 -141.08 -41.22 34.15
N SER F 2983 -140.54 -42.27 34.77
CA SER F 2983 -140.72 -42.43 36.21
C SER F 2983 -139.65 -43.36 36.75
N GLY F 2984 -139.08 -42.96 37.89
CA GLY F 2984 -138.16 -43.80 38.61
C GLY F 2984 -136.88 -44.13 37.87
N ARG F 2985 -136.03 -43.13 37.66
CA ARG F 2985 -134.76 -43.36 36.99
C ARG F 2985 -133.92 -44.37 37.76
N VAL F 2986 -133.37 -45.34 37.04
CA VAL F 2986 -132.63 -46.43 37.69
C VAL F 2986 -131.18 -46.02 37.88
N GLU F 2987 -130.65 -46.26 39.07
CA GLU F 2987 -129.24 -46.00 39.30
C GLU F 2987 -128.37 -47.07 38.67
N LYS F 2988 -128.86 -48.31 38.65
CA LYS F 2988 -128.11 -49.39 38.03
C LYS F 2988 -127.91 -49.15 36.53
N SER F 2989 -129.00 -48.89 35.81
CA SER F 2989 -128.96 -48.71 34.37
C SER F 2989 -128.21 -49.86 33.70
N PRO F 2990 -128.72 -51.09 33.79
CA PRO F 2990 -127.99 -52.22 33.19
C PRO F 2990 -127.86 -52.09 31.68
N HIS F 2991 -128.74 -51.34 31.04
CA HIS F 2991 -128.67 -51.17 29.60
C HIS F 2991 -127.57 -50.19 29.21
N GLU F 2992 -127.00 -49.48 30.19
CA GLU F 2992 -126.18 -48.32 29.89
C GLU F 2992 -124.87 -48.71 29.20
N GLN F 2993 -124.32 -49.88 29.52
CA GLN F 2993 -123.09 -50.30 28.85
C GLN F 2993 -123.33 -50.48 27.37
N GLU F 2994 -124.41 -51.17 27.00
CA GLU F 2994 -124.76 -51.30 25.59
C GLU F 2994 -125.16 -49.95 25.00
N ILE F 2995 -125.72 -49.08 25.84
CA ILE F 2995 -126.07 -47.73 25.41
C ILE F 2995 -124.83 -47.02 24.90
N LYS F 2996 -123.77 -47.05 25.70
CA LYS F 2996 -122.52 -46.41 25.31
C LYS F 2996 -121.89 -47.12 24.12
N PHE F 2997 -121.90 -48.46 24.14
CA PHE F 2997 -121.29 -49.21 23.06
C PHE F 2997 -122.01 -48.96 21.74
N PHE F 2998 -123.27 -48.54 21.80
CA PHE F 2998 -124.00 -48.22 20.58
C PHE F 2998 -123.77 -46.76 20.19
N ALA F 2999 -124.11 -45.84 21.09
CA ALA F 2999 -124.07 -44.42 20.75
C ALA F 2999 -122.65 -43.94 20.49
N LYS F 3000 -121.73 -44.20 21.42
CA LYS F 3000 -120.39 -43.64 21.28
C LYS F 3000 -119.53 -44.48 20.35
N ILE F 3001 -119.88 -45.75 20.14
CA ILE F 3001 -119.06 -46.66 19.37
C ILE F 3001 -119.78 -47.14 18.11
N LEU F 3002 -120.93 -47.79 18.27
CA LEU F 3002 -121.59 -48.38 17.11
C LEU F 3002 -122.13 -47.31 16.17
N LEU F 3003 -122.57 -46.18 16.71
CA LEU F 3003 -123.01 -45.10 15.82
C LEU F 3003 -121.87 -44.57 14.96
N PRO F 3004 -120.71 -44.21 15.51
CA PRO F 3004 -119.58 -43.85 14.61
C PRO F 3004 -119.16 -44.99 13.71
N LEU F 3005 -119.27 -46.23 14.20
CA LEU F 3005 -118.99 -47.39 13.36
C LEU F 3005 -119.84 -47.38 12.10
N ILE F 3006 -121.15 -47.28 12.28
CA ILE F 3006 -122.07 -47.22 11.14
C ILE F 3006 -121.74 -46.01 10.29
N ASN F 3007 -121.45 -44.88 10.93
CA ASN F 3007 -121.14 -43.66 10.20
C ASN F 3007 -120.00 -43.88 9.21
N GLN F 3008 -118.82 -44.22 9.71
CA GLN F 3008 -117.66 -44.31 8.82
C GLN F 3008 -117.79 -45.52 7.88
N TYR F 3009 -118.41 -46.60 8.35
CA TYR F 3009 -118.57 -47.78 7.51
C TYR F 3009 -119.41 -47.47 6.29
N PHE F 3010 -120.58 -46.87 6.50
CA PHE F 3010 -121.43 -46.52 5.37
C PHE F 3010 -120.81 -45.39 4.56
N THR F 3011 -120.00 -44.55 5.22
CA THR F 3011 -119.28 -43.51 4.49
C THR F 3011 -118.36 -44.11 3.46
N ASN F 3012 -117.60 -45.13 3.85
CA ASN F 3012 -116.64 -45.73 2.93
C ASN F 3012 -117.34 -46.51 1.83
N HIS F 3013 -118.51 -47.08 2.14
CA HIS F 3013 -119.14 -48.07 1.28
C HIS F 3013 -120.49 -47.64 0.75
N CYS F 3014 -120.81 -46.34 0.81
CA CYS F 3014 -122.07 -45.86 0.23
C CYS F 3014 -122.15 -46.20 -1.25
N LEU F 3015 -121.04 -46.04 -1.98
CA LEU F 3015 -121.04 -46.35 -3.40
C LEU F 3015 -121.31 -47.83 -3.65
N TYR F 3016 -120.69 -48.71 -2.85
CA TYR F 3016 -120.91 -50.14 -3.04
C TYR F 3016 -122.36 -50.51 -2.73
N PHE F 3017 -122.93 -49.89 -1.69
CA PHE F 3017 -124.34 -50.08 -1.42
C PHE F 3017 -125.19 -49.62 -2.61
N LEU F 3018 -124.81 -48.49 -3.21
CA LEU F 3018 -125.61 -47.92 -4.29
C LEU F 3018 -125.49 -48.73 -5.58
N SER F 3019 -124.39 -49.46 -5.74
CA SER F 3019 -124.11 -50.14 -7.00
C SER F 3019 -125.23 -51.11 -7.37
N THR F 3020 -125.54 -51.17 -8.67
CA THR F 3020 -126.59 -52.00 -9.22
C THR F 3020 -125.99 -52.92 -10.27
N PRO F 3021 -126.60 -54.09 -10.49
CA PRO F 3021 -126.06 -54.99 -11.52
C PRO F 3021 -126.03 -54.36 -12.89
N ALA F 3022 -127.05 -53.58 -13.24
CA ALA F 3022 -127.05 -52.89 -14.52
C ALA F 3022 -125.98 -51.82 -14.55
N LYS F 3023 -125.91 -50.99 -13.51
CA LYS F 3023 -124.90 -49.95 -13.41
C LYS F 3023 -124.39 -49.96 -11.98
N VAL F 3024 -123.17 -50.44 -11.79
CA VAL F 3024 -122.49 -50.38 -10.50
C VAL F 3024 -121.99 -48.94 -10.32
N LEU F 3025 -122.62 -48.22 -9.40
CA LEU F 3025 -122.18 -46.86 -9.11
C LEU F 3025 -120.86 -46.87 -8.34
N GLY F 3026 -120.69 -47.84 -7.45
CA GLY F 3026 -119.39 -48.06 -6.85
C GLY F 3026 -118.45 -48.74 -7.83
N SER F 3027 -117.17 -48.78 -7.46
CA SER F 3027 -116.17 -49.40 -8.33
C SER F 3027 -116.41 -50.90 -8.46
N GLY F 3028 -116.62 -51.59 -7.34
CA GLY F 3028 -116.85 -53.02 -7.38
C GLY F 3028 -117.77 -53.50 -6.27
N GLY F 3029 -118.52 -54.55 -6.54
CA GLY F 3029 -119.36 -55.13 -5.51
C GLY F 3029 -120.75 -54.52 -5.49
N HIS F 3030 -121.75 -55.40 -5.38
CA HIS F 3030 -123.14 -55.00 -5.27
C HIS F 3030 -123.70 -55.45 -3.93
N ALA F 3031 -124.23 -54.51 -3.17
CA ALA F 3031 -124.96 -54.85 -1.96
C ALA F 3031 -126.33 -55.41 -2.31
N SER F 3032 -126.60 -56.62 -1.85
CA SER F 3032 -127.79 -57.35 -2.27
C SER F 3032 -129.06 -56.56 -2.00
N ASN F 3033 -130.14 -56.93 -2.69
CA ASN F 3033 -131.39 -56.21 -2.51
C ASN F 3033 -131.93 -56.39 -1.10
N LYS F 3034 -131.89 -57.61 -0.57
CA LYS F 3034 -132.34 -57.85 0.79
C LYS F 3034 -131.47 -57.11 1.78
N GLU F 3035 -130.17 -57.07 1.53
CA GLU F 3035 -129.26 -56.31 2.38
C GLU F 3035 -129.63 -54.83 2.37
N LYS F 3036 -129.91 -54.29 1.19
CA LYS F 3036 -130.36 -52.91 1.09
C LYS F 3036 -131.65 -52.69 1.86
N GLU F 3037 -132.55 -53.68 1.79
CA GLU F 3037 -133.82 -53.56 2.51
C GLU F 3037 -133.59 -53.51 4.01
N MET F 3038 -132.66 -54.31 4.53
CA MET F 3038 -132.44 -54.24 5.98
C MET F 3038 -131.73 -52.95 6.36
N ILE F 3039 -130.89 -52.41 5.47
CA ILE F 3039 -130.34 -51.07 5.73
C ILE F 3039 -131.47 -50.04 5.80
N THR F 3040 -132.44 -50.15 4.91
CA THR F 3040 -133.59 -49.24 4.96
C THR F 3040 -134.36 -49.40 6.26
N SER F 3041 -134.57 -50.65 6.68
CA SER F 3041 -135.25 -50.90 7.93
C SER F 3041 -134.48 -50.32 9.10
N LEU F 3042 -133.14 -50.38 9.02
CA LEU F 3042 -132.32 -49.81 10.08
C LEU F 3042 -132.43 -48.29 10.09
N PHE F 3043 -132.54 -47.68 8.91
CA PHE F 3043 -132.79 -46.23 8.86
C PHE F 3043 -134.12 -45.90 9.53
N CYS F 3044 -135.16 -46.66 9.22
CA CYS F 3044 -136.46 -46.45 9.86
C CYS F 3044 -136.36 -46.65 11.37
N LYS F 3045 -135.61 -47.66 11.80
CA LYS F 3045 -135.47 -47.93 13.23
C LYS F 3045 -134.71 -46.81 13.93
N LEU F 3046 -133.67 -46.28 13.31
CA LEU F 3046 -133.00 -45.10 13.86
C LEU F 3046 -133.95 -43.92 13.95
N ALA F 3047 -134.81 -43.75 12.95
CA ALA F 3047 -135.81 -42.69 13.04
C ALA F 3047 -136.71 -42.89 14.25
N ALA F 3048 -137.18 -44.12 14.44
CA ALA F 3048 -138.04 -44.42 15.59
C ALA F 3048 -137.30 -44.20 16.90
N LEU F 3049 -136.00 -44.50 16.92
CA LEU F 3049 -135.21 -44.31 18.13
C LEU F 3049 -135.04 -42.82 18.44
N VAL F 3050 -134.72 -42.01 17.43
CA VAL F 3050 -134.51 -40.59 17.69
C VAL F 3050 -135.85 -39.90 17.95
N ARG F 3051 -136.94 -40.58 17.62
CA ARG F 3051 -138.27 -40.02 17.88
C ARG F 3051 -138.40 -39.69 19.36
N HIS F 3052 -138.50 -38.40 19.66
CA HIS F 3052 -138.39 -37.87 21.03
C HIS F 3052 -137.18 -38.43 21.77
N ARG F 3053 -135.98 -38.17 21.28
CA ARG F 3053 -134.77 -38.68 21.93
C ARG F 3053 -133.63 -37.68 21.96
N VAL F 3054 -133.85 -36.45 21.51
CA VAL F 3054 -132.75 -35.48 21.44
C VAL F 3054 -132.26 -35.15 22.85
N SER F 3055 -133.17 -34.90 23.78
CA SER F 3055 -132.75 -34.62 25.15
C SER F 3055 -132.10 -35.83 25.79
N LEU F 3056 -132.65 -37.02 25.53
CA LEU F 3056 -132.13 -38.24 26.17
C LEU F 3056 -130.73 -38.57 25.66
N PHE F 3057 -130.55 -38.57 24.34
CA PHE F 3057 -129.22 -38.86 23.79
C PHE F 3057 -128.23 -37.75 24.11
N GLY F 3058 -128.68 -36.50 24.05
CA GLY F 3058 -127.79 -35.40 24.38
C GLY F 3058 -126.70 -35.24 23.35
N THR F 3059 -125.47 -35.56 23.77
CA THR F 3059 -124.31 -35.31 22.93
C THR F 3059 -124.34 -36.16 21.66
N ASP F 3060 -124.98 -37.32 21.72
CA ASP F 3060 -124.89 -38.26 20.60
C ASP F 3060 -125.89 -37.93 19.51
N ALA F 3061 -126.84 -37.03 19.78
CA ALA F 3061 -127.84 -36.69 18.78
C ALA F 3061 -127.24 -36.19 17.47
N PRO F 3062 -126.23 -35.33 17.45
CA PRO F 3062 -125.59 -35.00 16.16
C PRO F 3062 -125.04 -36.23 15.45
N ALA F 3063 -124.44 -37.16 16.19
CA ALA F 3063 -123.97 -38.39 15.56
C ALA F 3063 -125.13 -39.15 14.95
N VAL F 3064 -126.26 -39.19 15.66
CA VAL F 3064 -127.44 -39.87 15.13
C VAL F 3064 -127.89 -39.24 13.83
N VAL F 3065 -127.93 -37.90 13.78
CA VAL F 3065 -128.45 -37.26 12.58
C VAL F 3065 -127.50 -37.46 11.41
N ASN F 3066 -126.18 -37.40 11.66
CA ASN F 3066 -125.25 -37.69 10.58
C ASN F 3066 -125.36 -39.12 10.09
N CYS F 3067 -125.55 -40.06 11.02
CA CYS F 3067 -125.72 -41.45 10.62
C CYS F 3067 -126.98 -41.61 9.77
N LEU F 3068 -128.06 -40.92 10.13
CA LEU F 3068 -129.26 -40.96 9.31
C LEU F 3068 -128.99 -40.37 7.93
N HIS F 3069 -128.21 -39.30 7.86
CA HIS F 3069 -127.88 -38.73 6.55
C HIS F 3069 -127.13 -39.73 5.68
N ILE F 3070 -126.11 -40.37 6.24
CA ILE F 3070 -125.35 -41.36 5.48
C ILE F 3070 -126.25 -42.53 5.10
N LEU F 3071 -127.14 -42.91 6.01
CA LEU F 3071 -128.09 -43.99 5.74
C LEU F 3071 -128.97 -43.66 4.54
N ALA F 3072 -129.48 -42.43 4.51
CA ALA F 3072 -130.30 -42.01 3.37
C ALA F 3072 -129.49 -42.02 2.09
N ARG F 3073 -128.23 -41.58 2.16
CA ARG F 3073 -127.43 -41.52 0.95
C ARG F 3073 -127.06 -42.91 0.45
N SER F 3074 -127.00 -43.89 1.35
CA SER F 3074 -126.48 -45.21 0.98
C SER F 3074 -127.47 -46.00 0.14
N LEU F 3075 -128.76 -45.78 0.34
CA LEU F 3075 -129.77 -46.73 -0.12
C LEU F 3075 -130.11 -46.53 -1.59
N ASP F 3076 -130.61 -47.60 -2.23
CA ASP F 3076 -131.14 -47.55 -3.59
C ASP F 3076 -132.65 -47.68 -3.48
N ALA F 3077 -133.33 -46.53 -3.43
CA ALA F 3077 -134.73 -46.51 -3.05
C ALA F 3077 -135.63 -47.04 -4.16
N ARG F 3078 -135.22 -46.91 -5.43
CA ARG F 3078 -136.02 -47.51 -6.49
C ARG F 3078 -136.04 -49.03 -6.37
N THR F 3079 -134.86 -49.64 -6.17
CA THR F 3079 -134.85 -51.07 -5.91
C THR F 3079 -135.66 -51.38 -4.65
N VAL F 3080 -135.60 -50.49 -3.68
CA VAL F 3080 -136.31 -50.72 -2.42
C VAL F 3080 -137.81 -50.85 -2.66
N MET F 3081 -138.42 -49.88 -3.36
CA MET F 3081 -139.87 -49.93 -3.47
C MET F 3081 -140.29 -50.89 -4.58
N LYS F 3082 -139.39 -51.19 -5.51
CA LYS F 3082 -139.70 -52.19 -6.52
C LYS F 3082 -139.76 -53.59 -5.91
N SER F 3083 -138.76 -53.96 -5.12
CA SER F 3083 -138.66 -55.29 -4.53
C SER F 3083 -138.24 -55.14 -3.07
N GLY F 3084 -139.24 -55.12 -2.18
CA GLY F 3084 -138.96 -55.03 -0.77
C GLY F 3084 -139.97 -55.80 0.06
N PRO F 3085 -139.53 -56.31 1.21
CA PRO F 3085 -140.47 -56.93 2.14
C PRO F 3085 -141.47 -55.90 2.63
N GLU F 3086 -142.74 -56.27 2.55
CA GLU F 3086 -143.81 -55.31 2.85
C GLU F 3086 -143.66 -54.75 4.26
N ILE F 3087 -143.06 -55.50 5.16
CA ILE F 3087 -142.79 -54.97 6.50
C ILE F 3087 -141.85 -53.77 6.42
N VAL F 3088 -140.77 -53.89 5.64
CA VAL F 3088 -139.82 -52.79 5.52
C VAL F 3088 -140.45 -51.63 4.76
N LYS F 3089 -141.22 -51.94 3.72
CA LYS F 3089 -141.87 -50.88 2.97
C LYS F 3089 -142.86 -50.12 3.85
N ALA F 3090 -143.60 -50.83 4.69
CA ALA F 3090 -144.54 -50.19 5.60
C ALA F 3090 -143.81 -49.40 6.66
N GLY F 3091 -142.64 -49.88 7.10
CA GLY F 3091 -141.85 -49.11 8.04
C GLY F 3091 -141.41 -47.78 7.46
N LEU F 3092 -140.92 -47.81 6.22
CA LEU F 3092 -140.51 -46.57 5.56
C LEU F 3092 -141.72 -45.66 5.32
N ARG F 3093 -142.85 -46.25 4.93
CA ARG F 3093 -144.10 -45.51 4.83
C ARG F 3093 -144.44 -44.80 6.12
N SER F 3094 -144.44 -45.54 7.23
CA SER F 3094 -144.77 -44.96 8.52
C SER F 3094 -143.75 -43.91 8.93
N PHE F 3095 -142.50 -44.06 8.48
CA PHE F 3095 -141.51 -43.02 8.73
C PHE F 3095 -141.92 -41.72 8.05
N PHE F 3096 -142.28 -41.79 6.76
CA PHE F 3096 -142.81 -40.60 6.09
C PHE F 3096 -144.02 -40.04 6.83
N GLU F 3097 -144.95 -40.92 7.22
CA GLU F 3097 -146.18 -40.44 7.83
C GLU F 3097 -145.92 -39.77 9.16
N SER F 3098 -145.04 -40.35 9.98
CA SER F 3098 -144.68 -39.73 11.24
C SER F 3098 -144.02 -38.39 11.02
N ALA F 3099 -143.14 -38.30 10.02
CA ALA F 3099 -142.54 -37.01 9.69
C ALA F 3099 -143.61 -35.99 9.32
N SER F 3100 -144.59 -36.41 8.53
CA SER F 3100 -145.65 -35.50 8.11
C SER F 3100 -146.48 -35.05 9.30
N GLU F 3101 -146.81 -35.96 10.20
CA GLU F 3101 -147.53 -35.57 11.42
C GLU F 3101 -146.72 -34.57 12.22
N ASP F 3102 -145.40 -34.79 12.32
CA ASP F 3102 -144.55 -33.81 12.97
C ASP F 3102 -144.67 -32.46 12.29
N ILE F 3103 -144.65 -32.44 10.95
CA ILE F 3103 -144.74 -31.18 10.23
C ILE F 3103 -146.04 -30.46 10.55
N GLU F 3104 -147.14 -31.19 10.58
CA GLU F 3104 -148.42 -30.57 10.97
C GLU F 3104 -148.37 -30.08 12.41
N LYS F 3105 -147.59 -30.74 13.27
CA LYS F 3105 -147.42 -30.23 14.62
C LYS F 3105 -146.69 -28.89 14.62
N MET F 3106 -145.63 -28.77 13.83
CA MET F 3106 -145.06 -27.45 13.58
C MET F 3106 -146.11 -26.46 13.10
N VAL F 3107 -147.02 -26.90 12.24
CA VAL F 3107 -148.05 -25.97 11.77
C VAL F 3107 -148.88 -25.47 12.94
N GLU F 3108 -149.41 -26.37 13.76
CA GLU F 3108 -150.31 -25.95 14.83
C GLU F 3108 -149.55 -25.12 15.87
N ASN F 3109 -148.24 -25.34 16.01
CA ASN F 3109 -147.45 -24.44 16.85
C ASN F 3109 -147.30 -23.08 16.21
N LEU F 3110 -147.10 -23.04 14.89
CA LEU F 3110 -146.85 -21.78 14.21
C LEU F 3110 -148.14 -20.98 14.04
N ARG F 3111 -149.28 -21.57 14.38
CA ARG F 3111 -150.46 -20.73 14.57
C ARG F 3111 -150.32 -19.84 15.80
N LEU F 3112 -149.41 -20.18 16.70
CA LEU F 3112 -149.10 -19.47 17.94
C LEU F 3112 -150.32 -19.24 18.84
N GLY F 3113 -151.20 -20.22 19.00
CA GLY F 3113 -152.14 -20.16 20.11
C GLY F 3113 -151.43 -20.13 21.45
N LYS F 3114 -150.33 -20.90 21.55
CA LYS F 3114 -149.49 -20.88 22.73
C LYS F 3114 -148.06 -20.52 22.32
N VAL F 3115 -147.28 -20.01 23.27
CA VAL F 3115 -146.02 -19.34 22.95
C VAL F 3115 -145.11 -20.24 22.13
N SER F 3116 -144.97 -21.50 22.53
CA SER F 3116 -144.15 -22.48 21.82
C SER F 3116 -142.71 -22.01 21.65
N LYS F 3123 -143.63 -26.66 26.29
CA LYS F 3123 -142.57 -27.36 26.99
C LYS F 3123 -142.21 -28.59 26.15
N GLY F 3124 -143.07 -29.60 26.16
CA GLY F 3124 -142.82 -30.78 25.34
C GLY F 3124 -142.94 -30.49 23.85
N VAL F 3125 -143.90 -29.64 23.47
CA VAL F 3125 -144.05 -29.29 22.08
C VAL F 3125 -142.85 -28.48 21.59
N GLY F 3126 -142.30 -27.63 22.46
CA GLY F 3126 -141.10 -26.89 22.09
C GLY F 3126 -139.90 -27.79 21.86
N GLN F 3127 -139.69 -28.76 22.74
CA GLN F 3127 -138.59 -29.69 22.55
C GLN F 3127 -138.83 -30.54 21.32
N ASN F 3128 -140.07 -30.90 21.04
CA ASN F 3128 -140.38 -31.62 19.81
C ASN F 3128 -140.07 -30.78 18.59
N LEU F 3129 -140.40 -29.49 18.63
CA LEU F 3129 -140.14 -28.63 17.49
C LEU F 3129 -138.65 -28.49 17.25
N THR F 3130 -137.88 -28.28 18.32
CA THR F 3130 -136.44 -28.22 18.17
C THR F 3130 -135.90 -29.54 17.64
N TYR F 3131 -136.41 -30.66 18.14
CA TYR F 3131 -135.96 -31.98 17.71
C TYR F 3131 -136.24 -32.20 16.24
N THR F 3132 -137.42 -31.83 15.77
CA THR F 3132 -137.73 -31.90 14.35
C THR F 3132 -136.78 -31.03 13.55
N THR F 3133 -136.44 -29.86 14.06
CA THR F 3133 -135.64 -28.92 13.29
C THR F 3133 -134.16 -29.28 13.32
N VAL F 3134 -133.74 -30.15 14.25
CA VAL F 3134 -132.34 -30.53 14.27
C VAL F 3134 -132.17 -31.92 13.67
N ALA F 3135 -133.18 -32.77 13.81
CA ALA F 3135 -133.10 -34.13 13.28
C ALA F 3135 -134.04 -34.36 12.12
N LEU F 3136 -135.35 -34.15 12.30
CA LEU F 3136 -136.30 -34.54 11.27
C LEU F 3136 -136.15 -33.68 10.03
N LEU F 3137 -136.12 -32.37 10.18
CA LEU F 3137 -135.94 -31.51 9.01
C LEU F 3137 -134.63 -31.81 8.29
N PRO F 3138 -133.48 -31.93 8.96
CA PRO F 3138 -132.26 -32.32 8.24
C PRO F 3138 -132.35 -33.67 7.54
N VAL F 3139 -132.97 -34.67 8.17
CA VAL F 3139 -132.98 -35.98 7.52
C VAL F 3139 -133.93 -35.97 6.32
N LEU F 3140 -135.05 -35.24 6.42
CA LEU F 3140 -135.90 -35.09 5.25
C LEU F 3140 -135.16 -34.37 4.13
N THR F 3141 -134.38 -33.33 4.46
CA THR F 3141 -133.57 -32.69 3.43
C THR F 3141 -132.61 -33.68 2.80
N THR F 3142 -131.99 -34.52 3.63
CA THR F 3142 -131.05 -35.52 3.13
C THR F 3142 -131.73 -36.46 2.15
N LEU F 3143 -132.90 -36.98 2.52
CA LEU F 3143 -133.66 -37.80 1.60
C LEU F 3143 -134.00 -37.04 0.33
N PHE F 3144 -134.32 -35.75 0.46
CA PHE F 3144 -134.67 -34.97 -0.72
C PHE F 3144 -133.51 -34.91 -1.70
N GLN F 3145 -132.32 -34.51 -1.25
CA GLN F 3145 -131.24 -34.41 -2.22
C GLN F 3145 -130.84 -35.79 -2.74
N HIS F 3146 -130.87 -36.80 -1.88
CA HIS F 3146 -130.46 -38.13 -2.32
C HIS F 3146 -131.40 -38.64 -3.41
N ILE F 3147 -132.71 -38.62 -3.14
CA ILE F 3147 -133.71 -38.96 -4.14
C ILE F 3147 -133.56 -38.07 -5.37
N ALA F 3148 -133.17 -36.82 -5.17
CA ALA F 3148 -133.15 -35.87 -6.29
C ALA F 3148 -132.04 -36.20 -7.27
N GLN F 3149 -130.79 -36.17 -6.82
CA GLN F 3149 -129.69 -36.42 -7.74
C GLN F 3149 -129.69 -37.88 -8.20
N HIS F 3150 -130.16 -38.79 -7.34
CA HIS F 3150 -130.33 -40.16 -7.80
C HIS F 3150 -131.60 -40.31 -8.64
N GLN F 3151 -132.44 -39.28 -8.66
CA GLN F 3151 -133.71 -39.26 -9.39
C GLN F 3151 -134.62 -40.40 -8.95
N PHE F 3152 -134.56 -40.81 -7.68
CA PHE F 3152 -135.39 -41.91 -7.22
C PHE F 3152 -136.85 -41.49 -7.07
N GLY F 3153 -137.13 -40.19 -7.18
CA GLY F 3153 -138.43 -39.67 -6.78
C GLY F 3153 -139.59 -40.28 -7.54
N ASP F 3154 -139.46 -40.40 -8.85
CA ASP F 3154 -140.55 -40.95 -9.65
C ASP F 3154 -140.86 -42.37 -9.24
N ASP F 3155 -139.83 -43.18 -9.00
CA ASP F 3155 -140.04 -44.56 -8.60
C ASP F 3155 -140.62 -44.65 -7.19
N VAL F 3156 -140.16 -43.78 -6.29
CA VAL F 3156 -140.43 -43.97 -4.87
C VAL F 3156 -141.76 -43.32 -4.48
N ILE F 3157 -141.89 -42.03 -4.75
CA ILE F 3157 -143.03 -41.24 -4.31
C ILE F 3157 -144.15 -41.44 -5.32
N LEU F 3158 -145.11 -42.31 -5.02
CA LEU F 3158 -146.24 -42.51 -5.91
C LEU F 3158 -147.57 -42.08 -5.29
N ASP F 3159 -147.97 -42.70 -4.18
CA ASP F 3159 -149.22 -42.29 -3.55
C ASP F 3159 -149.03 -41.87 -2.10
N ASP F 3160 -148.47 -42.76 -1.28
CA ASP F 3160 -148.38 -42.49 0.15
C ASP F 3160 -147.33 -41.43 0.44
N VAL F 3161 -146.15 -41.56 -0.17
CA VAL F 3161 -145.17 -40.49 -0.09
C VAL F 3161 -145.73 -39.23 -0.73
N GLN F 3162 -146.53 -39.40 -1.79
CA GLN F 3162 -147.11 -38.24 -2.46
C GLN F 3162 -148.10 -37.52 -1.55
N VAL F 3163 -148.97 -38.27 -0.85
CA VAL F 3163 -149.94 -37.60 0.02
C VAL F 3163 -149.24 -36.97 1.21
N SER F 3164 -148.21 -37.65 1.74
CA SER F 3164 -147.43 -37.03 2.81
C SER F 3164 -146.78 -35.74 2.35
N CYS F 3165 -146.22 -35.74 1.13
CA CYS F 3165 -145.59 -34.55 0.60
C CYS F 3165 -146.60 -33.45 0.35
N TYR F 3166 -147.82 -33.82 -0.05
CA TYR F 3166 -148.86 -32.82 -0.25
C TYR F 3166 -149.27 -32.19 1.07
N ARG F 3167 -149.37 -33.01 2.12
CA ARG F 3167 -149.61 -32.48 3.45
C ARG F 3167 -148.48 -31.53 3.85
N THR F 3168 -147.24 -31.91 3.56
CA THR F 3168 -146.10 -31.05 3.86
C THR F 3168 -146.18 -29.74 3.10
N LEU F 3169 -146.62 -29.80 1.83
CA LEU F 3169 -146.69 -28.60 1.01
C LEU F 3169 -147.76 -27.64 1.53
N CYS F 3170 -148.95 -28.16 1.81
CA CYS F 3170 -149.98 -27.32 2.41
C CYS F 3170 -149.50 -26.75 3.74
N SER F 3171 -148.75 -27.56 4.50
CA SER F 3171 -148.16 -27.10 5.75
C SER F 3171 -147.26 -25.90 5.53
N ILE F 3172 -146.21 -26.06 4.73
CA ILE F 3172 -145.21 -25.02 4.56
C ILE F 3172 -145.85 -23.76 3.99
N TYR F 3173 -146.82 -23.92 3.08
CA TYR F 3173 -147.51 -22.75 2.57
C TYR F 3173 -148.29 -22.07 3.67
N SER F 3174 -148.90 -22.85 4.56
CA SER F 3174 -149.59 -22.27 5.70
C SER F 3174 -148.63 -21.50 6.59
N LEU F 3175 -147.43 -22.06 6.84
CA LEU F 3175 -146.44 -21.34 7.61
C LEU F 3175 -146.00 -20.06 6.91
N GLY F 3176 -146.07 -20.04 5.57
CA GLY F 3176 -145.81 -18.82 4.86
C GLY F 3176 -146.83 -17.75 5.16
N THR F 3177 -148.08 -18.15 5.41
CA THR F 3177 -149.14 -17.18 5.70
C THR F 3177 -148.89 -16.46 7.03
N THR F 3178 -148.47 -17.19 8.06
CA THR F 3178 -148.27 -16.58 9.37
C THR F 3178 -146.92 -15.88 9.45
N LYS F 3179 -146.84 -14.89 10.33
CA LYS F 3179 -145.60 -14.14 10.58
C LYS F 3179 -145.36 -14.08 12.08
N ASN F 3180 -144.17 -14.53 12.50
CA ASN F 3180 -143.76 -14.51 13.90
C ASN F 3180 -142.25 -14.45 13.95
N THR F 3181 -141.70 -14.15 15.13
CA THR F 3181 -140.26 -14.25 15.31
C THR F 3181 -139.79 -15.68 15.12
N TYR F 3182 -140.57 -16.64 15.64
CA TYR F 3182 -140.31 -18.04 15.36
C TYR F 3182 -140.34 -18.32 13.86
N VAL F 3183 -141.28 -17.68 13.16
CA VAL F 3183 -141.28 -17.78 11.70
C VAL F 3183 -139.95 -17.27 11.15
N GLU F 3184 -139.46 -16.15 11.66
CA GLU F 3184 -138.21 -15.60 11.14
C GLU F 3184 -137.06 -16.58 11.33
N LYS F 3185 -136.95 -17.18 12.51
CA LYS F 3185 -135.84 -18.10 12.72
C LYS F 3185 -135.99 -19.38 11.89
N LEU F 3186 -137.21 -19.91 11.75
CA LEU F 3186 -137.35 -21.19 11.05
C LEU F 3186 -137.37 -21.00 9.54
N ARG F 3187 -137.60 -19.77 9.07
CA ARG F 3187 -137.73 -19.55 7.63
C ARG F 3187 -136.53 -20.02 6.80
N PRO F 3188 -135.27 -19.80 7.22
CA PRO F 3188 -134.18 -20.39 6.44
C PRO F 3188 -134.28 -21.91 6.33
N ALA F 3189 -134.40 -22.59 7.46
CA ALA F 3189 -134.47 -24.05 7.44
C ALA F 3189 -135.73 -24.53 6.74
N LEU F 3190 -136.87 -23.90 7.01
CA LEU F 3190 -138.11 -24.31 6.36
C LEU F 3190 -138.01 -24.12 4.85
N GLY F 3191 -137.45 -23.01 4.41
CA GLY F 3191 -137.33 -22.75 2.99
C GLY F 3191 -136.40 -23.72 2.30
N GLU F 3192 -135.24 -24.01 2.91
CA GLU F 3192 -134.33 -24.96 2.29
C GLU F 3192 -134.93 -26.36 2.25
N CYS F 3193 -135.61 -26.77 3.32
CA CYS F 3193 -136.26 -28.07 3.32
C CYS F 3193 -137.32 -28.14 2.24
N LEU F 3194 -138.11 -27.08 2.10
CA LEU F 3194 -139.16 -27.05 1.08
C LEU F 3194 -138.57 -27.08 -0.32
N ALA F 3195 -137.49 -26.34 -0.55
CA ALA F 3195 -136.86 -26.36 -1.87
C ALA F 3195 -136.36 -27.76 -2.21
N ARG F 3196 -135.71 -28.41 -1.24
CA ARG F 3196 -135.23 -29.76 -1.48
C ARG F 3196 -136.40 -30.71 -1.75
N LEU F 3197 -137.48 -30.56 -0.98
CA LEU F 3197 -138.66 -31.39 -1.18
C LEU F 3197 -139.26 -31.18 -2.56
N ALA F 3198 -139.34 -29.93 -3.00
CA ALA F 3198 -139.90 -29.65 -4.32
C ALA F 3198 -139.03 -30.25 -5.42
N ALA F 3199 -137.71 -30.14 -5.27
CA ALA F 3199 -136.82 -30.73 -6.26
C ALA F 3199 -136.97 -32.25 -6.31
N ALA F 3200 -137.13 -32.88 -5.15
CA ALA F 3200 -137.24 -34.34 -5.12
C ALA F 3200 -138.64 -34.81 -5.54
N MET F 3201 -139.62 -33.93 -5.45
CA MET F 3201 -141.02 -34.34 -5.56
C MET F 3201 -141.34 -34.67 -7.03
N PRO F 3202 -141.90 -35.85 -7.31
CA PRO F 3202 -142.09 -36.22 -8.73
C PRO F 3202 -143.34 -35.64 -9.37
N VAL F 3203 -144.13 -34.85 -8.64
CA VAL F 3203 -145.33 -34.28 -9.24
C VAL F 3203 -145.24 -32.76 -9.26
N ALA F 3204 -145.45 -32.18 -10.43
CA ALA F 3204 -145.39 -30.73 -10.62
C ALA F 3204 -146.74 -30.14 -10.21
N PHE F 3205 -146.80 -29.55 -9.01
CA PHE F 3205 -148.10 -29.23 -8.42
C PHE F 3205 -148.68 -27.94 -8.99
N LEU F 3206 -147.87 -27.13 -9.67
CA LEU F 3206 -148.36 -25.82 -10.09
C LEU F 3206 -149.30 -25.94 -11.30
N GLU F 3207 -149.05 -26.89 -12.20
CA GLU F 3207 -149.92 -27.08 -13.35
C GLU F 3207 -150.86 -28.25 -13.08
N PRO F 3208 -152.13 -28.00 -12.78
CA PRO F 3208 -153.02 -29.11 -12.39
C PRO F 3208 -153.45 -29.99 -13.55
N GLN F 3209 -153.87 -29.40 -14.67
CA GLN F 3209 -154.47 -30.18 -15.74
C GLN F 3209 -153.44 -31.08 -16.41
N LEU F 3210 -152.21 -30.61 -16.52
CA LEU F 3210 -151.16 -31.44 -17.09
C LEU F 3210 -150.95 -32.71 -16.27
N ASN F 3211 -150.75 -32.54 -14.95
CA ASN F 3211 -150.54 -33.70 -14.10
C ASN F 3211 -151.78 -34.58 -14.05
N GLU F 3212 -152.96 -33.98 -14.21
CA GLU F 3212 -154.16 -34.79 -14.35
C GLU F 3212 -154.07 -35.67 -15.59
N TYR F 3213 -153.55 -35.12 -16.69
CA TYR F 3213 -153.36 -35.93 -17.89
C TYR F 3213 -152.33 -37.02 -17.66
N ASN F 3214 -151.19 -36.68 -17.05
CA ASN F 3214 -150.12 -37.65 -16.91
C ASN F 3214 -150.48 -38.73 -15.90
N ALA F 3215 -149.86 -39.90 -16.06
CA ALA F 3215 -150.23 -41.05 -15.24
C ALA F 3215 -149.47 -41.06 -13.92
N CYS F 3216 -148.50 -40.16 -13.75
CA CYS F 3216 -147.74 -40.07 -12.50
C CYS F 3216 -148.51 -39.18 -11.54
N SER F 3217 -149.59 -39.71 -10.98
CA SER F 3217 -150.37 -39.01 -9.98
C SER F 3217 -151.12 -40.02 -9.13
N VAL F 3218 -151.59 -39.57 -7.97
CA VAL F 3218 -152.28 -40.47 -7.06
C VAL F 3218 -153.60 -40.95 -7.67
N TYR F 3219 -154.31 -40.07 -8.37
CA TYR F 3219 -155.58 -40.47 -8.97
C TYR F 3219 -155.37 -41.50 -10.07
N THR F 3220 -154.36 -41.29 -10.92
CA THR F 3220 -154.10 -42.24 -12.00
C THR F 3220 -153.59 -43.57 -11.45
N THR F 3221 -152.65 -43.53 -10.51
CA THR F 3221 -152.12 -44.76 -9.93
C THR F 3221 -153.21 -45.54 -9.21
N LYS F 3222 -154.08 -44.83 -8.49
CA LYS F 3222 -155.18 -45.43 -7.76
C LYS F 3222 -156.41 -44.54 -7.91
N SER F 3223 -157.47 -45.08 -8.49
CA SER F 3223 -158.64 -44.27 -8.79
C SER F 3223 -159.27 -43.77 -7.48
N PRO F 3224 -159.95 -42.63 -7.52
CA PRO F 3224 -160.59 -42.12 -6.29
C PRO F 3224 -161.59 -43.09 -5.68
N ARG F 3225 -162.26 -43.89 -6.52
CA ARG F 3225 -163.11 -44.95 -5.99
C ARG F 3225 -162.30 -45.91 -5.14
N GLU F 3226 -161.13 -46.30 -5.64
CA GLU F 3226 -160.19 -47.06 -4.83
C GLU F 3226 -159.62 -46.18 -3.73
N ARG F 3227 -159.18 -46.81 -2.63
CA ARG F 3227 -158.77 -46.13 -1.39
C ARG F 3227 -159.70 -44.96 -1.07
N ALA F 3228 -160.99 -45.13 -1.35
CA ALA F 3228 -161.95 -44.09 -1.03
C ALA F 3228 -161.95 -43.78 0.46
N ILE F 3229 -161.58 -44.76 1.28
CA ILE F 3229 -161.38 -44.52 2.71
C ILE F 3229 -160.29 -43.47 2.91
N LEU F 3230 -159.21 -43.56 2.15
CA LEU F 3230 -158.20 -42.52 2.19
C LEU F 3230 -158.77 -41.21 1.67
N GLY F 3231 -158.30 -40.10 2.25
CA GLY F 3231 -158.83 -38.80 1.86
C GLY F 3231 -158.62 -38.53 0.38
N LEU F 3232 -159.73 -38.43 -0.34
CA LEU F 3232 -159.70 -38.19 -1.78
C LEU F 3232 -160.11 -36.75 -2.05
N PRO F 3233 -159.17 -35.85 -2.34
CA PRO F 3233 -159.57 -34.49 -2.78
C PRO F 3233 -160.34 -34.50 -4.08
N ASN F 3234 -160.17 -35.55 -4.89
CA ASN F 3234 -160.75 -35.73 -6.22
C ASN F 3234 -160.17 -34.74 -7.22
N SER F 3235 -159.26 -33.87 -6.80
CA SER F 3235 -158.63 -32.89 -7.67
C SER F 3235 -157.26 -32.55 -7.10
N VAL F 3236 -156.26 -32.47 -7.98
CA VAL F 3236 -154.92 -32.10 -7.54
C VAL F 3236 -154.94 -30.71 -6.91
N GLU F 3237 -155.74 -29.80 -7.47
CA GLU F 3237 -155.98 -28.53 -6.80
C GLU F 3237 -156.63 -28.74 -5.44
N GLU F 3238 -157.59 -29.67 -5.37
CA GLU F 3238 -158.32 -29.87 -4.12
C GLU F 3238 -157.41 -30.40 -3.02
N MET F 3239 -156.31 -31.07 -3.39
CA MET F 3239 -155.37 -31.50 -2.36
C MET F 3239 -154.76 -30.32 -1.64
N CYS F 3240 -154.20 -29.36 -2.39
CA CYS F 3240 -153.56 -28.18 -1.82
C CYS F 3240 -154.04 -26.95 -2.58
N PRO F 3241 -155.28 -26.52 -2.32
CA PRO F 3241 -155.80 -25.35 -3.05
C PRO F 3241 -155.14 -24.04 -2.65
N ASP F 3242 -154.50 -24.01 -1.48
CA ASP F 3242 -153.96 -22.76 -0.96
C ASP F 3242 -152.85 -22.20 -1.86
N ILE F 3243 -151.92 -23.06 -2.27
CA ILE F 3243 -150.81 -22.55 -3.09
C ILE F 3243 -151.34 -22.09 -4.44
N PRO F 3244 -150.99 -20.90 -4.90
CA PRO F 3244 -151.53 -20.40 -6.17
C PRO F 3244 -150.92 -21.12 -7.37
N VAL F 3245 -151.54 -20.88 -8.53
CA VAL F 3245 -151.08 -21.49 -9.77
C VAL F 3245 -149.81 -20.79 -10.24
N LEU F 3246 -149.07 -21.47 -11.12
CA LEU F 3246 -147.73 -21.00 -11.47
C LEU F 3246 -147.77 -19.59 -12.06
N ASP F 3247 -148.41 -19.41 -13.22
CA ASP F 3247 -148.38 -18.11 -13.88
C ASP F 3247 -148.82 -16.99 -12.96
N ARG F 3248 -149.77 -17.28 -12.07
CA ARG F 3248 -150.13 -16.31 -11.04
C ARG F 3248 -148.95 -16.00 -10.14
N LEU F 3249 -148.22 -17.02 -9.70
CA LEU F 3249 -147.06 -16.79 -8.83
C LEU F 3249 -146.00 -15.97 -9.55
N MET F 3250 -145.73 -16.30 -10.82
CA MET F 3250 -144.77 -15.52 -11.60
C MET F 3250 -145.22 -14.07 -11.75
N ALA F 3251 -146.52 -13.85 -11.97
CA ALA F 3251 -147.02 -12.48 -12.04
C ALA F 3251 -146.79 -11.75 -10.73
N ASP F 3252 -147.04 -12.43 -9.61
CA ASP F 3252 -146.82 -11.82 -8.31
C ASP F 3252 -145.34 -11.49 -8.10
N ILE F 3253 -144.47 -12.41 -8.50
CA ILE F 3253 -143.03 -12.20 -8.32
C ILE F 3253 -142.56 -11.03 -9.16
N GLY F 3254 -143.03 -10.94 -10.41
CA GLY F 3254 -142.68 -9.81 -11.24
C GLY F 3254 -143.20 -8.50 -10.68
N GLY F 3255 -144.40 -8.51 -10.12
CA GLY F 3255 -144.93 -7.31 -9.49
C GLY F 3255 -144.08 -6.86 -8.31
N LEU F 3256 -143.74 -7.79 -7.43
CA LEU F 3256 -142.85 -7.44 -6.32
C LEU F 3256 -141.50 -6.96 -6.85
N ALA F 3257 -141.04 -7.54 -7.95
CA ALA F 3257 -139.75 -7.15 -8.51
C ALA F 3257 -139.76 -5.71 -8.98
N GLU F 3258 -140.75 -5.33 -9.79
CA GLU F 3258 -140.74 -3.97 -10.31
C GLU F 3258 -141.14 -2.98 -9.21
N SER F 3259 -141.87 -3.45 -8.20
CA SER F 3259 -142.11 -2.62 -7.03
C SER F 3259 -140.83 -2.32 -6.29
N GLY F 3260 -139.93 -3.31 -6.20
CA GLY F 3260 -138.66 -3.11 -5.53
C GLY F 3260 -138.77 -2.95 -4.04
N ALA F 3261 -139.81 -3.51 -3.42
CA ALA F 3261 -139.96 -3.42 -1.98
C ALA F 3261 -138.91 -4.25 -1.27
N ARG F 3262 -138.57 -3.84 -0.05
CA ARG F 3262 -137.50 -4.45 0.72
C ARG F 3262 -137.84 -5.90 1.07
N TYR F 3263 -136.81 -6.66 1.43
CA TYR F 3263 -137.00 -8.06 1.78
C TYR F 3263 -137.95 -8.21 2.95
N THR F 3264 -137.91 -7.27 3.89
CA THR F 3264 -138.84 -7.33 5.02
C THR F 3264 -140.28 -7.18 4.54
N GLU F 3265 -140.48 -6.63 3.34
CA GLU F 3265 -141.83 -6.49 2.83
C GLU F 3265 -142.38 -7.81 2.32
N MET F 3266 -141.53 -8.64 1.71
CA MET F 3266 -141.91 -9.99 1.30
C MET F 3266 -140.89 -10.99 1.85
N PRO F 3267 -140.78 -11.08 3.17
CA PRO F 3267 -139.79 -12.00 3.75
C PRO F 3267 -140.13 -13.45 3.50
N HIS F 3268 -141.40 -13.82 3.63
CA HIS F 3268 -141.82 -15.15 3.25
C HIS F 3268 -141.57 -15.41 1.78
N VAL F 3269 -141.90 -14.44 0.92
CA VAL F 3269 -141.78 -14.66 -0.51
C VAL F 3269 -140.33 -14.94 -0.90
N ILE F 3270 -139.40 -14.09 -0.44
CA ILE F 3270 -138.00 -14.32 -0.80
C ILE F 3270 -137.47 -15.57 -0.09
N GLU F 3271 -137.86 -15.78 1.17
CA GLU F 3271 -137.32 -16.89 1.94
C GLU F 3271 -137.96 -18.22 1.54
N ILE F 3272 -139.18 -18.20 1.05
CA ILE F 3272 -139.96 -19.41 0.80
C ILE F 3272 -140.41 -19.50 -0.65
N THR F 3273 -141.12 -18.49 -1.13
CA THR F 3273 -141.66 -18.54 -2.49
C THR F 3273 -140.55 -18.56 -3.53
N LEU F 3274 -139.59 -17.65 -3.42
CA LEU F 3274 -138.46 -17.70 -4.34
C LEU F 3274 -137.76 -19.04 -4.30
N PRO F 3275 -137.46 -19.65 -3.14
CA PRO F 3275 -136.84 -20.97 -3.15
C PRO F 3275 -137.67 -22.08 -3.78
N MET F 3276 -138.97 -22.23 -3.46
CA MET F 3276 -139.61 -23.41 -4.02
C MET F 3276 -139.88 -23.20 -5.51
N LEU F 3277 -140.06 -21.95 -5.93
CA LEU F 3277 -140.11 -21.69 -7.36
C LEU F 3277 -138.80 -22.05 -8.03
N CYS F 3278 -137.67 -21.69 -7.40
CA CYS F 3278 -136.36 -21.99 -7.96
C CYS F 3278 -136.16 -23.50 -8.10
N SER F 3279 -136.56 -24.25 -7.08
CA SER F 3279 -136.41 -25.70 -7.16
C SER F 3279 -137.38 -26.30 -8.18
N TYR F 3280 -138.62 -25.79 -8.21
CA TYR F 3280 -139.66 -26.36 -9.03
C TYR F 3280 -139.36 -26.18 -10.51
N LEU F 3281 -138.89 -25.00 -10.90
CA LEU F 3281 -138.91 -24.61 -12.31
C LEU F 3281 -138.07 -25.52 -13.19
N PRO F 3282 -136.78 -25.75 -12.94
CA PRO F 3282 -135.99 -26.57 -13.89
C PRO F 3282 -136.41 -28.03 -13.88
N ARG F 3283 -136.51 -28.62 -12.68
CA ARG F 3283 -136.82 -30.04 -12.55
C ARG F 3283 -138.04 -30.41 -13.36
N TRP F 3284 -138.91 -29.43 -13.64
CA TRP F 3284 -140.01 -29.68 -14.56
C TRP F 3284 -139.69 -29.16 -15.96
N TRP F 3285 -138.69 -28.29 -16.09
CA TRP F 3285 -138.34 -27.80 -17.41
C TRP F 3285 -137.76 -28.91 -18.27
N GLU F 3286 -136.82 -29.69 -17.74
CA GLU F 3286 -136.24 -30.75 -18.56
C GLU F 3286 -137.26 -31.81 -18.92
N ARG F 3287 -138.14 -32.17 -17.98
CA ARG F 3287 -139.21 -33.10 -18.33
C ARG F 3287 -140.31 -32.39 -19.10
N GLY F 3288 -140.33 -31.06 -19.07
CA GLY F 3288 -141.24 -30.29 -19.87
C GLY F 3288 -140.74 -30.14 -21.29
N PRO F 3289 -141.45 -29.34 -22.09
CA PRO F 3289 -141.02 -29.14 -23.48
C PRO F 3289 -139.78 -28.26 -23.54
N GLU F 3290 -139.26 -28.10 -24.75
CA GLU F 3290 -138.05 -27.34 -25.09
C GLU F 3290 -136.78 -28.04 -24.61
N ALA F 3291 -136.90 -29.12 -23.84
CA ALA F 3291 -135.76 -29.97 -23.57
C ALA F 3291 -135.72 -31.11 -24.59
N PRO F 3292 -134.53 -31.56 -24.97
CA PRO F 3292 -134.42 -32.52 -26.08
C PRO F 3292 -135.07 -33.85 -25.74
N PRO F 3293 -136.19 -34.17 -26.37
CA PRO F 3293 -136.85 -35.43 -26.08
C PRO F 3293 -136.37 -36.54 -27.00
N PRO F 3294 -136.11 -37.72 -26.47
CA PRO F 3294 -135.84 -38.87 -27.34
C PRO F 3294 -137.07 -39.17 -28.20
N ALA F 3295 -136.82 -39.41 -29.49
CA ALA F 3295 -137.91 -39.38 -30.46
C ALA F 3295 -138.99 -40.40 -30.15
N LEU F 3296 -138.61 -41.66 -29.97
CA LEU F 3296 -139.60 -42.68 -29.63
C LEU F 3296 -140.28 -42.39 -28.30
N PRO F 3297 -139.57 -42.08 -27.20
CA PRO F 3297 -140.28 -41.60 -26.01
C PRO F 3297 -141.08 -40.34 -26.24
N ALA F 3298 -140.59 -39.45 -27.11
CA ALA F 3298 -141.35 -38.24 -27.42
C ALA F 3298 -142.66 -38.58 -28.13
N GLY F 3299 -142.63 -39.59 -28.99
CA GLY F 3299 -143.81 -39.90 -29.77
C GLY F 3299 -144.78 -40.84 -29.07
N ALA F 3300 -145.77 -40.24 -28.40
CA ALA F 3300 -146.94 -40.80 -27.74
C ALA F 3300 -147.46 -39.81 -26.70
N PRO F 3301 -146.68 -39.44 -25.67
CA PRO F 3301 -147.21 -38.52 -24.66
C PRO F 3301 -146.83 -37.08 -24.95
N PRO F 3302 -147.73 -36.14 -24.73
CA PRO F 3302 -147.35 -34.73 -24.69
C PRO F 3302 -146.45 -34.49 -23.49
N PRO F 3303 -145.63 -33.44 -23.52
CA PRO F 3303 -144.76 -33.14 -22.37
C PRO F 3303 -145.59 -32.99 -21.10
N CYS F 3304 -145.09 -33.57 -20.01
CA CYS F 3304 -145.85 -33.57 -18.77
C CYS F 3304 -146.12 -32.14 -18.31
N THR F 3305 -145.08 -31.37 -18.03
CA THR F 3305 -145.27 -29.99 -17.63
C THR F 3305 -145.24 -29.07 -18.84
N ALA F 3306 -145.52 -27.80 -18.61
CA ALA F 3306 -145.47 -26.79 -19.65
C ALA F 3306 -144.34 -25.78 -19.43
N VAL F 3307 -143.35 -26.13 -18.60
CA VAL F 3307 -142.26 -25.21 -18.30
C VAL F 3307 -141.47 -24.93 -19.56
N THR F 3308 -141.15 -23.66 -19.79
CA THR F 3308 -140.46 -23.24 -21.00
C THR F 3308 -139.21 -22.45 -20.64
N SER F 3309 -138.33 -22.34 -21.64
CA SER F 3309 -137.07 -21.63 -21.44
C SER F 3309 -137.31 -20.15 -21.17
N ASP F 3310 -138.31 -19.56 -21.82
CA ASP F 3310 -138.62 -18.16 -21.54
C ASP F 3310 -139.21 -18.00 -20.15
N HIS F 3311 -139.96 -19.00 -19.68
CA HIS F 3311 -140.40 -19.00 -18.29
C HIS F 3311 -139.20 -19.01 -17.35
N LEU F 3312 -138.23 -19.86 -17.64
CA LEU F 3312 -137.00 -19.93 -16.87
C LEU F 3312 -136.32 -18.57 -16.84
N ASN F 3313 -136.18 -17.95 -18.02
CA ASN F 3313 -135.50 -16.67 -18.12
C ASN F 3313 -136.26 -15.58 -17.36
N SER F 3314 -137.59 -15.58 -17.47
CA SER F 3314 -138.37 -14.57 -16.77
C SER F 3314 -138.21 -14.70 -15.26
N LEU F 3315 -138.26 -15.92 -14.75
CA LEU F 3315 -138.05 -16.08 -13.31
C LEU F 3315 -136.67 -15.62 -12.91
N LEU F 3316 -135.65 -15.93 -13.74
CA LEU F 3316 -134.30 -15.47 -13.42
C LEU F 3316 -134.23 -13.95 -13.41
N GLY F 3317 -134.88 -13.30 -14.37
CA GLY F 3317 -134.90 -11.84 -14.37
C GLY F 3317 -135.58 -11.29 -13.14
N ASN F 3318 -136.63 -11.98 -12.67
CA ASN F 3318 -137.26 -11.60 -11.42
C ASN F 3318 -136.29 -11.71 -10.25
N ILE F 3319 -135.50 -12.79 -10.22
CA ILE F 3319 -134.49 -12.94 -9.17
C ILE F 3319 -133.48 -11.80 -9.24
N LEU F 3320 -133.03 -11.46 -10.44
CA LEU F 3320 -132.08 -10.37 -10.59
C LEU F 3320 -132.67 -9.06 -10.10
N ARG F 3321 -133.94 -8.81 -10.44
CA ARG F 3321 -134.59 -7.60 -9.99
C ARG F 3321 -134.70 -7.55 -8.48
N ILE F 3322 -135.08 -8.67 -7.86
CA ILE F 3322 -135.19 -8.68 -6.39
C ILE F 3322 -133.82 -8.46 -5.78
N ILE F 3323 -132.78 -8.98 -6.43
CA ILE F 3323 -131.41 -8.79 -5.92
C ILE F 3323 -131.04 -7.32 -5.94
N VAL F 3324 -131.24 -6.65 -7.08
CA VAL F 3324 -130.83 -5.25 -7.16
C VAL F 3324 -131.67 -4.40 -6.24
N ASN F 3325 -132.97 -4.68 -6.15
CA ASN F 3325 -133.82 -3.91 -5.26
C ASN F 3325 -133.38 -4.06 -3.81
N ASN F 3326 -132.99 -5.27 -3.40
CA ASN F 3326 -132.59 -5.50 -2.03
C ASN F 3326 -131.13 -5.16 -1.74
N LEU F 3327 -130.43 -4.54 -2.69
CA LEU F 3327 -129.04 -4.18 -2.46
C LEU F 3327 -128.91 -3.18 -1.32
N GLY F 3328 -129.95 -2.38 -1.08
CA GLY F 3328 -129.88 -1.37 -0.04
C GLY F 3328 -129.76 -1.96 1.35
N ILE F 3329 -130.32 -3.16 1.55
CA ILE F 3329 -130.33 -3.77 2.88
C ILE F 3329 -128.90 -4.10 3.32
N ASP F 3330 -128.60 -3.76 4.57
CA ASP F 3330 -127.23 -3.94 5.07
C ASP F 3330 -126.91 -5.42 5.29
N GLU F 3331 -127.79 -6.15 5.97
CA GLU F 3331 -127.52 -7.53 6.34
C GLU F 3331 -128.52 -8.44 5.65
N ALA F 3332 -128.01 -9.52 5.05
CA ALA F 3332 -128.82 -10.45 4.27
C ALA F 3332 -127.99 -11.72 4.04
N THR F 3333 -128.55 -12.87 4.44
CA THR F 3333 -127.99 -14.16 4.05
C THR F 3333 -128.96 -14.92 3.15
N TRP F 3334 -130.24 -14.56 3.25
CA TRP F 3334 -131.25 -15.14 2.38
C TRP F 3334 -130.89 -14.98 0.90
N MET F 3335 -130.18 -13.91 0.55
CA MET F 3335 -129.89 -13.72 -0.87
C MET F 3335 -128.75 -14.61 -1.33
N LYS F 3336 -127.77 -14.91 -0.47
CA LYS F 3336 -126.78 -15.90 -0.90
C LYS F 3336 -127.43 -17.28 -1.01
N ARG F 3337 -128.33 -17.63 -0.08
CA ARG F 3337 -129.02 -18.89 -0.24
C ARG F 3337 -129.81 -18.92 -1.55
N LEU F 3338 -130.51 -17.83 -1.86
CA LEU F 3338 -131.29 -17.77 -3.08
C LEU F 3338 -130.39 -17.89 -4.31
N ALA F 3339 -129.23 -17.23 -4.28
CA ALA F 3339 -128.32 -17.30 -5.43
C ALA F 3339 -127.78 -18.71 -5.63
N VAL F 3340 -127.37 -19.37 -4.54
CA VAL F 3340 -126.85 -20.73 -4.69
C VAL F 3340 -127.95 -21.67 -5.14
N PHE F 3341 -129.20 -21.37 -4.78
CA PHE F 3341 -130.31 -22.13 -5.36
C PHE F 3341 -130.46 -21.81 -6.84
N ALA F 3342 -130.19 -20.57 -7.23
CA ALA F 3342 -130.49 -20.13 -8.59
C ALA F 3342 -129.29 -20.33 -9.51
N GLN F 3343 -128.25 -20.99 -9.02
CA GLN F 3343 -127.11 -21.29 -9.88
C GLN F 3343 -127.50 -22.00 -11.18
N PRO F 3344 -128.34 -23.05 -11.18
CA PRO F 3344 -128.61 -23.74 -12.46
C PRO F 3344 -129.43 -22.91 -13.44
N ILE F 3345 -130.50 -22.26 -12.96
CA ILE F 3345 -131.36 -21.49 -13.85
C ILE F 3345 -130.55 -20.42 -14.57
N VAL F 3346 -129.52 -19.90 -13.91
CA VAL F 3346 -128.65 -18.92 -14.57
C VAL F 3346 -127.96 -19.56 -15.77
N SER F 3347 -127.47 -20.79 -15.59
CA SER F 3347 -126.88 -21.51 -16.71
C SER F 3347 -127.92 -21.79 -17.79
N ARG F 3348 -129.18 -21.91 -17.40
CA ARG F 3348 -130.21 -22.23 -18.39
C ARG F 3348 -130.65 -20.98 -19.17
N ALA F 3349 -130.48 -19.81 -18.59
CA ALA F 3349 -131.05 -18.59 -19.17
C ALA F 3349 -130.41 -18.21 -20.50
N ARG F 3350 -130.93 -17.15 -21.10
CA ARG F 3350 -130.44 -16.69 -22.39
C ARG F 3350 -129.77 -15.31 -22.25
N PRO F 3351 -128.83 -14.99 -23.15
CA PRO F 3351 -128.04 -13.75 -22.94
C PRO F 3351 -128.79 -12.46 -23.16
N GLU F 3352 -129.90 -12.47 -23.91
CA GLU F 3352 -130.60 -11.22 -24.20
C GLU F 3352 -131.08 -10.55 -22.92
N LEU F 3353 -131.61 -11.33 -21.98
CA LEU F 3353 -132.06 -10.75 -20.71
C LEU F 3353 -130.88 -10.19 -19.93
N LEU F 3354 -129.72 -10.83 -20.04
CA LEU F 3354 -128.52 -10.25 -19.44
C LEU F 3354 -128.25 -8.87 -20.03
N HIS F 3355 -128.36 -8.75 -21.35
CA HIS F 3355 -128.17 -7.44 -21.96
C HIS F 3355 -129.20 -6.45 -21.44
N SER F 3356 -130.45 -6.90 -21.30
CA SER F 3356 -131.51 -6.00 -20.85
C SER F 3356 -131.36 -5.66 -19.36
N HIS F 3357 -131.08 -6.66 -18.53
CA HIS F 3357 -131.14 -6.49 -17.09
C HIS F 3357 -129.79 -6.64 -16.42
N PHE F 3358 -129.08 -7.73 -16.69
CA PHE F 3358 -127.84 -8.00 -15.97
C PHE F 3358 -126.81 -6.92 -16.25
N ILE F 3359 -126.80 -6.38 -17.47
CA ILE F 3359 -125.90 -5.26 -17.77
C ILE F 3359 -126.21 -4.05 -16.92
N PRO F 3360 -127.45 -3.57 -16.80
CA PRO F 3360 -127.72 -2.49 -15.85
C PRO F 3360 -127.35 -2.85 -14.42
N THR F 3361 -127.53 -4.12 -14.02
CA THR F 3361 -127.12 -4.50 -12.67
C THR F 3361 -125.63 -4.29 -12.47
N ILE F 3362 -124.80 -4.82 -13.38
CA ILE F 3362 -123.36 -4.65 -13.26
C ILE F 3362 -123.01 -3.16 -13.29
N GLY F 3363 -123.70 -2.38 -14.11
CA GLY F 3363 -123.45 -0.95 -14.13
C GLY F 3363 -123.71 -0.29 -12.78
N ARG F 3364 -124.82 -0.66 -12.15
CA ARG F 3364 -125.17 -0.03 -10.87
C ARG F 3364 -124.20 -0.46 -9.78
N LEU F 3365 -123.81 -1.75 -9.77
CA LEU F 3365 -122.79 -2.19 -8.83
C LEU F 3365 -121.47 -1.46 -9.08
N ARG F 3366 -121.17 -1.18 -10.35
CA ARG F 3366 -119.93 -0.50 -10.70
C ARG F 3366 -119.92 0.92 -10.16
N LYS F 3367 -121.02 1.66 -10.35
CA LYS F 3367 -121.07 3.02 -9.80
C LYS F 3367 -121.06 3.01 -8.27
N ARG F 3368 -121.73 2.03 -7.65
CA ARG F 3368 -121.61 1.87 -6.21
C ARG F 3368 -120.15 1.70 -5.81
N ALA F 3369 -119.43 0.84 -6.53
CA ALA F 3369 -118.01 0.63 -6.27
C ALA F 3369 -117.23 1.91 -6.42
N GLY F 3370 -117.57 2.70 -7.45
CA GLY F 3370 -116.90 3.98 -7.61
C GLY F 3370 -117.07 4.87 -6.40
N LYS F 3371 -118.29 4.96 -5.88
CA LYS F 3371 -118.51 5.79 -4.69
C LYS F 3371 -117.71 5.28 -3.50
N VAL F 3372 -117.75 3.98 -3.23
CA VAL F 3372 -117.10 3.49 -2.02
C VAL F 3372 -115.59 3.63 -2.13
N VAL F 3373 -115.02 3.38 -3.31
CA VAL F 3373 -113.59 3.54 -3.46
C VAL F 3373 -113.21 5.02 -3.41
N ALA F 3374 -114.12 5.91 -3.84
CA ALA F 3374 -113.86 7.34 -3.67
C ALA F 3374 -113.78 7.69 -2.19
N GLU F 3375 -114.69 7.14 -1.39
CA GLU F 3375 -114.60 7.32 0.05
C GLU F 3375 -113.29 6.79 0.59
N GLU F 3376 -112.84 5.64 0.08
CA GLU F 3376 -111.58 5.06 0.52
C GLU F 3376 -110.40 5.98 0.19
N GLU F 3377 -110.41 6.56 -1.01
CA GLU F 3377 -109.35 7.51 -1.36
C GLU F 3377 -109.39 8.73 -0.45
N GLN F 3378 -110.59 9.20 -0.10
CA GLN F 3378 -110.66 10.30 0.86
C GLN F 3378 -110.07 9.91 2.20
N LEU F 3379 -110.38 8.70 2.67
CA LEU F 3379 -109.86 8.27 3.97
C LEU F 3379 -108.34 8.18 3.95
N ARG F 3380 -107.76 7.60 2.90
CA ARG F 3380 -106.31 7.52 2.84
C ARG F 3380 -105.71 8.90 2.57
N LEU F 3381 -106.50 9.81 2.01
CA LEU F 3381 -106.05 11.19 1.83
C LEU F 3381 -105.87 11.88 3.17
N GLU F 3382 -106.88 11.82 4.04
CA GLU F 3382 -106.81 12.46 5.34
C GLU F 3382 -106.54 11.40 6.39
N ALA F 3383 -105.31 11.37 6.91
CA ALA F 3383 -104.88 10.37 7.88
C ALA F 3383 -104.85 11.00 9.26
N LYS F 3384 -105.68 10.49 10.16
CA LYS F 3384 -105.79 11.02 11.51
C LYS F 3384 -106.63 10.03 12.32
N ALA F 3385 -106.48 10.09 13.64
CA ALA F 3385 -107.21 9.18 14.52
C ALA F 3385 -108.72 9.23 14.29
N GLU F 3386 -109.26 10.44 14.07
CA GLU F 3386 -110.71 10.56 13.92
C GLU F 3386 -111.20 9.93 12.62
N ALA F 3387 -110.28 9.60 11.71
CA ALA F 3387 -110.69 8.92 10.48
C ALA F 3387 -111.07 7.47 10.76
N GLU F 3388 -110.58 6.90 11.86
CA GLU F 3388 -110.88 5.50 12.16
C GLU F 3388 -112.37 5.30 12.41
N GLU F 3389 -113.01 6.22 13.12
CA GLU F 3389 -114.45 6.33 13.06
C GLU F 3389 -114.87 6.77 11.66
N GLY F 3390 -115.90 6.13 11.13
CA GLY F 3390 -116.18 6.18 9.72
C GLY F 3390 -115.41 5.18 8.90
N GLU F 3391 -114.14 4.92 9.26
CA GLU F 3391 -113.41 3.85 8.60
C GLU F 3391 -114.08 2.51 8.85
N LEU F 3392 -114.52 2.25 10.08
CA LEU F 3392 -115.22 1.00 10.35
C LEU F 3392 -116.56 0.94 9.62
N LEU F 3393 -117.23 2.09 9.47
CA LEU F 3393 -118.52 2.09 8.79
C LEU F 3393 -118.35 1.79 7.30
N VAL F 3394 -117.38 2.44 6.67
CA VAL F 3394 -117.12 2.14 5.26
C VAL F 3394 -116.58 0.73 5.12
N ARG F 3395 -115.92 0.21 6.16
CA ARG F 3395 -115.50 -1.18 6.12
C ARG F 3395 -116.69 -2.13 6.15
N ASP F 3396 -117.69 -1.82 6.96
CA ASP F 3396 -118.91 -2.62 6.95
C ASP F 3396 -119.62 -2.52 5.61
N GLU F 3397 -119.62 -1.32 5.03
CA GLU F 3397 -120.21 -1.16 3.70
C GLU F 3397 -119.48 -2.00 2.66
N PHE F 3398 -118.15 -2.01 2.73
CA PHE F 3398 -117.37 -2.84 1.83
C PHE F 3398 -117.67 -4.32 2.06
N SER F 3399 -117.87 -4.70 3.33
CA SER F 3399 -118.22 -6.09 3.61
C SER F 3399 -119.55 -6.47 2.97
N VAL F 3400 -120.55 -5.59 3.09
CA VAL F 3400 -121.87 -5.93 2.54
C VAL F 3400 -121.83 -5.93 1.02
N LEU F 3401 -121.05 -5.04 0.41
CA LEU F 3401 -121.00 -5.05 -1.04
C LEU F 3401 -120.16 -6.22 -1.54
N CYS F 3402 -119.18 -6.66 -0.75
CA CYS F 3402 -118.50 -7.92 -1.05
C CYS F 3402 -119.48 -9.07 -0.99
N ARG F 3403 -120.38 -9.05 0.00
CA ARG F 3403 -121.44 -10.05 0.04
C ARG F 3403 -122.25 -10.04 -1.25
N ASP F 3404 -122.68 -8.85 -1.68
CA ASP F 3404 -123.50 -8.76 -2.88
C ASP F 3404 -122.74 -9.26 -4.11
N LEU F 3405 -121.51 -8.80 -4.30
CA LEU F 3405 -120.74 -9.20 -5.46
C LEU F 3405 -120.42 -10.69 -5.42
N TYR F 3406 -120.11 -11.22 -4.25
CA TYR F 3406 -119.78 -12.64 -4.14
C TYR F 3406 -121.00 -13.49 -4.45
N ALA F 3407 -122.18 -13.06 -4.02
CA ALA F 3407 -123.40 -13.76 -4.41
C ALA F 3407 -123.61 -13.69 -5.92
N LEU F 3408 -123.36 -12.53 -6.52
CA LEU F 3408 -123.55 -12.37 -7.96
C LEU F 3408 -122.49 -13.15 -8.74
N TYR F 3409 -121.36 -13.45 -8.10
CA TYR F 3409 -120.20 -13.93 -8.85
C TYR F 3409 -120.40 -15.29 -9.52
N PRO F 3410 -120.77 -16.37 -8.83
CA PRO F 3410 -120.70 -17.70 -9.48
C PRO F 3410 -121.67 -17.85 -10.63
N LEU F 3411 -122.92 -17.41 -10.44
CA LEU F 3411 -123.89 -17.50 -11.51
C LEU F 3411 -123.47 -16.65 -12.70
N LEU F 3412 -122.97 -15.45 -12.45
CA LEU F 3412 -122.45 -14.63 -13.54
C LEU F 3412 -121.29 -15.33 -14.22
N ILE F 3413 -120.49 -16.09 -13.46
CA ILE F 3413 -119.34 -16.76 -14.04
C ILE F 3413 -119.79 -17.84 -15.00
N ARG F 3414 -120.73 -18.68 -14.58
CA ARG F 3414 -121.27 -19.68 -15.52
C ARG F 3414 -121.85 -18.99 -16.74
N TYR F 3415 -122.59 -17.90 -16.50
CA TYR F 3415 -123.32 -17.22 -17.55
C TYR F 3415 -122.35 -16.64 -18.57
N VAL F 3416 -121.23 -16.11 -18.08
CA VAL F 3416 -120.23 -15.55 -18.99
C VAL F 3416 -119.39 -16.67 -19.59
N ASP F 3417 -119.44 -17.88 -19.02
CA ASP F 3417 -118.84 -19.00 -19.76
C ASP F 3417 -119.59 -19.27 -21.06
N ASN F 3418 -120.91 -19.44 -20.96
CA ASN F 3418 -121.65 -19.65 -22.22
C ASN F 3418 -121.54 -18.40 -23.10
N ASN F 3419 -121.67 -17.22 -22.49
CA ASN F 3419 -121.54 -15.98 -23.25
C ASN F 3419 -120.16 -15.87 -23.89
N ARG F 3420 -119.13 -16.39 -23.23
CA ARG F 3420 -117.79 -16.40 -23.81
C ARG F 3420 -117.77 -17.26 -25.06
N ALA F 3421 -118.42 -18.42 -25.00
CA ALA F 3421 -118.56 -19.21 -26.21
C ALA F 3421 -119.19 -18.40 -27.33
N HIS F 3422 -120.34 -17.78 -27.06
CA HIS F 3422 -121.03 -17.09 -28.14
CA HIS F 3422 -121.06 -17.05 -28.11
C HIS F 3422 -120.37 -15.74 -28.46
N TRP F 3423 -119.41 -15.31 -27.64
CA TRP F 3423 -118.73 -14.04 -27.90
C TRP F 3423 -117.48 -14.29 -28.74
N LEU F 3424 -116.78 -15.38 -28.46
CA LEU F 3424 -115.79 -15.87 -29.41
C LEU F 3424 -116.45 -16.19 -30.75
N THR F 3425 -117.73 -16.59 -30.70
CA THR F 3425 -118.53 -16.64 -31.93
C THR F 3425 -118.67 -15.24 -32.53
N GLU F 3426 -119.12 -14.28 -31.72
CA GLU F 3426 -119.26 -12.89 -32.16
C GLU F 3426 -119.21 -11.97 -30.94
N PRO F 3427 -118.20 -11.12 -30.85
CA PRO F 3427 -118.05 -10.26 -29.66
C PRO F 3427 -119.19 -9.27 -29.52
N ASN F 3428 -119.46 -8.87 -28.28
CA ASN F 3428 -120.48 -7.88 -27.96
C ASN F 3428 -119.81 -6.66 -27.34
N ALA F 3429 -120.14 -5.47 -27.86
CA ALA F 3429 -119.59 -4.24 -27.32
C ALA F 3429 -120.09 -3.99 -25.90
N ASN F 3430 -121.36 -4.32 -25.64
CA ASN F 3430 -121.87 -4.20 -24.29
C ASN F 3430 -121.12 -5.14 -23.35
N ALA F 3431 -120.84 -6.36 -23.82
CA ALA F 3431 -120.01 -7.27 -23.05
C ALA F 3431 -118.64 -6.67 -22.79
N GLU F 3432 -118.08 -5.99 -23.80
CA GLU F 3432 -116.81 -5.30 -23.62
C GLU F 3432 -116.90 -4.28 -22.50
N GLU F 3433 -117.96 -3.48 -22.49
CA GLU F 3433 -118.15 -2.48 -21.46
C GLU F 3433 -118.24 -3.12 -20.07
N LEU F 3434 -119.02 -4.19 -19.97
CA LEU F 3434 -119.07 -4.93 -18.71
C LEU F 3434 -117.69 -5.36 -18.28
N PHE F 3435 -116.91 -5.91 -19.22
CA PHE F 3435 -115.56 -6.35 -18.88
C PHE F 3435 -114.73 -5.19 -18.33
N ARG F 3436 -114.75 -4.04 -19.01
CA ARG F 3436 -113.94 -2.92 -18.54
C ARG F 3436 -114.36 -2.50 -17.14
N MET F 3437 -115.67 -2.39 -16.91
CA MET F 3437 -116.12 -1.83 -15.63
C MET F 3437 -115.89 -2.81 -14.47
N VAL F 3438 -116.11 -4.11 -14.69
CA VAL F 3438 -115.84 -5.06 -13.62
C VAL F 3438 -114.34 -5.15 -13.37
N GLY F 3439 -113.54 -5.09 -14.43
CA GLY F 3439 -112.10 -5.06 -14.24
C GLY F 3439 -111.65 -3.83 -13.48
N GLU F 3440 -112.30 -2.69 -13.73
CA GLU F 3440 -112.00 -1.50 -12.97
C GLU F 3440 -112.35 -1.69 -11.49
N ILE F 3441 -113.49 -2.34 -11.23
CA ILE F 3441 -113.83 -2.69 -9.85
C ILE F 3441 -112.71 -3.51 -9.23
N PHE F 3442 -112.20 -4.48 -9.97
CA PHE F 3442 -111.09 -5.30 -9.48
C PHE F 3442 -109.85 -4.45 -9.22
N ILE F 3443 -109.55 -3.52 -10.12
CA ILE F 3443 -108.39 -2.66 -9.93
C ILE F 3443 -108.54 -1.86 -8.67
N TYR F 3444 -109.74 -1.34 -8.42
CA TYR F 3444 -109.99 -0.62 -7.18
C TYR F 3444 -109.77 -1.51 -5.97
N TRP F 3445 -110.29 -2.74 -6.03
CA TRP F 3445 -110.18 -3.64 -4.89
C TRP F 3445 -108.73 -3.99 -4.60
N SER F 3446 -107.98 -4.38 -5.64
CA SER F 3446 -106.58 -4.73 -5.46
C SER F 3446 -105.77 -3.51 -5.03
N LYS F 3447 -106.16 -2.33 -5.49
CA LYS F 3447 -105.49 -1.11 -5.08
C LYS F 3447 -105.66 -0.88 -3.58
N SER F 3448 -106.89 -1.06 -3.08
CA SER F 3448 -107.20 -0.83 -1.68
C SER F 3448 -106.92 -2.11 -0.91
N HIS F 3449 -105.70 -2.21 -0.35
CA HIS F 3449 -105.37 -3.36 0.48
C HIS F 3449 -106.36 -3.52 1.62
N ASN F 3450 -106.87 -2.40 2.15
CA ASN F 3450 -107.90 -2.49 3.18
C ASN F 3450 -109.14 -3.16 2.63
N PHE F 3451 -109.53 -2.81 1.40
CA PHE F 3451 -110.69 -3.46 0.78
C PHE F 3451 -110.45 -4.96 0.66
N LYS F 3452 -109.21 -5.34 0.33
CA LYS F 3452 -108.87 -6.76 0.29
C LYS F 3452 -109.06 -7.41 1.67
N ARG F 3453 -108.58 -6.75 2.73
CA ARG F 3453 -108.73 -7.33 4.06
C ARG F 3453 -110.18 -7.45 4.46
N GLU F 3454 -110.99 -6.42 4.21
CA GLU F 3454 -112.41 -6.52 4.51
C GLU F 3454 -113.09 -7.60 3.68
N GLU F 3455 -112.60 -7.84 2.47
CA GLU F 3455 -113.18 -8.92 1.66
C GLU F 3455 -112.89 -10.28 2.29
N GLN F 3456 -111.63 -10.51 2.71
CA GLN F 3456 -111.34 -11.80 3.32
C GLN F 3456 -112.02 -11.93 4.68
N ASN F 3457 -112.16 -10.84 5.41
CA ASN F 3457 -112.91 -10.88 6.67
C ASN F 3457 -114.37 -11.19 6.41
N PHE F 3458 -114.93 -10.66 5.32
CA PHE F 3458 -116.27 -11.05 4.91
C PHE F 3458 -116.35 -12.54 4.67
N VAL F 3459 -115.35 -13.09 3.99
CA VAL F 3459 -115.30 -14.53 3.76
C VAL F 3459 -115.33 -15.28 5.08
N VAL F 3460 -114.50 -14.87 6.04
CA VAL F 3460 -114.38 -15.62 7.29
C VAL F 3460 -115.65 -15.48 8.12
N GLN F 3461 -116.28 -14.30 8.13
CA GLN F 3461 -117.48 -14.13 8.95
C GLN F 3461 -118.66 -14.83 8.31
N ASN F 3462 -118.68 -14.94 6.99
CA ASN F 3462 -119.65 -15.81 6.35
C ASN F 3462 -119.31 -17.27 6.64
N GLU F 3463 -118.07 -17.54 6.99
CA GLU F 3463 -117.52 -18.87 7.26
C GLU F 3463 -117.62 -19.72 6.00
N ILE F 3464 -117.86 -19.11 4.84
CA ILE F 3464 -117.85 -19.85 3.59
C ILE F 3464 -116.46 -20.41 3.36
N ASN F 3465 -116.39 -21.74 3.17
CA ASN F 3465 -115.10 -22.39 2.98
C ASN F 3465 -114.50 -22.01 1.63
N ASN F 3466 -115.29 -21.36 0.77
CA ASN F 3466 -114.91 -20.95 -0.58
C ASN F 3466 -114.75 -22.17 -1.47
N MET F 3467 -114.88 -23.36 -0.89
CA MET F 3467 -114.92 -24.58 -1.68
C MET F 3467 -116.24 -24.69 -2.42
N SER F 3468 -117.27 -24.01 -1.93
CA SER F 3468 -118.60 -24.11 -2.52
C SER F 3468 -118.62 -23.60 -3.95
N PHE F 3469 -118.00 -22.45 -4.21
CA PHE F 3469 -118.01 -21.90 -5.56
C PHE F 3469 -117.16 -22.74 -6.50
N LEU F 3470 -116.05 -23.29 -6.00
CA LEU F 3470 -115.24 -24.17 -6.83
C LEU F 3470 -115.99 -25.45 -7.18
N THR F 3471 -116.72 -26.02 -6.23
CA THR F 3471 -117.54 -27.19 -6.51
C THR F 3471 -118.66 -26.85 -7.49
N ALA F 3472 -119.23 -25.65 -7.37
CA ALA F 3472 -120.25 -25.23 -8.33
C ALA F 3472 -119.66 -25.12 -9.74
N ASP F 3473 -118.45 -24.55 -9.84
CA ASP F 3473 -117.78 -24.47 -11.13
C ASP F 3473 -117.52 -25.86 -11.71
N SER F 3474 -117.08 -26.79 -10.86
CA SER F 3474 -116.83 -28.15 -11.34
C SER F 3474 -118.11 -28.83 -11.80
N LYS F 3475 -119.18 -28.71 -11.02
CA LYS F 3475 -120.45 -29.35 -11.38
C LYS F 3475 -121.08 -28.69 -12.59
N SER F 3476 -120.70 -27.44 -12.88
CA SER F 3476 -121.18 -26.78 -14.10
C SER F 3476 -120.28 -27.13 -15.28
N LYS F 3477 -119.05 -27.56 -15.01
CA LYS F 3477 -118.19 -28.07 -16.07
C LYS F 3477 -118.22 -29.59 -16.13
N MET F 3478 -119.11 -30.21 -15.35
CA MET F 3478 -119.23 -31.67 -15.23
C MET F 3478 -117.89 -32.35 -15.00
N ALA F 3479 -117.14 -31.91 -13.99
CA ALA F 3479 -115.85 -32.50 -13.65
C ALA F 3479 -115.94 -34.00 -13.37
N ARG F 3498 -105.22 -24.51 5.70
CA ARG F 3498 -105.75 -23.37 6.43
C ARG F 3498 -106.10 -22.22 5.47
N ARG F 3499 -105.46 -21.06 5.69
CA ARG F 3499 -105.75 -19.90 4.84
C ARG F 3499 -105.23 -20.12 3.43
N GLY F 3500 -104.05 -20.74 3.30
CA GLY F 3500 -103.49 -20.94 1.97
C GLY F 3500 -104.23 -21.99 1.17
N ASP F 3501 -105.19 -22.66 1.80
CA ASP F 3501 -105.95 -23.70 1.10
C ASP F 3501 -107.40 -23.26 0.89
N ARG F 3502 -107.99 -22.62 1.89
CA ARG F 3502 -109.42 -22.29 1.80
C ARG F 3502 -109.65 -21.08 0.91
N TYR F 3503 -109.12 -19.92 1.31
CA TYR F 3503 -109.33 -18.68 0.57
C TYR F 3503 -108.00 -18.20 0.02
N SER F 3504 -107.91 -18.09 -1.30
CA SER F 3504 -106.69 -17.64 -1.96
C SER F 3504 -107.09 -16.85 -3.20
N VAL F 3505 -106.06 -16.35 -3.89
CA VAL F 3505 -106.30 -15.58 -5.11
C VAL F 3505 -107.01 -16.44 -6.15
N GLN F 3506 -106.52 -17.67 -6.36
CA GLN F 3506 -107.20 -18.57 -7.27
C GLN F 3506 -108.59 -18.93 -6.76
N THR F 3507 -108.78 -18.92 -5.44
CA THR F 3507 -110.08 -19.21 -4.87
C THR F 3507 -110.95 -17.96 -4.85
N SER F 3508 -110.33 -16.78 -4.87
CA SER F 3508 -111.08 -15.54 -4.84
C SER F 3508 -111.97 -15.42 -6.06
N LEU F 3509 -113.27 -15.23 -5.84
CA LEU F 3509 -114.23 -15.29 -6.93
C LEU F 3509 -114.08 -14.12 -7.89
N ILE F 3510 -113.71 -12.95 -7.36
CA ILE F 3510 -113.44 -11.83 -8.26
C ILE F 3510 -112.28 -12.17 -9.19
N VAL F 3511 -111.24 -12.81 -8.65
CA VAL F 3511 -110.08 -13.16 -9.48
C VAL F 3511 -110.45 -14.24 -10.49
N ALA F 3512 -111.30 -15.18 -10.09
CA ALA F 3512 -111.78 -16.16 -11.07
C ALA F 3512 -112.55 -15.47 -12.18
N THR F 3513 -113.40 -14.52 -11.83
CA THR F 3513 -114.11 -13.75 -12.84
C THR F 3513 -113.15 -13.02 -13.75
N LEU F 3514 -112.02 -12.55 -13.19
CA LEU F 3514 -110.98 -11.95 -14.02
C LEU F 3514 -110.42 -12.96 -15.00
N LYS F 3515 -110.17 -14.18 -14.53
CA LYS F 3515 -109.72 -15.23 -15.42
C LYS F 3515 -110.72 -15.44 -16.54
N LYS F 3516 -112.00 -15.21 -16.25
CA LYS F 3516 -113.02 -15.37 -17.29
C LYS F 3516 -113.03 -14.18 -18.26
N MET F 3517 -112.83 -12.96 -17.76
CA MET F 3517 -112.90 -11.81 -18.66
C MET F 3517 -111.63 -11.68 -19.48
N LEU F 3518 -110.57 -12.35 -19.05
CA LEU F 3518 -109.30 -12.22 -19.76
C LEU F 3518 -109.43 -12.51 -21.25
N PRO F 3519 -110.16 -13.54 -21.70
CA PRO F 3519 -110.47 -13.62 -23.14
C PRO F 3519 -111.21 -12.39 -23.63
N ILE F 3520 -112.14 -11.86 -22.84
CA ILE F 3520 -113.02 -10.79 -23.30
C ILE F 3520 -112.22 -9.55 -23.67
N GLY F 3521 -111.05 -9.37 -23.05
CA GLY F 3521 -110.19 -8.28 -23.47
C GLY F 3521 -109.17 -8.73 -24.51
N LEU F 3522 -108.57 -9.90 -24.28
CA LEU F 3522 -107.44 -10.31 -25.09
C LEU F 3522 -107.85 -10.53 -26.54
N ASN F 3523 -109.12 -10.88 -26.77
CA ASN F 3523 -109.58 -11.05 -28.15
C ASN F 3523 -109.52 -9.73 -28.90
N MET F 3524 -109.96 -8.64 -28.28
CA MET F 3524 -109.97 -7.37 -28.99
C MET F 3524 -108.59 -6.71 -28.97
N CYS F 3525 -107.72 -7.14 -28.06
CA CYS F 3525 -106.34 -6.67 -28.14
C CYS F 3525 -105.74 -7.00 -29.51
N ALA F 3526 -105.15 -5.99 -30.13
CA ALA F 3526 -104.59 -6.17 -31.46
C ALA F 3526 -103.18 -6.75 -31.37
N PRO F 3527 -102.89 -7.82 -32.10
CA PRO F 3527 -101.51 -8.28 -32.20
C PRO F 3527 -100.56 -7.21 -32.70
N THR F 3528 -101.03 -6.36 -33.61
CA THR F 3528 -100.26 -5.17 -33.95
C THR F 3528 -99.98 -4.34 -32.72
N ASP F 3529 -101.00 -4.17 -31.86
CA ASP F 3529 -100.80 -3.46 -30.61
C ASP F 3529 -99.89 -4.25 -29.68
N GLN F 3530 -99.91 -5.59 -29.77
CA GLN F 3530 -99.47 -6.43 -28.66
C GLN F 3530 -98.08 -6.04 -28.14
N ASP F 3531 -97.15 -5.70 -29.03
CA ASP F 3531 -95.86 -5.23 -28.55
C ASP F 3531 -96.01 -3.97 -27.71
N LEU F 3532 -96.81 -3.03 -28.20
CA LEU F 3532 -97.10 -1.82 -27.43
C LEU F 3532 -97.89 -2.17 -26.17
N ILE F 3533 -98.56 -3.32 -26.16
CA ILE F 3533 -99.32 -3.72 -24.98
C ILE F 3533 -98.37 -4.21 -23.88
N MET F 3534 -97.37 -5.01 -24.24
CA MET F 3534 -96.30 -5.29 -23.28
C MET F 3534 -95.61 -4.02 -22.82
N LEU F 3535 -95.37 -3.08 -23.74
CA LEU F 3535 -94.74 -1.83 -23.34
C LEU F 3535 -95.63 -1.07 -22.37
N ALA F 3536 -96.94 -1.10 -22.60
CA ALA F 3536 -97.87 -0.45 -21.68
C ALA F 3536 -97.92 -1.17 -20.35
N LYS F 3537 -97.70 -2.49 -20.36
CA LYS F 3537 -97.55 -3.22 -19.10
C LYS F 3537 -96.35 -2.70 -18.32
N THR F 3538 -95.24 -2.47 -19.01
CA THR F 3538 -94.09 -1.85 -18.36
C THR F 3538 -94.44 -0.46 -17.84
N ARG F 3539 -95.20 0.30 -18.63
CA ARG F 3539 -95.58 1.64 -18.22
C ARG F 3539 -96.43 1.60 -16.96
N TYR F 3540 -97.37 0.65 -16.89
CA TYR F 3540 -98.19 0.53 -15.69
C TYR F 3540 -97.38 -0.02 -14.52
N ALA F 3541 -96.33 -0.78 -14.81
CA ALA F 3541 -95.38 -1.16 -13.77
C ALA F 3541 -94.63 0.06 -13.26
N LEU F 3542 -94.50 1.10 -14.12
CA LEU F 3542 -93.97 2.37 -13.66
C LEU F 3542 -94.96 3.06 -12.73
N LYS F 3543 -96.18 2.53 -12.64
CA LYS F 3543 -97.26 3.00 -11.76
C LYS F 3543 -97.77 4.36 -12.20
N ASP F 3544 -97.58 4.74 -13.45
CA ASP F 3544 -98.07 6.01 -13.95
C ASP F 3544 -99.59 5.97 -14.09
N THR F 3545 -100.21 7.14 -13.93
CA THR F 3545 -101.65 7.23 -14.03
C THR F 3545 -102.11 6.90 -15.45
N ASP F 3546 -103.41 6.62 -15.58
CA ASP F 3546 -103.95 6.22 -16.87
C ASP F 3546 -103.85 7.35 -17.89
N GLU F 3547 -103.96 8.59 -17.44
CA GLU F 3547 -103.79 9.71 -18.35
C GLU F 3547 -102.33 9.83 -18.80
N GLU F 3548 -101.39 9.54 -17.90
CA GLU F 3548 -100.00 9.48 -18.31
C GLU F 3548 -99.78 8.36 -19.30
N VAL F 3549 -100.49 7.24 -19.12
CA VAL F 3549 -100.44 6.16 -20.10
C VAL F 3549 -101.00 6.64 -21.43
N ARG F 3550 -102.06 7.46 -21.38
CA ARG F 3550 -102.62 8.02 -22.61
C ARG F 3550 -101.60 8.87 -23.33
N GLU F 3551 -100.90 9.72 -22.60
CA GLU F 3551 -99.86 10.55 -23.22
C GLU F 3551 -98.73 9.70 -23.76
N PHE F 3552 -98.34 8.66 -23.02
CA PHE F 3552 -97.32 7.74 -23.49
C PHE F 3552 -97.76 7.09 -24.80
N LEU F 3553 -99.05 6.80 -24.92
CA LEU F 3553 -99.58 6.27 -26.17
C LEU F 3553 -99.53 7.31 -27.27
N GLN F 3554 -99.86 8.56 -26.95
CA GLN F 3554 -99.85 9.60 -27.96
C GLN F 3554 -98.46 9.78 -28.55
N ASN F 3555 -97.44 9.77 -27.70
CA ASN F 3555 -96.07 9.72 -28.20
C ASN F 3555 -95.81 8.43 -28.93
N ASN F 3556 -96.35 7.32 -28.42
CA ASN F 3556 -96.14 6.01 -29.03
C ASN F 3556 -97.05 5.78 -30.23
N LEU F 3557 -97.84 6.78 -30.62
CA LEU F 3557 -98.69 6.64 -31.80
C LEU F 3557 -97.84 6.43 -33.05
N HIS F 3558 -96.52 6.50 -32.91
CA HIS F 3558 -95.64 6.31 -34.05
C HIS F 3558 -94.80 5.05 -33.86
N LEU F 3559 -94.70 4.56 -32.63
CA LEU F 3559 -93.86 3.41 -32.32
C LEU F 3559 -94.66 2.21 -31.85
N GLN F 3560 -95.91 2.07 -32.26
CA GLN F 3560 -96.69 0.90 -31.90
C GLN F 3560 -96.07 -0.35 -32.51
N GLY F 3561 -96.42 -1.51 -31.96
CA GLY F 3561 -95.87 -2.74 -32.45
C GLY F 3561 -96.25 -3.01 -33.89
N LYS F 3562 -95.40 -3.77 -34.58
CA LYS F 3562 -95.59 -4.09 -35.98
C LYS F 3562 -96.00 -5.54 -36.13
N VAL F 3563 -96.47 -5.89 -37.33
CA VAL F 3563 -97.05 -7.20 -37.54
C VAL F 3563 -96.20 -8.03 -38.49
N GLU F 3564 -95.39 -7.35 -39.31
CA GLU F 3564 -94.49 -8.06 -40.22
C GLU F 3564 -93.43 -8.84 -39.45
N GLY F 3565 -93.28 -8.55 -38.16
CA GLY F 3565 -92.20 -9.15 -37.39
C GLY F 3565 -92.27 -10.66 -37.32
N SER F 3566 -93.46 -11.21 -37.08
CA SER F 3566 -93.57 -12.64 -36.85
C SER F 3566 -94.68 -13.26 -37.68
N PRO F 3567 -94.48 -14.47 -38.19
CA PRO F 3567 -95.58 -15.19 -38.85
C PRO F 3567 -96.76 -15.44 -37.92
N SER F 3568 -96.48 -15.62 -36.63
CA SER F 3568 -97.55 -15.69 -35.65
C SER F 3568 -98.48 -14.50 -35.81
N LEU F 3569 -97.92 -13.31 -35.92
CA LEU F 3569 -98.72 -12.11 -36.12
C LEU F 3569 -99.45 -12.15 -37.47
N ARG F 3570 -98.82 -12.73 -38.49
CA ARG F 3570 -99.50 -12.87 -39.77
C ARG F 3570 -100.79 -13.65 -39.64
N TRP F 3571 -100.74 -14.84 -39.05
CA TRP F 3571 -101.97 -15.60 -38.86
C TRP F 3571 -102.89 -14.90 -37.87
N GLN F 3572 -102.31 -14.16 -36.93
CA GLN F 3572 -103.13 -13.47 -35.93
C GLN F 3572 -104.03 -12.45 -36.60
N MET F 3573 -103.50 -11.62 -37.50
CA MET F 3573 -104.35 -10.72 -38.26
C MET F 3573 -105.19 -11.47 -39.27
N ALA F 3574 -104.71 -12.59 -39.78
CA ALA F 3574 -105.55 -13.39 -40.67
C ALA F 3574 -106.87 -13.73 -39.99
N LEU F 3575 -106.79 -14.21 -38.76
CA LEU F 3575 -108.01 -14.49 -38.00
C LEU F 3575 -108.69 -13.20 -37.53
N TYR F 3576 -107.90 -12.14 -37.33
CA TYR F 3576 -108.47 -10.88 -36.87
C TYR F 3576 -109.47 -10.34 -37.88
N ARG F 3577 -109.05 -10.21 -39.15
CA ARG F 3577 -110.01 -9.88 -40.19
C ARG F 3577 -110.99 -11.03 -40.38
N GLY F 3578 -110.54 -12.27 -40.19
CA GLY F 3578 -111.44 -13.40 -40.28
C GLY F 3578 -112.58 -13.31 -39.29
N LEU F 3579 -112.34 -12.65 -38.16
CA LEU F 3579 -113.43 -12.37 -37.25
C LEU F 3579 -114.31 -11.29 -37.88
N PRO F 3580 -115.57 -11.58 -38.17
CA PRO F 3580 -116.39 -10.62 -38.93
C PRO F 3580 -116.61 -9.30 -38.21
N GLY F 3581 -116.69 -9.32 -36.88
CA GLY F 3581 -116.94 -8.10 -36.14
C GLY F 3581 -115.76 -7.16 -36.12
N ARG F 3582 -114.58 -7.65 -36.48
CA ARG F 3582 -113.36 -6.86 -36.48
C ARG F 3582 -113.18 -6.20 -37.84
N GLU F 3583 -113.11 -4.87 -37.84
CA GLU F 3583 -112.82 -4.10 -39.03
C GLU F 3583 -111.76 -3.04 -38.70
N GLU F 3584 -110.62 -3.14 -39.37
CA GLU F 3584 -109.56 -2.15 -39.16
C GLU F 3584 -110.03 -0.75 -39.56
N ASP F 3585 -110.94 -0.68 -40.55
CA ASP F 3585 -111.55 0.59 -40.88
C ASP F 3585 -112.36 1.14 -39.72
N ALA F 3586 -113.12 0.27 -39.03
CA ALA F 3586 -113.88 0.70 -37.87
C ALA F 3586 -112.96 1.09 -36.73
N ASP F 3587 -111.76 0.50 -36.67
CA ASP F 3587 -110.81 0.84 -35.64
C ASP F 3587 -110.40 2.30 -35.73
N ASP F 3588 -110.32 2.97 -34.58
CA ASP F 3588 -110.00 4.38 -34.49
C ASP F 3588 -108.83 4.57 -33.53
N PRO F 3589 -108.00 5.60 -33.73
CA PRO F 3589 -106.86 5.79 -32.82
C PRO F 3589 -107.26 6.01 -31.37
N GLU F 3590 -108.27 6.86 -31.14
CA GLU F 3590 -108.67 7.16 -29.77
C GLU F 3590 -109.24 5.93 -29.08
N LYS F 3591 -110.13 5.22 -29.77
CA LYS F 3591 -110.70 4.00 -29.20
C LYS F 3591 -109.59 2.98 -28.94
N ILE F 3592 -108.66 2.84 -29.87
CA ILE F 3592 -107.66 1.79 -29.75
C ILE F 3592 -106.71 2.10 -28.60
N VAL F 3593 -106.33 3.36 -28.44
CA VAL F 3593 -105.48 3.71 -27.30
C VAL F 3593 -106.25 3.58 -26.00
N ARG F 3594 -107.56 3.83 -26.02
CA ARG F 3594 -108.34 3.63 -24.80
C ARG F 3594 -108.34 2.17 -24.38
N ARG F 3595 -108.55 1.27 -25.34
CA ARG F 3595 -108.53 -0.14 -25.01
C ARG F 3595 -107.13 -0.58 -24.58
N VAL F 3596 -106.10 -0.05 -25.25
CA VAL F 3596 -104.74 -0.24 -24.74
C VAL F 3596 -104.68 0.09 -23.26
N GLN F 3597 -105.10 1.29 -22.89
CA GLN F 3597 -104.80 1.74 -21.53
C GLN F 3597 -105.54 0.91 -20.48
N GLU F 3598 -106.84 0.71 -20.64
CA GLU F 3598 -107.52 0.05 -19.53
C GLU F 3598 -107.23 -1.45 -19.54
N VAL F 3599 -107.10 -2.04 -20.73
CA VAL F 3599 -106.76 -3.47 -20.77
C VAL F 3599 -105.37 -3.71 -20.22
N SER F 3600 -104.44 -2.78 -20.47
CA SER F 3600 -103.09 -2.94 -19.95
C SER F 3600 -103.07 -2.77 -18.44
N ALA F 3601 -103.85 -1.82 -17.91
CA ALA F 3601 -103.96 -1.70 -16.47
C ALA F 3601 -104.52 -2.98 -15.87
N VAL F 3602 -105.57 -3.53 -16.50
CA VAL F 3602 -106.16 -4.78 -16.05
C VAL F 3602 -105.12 -5.89 -16.07
N LEU F 3603 -104.36 -5.98 -17.15
CA LEU F 3603 -103.36 -7.03 -17.28
C LEU F 3603 -102.27 -6.90 -16.24
N TYR F 3604 -101.83 -5.68 -15.97
CA TYR F 3604 -100.81 -5.46 -14.96
C TYR F 3604 -101.32 -5.89 -13.59
N HIS F 3605 -102.53 -5.49 -13.24
CA HIS F 3605 -103.12 -5.94 -11.98
C HIS F 3605 -103.26 -7.45 -11.95
N LEU F 3606 -103.56 -8.06 -13.10
CA LEU F 3606 -103.63 -9.51 -13.15
C LEU F 3606 -102.28 -10.14 -12.88
N GLU F 3607 -101.20 -9.52 -13.36
CA GLU F 3607 -99.88 -10.02 -12.99
C GLU F 3607 -99.69 -9.94 -11.49
N GLN F 3608 -100.01 -8.79 -10.89
CA GLN F 3608 -99.82 -8.63 -9.45
C GLN F 3608 -100.59 -9.69 -8.67
N THR F 3609 -101.78 -10.04 -9.16
CA THR F 3609 -102.57 -11.08 -8.49
C THR F 3609 -102.00 -12.47 -8.77
N GLU F 3610 -101.60 -12.72 -10.01
CA GLU F 3610 -101.10 -14.03 -10.40
C GLU F 3610 -99.85 -14.41 -9.62
N HIS F 3611 -98.96 -13.45 -9.40
CA HIS F 3611 -97.79 -13.63 -8.55
C HIS F 3611 -98.01 -12.79 -7.30
N PRO F 3612 -98.81 -13.28 -6.36
CA PRO F 3612 -99.06 -12.48 -5.15
C PRO F 3612 -97.95 -12.60 -4.13
N TYR F 3613 -97.03 -13.54 -4.33
CA TYR F 3613 -95.95 -13.81 -3.38
C TYR F 3613 -96.51 -14.09 -1.98
N LYS F 3614 -97.45 -15.03 -1.92
CA LYS F 3614 -98.09 -15.36 -0.64
C LYS F 3614 -97.08 -15.87 0.36
N SER F 3615 -96.13 -16.70 -0.09
CA SER F 3615 -95.04 -17.12 0.78
C SER F 3615 -93.97 -16.04 0.84
N LYS F 3616 -93.43 -15.82 2.04
CA LYS F 3616 -92.37 -14.87 2.33
C LYS F 3616 -92.84 -13.46 1.94
N LYS F 3617 -93.94 -13.00 2.52
CA LYS F 3617 -94.33 -11.60 2.38
C LYS F 3617 -94.29 -10.88 3.71
N ALA F 3618 -94.43 -11.64 4.81
CA ALA F 3618 -94.28 -11.14 6.17
C ALA F 3618 -93.85 -12.32 7.02
N VAL F 3619 -92.55 -12.41 7.31
CA VAL F 3619 -91.99 -13.63 7.85
C VAL F 3619 -92.42 -13.82 9.30
N TRP F 3620 -92.54 -15.08 9.72
CA TRP F 3620 -92.80 -15.45 11.10
C TRP F 3620 -92.03 -16.76 11.38
N HIS F 3621 -90.95 -16.65 12.14
CA HIS F 3621 -90.13 -17.83 12.40
C HIS F 3621 -90.57 -18.54 13.67
N LYS F 3622 -90.88 -17.79 14.73
CA LYS F 3622 -91.31 -18.35 16.01
C LYS F 3622 -90.30 -19.35 16.55
N LEU F 3623 -89.00 -19.03 16.39
CA LEU F 3623 -87.97 -19.84 17.03
C LEU F 3623 -87.68 -19.33 18.43
N LEU F 3624 -87.95 -18.04 18.68
CA LEU F 3624 -87.89 -17.51 20.04
C LEU F 3624 -89.13 -17.93 20.83
N SER F 3625 -90.23 -18.21 20.14
CA SER F 3625 -91.50 -18.45 20.82
C SER F 3625 -91.49 -19.76 21.59
N LYS F 3626 -90.73 -20.76 21.13
CA LYS F 3626 -90.69 -22.04 21.81
C LYS F 3626 -90.04 -21.91 23.19
N GLN F 3627 -88.92 -21.17 23.28
CA GLN F 3627 -88.32 -20.94 24.58
C GLN F 3627 -89.07 -19.84 25.34
N ARG F 3628 -89.84 -19.02 24.63
CA ARG F 3628 -90.63 -17.98 25.27
C ARG F 3628 -91.83 -18.59 25.97
N ARG F 3629 -92.31 -19.75 25.50
CA ARG F 3629 -93.29 -20.50 26.26
C ARG F 3629 -92.71 -20.91 27.61
N ARG F 3630 -91.47 -21.40 27.63
CA ARG F 3630 -90.80 -21.67 28.90
C ARG F 3630 -90.63 -20.39 29.71
N ALA F 3631 -90.39 -19.27 29.03
CA ALA F 3631 -90.24 -17.99 29.72
C ALA F 3631 -91.53 -17.58 30.42
N VAL F 3632 -92.67 -17.73 29.75
CA VAL F 3632 -93.93 -17.35 30.39
C VAL F 3632 -94.29 -18.35 31.49
N VAL F 3633 -93.92 -19.62 31.31
CA VAL F 3633 -94.11 -20.57 32.40
C VAL F 3633 -93.27 -20.16 33.61
N ALA F 3634 -92.06 -19.67 33.38
CA ALA F 3634 -91.21 -19.25 34.50
C ALA F 3634 -91.59 -17.87 35.00
N CYS F 3635 -92.44 -17.15 34.24
CA CYS F 3635 -92.87 -15.83 34.67
C CYS F 3635 -94.14 -15.92 35.51
N PHE F 3636 -95.06 -16.81 35.13
CA PHE F 3636 -96.13 -17.17 36.04
C PHE F 3636 -95.57 -17.91 37.24
N ARG F 3637 -94.51 -18.69 37.02
CA ARG F 3637 -93.78 -19.30 38.13
C ARG F 3637 -92.93 -18.26 38.86
N MET F 3638 -92.58 -17.17 38.18
CA MET F 3638 -91.89 -16.07 38.83
C MET F 3638 -92.70 -15.63 40.04
N THR F 3639 -92.12 -15.81 41.22
CA THR F 3639 -92.83 -15.52 42.44
C THR F 3639 -92.72 -14.03 42.78
N PRO F 3640 -93.85 -13.33 42.87
CA PRO F 3640 -93.81 -11.93 43.29
C PRO F 3640 -93.19 -11.82 44.67
N LEU F 3641 -92.48 -10.72 44.90
CA LEU F 3641 -91.67 -10.61 46.10
C LEU F 3641 -92.53 -10.70 47.35
N TYR F 3642 -93.84 -10.47 47.25
CA TYR F 3642 -94.70 -10.70 48.41
C TYR F 3642 -94.86 -12.19 48.68
N ASN F 3643 -94.93 -13.00 47.62
CA ASN F 3643 -95.01 -14.44 47.80
C ASN F 3643 -93.63 -15.02 48.10
N LEU F 3644 -92.59 -14.24 47.88
CA LEU F 3644 -91.23 -14.74 48.08
C LEU F 3644 -91.02 -15.05 49.56
N PRO F 3645 -90.26 -16.09 49.89
CA PRO F 3645 -89.98 -16.39 51.29
C PRO F 3645 -89.27 -15.22 51.96
N THR F 3646 -89.61 -15.00 53.23
CA THR F 3646 -89.18 -13.78 53.91
C THR F 3646 -87.67 -13.77 54.10
N HIS F 3647 -87.10 -14.84 54.64
CA HIS F 3647 -85.66 -14.89 54.86
C HIS F 3647 -84.89 -14.84 53.54
N ARG F 3648 -85.35 -15.57 52.52
CA ARG F 3648 -84.68 -15.54 51.23
C ARG F 3648 -84.71 -14.14 50.65
N ALA F 3649 -85.87 -13.49 50.73
CA ALA F 3649 -86.00 -12.12 50.25
C ALA F 3649 -85.07 -11.18 51.00
N CYS F 3650 -84.94 -11.37 52.31
CA CYS F 3650 -84.01 -10.56 53.07
C CYS F 3650 -82.59 -10.72 52.55
N ASN F 3651 -82.19 -11.96 52.27
CA ASN F 3651 -80.83 -12.19 51.78
C ASN F 3651 -80.61 -11.52 50.43
N MET F 3652 -81.54 -11.69 49.50
CA MET F 3652 -81.33 -11.12 48.17
C MET F 3652 -81.41 -9.60 48.22
N PHE F 3653 -82.23 -9.06 49.12
CA PHE F 3653 -82.23 -7.62 49.31
C PHE F 3653 -80.90 -7.13 49.87
N LEU F 3654 -80.31 -7.89 50.79
CA LEU F 3654 -79.00 -7.51 51.31
C LEU F 3654 -78.00 -7.43 50.16
N GLU F 3655 -77.99 -8.44 49.29
CA GLU F 3655 -77.09 -8.41 48.15
C GLU F 3655 -77.39 -7.22 47.25
N SER F 3656 -78.67 -6.98 46.97
CA SER F 3656 -79.06 -5.89 46.07
C SER F 3656 -78.64 -4.54 46.63
N TYR F 3657 -78.86 -4.32 47.92
CA TYR F 3657 -78.47 -3.05 48.52
C TYR F 3657 -76.96 -2.89 48.53
N LYS F 3658 -76.23 -3.97 48.83
CA LYS F 3658 -74.78 -3.86 48.84
C LYS F 3658 -74.25 -3.53 47.45
N ALA F 3659 -74.94 -4.02 46.42
CA ALA F 3659 -74.53 -3.66 45.06
C ALA F 3659 -74.92 -2.24 44.71
N ALA F 3660 -76.12 -1.81 45.11
CA ALA F 3660 -76.68 -0.58 44.57
C ALA F 3660 -76.16 0.65 45.30
N TRP F 3661 -75.99 0.56 46.62
CA TRP F 3661 -75.68 1.75 47.40
C TRP F 3661 -74.26 1.77 47.95
N ILE F 3662 -73.88 0.78 48.75
CA ILE F 3662 -72.64 0.92 49.51
C ILE F 3662 -71.43 0.77 48.58
N LEU F 3663 -71.54 -0.09 47.58
CA LEU F 3663 -70.45 -0.22 46.62
C LEU F 3663 -70.29 1.05 45.79
N THR F 3664 -71.40 1.68 45.44
CA THR F 3664 -71.34 2.88 44.61
C THR F 3664 -70.71 4.05 45.38
N GLU F 3665 -71.17 4.29 46.60
CA GLU F 3665 -70.66 5.43 47.35
C GLU F 3665 -69.26 5.17 47.88
N ASP F 3666 -68.40 6.18 47.76
CA ASP F 3666 -67.05 6.13 48.30
C ASP F 3666 -66.58 7.57 48.45
N HIS F 3667 -65.85 7.84 49.53
CA HIS F 3667 -65.19 9.13 49.73
C HIS F 3667 -63.73 8.88 50.07
N SER F 3668 -62.87 9.77 49.61
CA SER F 3668 -61.43 9.60 49.74
C SER F 3668 -60.95 10.14 51.07
N PHE F 3669 -60.99 9.30 52.10
CA PHE F 3669 -60.34 9.64 53.36
C PHE F 3669 -58.85 9.35 53.33
N GLU F 3670 -58.36 8.74 52.25
CA GLU F 3670 -56.99 8.28 52.19
C GLU F 3670 -56.01 9.45 52.11
N ASP F 3671 -56.45 10.55 51.49
CA ASP F 3671 -55.58 11.73 51.43
C ASP F 3671 -55.25 12.23 52.83
N ARG F 3672 -56.26 12.45 53.66
CA ARG F 3672 -55.97 12.91 55.01
C ARG F 3672 -55.33 11.80 55.83
N MET F 3673 -55.62 10.55 55.50
CA MET F 3673 -54.90 9.45 56.15
C MET F 3673 -53.41 9.58 55.96
N ILE F 3674 -52.96 9.73 54.71
CA ILE F 3674 -51.54 9.88 54.42
C ILE F 3674 -51.01 11.16 55.05
N ASP F 3675 -51.83 12.22 55.03
CA ASP F 3675 -51.39 13.48 55.61
C ASP F 3675 -51.08 13.31 57.10
N ASP F 3676 -52.01 12.69 57.83
CA ASP F 3676 -51.79 12.47 59.26
C ASP F 3676 -50.62 11.53 59.50
N LEU F 3677 -50.53 10.45 58.73
CA LEU F 3677 -49.43 9.51 58.91
C LEU F 3677 -48.11 10.16 58.55
N SER F 3678 -48.16 11.29 57.85
CA SER F 3678 -46.93 11.97 57.43
C SER F 3678 -46.49 12.99 58.47
N LYS F 3679 -47.41 13.77 59.01
CA LYS F 3679 -47.04 14.91 59.83
C LYS F 3679 -46.28 14.46 61.07
N ALA F 3680 -45.30 15.27 61.46
CA ALA F 3680 -44.50 15.03 62.65
C ALA F 3680 -44.80 16.13 63.67
N GLY F 3681 -45.10 15.74 64.90
CA GLY F 3681 -45.46 16.72 65.92
C GLY F 3681 -44.84 16.48 67.28
N GLU F 3682 -44.32 17.56 67.86
CA GLU F 3682 -43.69 17.63 69.18
C GLU F 3682 -42.51 16.67 69.34
N GLN F 3683 -41.83 16.26 68.26
CA GLN F 3683 -40.56 15.57 68.43
C GLN F 3683 -39.44 16.54 68.76
N GLU F 3684 -39.56 17.79 68.31
CA GLU F 3684 -38.43 18.71 68.32
C GLU F 3684 -38.01 19.10 69.73
N GLU F 3685 -38.91 18.97 70.71
CA GLU F 3685 -38.56 19.35 72.07
C GLU F 3685 -37.50 18.42 72.64
N GLU F 3686 -37.43 17.19 72.12
CA GLU F 3686 -36.43 16.23 72.59
C GLU F 3686 -35.03 16.65 72.19
N GLU F 3687 -34.84 16.99 70.91
CA GLU F 3687 -33.61 17.59 70.37
C GLU F 3687 -32.47 16.58 70.21
N GLU F 3688 -32.71 15.30 70.51
CA GLU F 3688 -31.70 14.29 70.18
C GLU F 3688 -32.21 13.33 69.11
N GLU F 3689 -33.53 13.25 68.94
CA GLU F 3689 -34.09 12.39 67.90
C GLU F 3689 -33.76 12.93 66.52
N VAL F 3690 -33.56 14.24 66.41
CA VAL F 3690 -33.20 14.85 65.12
C VAL F 3690 -31.86 14.31 64.64
N GLU F 3691 -30.93 14.11 65.57
CA GLU F 3691 -29.64 13.52 65.20
C GLU F 3691 -29.79 12.04 64.89
N GLU F 3692 -30.87 11.42 65.35
CA GLU F 3692 -31.08 10.01 65.08
C GLU F 3692 -32.04 9.81 63.93
N LYS F 3693 -32.81 10.85 63.59
CA LYS F 3693 -33.75 10.82 62.46
C LYS F 3693 -34.80 9.72 62.69
N LYS F 3694 -35.63 9.92 63.71
CA LYS F 3694 -36.69 8.96 64.00
C LYS F 3694 -37.70 8.95 62.86
N PRO F 3695 -38.25 7.79 62.52
CA PRO F 3695 -39.15 7.73 61.36
C PRO F 3695 -40.53 8.28 61.68
N ASP F 3696 -41.04 9.11 60.77
CA ASP F 3696 -42.42 9.55 60.83
C ASP F 3696 -43.33 8.35 60.62
N PRO F 3697 -44.58 8.41 61.09
CA PRO F 3697 -45.43 7.21 61.02
C PRO F 3697 -45.56 6.63 59.62
N LEU F 3698 -45.64 7.47 58.60
CA LEU F 3698 -45.54 6.97 57.23
C LEU F 3698 -44.26 6.19 57.04
N HIS F 3699 -43.13 6.77 57.43
CA HIS F 3699 -41.85 6.12 57.22
C HIS F 3699 -41.77 4.80 57.97
N GLN F 3700 -42.43 4.73 59.13
CA GLN F 3700 -42.44 3.50 59.91
C GLN F 3700 -43.23 2.42 59.21
N LEU F 3701 -44.42 2.76 58.69
CA LEU F 3701 -45.20 1.78 57.95
C LEU F 3701 -44.42 1.30 56.73
N VAL F 3702 -43.78 2.23 56.04
CA VAL F 3702 -42.92 1.89 54.91
C VAL F 3702 -41.80 0.95 55.33
N LEU F 3703 -41.14 1.25 56.44
CA LEU F 3703 -40.02 0.42 56.85
C LEU F 3703 -40.48 -0.97 57.21
N HIS F 3704 -41.66 -1.10 57.83
CA HIS F 3704 -42.17 -2.42 58.17
C HIS F 3704 -42.56 -3.20 56.91
N PHE F 3705 -43.16 -2.53 55.93
CA PHE F 3705 -43.46 -3.22 54.69
C PHE F 3705 -42.18 -3.69 54.00
N SER F 3706 -41.14 -2.87 54.04
CA SER F 3706 -39.84 -3.28 53.50
C SER F 3706 -39.30 -4.48 54.28
N ARG F 3707 -39.50 -4.48 55.60
CA ARG F 3707 -39.10 -5.61 56.43
C ARG F 3707 -39.80 -6.88 55.98
N THR F 3708 -41.10 -6.79 55.74
CA THR F 3708 -41.85 -7.97 55.29
C THR F 3708 -41.37 -8.43 53.93
N ALA F 3709 -41.16 -7.50 53.00
CA ALA F 3709 -40.80 -7.88 51.64
C ALA F 3709 -39.40 -8.47 51.58
N LEU F 3710 -38.42 -7.81 52.20
CA LEU F 3710 -37.04 -8.26 52.11
C LEU F 3710 -36.86 -9.61 52.80
N THR F 3711 -37.64 -9.88 53.84
CA THR F 3711 -37.58 -11.17 54.50
C THR F 3711 -37.85 -12.28 53.49
N GLU F 3712 -37.00 -13.29 53.48
CA GLU F 3712 -37.03 -14.32 52.45
C GLU F 3712 -38.13 -15.33 52.76
N LYS F 3713 -38.94 -15.64 51.76
CA LYS F 3713 -39.96 -16.66 51.85
C LYS F 3713 -40.08 -17.36 50.51
N SER F 3714 -40.47 -18.63 50.56
CA SER F 3714 -40.55 -19.43 49.34
C SER F 3714 -41.56 -18.85 48.35
N LYS F 3715 -42.72 -18.47 48.84
CA LYS F 3715 -43.79 -17.93 48.01
C LYS F 3715 -44.16 -16.54 48.49
N LEU F 3716 -44.37 -15.63 47.56
CA LEU F 3716 -44.83 -14.29 47.92
C LEU F 3716 -46.26 -14.39 48.46
N ASP F 3717 -46.38 -14.26 49.78
CA ASP F 3717 -47.65 -14.42 50.46
C ASP F 3717 -48.49 -13.16 50.27
N GLU F 3718 -49.79 -13.35 50.06
CA GLU F 3718 -50.68 -12.20 49.95
C GLU F 3718 -50.96 -11.62 51.33
N ASP F 3719 -50.83 -10.30 51.44
CA ASP F 3719 -51.27 -9.58 52.62
C ASP F 3719 -52.32 -8.57 52.22
N TYR F 3720 -53.53 -8.74 52.75
CA TYR F 3720 -54.59 -7.77 52.45
C TYR F 3720 -54.22 -6.39 52.97
N LEU F 3721 -53.44 -6.32 54.04
CA LEU F 3721 -53.04 -5.02 54.55
C LEU F 3721 -52.14 -4.30 53.56
N TYR F 3722 -51.16 -5.00 52.99
CA TYR F 3722 -50.29 -4.36 52.02
C TYR F 3722 -51.06 -4.06 50.73
N MET F 3723 -51.96 -4.97 50.35
CA MET F 3723 -52.95 -4.68 49.31
C MET F 3723 -53.54 -3.29 49.48
N ALA F 3724 -54.28 -3.11 50.57
CA ALA F 3724 -55.06 -1.89 50.75
C ALA F 3724 -54.16 -0.69 50.97
N TYR F 3725 -53.09 -0.87 51.75
CA TYR F 3725 -52.20 0.25 52.05
C TYR F 3725 -51.54 0.76 50.79
N ALA F 3726 -51.04 -0.14 49.93
CA ALA F 3726 -50.43 0.29 48.68
C ALA F 3726 -51.43 0.99 47.79
N ASP F 3727 -52.65 0.46 47.70
CA ASP F 3727 -53.67 1.18 46.94
C ASP F 3727 -53.88 2.58 47.50
N ILE F 3728 -53.86 2.71 48.82
CA ILE F 3728 -54.07 4.00 49.46
C ILE F 3728 -52.95 4.96 49.09
N MET F 3729 -51.70 4.51 49.18
CA MET F 3729 -50.59 5.40 48.84
C MET F 3729 -50.65 5.81 47.39
N ALA F 3730 -50.97 4.86 46.49
CA ALA F 3730 -51.05 5.22 45.08
C ALA F 3730 -52.13 6.26 44.83
N LYS F 3731 -53.32 6.05 45.39
CA LYS F 3731 -54.41 6.97 45.13
C LYS F 3731 -54.13 8.34 45.72
N SER F 3732 -53.57 8.37 46.94
CA SER F 3732 -53.21 9.64 47.54
C SER F 3732 -52.12 10.34 46.74
N CYS F 3733 -51.16 9.57 46.22
CA CYS F 3733 -50.04 10.15 45.50
C CYS F 3733 -50.51 10.83 44.22
N HIS F 3734 -51.31 10.14 43.42
CA HIS F 3734 -51.72 10.77 42.17
C HIS F 3734 -52.81 11.81 42.41
N LEU F 3735 -53.72 11.55 43.35
CA LEU F 3735 -54.78 12.48 43.76
C LEU F 3735 -55.37 13.21 42.56
N GLU F 3736 -55.95 12.44 41.64
CA GLU F 3736 -56.55 12.98 40.43
C GLU F 3736 -57.42 11.95 39.74
N VAL F 3749 -60.94 23.85 30.64
CA VAL F 3749 -59.74 23.17 30.20
C VAL F 3749 -58.65 24.19 29.92
N GLU F 3750 -59.00 25.47 29.98
CA GLU F 3750 -58.09 26.56 29.69
C GLU F 3750 -57.23 26.82 30.92
N VAL F 3751 -56.34 25.89 31.23
CA VAL F 3751 -55.45 26.01 32.37
C VAL F 3751 -54.29 26.91 31.99
N SER F 3752 -54.05 27.93 32.80
CA SER F 3752 -52.90 28.79 32.59
C SER F 3752 -51.61 27.98 32.71
N PHE F 3753 -50.52 28.55 32.22
CA PHE F 3753 -49.23 27.88 32.46
C PHE F 3753 -49.13 27.78 33.95
N GLU F 3754 -49.28 28.91 34.64
CA GLU F 3754 -49.13 28.89 36.09
C GLU F 3754 -49.95 27.77 36.71
N GLU F 3755 -51.19 27.61 36.26
CA GLU F 3755 -52.07 26.61 36.85
C GLU F 3755 -51.55 25.20 36.57
N LYS F 3756 -51.15 24.94 35.32
CA LYS F 3756 -50.62 23.63 34.97
C LYS F 3756 -49.36 23.33 35.75
N GLU F 3757 -48.46 24.32 35.87
CA GLU F 3757 -47.24 24.10 36.62
C GLU F 3757 -47.53 23.94 38.11
N MET F 3758 -48.60 24.55 38.60
CA MET F 3758 -48.93 24.35 40.01
C MET F 3758 -49.41 22.93 40.23
N GLU F 3759 -50.19 22.39 39.29
CA GLU F 3759 -50.52 20.97 39.36
C GLU F 3759 -49.26 20.12 39.33
N LYS F 3760 -48.32 20.45 38.44
CA LYS F 3760 -47.09 19.67 38.36
C LYS F 3760 -46.34 19.72 39.69
N GLN F 3761 -46.23 20.89 40.30
CA GLN F 3761 -45.55 21.00 41.58
C GLN F 3761 -46.29 20.24 42.67
N ARG F 3762 -47.61 20.24 42.61
CA ARG F 3762 -48.38 19.46 43.58
C ARG F 3762 -48.07 17.97 43.43
N LEU F 3763 -48.03 17.48 42.19
CA LEU F 3763 -47.71 16.08 41.95
C LEU F 3763 -46.30 15.77 42.43
N LEU F 3764 -45.37 16.68 42.17
CA LEU F 3764 -44.01 16.50 42.66
C LEU F 3764 -43.98 16.41 44.18
N TYR F 3765 -44.79 17.22 44.86
CA TYR F 3765 -44.78 17.18 46.32
C TYR F 3765 -45.34 15.88 46.84
N GLN F 3766 -46.43 15.38 46.25
CA GLN F 3766 -46.97 14.12 46.74
C GLN F 3766 -46.04 12.96 46.44
N GLN F 3767 -45.42 12.97 45.27
CA GLN F 3767 -44.42 11.94 45.00
C GLN F 3767 -43.22 12.09 45.93
N SER F 3768 -42.93 13.33 46.35
CA SER F 3768 -41.82 13.54 47.27
C SER F 3768 -42.11 12.92 48.61
N ARG F 3769 -43.29 13.17 49.17
CA ARG F 3769 -43.60 12.66 50.50
C ARG F 3769 -43.55 11.13 50.50
N LEU F 3770 -43.74 10.52 49.34
CA LEU F 3770 -43.63 9.07 49.26
C LEU F 3770 -42.18 8.62 49.10
N HIS F 3771 -41.45 9.23 48.17
CA HIS F 3771 -40.12 8.72 47.87
C HIS F 3771 -39.13 9.06 48.96
N THR F 3772 -39.51 9.97 49.86
CA THR F 3772 -38.70 10.18 51.06
C THR F 3772 -38.68 8.93 51.92
N ARG F 3773 -39.64 8.02 51.71
CA ARG F 3773 -39.75 6.85 52.56
C ARG F 3773 -38.95 5.67 51.99
N GLY F 3774 -38.69 5.67 50.69
CA GLY F 3774 -38.14 4.50 50.04
C GLY F 3774 -39.19 3.61 49.40
N ALA F 3775 -40.36 4.17 49.12
CA ALA F 3775 -41.48 3.36 48.63
C ALA F 3775 -41.13 2.62 47.35
N ALA F 3776 -40.53 3.31 46.39
CA ALA F 3776 -40.21 2.64 45.13
C ALA F 3776 -39.04 1.67 45.32
N GLU F 3777 -38.16 1.96 46.28
CA GLU F 3777 -37.11 1.00 46.60
C GLU F 3777 -37.71 -0.33 47.04
N MET F 3778 -38.67 -0.29 47.96
CA MET F 3778 -39.28 -1.54 48.37
C MET F 3778 -40.18 -2.08 47.28
N VAL F 3779 -40.61 -1.22 46.36
CA VAL F 3779 -41.39 -1.73 45.23
C VAL F 3779 -40.52 -2.67 44.41
N LEU F 3780 -39.29 -2.24 44.13
CA LEU F 3780 -38.32 -3.12 43.50
C LEU F 3780 -38.07 -4.35 44.34
N GLN F 3781 -37.98 -4.17 45.67
CA GLN F 3781 -37.81 -5.32 46.55
C GLN F 3781 -38.99 -6.27 46.44
N MET F 3782 -40.20 -5.72 46.29
CA MET F 3782 -41.39 -6.57 46.21
C MET F 3782 -41.31 -7.40 44.95
N ILE F 3783 -40.87 -6.77 43.85
CA ILE F 3783 -40.71 -7.50 42.59
C ILE F 3783 -39.71 -8.63 42.77
N SER F 3784 -38.58 -8.32 43.42
CA SER F 3784 -37.55 -9.34 43.61
C SER F 3784 -38.09 -10.51 44.43
N ALA F 3785 -38.86 -10.21 45.48
CA ALA F 3785 -39.44 -11.27 46.29
C ALA F 3785 -40.59 -11.96 45.58
N CYS F 3786 -41.21 -11.26 44.61
CA CYS F 3786 -42.33 -11.83 43.89
C CYS F 3786 -41.87 -12.83 42.86
N LYS F 3787 -40.66 -12.63 42.32
CA LYS F 3787 -40.01 -13.64 41.48
C LYS F 3787 -40.85 -13.98 40.25
N GLY F 3788 -41.51 -12.97 39.69
CA GLY F 3788 -42.29 -13.19 38.49
C GLY F 3788 -43.52 -14.05 38.68
N GLU F 3789 -44.25 -13.83 39.76
CA GLU F 3789 -45.49 -14.55 40.02
C GLU F 3789 -46.66 -13.57 40.00
N THR F 3790 -47.47 -13.66 38.95
CA THR F 3790 -48.60 -12.75 38.80
C THR F 3790 -49.59 -12.91 39.94
N GLY F 3791 -50.08 -11.79 40.44
CA GLY F 3791 -51.03 -11.80 41.53
C GLY F 3791 -51.44 -10.39 41.89
N ALA F 3792 -52.46 -10.31 42.75
CA ALA F 3792 -52.94 -9.01 43.18
C ALA F 3792 -51.84 -8.23 43.88
N MET F 3793 -50.96 -8.92 44.59
CA MET F 3793 -49.88 -8.23 45.30
C MET F 3793 -49.01 -7.46 44.33
N VAL F 3794 -48.46 -8.16 43.33
CA VAL F 3794 -47.57 -7.51 42.38
C VAL F 3794 -48.32 -6.50 41.54
N SER F 3795 -49.58 -6.78 41.22
CA SER F 3795 -50.38 -5.83 40.45
C SER F 3795 -50.51 -4.51 41.18
N SER F 3796 -50.93 -4.56 42.44
CA SER F 3796 -51.12 -3.33 43.20
C SER F 3796 -49.80 -2.61 43.43
N THR F 3797 -48.73 -3.35 43.71
CA THR F 3797 -47.49 -2.66 44.00
C THR F 3797 -46.90 -2.03 42.75
N LEU F 3798 -47.07 -2.69 41.60
CA LEU F 3798 -46.71 -2.06 40.33
C LEU F 3798 -47.56 -0.82 40.09
N LYS F 3799 -48.85 -0.87 40.44
CA LYS F 3799 -49.67 0.32 40.30
C LYS F 3799 -49.17 1.45 41.20
N LEU F 3800 -48.74 1.11 42.42
CA LEU F 3800 -48.20 2.12 43.32
C LEU F 3800 -46.93 2.72 42.75
N GLY F 3801 -46.08 1.88 42.16
CA GLY F 3801 -44.91 2.39 41.48
C GLY F 3801 -45.29 3.29 40.32
N ILE F 3802 -46.36 2.95 39.62
CA ILE F 3802 -46.87 3.81 38.56
C ILE F 3802 -47.23 5.17 39.14
N SER F 3803 -47.92 5.17 40.27
CA SER F 3803 -48.32 6.43 40.89
C SER F 3803 -47.12 7.25 41.30
N ILE F 3804 -46.12 6.62 41.92
CA ILE F 3804 -44.97 7.37 42.40
C ILE F 3804 -44.15 7.88 41.21
N LEU F 3805 -44.16 7.15 40.11
CA LEU F 3805 -43.38 7.55 38.94
C LEU F 3805 -44.15 8.51 38.05
N ASN F 3806 -45.44 8.69 38.31
CA ASN F 3806 -46.29 9.46 37.40
C ASN F 3806 -45.68 10.82 37.10
N GLY F 3807 -45.65 11.15 35.82
CA GLY F 3807 -44.93 12.33 35.36
C GLY F 3807 -43.45 12.13 35.22
N GLY F 3808 -42.94 10.93 35.51
CA GLY F 3808 -41.51 10.67 35.36
C GLY F 3808 -40.65 11.54 36.25
N ASN F 3809 -40.74 11.35 37.56
CA ASN F 3809 -39.93 12.14 38.46
C ASN F 3809 -38.46 11.72 38.37
N ALA F 3810 -37.62 12.66 37.95
CA ALA F 3810 -36.20 12.37 37.79
C ALA F 3810 -35.59 11.89 39.09
N GLU F 3811 -36.04 12.44 40.22
CA GLU F 3811 -35.47 12.03 41.50
C GLU F 3811 -35.79 10.56 41.79
N VAL F 3812 -37.02 10.14 41.55
CA VAL F 3812 -37.37 8.74 41.76
C VAL F 3812 -36.58 7.85 40.81
N GLN F 3813 -36.52 8.24 39.53
CA GLN F 3813 -35.72 7.47 38.59
C GLN F 3813 -34.28 7.34 39.10
N GLN F 3814 -33.75 8.42 39.66
CA GLN F 3814 -32.40 8.42 40.18
C GLN F 3814 -32.25 7.40 41.30
N LYS F 3815 -33.12 7.47 42.31
CA LYS F 3815 -32.96 6.61 43.47
C LYS F 3815 -33.13 5.14 43.10
N MET F 3816 -34.11 4.82 42.27
CA MET F 3816 -34.25 3.42 41.84
C MET F 3816 -33.07 2.96 41.01
N LEU F 3817 -32.50 3.85 40.17
CA LEU F 3817 -31.30 3.46 39.45
C LEU F 3817 -30.17 3.11 40.41
N ASP F 3818 -29.94 3.96 41.42
CA ASP F 3818 -28.91 3.66 42.39
C ASP F 3818 -29.21 2.36 43.13
N TYR F 3819 -30.48 2.15 43.49
CA TYR F 3819 -30.83 0.94 44.24
C TYR F 3819 -30.56 -0.32 43.42
N LEU F 3820 -31.02 -0.34 42.17
CA LEU F 3820 -30.71 -1.47 41.31
C LEU F 3820 -29.22 -1.68 41.21
N LYS F 3821 -28.46 -0.59 41.10
CA LYS F 3821 -27.01 -0.70 41.00
C LYS F 3821 -26.44 -1.35 42.26
N ASP F 3822 -26.84 -0.86 43.43
CA ASP F 3822 -26.16 -1.29 44.66
C ASP F 3822 -26.64 -2.64 45.14
N LYS F 3823 -27.78 -3.12 44.62
CA LYS F 3823 -28.13 -4.51 44.86
C LYS F 3823 -27.47 -5.43 43.85
N LYS F 3824 -27.23 -4.92 42.63
CA LYS F 3824 -26.64 -5.68 41.52
C LYS F 3824 -27.12 -7.12 41.51
N GLU F 3825 -28.43 -7.31 41.65
CA GLU F 3825 -29.01 -8.63 41.85
C GLU F 3825 -29.93 -8.94 40.67
N VAL F 3826 -29.86 -10.20 40.20
CA VAL F 3826 -30.54 -10.56 38.96
C VAL F 3826 -32.01 -10.88 39.22
N GLY F 3827 -32.34 -11.27 40.45
CA GLY F 3827 -33.66 -11.80 40.73
C GLY F 3827 -34.79 -10.87 40.35
N PHE F 3828 -34.60 -9.56 40.52
CA PHE F 3828 -35.63 -8.61 40.12
C PHE F 3828 -35.88 -8.65 38.62
N PHE F 3829 -34.81 -8.67 37.82
CA PHE F 3829 -34.98 -8.72 36.37
C PHE F 3829 -35.53 -10.07 35.95
N GLN F 3830 -35.15 -11.14 36.66
CA GLN F 3830 -35.74 -12.45 36.41
C GLN F 3830 -37.24 -12.42 36.66
N SER F 3831 -37.65 -11.73 37.74
CA SER F 3831 -39.06 -11.53 38.00
C SER F 3831 -39.72 -10.79 36.85
N ILE F 3832 -39.06 -9.77 36.33
CA ILE F 3832 -39.61 -8.99 35.23
C ILE F 3832 -39.85 -9.88 34.01
N GLN F 3833 -38.84 -10.69 33.66
CA GLN F 3833 -38.98 -11.58 32.50
C GLN F 3833 -40.10 -12.59 32.72
N ALA F 3834 -40.12 -13.26 33.87
CA ALA F 3834 -41.22 -14.18 34.11
C ALA F 3834 -42.55 -13.48 34.00
N LEU F 3835 -42.64 -12.25 34.49
CA LEU F 3835 -43.89 -11.52 34.45
C LEU F 3835 -44.34 -11.28 33.01
N MET F 3836 -43.43 -10.81 32.15
CA MET F 3836 -43.88 -10.47 30.80
C MET F 3836 -44.12 -11.75 30.00
N GLN F 3837 -43.52 -12.86 30.45
CA GLN F 3837 -43.94 -14.17 29.95
C GLN F 3837 -45.39 -14.45 30.33
N THR F 3838 -45.77 -14.11 31.56
CA THR F 3838 -47.13 -14.35 32.01
C THR F 3838 -48.13 -13.45 31.29
N CYS F 3839 -47.66 -12.35 30.71
CA CYS F 3839 -48.56 -11.45 30.00
C CYS F 3839 -49.25 -12.17 28.84
N SER F 3840 -50.56 -12.00 28.74
CA SER F 3840 -51.34 -12.76 27.79
C SER F 3840 -51.42 -12.08 26.43
N VAL F 3841 -51.76 -12.86 25.42
CA VAL F 3841 -52.07 -12.38 24.09
C VAL F 3841 -53.37 -13.03 23.65
N LEU F 3842 -53.96 -12.49 22.59
CA LEU F 3842 -55.26 -12.97 22.15
C LEU F 3842 -55.19 -14.42 21.69
N ASP F 3843 -56.14 -15.23 22.15
CA ASP F 3843 -56.22 -16.63 21.80
C ASP F 3843 -57.48 -16.88 21.00
N LEU F 3844 -57.31 -17.45 19.80
CA LEU F 3844 -58.45 -17.78 18.97
C LEU F 3844 -59.35 -18.80 19.64
N ASN F 3845 -58.76 -19.80 20.29
CA ASN F 3845 -59.57 -20.80 20.98
C ASN F 3845 -60.39 -20.17 22.09
N ALA F 3846 -59.78 -19.26 22.86
CA ALA F 3846 -60.53 -18.56 23.90
C ALA F 3846 -61.65 -17.72 23.30
N PHE F 3847 -61.38 -17.07 22.18
CA PHE F 3847 -62.42 -16.22 21.57
C PHE F 3847 -63.57 -17.07 21.04
N GLU F 3848 -63.27 -18.25 20.50
CA GLU F 3848 -64.36 -19.10 20.02
C GLU F 3848 -65.11 -19.74 21.19
N ARG F 3849 -64.42 -19.98 22.31
CA ARG F 3849 -65.13 -20.42 23.50
C ARG F 3849 -66.07 -19.34 24.00
N GLN F 3850 -65.62 -18.08 23.99
CA GLN F 3850 -66.50 -16.98 24.34
C GLN F 3850 -67.65 -16.86 23.35
N ASN F 3851 -67.37 -17.08 22.07
CA ASN F 3851 -68.42 -17.04 21.06
C ASN F 3851 -69.46 -18.12 21.31
N LYS F 3852 -69.01 -19.32 21.67
CA LYS F 3852 -69.94 -20.37 22.11
C LYS F 3852 -70.75 -19.91 23.30
N ALA F 3853 -70.09 -19.28 24.28
CA ALA F 3853 -70.82 -18.82 25.46
C ALA F 3853 -71.95 -17.87 25.07
N GLU F 3854 -71.64 -16.84 24.28
CA GLU F 3854 -72.66 -15.88 23.90
C GLU F 3854 -73.74 -16.52 23.02
N GLY F 3855 -73.34 -17.32 22.03
CA GLY F 3855 -74.32 -17.90 21.14
C GLY F 3855 -75.24 -18.88 21.83
N LEU F 3856 -74.69 -19.72 22.70
CA LEU F 3856 -75.52 -20.63 23.48
C LEU F 3856 -76.44 -19.85 24.41
N GLY F 3857 -75.88 -18.95 25.21
CA GLY F 3857 -76.71 -18.17 26.11
C GLY F 3857 -77.56 -19.02 27.02
N MET F 3858 -76.98 -20.07 27.60
CA MET F 3858 -77.76 -21.07 28.31
C MET F 3858 -78.54 -20.43 29.45
N VAL F 3859 -79.78 -20.89 29.63
CA VAL F 3859 -80.63 -20.37 30.69
C VAL F 3859 -80.15 -20.87 32.04
N ASN F 3860 -79.79 -19.95 32.92
CA ASN F 3860 -79.46 -20.32 34.28
C ASN F 3860 -80.68 -20.91 34.96
N GLU F 3861 -80.44 -21.97 35.75
CA GLU F 3861 -81.54 -22.78 36.27
C GLU F 3861 -82.49 -21.96 37.15
N ASP F 3862 -81.97 -20.90 37.79
CA ASP F 3862 -82.84 -20.02 38.57
C ASP F 3862 -83.67 -19.16 37.64
N GLY F 3863 -84.95 -19.50 37.51
CA GLY F 3863 -85.82 -18.77 36.59
C GLY F 3863 -85.33 -18.88 35.17
N THR F 3864 -85.30 -17.74 34.48
CA THR F 3864 -84.80 -17.68 33.10
C THR F 3864 -83.77 -16.56 33.02
N VAL F 3865 -82.49 -16.95 32.86
CA VAL F 3865 -81.42 -15.98 32.72
C VAL F 3865 -80.72 -16.21 31.39
N ILE F 3866 -81.13 -15.47 30.36
CA ILE F 3866 -80.54 -15.64 29.04
C ILE F 3866 -79.33 -14.73 28.90
N ASN F 3867 -78.40 -15.14 28.03
CA ASN F 3867 -77.24 -14.33 27.66
C ASN F 3867 -76.41 -13.93 28.88
N ARG F 3868 -76.10 -14.89 29.73
CA ARG F 3868 -75.18 -14.62 30.84
C ARG F 3868 -73.77 -14.41 30.30
N GLN F 3869 -73.09 -13.40 30.83
CA GLN F 3869 -71.74 -13.07 30.42
C GLN F 3869 -70.79 -13.21 31.61
N ASN F 3870 -69.80 -14.07 31.46
CA ASN F 3870 -68.75 -14.20 32.46
C ASN F 3870 -67.65 -13.18 32.20
N GLY F 3871 -66.73 -13.06 33.16
CA GLY F 3871 -65.56 -12.23 32.95
C GLY F 3871 -64.77 -12.73 31.74
N GLU F 3872 -64.53 -11.84 30.80
CA GLU F 3872 -63.90 -12.21 29.54
C GLU F 3872 -62.51 -12.79 29.80
N LYS F 3873 -62.36 -14.08 29.52
CA LYS F 3873 -61.06 -14.72 29.72
C LYS F 3873 -60.00 -14.10 28.84
N VAL F 3874 -60.39 -13.59 27.68
CA VAL F 3874 -59.44 -12.93 26.80
C VAL F 3874 -58.96 -11.65 27.45
N MET F 3875 -57.64 -11.50 27.58
CA MET F 3875 -57.05 -10.33 28.21
C MET F 3875 -57.56 -10.11 29.63
N ALA F 3876 -57.61 -11.20 30.40
CA ALA F 3876 -57.92 -11.09 31.83
C ALA F 3876 -56.87 -10.27 32.55
N ASP F 3877 -55.61 -10.43 32.17
CA ASP F 3877 -54.50 -9.72 32.79
C ASP F 3877 -54.07 -8.48 32.00
N ASP F 3878 -54.90 -8.03 31.05
CA ASP F 3878 -54.48 -6.94 30.17
C ASP F 3878 -54.22 -5.66 30.95
N GLU F 3879 -55.02 -5.39 31.98
CA GLU F 3879 -54.79 -4.20 32.79
C GLU F 3879 -53.44 -4.28 33.50
N PHE F 3880 -53.10 -5.46 34.02
CA PHE F 3880 -51.80 -5.61 34.68
C PHE F 3880 -50.67 -5.49 33.68
N THR F 3881 -50.87 -6.00 32.46
CA THR F 3881 -49.87 -5.85 31.42
C THR F 3881 -49.68 -4.38 31.07
N GLN F 3882 -50.79 -3.64 30.97
CA GLN F 3882 -50.72 -2.19 30.77
C GLN F 3882 -49.91 -1.55 31.89
N ASP F 3883 -50.18 -1.94 33.13
CA ASP F 3883 -49.50 -1.36 34.27
C ASP F 3883 -48.00 -1.65 34.19
N LEU F 3884 -47.62 -2.87 33.84
CA LEU F 3884 -46.21 -3.24 33.78
C LEU F 3884 -45.49 -2.46 32.68
N PHE F 3885 -46.09 -2.39 31.49
CA PHE F 3885 -45.42 -1.70 30.40
C PHE F 3885 -45.37 -0.20 30.66
N ARG F 3886 -46.40 0.36 31.30
CA ARG F 3886 -46.34 1.76 31.68
C ARG F 3886 -45.28 1.98 32.76
N PHE F 3887 -45.07 0.97 33.61
CA PHE F 3887 -44.01 1.04 34.61
C PHE F 3887 -42.66 1.16 33.94
N LEU F 3888 -42.37 0.28 32.99
CA LEU F 3888 -41.11 0.38 32.28
C LEU F 3888 -41.01 1.70 31.53
N GLN F 3889 -42.11 2.12 30.90
CA GLN F 3889 -42.22 3.44 30.31
C GLN F 3889 -41.72 4.51 31.26
N LEU F 3890 -42.29 4.55 32.46
CA LEU F 3890 -42.03 5.65 33.37
C LEU F 3890 -40.61 5.56 33.93
N LEU F 3891 -40.09 4.34 34.10
CA LEU F 3891 -38.69 4.21 34.47
C LEU F 3891 -37.80 4.83 33.40
N CYS F 3892 -38.09 4.56 32.14
CA CYS F 3892 -37.23 5.08 31.09
C CYS F 3892 -37.54 6.53 30.73
N GLU F 3893 -38.61 7.10 31.29
CA GLU F 3893 -39.02 8.46 30.95
C GLU F 3893 -37.90 9.47 31.22
N GLY F 3894 -38.07 10.65 30.65
CA GLY F 3894 -37.06 11.68 30.75
C GLY F 3894 -35.89 11.49 29.81
N HIS F 3895 -35.93 10.47 28.96
CA HIS F 3895 -34.84 10.16 28.04
C HIS F 3895 -33.54 9.95 28.81
N ASN F 3896 -33.63 9.36 29.99
CA ASN F 3896 -32.45 9.18 30.83
C ASN F 3896 -31.60 8.06 30.25
N ASN F 3897 -30.56 8.46 29.51
CA ASN F 3897 -29.76 7.50 28.76
C ASN F 3897 -29.11 6.48 29.68
N ASP F 3898 -28.72 6.88 30.88
CA ASP F 3898 -28.13 5.92 31.81
C ASP F 3898 -29.15 4.84 32.18
N PHE F 3899 -30.40 5.23 32.40
CA PHE F 3899 -31.42 4.23 32.70
C PHE F 3899 -31.67 3.32 31.51
N GLN F 3900 -31.71 3.89 30.30
CA GLN F 3900 -31.89 3.03 29.14
C GLN F 3900 -30.72 2.07 28.97
N ASN F 3901 -29.50 2.52 29.26
CA ASN F 3901 -28.35 1.64 29.22
C ASN F 3901 -28.47 0.54 30.26
N TYR F 3902 -28.93 0.87 31.46
CA TYR F 3902 -29.11 -0.15 32.48
C TYR F 3902 -30.14 -1.18 32.04
N LEU F 3903 -31.22 -0.72 31.42
CA LEU F 3903 -32.23 -1.64 30.91
C LEU F 3903 -31.64 -2.54 29.83
N ARG F 3904 -30.82 -1.97 28.95
CA ARG F 3904 -30.21 -2.77 27.89
C ARG F 3904 -29.24 -3.80 28.45
N THR F 3905 -28.48 -3.41 29.47
CA THR F 3905 -27.43 -4.27 30.00
C THR F 3905 -27.20 -3.92 31.46
N GLN F 3906 -27.11 -4.97 32.28
CA GLN F 3906 -26.89 -4.83 33.71
C GLN F 3906 -25.50 -5.37 34.02
N THR F 3907 -24.50 -4.48 33.97
CA THR F 3907 -23.12 -4.90 34.20
C THR F 3907 -22.94 -5.45 35.61
N GLY F 3908 -23.53 -4.79 36.61
CA GLY F 3908 -23.39 -5.27 37.97
C GLY F 3908 -23.96 -6.66 38.16
N ASN F 3909 -25.02 -6.98 37.43
CA ASN F 3909 -25.59 -8.32 37.49
C ASN F 3909 -24.60 -9.34 36.93
N THR F 3910 -24.54 -10.50 37.57
CA THR F 3910 -23.75 -11.60 37.03
C THR F 3910 -24.31 -12.05 35.68
N THR F 3911 -25.62 -12.13 35.56
CA THR F 3911 -26.30 -12.44 34.31
C THR F 3911 -27.11 -11.23 33.88
N THR F 3912 -26.91 -10.81 32.63
CA THR F 3912 -27.52 -9.60 32.10
C THR F 3912 -28.65 -9.96 31.15
N ILE F 3913 -29.78 -9.28 31.29
CA ILE F 3913 -30.97 -9.52 30.48
C ILE F 3913 -31.34 -8.21 29.78
N ASN F 3914 -31.89 -8.33 28.58
CA ASN F 3914 -32.35 -7.16 27.81
C ASN F 3914 -33.87 -7.11 27.82
N ILE F 3915 -34.40 -6.32 28.73
CA ILE F 3915 -35.86 -6.19 28.85
C ILE F 3915 -36.45 -5.64 27.56
N ILE F 3916 -35.66 -4.89 26.79
CA ILE F 3916 -36.18 -4.33 25.55
C ILE F 3916 -36.42 -5.44 24.52
N ILE F 3917 -35.48 -6.38 24.39
CA ILE F 3917 -35.73 -7.45 23.42
C ILE F 3917 -36.81 -8.38 23.96
N CYS F 3918 -36.91 -8.51 25.28
CA CYS F 3918 -38.05 -9.23 25.84
C CYS F 3918 -39.37 -8.57 25.44
N THR F 3919 -39.41 -7.25 25.51
CA THR F 3919 -40.58 -6.50 25.05
C THR F 3919 -40.84 -6.75 23.57
N VAL F 3920 -39.76 -6.81 22.79
CA VAL F 3920 -39.90 -7.10 21.36
C VAL F 3920 -40.55 -8.46 21.17
N ASP F 3921 -40.11 -9.46 21.92
CA ASP F 3921 -40.70 -10.79 21.81
C ASP F 3921 -42.19 -10.76 22.16
N TYR F 3922 -42.53 -10.09 23.27
CA TYR F 3922 -43.93 -9.98 23.62
C TYR F 3922 -44.72 -9.30 22.52
N LEU F 3923 -44.13 -8.28 21.90
CA LEU F 3923 -44.80 -7.62 20.80
C LEU F 3923 -45.04 -8.59 19.65
N LEU F 3924 -44.09 -9.48 19.39
CA LEU F 3924 -44.28 -10.48 18.34
C LEU F 3924 -45.47 -11.37 18.67
N ARG F 3925 -45.56 -11.84 19.91
CA ARG F 3925 -46.73 -12.64 20.28
C ARG F 3925 -48.01 -11.83 20.11
N LEU F 3926 -47.95 -10.53 20.41
CA LEU F 3926 -49.10 -9.67 20.20
C LEU F 3926 -49.50 -9.64 18.74
N GLN F 3927 -48.52 -9.54 17.84
CA GLN F 3927 -48.87 -9.53 16.42
C GLN F 3927 -49.48 -10.86 16.00
N GLU F 3928 -48.91 -11.97 16.48
CA GLU F 3928 -49.46 -13.26 16.08
C GLU F 3928 -50.91 -13.37 16.50
N SER F 3929 -51.21 -12.99 17.74
CA SER F 3929 -52.59 -12.99 18.21
C SER F 3929 -53.46 -12.08 17.37
N ILE F 3930 -52.97 -10.87 17.09
CA ILE F 3930 -53.76 -9.89 16.34
C ILE F 3930 -54.05 -10.40 14.94
N SER F 3931 -53.05 -11.04 14.32
CA SER F 3931 -53.21 -11.52 12.95
C SER F 3931 -54.16 -12.71 12.89
N ASP F 3932 -54.10 -13.60 13.88
CA ASP F 3932 -55.07 -14.69 13.90
C ASP F 3932 -56.49 -14.16 14.05
N PHE F 3933 -56.70 -13.18 14.95
CA PHE F 3933 -58.02 -12.59 15.08
C PHE F 3933 -58.43 -11.84 13.82
N TYR F 3934 -57.47 -11.19 13.16
CA TYR F 3934 -57.74 -10.54 11.89
C TYR F 3934 -58.23 -11.55 10.85
N TRP F 3935 -57.55 -12.69 10.73
CA TRP F 3935 -58.01 -13.70 9.79
C TRP F 3935 -59.40 -14.19 10.15
N TYR F 3936 -59.63 -14.43 11.44
CA TYR F 3936 -60.92 -14.97 11.85
C TYR F 3936 -62.05 -14.02 11.47
N TYR F 3937 -61.87 -12.73 11.73
CA TYR F 3937 -62.93 -11.78 11.38
C TYR F 3937 -62.87 -11.41 9.90
N SER F 3938 -61.78 -11.76 9.23
CA SER F 3938 -61.71 -11.57 7.79
C SER F 3938 -62.56 -12.60 7.07
N GLY F 3939 -62.62 -13.82 7.61
CA GLY F 3939 -63.59 -14.78 7.12
C GLY F 3939 -65.01 -14.26 7.27
N LYS F 3940 -65.31 -13.63 8.40
CA LYS F 3940 -66.61 -13.01 8.59
C LYS F 3940 -66.72 -11.76 7.72
N ASP F 3941 -67.96 -11.35 7.46
CA ASP F 3941 -68.18 -10.13 6.67
C ASP F 3941 -67.88 -8.88 7.49
N VAL F 3942 -68.21 -8.91 8.77
CA VAL F 3942 -68.10 -7.73 9.63
C VAL F 3942 -67.77 -8.18 11.05
N ILE F 3943 -67.06 -7.33 11.78
CA ILE F 3943 -66.68 -7.65 13.15
C ILE F 3943 -67.85 -7.41 14.08
N GLU F 3944 -68.17 -8.40 14.89
CA GLU F 3944 -69.25 -8.27 15.87
C GLU F 3944 -68.78 -7.40 17.03
N GLU F 3945 -69.74 -6.82 17.75
CA GLU F 3945 -69.45 -5.77 18.72
C GLU F 3945 -68.49 -6.23 19.81
N GLN F 3946 -68.71 -7.42 20.37
CA GLN F 3946 -67.82 -7.91 21.41
C GLN F 3946 -66.41 -8.09 20.87
N GLY F 3947 -66.30 -8.58 19.63
CA GLY F 3947 -65.00 -8.60 18.98
C GLY F 3947 -64.40 -7.22 18.84
N LYS F 3948 -65.22 -6.23 18.49
CA LYS F 3948 -64.72 -4.86 18.40
C LYS F 3948 -64.11 -4.43 19.72
N ARG F 3949 -64.81 -4.70 20.82
CA ARG F 3949 -64.26 -4.35 22.14
C ARG F 3949 -62.98 -5.12 22.41
N ASN F 3950 -62.94 -6.39 22.00
CA ASN F 3950 -61.75 -7.21 22.24
C ASN F 3950 -60.53 -6.64 21.53
N PHE F 3951 -60.64 -6.41 20.22
CA PHE F 3951 -59.57 -5.70 19.53
C PHE F 3951 -59.27 -4.36 20.17
N SER F 3952 -60.30 -3.63 20.61
CA SER F 3952 -60.07 -2.31 21.17
C SER F 3952 -59.13 -2.37 22.37
N LYS F 3953 -59.44 -3.25 23.32
CA LYS F 3953 -58.58 -3.39 24.49
C LYS F 3953 -57.20 -3.91 24.10
N ALA F 3954 -57.16 -4.82 23.12
CA ALA F 3954 -55.88 -5.36 22.69
C ALA F 3954 -54.99 -4.27 22.10
N MET F 3955 -55.57 -3.39 21.28
CA MET F 3955 -54.75 -2.39 20.61
C MET F 3955 -54.45 -1.24 21.55
N SER F 3956 -55.26 -1.06 22.59
CA SER F 3956 -54.86 -0.15 23.66
C SER F 3956 -53.60 -0.68 24.35
N VAL F 3957 -53.58 -1.99 24.63
CA VAL F 3957 -52.37 -2.60 25.17
C VAL F 3957 -51.21 -2.40 24.22
N ALA F 3958 -51.45 -2.60 22.92
CA ALA F 3958 -50.41 -2.42 21.93
C ALA F 3958 -49.94 -0.98 21.88
N LYS F 3959 -50.85 -0.03 22.06
CA LYS F 3959 -50.49 1.38 22.07
C LYS F 3959 -49.55 1.68 23.22
N GLN F 3960 -49.86 1.16 24.40
CA GLN F 3960 -48.96 1.36 25.54
C GLN F 3960 -47.61 0.69 25.28
N VAL F 3961 -47.63 -0.50 24.67
CA VAL F 3961 -46.38 -1.20 24.38
C VAL F 3961 -45.53 -0.38 23.41
N PHE F 3962 -46.16 0.14 22.36
CA PHE F 3962 -45.45 0.96 21.39
C PHE F 3962 -44.90 2.21 22.04
N ASN F 3963 -45.67 2.82 22.93
CA ASN F 3963 -45.19 4.00 23.66
C ASN F 3963 -43.98 3.64 24.50
N SER F 3964 -44.01 2.48 25.14
CA SER F 3964 -42.87 2.05 25.96
C SER F 3964 -41.63 1.86 25.09
N LEU F 3965 -41.79 1.21 23.94
CA LEU F 3965 -40.66 1.04 23.04
C LEU F 3965 -40.13 2.38 22.56
N THR F 3966 -41.04 3.30 22.24
CA THR F 3966 -40.65 4.63 21.80
C THR F 3966 -39.85 5.33 22.88
N GLU F 3967 -40.28 5.19 24.14
CA GLU F 3967 -39.53 5.80 25.23
C GLU F 3967 -38.16 5.17 25.36
N TYR F 3968 -38.07 3.85 25.21
CA TYR F 3968 -36.78 3.19 25.30
C TYR F 3968 -35.82 3.72 24.24
N ILE F 3969 -36.30 3.84 23.01
CA ILE F 3969 -35.42 4.22 21.91
C ILE F 3969 -35.09 5.70 21.98
N GLN F 3970 -36.00 6.50 22.55
CA GLN F 3970 -35.85 7.94 22.54
C GLN F 3970 -34.63 8.37 23.35
N GLY F 3971 -34.20 9.62 23.13
CA GLY F 3971 -33.12 10.22 23.88
C GLY F 3971 -32.04 10.86 23.04
N PRO F 3972 -31.59 10.18 21.96
CA PRO F 3972 -31.72 8.76 21.64
C PRO F 3972 -30.58 7.98 22.24
N CYS F 3973 -30.81 6.74 22.66
CA CYS F 3973 -29.76 5.87 23.18
C CYS F 3973 -29.24 5.02 22.03
N THR F 3974 -27.98 5.24 21.66
CA THR F 3974 -27.42 4.57 20.50
C THR F 3974 -27.35 3.06 20.69
N GLY F 3975 -27.03 2.62 21.90
CA GLY F 3975 -27.05 1.19 22.18
C GLY F 3975 -28.43 0.60 21.97
N ASN F 3976 -29.46 1.30 22.43
CA ASN F 3976 -30.82 0.85 22.17
C ASN F 3976 -31.12 0.85 20.68
N GLN F 3977 -30.61 1.86 19.96
CA GLN F 3977 -30.78 1.92 18.52
C GLN F 3977 -30.26 0.65 17.87
N GLN F 3978 -29.02 0.28 18.19
CA GLN F 3978 -28.42 -0.91 17.60
C GLN F 3978 -29.16 -2.17 18.03
N SER F 3979 -29.56 -2.24 19.31
CA SER F 3979 -30.26 -3.42 19.79
C SER F 3979 -31.56 -3.64 19.02
N LEU F 3980 -32.33 -2.58 18.82
CA LEU F 3980 -33.51 -2.69 17.98
C LEU F 3980 -33.13 -3.03 16.55
N ALA F 3981 -32.03 -2.46 16.06
CA ALA F 3981 -31.65 -2.66 14.67
C ALA F 3981 -31.41 -4.14 14.38
N HIS F 3982 -30.67 -4.81 15.24
CA HIS F 3982 -30.40 -6.23 15.01
C HIS F 3982 -31.59 -7.09 15.38
N SER F 3983 -32.54 -6.54 16.13
CA SER F 3983 -33.71 -7.29 16.54
C SER F 3983 -34.66 -7.48 15.37
N ARG F 3984 -35.78 -8.15 15.65
CA ARG F 3984 -36.76 -8.52 14.63
C ARG F 3984 -37.95 -7.56 14.59
N LEU F 3985 -37.85 -6.42 15.29
CA LEU F 3985 -38.97 -5.49 15.30
C LEU F 3985 -39.27 -4.97 13.90
N TRP F 3986 -38.34 -5.12 12.95
CA TRP F 3986 -38.67 -4.82 11.57
C TRP F 3986 -39.71 -5.77 11.03
N ASP F 3987 -39.53 -7.07 11.23
CA ASP F 3987 -40.55 -8.03 10.86
C ASP F 3987 -41.83 -7.75 11.65
N ALA F 3988 -41.67 -7.31 12.89
CA ALA F 3988 -42.83 -6.90 13.67
C ALA F 3988 -43.60 -5.77 12.98
N VAL F 3989 -42.87 -4.78 12.49
CA VAL F 3989 -43.49 -3.64 11.84
C VAL F 3989 -44.18 -4.10 10.56
N VAL F 3990 -43.56 -5.03 9.84
CA VAL F 3990 -44.15 -5.54 8.60
C VAL F 3990 -45.48 -6.22 8.89
N GLY F 3991 -45.49 -7.12 9.88
CA GLY F 3991 -46.72 -7.78 10.24
C GLY F 3991 -47.78 -6.80 10.69
N PHE F 3992 -47.40 -5.83 11.53
CA PHE F 3992 -48.35 -4.83 11.97
C PHE F 3992 -48.89 -4.03 10.81
N LEU F 3993 -48.05 -3.71 9.82
CA LEU F 3993 -48.50 -2.93 8.67
C LEU F 3993 -49.50 -3.70 7.84
N HIS F 3994 -49.24 -4.99 7.61
CA HIS F 3994 -50.20 -5.79 6.86
C HIS F 3994 -51.52 -5.85 7.60
N VAL F 3995 -51.46 -6.07 8.92
CA VAL F 3995 -52.69 -6.06 9.72
C VAL F 3995 -53.38 -4.72 9.58
N PHE F 3996 -52.63 -3.63 9.70
CA PHE F 3996 -53.23 -2.30 9.63
C PHE F 3996 -53.97 -2.12 8.32
N ALA F 3997 -53.30 -2.39 7.20
CA ALA F 3997 -53.93 -2.21 5.90
C ALA F 3997 -55.23 -2.99 5.80
N HIS F 3998 -55.19 -4.27 6.18
CA HIS F 3998 -56.39 -5.08 6.02
C HIS F 3998 -57.52 -4.61 6.92
N MET F 3999 -57.21 -4.20 8.16
CA MET F 3999 -58.26 -3.63 8.99
C MET F 3999 -58.82 -2.33 8.43
N MET F 4000 -57.97 -1.49 7.82
CA MET F 4000 -58.54 -0.28 7.22
C MET F 4000 -59.51 -0.61 6.10
N MET F 4001 -59.13 -1.52 5.18
CA MET F 4001 -60.09 -1.88 4.14
C MET F 4001 -61.36 -2.49 4.74
N LYS F 4002 -61.22 -3.31 5.78
CA LYS F 4002 -62.42 -3.94 6.35
C LYS F 4002 -63.30 -2.91 7.07
N LEU F 4003 -62.70 -2.07 7.90
CA LEU F 4003 -63.46 -1.13 8.72
C LEU F 4003 -64.13 -0.07 7.87
N ALA F 4004 -63.49 0.31 6.75
CA ALA F 4004 -63.91 1.50 6.02
C ALA F 4004 -65.35 1.42 5.56
N GLN F 4005 -65.88 0.20 5.37
CA GLN F 4005 -67.22 0.06 4.80
C GLN F 4005 -68.30 0.48 5.77
N ASP F 4006 -68.20 0.04 7.03
CA ASP F 4006 -69.29 0.16 7.98
C ASP F 4006 -69.17 1.48 8.74
N SER F 4007 -70.32 2.08 9.06
CA SER F 4007 -70.32 3.33 9.80
C SER F 4007 -70.04 3.11 11.28
N SER F 4008 -70.51 2.00 11.84
CA SER F 4008 -70.34 1.76 13.27
C SER F 4008 -68.88 1.52 13.62
N GLN F 4009 -68.07 1.11 12.63
CA GLN F 4009 -66.70 0.70 12.90
C GLN F 4009 -65.77 1.90 13.05
N ILE F 4010 -66.28 3.11 12.82
CA ILE F 4010 -65.41 4.27 12.69
C ILE F 4010 -64.67 4.55 13.98
N GLU F 4011 -65.26 4.21 15.13
CA GLU F 4011 -64.60 4.48 16.39
C GLU F 4011 -63.36 3.61 16.55
N LEU F 4012 -63.52 2.30 16.32
CA LEU F 4012 -62.36 1.41 16.33
C LEU F 4012 -61.35 1.81 15.27
N LEU F 4013 -61.84 2.34 14.13
CA LEU F 4013 -60.94 2.81 13.09
C LEU F 4013 -60.12 4.00 13.59
N LYS F 4014 -60.75 4.90 14.34
CA LYS F 4014 -60.02 6.01 14.92
C LYS F 4014 -58.95 5.51 15.88
N GLU F 4015 -59.32 4.55 16.73
CA GLU F 4015 -58.35 4.01 17.67
C GLU F 4015 -57.20 3.34 16.92
N LEU F 4016 -57.50 2.70 15.78
CA LEU F 4016 -56.46 2.09 14.96
C LEU F 4016 -55.58 3.16 14.34
N LEU F 4017 -56.17 4.28 13.93
CA LEU F 4017 -55.37 5.38 13.42
C LEU F 4017 -54.40 5.89 14.48
N ASP F 4018 -54.86 5.98 15.72
CA ASP F 4018 -53.97 6.38 16.80
C ASP F 4018 -52.88 5.34 17.04
N LEU F 4019 -53.24 4.06 16.94
CA LEU F 4019 -52.22 3.01 17.09
C LEU F 4019 -51.18 3.11 16.00
N GLN F 4020 -51.60 3.36 14.77
CA GLN F 4020 -50.64 3.53 13.67
C GLN F 4020 -49.83 4.80 13.87
N LYS F 4021 -50.42 5.81 14.49
CA LYS F 4021 -49.64 6.99 14.85
C LYS F 4021 -48.53 6.64 15.81
N ASP F 4022 -48.83 5.84 16.83
CA ASP F 4022 -47.80 5.41 17.76
C ASP F 4022 -46.75 4.57 17.04
N MET F 4023 -47.20 3.75 16.09
CA MET F 4023 -46.27 2.94 15.30
C MET F 4023 -45.31 3.82 14.52
N VAL F 4024 -45.84 4.85 13.87
CA VAL F 4024 -45.01 5.76 13.08
C VAL F 4024 -44.06 6.53 13.98
N VAL F 4025 -44.54 6.89 15.18
CA VAL F 4025 -43.67 7.59 16.12
C VAL F 4025 -42.54 6.68 16.55
N MET F 4026 -42.83 5.39 16.76
CA MET F 4026 -41.80 4.42 17.06
C MET F 4026 -40.76 4.38 15.94
N LEU F 4027 -41.23 4.31 14.70
CA LEU F 4027 -40.31 4.27 13.57
C LEU F 4027 -39.45 5.53 13.52
N LEU F 4028 -40.07 6.69 13.72
CA LEU F 4028 -39.34 7.95 13.70
C LEU F 4028 -38.29 7.99 14.79
N SER F 4029 -38.67 7.59 16.00
CA SER F 4029 -37.73 7.60 17.11
C SER F 4029 -36.55 6.69 16.84
N LEU F 4030 -36.81 5.55 16.19
CA LEU F 4030 -35.71 4.74 15.70
C LEU F 4030 -34.87 5.52 14.69
N LEU F 4031 -35.53 6.28 13.82
CA LEU F 4031 -34.81 7.00 12.79
C LEU F 4031 -34.15 8.26 13.34
N GLU F 4032 -34.47 8.62 14.58
CA GLU F 4032 -33.90 9.82 15.18
C GLU F 4032 -32.38 9.70 15.28
N GLY F 4033 -31.69 10.80 14.96
CA GLY F 4033 -30.26 10.82 14.97
C GLY F 4033 -29.60 10.09 13.82
N ASN F 4034 -30.35 9.73 12.79
CA ASN F 4034 -29.80 8.97 11.68
C ASN F 4034 -28.88 9.83 10.82
N VAL F 4035 -27.84 9.19 10.29
CA VAL F 4035 -26.99 9.83 9.30
C VAL F 4035 -27.46 9.42 7.90
N VAL F 4036 -27.37 10.37 6.96
CA VAL F 4036 -27.84 10.12 5.61
C VAL F 4036 -27.20 8.85 5.06
N ASN F 4037 -28.02 7.99 4.48
CA ASN F 4037 -27.61 6.66 4.02
C ASN F 4037 -26.94 5.88 5.15
N GLY F 4038 -27.49 5.99 6.35
CA GLY F 4038 -26.98 5.23 7.48
C GLY F 4038 -27.53 3.82 7.47
N MET F 4039 -26.98 2.97 8.34
CA MET F 4039 -27.39 1.58 8.38
C MET F 4039 -28.80 1.44 8.96
N ILE F 4040 -29.13 2.26 9.95
CA ILE F 4040 -30.48 2.22 10.49
C ILE F 4040 -31.48 2.64 9.43
N ALA F 4041 -31.22 3.76 8.75
CA ALA F 4041 -32.11 4.20 7.68
C ALA F 4041 -32.19 3.16 6.58
N ARG F 4042 -31.09 2.46 6.33
CA ARG F 4042 -31.09 1.39 5.35
C ARG F 4042 -32.06 0.29 5.76
N GLN F 4043 -32.06 -0.08 7.03
CA GLN F 4043 -33.01 -1.09 7.47
C GLN F 4043 -34.44 -0.58 7.41
N MET F 4044 -34.68 0.69 7.76
CA MET F 4044 -36.03 1.24 7.57
C MET F 4044 -36.48 1.13 6.13
N VAL F 4045 -35.65 1.54 5.18
CA VAL F 4045 -36.10 1.57 3.79
C VAL F 4045 -36.30 0.15 3.28
N ASP F 4046 -35.42 -0.77 3.66
CA ASP F 4046 -35.61 -2.17 3.25
C ASP F 4046 -36.90 -2.73 3.83
N MET F 4047 -37.23 -2.38 5.07
CA MET F 4047 -38.42 -2.94 5.69
C MET F 4047 -39.67 -2.33 5.07
N LEU F 4048 -39.59 -1.06 4.67
CA LEU F 4048 -40.63 -0.52 3.79
C LEU F 4048 -40.74 -1.36 2.52
N VAL F 4049 -39.60 -1.71 1.94
CA VAL F 4049 -39.61 -2.40 0.64
C VAL F 4049 -40.31 -3.75 0.76
N GLU F 4050 -39.98 -4.53 1.80
CA GLU F 4050 -40.61 -5.84 1.92
C GLU F 4050 -42.09 -5.70 2.24
N SER F 4051 -42.50 -4.56 2.79
CA SER F 4051 -43.89 -4.28 3.07
C SER F 4051 -44.53 -3.41 1.99
N SER F 4052 -43.91 -3.32 0.81
CA SER F 4052 -44.33 -2.36 -0.20
C SER F 4052 -45.81 -2.50 -0.53
N SER F 4053 -46.33 -3.72 -0.55
CA SER F 4053 -47.76 -3.89 -0.80
C SER F 4053 -48.59 -3.16 0.25
N ASN F 4054 -48.51 -3.60 1.51
CA ASN F 4054 -49.31 -2.98 2.55
C ASN F 4054 -49.11 -1.47 2.56
N VAL F 4055 -47.87 -1.03 2.30
CA VAL F 4055 -47.60 0.39 2.17
C VAL F 4055 -48.47 1.00 1.08
N GLU F 4056 -48.57 0.35 -0.08
CA GLU F 4056 -49.25 1.00 -1.19
C GLU F 4056 -50.76 1.03 -0.99
N MET F 4057 -51.35 -0.04 -0.42
CA MET F 4057 -52.79 0.10 -0.15
C MET F 4057 -53.07 1.07 0.99
N ILE F 4058 -52.15 1.20 1.96
CA ILE F 4058 -52.35 2.20 3.00
C ILE F 4058 -52.33 3.60 2.39
N LEU F 4059 -51.31 3.88 1.59
CA LEU F 4059 -51.22 5.16 0.91
C LEU F 4059 -52.43 5.38 0.01
N LYS F 4060 -52.90 4.31 -0.63
CA LYS F 4060 -54.06 4.42 -1.49
C LYS F 4060 -55.29 4.82 -0.69
N PHE F 4061 -55.47 4.21 0.48
CA PHE F 4061 -56.58 4.58 1.37
C PHE F 4061 -56.55 6.09 1.66
N PHE F 4062 -55.40 6.56 2.14
CA PHE F 4062 -55.33 7.98 2.49
C PHE F 4062 -55.55 8.87 1.28
N ASP F 4063 -54.97 8.52 0.14
CA ASP F 4063 -55.08 9.40 -1.01
C ASP F 4063 -56.47 9.37 -1.61
N MET F 4064 -57.16 8.23 -1.55
CA MET F 4064 -58.53 8.22 -2.07
C MET F 4064 -59.41 9.09 -1.21
N PHE F 4065 -59.22 9.06 0.12
CA PHE F 4065 -60.01 9.98 0.94
C PHE F 4065 -59.67 11.44 0.64
N LEU F 4066 -58.38 11.75 0.47
CA LEU F 4066 -58.04 13.14 0.16
C LEU F 4066 -58.63 13.58 -1.17
N LYS F 4067 -58.50 12.74 -2.20
CA LYS F 4067 -59.03 13.07 -3.52
C LYS F 4067 -60.54 13.20 -3.49
N LEU F 4068 -61.22 12.30 -2.76
CA LEU F 4068 -62.65 12.44 -2.55
C LEU F 4068 -62.96 13.79 -1.91
N LYS F 4069 -62.14 14.22 -0.95
CA LYS F 4069 -62.37 15.50 -0.31
C LYS F 4069 -62.35 16.65 -1.31
N ASP F 4070 -61.30 16.75 -2.12
CA ASP F 4070 -61.26 17.90 -3.02
C ASP F 4070 -62.30 17.76 -4.13
N ILE F 4071 -62.68 16.53 -4.49
CA ILE F 4071 -63.70 16.37 -5.51
C ILE F 4071 -65.06 16.79 -5.01
N VAL F 4072 -65.42 16.42 -3.78
CA VAL F 4072 -66.70 16.89 -3.24
C VAL F 4072 -66.62 18.39 -3.00
N GLY F 4073 -65.40 18.91 -2.87
CA GLY F 4073 -65.22 20.35 -2.95
C GLY F 4073 -65.29 20.87 -4.37
N SER F 4074 -65.08 19.99 -5.35
CA SER F 4074 -64.93 20.43 -6.73
C SER F 4074 -66.27 20.85 -7.34
N GLU F 4075 -66.24 21.99 -8.04
CA GLU F 4075 -67.45 22.55 -8.61
C GLU F 4075 -68.01 21.65 -9.72
N ALA F 4076 -67.14 20.90 -10.40
CA ALA F 4076 -67.64 19.94 -11.39
C ALA F 4076 -68.50 18.88 -10.72
N PHE F 4077 -68.06 18.37 -9.57
CA PHE F 4077 -68.88 17.44 -8.82
C PHE F 4077 -70.15 18.11 -8.32
N GLN F 4078 -70.06 19.37 -7.90
CA GLN F 4078 -71.27 20.09 -7.46
C GLN F 4078 -72.28 20.19 -8.60
N ASP F 4079 -71.81 20.48 -9.81
CA ASP F 4079 -72.70 20.49 -10.97
C ASP F 4079 -73.27 19.10 -11.23
N TYR F 4080 -72.46 18.06 -11.04
CA TYR F 4080 -72.95 16.70 -11.22
C TYR F 4080 -74.09 16.41 -10.24
N VAL F 4081 -73.95 16.83 -8.99
CA VAL F 4081 -75.04 16.67 -8.04
C VAL F 4081 -76.20 17.56 -8.44
N THR F 4082 -77.32 16.94 -8.82
CA THR F 4082 -78.49 17.65 -9.27
C THR F 4082 -79.60 17.69 -8.21
N ASP F 4083 -79.34 17.19 -7.01
CA ASP F 4083 -80.35 17.18 -5.97
C ASP F 4083 -80.32 18.49 -5.21
N PRO F 4084 -81.46 19.19 -5.11
CA PRO F 4084 -81.53 20.31 -4.16
C PRO F 4084 -81.29 19.86 -2.73
N ARG F 4085 -81.63 18.61 -2.41
CA ARG F 4085 -81.38 18.09 -1.08
C ARG F 4085 -79.89 17.85 -0.85
N GLY F 4086 -79.12 17.76 -1.92
CA GLY F 4086 -77.71 17.47 -1.81
C GLY F 4086 -77.34 16.00 -1.86
N LEU F 4087 -78.24 15.14 -2.33
CA LEU F 4087 -77.96 13.71 -2.38
C LEU F 4087 -77.72 13.26 -3.82
N ILE F 4088 -76.57 12.62 -4.03
CA ILE F 4088 -76.16 12.19 -5.37
C ILE F 4088 -76.41 10.71 -5.51
N SER F 4089 -76.87 10.29 -6.69
CA SER F 4089 -77.09 8.88 -6.95
C SER F 4089 -75.76 8.17 -7.14
N LYS F 4090 -75.74 6.87 -6.83
CA LYS F 4090 -74.55 6.08 -7.07
C LYS F 4090 -74.17 6.08 -8.54
N LYS F 4091 -75.17 6.04 -9.43
CA LYS F 4091 -74.90 6.16 -10.85
C LYS F 4091 -74.37 7.55 -11.19
N ASP F 4092 -75.02 8.60 -10.66
CA ASP F 4092 -74.57 9.95 -10.90
C ASP F 4092 -73.17 10.17 -10.32
N PHE F 4093 -72.92 9.63 -9.14
CA PHE F 4093 -71.61 9.76 -8.52
C PHE F 4093 -70.54 9.04 -9.35
N GLN F 4094 -70.87 7.83 -9.81
CA GLN F 4094 -70.01 7.10 -10.74
C GLN F 4094 -69.68 7.96 -11.96
N LYS F 4095 -70.71 8.58 -12.56
CA LYS F 4095 -70.49 9.41 -13.72
C LYS F 4095 -69.58 10.58 -13.40
N ALA F 4096 -69.77 11.21 -12.24
CA ALA F 4096 -68.92 12.31 -11.84
C ALA F 4096 -67.46 11.88 -11.78
N MET F 4097 -67.17 10.78 -11.08
CA MET F 4097 -65.77 10.36 -10.96
C MET F 4097 -65.19 9.92 -12.29
N ASP F 4098 -65.95 9.17 -13.10
CA ASP F 4098 -65.38 8.74 -14.37
C ASP F 4098 -65.19 9.92 -15.31
N SER F 4099 -65.94 11.00 -15.10
CA SER F 4099 -65.64 12.24 -15.81
C SER F 4099 -64.34 12.86 -15.31
N GLN F 4100 -64.16 12.91 -13.98
CA GLN F 4100 -62.92 13.44 -13.45
C GLN F 4100 -61.74 12.52 -13.75
N LYS F 4101 -62.01 11.23 -13.96
CA LYS F 4101 -61.04 10.18 -14.25
C LYS F 4101 -59.95 10.08 -13.20
N GLN F 4102 -60.13 10.69 -12.02
CA GLN F 4102 -59.11 10.62 -10.99
C GLN F 4102 -58.98 9.20 -10.43
N PHE F 4103 -60.12 8.53 -10.27
CA PHE F 4103 -60.19 7.22 -9.63
C PHE F 4103 -60.37 6.14 -10.70
N THR F 4104 -59.70 5.01 -10.52
CA THR F 4104 -59.95 3.87 -11.38
C THR F 4104 -61.30 3.25 -11.07
N GLY F 4105 -61.76 2.34 -11.94
CA GLY F 4105 -63.02 1.68 -11.76
C GLY F 4105 -63.15 0.84 -10.51
N PRO F 4106 -62.22 -0.10 -10.26
CA PRO F 4106 -62.25 -0.82 -8.98
C PRO F 4106 -62.14 0.11 -7.80
N GLU F 4107 -61.36 1.19 -7.95
CA GLU F 4107 -61.24 2.18 -6.88
C GLU F 4107 -62.57 2.82 -6.58
N ILE F 4108 -63.33 3.18 -7.62
CA ILE F 4108 -64.63 3.81 -7.43
C ILE F 4108 -65.61 2.83 -6.80
N GLN F 4109 -65.54 1.56 -7.23
CA GLN F 4109 -66.41 0.56 -6.63
C GLN F 4109 -66.10 0.39 -5.15
N PHE F 4110 -64.80 0.34 -4.80
CA PHE F 4110 -64.41 0.22 -3.41
C PHE F 4110 -64.87 1.43 -2.60
N LEU F 4111 -64.71 2.62 -3.16
CA LEU F 4111 -65.06 3.83 -2.42
C LEU F 4111 -66.57 3.98 -2.31
N LEU F 4112 -67.31 3.44 -3.28
CA LEU F 4112 -68.75 3.44 -3.20
C LEU F 4112 -69.23 2.46 -2.13
N SER F 4113 -68.61 1.29 -2.07
CA SER F 4113 -68.93 0.35 -1.00
C SER F 4113 -68.63 0.96 0.36
N CYS F 4114 -67.49 1.66 0.47
CA CYS F 4114 -67.18 2.37 1.70
C CYS F 4114 -68.16 3.50 1.95
N SER F 4115 -68.74 4.04 0.88
CA SER F 4115 -69.68 5.14 1.00
C SER F 4115 -71.03 4.66 1.53
N GLU F 4116 -71.56 5.38 2.50
CA GLU F 4116 -72.87 5.05 3.04
C GLU F 4116 -73.97 5.45 2.06
N ALA F 4117 -74.77 4.48 1.65
CA ALA F 4117 -75.90 4.71 0.78
C ALA F 4117 -77.19 4.38 1.52
N ASP F 4118 -78.10 5.34 1.57
CA ASP F 4118 -79.35 5.16 2.28
C ASP F 4118 -80.33 4.32 1.46
N GLU F 4119 -81.58 4.27 1.92
CA GLU F 4119 -82.58 3.43 1.28
C GLU F 4119 -82.81 3.83 -0.16
N ASN F 4120 -82.69 5.12 -0.47
CA ASN F 4120 -82.92 5.58 -1.84
C ASN F 4120 -81.70 5.32 -2.71
N GLU F 4121 -80.63 4.79 -2.12
CA GLU F 4121 -79.28 4.67 -2.66
C GLU F 4121 -78.68 6.07 -2.82
N MET F 4122 -79.30 7.09 -2.25
CA MET F 4122 -78.79 8.44 -2.33
C MET F 4122 -77.53 8.53 -1.47
N ILE F 4123 -76.63 9.45 -1.82
CA ILE F 4123 -75.38 9.61 -1.09
C ILE F 4123 -75.28 11.06 -0.61
N ASN F 4124 -75.03 11.24 0.68
CA ASN F 4124 -74.72 12.55 1.24
C ASN F 4124 -73.20 12.67 1.29
N PHE F 4125 -72.61 13.37 0.34
CA PHE F 4125 -71.16 13.39 0.22
C PHE F 4125 -70.52 14.19 1.34
N GLU F 4126 -71.28 15.06 1.99
CA GLU F 4126 -70.70 15.96 2.98
C GLU F 4126 -70.16 15.19 4.18
N GLU F 4127 -71.02 14.47 4.90
CA GLU F 4127 -70.55 13.70 6.06
C GLU F 4127 -69.61 12.59 5.62
N PHE F 4128 -69.80 12.07 4.41
CA PHE F 4128 -68.90 11.05 3.89
C PHE F 4128 -67.47 11.57 3.83
N ALA F 4129 -67.28 12.78 3.31
CA ALA F 4129 -65.94 13.35 3.25
C ALA F 4129 -65.46 13.78 4.62
N ASN F 4130 -66.33 14.39 5.43
CA ASN F 4130 -65.90 14.98 6.68
C ASN F 4130 -65.50 13.91 7.70
N ARG F 4131 -66.22 12.79 7.73
CA ARG F 4131 -66.02 11.80 8.77
C ARG F 4131 -64.64 11.17 8.69
N PHE F 4132 -64.05 11.14 7.49
CA PHE F 4132 -62.78 10.45 7.33
C PHE F 4132 -61.61 11.41 7.38
N GLN F 4133 -61.79 12.62 6.85
CA GLN F 4133 -60.67 13.54 6.70
C GLN F 4133 -60.08 13.94 8.04
N GLU F 4134 -60.93 14.30 9.00
CA GLU F 4134 -60.43 14.77 10.29
C GLU F 4134 -59.59 13.74 11.04
N PRO F 4135 -60.06 12.51 11.27
CA PRO F 4135 -59.20 11.55 11.99
C PRO F 4135 -57.93 11.21 11.25
N ALA F 4136 -57.99 11.17 9.92
CA ALA F 4136 -56.84 10.70 9.15
C ALA F 4136 -55.75 11.77 9.08
N ARG F 4137 -56.05 12.99 9.53
CA ARG F 4137 -55.11 14.09 9.37
C ARG F 4137 -53.79 13.81 10.07
N ASP F 4138 -53.84 13.44 11.35
CA ASP F 4138 -52.62 13.27 12.12
C ASP F 4138 -51.78 12.11 11.60
N ILE F 4139 -52.44 10.99 11.30
CA ILE F 4139 -51.70 9.82 10.85
C ILE F 4139 -51.11 10.05 9.47
N GLY F 4140 -51.86 10.70 8.58
CA GLY F 4140 -51.32 11.04 7.29
C GLY F 4140 -50.15 11.99 7.39
N PHE F 4141 -50.26 12.98 8.29
CA PHE F 4141 -49.14 13.89 8.52
C PHE F 4141 -47.90 13.14 8.97
N ASN F 4142 -48.06 12.23 9.92
CA ASN F 4142 -46.91 11.49 10.44
C ASN F 4142 -46.31 10.61 9.35
N VAL F 4143 -47.16 9.96 8.55
CA VAL F 4143 -46.66 9.10 7.48
C VAL F 4143 -45.88 9.94 6.48
N ALA F 4144 -46.41 11.10 6.12
CA ALA F 4144 -45.70 11.98 5.18
C ALA F 4144 -44.37 12.42 5.77
N VAL F 4145 -44.36 12.75 7.06
CA VAL F 4145 -43.10 13.17 7.69
C VAL F 4145 -42.08 12.06 7.62
N LEU F 4146 -42.50 10.83 7.90
CA LEU F 4146 -41.58 9.69 7.82
C LEU F 4146 -41.07 9.52 6.40
N LEU F 4147 -41.95 9.65 5.41
CA LEU F 4147 -41.53 9.47 4.02
C LEU F 4147 -40.50 10.52 3.62
N THR F 4148 -40.75 11.79 3.97
CA THR F 4148 -39.77 12.82 3.65
C THR F 4148 -38.47 12.60 4.39
N ASN F 4149 -38.53 12.16 5.64
CA ASN F 4149 -37.30 11.92 6.39
C ASN F 4149 -36.48 10.83 5.74
N LEU F 4150 -37.12 9.74 5.33
CA LEU F 4150 -36.39 8.68 4.65
C LEU F 4150 -35.85 9.15 3.31
N SER F 4151 -36.62 9.98 2.60
CA SER F 4151 -36.15 10.52 1.34
C SER F 4151 -34.90 11.37 1.56
N GLU F 4152 -34.90 12.20 2.59
CA GLU F 4152 -33.74 13.02 2.87
C GLU F 4152 -32.53 12.18 3.27
N HIS F 4153 -32.75 11.17 4.11
CA HIS F 4153 -31.62 10.36 4.58
C HIS F 4153 -31.03 9.52 3.46
N VAL F 4154 -31.87 8.80 2.73
CA VAL F 4154 -31.43 7.99 1.60
C VAL F 4154 -31.89 8.69 0.32
N PRO F 4155 -31.00 9.35 -0.41
CA PRO F 4155 -31.44 10.10 -1.58
C PRO F 4155 -31.76 9.22 -2.78
N HIS F 4156 -31.12 8.06 -2.88
CA HIS F 4156 -31.12 7.28 -4.12
C HIS F 4156 -31.71 5.89 -3.86
N ASP F 4157 -33.01 5.78 -4.09
CA ASP F 4157 -33.69 4.48 -4.16
C ASP F 4157 -34.90 4.62 -5.06
N PRO F 4158 -34.91 3.96 -6.23
CA PRO F 4158 -36.10 4.03 -7.09
C PRO F 4158 -37.35 3.53 -6.40
N ARG F 4159 -37.21 2.54 -5.50
CA ARG F 4159 -38.37 2.11 -4.74
C ARG F 4159 -38.93 3.24 -3.89
N LEU F 4160 -38.04 3.97 -3.21
CA LEU F 4160 -38.49 5.12 -2.42
C LEU F 4160 -39.15 6.16 -3.32
N ARG F 4161 -38.57 6.40 -4.50
CA ARG F 4161 -39.20 7.32 -5.43
C ARG F 4161 -40.62 6.89 -5.75
N ASN F 4162 -40.82 5.60 -6.05
CA ASN F 4162 -42.15 5.16 -6.45
C ASN F 4162 -43.13 5.26 -5.29
N PHE F 4163 -42.70 4.89 -4.08
CA PHE F 4163 -43.58 5.05 -2.93
C PHE F 4163 -43.97 6.51 -2.73
N LEU F 4164 -43.01 7.41 -2.87
CA LEU F 4164 -43.31 8.83 -2.75
C LEU F 4164 -44.32 9.26 -3.82
N GLU F 4165 -44.16 8.75 -5.04
CA GLU F 4165 -45.11 9.07 -6.10
C GLU F 4165 -46.51 8.59 -5.74
N LEU F 4166 -46.61 7.44 -5.09
CA LEU F 4166 -47.92 7.00 -4.60
C LEU F 4166 -48.48 7.98 -3.58
N ALA F 4167 -47.63 8.48 -2.69
CA ALA F 4167 -48.07 9.41 -1.66
C ALA F 4167 -47.97 10.87 -2.09
N GLU F 4168 -47.89 11.14 -3.39
CA GLU F 4168 -47.65 12.50 -3.85
C GLU F 4168 -48.79 13.43 -3.45
N SER F 4169 -50.03 12.96 -3.57
CA SER F 4169 -51.17 13.79 -3.19
C SER F 4169 -51.14 14.11 -1.71
N ILE F 4170 -50.84 13.11 -0.88
CA ILE F 4170 -50.74 13.34 0.56
C ILE F 4170 -49.65 14.35 0.86
N LEU F 4171 -48.51 14.21 0.21
CA LEU F 4171 -47.39 15.12 0.41
C LEU F 4171 -47.79 16.55 0.04
N GLU F 4172 -48.46 16.71 -1.10
CA GLU F 4172 -48.86 18.04 -1.53
C GLU F 4172 -49.88 18.65 -0.58
N TYR F 4173 -50.85 17.85 -0.13
CA TYR F 4173 -51.85 18.38 0.78
C TYR F 4173 -51.22 18.81 2.10
N PHE F 4174 -50.30 18.01 2.63
CA PHE F 4174 -49.66 18.30 3.89
C PHE F 4174 -48.47 19.24 3.76
N ARG F 4175 -48.12 19.65 2.55
CA ARG F 4175 -46.92 20.46 2.34
C ARG F 4175 -46.91 21.71 3.22
N PRO F 4176 -47.95 22.54 3.27
CA PRO F 4176 -47.89 23.66 4.21
C PRO F 4176 -47.76 23.21 5.64
N TYR F 4177 -48.34 22.06 5.98
CA TYR F 4177 -48.42 21.66 7.37
C TYR F 4177 -47.10 21.11 7.88
N LEU F 4178 -46.34 20.42 7.03
CA LEU F 4178 -45.02 19.96 7.44
C LEU F 4178 -44.12 21.15 7.77
N GLY F 4179 -43.37 21.00 8.85
CA GLY F 4179 -42.41 22.03 9.23
C GLY F 4179 -41.00 21.47 9.26
N ARG F 4180 -40.12 22.05 8.45
CA ARG F 4180 -38.74 21.59 8.35
C ARG F 4180 -37.83 22.62 8.98
N ILE F 4181 -36.90 22.17 9.82
CA ILE F 4181 -35.99 23.06 10.50
C ILE F 4181 -34.67 22.34 10.74
N GLU F 4182 -33.59 23.12 10.82
CA GLU F 4182 -32.25 22.60 11.00
C GLU F 4182 -31.76 22.93 12.39
N ILE F 4183 -31.07 21.98 13.02
CA ILE F 4183 -30.63 22.07 14.40
C ILE F 4183 -29.17 21.68 14.45
N MET F 4184 -28.36 22.46 15.18
CA MET F 4184 -26.97 22.06 15.34
C MET F 4184 -26.93 20.82 16.21
N GLY F 4185 -26.27 19.78 15.70
CA GLY F 4185 -26.34 18.49 16.36
C GLY F 4185 -25.51 18.46 17.62
N ALA F 4186 -26.13 17.97 18.70
CA ALA F 4186 -25.38 17.73 19.93
C ALA F 4186 -24.26 16.72 19.68
N SER F 4187 -24.42 15.91 18.64
CA SER F 4187 -23.33 15.05 18.19
C SER F 4187 -22.27 15.83 17.42
N ARG F 4188 -22.33 17.16 17.48
CA ARG F 4188 -21.42 18.04 16.76
C ARG F 4188 -21.57 17.86 15.25
N ARG F 4189 -22.70 17.29 14.83
CA ARG F 4189 -23.04 17.13 13.43
C ARG F 4189 -24.46 17.63 13.21
N ILE F 4190 -24.59 18.67 12.38
CA ILE F 4190 -25.89 19.34 12.23
C ILE F 4190 -26.94 18.34 11.78
N GLU F 4191 -28.17 18.57 12.19
CA GLU F 4191 -29.28 17.65 11.96
C GLU F 4191 -30.50 18.41 11.50
N ARG F 4192 -31.53 17.65 11.10
CA ARG F 4192 -32.80 18.21 10.68
C ARG F 4192 -33.91 17.67 11.58
N ILE F 4193 -34.91 18.50 11.85
CA ILE F 4193 -36.03 18.14 12.70
C ILE F 4193 -37.30 18.55 11.99
N TYR F 4194 -38.33 17.72 12.09
CA TYR F 4194 -39.61 17.96 11.44
C TYR F 4194 -40.71 18.05 12.47
N PHE F 4195 -41.63 18.98 12.29
CA PHE F 4195 -42.66 19.28 13.28
C PHE F 4195 -43.93 19.74 12.59
N GLU F 4196 -45.03 19.70 13.33
CA GLU F 4196 -46.32 20.12 12.78
C GLU F 4196 -46.54 21.60 13.02
N ILE F 4197 -47.15 22.27 12.03
CA ILE F 4197 -47.45 23.68 12.10
C ILE F 4197 -48.96 23.85 12.06
N SER F 4198 -49.51 24.55 13.06
CA SER F 4198 -50.94 24.79 13.10
C SER F 4198 -51.36 25.76 12.00
N GLU F 4199 -52.46 25.44 11.33
CA GLU F 4199 -53.02 26.39 10.37
C GLU F 4199 -53.46 27.66 11.06
N THR F 4200 -54.01 27.53 12.27
CA THR F 4200 -54.36 28.71 13.05
C THR F 4200 -53.13 29.55 13.35
N ASN F 4201 -52.01 28.89 13.71
CA ASN F 4201 -50.80 29.63 14.01
C ASN F 4201 -50.26 30.32 12.76
N ARG F 4202 -50.34 29.66 11.60
CA ARG F 4202 -49.94 30.32 10.37
C ARG F 4202 -50.80 31.54 10.11
N ALA F 4203 -52.12 31.39 10.26
CA ALA F 4203 -53.01 32.54 10.06
C ALA F 4203 -52.62 33.68 10.98
N GLN F 4204 -52.33 33.37 12.25
CA GLN F 4204 -51.86 34.39 13.17
C GLN F 4204 -50.57 35.01 12.68
N TRP F 4205 -49.71 34.21 12.05
CA TRP F 4205 -48.49 34.77 11.46
C TRP F 4205 -48.82 35.67 10.28
N GLU F 4206 -50.04 35.55 9.74
CA GLU F 4206 -50.35 36.27 8.50
C GLU F 4206 -50.84 37.70 8.77
N MET F 4207 -50.93 38.10 10.04
CA MET F 4207 -51.38 39.46 10.33
C MET F 4207 -50.39 40.49 9.80
N PRO F 4208 -50.88 41.50 9.10
CA PRO F 4208 -49.96 42.50 8.52
C PRO F 4208 -49.10 43.19 9.55
N GLN F 4209 -49.65 43.52 10.72
CA GLN F 4209 -48.86 44.28 11.69
C GLN F 4209 -47.76 43.43 12.29
N VAL F 4210 -48.00 42.13 12.47
CA VAL F 4210 -46.92 41.29 12.96
C VAL F 4210 -45.86 41.12 11.88
N LYS F 4211 -46.28 41.11 10.60
CA LYS F 4211 -45.26 41.15 9.54
C LYS F 4211 -44.44 42.44 9.58
N GLU F 4212 -45.10 43.57 9.84
CA GLU F 4212 -44.35 44.83 9.92
C GLU F 4212 -43.37 44.83 11.08
N SER F 4213 -43.80 44.32 12.23
CA SER F 4213 -42.88 44.22 13.37
C SER F 4213 -41.73 43.29 13.03
N LYS F 4214 -42.01 42.22 12.30
CA LYS F 4214 -40.94 41.34 11.83
C LYS F 4214 -39.96 42.09 10.97
N ARG F 4215 -40.46 42.92 10.05
CA ARG F 4215 -39.57 43.71 9.19
C ARG F 4215 -38.72 44.65 10.02
N GLN F 4216 -39.33 45.32 11.00
CA GLN F 4216 -38.58 46.21 11.87
C GLN F 4216 -37.47 45.47 12.59
N PHE F 4217 -37.81 44.33 13.19
CA PHE F 4217 -36.82 43.52 13.90
C PHE F 4217 -35.70 43.09 12.98
N ILE F 4218 -36.06 42.67 11.76
CA ILE F 4218 -35.05 42.24 10.80
C ILE F 4218 -34.11 43.39 10.47
N PHE F 4219 -34.66 44.58 10.25
CA PHE F 4219 -33.80 45.72 9.96
C PHE F 4219 -32.86 46.00 11.12
N ASP F 4220 -33.39 45.98 12.34
CA ASP F 4220 -32.55 46.28 13.50
C ASP F 4220 -31.43 45.27 13.65
N VAL F 4221 -31.73 43.97 13.49
CA VAL F 4221 -30.67 42.99 13.70
C VAL F 4221 -29.64 43.08 12.58
N VAL F 4222 -30.10 43.21 11.33
CA VAL F 4222 -29.14 43.31 10.22
C VAL F 4222 -28.26 44.54 10.39
N ASN F 4223 -28.77 45.58 11.06
CA ASN F 4223 -28.02 46.83 11.07
C ASN F 4223 -27.11 46.94 12.30
N GLU F 4224 -27.58 46.57 13.50
CA GLU F 4224 -26.73 46.73 14.68
C GLU F 4224 -26.32 45.41 15.32
N GLY F 4225 -26.94 44.29 14.94
CA GLY F 4225 -26.85 43.06 15.70
C GLY F 4225 -25.65 42.22 15.29
N GLY F 4226 -24.73 42.05 16.23
CA GLY F 4226 -23.63 41.12 16.02
C GLY F 4226 -24.08 39.68 16.16
N GLU F 4227 -23.21 38.76 15.72
CA GLU F 4227 -23.60 37.36 15.63
C GLU F 4227 -24.00 36.79 16.99
N ALA F 4228 -23.23 37.08 18.04
CA ALA F 4228 -23.58 36.59 19.37
C ALA F 4228 -24.89 37.19 19.84
N GLU F 4229 -25.07 38.50 19.63
CA GLU F 4229 -26.31 39.14 20.03
C GLU F 4229 -27.47 38.69 19.14
N LYS F 4230 -27.23 38.56 17.83
CA LYS F 4230 -28.30 38.29 16.89
C LYS F 4230 -29.08 37.04 17.30
N MET F 4231 -28.41 36.07 17.92
CA MET F 4231 -29.07 34.84 18.32
C MET F 4231 -30.12 35.12 19.40
N GLU F 4232 -29.67 35.78 20.48
CA GLU F 4232 -30.59 36.15 21.55
C GLU F 4232 -31.66 37.09 21.05
N LEU F 4233 -31.30 37.99 20.13
CA LEU F 4233 -32.28 38.92 19.59
C LEU F 4233 -33.38 38.20 18.84
N PHE F 4234 -33.03 37.18 18.05
CA PHE F 4234 -34.05 36.39 17.38
C PHE F 4234 -34.94 35.67 18.38
N VAL F 4235 -34.33 35.11 19.43
CA VAL F 4235 -35.14 34.44 20.44
C VAL F 4235 -36.12 35.42 21.08
N SER F 4236 -35.62 36.60 21.45
CA SER F 4236 -36.48 37.59 22.10
C SER F 4236 -37.56 38.09 21.15
N PHE F 4237 -37.22 38.23 19.87
CA PHE F 4237 -38.21 38.65 18.89
C PHE F 4237 -39.33 37.63 18.80
N CYS F 4238 -38.97 36.34 18.78
CA CYS F 4238 -39.99 35.31 18.74
C CYS F 4238 -40.84 35.34 20.01
N GLU F 4239 -40.19 35.68 21.09
CA GLU F 4239 -40.97 35.73 22.33
C GLU F 4239 -42.02 36.80 22.12
N ASP F 4240 -41.54 38.02 21.98
CA ASP F 4240 -42.48 39.13 21.82
C ASP F 4240 -43.55 38.76 20.81
N THR F 4241 -43.17 38.04 19.75
CA THR F 4241 -44.12 37.70 18.71
C THR F 4241 -45.24 36.82 19.25
N ILE F 4242 -44.88 35.76 19.99
CA ILE F 4242 -45.91 34.88 20.55
C ILE F 4242 -46.77 35.66 21.53
N PHE F 4243 -46.15 36.54 22.33
CA PHE F 4243 -46.95 37.44 23.15
C PHE F 4243 -47.98 38.15 22.30
N GLU F 4244 -47.58 38.62 21.13
CA GLU F 4244 -48.49 39.40 20.30
C GLU F 4244 -49.57 38.49 19.73
N MET F 4245 -49.26 37.23 19.45
CA MET F 4245 -50.33 36.31 19.05
C MET F 4245 -51.37 36.19 20.15
N GLN F 4246 -50.98 35.98 21.41
CA GLN F 4246 -52.04 35.87 22.40
C GLN F 4246 -52.78 37.20 22.57
N ILE F 4247 -52.06 38.32 22.44
CA ILE F 4247 -52.72 39.62 22.50
C ILE F 4247 -53.81 39.71 21.45
N ALA F 4248 -53.45 39.38 20.21
CA ALA F 4248 -54.44 39.39 19.13
C ALA F 4248 -55.53 38.37 19.39
N ALA F 4249 -55.21 37.31 20.13
CA ALA F 4249 -56.23 36.31 20.45
C ALA F 4249 -57.32 36.91 21.33
N GLN F 4250 -56.93 37.61 22.40
CA GLN F 4250 -57.98 38.23 23.22
C GLN F 4250 -58.66 39.37 22.47
N ILE F 4251 -57.90 40.24 21.80
CA ILE F 4251 -58.54 41.40 21.16
C ILE F 4251 -59.32 40.97 19.94
N SER F 4252 -59.19 39.71 19.53
CA SER F 4252 -59.76 39.27 18.27
C SER F 4252 -61.29 39.25 18.34
N GLU F 4253 -61.90 39.46 17.18
CA GLU F 4253 -63.35 39.38 17.09
C GLU F 4253 -63.81 37.94 17.36
N PRO F 4254 -64.96 37.76 18.04
CA PRO F 4254 -65.60 36.46 18.26
C PRO F 4254 -65.58 35.53 17.05
N PHE F 4540 -76.81 44.62 37.33
CA PHE F 4540 -77.01 45.32 36.07
C PHE F 4540 -75.67 45.64 35.43
N TRP F 4541 -74.59 45.37 36.16
CA TRP F 4541 -73.28 45.82 35.71
C TRP F 4541 -72.59 44.78 34.85
N GLY F 4542 -73.08 43.54 34.88
CA GLY F 4542 -72.49 42.52 34.02
C GLY F 4542 -72.69 42.80 32.55
N GLU F 4543 -73.91 43.21 32.18
CA GLU F 4543 -74.20 43.56 30.79
C GLU F 4543 -73.36 44.75 30.34
N LEU F 4544 -73.26 45.77 31.20
CA LEU F 4544 -72.46 46.93 30.85
C LEU F 4544 -70.99 46.55 30.72
N GLU F 4545 -70.51 45.65 31.56
CA GLU F 4545 -69.10 45.26 31.49
C GLU F 4545 -68.81 44.45 30.23
N VAL F 4546 -69.72 43.55 29.85
CA VAL F 4546 -69.46 42.77 28.64
C VAL F 4546 -69.55 43.66 27.41
N GLN F 4547 -70.49 44.62 27.41
CA GLN F 4547 -70.49 45.61 26.33
C GLN F 4547 -69.21 46.44 26.33
N ARG F 4548 -68.69 46.73 27.52
CA ARG F 4548 -67.46 47.50 27.62
C ARG F 4548 -66.29 46.74 27.01
N VAL F 4549 -66.16 45.46 27.33
CA VAL F 4549 -65.02 44.71 26.79
C VAL F 4549 -65.21 44.49 25.30
N LYS F 4550 -66.46 44.34 24.85
CA LYS F 4550 -66.71 44.26 23.41
C LYS F 4550 -66.25 45.54 22.71
N PHE F 4551 -66.62 46.69 23.26
CA PHE F 4551 -66.23 47.97 22.66
C PHE F 4551 -64.72 48.14 22.71
N LEU F 4552 -64.09 47.70 23.80
CA LEU F 4552 -62.64 47.79 23.89
C LEU F 4552 -61.97 46.95 22.82
N ASN F 4553 -62.44 45.71 22.65
CA ASN F 4553 -61.87 44.86 21.61
C ASN F 4553 -62.10 45.45 20.24
N TYR F 4554 -63.27 46.05 20.00
CA TYR F 4554 -63.53 46.67 18.72
C TYR F 4554 -62.58 47.84 18.45
N LEU F 4555 -62.43 48.71 19.45
CA LEU F 4555 -61.52 49.84 19.30
C LEU F 4555 -60.09 49.36 19.07
N SER F 4556 -59.70 48.28 19.73
CA SER F 4556 -58.35 47.75 19.53
C SER F 4556 -58.19 47.19 18.13
N ARG F 4557 -59.16 46.40 17.67
CA ARG F 4557 -59.10 45.86 16.32
C ARG F 4557 -58.99 46.97 15.29
N ASN F 4558 -59.75 48.03 15.46
CA ASN F 4558 -59.83 49.11 14.49
C ASN F 4558 -58.86 50.24 14.81
N PHE F 4559 -57.72 49.95 15.43
CA PHE F 4559 -56.84 51.02 15.87
C PHE F 4559 -56.26 51.79 14.69
N TYR F 4560 -55.69 51.09 13.72
CA TYR F 4560 -55.09 51.77 12.59
C TYR F 4560 -56.14 52.49 11.76
N THR F 4561 -57.34 51.91 11.68
CA THR F 4561 -58.44 52.59 11.01
C THR F 4561 -58.76 53.91 11.71
N LEU F 4562 -58.96 53.86 13.03
CA LEU F 4562 -59.23 55.08 13.76
C LEU F 4562 -58.08 56.06 13.59
N ARG F 4563 -56.86 55.54 13.48
CA ARG F 4563 -55.69 56.40 13.32
C ARG F 4563 -55.73 57.18 12.02
N PHE F 4564 -55.93 56.50 10.89
CA PHE F 4564 -55.80 57.24 9.64
C PHE F 4564 -57.06 58.06 9.38
N LEU F 4565 -58.22 57.61 9.88
CA LEU F 4565 -59.37 58.51 9.84
C LEU F 4565 -59.13 59.74 10.70
N ALA F 4566 -58.40 59.60 11.81
CA ALA F 4566 -58.09 60.76 12.63
C ALA F 4566 -57.19 61.74 11.90
N LEU F 4567 -56.15 61.24 11.23
CA LEU F 4567 -55.24 62.17 10.56
C LEU F 4567 -55.91 62.81 9.35
N PHE F 4568 -56.75 62.05 8.64
CA PHE F 4568 -57.55 62.63 7.57
C PHE F 4568 -58.49 63.70 8.13
N LEU F 4569 -59.09 63.43 9.29
CA LEU F 4569 -59.96 64.39 9.93
C LEU F 4569 -59.19 65.68 10.22
N ALA F 4570 -57.98 65.56 10.76
CA ALA F 4570 -57.17 66.73 11.06
C ALA F 4570 -56.83 67.52 9.80
N PHE F 4571 -56.52 66.81 8.72
CA PHE F 4571 -56.26 67.49 7.45
C PHE F 4571 -57.49 68.25 6.98
N ALA F 4572 -58.67 67.64 7.14
CA ALA F 4572 -59.90 68.32 6.78
C ALA F 4572 -60.11 69.57 7.63
N ILE F 4573 -59.85 69.47 8.94
CA ILE F 4573 -59.98 70.63 9.80
C ILE F 4573 -59.03 71.73 9.36
N ASN F 4574 -57.81 71.38 8.97
CA ASN F 4574 -56.88 72.39 8.48
C ASN F 4574 -57.43 73.07 7.24
N PHE F 4575 -57.96 72.28 6.30
CA PHE F 4575 -58.52 72.86 5.10
C PHE F 4575 -59.67 73.81 5.42
N ILE F 4576 -60.48 73.45 6.42
CA ILE F 4576 -61.55 74.35 6.85
C ILE F 4576 -60.97 75.59 7.49
N LEU F 4577 -59.84 75.45 8.19
CA LEU F 4577 -59.16 76.63 8.74
C LEU F 4577 -58.76 77.58 7.63
N LEU F 4578 -58.37 77.04 6.49
CA LEU F 4578 -58.19 77.88 5.30
C LEU F 4578 -59.49 78.60 4.99
N PHE F 4579 -59.38 79.74 4.31
CA PHE F 4579 -60.44 80.64 3.88
C PHE F 4579 -60.95 81.53 5.00
N TYR F 4580 -60.21 81.69 6.09
CA TYR F 4580 -60.67 82.45 7.23
C TYR F 4580 -60.03 83.84 7.25
N LYS F 4581 -60.83 84.87 6.98
CA LYS F 4581 -60.32 86.20 6.69
C LYS F 4581 -60.08 86.94 8.00
N VAL F 4582 -59.55 88.16 7.88
CA VAL F 4582 -59.46 89.10 8.99
C VAL F 4582 -59.80 90.49 8.47
N SER F 4583 -60.23 91.36 9.39
CA SER F 4583 -60.42 92.79 9.15
C SER F 4583 -60.77 93.47 10.45
N ASP F 4584 -60.64 94.80 10.46
CA ASP F 4584 -60.86 95.55 11.69
C ASP F 4584 -62.33 95.56 12.09
N SER F 4585 -63.20 95.85 11.13
CA SER F 4585 -64.61 96.05 11.45
C SER F 4585 -65.26 94.71 11.78
N PRO F 4586 -66.31 94.70 12.60
CA PRO F 4586 -67.06 93.46 12.84
C PRO F 4586 -67.73 92.98 11.57
N PRO F 4587 -67.93 91.66 11.42
CA PRO F 4587 -68.52 91.07 10.21
C PRO F 4587 -69.89 91.65 9.88
N ASN F 4626 -57.95 99.14 18.73
CA ASN F 4626 -58.75 98.54 17.68
C ASN F 4626 -58.58 97.02 17.64
N MET F 4627 -59.70 96.30 17.64
CA MET F 4627 -59.70 94.85 17.54
C MET F 4627 -59.98 94.43 16.11
N VAL F 4628 -59.04 93.69 15.52
CA VAL F 4628 -59.25 93.21 14.16
C VAL F 4628 -60.10 91.95 14.21
N TYR F 4629 -61.26 92.01 13.57
CA TYR F 4629 -62.26 90.96 13.65
C TYR F 4629 -61.90 89.83 12.71
N TYR F 4630 -61.50 88.70 13.27
CA TYR F 4630 -61.13 87.52 12.51
C TYR F 4630 -62.40 86.76 12.13
N PHE F 4631 -62.93 87.07 10.95
CA PHE F 4631 -64.16 86.46 10.47
C PHE F 4631 -63.92 85.74 9.14
N LEU F 4632 -64.72 84.71 8.87
CA LEU F 4632 -64.57 83.95 7.64
C LEU F 4632 -65.76 84.17 6.73
N GLU F 4633 -65.48 84.53 5.47
CA GLU F 4633 -66.51 84.77 4.47
C GLU F 4633 -66.52 83.62 3.47
N GLU F 4634 -67.70 83.08 3.23
CA GLU F 4634 -67.94 82.16 2.13
C GLU F 4634 -69.43 82.21 1.83
N SER F 4635 -69.83 81.58 0.72
CA SER F 4635 -71.21 81.73 0.26
C SER F 4635 -72.22 81.13 1.23
N THR F 4636 -71.98 79.89 1.66
CA THR F 4636 -73.02 79.17 2.41
C THR F 4636 -73.14 79.66 3.85
N GLY F 4637 -72.01 80.00 4.48
CA GLY F 4637 -71.99 80.25 5.91
C GLY F 4637 -71.95 79.01 6.76
N TYR F 4638 -71.85 77.83 6.14
CA TYR F 4638 -71.98 76.58 6.89
C TYR F 4638 -70.67 76.19 7.54
N MET F 4639 -69.54 76.71 7.03
CA MET F 4639 -68.24 76.18 7.44
C MET F 4639 -67.92 76.50 8.90
N GLU F 4640 -68.58 77.51 9.48
CA GLU F 4640 -68.33 77.77 10.89
C GLU F 4640 -68.89 76.66 11.78
N PRO F 4641 -70.19 76.33 11.75
CA PRO F 4641 -70.63 75.15 12.49
C PRO F 4641 -69.93 73.89 12.03
N ALA F 4642 -69.61 73.80 10.74
CA ALA F 4642 -68.89 72.63 10.26
C ALA F 4642 -67.56 72.47 10.98
N LEU F 4643 -66.79 73.56 11.08
CA LEU F 4643 -65.51 73.50 11.78
C LEU F 4643 -65.70 73.18 13.25
N TRP F 4644 -66.71 73.75 13.88
CA TRP F 4644 -66.91 73.48 15.31
C TRP F 4644 -67.22 72.01 15.55
N CYS F 4645 -68.16 71.44 14.80
CA CYS F 4645 -68.48 70.02 14.94
C CYS F 4645 -67.27 69.16 14.59
N LEU F 4646 -66.54 69.51 13.54
CA LEU F 4646 -65.37 68.74 13.14
C LEU F 4646 -64.31 68.77 14.23
N SER F 4647 -64.16 69.90 14.92
CA SER F 4647 -63.24 69.96 16.04
C SER F 4647 -63.67 69.02 17.15
N LEU F 4648 -64.96 69.00 17.47
CA LEU F 4648 -65.43 68.06 18.48
C LEU F 4648 -65.13 66.63 18.07
N LEU F 4649 -65.38 66.29 16.81
CA LEU F 4649 -65.11 64.94 16.34
C LEU F 4649 -63.63 64.62 16.43
N HIS F 4650 -62.76 65.56 16.06
CA HIS F 4650 -61.34 65.32 16.15
C HIS F 4650 -60.93 65.03 17.58
N THR F 4651 -61.45 65.81 18.53
CA THR F 4651 -61.07 65.61 19.92
C THR F 4651 -61.50 64.23 20.42
N LEU F 4652 -62.75 63.84 20.15
CA LEU F 4652 -63.20 62.57 20.70
C LEU F 4652 -62.51 61.41 20.01
N VAL F 4653 -62.24 61.52 18.71
CA VAL F 4653 -61.51 60.48 18.00
C VAL F 4653 -60.10 60.37 18.56
N ALA F 4654 -59.46 61.49 18.85
CA ALA F 4654 -58.13 61.45 19.42
C ALA F 4654 -58.12 60.75 20.77
N PHE F 4655 -59.11 61.05 21.61
CA PHE F 4655 -59.17 60.38 22.91
C PHE F 4655 -59.36 58.88 22.74
N LEU F 4656 -60.24 58.48 21.81
CA LEU F 4656 -60.41 57.07 21.52
C LEU F 4656 -59.10 56.44 21.07
N CYS F 4657 -58.34 57.15 20.23
CA CYS F 4657 -57.04 56.67 19.82
C CYS F 4657 -56.13 56.43 21.02
N ILE F 4658 -56.13 57.39 21.95
CA ILE F 4658 -55.25 57.27 23.12
C ILE F 4658 -55.59 56.02 23.90
N ILE F 4659 -56.88 55.84 24.22
CA ILE F 4659 -57.25 54.70 25.06
C ILE F 4659 -57.02 53.39 24.32
N GLY F 4660 -57.30 53.37 23.02
CA GLY F 4660 -57.07 52.16 22.25
C GLY F 4660 -55.60 51.77 22.22
N TYR F 4661 -54.72 52.74 21.97
CA TYR F 4661 -53.30 52.44 21.98
C TYR F 4661 -52.86 51.95 23.35
N ASN F 4662 -53.33 52.61 24.41
CA ASN F 4662 -52.98 52.19 25.76
C ASN F 4662 -53.38 50.75 25.99
N CYS F 4663 -54.50 50.32 25.41
CA CYS F 4663 -54.93 48.95 25.62
C CYS F 4663 -54.25 48.00 24.63
N LEU F 4664 -53.62 48.53 23.59
CA LEU F 4664 -53.10 47.64 22.55
C LEU F 4664 -51.61 47.35 22.72
N LYS F 4665 -50.76 48.37 22.62
CA LYS F 4665 -49.31 48.14 22.64
C LYS F 4665 -48.68 48.29 24.01
N VAL F 4666 -49.28 49.08 24.91
CA VAL F 4666 -48.76 49.16 26.28
C VAL F 4666 -48.65 47.77 26.89
N PRO F 4667 -49.58 46.83 26.69
CA PRO F 4667 -49.33 45.48 27.17
C PRO F 4667 -48.04 44.88 26.64
N LEU F 4668 -47.72 45.11 25.37
CA LEU F 4668 -46.47 44.58 24.83
C LEU F 4668 -45.26 45.24 25.48
N VAL F 4669 -45.33 46.55 25.68
CA VAL F 4669 -44.20 47.25 26.31
C VAL F 4669 -43.99 46.71 27.72
N ILE F 4670 -45.07 46.58 28.48
CA ILE F 4670 -44.97 46.01 29.82
C ILE F 4670 -44.39 44.61 29.76
N PHE F 4671 -44.83 43.82 28.78
CA PHE F 4671 -44.36 42.45 28.68
C PHE F 4671 -42.86 42.40 28.45
N LYS F 4672 -42.35 43.17 27.50
CA LYS F 4672 -40.93 43.12 27.21
C LYS F 4672 -40.12 43.62 28.40
N ARG F 4673 -40.55 44.70 29.04
CA ARG F 4673 -39.78 45.19 30.18
C ARG F 4673 -39.79 44.18 31.33
N GLU F 4674 -40.95 43.59 31.61
CA GLU F 4674 -41.03 42.58 32.65
C GLU F 4674 -40.14 41.39 32.32
N LYS F 4675 -40.15 40.94 31.07
CA LYS F 4675 -39.36 39.79 30.70
C LYS F 4675 -37.87 40.06 30.86
N GLU F 4676 -37.41 41.24 30.43
CA GLU F 4676 -35.98 41.49 30.51
C GLU F 4676 -35.55 41.67 31.95
N LEU F 4677 -36.38 42.32 32.77
CA LEU F 4677 -36.03 42.44 34.18
C LEU F 4677 -36.02 41.08 34.86
N ALA F 4678 -36.95 40.20 34.47
CA ALA F 4678 -36.98 38.86 35.04
C ALA F 4678 -35.72 38.11 34.67
N ARG F 4679 -35.29 38.21 33.41
CA ARG F 4679 -34.05 37.57 33.01
C ARG F 4679 -32.87 38.12 33.80
N LYS F 4680 -32.82 39.43 33.97
CA LYS F 4680 -31.71 40.03 34.71
C LYS F 4680 -31.64 39.51 36.14
N LEU F 4681 -32.77 39.56 36.86
CA LEU F 4681 -32.72 39.12 38.25
C LEU F 4681 -32.60 37.60 38.35
N GLU F 4682 -32.93 36.89 37.26
CA GLU F 4682 -32.75 35.44 37.27
C GLU F 4682 -31.29 35.05 37.12
N PHE F 4683 -30.58 35.72 36.22
CA PHE F 4683 -29.20 35.37 35.94
C PHE F 4683 -28.21 36.44 36.34
N ASP F 4684 -28.37 37.67 35.85
CA ASP F 4684 -27.50 38.75 36.29
C ASP F 4684 -27.70 39.03 37.77
N GLY F 4685 -28.95 39.10 38.21
CA GLY F 4685 -29.24 39.33 39.61
C GLY F 4685 -28.64 40.60 40.15
N LEU F 4686 -28.65 41.67 39.36
CA LEU F 4686 -27.99 42.90 39.78
C LEU F 4686 -28.64 43.46 41.04
N TYR F 4687 -29.96 43.53 41.07
CA TYR F 4687 -30.63 44.05 42.26
C TYR F 4687 -30.39 43.14 43.45
N ILE F 4688 -30.14 41.86 43.20
CA ILE F 4688 -29.72 40.98 44.29
C ILE F 4688 -28.30 41.30 44.72
N THR F 4689 -27.38 41.42 43.76
CA THR F 4689 -25.98 41.63 44.10
C THR F 4689 -25.39 42.91 43.52
N GLU F 4690 -25.49 43.12 42.22
CA GLU F 4690 -24.73 44.21 41.59
C GLU F 4690 -25.34 45.57 41.88
N GLN F 4691 -26.67 45.61 42.07
CA GLN F 4691 -27.44 46.82 42.31
C GLN F 4691 -27.45 47.69 41.06
N PRO F 4692 -28.38 48.64 40.93
CA PRO F 4692 -28.37 49.52 39.76
C PRO F 4692 -27.14 50.40 39.73
N GLY F 4693 -26.72 50.76 38.52
CA GLY F 4693 -25.57 51.65 38.39
C GLY F 4693 -25.84 53.06 38.88
N ASP F 4694 -27.11 53.34 39.21
CA ASP F 4694 -27.62 54.63 39.66
C ASP F 4694 -27.58 55.66 38.55
N ASP F 4695 -27.13 55.30 37.36
CA ASP F 4695 -27.17 56.18 36.20
C ASP F 4695 -28.26 55.78 35.20
N ASP F 4696 -28.96 54.67 35.45
CA ASP F 4696 -30.00 54.20 34.56
C ASP F 4696 -31.35 54.46 35.19
N VAL F 4697 -32.07 55.45 34.64
CA VAL F 4697 -33.38 55.80 35.18
C VAL F 4697 -34.35 54.63 35.02
N LYS F 4698 -34.20 53.84 33.95
CA LYS F 4698 -35.02 52.64 33.82
C LYS F 4698 -34.77 51.68 34.98
N GLY F 4699 -33.49 51.48 35.33
CA GLY F 4699 -33.19 50.63 36.47
C GLY F 4699 -33.74 51.17 37.77
N GLN F 4700 -33.61 52.48 37.97
CA GLN F 4700 -34.13 53.08 39.21
C GLN F 4700 -35.64 52.90 39.30
N TRP F 4701 -36.35 53.13 38.20
CA TRP F 4701 -37.78 52.86 38.18
C TRP F 4701 -38.06 51.38 38.45
N ASP F 4702 -37.15 50.51 38.00
CA ASP F 4702 -37.36 49.09 38.18
C ASP F 4702 -37.15 48.66 39.63
N ARG F 4703 -36.63 49.58 40.46
CA ARG F 4703 -36.36 49.22 41.84
C ARG F 4703 -37.64 48.98 42.62
N LEU F 4704 -38.64 49.84 42.42
CA LEU F 4704 -39.81 49.82 43.30
C LEU F 4704 -40.76 48.69 42.94
N VAL F 4705 -40.66 48.15 41.72
CA VAL F 4705 -41.66 47.20 41.26
C VAL F 4705 -41.38 45.81 41.81
N LEU F 4706 -40.14 45.57 42.25
CA LEU F 4706 -39.75 44.21 42.64
C LEU F 4706 -40.58 43.69 43.80
N ASN F 4707 -40.85 44.53 44.80
CA ASN F 4707 -41.57 44.06 45.97
C ASN F 4707 -43.05 43.90 45.72
N THR F 4708 -43.54 44.49 44.63
CA THR F 4708 -44.98 44.48 44.37
C THR F 4708 -45.46 43.05 44.14
N PRO F 4709 -46.67 42.72 44.62
CA PRO F 4709 -47.12 41.32 44.54
C PRO F 4709 -47.46 40.88 43.13
N SER F 4710 -48.10 41.74 42.33
CA SER F 4710 -48.58 41.32 41.02
C SER F 4710 -47.44 40.84 40.14
N PHE F 4711 -46.41 41.69 39.98
CA PHE F 4711 -45.18 41.33 39.27
C PHE F 4711 -45.51 40.73 37.89
N PRO F 4712 -44.92 39.57 37.45
CA PRO F 4712 -44.92 39.43 35.99
C PRO F 4712 -46.28 38.99 35.44
N SER F 4713 -47.25 39.89 35.52
CA SER F 4713 -48.58 39.60 34.98
C SER F 4713 -48.51 39.38 33.48
N ASN F 4714 -47.71 40.19 32.79
CA ASN F 4714 -47.61 40.05 31.34
C ASN F 4714 -46.77 38.84 30.95
N TYR F 4715 -45.69 38.58 31.69
CA TYR F 4715 -44.84 37.44 31.37
C TYR F 4715 -45.60 36.15 31.61
N TRP F 4716 -45.32 35.18 30.76
CA TRP F 4716 -46.12 33.93 30.78
C TRP F 4716 -45.78 33.06 31.96
N ASP F 4717 -44.64 33.28 32.59
CA ASP F 4717 -44.25 32.55 33.78
C ASP F 4717 -44.25 33.50 34.98
N LYS F 4718 -44.88 33.07 36.08
CA LYS F 4718 -44.90 33.87 37.29
C LYS F 4718 -44.18 33.21 38.46
N PHE F 4719 -43.61 32.02 38.28
CA PHE F 4719 -42.81 31.40 39.32
C PHE F 4719 -41.40 31.99 39.39
N VAL F 4720 -41.17 33.12 38.73
CA VAL F 4720 -39.84 33.71 38.69
C VAL F 4720 -39.36 34.05 40.09
N LYS F 4721 -40.27 34.49 40.96
CA LYS F 4721 -39.88 34.83 42.32
C LYS F 4721 -39.31 33.61 43.05
N ARG F 4722 -40.03 32.48 42.98
CA ARG F 4722 -39.55 31.27 43.62
C ARG F 4722 -38.24 30.80 42.99
N LYS F 4723 -38.12 30.92 41.67
CA LYS F 4723 -36.89 30.49 41.02
C LYS F 4723 -35.69 31.32 41.47
N VAL F 4724 -35.87 32.63 41.57
CA VAL F 4724 -34.80 33.50 42.07
C VAL F 4724 -34.47 33.13 43.51
N LEU F 4725 -35.50 32.85 44.31
CA LEU F 4725 -35.25 32.43 45.68
C LEU F 4725 -34.34 31.20 45.71
N ASP F 4726 -34.74 30.15 44.99
CA ASP F 4726 -33.94 28.92 45.00
C ASP F 4726 -32.55 29.17 44.41
N LYS F 4727 -32.43 30.17 43.55
CA LYS F 4727 -31.16 30.36 42.85
C LYS F 4727 -30.15 31.13 43.70
N HIS F 4728 -30.59 32.16 44.42
CA HIS F 4728 -29.65 33.02 45.13
C HIS F 4728 -29.92 33.15 46.63
N GLY F 4729 -30.79 32.31 47.19
CA GLY F 4729 -31.07 32.45 48.61
C GLY F 4729 -29.88 32.12 49.49
N ASP F 4730 -29.07 31.15 49.07
CA ASP F 4730 -27.92 30.75 49.88
C ASP F 4730 -27.00 31.94 50.12
N ILE F 4731 -26.62 32.64 49.05
CA ILE F 4731 -25.74 33.80 49.19
C ILE F 4731 -26.48 34.96 49.85
N PHE F 4732 -27.71 35.22 49.42
CA PHE F 4732 -28.37 36.44 49.82
C PHE F 4732 -29.14 36.27 51.13
N GLY F 4733 -29.62 35.06 51.40
CA GLY F 4733 -30.40 34.86 52.61
C GLY F 4733 -31.89 34.83 52.34
N ARG F 4734 -32.56 33.86 52.95
CA ARG F 4734 -33.99 33.68 52.74
C ARG F 4734 -34.77 34.95 53.08
N GLU F 4735 -34.49 35.55 54.23
CA GLU F 4735 -35.18 36.77 54.62
C GLU F 4735 -34.92 37.89 53.62
N ARG F 4736 -33.72 37.91 53.03
CA ARG F 4736 -33.39 38.97 52.09
C ARG F 4736 -34.15 38.79 50.78
N ILE F 4737 -34.23 37.55 50.28
CA ILE F 4737 -35.12 37.29 49.15
C ILE F 4737 -36.54 37.70 49.49
N ALA F 4738 -36.96 37.40 50.72
CA ALA F 4738 -38.32 37.73 51.13
C ALA F 4738 -38.59 39.22 51.03
N GLU F 4739 -37.68 40.04 51.58
CA GLU F 4739 -37.96 41.47 51.58
C GLU F 4739 -37.78 42.06 50.19
N LEU F 4740 -36.83 41.53 49.41
CA LEU F 4740 -36.59 42.07 48.08
C LEU F 4740 -37.79 41.83 47.17
N LEU F 4741 -38.33 40.62 47.16
CA LEU F 4741 -39.47 40.33 46.31
C LEU F 4741 -40.80 40.65 46.96
N GLY F 4742 -40.80 41.08 48.22
CA GLY F 4742 -42.04 41.41 48.89
C GLY F 4742 -42.97 40.23 49.06
N MET F 4743 -42.42 39.06 49.36
CA MET F 4743 -43.21 37.86 49.57
C MET F 4743 -42.74 37.13 50.82
N ASP F 4744 -43.64 36.36 51.42
CA ASP F 4744 -43.31 35.63 52.64
C ASP F 4744 -42.87 34.21 52.28
N LEU F 4745 -41.74 33.80 52.87
CA LEU F 4745 -41.26 32.43 52.68
C LEU F 4745 -42.26 31.41 53.21
N ALA F 4746 -42.84 31.70 54.38
CA ALA F 4746 -43.77 30.76 55.00
C ALA F 4746 -44.96 30.50 54.10
N SER F 4747 -45.48 31.54 53.45
CA SER F 4747 -46.61 31.36 52.54
C SER F 4747 -46.24 30.42 51.40
N LEU F 4748 -45.07 30.61 50.79
CA LEU F 4748 -44.66 29.74 49.70
C LEU F 4748 -44.54 28.31 50.16
N GLU F 4749 -43.92 28.07 51.31
CA GLU F 4749 -43.71 26.69 51.72
C GLU F 4749 -45.04 26.02 52.10
N ILE F 4750 -45.95 26.75 52.74
CA ILE F 4750 -47.21 26.12 53.13
C ILE F 4750 -48.06 25.85 51.88
N THR F 4751 -48.03 26.75 50.90
CA THR F 4751 -48.74 26.48 49.65
C THR F 4751 -48.14 25.29 48.91
N ALA F 4752 -46.81 25.16 48.95
CA ALA F 4752 -46.17 23.99 48.33
C ALA F 4752 -46.59 22.71 49.04
N HIS F 4753 -46.65 22.74 50.38
CA HIS F 4753 -47.02 21.54 51.12
C HIS F 4753 -48.48 21.15 50.86
N ASN F 4754 -49.41 22.09 51.00
CA ASN F 4754 -50.82 21.80 50.88
C ASN F 4754 -51.49 22.75 49.90
N GLU F 4755 -52.38 22.20 49.08
CA GLU F 4755 -53.14 23.02 48.15
C GLU F 4755 -54.06 23.96 48.91
N ARG F 4756 -54.23 25.17 48.37
CA ARG F 4756 -55.05 26.20 48.98
C ARG F 4756 -56.04 26.72 47.95
N LYS F 4757 -57.27 26.98 48.39
CA LYS F 4757 -58.33 27.45 47.50
C LYS F 4757 -58.93 28.73 48.07
N PRO F 4758 -58.30 29.88 47.89
CA PRO F 4758 -58.85 31.12 48.45
C PRO F 4758 -59.81 31.82 47.49
N ASP F 4759 -61.01 31.27 47.34
CA ASP F 4759 -61.99 31.87 46.45
C ASP F 4759 -62.50 33.18 47.06
N PRO F 4760 -62.36 34.30 46.37
CA PRO F 4760 -62.72 35.59 46.95
C PRO F 4760 -64.14 35.98 46.61
N PRO F 4761 -64.85 36.65 47.52
CA PRO F 4761 -66.19 37.16 47.21
C PRO F 4761 -66.11 38.31 46.22
N PRO F 4762 -67.07 38.42 45.31
CA PRO F 4762 -67.06 39.56 44.38
C PRO F 4762 -67.67 40.79 45.02
N GLY F 4763 -66.95 41.90 44.96
CA GLY F 4763 -67.42 43.15 45.49
C GLY F 4763 -66.63 44.31 44.91
N LEU F 4764 -67.31 45.46 44.81
CA LEU F 4764 -66.66 46.63 44.24
C LEU F 4764 -65.51 47.12 45.11
N LEU F 4765 -65.75 47.28 46.41
CA LEU F 4765 -64.67 47.70 47.29
C LEU F 4765 -63.58 46.64 47.37
N THR F 4766 -63.96 45.36 47.42
CA THR F 4766 -62.97 44.29 47.46
C THR F 4766 -62.06 44.36 46.24
N TRP F 4767 -62.65 44.55 45.06
CA TRP F 4767 -61.86 44.73 43.85
C TRP F 4767 -61.03 46.00 43.93
N LEU F 4768 -61.51 47.01 44.66
CA LEU F 4768 -60.73 48.24 44.79
C LEU F 4768 -59.45 47.99 45.59
N MET F 4769 -59.55 47.26 46.70
CA MET F 4769 -58.32 46.88 47.42
C MET F 4769 -57.46 45.95 46.58
N SER F 4770 -58.08 45.19 45.66
CA SER F 4770 -57.31 44.26 44.84
C SER F 4770 -56.25 44.99 44.02
N ILE F 4771 -56.54 46.22 43.60
CA ILE F 4771 -55.57 47.00 42.84
C ILE F 4771 -54.42 47.42 43.74
N ASP F 4772 -53.19 47.17 43.29
CA ASP F 4772 -51.99 47.51 44.04
C ASP F 4772 -51.42 48.81 43.51
N VAL F 4773 -51.35 49.81 44.40
CA VAL F 4773 -50.98 51.16 43.96
C VAL F 4773 -49.53 51.18 43.49
N LYS F 4774 -48.67 50.35 44.06
CA LYS F 4774 -47.27 50.38 43.69
C LYS F 4774 -47.06 49.85 42.27
N TYR F 4775 -47.65 48.70 41.97
CA TYR F 4775 -47.58 48.20 40.61
C TYR F 4775 -48.26 49.16 39.65
N GLN F 4776 -49.35 49.78 40.10
CA GLN F 4776 -50.06 50.72 39.23
C GLN F 4776 -49.20 51.92 38.89
N ILE F 4777 -48.50 52.49 39.88
CA ILE F 4777 -47.68 53.66 39.60
C ILE F 4777 -46.47 53.26 38.75
N TRP F 4778 -45.91 52.08 39.00
CA TRP F 4778 -44.81 51.63 38.15
C TRP F 4778 -45.26 51.49 36.70
N LYS F 4779 -46.41 50.85 36.48
CA LYS F 4779 -46.91 50.68 35.12
C LYS F 4779 -47.24 52.04 34.50
N PHE F 4780 -47.81 52.96 35.28
CA PHE F 4780 -48.14 54.27 34.74
C PHE F 4780 -46.89 55.00 34.31
N GLY F 4781 -45.84 54.97 35.13
CA GLY F 4781 -44.58 55.57 34.74
C GLY F 4781 -44.02 54.94 33.48
N VAL F 4782 -44.07 53.61 33.40
CA VAL F 4782 -43.58 52.93 32.22
C VAL F 4782 -44.33 53.39 30.98
N ILE F 4783 -45.66 53.53 31.12
CA ILE F 4783 -46.46 54.06 30.01
C ILE F 4783 -45.99 55.45 29.63
N PHE F 4784 -45.73 56.30 30.63
CA PHE F 4784 -45.29 57.66 30.34
C PHE F 4784 -43.92 57.67 29.68
N THR F 4785 -43.15 56.60 29.86
CA THR F 4785 -41.79 56.59 29.31
C THR F 4785 -41.77 56.58 27.79
N ASP F 4786 -42.65 55.79 27.16
CA ASP F 4786 -42.43 55.48 25.76
C ASP F 4786 -42.80 56.65 24.85
N ASN F 4787 -42.00 56.81 23.78
CA ASN F 4787 -42.17 57.95 22.90
C ASN F 4787 -43.47 57.89 22.14
N SER F 4788 -43.97 56.68 21.87
CA SER F 4788 -45.26 56.56 21.19
C SER F 4788 -46.38 57.17 22.02
N PHE F 4789 -46.46 56.78 23.29
CA PHE F 4789 -47.48 57.36 24.17
C PHE F 4789 -47.25 58.85 24.33
N LEU F 4790 -45.98 59.27 24.43
CA LEU F 4790 -45.71 60.71 24.55
C LEU F 4790 -46.26 61.46 23.34
N TYR F 4791 -46.05 60.93 22.14
CA TYR F 4791 -46.54 61.58 20.94
C TYR F 4791 -48.07 61.60 20.90
N LEU F 4792 -48.70 60.50 21.29
CA LEU F 4792 -50.16 60.48 21.28
C LEU F 4792 -50.73 61.45 22.31
N GLY F 4793 -50.09 61.56 23.48
CA GLY F 4793 -50.51 62.57 24.43
C GLY F 4793 -50.30 63.97 23.91
N TRP F 4794 -49.25 64.17 23.13
CA TRP F 4794 -49.07 65.44 22.43
C TRP F 4794 -50.24 65.72 21.51
N TYR F 4795 -50.68 64.70 20.76
CA TYR F 4795 -51.86 64.86 19.93
C TYR F 4795 -53.07 65.26 20.77
N MET F 4796 -53.25 64.60 21.90
CA MET F 4796 -54.36 64.91 22.79
C MET F 4796 -54.33 66.37 23.25
N VAL F 4797 -53.18 66.82 23.74
CA VAL F 4797 -53.13 68.16 24.31
C VAL F 4797 -53.32 69.21 23.22
N MET F 4798 -52.77 68.95 22.02
CA MET F 4798 -53.01 69.90 20.94
C MET F 4798 -54.46 69.89 20.48
N SER F 4799 -55.15 68.76 20.59
CA SER F 4799 -56.58 68.78 20.28
C SER F 4799 -57.35 69.61 21.30
N LEU F 4800 -57.03 69.44 22.58
CA LEU F 4800 -57.70 70.25 23.60
C LEU F 4800 -57.39 71.72 23.41
N LEU F 4801 -56.16 72.04 23.00
CA LEU F 4801 -55.81 73.43 22.73
C LEU F 4801 -56.53 73.96 21.51
N GLY F 4802 -56.68 73.12 20.48
CA GLY F 4802 -57.41 73.54 19.30
C GLY F 4802 -58.86 73.84 19.61
N HIS F 4803 -59.42 73.14 20.60
CA HIS F 4803 -60.74 73.54 21.08
C HIS F 4803 -60.72 74.96 21.63
N TYR F 4804 -59.66 75.33 22.34
CA TYR F 4804 -59.55 76.71 22.82
C TYR F 4804 -59.44 77.70 21.67
N ASN F 4805 -58.60 77.39 20.69
CA ASN F 4805 -58.45 78.21 19.50
C ASN F 4805 -58.35 77.32 18.29
N ASN F 4806 -59.25 77.52 17.33
CA ASN F 4806 -59.34 76.62 16.18
C ASN F 4806 -58.05 76.59 15.39
N PHE F 4807 -57.31 77.71 15.39
CA PHE F 4807 -56.08 77.76 14.60
C PHE F 4807 -55.02 76.80 15.12
N PHE F 4808 -54.96 76.59 16.44
CA PHE F 4808 -53.94 75.72 17.00
C PHE F 4808 -54.10 74.28 16.52
N PHE F 4809 -55.28 73.94 16.00
CA PHE F 4809 -55.47 72.61 15.41
C PHE F 4809 -54.52 72.35 14.27
N ALA F 4810 -54.00 73.40 13.62
CA ALA F 4810 -53.11 73.20 12.48
C ALA F 4810 -51.85 72.45 12.87
N ALA F 4811 -51.49 72.46 14.16
CA ALA F 4811 -50.31 71.75 14.60
C ALA F 4811 -50.42 70.26 14.37
N HIS F 4812 -51.64 69.73 14.31
CA HIS F 4812 -51.83 68.30 14.07
C HIS F 4812 -51.36 67.89 12.68
N LEU F 4813 -51.17 68.85 11.78
CA LEU F 4813 -50.75 68.52 10.43
C LEU F 4813 -49.40 67.82 10.37
N LEU F 4814 -48.61 67.92 11.44
CA LEU F 4814 -47.28 67.30 11.43
C LEU F 4814 -47.36 65.78 11.47
N ASP F 4815 -48.55 65.22 11.71
CA ASP F 4815 -48.67 63.76 11.81
C ASP F 4815 -48.28 63.06 10.52
N ILE F 4816 -48.29 63.78 9.40
CA ILE F 4816 -47.94 63.16 8.12
C ILE F 4816 -46.51 62.65 8.15
N ALA F 4817 -45.63 63.40 8.82
CA ALA F 4817 -44.23 62.99 8.90
C ALA F 4817 -44.08 61.65 9.58
N MET F 4818 -44.80 61.44 10.69
CA MET F 4818 -44.80 60.14 11.35
C MET F 4818 -45.43 59.10 10.43
N GLY F 4819 -46.50 59.48 9.73
CA GLY F 4819 -47.22 58.51 8.91
C GLY F 4819 -46.38 57.92 7.79
N VAL F 4820 -45.59 58.76 7.12
CA VAL F 4820 -44.81 58.34 5.96
C VAL F 4820 -43.44 57.85 6.43
N LYS F 4821 -43.03 56.70 5.91
CA LYS F 4821 -41.71 56.17 6.23
C LYS F 4821 -40.62 57.13 5.76
N THR F 4822 -40.76 57.67 4.55
CA THR F 4822 -39.74 58.57 4.03
C THR F 4822 -39.65 59.86 4.85
N LEU F 4823 -40.81 60.42 5.21
CA LEU F 4823 -40.80 61.64 6.02
C LEU F 4823 -40.20 61.38 7.40
N ARG F 4824 -40.54 60.23 7.99
CA ARG F 4824 -39.91 59.83 9.24
C ARG F 4824 -38.40 59.70 9.06
N THR F 4825 -37.97 59.22 7.90
CA THR F 4825 -36.54 59.14 7.62
C THR F 4825 -35.93 60.53 7.59
N ILE F 4826 -36.62 61.50 7.00
CA ILE F 4826 -36.13 62.87 6.99
C ILE F 4826 -35.96 63.38 8.42
N LEU F 4827 -37.00 63.24 9.24
CA LEU F 4827 -36.95 63.82 10.58
C LEU F 4827 -35.94 63.10 11.45
N SER F 4828 -35.71 61.80 11.19
CA SER F 4828 -34.69 61.08 11.93
C SER F 4828 -33.30 61.47 11.46
N SER F 4829 -33.15 61.75 10.17
CA SER F 4829 -31.85 62.17 9.65
C SER F 4829 -31.47 63.52 10.22
N VAL F 4830 -32.45 64.40 10.45
CA VAL F 4830 -32.15 65.68 11.08
C VAL F 4830 -31.49 65.47 12.43
N THR F 4831 -32.02 64.54 13.23
CA THR F 4831 -31.45 64.31 14.56
C THR F 4831 -30.25 63.37 14.49
N HIS F 4832 -30.00 62.77 13.32
CA HIS F 4832 -28.98 61.73 13.23
C HIS F 4832 -27.59 62.27 13.48
N ASN F 4833 -27.36 63.54 13.13
CA ASN F 4833 -26.08 64.19 13.36
C ASN F 4833 -26.20 65.46 14.18
N GLY F 4834 -27.12 65.48 15.15
CA GLY F 4834 -27.43 66.71 15.85
C GLY F 4834 -26.24 67.29 16.59
N LYS F 4835 -25.40 66.43 17.18
CA LYS F 4835 -24.24 66.93 17.91
C LYS F 4835 -23.29 67.68 16.99
N GLN F 4836 -22.89 67.04 15.89
CA GLN F 4836 -21.99 67.70 14.94
C GLN F 4836 -22.62 68.95 14.38
N LEU F 4837 -23.93 68.93 14.12
CA LEU F 4837 -24.63 70.15 13.75
C LEU F 4837 -24.43 71.22 14.80
N VAL F 4838 -24.49 70.84 16.08
CA VAL F 4838 -24.37 71.81 17.17
C VAL F 4838 -23.00 72.47 17.14
N MET F 4839 -21.93 71.67 17.10
CA MET F 4839 -20.61 72.33 17.11
C MET F 4839 -20.35 73.10 15.81
N THR F 4840 -20.90 72.64 14.68
CA THR F 4840 -20.70 73.40 13.46
C THR F 4840 -21.40 74.76 13.53
N VAL F 4841 -22.62 74.78 14.06
CA VAL F 4841 -23.33 76.05 14.21
C VAL F 4841 -22.61 76.93 15.23
N GLY F 4842 -22.03 76.31 16.26
CA GLY F 4842 -21.23 77.09 17.20
C GLY F 4842 -20.05 77.75 16.54
N LEU F 4843 -19.34 77.02 15.68
CA LEU F 4843 -18.23 77.61 14.94
C LEU F 4843 -18.72 78.72 14.03
N LEU F 4844 -19.89 78.54 13.42
CA LEU F 4844 -20.47 79.58 12.57
C LEU F 4844 -20.72 80.85 13.38
N ALA F 4845 -21.36 80.71 14.54
CA ALA F 4845 -21.60 81.85 15.39
C ALA F 4845 -20.28 82.50 15.81
N VAL F 4846 -19.26 81.68 16.07
CA VAL F 4846 -17.96 82.21 16.49
C VAL F 4846 -17.37 83.08 15.38
N VAL F 4847 -17.35 82.57 14.15
CA VAL F 4847 -16.70 83.32 13.08
C VAL F 4847 -17.51 84.58 12.75
N VAL F 4848 -18.83 84.49 12.81
CA VAL F 4848 -19.64 85.70 12.63
C VAL F 4848 -19.33 86.70 13.73
N TYR F 4849 -19.13 86.22 14.95
CA TYR F 4849 -18.77 87.12 16.04
C TYR F 4849 -17.45 87.80 15.77
N LEU F 4850 -16.45 87.06 15.28
CA LEU F 4850 -15.16 87.68 15.01
C LEU F 4850 -15.29 88.76 13.94
N TYR F 4851 -16.05 88.47 12.88
CA TYR F 4851 -16.25 89.49 11.86
C TYR F 4851 -16.97 90.70 12.43
N THR F 4852 -17.95 90.46 13.30
CA THR F 4852 -18.67 91.55 13.93
C THR F 4852 -17.73 92.42 14.75
N VAL F 4853 -16.83 91.80 15.51
CA VAL F 4853 -15.87 92.56 16.30
C VAL F 4853 -14.97 93.38 15.38
N VAL F 4854 -14.49 92.77 14.30
CA VAL F 4854 -13.59 93.49 13.39
C VAL F 4854 -14.30 94.73 12.84
N ALA F 4855 -15.54 94.56 12.39
CA ALA F 4855 -16.30 95.70 11.88
C ALA F 4855 -16.53 96.73 12.97
N PHE F 4856 -16.84 96.29 14.17
CA PHE F 4856 -17.17 97.20 15.26
C PHE F 4856 -15.95 98.01 15.68
N ASN F 4857 -14.76 97.42 15.55
CA ASN F 4857 -13.56 98.18 15.88
C ASN F 4857 -13.18 99.15 14.75
N PHE F 4858 -13.16 98.69 13.51
CA PHE F 4858 -12.57 99.48 12.43
C PHE F 4858 -13.55 100.03 11.41
N PHE F 4859 -14.54 99.26 10.97
CA PHE F 4859 -15.42 99.66 9.89
C PHE F 4859 -16.73 100.27 10.39
N ARG F 4860 -16.69 100.99 11.51
CA ARG F 4860 -17.92 101.45 12.14
C ARG F 4860 -18.68 102.43 11.26
N LYS F 4861 -17.97 103.35 10.60
CA LYS F 4861 -18.65 104.40 9.84
C LYS F 4861 -19.41 103.84 8.66
N PHE F 4862 -19.08 102.62 8.25
CA PHE F 4862 -19.62 102.08 7.01
C PHE F 4862 -21.08 101.66 7.16
N TYR F 4863 -21.47 101.24 8.35
CA TYR F 4863 -22.62 100.35 8.47
C TYR F 4863 -23.94 101.12 8.47
N ASN F 4864 -23.96 102.35 7.98
CA ASN F 4864 -25.21 103.08 7.89
C ASN F 4864 -26.05 102.55 6.73
N LYS F 4865 -27.28 102.15 7.03
CA LYS F 4865 -28.20 101.65 6.03
C LYS F 4865 -29.40 102.56 5.84
N SER F 4866 -29.43 103.71 6.51
CA SER F 4866 -30.57 104.62 6.41
C SER F 4866 -30.66 105.20 5.01
N GLU F 4867 -31.87 105.23 4.47
CA GLU F 4867 -32.07 105.81 3.14
C GLU F 4867 -31.92 107.33 3.19
N ASP F 4868 -32.47 107.97 4.20
CA ASP F 4868 -32.39 109.43 4.34
C ASP F 4868 -31.22 109.80 5.23
N GLU F 4869 -30.68 111.00 5.02
CA GLU F 4869 -29.56 111.46 5.82
C GLU F 4869 -30.03 111.99 7.17
N ASP F 4870 -31.24 112.56 7.21
CA ASP F 4870 -31.72 113.21 8.43
C ASP F 4870 -31.91 112.20 9.55
N GLU F 4871 -32.46 111.03 9.25
CA GLU F 4871 -32.61 109.98 10.25
C GLU F 4871 -31.62 108.87 9.94
N PRO F 4872 -30.44 108.88 10.54
CA PRO F 4872 -29.45 107.84 10.22
C PRO F 4872 -29.58 106.62 11.10
N ASP F 4873 -29.23 105.46 10.57
CA ASP F 4873 -29.19 104.23 11.36
C ASP F 4873 -27.74 103.76 11.44
N MET F 4874 -27.30 103.44 12.64
CA MET F 4874 -25.99 102.87 12.87
C MET F 4874 -26.18 101.44 13.35
N LYS F 4875 -25.76 100.48 12.53
CA LYS F 4875 -25.79 99.10 12.99
C LYS F 4875 -24.90 98.91 14.21
N CYS F 4876 -23.72 99.50 14.23
CA CYS F 4876 -22.93 99.28 15.42
C CYS F 4876 -22.10 100.48 15.84
N ASP F 4877 -22.76 101.63 15.95
CA ASP F 4877 -22.60 102.42 17.16
C ASP F 4877 -23.19 101.67 18.35
N ASP F 4878 -23.98 100.63 18.07
CA ASP F 4878 -24.58 99.80 19.11
C ASP F 4878 -24.19 98.33 18.93
N MET F 4879 -23.84 97.68 20.04
CA MET F 4879 -23.29 96.32 20.00
C MET F 4879 -24.32 95.28 19.56
N MET F 4880 -25.50 95.26 20.22
CA MET F 4880 -26.53 94.32 19.81
C MET F 4880 -26.85 94.45 18.34
N THR F 4881 -26.91 95.68 17.85
CA THR F 4881 -27.32 95.89 16.48
C THR F 4881 -26.22 95.47 15.51
N CYS F 4882 -24.95 95.74 15.84
CA CYS F 4882 -23.85 95.17 15.04
C CYS F 4882 -24.02 93.67 14.91
N TYR F 4883 -24.15 92.98 16.04
CA TYR F 4883 -24.20 91.53 15.97
C TYR F 4883 -25.44 91.05 15.22
N LEU F 4884 -26.61 91.62 15.54
CA LEU F 4884 -27.86 91.18 14.96
C LEU F 4884 -27.87 91.42 13.46
N PHE F 4885 -27.59 92.66 13.04
CA PHE F 4885 -27.52 92.92 11.60
C PHE F 4885 -26.53 91.97 10.96
N HIS F 4886 -25.34 91.83 11.54
CA HIS F 4886 -24.31 91.00 10.93
C HIS F 4886 -24.82 89.60 10.63
N MET F 4887 -25.13 88.83 11.68
CA MET F 4887 -25.43 87.42 11.39
C MET F 4887 -26.74 87.31 10.62
N TYR F 4888 -27.72 88.15 10.97
CA TYR F 4888 -29.04 88.02 10.36
C TYR F 4888 -28.98 88.25 8.86
N VAL F 4889 -28.33 89.33 8.42
CA VAL F 4889 -28.30 89.60 6.99
C VAL F 4889 -27.26 88.73 6.31
N GLY F 4890 -26.12 88.49 6.97
CA GLY F 4890 -25.05 87.76 6.32
C GLY F 4890 -25.39 86.31 6.05
N VAL F 4891 -26.05 85.65 7.01
CA VAL F 4891 -26.39 84.25 6.80
C VAL F 4891 -27.35 84.10 5.62
N ARG F 4892 -28.34 84.98 5.53
CA ARG F 4892 -29.31 84.87 4.44
C ARG F 4892 -28.69 85.26 3.11
N ALA F 4893 -27.94 86.35 3.09
CA ALA F 4893 -27.54 86.97 1.83
C ALA F 4893 -26.62 86.06 1.03
N GLY F 4894 -27.07 85.66 -0.16
CA GLY F 4894 -26.19 84.96 -1.06
C GLY F 4894 -25.04 85.82 -1.53
N GLY F 4895 -25.32 87.10 -1.81
CA GLY F 4895 -24.26 88.03 -2.14
C GLY F 4895 -23.38 88.35 -0.94
N GLY F 4896 -23.92 88.17 0.25
CA GLY F 4896 -23.14 88.36 1.46
C GLY F 4896 -23.23 89.76 2.02
N ILE F 4897 -22.40 90.00 3.04
CA ILE F 4897 -22.41 91.29 3.73
C ILE F 4897 -22.03 92.41 2.78
N GLY F 4898 -21.19 92.10 1.79
CA GLY F 4898 -20.83 93.11 0.81
C GLY F 4898 -22.04 93.60 0.02
N ASP F 4899 -22.96 92.69 -0.30
CA ASP F 4899 -24.19 93.09 -0.98
C ASP F 4899 -25.02 94.02 -0.11
N GLU F 4900 -25.09 93.73 1.19
CA GLU F 4900 -25.90 94.55 2.07
C GLU F 4900 -25.30 95.94 2.26
N ILE F 4901 -24.00 96.01 2.53
CA ILE F 4901 -23.36 97.29 2.82
C ILE F 4901 -22.97 97.98 1.51
N GLU F 4902 -22.63 99.26 1.62
CA GLU F 4902 -22.31 100.06 0.45
C GLU F 4902 -20.96 99.65 -0.13
N ASP F 4903 -20.60 100.27 -1.24
CA ASP F 4903 -19.34 99.93 -1.89
C ASP F 4903 -18.15 100.47 -1.09
N PRO F 4904 -16.97 99.87 -1.23
CA PRO F 4904 -15.78 100.43 -0.56
C PRO F 4904 -15.17 101.59 -1.32
N ALA F 4905 -15.44 101.69 -2.62
CA ALA F 4905 -14.77 102.67 -3.46
C ALA F 4905 -15.01 104.08 -2.94
N GLY F 4906 -13.95 104.88 -2.96
CA GLY F 4906 -14.01 106.23 -2.43
C GLY F 4906 -13.46 106.40 -1.03
N ASP F 4907 -12.82 105.38 -0.46
CA ASP F 4907 -12.25 105.46 0.87
C ASP F 4907 -10.85 104.85 0.86
N GLU F 4908 -10.01 105.34 1.79
CA GLU F 4908 -8.65 104.85 1.87
C GLU F 4908 -8.60 103.43 2.43
N TYR F 4909 -9.60 103.04 3.21
CA TYR F 4909 -9.69 101.68 3.73
C TYR F 4909 -10.40 100.72 2.78
N GLU F 4910 -10.59 101.11 1.52
CA GLU F 4910 -11.37 100.30 0.61
C GLU F 4910 -10.72 98.94 0.37
N LEU F 4911 -9.39 98.88 0.39
CA LEU F 4911 -8.72 97.60 0.20
C LEU F 4911 -9.04 96.65 1.34
N TYR F 4912 -8.93 97.13 2.58
CA TYR F 4912 -9.27 96.29 3.72
C TYR F 4912 -10.75 95.93 3.72
N ARG F 4913 -11.62 96.85 3.30
CA ARG F 4913 -13.03 96.52 3.23
C ARG F 4913 -13.28 95.41 2.22
N VAL F 4914 -12.61 95.48 1.07
CA VAL F 4914 -12.74 94.43 0.08
C VAL F 4914 -12.27 93.10 0.65
N VAL F 4915 -11.14 93.11 1.35
CA VAL F 4915 -10.65 91.88 1.98
C VAL F 4915 -11.69 91.34 2.95
N PHE F 4916 -12.26 92.22 3.77
CA PHE F 4916 -13.24 91.81 4.77
C PHE F 4916 -14.45 91.14 4.12
N ASP F 4917 -15.06 91.82 3.14
CA ASP F 4917 -16.26 91.29 2.52
C ASP F 4917 -15.97 90.00 1.76
N ILE F 4918 -14.86 89.97 1.01
CA ILE F 4918 -14.54 88.79 0.23
C ILE F 4918 -14.28 87.61 1.15
N THR F 4919 -13.54 87.83 2.24
CA THR F 4919 -13.27 86.74 3.18
C THR F 4919 -14.55 86.24 3.82
N PHE F 4920 -15.43 87.15 4.26
CA PHE F 4920 -16.68 86.73 4.85
C PHE F 4920 -17.48 85.88 3.88
N PHE F 4921 -17.63 86.35 2.64
CA PHE F 4921 -18.40 85.62 1.65
C PHE F 4921 -17.73 84.29 1.31
N PHE F 4922 -16.40 84.26 1.31
CA PHE F 4922 -15.68 83.09 0.84
C PHE F 4922 -15.73 81.98 1.87
N PHE F 4923 -15.53 82.30 3.14
CA PHE F 4923 -15.55 81.27 4.18
C PHE F 4923 -16.93 81.09 4.80
N VAL F 4924 -17.48 82.14 5.40
CA VAL F 4924 -18.65 81.97 6.26
C VAL F 4924 -19.88 81.61 5.46
N ILE F 4925 -20.10 82.30 4.33
CA ILE F 4925 -21.42 82.26 3.71
C ILE F 4925 -21.53 81.11 2.71
N VAL F 4926 -20.44 80.75 2.04
CA VAL F 4926 -20.47 79.70 1.04
C VAL F 4926 -19.85 78.40 1.53
N ILE F 4927 -18.63 78.46 2.08
CA ILE F 4927 -17.97 77.23 2.49
C ILE F 4927 -18.64 76.65 3.73
N LEU F 4928 -18.84 77.47 4.77
CA LEU F 4928 -19.37 76.95 6.02
C LEU F 4928 -20.83 76.52 5.86
N LEU F 4929 -21.64 77.36 5.20
CA LEU F 4929 -23.01 76.96 4.90
C LEU F 4929 -23.03 75.69 4.09
N ALA F 4930 -22.11 75.57 3.11
CA ALA F 4930 -22.05 74.37 2.31
C ALA F 4930 -21.76 73.15 3.16
N ILE F 4931 -20.81 73.26 4.09
CA ILE F 4931 -20.48 72.11 4.93
C ILE F 4931 -21.67 71.70 5.79
N ILE F 4932 -22.31 72.67 6.43
CA ILE F 4932 -23.39 72.31 7.35
C ILE F 4932 -24.57 71.74 6.59
N GLN F 4933 -24.86 72.29 5.40
CA GLN F 4933 -25.93 71.73 4.59
C GLN F 4933 -25.58 70.34 4.09
N GLY F 4934 -24.34 70.16 3.65
CA GLY F 4934 -23.90 68.86 3.18
C GLY F 4934 -24.00 67.81 4.26
N LEU F 4935 -23.71 68.20 5.50
CA LEU F 4935 -23.80 67.23 6.60
C LEU F 4935 -25.19 66.62 6.68
N ILE F 4936 -26.24 67.45 6.67
CA ILE F 4936 -27.58 66.90 6.80
C ILE F 4936 -27.99 66.14 5.55
N ILE F 4937 -27.64 66.64 4.36
CA ILE F 4937 -28.13 65.95 3.17
C ILE F 4937 -27.46 64.58 3.03
N ASP F 4938 -26.14 64.51 3.27
CA ASP F 4938 -25.49 63.21 3.15
C ASP F 4938 -25.82 62.33 4.35
N ALA F 4939 -26.26 62.92 5.46
CA ALA F 4939 -26.82 62.11 6.53
C ALA F 4939 -28.07 61.39 6.07
N PHE F 4940 -28.98 62.11 5.41
CA PHE F 4940 -30.14 61.44 4.84
C PHE F 4940 -29.74 60.41 3.80
N GLY F 4941 -28.80 60.74 2.93
CA GLY F 4941 -28.35 59.77 1.95
C GLY F 4941 -27.79 58.52 2.60
N GLU F 4942 -27.02 58.70 3.67
CA GLU F 4942 -26.46 57.57 4.39
C GLU F 4942 -27.56 56.72 5.02
N LEU F 4943 -28.57 57.36 5.60
CA LEU F 4943 -29.67 56.60 6.19
C LEU F 4943 -30.37 55.77 5.12
N ARG F 4944 -30.70 56.39 3.99
CA ARG F 4944 -31.39 55.68 2.92
C ARG F 4944 -30.56 54.51 2.41
N ASP F 4945 -29.26 54.75 2.20
CA ASP F 4945 -28.43 53.66 1.70
C ASP F 4945 -28.24 52.59 2.77
N GLN F 4946 -28.36 52.94 4.05
CA GLN F 4946 -28.41 51.91 5.08
C GLN F 4946 -29.62 51.01 4.90
N GLN F 4947 -30.79 51.61 4.64
CA GLN F 4947 -31.96 50.78 4.40
C GLN F 4947 -31.75 49.86 3.20
N GLU F 4948 -31.26 50.44 2.10
CA GLU F 4948 -31.04 49.64 0.90
C GLU F 4948 -30.01 48.55 1.15
N GLN F 4949 -28.94 48.87 1.88
CA GLN F 4949 -27.89 47.92 2.14
C GLN F 4949 -28.38 46.80 3.05
N VAL F 4950 -29.24 47.13 4.01
CA VAL F 4950 -29.81 46.11 4.87
C VAL F 4950 -30.65 45.14 4.04
N LYS F 4951 -31.48 45.68 3.15
CA LYS F 4951 -32.28 44.82 2.29
C LYS F 4951 -31.37 43.93 1.43
N GLU F 4952 -30.36 44.54 0.81
CA GLU F 4952 -29.48 43.80 -0.09
C GLU F 4952 -28.73 42.71 0.66
N ASP F 4953 -28.21 43.02 1.84
CA ASP F 4953 -27.50 42.01 2.62
C ASP F 4953 -28.45 40.89 3.04
N MET F 4954 -29.69 41.25 3.39
CA MET F 4954 -30.64 40.23 3.80
C MET F 4954 -30.87 39.25 2.66
N GLU F 4955 -31.00 39.76 1.43
CA GLU F 4955 -31.12 38.87 0.28
C GLU F 4955 -29.81 38.15 -0.02
N THR F 4956 -28.68 38.76 0.36
CA THR F 4956 -27.38 38.19 -0.02
C THR F 4956 -26.96 37.09 0.94
N LYS F 4957 -27.55 37.05 2.13
CA LYS F 4957 -27.07 36.18 3.19
C LYS F 4957 -28.25 35.44 3.80
N CYS F 4958 -28.01 34.19 4.17
CA CYS F 4958 -29.01 33.46 4.94
C CYS F 4958 -28.93 33.91 6.39
N PHE F 4959 -30.09 34.32 6.93
CA PHE F 4959 -30.10 35.02 8.21
C PHE F 4959 -29.57 34.15 9.34
N ILE F 4960 -29.93 32.87 9.35
CA ILE F 4960 -29.48 31.98 10.41
C ILE F 4960 -28.18 31.29 10.01
N CYS F 4961 -28.04 30.90 8.75
CA CYS F 4961 -26.80 30.28 8.30
C CYS F 4961 -25.61 31.22 8.49
N GLY F 4962 -25.77 32.48 8.07
CA GLY F 4962 -24.61 33.33 7.93
C GLY F 4962 -23.67 32.84 6.86
N ILE F 4963 -24.21 32.12 5.86
CA ILE F 4963 -23.41 31.46 4.84
C ILE F 4963 -23.81 32.03 3.48
N GLY F 4964 -22.82 32.22 2.62
CA GLY F 4964 -23.04 32.93 1.38
C GLY F 4964 -24.15 32.29 0.56
N SER F 4965 -25.06 33.14 0.07
CA SER F 4965 -26.14 32.67 -0.78
C SER F 4965 -25.61 32.01 -2.04
N ASP F 4966 -24.39 32.37 -2.43
CA ASP F 4966 -23.81 31.81 -3.65
C ASP F 4966 -23.62 30.31 -3.54
N TYR F 4967 -23.14 29.82 -2.38
CA TYR F 4967 -22.88 28.40 -2.24
C TYR F 4967 -24.15 27.60 -2.46
N PHE F 4968 -25.25 28.04 -1.87
CA PHE F 4968 -26.54 27.42 -2.18
C PHE F 4968 -26.88 27.61 -3.64
N ASP F 4969 -26.56 28.78 -4.19
CA ASP F 4969 -27.07 29.18 -5.50
C ASP F 4969 -26.38 28.46 -6.64
N THR F 4970 -25.37 27.62 -6.36
CA THR F 4970 -24.80 26.79 -7.42
C THR F 4970 -25.87 25.89 -8.02
N THR F 4971 -26.71 25.30 -7.19
CA THR F 4971 -27.95 24.72 -7.68
C THR F 4971 -28.93 25.85 -7.99
N PRO F 4972 -29.82 25.64 -8.97
CA PRO F 4972 -30.77 26.70 -9.32
C PRO F 4972 -31.65 27.06 -8.13
N HIS F 4973 -31.87 28.36 -7.96
CA HIS F 4973 -32.52 28.95 -6.79
C HIS F 4973 -32.14 28.24 -5.50
N GLY F 4974 -30.85 27.92 -5.34
CA GLY F 4974 -30.42 27.20 -4.15
C GLY F 4974 -30.60 28.02 -2.90
N PHE F 4975 -30.25 29.31 -2.95
CA PHE F 4975 -30.49 30.17 -1.80
C PHE F 4975 -31.98 30.30 -1.53
N GLU F 4976 -32.80 30.38 -2.57
CA GLU F 4976 -34.23 30.42 -2.37
C GLU F 4976 -34.72 29.18 -1.63
N THR F 4977 -34.22 28.01 -2.02
CA THR F 4977 -34.58 26.79 -1.31
C THR F 4977 -34.11 26.86 0.13
N HIS F 4978 -32.87 27.31 0.35
CA HIS F 4978 -32.38 27.44 1.72
C HIS F 4978 -33.32 28.29 2.55
N THR F 4979 -33.80 29.39 1.99
CA THR F 4979 -34.69 30.28 2.75
C THR F 4979 -36.04 29.63 3.01
N LEU F 4980 -36.67 29.06 1.98
CA LEU F 4980 -38.04 28.61 2.16
C LEU F 4980 -38.12 27.32 2.96
N GLU F 4981 -37.25 26.34 2.71
CA GLU F 4981 -37.37 25.10 3.45
C GLU F 4981 -36.26 24.93 4.47
N GLU F 4982 -35.00 25.04 4.04
CA GLU F 4982 -33.88 24.65 4.90
C GLU F 4982 -33.82 25.48 6.17
N HIS F 4983 -33.83 26.81 6.02
CA HIS F 4983 -33.54 27.71 7.13
C HIS F 4983 -34.53 28.87 7.23
N ASN F 4984 -35.83 28.60 7.19
CA ASN F 4984 -36.81 29.67 7.29
C ASN F 4984 -36.93 30.15 8.72
N LEU F 4985 -36.82 31.47 8.92
CA LEU F 4985 -37.00 32.02 10.25
C LEU F 4985 -38.43 31.81 10.73
N ALA F 4986 -39.39 31.81 9.80
CA ALA F 4986 -40.75 31.44 10.16
C ALA F 4986 -40.81 30.01 10.65
N ASN F 4987 -40.06 29.11 10.01
CA ASN F 4987 -39.99 27.74 10.49
C ASN F 4987 -39.40 27.70 11.90
N TYR F 4988 -38.37 28.50 12.16
CA TYR F 4988 -37.79 28.54 13.50
C TYR F 4988 -38.81 28.97 14.54
N MET F 4989 -39.51 30.07 14.28
CA MET F 4989 -40.48 30.56 15.25
C MET F 4989 -41.63 29.57 15.42
N PHE F 4990 -42.07 28.95 14.32
CA PHE F 4990 -43.11 27.94 14.39
C PHE F 4990 -42.67 26.76 15.24
N PHE F 4991 -41.43 26.31 15.07
CA PHE F 4991 -40.92 25.23 15.90
C PHE F 4991 -40.89 25.64 17.35
N LEU F 4992 -40.54 26.90 17.63
CA LEU F 4992 -40.52 27.35 19.02
C LEU F 4992 -41.91 27.30 19.63
N MET F 4993 -42.93 27.82 18.93
CA MET F 4993 -44.27 27.78 19.50
C MET F 4993 -44.76 26.35 19.63
N TYR F 4994 -44.41 25.49 18.68
CA TYR F 4994 -44.79 24.09 18.78
C TYR F 4994 -44.17 23.46 20.01
N LEU F 4995 -42.91 23.78 20.30
CA LEU F 4995 -42.25 23.29 21.50
C LEU F 4995 -42.98 23.77 22.75
N ILE F 4996 -43.42 25.04 22.74
CA ILE F 4996 -44.16 25.55 23.89
C ILE F 4996 -45.46 24.78 24.07
N ASN F 4997 -46.18 24.54 22.98
CA ASN F 4997 -47.49 23.92 23.08
C ASN F 4997 -47.41 22.45 23.49
N LYS F 4998 -46.51 21.69 22.87
CA LYS F 4998 -46.46 20.26 23.12
C LYS F 4998 -46.00 19.97 24.54
N ASP F 4999 -46.52 18.88 25.11
CA ASP F 4999 -46.11 18.46 26.44
C ASP F 4999 -44.65 17.99 26.41
N GLU F 5000 -43.91 18.32 27.47
CA GLU F 5000 -42.49 17.99 27.51
C GLU F 5000 -42.27 16.48 27.55
N THR F 5001 -43.14 15.75 28.24
CA THR F 5001 -43.01 14.30 28.25
C THR F 5001 -43.21 13.72 26.85
N GLU F 5002 -44.09 14.33 26.07
CA GLU F 5002 -44.31 13.85 24.71
C GLU F 5002 -43.23 14.38 23.76
N HIS F 5003 -42.47 15.38 24.20
CA HIS F 5003 -41.37 15.90 23.39
C HIS F 5003 -40.40 14.78 23.04
N THR F 5004 -39.92 14.80 21.80
CA THR F 5004 -38.92 13.82 21.38
C THR F 5004 -37.62 14.03 22.15
N GLY F 5005 -36.65 13.16 21.90
CA GLY F 5005 -35.36 13.34 22.52
C GLY F 5005 -34.71 14.66 22.13
N GLN F 5006 -34.65 14.94 20.83
CA GLN F 5006 -34.08 16.20 20.39
C GLN F 5006 -34.98 17.37 20.76
N GLU F 5007 -36.29 17.16 20.76
CA GLU F 5007 -37.21 18.21 21.18
C GLU F 5007 -36.92 18.62 22.61
N SER F 5008 -36.80 17.64 23.51
CA SER F 5008 -36.48 17.93 24.89
C SER F 5008 -35.09 18.54 25.02
N TYR F 5009 -34.16 18.10 24.18
CA TYR F 5009 -32.82 18.69 24.20
C TYR F 5009 -32.87 20.17 23.87
N VAL F 5010 -33.61 20.53 22.82
CA VAL F 5010 -33.72 21.93 22.44
C VAL F 5010 -34.45 22.72 23.52
N TRP F 5011 -35.47 22.12 24.11
CA TRP F 5011 -36.20 22.82 25.17
C TRP F 5011 -35.30 23.10 26.37
N LYS F 5012 -34.53 22.10 26.78
CA LYS F 5012 -33.58 22.30 27.87
C LYS F 5012 -32.55 23.34 27.50
N MET F 5013 -32.13 23.35 26.24
CA MET F 5013 -31.16 24.35 25.80
C MET F 5013 -31.76 25.74 25.90
N TYR F 5014 -33.07 25.85 25.73
CA TYR F 5014 -33.65 27.21 25.79
C TYR F 5014 -33.76 27.57 27.23
N GLN F 5015 -34.13 26.61 28.05
CA GLN F 5015 -34.18 26.92 29.48
C GLN F 5015 -32.82 27.38 29.97
N GLU F 5016 -31.75 26.77 29.45
CA GLU F 5016 -30.41 27.18 29.82
C GLU F 5016 -30.09 28.57 29.29
N ARG F 5017 -30.87 29.04 28.31
CA ARG F 5017 -30.72 30.31 27.61
C ARG F 5017 -29.47 30.35 26.75
N CYS F 5018 -28.67 29.29 26.72
CA CYS F 5018 -27.59 29.21 25.75
C CYS F 5018 -28.19 29.04 24.36
N TRP F 5019 -27.48 29.52 23.35
CA TRP F 5019 -28.01 29.54 21.99
C TRP F 5019 -27.18 28.71 21.02
N ASP F 5020 -26.42 27.73 21.51
CA ASP F 5020 -25.59 26.93 20.62
C ASP F 5020 -26.44 26.08 19.69
N PHE F 5021 -27.67 25.78 20.09
CA PHE F 5021 -28.53 24.90 19.31
C PHE F 5021 -28.75 25.44 17.91
N PHE F 5022 -28.85 26.74 17.78
CA PHE F 5022 -28.99 27.33 16.46
C PHE F 5022 -27.74 27.04 15.63
N PRO F 5023 -27.89 26.50 14.42
CA PRO F 5023 -26.71 26.23 13.59
C PRO F 5023 -25.95 27.50 13.26
N ALA F 5024 -24.63 27.38 13.18
CA ALA F 5024 -23.75 28.50 12.87
C ALA F 5024 -22.73 28.06 11.84
N GLY F 5025 -22.67 28.79 10.72
CA GLY F 5025 -21.66 28.52 9.70
C GLY F 5025 -21.68 27.10 9.15
N ASP F 5026 -22.83 26.44 9.22
CA ASP F 5026 -22.96 25.09 8.68
C ASP F 5026 -24.35 24.92 8.10
N CYS F 5027 -24.47 23.98 7.17
CA CYS F 5027 -25.75 23.68 6.54
C CYS F 5027 -25.85 22.18 6.33
N PHE F 5028 -27.09 21.70 6.23
CA PHE F 5028 -27.32 20.28 6.01
C PHE F 5028 -26.57 19.78 4.79
N ARG F 5029 -26.57 20.57 3.71
CA ARG F 5029 -25.89 20.13 2.51
C ARG F 5029 -24.38 20.04 2.72
N LYS F 5030 -23.75 21.17 3.01
CA LYS F 5030 -22.29 21.19 3.04
C LYS F 5030 -21.73 20.29 4.11
N GLN F 5031 -22.48 20.06 5.19
CA GLN F 5031 -21.98 19.14 6.20
C GLN F 5031 -22.11 17.70 5.69
N TYR F 5032 -23.07 17.46 4.79
CA TYR F 5032 -23.28 16.16 4.17
C TYR F 5032 -22.82 16.13 2.72
N GLU F 5033 -22.24 17.22 2.21
CA GLU F 5033 -22.01 17.35 0.77
C GLU F 5033 -21.21 16.20 0.21
N ASP F 5034 -20.14 15.79 0.89
CA ASP F 5034 -19.25 14.76 0.36
C ASP F 5034 -20.00 13.47 0.05
N GLN F 5035 -21.02 13.15 0.85
CA GLN F 5035 -21.73 11.89 0.66
C GLN F 5035 -22.98 12.10 -0.18
N LEU F 5036 -23.73 13.16 0.09
CA LEU F 5036 -24.97 13.42 -0.63
C LEU F 5036 -24.71 13.67 -2.11
N SER F 5037 -23.68 14.44 -2.42
CA SER F 5037 -23.35 14.83 -3.80
C SER F 5037 -24.57 15.34 -4.56
N GLU G 10 -2.88 -9.53 -27.61
CA GLU G 10 -3.67 -9.51 -28.83
C GLU G 10 -3.24 -10.63 -29.77
N VAL G 11 -4.12 -10.97 -30.72
CA VAL G 11 -3.79 -11.91 -31.78
C VAL G 11 -2.82 -11.21 -32.72
N GLN G 12 -1.61 -11.76 -32.84
CA GLN G 12 -0.60 -11.13 -33.67
C GLN G 12 -1.08 -11.04 -35.11
N PHE G 13 -1.28 -9.80 -35.57
CA PHE G 13 -1.80 -9.54 -36.90
C PHE G 13 -0.64 -9.21 -37.82
N LEU G 14 -0.44 -10.07 -38.82
CA LEU G 14 0.77 -10.01 -39.63
C LEU G 14 0.78 -8.77 -40.50
N ARG G 15 1.56 -7.78 -40.09
CA ARG G 15 1.77 -6.56 -40.86
C ARG G 15 2.89 -6.80 -41.86
N THR G 16 2.73 -6.24 -43.05
CA THR G 16 3.79 -6.29 -44.05
C THR G 16 5.13 -5.86 -43.46
N ASP G 17 6.20 -6.41 -44.03
CA ASP G 17 7.60 -6.25 -43.64
C ASP G 17 7.94 -7.11 -42.43
N ASP G 18 7.04 -7.97 -41.98
CA ASP G 18 7.37 -8.91 -40.92
C ASP G 18 8.37 -9.94 -41.45
N GLU G 19 9.19 -10.48 -40.54
CA GLU G 19 10.11 -11.56 -40.88
C GLU G 19 9.48 -12.87 -40.45
N VAL G 20 9.39 -13.82 -41.39
CA VAL G 20 8.43 -14.91 -41.34
C VAL G 20 9.07 -16.21 -41.81
N VAL G 21 8.66 -17.32 -41.19
CA VAL G 21 8.92 -18.65 -41.72
C VAL G 21 7.58 -19.35 -41.91
N LEU G 22 7.39 -19.93 -43.10
CA LEU G 22 6.22 -20.76 -43.34
C LEU G 22 6.52 -22.19 -42.94
N GLN G 23 5.48 -22.90 -42.48
CA GLN G 23 5.65 -24.21 -41.87
C GLN G 23 4.62 -25.19 -42.40
N CYS G 24 5.04 -26.43 -42.59
CA CYS G 24 4.14 -27.51 -42.98
C CYS G 24 4.36 -28.69 -42.04
N SER G 25 3.28 -29.34 -41.64
CA SER G 25 3.33 -30.48 -40.74
C SER G 25 2.72 -31.69 -41.41
N ALA G 26 3.57 -32.65 -41.77
CA ALA G 26 3.12 -33.91 -42.36
C ALA G 26 3.56 -35.04 -41.44
N THR G 27 2.63 -35.95 -41.16
CA THR G 27 2.94 -37.04 -40.24
C THR G 27 3.93 -38.01 -40.87
N VAL G 28 4.88 -38.46 -40.06
CA VAL G 28 5.89 -39.43 -40.47
C VAL G 28 5.79 -40.62 -39.51
N LEU G 29 5.67 -41.82 -40.06
CA LEU G 29 5.51 -43.04 -39.27
C LEU G 29 4.43 -42.87 -38.20
N LYS G 30 3.24 -42.47 -38.65
CA LYS G 30 2.05 -42.10 -37.87
C LYS G 30 2.31 -40.99 -36.86
N GLU G 31 3.47 -40.34 -36.92
CA GLU G 31 3.82 -39.28 -35.98
C GLU G 31 4.01 -37.99 -36.77
N GLN G 32 3.44 -36.91 -36.26
CA GLN G 32 3.50 -35.65 -36.99
C GLN G 32 4.90 -35.05 -36.90
N LEU G 33 5.50 -34.82 -38.05
CA LEU G 33 6.82 -34.22 -38.15
C LEU G 33 6.67 -32.77 -38.60
N LYS G 34 7.34 -31.86 -37.91
CA LYS G 34 7.28 -30.44 -38.21
C LYS G 34 8.41 -30.08 -39.15
N LEU G 35 8.07 -29.62 -40.34
CA LEU G 35 9.04 -29.25 -41.36
C LEU G 35 8.81 -27.82 -41.82
N CYS G 36 9.86 -27.19 -42.32
CA CYS G 36 9.80 -25.83 -42.82
C CYS G 36 10.46 -25.76 -44.19
N LEU G 37 9.97 -24.88 -45.05
CA LEU G 37 10.55 -24.73 -46.37
C LEU G 37 11.72 -23.75 -46.35
N ALA G 38 12.85 -24.20 -46.89
CA ALA G 38 14.02 -23.37 -47.09
C ALA G 38 14.57 -23.60 -48.48
N ALA G 39 14.91 -22.50 -49.16
CA ALA G 39 15.52 -22.55 -50.48
C ALA G 39 16.92 -21.97 -50.38
N GLU G 40 17.92 -22.78 -50.77
CA GLU G 40 19.30 -22.37 -50.59
C GLU G 40 19.63 -21.10 -51.36
N GLY G 41 18.92 -20.86 -52.45
CA GLY G 41 19.21 -19.67 -53.24
C GLY G 41 20.37 -19.94 -54.17
N PHE G 42 21.55 -19.46 -53.79
CA PHE G 42 22.75 -19.77 -54.54
C PHE G 42 22.97 -21.28 -54.56
N GLY G 43 23.33 -21.79 -55.74
CA GLY G 43 23.52 -23.22 -55.90
C GLY G 43 22.28 -23.92 -56.40
N ASN G 44 21.17 -23.78 -55.69
CA ASN G 44 19.90 -24.38 -56.08
C ASN G 44 18.78 -23.37 -55.91
N ARG G 45 17.99 -23.17 -56.96
CA ARG G 45 16.82 -22.31 -56.85
C ARG G 45 15.70 -23.01 -56.09
N LEU G 46 15.53 -24.31 -56.30
CA LEU G 46 14.42 -25.03 -55.71
C LEU G 46 14.54 -25.07 -54.18
N CYS G 47 13.39 -25.00 -53.51
CA CYS G 47 13.36 -25.09 -52.07
C CYS G 47 13.33 -26.54 -51.60
N PHE G 48 13.78 -26.77 -50.38
CA PHE G 48 13.77 -28.09 -49.77
C PHE G 48 13.25 -27.99 -48.35
N LEU G 49 12.66 -29.07 -47.87
CA LEU G 49 12.06 -29.12 -46.55
C LEU G 49 13.13 -29.37 -45.51
N GLU G 50 13.04 -28.65 -44.39
CA GLU G 50 13.88 -28.89 -43.24
C GLU G 50 13.00 -29.19 -42.03
N PRO G 51 13.20 -30.31 -41.35
CA PRO G 51 12.36 -30.62 -40.19
C PRO G 51 12.90 -30.00 -38.92
N THR G 52 12.04 -29.31 -38.18
CA THR G 52 12.39 -28.71 -36.90
C THR G 52 11.88 -29.52 -35.72
N SER G 53 11.41 -30.74 -35.96
CA SER G 53 10.83 -31.53 -34.89
C SER G 53 11.87 -31.89 -33.83
N ASN G 54 13.08 -32.23 -34.26
CA ASN G 54 14.10 -32.68 -33.31
C ASN G 54 14.47 -31.58 -32.34
N ALA G 55 15.07 -30.49 -32.84
CA ALA G 55 15.50 -29.36 -32.01
C ALA G 55 16.40 -29.83 -30.88
N GLN G 56 15.81 -30.45 -29.86
CA GLN G 56 16.58 -31.00 -28.75
C GLN G 56 17.56 -32.06 -29.24
N ASN G 57 17.23 -32.71 -30.35
CA ASN G 57 18.15 -33.71 -30.90
C ASN G 57 19.14 -33.07 -31.86
N VAL G 58 18.64 -32.23 -32.77
CA VAL G 58 19.48 -31.59 -33.78
C VAL G 58 18.86 -30.25 -34.14
N PRO G 59 19.65 -29.20 -34.32
CA PRO G 59 19.10 -27.90 -34.62
C PRO G 59 18.87 -27.73 -36.12
N PRO G 60 17.64 -27.41 -36.52
CA PRO G 60 17.43 -26.96 -37.89
C PRO G 60 18.06 -25.60 -38.12
N ASP G 61 18.47 -25.35 -39.35
CA ASP G 61 19.09 -24.08 -39.71
C ASP G 61 17.97 -23.08 -40.01
N LEU G 62 17.58 -22.30 -39.01
CA LEU G 62 16.47 -21.36 -39.19
C LEU G 62 16.85 -20.24 -40.16
N ALA G 63 18.14 -19.90 -40.21
CA ALA G 63 18.56 -18.74 -41.00
C ALA G 63 18.22 -18.91 -42.47
N ILE G 64 18.49 -20.10 -43.03
CA ILE G 64 18.16 -20.34 -44.43
C ILE G 64 16.63 -20.39 -44.59
N CYS G 65 15.93 -20.81 -43.55
CA CYS G 65 14.47 -20.88 -43.63
C CYS G 65 13.84 -19.50 -43.43
N CYS G 66 14.63 -18.53 -42.98
CA CYS G 66 14.08 -17.20 -42.75
C CYS G 66 13.56 -16.61 -44.05
N PHE G 67 12.37 -16.02 -43.97
CA PHE G 67 11.76 -15.35 -45.12
C PHE G 67 11.16 -14.04 -44.66
N THR G 68 10.99 -13.11 -45.59
CA THR G 68 10.35 -11.84 -45.32
C THR G 68 9.30 -11.58 -46.37
N LEU G 69 8.26 -10.86 -46.00
CA LEU G 69 7.16 -10.53 -46.90
C LEU G 69 7.14 -9.01 -47.06
N GLU G 70 6.96 -8.54 -48.29
CA GLU G 70 7.19 -7.12 -48.57
C GLU G 70 5.88 -6.38 -48.83
N GLN G 71 5.10 -6.82 -49.80
CA GLN G 71 3.90 -6.09 -50.19
C GLN G 71 2.72 -7.04 -50.22
N SER G 72 1.56 -6.52 -49.78
CA SER G 72 0.31 -7.25 -49.83
C SER G 72 -0.68 -6.47 -50.67
N LEU G 73 -1.13 -7.07 -51.77
CA LEU G 73 -2.00 -6.41 -52.73
C LEU G 73 -3.19 -7.30 -53.03
N SER G 74 -4.36 -6.69 -53.22
CA SER G 74 -5.51 -7.43 -53.69
C SER G 74 -5.23 -8.01 -55.06
N VAL G 75 -6.07 -8.96 -55.48
CA VAL G 75 -5.88 -9.59 -56.78
C VAL G 75 -5.98 -8.54 -57.89
N ARG G 76 -6.98 -7.67 -57.81
CA ARG G 76 -7.14 -6.64 -58.83
C ARG G 76 -5.97 -5.67 -58.83
N ALA G 77 -5.65 -5.11 -57.67
CA ALA G 77 -4.53 -4.19 -57.56
C ALA G 77 -3.27 -4.81 -58.13
N LEU G 78 -3.05 -6.08 -57.85
CA LEU G 78 -1.93 -6.80 -58.42
C LEU G 78 -2.02 -6.85 -59.94
N GLN G 79 -3.22 -7.09 -60.47
CA GLN G 79 -3.35 -7.10 -61.93
C GLN G 79 -2.93 -5.78 -62.53
N GLU G 80 -3.43 -4.66 -62.00
CA GLU G 80 -3.08 -3.39 -62.65
C GLU G 80 -1.64 -2.99 -62.40
N MET G 81 -1.05 -3.37 -61.26
CA MET G 81 0.32 -2.91 -61.04
C MET G 81 1.30 -3.77 -61.82
N LEU G 82 0.92 -5.01 -62.13
CA LEU G 82 1.66 -5.77 -63.13
C LEU G 82 1.46 -5.16 -64.51
N ALA G 83 0.26 -4.68 -64.80
CA ALA G 83 0.03 -3.98 -66.07
C ALA G 83 0.88 -2.73 -66.16
N ASN G 84 1.25 -2.16 -65.02
CA ASN G 84 2.12 -0.99 -65.00
C ASN G 84 3.48 -1.32 -64.39
N HIS G 98 2.64 -0.24 -45.52
CA HIS G 98 2.37 -0.97 -44.29
C HIS G 98 0.90 -1.31 -44.15
N ARG G 99 0.54 -2.54 -44.52
CA ARG G 99 -0.81 -3.06 -44.38
C ARG G 99 -0.76 -4.44 -43.76
N THR G 100 -1.61 -4.70 -42.77
CA THR G 100 -1.68 -6.02 -42.19
C THR G 100 -2.24 -7.00 -43.21
N LEU G 101 -1.77 -8.25 -43.13
CA LEU G 101 -2.16 -9.26 -44.11
C LEU G 101 -3.67 -9.48 -44.10
N LEU G 102 -4.26 -9.45 -45.29
CA LEU G 102 -5.68 -9.66 -45.47
C LEU G 102 -5.90 -10.89 -46.34
N TYR G 103 -6.86 -11.71 -45.96
CA TYR G 103 -7.21 -12.87 -46.78
C TYR G 103 -7.60 -12.42 -48.18
N GLY G 104 -7.05 -13.08 -49.19
CA GLY G 104 -7.30 -12.74 -50.56
C GLY G 104 -6.36 -11.73 -51.17
N HIS G 105 -5.72 -10.89 -50.36
CA HIS G 105 -4.74 -9.96 -50.87
C HIS G 105 -3.38 -10.65 -51.00
N ALA G 106 -2.91 -10.77 -52.23
CA ALA G 106 -1.67 -11.50 -52.50
C ALA G 106 -0.48 -10.82 -51.84
N ILE G 107 0.45 -11.63 -51.33
CA ILE G 107 1.63 -11.12 -50.64
C ILE G 107 2.88 -11.53 -51.42
N LEU G 108 3.81 -10.59 -51.56
CA LEU G 108 5.16 -10.86 -52.03
C LEU G 108 6.02 -11.21 -50.82
N LEU G 109 6.63 -12.39 -50.86
CA LEU G 109 7.39 -12.91 -49.72
C LEU G 109 8.75 -13.40 -50.19
N ARG G 110 9.81 -12.75 -49.71
CA ARG G 110 11.16 -12.91 -50.23
C ARG G 110 12.05 -13.49 -49.13
N HIS G 111 13.09 -14.22 -49.53
CA HIS G 111 13.95 -14.86 -48.56
C HIS G 111 15.04 -13.90 -48.10
N ALA G 112 15.27 -13.85 -46.79
CA ALA G 112 16.18 -12.87 -46.23
C ALA G 112 17.60 -13.06 -46.74
N HIS G 113 18.15 -14.27 -46.63
CA HIS G 113 19.52 -14.49 -47.06
C HIS G 113 19.67 -14.32 -48.57
N SER G 114 18.70 -14.80 -49.34
CA SER G 114 18.79 -14.67 -50.78
C SER G 114 18.64 -13.22 -51.22
N ARG G 115 17.87 -12.44 -50.46
CA ARG G 115 17.34 -11.15 -50.94
C ARG G 115 16.65 -11.35 -52.28
N MET G 116 16.02 -12.51 -52.44
CA MET G 116 15.42 -12.92 -53.70
C MET G 116 14.09 -13.59 -53.36
N TYR G 117 13.11 -13.42 -54.24
CA TYR G 117 11.72 -13.69 -53.90
C TYR G 117 11.27 -15.00 -54.52
N LEU G 118 10.42 -15.74 -53.80
CA LEU G 118 10.06 -17.09 -54.19
C LEU G 118 9.08 -17.11 -55.36
N SER G 119 9.22 -18.11 -56.21
CA SER G 119 8.34 -18.31 -57.36
C SER G 119 8.31 -19.78 -57.74
N CYS G 120 7.30 -20.17 -58.50
CA CYS G 120 7.28 -21.53 -59.04
C CYS G 120 7.96 -21.56 -60.39
N LEU G 121 8.99 -22.40 -60.49
CA LEU G 121 9.69 -22.55 -61.75
C LEU G 121 8.80 -23.21 -62.79
N THR G 122 8.91 -22.74 -64.03
CA THR G 122 8.10 -23.30 -65.10
C THR G 122 8.39 -24.78 -65.31
N THR G 123 9.59 -25.22 -64.95
CA THR G 123 9.95 -26.62 -65.12
C THR G 123 9.13 -27.51 -64.21
N SER G 124 9.12 -28.80 -64.51
CA SER G 124 8.42 -29.80 -63.71
C SER G 124 9.42 -30.88 -63.32
N ARG G 125 10.05 -30.69 -62.16
CA ARG G 125 10.99 -31.70 -61.65
C ARG G 125 10.26 -33.01 -61.36
N SER G 126 8.96 -32.94 -61.11
CA SER G 126 8.21 -34.15 -60.80
C SER G 126 8.11 -35.05 -62.03
N MET G 127 8.75 -36.22 -61.94
CA MET G 127 8.59 -37.21 -63.01
C MET G 127 7.18 -37.77 -63.01
N THR G 128 6.56 -37.91 -61.84
CA THR G 128 5.25 -38.56 -61.77
C THR G 128 4.16 -37.65 -62.33
N ASP G 129 4.19 -36.36 -61.98
CA ASP G 129 3.19 -35.41 -62.43
C ASP G 129 3.86 -34.33 -63.25
N LYS G 130 3.41 -34.15 -64.49
CA LYS G 130 3.95 -33.09 -65.33
C LYS G 130 3.46 -31.72 -64.85
N LEU G 131 2.26 -31.67 -64.29
CA LEU G 131 1.72 -30.41 -63.80
C LEU G 131 2.52 -29.91 -62.61
N ALA G 132 3.01 -30.83 -61.77
CA ALA G 132 3.72 -30.43 -60.56
C ALA G 132 4.99 -29.68 -60.92
N PHE G 133 5.12 -28.46 -60.41
CA PHE G 133 6.20 -27.56 -60.77
C PHE G 133 7.00 -27.21 -59.53
N ASP G 134 8.33 -27.26 -59.65
CA ASP G 134 9.19 -26.90 -58.54
C ASP G 134 9.10 -25.40 -58.27
N VAL G 135 9.20 -25.04 -56.99
CA VAL G 135 9.12 -23.66 -56.53
C VAL G 135 10.54 -23.18 -56.25
N GLY G 136 10.90 -22.04 -56.82
CA GLY G 136 12.25 -21.52 -56.68
C GLY G 136 12.27 -20.02 -56.52
N LEU G 137 13.31 -19.54 -55.84
CA LEU G 137 13.43 -18.11 -55.62
C LEU G 137 13.77 -17.40 -56.93
N GLN G 138 13.03 -16.33 -57.22
CA GLN G 138 13.15 -15.61 -58.49
C GLN G 138 13.79 -14.25 -58.25
N GLU G 139 14.67 -13.85 -59.17
CA GLU G 139 15.31 -12.55 -59.07
C GLU G 139 14.31 -11.42 -59.25
N ASP G 140 13.28 -11.65 -60.04
CA ASP G 140 12.28 -10.64 -60.33
C ASP G 140 11.06 -10.87 -59.45
N ALA G 141 10.29 -9.80 -59.21
CA ALA G 141 9.07 -9.94 -58.43
C ALA G 141 7.86 -10.13 -59.34
N THR G 142 7.96 -9.70 -60.59
CA THR G 142 6.84 -9.83 -61.52
C THR G 142 6.65 -11.30 -61.91
N GLY G 143 5.45 -11.61 -62.35
CA GLY G 143 5.08 -12.98 -62.68
C GLY G 143 4.00 -13.48 -61.75
N GLU G 144 2.89 -13.92 -62.37
CA GLU G 144 1.73 -14.28 -61.57
C GLU G 144 1.95 -15.61 -60.85
N ALA G 145 2.67 -16.53 -61.50
CA ALA G 145 3.07 -17.77 -60.83
C ALA G 145 3.91 -17.47 -59.60
N CYS G 146 4.74 -16.43 -59.68
CA CYS G 146 5.51 -16.01 -58.52
C CYS G 146 4.60 -15.60 -57.38
N TRP G 147 3.49 -14.95 -57.70
CA TRP G 147 2.53 -14.52 -56.70
C TRP G 147 1.64 -15.68 -56.28
N TRP G 148 0.97 -15.51 -55.14
CA TRP G 148 0.14 -16.55 -54.57
C TRP G 148 -1.15 -15.95 -54.07
N THR G 149 -2.17 -16.81 -53.90
CA THR G 149 -3.44 -16.41 -53.32
C THR G 149 -3.60 -17.13 -52.00
N MET G 150 -4.06 -16.40 -50.99
CA MET G 150 -4.20 -16.91 -49.63
C MET G 150 -5.66 -16.92 -49.22
N HIS G 151 -6.11 -18.05 -48.70
CA HIS G 151 -7.50 -18.23 -48.32
C HIS G 151 -7.58 -18.98 -46.99
N PRO G 152 -8.62 -18.73 -46.21
CA PRO G 152 -8.81 -19.51 -44.98
C PRO G 152 -8.96 -20.99 -45.29
N ALA G 153 -8.34 -21.81 -44.44
CA ALA G 153 -8.46 -23.25 -44.63
C ALA G 153 -9.87 -23.73 -44.36
N SER G 154 -10.44 -23.32 -43.23
CA SER G 154 -11.80 -23.71 -42.85
C SER G 154 -12.66 -22.48 -42.73
N LYS G 155 -13.87 -22.67 -42.20
CA LYS G 155 -14.91 -21.66 -42.35
C LYS G 155 -14.92 -20.66 -41.20
N GLN G 156 -14.35 -21.03 -40.05
CA GLN G 156 -14.32 -20.08 -38.93
C GLN G 156 -13.53 -18.83 -39.32
N ARG G 157 -12.39 -19.02 -39.99
CA ARG G 157 -11.76 -17.91 -40.69
C ARG G 157 -12.53 -17.65 -41.98
N SER G 158 -12.60 -16.40 -42.38
CA SER G 158 -13.40 -15.98 -43.52
C SER G 158 -12.49 -15.48 -44.63
N GLU G 159 -12.94 -15.61 -45.87
CA GLU G 159 -12.25 -15.02 -47.00
C GLU G 159 -12.45 -13.52 -47.02
N GLY G 160 -11.43 -12.80 -47.49
CA GLY G 160 -11.51 -11.35 -47.58
C GLY G 160 -11.58 -10.66 -46.24
N GLU G 161 -10.85 -11.17 -45.25
CA GLU G 161 -10.75 -10.52 -43.95
C GLU G 161 -9.29 -10.58 -43.48
N LYS G 162 -9.07 -10.15 -42.25
CA LYS G 162 -7.71 -10.03 -41.75
C LYS G 162 -7.15 -11.39 -41.36
N VAL G 163 -5.88 -11.62 -41.70
CA VAL G 163 -5.25 -12.89 -41.37
C VAL G 163 -4.69 -12.82 -39.96
N ARG G 164 -4.84 -13.92 -39.22
CA ARG G 164 -4.39 -14.00 -37.83
C ARG G 164 -3.10 -14.81 -37.76
N VAL G 165 -2.38 -14.69 -36.64
CA VAL G 165 -1.18 -15.49 -36.44
C VAL G 165 -1.56 -16.95 -36.27
N GLY G 166 -0.69 -17.84 -36.74
CA GLY G 166 -0.90 -19.27 -36.57
C GLY G 166 -2.03 -19.86 -37.39
N ASP G 167 -2.59 -19.08 -38.32
CA ASP G 167 -3.72 -19.55 -39.10
C ASP G 167 -3.28 -20.65 -40.07
N ASP G 168 -4.25 -21.37 -40.59
CA ASP G 168 -3.97 -22.41 -41.58
C ASP G 168 -4.31 -21.89 -42.97
N LEU G 169 -3.30 -21.82 -43.84
CA LEU G 169 -3.45 -21.21 -45.15
C LEU G 169 -3.08 -22.21 -46.24
N ILE G 170 -3.87 -22.18 -47.31
CA ILE G 170 -3.65 -23.05 -48.46
C ILE G 170 -3.52 -22.14 -49.69
N LEU G 171 -2.49 -22.39 -50.51
CA LEU G 171 -2.00 -21.39 -51.45
C LEU G 171 -1.85 -21.99 -52.83
N VAL G 172 -2.44 -21.34 -53.83
CA VAL G 172 -2.19 -21.62 -55.24
C VAL G 172 -1.30 -20.53 -55.81
N SER G 173 -0.23 -20.93 -56.49
CA SER G 173 0.47 -19.98 -57.34
C SER G 173 -0.40 -19.61 -58.52
N VAL G 174 -0.51 -18.31 -58.78
CA VAL G 174 -1.64 -17.80 -59.56
C VAL G 174 -1.59 -18.34 -61.00
N SER G 175 -0.44 -18.21 -61.66
CA SER G 175 -0.34 -18.78 -63.00
C SER G 175 -0.48 -20.29 -62.93
N SER G 176 0.14 -20.90 -61.92
CA SER G 176 -0.02 -22.33 -61.72
C SER G 176 -1.46 -22.70 -61.41
N GLU G 177 -2.11 -21.90 -60.57
CA GLU G 177 -3.36 -22.31 -59.92
C GLU G 177 -3.16 -23.67 -59.23
N ARG G 178 -1.94 -23.90 -58.77
CA ARG G 178 -1.53 -25.15 -58.16
C ARG G 178 -1.28 -24.92 -56.69
N TYR G 179 -1.98 -25.68 -55.85
CA TYR G 179 -1.75 -25.59 -54.42
C TYR G 179 -0.37 -26.13 -54.07
N LEU G 180 0.26 -25.53 -53.06
CA LEU G 180 1.54 -26.03 -52.61
C LEU G 180 1.35 -27.40 -51.98
N HIS G 181 2.22 -28.34 -52.35
CA HIS G 181 2.00 -29.74 -52.02
C HIS G 181 3.33 -30.45 -51.85
N LEU G 182 3.28 -31.59 -51.15
CA LEU G 182 4.44 -32.44 -50.92
C LEU G 182 4.35 -33.66 -51.82
N SER G 183 5.40 -33.90 -52.61
CA SER G 183 5.45 -35.04 -53.50
C SER G 183 5.74 -36.28 -52.67
N THR G 184 4.72 -36.83 -52.03
CA THR G 184 4.87 -38.07 -51.28
C THR G 184 5.16 -39.25 -52.19
N ALA G 185 4.97 -39.09 -53.50
CA ALA G 185 5.45 -40.11 -54.43
C ALA G 185 6.94 -40.35 -54.24
N SER G 186 7.70 -39.28 -54.14
CA SER G 186 9.04 -39.39 -53.58
C SER G 186 8.92 -39.87 -52.15
N GLY G 187 9.75 -40.85 -51.78
CA GLY G 187 9.67 -41.39 -50.44
C GLY G 187 9.83 -40.32 -49.37
N GLU G 188 10.80 -39.44 -49.56
CA GLU G 188 10.87 -38.23 -48.74
C GLU G 188 9.86 -37.22 -49.25
N LEU G 189 9.32 -36.42 -48.34
CA LEU G 189 8.44 -35.34 -48.76
C LEU G 189 9.22 -34.30 -49.55
N GLN G 190 8.74 -33.99 -50.74
CA GLN G 190 9.35 -33.00 -51.61
C GLN G 190 8.28 -32.03 -52.08
N VAL G 191 8.53 -30.73 -51.91
CA VAL G 191 7.51 -29.74 -52.20
C VAL G 191 7.27 -29.66 -53.70
N ASP G 192 6.00 -29.53 -54.07
CA ASP G 192 5.60 -29.44 -55.46
C ASP G 192 4.33 -28.60 -55.57
N ALA G 193 4.24 -27.82 -56.63
CA ALA G 193 3.07 -27.01 -56.91
C ALA G 193 2.08 -27.85 -57.70
N SER G 194 0.99 -28.23 -57.06
CA SER G 194 0.00 -29.11 -57.69
C SER G 194 -1.39 -28.57 -57.42
N PHE G 195 -2.32 -28.91 -58.31
CA PHE G 195 -3.71 -28.50 -58.10
C PHE G 195 -4.24 -29.02 -56.78
N MET G 196 -3.86 -30.23 -56.40
CA MET G 196 -4.27 -30.75 -55.09
C MET G 196 -3.58 -29.97 -53.98
N GLN G 197 -4.22 -29.94 -52.81
CA GLN G 197 -3.90 -29.00 -51.75
C GLN G 197 -3.09 -29.69 -50.66
N THR G 198 -2.15 -28.94 -50.08
CA THR G 198 -1.48 -29.30 -48.84
C THR G 198 -1.39 -28.06 -47.96
N LEU G 199 -1.91 -28.19 -46.74
CA LEU G 199 -2.06 -27.03 -45.87
C LEU G 199 -0.68 -26.48 -45.49
N TRP G 200 -0.63 -25.18 -45.23
CA TRP G 200 0.60 -24.49 -44.83
C TRP G 200 0.29 -23.51 -43.71
N ASN G 201 1.10 -23.55 -42.65
CA ASN G 201 0.86 -22.73 -41.47
C ASN G 201 1.99 -21.73 -41.25
N MET G 202 1.62 -20.52 -40.88
CA MET G 202 2.52 -19.38 -40.74
C MET G 202 2.90 -19.22 -39.28
N ASN G 203 4.19 -18.96 -39.03
CA ASN G 203 4.72 -18.77 -37.70
C ASN G 203 5.67 -17.57 -37.73
N PRO G 204 5.43 -16.54 -36.92
CA PRO G 204 6.26 -15.33 -36.99
C PRO G 204 7.66 -15.59 -36.47
N ILE G 205 8.64 -14.90 -37.06
CA ILE G 205 9.99 -14.94 -36.50
C ILE G 205 10.31 -13.64 -35.78
N CYS G 206 10.16 -12.51 -36.47
CA CYS G 206 10.40 -11.20 -35.89
C CYS G 206 9.55 -10.18 -36.62
N SER G 207 9.09 -9.17 -35.87
CA SER G 207 8.21 -8.16 -36.42
C SER G 207 8.86 -6.79 -36.53
N CYS G 208 9.33 -6.24 -35.42
CA CYS G 208 9.94 -4.91 -35.43
C CYS G 208 10.99 -4.86 -34.34
N CYS G 209 12.18 -4.42 -34.73
CA CYS G 209 13.32 -4.33 -33.83
C CYS G 209 13.72 -2.87 -33.67
N GLU G 210 13.83 -2.42 -32.43
CA GLU G 210 14.21 -1.05 -32.17
C GLU G 210 15.67 -0.84 -32.51
N GLU G 211 16.07 0.42 -32.67
CA GLU G 211 17.47 0.71 -32.96
C GLU G 211 18.35 0.16 -31.84
N GLY G 212 19.46 -0.45 -32.24
CA GLY G 212 20.22 -1.20 -31.26
C GLY G 212 19.38 -2.36 -30.75
N TYR G 213 19.54 -2.65 -29.47
CA TYR G 213 18.65 -3.58 -28.78
C TYR G 213 18.61 -4.96 -29.42
N VAL G 214 19.68 -5.75 -29.24
CA VAL G 214 19.83 -7.02 -29.94
C VAL G 214 18.53 -7.81 -29.96
N THR G 215 18.29 -8.46 -31.09
CA THR G 215 17.14 -9.33 -31.28
C THR G 215 17.63 -10.64 -31.87
N GLY G 216 16.84 -11.69 -31.67
CA GLY G 216 17.20 -12.98 -32.23
C GLY G 216 17.24 -12.95 -33.74
N GLY G 217 17.96 -13.90 -34.32
CA GLY G 217 18.03 -14.02 -35.76
C GLY G 217 18.91 -13.01 -36.46
N HIS G 218 19.76 -12.30 -35.72
CA HIS G 218 20.66 -11.31 -36.31
C HIS G 218 22.10 -11.72 -36.05
N VAL G 219 22.91 -11.71 -37.10
CA VAL G 219 24.32 -12.06 -36.98
C VAL G 219 25.03 -10.98 -36.15
N LEU G 220 26.07 -11.39 -35.44
CA LEU G 220 26.71 -10.52 -34.45
C LEU G 220 28.17 -10.88 -34.31
N ARG G 221 28.94 -9.93 -33.79
CA ARG G 221 30.34 -10.13 -33.46
C ARG G 221 30.57 -9.67 -32.02
N LEU G 222 31.34 -10.44 -31.27
CA LEU G 222 31.50 -10.24 -29.83
C LEU G 222 32.96 -10.06 -29.48
N PHE G 223 33.26 -9.02 -28.70
CA PHE G 223 34.62 -8.69 -28.30
C PHE G 223 34.76 -8.86 -26.79
N HIS G 224 35.55 -9.85 -26.38
CA HIS G 224 35.81 -10.05 -24.96
C HIS G 224 36.54 -8.86 -24.37
N GLY G 225 37.56 -8.37 -25.07
CA GLY G 225 38.20 -7.14 -24.66
C GLY G 225 37.44 -5.92 -25.16
N HIS G 226 37.95 -4.75 -24.76
CA HIS G 226 37.34 -3.48 -25.16
C HIS G 226 37.83 -3.11 -26.57
N MET G 227 37.27 -3.81 -27.55
CA MET G 227 37.53 -3.68 -28.97
C MET G 227 38.95 -4.08 -29.35
N ASP G 228 39.78 -4.47 -28.39
CA ASP G 228 41.15 -4.87 -28.73
C ASP G 228 41.17 -6.24 -29.40
N GLU G 229 40.20 -7.09 -29.08
CA GLU G 229 40.19 -8.46 -29.58
C GLU G 229 38.77 -9.01 -29.56
N CYS G 230 38.56 -10.05 -30.37
CA CYS G 230 37.24 -10.65 -30.55
C CYS G 230 37.34 -12.17 -30.54
N LEU G 231 36.21 -12.80 -30.26
CA LEU G 231 36.17 -14.27 -30.26
C LEU G 231 36.07 -14.80 -31.68
N THR G 232 36.96 -15.72 -32.02
CA THR G 232 37.03 -16.25 -33.38
C THR G 232 37.50 -17.69 -33.36
N ILE G 233 37.20 -18.40 -34.44
CA ILE G 233 37.75 -19.74 -34.65
C ILE G 233 39.21 -19.61 -35.08
N SER G 234 39.90 -20.75 -35.10
CA SER G 234 41.24 -20.78 -35.63
C SER G 234 41.23 -20.47 -37.12
N ALA G 235 42.38 -20.02 -37.63
CA ALA G 235 42.49 -19.75 -39.05
C ALA G 235 42.31 -21.02 -39.85
N ALA G 236 41.88 -20.86 -41.10
CA ALA G 236 41.60 -22.00 -41.95
C ALA G 236 42.86 -22.83 -42.18
N ASP G 237 42.66 -24.09 -42.54
CA ASP G 237 43.69 -25.10 -42.79
C ASP G 237 44.52 -25.38 -41.55
N SER G 238 44.05 -25.02 -40.36
CA SER G 238 44.80 -25.31 -39.14
C SER G 238 44.70 -26.79 -38.80
N ASP G 239 45.71 -27.27 -38.06
CA ASP G 239 45.74 -28.67 -37.66
C ASP G 239 44.56 -29.00 -36.75
N ASP G 240 44.18 -28.08 -35.87
CA ASP G 240 43.05 -28.31 -34.98
C ASP G 240 41.74 -28.40 -35.73
N GLN G 241 41.74 -28.05 -37.01
CA GLN G 241 40.55 -27.97 -37.85
C GLN G 241 39.56 -26.93 -37.33
N ARG G 242 40.07 -25.87 -36.71
CA ARG G 242 39.31 -24.74 -36.20
C ARG G 242 38.31 -25.17 -35.12
N ARG G 243 38.48 -26.34 -34.51
CA ARG G 243 37.62 -26.72 -33.40
C ARG G 243 37.82 -25.79 -32.21
N LEU G 244 39.07 -25.44 -31.92
CA LEU G 244 39.40 -24.61 -30.78
C LEU G 244 39.21 -23.14 -31.14
N VAL G 245 38.52 -22.40 -30.28
CA VAL G 245 38.26 -20.97 -30.46
C VAL G 245 39.08 -20.22 -29.43
N TYR G 246 39.86 -19.25 -29.90
CA TYR G 246 40.75 -18.48 -29.05
C TYR G 246 40.40 -17.01 -29.18
N TYR G 247 40.51 -16.28 -28.06
CA TYR G 247 40.29 -14.84 -28.10
C TYR G 247 41.45 -14.18 -28.82
N GLU G 248 41.18 -13.64 -30.01
CA GLU G 248 42.22 -13.12 -30.88
C GLU G 248 41.84 -11.73 -31.34
N GLY G 249 42.86 -10.89 -31.54
CA GLY G 249 42.65 -9.53 -32.00
C GLY G 249 43.52 -9.16 -33.18
N GLY G 250 42.96 -8.38 -34.10
CA GLY G 250 43.71 -7.96 -35.27
C GLY G 250 42.80 -7.86 -36.48
N ALA G 251 43.37 -8.20 -37.63
CA ALA G 251 42.57 -8.25 -38.85
C ALA G 251 41.48 -9.29 -38.76
N VAL G 252 41.66 -10.30 -37.89
CA VAL G 252 40.63 -11.31 -37.71
C VAL G 252 39.33 -10.67 -37.25
N CYS G 253 39.43 -9.58 -36.49
CA CYS G 253 38.24 -8.88 -36.04
C CYS G 253 37.39 -8.39 -37.21
N THR G 254 38.05 -7.86 -38.25
CA THR G 254 37.34 -7.52 -39.47
C THR G 254 36.95 -8.77 -40.24
N HIS G 255 37.69 -9.86 -40.05
CA HIS G 255 37.47 -11.05 -40.84
C HIS G 255 36.16 -11.74 -40.47
N ALA G 256 35.74 -12.65 -41.34
CA ALA G 256 34.47 -13.33 -41.16
C ALA G 256 34.56 -14.40 -40.08
N ARG G 257 35.74 -14.99 -39.91
CA ARG G 257 35.89 -16.03 -38.90
C ARG G 257 35.57 -15.51 -37.50
N SER G 258 35.75 -14.21 -37.28
CA SER G 258 35.38 -13.62 -36.00
C SER G 258 33.88 -13.44 -35.89
N LEU G 259 33.18 -13.38 -37.02
CA LEU G 259 31.73 -13.27 -37.01
C LEU G 259 31.12 -14.56 -36.48
N TRP G 260 30.03 -14.44 -35.74
CA TRP G 260 29.36 -15.59 -35.17
C TRP G 260 27.87 -15.49 -35.39
N ARG G 261 27.20 -16.65 -35.36
CA ARG G 261 25.77 -16.74 -35.53
C ARG G 261 25.14 -17.25 -34.24
N LEU G 262 24.08 -16.59 -33.80
CA LEU G 262 23.42 -16.90 -32.54
C LEU G 262 21.93 -17.09 -32.79
N GLU G 263 21.38 -18.22 -32.32
CA GLU G 263 19.98 -18.52 -32.52
C GLU G 263 19.34 -18.95 -31.21
N PRO G 264 18.07 -18.62 -30.98
CA PRO G 264 17.40 -19.05 -29.76
C PRO G 264 16.99 -20.51 -29.84
N LEU G 265 16.56 -21.05 -28.70
CA LEU G 265 16.11 -22.43 -28.65
C LEU G 265 14.72 -22.57 -29.28
N ARG G 266 13.76 -21.78 -28.82
CA ARG G 266 12.41 -21.88 -29.34
C ARG G 266 12.36 -21.37 -30.78
N ILE G 267 11.65 -22.13 -31.63
CA ILE G 267 11.58 -21.75 -33.04
C ILE G 267 10.69 -20.53 -33.23
N SER G 268 9.49 -20.56 -32.64
CA SER G 268 8.56 -19.45 -32.80
C SER G 268 9.12 -18.19 -32.17
N TRP G 269 8.95 -17.06 -32.86
CA TRP G 269 9.44 -15.77 -32.39
C TRP G 269 10.94 -15.83 -32.08
N SER G 270 11.67 -16.52 -32.94
CA SER G 270 13.12 -16.60 -32.76
C SER G 270 13.75 -15.22 -32.90
N GLY G 271 13.20 -14.37 -33.77
CA GLY G 271 13.75 -13.06 -33.98
C GLY G 271 13.39 -12.04 -32.92
N SER G 272 12.69 -12.46 -31.86
CA SER G 272 12.25 -11.54 -30.84
C SER G 272 13.43 -10.88 -30.13
N HIS G 273 13.12 -9.86 -29.32
CA HIS G 273 14.16 -9.27 -28.47
C HIS G 273 14.83 -10.34 -27.63
N LEU G 274 16.15 -10.39 -27.70
CA LEU G 274 16.89 -11.31 -26.86
C LEU G 274 16.74 -10.93 -25.39
N ARG G 275 16.46 -11.93 -24.56
CA ARG G 275 16.14 -11.71 -23.16
C ARG G 275 17.32 -12.10 -22.27
N TRP G 276 17.44 -11.41 -21.14
CA TRP G 276 18.54 -11.68 -20.22
C TRP G 276 18.40 -13.10 -19.67
N GLY G 277 19.48 -13.86 -19.74
CA GLY G 277 19.45 -15.25 -19.33
C GLY G 277 18.71 -16.17 -20.27
N GLN G 278 18.43 -15.75 -21.50
CA GLN G 278 17.68 -16.58 -22.42
C GLN G 278 18.51 -17.81 -22.80
N PRO G 279 17.88 -18.98 -22.93
CA PRO G 279 18.58 -20.12 -23.52
C PRO G 279 18.88 -19.84 -24.99
N LEU G 280 20.14 -20.05 -25.37
CA LEU G 280 20.60 -19.64 -26.68
C LEU G 280 21.54 -20.71 -27.23
N ARG G 281 21.59 -20.81 -28.56
CA ARG G 281 22.48 -21.75 -29.22
C ARG G 281 23.41 -20.97 -30.13
N ILE G 282 24.68 -21.35 -30.12
CA ILE G 282 25.74 -20.61 -30.82
C ILE G 282 26.30 -21.51 -31.91
N ARG G 283 26.21 -21.06 -33.16
CA ARG G 283 26.78 -21.73 -34.31
C ARG G 283 27.68 -20.75 -35.05
N HIS G 284 28.90 -21.15 -35.38
CA HIS G 284 29.78 -20.23 -36.08
C HIS G 284 29.35 -20.13 -37.54
N VAL G 285 29.29 -18.90 -38.05
CA VAL G 285 28.66 -18.66 -39.34
C VAL G 285 29.43 -19.35 -40.46
N THR G 286 30.76 -19.18 -40.48
CA THR G 286 31.53 -19.73 -41.58
C THR G 286 31.59 -21.25 -41.52
N THR G 287 31.88 -21.79 -40.33
CA THR G 287 31.93 -23.24 -40.20
C THR G 287 30.55 -23.87 -40.39
N GLY G 288 29.53 -23.25 -39.81
CA GLY G 288 28.25 -23.91 -39.69
C GLY G 288 28.17 -24.91 -38.56
N ARG G 289 29.22 -25.04 -37.77
CA ARG G 289 29.21 -25.92 -36.61
C ARG G 289 28.89 -25.12 -35.35
N TYR G 290 28.37 -25.83 -34.35
CA TYR G 290 27.87 -25.20 -33.13
C TYR G 290 28.95 -25.20 -32.05
N LEU G 291 28.88 -24.20 -31.17
CA LEU G 291 29.73 -24.18 -30.00
C LEU G 291 29.06 -24.94 -28.86
N ALA G 292 29.83 -25.84 -28.23
CA ALA G 292 29.26 -26.70 -27.20
C ALA G 292 30.38 -27.19 -26.29
N LEU G 293 29.99 -27.95 -25.27
CA LEU G 293 30.91 -28.48 -24.28
C LEU G 293 31.09 -29.97 -24.52
N THR G 294 32.34 -30.41 -24.56
CA THR G 294 32.69 -31.82 -24.61
C THR G 294 33.56 -32.16 -23.41
N GLU G 295 33.29 -33.29 -22.78
CA GLU G 295 34.03 -33.66 -21.58
C GLU G 295 35.52 -33.77 -21.86
N ASP G 296 35.88 -34.31 -23.01
CA ASP G 296 37.29 -34.48 -23.34
C ASP G 296 37.97 -33.16 -23.65
N GLN G 297 37.31 -32.31 -24.43
CA GLN G 297 37.94 -31.09 -24.94
C GLN G 297 37.40 -29.81 -24.32
N GLY G 298 36.71 -29.91 -23.19
CA GLY G 298 36.09 -28.71 -22.65
C GLY G 298 35.02 -28.22 -23.60
N LEU G 299 35.18 -26.99 -24.08
CA LEU G 299 34.27 -26.43 -25.08
C LEU G 299 35.02 -26.22 -26.39
N VAL G 300 34.46 -26.77 -27.47
CA VAL G 300 34.97 -26.58 -28.82
C VAL G 300 33.77 -26.43 -29.75
N VAL G 301 34.05 -25.92 -30.95
CA VAL G 301 33.00 -25.83 -31.96
C VAL G 301 32.74 -27.21 -32.52
N VAL G 302 31.47 -27.64 -32.48
CA VAL G 302 31.09 -28.99 -32.83
C VAL G 302 30.05 -28.98 -33.93
N ASP G 303 30.01 -30.05 -34.71
CA ASP G 303 29.05 -30.18 -35.79
C ASP G 303 27.64 -30.22 -35.23
N ALA G 304 26.68 -29.78 -36.05
CA ALA G 304 25.29 -29.73 -35.61
C ALA G 304 24.75 -31.11 -35.29
N CYS G 305 25.08 -32.11 -36.11
CA CYS G 305 24.63 -33.46 -35.84
C CYS G 305 25.17 -33.96 -34.50
N LYS G 306 26.44 -33.67 -34.22
CA LYS G 306 27.01 -34.05 -32.93
C LYS G 306 26.41 -33.23 -31.81
N ALA G 307 25.90 -32.04 -32.11
CA ALA G 307 25.38 -31.15 -31.08
C ALA G 307 24.18 -31.78 -30.40
N HIS G 308 24.16 -31.71 -29.08
CA HIS G 308 23.18 -32.39 -28.25
C HIS G 308 22.14 -31.42 -27.68
N THR G 309 22.30 -30.12 -27.94
CA THR G 309 21.30 -29.07 -27.72
C THR G 309 21.16 -28.74 -26.24
N LYS G 310 21.75 -29.53 -25.36
CA LYS G 310 21.73 -29.16 -23.95
C LYS G 310 23.13 -28.73 -23.51
N ALA G 311 24.13 -29.58 -23.75
CA ALA G 311 25.50 -29.11 -23.65
C ALA G 311 25.78 -28.02 -24.66
N THR G 312 25.04 -28.03 -25.78
CA THR G 312 25.17 -26.98 -26.77
C THR G 312 24.50 -25.69 -26.31
N SER G 313 23.48 -25.80 -25.47
CA SER G 313 22.72 -24.63 -25.05
C SER G 313 23.53 -23.77 -24.09
N PHE G 314 23.58 -22.47 -24.38
CA PHE G 314 24.26 -21.49 -23.54
C PHE G 314 23.30 -20.34 -23.27
N CYS G 315 23.55 -19.62 -22.18
CA CYS G 315 22.73 -18.47 -21.81
C CYS G 315 23.62 -17.26 -21.64
N PHE G 316 23.07 -16.08 -21.94
CA PHE G 316 23.82 -14.85 -21.81
C PHE G 316 23.33 -14.08 -20.58
N ARG G 317 24.28 -13.57 -19.80
CA ARG G 317 23.98 -13.00 -18.49
C ARG G 317 24.53 -11.59 -18.38
N VAL G 318 23.77 -10.71 -17.72
CA VAL G 318 24.25 -9.36 -17.47
C VAL G 318 25.11 -9.32 -16.21
N SER G 319 25.02 -10.35 -15.38
CA SER G 319 25.61 -10.35 -14.05
C SER G 319 26.44 -11.61 -13.84
N LYS G 320 27.61 -11.44 -13.23
CA LYS G 320 28.43 -12.60 -12.89
C LYS G 320 27.83 -13.41 -11.76
N GLU G 321 27.40 -12.74 -10.68
CA GLU G 321 26.80 -13.46 -9.57
C GLU G 321 25.50 -14.11 -10.03
N LYS G 322 25.23 -15.29 -9.50
CA LYS G 322 24.21 -16.17 -10.06
C LYS G 322 23.16 -16.48 -9.00
N LEU G 323 21.90 -16.24 -9.34
CA LEU G 323 20.81 -16.74 -8.51
C LEU G 323 20.01 -17.80 -9.25
N ASP G 324 19.73 -17.58 -10.54
CA ASP G 324 19.02 -18.51 -11.42
C ASP G 324 17.80 -19.14 -10.77
N THR G 325 17.07 -18.39 -9.94
CA THR G 325 16.03 -18.99 -9.12
C THR G 325 14.79 -19.33 -9.95
N ALA G 326 14.15 -18.31 -10.53
CA ALA G 326 12.90 -18.50 -11.24
C ALA G 326 13.11 -18.25 -12.73
N PRO G 327 12.78 -19.21 -13.59
CA PRO G 327 12.90 -18.98 -15.03
C PRO G 327 11.87 -17.97 -15.52
N LYS G 328 12.29 -17.15 -16.46
CA LYS G 328 11.39 -16.18 -17.07
C LYS G 328 10.31 -16.90 -17.87
N ARG G 329 9.12 -16.31 -17.87
CA ARG G 329 8.01 -16.88 -18.64
C ARG G 329 8.19 -16.57 -20.12
N ASP G 330 7.99 -17.59 -20.95
CA ASP G 330 8.11 -17.39 -22.39
C ASP G 330 7.01 -16.47 -22.89
N VAL G 331 7.38 -15.54 -23.76
CA VAL G 331 6.45 -14.54 -24.28
C VAL G 331 6.48 -14.61 -25.80
N GLU G 332 5.29 -14.70 -26.40
CA GLU G 332 5.17 -14.58 -27.83
C GLU G 332 5.14 -13.10 -28.22
N GLY G 333 5.41 -12.84 -29.50
CA GLY G 333 5.52 -11.48 -29.95
C GLY G 333 6.95 -10.98 -29.94
N MET G 334 7.08 -9.66 -29.98
CA MET G 334 8.41 -9.06 -30.08
C MET G 334 9.15 -9.16 -28.76
N GLY G 335 8.41 -9.12 -27.65
CA GLY G 335 8.98 -9.30 -26.33
C GLY G 335 9.58 -8.03 -25.78
N PRO G 336 9.87 -8.01 -24.48
CA PRO G 336 10.59 -6.89 -23.90
C PRO G 336 12.01 -6.84 -24.42
N PRO G 337 12.56 -5.66 -24.66
CA PRO G 337 13.95 -5.57 -25.11
C PRO G 337 14.93 -5.53 -23.93
N GLU G 338 15.81 -6.53 -23.84
CA GLU G 338 16.71 -6.59 -22.69
C GLU G 338 18.07 -6.01 -23.01
N ILE G 339 18.76 -6.58 -24.00
CA ILE G 339 20.15 -6.28 -24.28
C ILE G 339 20.21 -5.35 -25.48
N LYS G 340 21.19 -4.46 -25.49
CA LYS G 340 21.31 -3.43 -26.51
C LYS G 340 22.42 -3.77 -27.49
N TYR G 341 22.17 -3.50 -28.76
CA TYR G 341 23.06 -3.94 -29.82
C TYR G 341 24.26 -3.02 -29.93
N GLY G 342 25.40 -3.50 -29.42
CA GLY G 342 26.60 -2.69 -29.37
C GLY G 342 26.75 -1.79 -28.16
N GLU G 343 25.82 -1.86 -27.20
CA GLU G 343 25.85 -1.02 -26.02
C GLU G 343 26.03 -1.81 -24.73
N SER G 344 25.21 -2.82 -24.52
CA SER G 344 25.25 -3.56 -23.26
C SER G 344 26.46 -4.49 -23.21
N LEU G 345 26.92 -4.75 -22.00
CA LEU G 345 27.98 -5.72 -21.75
C LEU G 345 27.38 -6.91 -21.01
N CYS G 346 27.81 -8.11 -21.39
CA CYS G 346 27.11 -9.32 -21.02
C CYS G 346 28.09 -10.43 -20.65
N PHE G 347 27.67 -11.29 -19.72
CA PHE G 347 28.41 -12.51 -19.45
C PHE G 347 27.80 -13.68 -20.21
N VAL G 348 28.65 -14.61 -20.63
CA VAL G 348 28.23 -15.79 -21.37
C VAL G 348 28.33 -17.01 -20.45
N GLN G 349 27.24 -17.77 -20.37
CA GLN G 349 27.11 -18.85 -19.41
C GLN G 349 26.53 -20.09 -20.09
N HIS G 350 27.04 -21.26 -19.71
CA HIS G 350 26.47 -22.51 -20.19
C HIS G 350 25.44 -23.01 -19.19
N VAL G 351 24.21 -23.19 -19.65
CA VAL G 351 23.10 -23.48 -18.76
C VAL G 351 23.32 -24.81 -18.02
N ALA G 352 23.80 -25.82 -18.74
CA ALA G 352 24.03 -27.11 -18.10
C ALA G 352 25.25 -27.06 -17.19
N SER G 353 26.35 -26.48 -17.67
CA SER G 353 27.57 -26.45 -16.87
C SER G 353 27.45 -25.48 -15.72
N GLY G 354 26.93 -24.28 -15.96
CA GLY G 354 27.08 -23.21 -15.01
C GLY G 354 28.48 -22.64 -14.96
N LEU G 355 29.39 -23.16 -15.76
CA LEU G 355 30.79 -22.75 -15.77
C LEU G 355 30.91 -21.43 -16.52
N TRP G 356 31.74 -20.53 -15.99
CA TRP G 356 31.91 -19.22 -16.58
C TRP G 356 32.95 -19.32 -17.70
N LEU G 357 32.59 -18.82 -18.87
CA LEU G 357 33.53 -18.80 -19.99
C LEU G 357 34.52 -17.66 -19.84
N THR G 358 35.80 -18.00 -19.83
CA THR G 358 36.86 -17.00 -19.72
C THR G 358 38.03 -17.41 -20.59
N TYR G 359 39.00 -16.51 -20.70
CA TYR G 359 40.23 -16.81 -21.40
C TYR G 359 41.08 -17.79 -20.60
N ALA G 360 41.93 -18.52 -21.30
CA ALA G 360 42.81 -19.48 -20.64
C ALA G 360 43.91 -18.77 -19.86
N ALA G 361 44.03 -17.45 -20.03
CA ALA G 361 45.07 -16.58 -19.47
C ALA G 361 46.34 -16.77 -20.28
N PRO G 362 47.23 -15.77 -20.34
CA PRO G 362 48.43 -15.93 -21.15
C PRO G 362 49.32 -17.05 -20.64
N ASP G 363 49.51 -18.05 -21.49
CA ASP G 363 50.32 -19.20 -21.12
C ASP G 363 51.81 -18.83 -21.14
N PRO G 364 52.61 -19.49 -20.31
CA PRO G 364 54.06 -19.30 -20.42
C PRO G 364 54.56 -19.76 -21.78
N LYS G 365 55.55 -19.02 -22.30
CA LYS G 365 56.29 -19.32 -23.53
C LYS G 365 55.39 -19.03 -24.73
N ALA G 366 54.10 -18.76 -24.51
CA ALA G 366 53.22 -18.37 -25.61
C ALA G 366 53.60 -16.99 -26.14
N LEU G 367 54.11 -16.12 -25.27
CA LEU G 367 54.62 -14.83 -25.71
C LEU G 367 55.78 -15.01 -26.69
N ARG G 368 56.52 -16.11 -26.57
CA ARG G 368 57.59 -16.39 -27.51
C ARG G 368 57.04 -16.64 -28.91
N LEU G 369 55.92 -17.36 -29.00
CA LEU G 369 55.20 -17.43 -30.28
C LEU G 369 54.70 -16.05 -30.69
N GLY G 370 54.25 -15.26 -29.73
CA GLY G 370 53.66 -13.98 -30.03
C GLY G 370 52.21 -14.04 -30.45
N VAL G 371 51.56 -15.18 -30.28
CA VAL G 371 50.16 -15.30 -30.65
C VAL G 371 49.31 -14.39 -29.75
N LEU G 372 48.37 -13.69 -30.36
CA LEU G 372 47.41 -12.89 -29.63
C LEU G 372 46.15 -13.66 -29.31
N LYS G 373 46.11 -14.95 -29.65
CA LYS G 373 44.94 -15.79 -29.48
C LYS G 373 45.14 -16.71 -28.29
N LYS G 374 44.16 -16.73 -27.39
CA LYS G 374 44.21 -17.53 -26.18
C LYS G 374 42.91 -18.33 -26.04
N LYS G 375 43.07 -19.62 -25.75
CA LYS G 375 41.95 -20.56 -25.79
C LYS G 375 40.85 -20.14 -24.83
N ALA G 376 39.60 -20.27 -25.29
CA ALA G 376 38.46 -20.08 -24.42
C ALA G 376 38.30 -21.28 -23.49
N ILE G 377 38.19 -21.01 -22.20
CA ILE G 377 38.09 -22.06 -21.19
C ILE G 377 36.90 -21.77 -20.28
N LEU G 378 36.36 -22.82 -19.68
CA LEU G 378 35.24 -22.71 -18.77
C LEU G 378 35.79 -22.75 -17.35
N HIS G 379 35.55 -21.68 -16.60
CA HIS G 379 36.07 -21.53 -15.25
C HIS G 379 34.93 -21.29 -14.27
N GLN G 380 34.98 -21.97 -13.13
CA GLN G 380 33.96 -21.74 -12.10
C GLN G 380 34.01 -20.30 -11.61
N GLU G 381 35.20 -19.82 -11.24
CA GLU G 381 35.34 -18.43 -10.85
C GLU G 381 35.36 -17.53 -12.07
N GLY G 382 35.89 -18.02 -13.19
CA GLY G 382 35.96 -17.19 -14.37
C GLY G 382 37.13 -16.23 -14.30
N HIS G 383 36.83 -14.97 -14.64
CA HIS G 383 37.81 -13.90 -14.56
C HIS G 383 37.09 -12.57 -14.47
N MET G 384 37.86 -11.50 -14.27
CA MET G 384 37.29 -10.17 -14.18
C MET G 384 36.66 -9.76 -15.50
N ASP G 385 37.31 -10.08 -16.62
CA ASP G 385 36.87 -9.65 -17.94
C ASP G 385 35.86 -10.60 -18.57
N ASP G 386 35.12 -11.37 -17.76
CA ASP G 386 34.14 -12.29 -18.32
C ASP G 386 33.00 -11.54 -18.99
N ALA G 387 32.82 -10.27 -18.65
CA ALA G 387 31.83 -9.46 -19.35
C ALA G 387 32.20 -9.34 -20.81
N LEU G 388 31.27 -9.75 -21.68
CA LEU G 388 31.51 -9.83 -23.11
C LEU G 388 30.79 -8.68 -23.79
N PHE G 389 31.56 -7.85 -24.51
CA PHE G 389 30.93 -6.79 -25.28
C PHE G 389 30.58 -7.30 -26.66
N LEU G 390 29.51 -6.75 -27.23
CA LEU G 390 28.87 -7.27 -28.41
C LEU G 390 28.79 -6.18 -29.46
N THR G 391 28.86 -6.56 -30.73
CA THR G 391 28.83 -5.60 -31.84
C THR G 391 27.87 -6.06 -32.92
N ARG G 392 27.35 -5.10 -33.68
CA ARG G 392 26.48 -5.40 -34.80
C ARG G 392 27.29 -5.88 -36.00
N CYS G 393 26.79 -6.92 -36.64
CA CYS G 393 27.36 -7.43 -37.89
C CYS G 393 26.80 -6.62 -39.05
N GLN G 394 27.30 -6.88 -40.25
CA GLN G 394 26.85 -6.13 -41.41
C GLN G 394 26.16 -7.08 -42.38
N GLN G 395 25.07 -6.59 -43.00
CA GLN G 395 24.14 -7.47 -43.69
C GLN G 395 24.80 -8.23 -44.85
N GLU G 396 25.43 -7.51 -45.76
CA GLU G 396 25.99 -8.18 -46.93
C GLU G 396 27.19 -9.03 -46.54
N GLU G 397 27.91 -8.62 -45.50
CA GLU G 397 28.98 -9.47 -44.99
C GLU G 397 28.44 -10.80 -44.49
N SER G 398 27.36 -10.78 -43.73
CA SER G 398 26.76 -12.02 -43.24
C SER G 398 26.24 -12.86 -44.41
N GLN G 399 25.61 -12.20 -45.39
CA GLN G 399 25.16 -12.92 -46.58
C GLN G 399 26.33 -13.60 -47.26
N ALA G 400 27.43 -12.87 -47.43
CA ALA G 400 28.62 -13.46 -48.05
C ALA G 400 29.11 -14.65 -47.26
N ALA G 401 29.16 -14.53 -45.94
CA ALA G 401 29.66 -15.64 -45.13
C ALA G 401 28.79 -16.88 -45.26
N ARG G 402 27.47 -16.68 -45.24
CA ARG G 402 26.56 -17.81 -45.43
C ARG G 402 26.79 -18.49 -46.77
N MET G 403 26.85 -17.69 -47.83
CA MET G 403 27.02 -18.28 -49.16
C MET G 403 28.39 -18.93 -49.28
N ILE G 404 29.41 -18.37 -48.62
CA ILE G 404 30.73 -18.98 -48.62
C ILE G 404 30.69 -20.33 -47.94
N HIS G 405 29.98 -20.42 -46.81
CA HIS G 405 29.89 -21.72 -46.14
C HIS G 405 29.22 -22.75 -47.04
N SER G 406 28.10 -22.39 -47.66
CA SER G 406 27.43 -23.34 -48.54
C SER G 406 28.33 -23.73 -49.70
N THR G 407 29.02 -22.74 -50.28
CA THR G 407 29.93 -22.99 -51.39
C THR G 407 31.05 -23.94 -50.98
N ALA G 408 31.64 -23.71 -49.81
CA ALA G 408 32.72 -24.55 -49.34
C ALA G 408 32.26 -25.98 -49.13
N GLY G 409 31.08 -26.15 -48.52
CA GLY G 409 30.58 -27.50 -48.32
C GLY G 409 30.35 -28.23 -49.63
N LEU G 410 29.68 -27.56 -50.58
CA LEU G 410 29.38 -28.23 -51.83
C LEU G 410 30.66 -28.53 -52.61
N TYR G 411 31.64 -27.64 -52.56
CA TYR G 411 32.86 -27.89 -53.31
C TYR G 411 33.71 -28.96 -52.66
N ASN G 412 33.70 -29.03 -51.32
CA ASN G 412 34.40 -30.12 -50.66
C ASN G 412 33.79 -31.45 -51.04
N GLN G 413 32.46 -31.53 -51.07
CA GLN G 413 31.82 -32.77 -51.48
C GLN G 413 32.15 -33.10 -52.93
N PHE G 414 32.14 -32.10 -53.80
CA PHE G 414 32.43 -32.33 -55.21
C PHE G 414 33.86 -32.81 -55.42
N ILE G 415 34.81 -32.20 -54.71
CA ILE G 415 36.20 -32.65 -54.74
C ILE G 415 36.31 -34.08 -54.22
N LYS G 416 35.56 -34.39 -53.15
CA LYS G 416 35.55 -35.75 -52.64
C LYS G 416 35.11 -36.73 -53.71
N GLY G 417 34.07 -36.37 -54.47
CA GLY G 417 33.64 -37.23 -55.57
C GLY G 417 34.71 -37.38 -56.63
N LEU G 418 35.38 -36.27 -56.98
CA LEU G 418 36.46 -36.36 -57.95
C LEU G 418 37.52 -37.34 -57.51
N ASP G 419 38.00 -37.20 -56.26
CA ASP G 419 38.98 -38.15 -55.74
C ASP G 419 38.40 -39.56 -55.70
N SER G 420 37.08 -39.67 -55.52
CA SER G 420 36.44 -40.98 -55.49
C SER G 420 36.61 -41.70 -56.81
N PHE G 421 36.27 -41.05 -57.93
CA PHE G 421 36.47 -41.75 -59.19
C PHE G 421 37.86 -41.55 -59.77
N SER G 422 38.68 -40.72 -59.14
CA SER G 422 40.03 -40.50 -59.64
C SER G 422 40.87 -41.77 -59.59
N GLY G 423 40.74 -42.52 -58.49
CA GLY G 423 41.63 -43.66 -58.28
C GLY G 423 41.48 -44.73 -59.34
N LYS G 424 40.25 -45.02 -59.74
CA LYS G 424 39.98 -46.14 -60.63
C LYS G 424 39.47 -45.64 -61.97
N PRO G 425 40.07 -46.08 -63.08
CA PRO G 425 39.46 -45.82 -64.39
C PRO G 425 38.19 -46.64 -64.54
N ARG G 426 37.08 -45.95 -64.83
CA ARG G 426 35.80 -46.63 -64.92
C ARG G 426 35.79 -47.64 -66.07
N GLY G 427 36.34 -47.27 -67.21
CA GLY G 427 36.31 -48.16 -68.35
C GLY G 427 34.89 -48.38 -68.82
N SER G 428 34.63 -49.56 -69.40
CA SER G 428 33.32 -49.91 -69.93
C SER G 428 32.46 -50.50 -68.80
N GLY G 429 32.09 -49.63 -67.88
CA GLY G 429 31.24 -50.01 -66.77
C GLY G 429 30.49 -48.82 -66.23
N PRO G 430 29.81 -48.99 -65.09
CA PRO G 430 29.20 -47.85 -64.43
C PRO G 430 30.24 -47.06 -63.66
N PRO G 431 30.03 -45.75 -63.49
CA PRO G 431 31.00 -44.95 -62.72
C PRO G 431 31.16 -45.42 -61.28
N ALA G 432 30.12 -46.08 -60.73
CA ALA G 432 30.15 -46.67 -59.39
C ALA G 432 30.36 -45.65 -58.29
N GLY G 433 30.10 -44.38 -58.57
CA GLY G 433 30.20 -43.34 -57.58
C GLY G 433 28.97 -42.46 -57.56
N PRO G 434 28.73 -41.77 -56.44
CA PRO G 434 27.62 -40.83 -56.38
C PRO G 434 27.76 -39.76 -57.46
N ALA G 435 26.63 -39.39 -58.04
CA ALA G 435 26.64 -38.46 -59.17
C ALA G 435 27.26 -37.13 -58.77
N LEU G 436 28.14 -36.62 -59.63
CA LEU G 436 28.73 -35.32 -59.38
C LEU G 436 27.65 -34.25 -59.39
N PRO G 437 27.74 -33.27 -58.51
CA PRO G 437 26.76 -32.17 -58.54
C PRO G 437 27.08 -31.19 -59.66
N ILE G 438 26.93 -31.67 -60.90
CA ILE G 438 27.37 -30.88 -62.04
C ILE G 438 26.53 -29.62 -62.20
N GLU G 439 25.23 -29.77 -62.35
CA GLU G 439 24.36 -28.59 -62.45
C GLU G 439 24.53 -27.69 -61.24
N ALA G 440 24.76 -28.28 -60.07
CA ALA G 440 24.95 -27.50 -58.87
C ALA G 440 26.18 -26.61 -58.98
N VAL G 441 27.30 -27.17 -59.44
CA VAL G 441 28.52 -26.37 -59.53
C VAL G 441 28.39 -25.32 -60.64
N ILE G 442 27.71 -25.67 -61.74
CA ILE G 442 27.49 -24.66 -62.77
C ILE G 442 26.70 -23.49 -62.21
N LEU G 443 25.63 -23.76 -61.48
CA LEU G 443 24.84 -22.68 -60.91
C LEU G 443 25.64 -21.89 -59.88
N SER G 444 26.43 -22.59 -59.07
CA SER G 444 27.24 -21.90 -58.06
C SER G 444 28.25 -20.97 -58.71
N LEU G 445 28.97 -21.46 -59.72
CA LEU G 445 29.91 -20.59 -60.44
C LEU G 445 29.20 -19.42 -61.08
N GLN G 446 28.05 -19.66 -61.72
CA GLN G 446 27.35 -18.57 -62.38
C GLN G 446 26.94 -17.50 -61.39
N ASP G 447 26.38 -17.91 -60.24
CA ASP G 447 26.02 -16.94 -59.22
C ASP G 447 27.24 -16.22 -58.69
N LEU G 448 28.37 -16.92 -58.56
CA LEU G 448 29.59 -16.29 -58.06
C LEU G 448 30.10 -15.23 -59.03
N ILE G 449 30.07 -15.51 -60.33
CA ILE G 449 30.44 -14.49 -61.29
C ILE G 449 29.49 -13.30 -61.20
N GLY G 450 28.18 -13.57 -61.15
CA GLY G 450 27.22 -12.49 -61.09
C GLY G 450 27.40 -11.63 -59.85
N TYR G 451 27.82 -12.25 -58.75
CA TYR G 451 27.93 -11.55 -57.49
C TYR G 451 29.33 -10.99 -57.30
N PHE G 452 30.22 -11.32 -58.23
CA PHE G 452 31.56 -10.75 -58.29
C PHE G 452 31.73 -9.79 -59.47
N GLU G 453 30.69 -9.62 -60.28
CA GLU G 453 30.85 -8.94 -61.55
C GLU G 453 31.14 -7.46 -61.30
N PRO G 454 32.26 -6.93 -61.82
CA PRO G 454 32.69 -5.60 -61.42
C PRO G 454 31.72 -4.54 -61.92
N PRO G 455 31.64 -3.40 -61.25
CA PRO G 455 30.65 -2.39 -61.62
C PRO G 455 30.92 -1.83 -63.02
N SER G 456 29.83 -1.44 -63.69
CA SER G 456 29.95 -0.74 -64.96
C SER G 456 30.62 0.60 -64.75
N GLU G 457 31.54 0.94 -65.65
CA GLU G 457 32.31 2.17 -65.51
C GLU G 457 31.41 3.40 -65.70
N GLU G 458 30.24 3.22 -66.31
CA GLU G 458 29.38 4.36 -66.56
C GLU G 458 28.78 4.91 -65.27
N LEU G 459 28.75 4.10 -64.23
CA LEU G 459 28.25 4.56 -62.94
C LEU G 459 29.12 5.70 -62.42
N GLN G 460 28.51 6.62 -61.69
CA GLN G 460 29.21 7.81 -61.26
C GLN G 460 30.31 7.46 -60.26
N HIS G 461 31.15 8.45 -59.98
CA HIS G 461 32.41 8.19 -59.27
C HIS G 461 32.17 7.72 -57.85
N GLU G 462 31.23 8.34 -57.13
CA GLU G 462 31.09 8.04 -55.71
C GLU G 462 30.54 6.63 -55.47
N GLU G 463 29.42 6.28 -56.10
CA GLU G 463 28.89 4.94 -55.93
C GLU G 463 29.81 3.91 -56.58
N LYS G 464 30.52 4.31 -57.64
CA LYS G 464 31.52 3.41 -58.21
C LYS G 464 32.60 3.08 -57.19
N GLN G 465 33.13 4.09 -56.51
CA GLN G 465 34.14 3.87 -55.49
C GLN G 465 33.60 3.03 -54.34
N SER G 466 32.36 3.29 -53.93
CA SER G 466 31.76 2.49 -52.87
C SER G 466 31.64 1.04 -53.28
N LYS G 467 31.23 0.79 -54.52
CA LYS G 467 31.03 -0.58 -54.97
C LYS G 467 32.37 -1.29 -55.09
N LEU G 468 33.42 -0.59 -55.56
CA LEU G 468 34.74 -1.21 -55.58
C LEU G 468 35.26 -1.44 -54.17
N ARG G 469 34.91 -0.59 -53.21
CA ARG G 469 35.27 -0.85 -51.83
C ARG G 469 34.60 -2.12 -51.33
N SER G 470 33.33 -2.30 -51.67
CA SER G 470 32.65 -3.55 -51.37
C SER G 470 33.35 -4.72 -52.04
N LEU G 471 33.87 -4.49 -53.25
CA LEU G 471 34.62 -5.54 -53.95
C LEU G 471 35.89 -5.90 -53.18
N ARG G 472 36.60 -4.90 -52.67
CA ARG G 472 37.77 -5.17 -51.84
C ARG G 472 37.39 -6.01 -50.63
N ASN G 473 36.34 -5.60 -49.91
CA ASN G 473 35.92 -6.32 -48.73
C ASN G 473 35.55 -7.75 -49.08
N ARG G 474 34.81 -7.93 -50.17
CA ARG G 474 34.35 -9.24 -50.59
C ARG G 474 35.51 -10.15 -50.97
N GLN G 475 36.45 -9.62 -51.77
CA GLN G 475 37.62 -10.40 -52.16
C GLN G 475 38.43 -10.77 -50.94
N SER G 476 38.56 -9.85 -49.98
CA SER G 476 39.28 -10.16 -48.76
C SER G 476 38.61 -11.29 -48.00
N LEU G 477 37.27 -11.26 -47.93
CA LEU G 477 36.55 -12.31 -47.22
C LEU G 477 36.76 -13.66 -47.87
N PHE G 478 36.60 -13.73 -49.19
CA PHE G 478 36.85 -14.99 -49.88
C PHE G 478 38.30 -15.43 -49.74
N GLN G 479 39.21 -14.47 -49.60
CA GLN G 479 40.61 -14.81 -49.43
C GLN G 479 40.85 -15.47 -48.08
N GLU G 480 40.36 -14.84 -47.00
CA GLU G 480 40.57 -15.41 -45.67
C GLU G 480 39.87 -16.76 -45.55
N GLU G 481 38.70 -16.89 -46.19
CA GLU G 481 37.94 -18.13 -46.08
C GLU G 481 38.68 -19.29 -46.74
N GLY G 482 39.46 -19.01 -47.78
CA GLY G 482 40.21 -20.06 -48.45
C GLY G 482 39.61 -20.56 -49.74
N MET G 483 38.56 -19.91 -50.23
CA MET G 483 37.96 -20.31 -51.50
C MET G 483 38.98 -20.26 -52.62
N LEU G 484 39.89 -19.29 -52.61
CA LEU G 484 40.94 -19.26 -53.62
C LEU G 484 41.68 -20.59 -53.64
N SER G 485 42.17 -21.03 -52.49
CA SER G 485 42.95 -22.26 -52.43
C SER G 485 42.11 -23.46 -52.85
N LEU G 486 40.88 -23.58 -52.34
CA LEU G 486 40.13 -24.79 -52.63
C LEU G 486 39.72 -24.83 -54.09
N VAL G 487 39.42 -23.67 -54.69
CA VAL G 487 39.10 -23.66 -56.11
C VAL G 487 40.34 -24.00 -56.93
N LEU G 488 41.52 -23.55 -56.50
CA LEU G 488 42.74 -23.96 -57.19
C LEU G 488 42.91 -25.47 -57.14
N ASN G 489 42.61 -26.07 -55.99
CA ASN G 489 42.65 -27.53 -55.90
C ASN G 489 41.66 -28.16 -56.88
N CYS G 490 40.47 -27.57 -57.00
CA CYS G 490 39.51 -28.04 -57.99
C CYS G 490 40.10 -28.01 -59.39
N ILE G 491 40.70 -26.87 -59.77
CA ILE G 491 41.28 -26.75 -61.10
C ILE G 491 42.32 -27.83 -61.31
N ASP G 492 43.17 -28.05 -60.32
CA ASP G 492 44.18 -29.09 -60.45
C ASP G 492 43.53 -30.45 -60.68
N ARG G 493 42.50 -30.77 -59.89
CA ARG G 493 41.90 -32.10 -59.99
C ARG G 493 41.24 -32.32 -61.34
N LEU G 494 40.51 -31.33 -61.86
CA LEU G 494 39.99 -31.50 -63.22
C LEU G 494 41.09 -31.40 -64.26
N ASN G 495 42.24 -30.84 -63.91
CA ASN G 495 43.32 -30.71 -64.87
C ASN G 495 44.11 -32.01 -65.00
N VAL G 496 43.99 -32.90 -64.01
CA VAL G 496 44.64 -34.20 -64.15
C VAL G 496 44.08 -34.93 -65.36
N TYR G 497 42.85 -34.62 -65.75
CA TYR G 497 42.27 -35.17 -66.96
C TYR G 497 42.58 -34.24 -68.13
N THR G 498 43.06 -34.83 -69.23
CA THR G 498 43.49 -34.02 -70.37
C THR G 498 42.32 -33.52 -71.19
N THR G 499 41.53 -34.43 -71.75
CA THR G 499 40.46 -34.07 -72.66
C THR G 499 39.12 -34.48 -72.06
N ALA G 500 38.05 -34.03 -72.72
CA ALA G 500 36.71 -34.37 -72.27
C ALA G 500 36.47 -35.87 -72.32
N ALA G 501 36.81 -36.51 -73.44
CA ALA G 501 36.61 -37.96 -73.56
C ALA G 501 37.52 -38.71 -72.59
N HIS G 502 38.75 -38.25 -72.43
CA HIS G 502 39.66 -38.91 -71.50
C HIS G 502 39.13 -38.85 -70.08
N PHE G 503 38.60 -37.68 -69.68
CA PHE G 503 37.96 -37.58 -68.38
C PHE G 503 36.74 -38.47 -68.29
N ALA G 504 35.96 -38.55 -69.38
CA ALA G 504 34.80 -39.42 -69.39
C ALA G 504 35.19 -40.86 -69.13
N GLU G 505 36.35 -41.28 -69.66
CA GLU G 505 36.77 -42.66 -69.47
C GLU G 505 36.87 -43.00 -67.98
N TYR G 506 37.14 -42.00 -67.15
CA TYR G 506 37.03 -42.20 -65.71
C TYR G 506 35.61 -41.96 -65.21
N ALA G 507 34.88 -41.07 -65.87
CA ALA G 507 33.60 -40.60 -65.33
C ALA G 507 32.40 -40.95 -66.19
N GLY G 508 32.53 -40.92 -67.51
CA GLY G 508 31.40 -41.15 -68.39
C GLY G 508 30.98 -39.89 -69.14
N GLU G 509 30.34 -40.12 -70.29
CA GLU G 509 29.95 -39.01 -71.17
C GLU G 509 29.00 -38.06 -70.46
N GLU G 510 28.06 -38.60 -69.69
CA GLU G 510 27.08 -37.80 -68.97
C GLU G 510 27.74 -36.86 -67.98
N ALA G 511 28.98 -37.15 -67.58
CA ALA G 511 29.75 -36.18 -66.82
C ALA G 511 30.64 -35.35 -67.75
N ALA G 512 30.96 -35.91 -68.91
CA ALA G 512 31.97 -35.29 -69.77
C ALA G 512 31.45 -34.04 -70.45
N GLU G 513 30.20 -34.05 -70.90
CA GLU G 513 29.76 -33.02 -71.84
C GLU G 513 29.96 -31.62 -71.25
N SER G 514 29.76 -31.50 -69.94
CA SER G 514 29.86 -30.19 -69.28
C SER G 514 31.31 -29.81 -69.04
N TRP G 515 32.22 -30.79 -69.03
CA TRP G 515 33.56 -30.58 -68.50
C TRP G 515 34.25 -29.36 -69.11
N LYS G 516 34.08 -29.15 -70.42
CA LYS G 516 34.64 -27.98 -71.06
C LYS G 516 34.12 -26.70 -70.41
N GLU G 517 32.81 -26.57 -70.30
CA GLU G 517 32.23 -25.38 -69.69
C GLU G 517 32.64 -25.26 -68.23
N ILE G 518 32.73 -26.39 -67.54
CA ILE G 518 33.12 -26.36 -66.13
C ILE G 518 34.49 -25.75 -65.97
N VAL G 519 35.47 -26.23 -66.74
CA VAL G 519 36.84 -25.71 -66.54
C VAL G 519 36.92 -24.26 -66.99
N ASN G 520 36.23 -23.92 -68.10
CA ASN G 520 36.29 -22.54 -68.56
C ASN G 520 35.68 -21.58 -67.54
N LEU G 521 34.49 -21.91 -67.04
CA LEU G 521 33.84 -21.03 -66.08
C LEU G 521 34.59 -21.02 -64.75
N LEU G 522 35.28 -22.12 -64.43
CA LEU G 522 36.10 -22.15 -63.23
C LEU G 522 37.26 -21.15 -63.35
N TYR G 523 37.98 -21.20 -64.47
CA TYR G 523 39.03 -20.21 -64.69
C TYR G 523 38.46 -18.80 -64.66
N GLU G 524 37.26 -18.62 -65.18
CA GLU G 524 36.61 -17.32 -65.11
C GLU G 524 36.40 -16.90 -63.66
N LEU G 525 35.99 -17.85 -62.80
CA LEU G 525 35.83 -17.54 -61.39
C LEU G 525 37.15 -17.12 -60.76
N LEU G 526 38.23 -17.84 -61.09
CA LEU G 526 39.53 -17.43 -60.55
C LEU G 526 39.87 -16.01 -60.97
N ALA G 527 39.67 -15.70 -62.25
CA ALA G 527 39.99 -14.36 -62.74
C ALA G 527 39.16 -13.31 -62.01
N SER G 528 37.86 -13.56 -61.87
CA SER G 528 37.00 -12.60 -61.21
C SER G 528 37.41 -12.39 -59.75
N LEU G 529 37.73 -13.48 -59.06
CA LEU G 529 38.06 -13.36 -57.65
C LEU G 529 39.39 -12.63 -57.45
N ILE G 530 40.39 -12.95 -58.28
CA ILE G 530 41.72 -12.38 -58.04
C ILE G 530 41.80 -10.96 -58.57
N ARG G 531 40.95 -10.61 -59.53
CA ARG G 531 41.12 -9.33 -60.23
C ARG G 531 40.99 -8.16 -59.27
N GLY G 532 41.95 -7.24 -59.34
CA GLY G 532 41.93 -6.02 -58.59
C GLY G 532 42.27 -6.13 -57.11
N ASN G 533 42.93 -7.21 -56.69
CA ASN G 533 43.25 -7.41 -55.28
C ASN G 533 44.73 -7.72 -55.11
N ARG G 534 45.42 -6.84 -54.39
CA ARG G 534 46.82 -7.08 -54.07
C ARG G 534 46.99 -8.36 -53.28
N ALA G 535 46.13 -8.57 -52.28
CA ALA G 535 46.22 -9.79 -51.47
C ALA G 535 45.99 -11.03 -52.32
N ASN G 536 45.02 -10.96 -53.24
CA ASN G 536 44.78 -12.10 -54.13
C ASN G 536 45.99 -12.40 -54.98
N CYS G 537 46.59 -11.37 -55.59
CA CYS G 537 47.73 -11.61 -56.45
C CYS G 537 48.96 -12.03 -55.65
N ALA G 538 48.97 -11.73 -54.36
CA ALA G 538 50.13 -12.05 -53.54
C ALA G 538 50.39 -13.56 -53.50
N LEU G 539 49.34 -14.35 -53.30
CA LEU G 539 49.53 -15.80 -53.19
C LEU G 539 49.99 -16.39 -54.50
N PHE G 540 49.45 -15.90 -55.62
CA PHE G 540 49.85 -16.44 -56.92
C PHE G 540 51.33 -16.21 -57.17
N SER G 541 51.92 -15.21 -56.50
CA SER G 541 53.35 -14.98 -56.63
C SER G 541 54.15 -16.17 -56.10
N THR G 542 53.64 -16.84 -55.07
CA THR G 542 54.34 -17.99 -54.51
C THR G 542 54.53 -19.08 -55.55
N ASN G 543 53.49 -19.36 -56.34
CA ASN G 543 53.56 -20.35 -57.41
C ASN G 543 53.05 -19.73 -58.72
N LEU G 544 53.95 -19.03 -59.40
CA LEU G 544 53.63 -18.51 -60.73
C LEU G 544 53.79 -19.60 -61.78
N ASP G 545 54.80 -20.45 -61.62
CA ASP G 545 55.01 -21.54 -62.56
C ASP G 545 53.80 -22.46 -62.62
N TRP G 546 53.07 -22.56 -61.52
CA TRP G 546 51.82 -23.32 -61.54
C TRP G 546 50.88 -22.78 -62.61
N VAL G 547 50.72 -21.46 -62.65
CA VAL G 547 49.95 -20.84 -63.73
C VAL G 547 50.62 -21.07 -65.07
N VAL G 548 51.95 -20.93 -65.10
CA VAL G 548 52.70 -20.97 -66.36
C VAL G 548 52.44 -22.28 -67.08
N SER G 549 52.52 -23.40 -66.35
CA SER G 549 52.28 -24.69 -66.96
C SER G 549 50.87 -24.79 -67.53
N LYS G 550 49.89 -24.24 -66.82
CA LYS G 550 48.52 -24.33 -67.31
C LYS G 550 48.26 -23.37 -68.46
N LEU G 551 49.13 -22.37 -68.65
CA LEU G 551 48.96 -21.47 -69.79
C LEU G 551 49.06 -22.24 -71.10
N ASP G 552 49.89 -23.27 -71.15
CA ASP G 552 50.04 -24.02 -72.40
C ASP G 552 48.81 -24.87 -72.69
N ARG G 553 47.99 -25.13 -71.68
CA ARG G 553 46.83 -26.00 -71.86
C ARG G 553 45.82 -25.34 -72.77
N LEU G 554 45.02 -26.15 -73.46
CA LEU G 554 44.28 -25.64 -74.61
C LEU G 554 42.82 -25.32 -74.29
N GLU G 555 42.18 -26.15 -73.47
CA GLU G 555 40.72 -26.16 -73.41
C GLU G 555 40.16 -24.82 -72.94
N ALA G 556 40.87 -24.10 -72.07
CA ALA G 556 40.39 -22.84 -71.52
C ALA G 556 41.50 -21.79 -71.67
N SER G 557 42.12 -21.76 -72.85
CA SER G 557 43.26 -20.91 -73.08
C SER G 557 42.93 -19.45 -72.80
N SER G 558 41.78 -18.98 -73.28
CA SER G 558 41.39 -17.60 -73.05
C SER G 558 41.24 -17.31 -71.57
N GLY G 559 40.58 -18.21 -70.83
CA GLY G 559 40.40 -17.98 -69.41
C GLY G 559 41.71 -17.92 -68.65
N ILE G 560 42.62 -18.86 -68.95
CA ILE G 560 43.91 -18.84 -68.27
C ILE G 560 44.68 -17.57 -68.63
N LEU G 561 44.55 -17.13 -69.89
CA LEU G 561 45.21 -15.89 -70.29
C LEU G 561 44.68 -14.70 -69.50
N GLU G 562 43.36 -14.62 -69.33
CA GLU G 562 42.80 -13.54 -68.52
C GLU G 562 43.28 -13.62 -67.08
N VAL G 563 43.35 -14.83 -66.52
CA VAL G 563 43.85 -14.99 -65.17
C VAL G 563 45.27 -14.44 -65.07
N LEU G 564 46.14 -14.82 -66.00
CA LEU G 564 47.50 -14.32 -65.99
C LEU G 564 47.53 -12.81 -66.14
N TYR G 565 46.66 -12.27 -66.98
CA TYR G 565 46.60 -10.83 -67.16
C TYR G 565 46.31 -10.13 -65.84
N CYS G 566 45.25 -10.58 -65.14
CA CYS G 566 44.92 -9.96 -63.87
C CYS G 566 46.07 -10.11 -62.87
N VAL G 567 46.72 -11.26 -62.85
CA VAL G 567 47.82 -11.45 -61.91
C VAL G 567 48.95 -10.46 -62.19
N LEU G 568 49.33 -10.31 -63.46
CA LEU G 568 50.47 -9.46 -63.78
C LEU G 568 50.15 -7.98 -63.58
N ILE G 569 49.00 -7.53 -64.07
CA ILE G 569 48.73 -6.10 -64.10
C ILE G 569 48.57 -5.54 -62.69
N GLU G 570 48.37 -6.42 -61.69
CA GLU G 570 47.99 -5.93 -60.38
C GLU G 570 49.15 -6.01 -59.39
N SER G 571 50.08 -6.95 -59.60
CA SER G 571 51.14 -7.19 -58.64
C SER G 571 52.50 -6.96 -59.25
N PRO G 572 53.38 -6.17 -58.62
CA PRO G 572 54.74 -6.03 -59.14
C PRO G 572 55.64 -7.21 -58.80
N GLU G 573 55.46 -7.81 -57.63
CA GLU G 573 56.35 -8.88 -57.19
C GLU G 573 56.33 -10.06 -58.16
N VAL G 574 55.14 -10.38 -58.68
CA VAL G 574 55.04 -11.40 -59.72
C VAL G 574 55.93 -11.02 -60.89
N LEU G 575 55.97 -9.74 -61.24
CA LEU G 575 56.83 -9.30 -62.33
C LEU G 575 58.30 -9.48 -61.97
N ASN G 576 58.65 -9.24 -60.71
CA ASN G 576 60.04 -9.45 -60.31
C ASN G 576 60.44 -10.91 -60.43
N ILE G 577 59.55 -11.84 -60.07
CA ILE G 577 59.98 -13.21 -59.89
C ILE G 577 59.98 -14.00 -61.19
N ILE G 578 59.41 -13.45 -62.26
CA ILE G 578 59.28 -14.20 -63.50
C ILE G 578 60.67 -14.46 -64.09
N GLN G 579 60.81 -15.57 -64.81
CA GLN G 579 62.09 -15.99 -65.34
C GLN G 579 62.03 -16.26 -66.84
N GLU G 580 63.21 -16.46 -67.41
CA GLU G 580 63.35 -16.54 -68.86
C GLU G 580 62.57 -17.71 -69.43
N ASN G 581 62.56 -18.85 -68.73
CA ASN G 581 61.76 -19.97 -69.19
C ASN G 581 60.29 -19.59 -69.27
N HIS G 582 59.81 -18.83 -68.29
CA HIS G 582 58.42 -18.38 -68.31
C HIS G 582 58.15 -17.47 -69.50
N ILE G 583 59.03 -16.50 -69.74
CA ILE G 583 58.83 -15.60 -70.88
C ILE G 583 58.85 -16.39 -72.18
N LYS G 584 59.77 -17.34 -72.29
CA LYS G 584 59.84 -18.17 -73.49
C LYS G 584 58.56 -18.98 -73.66
N SER G 585 57.99 -19.47 -72.55
CA SER G 585 56.73 -20.19 -72.65
C SER G 585 55.63 -19.27 -73.15
N ILE G 586 55.61 -18.02 -72.69
CA ILE G 586 54.59 -17.08 -73.18
C ILE G 586 54.74 -16.86 -74.67
N ILE G 587 55.97 -16.69 -75.15
CA ILE G 587 56.19 -16.51 -76.58
C ILE G 587 55.77 -17.76 -77.34
N SER G 588 56.01 -18.93 -76.76
CA SER G 588 55.57 -20.17 -77.37
C SER G 588 54.06 -20.21 -77.48
N LEU G 589 53.36 -19.71 -76.46
CA LEU G 589 51.90 -19.60 -76.55
C LEU G 589 51.49 -18.68 -77.67
N LEU G 590 52.19 -17.55 -77.81
CA LEU G 590 51.90 -16.65 -78.92
C LEU G 590 52.03 -17.38 -80.25
N ASP G 591 53.12 -18.13 -80.41
CA ASP G 591 53.29 -18.97 -81.60
C ASP G 591 52.10 -19.90 -81.80
N LYS G 592 51.83 -20.77 -80.83
CA LYS G 592 50.93 -21.89 -81.07
C LYS G 592 49.49 -21.45 -81.17
N HIS G 593 49.11 -20.38 -80.48
CA HIS G 593 47.75 -19.85 -80.60
C HIS G 593 47.64 -18.76 -81.64
N GLY G 594 48.73 -18.41 -82.32
CA GLY G 594 48.67 -17.39 -83.35
C GLY G 594 48.66 -16.01 -82.75
N ARG G 595 48.53 -15.02 -83.65
CA ARG G 595 48.53 -13.63 -83.25
C ARG G 595 47.34 -13.33 -82.35
N ASN G 596 47.58 -12.59 -81.28
CA ASN G 596 46.52 -12.20 -80.35
C ASN G 596 46.92 -10.91 -79.66
N HIS G 597 46.14 -9.86 -79.90
CA HIS G 597 46.36 -8.60 -79.21
C HIS G 597 46.31 -8.77 -77.70
N LYS G 598 45.49 -9.70 -77.22
CA LYS G 598 45.40 -9.91 -75.78
C LYS G 598 46.72 -10.44 -75.22
N VAL G 599 47.28 -11.47 -75.85
CA VAL G 599 48.58 -11.97 -75.42
C VAL G 599 49.63 -10.88 -75.52
N LEU G 600 49.56 -10.07 -76.58
CA LEU G 600 50.49 -8.98 -76.72
C LEU G 600 50.39 -8.01 -75.54
N ASP G 601 49.17 -7.68 -75.13
CA ASP G 601 48.99 -6.77 -74.00
C ASP G 601 49.49 -7.37 -72.69
N VAL G 602 49.25 -8.67 -72.49
CA VAL G 602 49.80 -9.30 -71.30
C VAL G 602 51.32 -9.17 -71.30
N LEU G 603 51.94 -9.36 -72.46
CA LEU G 603 53.38 -9.19 -72.52
C LEU G 603 53.79 -7.75 -72.25
N CYS G 604 53.02 -6.78 -72.77
CA CYS G 604 53.29 -5.38 -72.47
C CYS G 604 53.27 -5.14 -70.97
N SER G 605 52.28 -5.68 -70.27
CA SER G 605 52.25 -5.57 -68.82
C SER G 605 53.47 -6.24 -68.21
N LEU G 606 53.91 -7.35 -68.79
CA LEU G 606 55.13 -8.00 -68.33
C LEU G 606 56.33 -7.08 -68.47
N CYS G 607 56.30 -6.15 -69.42
CA CYS G 607 57.43 -5.23 -69.57
C CYS G 607 57.57 -4.31 -68.36
N VAL G 608 56.57 -3.47 -68.11
CA VAL G 608 56.64 -2.43 -67.09
C VAL G 608 55.43 -2.56 -66.18
N CYS G 609 55.59 -2.17 -64.92
CA CYS G 609 54.50 -2.20 -63.95
C CYS G 609 54.76 -1.18 -62.85
N ASN G 610 53.69 -0.58 -62.33
CA ASN G 610 53.75 0.32 -61.19
C ASN G 610 54.74 1.46 -61.41
N GLY G 611 54.89 1.86 -62.68
CA GLY G 611 55.80 2.93 -63.00
C GLY G 611 57.27 2.57 -63.01
N VAL G 612 57.60 1.30 -62.82
CA VAL G 612 58.98 0.83 -62.85
C VAL G 612 59.08 -0.33 -63.83
N ALA G 613 60.18 -0.40 -64.56
CA ALA G 613 60.38 -1.42 -65.58
C ALA G 613 61.50 -2.34 -65.15
N VAL G 614 61.26 -3.65 -65.25
CA VAL G 614 62.29 -4.62 -64.90
C VAL G 614 63.32 -4.68 -66.03
N ARG G 615 64.53 -4.22 -65.71
CA ARG G 615 65.63 -4.27 -66.67
C ARG G 615 65.80 -5.68 -67.22
N SER G 616 65.87 -6.67 -66.33
CA SER G 616 66.08 -8.04 -66.76
C SER G 616 64.94 -8.53 -67.63
N ASN G 617 63.70 -8.24 -67.24
CA ASN G 617 62.56 -8.72 -68.03
C ASN G 617 62.56 -8.13 -69.43
N GLN G 618 62.76 -6.80 -69.52
CA GLN G 618 62.78 -6.18 -70.83
C GLN G 618 63.92 -6.74 -71.69
N ASP G 619 65.10 -6.88 -71.11
CA ASP G 619 66.22 -7.41 -71.88
C ASP G 619 65.94 -8.83 -72.35
N LEU G 620 65.39 -9.66 -71.47
CA LEU G 620 65.12 -11.04 -71.83
C LEU G 620 64.10 -11.13 -72.95
N ILE G 621 63.01 -10.35 -72.87
CA ILE G 621 61.99 -10.47 -73.90
C ILE G 621 62.52 -9.95 -75.23
N THR G 622 63.26 -8.84 -75.21
CA THR G 622 63.90 -8.38 -76.44
C THR G 622 64.76 -9.48 -77.03
N GLU G 623 65.62 -10.08 -76.21
CA GLU G 623 66.58 -11.07 -76.70
C GLU G 623 65.89 -12.27 -77.30
N ASN G 624 64.85 -12.78 -76.65
CA ASN G 624 64.30 -14.07 -77.07
C ASN G 624 63.17 -13.92 -78.07
N LEU G 625 62.59 -12.73 -78.24
CA LEU G 625 61.51 -12.59 -79.20
C LEU G 625 61.93 -11.76 -80.40
N LEU G 626 62.53 -10.59 -80.17
CA LEU G 626 62.73 -9.64 -81.25
C LEU G 626 63.57 -10.14 -82.42
N PRO G 627 64.74 -10.75 -82.22
CA PRO G 627 65.62 -10.99 -83.38
C PRO G 627 65.01 -11.86 -84.46
N GLY G 628 64.28 -12.91 -84.09
CA GLY G 628 63.72 -13.79 -85.11
C GLY G 628 62.76 -13.09 -86.03
N ARG G 629 61.88 -12.25 -85.46
CA ARG G 629 60.92 -11.42 -86.16
C ARG G 629 59.90 -12.21 -86.96
N GLU G 630 59.84 -13.53 -86.83
CA GLU G 630 58.84 -14.30 -87.54
C GLU G 630 57.47 -14.15 -86.90
N LEU G 631 57.42 -14.07 -85.56
CA LEU G 631 56.16 -13.91 -84.87
C LEU G 631 55.50 -12.59 -85.20
N LEU G 632 56.23 -11.49 -85.08
CA LEU G 632 55.67 -10.16 -85.17
C LEU G 632 55.82 -9.64 -86.58
N LEU G 633 54.74 -9.08 -87.13
CA LEU G 633 54.75 -8.57 -88.48
C LEU G 633 55.73 -7.42 -88.61
N GLN G 634 56.47 -7.41 -89.72
CA GLN G 634 57.56 -6.46 -89.93
C GLN G 634 57.27 -5.61 -91.15
N THR G 635 57.56 -4.32 -91.05
CA THR G 635 57.33 -3.36 -92.12
C THR G 635 58.64 -2.72 -92.54
N ASN G 636 58.73 -2.36 -93.82
CA ASN G 636 59.90 -1.69 -94.36
C ASN G 636 59.48 -0.85 -95.57
N LEU G 637 60.26 0.18 -95.83
CA LEU G 637 59.99 1.04 -96.98
C LEU G 637 60.57 0.44 -98.25
N ILE G 638 59.74 0.32 -99.28
CA ILE G 638 60.14 -0.26 -100.55
C ILE G 638 59.70 0.68 -101.67
N ASN G 639 60.63 1.01 -102.56
CA ASN G 639 60.30 1.83 -103.71
C ASN G 639 59.38 1.07 -104.66
N TYR G 640 58.53 1.80 -105.36
CA TYR G 640 57.62 1.18 -106.32
C TYR G 640 58.39 0.59 -107.48
N VAL G 641 57.90 -0.53 -108.00
CA VAL G 641 58.45 -1.19 -109.16
C VAL G 641 57.37 -1.29 -110.22
N THR G 642 57.67 -0.82 -111.42
CA THR G 642 56.72 -0.87 -112.53
C THR G 642 57.36 -1.55 -113.72
N SER G 643 56.52 -2.04 -114.63
CA SER G 643 56.97 -2.75 -115.81
C SER G 643 56.09 -2.37 -116.98
N ILE G 644 56.71 -2.15 -118.14
CA ILE G 644 56.01 -1.74 -119.36
C ILE G 644 56.44 -2.68 -120.48
N ARG G 645 55.48 -3.11 -121.29
CA ARG G 645 55.69 -4.14 -122.28
C ARG G 645 55.38 -3.63 -123.68
N PRO G 646 56.02 -4.20 -124.70
CA PRO G 646 55.59 -3.91 -126.08
C PRO G 646 54.44 -4.79 -126.48
N ASN G 647 53.76 -4.39 -127.56
CA ASN G 647 52.57 -5.10 -128.03
C ASN G 647 52.97 -6.20 -129.02
N ILE G 648 53.95 -7.01 -128.60
CA ILE G 648 54.42 -8.16 -129.35
C ILE G 648 54.27 -9.39 -128.46
N PHE G 649 53.62 -10.42 -128.98
CA PHE G 649 53.37 -11.65 -128.23
C PHE G 649 53.55 -12.86 -129.14
N VAL G 650 54.23 -13.89 -128.62
CA VAL G 650 54.47 -15.12 -129.36
C VAL G 650 54.28 -16.29 -128.41
N GLY G 651 53.63 -17.34 -128.90
CA GLY G 651 53.45 -18.55 -128.13
C GLY G 651 53.44 -19.76 -129.04
N ARG G 652 53.82 -20.91 -128.49
CA ARG G 652 54.01 -22.13 -129.25
C ARG G 652 52.91 -23.12 -128.91
N ALA G 653 52.22 -23.62 -129.92
CA ALA G 653 51.25 -24.69 -129.77
C ALA G 653 51.23 -25.50 -131.05
N GLU G 654 50.55 -26.64 -131.01
CA GLU G 654 50.42 -27.47 -132.20
C GLU G 654 49.66 -26.72 -133.27
N GLY G 655 50.33 -26.47 -134.39
CA GLY G 655 49.74 -25.67 -135.45
C GLY G 655 49.94 -24.18 -135.29
N SER G 656 50.91 -23.76 -134.49
CA SER G 656 51.16 -22.34 -134.31
C SER G 656 51.63 -21.71 -135.62
N THR G 657 51.27 -20.44 -135.82
CA THR G 657 51.66 -19.74 -137.04
C THR G 657 52.98 -19.02 -136.86
N GLN G 658 53.30 -18.63 -135.62
CA GLN G 658 54.50 -17.85 -135.36
C GLN G 658 55.76 -18.70 -135.47
N TYR G 659 56.86 -18.05 -135.80
CA TYR G 659 58.15 -18.73 -135.93
C TYR G 659 58.81 -18.89 -134.56
N GLY G 660 59.51 -20.00 -134.39
CA GLY G 660 59.87 -20.44 -133.05
C GLY G 660 60.87 -19.55 -132.33
N LYS G 661 61.78 -18.93 -133.08
CA LYS G 661 62.95 -18.29 -132.49
C LYS G 661 62.97 -16.80 -132.80
N TRP G 662 63.25 -16.00 -131.77
CA TRP G 662 63.34 -14.55 -131.88
C TRP G 662 64.42 -14.00 -130.97
N TYR G 663 64.81 -12.76 -131.23
CA TYR G 663 65.86 -12.09 -130.47
C TYR G 663 65.54 -10.60 -130.39
N PHE G 664 65.84 -10.00 -129.23
CA PHE G 664 65.60 -8.59 -128.99
C PHE G 664 66.72 -8.04 -128.12
N GLU G 665 66.85 -6.71 -128.08
CA GLU G 665 67.83 -6.06 -127.22
C GLU G 665 67.24 -4.78 -126.63
N VAL G 666 67.76 -4.38 -125.48
CA VAL G 666 67.31 -3.19 -124.76
C VAL G 666 68.52 -2.35 -124.39
N MET G 667 68.38 -1.03 -124.52
CA MET G 667 69.49 -0.09 -124.43
C MET G 667 69.31 0.76 -123.18
N VAL G 668 70.22 0.61 -122.22
CA VAL G 668 70.11 1.23 -120.91
C VAL G 668 70.78 2.60 -120.95
N ASP G 669 69.97 3.66 -121.07
CA ASP G 669 70.52 4.99 -121.21
C ASP G 669 71.28 5.42 -119.96
N GLU G 670 70.68 5.25 -118.79
CA GLU G 670 71.36 5.61 -117.55
C GLU G 670 70.75 4.84 -116.40
N VAL G 671 71.48 4.78 -115.30
CA VAL G 671 71.01 4.14 -114.08
C VAL G 671 71.42 5.00 -112.90
N VAL G 672 70.47 5.24 -112.01
CA VAL G 672 70.74 5.92 -110.73
C VAL G 672 70.88 4.84 -109.67
N PRO G 673 72.08 4.59 -109.15
CA PRO G 673 72.24 3.52 -108.14
C PRO G 673 71.36 3.71 -106.93
N PHE G 674 71.23 4.95 -106.47
CA PHE G 674 70.34 5.28 -105.36
C PHE G 674 69.54 6.52 -105.72
N LEU G 675 68.42 6.33 -106.40
CA LEU G 675 67.44 7.40 -106.50
C LEU G 675 66.81 7.66 -105.14
N THR G 676 66.57 6.60 -104.37
CA THR G 676 66.12 6.68 -103.00
C THR G 676 67.07 5.90 -102.12
N ALA G 677 66.68 5.71 -100.86
CA ALA G 677 67.47 4.88 -99.96
C ALA G 677 67.54 3.45 -100.47
N GLN G 678 66.42 2.90 -100.92
CA GLN G 678 66.43 1.57 -101.52
C GLN G 678 67.01 1.64 -102.93
N ALA G 679 67.81 0.63 -103.27
CA ALA G 679 68.45 0.60 -104.58
C ALA G 679 67.42 0.44 -105.69
N THR G 680 67.69 1.05 -106.83
CA THR G 680 66.79 0.96 -107.96
C THR G 680 66.86 -0.43 -108.60
N HIS G 681 65.77 -0.84 -109.21
CA HIS G 681 65.64 -2.16 -109.82
C HIS G 681 65.25 -2.03 -111.28
N LEU G 682 65.98 -2.71 -112.14
CA LEU G 682 65.64 -2.81 -113.56
C LEU G 682 65.76 -4.25 -113.98
N ARG G 683 64.76 -4.74 -114.72
CA ARG G 683 64.74 -6.10 -115.22
C ARG G 683 64.40 -6.08 -116.70
N VAL G 684 65.02 -6.98 -117.46
CA VAL G 684 64.72 -7.18 -118.88
C VAL G 684 64.58 -8.67 -119.11
N GLY G 685 63.43 -9.09 -119.64
CA GLY G 685 63.21 -10.50 -119.90
C GLY G 685 61.86 -10.77 -120.50
N TRP G 686 61.64 -12.03 -120.83
CA TRP G 686 60.40 -12.50 -121.44
C TRP G 686 59.43 -12.89 -120.34
N ALA G 687 58.17 -12.46 -120.48
CA ALA G 687 57.13 -12.77 -119.52
C ALA G 687 55.97 -13.47 -120.22
N LEU G 688 55.30 -14.36 -119.49
CA LEU G 688 54.15 -15.06 -120.03
C LEU G 688 52.93 -14.13 -120.04
N THR G 689 52.14 -14.21 -121.11
CA THR G 689 50.98 -13.34 -121.25
C THR G 689 49.96 -13.56 -120.15
N GLU G 690 49.67 -14.82 -119.83
CA GLU G 690 48.61 -15.15 -118.88
C GLU G 690 49.21 -15.71 -117.60
N GLY G 691 48.80 -15.15 -116.47
CA GLY G 691 49.31 -15.57 -115.19
C GLY G 691 50.36 -14.68 -114.58
N TYR G 692 50.88 -13.72 -115.35
CA TYR G 692 51.79 -12.71 -114.82
C TYR G 692 51.00 -11.42 -114.64
N SER G 693 50.82 -11.02 -113.39
CA SER G 693 50.03 -9.83 -113.05
C SER G 693 50.86 -8.92 -112.18
N PRO G 694 51.82 -8.20 -112.76
CA PRO G 694 52.62 -7.26 -111.98
C PRO G 694 51.73 -6.15 -111.43
N TYR G 695 51.55 -6.16 -110.12
CA TYR G 695 50.62 -5.22 -109.52
C TYR G 695 51.38 -4.21 -108.68
N PRO G 696 51.02 -2.93 -108.78
CA PRO G 696 51.73 -1.90 -108.01
C PRO G 696 51.57 -2.12 -106.52
N GLY G 697 52.61 -1.75 -105.79
CA GLY G 697 52.54 -1.81 -104.35
C GLY G 697 52.66 -3.23 -103.83
N GLY G 698 51.59 -3.71 -103.19
CA GLY G 698 51.62 -5.01 -102.56
C GLY G 698 51.93 -6.11 -103.57
N GLY G 699 52.84 -7.00 -103.18
CA GLY G 699 53.23 -8.10 -104.04
C GLY G 699 53.77 -9.26 -103.23
N GLU G 700 54.08 -10.34 -103.94
CA GLU G 700 54.62 -11.51 -103.28
C GLU G 700 56.06 -11.25 -102.84
N GLY G 701 56.52 -12.04 -101.88
CA GLY G 701 57.89 -11.88 -101.41
C GLY G 701 58.05 -10.63 -100.58
N TRP G 702 59.26 -10.07 -100.59
CA TRP G 702 59.56 -8.93 -99.74
C TRP G 702 58.88 -7.67 -100.23
N GLY G 703 58.40 -7.69 -101.47
CA GLY G 703 57.82 -6.52 -102.09
C GLY G 703 58.57 -6.10 -103.34
N GLY G 704 58.06 -5.05 -103.97
CA GLY G 704 58.66 -4.58 -105.21
C GLY G 704 58.63 -5.62 -106.31
N ASN G 705 57.51 -6.33 -106.44
CA ASN G 705 57.42 -7.44 -107.39
C ASN G 705 57.61 -6.94 -108.81
N GLY G 706 58.39 -7.68 -109.59
CA GLY G 706 58.65 -7.32 -110.97
C GLY G 706 58.90 -8.56 -111.81
N VAL G 707 59.31 -8.32 -113.06
CA VAL G 707 59.62 -9.44 -113.94
C VAL G 707 60.76 -10.24 -113.35
N GLY G 708 60.65 -11.56 -113.43
CA GLY G 708 61.62 -12.45 -112.84
C GLY G 708 61.44 -12.67 -111.35
N ASP G 709 60.57 -11.91 -110.71
CA ASP G 709 60.28 -12.09 -109.29
C ASP G 709 59.12 -13.03 -109.05
N ASP G 710 58.55 -13.60 -110.10
CA ASP G 710 57.48 -14.57 -110.01
C ASP G 710 57.78 -15.71 -110.96
N LEU G 711 57.16 -16.86 -110.70
CA LEU G 711 57.44 -18.05 -111.51
C LEU G 711 56.89 -17.87 -112.93
N TYR G 712 55.97 -16.93 -113.12
CA TYR G 712 55.34 -16.77 -114.42
C TYR G 712 56.20 -15.94 -115.36
N SER G 713 57.04 -15.06 -114.82
CA SER G 713 57.81 -14.12 -115.61
C SER G 713 59.29 -14.29 -115.30
N TYR G 714 60.14 -13.93 -116.27
CA TYR G 714 61.57 -14.14 -116.16
C TYR G 714 62.32 -12.93 -116.71
N GLY G 715 63.50 -12.66 -116.15
CA GLY G 715 64.28 -11.51 -116.57
C GLY G 715 65.73 -11.64 -116.12
N PHE G 716 66.49 -10.59 -116.41
CA PHE G 716 67.93 -10.55 -116.13
C PHE G 716 68.22 -9.43 -115.15
N ASP G 717 69.04 -9.72 -114.14
CA ASP G 717 69.37 -8.71 -113.14
C ASP G 717 70.71 -8.06 -113.44
N GLY G 718 71.50 -8.64 -114.34
CA GLY G 718 72.86 -8.22 -114.53
C GLY G 718 73.88 -9.04 -113.76
N LEU G 719 73.60 -9.38 -112.50
CA LEU G 719 74.39 -10.36 -111.77
C LEU G 719 73.69 -11.69 -111.59
N HIS G 720 72.37 -11.72 -111.65
CA HIS G 720 71.64 -12.94 -111.35
C HIS G 720 70.57 -13.15 -112.41
N LEU G 721 70.17 -14.40 -112.56
CA LEU G 721 69.10 -14.76 -113.47
C LEU G 721 67.87 -15.10 -112.64
N TRP G 722 66.83 -14.29 -112.76
CA TRP G 722 65.71 -14.29 -111.81
C TRP G 722 64.66 -15.28 -112.25
N THR G 723 64.27 -16.17 -111.34
CA THR G 723 63.19 -17.13 -111.54
C THR G 723 62.39 -17.24 -110.27
N GLY G 724 61.12 -16.85 -110.32
CA GLY G 724 60.22 -17.10 -109.20
C GLY G 724 60.69 -16.51 -107.89
N HIS G 725 61.12 -15.25 -107.89
CA HIS G 725 61.61 -14.55 -106.71
C HIS G 725 62.86 -15.17 -106.12
N VAL G 726 63.59 -15.98 -106.88
CA VAL G 726 64.87 -16.53 -106.47
C VAL G 726 65.91 -16.08 -107.46
N ALA G 727 66.98 -15.45 -106.98
CA ALA G 727 68.04 -14.93 -107.82
C ALA G 727 69.22 -15.89 -107.77
N ARG G 728 69.60 -16.43 -108.92
CA ARG G 728 70.74 -17.30 -109.03
C ARG G 728 71.88 -16.55 -109.70
N PRO G 729 73.00 -16.34 -109.02
CA PRO G 729 74.13 -15.65 -109.65
C PRO G 729 74.66 -16.43 -110.83
N VAL G 730 74.72 -15.77 -111.98
CA VAL G 730 75.25 -16.36 -113.20
C VAL G 730 76.56 -15.66 -113.54
N THR G 731 77.62 -16.43 -113.70
CA THR G 731 78.91 -15.87 -114.08
C THR G 731 78.80 -15.23 -115.46
N SER G 732 79.50 -14.11 -115.63
CA SER G 732 79.57 -13.46 -116.93
C SER G 732 80.86 -12.64 -117.01
N PRO G 733 81.49 -12.61 -118.17
CA PRO G 733 82.71 -11.80 -118.31
C PRO G 733 82.42 -10.33 -118.03
N GLY G 734 83.25 -9.74 -117.18
CA GLY G 734 82.99 -8.36 -116.77
C GLY G 734 81.65 -8.20 -116.10
N GLN G 735 81.30 -9.12 -115.20
CA GLN G 735 79.99 -9.09 -114.58
C GLN G 735 79.77 -7.79 -113.82
N HIS G 736 78.65 -7.13 -114.11
CA HIS G 736 78.26 -5.93 -113.39
C HIS G 736 76.77 -5.70 -113.61
N LEU G 737 76.21 -4.85 -112.76
CA LEU G 737 74.81 -4.46 -112.92
C LEU G 737 74.65 -3.70 -114.23
N LEU G 738 73.42 -3.72 -114.76
CA LEU G 738 73.16 -2.99 -116.00
C LEU G 738 73.56 -1.53 -115.84
N ALA G 739 74.34 -1.05 -116.80
CA ALA G 739 75.00 0.24 -116.71
C ALA G 739 74.65 1.09 -117.91
N PRO G 740 74.81 2.40 -117.80
CA PRO G 740 74.57 3.27 -118.97
C PRO G 740 75.49 2.87 -120.11
N GLU G 741 74.97 3.01 -121.33
CA GLU G 741 75.64 2.69 -122.59
C GLU G 741 75.84 1.18 -122.73
N ASP G 742 75.05 0.36 -122.06
CA ASP G 742 75.15 -1.08 -122.23
C ASP G 742 73.93 -1.60 -123.01
N VAL G 743 74.17 -2.60 -123.85
CA VAL G 743 73.12 -3.24 -124.63
C VAL G 743 72.97 -4.67 -124.13
N VAL G 744 71.77 -4.99 -123.64
CA VAL G 744 71.46 -6.33 -123.16
C VAL G 744 70.52 -6.98 -124.16
N SER G 745 70.76 -8.25 -124.46
CA SER G 745 70.00 -8.97 -125.47
C SER G 745 69.53 -10.30 -124.93
N CYS G 746 68.33 -10.71 -125.33
CA CYS G 746 67.74 -11.98 -124.93
C CYS G 746 67.23 -12.69 -126.18
N CYS G 747 67.45 -14.00 -126.24
CA CYS G 747 67.00 -14.82 -127.36
C CYS G 747 66.18 -15.97 -126.81
N LEU G 748 65.07 -16.27 -127.47
CA LEU G 748 64.12 -17.28 -127.02
C LEU G 748 63.92 -18.33 -128.10
N ASP G 749 63.93 -19.59 -127.70
CA ASP G 749 63.61 -20.71 -128.57
C ASP G 749 62.50 -21.53 -127.94
N LEU G 750 61.37 -21.65 -128.65
CA LEU G 750 60.27 -22.46 -128.14
C LEU G 750 60.48 -23.93 -128.46
N SER G 751 61.39 -24.23 -129.38
CA SER G 751 61.57 -25.62 -129.80
C SER G 751 62.20 -26.46 -128.70
N VAL G 752 63.20 -25.91 -128.02
CA VAL G 752 63.93 -26.70 -127.01
C VAL G 752 63.02 -27.12 -125.85
N PRO G 753 62.26 -26.23 -125.21
CA PRO G 753 62.19 -24.77 -125.34
C PRO G 753 63.31 -24.11 -124.57
N SER G 754 63.82 -22.96 -125.00
CA SER G 754 64.95 -22.35 -124.31
C SER G 754 64.88 -20.83 -124.44
N ILE G 755 65.43 -20.16 -123.43
CA ILE G 755 65.63 -18.71 -123.43
C ILE G 755 67.08 -18.45 -123.08
N SER G 756 67.73 -17.58 -123.86
CA SER G 756 69.15 -17.31 -123.71
C SER G 756 69.37 -15.81 -123.61
N PHE G 757 70.50 -15.42 -123.04
CA PHE G 757 70.84 -14.01 -122.80
C PHE G 757 72.24 -13.75 -123.31
N ARG G 758 72.45 -12.57 -123.89
CA ARG G 758 73.76 -12.13 -124.35
C ARG G 758 73.89 -10.64 -124.08
N ILE G 759 75.04 -10.22 -123.56
CA ILE G 759 75.27 -8.86 -123.12
C ILE G 759 76.49 -8.29 -123.83
N ASN G 760 76.33 -7.11 -124.43
CA ASN G 760 77.43 -6.33 -124.98
C ASN G 760 78.34 -7.17 -125.87
N GLY G 761 77.74 -8.08 -126.64
CA GLY G 761 78.50 -8.94 -127.51
C GLY G 761 79.08 -10.17 -126.86
N CYS G 762 78.93 -10.32 -125.55
CA CYS G 762 79.45 -11.49 -124.86
C CYS G 762 78.28 -12.34 -124.36
N PRO G 763 78.34 -13.66 -124.55
CA PRO G 763 77.20 -14.49 -124.16
C PRO G 763 77.06 -14.61 -122.65
N VAL G 764 75.82 -14.77 -122.21
CA VAL G 764 75.51 -15.07 -120.82
C VAL G 764 75.18 -16.55 -120.74
N GLN G 765 75.96 -17.29 -119.96
CA GLN G 765 75.79 -18.74 -119.86
C GLN G 765 74.67 -19.08 -118.87
N GLY G 766 73.51 -18.50 -119.15
CA GLY G 766 72.30 -18.81 -118.42
C GLY G 766 71.22 -19.31 -119.36
N VAL G 767 70.73 -20.53 -119.13
CA VAL G 767 69.83 -21.21 -120.03
C VAL G 767 68.57 -21.58 -119.26
N PHE G 768 67.41 -21.36 -119.90
CA PHE G 768 66.13 -21.71 -119.33
C PHE G 768 65.59 -22.96 -120.01
N GLU G 769 65.24 -23.96 -119.21
CA GLU G 769 64.80 -25.24 -119.72
C GLU G 769 63.50 -25.65 -119.08
N ALA G 770 62.71 -26.42 -119.84
CA ALA G 770 61.52 -27.09 -119.33
C ALA G 770 60.53 -26.09 -118.73
N PHE G 771 60.48 -24.89 -119.29
CA PHE G 771 59.44 -23.95 -118.89
C PHE G 771 58.16 -24.23 -119.64
N ASN G 772 57.04 -24.04 -118.96
CA ASN G 772 55.74 -24.40 -119.50
C ASN G 772 55.37 -23.55 -120.70
N LEU G 773 54.65 -24.15 -121.65
CA LEU G 773 54.25 -23.51 -122.90
C LEU G 773 52.77 -23.16 -122.92
N ASP G 774 52.19 -22.80 -121.79
CA ASP G 774 50.73 -22.65 -121.72
C ASP G 774 50.25 -21.50 -122.62
N GLY G 775 50.88 -20.32 -122.50
CA GLY G 775 50.41 -19.16 -123.23
C GLY G 775 51.56 -18.47 -123.95
N LEU G 776 51.23 -17.33 -124.55
CA LEU G 776 52.21 -16.59 -125.32
C LEU G 776 53.24 -15.94 -124.39
N PHE G 777 54.44 -15.74 -124.91
CA PHE G 777 55.55 -15.16 -124.17
C PHE G 777 55.89 -13.81 -124.78
N PHE G 778 56.03 -12.79 -123.93
CA PHE G 778 56.39 -11.47 -124.41
C PHE G 778 57.58 -10.93 -123.63
N PRO G 779 58.56 -10.32 -124.30
CA PRO G 779 59.60 -9.58 -123.59
C PRO G 779 59.00 -8.36 -122.91
N VAL G 780 59.61 -7.95 -121.81
CA VAL G 780 59.12 -6.81 -121.04
C VAL G 780 60.23 -6.31 -120.13
N VAL G 781 60.23 -5.01 -119.87
CA VAL G 781 61.23 -4.36 -119.02
C VAL G 781 60.55 -3.94 -117.72
N SER G 782 61.13 -4.36 -116.60
CA SER G 782 60.64 -4.00 -115.28
C SER G 782 61.60 -3.01 -114.65
N PHE G 783 61.28 -1.73 -114.76
CA PHE G 783 62.15 -0.66 -114.28
C PHE G 783 61.56 -0.05 -113.02
N SER G 784 62.41 0.13 -112.02
CA SER G 784 61.99 0.94 -110.88
C SER G 784 62.08 2.42 -111.24
N ALA G 785 61.87 3.25 -110.22
CA ALA G 785 61.83 4.69 -110.46
C ALA G 785 63.22 5.23 -110.78
N GLY G 786 63.25 6.25 -111.63
CA GLY G 786 64.46 7.04 -111.85
C GLY G 786 65.40 6.56 -112.92
N VAL G 787 64.96 5.72 -113.86
CA VAL G 787 65.82 5.21 -114.92
C VAL G 787 65.12 5.39 -116.26
N LYS G 788 65.91 5.48 -117.33
CA LYS G 788 65.41 5.42 -118.69
C LYS G 788 66.07 4.25 -119.41
N VAL G 789 65.26 3.44 -120.09
CA VAL G 789 65.77 2.35 -120.91
C VAL G 789 65.19 2.49 -122.31
N ARG G 790 66.01 2.16 -123.29
CA ARG G 790 65.61 2.22 -124.70
C ARG G 790 65.45 0.80 -125.22
N PHE G 791 64.30 0.53 -125.84
CA PHE G 791 64.00 -0.79 -126.37
C PHE G 791 64.24 -0.77 -127.87
N LEU G 792 65.11 -1.67 -128.33
CA LEU G 792 65.43 -1.79 -129.74
C LEU G 792 64.77 -3.05 -130.28
N LEU G 793 63.65 -2.89 -130.97
CA LEU G 793 62.88 -4.06 -131.41
C LEU G 793 63.36 -4.57 -132.76
N GLY G 794 64.07 -3.73 -133.51
CA GLY G 794 64.69 -4.18 -134.74
C GLY G 794 63.95 -3.77 -136.00
N GLY G 795 64.63 -3.96 -137.11
CA GLY G 795 64.06 -3.65 -138.41
C GLY G 795 63.74 -2.18 -138.55
N ARG G 796 62.50 -1.88 -138.93
CA ARG G 796 62.06 -0.51 -139.05
C ARG G 796 62.10 0.22 -137.72
N HIS G 797 61.87 -0.51 -136.63
CA HIS G 797 61.81 0.06 -135.29
C HIS G 797 63.10 -0.28 -134.56
N GLY G 798 64.06 0.64 -134.61
CA GLY G 798 65.38 0.38 -134.07
C GLY G 798 66.13 -0.65 -134.89
N GLU G 799 67.43 -0.73 -134.63
CA GLU G 799 68.26 -1.76 -135.24
C GLU G 799 69.13 -2.38 -134.16
N PHE G 800 69.54 -3.62 -134.41
CA PHE G 800 70.30 -4.40 -133.45
C PHE G 800 71.78 -4.04 -133.57
N LYS G 801 72.38 -3.65 -132.45
CA LYS G 801 73.81 -3.37 -132.46
C LYS G 801 74.62 -4.62 -132.80
N PHE G 802 74.15 -5.78 -132.35
CA PHE G 802 74.82 -7.04 -132.60
C PHE G 802 73.92 -7.91 -133.45
N LEU G 803 74.52 -8.59 -134.43
CA LEU G 803 73.75 -9.37 -135.38
C LEU G 803 73.03 -10.51 -134.66
N PRO G 804 71.80 -10.80 -135.05
CA PRO G 804 71.02 -11.81 -134.34
C PRO G 804 71.66 -13.18 -134.49
N PRO G 805 71.50 -14.04 -133.49
CA PRO G 805 71.97 -15.43 -133.62
C PRO G 805 71.27 -16.09 -134.79
N PRO G 806 71.97 -16.99 -135.49
CA PRO G 806 71.42 -17.55 -136.74
C PRO G 806 70.07 -18.22 -136.50
N GLY G 807 69.16 -18.03 -137.45
CA GLY G 807 67.85 -18.61 -137.37
C GLY G 807 66.90 -17.94 -136.40
N TYR G 808 67.27 -16.79 -135.85
CA TYR G 808 66.44 -16.09 -134.87
C TYR G 808 65.77 -14.91 -135.58
N ALA G 809 64.45 -14.97 -135.69
CA ALA G 809 63.73 -13.90 -136.36
C ALA G 809 63.79 -12.61 -135.54
N PRO G 810 63.81 -11.46 -136.19
CA PRO G 810 63.71 -10.20 -135.46
C PRO G 810 62.42 -10.12 -134.69
N CYS G 811 62.51 -9.61 -133.46
CA CYS G 811 61.34 -9.58 -132.59
C CYS G 811 60.27 -8.62 -133.12
N HIS G 812 60.70 -7.57 -133.81
CA HIS G 812 59.73 -6.64 -134.39
C HIS G 812 58.86 -7.33 -135.44
N GLU G 813 59.39 -8.37 -136.08
CA GLU G 813 58.64 -9.08 -137.10
C GLU G 813 57.41 -9.77 -136.52
N ALA G 814 57.40 -9.94 -135.20
CA ALA G 814 56.32 -10.70 -134.56
C ALA G 814 55.05 -9.86 -134.42
N VAL G 815 55.11 -8.59 -134.81
CA VAL G 815 53.96 -7.71 -134.63
C VAL G 815 52.76 -8.23 -135.42
N LEU G 816 51.60 -8.21 -134.78
CA LEU G 816 50.39 -8.70 -135.43
C LEU G 816 49.85 -7.65 -136.39
N PRO G 817 49.24 -8.09 -137.50
CA PRO G 817 48.79 -7.14 -138.51
C PRO G 817 47.74 -6.15 -138.01
N ARG G 818 46.88 -6.58 -137.09
CA ARG G 818 45.72 -5.78 -136.74
C ARG G 818 46.12 -4.47 -136.07
N GLU G 819 47.08 -4.50 -135.17
CA GLU G 819 47.43 -3.36 -134.34
C GLU G 819 48.85 -2.90 -134.67
N ARG G 820 49.11 -1.61 -134.49
CA ARG G 820 50.44 -1.08 -134.73
C ARG G 820 51.32 -1.25 -133.50
N LEU G 821 52.63 -1.32 -133.74
CA LEU G 821 53.58 -1.52 -132.67
C LEU G 821 53.56 -0.33 -131.71
N ARG G 822 53.54 -0.63 -130.41
CA ARG G 822 53.47 0.38 -129.38
C ARG G 822 53.83 -0.25 -128.05
N LEU G 823 54.36 0.57 -127.14
CA LEU G 823 54.76 0.12 -125.82
C LEU G 823 53.66 0.46 -124.82
N GLU G 824 53.24 -0.53 -124.04
CA GLU G 824 52.09 -0.37 -123.18
C GLU G 824 52.29 -1.05 -121.83
N PRO G 825 51.72 -0.48 -120.77
CA PRO G 825 51.70 -1.19 -119.47
C PRO G 825 50.79 -2.39 -119.53
N ILE G 826 51.12 -3.40 -118.72
CA ILE G 826 50.48 -4.70 -118.78
C ILE G 826 49.56 -4.86 -117.58
N LYS G 827 48.32 -5.26 -117.83
CA LYS G 827 47.28 -5.35 -116.81
C LYS G 827 47.14 -4.07 -116.01
N GLU G 828 47.29 -2.94 -116.68
CA GLU G 828 47.08 -1.64 -116.07
C GLU G 828 45.58 -1.44 -115.86
N TYR G 829 45.21 -0.82 -114.75
CA TYR G 829 43.79 -0.61 -114.48
C TYR G 829 43.44 0.87 -114.47
N ARG G 830 44.36 1.70 -113.99
CA ARG G 830 44.13 3.13 -113.86
C ARG G 830 44.98 3.86 -114.89
N ARG G 831 44.33 4.45 -115.88
CA ARG G 831 45.00 5.20 -116.94
C ARG G 831 44.61 6.66 -116.84
N GLU G 832 45.59 7.55 -116.95
CA GLU G 832 45.32 8.97 -116.83
C GLU G 832 44.55 9.48 -118.04
N GLY G 833 43.37 10.04 -117.80
CA GLY G 833 42.60 10.68 -118.84
C GLY G 833 42.73 12.18 -118.75
N PRO G 834 42.57 12.86 -119.89
CA PRO G 834 42.78 14.32 -119.91
C PRO G 834 41.88 15.06 -118.95
N ARG G 835 40.60 14.70 -118.87
CA ARG G 835 39.71 15.34 -117.90
C ARG G 835 39.98 14.83 -116.49
N GLY G 836 40.21 13.52 -116.36
CA GLY G 836 40.53 12.92 -115.09
C GLY G 836 41.00 11.49 -115.30
N PRO G 837 41.63 10.91 -114.29
CA PRO G 837 42.12 9.54 -114.43
C PRO G 837 40.98 8.58 -114.77
N HIS G 838 41.26 7.65 -115.67
CA HIS G 838 40.27 6.72 -116.17
C HIS G 838 40.55 5.32 -115.65
N LEU G 839 39.57 4.74 -114.97
CA LEU G 839 39.67 3.33 -114.62
C LEU G 839 39.41 2.48 -115.85
N VAL G 840 40.15 1.39 -115.95
CA VAL G 840 40.08 0.50 -117.11
C VAL G 840 39.78 -0.91 -116.64
N GLY G 841 38.80 -1.55 -117.27
CA GLY G 841 38.47 -2.93 -116.97
C GLY G 841 39.51 -3.89 -117.51
N PRO G 842 39.39 -5.16 -117.18
CA PRO G 842 40.36 -6.14 -117.65
C PRO G 842 40.30 -6.29 -119.17
N SER G 843 41.45 -6.51 -119.78
CA SER G 843 41.48 -6.72 -121.22
C SER G 843 41.49 -8.21 -121.53
N ARG G 844 41.09 -8.55 -122.75
CA ARG G 844 41.17 -9.91 -123.26
C ARG G 844 42.53 -10.10 -123.90
N CYS G 845 43.13 -11.27 -123.68
CA CYS G 845 44.45 -11.57 -124.22
C CYS G 845 44.33 -12.68 -125.26
N LEU G 846 45.01 -12.49 -126.37
CA LEU G 846 45.07 -13.51 -127.41
C LEU G 846 45.82 -14.73 -126.86
N SER G 847 45.49 -15.89 -127.41
CA SER G 847 46.03 -17.15 -126.91
C SER G 847 46.70 -17.94 -128.03
N HIS G 848 47.56 -18.87 -127.60
CA HIS G 848 48.18 -19.79 -128.54
C HIS G 848 47.14 -20.50 -129.38
N THR G 849 46.02 -20.88 -128.77
CA THR G 849 44.94 -21.50 -129.52
C THR G 849 44.44 -20.55 -130.61
N ASP G 850 44.33 -19.27 -130.29
CA ASP G 850 43.93 -18.29 -131.29
C ASP G 850 44.94 -18.21 -132.42
N PHE G 851 46.23 -18.27 -132.08
CA PHE G 851 47.26 -18.28 -133.12
C PHE G 851 47.11 -19.50 -134.02
N VAL G 852 46.73 -20.63 -133.44
CA VAL G 852 46.55 -21.83 -134.28
C VAL G 852 45.24 -21.71 -135.05
N PRO G 853 45.23 -21.93 -136.36
CA PRO G 853 43.96 -21.94 -137.09
C PRO G 853 43.11 -23.12 -136.66
N CYS G 854 41.79 -22.93 -136.77
CA CYS G 854 40.80 -23.94 -136.39
C CYS G 854 39.83 -24.13 -137.55
N PRO G 855 40.23 -24.85 -138.58
CA PRO G 855 39.36 -25.04 -139.73
C PRO G 855 38.19 -25.95 -139.40
N VAL G 856 37.12 -25.83 -140.21
CA VAL G 856 35.98 -26.70 -140.05
C VAL G 856 36.30 -28.07 -140.67
N ASP G 857 35.66 -29.11 -140.14
CA ASP G 857 35.99 -30.48 -140.52
C ASP G 857 35.69 -30.72 -141.99
N THR G 858 36.59 -31.44 -142.66
CA THR G 858 36.45 -31.77 -144.07
C THR G 858 36.84 -33.21 -144.39
N VAL G 859 36.79 -34.12 -143.40
CA VAL G 859 37.29 -35.47 -143.62
C VAL G 859 36.42 -36.22 -144.63
N GLN G 860 35.11 -36.16 -144.47
CA GLN G 860 34.17 -36.88 -145.33
C GLN G 860 33.54 -35.88 -146.30
N ILE G 861 33.43 -36.28 -147.56
CA ILE G 861 32.84 -35.44 -148.60
C ILE G 861 31.75 -36.24 -149.30
N VAL G 862 30.55 -35.66 -149.37
CA VAL G 862 29.42 -36.27 -150.04
C VAL G 862 29.08 -35.42 -151.26
N LEU G 863 29.09 -36.05 -152.43
CA LEU G 863 28.81 -35.34 -153.66
C LEU G 863 27.70 -36.03 -154.44
N PRO G 864 26.49 -35.49 -154.46
CA PRO G 864 25.48 -35.96 -155.41
C PRO G 864 25.95 -35.72 -156.83
N PRO G 865 25.50 -36.53 -157.78
CA PRO G 865 26.00 -36.36 -159.17
C PRO G 865 25.71 -34.98 -159.75
N HIS G 866 24.53 -34.43 -159.46
CA HIS G 866 24.22 -33.10 -159.97
C HIS G 866 25.08 -32.05 -159.31
N LEU G 867 25.22 -32.13 -157.97
CA LEU G 867 26.17 -31.25 -157.30
C LEU G 867 27.56 -31.39 -157.91
N GLU G 868 27.94 -32.59 -158.33
CA GLU G 868 29.29 -32.84 -158.82
C GLU G 868 29.52 -32.16 -160.17
N ARG G 869 28.61 -32.38 -161.13
CA ARG G 869 28.78 -31.73 -162.42
C ARG G 869 28.68 -30.22 -162.28
N ILE G 870 27.75 -29.74 -161.46
CA ILE G 870 27.64 -28.31 -161.27
C ILE G 870 28.87 -27.75 -160.57
N ARG G 871 29.52 -28.51 -159.68
CA ARG G 871 30.66 -27.94 -158.99
C ARG G 871 31.88 -27.91 -159.89
N GLU G 872 31.98 -28.85 -160.83
CA GLU G 872 33.00 -28.69 -161.88
C GLU G 872 32.72 -27.45 -162.71
N LYS G 873 31.45 -27.22 -163.03
CA LYS G 873 31.09 -26.01 -163.77
C LYS G 873 31.45 -24.76 -162.97
N LEU G 874 31.19 -24.78 -161.65
CA LEU G 874 31.61 -23.67 -160.79
C LEU G 874 33.12 -23.52 -160.79
N ALA G 875 33.86 -24.62 -160.80
CA ALA G 875 35.31 -24.53 -160.83
C ALA G 875 35.78 -23.77 -162.07
N GLU G 876 35.33 -24.19 -163.24
CA GLU G 876 35.73 -23.48 -164.46
C GLU G 876 35.23 -22.04 -164.46
N ASN G 877 34.02 -21.82 -163.93
CA ASN G 877 33.43 -20.49 -163.95
C ASN G 877 34.16 -19.54 -163.01
N ILE G 878 34.55 -20.02 -161.83
CA ILE G 878 35.31 -19.17 -160.91
C ILE G 878 36.71 -18.96 -161.43
N HIS G 879 37.24 -19.91 -162.22
CA HIS G 879 38.55 -19.67 -162.83
C HIS G 879 38.47 -18.57 -163.89
N GLU G 880 37.39 -18.57 -164.70
CA GLU G 880 37.28 -17.49 -165.68
C GLU G 880 36.98 -16.16 -164.99
N LEU G 881 36.23 -16.19 -163.88
CA LEU G 881 36.05 -14.98 -163.08
C LEU G 881 37.37 -14.53 -162.48
N TRP G 882 38.24 -15.47 -162.13
CA TRP G 882 39.59 -15.12 -161.70
C TRP G 882 40.35 -14.44 -162.81
N ALA G 883 40.16 -14.89 -164.04
CA ALA G 883 40.73 -14.19 -165.19
C ALA G 883 40.20 -12.76 -165.27
N LEU G 884 38.89 -12.58 -165.03
CA LEU G 884 38.35 -11.21 -164.95
C LEU G 884 39.02 -10.40 -163.85
N THR G 885 39.21 -10.99 -162.68
CA THR G 885 39.89 -10.27 -161.60
C THR G 885 41.28 -9.85 -162.02
N ARG G 886 42.00 -10.73 -162.72
CA ARG G 886 43.34 -10.41 -163.19
C ARG G 886 43.30 -9.26 -164.19
N ILE G 887 42.34 -9.27 -165.12
CA ILE G 887 42.35 -8.23 -166.15
C ILE G 887 41.94 -6.89 -165.57
N GLU G 888 41.02 -6.89 -164.58
CA GLU G 888 40.79 -5.65 -163.82
C GLU G 888 42.04 -5.22 -163.09
N GLN G 889 42.83 -6.18 -162.57
CA GLN G 889 44.14 -5.85 -162.03
C GLN G 889 45.04 -5.28 -163.11
N GLY G 890 44.70 -5.51 -164.37
CA GLY G 890 45.53 -5.12 -165.49
C GLY G 890 46.49 -6.18 -165.93
N TRP G 891 46.42 -7.37 -165.33
CA TRP G 891 47.39 -8.42 -165.62
C TRP G 891 47.24 -8.90 -167.05
N THR G 892 48.37 -9.14 -167.71
CA THR G 892 48.39 -9.67 -169.06
C THR G 892 48.93 -11.08 -169.03
N TYR G 893 48.85 -11.76 -170.18
CA TYR G 893 49.48 -13.06 -170.29
C TYR G 893 50.99 -12.89 -170.43
N GLY G 894 51.74 -13.85 -169.89
CA GLY G 894 53.18 -13.77 -169.96
C GLY G 894 53.90 -15.01 -169.47
N PRO G 895 55.20 -15.09 -169.73
CA PRO G 895 55.96 -16.28 -169.31
C PRO G 895 56.00 -16.49 -167.81
N VAL G 896 56.07 -15.41 -167.03
CA VAL G 896 56.30 -15.48 -165.59
C VAL G 896 55.17 -14.75 -164.87
N ARG G 897 54.61 -15.40 -163.85
CA ARG G 897 53.52 -14.84 -163.06
C ARG G 897 54.07 -13.82 -162.09
N ASP G 898 53.92 -12.55 -162.41
CA ASP G 898 54.33 -11.45 -161.52
C ASP G 898 53.49 -10.23 -161.83
N ASP G 899 52.97 -9.60 -160.76
CA ASP G 899 52.14 -8.41 -160.95
C ASP G 899 52.98 -7.22 -161.41
N ASN G 900 54.23 -7.15 -160.96
CA ASN G 900 55.10 -6.05 -161.37
C ASN G 900 55.36 -6.08 -162.87
N LYS G 901 55.57 -7.28 -163.42
CA LYS G 901 55.73 -7.39 -164.88
C LYS G 901 54.40 -7.21 -165.59
N ARG G 902 53.28 -7.38 -164.88
CA ARG G 902 51.94 -7.32 -165.46
C ARG G 902 51.73 -8.41 -166.51
N LEU G 903 52.41 -9.55 -166.33
CA LEU G 903 52.34 -10.68 -167.25
C LEU G 903 52.08 -11.95 -166.45
N HIS G 904 51.29 -12.87 -166.99
CA HIS G 904 50.80 -14.01 -166.23
C HIS G 904 50.55 -15.21 -167.14
N PRO G 905 51.20 -16.35 -166.90
CA PRO G 905 50.95 -17.52 -167.76
C PRO G 905 49.59 -18.15 -167.57
N CYS G 906 49.16 -18.36 -166.32
CA CYS G 906 47.90 -19.06 -166.08
C CYS G 906 46.71 -18.23 -166.53
N LEU G 907 46.87 -16.91 -166.57
CA LEU G 907 45.77 -16.03 -166.96
C LEU G 907 45.54 -16.09 -168.47
N VAL G 908 44.41 -16.68 -168.86
CA VAL G 908 43.96 -16.79 -170.25
C VAL G 908 42.65 -17.57 -170.30
N ASN G 909 42.69 -18.85 -169.91
CA ASN G 909 41.52 -19.70 -169.97
C ASN G 909 41.68 -20.85 -168.99
N PHE G 910 40.55 -21.30 -168.43
CA PHE G 910 40.59 -22.45 -167.53
C PHE G 910 41.09 -23.70 -168.25
N HIS G 911 40.68 -23.89 -169.49
CA HIS G 911 41.23 -24.99 -170.29
C HIS G 911 42.72 -24.78 -170.54
N SER G 912 43.11 -23.55 -170.86
CA SER G 912 44.54 -23.24 -170.99
C SER G 912 45.23 -23.31 -169.64
N LEU G 913 44.49 -23.01 -168.57
CA LEU G 913 45.00 -23.26 -167.23
C LEU G 913 45.09 -24.78 -167.00
N PRO G 914 46.09 -25.25 -166.26
CA PRO G 914 46.16 -26.69 -166.00
C PRO G 914 44.96 -27.19 -165.20
N GLU G 915 44.45 -28.34 -165.63
CA GLU G 915 43.38 -29.00 -164.89
C GLU G 915 43.74 -29.32 -163.44
N PRO G 916 44.96 -29.73 -163.10
CA PRO G 916 45.29 -29.85 -161.65
C PRO G 916 45.12 -28.55 -160.89
N GLU G 917 45.43 -27.41 -161.49
CA GLU G 917 45.17 -26.14 -160.83
C GLU G 917 43.68 -25.85 -160.75
N ARG G 918 42.92 -26.26 -161.77
CA ARG G 918 41.47 -26.19 -161.67
C ARG G 918 40.96 -27.08 -160.55
N ASN G 919 41.72 -28.14 -160.22
CA ASN G 919 41.24 -29.16 -159.30
C ASN G 919 41.24 -28.64 -157.87
N TYR G 920 42.11 -27.66 -157.58
CA TYR G 920 42.19 -27.12 -156.23
C TYR G 920 40.84 -26.55 -155.82
N ASN G 921 40.03 -26.12 -156.79
CA ASN G 921 38.74 -25.55 -156.48
C ASN G 921 37.65 -26.61 -156.48
N LEU G 922 37.96 -27.81 -156.96
CA LEU G 922 37.01 -28.89 -156.77
C LEU G 922 36.80 -29.15 -155.28
N GLN G 923 37.90 -29.15 -154.51
CA GLN G 923 37.76 -29.41 -153.09
C GLN G 923 37.14 -28.24 -152.34
N MET G 924 37.34 -26.99 -152.79
CA MET G 924 36.71 -25.93 -151.99
C MET G 924 35.23 -25.87 -152.32
N SER G 925 34.86 -26.29 -153.53
CA SER G 925 33.44 -26.44 -153.82
C SER G 925 32.82 -27.56 -152.99
N GLY G 926 33.51 -28.70 -152.91
CA GLY G 926 33.05 -29.76 -152.04
C GLY G 926 32.97 -29.33 -150.60
N GLU G 927 33.91 -28.48 -150.17
CA GLU G 927 33.91 -27.98 -148.79
C GLU G 927 32.78 -26.99 -148.57
N THR G 928 32.46 -26.18 -149.57
CA THR G 928 31.29 -25.31 -149.47
C THR G 928 30.02 -26.14 -149.26
N LEU G 929 29.80 -27.12 -150.13
CA LEU G 929 28.61 -27.96 -149.95
C LEU G 929 28.65 -28.69 -148.61
N LYS G 930 29.84 -29.17 -148.22
CA LYS G 930 30.00 -29.86 -146.96
C LYS G 930 29.62 -28.97 -145.78
N THR G 931 30.06 -27.72 -145.81
CA THR G 931 29.76 -26.80 -144.72
C THR G 931 28.29 -26.41 -144.73
N LEU G 932 27.69 -26.36 -145.92
CA LEU G 932 26.26 -26.09 -145.99
C LEU G 932 25.46 -27.22 -145.34
N LEU G 933 25.85 -28.47 -145.61
CA LEU G 933 25.21 -29.58 -144.91
C LEU G 933 25.57 -29.57 -143.42
N ALA G 934 26.77 -29.11 -143.09
CA ALA G 934 27.25 -29.21 -141.72
C ALA G 934 26.62 -28.17 -140.82
N LEU G 935 26.17 -27.06 -141.40
CA LEU G 935 25.41 -26.09 -140.63
C LEU G 935 23.92 -26.38 -140.70
N GLY G 936 23.53 -27.32 -141.55
CA GLY G 936 22.13 -27.63 -141.76
C GLY G 936 21.50 -26.88 -142.91
N CYS G 937 22.20 -25.93 -143.52
CA CYS G 937 21.63 -25.19 -144.63
C CYS G 937 21.78 -25.97 -145.93
N HIS G 938 20.69 -26.62 -146.34
CA HIS G 938 20.67 -27.46 -147.53
C HIS G 938 20.78 -26.58 -148.77
N VAL G 939 21.52 -27.07 -149.76
CA VAL G 939 21.73 -26.37 -151.02
C VAL G 939 21.09 -27.21 -152.14
N GLY G 940 20.25 -26.56 -152.94
CA GLY G 940 19.57 -27.25 -154.02
C GLY G 940 19.10 -26.26 -155.07
N MET G 941 18.51 -26.80 -156.13
CA MET G 941 18.07 -25.97 -157.24
C MET G 941 16.98 -24.99 -156.78
N ALA G 942 17.33 -23.70 -156.73
CA ALA G 942 16.29 -22.69 -156.64
C ALA G 942 15.53 -22.58 -157.94
N ASP G 943 16.25 -22.52 -159.06
CA ASP G 943 15.67 -22.64 -160.40
C ASP G 943 16.53 -23.63 -161.18
N GLU G 944 15.87 -24.62 -161.79
CA GLU G 944 16.62 -25.65 -162.52
C GLU G 944 17.13 -25.11 -163.84
N LYS G 945 16.33 -24.28 -164.51
CA LYS G 945 16.76 -23.73 -165.80
C LYS G 945 17.96 -22.82 -165.64
N ALA G 946 18.11 -22.21 -164.46
CA ALA G 946 19.29 -21.37 -164.21
C ALA G 946 20.57 -22.19 -164.28
N GLU G 947 20.57 -23.38 -163.68
CA GLU G 947 21.74 -24.25 -163.76
C GLU G 947 21.86 -24.91 -165.13
N ASP G 948 20.72 -25.13 -165.79
CA ASP G 948 20.77 -25.68 -167.14
C ASP G 948 21.48 -24.72 -168.10
N ASN G 949 21.08 -23.45 -168.10
CA ASN G 949 21.69 -22.43 -168.94
C ASN G 949 21.78 -21.14 -168.15
N LEU G 950 22.91 -20.44 -168.29
CA LEU G 950 23.17 -19.20 -167.59
C LEU G 950 23.32 -18.07 -168.61
N LYS G 951 22.64 -16.95 -168.36
CA LYS G 951 22.85 -15.77 -169.18
C LYS G 951 24.26 -15.25 -168.97
N LYS G 952 24.91 -14.87 -170.08
CA LYS G 952 26.34 -14.59 -170.09
C LYS G 952 26.57 -13.18 -170.61
N THR G 953 27.25 -12.36 -169.82
CA THR G 953 27.70 -11.06 -170.30
C THR G 953 28.92 -11.24 -171.20
N LYS G 954 29.09 -10.31 -172.14
CA LYS G 954 30.17 -10.38 -173.11
C LYS G 954 31.30 -9.45 -172.69
N LEU G 955 32.46 -10.03 -172.42
CA LEU G 955 33.62 -9.21 -172.11
C LEU G 955 34.15 -8.55 -173.38
N PRO G 956 34.37 -7.23 -173.36
CA PRO G 956 34.98 -6.58 -174.53
C PRO G 956 36.39 -7.13 -174.78
N LYS G 957 36.73 -7.25 -176.05
CA LYS G 957 38.08 -7.68 -176.40
C LYS G 957 39.10 -6.58 -176.09
N THR G 958 38.61 -5.38 -175.77
CA THR G 958 39.48 -4.27 -175.39
C THR G 958 40.37 -4.65 -174.20
N TYR G 959 39.87 -5.52 -173.32
CA TYR G 959 40.66 -6.03 -172.21
C TYR G 959 41.99 -6.55 -172.74
N MET G 960 43.08 -6.10 -172.13
CA MET G 960 44.42 -6.30 -172.67
C MET G 960 45.16 -7.41 -171.92
N MET G 961 45.54 -8.44 -172.66
CA MET G 961 46.47 -9.48 -172.23
C MET G 961 47.09 -10.13 -173.46
N SER G 962 48.24 -10.77 -173.24
CA SER G 962 49.05 -11.20 -174.38
C SER G 962 48.35 -12.28 -175.20
N ASN G 963 47.61 -13.17 -174.53
CA ASN G 963 46.97 -14.25 -175.27
C ASN G 963 45.76 -13.75 -176.04
N GLY G 964 45.00 -12.81 -175.47
CA GLY G 964 43.90 -12.20 -176.19
C GLY G 964 42.51 -12.69 -175.85
N TYR G 965 42.36 -13.61 -174.91
CA TYR G 965 41.06 -14.25 -174.65
C TYR G 965 40.76 -14.32 -173.16
N LYS G 966 39.52 -13.99 -172.79
CA LYS G 966 38.93 -14.26 -171.49
C LYS G 966 37.57 -14.91 -171.73
N PRO G 967 37.22 -15.96 -170.99
CA PRO G 967 35.87 -16.52 -171.09
C PRO G 967 34.85 -15.60 -170.42
N ALA G 968 33.63 -15.64 -170.94
CA ALA G 968 32.59 -14.72 -170.49
C ALA G 968 32.13 -15.07 -169.07
N PRO G 969 31.75 -14.07 -168.27
CA PRO G 969 31.16 -14.35 -166.97
C PRO G 969 29.64 -14.38 -167.02
N LEU G 970 29.04 -14.74 -165.89
CA LEU G 970 27.58 -14.83 -165.81
C LEU G 970 26.97 -13.44 -165.86
N ASP G 971 25.64 -13.40 -166.01
CA ASP G 971 24.91 -12.17 -165.79
C ASP G 971 24.80 -11.90 -164.30
N LEU G 972 25.31 -10.75 -163.86
CA LEU G 972 25.40 -10.50 -162.42
C LEU G 972 24.13 -9.84 -161.89
N SER G 973 23.41 -9.11 -162.74
CA SER G 973 22.35 -8.23 -162.26
C SER G 973 21.17 -9.00 -161.70
N HIS G 974 20.82 -10.13 -162.33
CA HIS G 974 19.53 -10.76 -162.03
C HIS G 974 19.51 -11.39 -160.64
N VAL G 975 20.66 -11.48 -159.98
CA VAL G 975 20.70 -12.04 -158.64
C VAL G 975 20.87 -10.94 -157.60
N ARG G 976 20.15 -11.07 -156.48
CA ARG G 976 20.29 -10.18 -155.34
C ARG G 976 20.80 -10.97 -154.15
N LEU G 977 21.13 -10.26 -153.08
CA LEU G 977 21.77 -10.85 -151.91
C LEU G 977 20.92 -10.63 -150.66
N THR G 978 21.06 -11.54 -149.70
CA THR G 978 20.38 -11.39 -148.43
C THR G 978 21.39 -11.37 -147.28
N PRO G 979 21.13 -10.59 -146.23
CA PRO G 979 22.13 -10.43 -145.16
C PRO G 979 22.50 -11.72 -144.46
N ALA G 980 21.52 -12.62 -144.25
CA ALA G 980 21.85 -13.91 -143.66
C ALA G 980 22.81 -14.68 -144.56
N GLN G 981 22.56 -14.66 -145.87
CA GLN G 981 23.47 -15.30 -146.81
C GLN G 981 24.85 -14.66 -146.74
N THR G 982 24.90 -13.34 -146.57
CA THR G 982 26.19 -12.68 -146.42
C THR G 982 26.93 -13.19 -145.19
N THR G 983 26.21 -13.38 -144.08
CA THR G 983 26.85 -13.95 -142.89
C THR G 983 27.39 -15.35 -143.18
N LEU G 984 26.60 -16.18 -143.84
CA LEU G 984 27.07 -17.53 -144.16
C LEU G 984 28.32 -17.49 -145.02
N VAL G 985 28.36 -16.58 -146.00
CA VAL G 985 29.49 -16.56 -146.91
C VAL G 985 30.71 -15.91 -146.24
N ASP G 986 30.49 -15.06 -145.26
CA ASP G 986 31.62 -14.61 -144.44
C ASP G 986 32.19 -15.78 -143.64
N ARG G 987 31.33 -16.66 -143.12
CA ARG G 987 31.84 -17.87 -142.51
C ARG G 987 32.62 -18.71 -143.53
N LEU G 988 32.12 -18.74 -144.77
CA LEU G 988 32.80 -19.47 -145.82
C LEU G 988 34.20 -18.89 -146.07
N ALA G 989 34.30 -17.56 -146.07
CA ALA G 989 35.60 -16.92 -146.21
C ALA G 989 36.51 -17.25 -145.04
N GLU G 990 35.96 -17.26 -143.83
CA GLU G 990 36.68 -17.73 -142.65
C GLU G 990 37.26 -19.12 -142.90
N ASN G 991 36.42 -20.04 -143.37
CA ASN G 991 36.88 -21.40 -143.61
C ASN G 991 37.94 -21.45 -144.70
N GLY G 992 37.78 -20.66 -145.76
CA GLY G 992 38.76 -20.68 -146.83
C GLY G 992 40.13 -20.20 -146.35
N HIS G 993 40.15 -19.12 -145.57
CA HIS G 993 41.40 -18.68 -144.99
C HIS G 993 41.98 -19.74 -144.08
N ASN G 994 41.12 -20.43 -143.32
CA ASN G 994 41.60 -21.49 -142.44
C ASN G 994 42.22 -22.64 -143.24
N VAL G 995 41.61 -22.98 -144.37
CA VAL G 995 42.13 -24.04 -145.23
C VAL G 995 43.50 -23.63 -145.77
N TRP G 996 43.62 -22.40 -146.25
CA TRP G 996 44.91 -21.93 -146.74
C TRP G 996 45.93 -21.96 -145.61
N ALA G 997 45.49 -21.62 -144.39
CA ALA G 997 46.40 -21.61 -143.25
C ALA G 997 46.92 -23.01 -142.94
N ARG G 998 46.04 -24.00 -142.88
CA ARG G 998 46.52 -25.34 -142.57
C ARG G 998 47.42 -25.86 -143.68
N ASP G 999 47.05 -25.55 -144.94
CA ASP G 999 47.88 -25.96 -146.06
C ASP G 999 49.28 -25.37 -145.94
N ARG G 1000 49.38 -24.09 -145.61
CA ARG G 1000 50.69 -23.46 -145.55
C ARG G 1000 51.45 -23.90 -144.32
N VAL G 1001 50.74 -24.28 -143.25
CA VAL G 1001 51.40 -24.87 -142.09
C VAL G 1001 52.01 -26.21 -142.48
N ALA G 1002 51.26 -27.03 -143.21
CA ALA G 1002 51.82 -28.27 -143.75
C ALA G 1002 53.00 -27.97 -144.66
N GLN G 1003 52.97 -26.83 -145.34
CA GLN G 1003 54.13 -26.39 -146.10
C GLN G 1003 55.30 -26.08 -145.18
N GLY G 1004 55.04 -25.93 -143.89
CA GLY G 1004 56.04 -25.49 -142.95
C GLY G 1004 56.21 -23.99 -142.90
N TRP G 1005 55.45 -23.24 -143.68
CA TRP G 1005 55.57 -21.79 -143.71
C TRP G 1005 55.15 -21.20 -142.37
N SER G 1006 55.73 -20.05 -142.04
CA SER G 1006 55.42 -19.37 -140.79
C SER G 1006 55.04 -17.93 -141.05
N TYR G 1007 54.53 -17.28 -140.01
CA TYR G 1007 54.16 -15.88 -140.11
C TYR G 1007 55.37 -14.98 -139.97
N SER G 1008 55.26 -13.77 -140.51
CA SER G 1008 56.27 -12.73 -140.33
C SER G 1008 55.66 -11.38 -140.64
N ALA G 1009 56.42 -10.32 -140.34
CA ALA G 1009 55.99 -8.98 -140.73
C ALA G 1009 56.19 -8.77 -142.23
N VAL G 1010 57.17 -9.47 -142.81
CA VAL G 1010 57.48 -9.35 -144.23
C VAL G 1010 57.37 -10.73 -144.86
N GLN G 1011 57.21 -10.76 -146.18
CA GLN G 1011 57.03 -12.01 -146.91
C GLN G 1011 58.33 -12.33 -147.65
N ASP G 1012 58.83 -13.56 -147.46
CA ASP G 1012 59.99 -14.03 -148.19
C ASP G 1012 59.78 -15.49 -148.57
N ILE G 1013 59.90 -15.77 -149.88
CA ILE G 1013 59.72 -17.14 -150.35
C ILE G 1013 60.75 -18.09 -149.75
N PRO G 1014 62.06 -17.81 -149.79
CA PRO G 1014 63.01 -18.75 -149.18
C PRO G 1014 62.83 -18.92 -147.69
N ALA G 1015 62.64 -17.82 -146.94
CA ALA G 1015 62.48 -17.93 -145.51
C ALA G 1015 61.16 -18.62 -145.15
N ARG G 1016 60.26 -18.73 -146.13
CA ARG G 1016 58.94 -19.33 -145.92
C ARG G 1016 58.21 -18.61 -144.79
N ARG G 1017 58.35 -17.29 -144.75
CA ARG G 1017 57.72 -16.45 -143.74
C ARG G 1017 56.83 -15.45 -144.45
N ASN G 1018 55.60 -15.30 -143.96
CA ASN G 1018 54.62 -14.51 -144.71
C ASN G 1018 53.60 -13.86 -143.79
N PRO G 1019 53.33 -12.56 -143.99
CA PRO G 1019 52.28 -11.90 -143.21
C PRO G 1019 50.91 -12.50 -143.39
N ARG G 1020 50.57 -12.93 -144.61
CA ARG G 1020 49.23 -13.42 -144.87
C ARG G 1020 48.93 -14.66 -144.05
N LEU G 1021 49.95 -15.45 -143.72
CA LEU G 1021 49.74 -16.69 -142.99
C LEU G 1021 49.42 -16.31 -141.55
N VAL G 1022 48.11 -16.23 -141.28
CA VAL G 1022 47.59 -15.87 -139.96
C VAL G 1022 46.10 -16.21 -139.95
N PRO G 1023 45.56 -16.59 -138.80
CA PRO G 1023 44.12 -16.87 -138.73
C PRO G 1023 43.31 -15.65 -139.15
N TYR G 1024 42.18 -15.93 -139.81
CA TYR G 1024 41.38 -14.87 -140.43
C TYR G 1024 40.87 -13.87 -139.40
N ARG G 1025 40.38 -14.36 -138.25
CA ARG G 1025 39.93 -13.43 -137.22
C ARG G 1025 41.08 -12.55 -136.73
N LEU G 1026 42.25 -13.14 -136.54
CA LEU G 1026 43.39 -12.37 -136.05
C LEU G 1026 43.88 -11.39 -137.11
N LEU G 1027 43.57 -11.66 -138.38
CA LEU G 1027 44.07 -10.83 -139.47
C LEU G 1027 43.55 -9.40 -139.36
N ASP G 1028 44.40 -8.46 -139.77
CA ASP G 1028 44.05 -7.05 -139.71
C ASP G 1028 42.80 -6.76 -140.54
N GLU G 1029 42.19 -5.60 -140.30
CA GLU G 1029 40.96 -5.26 -140.99
C GLU G 1029 41.22 -4.97 -142.47
N ALA G 1030 42.36 -4.36 -142.79
CA ALA G 1030 42.64 -4.04 -144.19
C ALA G 1030 42.83 -5.29 -145.03
N THR G 1031 43.70 -6.21 -144.58
CA THR G 1031 43.91 -7.44 -145.32
C THR G 1031 42.66 -8.32 -145.24
N LYS G 1032 41.94 -8.26 -144.13
CA LYS G 1032 40.68 -8.96 -144.02
C LYS G 1032 39.70 -8.46 -145.06
N ARG G 1033 39.66 -7.14 -145.27
CA ARG G 1033 38.79 -6.57 -146.28
C ARG G 1033 39.25 -6.96 -147.68
N SER G 1034 40.55 -7.05 -147.89
CA SER G 1034 41.05 -7.49 -149.20
C SER G 1034 40.64 -8.92 -149.51
N ASN G 1035 40.96 -9.85 -148.59
CA ASN G 1035 40.59 -11.25 -148.80
C ASN G 1035 39.08 -11.42 -148.83
N ARG G 1036 38.36 -10.60 -148.06
CA ARG G 1036 36.91 -10.73 -148.04
C ARG G 1036 36.29 -10.16 -149.30
N ASP G 1037 36.89 -9.12 -149.87
CA ASP G 1037 36.45 -8.64 -151.17
C ASP G 1037 36.65 -9.71 -152.23
N SER G 1038 37.82 -10.36 -152.22
CA SER G 1038 38.06 -11.43 -153.20
C SER G 1038 37.08 -12.59 -153.00
N LEU G 1039 36.91 -13.03 -151.76
CA LEU G 1039 36.10 -14.21 -151.51
C LEU G 1039 34.62 -13.89 -151.64
N CYS G 1040 34.22 -12.65 -151.39
CA CYS G 1040 32.84 -12.27 -151.62
C CYS G 1040 32.58 -11.94 -153.07
N GLN G 1041 33.63 -11.73 -153.86
CA GLN G 1041 33.47 -11.75 -155.31
C GLN G 1041 33.22 -13.18 -155.78
N ALA G 1042 33.97 -14.13 -155.22
CA ALA G 1042 33.64 -15.54 -155.44
C ALA G 1042 32.21 -15.82 -155.02
N VAL G 1043 31.77 -15.23 -153.91
CA VAL G 1043 30.40 -15.38 -153.43
C VAL G 1043 29.41 -14.73 -154.40
N ARG G 1044 29.80 -13.59 -154.98
CA ARG G 1044 28.96 -12.95 -155.98
C ARG G 1044 28.73 -13.89 -157.15
N THR G 1045 29.80 -14.56 -157.59
CA THR G 1045 29.65 -15.59 -158.62
C THR G 1045 28.78 -16.74 -158.14
N LEU G 1046 28.95 -17.15 -156.87
CA LEU G 1046 28.16 -18.26 -156.33
C LEU G 1046 26.68 -17.93 -156.31
N LEU G 1047 26.34 -16.69 -155.94
CA LEU G 1047 24.94 -16.27 -155.97
C LEU G 1047 24.45 -16.14 -157.40
N GLY G 1048 25.33 -15.72 -158.31
CA GLY G 1048 24.97 -15.72 -159.72
C GLY G 1048 24.65 -17.11 -160.24
N TYR G 1049 25.22 -18.13 -159.60
CA TYR G 1049 24.80 -19.51 -159.90
C TYR G 1049 23.33 -19.71 -159.57
N GLY G 1050 22.94 -19.40 -158.34
CA GLY G 1050 21.52 -19.35 -158.01
C GLY G 1050 20.90 -20.62 -157.48
N TYR G 1051 21.62 -21.39 -156.66
CA TYR G 1051 20.97 -22.44 -155.89
C TYR G 1051 20.11 -21.86 -154.78
N ASN G 1052 19.20 -22.68 -154.25
CA ASN G 1052 18.48 -22.28 -153.06
C ASN G 1052 19.36 -22.49 -151.83
N ILE G 1053 19.16 -21.64 -150.83
CA ILE G 1053 19.87 -21.74 -149.56
C ILE G 1053 18.84 -21.71 -148.44
N GLU G 1054 18.39 -22.89 -148.03
CA GLU G 1054 17.56 -23.00 -146.85
C GLU G 1054 18.38 -22.57 -145.64
N PRO G 1055 18.03 -21.48 -144.98
CA PRO G 1055 18.92 -20.93 -143.93
C PRO G 1055 19.15 -21.94 -142.82
N PRO G 1056 20.37 -22.02 -142.31
CA PRO G 1056 20.66 -23.01 -141.28
C PRO G 1056 20.00 -22.65 -139.95
N ASP G 1057 19.57 -23.69 -139.24
CA ASP G 1057 19.02 -23.48 -137.90
C ASP G 1057 20.12 -22.93 -136.98
N GLN G 1058 19.90 -21.71 -136.49
CA GLN G 1058 20.95 -20.98 -135.78
C GLN G 1058 21.42 -21.75 -134.55
N GLU G 1059 22.74 -21.86 -134.41
CA GLU G 1059 23.36 -22.56 -133.31
C GLU G 1059 24.08 -21.56 -132.40
N PRO G 1060 23.62 -21.37 -131.17
CA PRO G 1060 24.32 -20.45 -130.27
C PRO G 1060 25.58 -21.09 -129.70
N SER G 1061 26.42 -20.25 -129.07
CA SER G 1061 27.66 -20.70 -128.47
C SER G 1061 28.12 -19.69 -127.43
N GLN G 1062 29.05 -20.11 -126.59
CA GLN G 1062 29.62 -19.27 -125.54
C GLN G 1062 31.14 -19.22 -125.72
N VAL G 1063 31.73 -18.06 -125.47
CA VAL G 1063 33.14 -17.87 -125.78
C VAL G 1063 34.01 -18.11 -124.54
N GLU G 1064 33.68 -17.47 -123.42
CA GLU G 1064 34.52 -17.48 -122.22
C GLU G 1064 35.95 -17.06 -122.56
N ASN G 1065 36.10 -15.82 -123.03
CA ASN G 1065 37.43 -15.31 -123.35
C ASN G 1065 38.25 -15.08 -122.09
N GLN G 1066 37.60 -14.61 -121.02
CA GLN G 1066 38.25 -14.35 -119.75
C GLN G 1066 37.60 -15.22 -118.69
N SER G 1067 38.38 -15.56 -117.66
CA SER G 1067 37.84 -16.33 -116.55
C SER G 1067 36.77 -15.51 -115.82
N ARG G 1068 35.85 -16.22 -115.19
CA ARG G 1068 34.70 -15.57 -114.56
C ARG G 1068 35.13 -14.48 -113.60
N TRP G 1069 36.24 -14.70 -112.90
CA TRP G 1069 36.73 -13.70 -111.96
C TRP G 1069 37.39 -12.53 -112.69
N ASP G 1070 38.14 -12.83 -113.76
CA ASP G 1070 38.77 -11.77 -114.52
C ASP G 1070 37.77 -11.08 -115.44
N ARG G 1071 36.52 -11.57 -115.46
CA ARG G 1071 35.50 -10.96 -116.30
C ARG G 1071 35.28 -9.49 -115.94
N VAL G 1072 35.05 -9.21 -114.67
CA VAL G 1072 34.69 -7.88 -114.21
C VAL G 1072 35.57 -7.50 -113.03
N ARG G 1073 36.06 -6.27 -113.05
CA ARG G 1073 36.76 -5.69 -111.90
C ARG G 1073 35.88 -4.62 -111.29
N ILE G 1074 35.64 -4.71 -109.99
CA ILE G 1074 34.74 -3.83 -109.27
C ILE G 1074 35.58 -2.88 -108.41
N PHE G 1075 35.24 -1.61 -108.46
CA PHE G 1075 35.98 -0.57 -107.75
C PHE G 1075 35.06 0.13 -106.75
N ARG G 1076 35.53 0.24 -105.51
CA ARG G 1076 34.71 0.74 -104.41
C ARG G 1076 35.56 1.61 -103.50
N ALA G 1077 34.89 2.47 -102.74
CA ALA G 1077 35.58 3.33 -101.80
C ALA G 1077 35.86 2.58 -100.49
N GLU G 1078 36.78 3.13 -99.70
CA GLU G 1078 37.14 2.53 -98.44
C GLU G 1078 35.97 2.62 -97.45
N LYS G 1079 35.91 1.63 -96.56
CA LYS G 1079 34.79 1.54 -95.63
C LYS G 1079 34.68 2.78 -94.76
N SER G 1080 35.82 3.39 -94.43
CA SER G 1080 35.80 4.54 -93.53
C SER G 1080 35.01 5.69 -94.12
N TYR G 1081 35.04 5.85 -95.45
CA TYR G 1081 34.35 6.96 -96.08
C TYR G 1081 32.86 6.72 -96.23
N THR G 1082 32.35 5.62 -95.67
CA THR G 1082 30.93 5.32 -95.78
C THR G 1082 30.09 6.41 -95.13
N VAL G 1083 28.99 6.77 -95.79
CA VAL G 1083 28.04 7.74 -95.27
C VAL G 1083 26.80 6.98 -94.81
N GLN G 1084 26.27 7.38 -93.66
CA GLN G 1084 25.09 6.74 -93.11
C GLN G 1084 23.87 7.66 -93.10
N SER G 1085 24.01 8.87 -93.62
CA SER G 1085 22.91 9.82 -93.69
C SER G 1085 23.23 10.88 -94.72
N GLY G 1086 22.36 11.87 -94.82
CA GLY G 1086 22.56 12.97 -95.76
C GLY G 1086 22.20 12.59 -97.18
N ARG G 1087 22.50 13.51 -98.09
CA ARG G 1087 22.22 13.33 -99.50
C ARG G 1087 23.49 13.59 -100.29
N TRP G 1088 23.77 12.74 -101.28
CA TRP G 1088 25.05 12.78 -101.98
C TRP G 1088 24.87 12.49 -103.46
N TYR G 1089 25.81 12.98 -104.26
CA TYR G 1089 25.83 12.81 -105.70
C TYR G 1089 27.24 12.53 -106.15
N PHE G 1090 27.41 11.50 -106.99
CA PHE G 1090 28.64 11.28 -107.72
C PHE G 1090 28.31 10.98 -109.18
N GLU G 1091 29.11 11.54 -110.08
CA GLU G 1091 28.86 11.44 -111.52
C GLU G 1091 29.90 10.53 -112.15
N PHE G 1092 29.45 9.65 -113.03
CA PHE G 1092 30.33 8.70 -113.70
C PHE G 1092 30.36 9.01 -115.19
N GLU G 1093 31.57 9.07 -115.75
CA GLU G 1093 31.79 9.25 -117.17
C GLU G 1093 32.13 7.90 -117.78
N ALA G 1094 31.38 7.50 -118.79
CA ALA G 1094 31.59 6.23 -119.48
C ALA G 1094 32.45 6.48 -120.71
N VAL G 1095 33.76 6.24 -120.59
CA VAL G 1095 34.65 6.39 -121.74
C VAL G 1095 34.31 5.37 -122.80
N THR G 1096 33.92 4.16 -122.38
CA THR G 1096 33.57 3.09 -123.29
C THR G 1096 32.07 2.84 -123.23
N THR G 1097 31.49 2.47 -124.37
CA THR G 1097 30.06 2.19 -124.43
C THR G 1097 29.74 0.78 -123.97
N GLY G 1098 30.75 -0.01 -123.58
CA GLY G 1098 30.50 -1.34 -123.10
C GLY G 1098 29.68 -1.36 -121.82
N GLU G 1099 29.57 -2.54 -121.22
CA GLU G 1099 28.74 -2.67 -120.04
C GLU G 1099 29.55 -2.38 -118.78
N MET G 1100 29.06 -1.43 -117.99
CA MET G 1100 29.51 -1.23 -116.62
C MET G 1100 28.28 -1.05 -115.74
N ARG G 1101 28.43 -1.38 -114.46
CA ARG G 1101 27.38 -1.15 -113.47
C ARG G 1101 27.90 -0.18 -112.43
N VAL G 1102 27.09 0.82 -112.10
CA VAL G 1102 27.44 1.84 -111.14
C VAL G 1102 26.26 2.05 -110.20
N GLY G 1103 26.56 2.32 -108.93
CA GLY G 1103 25.51 2.59 -107.96
C GLY G 1103 26.04 2.55 -106.55
N TRP G 1104 25.20 2.97 -105.62
CA TRP G 1104 25.55 2.93 -104.20
C TRP G 1104 25.44 1.50 -103.70
N ALA G 1105 26.29 1.15 -102.72
CA ALA G 1105 26.32 -0.20 -102.20
C ALA G 1105 26.76 -0.19 -100.74
N ARG G 1106 26.51 -1.30 -100.06
CA ARG G 1106 26.91 -1.43 -98.67
C ARG G 1106 28.42 -1.63 -98.59
N PRO G 1107 29.04 -1.31 -97.44
CA PRO G 1107 30.51 -1.34 -97.40
C PRO G 1107 31.11 -2.72 -97.52
N GLU G 1108 30.59 -3.69 -96.76
CA GLU G 1108 31.20 -5.01 -96.65
C GLU G 1108 30.84 -5.94 -97.80
N LEU G 1109 30.44 -5.41 -98.95
CA LEU G 1109 30.07 -6.25 -100.09
C LEU G 1109 31.23 -7.17 -100.49
N ARG G 1110 30.90 -8.42 -100.77
CA ARG G 1110 31.90 -9.38 -101.17
C ARG G 1110 32.31 -9.17 -102.62
N PRO G 1111 33.61 -9.06 -102.88
CA PRO G 1111 34.04 -8.87 -104.27
C PRO G 1111 33.70 -10.04 -105.18
N ASP G 1112 33.60 -11.25 -104.63
CA ASP G 1112 33.39 -12.43 -105.46
C ASP G 1112 32.00 -12.43 -106.09
N VAL G 1113 30.97 -12.14 -105.30
CA VAL G 1113 29.61 -12.21 -105.81
C VAL G 1113 29.38 -11.10 -106.81
N GLU G 1114 28.61 -11.40 -107.86
CA GLU G 1114 28.32 -10.42 -108.89
C GLU G 1114 27.40 -9.32 -108.34
N LEU G 1115 27.67 -8.09 -108.75
CA LEU G 1115 26.86 -6.96 -108.32
C LEU G 1115 25.42 -7.09 -108.81
N GLY G 1116 24.48 -6.62 -108.01
CA GLY G 1116 23.09 -6.55 -108.40
C GLY G 1116 22.36 -7.87 -108.41
N ALA G 1117 23.06 -9.00 -108.54
CA ALA G 1117 22.40 -10.29 -108.47
C ALA G 1117 21.77 -10.50 -107.10
N ASP G 1118 22.47 -10.08 -106.05
CA ASP G 1118 21.94 -10.16 -104.71
C ASP G 1118 21.25 -8.85 -104.33
N GLU G 1119 20.56 -8.88 -103.18
CA GLU G 1119 19.97 -7.66 -102.64
C GLU G 1119 21.05 -6.77 -102.04
N LEU G 1120 22.31 -7.17 -102.20
CA LEU G 1120 23.39 -6.57 -101.42
C LEU G 1120 23.90 -5.28 -102.06
N ALA G 1121 24.03 -5.26 -103.38
CA ALA G 1121 24.53 -4.10 -104.11
C ALA G 1121 23.44 -3.55 -105.01
N TYR G 1122 23.38 -2.22 -105.12
CA TYR G 1122 22.42 -1.53 -105.97
C TYR G 1122 23.17 -0.83 -107.09
N VAL G 1123 22.95 -1.29 -108.33
CA VAL G 1123 23.63 -0.75 -109.49
C VAL G 1123 22.67 -0.76 -110.67
N PHE G 1124 23.00 0.00 -111.70
CA PHE G 1124 22.29 0.00 -112.96
C PHE G 1124 23.29 0.05 -114.10
N ASN G 1125 23.06 -0.75 -115.14
CA ASN G 1125 23.93 -0.75 -116.31
C ASN G 1125 23.16 -0.16 -117.48
N GLY G 1126 23.76 0.83 -118.11
CA GLY G 1126 23.16 1.38 -119.32
C GLY G 1126 23.14 0.38 -120.47
N HIS G 1127 24.22 -0.40 -120.60
CA HIS G 1127 24.38 -1.21 -121.81
C HIS G 1127 23.20 -2.16 -122.02
N ARG G 1128 22.78 -2.87 -120.97
CA ARG G 1128 21.55 -3.64 -121.08
C ARG G 1128 20.32 -2.76 -120.90
N GLY G 1129 20.52 -1.53 -120.42
CA GLY G 1129 19.38 -0.71 -120.08
C GLY G 1129 18.52 -1.27 -118.98
N GLN G 1130 19.14 -1.78 -117.92
CA GLN G 1130 18.43 -2.48 -116.87
C GLN G 1130 19.14 -2.28 -115.53
N ARG G 1131 18.35 -2.06 -114.49
CA ARG G 1131 18.87 -1.84 -113.14
C ARG G 1131 18.92 -3.16 -112.40
N TRP G 1132 19.92 -3.32 -111.54
CA TRP G 1132 20.16 -4.58 -110.85
C TRP G 1132 20.10 -4.36 -109.34
N HIS G 1133 19.27 -5.15 -108.67
CA HIS G 1133 19.28 -5.30 -107.22
C HIS G 1133 18.41 -6.49 -106.88
N LEU G 1134 18.95 -7.40 -106.07
CA LEU G 1134 18.31 -8.69 -105.83
C LEU G 1134 17.94 -9.33 -107.17
N GLY G 1135 18.90 -9.35 -108.07
CA GLY G 1135 18.65 -9.71 -109.44
C GLY G 1135 18.59 -8.48 -110.34
N SER G 1136 18.35 -8.74 -111.62
CA SER G 1136 18.36 -7.70 -112.65
C SER G 1136 16.96 -7.52 -113.20
N GLU G 1137 16.48 -6.27 -113.21
CA GLU G 1137 15.19 -5.94 -113.76
C GLU G 1137 15.25 -4.63 -114.54
N PRO G 1138 14.52 -4.51 -115.65
CA PRO G 1138 14.80 -3.43 -116.61
C PRO G 1138 14.53 -2.06 -116.02
N PHE G 1139 15.28 -1.07 -116.52
CA PHE G 1139 15.10 0.32 -116.13
C PHE G 1139 15.96 1.21 -117.01
N GLY G 1140 15.41 2.36 -117.39
CA GLY G 1140 16.19 3.36 -118.10
C GLY G 1140 16.41 3.06 -119.56
N ARG G 1141 17.38 3.78 -120.14
CA ARG G 1141 17.70 3.73 -121.55
C ARG G 1141 19.20 3.52 -121.73
N PRO G 1142 19.60 2.74 -122.74
CA PRO G 1142 21.02 2.46 -122.95
C PRO G 1142 21.81 3.72 -123.25
N TRP G 1143 22.96 3.84 -122.59
CA TRP G 1143 23.83 4.99 -122.76
C TRP G 1143 24.62 4.91 -124.06
N GLN G 1144 25.31 6.00 -124.36
CA GLN G 1144 26.19 6.10 -125.52
C GLN G 1144 27.60 6.43 -125.06
N SER G 1145 28.54 6.37 -125.99
CA SER G 1145 29.92 6.70 -125.67
C SER G 1145 30.02 8.17 -125.28
N GLY G 1146 30.78 8.44 -124.22
CA GLY G 1146 30.92 9.78 -123.69
C GLY G 1146 29.79 10.23 -122.79
N ASP G 1147 28.82 9.37 -122.52
CA ASP G 1147 27.71 9.73 -121.65
C ASP G 1147 28.18 9.86 -120.20
N VAL G 1148 27.64 10.85 -119.50
CA VAL G 1148 27.94 11.07 -118.10
C VAL G 1148 26.69 10.75 -117.30
N VAL G 1149 26.81 9.79 -116.39
CA VAL G 1149 25.70 9.33 -115.58
C VAL G 1149 25.97 9.70 -114.13
N GLY G 1150 24.94 10.16 -113.43
CA GLY G 1150 25.04 10.57 -112.04
C GLY G 1150 24.19 9.69 -111.14
N CYS G 1151 24.65 9.54 -109.90
CA CYS G 1151 23.97 8.73 -108.90
C CYS G 1151 23.57 9.59 -107.72
N MET G 1152 22.47 9.23 -107.07
CA MET G 1152 21.66 10.17 -106.31
C MET G 1152 21.06 9.42 -105.12
N ILE G 1153 21.59 9.66 -103.93
CA ILE G 1153 21.22 8.89 -102.73
C ILE G 1153 20.81 9.83 -101.63
N ASP G 1154 19.69 9.52 -100.98
CA ASP G 1154 19.21 10.22 -99.81
C ASP G 1154 18.67 9.19 -98.82
N LEU G 1155 19.38 9.04 -97.70
CA LEU G 1155 18.94 8.08 -96.69
C LEU G 1155 17.66 8.54 -96.01
N THR G 1156 17.49 9.84 -95.84
CA THR G 1156 16.22 10.34 -95.30
C THR G 1156 15.07 10.00 -96.23
N GLU G 1157 15.26 10.21 -97.53
CA GLU G 1157 14.21 9.89 -98.49
C GLU G 1157 14.09 8.38 -98.65
N ASN G 1158 15.21 7.66 -98.52
CA ASN G 1158 15.26 6.20 -98.57
C ASN G 1158 15.02 5.67 -99.99
N THR G 1159 15.41 6.44 -101.00
CA THR G 1159 15.34 5.99 -102.39
C THR G 1159 16.65 6.29 -103.09
N ILE G 1160 16.87 5.60 -104.20
CA ILE G 1160 18.06 5.76 -105.02
C ILE G 1160 17.64 6.29 -106.38
N ILE G 1161 18.26 7.36 -106.83
CA ILE G 1161 17.87 8.05 -108.06
C ILE G 1161 19.06 7.99 -109.02
N PHE G 1162 18.76 7.88 -110.31
CA PHE G 1162 19.78 7.82 -111.34
C PHE G 1162 19.50 8.87 -112.40
N THR G 1163 20.54 9.54 -112.88
CA THR G 1163 20.41 10.60 -113.88
C THR G 1163 21.50 10.47 -114.93
N LEU G 1164 21.18 10.91 -116.15
CA LEU G 1164 22.10 10.83 -117.28
C LEU G 1164 22.16 12.17 -118.00
N ASN G 1165 23.37 12.66 -118.22
CA ASN G 1165 23.60 13.88 -119.01
C ASN G 1165 22.81 15.06 -118.46
N GLY G 1166 22.64 15.09 -117.14
CA GLY G 1166 21.82 16.10 -116.53
C GLY G 1166 20.33 15.80 -116.55
N GLU G 1167 19.92 14.69 -117.15
CA GLU G 1167 18.51 14.32 -117.24
C GLU G 1167 18.28 13.07 -116.41
N VAL G 1168 17.27 13.12 -115.55
CA VAL G 1168 17.00 11.99 -114.67
C VAL G 1168 16.49 10.81 -115.49
N LEU G 1169 17.07 9.64 -115.26
CA LEU G 1169 16.55 8.43 -115.85
C LEU G 1169 15.13 8.16 -115.36
N MET G 1170 14.29 7.67 -116.27
CA MET G 1170 12.86 7.61 -116.02
C MET G 1170 12.50 6.13 -116.12
N SER G 1171 11.84 5.61 -115.09
CA SER G 1171 11.62 4.17 -115.01
C SER G 1171 10.65 3.68 -116.08
N ASP G 1172 10.52 2.36 -116.18
CA ASP G 1172 9.47 1.73 -116.99
C ASP G 1172 8.23 1.55 -116.12
N SER G 1173 7.81 2.66 -115.51
CA SER G 1173 6.75 2.65 -114.51
C SER G 1173 6.33 4.09 -114.28
N GLY G 1174 5.53 4.29 -113.23
CA GLY G 1174 5.20 5.64 -112.82
C GLY G 1174 6.37 6.37 -112.17
N SER G 1175 7.07 5.69 -111.27
CA SER G 1175 8.05 6.35 -110.42
C SER G 1175 9.28 6.78 -111.20
N GLU G 1176 9.84 7.93 -110.81
CA GLU G 1176 11.10 8.41 -111.35
C GLU G 1176 12.31 7.64 -110.85
N THR G 1177 12.38 7.38 -109.55
CA THR G 1177 13.57 6.82 -108.91
C THR G 1177 13.64 5.32 -109.15
N ALA G 1178 14.86 4.81 -109.32
CA ALA G 1178 15.03 3.40 -109.69
C ALA G 1178 14.76 2.47 -108.53
N PHE G 1179 15.26 2.81 -107.34
CA PHE G 1179 15.09 1.99 -106.15
C PHE G 1179 14.40 2.80 -105.07
N ARG G 1180 13.53 2.14 -104.31
CA ARG G 1180 12.67 2.81 -103.34
C ARG G 1180 12.69 2.06 -102.01
N GLU G 1181 12.42 2.81 -100.94
CA GLU G 1181 12.21 2.24 -99.61
C GLU G 1181 13.40 1.40 -99.14
N ILE G 1182 14.61 1.84 -99.47
CA ILE G 1182 15.79 1.16 -98.98
C ILE G 1182 16.11 1.65 -97.58
N GLU G 1183 16.51 0.71 -96.72
CA GLU G 1183 16.82 1.01 -95.33
C GLU G 1183 18.24 1.53 -95.22
N ILE G 1184 18.50 2.34 -94.20
CA ILE G 1184 19.85 2.88 -94.00
C ILE G 1184 20.82 1.75 -93.69
N GLY G 1185 20.47 0.91 -92.71
CA GLY G 1185 21.36 -0.18 -92.35
C GLY G 1185 22.68 0.33 -91.81
N ASP G 1186 23.74 -0.41 -92.09
CA ASP G 1186 25.07 -0.02 -91.62
C ASP G 1186 25.57 1.23 -92.32
N GLY G 1187 25.08 1.48 -93.53
CA GLY G 1187 25.53 2.62 -94.31
C GLY G 1187 25.75 2.19 -95.75
N PHE G 1188 25.84 3.20 -96.61
CA PHE G 1188 25.93 2.97 -98.04
C PHE G 1188 27.19 3.63 -98.58
N LEU G 1189 27.79 2.99 -99.58
CA LEU G 1189 29.01 3.47 -100.21
C LEU G 1189 28.84 3.43 -101.72
N PRO G 1190 29.36 4.40 -102.47
CA PRO G 1190 29.29 4.32 -103.92
C PRO G 1190 30.23 3.24 -104.45
N VAL G 1191 29.70 2.41 -105.35
CA VAL G 1191 30.47 1.32 -105.94
C VAL G 1191 30.42 1.46 -107.44
N CYS G 1192 31.46 0.97 -108.12
CA CYS G 1192 31.56 1.05 -109.57
C CYS G 1192 32.24 -0.21 -110.08
N SER G 1193 31.61 -0.86 -111.05
CA SER G 1193 32.13 -2.08 -111.65
C SER G 1193 32.35 -1.85 -113.13
N LEU G 1194 33.50 -2.29 -113.63
CA LEU G 1194 33.85 -2.13 -115.03
C LEU G 1194 33.87 -3.49 -115.70
N GLY G 1195 33.22 -3.58 -116.85
CA GLY G 1195 33.24 -4.79 -117.64
C GLY G 1195 34.60 -4.96 -118.28
N PRO G 1196 34.82 -6.12 -118.90
CA PRO G 1196 36.12 -6.37 -119.53
C PRO G 1196 36.39 -5.36 -120.63
N GLY G 1197 37.63 -4.88 -120.70
CA GLY G 1197 38.01 -3.95 -121.75
C GLY G 1197 37.27 -2.64 -121.75
N GLN G 1198 36.66 -2.27 -120.63
CA GLN G 1198 35.87 -1.05 -120.54
C GLN G 1198 36.65 0.02 -119.80
N VAL G 1199 36.62 1.23 -120.34
CA VAL G 1199 37.28 2.39 -119.73
C VAL G 1199 36.19 3.33 -119.25
N GLY G 1200 36.36 3.86 -118.03
CA GLY G 1200 35.40 4.78 -117.48
C GLY G 1200 36.08 5.69 -116.47
N HIS G 1201 35.39 6.80 -116.19
CA HIS G 1201 35.87 7.79 -115.23
C HIS G 1201 34.73 8.19 -114.30
N LEU G 1202 35.02 8.26 -113.01
CA LEU G 1202 34.05 8.68 -112.01
C LEU G 1202 34.65 9.79 -111.17
N ASN G 1203 33.82 10.68 -110.68
CA ASN G 1203 34.22 11.74 -109.76
C ASN G 1203 33.23 11.81 -108.62
N LEU G 1204 33.74 11.87 -107.39
CA LEU G 1204 32.89 11.97 -106.22
C LEU G 1204 32.60 13.41 -105.83
N GLY G 1205 33.08 14.37 -106.61
CA GLY G 1205 32.77 15.76 -106.37
C GLY G 1205 33.89 16.59 -105.76
N GLN G 1206 35.15 16.19 -105.96
CA GLN G 1206 36.25 17.00 -105.41
C GLN G 1206 36.27 18.39 -106.02
N ASP G 1207 36.03 18.47 -107.33
CA ASP G 1207 35.83 19.75 -108.00
C ASP G 1207 34.38 19.84 -108.42
N VAL G 1208 33.72 20.94 -108.03
CA VAL G 1208 32.34 21.16 -108.47
C VAL G 1208 32.30 21.34 -109.97
N SER G 1209 33.25 22.08 -110.53
CA SER G 1209 33.25 22.35 -111.96
C SER G 1209 33.31 21.07 -112.78
N SER G 1210 33.95 20.03 -112.25
CA SER G 1210 34.02 18.76 -112.96
C SER G 1210 32.63 18.20 -113.20
N LEU G 1211 31.78 18.22 -112.17
CA LEU G 1211 30.41 17.71 -112.29
C LEU G 1211 29.48 18.86 -112.68
N ARG G 1212 29.67 19.33 -113.91
CA ARG G 1212 28.80 20.38 -114.44
C ARG G 1212 27.36 19.90 -114.54
N PHE G 1213 27.16 18.61 -114.80
CA PHE G 1213 25.79 18.10 -114.90
C PHE G 1213 25.09 18.15 -113.55
N PHE G 1214 25.83 17.91 -112.46
CA PHE G 1214 25.24 17.95 -111.13
C PHE G 1214 24.61 19.31 -110.85
N ALA G 1215 25.18 20.37 -111.44
CA ALA G 1215 24.51 21.66 -111.40
C ALA G 1215 23.16 21.58 -112.11
N ILE G 1216 23.13 20.92 -113.27
CA ILE G 1216 21.87 20.77 -114.00
C ILE G 1216 20.94 19.80 -113.27
N CYS G 1217 21.47 18.67 -112.81
CA CYS G 1217 20.64 17.64 -112.18
C CYS G 1217 21.01 17.52 -110.71
N GLY G 1218 20.01 17.72 -109.85
CA GLY G 1218 20.20 17.48 -108.43
C GLY G 1218 20.78 18.62 -107.64
N LEU G 1219 21.18 19.71 -108.28
CA LEU G 1219 21.73 20.84 -107.54
C LEU G 1219 20.71 21.43 -106.59
N GLN G 1220 19.47 21.60 -107.05
CA GLN G 1220 18.43 22.12 -106.17
C GLN G 1220 18.07 21.11 -105.10
N GLU G 1221 18.11 19.82 -105.44
CA GLU G 1221 17.98 18.77 -104.44
C GLU G 1221 19.13 18.83 -103.44
N GLY G 1222 20.27 19.38 -103.86
CA GLY G 1222 21.34 19.68 -102.94
C GLY G 1222 21.99 18.46 -102.33
N PHE G 1223 22.16 17.40 -103.12
CA PHE G 1223 22.87 16.22 -102.65
C PHE G 1223 24.37 16.48 -102.68
N GLU G 1224 24.92 16.83 -101.53
CA GLU G 1224 26.31 17.24 -101.46
C GLU G 1224 27.21 16.12 -101.99
N PRO G 1225 28.09 16.42 -102.95
CA PRO G 1225 28.91 15.37 -103.55
C PRO G 1225 29.76 14.66 -102.49
N PHE G 1226 30.04 13.39 -102.77
CA PHE G 1226 30.84 12.59 -101.85
C PHE G 1226 32.18 13.26 -101.55
N ALA G 1227 32.78 13.89 -102.56
CA ALA G 1227 34.08 14.51 -102.41
C ALA G 1227 34.01 16.03 -102.39
N ILE G 1228 32.83 16.61 -102.15
CA ILE G 1228 32.73 18.06 -102.20
C ILE G 1228 33.64 18.70 -101.17
N ASN G 1229 33.85 18.03 -100.03
CA ASN G 1229 34.83 18.47 -99.05
C ASN G 1229 35.68 17.27 -98.63
N MET G 1230 36.71 16.97 -99.43
CA MET G 1230 37.85 16.16 -99.02
C MET G 1230 39.13 16.89 -99.37
N GLN G 1231 40.10 16.86 -98.46
CA GLN G 1231 41.40 17.44 -98.76
CA GLN G 1231 41.40 17.44 -98.76
C GLN G 1231 42.12 16.63 -99.84
N ARG G 1232 42.03 15.31 -99.78
CA ARG G 1232 42.66 14.41 -100.72
C ARG G 1232 41.58 13.63 -101.44
N PRO G 1233 41.88 13.10 -102.62
CA PRO G 1233 40.93 12.19 -103.27
C PRO G 1233 40.65 11.00 -102.37
N VAL G 1234 39.39 10.58 -102.34
CA VAL G 1234 38.99 9.50 -101.45
C VAL G 1234 39.67 8.20 -101.88
N THR G 1235 40.34 7.56 -100.93
CA THR G 1235 40.98 6.29 -101.22
C THR G 1235 39.94 5.24 -101.58
N THR G 1236 40.24 4.49 -102.64
CA THR G 1236 39.32 3.50 -103.18
C THR G 1236 40.04 2.17 -103.34
N TRP G 1237 39.27 1.10 -103.40
CA TRP G 1237 39.81 -0.25 -103.42
C TRP G 1237 39.34 -0.97 -104.68
N PHE G 1238 40.19 -1.84 -105.22
CA PHE G 1238 39.86 -2.62 -106.40
C PHE G 1238 39.85 -4.09 -106.04
N SER G 1239 39.06 -4.87 -106.77
CA SER G 1239 39.11 -6.32 -106.63
C SER G 1239 40.34 -6.87 -107.34
N LYS G 1240 41.16 -7.64 -106.61
CA LYS G 1240 42.40 -8.18 -107.13
C LYS G 1240 42.13 -9.55 -107.75
N SER G 1241 42.48 -9.71 -109.01
CA SER G 1241 42.22 -10.96 -109.70
C SER G 1241 43.04 -12.10 -109.13
N LEU G 1242 44.24 -11.81 -108.66
CA LEU G 1242 45.14 -12.86 -108.19
C LEU G 1242 44.54 -13.54 -106.96
N PRO G 1243 44.61 -14.86 -106.86
CA PRO G 1243 44.02 -15.55 -105.71
C PRO G 1243 45.01 -15.68 -104.57
N GLN G 1244 44.52 -15.46 -103.36
CA GLN G 1244 45.28 -15.69 -102.13
C GLN G 1244 44.55 -16.72 -101.30
N PHE G 1245 45.31 -17.57 -100.62
CA PHE G 1245 44.70 -18.50 -99.67
C PHE G 1245 44.18 -17.74 -98.46
N GLU G 1246 42.99 -18.10 -98.01
CA GLU G 1246 42.34 -17.48 -96.87
C GLU G 1246 41.75 -18.56 -95.97
N PRO G 1247 41.60 -18.29 -94.68
CA PRO G 1247 40.98 -19.28 -93.79
C PRO G 1247 39.57 -19.63 -94.24
N VAL G 1248 39.21 -20.89 -94.07
CA VAL G 1248 37.88 -21.32 -94.50
C VAL G 1248 36.82 -20.67 -93.62
N PRO G 1249 35.83 -19.99 -94.18
CA PRO G 1249 34.78 -19.40 -93.37
C PRO G 1249 34.00 -20.48 -92.63
N PRO G 1250 33.91 -20.38 -91.30
CA PRO G 1250 33.21 -21.43 -90.55
C PRO G 1250 31.75 -21.60 -90.96
N GLU G 1251 31.11 -20.51 -91.38
CA GLU G 1251 29.72 -20.52 -91.77
C GLU G 1251 29.51 -20.76 -93.26
N HIS G 1252 30.58 -20.99 -94.01
CA HIS G 1252 30.46 -21.09 -95.45
C HIS G 1252 29.60 -22.31 -95.80
N PRO G 1253 28.56 -22.13 -96.62
CA PRO G 1253 27.52 -23.17 -96.69
C PRO G 1253 27.97 -24.51 -97.23
N HIS G 1254 28.91 -24.54 -98.17
CA HIS G 1254 29.14 -25.78 -98.91
C HIS G 1254 30.06 -26.73 -98.15
N TYR G 1255 31.04 -26.20 -97.45
CA TYR G 1255 32.13 -27.01 -96.91
C TYR G 1255 32.23 -26.83 -95.42
N GLU G 1256 32.57 -27.91 -94.71
CA GLU G 1256 32.74 -27.89 -93.27
C GLU G 1256 34.07 -28.53 -92.92
N VAL G 1257 34.84 -27.86 -92.07
CA VAL G 1257 36.11 -28.37 -91.57
C VAL G 1257 36.01 -28.50 -90.06
N ALA G 1258 36.32 -29.69 -89.54
CA ALA G 1258 36.21 -29.98 -88.12
C ALA G 1258 37.52 -30.56 -87.60
N ARG G 1259 37.87 -30.20 -86.38
CA ARG G 1259 39.07 -30.75 -85.76
C ARG G 1259 38.74 -31.99 -84.94
N MET G 1260 39.43 -33.08 -85.25
CA MET G 1260 39.28 -34.33 -84.51
C MET G 1260 40.41 -34.47 -83.51
N ASP G 1261 40.04 -34.68 -82.25
CA ASP G 1261 41.04 -34.85 -81.21
C ASP G 1261 41.78 -36.17 -81.42
N GLY G 1262 43.09 -36.15 -81.16
CA GLY G 1262 43.87 -37.36 -81.27
C GLY G 1262 43.52 -38.34 -80.17
N THR G 1263 43.54 -39.62 -80.50
CA THR G 1263 43.26 -40.69 -79.55
C THR G 1263 44.44 -41.64 -79.52
N VAL G 1264 44.29 -42.71 -78.73
CA VAL G 1264 45.33 -43.73 -78.66
C VAL G 1264 45.54 -44.37 -80.02
N ASP G 1265 44.44 -44.78 -80.67
CA ASP G 1265 44.55 -45.39 -81.99
C ASP G 1265 44.70 -44.33 -83.07
N THR G 1266 44.01 -43.20 -82.92
CA THR G 1266 43.96 -42.19 -83.96
C THR G 1266 44.77 -40.97 -83.54
N PRO G 1267 45.80 -40.59 -84.29
CA PRO G 1267 46.48 -39.34 -84.02
C PRO G 1267 45.56 -38.16 -84.28
N PRO G 1268 45.95 -36.95 -83.89
CA PRO G 1268 45.09 -35.79 -84.18
C PRO G 1268 44.92 -35.60 -85.67
N CYS G 1269 43.71 -35.23 -86.06
CA CYS G 1269 43.36 -35.03 -87.46
C CYS G 1269 42.35 -33.92 -87.57
N LEU G 1270 42.13 -33.45 -88.80
CA LEU G 1270 41.04 -32.55 -89.12
C LEU G 1270 40.33 -33.09 -90.34
N ARG G 1271 39.00 -32.93 -90.37
CA ARG G 1271 38.15 -33.62 -91.32
C ARG G 1271 37.34 -32.62 -92.13
N LEU G 1272 37.23 -32.86 -93.43
CA LEU G 1272 36.43 -32.03 -94.32
C LEU G 1272 35.31 -32.88 -94.92
N ALA G 1273 34.08 -32.38 -94.82
CA ALA G 1273 32.94 -33.00 -95.47
C ALA G 1273 32.17 -31.93 -96.23
N HIS G 1274 31.58 -32.32 -97.35
CA HIS G 1274 30.81 -31.42 -98.18
C HIS G 1274 29.40 -31.33 -97.63
N ARG G 1275 29.04 -30.16 -97.13
CA ARG G 1275 27.75 -30.00 -96.46
C ARG G 1275 26.59 -30.17 -97.44
N THR G 1276 26.74 -29.65 -98.66
CA THR G 1276 25.62 -29.69 -99.60
C THR G 1276 25.63 -30.96 -100.44
N TRP G 1277 26.66 -31.80 -100.30
CA TRP G 1277 26.71 -33.03 -101.08
C TRP G 1277 25.54 -33.93 -100.75
N GLY G 1278 25.01 -34.58 -101.78
CA GLY G 1278 23.80 -35.36 -101.63
C GLY G 1278 22.53 -34.56 -101.58
N SER G 1279 22.61 -33.25 -101.83
CA SER G 1279 21.46 -32.36 -101.76
C SER G 1279 21.36 -31.55 -103.04
N GLN G 1280 20.15 -31.07 -103.31
CA GLN G 1280 19.91 -30.25 -104.48
C GLN G 1280 20.66 -28.93 -104.36
N ASN G 1281 21.03 -28.36 -105.50
CA ASN G 1281 21.83 -27.14 -105.62
C ASN G 1281 23.21 -27.30 -105.00
N SER G 1282 23.74 -28.52 -104.94
CA SER G 1282 25.10 -28.72 -104.46
C SER G 1282 26.10 -28.08 -105.43
N LEU G 1283 27.21 -27.60 -104.88
CA LEU G 1283 28.26 -26.98 -105.67
C LEU G 1283 29.48 -27.90 -105.69
N VAL G 1284 29.92 -28.27 -106.89
CA VAL G 1284 31.08 -29.13 -107.08
C VAL G 1284 32.10 -28.35 -107.90
N GLU G 1285 33.34 -28.31 -107.42
CA GLU G 1285 34.40 -27.59 -108.10
C GLU G 1285 35.74 -28.06 -107.55
N MET G 1286 36.80 -27.71 -108.27
CA MET G 1286 38.15 -28.01 -107.81
C MET G 1286 38.43 -27.23 -106.54
N LEU G 1287 38.82 -27.93 -105.48
CA LEU G 1287 39.03 -27.34 -104.17
C LEU G 1287 40.51 -27.30 -103.84
N PHE G 1288 40.99 -26.14 -103.42
CA PHE G 1288 42.38 -25.95 -103.02
C PHE G 1288 42.40 -25.68 -101.52
N LEU G 1289 42.99 -26.60 -100.75
CA LEU G 1289 43.09 -26.47 -99.31
C LEU G 1289 44.55 -26.38 -98.91
N ARG G 1290 44.86 -25.40 -98.06
CA ARG G 1290 46.21 -25.19 -97.54
C ARG G 1290 46.14 -25.13 -96.03
N LEU G 1291 47.04 -25.84 -95.36
CA LEU G 1291 47.20 -25.65 -93.93
C LEU G 1291 47.93 -24.33 -93.66
N SER G 1292 47.55 -23.66 -92.58
CA SER G 1292 47.97 -22.28 -92.37
C SER G 1292 49.47 -22.17 -92.21
N LEU G 1293 50.07 -22.98 -91.35
CA LEU G 1293 51.46 -22.77 -91.00
C LEU G 1293 52.37 -23.51 -91.97
N PRO G 1294 53.43 -22.85 -92.44
CA PRO G 1294 54.31 -23.50 -93.41
C PRO G 1294 55.36 -24.37 -92.74
N VAL G 1295 56.20 -24.98 -93.58
CA VAL G 1295 57.37 -25.71 -93.14
C VAL G 1295 58.58 -25.13 -93.85
N GLN G 1296 59.64 -24.84 -93.10
CA GLN G 1296 60.84 -24.22 -93.65
C GLN G 1296 62.00 -25.21 -93.61
N PHE G 1297 62.64 -25.39 -94.76
CA PHE G 1297 63.81 -26.25 -94.81
C PHE G 1297 65.02 -25.54 -94.19
N HIS G 1298 66.02 -26.33 -93.82
CA HIS G 1298 67.18 -25.79 -93.12
C HIS G 1298 67.92 -24.78 -94.00
N GLN G 1299 68.45 -23.75 -93.35
CA GLN G 1299 69.19 -22.72 -94.08
C GLN G 1299 70.44 -23.29 -94.72
N HIS G 1300 71.25 -24.01 -93.95
CA HIS G 1300 72.45 -24.65 -94.45
C HIS G 1300 72.20 -26.15 -94.56
N PHE G 1301 72.15 -26.64 -95.78
CA PHE G 1301 71.97 -28.07 -96.01
C PHE G 1301 73.15 -28.86 -95.46
N ARG G 1302 72.86 -30.07 -95.01
CA ARG G 1302 73.91 -30.94 -94.50
C ARG G 1302 74.92 -31.24 -95.59
N CYS G 1303 76.20 -31.21 -95.21
CA CYS G 1303 77.26 -31.44 -96.18
C CYS G 1303 77.22 -32.89 -96.67
N THR G 1304 77.37 -33.04 -97.99
CA THR G 1304 77.32 -34.35 -98.64
C THR G 1304 76.02 -35.09 -98.34
N ASP G 1419 58.23 -53.32 -79.61
CA ASP G 1419 58.84 -52.87 -80.86
C ASP G 1419 58.28 -51.51 -81.28
N ASN G 1420 58.62 -51.12 -82.51
CA ASN G 1420 58.13 -49.91 -83.19
C ASN G 1420 57.99 -48.70 -82.26
N ARG G 1421 58.92 -48.57 -81.33
CA ARG G 1421 59.13 -47.33 -80.58
C ARG G 1421 60.48 -46.74 -80.96
N ASP G 1422 60.46 -45.51 -81.44
CA ASP G 1422 61.69 -44.84 -81.83
C ASP G 1422 62.62 -44.70 -80.63
N ASP G 1423 63.88 -45.08 -80.82
CA ASP G 1423 64.85 -44.97 -79.75
C ASP G 1423 65.13 -43.50 -79.46
N PRO G 1424 65.48 -43.15 -78.21
CA PRO G 1424 65.75 -41.74 -77.90
C PRO G 1424 66.82 -41.13 -78.80
N GLU G 1425 67.88 -41.88 -79.09
CA GLU G 1425 68.97 -41.32 -79.88
C GLU G 1425 68.49 -40.87 -81.26
N ILE G 1426 67.72 -41.72 -81.94
CA ILE G 1426 67.24 -41.33 -83.26
C ILE G 1426 66.19 -40.24 -83.14
N ILE G 1427 65.34 -40.31 -82.11
CA ILE G 1427 64.24 -39.35 -82.01
C ILE G 1427 64.77 -37.97 -81.63
N LEU G 1428 66.03 -37.89 -81.20
CA LEU G 1428 66.66 -36.57 -81.07
C LEU G 1428 67.29 -36.13 -82.38
N ASN G 1429 67.67 -37.07 -83.22
CA ASN G 1429 68.60 -36.74 -84.30
C ASN G 1429 67.90 -36.52 -85.63
N THR G 1430 67.15 -37.51 -86.12
CA THR G 1430 66.67 -37.46 -87.50
C THR G 1430 65.74 -36.28 -87.71
N THR G 1431 65.59 -35.89 -88.97
CA THR G 1431 64.93 -34.64 -89.33
C THR G 1431 63.81 -34.90 -90.36
N THR G 1432 63.31 -36.12 -90.44
CA THR G 1432 62.26 -36.49 -91.38
C THR G 1432 60.90 -36.32 -90.70
N TYR G 1433 59.96 -35.75 -91.44
CA TYR G 1433 58.59 -35.58 -90.97
C TYR G 1433 57.64 -36.22 -91.97
N TYR G 1434 56.58 -36.83 -91.46
CA TYR G 1434 55.60 -37.53 -92.28
C TYR G 1434 54.20 -37.12 -91.88
N TYR G 1435 53.47 -36.51 -92.81
CA TYR G 1435 52.08 -36.14 -92.61
C TYR G 1435 51.22 -36.99 -93.53
N SER G 1436 50.07 -37.41 -93.03
CA SER G 1436 49.21 -38.38 -93.72
C SER G 1436 47.95 -37.70 -94.19
N VAL G 1437 47.64 -37.86 -95.48
CA VAL G 1437 46.41 -37.38 -96.08
C VAL G 1437 45.51 -38.57 -96.32
N ARG G 1438 44.31 -38.55 -95.76
CA ARG G 1438 43.38 -39.66 -95.84
C ARG G 1438 42.27 -39.33 -96.83
N VAL G 1439 42.07 -40.21 -97.79
CA VAL G 1439 41.01 -40.08 -98.79
C VAL G 1439 39.88 -41.01 -98.38
N PHE G 1440 38.72 -40.44 -98.09
CA PHE G 1440 37.58 -41.24 -97.68
C PHE G 1440 37.08 -42.10 -98.83
N ALA G 1441 36.48 -43.24 -98.49
CA ALA G 1441 35.84 -44.06 -99.51
C ALA G 1441 34.69 -43.30 -100.15
N GLY G 1442 34.46 -43.58 -101.43
CA GLY G 1442 33.48 -42.84 -102.19
C GLY G 1442 34.02 -41.64 -102.92
N GLN G 1443 35.29 -41.29 -102.72
CA GLN G 1443 35.95 -40.23 -103.45
C GLN G 1443 37.03 -40.83 -104.34
N GLU G 1444 36.98 -40.52 -105.62
CA GLU G 1444 37.94 -41.10 -106.55
C GLU G 1444 39.32 -40.48 -106.33
N PRO G 1445 40.36 -41.29 -106.15
CA PRO G 1445 41.70 -40.71 -106.03
C PRO G 1445 42.14 -39.95 -107.27
N SER G 1446 41.49 -40.21 -108.40
CA SER G 1446 41.80 -39.47 -109.61
C SER G 1446 41.59 -37.97 -109.41
N CYS G 1447 40.62 -37.60 -108.58
CA CYS G 1447 40.38 -36.18 -108.33
C CYS G 1447 41.32 -35.64 -107.26
N VAL G 1448 41.82 -36.51 -106.39
CA VAL G 1448 42.66 -36.07 -105.29
C VAL G 1448 44.07 -35.77 -105.81
N TRP G 1449 44.60 -34.62 -105.40
CA TRP G 1449 46.00 -34.29 -105.62
C TRP G 1449 46.61 -33.89 -104.28
N VAL G 1450 47.71 -34.54 -103.92
CA VAL G 1450 48.33 -34.37 -102.61
C VAL G 1450 49.75 -33.89 -102.80
N GLY G 1451 50.13 -32.84 -102.08
CA GLY G 1451 51.50 -32.39 -102.10
C GLY G 1451 51.66 -30.99 -101.55
N TRP G 1452 52.82 -30.73 -100.98
CA TRP G 1452 53.12 -29.44 -100.39
C TRP G 1452 53.22 -28.37 -101.47
N VAL G 1453 52.91 -27.13 -101.09
CA VAL G 1453 52.89 -26.00 -102.00
C VAL G 1453 53.79 -24.90 -101.45
N THR G 1454 54.46 -24.18 -102.35
CA THR G 1454 55.21 -23.01 -101.95
C THR G 1454 54.27 -21.81 -101.81
N PRO G 1455 54.68 -20.80 -101.05
CA PRO G 1455 53.83 -19.59 -100.94
C PRO G 1455 53.63 -18.90 -102.27
N ASP G 1456 54.57 -19.06 -103.20
CA ASP G 1456 54.50 -18.35 -104.48
C ASP G 1456 53.24 -18.76 -105.25
N TYR G 1457 52.86 -20.03 -105.16
CA TYR G 1457 51.78 -20.55 -105.98
C TYR G 1457 50.48 -19.77 -105.77
N HIS G 1458 49.86 -19.38 -106.88
CA HIS G 1458 48.55 -18.73 -106.85
C HIS G 1458 47.65 -19.18 -107.98
N GLN G 1459 48.06 -20.15 -108.79
CA GLN G 1459 47.26 -20.56 -109.93
C GLN G 1459 45.94 -21.16 -109.48
N HIS G 1460 44.86 -20.79 -110.16
CA HIS G 1460 43.54 -21.32 -109.90
C HIS G 1460 42.99 -21.93 -111.18
N ASP G 1461 42.83 -23.24 -111.20
CA ASP G 1461 42.29 -23.95 -112.35
C ASP G 1461 41.21 -24.91 -111.88
N MET G 1462 40.09 -24.94 -112.59
CA MET G 1462 39.08 -25.94 -112.31
C MET G 1462 39.57 -27.34 -112.67
N ASN G 1463 40.22 -27.47 -113.81
CA ASN G 1463 40.77 -28.76 -114.24
C ASN G 1463 42.28 -28.81 -113.95
N PHE G 1464 42.59 -28.77 -112.66
CA PHE G 1464 43.98 -28.90 -112.22
C PHE G 1464 44.51 -30.29 -112.56
N ASP G 1465 45.81 -30.37 -112.87
CA ASP G 1465 46.43 -31.64 -113.20
C ASP G 1465 47.94 -31.54 -112.99
N LEU G 1466 48.57 -32.71 -112.87
CA LEU G 1466 50.00 -32.77 -112.61
C LEU G 1466 50.81 -32.23 -113.78
N SER G 1467 50.23 -32.24 -114.98
CA SER G 1467 50.86 -31.53 -116.09
C SER G 1467 50.50 -30.05 -116.06
N LYS G 1468 49.35 -29.72 -115.49
CA LYS G 1468 48.93 -28.33 -115.43
C LYS G 1468 49.80 -27.52 -114.48
N VAL G 1469 50.27 -28.15 -113.40
CA VAL G 1469 51.05 -27.42 -112.42
C VAL G 1469 52.33 -26.90 -113.06
N ARG G 1470 52.62 -25.63 -112.80
CA ARG G 1470 53.72 -24.96 -113.49
C ARG G 1470 55.06 -25.39 -112.90
N ALA G 1471 56.09 -25.39 -113.75
CA ALA G 1471 57.44 -25.75 -113.35
C ALA G 1471 58.44 -25.21 -114.34
N VAL G 1472 59.70 -25.11 -113.92
CA VAL G 1472 60.77 -24.59 -114.76
C VAL G 1472 62.09 -25.17 -114.28
N THR G 1473 63.05 -25.27 -115.20
CA THR G 1473 64.38 -25.76 -114.91
C THR G 1473 65.41 -24.70 -115.30
N VAL G 1474 66.35 -24.45 -114.41
CA VAL G 1474 67.44 -23.51 -114.66
C VAL G 1474 68.76 -24.27 -114.57
N THR G 1475 69.59 -24.13 -115.60
CA THR G 1475 70.85 -24.85 -115.70
C THR G 1475 72.01 -23.86 -115.68
N MET G 1476 73.07 -24.20 -114.95
CA MET G 1476 74.26 -23.39 -114.88
C MET G 1476 75.41 -24.17 -115.53
N GLY G 1477 75.98 -23.60 -116.59
CA GLY G 1477 77.04 -24.27 -117.32
C GLY G 1477 78.07 -23.27 -117.81
N ASP G 1478 79.26 -23.80 -118.10
CA ASP G 1478 80.35 -22.98 -118.57
C ASP G 1478 80.11 -22.58 -120.02
N GLU G 1479 81.10 -21.89 -120.61
CA GLU G 1479 81.06 -21.63 -122.04
C GLU G 1479 80.95 -22.93 -122.81
N GLN G 1480 81.83 -23.88 -122.52
CA GLN G 1480 81.62 -25.26 -122.95
C GLN G 1480 80.42 -25.82 -122.17
N GLY G 1481 79.77 -26.84 -122.74
CA GLY G 1481 78.53 -27.35 -122.18
C GLY G 1481 78.57 -27.49 -120.68
N ASN G 1482 79.38 -28.44 -120.19
CA ASN G 1482 79.97 -28.42 -118.84
C ASN G 1482 78.99 -27.81 -117.84
N VAL G 1483 77.83 -28.45 -117.68
CA VAL G 1483 76.82 -27.90 -116.80
C VAL G 1483 77.27 -28.07 -115.35
N HIS G 1484 77.56 -26.95 -114.69
CA HIS G 1484 77.93 -27.01 -113.28
C HIS G 1484 76.78 -27.56 -112.44
N SER G 1485 75.55 -27.10 -112.71
CA SER G 1485 74.39 -27.57 -111.99
C SER G 1485 73.14 -27.16 -112.76
N SER G 1486 72.10 -27.97 -112.61
CA SER G 1486 70.79 -27.69 -113.18
C SER G 1486 69.75 -27.75 -112.08
N LEU G 1487 68.95 -26.70 -111.96
CA LEU G 1487 67.98 -26.57 -110.88
C LEU G 1487 66.58 -26.54 -111.47
N LYS G 1488 65.68 -27.31 -110.86
CA LYS G 1488 64.26 -27.31 -111.21
C LYS G 1488 63.47 -26.73 -110.05
N CYS G 1489 62.60 -25.77 -110.36
CA CYS G 1489 61.76 -25.13 -109.36
C CYS G 1489 60.32 -25.11 -109.86
N SER G 1490 59.38 -25.34 -108.95
CA SER G 1490 57.97 -25.31 -109.28
C SER G 1490 57.19 -24.67 -108.13
N ASN G 1491 56.05 -24.07 -108.48
CA ASN G 1491 55.24 -23.40 -107.47
C ASN G 1491 54.73 -24.39 -106.42
N CYS G 1492 54.38 -25.60 -106.84
CA CYS G 1492 53.91 -26.62 -105.92
C CYS G 1492 54.28 -28.00 -106.43
N TYR G 1493 54.61 -28.88 -105.50
CA TYR G 1493 54.92 -30.27 -105.80
C TYR G 1493 53.82 -31.15 -105.23
N MET G 1494 53.24 -31.99 -106.08
CA MET G 1494 52.12 -32.82 -105.69
C MET G 1494 52.24 -34.19 -106.35
N VAL G 1495 51.57 -35.16 -105.76
CA VAL G 1495 51.47 -36.50 -106.33
C VAL G 1495 50.00 -36.78 -106.60
N TRP G 1496 49.70 -37.22 -107.82
CA TRP G 1496 48.32 -37.51 -108.19
C TRP G 1496 47.83 -38.77 -107.51
N GLY G 1497 46.65 -38.70 -106.92
CA GLY G 1497 46.04 -39.89 -106.37
C GLY G 1497 45.68 -40.90 -107.44
N GLY G 1498 45.28 -40.42 -108.62
CA GLY G 1498 44.85 -41.32 -109.67
C GLY G 1498 45.94 -42.26 -110.12
N ASP G 1499 47.17 -41.75 -110.27
CA ASP G 1499 48.26 -42.63 -110.70
C ASP G 1499 48.83 -43.42 -109.53
N PHE G 1500 48.53 -43.00 -108.30
CA PHE G 1500 49.13 -43.65 -107.15
C PHE G 1500 48.47 -44.99 -106.87
N VAL G 1501 47.18 -45.11 -107.18
CA VAL G 1501 46.45 -46.34 -106.89
C VAL G 1501 46.91 -47.44 -107.83
N SER G 1502 46.50 -48.67 -107.53
CA SER G 1502 46.64 -49.77 -108.46
C SER G 1502 45.92 -49.46 -109.77
N PRO G 1503 46.14 -50.22 -110.84
CA PRO G 1503 45.41 -49.97 -112.09
C PRO G 1503 43.91 -49.89 -111.83
N GLY G 1504 43.31 -48.83 -112.36
CA GLY G 1504 42.06 -48.34 -111.80
C GLY G 1504 40.79 -48.98 -112.32
N GLN G 1505 40.91 -50.03 -113.12
CA GLN G 1505 39.72 -50.84 -113.40
C GLN G 1505 39.22 -51.49 -112.13
N GLN G 1506 40.13 -51.98 -111.31
CA GLN G 1506 39.78 -52.56 -110.02
C GLN G 1506 39.23 -51.48 -109.10
N GLY G 1507 38.22 -51.84 -108.31
CA GLY G 1507 37.77 -50.96 -107.24
C GLY G 1507 37.17 -49.65 -107.69
N ARG G 1508 36.33 -49.66 -108.71
CA ARG G 1508 35.55 -48.46 -109.03
C ARG G 1508 34.66 -48.09 -107.86
N ILE G 1509 34.03 -49.09 -107.25
CA ILE G 1509 33.29 -48.92 -106.00
C ILE G 1509 34.07 -49.68 -104.93
N SER G 1510 34.89 -48.95 -104.18
CA SER G 1510 35.76 -49.55 -103.17
C SER G 1510 35.27 -49.14 -101.79
N HIS G 1511 34.95 -50.15 -100.96
CA HIS G 1511 34.63 -49.88 -99.57
C HIS G 1511 35.85 -49.31 -98.84
N THR G 1512 37.04 -49.77 -99.21
CA THR G 1512 38.25 -49.30 -98.57
C THR G 1512 38.48 -47.82 -98.86
N ASP G 1513 39.10 -47.14 -97.91
CA ASP G 1513 39.47 -45.74 -98.07
C ASP G 1513 41.00 -45.66 -98.13
N LEU G 1514 41.51 -44.65 -98.82
CA LEU G 1514 42.94 -44.58 -99.06
C LEU G 1514 43.57 -43.46 -98.23
N VAL G 1515 44.84 -43.65 -97.90
CA VAL G 1515 45.64 -42.65 -97.21
C VAL G 1515 46.89 -42.39 -98.05
N ILE G 1516 47.40 -41.17 -98.01
CA ILE G 1516 48.65 -40.81 -98.66
C ILE G 1516 49.54 -40.14 -97.62
N GLY G 1517 50.79 -40.57 -97.57
CA GLY G 1517 51.76 -39.95 -96.69
C GLY G 1517 52.97 -39.42 -97.43
N CYS G 1518 53.50 -38.29 -97.00
CA CYS G 1518 54.64 -37.65 -97.65
C CYS G 1518 55.75 -37.45 -96.63
N LEU G 1519 56.99 -37.61 -97.07
CA LEU G 1519 58.16 -37.50 -96.21
C LEU G 1519 58.99 -36.31 -96.65
N VAL G 1520 59.37 -35.47 -95.68
CA VAL G 1520 60.23 -34.31 -95.91
C VAL G 1520 61.27 -34.25 -94.82
N ASP G 1521 62.49 -33.88 -95.19
CA ASP G 1521 63.59 -33.71 -94.25
C ASP G 1521 64.16 -32.31 -94.41
N LEU G 1522 64.16 -31.53 -93.34
CA LEU G 1522 64.59 -30.14 -93.43
C LEU G 1522 66.04 -30.04 -93.88
N ALA G 1523 66.86 -31.03 -93.54
CA ALA G 1523 68.26 -31.01 -93.95
C ALA G 1523 68.44 -31.64 -95.32
N THR G 1524 67.57 -32.60 -95.68
CA THR G 1524 67.72 -33.37 -96.90
C THR G 1524 66.66 -32.97 -97.91
N GLY G 1525 67.10 -32.53 -99.09
CA GLY G 1525 66.16 -32.06 -100.09
C GLY G 1525 65.27 -33.16 -100.62
N LEU G 1526 65.60 -34.42 -100.29
CA LEU G 1526 64.79 -35.54 -100.70
C LEU G 1526 63.38 -35.38 -100.13
N MET G 1527 62.39 -35.60 -100.98
CA MET G 1527 60.99 -35.40 -100.65
C MET G 1527 60.21 -36.55 -101.26
N THR G 1528 59.67 -37.42 -100.43
CA THR G 1528 59.13 -38.70 -100.87
C THR G 1528 57.71 -38.89 -100.35
N PHE G 1529 56.92 -39.67 -101.09
CA PHE G 1529 55.52 -39.92 -100.76
C PHE G 1529 55.27 -41.42 -100.77
N THR G 1530 54.65 -41.93 -99.70
CA THR G 1530 54.18 -43.31 -99.66
C THR G 1530 52.69 -43.29 -99.34
N ALA G 1531 51.90 -43.98 -100.17
CA ALA G 1531 50.46 -43.99 -99.96
C ALA G 1531 50.08 -44.85 -98.76
N ASN G 1532 50.33 -46.15 -98.85
CA ASN G 1532 49.88 -47.08 -97.82
C ASN G 1532 51.01 -48.06 -97.51
N GLY G 1533 52.21 -47.54 -97.34
CA GLY G 1533 53.34 -48.36 -96.96
C GLY G 1533 54.33 -48.66 -98.07
N LYS G 1534 54.07 -48.19 -99.29
CA LYS G 1534 54.99 -48.38 -100.40
C LYS G 1534 55.44 -47.01 -100.90
N GLU G 1535 56.74 -46.79 -100.90
CA GLU G 1535 57.29 -45.53 -101.40
C GLU G 1535 57.02 -45.38 -102.89
N SER G 1536 56.54 -44.22 -103.28
CA SER G 1536 56.37 -43.92 -104.69
C SER G 1536 57.73 -43.79 -105.36
N ASN G 1537 57.80 -44.21 -106.63
CA ASN G 1537 59.02 -44.02 -107.39
C ASN G 1537 59.35 -42.54 -107.52
N THR G 1538 58.34 -41.69 -107.50
CA THR G 1538 58.56 -40.25 -107.63
C THR G 1538 59.18 -39.68 -106.36
N PHE G 1539 60.01 -38.66 -106.53
CA PHE G 1539 60.56 -37.91 -105.41
C PHE G 1539 60.88 -36.50 -105.90
N PHE G 1540 61.03 -35.59 -104.95
CA PHE G 1540 61.26 -34.19 -105.24
C PHE G 1540 62.50 -33.71 -104.50
N GLN G 1541 63.22 -32.78 -105.12
CA GLN G 1541 64.41 -32.19 -104.51
C GLN G 1541 64.20 -30.68 -104.40
N VAL G 1542 64.60 -30.11 -103.27
CA VAL G 1542 64.35 -28.71 -102.98
C VAL G 1542 65.66 -28.00 -102.72
N GLU G 1543 65.56 -26.72 -102.40
CA GLU G 1543 66.73 -25.87 -102.25
C GLU G 1543 66.83 -25.37 -100.81
N PRO G 1544 68.04 -25.19 -100.29
CA PRO G 1544 68.18 -24.89 -98.85
C PRO G 1544 67.44 -23.64 -98.44
N ASN G 1545 66.89 -23.67 -97.23
CA ASN G 1545 66.09 -22.60 -96.63
C ASN G 1545 64.81 -22.42 -97.42
N THR G 1546 64.25 -23.50 -97.96
CA THR G 1546 62.98 -23.39 -98.68
C THR G 1546 61.81 -23.45 -97.70
N LYS G 1547 60.81 -22.61 -97.95
CA LYS G 1547 59.58 -22.61 -97.18
C LYS G 1547 58.48 -23.24 -98.02
N LEU G 1548 57.75 -24.18 -97.44
CA LEU G 1548 56.66 -24.87 -98.12
C LEU G 1548 55.45 -24.93 -97.21
N PHE G 1549 54.29 -25.09 -97.84
CA PHE G 1549 53.04 -25.25 -97.13
C PHE G 1549 52.43 -26.60 -97.46
N PRO G 1550 52.10 -27.43 -96.48
CA PRO G 1550 51.42 -28.69 -96.79
C PRO G 1550 50.00 -28.41 -97.24
N ALA G 1551 49.63 -29.00 -98.37
CA ALA G 1551 48.35 -28.70 -99.00
C ALA G 1551 47.88 -29.88 -99.81
N VAL G 1552 46.60 -29.88 -100.15
CA VAL G 1552 45.99 -30.90 -100.99
C VAL G 1552 44.96 -30.24 -101.88
N PHE G 1553 44.94 -30.61 -103.15
CA PHE G 1553 43.93 -30.15 -104.10
C PHE G 1553 43.07 -31.34 -104.47
N VAL G 1554 41.76 -31.23 -104.28
CA VAL G 1554 40.85 -32.35 -104.46
C VAL G 1554 39.50 -31.82 -104.94
N LEU G 1555 38.85 -32.60 -105.80
CA LEU G 1555 37.50 -32.32 -106.23
C LEU G 1555 36.55 -33.28 -105.54
N PRO G 1556 35.55 -32.77 -104.83
CA PRO G 1556 34.74 -33.65 -103.99
C PRO G 1556 33.71 -34.46 -104.77
N THR G 1557 33.59 -35.74 -104.42
CA THR G 1557 32.58 -36.62 -104.99
C THR G 1557 31.88 -37.45 -103.92
N HIS G 1558 32.05 -37.10 -102.65
CA HIS G 1558 31.47 -37.84 -101.55
C HIS G 1558 30.91 -36.88 -100.52
N GLN G 1559 30.01 -37.40 -99.68
CA GLN G 1559 29.47 -36.60 -98.59
C GLN G 1559 30.58 -36.13 -97.66
N ASN G 1560 31.54 -37.01 -97.39
CA ASN G 1560 32.73 -36.66 -96.62
C ASN G 1560 33.90 -36.65 -97.59
N VAL G 1561 34.59 -35.51 -97.67
CA VAL G 1561 35.55 -35.31 -98.75
C VAL G 1561 36.89 -35.95 -98.42
N ILE G 1562 37.55 -35.47 -97.37
CA ILE G 1562 38.95 -35.82 -97.12
C ILE G 1562 39.29 -35.46 -95.69
N GLN G 1563 40.20 -36.24 -95.09
CA GLN G 1563 40.70 -35.99 -93.74
C GLN G 1563 42.18 -35.69 -93.80
N PHE G 1564 42.61 -34.63 -93.11
CA PHE G 1564 44.01 -34.33 -92.92
C PHE G 1564 44.44 -34.90 -91.58
N GLU G 1565 45.39 -35.83 -91.60
CA GLU G 1565 45.85 -36.48 -90.38
C GLU G 1565 47.28 -36.05 -90.09
N LEU G 1566 47.57 -35.82 -88.82
CA LEU G 1566 48.93 -35.59 -88.36
C LEU G 1566 49.31 -36.78 -87.49
N GLY G 1567 49.89 -37.81 -88.12
CA GLY G 1567 50.31 -38.98 -87.40
C GLY G 1567 51.73 -39.33 -87.80
N LYS G 1568 52.46 -39.88 -86.84
CA LYS G 1568 53.91 -39.97 -86.96
C LYS G 1568 54.37 -41.43 -86.99
N GLN G 1569 55.13 -41.78 -88.01
CA GLN G 1569 55.74 -43.09 -88.10
C GLN G 1569 56.90 -43.19 -87.11
N LYS G 1570 57.29 -44.43 -86.81
CA LYS G 1570 58.42 -44.64 -85.92
C LYS G 1570 59.67 -44.01 -86.51
N ASN G 1571 60.39 -43.24 -85.69
CA ASN G 1571 61.58 -42.48 -86.04
C ASN G 1571 61.27 -41.30 -86.93
N ILE G 1572 60.01 -40.85 -86.99
CA ILE G 1572 59.62 -39.70 -87.80
C ILE G 1572 59.20 -38.58 -86.86
N MET G 1573 59.80 -37.41 -87.03
CA MET G 1573 59.52 -36.29 -86.15
C MET G 1573 58.12 -35.74 -86.43
N PRO G 1574 57.41 -35.31 -85.39
CA PRO G 1574 56.09 -34.72 -85.60
C PRO G 1574 56.17 -33.47 -86.46
N LEU G 1575 55.15 -33.33 -87.32
CA LEU G 1575 55.08 -32.13 -88.16
C LEU G 1575 54.99 -30.89 -87.31
N SER G 1576 54.21 -30.96 -86.22
CA SER G 1576 54.08 -29.83 -85.31
C SER G 1576 55.43 -29.35 -84.82
N ALA G 1577 56.38 -30.28 -84.64
CA ALA G 1577 57.73 -29.89 -84.26
C ALA G 1577 58.37 -29.01 -85.33
N ALA G 1578 58.16 -29.36 -86.60
CA ALA G 1578 58.66 -28.51 -87.68
C ALA G 1578 57.97 -27.16 -87.67
N MET G 1579 56.66 -27.14 -87.38
CA MET G 1579 55.93 -25.88 -87.39
C MET G 1579 56.40 -24.94 -86.29
N PHE G 1580 56.61 -25.44 -85.09
CA PHE G 1580 56.85 -24.59 -83.92
C PHE G 1580 58.11 -25.01 -83.19
N LEU G 1581 58.90 -24.02 -82.76
CA LEU G 1581 60.16 -24.31 -82.11
C LEU G 1581 59.97 -24.86 -80.70
N SER G 1582 58.86 -24.49 -80.05
CA SER G 1582 58.67 -24.87 -78.65
C SER G 1582 58.70 -26.37 -78.46
N GLU G 1583 57.90 -27.11 -79.24
CA GLU G 1583 57.90 -28.55 -79.20
C GLU G 1583 58.76 -29.17 -80.29
N ARG G 1584 59.57 -28.35 -80.96
CA ARG G 1584 60.46 -28.86 -82.02
C ARG G 1584 61.27 -30.05 -81.53
N LYS G 1585 61.75 -29.99 -80.29
CA LYS G 1585 62.44 -31.13 -79.71
C LYS G 1585 61.45 -32.26 -79.41
N ASN G 1586 60.28 -31.91 -78.89
CA ASN G 1586 59.34 -32.92 -78.42
C ASN G 1586 58.83 -33.78 -79.57
N PRO G 1587 58.75 -35.10 -79.38
CA PRO G 1587 58.23 -35.94 -80.47
C PRO G 1587 56.72 -36.11 -80.44
N ALA G 1588 56.06 -35.71 -79.34
CA ALA G 1588 54.64 -35.95 -79.22
C ALA G 1588 53.87 -35.11 -80.24
N PRO G 1589 52.92 -35.70 -80.96
CA PRO G 1589 52.15 -34.93 -81.94
C PRO G 1589 51.06 -34.11 -81.27
N GLN G 1590 50.90 -32.87 -81.74
CA GLN G 1590 49.80 -32.03 -81.33
C GLN G 1590 49.28 -31.25 -82.54
N CYS G 1591 48.05 -30.78 -82.43
CA CYS G 1591 47.48 -29.88 -83.43
C CYS G 1591 47.33 -28.51 -82.81
N PRO G 1592 48.21 -27.56 -83.12
CA PRO G 1592 48.11 -26.22 -82.53
C PRO G 1592 46.84 -25.52 -82.99
N PRO G 1593 46.26 -24.66 -82.15
CA PRO G 1593 45.08 -23.91 -82.58
C PRO G 1593 45.34 -23.03 -83.78
N ARG G 1594 46.55 -22.50 -83.91
CA ARG G 1594 46.84 -21.57 -85.00
C ARG G 1594 46.73 -22.27 -86.35
N LEU G 1595 47.17 -23.52 -86.44
CA LEU G 1595 47.05 -24.28 -87.67
C LEU G 1595 45.59 -24.36 -88.10
N GLU G 1596 45.35 -24.13 -89.38
CA GLU G 1596 43.99 -24.12 -89.91
C GLU G 1596 44.05 -24.29 -91.41
N VAL G 1597 42.99 -24.89 -91.96
CA VAL G 1597 42.88 -25.03 -93.41
C VAL G 1597 42.62 -23.67 -94.03
N GLN G 1598 43.36 -23.37 -95.10
CA GLN G 1598 43.18 -22.15 -95.86
C GLN G 1598 42.49 -22.49 -97.17
N MET G 1599 41.52 -21.68 -97.55
CA MET G 1599 40.76 -21.87 -98.79
C MET G 1599 41.21 -20.80 -99.77
N LEU G 1600 41.45 -21.21 -101.02
CA LEU G 1600 41.91 -20.27 -102.02
C LEU G 1600 40.77 -19.37 -102.47
N MET G 1601 40.77 -18.14 -101.98
CA MET G 1601 39.82 -17.13 -102.39
C MET G 1601 40.32 -16.44 -103.65
N PRO G 1602 39.54 -16.48 -104.74
CA PRO G 1602 40.07 -16.01 -106.03
C PRO G 1602 40.31 -14.51 -106.10
N VAL G 1603 39.37 -13.70 -105.61
CA VAL G 1603 39.45 -12.25 -105.75
C VAL G 1603 39.39 -11.61 -104.37
N SER G 1604 40.08 -10.49 -104.21
CA SER G 1604 40.22 -9.81 -102.94
C SER G 1604 40.17 -8.31 -103.16
N TRP G 1605 39.62 -7.58 -102.18
CA TRP G 1605 39.70 -6.14 -102.21
C TRP G 1605 41.15 -5.70 -102.03
N SER G 1606 41.52 -4.60 -102.68
CA SER G 1606 42.86 -4.05 -102.60
C SER G 1606 42.81 -2.56 -102.89
N ARG G 1607 43.39 -1.76 -102.00
CA ARG G 1607 43.55 -0.33 -102.23
C ARG G 1607 44.55 -0.09 -103.35
N MET G 1608 44.16 0.71 -104.34
CA MET G 1608 45.16 1.25 -105.24
C MET G 1608 45.89 2.42 -104.57
N PRO G 1609 47.17 2.62 -104.87
CA PRO G 1609 47.91 3.69 -104.22
C PRO G 1609 47.34 5.05 -104.57
N ASN G 1610 47.55 6.01 -103.66
CA ASN G 1610 47.09 7.37 -103.91
C ASN G 1610 47.84 8.00 -105.08
N HIS G 1611 49.00 7.46 -105.43
CA HIS G 1611 49.80 7.96 -106.53
C HIS G 1611 50.41 6.78 -107.29
N PHE G 1612 50.74 7.00 -108.55
CA PHE G 1612 51.31 5.98 -109.40
C PHE G 1612 52.55 6.52 -110.11
N LEU G 1613 53.47 5.62 -110.42
CA LEU G 1613 54.68 6.04 -111.13
C LEU G 1613 54.31 6.55 -112.52
N GLN G 1614 55.01 7.60 -112.95
CA GLN G 1614 54.71 8.25 -114.22
C GLN G 1614 55.80 7.89 -115.22
N VAL G 1615 55.40 7.26 -116.33
CA VAL G 1615 56.33 6.87 -117.37
C VAL G 1615 55.81 7.38 -118.71
N GLU G 1616 56.72 7.94 -119.50
CA GLU G 1616 56.42 8.40 -120.84
C GLU G 1616 57.12 7.48 -121.84
N THR G 1617 56.46 7.25 -122.97
CA THR G 1617 56.96 6.34 -123.99
C THR G 1617 56.91 7.04 -125.34
N ARG G 1618 57.94 6.83 -126.15
CA ARG G 1618 57.95 7.36 -127.51
C ARG G 1618 59.00 6.61 -128.32
N ARG G 1619 58.85 6.67 -129.64
CA ARG G 1619 59.91 6.27 -130.55
C ARG G 1619 60.85 7.46 -130.70
N ALA G 1620 62.03 7.37 -130.07
CA ALA G 1620 62.99 8.45 -130.19
C ALA G 1620 63.41 8.65 -131.63
N GLY G 1621 63.46 7.56 -132.40
CA GLY G 1621 63.76 7.66 -133.82
C GLY G 1621 63.79 6.28 -134.42
N GLU G 1622 63.67 6.23 -135.75
CA GLU G 1622 63.75 4.95 -136.44
C GLU G 1622 65.09 4.28 -136.17
N ARG G 1623 66.18 5.04 -136.23
CA ARG G 1623 67.46 4.50 -135.82
C ARG G 1623 67.56 4.44 -134.30
N LEU G 1624 66.99 5.44 -133.62
CA LEU G 1624 67.04 5.46 -132.16
C LEU G 1624 66.25 4.33 -131.55
N GLY G 1625 65.03 4.12 -132.02
CA GLY G 1625 64.16 3.12 -131.44
C GLY G 1625 63.27 3.69 -130.35
N TRP G 1626 62.45 2.81 -129.78
CA TRP G 1626 61.57 3.21 -128.70
C TRP G 1626 62.30 3.23 -127.36
N ALA G 1627 62.01 4.25 -126.57
CA ALA G 1627 62.58 4.39 -125.24
C ALA G 1627 61.51 4.83 -124.26
N VAL G 1628 61.71 4.47 -122.99
CA VAL G 1628 60.81 4.86 -121.92
C VAL G 1628 61.62 5.66 -120.90
N GLN G 1629 60.95 6.51 -120.15
CA GLN G 1629 61.61 7.32 -119.13
C GLN G 1629 60.68 7.49 -117.94
N CYS G 1630 61.23 7.35 -116.74
CA CYS G 1630 60.52 7.66 -115.51
C CYS G 1630 61.54 8.16 -114.51
N GLN G 1631 61.36 9.40 -114.04
CA GLN G 1631 62.33 10.08 -113.20
C GLN G 1631 61.75 10.53 -111.88
N ASP G 1632 60.63 9.96 -111.45
CA ASP G 1632 59.96 10.38 -110.24
C ASP G 1632 60.13 9.33 -109.15
N PRO G 1633 60.73 9.67 -108.01
CA PRO G 1633 60.83 8.70 -106.92
C PRO G 1633 59.54 8.59 -106.13
N LEU G 1634 58.96 7.39 -106.09
CA LEU G 1634 57.73 7.13 -105.37
C LEU G 1634 57.89 5.85 -104.57
N THR G 1635 57.74 5.95 -103.26
CA THR G 1635 58.02 4.84 -102.34
C THR G 1635 56.83 4.64 -101.43
N MET G 1636 56.52 3.38 -101.14
CA MET G 1636 55.38 3.02 -100.29
C MET G 1636 55.86 2.10 -99.18
N MET G 1637 55.36 2.34 -97.97
CA MET G 1637 55.72 1.49 -96.84
C MET G 1637 54.87 0.24 -96.85
N ALA G 1638 55.53 -0.91 -97.01
CA ALA G 1638 54.85 -2.19 -97.07
C ALA G 1638 55.05 -2.93 -95.77
N LEU G 1639 53.95 -3.34 -95.15
CA LEU G 1639 53.98 -4.12 -93.92
C LEU G 1639 53.91 -5.59 -94.30
N HIS G 1640 55.06 -6.24 -94.36
CA HIS G 1640 55.18 -7.61 -94.80
C HIS G 1640 54.86 -8.57 -93.65
N ILE G 1641 54.17 -9.65 -93.96
CA ILE G 1641 53.78 -10.66 -92.97
C ILE G 1641 54.70 -11.86 -93.16
N PRO G 1642 55.47 -12.26 -92.14
CA PRO G 1642 56.56 -13.21 -92.38
C PRO G 1642 56.12 -14.56 -92.91
N GLU G 1643 55.15 -15.20 -92.27
CA GLU G 1643 54.83 -16.60 -92.59
C GLU G 1643 54.40 -16.76 -94.04
N GLU G 1644 53.55 -15.86 -94.53
CA GLU G 1644 53.08 -15.97 -95.91
C GLU G 1644 54.15 -15.48 -96.88
N ASN G 1645 55.19 -14.83 -96.38
CA ASN G 1645 56.27 -14.30 -97.21
C ASN G 1645 55.74 -13.36 -98.29
N ARG G 1646 54.97 -12.36 -97.87
CA ARG G 1646 54.38 -11.40 -98.79
C ARG G 1646 54.41 -10.02 -98.15
N CYS G 1647 54.41 -9.00 -98.99
CA CYS G 1647 54.33 -7.61 -98.55
C CYS G 1647 52.88 -7.18 -98.65
N MET G 1648 52.50 -6.16 -97.89
CA MET G 1648 51.13 -5.68 -97.89
C MET G 1648 51.14 -4.23 -97.43
N ASP G 1649 50.38 -3.39 -98.11
CA ASP G 1649 50.44 -1.95 -97.87
C ASP G 1649 49.83 -1.60 -96.51
N ILE G 1650 50.48 -0.69 -95.80
CA ILE G 1650 49.98 -0.28 -94.49
C ILE G 1650 48.61 0.38 -94.63
N LEU G 1651 48.45 1.22 -95.64
CA LEU G 1651 47.16 1.89 -95.83
C LEU G 1651 46.04 0.88 -95.99
N GLU G 1652 46.33 -0.26 -96.62
CA GLU G 1652 45.32 -1.30 -96.74
C GLU G 1652 44.95 -1.88 -95.38
N LEU G 1653 45.91 -1.91 -94.46
CA LEU G 1653 45.65 -2.50 -93.15
C LEU G 1653 44.58 -1.72 -92.40
N SER G 1654 44.34 -0.47 -92.78
CA SER G 1654 43.30 0.32 -92.12
C SER G 1654 41.94 -0.37 -92.21
N GLU G 1655 41.68 -1.09 -93.30
CA GLU G 1655 40.38 -1.73 -93.46
C GLU G 1655 40.27 -2.99 -92.60
N ARG G 1656 41.36 -3.73 -92.45
CA ARG G 1656 41.35 -4.94 -91.63
C ARG G 1656 41.57 -4.56 -90.16
N LEU G 1657 40.47 -4.57 -89.40
CA LEU G 1657 40.54 -4.13 -88.01
C LEU G 1657 41.43 -5.04 -87.18
N ASP G 1658 41.42 -6.34 -87.46
CA ASP G 1658 42.24 -7.26 -86.68
C ASP G 1658 43.72 -6.93 -86.85
N LEU G 1659 44.16 -6.74 -88.09
CA LEU G 1659 45.55 -6.39 -88.33
C LEU G 1659 45.87 -5.03 -87.74
N GLN G 1660 44.94 -4.07 -87.85
CA GLN G 1660 45.15 -2.76 -87.27
C GLN G 1660 45.39 -2.86 -85.77
N ARG G 1661 44.53 -3.60 -85.08
CA ARG G 1661 44.67 -3.75 -83.63
C ARG G 1661 45.96 -4.45 -83.27
N PHE G 1662 46.30 -5.52 -84.00
CA PHE G 1662 47.51 -6.26 -83.67
C PHE G 1662 48.74 -5.41 -83.88
N HIS G 1663 48.79 -4.64 -84.96
CA HIS G 1663 49.97 -3.83 -85.21
C HIS G 1663 50.05 -2.66 -84.24
N SER G 1664 48.90 -2.10 -83.85
CA SER G 1664 48.91 -1.04 -82.85
C SER G 1664 49.43 -1.57 -81.52
N HIS G 1665 48.99 -2.77 -81.12
CA HIS G 1665 49.49 -3.34 -79.89
C HIS G 1665 50.96 -3.74 -80.03
N THR G 1666 51.40 -4.06 -81.25
CA THR G 1666 52.81 -4.29 -81.49
C THR G 1666 53.63 -3.02 -81.26
N LEU G 1667 53.11 -1.90 -81.75
CA LEU G 1667 53.77 -0.63 -81.53
C LEU G 1667 53.83 -0.33 -80.04
N ARG G 1668 52.72 -0.56 -79.34
CA ARG G 1668 52.68 -0.34 -77.90
C ARG G 1668 53.62 -1.30 -77.17
N LEU G 1669 53.83 -2.49 -77.74
CA LEU G 1669 54.76 -3.43 -77.13
C LEU G 1669 56.19 -2.96 -77.26
N TYR G 1670 56.57 -2.49 -78.44
CA TYR G 1670 57.88 -1.84 -78.57
C TYR G 1670 58.00 -0.70 -77.57
N ARG G 1671 56.93 0.06 -77.40
CA ARG G 1671 56.96 1.16 -76.46
C ARG G 1671 57.20 0.67 -75.04
N ALA G 1672 56.49 -0.37 -74.64
CA ALA G 1672 56.63 -0.88 -73.28
C ALA G 1672 58.02 -1.43 -73.04
N VAL G 1673 58.55 -2.20 -74.00
CA VAL G 1673 59.85 -2.83 -73.79
C VAL G 1673 60.95 -1.77 -73.79
N CYS G 1674 60.74 -0.67 -74.50
CA CYS G 1674 61.77 0.36 -74.57
C CYS G 1674 61.72 1.27 -73.34
N ALA G 1675 60.66 1.16 -72.55
CA ALA G 1675 60.33 2.17 -71.55
C ALA G 1675 61.47 2.39 -70.55
N LEU G 1676 61.41 3.55 -69.89
CA LEU G 1676 62.33 3.90 -68.80
C LEU G 1676 63.76 4.03 -69.29
N GLY G 1677 63.92 4.44 -70.55
CA GLY G 1677 65.24 4.69 -71.09
C GLY G 1677 66.10 3.45 -71.25
N ASN G 1678 65.48 2.35 -71.65
CA ASN G 1678 66.22 1.13 -71.99
C ASN G 1678 66.94 1.38 -73.31
N ASN G 1679 68.18 1.85 -73.21
CA ASN G 1679 68.87 2.35 -74.39
C ASN G 1679 69.30 1.21 -75.31
N ARG G 1680 69.82 0.12 -74.75
CA ARG G 1680 70.22 -1.00 -75.59
C ARG G 1680 69.01 -1.59 -76.31
N VAL G 1681 67.90 -1.73 -75.60
CA VAL G 1681 66.65 -2.15 -76.23
C VAL G 1681 66.25 -1.17 -77.32
N ALA G 1682 66.42 0.13 -77.05
CA ALA G 1682 66.05 1.13 -78.05
C ALA G 1682 66.86 0.98 -79.31
N HIS G 1683 68.16 0.77 -79.19
CA HIS G 1683 68.98 0.53 -80.37
C HIS G 1683 68.54 -0.72 -81.09
N ALA G 1684 68.21 -1.78 -80.35
CA ALA G 1684 67.69 -2.99 -80.97
C ALA G 1684 66.45 -2.68 -81.80
N LEU G 1685 65.57 -1.84 -81.28
CA LEU G 1685 64.39 -1.44 -82.06
C LEU G 1685 64.79 -0.65 -83.30
N CYS G 1686 65.77 0.25 -83.15
CA CYS G 1686 66.28 0.98 -84.31
C CYS G 1686 66.74 0.01 -85.39
N SER G 1687 67.21 -1.17 -85.00
CA SER G 1687 67.46 -2.20 -86.00
C SER G 1687 66.17 -2.62 -86.68
N HIS G 1688 65.08 -2.78 -85.92
CA HIS G 1688 63.84 -3.24 -86.51
C HIS G 1688 63.06 -2.11 -87.15
N VAL G 1689 63.07 -0.92 -86.54
CA VAL G 1689 62.31 0.22 -87.01
C VAL G 1689 63.29 1.27 -87.52
N ASP G 1690 63.11 1.69 -88.77
CA ASP G 1690 64.00 2.68 -89.35
C ASP G 1690 63.55 4.08 -88.97
N GLN G 1691 64.53 4.94 -88.66
CA GLN G 1691 64.24 6.34 -88.35
C GLN G 1691 63.58 7.03 -89.53
N ALA G 1692 64.12 6.82 -90.74
CA ALA G 1692 63.51 7.43 -91.93
C ALA G 1692 62.12 6.88 -92.17
N GLN G 1693 61.92 5.60 -91.87
CA GLN G 1693 60.58 5.03 -91.94
C GLN G 1693 59.63 5.76 -91.01
N LEU G 1694 60.07 6.02 -89.77
CA LEU G 1694 59.24 6.75 -88.83
C LEU G 1694 58.94 8.15 -89.35
N LEU G 1695 59.96 8.82 -89.91
CA LEU G 1695 59.74 10.15 -90.44
C LEU G 1695 58.70 10.15 -91.56
N HIS G 1696 58.82 9.22 -92.50
CA HIS G 1696 57.85 9.13 -93.57
C HIS G 1696 56.47 8.83 -93.01
N ALA G 1697 56.40 7.98 -92.00
CA ALA G 1697 55.11 7.68 -91.37
C ALA G 1697 54.48 8.94 -90.80
N LEU G 1698 55.30 9.79 -90.18
CA LEU G 1698 54.77 11.08 -89.73
C LEU G 1698 54.26 11.91 -90.89
N GLU G 1699 55.01 11.93 -91.99
CA GLU G 1699 54.63 12.77 -93.13
C GLU G 1699 53.29 12.31 -93.72
N ASP G 1700 53.09 11.00 -93.86
CA ASP G 1700 51.90 10.50 -94.52
C ASP G 1700 50.66 10.75 -93.68
N ALA G 1701 49.61 11.22 -94.33
CA ALA G 1701 48.38 11.53 -93.60
C ALA G 1701 47.34 10.42 -93.77
N HIS G 1702 47.43 9.65 -94.84
CA HIS G 1702 46.40 8.64 -95.12
C HIS G 1702 46.46 7.51 -94.10
N LEU G 1703 47.58 7.35 -93.42
CA LEU G 1703 47.76 6.21 -92.54
C LEU G 1703 46.82 6.33 -91.34
N PRO G 1704 46.31 5.22 -90.82
CA PRO G 1704 45.25 5.29 -89.80
C PRO G 1704 45.72 5.89 -88.49
N GLY G 1705 44.78 6.50 -87.76
CA GLY G 1705 45.07 7.23 -86.55
C GLY G 1705 45.73 6.46 -85.44
N PRO G 1706 45.22 5.28 -85.06
CA PRO G 1706 45.93 4.52 -84.02
C PRO G 1706 47.36 4.19 -84.42
N LEU G 1707 47.58 3.85 -85.69
CA LEU G 1707 48.93 3.58 -86.15
C LEU G 1707 49.81 4.82 -86.04
N ARG G 1708 49.30 5.97 -86.47
CA ARG G 1708 50.16 7.15 -86.42
C ARG G 1708 50.47 7.53 -84.98
N ALA G 1709 49.48 7.37 -84.09
CA ALA G 1709 49.75 7.60 -82.69
C ALA G 1709 50.86 6.68 -82.19
N GLY G 1710 50.78 5.40 -82.56
CA GLY G 1710 51.80 4.45 -82.14
C GLY G 1710 53.18 4.82 -82.65
N TYR G 1711 53.30 5.13 -83.94
CA TYR G 1711 54.60 5.46 -84.50
C TYR G 1711 55.14 6.76 -83.92
N TYR G 1712 54.27 7.74 -83.72
CA TYR G 1712 54.72 8.99 -83.11
C TYR G 1712 55.24 8.74 -81.71
N ASP G 1713 54.54 7.92 -80.94
CA ASP G 1713 55.00 7.58 -79.60
C ASP G 1713 56.35 6.87 -79.67
N LEU G 1714 56.50 5.95 -80.61
CA LEU G 1714 57.77 5.24 -80.71
C LEU G 1714 58.91 6.18 -81.06
N LEU G 1715 58.71 7.08 -82.02
CA LEU G 1715 59.78 8.03 -82.32
C LEU G 1715 60.13 8.84 -81.08
N ILE G 1716 59.12 9.50 -80.49
CA ILE G 1716 59.36 10.38 -79.35
C ILE G 1716 60.08 9.64 -78.25
N SER G 1717 59.66 8.42 -77.96
CA SER G 1717 60.23 7.72 -76.82
C SER G 1717 61.56 7.07 -77.17
N ILE G 1718 61.55 6.13 -78.12
CA ILE G 1718 62.76 5.39 -78.48
C ILE G 1718 63.92 6.34 -78.78
N HIS G 1719 63.62 7.60 -79.10
CA HIS G 1719 64.75 8.53 -79.28
C HIS G 1719 64.82 9.61 -78.21
N LEU G 1720 63.71 10.21 -77.80
CA LEU G 1720 63.83 11.40 -76.97
C LEU G 1720 63.63 11.11 -75.49
N GLU G 1721 62.80 10.12 -75.15
CA GLU G 1721 62.19 10.08 -73.81
C GLU G 1721 63.22 10.11 -72.70
N SER G 1722 64.41 9.54 -72.93
CA SER G 1722 65.44 9.61 -71.90
C SER G 1722 65.87 11.04 -71.64
N ALA G 1723 66.24 11.76 -72.71
CA ALA G 1723 66.55 13.18 -72.57
C ALA G 1723 65.34 13.94 -72.03
N CYS G 1724 64.14 13.49 -72.40
CA CYS G 1724 62.93 14.17 -71.95
C CYS G 1724 62.81 14.12 -70.43
N ARG G 1725 62.88 12.92 -69.86
CA ARG G 1725 62.75 12.78 -68.42
C ARG G 1725 63.90 13.46 -67.70
N SER G 1726 65.12 13.33 -68.23
CA SER G 1726 66.25 14.01 -67.60
C SER G 1726 66.03 15.51 -67.56
N ARG G 1727 65.72 16.11 -68.72
CA ARG G 1727 65.55 17.55 -68.80
C ARG G 1727 64.41 18.01 -67.91
N ARG G 1728 63.29 17.28 -67.91
CA ARG G 1728 62.16 17.67 -67.07
C ARG G 1728 62.55 17.61 -65.60
N SER G 1729 63.34 16.60 -65.22
CA SER G 1729 63.77 16.52 -63.83
C SER G 1729 64.62 17.72 -63.44
N MET G 1730 65.53 18.14 -64.33
CA MET G 1730 66.40 19.26 -63.95
C MET G 1730 65.78 20.60 -64.30
N LEU G 1731 64.56 20.60 -64.82
CA LEU G 1731 63.88 21.87 -65.11
C LEU G 1731 63.57 22.62 -63.82
N SER G 1732 63.25 21.90 -62.74
CA SER G 1732 62.84 22.55 -61.51
C SER G 1732 63.96 23.42 -60.94
N GLU G 1733 65.18 22.88 -60.90
CA GLU G 1733 66.29 23.62 -60.33
C GLU G 1733 66.63 24.84 -61.19
N TYR G 1734 66.85 25.97 -60.52
CA TYR G 1734 67.09 27.25 -61.19
C TYR G 1734 68.45 27.77 -60.71
N ILE G 1735 69.47 27.57 -61.52
CA ILE G 1735 70.84 27.98 -61.19
C ILE G 1735 71.33 28.91 -62.29
N VAL G 1736 71.84 30.07 -61.91
CA VAL G 1736 72.23 31.12 -62.83
C VAL G 1736 73.69 31.45 -62.60
N PRO G 1737 74.55 31.35 -63.61
CA PRO G 1737 75.94 31.81 -63.45
C PRO G 1737 76.01 33.33 -63.53
N LEU G 1738 77.13 33.87 -63.04
CA LEU G 1738 77.37 35.31 -63.05
C LEU G 1738 78.17 35.68 -64.30
N THR G 1739 77.61 35.32 -65.45
CA THR G 1739 78.20 35.68 -66.73
C THR G 1739 77.96 37.16 -67.01
N PRO G 1740 78.89 37.81 -67.72
CA PRO G 1740 78.56 39.12 -68.28
C PRO G 1740 77.34 39.05 -69.19
N GLU G 1741 77.19 37.95 -69.92
CA GLU G 1741 75.96 37.72 -70.67
C GLU G 1741 74.75 37.70 -69.74
N THR G 1742 74.88 37.03 -68.60
CA THR G 1742 73.80 37.06 -67.61
C THR G 1742 73.52 38.48 -67.17
N ARG G 1743 74.57 39.28 -66.97
CA ARG G 1743 74.39 40.67 -66.57
CA ARG G 1743 74.39 40.67 -66.57
C ARG G 1743 73.63 41.44 -67.64
N ALA G 1744 73.83 41.11 -68.92
CA ALA G 1744 73.16 41.82 -69.99
C ALA G 1744 71.65 41.64 -69.92
N ILE G 1745 71.18 40.55 -69.31
CA ILE G 1745 69.75 40.28 -69.31
C ILE G 1745 69.01 41.28 -68.44
N THR G 1746 67.83 41.68 -68.90
CA THR G 1746 66.93 42.55 -68.16
C THR G 1746 65.52 41.98 -68.21
N LEU G 1747 64.69 42.42 -67.27
CA LEU G 1747 63.31 41.94 -67.23
C LEU G 1747 62.55 42.37 -68.48
N PHE G 1748 62.70 43.63 -68.89
CA PHE G 1748 61.94 44.16 -70.01
C PHE G 1748 62.85 44.48 -71.18
N PRO G 1749 62.43 44.17 -72.40
CA PRO G 1749 63.22 44.52 -73.59
C PRO G 1749 63.39 46.03 -73.69
N PRO G 1750 64.55 46.48 -74.16
CA PRO G 1750 64.77 47.92 -74.32
C PRO G 1750 63.84 48.50 -75.38
N GLY G 1751 63.51 49.78 -75.22
CA GLY G 1751 62.65 50.45 -76.17
C GLY G 1751 62.43 51.90 -75.75
N ARG G 1752 61.76 52.64 -76.63
CA ARG G 1752 61.50 54.05 -76.35
C ARG G 1752 60.46 54.20 -75.25
N LYS G 1753 59.51 53.27 -75.16
CA LYS G 1753 58.47 53.33 -74.15
C LYS G 1753 59.00 52.85 -72.80
N GLY G 1754 58.37 53.32 -71.73
CA GLY G 1754 58.77 52.89 -70.40
C GLY G 1754 58.60 51.39 -70.25
N GLY G 1755 59.50 50.80 -69.44
CA GLY G 1755 59.56 49.34 -69.38
C GLY G 1755 58.26 48.71 -68.94
N ASN G 1756 57.67 49.21 -67.85
CA ASN G 1756 56.37 48.71 -67.42
C ASN G 1756 55.32 48.98 -68.49
N ALA G 1757 55.34 50.16 -69.10
CA ALA G 1757 54.43 50.45 -70.19
C ALA G 1757 54.80 49.67 -71.44
N ARG G 1758 56.07 49.28 -71.57
CA ARG G 1758 56.49 48.50 -72.72
C ARG G 1758 55.85 47.12 -72.70
N ARG G 1759 55.58 46.59 -73.90
CA ARG G 1759 55.01 45.25 -74.01
C ARG G 1759 55.92 44.23 -73.35
N HIS G 1760 55.32 43.28 -72.64
CA HIS G 1760 56.09 42.18 -72.08
C HIS G 1760 56.83 41.45 -73.19
N GLY G 1761 58.08 41.09 -72.91
CA GLY G 1761 58.88 40.38 -73.90
C GLY G 1761 58.20 39.12 -74.37
N LEU G 1762 58.32 38.87 -75.66
CA LEU G 1762 57.64 37.72 -76.25
C LEU G 1762 58.16 36.44 -75.60
N PRO G 1763 57.28 35.64 -75.00
CA PRO G 1763 57.74 34.52 -74.17
C PRO G 1763 58.56 33.53 -74.95
N GLY G 1764 59.56 32.95 -74.29
CA GLY G 1764 60.43 31.99 -74.92
C GLY G 1764 61.51 32.58 -75.78
N VAL G 1765 61.55 33.90 -75.91
CA VAL G 1765 62.51 34.59 -76.78
C VAL G 1765 63.45 35.38 -75.90
N GLY G 1766 64.74 35.20 -76.13
CA GLY G 1766 65.77 35.86 -75.34
C GLY G 1766 66.83 34.86 -74.98
N VAL G 1767 67.70 35.24 -74.04
CA VAL G 1767 68.80 34.41 -73.61
C VAL G 1767 68.54 33.97 -72.18
N THR G 1768 68.50 32.65 -71.97
CA THR G 1768 68.38 32.07 -70.65
C THR G 1768 69.66 31.33 -70.33
N THR G 1769 70.38 31.81 -69.32
CA THR G 1769 71.68 31.24 -68.98
C THR G 1769 71.59 30.17 -67.90
N SER G 1770 70.40 29.70 -67.55
CA SER G 1770 70.27 28.63 -66.58
C SER G 1770 71.07 27.41 -67.04
N LEU G 1771 71.93 26.90 -66.16
CA LEU G 1771 72.88 25.88 -66.54
C LEU G 1771 72.18 24.54 -66.77
N ARG G 1772 72.05 24.15 -68.04
CA ARG G 1772 71.43 22.90 -68.43
C ARG G 1772 72.46 22.07 -69.19
N PRO G 1773 72.72 20.83 -68.78
CA PRO G 1773 73.66 19.98 -69.51
C PRO G 1773 73.17 19.70 -70.91
N PRO G 1774 74.09 19.60 -71.88
CA PRO G 1774 73.68 19.31 -73.25
C PRO G 1774 73.13 17.90 -73.36
N HIS G 1775 72.18 17.73 -74.27
CA HIS G 1775 71.66 16.40 -74.57
C HIS G 1775 72.76 15.55 -75.21
N HIS G 1776 72.82 14.28 -74.81
CA HIS G 1776 73.87 13.39 -75.27
C HIS G 1776 73.25 12.19 -75.97
N PHE G 1777 73.71 11.91 -77.18
CA PHE G 1777 73.18 10.85 -78.01
C PHE G 1777 74.31 10.05 -78.63
N SER G 1778 74.03 8.79 -78.93
CA SER G 1778 74.98 7.92 -79.58
C SER G 1778 74.47 7.54 -80.96
N PRO G 1779 75.27 7.68 -82.00
CA PRO G 1779 74.83 7.27 -83.34
C PRO G 1779 74.51 5.79 -83.37
N PRO G 1780 73.45 5.41 -84.05
CA PRO G 1780 73.12 3.98 -84.14
C PRO G 1780 73.90 3.30 -85.26
N CYS G 1781 74.80 2.40 -84.90
CA CYS G 1781 75.61 1.67 -85.86
C CYS G 1781 75.82 0.26 -85.33
N PHE G 1782 75.57 -0.73 -86.19
CA PHE G 1782 75.69 -2.12 -85.81
C PHE G 1782 76.93 -2.79 -86.38
N VAL G 1783 77.67 -2.10 -87.25
CA VAL G 1783 78.91 -2.67 -87.76
C VAL G 1783 80.01 -2.55 -86.71
N ALA G 1784 79.75 -1.80 -85.64
CA ALA G 1784 80.72 -1.67 -84.56
C ALA G 1784 80.99 -3.03 -83.93
N ALA G 1785 82.24 -3.24 -83.54
CA ALA G 1785 82.65 -4.52 -82.97
C ALA G 1785 81.95 -4.76 -81.64
N LEU G 1786 81.71 -6.03 -81.35
CA LEU G 1786 81.09 -6.41 -80.08
C LEU G 1786 81.99 -6.00 -78.93
N PRO G 1787 81.45 -5.42 -77.86
CA PRO G 1787 82.28 -5.01 -76.73
C PRO G 1787 82.95 -6.20 -76.06
N ALA G 1788 84.29 -6.21 -76.11
CA ALA G 1788 85.03 -7.27 -75.44
C ALA G 1788 84.88 -7.18 -73.93
N ALA G 1789 84.66 -5.98 -73.42
CA ALA G 1789 84.47 -5.80 -71.99
C ALA G 1789 83.19 -6.49 -71.53
N GLY G 1790 83.21 -6.97 -70.28
CA GLY G 1790 82.06 -7.68 -69.76
C GLY G 1790 80.85 -6.79 -69.58
N VAL G 1791 79.68 -7.41 -69.62
CA VAL G 1791 78.43 -6.68 -69.42
C VAL G 1791 78.38 -6.12 -68.00
N ALA G 1792 77.72 -4.96 -67.87
CA ALA G 1792 77.53 -4.23 -66.62
C ALA G 1792 78.81 -3.53 -66.18
N GLU G 1793 79.88 -3.67 -66.97
CA GLU G 1793 81.09 -2.92 -66.68
C GLU G 1793 81.25 -1.75 -67.65
N ALA G 1794 80.86 -1.95 -68.90
CA ALA G 1794 80.87 -0.86 -69.86
C ALA G 1794 79.79 0.16 -69.51
N PRO G 1795 80.02 1.44 -69.78
CA PRO G 1795 78.99 2.44 -69.51
C PRO G 1795 77.74 2.19 -70.34
N ALA G 1796 76.59 2.56 -69.78
CA ALA G 1796 75.33 2.35 -70.46
C ALA G 1796 75.30 3.13 -71.78
N ARG G 1797 74.77 2.50 -72.82
CA ARG G 1797 74.70 3.13 -74.12
C ARG G 1797 73.84 4.37 -74.08
N LEU G 1798 74.23 5.38 -74.85
CA LEU G 1798 73.41 6.57 -74.98
C LEU G 1798 72.20 6.28 -75.86
N SER G 1799 71.20 7.15 -75.79
CA SER G 1799 70.04 7.01 -76.63
C SER G 1799 70.43 7.23 -78.10
N PRO G 1800 69.77 6.56 -79.03
CA PRO G 1800 70.12 6.74 -80.45
C PRO G 1800 69.92 8.17 -80.91
N ALA G 1801 70.75 8.61 -81.85
CA ALA G 1801 70.75 9.99 -82.26
C ALA G 1801 69.78 10.22 -83.43
N ILE G 1802 69.13 11.38 -83.41
CA ILE G 1802 68.19 11.81 -84.44
C ILE G 1802 68.63 13.18 -84.93
N PRO G 1803 68.47 13.44 -86.24
CA PRO G 1803 68.79 14.79 -86.72
C PRO G 1803 67.77 15.78 -86.21
N LEU G 1804 68.19 16.54 -85.20
CA LEU G 1804 67.23 17.32 -84.41
C LEU G 1804 66.75 18.54 -85.16
N GLU G 1805 67.64 19.18 -85.93
CA GLU G 1805 67.23 20.33 -86.71
C GLU G 1805 66.16 19.95 -87.73
N ALA G 1806 66.43 18.90 -88.52
CA ALA G 1806 65.47 18.45 -89.51
C ALA G 1806 64.17 18.02 -88.85
N LEU G 1807 64.27 17.33 -87.71
CA LEU G 1807 63.06 16.92 -87.00
C LEU G 1807 62.26 18.15 -86.57
N ARG G 1808 62.94 19.20 -86.12
CA ARG G 1808 62.24 20.42 -85.75
C ARG G 1808 61.52 21.02 -86.95
N ASP G 1809 62.21 21.09 -88.09
CA ASP G 1809 61.57 21.69 -89.26
C ASP G 1809 60.35 20.91 -89.70
N LYS G 1810 60.43 19.57 -89.71
CA LYS G 1810 59.25 18.82 -90.11
C LYS G 1810 58.13 18.96 -89.08
N ALA G 1811 58.47 18.92 -87.79
CA ALA G 1811 57.44 19.11 -86.78
C ALA G 1811 56.71 20.43 -87.01
N LEU G 1812 57.47 21.49 -87.27
CA LEU G 1812 56.88 22.77 -87.62
C LEU G 1812 55.99 22.65 -88.86
N ARG G 1813 56.45 21.88 -89.85
CA ARG G 1813 55.72 21.81 -91.11
C ARG G 1813 54.36 21.16 -90.94
N MET G 1814 54.30 19.96 -90.36
CA MET G 1814 52.97 19.37 -90.14
C MET G 1814 52.17 20.10 -89.07
N LEU G 1815 52.84 20.87 -88.20
CA LEU G 1815 52.06 21.74 -87.33
C LEU G 1815 51.29 22.77 -88.15
N GLY G 1816 51.99 23.41 -89.09
CA GLY G 1816 51.32 24.35 -89.98
C GLY G 1816 50.22 23.69 -90.80
N GLU G 1817 50.49 22.47 -91.28
CA GLU G 1817 49.47 21.73 -92.02
C GLU G 1817 48.24 21.48 -91.17
N ALA G 1818 48.45 21.10 -89.90
CA ALA G 1818 47.32 20.85 -89.01
C ALA G 1818 46.51 22.11 -88.80
N VAL G 1819 47.18 23.24 -88.57
CA VAL G 1819 46.45 24.49 -88.40
C VAL G 1819 45.66 24.82 -89.65
N ARG G 1820 46.29 24.67 -90.82
CA ARG G 1820 45.60 24.99 -92.07
C ARG G 1820 44.38 24.10 -92.26
N ASP G 1821 44.52 22.80 -92.03
CA ASP G 1821 43.40 21.89 -92.23
C ASP G 1821 42.28 22.17 -91.24
N GLY G 1822 42.63 22.48 -89.98
CA GLY G 1822 41.62 22.88 -89.03
C GLY G 1822 40.85 24.09 -89.49
N GLY G 1823 41.55 25.07 -90.06
CA GLY G 1823 40.87 26.18 -90.70
C GLY G 1823 39.97 25.70 -91.84
N GLN G 1824 40.44 24.71 -92.59
CA GLN G 1824 39.67 24.23 -93.73
C GLN G 1824 38.38 23.53 -93.31
N HIS G 1825 38.39 22.92 -92.13
CA HIS G 1825 37.27 22.10 -91.67
C HIS G 1825 36.93 21.03 -92.70
N ALA G 1826 37.96 20.41 -93.26
CA ALA G 1826 37.74 19.31 -94.17
C ALA G 1826 37.02 18.17 -93.46
N ARG G 1827 36.13 17.51 -94.20
CA ARG G 1827 35.33 16.45 -93.57
C ARG G 1827 36.21 15.32 -93.04
N ASP G 1828 37.26 14.96 -93.79
CA ASP G 1828 38.14 13.89 -93.38
C ASP G 1828 39.32 14.47 -92.62
N PRO G 1829 39.42 14.25 -91.31
CA PRO G 1829 40.62 14.69 -90.60
C PRO G 1829 41.76 13.73 -90.85
N VAL G 1830 42.98 14.23 -90.66
CA VAL G 1830 44.15 13.36 -90.78
C VAL G 1830 44.08 12.29 -89.70
N GLY G 1831 44.21 11.04 -90.12
CA GLY G 1831 44.12 9.93 -89.19
C GLY G 1831 42.70 9.55 -88.79
N GLY G 1832 41.68 10.18 -89.39
CA GLY G 1832 40.32 9.80 -89.13
C GLY G 1832 39.62 10.57 -88.03
N SER G 1833 40.35 11.36 -87.24
CA SER G 1833 39.74 12.17 -86.20
C SER G 1833 40.53 13.45 -86.04
N VAL G 1834 39.87 14.49 -85.53
CA VAL G 1834 40.57 15.74 -85.27
C VAL G 1834 41.63 15.54 -84.20
N GLU G 1835 41.26 14.86 -83.11
CA GLU G 1835 42.23 14.59 -82.07
C GLU G 1835 43.33 13.66 -82.58
N PHE G 1836 42.97 12.69 -83.41
CA PHE G 1836 43.98 11.81 -83.98
C PHE G 1836 44.95 12.61 -84.85
N GLN G 1837 44.44 13.64 -85.52
CA GLN G 1837 45.28 14.48 -86.36
C GLN G 1837 46.24 15.30 -85.51
N PHE G 1838 45.72 15.93 -84.46
CA PHE G 1838 46.52 16.95 -83.77
C PHE G 1838 47.42 16.33 -82.70
N VAL G 1839 46.90 15.37 -81.93
CA VAL G 1839 47.57 14.97 -80.68
C VAL G 1839 49.04 14.64 -80.89
N PRO G 1840 49.43 13.79 -81.86
CA PRO G 1840 50.87 13.52 -82.03
C PRO G 1840 51.68 14.76 -82.33
N VAL G 1841 51.09 15.72 -83.04
CA VAL G 1841 51.82 16.95 -83.34
C VAL G 1841 52.13 17.70 -82.06
N LEU G 1842 51.15 17.80 -81.17
CA LEU G 1842 51.41 18.50 -79.90
C LEU G 1842 52.38 17.72 -79.04
N LYS G 1843 52.34 16.39 -79.10
CA LYS G 1843 53.36 15.61 -78.38
C LYS G 1843 54.76 15.96 -78.89
N LEU G 1844 54.94 15.96 -80.21
CA LEU G 1844 56.24 16.30 -80.78
C LEU G 1844 56.66 17.71 -80.37
N VAL G 1845 55.73 18.67 -80.45
CA VAL G 1845 56.04 20.05 -80.10
C VAL G 1845 56.44 20.15 -78.64
N SER G 1846 55.70 19.46 -77.76
CA SER G 1846 56.01 19.48 -76.34
C SER G 1846 57.41 18.97 -76.10
N THR G 1847 57.74 17.81 -76.67
CA THR G 1847 59.05 17.22 -76.42
C THR G 1847 60.16 18.11 -76.96
N LEU G 1848 60.01 18.62 -78.18
CA LEU G 1848 61.05 19.45 -78.76
C LEU G 1848 61.25 20.73 -77.98
N LEU G 1849 60.15 21.39 -77.59
CA LEU G 1849 60.25 22.61 -76.82
C LEU G 1849 60.91 22.37 -75.47
N VAL G 1850 60.55 21.26 -74.81
CA VAL G 1850 61.14 21.01 -73.49
C VAL G 1850 62.61 20.68 -73.62
N MET G 1851 63.00 19.97 -74.68
CA MET G 1851 64.42 19.80 -74.96
C MET G 1851 65.10 21.14 -75.21
N GLY G 1852 64.36 22.10 -75.77
CA GLY G 1852 64.93 23.37 -76.12
C GLY G 1852 65.66 23.40 -77.44
N ILE G 1853 65.74 22.26 -78.12
CA ILE G 1853 66.32 22.24 -79.46
C ILE G 1853 65.51 23.13 -80.39
N PHE G 1854 64.23 23.30 -80.08
CA PHE G 1854 63.35 24.09 -80.93
C PHE G 1854 63.83 25.53 -80.95
N GLY G 1855 64.36 25.97 -82.10
CA GLY G 1855 65.03 27.25 -82.17
C GLY G 1855 64.08 28.41 -81.91
N ASP G 1856 64.67 29.54 -81.51
CA ASP G 1856 63.88 30.67 -81.02
C ASP G 1856 62.92 31.20 -82.09
N GLU G 1857 63.38 31.32 -83.32
CA GLU G 1857 62.50 31.78 -84.39
C GLU G 1857 61.33 30.82 -84.57
N ASP G 1858 61.60 29.52 -84.50
CA ASP G 1858 60.52 28.54 -84.61
C ASP G 1858 59.57 28.63 -83.43
N VAL G 1859 60.09 28.95 -82.24
CA VAL G 1859 59.21 29.17 -81.09
C VAL G 1859 58.31 30.36 -81.35
N LYS G 1860 58.86 31.42 -81.94
CA LYS G 1860 58.02 32.54 -82.35
C LYS G 1860 56.92 32.08 -83.29
N GLN G 1861 57.29 31.25 -84.28
CA GLN G 1861 56.29 30.72 -85.20
C GLN G 1861 55.21 29.96 -84.46
N ILE G 1862 55.60 29.09 -83.53
CA ILE G 1862 54.64 28.30 -82.76
C ILE G 1862 53.70 29.23 -82.02
N LEU G 1863 54.24 30.31 -81.45
CA LEU G 1863 53.39 31.27 -80.76
C LEU G 1863 52.37 31.89 -81.71
N LYS G 1864 52.81 32.24 -82.92
CA LYS G 1864 51.86 32.76 -83.90
C LYS G 1864 50.75 31.76 -84.17
N MET G 1865 51.09 30.48 -84.33
CA MET G 1865 50.04 29.49 -84.58
C MET G 1865 49.10 29.37 -83.39
N ILE G 1866 49.64 29.41 -82.16
CA ILE G 1866 48.77 29.30 -80.99
C ILE G 1866 47.79 30.47 -80.95
N GLU G 1867 48.31 31.69 -81.07
CA GLU G 1867 47.51 32.91 -81.06
C GLU G 1867 48.17 33.97 -81.93
N PRO G 1868 47.76 34.10 -83.19
CA PRO G 1868 48.45 35.05 -84.08
C PRO G 1868 48.34 36.48 -83.61
N GLU G 1869 47.13 36.98 -83.43
CA GLU G 1869 46.93 38.39 -83.08
C GLU G 1869 47.64 38.73 -81.78
N VAL G 1870 47.82 37.74 -80.90
CA VAL G 1870 48.46 38.01 -79.62
C VAL G 1870 49.94 38.24 -79.80
N PHE G 1871 50.62 37.32 -80.47
CA PHE G 1871 52.08 37.30 -80.48
C PHE G 1871 52.68 38.06 -81.66
N THR G 1872 51.89 38.81 -82.42
CA THR G 1872 52.46 39.70 -83.41
C THR G 1872 53.40 40.69 -82.74
N GLU G 1873 54.56 40.89 -83.36
CA GLU G 1873 55.60 41.75 -82.83
C GLU G 1873 55.74 42.96 -83.74
N GLU G 1874 55.71 44.16 -83.14
CA GLU G 1874 55.84 45.39 -83.90
C GLU G 1874 57.21 45.50 -84.57
N LEU G 1922 43.33 33.73 -93.28
CA LEU G 1922 43.93 34.20 -92.04
C LEU G 1922 44.09 33.06 -91.05
N GLU G 1923 45.24 33.00 -90.39
CA GLU G 1923 45.45 32.01 -89.34
C GLU G 1923 44.60 32.37 -88.13
N GLU G 1924 43.82 31.40 -87.65
CA GLU G 1924 42.99 31.56 -86.47
C GLU G 1924 43.70 30.91 -85.29
N GLY G 1925 43.45 31.44 -84.10
CA GLY G 1925 44.08 30.88 -82.92
C GLY G 1925 43.67 29.44 -82.70
N LEU G 1926 44.60 28.65 -82.17
CA LEU G 1926 44.29 27.26 -81.85
C LEU G 1926 43.13 27.19 -80.86
N LEU G 1927 43.08 28.13 -79.92
CA LEU G 1927 41.93 28.21 -79.01
C LEU G 1927 40.66 28.57 -79.78
N GLN G 1928 40.78 29.46 -80.76
CA GLN G 1928 39.61 29.84 -81.56
C GLN G 1928 39.08 28.64 -82.34
N MET G 1929 39.98 27.73 -82.72
CA MET G 1929 39.58 26.58 -83.52
C MET G 1929 38.68 25.65 -82.72
N LYS G 1930 38.89 25.59 -81.41
CA LYS G 1930 38.19 24.69 -80.48
C LYS G 1930 38.69 23.27 -80.72
N LEU G 1931 38.89 22.50 -79.66
CA LEU G 1931 39.54 21.21 -79.80
C LEU G 1931 38.92 20.23 -78.82
N PRO G 1932 39.02 18.93 -79.09
CA PRO G 1932 38.57 17.94 -78.12
C PRO G 1932 39.40 17.98 -76.86
N GLU G 1933 38.92 17.26 -75.84
CA GLU G 1933 39.44 17.41 -74.50
C GLU G 1933 40.91 17.01 -74.40
N SER G 1934 41.29 15.93 -75.07
CA SER G 1934 42.70 15.53 -75.04
C SER G 1934 43.60 16.58 -75.68
N VAL G 1935 43.17 17.12 -76.82
CA VAL G 1935 43.94 18.16 -77.48
C VAL G 1935 44.08 19.36 -76.56
N LYS G 1936 43.00 19.70 -75.87
CA LYS G 1936 43.06 20.74 -74.84
C LYS G 1936 44.12 20.40 -73.80
N LEU G 1937 44.16 19.14 -73.37
CA LEU G 1937 45.16 18.74 -72.38
C LEU G 1937 46.56 19.06 -72.86
N GLN G 1938 46.93 18.63 -74.06
CA GLN G 1938 48.33 18.79 -74.44
C GLN G 1938 48.66 20.23 -74.83
N MET G 1939 47.71 20.99 -75.38
CA MET G 1939 48.12 22.36 -75.68
C MET G 1939 48.18 23.17 -74.39
N CYS G 1940 47.41 22.75 -73.38
CA CYS G 1940 47.60 23.30 -72.04
C CYS G 1940 48.99 22.98 -71.52
N ASN G 1941 49.48 21.78 -71.80
CA ASN G 1941 50.87 21.49 -71.43
C ASN G 1941 51.84 22.40 -72.15
N LEU G 1942 51.58 22.71 -73.43
CA LEU G 1942 52.44 23.66 -74.13
C LEU G 1942 52.45 25.02 -73.44
N LEU G 1943 51.26 25.52 -73.09
CA LEU G 1943 51.19 26.78 -72.36
C LEU G 1943 51.94 26.69 -71.04
N GLU G 1944 51.85 25.54 -70.37
CA GLU G 1944 52.56 25.35 -69.11
C GLU G 1944 54.06 25.47 -69.31
N TYR G 1945 54.58 24.86 -70.37
CA TYR G 1945 56.00 24.99 -70.67
C TYR G 1945 56.38 26.44 -70.92
N PHE G 1946 55.55 27.15 -71.69
CA PHE G 1946 55.84 28.55 -71.98
C PHE G 1946 55.89 29.36 -70.69
N CYS G 1947 54.95 29.12 -69.79
CA CYS G 1947 54.92 29.86 -68.54
C CYS G 1947 56.13 29.51 -67.66
N ASP G 1948 56.54 28.25 -67.65
CA ASP G 1948 57.73 27.87 -66.91
C ASP G 1948 58.95 28.61 -67.43
N GLN G 1949 59.09 28.67 -68.75
CA GLN G 1949 60.22 29.39 -69.32
C GLN G 1949 60.15 30.87 -68.95
N GLU G 1950 58.94 31.43 -68.96
CA GLU G 1950 58.78 32.84 -68.61
C GLU G 1950 59.22 33.08 -67.16
N LEU G 1951 58.81 32.19 -66.26
CA LEU G 1951 59.20 32.33 -64.86
C LEU G 1951 60.70 32.20 -64.70
N GLN G 1952 61.31 31.27 -65.44
CA GLN G 1952 62.77 31.16 -65.43
C GLN G 1952 63.41 32.47 -65.87
N HIS G 1953 62.84 33.09 -66.90
CA HIS G 1953 63.36 34.38 -67.35
C HIS G 1953 63.26 35.42 -66.24
N ARG G 1954 62.14 35.43 -65.52
CA ARG G 1954 62.02 36.33 -64.37
C ARG G 1954 63.14 36.08 -63.38
N VAL G 1955 63.38 34.82 -63.05
CA VAL G 1955 64.38 34.47 -62.05
C VAL G 1955 65.75 34.98 -62.47
N GLU G 1956 66.12 34.73 -63.73
CA GLU G 1956 67.43 35.20 -64.18
C GLU G 1956 67.48 36.72 -64.22
N SER G 1957 66.35 37.36 -64.48
CA SER G 1957 66.31 38.82 -64.47
C SER G 1957 66.62 39.36 -63.08
N LEU G 1958 65.98 38.80 -62.05
CA LEU G 1958 66.29 39.23 -60.70
C LEU G 1958 67.73 38.90 -60.35
N ALA G 1959 68.26 37.79 -60.88
CA ALA G 1959 69.65 37.45 -60.64
C ALA G 1959 70.58 38.53 -61.21
N ALA G 1960 70.32 38.97 -62.44
CA ALA G 1960 71.18 39.99 -63.05
C ALA G 1960 71.06 41.30 -62.31
N PHE G 1961 69.85 41.68 -61.91
CA PHE G 1961 69.70 42.89 -61.11
C PHE G 1961 70.47 42.74 -59.80
N ALA G 1962 70.47 41.55 -59.23
CA ALA G 1962 71.22 41.31 -58.00
C ALA G 1962 72.70 41.49 -58.23
N GLU G 1963 73.21 41.04 -59.38
CA GLU G 1963 74.61 41.26 -59.70
C GLU G 1963 74.93 42.75 -59.74
N ARG G 1964 74.12 43.52 -60.48
CA ARG G 1964 74.37 44.96 -60.55
C ARG G 1964 74.30 45.59 -59.16
N TYR G 1965 73.26 45.24 -58.40
CA TYR G 1965 73.07 45.82 -57.08
C TYR G 1965 74.21 45.50 -56.14
N VAL G 1966 74.68 44.25 -56.15
CA VAL G 1966 75.73 43.88 -55.21
C VAL G 1966 77.02 44.58 -55.60
N ASP G 1967 77.26 44.77 -56.90
CA ASP G 1967 78.41 45.58 -57.30
C ASP G 1967 78.29 46.99 -56.74
N LYS G 1968 77.10 47.58 -56.88
CA LYS G 1968 76.90 48.92 -56.33
C LYS G 1968 77.11 48.94 -54.83
N LEU G 1969 76.61 47.93 -54.13
CA LEU G 1969 76.76 47.87 -52.68
C LEU G 1969 78.21 47.76 -52.28
N GLN G 1970 78.98 46.93 -52.98
CA GLN G 1970 80.39 46.79 -52.63
C GLN G 1970 81.11 48.11 -52.83
N ALA G 1971 80.87 48.79 -53.96
CA ALA G 1971 81.50 50.08 -54.17
C ALA G 1971 81.09 51.07 -53.08
N ASN G 1972 79.79 51.19 -52.82
CA ASN G 1972 79.32 52.20 -51.89
C ASN G 1972 79.77 51.89 -50.47
N GLN G 1973 79.94 50.61 -50.13
CA GLN G 1973 80.20 50.30 -48.73
C GLN G 1973 81.70 50.33 -48.48
N ARG G 1974 82.51 50.05 -49.52
CA ARG G 1974 83.91 50.47 -49.48
C ARG G 1974 84.02 51.97 -49.23
N SER G 1975 83.26 52.76 -49.96
CA SER G 1975 83.30 54.21 -49.75
C SER G 1975 82.88 54.55 -48.33
N ARG G 1976 81.84 53.89 -47.83
CA ARG G 1976 81.37 54.12 -46.47
C ARG G 1976 82.46 53.80 -45.44
N TYR G 1977 83.14 52.67 -45.62
CA TYR G 1977 84.19 52.29 -44.67
C TYR G 1977 85.35 53.27 -44.75
N ALA G 1978 85.70 53.70 -45.96
CA ALA G 1978 86.76 54.69 -46.12
C ALA G 1978 86.40 55.98 -45.39
N LEU G 1979 85.15 56.41 -45.50
CA LEU G 1979 84.68 57.53 -44.71
C LEU G 1979 84.79 57.23 -43.22
N LEU G 1980 84.50 55.98 -42.84
CA LEU G 1980 84.55 55.61 -41.43
C LEU G 1980 85.95 55.81 -40.85
N MET G 1981 86.97 55.29 -41.51
CA MET G 1981 88.34 55.57 -41.08
C MET G 1981 88.64 57.05 -41.15
N ARG G 1982 87.89 57.80 -41.97
CA ARG G 1982 88.11 59.23 -42.04
C ARG G 1982 87.28 59.95 -40.97
N ALA G 1983 86.01 59.57 -40.82
CA ALA G 1983 85.09 60.38 -40.02
C ALA G 1983 85.07 59.93 -38.56
N PHE G 1984 85.76 58.84 -38.23
CA PHE G 1984 85.70 58.34 -36.85
C PHE G 1984 86.37 59.31 -35.89
N THR G 1985 87.22 60.21 -36.40
CA THR G 1985 87.87 61.18 -35.53
C THR G 1985 86.90 62.26 -35.07
N MET G 1986 85.92 62.62 -35.91
CA MET G 1986 85.02 63.70 -35.54
C MET G 1986 83.97 63.24 -34.54
N SER G 1987 83.12 62.30 -34.92
CA SER G 1987 81.96 61.90 -34.14
C SER G 1987 82.15 60.48 -33.65
N ALA G 1988 81.73 60.21 -32.41
CA ALA G 1988 81.90 58.88 -31.84
C ALA G 1988 80.57 58.13 -31.76
N ALA G 1989 79.50 58.83 -31.36
CA ALA G 1989 78.21 58.16 -31.17
C ALA G 1989 77.70 57.56 -32.47
N GLU G 1990 77.77 58.32 -33.57
CA GLU G 1990 77.41 57.76 -34.87
C GLU G 1990 78.44 56.73 -35.32
N THR G 1991 79.71 56.96 -34.99
CA THR G 1991 80.74 55.98 -35.31
C THR G 1991 80.51 54.68 -34.55
N ALA G 1992 80.04 54.77 -33.31
CA ALA G 1992 79.77 53.57 -32.52
C ALA G 1992 78.69 52.72 -33.18
N ARG G 1993 77.60 53.36 -33.61
CA ARG G 1993 76.53 52.61 -34.26
C ARG G 1993 76.97 52.09 -35.63
N ARG G 1994 77.69 52.91 -36.40
CA ARG G 1994 78.11 52.50 -37.73
C ARG G 1994 79.08 51.32 -37.65
N THR G 1995 80.00 51.35 -36.68
CA THR G 1995 80.86 50.20 -36.46
C THR G 1995 80.04 48.99 -36.03
N ARG G 1996 79.06 49.19 -35.15
CA ARG G 1996 78.18 48.10 -34.76
C ARG G 1996 77.49 47.50 -35.97
N GLU G 1997 77.11 48.34 -36.93
CA GLU G 1997 76.61 47.84 -38.20
C GLU G 1997 77.67 46.99 -38.88
N PHE G 1998 78.92 47.45 -38.87
CA PHE G 1998 80.00 46.63 -39.41
C PHE G 1998 80.35 45.48 -38.47
N ARG G 1999 80.09 45.66 -37.17
CA ARG G 1999 80.27 44.56 -36.23
C ARG G 1999 79.31 43.42 -36.55
N SER G 2000 78.19 43.73 -37.18
CA SER G 2000 77.21 42.72 -37.53
C SER G 2000 77.80 41.72 -38.53
N PRO G 2001 77.35 40.48 -38.51
CA PRO G 2001 77.77 39.54 -39.53
C PRO G 2001 77.35 40.03 -40.91
N PRO G 2002 78.11 39.68 -41.95
CA PRO G 2002 77.84 40.28 -43.27
C PRO G 2002 76.43 40.02 -43.77
N GLN G 2003 75.87 38.85 -43.47
CA GLN G 2003 74.50 38.58 -43.91
C GLN G 2003 73.52 39.52 -43.25
N GLU G 2004 73.65 39.72 -41.93
CA GLU G 2004 72.76 40.65 -41.25
C GLU G 2004 73.01 42.08 -41.73
N GLN G 2005 74.24 42.35 -42.15
CA GLN G 2005 74.55 43.65 -42.74
C GLN G 2005 73.76 43.84 -44.03
N ILE G 2006 73.78 42.84 -44.90
CA ILE G 2006 72.94 42.89 -46.09
C ILE G 2006 71.49 43.08 -45.69
N ASN G 2007 71.06 42.37 -44.64
CA ASN G 2007 69.66 42.41 -44.26
C ASN G 2007 69.21 43.81 -43.86
N MET G 2008 69.93 44.46 -42.95
CA MET G 2008 69.41 45.75 -42.49
C MET G 2008 69.78 46.85 -43.49
N LEU G 2009 70.69 46.55 -44.42
CA LEU G 2009 70.78 47.42 -45.60
C LEU G 2009 69.51 47.35 -46.42
N LEU G 2010 68.98 46.14 -46.63
CA LEU G 2010 67.77 45.98 -47.45
C LEU G 2010 66.54 46.56 -46.78
N HIS G 2011 66.69 47.11 -45.57
CA HIS G 2011 65.54 47.59 -44.79
C HIS G 2011 65.22 49.03 -45.17
N PHE G 2012 64.92 49.21 -46.46
CA PHE G 2012 64.45 50.49 -46.99
C PHE G 2012 63.02 50.41 -47.52
N LYS G 2013 62.43 49.21 -47.56
CA LYS G 2013 61.12 49.06 -48.17
C LYS G 2013 60.04 49.84 -47.42
N ASP G 2014 60.07 49.77 -46.08
CA ASP G 2014 58.98 50.33 -45.29
C ASP G 2014 58.92 51.85 -45.41
N GLU G 2015 60.06 52.49 -45.64
CA GLU G 2015 60.29 53.94 -45.68
C GLU G 2015 60.24 54.52 -44.27
N ALA G 2016 59.85 53.75 -43.26
CA ALA G 2016 59.92 54.24 -41.88
C ALA G 2016 61.37 54.40 -41.44
N ASP G 2017 62.22 53.44 -41.77
CA ASP G 2017 63.63 53.50 -41.42
C ASP G 2017 64.53 53.59 -42.64
N GLU G 2018 63.97 53.94 -43.81
CA GLU G 2018 64.77 54.06 -45.02
C GLU G 2018 65.90 55.06 -44.83
N GLU G 2019 65.62 56.16 -44.12
CA GLU G 2019 66.67 57.12 -43.80
C GLU G 2019 67.75 56.51 -42.92
N ASP G 2020 67.38 55.52 -42.11
CA ASP G 2020 68.37 54.87 -41.24
C ASP G 2020 69.36 54.04 -42.05
N CYS G 2021 68.92 53.53 -43.20
CA CYS G 2021 69.82 52.76 -44.05
C CYS G 2021 70.92 53.65 -44.59
N PRO G 2022 72.18 53.24 -44.47
CA PRO G 2022 73.28 54.09 -44.96
C PRO G 2022 73.25 54.32 -46.46
N LEU G 2023 72.58 53.46 -47.20
CA LEU G 2023 72.56 53.60 -48.65
C LEU G 2023 71.90 54.91 -49.04
N PRO G 2024 72.40 55.60 -50.07
CA PRO G 2024 71.82 56.88 -50.45
C PRO G 2024 70.50 56.74 -51.19
N GLU G 2025 69.77 57.86 -51.21
CA GLU G 2025 68.42 57.86 -51.77
C GLU G 2025 68.43 57.54 -53.25
N ASP G 2026 69.52 57.86 -53.95
CA ASP G 2026 69.59 57.55 -55.37
C ASP G 2026 69.54 56.05 -55.62
N ILE G 2027 70.40 55.30 -54.93
CA ILE G 2027 70.45 53.86 -55.15
C ILE G 2027 69.16 53.22 -54.64
N ARG G 2028 68.62 53.74 -53.53
CA ARG G 2028 67.31 53.27 -53.10
C ARG G 2028 66.26 53.55 -54.17
N GLN G 2029 66.40 54.64 -54.90
CA GLN G 2029 65.42 54.97 -55.92
C GLN G 2029 65.48 53.98 -57.08
N ASP G 2030 66.69 53.67 -57.57
CA ASP G 2030 66.74 52.74 -58.69
C ASP G 2030 66.32 51.34 -58.27
N LEU G 2031 66.61 50.95 -57.02
CA LEU G 2031 66.16 49.63 -56.60
C LEU G 2031 64.65 49.59 -56.47
N GLN G 2032 64.04 50.70 -56.03
CA GLN G 2032 62.59 50.77 -56.02
C GLN G 2032 62.03 50.71 -57.44
N ASP G 2033 62.73 51.34 -58.38
CA ASP G 2033 62.32 51.23 -59.78
C ASP G 2033 62.37 49.79 -60.23
N PHE G 2034 63.41 49.06 -59.85
CA PHE G 2034 63.48 47.64 -60.15
C PHE G 2034 62.31 46.90 -59.55
N HIS G 2035 61.96 47.21 -58.31
CA HIS G 2035 60.86 46.51 -57.66
C HIS G 2035 59.55 46.76 -58.39
N GLN G 2036 59.32 48.00 -58.80
CA GLN G 2036 58.11 48.31 -59.58
C GLN G 2036 58.12 47.58 -60.91
N ASP G 2037 59.29 47.50 -61.55
CA ASP G 2037 59.40 46.76 -62.80
C ASP G 2037 59.07 45.30 -62.59
N LEU G 2038 59.57 44.71 -61.50
CA LEU G 2038 59.28 43.30 -61.22
C LEU G 2038 57.80 43.09 -60.97
N LEU G 2039 57.17 43.99 -60.22
CA LEU G 2039 55.74 43.88 -59.98
C LEU G 2039 54.97 43.97 -61.28
N ALA G 2040 55.34 44.91 -62.15
CA ALA G 2040 54.65 45.06 -63.42
C ALA G 2040 54.78 43.82 -64.28
N HIS G 2041 56.00 43.27 -64.36
CA HIS G 2041 56.19 42.03 -65.11
C HIS G 2041 55.36 40.91 -64.52
N CYS G 2042 55.28 40.84 -63.20
CA CYS G 2042 54.41 39.85 -62.56
C CYS G 2042 52.94 40.17 -62.79
N GLY G 2043 52.64 41.40 -63.23
CA GLY G 2043 51.27 41.83 -63.33
C GLY G 2043 50.62 42.13 -62.01
N ILE G 2044 51.38 42.08 -60.91
CA ILE G 2044 50.84 42.40 -59.59
C ILE G 2044 50.37 43.84 -59.54
N GLN G 2045 51.15 44.74 -60.12
CA GLN G 2045 50.82 46.17 -60.10
C GLN G 2045 49.63 46.44 -61.00
N LEU G 2046 48.92 47.52 -60.71
CA LEU G 2046 47.78 47.94 -61.52
C LEU G 2046 48.16 49.09 -62.43
N GLU G 2088 41.51 47.20 -75.07
CA GLU G 2088 41.52 46.05 -75.97
C GLU G 2088 40.98 44.80 -75.27
N LYS G 2089 39.98 44.17 -75.87
CA LYS G 2089 39.41 42.96 -75.28
C LYS G 2089 40.44 41.83 -75.25
N LYS G 2090 41.22 41.70 -76.30
CA LYS G 2090 42.23 40.65 -76.34
C LYS G 2090 43.33 40.98 -75.33
N PRO G 2091 43.68 40.03 -74.45
CA PRO G 2091 44.41 40.38 -73.23
C PRO G 2091 45.77 41.04 -73.46
N GLN G 2092 46.44 40.69 -74.56
CA GLN G 2092 47.80 41.09 -74.89
C GLN G 2092 48.81 40.46 -73.92
N SER G 2093 48.36 39.68 -72.94
CA SER G 2093 49.23 39.07 -71.96
C SER G 2093 48.96 37.58 -71.90
N LEU G 2094 50.03 36.78 -71.89
CA LEU G 2094 49.87 35.33 -71.94
C LEU G 2094 49.09 34.81 -70.73
N GLN G 2095 49.40 35.34 -69.55
CA GLN G 2095 48.70 34.87 -68.34
C GLN G 2095 47.21 35.16 -68.43
N GLU G 2096 46.85 36.38 -68.84
CA GLU G 2096 45.44 36.74 -68.90
C GLU G 2096 44.72 35.96 -69.98
N LEU G 2097 45.39 35.71 -71.12
CA LEU G 2097 44.73 34.94 -72.17
C LEU G 2097 44.54 33.49 -71.76
N VAL G 2098 45.52 32.93 -71.03
CA VAL G 2098 45.36 31.57 -70.52
C VAL G 2098 44.21 31.52 -69.53
N SER G 2099 44.12 32.52 -68.64
CA SER G 2099 43.01 32.58 -67.71
C SER G 2099 41.68 32.64 -68.45
N HIS G 2100 41.61 33.48 -69.48
CA HIS G 2100 40.39 33.60 -70.27
CA HIS G 2100 40.39 33.60 -70.26
C HIS G 2100 40.04 32.29 -70.94
N MET G 2101 41.05 31.59 -71.47
CA MET G 2101 40.79 30.32 -72.13
C MET G 2101 40.28 29.27 -71.14
N VAL G 2102 40.86 29.21 -69.94
CA VAL G 2102 40.36 28.27 -68.94
C VAL G 2102 38.91 28.60 -68.58
N VAL G 2103 38.63 29.88 -68.34
CA VAL G 2103 37.28 30.29 -67.97
C VAL G 2103 36.31 30.00 -69.09
N ARG G 2104 36.72 30.24 -70.33
CA ARG G 2104 35.85 30.02 -71.48
C ARG G 2104 35.55 28.54 -71.66
N TRP G 2105 36.54 27.68 -71.41
CA TRP G 2105 36.30 26.25 -71.51
C TRP G 2105 35.32 25.78 -70.44
N ALA G 2106 35.58 26.16 -69.19
CA ALA G 2106 34.65 25.79 -68.11
C ALA G 2106 33.27 26.36 -68.36
N GLN G 2107 33.21 27.49 -69.07
CA GLN G 2107 31.93 28.08 -69.42
C GLN G 2107 31.23 27.28 -70.50
N GLU G 2108 31.97 26.85 -71.52
CA GLU G 2108 31.38 26.10 -72.61
C GLU G 2108 30.83 24.77 -72.11
N ASP G 2109 31.58 24.07 -71.28
CA ASP G 2109 31.12 22.76 -70.84
C ASP G 2109 31.87 22.34 -69.59
N TYR G 2110 31.27 21.39 -68.88
CA TYR G 2110 31.96 20.74 -67.77
C TYR G 2110 32.99 19.75 -68.32
N VAL G 2111 34.22 19.85 -67.84
CA VAL G 2111 35.26 18.93 -68.29
C VAL G 2111 35.03 17.56 -67.67
N GLN G 2112 35.12 16.53 -68.49
CA GLN G 2112 34.88 15.16 -68.04
C GLN G 2112 36.16 14.39 -67.77
N SER G 2113 37.32 14.99 -68.00
CA SER G 2113 38.60 14.33 -67.72
C SER G 2113 39.22 14.95 -66.47
N PRO G 2114 39.25 14.23 -65.35
CA PRO G 2114 39.79 14.84 -64.12
C PRO G 2114 41.23 15.28 -64.24
N GLU G 2115 42.06 14.57 -65.00
CA GLU G 2115 43.43 15.04 -65.21
C GLU G 2115 43.43 16.36 -65.97
N LEU G 2116 42.56 16.49 -66.97
CA LEU G 2116 42.44 17.76 -67.67
C LEU G 2116 42.00 18.86 -66.73
N VAL G 2117 41.04 18.57 -65.85
CA VAL G 2117 40.57 19.57 -64.90
C VAL G 2117 41.71 20.02 -63.99
N ARG G 2118 42.46 19.05 -63.47
CA ARG G 2118 43.62 19.35 -62.64
C ARG G 2118 44.58 20.25 -63.39
N ALA G 2119 44.87 19.91 -64.65
CA ALA G 2119 45.83 20.69 -65.42
C ALA G 2119 45.35 22.13 -65.62
N MET G 2120 44.10 22.29 -66.05
CA MET G 2120 43.64 23.64 -66.36
C MET G 2120 43.58 24.49 -65.11
N PHE G 2121 43.12 23.92 -63.99
CA PHE G 2121 43.02 24.73 -62.78
C PHE G 2121 44.38 25.05 -62.21
N SER G 2122 45.33 24.12 -62.31
CA SER G 2122 46.70 24.43 -61.91
C SER G 2122 47.27 25.56 -62.74
N LEU G 2123 47.08 25.50 -64.06
CA LEU G 2123 47.58 26.57 -64.92
C LEU G 2123 46.91 27.89 -64.59
N LEU G 2124 45.60 27.87 -64.34
CA LEU G 2124 44.88 29.09 -64.01
C LEU G 2124 45.41 29.71 -62.73
N HIS G 2125 45.48 28.92 -61.66
CA HIS G 2125 46.02 29.41 -60.40
C HIS G 2125 47.42 29.99 -60.61
N ARG G 2126 48.24 29.28 -61.38
CA ARG G 2126 49.61 29.73 -61.57
C ARG G 2126 49.66 31.07 -62.28
N GLN G 2127 48.91 31.22 -63.38
CA GLN G 2127 48.86 32.50 -64.06
C GLN G 2127 48.32 33.59 -63.14
N TYR G 2128 47.50 33.23 -62.16
CA TYR G 2128 46.98 34.25 -61.26
C TYR G 2128 48.01 34.64 -60.21
N ASP G 2129 48.94 33.74 -59.86
CA ASP G 2129 49.90 34.03 -58.80
C ASP G 2129 51.33 33.85 -59.32
N GLY G 2130 51.82 34.86 -60.04
CA GLY G 2130 53.20 34.85 -60.47
C GLY G 2130 54.14 35.20 -59.34
N LEU G 2131 53.73 36.16 -58.49
CA LEU G 2131 54.47 36.43 -57.28
C LEU G 2131 54.59 35.17 -56.44
N GLY G 2132 53.53 34.36 -56.41
CA GLY G 2132 53.59 33.11 -55.68
C GLY G 2132 54.55 32.12 -56.30
N GLU G 2133 54.54 32.00 -57.63
CA GLU G 2133 55.55 31.16 -58.26
C GLU G 2133 56.94 31.61 -57.87
N LEU G 2134 57.16 32.91 -57.82
CA LEU G 2134 58.49 33.42 -57.48
C LEU G 2134 58.83 33.12 -56.03
N LEU G 2135 57.85 33.23 -55.13
CA LEU G 2135 58.07 32.79 -53.75
C LEU G 2135 58.50 31.33 -53.71
N ARG G 2136 57.81 30.48 -54.45
CA ARG G 2136 58.09 29.04 -54.36
C ARG G 2136 59.43 28.70 -55.00
N ALA G 2137 59.85 29.47 -56.00
CA ALA G 2137 61.05 29.10 -56.74
C ALA G 2137 62.29 29.75 -56.14
N LEU G 2138 62.13 30.87 -55.44
CA LEU G 2138 63.29 31.58 -54.92
C LEU G 2138 64.20 30.72 -54.05
N PRO G 2139 63.69 29.91 -53.11
CA PRO G 2139 64.60 28.99 -52.40
C PRO G 2139 65.32 28.05 -53.33
N ARG G 2140 64.65 27.62 -54.40
CA ARG G 2140 65.28 26.72 -55.36
C ARG G 2140 66.34 27.45 -56.18
N ALA G 2141 66.26 28.77 -56.25
CA ALA G 2141 67.21 29.54 -57.04
C ALA G 2141 68.57 29.56 -56.37
N TYR G 2142 69.62 29.73 -57.17
CA TYR G 2142 70.98 29.82 -56.67
C TYR G 2142 71.87 30.47 -57.72
N THR G 2143 72.97 31.06 -57.28
CA THR G 2143 73.92 31.73 -58.15
C THR G 2143 75.28 31.06 -58.02
N ILE G 2144 75.97 30.89 -59.15
CA ILE G 2144 77.25 30.21 -59.19
C ILE G 2144 78.26 31.13 -59.88
N SER G 2145 79.48 31.17 -59.35
CA SER G 2145 80.53 31.96 -59.96
C SER G 2145 80.86 31.40 -61.34
N PRO G 2146 81.23 32.25 -62.31
CA PRO G 2146 81.49 31.75 -63.66
C PRO G 2146 82.65 30.78 -63.74
N SER G 2147 83.62 30.88 -62.83
CA SER G 2147 84.82 30.07 -62.94
C SER G 2147 84.51 28.58 -62.82
N SER G 2148 83.68 28.20 -61.85
CA SER G 2148 83.44 26.78 -61.62
C SER G 2148 82.23 26.29 -62.39
N VAL G 2149 81.87 26.98 -63.48
CA VAL G 2149 80.67 26.62 -64.23
C VAL G 2149 80.79 25.21 -64.80
N GLU G 2150 81.95 24.87 -65.37
CA GLU G 2150 82.09 23.55 -66.00
C GLU G 2150 82.01 22.44 -64.97
N ASP G 2151 82.65 22.62 -63.81
CA ASP G 2151 82.59 21.60 -62.78
C ASP G 2151 81.18 21.47 -62.24
N THR G 2152 80.49 22.59 -62.07
CA THR G 2152 79.09 22.55 -61.67
C THR G 2152 78.25 21.80 -62.69
N MET G 2153 78.52 22.03 -63.97
CA MET G 2153 77.81 21.31 -65.02
C MET G 2153 78.05 19.81 -64.93
N SER G 2154 79.30 19.42 -64.69
CA SER G 2154 79.60 18.01 -64.48
C SER G 2154 78.79 17.45 -63.32
N LEU G 2155 78.72 18.21 -62.21
CA LEU G 2155 77.95 17.74 -61.07
C LEU G 2155 76.48 17.59 -61.40
N LEU G 2156 75.90 18.54 -62.13
CA LEU G 2156 74.51 18.41 -62.54
C LEU G 2156 74.31 17.18 -63.41
N GLU G 2157 75.27 16.88 -64.27
CA GLU G 2157 75.19 15.64 -65.03
C GLU G 2157 75.17 14.42 -64.11
N CYS G 2158 76.03 14.42 -63.10
CA CYS G 2158 76.02 13.32 -62.15
C CYS G 2158 74.66 13.18 -61.47
N LEU G 2159 74.10 14.29 -60.99
CA LEU G 2159 72.80 14.23 -60.32
C LEU G 2159 71.72 13.77 -61.28
N GLY G 2160 71.83 14.12 -62.56
CA GLY G 2160 70.92 13.59 -63.54
C GLY G 2160 71.01 12.08 -63.64
N GLN G 2161 72.23 11.55 -63.62
CA GLN G 2161 72.38 10.09 -63.58
C GLN G 2161 71.75 9.50 -62.33
N ILE G 2162 71.93 10.16 -61.18
CA ILE G 2162 71.35 9.64 -59.95
C ILE G 2162 69.83 9.58 -60.05
N ARG G 2163 69.21 10.68 -60.48
CA ARG G 2163 67.76 10.70 -60.61
C ARG G 2163 67.30 9.68 -61.65
N SER G 2164 68.14 9.43 -62.65
CA SER G 2164 67.80 8.45 -63.68
C SER G 2164 67.59 7.07 -63.09
N LEU G 2165 68.43 6.68 -62.14
CA LEU G 2165 68.39 5.31 -61.64
C LEU G 2165 67.25 5.11 -60.66
N LEU G 2166 66.63 6.19 -60.19
CA LEU G 2166 65.56 6.05 -59.21
C LEU G 2166 64.36 5.31 -59.80
N ILE G 2167 64.01 5.60 -61.05
CA ILE G 2167 62.83 4.97 -61.65
C ILE G 2167 63.09 3.48 -61.90
N VAL G 2168 64.31 3.13 -62.29
CA VAL G 2168 64.59 1.75 -62.63
C VAL G 2168 64.65 0.89 -61.37
N GLN G 2169 64.32 -0.39 -61.52
CA GLN G 2169 64.58 -1.36 -60.47
C GLN G 2169 66.06 -1.74 -60.48
N MET G 2170 66.59 -2.01 -59.30
CA MET G 2170 68.03 -2.09 -59.14
C MET G 2170 68.59 -3.32 -59.85
N GLY G 2171 69.65 -3.11 -60.63
CA GLY G 2171 70.36 -4.20 -61.28
C GLY G 2171 71.86 -3.96 -61.25
N PRO G 2172 72.66 -5.00 -61.44
CA PRO G 2172 74.12 -4.89 -61.20
C PRO G 2172 74.80 -3.81 -62.02
N GLN G 2173 74.41 -3.63 -63.28
CA GLN G 2173 74.97 -2.54 -64.07
C GLN G 2173 74.63 -1.20 -63.42
N GLU G 2174 73.39 -1.05 -62.96
CA GLU G 2174 73.00 0.17 -62.27
C GLU G 2174 73.79 0.34 -60.98
N GLU G 2175 74.11 -0.79 -60.33
CA GLU G 2175 74.94 -0.77 -59.14
C GLU G 2175 76.30 -0.15 -59.42
N ASN G 2176 77.00 -0.68 -60.41
CA ASN G 2176 78.27 -0.07 -60.77
C ASN G 2176 78.08 1.39 -61.12
N LEU G 2177 76.97 1.69 -61.82
CA LEU G 2177 76.70 3.04 -62.30
C LEU G 2177 76.66 4.03 -61.16
N MET G 2178 75.79 3.81 -60.17
CA MET G 2178 75.64 4.85 -59.16
C MET G 2178 76.79 4.81 -58.16
N ILE G 2179 77.45 3.67 -58.01
CA ILE G 2179 78.67 3.68 -57.20
C ILE G 2179 79.69 4.65 -57.80
N GLN G 2180 79.97 4.52 -59.10
CA GLN G 2180 80.98 5.40 -59.67
C GLN G 2180 80.47 6.84 -59.77
N SER G 2181 79.15 7.00 -59.94
CA SER G 2181 78.58 8.35 -59.97
C SER G 2181 78.73 9.04 -58.63
N ILE G 2182 78.43 8.32 -57.54
CA ILE G 2182 78.64 8.85 -56.21
C ILE G 2182 80.11 9.19 -56.01
N GLY G 2183 80.99 8.31 -56.47
CA GLY G 2183 82.41 8.62 -56.39
C GLY G 2183 82.77 9.91 -57.09
N ASN G 2184 82.18 10.14 -58.26
CA ASN G 2184 82.38 11.42 -58.95
C ASN G 2184 81.86 12.57 -58.11
N ILE G 2185 80.71 12.38 -57.46
CA ILE G 2185 80.15 13.45 -56.64
C ILE G 2185 81.11 13.83 -55.53
N MET G 2186 81.68 12.84 -54.83
CA MET G 2186 82.72 13.16 -53.85
C MET G 2186 83.92 13.83 -54.49
N ASN G 2187 84.31 13.40 -55.69
CA ASN G 2187 85.51 13.97 -56.29
C ASN G 2187 85.31 15.43 -56.67
N ASN G 2188 84.06 15.88 -56.78
CA ASN G 2188 83.79 17.23 -57.25
C ASN G 2188 84.15 18.26 -56.19
N LYS G 2189 84.90 19.29 -56.60
CA LYS G 2189 85.27 20.35 -55.67
C LYS G 2189 84.08 21.27 -55.39
N VAL G 2190 83.27 21.54 -56.42
CA VAL G 2190 82.04 22.29 -56.22
C VAL G 2190 81.18 21.58 -55.18
N PHE G 2191 81.23 20.25 -55.16
CA PHE G 2191 80.50 19.52 -54.13
C PHE G 2191 81.00 19.90 -52.75
N TYR G 2192 82.28 20.24 -52.62
CA TYR G 2192 82.74 20.77 -51.34
C TYR G 2192 82.33 22.23 -51.14
N GLN G 2193 82.13 22.97 -52.23
CA GLN G 2193 82.22 24.42 -52.07
C GLN G 2193 80.89 25.05 -51.62
N HIS G 2194 79.76 24.66 -52.20
CA HIS G 2194 78.48 25.33 -51.91
C HIS G 2194 77.51 24.41 -51.16
N PRO G 2195 77.69 24.20 -49.85
CA PRO G 2195 76.79 23.27 -49.15
C PRO G 2195 75.33 23.66 -49.27
N ASN G 2196 75.02 24.94 -49.19
CA ASN G 2196 73.64 25.38 -49.36
C ASN G 2196 73.13 25.02 -50.74
N LEU G 2197 73.99 25.11 -51.74
CA LEU G 2197 73.56 24.79 -53.10
C LEU G 2197 73.19 23.32 -53.22
N MET G 2198 74.02 22.41 -52.68
CA MET G 2198 73.57 21.03 -52.70
C MET G 2198 72.27 20.87 -51.93
N ARG G 2199 72.17 21.49 -50.74
CA ARG G 2199 70.95 21.37 -49.96
C ARG G 2199 69.74 21.73 -50.79
N ALA G 2200 69.85 22.79 -51.58
CA ALA G 2200 68.77 23.16 -52.49
C ALA G 2200 68.56 22.08 -53.54
N LEU G 2201 69.64 21.52 -54.08
CA LEU G 2201 69.50 20.57 -55.18
C LEU G 2201 68.93 19.24 -54.70
N GLY G 2202 69.27 18.84 -53.47
CA GLY G 2202 68.62 17.69 -52.85
C GLY G 2202 69.15 16.33 -53.24
N MET G 2203 70.42 16.23 -53.66
CA MET G 2203 70.97 14.93 -53.99
C MET G 2203 70.94 14.02 -52.78
N HIS G 2204 71.12 14.57 -51.58
CA HIS G 2204 71.04 13.76 -50.37
C HIS G 2204 69.64 13.17 -50.21
N GLU G 2205 68.60 13.96 -50.49
CA GLU G 2205 67.25 13.43 -50.44
C GLU G 2205 67.07 12.30 -51.45
N THR G 2206 67.55 12.49 -52.68
CA THR G 2206 67.42 11.43 -53.66
C THR G 2206 68.21 10.20 -53.24
N VAL G 2207 69.34 10.41 -52.56
CA VAL G 2207 70.19 9.29 -52.16
C VAL G 2207 69.51 8.48 -51.07
N MET G 2208 68.91 9.14 -50.07
CA MET G 2208 68.20 8.37 -49.06
C MET G 2208 66.99 7.68 -49.69
N GLU G 2209 66.39 8.32 -50.70
CA GLU G 2209 65.28 7.67 -51.40
C GLU G 2209 65.73 6.37 -52.05
N VAL G 2210 66.82 6.39 -52.81
CA VAL G 2210 67.26 5.17 -53.46
C VAL G 2210 67.72 4.16 -52.42
N MET G 2211 68.32 4.65 -51.33
CA MET G 2211 68.66 3.79 -50.20
C MET G 2211 67.45 3.00 -49.73
N VAL G 2212 66.33 3.68 -49.47
CA VAL G 2212 65.19 2.98 -48.89
C VAL G 2212 64.49 2.15 -49.94
N ASN G 2213 64.57 2.54 -51.21
CA ASN G 2213 64.07 1.66 -52.26
C ASN G 2213 64.82 0.34 -52.28
N VAL G 2214 66.15 0.39 -52.15
CA VAL G 2214 66.92 -0.84 -52.07
C VAL G 2214 66.57 -1.61 -50.80
N LEU G 2215 66.43 -0.90 -49.68
CA LEU G 2215 66.22 -1.56 -48.39
C LEU G 2215 64.86 -2.25 -48.32
N GLY G 2216 63.84 -1.67 -48.98
CA GLY G 2216 62.48 -2.12 -48.74
C GLY G 2216 62.23 -3.56 -49.10
N GLY G 2217 62.97 -4.07 -50.10
CA GLY G 2217 62.75 -5.41 -50.60
C GLY G 2217 63.57 -6.45 -49.87
N GLY G 2218 62.97 -7.09 -48.87
CA GLY G 2218 63.58 -8.25 -48.24
C GLY G 2218 64.96 -8.01 -47.69
N GLU G 2219 65.16 -6.88 -47.00
CA GLU G 2219 66.48 -6.60 -46.45
C GLU G 2219 66.87 -7.61 -45.38
N THR G 2220 65.92 -8.02 -44.55
CA THR G 2220 66.23 -8.95 -43.47
C THR G 2220 66.67 -10.30 -44.00
N LYS G 2221 65.90 -10.88 -44.92
CA LYS G 2221 66.25 -12.19 -45.47
C LYS G 2221 67.58 -12.13 -46.22
N GLU G 2222 67.80 -11.06 -46.96
CA GLU G 2222 69.02 -10.91 -47.74
C GLU G 2222 69.32 -9.42 -47.87
N ILE G 2223 70.50 -9.03 -47.38
CA ILE G 2223 70.97 -7.67 -47.53
C ILE G 2223 71.47 -7.54 -48.95
N ARG G 2224 70.55 -7.24 -49.87
CA ARG G 2224 70.94 -7.11 -51.25
C ARG G 2224 71.88 -5.94 -51.42
N PHE G 2225 73.01 -6.20 -52.08
CA PHE G 2225 73.99 -5.18 -52.41
C PHE G 2225 74.53 -4.41 -51.21
N PRO G 2226 75.36 -5.04 -50.38
CA PRO G 2226 76.09 -4.26 -49.38
C PRO G 2226 76.93 -3.18 -50.03
N LYS G 2227 77.31 -3.35 -51.30
CA LYS G 2227 77.95 -2.26 -52.01
C LYS G 2227 77.02 -1.06 -52.12
N MET G 2228 75.75 -1.28 -52.48
CA MET G 2228 74.79 -0.18 -52.40
C MET G 2228 74.75 0.44 -51.03
N VAL G 2229 74.58 -0.38 -49.99
CA VAL G 2229 74.32 0.24 -48.69
C VAL G 2229 75.56 1.00 -48.21
N THR G 2230 76.74 0.42 -48.42
CA THR G 2230 77.98 1.07 -48.01
C THR G 2230 78.23 2.36 -48.78
N SER G 2231 77.99 2.34 -50.10
CA SER G 2231 78.16 3.55 -50.88
C SER G 2231 77.18 4.63 -50.43
N CYS G 2232 75.94 4.24 -50.18
CA CYS G 2232 74.94 5.19 -49.72
C CYS G 2232 75.35 5.82 -48.40
N CYS G 2233 75.88 5.02 -47.47
CA CYS G 2233 76.51 5.66 -46.33
C CYS G 2233 77.59 6.61 -46.79
N ARG G 2234 78.67 6.10 -47.39
CA ARG G 2234 79.82 6.94 -47.68
C ARG G 2234 79.38 8.32 -48.15
N PHE G 2235 78.40 8.38 -49.04
CA PHE G 2235 77.86 9.68 -49.44
C PHE G 2235 77.20 10.40 -48.27
N LEU G 2236 76.19 9.79 -47.66
CA LEU G 2236 75.43 10.50 -46.62
C LEU G 2236 76.30 10.79 -45.40
N CYS G 2237 77.14 9.84 -45.04
CA CYS G 2237 78.10 9.98 -43.95
C CYS G 2237 79.06 11.14 -44.22
N TYR G 2238 79.55 11.25 -45.46
CA TYR G 2238 80.34 12.41 -45.83
C TYR G 2238 79.53 13.69 -45.68
N PHE G 2239 78.25 13.64 -46.06
CA PHE G 2239 77.39 14.80 -45.91
C PHE G 2239 77.28 15.21 -44.44
N CYS G 2240 77.19 14.23 -43.55
CA CYS G 2240 77.30 14.52 -42.12
C CYS G 2240 78.58 15.27 -41.82
N ARG G 2241 79.70 14.78 -42.34
CA ARG G 2241 80.97 15.45 -42.10
C ARG G 2241 81.02 16.83 -42.72
N ILE G 2242 80.11 17.11 -43.67
CA ILE G 2242 80.18 18.36 -44.42
C ILE G 2242 79.71 19.54 -43.58
N SER G 2243 78.44 19.53 -43.18
CA SER G 2243 77.85 20.75 -42.62
C SER G 2243 76.92 20.42 -41.47
N ARG G 2244 76.81 21.38 -40.55
CA ARG G 2244 75.88 21.26 -39.43
C ARG G 2244 74.44 21.52 -39.88
N GLN G 2245 74.25 22.43 -40.81
CA GLN G 2245 72.93 22.60 -41.42
C GLN G 2245 72.52 21.34 -42.15
N ASN G 2246 73.45 20.71 -42.87
CA ASN G 2246 73.18 19.42 -43.47
C ASN G 2246 72.86 18.38 -42.41
N GLN G 2247 73.56 18.46 -41.28
CA GLN G 2247 73.29 17.55 -40.17
C GLN G 2247 71.85 17.67 -39.73
N ARG G 2248 71.35 18.90 -39.56
CA ARG G 2248 69.94 19.09 -39.25
C ARG G 2248 69.06 18.53 -40.35
N SER G 2249 69.42 18.80 -41.61
CA SER G 2249 68.60 18.39 -42.73
C SER G 2249 68.32 16.88 -42.68
N MET G 2250 69.36 16.08 -42.51
CA MET G 2250 69.12 14.64 -42.43
C MET G 2250 68.58 14.24 -41.06
N PHE G 2251 68.87 15.04 -40.03
CA PHE G 2251 68.30 14.81 -38.72
C PHE G 2251 66.79 14.77 -38.77
N ASP G 2252 66.20 15.53 -39.70
CA ASP G 2252 64.75 15.49 -39.85
C ASP G 2252 64.25 14.08 -40.14
N HIS G 2253 65.03 13.29 -40.87
CA HIS G 2253 64.63 11.94 -41.23
C HIS G 2253 65.15 10.88 -40.27
N LEU G 2254 65.80 11.29 -39.18
CA LEU G 2254 66.60 10.35 -38.41
C LEU G 2254 65.76 9.22 -37.83
N SER G 2255 64.49 9.49 -37.49
CA SER G 2255 63.65 8.44 -36.91
C SER G 2255 63.44 7.30 -37.90
N TYR G 2256 62.98 7.62 -39.10
CA TYR G 2256 62.73 6.58 -40.10
C TYR G 2256 64.04 5.96 -40.57
N LEU G 2257 65.12 6.75 -40.57
CA LEU G 2257 66.43 6.17 -40.89
C LEU G 2257 66.81 5.11 -39.87
N LEU G 2258 66.60 5.40 -38.58
CA LEU G 2258 66.90 4.44 -37.53
C LEU G 2258 66.01 3.21 -37.65
N GLU G 2259 64.75 3.41 -38.00
CA GLU G 2259 63.84 2.29 -38.18
C GLU G 2259 64.39 1.31 -39.21
N ASN G 2260 64.85 1.83 -40.34
CA ASN G 2260 65.51 0.98 -41.33
C ASN G 2260 66.86 0.49 -40.80
N SER G 2261 67.54 1.31 -40.00
CA SER G 2261 68.87 0.95 -39.53
C SER G 2261 68.81 -0.15 -38.48
N GLY G 2262 67.60 -0.52 -38.04
CA GLY G 2262 67.48 -1.57 -37.05
C GLY G 2262 68.08 -2.89 -37.51
N ILE G 2263 68.06 -3.14 -38.82
CA ILE G 2263 68.72 -4.33 -39.37
C ILE G 2263 69.96 -3.93 -40.15
N GLY G 2264 70.07 -2.64 -40.49
CA GLY G 2264 71.16 -2.21 -41.36
C GLY G 2264 72.52 -2.31 -40.71
N LEU G 2265 72.58 -2.26 -39.37
CA LEU G 2265 73.87 -2.26 -38.70
C LEU G 2265 74.60 -3.58 -38.91
N GLY G 2266 73.86 -4.67 -39.10
CA GLY G 2266 74.49 -5.95 -39.34
C GLY G 2266 75.35 -5.95 -40.59
N MET G 2267 75.11 -4.98 -41.47
CA MET G 2267 75.92 -4.86 -42.68
C MET G 2267 77.32 -4.40 -42.30
N GLN G 2268 78.28 -4.67 -43.19
CA GLN G 2268 79.69 -4.53 -42.85
CA GLN G 2268 79.69 -4.53 -42.84
C GLN G 2268 80.07 -3.09 -42.55
N GLY G 2269 80.93 -2.92 -41.55
CA GLY G 2269 81.52 -1.62 -41.27
C GLY G 2269 80.50 -0.52 -41.15
N SER G 2270 80.53 0.39 -42.13
CA SER G 2270 79.64 1.53 -42.11
C SER G 2270 78.22 1.14 -42.49
N THR G 2271 77.26 1.61 -41.72
CA THR G 2271 75.86 1.21 -41.80
C THR G 2271 74.94 2.41 -41.70
N PRO G 2272 73.66 2.24 -42.02
CA PRO G 2272 72.69 3.31 -41.73
C PRO G 2272 72.68 3.72 -40.27
N LEU G 2273 72.86 2.77 -39.35
CA LEU G 2273 73.07 3.15 -37.97
C LEU G 2273 74.26 4.08 -37.84
N ASP G 2274 75.32 3.84 -38.61
CA ASP G 2274 76.50 4.67 -38.52
C ASP G 2274 76.23 6.07 -39.07
N VAL G 2275 75.45 6.19 -40.15
CA VAL G 2275 75.14 7.52 -40.66
C VAL G 2275 74.25 8.26 -39.68
N ALA G 2276 73.32 7.54 -39.03
CA ALA G 2276 72.50 8.17 -38.01
C ALA G 2276 73.34 8.66 -36.85
N ALA G 2277 74.34 7.87 -36.45
CA ALA G 2277 75.26 8.30 -35.40
C ALA G 2277 76.04 9.52 -35.84
N ALA G 2278 76.49 9.55 -37.09
CA ALA G 2278 77.23 10.70 -37.58
C ALA G 2278 76.34 11.94 -37.62
N SER G 2279 75.04 11.75 -37.74
CA SER G 2279 74.14 12.90 -37.76
C SER G 2279 74.08 13.59 -36.40
N VAL G 2280 73.92 12.82 -35.33
CA VAL G 2280 73.65 13.42 -34.02
C VAL G 2280 74.87 14.17 -33.50
N ILE G 2281 76.07 13.65 -33.80
CA ILE G 2281 77.27 14.14 -33.14
C ILE G 2281 77.59 15.54 -33.67
N ASP G 2282 78.22 16.35 -32.84
CA ASP G 2282 78.69 17.73 -33.08
C ASP G 2282 77.60 18.79 -32.98
N ASN G 2283 76.42 18.48 -32.45
CA ASN G 2283 75.42 19.52 -32.19
C ASN G 2283 74.69 19.22 -30.89
N ASN G 2284 74.85 20.10 -29.91
CA ASN G 2284 74.09 20.00 -28.68
C ASN G 2284 72.59 20.13 -28.95
N GLU G 2285 72.22 21.00 -29.89
CA GLU G 2285 70.81 21.14 -30.25
C GLU G 2285 70.26 19.85 -30.85
N LEU G 2286 71.03 19.18 -31.71
CA LEU G 2286 70.61 17.88 -32.20
C LEU G 2286 70.48 16.88 -31.06
N ALA G 2287 71.43 16.90 -30.12
CA ALA G 2287 71.34 16.00 -28.99
C ALA G 2287 70.08 16.24 -28.17
N LEU G 2288 69.73 17.51 -27.96
CA LEU G 2288 68.50 17.83 -27.26
C LEU G 2288 67.28 17.38 -28.05
N ALA G 2289 67.34 17.50 -29.37
CA ALA G 2289 66.21 17.13 -30.21
C ALA G 2289 66.06 15.62 -30.29
N LEU G 2290 67.04 14.88 -29.77
CA LEU G 2290 66.95 13.42 -29.76
C LEU G 2290 65.68 12.98 -29.05
N GLN G 2291 65.05 11.93 -29.56
CA GLN G 2291 63.70 11.57 -29.17
C GLN G 2291 63.71 10.32 -28.30
N GLU G 2292 62.93 10.37 -27.23
CA GLU G 2292 62.86 9.26 -26.28
C GLU G 2292 62.30 8.01 -26.94
N GLN G 2293 61.34 8.17 -27.85
CA GLN G 2293 60.81 7.01 -28.57
C GLN G 2293 61.85 6.43 -29.52
N ASP G 2294 62.68 7.28 -30.11
CA ASP G 2294 63.80 6.78 -30.89
C ASP G 2294 64.75 5.98 -30.02
N LEU G 2295 65.02 6.49 -28.81
CA LEU G 2295 65.80 5.73 -27.84
C LEU G 2295 65.09 4.43 -27.48
N GLU G 2296 63.76 4.45 -27.45
CA GLU G 2296 62.99 3.25 -27.18
C GLU G 2296 63.29 2.19 -28.23
N LYS G 2297 63.21 2.58 -29.51
CA LYS G 2297 63.48 1.63 -30.57
C LYS G 2297 64.92 1.13 -30.51
N VAL G 2298 65.86 2.03 -30.21
CA VAL G 2298 67.26 1.63 -30.17
C VAL G 2298 67.51 0.64 -29.04
N VAL G 2299 66.97 0.93 -27.86
CA VAL G 2299 67.20 0.06 -26.71
C VAL G 2299 66.48 -1.27 -26.90
N SER G 2300 65.30 -1.24 -27.51
CA SER G 2300 64.63 -2.48 -27.88
C SER G 2300 65.51 -3.30 -28.80
N TYR G 2301 66.14 -2.64 -29.76
CA TYR G 2301 67.08 -3.31 -30.65
C TYR G 2301 68.23 -3.91 -29.85
N LEU G 2302 68.77 -3.15 -28.90
CA LEU G 2302 69.88 -3.62 -28.09
C LEU G 2302 69.49 -4.86 -27.29
N ALA G 2303 68.29 -4.84 -26.70
CA ALA G 2303 67.81 -6.01 -25.98
C ALA G 2303 67.65 -7.19 -26.91
N GLY G 2304 67.13 -6.96 -28.12
CA GLY G 2304 66.98 -8.03 -29.08
C GLY G 2304 68.31 -8.69 -29.42
N CYS G 2305 69.35 -7.90 -29.61
CA CYS G 2305 70.68 -8.48 -29.78
C CYS G 2305 71.05 -9.35 -28.59
N GLY G 2306 70.68 -8.93 -27.39
CA GLY G 2306 70.96 -9.74 -26.22
C GLY G 2306 70.09 -10.99 -26.16
N LEU G 2307 69.01 -11.02 -26.94
CA LEU G 2307 68.12 -12.15 -26.87
C LEU G 2307 68.73 -13.37 -27.56
N GLN G 2308 69.39 -13.17 -28.70
CA GLN G 2308 70.05 -14.28 -29.38
C GLN G 2308 71.19 -13.72 -30.21
N SER G 2309 72.06 -14.62 -30.65
CA SER G 2309 73.12 -14.24 -31.57
C SER G 2309 72.57 -14.04 -32.97
N CYS G 2310 73.39 -13.45 -33.83
CA CYS G 2310 72.99 -13.25 -35.22
C CYS G 2310 72.96 -14.60 -35.95
N PRO G 2311 72.03 -14.79 -36.89
CA PRO G 2311 71.97 -16.08 -37.59
C PRO G 2311 73.12 -16.31 -38.56
N MET G 2312 73.67 -15.24 -39.16
CA MET G 2312 74.74 -15.44 -40.13
C MET G 2312 76.00 -15.99 -39.47
N LEU G 2313 76.14 -15.80 -38.16
CA LEU G 2313 77.22 -16.47 -37.43
C LEU G 2313 77.14 -17.97 -37.62
N LEU G 2314 75.97 -18.56 -37.34
CA LEU G 2314 75.77 -19.97 -37.64
C LEU G 2314 75.92 -20.23 -39.12
N ALA G 2315 75.43 -19.32 -39.97
CA ALA G 2315 75.66 -19.45 -41.40
C ALA G 2315 77.15 -19.37 -41.73
N LYS G 2316 77.93 -18.67 -40.90
CA LYS G 2316 79.38 -18.65 -41.10
C LYS G 2316 80.02 -19.94 -40.60
N GLY G 2317 79.26 -20.76 -39.89
CA GLY G 2317 79.86 -21.81 -39.09
C GLY G 2317 80.39 -21.31 -37.77
N TYR G 2318 80.25 -20.02 -37.50
CA TYR G 2318 80.60 -19.45 -36.21
C TYR G 2318 79.69 -20.03 -35.13
N PRO G 2319 80.24 -20.63 -34.09
CA PRO G 2319 79.39 -21.28 -33.07
C PRO G 2319 78.44 -20.31 -32.40
N ASP G 2320 77.27 -20.83 -32.00
CA ASP G 2320 76.20 -20.01 -31.48
C ASP G 2320 76.51 -19.51 -30.08
N ILE G 2321 75.97 -18.33 -29.76
CA ILE G 2321 76.04 -17.74 -28.43
C ILE G 2321 74.66 -17.18 -28.10
N GLY G 2322 74.37 -17.06 -26.80
CA GLY G 2322 73.01 -16.77 -26.38
C GLY G 2322 72.54 -15.37 -26.78
N TRP G 2323 73.44 -14.54 -27.28
CA TRP G 2323 73.11 -13.16 -27.58
C TRP G 2323 73.99 -12.64 -28.70
N ASN G 2324 73.54 -11.54 -29.31
CA ASN G 2324 74.31 -10.88 -30.36
C ASN G 2324 75.15 -9.77 -29.74
N PRO G 2325 76.46 -9.90 -29.71
CA PRO G 2325 77.29 -8.82 -29.15
C PRO G 2325 77.56 -7.69 -30.13
N CYS G 2326 77.75 -8.01 -31.41
CA CYS G 2326 78.24 -7.00 -32.35
C CYS G 2326 77.18 -5.94 -32.62
N GLY G 2327 75.95 -6.37 -32.94
CA GLY G 2327 74.90 -5.40 -33.18
C GLY G 2327 74.61 -4.55 -31.97
N GLY G 2328 74.59 -5.16 -30.80
CA GLY G 2328 74.44 -4.40 -29.57
C GLY G 2328 75.56 -3.39 -29.41
N GLU G 2329 76.78 -3.77 -29.79
CA GLU G 2329 77.90 -2.84 -29.70
C GLU G 2329 77.70 -1.65 -30.64
N ARG G 2330 77.20 -1.90 -31.86
CA ARG G 2330 76.95 -0.79 -32.77
C ARG G 2330 75.87 0.13 -32.22
N TYR G 2331 74.78 -0.44 -31.70
CA TYR G 2331 73.76 0.39 -31.07
C TYR G 2331 74.35 1.20 -29.92
N LEU G 2332 75.22 0.57 -29.14
CA LEU G 2332 75.81 1.23 -27.98
C LEU G 2332 76.69 2.40 -28.41
N ASP G 2333 77.52 2.20 -29.43
CA ASP G 2333 78.38 3.29 -29.88
C ASP G 2333 77.55 4.40 -30.52
N PHE G 2334 76.46 4.06 -31.19
CA PHE G 2334 75.52 5.07 -31.62
C PHE G 2334 75.03 5.90 -30.43
N LEU G 2335 74.62 5.22 -29.37
CA LEU G 2335 74.13 5.91 -28.18
C LEU G 2335 75.22 6.77 -27.56
N ARG G 2336 76.48 6.35 -27.69
CA ARG G 2336 77.56 7.09 -27.05
C ARG G 2336 77.94 8.31 -27.86
N PHE G 2337 77.92 8.21 -29.19
CA PHE G 2337 77.98 9.40 -30.01
C PHE G 2337 76.82 10.33 -29.70
N ALA G 2338 75.67 9.76 -29.33
CA ALA G 2338 74.53 10.59 -28.97
C ALA G 2338 74.78 11.34 -27.66
N VAL G 2339 75.24 10.64 -26.63
CA VAL G 2339 75.34 11.23 -25.30
C VAL G 2339 76.41 12.31 -25.26
N PHE G 2340 77.61 12.01 -25.76
CA PHE G 2340 78.71 12.96 -25.75
C PHE G 2340 78.72 13.76 -27.05
N VAL G 2341 78.37 15.03 -26.95
CA VAL G 2341 78.64 16.00 -28.00
C VAL G 2341 79.76 16.89 -27.48
N ASN G 2342 80.87 16.94 -28.22
CA ASN G 2342 82.09 17.59 -27.76
C ASN G 2342 82.55 17.01 -26.42
N GLY G 2343 82.34 15.70 -26.26
CA GLY G 2343 82.71 15.03 -25.03
C GLY G 2343 81.88 15.42 -23.84
N GLU G 2344 80.69 15.96 -24.06
CA GLU G 2344 79.85 16.47 -22.99
C GLU G 2344 78.53 15.71 -22.98
N SER G 2345 78.14 15.24 -21.80
CA SER G 2345 76.96 14.39 -21.68
C SER G 2345 75.68 15.22 -21.67
N VAL G 2346 74.64 14.65 -22.25
CA VAL G 2346 73.28 15.20 -22.16
C VAL G 2346 72.59 14.48 -21.02
N GLU G 2347 72.35 15.21 -19.93
CA GLU G 2347 71.87 14.56 -18.71
C GLU G 2347 70.49 13.96 -18.92
N GLU G 2348 69.62 14.67 -19.64
CA GLU G 2348 68.29 14.12 -19.92
C GLU G 2348 68.40 12.82 -20.68
N ASN G 2349 69.24 12.79 -21.71
CA ASN G 2349 69.43 11.57 -22.47
C ASN G 2349 69.96 10.46 -21.57
N ALA G 2350 70.90 10.78 -20.70
CA ALA G 2350 71.44 9.79 -19.78
C ALA G 2350 70.34 9.23 -18.89
N ASN G 2351 69.47 10.11 -18.38
CA ASN G 2351 68.36 9.64 -17.55
C ASN G 2351 67.45 8.70 -18.33
N VAL G 2352 67.12 9.06 -19.57
CA VAL G 2352 66.25 8.20 -20.36
C VAL G 2352 66.89 6.84 -20.59
N VAL G 2353 68.16 6.83 -20.96
CA VAL G 2353 68.85 5.56 -21.20
C VAL G 2353 68.91 4.75 -19.91
N VAL G 2354 69.06 5.42 -18.77
CA VAL G 2354 69.04 4.73 -17.50
C VAL G 2354 67.68 4.07 -17.29
N ARG G 2355 66.61 4.80 -17.59
CA ARG G 2355 65.28 4.22 -17.49
C ARG G 2355 65.17 2.97 -18.35
N LEU G 2356 65.62 3.07 -19.60
CA LEU G 2356 65.47 1.93 -20.50
C LEU G 2356 66.32 0.76 -20.03
N LEU G 2357 67.51 1.04 -19.52
CA LEU G 2357 68.37 -0.02 -19.00
C LEU G 2357 67.68 -0.73 -17.84
N ILE G 2358 67.11 0.03 -16.91
CA ILE G 2358 66.48 -0.61 -15.75
C ILE G 2358 65.22 -1.36 -16.17
N ARG G 2359 64.58 -0.94 -17.26
CA ARG G 2359 63.54 -1.78 -17.84
C ARG G 2359 64.12 -3.05 -18.46
N LYS G 2360 65.34 -2.98 -18.96
CA LYS G 2360 65.86 -4.11 -19.70
C LYS G 2360 67.02 -4.76 -18.98
N PRO G 2361 66.80 -5.89 -18.30
CA PRO G 2361 67.94 -6.67 -17.78
C PRO G 2361 68.86 -7.11 -18.89
N GLU G 2362 68.30 -7.36 -20.08
CA GLU G 2362 69.12 -7.72 -21.22
C GLU G 2362 70.07 -6.58 -21.59
N CYS G 2363 69.68 -5.34 -21.27
CA CYS G 2363 70.60 -4.23 -21.44
C CYS G 2363 71.82 -4.38 -20.54
N PHE G 2364 71.61 -4.82 -19.30
CA PHE G 2364 72.74 -5.17 -18.46
C PHE G 2364 73.52 -6.35 -19.03
N GLY G 2365 72.82 -7.24 -19.73
CA GLY G 2365 73.46 -8.31 -20.45
C GLY G 2365 73.70 -9.53 -19.59
N PRO G 2366 74.14 -10.62 -20.23
CA PRO G 2366 74.36 -11.86 -19.48
C PRO G 2366 75.30 -11.69 -18.30
N ALA G 2367 76.47 -11.09 -18.52
CA ALA G 2367 77.35 -10.78 -17.40
C ALA G 2367 76.68 -9.74 -16.51
N LEU G 2368 76.95 -9.85 -15.21
CA LEU G 2368 76.34 -8.97 -14.21
C LEU G 2368 74.82 -9.03 -14.31
N ARG G 2369 74.29 -10.23 -14.55
CA ARG G 2369 72.84 -10.39 -14.64
CA ARG G 2369 72.84 -10.40 -14.64
C ARG G 2369 72.17 -10.11 -13.31
N GLY G 2370 72.85 -10.39 -12.20
CA GLY G 2370 72.27 -10.26 -10.88
C GLY G 2370 71.98 -11.63 -10.32
N GLU G 2371 70.71 -11.99 -10.22
CA GLU G 2371 70.35 -13.36 -9.91
C GLU G 2371 70.75 -14.26 -11.08
N GLY G 2372 71.46 -15.33 -10.77
CA GLY G 2372 72.10 -16.10 -11.82
C GLY G 2372 73.02 -15.23 -12.65
N GLY G 2373 73.75 -14.34 -12.00
CA GLY G 2373 74.50 -13.29 -12.67
C GLY G 2373 75.98 -13.58 -12.71
N SER G 2374 76.47 -13.95 -13.88
CA SER G 2374 77.90 -14.08 -14.09
C SER G 2374 78.57 -12.73 -13.88
N GLY G 2375 79.64 -12.72 -13.08
CA GLY G 2375 80.37 -11.49 -12.87
C GLY G 2375 80.97 -10.99 -14.17
N LEU G 2376 81.06 -9.66 -14.29
CA LEU G 2376 81.68 -9.10 -15.49
C LEU G 2376 83.13 -9.53 -15.60
N LEU G 2377 83.85 -9.54 -14.49
CA LEU G 2377 85.22 -10.06 -14.48
C LEU G 2377 85.26 -11.48 -15.00
N ALA G 2378 84.44 -12.37 -14.43
CA ALA G 2378 84.44 -13.76 -14.83
C ALA G 2378 84.12 -13.91 -16.31
N ALA G 2379 83.18 -13.11 -16.80
CA ALA G 2379 82.86 -13.12 -18.21
C ALA G 2379 84.06 -12.70 -19.05
N ILE G 2380 84.83 -11.73 -18.55
CA ILE G 2380 86.01 -11.28 -19.30
C ILE G 2380 87.04 -12.40 -19.39
N GLU G 2381 87.32 -13.07 -18.27
CA GLU G 2381 88.28 -14.17 -18.33
C GLU G 2381 87.76 -15.31 -19.19
N GLU G 2382 86.46 -15.58 -19.14
CA GLU G 2382 85.89 -16.61 -19.99
C GLU G 2382 86.03 -16.23 -21.46
N ALA G 2383 85.85 -14.95 -21.78
CA ALA G 2383 86.01 -14.50 -23.15
C ALA G 2383 87.45 -14.62 -23.61
N ILE G 2384 88.40 -14.31 -22.71
CA ILE G 2384 89.80 -14.48 -23.04
C ILE G 2384 90.10 -15.95 -23.29
N ARG G 2385 89.50 -16.82 -22.48
CA ARG G 2385 89.67 -18.26 -22.67
C ARG G 2385 89.09 -18.71 -24.01
N ILE G 2386 87.94 -18.14 -24.40
CA ILE G 2386 87.32 -18.49 -25.67
C ILE G 2386 88.21 -18.04 -26.83
N SER G 2387 88.72 -16.82 -26.75
CA SER G 2387 89.65 -16.33 -27.76
C SER G 2387 90.89 -17.23 -27.84
N GLU G 2388 91.31 -17.76 -26.69
CA GLU G 2388 92.34 -18.79 -26.69
C GLU G 2388 91.87 -20.03 -27.43
N ASP G 2389 90.60 -20.38 -27.26
CA ASP G 2389 90.10 -21.63 -27.80
C ASP G 2389 90.05 -21.55 -29.33
N PRO G 2390 90.73 -22.46 -30.02
CA PRO G 2390 90.62 -22.51 -31.48
C PRO G 2390 89.30 -23.14 -31.90
N ALA G 2391 88.67 -22.55 -32.91
CA ALA G 2391 87.43 -23.00 -33.55
C ALA G 2391 86.20 -22.77 -32.68
N ARG G 2392 86.34 -22.31 -31.43
CA ARG G 2392 85.15 -21.81 -30.74
C ARG G 2392 84.73 -20.46 -31.30
N ASP G 2393 85.68 -19.75 -31.92
CA ASP G 2393 85.34 -18.51 -32.60
C ASP G 2393 85.38 -18.68 -34.12
N GLY G 2394 85.76 -19.86 -34.59
CA GLY G 2394 85.90 -20.09 -36.01
C GLY G 2394 85.23 -21.36 -36.48
N PRO G 2395 84.62 -21.31 -37.66
CA PRO G 2395 84.06 -22.56 -38.24
C PRO G 2395 85.13 -23.60 -38.55
N GLY G 2396 86.21 -23.20 -39.22
CA GLY G 2396 87.26 -24.14 -39.55
C GLY G 2396 86.82 -25.27 -40.47
N VAL G 2397 86.37 -24.94 -41.67
CA VAL G 2397 85.91 -25.95 -42.61
C VAL G 2397 87.00 -26.26 -43.63
N PRO G 2410 90.20 -16.72 -44.34
CA PRO G 2410 89.38 -15.51 -44.21
C PRO G 2410 89.59 -14.53 -45.36
N PRO G 2411 88.85 -14.72 -46.46
CA PRO G 2411 88.99 -13.78 -47.58
C PRO G 2411 88.67 -12.35 -47.22
N GLU G 2412 87.73 -12.14 -46.29
CA GLU G 2412 87.37 -10.77 -45.90
C GLU G 2412 87.97 -10.42 -44.55
N GLU G 2413 88.42 -11.41 -43.79
CA GLU G 2413 89.05 -11.29 -42.47
C GLU G 2413 88.19 -10.52 -41.47
N ASN G 2414 86.93 -10.23 -41.80
CA ASN G 2414 86.10 -9.45 -40.89
C ASN G 2414 85.63 -10.31 -39.72
N ARG G 2415 85.76 -11.63 -39.84
CA ARG G 2415 85.37 -12.51 -38.76
C ARG G 2415 86.24 -12.22 -37.53
N VAL G 2416 85.58 -12.11 -36.38
CA VAL G 2416 86.19 -11.63 -35.15
C VAL G 2416 85.90 -12.63 -34.05
N HIS G 2417 86.92 -12.90 -33.22
CA HIS G 2417 86.74 -13.81 -32.11
C HIS G 2417 85.61 -13.37 -31.20
N LEU G 2418 84.73 -14.31 -30.87
CA LEU G 2418 83.55 -14.02 -30.08
C LEU G 2418 83.90 -13.41 -28.74
N GLY G 2419 85.03 -13.84 -28.15
CA GLY G 2419 85.47 -13.23 -26.92
C GLY G 2419 85.77 -11.75 -27.07
N HIS G 2420 86.56 -11.41 -28.10
CA HIS G 2420 86.86 -10.01 -28.38
C HIS G 2420 85.58 -9.24 -28.68
N ALA G 2421 84.62 -9.88 -29.36
CA ALA G 2421 83.38 -9.19 -29.70
C ALA G 2421 82.50 -8.93 -28.48
N ILE G 2422 82.34 -9.93 -27.60
CA ILE G 2422 81.48 -9.75 -26.43
C ILE G 2422 82.09 -8.73 -25.49
N MET G 2423 83.40 -8.81 -25.27
CA MET G 2423 84.05 -7.83 -24.42
C MET G 2423 84.08 -6.46 -25.07
N SER G 2424 84.06 -6.40 -26.40
CA SER G 2424 83.88 -5.11 -27.06
C SER G 2424 82.52 -4.53 -26.72
N PHE G 2425 81.49 -5.37 -26.79
CA PHE G 2425 80.16 -4.96 -26.37
C PHE G 2425 80.17 -4.46 -24.93
N TYR G 2426 80.87 -5.16 -24.05
CA TYR G 2426 80.82 -4.82 -22.64
C TYR G 2426 81.61 -3.55 -22.34
N ALA G 2427 82.72 -3.35 -23.04
CA ALA G 2427 83.45 -2.09 -22.93
C ALA G 2427 82.61 -0.95 -23.47
N ALA G 2428 81.84 -1.21 -24.53
CA ALA G 2428 80.91 -0.20 -25.02
C ALA G 2428 79.86 0.13 -23.97
N LEU G 2429 79.29 -0.90 -23.34
CA LEU G 2429 78.30 -0.67 -22.29
C LEU G 2429 78.90 0.16 -21.16
N ILE G 2430 80.13 -0.18 -20.77
CA ILE G 2430 80.82 0.56 -19.74
C ILE G 2430 81.07 2.00 -20.19
N ASP G 2431 81.32 2.20 -21.48
CA ASP G 2431 81.54 3.55 -21.98
C ASP G 2431 80.26 4.37 -21.88
N LEU G 2432 79.14 3.84 -22.38
CA LEU G 2432 77.85 4.48 -22.13
C LEU G 2432 77.63 4.76 -20.66
N LEU G 2433 77.97 3.80 -19.80
CA LEU G 2433 77.62 3.93 -18.40
C LEU G 2433 78.48 4.99 -17.73
N GLY G 2434 79.72 5.14 -18.18
CA GLY G 2434 80.58 6.18 -17.62
C GLY G 2434 80.24 7.55 -18.15
N ARG G 2435 79.88 7.64 -19.44
CA ARG G 2435 79.49 8.94 -19.98
C ARG G 2435 78.16 9.40 -19.43
N CYS G 2436 77.28 8.45 -19.10
CA CYS G 2436 75.97 8.81 -18.56
C CYS G 2436 76.07 9.30 -17.12
N ALA G 2437 77.24 9.13 -16.50
CA ALA G 2437 77.42 9.59 -15.14
C ALA G 2437 77.28 11.10 -15.08
N PRO G 2438 76.70 11.65 -13.99
CA PRO G 2438 76.57 13.10 -13.89
C PRO G 2438 77.93 13.78 -13.80
N GLU G 2439 77.91 15.10 -13.86
CA GLU G 2439 79.16 15.84 -13.96
C GLU G 2439 79.60 16.39 -12.62
N MET G 2440 80.91 16.65 -12.52
CA MET G 2440 81.49 17.17 -11.29
C MET G 2440 80.77 18.43 -10.86
N HIS G 2441 80.37 19.27 -11.81
CA HIS G 2441 79.42 20.33 -11.48
C HIS G 2441 78.02 19.74 -11.49
N LEU G 2442 77.19 20.20 -10.54
CA LEU G 2442 75.90 19.63 -10.20
C LEU G 2442 76.09 18.30 -9.46
N ILE G 2443 77.34 17.82 -9.35
CA ILE G 2443 77.66 16.88 -8.28
C ILE G 2443 78.20 17.62 -7.06
N GLN G 2444 78.98 18.69 -7.27
CA GLN G 2444 79.46 19.44 -6.12
C GLN G 2444 78.29 20.13 -5.42
N ALA G 2445 77.34 20.64 -6.21
CA ALA G 2445 76.07 21.06 -5.66
C ALA G 2445 75.21 19.85 -5.32
N GLY G 2446 75.44 18.74 -6.02
CA GLY G 2446 74.78 17.50 -5.68
C GLY G 2446 73.29 17.48 -5.94
N LYS G 2447 72.89 17.50 -7.22
CA LYS G 2447 71.49 17.33 -7.54
C LYS G 2447 71.05 15.92 -7.16
N GLY G 2448 69.97 15.83 -6.39
CA GLY G 2448 69.61 14.57 -5.76
C GLY G 2448 69.43 13.43 -6.74
N GLU G 2449 68.68 13.69 -7.83
CA GLU G 2449 68.52 12.66 -8.84
C GLU G 2449 69.85 12.30 -9.48
N ALA G 2450 70.74 13.29 -9.64
CA ALA G 2450 72.06 13.01 -10.21
C ALA G 2450 72.83 12.03 -9.33
N LEU G 2451 72.94 12.33 -8.03
CA LEU G 2451 73.65 11.40 -7.16
C LEU G 2451 72.93 10.06 -7.09
N ARG G 2452 71.60 10.07 -7.21
CA ARG G 2452 70.87 8.81 -7.19
C ARG G 2452 71.24 7.93 -8.38
N ILE G 2453 71.22 8.51 -9.58
CA ILE G 2453 71.66 7.77 -10.76
C ILE G 2453 73.10 7.31 -10.60
N ARG G 2454 73.96 8.18 -10.08
CA ARG G 2454 75.36 7.79 -9.88
C ARG G 2454 75.48 6.61 -8.92
N ALA G 2455 74.65 6.61 -7.87
CA ALA G 2455 74.65 5.49 -6.94
C ALA G 2455 74.16 4.22 -7.61
N ILE G 2456 73.13 4.32 -8.46
CA ILE G 2456 72.69 3.13 -9.19
C ILE G 2456 73.80 2.63 -10.10
N LEU G 2457 74.55 3.54 -10.70
CA LEU G 2457 75.68 3.13 -11.54
C LEU G 2457 76.72 2.38 -10.71
N ARG G 2458 77.09 2.93 -9.56
CA ARG G 2458 78.08 2.28 -8.72
C ARG G 2458 77.57 0.95 -8.18
N SER G 2459 76.25 0.85 -7.99
CA SER G 2459 75.67 -0.42 -7.56
C SER G 2459 75.72 -1.45 -8.66
N LEU G 2460 75.39 -1.04 -9.89
CA LEU G 2460 75.44 -1.96 -11.02
C LEU G 2460 76.85 -2.43 -11.29
N VAL G 2461 77.84 -1.54 -11.12
CA VAL G 2461 79.23 -1.82 -11.44
C VAL G 2461 80.03 -1.78 -10.16
N PRO G 2462 80.40 -2.92 -9.58
CA PRO G 2462 81.18 -2.89 -8.35
C PRO G 2462 82.59 -2.35 -8.57
N LEU G 2463 83.01 -1.48 -7.65
CA LEU G 2463 84.34 -0.89 -7.75
C LEU G 2463 85.42 -1.95 -7.68
N ASP G 2464 85.24 -2.95 -6.81
CA ASP G 2464 86.22 -4.04 -6.74
C ASP G 2464 86.21 -4.86 -8.01
N ASP G 2465 85.04 -5.02 -8.64
CA ASP G 2465 85.00 -5.70 -9.94
C ASP G 2465 85.82 -4.93 -10.97
N LEU G 2466 85.66 -3.61 -11.00
CA LEU G 2466 86.46 -2.80 -11.92
C LEU G 2466 87.94 -2.87 -11.57
N VAL G 2467 88.25 -2.95 -10.28
CA VAL G 2467 89.64 -3.08 -9.85
C VAL G 2467 90.22 -4.37 -10.39
N GLY G 2468 89.45 -5.46 -10.33
CA GLY G 2468 89.89 -6.70 -10.93
C GLY G 2468 90.07 -6.57 -12.44
N ILE G 2469 89.15 -5.86 -13.09
CA ILE G 2469 89.23 -5.70 -14.54
C ILE G 2469 90.49 -4.96 -14.94
N ILE G 2470 90.78 -3.85 -14.28
CA ILE G 2470 92.00 -3.10 -14.58
C ILE G 2470 93.21 -3.94 -14.19
N SER G 2471 93.07 -4.78 -13.17
CA SER G 2471 94.16 -5.65 -12.75
C SER G 2471 94.47 -6.70 -13.82
N LEU G 2472 93.55 -6.91 -14.75
CA LEU G 2472 93.75 -7.94 -15.75
C LEU G 2472 94.96 -7.59 -16.62
N PRO G 2473 95.97 -8.44 -16.70
CA PRO G 2473 97.11 -8.16 -17.55
C PRO G 2473 96.75 -8.28 -19.03
N LEU G 2474 97.49 -7.55 -19.85
CA LEU G 2474 97.34 -7.59 -21.30
C LEU G 2474 98.56 -8.24 -21.90
N GLN G 2475 98.35 -9.16 -22.84
CA GLN G 2475 99.48 -9.77 -23.53
C GLN G 2475 100.23 -8.68 -24.30
N ILE G 2476 101.55 -8.76 -24.25
CA ILE G 2476 102.42 -7.81 -24.93
C ILE G 2476 103.11 -8.55 -26.07
N PRO G 2477 103.15 -8.01 -27.28
CA PRO G 2477 103.91 -8.66 -28.35
C PRO G 2477 105.38 -8.75 -27.99
N THR G 2478 105.97 -9.90 -28.26
CA THR G 2478 107.35 -10.18 -27.86
C THR G 2478 108.13 -10.78 -29.02
N LEU G 2479 109.43 -10.52 -29.04
CA LEU G 2479 110.31 -11.15 -30.01
C LEU G 2479 110.37 -12.65 -29.74
N GLY G 2480 110.60 -13.42 -30.81
CA GLY G 2480 110.70 -14.86 -30.64
C GLY G 2480 111.09 -15.55 -31.92
N LYS G 2481 111.26 -16.87 -31.82
CA LYS G 2481 111.55 -17.75 -32.94
C LYS G 2481 112.65 -17.20 -33.84
N ASP G 2482 113.81 -16.93 -33.21
CA ASP G 2482 115.05 -16.21 -33.57
C ASP G 2482 114.91 -14.74 -33.19
N GLY G 2483 113.83 -14.38 -32.50
CA GLY G 2483 113.63 -13.01 -32.09
C GLY G 2483 112.67 -12.21 -32.95
N ALA G 2484 111.92 -12.86 -33.83
CA ALA G 2484 110.85 -12.17 -34.54
C ALA G 2484 109.70 -11.89 -33.58
N LEU G 2485 109.16 -10.68 -33.65
CA LEU G 2485 108.12 -10.29 -32.73
C LEU G 2485 106.84 -11.09 -32.97
N VAL G 2486 106.20 -11.52 -31.88
CA VAL G 2486 104.97 -12.29 -31.94
C VAL G 2486 103.82 -11.37 -31.55
N GLN G 2487 102.96 -11.07 -32.51
CA GLN G 2487 101.83 -10.19 -32.30
C GLN G 2487 100.53 -10.94 -32.53
N PRO G 2488 99.68 -11.09 -31.52
CA PRO G 2488 98.37 -11.72 -31.74
C PRO G 2488 97.48 -10.84 -32.60
N LYS G 2489 96.45 -11.45 -33.18
CA LYS G 2489 95.50 -10.70 -34.00
C LYS G 2489 94.52 -9.96 -33.10
N MET G 2490 94.19 -8.73 -33.50
CA MET G 2490 93.39 -7.86 -32.64
C MET G 2490 91.94 -8.31 -32.59
N SER G 2491 91.47 -8.97 -33.64
CA SER G 2491 90.11 -9.51 -33.61
C SER G 2491 89.98 -10.60 -32.55
N ALA G 2492 91.10 -11.08 -32.04
CA ALA G 2492 91.07 -12.01 -30.89
C ALA G 2492 91.55 -11.33 -29.62
N SER G 2493 92.38 -10.31 -29.76
CA SER G 2493 93.14 -9.80 -28.62
C SER G 2493 92.25 -9.00 -27.67
N PHE G 2494 92.53 -9.11 -26.37
CA PHE G 2494 91.87 -8.27 -25.39
C PHE G 2494 92.56 -6.91 -25.36
N VAL G 2495 91.78 -5.84 -25.54
CA VAL G 2495 92.40 -4.61 -26.01
C VAL G 2495 92.50 -3.50 -24.97
N PRO G 2496 93.57 -2.72 -25.05
CA PRO G 2496 93.68 -1.51 -24.24
C PRO G 2496 92.54 -0.54 -24.48
N ASP G 2497 91.89 -0.59 -25.65
CA ASP G 2497 90.72 0.25 -25.84
C ASP G 2497 89.64 -0.11 -24.81
N HIS G 2498 89.37 -1.40 -24.65
CA HIS G 2498 88.42 -1.80 -23.62
C HIS G 2498 88.92 -1.41 -22.25
N LYS G 2499 90.19 -1.66 -21.97
CA LYS G 2499 90.71 -1.35 -20.65
C LYS G 2499 90.56 0.14 -20.34
N ALA G 2500 90.74 0.98 -21.36
CA ALA G 2500 90.54 2.41 -21.20
C ALA G 2500 89.07 2.74 -20.99
N SER G 2501 88.17 1.98 -21.61
CA SER G 2501 86.75 2.18 -21.33
C SER G 2501 86.46 1.94 -19.85
N MET G 2502 86.98 0.85 -19.30
CA MET G 2502 86.91 0.66 -17.85
C MET G 2502 87.45 1.86 -17.09
N VAL G 2503 88.67 2.29 -17.41
CA VAL G 2503 89.32 3.33 -16.63
C VAL G 2503 88.53 4.63 -16.72
N LEU G 2504 87.99 4.93 -17.90
CA LEU G 2504 87.14 6.10 -18.07
C LEU G 2504 85.90 6.00 -17.20
N PHE G 2505 85.29 4.82 -17.13
CA PHE G 2505 84.14 4.68 -16.24
C PHE G 2505 84.56 4.94 -14.79
N LEU G 2506 85.71 4.40 -14.39
CA LEU G 2506 86.18 4.63 -13.03
C LEU G 2506 86.31 6.11 -12.73
N ASP G 2507 87.01 6.84 -13.59
CA ASP G 2507 87.27 8.25 -13.29
C ASP G 2507 85.98 9.07 -13.41
N ARG G 2508 85.05 8.64 -14.26
CA ARG G 2508 83.80 9.37 -14.42
C ARG G 2508 82.88 9.17 -13.23
N VAL G 2509 82.79 7.94 -12.73
CA VAL G 2509 81.81 7.58 -11.71
C VAL G 2509 82.43 7.48 -10.34
N TYR G 2510 83.34 6.52 -10.15
CA TYR G 2510 83.95 6.36 -8.83
C TYR G 2510 84.97 7.46 -8.56
N GLY G 2511 85.75 7.83 -9.58
CA GLY G 2511 86.73 8.88 -9.40
C GLY G 2511 87.84 8.47 -8.44
N ILE G 2512 88.39 9.48 -7.78
CA ILE G 2512 89.48 9.32 -6.82
C ILE G 2512 89.02 9.85 -5.47
N GLU G 2513 89.14 9.02 -4.44
CA GLU G 2513 88.77 9.40 -3.08
C GLU G 2513 89.93 9.34 -2.10
N ASN G 2514 90.69 8.24 -2.09
CA ASN G 2514 91.73 8.03 -1.10
C ASN G 2514 93.07 7.81 -1.78
N GLN G 2515 94.15 8.28 -1.15
CA GLN G 2515 95.47 8.10 -1.73
C GLN G 2515 95.91 6.65 -1.70
N ASP G 2516 95.64 5.95 -0.58
CA ASP G 2516 95.97 4.54 -0.50
C ASP G 2516 95.11 3.72 -1.46
N PHE G 2517 93.85 4.10 -1.61
CA PHE G 2517 92.99 3.49 -2.61
C PHE G 2517 93.57 3.69 -4.01
N LEU G 2518 94.05 4.90 -4.29
CA LEU G 2518 94.73 5.18 -5.55
C LEU G 2518 95.92 4.26 -5.73
N LEU G 2519 96.74 4.12 -4.68
CA LEU G 2519 97.94 3.30 -4.76
C LEU G 2519 97.60 1.85 -5.05
N HIS G 2520 96.56 1.32 -4.39
CA HIS G 2520 96.20 -0.07 -4.60
C HIS G 2520 95.62 -0.28 -5.99
N VAL G 2521 94.83 0.70 -6.47
CA VAL G 2521 94.33 0.62 -7.84
C VAL G 2521 95.49 0.61 -8.82
N LEU G 2522 96.50 1.45 -8.58
CA LEU G 2522 97.66 1.46 -9.46
C LEU G 2522 98.36 0.11 -9.45
N ASP G 2523 98.63 -0.42 -8.26
CA ASP G 2523 99.45 -1.63 -8.19
C ASP G 2523 98.69 -2.86 -8.66
N VAL G 2524 97.36 -2.79 -8.69
CA VAL G 2524 96.63 -3.91 -9.30
C VAL G 2524 96.57 -3.75 -10.81
N GLY G 2525 96.25 -2.56 -11.30
CA GLY G 2525 96.08 -2.40 -12.73
C GLY G 2525 96.98 -1.42 -13.45
N PHE G 2526 97.37 -0.34 -12.78
CA PHE G 2526 98.08 0.73 -13.49
C PHE G 2526 99.58 0.51 -13.48
N LEU G 2527 100.12 0.04 -12.36
CA LEU G 2527 101.56 -0.22 -12.32
C LEU G 2527 101.99 -1.46 -13.08
N PRO G 2528 101.24 -2.56 -13.14
CA PRO G 2528 101.63 -3.57 -14.13
C PRO G 2528 101.66 -3.01 -15.55
N ASP G 2529 100.65 -2.22 -15.90
CA ASP G 2529 100.62 -1.55 -17.19
C ASP G 2529 101.81 -0.61 -17.37
N MET G 2530 102.30 -0.03 -16.28
CA MET G 2530 103.36 0.96 -16.43
C MET G 2530 104.72 0.30 -16.48
N ARG G 2531 104.92 -0.84 -15.81
CA ARG G 2531 106.07 -1.68 -16.16
C ARG G 2531 106.00 -2.13 -17.61
N ALA G 2532 104.80 -2.50 -18.08
CA ALA G 2532 104.65 -2.88 -19.48
C ALA G 2532 105.04 -1.72 -20.39
N ALA G 2533 104.62 -0.50 -20.05
CA ALA G 2533 104.97 0.67 -20.84
C ALA G 2533 106.48 0.92 -20.82
N ALA G 2534 107.10 0.73 -19.65
CA ALA G 2534 108.55 0.82 -19.58
C ALA G 2534 109.19 -0.16 -20.55
N SER G 2535 108.69 -1.39 -20.58
CA SER G 2535 109.19 -2.37 -21.54
C SER G 2535 108.92 -1.91 -22.97
N LEU G 2536 107.85 -1.14 -23.18
CA LEU G 2536 107.45 -0.75 -24.53
C LEU G 2536 108.50 0.12 -25.18
N ASP G 2537 109.30 0.84 -24.39
CA ASP G 2537 110.29 1.76 -24.95
C ASP G 2537 111.45 0.95 -25.51
N THR G 2538 111.24 0.42 -26.71
CA THR G 2538 112.23 -0.35 -27.44
C THR G 2538 112.14 0.00 -28.91
N ALA G 2539 113.28 0.02 -29.59
CA ALA G 2539 113.32 0.45 -30.99
C ALA G 2539 112.36 -0.37 -31.84
N THR G 2540 112.45 -1.70 -31.76
CA THR G 2540 111.49 -2.54 -32.47
C THR G 2540 110.08 -2.33 -31.92
N PHE G 2541 109.95 -2.22 -30.59
CA PHE G 2541 108.65 -2.03 -29.98
C PHE G 2541 108.05 -0.69 -30.38
N SER G 2542 108.88 0.35 -30.46
CA SER G 2542 108.39 1.66 -30.84
C SER G 2542 107.70 1.63 -32.20
N THR G 2543 108.11 0.70 -33.07
CA THR G 2543 107.46 0.55 -34.36
C THR G 2543 106.04 0.01 -34.21
N THR G 2544 105.80 -0.83 -33.20
CA THR G 2544 104.57 -1.59 -33.16
C THR G 2544 103.37 -0.70 -32.85
N GLU G 2545 102.39 -0.77 -33.75
CA GLU G 2545 101.15 -0.02 -33.59
C GLU G 2545 100.47 -0.34 -32.27
N MET G 2546 100.64 -1.57 -31.78
CA MET G 2546 99.97 -1.93 -30.54
C MET G 2546 100.60 -1.24 -29.35
N ALA G 2547 101.93 -1.21 -29.28
CA ALA G 2547 102.58 -0.42 -28.23
C ALA G 2547 102.21 1.05 -28.37
N LEU G 2548 102.07 1.53 -29.60
CA LEU G 2548 101.59 2.89 -29.78
C LEU G 2548 100.21 3.08 -29.16
N ALA G 2549 99.32 2.11 -29.36
CA ALA G 2549 97.98 2.20 -28.79
C ALA G 2549 98.02 2.14 -27.26
N LEU G 2550 98.91 1.32 -26.71
CA LEU G 2550 99.15 1.37 -25.27
C LEU G 2550 99.51 2.78 -24.83
N ASN G 2551 100.48 3.39 -25.51
CA ASN G 2551 100.85 4.76 -25.17
C ASN G 2551 99.62 5.66 -25.23
N ARG G 2552 98.83 5.52 -26.29
CA ARG G 2552 97.62 6.33 -26.42
C ARG G 2552 96.75 6.21 -25.19
N TYR G 2553 96.22 5.01 -24.91
CA TYR G 2553 95.16 4.95 -23.90
C TYR G 2553 95.72 5.21 -22.52
N LEU G 2554 96.99 4.87 -22.28
CA LEU G 2554 97.60 5.23 -21.00
C LEU G 2554 97.63 6.74 -20.83
N CYS G 2555 98.07 7.46 -21.86
CA CYS G 2555 98.16 8.91 -21.72
C CYS G 2555 96.78 9.54 -21.61
N LEU G 2556 95.81 9.04 -22.36
CA LEU G 2556 94.47 9.63 -22.31
C LEU G 2556 93.84 9.44 -20.94
N ALA G 2557 94.25 8.41 -20.21
CA ALA G 2557 93.60 8.06 -18.95
C ALA G 2557 94.53 8.17 -17.75
N VAL G 2558 95.67 7.47 -17.79
CA VAL G 2558 96.55 7.43 -16.63
C VAL G 2558 97.11 8.82 -16.34
N LEU G 2559 97.43 9.58 -17.39
CA LEU G 2559 97.92 10.94 -17.15
C LEU G 2559 96.88 11.83 -16.46
N PRO G 2560 95.63 11.95 -16.92
CA PRO G 2560 94.66 12.71 -16.12
C PRO G 2560 94.46 12.14 -14.73
N LEU G 2561 94.60 10.82 -14.59
CA LEU G 2561 94.52 10.23 -13.26
C LEU G 2561 95.62 10.76 -12.37
N ILE G 2562 96.84 10.87 -12.89
CA ILE G 2562 97.93 11.47 -12.12
C ILE G 2562 97.62 12.93 -11.81
N THR G 2563 97.07 13.65 -12.79
CA THR G 2563 96.74 15.06 -12.56
C THR G 2563 95.81 15.22 -11.38
N LYS G 2564 94.70 14.47 -11.36
CA LYS G 2564 93.75 14.61 -10.27
C LYS G 2564 94.30 14.05 -8.97
N CYS G 2565 95.08 12.98 -9.05
CA CYS G 2565 95.50 12.25 -7.84
C CYS G 2565 96.79 12.80 -7.23
N ALA G 2566 97.48 13.71 -7.90
CA ALA G 2566 98.75 14.20 -7.38
C ALA G 2566 98.65 14.79 -5.97
N PRO G 2567 97.66 15.64 -5.64
CA PRO G 2567 97.53 16.06 -4.24
C PRO G 2567 97.39 14.88 -3.28
N LEU G 2568 96.64 13.86 -3.68
CA LEU G 2568 96.60 12.63 -2.89
C LEU G 2568 97.94 11.91 -2.95
N PHE G 2569 98.61 11.98 -4.10
CA PHE G 2569 99.91 11.33 -4.23
C PHE G 2569 100.91 11.89 -3.23
N ALA G 2570 100.69 13.12 -2.76
CA ALA G 2570 101.54 13.68 -1.72
C ALA G 2570 101.25 13.05 -0.36
N GLY G 2571 100.39 12.02 -0.32
CA GLY G 2571 99.87 11.56 0.95
C GLY G 2571 100.89 10.82 1.81
N THR G 2572 101.29 9.61 1.39
CA THR G 2572 101.91 8.64 2.28
C THR G 2572 103.43 8.66 2.11
N GLU G 2573 104.13 8.01 3.05
CA GLU G 2573 105.58 7.97 3.01
C GLU G 2573 106.09 6.63 2.49
N HIS G 2574 105.54 5.54 3.01
CA HIS G 2574 106.13 4.21 2.82
C HIS G 2574 106.18 3.81 1.36
N ARG G 2575 105.17 4.19 0.57
CA ARG G 2575 105.11 3.77 -0.82
C ARG G 2575 106.13 4.50 -1.68
N ALA G 2576 107.06 5.24 -1.06
CA ALA G 2576 107.98 6.09 -1.80
C ALA G 2576 108.81 5.30 -2.79
N ILE G 2577 109.16 4.06 -2.47
CA ILE G 2577 109.98 3.28 -3.39
C ILE G 2577 109.24 3.02 -4.69
N MET G 2578 107.98 2.60 -4.59
CA MET G 2578 107.28 2.19 -5.79
C MET G 2578 106.88 3.45 -6.56
N VAL G 2579 106.58 4.52 -5.82
CA VAL G 2579 106.30 5.81 -6.44
C VAL G 2579 107.50 6.31 -7.24
N ASP G 2580 108.69 6.30 -6.63
CA ASP G 2580 109.85 6.75 -7.39
C ASP G 2580 110.12 5.80 -8.54
N SER G 2581 109.68 4.55 -8.40
CA SER G 2581 109.82 3.62 -9.51
C SER G 2581 108.96 4.02 -10.71
N MET G 2582 107.68 4.36 -10.49
CA MET G 2582 106.90 4.65 -11.70
C MET G 2582 107.26 6.05 -12.18
N LEU G 2583 107.83 6.87 -11.29
CA LEU G 2583 108.45 8.11 -11.75
C LEU G 2583 109.56 7.81 -12.73
N HIS G 2584 110.43 6.85 -12.41
CA HIS G 2584 111.50 6.47 -13.31
CA HIS G 2584 111.50 6.49 -13.32
C HIS G 2584 110.94 5.99 -14.64
N THR G 2585 109.92 5.13 -14.58
CA THR G 2585 109.35 4.62 -15.81
C THR G 2585 108.71 5.71 -16.65
N VAL G 2586 107.95 6.61 -16.03
CA VAL G 2586 107.29 7.65 -16.80
C VAL G 2586 108.30 8.62 -17.37
N TYR G 2587 109.43 8.83 -16.68
CA TYR G 2587 110.51 9.58 -17.29
C TYR G 2587 111.05 8.84 -18.52
N ARG G 2588 111.20 7.52 -18.41
CA ARG G 2588 111.59 6.71 -19.56
C ARG G 2588 110.64 6.91 -20.73
N LEU G 2589 109.33 6.87 -20.47
CA LEU G 2589 108.35 7.07 -21.53
C LEU G 2589 108.40 8.49 -22.07
N SER G 2590 108.62 9.47 -21.18
CA SER G 2590 108.76 10.85 -21.61
C SER G 2590 109.89 11.00 -22.60
N ARG G 2591 111.03 10.39 -22.31
CA ARG G 2591 112.10 10.29 -23.31
C ARG G 2591 111.79 9.06 -24.18
N GLY G 2592 110.74 9.22 -24.98
CA GLY G 2592 110.22 8.13 -25.80
C GLY G 2592 110.07 8.57 -27.25
N ARG G 2593 110.69 7.79 -28.14
CA ARG G 2593 110.62 8.09 -29.57
C ARG G 2593 109.27 7.67 -30.14
N SER G 2594 109.00 8.15 -31.36
CA SER G 2594 107.76 7.84 -32.09
C SER G 2594 106.52 8.10 -31.23
N LEU G 2595 106.52 9.22 -30.54
CA LEU G 2595 105.42 9.62 -29.67
C LEU G 2595 104.87 10.96 -30.11
N THR G 2596 103.55 11.07 -30.17
CA THR G 2596 102.95 12.31 -30.65
C THR G 2596 103.29 13.46 -29.71
N LYS G 2597 103.55 14.63 -30.29
CA LYS G 2597 104.14 15.73 -29.53
C LYS G 2597 103.20 16.23 -28.43
N ALA G 2598 101.92 16.43 -28.77
CA ALA G 2598 100.99 16.93 -27.77
C ALA G 2598 100.83 15.94 -26.62
N GLN G 2599 100.71 14.66 -26.95
CA GLN G 2599 100.59 13.64 -25.92
C GLN G 2599 101.83 13.62 -25.03
N ARG G 2600 103.02 13.70 -25.64
CA ARG G 2600 104.25 13.73 -24.87
C ARG G 2600 104.28 14.94 -23.94
N ASP G 2601 103.82 16.09 -24.43
CA ASP G 2601 103.74 17.28 -23.60
C ASP G 2601 102.81 17.05 -22.41
N VAL G 2602 101.68 16.39 -22.65
CA VAL G 2602 100.77 16.06 -21.55
C VAL G 2602 101.49 15.20 -20.52
N ILE G 2603 102.26 14.21 -20.97
CA ILE G 2603 103.01 13.40 -20.02
C ILE G 2603 103.94 14.28 -19.19
N GLU G 2604 104.65 15.19 -19.85
CA GLU G 2604 105.58 16.04 -19.11
C GLU G 2604 104.85 16.89 -18.07
N ASP G 2605 103.71 17.46 -18.45
CA ASP G 2605 102.95 18.28 -17.51
C ASP G 2605 102.49 17.47 -16.31
N CYS G 2606 101.99 16.26 -16.55
CA CYS G 2606 101.61 15.42 -15.44
C CYS G 2606 102.81 15.09 -14.56
N LEU G 2607 103.97 14.88 -15.17
CA LEU G 2607 105.16 14.56 -14.39
C LEU G 2607 105.55 15.72 -13.48
N MET G 2608 105.58 16.95 -14.01
CA MET G 2608 105.91 18.08 -13.14
C MET G 2608 104.88 18.24 -12.04
N ALA G 2609 103.60 18.13 -12.38
CA ALA G 2609 102.55 18.33 -11.40
C ALA G 2609 102.67 17.32 -10.26
N LEU G 2610 102.89 16.05 -10.60
CA LEU G 2610 103.08 15.03 -9.58
C LEU G 2610 104.35 15.28 -8.80
N CYS G 2611 105.40 15.76 -9.47
CA CYS G 2611 106.67 15.99 -8.82
C CYS G 2611 106.55 17.05 -7.73
N ARG G 2612 105.73 18.08 -7.97
CA ARG G 2612 105.53 19.10 -6.95
CA ARG G 2612 105.53 19.10 -6.95
C ARG G 2612 105.04 18.49 -5.64
N TYR G 2613 104.04 17.62 -5.72
CA TYR G 2613 103.49 17.02 -4.52
C TYR G 2613 104.45 16.00 -3.93
N ILE G 2614 105.27 15.36 -4.77
CA ILE G 2614 106.17 14.33 -4.27
C ILE G 2614 107.28 14.97 -3.43
N ARG G 2615 107.58 14.33 -2.31
CA ARG G 2615 108.56 14.83 -1.36
C ARG G 2615 109.97 14.81 -1.97
N PRO G 2616 110.83 15.78 -1.62
CA PRO G 2616 112.19 15.76 -2.15
C PRO G 2616 112.97 14.51 -1.75
N SER G 2617 112.72 14.00 -0.55
CA SER G 2617 113.34 12.75 -0.14
C SER G 2617 112.93 11.62 -1.06
N MET G 2618 111.64 11.58 -1.43
CA MET G 2618 111.19 10.64 -2.45
C MET G 2618 111.91 10.90 -3.76
N LEU G 2619 112.16 12.17 -4.07
CA LEU G 2619 112.58 12.54 -5.42
C LEU G 2619 113.98 12.04 -5.73
N GLN G 2620 114.76 11.67 -4.71
CA GLN G 2620 116.21 11.61 -4.84
C GLN G 2620 116.65 10.74 -6.02
N HIS G 2621 116.07 9.54 -6.17
CA HIS G 2621 116.56 8.64 -7.19
C HIS G 2621 116.18 9.11 -8.59
N LEU G 2622 114.96 9.61 -8.75
CA LEU G 2622 114.59 10.24 -10.01
C LEU G 2622 115.51 11.41 -10.31
N LEU G 2623 115.90 12.14 -9.26
CA LEU G 2623 116.86 13.23 -9.43
C LEU G 2623 118.17 12.71 -9.98
N ARG G 2624 118.68 11.59 -9.43
CA ARG G 2624 119.93 11.05 -9.96
C ARG G 2624 119.76 10.64 -11.42
N ARG G 2625 118.59 10.10 -11.77
CA ARG G 2625 118.36 9.75 -13.16
C ARG G 2625 118.40 10.98 -14.05
N LEU G 2626 117.79 12.08 -13.60
CA LEU G 2626 117.86 13.32 -14.38
C LEU G 2626 119.29 13.84 -14.43
N VAL G 2627 120.07 13.61 -13.37
CA VAL G 2627 121.50 13.93 -13.41
C VAL G 2627 122.17 13.17 -14.55
N PHE G 2628 121.91 11.88 -14.63
CA PHE G 2628 122.48 11.07 -15.72
C PHE G 2628 121.99 11.58 -17.08
N ASP G 2629 120.76 12.09 -17.13
CA ASP G 2629 120.19 12.50 -18.40
C ASP G 2629 120.62 13.91 -18.78
N VAL G 2630 121.20 14.65 -17.83
CA VAL G 2630 121.56 16.05 -18.10
C VAL G 2630 122.62 16.19 -19.18
N PRO G 2631 123.78 15.50 -19.12
CA PRO G 2631 124.95 15.98 -19.87
C PRO G 2631 124.76 16.10 -21.37
N ILE G 2632 123.79 15.39 -21.95
CA ILE G 2632 123.59 15.48 -23.40
C ILE G 2632 123.21 16.89 -23.80
N LEU G 2633 122.42 17.57 -22.96
CA LEU G 2633 121.95 18.93 -23.24
C LEU G 2633 121.21 19.02 -24.56
N ASN G 2634 120.59 17.92 -25.00
CA ASN G 2634 119.84 17.96 -26.24
C ASN G 2634 118.44 18.53 -25.98
N GLU G 2635 117.75 18.85 -27.08
CA GLU G 2635 116.44 19.49 -26.96
C GLU G 2635 115.44 18.60 -26.23
N PHE G 2636 115.66 17.28 -26.27
CA PHE G 2636 114.71 16.37 -25.64
C PHE G 2636 114.76 16.48 -24.13
N ALA G 2637 115.94 16.80 -23.58
CA ALA G 2637 116.07 16.87 -22.12
C ALA G 2637 115.65 18.24 -21.58
N LYS G 2638 115.40 19.20 -22.48
CA LYS G 2638 115.26 20.59 -22.04
C LYS G 2638 114.03 20.80 -21.17
N MET G 2639 112.88 20.27 -21.58
CA MET G 2639 111.70 20.38 -20.72
C MET G 2639 111.89 19.67 -19.38
N PRO G 2640 112.51 18.48 -19.32
CA PRO G 2640 112.90 17.96 -18.00
C PRO G 2640 113.78 18.92 -17.22
N LEU G 2641 114.71 19.62 -17.87
CA LEU G 2641 115.52 20.59 -17.12
C LEU G 2641 114.66 21.71 -16.57
N LYS G 2642 113.70 22.19 -17.35
CA LYS G 2642 112.84 23.26 -16.86
C LYS G 2642 111.99 22.79 -15.68
N LEU G 2643 111.42 21.58 -15.76
CA LEU G 2643 110.64 21.09 -14.62
C LEU G 2643 111.54 20.88 -13.42
N LEU G 2644 112.80 20.50 -13.67
CA LEU G 2644 113.77 20.40 -12.59
C LEU G 2644 113.95 21.75 -11.90
N THR G 2645 114.15 22.80 -12.69
CA THR G 2645 114.30 24.12 -12.12
C THR G 2645 113.08 24.51 -11.32
N ASN G 2646 111.89 24.19 -11.84
CA ASN G 2646 110.66 24.54 -11.13
C ASN G 2646 110.57 23.84 -9.78
N HIS G 2647 110.84 22.53 -9.72
CA HIS G 2647 110.62 21.87 -8.44
C HIS G 2647 111.74 22.21 -7.47
N TYR G 2648 112.93 22.51 -7.99
CA TYR G 2648 113.97 23.04 -7.12
C TYR G 2648 113.55 24.38 -6.55
N GLU G 2649 112.88 25.21 -7.35
CA GLU G 2649 112.27 26.43 -6.82
C GLU G 2649 111.28 26.09 -5.72
N ARG G 2650 110.51 25.02 -5.91
CA ARG G 2650 109.55 24.60 -4.90
C ARG G 2650 110.25 24.23 -3.59
N CYS G 2651 111.33 23.46 -3.67
CA CYS G 2651 112.07 23.04 -2.49
C CYS G 2651 113.34 23.84 -2.26
N TRP G 2652 113.41 25.06 -2.80
CA TRP G 2652 114.58 25.90 -2.57
C TRP G 2652 114.75 26.19 -1.08
N LYS G 2653 113.65 26.44 -0.38
CA LYS G 2653 113.71 26.63 1.06
C LYS G 2653 114.25 25.40 1.76
N TYR G 2654 113.78 24.21 1.35
CA TYR G 2654 114.24 22.98 1.97
C TYR G 2654 115.73 22.78 1.77
N TYR G 2655 116.22 23.05 0.56
CA TYR G 2655 117.64 22.85 0.30
C TYR G 2655 118.49 23.90 1.02
N CYS G 2656 118.04 25.15 1.04
CA CYS G 2656 118.87 26.21 1.60
C CYS G 2656 118.88 26.17 3.13
N LEU G 2657 117.78 25.69 3.74
CA LEU G 2657 117.67 25.75 5.19
C LEU G 2657 118.70 24.84 5.85
N PRO G 2658 119.59 25.39 6.68
CA PRO G 2658 120.49 24.51 7.46
C PRO G 2658 119.72 23.59 8.38
N THR G 2659 118.64 24.09 8.97
CA THR G 2659 117.78 23.23 9.79
C THR G 2659 116.95 22.31 8.89
N GLY G 2660 116.67 22.74 7.68
CA GLY G 2660 115.82 21.99 6.78
C GLY G 2660 114.36 22.37 6.91
N TRP G 2661 113.64 22.21 5.79
CA TRP G 2661 112.23 22.54 5.77
C TRP G 2661 111.43 21.55 6.63
N ALA G 2662 110.49 22.09 7.40
CA ALA G 2662 109.65 21.26 8.25
C ALA G 2662 108.92 20.20 7.42
N ASN G 2663 108.92 18.98 7.93
CA ASN G 2663 108.27 17.83 7.30
C ASN G 2663 108.98 17.44 6.01
N PHE G 2664 110.02 18.20 5.65
CA PHE G 2664 110.76 17.87 4.43
C PHE G 2664 112.15 17.34 4.75
N GLY G 2665 112.74 17.80 5.85
CA GLY G 2665 114.06 17.35 6.23
C GLY G 2665 115.15 18.19 5.62
N VAL G 2666 116.32 17.58 5.48
CA VAL G 2666 117.51 18.24 4.94
C VAL G 2666 118.04 17.41 3.79
N THR G 2667 118.79 18.07 2.90
CA THR G 2667 119.44 17.35 1.81
C THR G 2667 120.54 16.45 2.34
N SER G 2668 120.71 15.30 1.70
CA SER G 2668 121.79 14.40 2.07
C SER G 2668 123.14 14.97 1.65
N GLU G 2669 123.12 15.93 0.73
CA GLU G 2669 124.25 16.70 0.18
C GLU G 2669 125.07 15.92 -0.84
N GLU G 2670 124.90 14.60 -0.96
CA GLU G 2670 125.41 13.95 -2.16
C GLU G 2670 124.49 14.24 -3.33
N GLU G 2671 123.18 14.33 -3.07
CA GLU G 2671 122.27 14.90 -4.04
C GLU G 2671 122.69 16.32 -4.39
N LEU G 2672 123.04 17.12 -3.38
CA LEU G 2672 123.52 18.46 -3.65
C LEU G 2672 124.88 18.41 -4.33
N HIS G 2673 125.67 17.38 -4.08
CA HIS G 2673 126.93 17.22 -4.80
C HIS G 2673 126.67 17.05 -6.29
N LEU G 2674 125.75 16.15 -6.65
CA LEU G 2674 125.41 15.98 -8.06
C LEU G 2674 124.75 17.24 -8.61
N THR G 2675 124.04 17.98 -7.76
CA THR G 2675 123.44 19.22 -8.21
C THR G 2675 124.50 20.26 -8.56
N ARG G 2676 125.55 20.33 -7.74
CA ARG G 2676 126.71 21.17 -8.04
C ARG G 2676 127.35 20.74 -9.34
N LYS G 2677 127.53 19.43 -9.51
CA LYS G 2677 128.18 18.95 -10.72
C LYS G 2677 127.32 19.20 -11.95
N LEU G 2678 126.00 19.20 -11.78
CA LEU G 2678 125.11 19.57 -12.88
C LEU G 2678 125.21 21.06 -13.18
N PHE G 2679 125.33 21.89 -12.15
CA PHE G 2679 125.63 23.30 -12.38
C PHE G 2679 126.85 23.44 -13.27
N TRP G 2680 127.95 22.79 -12.88
CA TRP G 2680 129.18 22.89 -13.65
C TRP G 2680 129.00 22.33 -15.06
N GLY G 2681 128.35 21.18 -15.17
CA GLY G 2681 128.21 20.54 -16.47
C GLY G 2681 127.34 21.33 -17.42
N ILE G 2682 126.22 21.86 -16.92
CA ILE G 2682 125.35 22.69 -17.74
C ILE G 2682 126.09 23.94 -18.20
N PHE G 2683 126.81 24.59 -17.28
CA PHE G 2683 127.56 25.78 -17.67
C PHE G 2683 128.62 25.44 -18.72
N ASP G 2684 129.37 24.36 -18.50
CA ASP G 2684 130.41 23.98 -19.45
C ASP G 2684 129.83 23.63 -20.81
N SER G 2685 128.75 22.84 -20.81
CA SER G 2685 128.14 22.42 -22.07
C SER G 2685 127.59 23.60 -22.84
N LEU G 2686 126.95 24.54 -22.13
CA LEU G 2686 126.42 25.71 -22.83
C LEU G 2686 127.56 26.57 -23.35
N ALA G 2687 128.67 26.64 -22.61
CA ALA G 2687 129.83 27.37 -23.10
C ALA G 2687 130.38 26.74 -24.38
N HIS G 2688 130.45 25.41 -24.41
CA HIS G 2688 130.89 24.72 -25.63
C HIS G 2688 129.92 24.96 -26.77
N LYS G 2689 128.61 24.91 -26.48
CA LYS G 2689 127.61 25.14 -27.50
C LYS G 2689 127.65 26.60 -27.96
N LYS G 2690 127.48 26.81 -29.26
CA LYS G 2690 127.33 28.15 -29.77
C LYS G 2690 125.96 28.70 -29.41
N TYR G 2691 125.83 30.02 -29.41
CA TYR G 2691 124.57 30.64 -29.04
C TYR G 2691 123.45 30.15 -29.95
N ASP G 2692 122.34 29.77 -29.34
CA ASP G 2692 121.11 29.46 -30.06
C ASP G 2692 119.97 30.15 -29.33
N GLN G 2693 119.08 30.77 -30.08
CA GLN G 2693 117.95 31.45 -29.46
C GLN G 2693 117.04 30.46 -28.75
N GLU G 2694 116.85 29.27 -29.33
CA GLU G 2694 116.02 28.27 -28.67
C GLU G 2694 116.71 27.75 -27.41
N LEU G 2695 118.04 27.63 -27.46
CA LEU G 2695 118.79 27.27 -26.25
C LEU G 2695 118.59 28.30 -25.16
N TYR G 2696 118.64 29.58 -25.52
CA TYR G 2696 118.43 30.62 -24.51
C TYR G 2696 116.98 30.66 -24.08
N ARG G 2697 116.06 30.25 -24.96
CA ARG G 2697 114.66 30.14 -24.59
C ARG G 2697 114.47 29.07 -23.53
N MET G 2698 115.20 27.97 -23.67
CA MET G 2698 115.33 27.02 -22.57
C MET G 2698 115.92 27.71 -21.35
N ALA G 2699 116.91 28.57 -21.57
CA ALA G 2699 117.81 28.94 -20.49
C ALA G 2699 117.45 30.24 -19.78
N MET G 2700 116.28 30.84 -20.05
CA MET G 2700 115.86 31.88 -19.10
C MET G 2700 115.57 31.28 -17.72
N PRO G 2701 114.84 30.17 -17.57
CA PRO G 2701 114.80 29.52 -16.25
C PRO G 2701 116.18 29.15 -15.75
N CYS G 2702 117.08 28.80 -16.66
CA CYS G 2702 118.52 28.69 -16.45
C CYS G 2702 118.91 27.79 -15.29
N LEU G 2703 120.19 27.79 -14.99
CA LEU G 2703 120.73 27.18 -13.78
C LEU G 2703 120.73 28.18 -12.62
N CYS G 2704 120.10 29.34 -12.81
CA CYS G 2704 119.99 30.31 -11.72
C CYS G 2704 119.11 29.77 -10.60
N ALA G 2705 118.04 29.07 -10.96
CA ALA G 2705 117.24 28.40 -9.94
C ALA G 2705 118.07 27.37 -9.18
N ILE G 2706 118.91 26.63 -9.91
CA ILE G 2706 119.82 25.70 -9.27
C ILE G 2706 120.72 26.43 -8.29
N ALA G 2707 121.31 27.54 -8.72
CA ALA G 2707 122.21 28.30 -7.87
C ALA G 2707 121.50 28.79 -6.61
N GLY G 2708 120.28 29.28 -6.77
CA GLY G 2708 119.49 29.68 -5.61
C GLY G 2708 119.22 28.52 -4.68
N ALA G 2709 119.01 27.34 -5.24
CA ALA G 2709 118.81 26.14 -4.41
C ALA G 2709 120.07 25.83 -3.60
N LEU G 2710 121.24 25.90 -4.24
CA LEU G 2710 122.47 25.60 -3.53
C LEU G 2710 122.79 26.68 -2.50
N PRO G 2711 123.13 26.29 -1.27
CA PRO G 2711 123.81 27.22 -0.37
C PRO G 2711 125.26 27.37 -0.77
N PRO G 2712 125.80 28.60 -0.74
CA PRO G 2712 127.18 28.78 -1.22
C PRO G 2712 128.22 28.14 -0.32
N ASP G 2713 127.88 27.90 0.95
CA ASP G 2713 128.91 27.64 1.96
C ASP G 2713 129.27 26.16 2.05
N TYR G 2714 128.39 25.28 1.57
CA TYR G 2714 128.64 23.87 1.79
C TYR G 2714 129.80 23.39 0.93
N VAL G 2715 130.41 22.27 1.33
CA VAL G 2715 131.56 21.71 0.65
C VAL G 2715 131.18 20.32 0.14
N ASP G 2716 131.47 20.06 -1.13
CA ASP G 2716 131.20 18.75 -1.72
C ASP G 2716 132.02 17.68 -1.02
N ALA G 2717 131.50 16.45 -1.02
CA ALA G 2717 132.15 15.36 -0.31
C ALA G 2717 133.55 15.09 -0.85
N SER G 2718 133.70 15.09 -2.16
CA SER G 2718 134.99 14.87 -2.80
C SER G 2718 135.22 15.91 -3.88
N TYR G 2719 136.48 16.30 -4.06
CA TYR G 2719 136.87 17.26 -5.09
C TYR G 2719 138.01 16.64 -5.89
N SER G 2720 137.64 15.87 -6.91
CA SER G 2720 138.62 15.23 -7.79
C SER G 2720 137.94 14.92 -9.11
N SER G 2721 138.76 14.72 -10.14
CA SER G 2721 138.23 14.38 -11.46
C SER G 2721 137.73 12.94 -11.46
N LYS G 2722 136.51 12.76 -11.96
CA LYS G 2722 135.94 11.40 -12.04
C LYS G 2722 136.68 10.57 -13.08
N ALA G 2723 137.10 11.19 -14.18
CA ALA G 2723 137.81 10.50 -15.26
C ALA G 2723 136.99 9.32 -15.79
N GLU G 2724 135.67 9.51 -15.88
CA GLU G 2724 134.77 8.48 -16.36
C GLU G 2724 133.67 9.12 -17.21
N LYS G 2725 133.39 8.47 -18.33
CA LYS G 2725 132.34 8.94 -19.25
C LYS G 2725 131.51 7.77 -19.76
N ASN G 2734 126.30 5.31 -25.14
CA ASN G 2734 125.67 5.90 -23.97
C ASN G 2734 126.72 6.21 -22.90
N PHE G 2735 126.96 5.24 -22.02
CA PHE G 2735 127.95 5.37 -20.96
C PHE G 2735 128.85 4.14 -21.00
N ASP G 2736 130.16 4.37 -21.05
CA ASP G 2736 131.12 3.30 -21.20
C ASP G 2736 132.19 3.37 -20.12
N PRO G 2737 132.17 2.47 -19.14
CA PRO G 2737 133.26 2.41 -18.16
C PRO G 2737 134.36 1.45 -18.59
N ARG G 2738 135.60 1.76 -18.22
CA ARG G 2738 136.74 0.96 -18.61
C ARG G 2738 137.46 0.43 -17.37
N PRO G 2739 137.53 -0.88 -17.18
CA PRO G 2739 138.28 -1.41 -16.05
C PRO G 2739 139.78 -1.46 -16.33
N VAL G 2740 140.54 -1.59 -15.26
CA VAL G 2740 141.99 -1.71 -15.32
C VAL G 2740 142.37 -3.08 -14.77
N GLU G 2741 143.17 -3.83 -15.53
CA GLU G 2741 143.49 -5.21 -15.23
C GLU G 2741 144.99 -5.44 -15.37
N THR G 2742 145.52 -6.40 -14.62
CA THR G 2742 146.96 -6.63 -14.58
C THR G 2742 147.43 -7.66 -15.59
N LEU G 2743 146.55 -8.13 -16.48
CA LEU G 2743 147.01 -8.98 -17.58
C LEU G 2743 147.99 -8.22 -18.47
N ASN G 2744 147.76 -6.93 -18.67
CA ASN G 2744 148.71 -6.11 -19.41
C ASN G 2744 149.83 -5.61 -18.49
N VAL G 2745 149.48 -5.17 -17.29
CA VAL G 2745 150.45 -4.66 -16.32
C VAL G 2745 151.33 -5.81 -15.85
N ILE G 2746 152.46 -5.49 -15.22
CA ILE G 2746 153.32 -6.53 -14.67
C ILE G 2746 152.58 -7.25 -13.57
N ILE G 2747 152.27 -8.53 -13.81
CA ILE G 2747 151.54 -9.36 -12.86
C ILE G 2747 152.56 -10.06 -11.98
N PRO G 2748 152.49 -9.91 -10.66
CA PRO G 2748 153.40 -10.64 -9.78
C PRO G 2748 152.80 -11.98 -9.35
N GLU G 2749 153.57 -13.05 -9.53
CA GLU G 2749 153.20 -14.33 -8.94
C GLU G 2749 153.37 -14.30 -7.43
N LYS G 2750 154.14 -13.32 -6.93
CA LYS G 2750 154.57 -13.32 -5.54
C LYS G 2750 153.41 -13.36 -4.56
N LEU G 2751 152.41 -12.49 -4.75
CA LEU G 2751 151.39 -12.32 -3.72
C LEU G 2751 150.32 -13.41 -3.80
N ASP G 2752 150.56 -14.45 -4.59
CA ASP G 2752 149.63 -15.58 -4.60
C ASP G 2752 149.52 -16.23 -3.23
N SER G 2753 150.58 -16.14 -2.44
CA SER G 2753 150.50 -16.53 -1.04
C SER G 2753 149.45 -15.72 -0.31
N PHE G 2754 149.42 -14.39 -0.54
CA PHE G 2754 148.39 -13.57 0.07
C PHE G 2754 147.02 -13.88 -0.50
N ILE G 2755 146.94 -14.27 -1.77
CA ILE G 2755 145.65 -14.66 -2.34
C ILE G 2755 145.08 -15.88 -1.63
N ASN G 2756 145.91 -16.90 -1.43
CA ASN G 2756 145.47 -18.06 -0.66
C ASN G 2756 145.17 -17.70 0.78
N LYS G 2757 145.98 -16.81 1.37
CA LYS G 2757 145.77 -16.40 2.75
C LYS G 2757 144.44 -15.67 2.90
N PHE G 2758 144.10 -14.79 1.96
CA PHE G 2758 142.84 -14.07 2.02
C PHE G 2758 141.67 -14.99 1.71
N ALA G 2759 141.87 -16.00 0.86
CA ALA G 2759 140.81 -16.98 0.66
C ALA G 2759 140.52 -17.73 1.95
N GLU G 2760 141.57 -18.20 2.63
CA GLU G 2760 141.40 -18.90 3.89
C GLU G 2760 140.77 -17.99 4.94
N TYR G 2761 141.16 -16.72 4.97
CA TYR G 2761 140.68 -15.83 6.02
C TYR G 2761 139.32 -15.24 5.68
N THR G 2762 138.90 -15.30 4.42
CA THR G 2762 137.51 -15.00 4.11
C THR G 2762 136.62 -16.18 4.44
N HIS G 2763 137.15 -17.40 4.27
CA HIS G 2763 136.45 -18.56 4.79
C HIS G 2763 136.32 -18.46 6.32
N GLU G 2764 137.35 -17.91 6.96
CA GLU G 2764 137.30 -17.69 8.40
C GLU G 2764 136.34 -16.57 8.77
N LYS G 2765 136.33 -15.48 7.99
CA LYS G 2765 135.25 -14.50 8.05
C LYS G 2765 133.90 -15.18 8.17
N TRP G 2766 133.55 -15.97 7.15
CA TRP G 2766 132.21 -16.56 7.11
C TRP G 2766 131.99 -17.51 8.28
N ALA G 2767 132.97 -18.37 8.57
CA ALA G 2767 132.81 -19.33 9.65
C ALA G 2767 132.60 -18.64 10.99
N PHE G 2768 133.43 -17.65 11.31
CA PHE G 2768 133.33 -17.00 12.60
C PHE G 2768 132.06 -16.16 12.68
N ASP G 2769 131.61 -15.61 11.56
CA ASP G 2769 130.34 -14.89 11.56
C ASP G 2769 129.17 -15.83 11.86
N LYS G 2770 129.15 -17.01 11.25
CA LYS G 2770 128.07 -17.94 11.55
C LYS G 2770 128.24 -18.57 12.93
N ILE G 2771 129.42 -18.44 13.53
CA ILE G 2771 129.55 -18.75 14.96
C ILE G 2771 128.89 -17.66 15.81
N GLN G 2772 129.10 -16.39 15.45
CA GLN G 2772 128.48 -15.32 16.23
C GLN G 2772 126.97 -15.27 16.02
N ASN G 2773 126.49 -15.91 14.95
CA ASN G 2773 125.08 -15.77 14.60
C ASN G 2773 124.18 -16.52 15.58
N ASN G 2774 124.75 -17.42 16.37
CA ASN G 2774 124.12 -18.11 17.51
C ASN G 2774 123.07 -19.15 17.12
N TRP G 2775 123.00 -19.58 15.86
CA TRP G 2775 122.03 -20.59 15.44
C TRP G 2775 122.74 -21.89 15.08
N SER G 2776 121.96 -22.95 14.94
CA SER G 2776 122.52 -24.29 14.76
C SER G 2776 123.35 -24.39 13.50
N TYR G 2777 124.54 -24.95 13.64
CA TYR G 2777 125.48 -25.05 12.53
C TYR G 2777 125.12 -26.24 11.65
N GLY G 2778 125.44 -26.13 10.37
CA GLY G 2778 125.17 -27.21 9.42
C GLY G 2778 126.23 -27.29 8.34
N GLU G 2779 126.83 -28.46 8.20
CA GLU G 2779 127.82 -28.68 7.16
C GLU G 2779 127.18 -28.64 5.77
N ASN G 2780 125.98 -29.21 5.65
CA ASN G 2780 125.27 -29.19 4.38
C ASN G 2780 124.74 -27.79 4.07
N VAL G 2781 124.16 -27.65 2.87
CA VAL G 2781 123.57 -26.39 2.42
C VAL G 2781 122.22 -26.23 3.12
N ASP G 2782 122.03 -25.09 3.78
CA ASP G 2782 120.75 -24.69 4.32
C ASP G 2782 120.66 -23.17 4.32
N GLU G 2783 119.92 -22.62 3.37
CA GLU G 2783 119.70 -21.18 3.36
C GLU G 2783 118.92 -20.72 4.58
N GLU G 2784 117.90 -21.50 4.97
CA GLU G 2784 117.12 -21.16 6.16
C GLU G 2784 118.00 -21.18 7.41
N LEU G 2785 118.83 -22.22 7.54
CA LEU G 2785 119.75 -22.28 8.68
C LEU G 2785 120.90 -21.30 8.52
N LYS G 2786 121.00 -20.65 7.36
CA LYS G 2786 122.07 -19.68 7.11
C LYS G 2786 123.43 -20.38 7.04
N THR G 2787 123.41 -21.71 7.16
CA THR G 2787 124.64 -22.50 7.24
C THR G 2787 125.09 -22.86 5.83
N HIS G 2788 126.24 -22.32 5.43
CA HIS G 2788 126.77 -22.53 4.10
C HIS G 2788 127.23 -23.97 3.93
N PRO G 2789 127.29 -24.49 2.70
CA PRO G 2789 127.91 -25.81 2.51
C PRO G 2789 129.37 -25.83 2.90
N MET G 2790 130.03 -24.66 2.88
CA MET G 2790 131.43 -24.59 3.31
C MET G 2790 131.55 -24.75 4.82
N LEU G 2791 130.43 -24.64 5.54
CA LEU G 2791 130.50 -24.66 6.99
C LEU G 2791 131.07 -25.99 7.46
N ARG G 2792 132.32 -25.95 7.90
CA ARG G 2792 133.05 -27.13 8.32
C ARG G 2792 134.05 -26.71 9.38
N PRO G 2793 134.55 -27.65 10.18
CA PRO G 2793 135.62 -27.31 11.12
C PRO G 2793 136.84 -26.80 10.37
N TYR G 2794 137.58 -25.91 11.03
CA TYR G 2794 138.67 -25.21 10.37
C TYR G 2794 139.75 -26.17 9.86
N LYS G 2795 140.01 -27.23 10.62
CA LYS G 2795 141.04 -28.19 10.22
C LYS G 2795 140.60 -29.00 9.01
N THR G 2796 139.29 -29.12 8.78
CA THR G 2796 138.80 -29.90 7.64
C THR G 2796 138.82 -29.07 6.36
N PHE G 2797 139.66 -28.03 6.33
CA PHE G 2797 139.68 -27.09 5.22
C PHE G 2797 140.00 -27.83 3.92
N SER G 2798 139.21 -27.57 2.89
CA SER G 2798 139.26 -28.34 1.65
C SER G 2798 140.00 -27.59 0.55
N GLU G 2799 140.78 -28.33 -0.25
CA GLU G 2799 141.57 -27.72 -1.31
C GLU G 2799 140.69 -27.25 -2.47
N LYS G 2800 139.53 -27.88 -2.66
CA LYS G 2800 138.66 -27.50 -3.76
C LYS G 2800 138.17 -26.08 -3.62
N ASP G 2801 137.84 -25.65 -2.39
CA ASP G 2801 137.42 -24.27 -2.19
C ASP G 2801 138.60 -23.31 -2.21
N LYS G 2802 139.81 -23.81 -1.93
CA LYS G 2802 141.01 -23.01 -2.17
C LYS G 2802 141.15 -22.68 -3.64
N GLU G 2803 141.02 -23.68 -4.50
CA GLU G 2803 141.32 -23.49 -5.92
C GLU G 2803 140.28 -22.58 -6.58
N ILE G 2804 139.03 -22.60 -6.08
CA ILE G 2804 137.99 -21.80 -6.70
C ILE G 2804 137.98 -20.38 -6.15
N TYR G 2805 138.35 -20.21 -4.87
CA TYR G 2805 138.36 -18.86 -4.31
C TYR G 2805 139.64 -18.13 -4.65
N ARG G 2806 140.61 -18.83 -5.25
CA ARG G 2806 141.83 -18.17 -5.69
C ARG G 2806 141.54 -17.17 -6.80
N TRP G 2807 140.49 -17.42 -7.59
CA TRP G 2807 140.20 -16.53 -8.71
C TRP G 2807 139.57 -15.21 -8.30
N PRO G 2808 138.56 -15.14 -7.41
CA PRO G 2808 138.05 -13.82 -7.02
C PRO G 2808 139.08 -12.96 -6.32
N ILE G 2809 139.79 -13.52 -5.34
CA ILE G 2809 140.83 -12.77 -4.63
C ILE G 2809 141.96 -12.41 -5.59
N LYS G 2810 142.25 -13.31 -6.54
CA LYS G 2810 143.22 -13.00 -7.60
C LYS G 2810 142.80 -11.76 -8.38
N GLU G 2811 141.54 -11.71 -8.82
CA GLU G 2811 141.06 -10.57 -9.58
C GLU G 2811 141.13 -9.30 -8.74
N SER G 2812 140.75 -9.39 -7.46
CA SER G 2812 140.80 -8.21 -6.59
C SER G 2812 142.21 -7.68 -6.45
N LEU G 2813 143.16 -8.57 -6.11
CA LEU G 2813 144.55 -8.13 -5.94
C LEU G 2813 145.15 -7.62 -7.24
N LYS G 2814 144.80 -8.25 -8.37
CA LYS G 2814 145.35 -7.81 -9.64
C LYS G 2814 144.80 -6.45 -10.04
N ALA G 2815 143.52 -6.19 -9.78
CA ALA G 2815 142.97 -4.86 -10.02
C ALA G 2815 143.65 -3.83 -9.12
N MET G 2816 143.87 -4.20 -7.85
CA MET G 2816 144.59 -3.32 -6.94
C MET G 2816 145.97 -2.97 -7.48
N ILE G 2817 146.70 -3.97 -7.99
CA ILE G 2817 148.03 -3.70 -8.55
C ILE G 2817 147.91 -2.83 -9.80
N ALA G 2818 146.93 -3.13 -10.66
CA ALA G 2818 146.83 -2.47 -11.95
C ALA G 2818 146.48 -0.99 -11.82
N TRP G 2819 145.67 -0.64 -10.82
CA TRP G 2819 145.20 0.74 -10.69
C TRP G 2819 146.33 1.65 -10.19
N GLU G 2820 147.38 1.74 -11.02
CA GLU G 2820 148.52 2.65 -10.84
C GLU G 2820 148.97 2.73 -9.37
N TRP G 2821 148.93 1.58 -8.68
CA TRP G 2821 149.31 1.52 -7.28
C TRP G 2821 150.47 0.55 -7.10
N THR G 2822 151.54 1.04 -6.49
CA THR G 2822 152.67 0.18 -6.14
C THR G 2822 152.41 -0.51 -4.81
N ILE G 2823 153.37 -1.32 -4.37
CA ILE G 2823 153.27 -2.07 -3.13
C ILE G 2823 154.57 -1.94 -2.35
N GLU G 2824 154.62 -0.99 -1.42
CA GLU G 2824 155.75 -0.86 -0.52
C GLU G 2824 155.29 -0.17 0.76
N LYS G 2825 155.22 -0.96 1.84
CA LYS G 2825 154.92 -0.44 3.17
C LYS G 2825 156.19 -0.42 4.00
N ALA G 2826 156.06 -0.14 5.29
CA ALA G 2826 157.21 -0.08 6.16
C ALA G 2826 157.87 -1.45 6.32
N ARG G 2827 157.07 -2.49 6.56
CA ARG G 2827 157.59 -3.83 6.81
C ARG G 2827 156.58 -4.89 6.39
N GLU G 2828 157.07 -6.11 6.18
CA GLU G 2828 156.21 -7.24 5.89
C GLU G 2828 155.49 -7.70 7.16
N GLY G 2829 154.22 -8.07 7.01
CA GLY G 2829 153.41 -8.60 8.10
C GLY G 2829 152.98 -10.01 7.81
N GLU G 2830 153.50 -10.95 8.61
CA GLU G 2830 153.24 -12.39 8.51
C GLU G 2830 152.91 -12.90 7.10
N TYR G 2855 129.72 -9.78 10.79
CA TYR G 2855 130.97 -9.66 10.05
C TYR G 2855 132.11 -9.21 10.95
N ASN G 2856 133.05 -10.13 11.21
CA ASN G 2856 134.21 -9.81 12.02
C ASN G 2856 135.35 -10.78 11.70
N PRO G 2857 136.55 -10.25 11.46
CA PRO G 2857 137.67 -11.12 11.09
C PRO G 2857 138.50 -11.52 12.31
N GLN G 2858 139.48 -12.38 12.08
CA GLN G 2858 140.44 -12.69 13.14
C GLN G 2858 141.36 -11.51 13.45
N PRO G 2859 142.01 -10.87 12.49
CA PRO G 2859 142.65 -9.58 12.78
C PRO G 2859 141.62 -8.47 12.70
N PRO G 2860 141.41 -7.73 13.78
CA PRO G 2860 140.26 -6.82 13.83
C PRO G 2860 140.43 -5.62 12.90
N ASP G 2861 139.72 -5.66 11.77
CA ASP G 2861 139.75 -4.56 10.82
C ASP G 2861 138.51 -3.70 11.02
N LEU G 2862 138.56 -2.81 12.00
CA LEU G 2862 137.39 -2.07 12.44
C LEU G 2862 137.63 -0.59 12.19
N SER G 2863 136.52 0.15 12.04
CA SER G 2863 136.60 1.59 11.82
C SER G 2863 137.28 2.29 13.01
N GLY G 2864 137.29 1.64 14.18
CA GLY G 2864 138.03 2.17 15.29
C GLY G 2864 139.51 2.32 15.00
N VAL G 2865 140.07 1.36 14.24
CA VAL G 2865 141.44 1.50 13.77
C VAL G 2865 141.53 2.69 12.82
N THR G 2866 142.57 3.49 12.99
CA THR G 2866 142.72 4.71 12.21
C THR G 2866 142.90 4.40 10.73
N LEU G 2867 142.37 5.28 9.88
CA LEU G 2867 142.48 5.16 8.44
C LEU G 2867 142.56 6.55 7.82
N SER G 2868 143.17 6.61 6.65
CA SER G 2868 143.37 7.89 5.98
C SER G 2868 142.21 8.22 5.05
N ARG G 2869 141.88 9.51 4.97
CA ARG G 2869 140.76 9.94 4.12
C ARG G 2869 141.04 9.65 2.65
N GLU G 2870 142.25 9.95 2.17
CA GLU G 2870 142.60 9.63 0.79
CA GLU G 2870 142.59 9.62 0.79
C GLU G 2870 142.65 8.12 0.58
N LEU G 2871 143.07 7.37 1.60
CA LEU G 2871 143.07 5.92 1.49
C LEU G 2871 141.65 5.40 1.30
N GLN G 2872 140.69 5.96 2.05
CA GLN G 2872 139.28 5.59 1.87
C GLN G 2872 138.78 6.03 0.50
N ALA G 2873 139.22 7.19 0.02
CA ALA G 2873 138.78 7.65 -1.30
C ALA G 2873 139.25 6.71 -2.40
N MET G 2874 140.51 6.28 -2.36
CA MET G 2874 141.00 5.36 -3.39
C MET G 2874 140.49 3.94 -3.14
N ALA G 2875 140.10 3.64 -1.91
CA ALA G 2875 139.38 2.39 -1.65
C ALA G 2875 138.02 2.40 -2.34
N GLU G 2876 137.30 3.52 -2.23
CA GLU G 2876 136.04 3.66 -2.96
C GLU G 2876 136.27 3.66 -4.45
N GLN G 2877 137.42 4.17 -4.90
CA GLN G 2877 137.76 4.11 -6.32
C GLN G 2877 137.94 2.66 -6.78
N LEU G 2878 138.66 1.85 -6.01
CA LEU G 2878 138.81 0.44 -6.36
C LEU G 2878 137.48 -0.30 -6.30
N ALA G 2879 136.64 0.05 -5.32
CA ALA G 2879 135.31 -0.54 -5.25
C ALA G 2879 134.46 -0.10 -6.44
N GLU G 2880 134.68 1.14 -6.91
CA GLU G 2880 133.98 1.61 -8.10
C GLU G 2880 134.42 0.84 -9.34
N ASN G 2881 135.71 0.49 -9.42
CA ASN G 2881 136.16 -0.33 -10.54
C ASN G 2881 135.60 -1.74 -10.43
N TYR G 2882 135.50 -2.27 -9.21
CA TYR G 2882 134.85 -3.57 -9.03
C TYR G 2882 133.40 -3.51 -9.47
N HIS G 2883 132.72 -2.41 -9.14
CA HIS G 2883 131.38 -2.17 -9.65
C HIS G 2883 131.38 -2.12 -11.17
N ASN G 2884 132.35 -1.42 -11.76
CA ASN G 2884 132.42 -1.31 -13.21
C ASN G 2884 132.53 -2.68 -13.85
N THR G 2885 133.43 -3.52 -13.35
CA THR G 2885 133.64 -4.83 -13.95
C THR G 2885 132.44 -5.75 -13.72
N TRP G 2886 131.93 -5.80 -12.49
CA TRP G 2886 130.82 -6.68 -12.18
C TRP G 2886 129.56 -6.28 -12.95
N GLY G 2887 129.17 -5.01 -12.85
CA GLY G 2887 128.02 -4.55 -13.61
C GLY G 2887 128.26 -4.61 -15.09
N ARG G 2888 129.53 -4.53 -15.50
CA ARG G 2888 129.85 -4.62 -16.92
C ARG G 2888 129.54 -6.00 -17.47
N LYS G 2889 130.09 -7.05 -16.84
CA LYS G 2889 129.80 -8.38 -17.37
C LYS G 2889 128.34 -8.73 -17.15
N LYS G 2890 127.73 -8.16 -16.11
CA LYS G 2890 126.30 -8.32 -15.91
C LYS G 2890 125.51 -7.74 -17.08
N LYS G 2891 125.86 -6.53 -17.53
CA LYS G 2891 125.16 -5.95 -18.67
C LYS G 2891 125.45 -6.71 -19.95
N GLN G 2892 126.69 -7.21 -20.12
CA GLN G 2892 126.98 -8.01 -21.32
C GLN G 2892 126.11 -9.25 -21.35
N GLU G 2893 125.92 -9.92 -20.21
CA GLU G 2893 124.97 -11.02 -20.17
C GLU G 2893 123.54 -10.54 -20.46
N LEU G 2894 123.17 -9.38 -19.93
CA LEU G 2894 121.77 -8.96 -19.96
C LEU G 2894 121.35 -8.42 -21.33
N GLU G 2895 122.30 -7.97 -22.15
CA GLU G 2895 121.91 -7.33 -23.41
C GLU G 2895 121.52 -8.36 -24.45
N ALA G 2896 121.98 -9.61 -24.27
CA ALA G 2896 121.57 -10.68 -25.19
C ALA G 2896 120.07 -10.86 -25.18
N LYS G 2897 119.43 -10.58 -24.03
CA LYS G 2897 117.97 -10.52 -23.99
C LYS G 2897 117.46 -9.35 -24.83
N GLY G 2898 118.18 -8.23 -24.82
CA GLY G 2898 117.78 -7.06 -25.57
C GLY G 2898 117.05 -5.99 -24.79
N GLY G 2899 117.01 -6.11 -23.47
CA GLY G 2899 116.31 -5.13 -22.66
C GLY G 2899 116.69 -5.27 -21.20
N GLY G 2900 115.88 -4.65 -20.35
CA GLY G 2900 116.10 -4.71 -18.92
C GLY G 2900 117.37 -4.00 -18.47
N THR G 2901 117.65 -2.83 -19.03
CA THR G 2901 118.77 -2.02 -18.56
C THR G 2901 118.52 -1.61 -17.12
N HIS G 2902 119.54 -1.81 -16.27
CA HIS G 2902 119.35 -1.59 -14.84
C HIS G 2902 119.34 -0.10 -14.52
N PRO G 2903 118.24 0.43 -13.99
CA PRO G 2903 118.27 1.83 -13.51
C PRO G 2903 119.24 2.02 -12.35
N LEU G 2904 119.40 1.00 -11.50
CA LEU G 2904 120.26 1.12 -10.34
C LEU G 2904 121.72 1.21 -10.74
N LEU G 2905 122.08 0.61 -11.87
CA LEU G 2905 123.48 0.61 -12.30
C LEU G 2905 123.83 1.94 -12.94
N VAL G 2906 124.51 2.79 -12.18
CA VAL G 2906 124.80 4.17 -12.57
C VAL G 2906 126.18 4.55 -12.05
N PRO G 2907 126.73 5.71 -12.40
CA PRO G 2907 128.01 6.12 -11.82
C PRO G 2907 127.95 6.21 -10.31
N TYR G 2908 129.12 6.03 -9.67
CA TYR G 2908 129.20 5.90 -8.22
C TYR G 2908 128.68 7.14 -7.51
N ASP G 2909 129.05 8.32 -8.00
CA ASP G 2909 128.60 9.56 -7.36
C ASP G 2909 127.08 9.69 -7.44
N THR G 2910 126.50 9.34 -8.59
CA THR G 2910 125.06 9.49 -8.76
C THR G 2910 124.29 8.58 -7.80
N LEU G 2911 124.70 7.32 -7.70
CA LEU G 2911 124.01 6.38 -6.83
C LEU G 2911 124.24 6.74 -5.36
N THR G 2912 123.22 6.50 -4.55
CA THR G 2912 123.24 6.94 -3.16
C THR G 2912 124.28 6.17 -2.36
N ALA G 2913 124.78 6.81 -1.29
CA ALA G 2913 125.83 6.20 -0.48
C ALA G 2913 125.35 4.93 0.21
N LYS G 2914 124.09 4.92 0.66
CA LYS G 2914 123.59 3.76 1.40
C LYS G 2914 123.53 2.52 0.50
N GLU G 2915 123.24 2.71 -0.78
CA GLU G 2915 123.33 1.59 -1.72
C GLU G 2915 124.77 1.11 -1.86
N LYS G 2916 125.72 2.05 -1.92
CA LYS G 2916 127.12 1.68 -2.05
C LYS G 2916 127.76 1.48 -0.69
N ALA G 2917 126.96 1.43 0.37
CA ALA G 2917 127.51 1.25 1.72
C ALA G 2917 128.26 -0.06 1.84
N ARG G 2918 127.69 -1.15 1.31
CA ARG G 2918 128.38 -2.44 1.38
C ARG G 2918 129.69 -2.41 0.59
N ASP G 2919 129.67 -1.80 -0.60
CA ASP G 2919 130.89 -1.71 -1.41
C ASP G 2919 131.97 -0.91 -0.69
N ARG G 2920 131.58 0.23 -0.10
CA ARG G 2920 132.54 1.07 0.60
C ARG G 2920 133.10 0.36 1.84
N GLU G 2921 132.23 -0.33 2.59
CA GLU G 2921 132.69 -1.06 3.77
C GLU G 2921 133.65 -2.16 3.37
N LYS G 2922 133.33 -2.91 2.31
CA LYS G 2922 134.24 -3.95 1.84
C LYS G 2922 135.57 -3.36 1.41
N ALA G 2923 135.53 -2.24 0.69
CA ALA G 2923 136.77 -1.60 0.25
C ALA G 2923 137.63 -1.15 1.42
N GLN G 2924 137.02 -0.50 2.41
CA GLN G 2924 137.78 -0.03 3.56
C GLN G 2924 138.35 -1.20 4.35
N GLU G 2925 137.56 -2.25 4.53
CA GLU G 2925 138.05 -3.45 5.23
C GLU G 2925 139.23 -4.06 4.48
N LEU G 2926 139.11 -4.22 3.16
CA LEU G 2926 140.19 -4.79 2.37
C LEU G 2926 141.45 -3.95 2.48
N LEU G 2927 141.31 -2.63 2.35
CA LEU G 2927 142.47 -1.76 2.41
C LEU G 2927 143.18 -1.82 3.77
N LYS G 2928 142.43 -1.72 4.87
CA LYS G 2928 143.09 -1.77 6.18
C LYS G 2928 143.69 -3.14 6.45
N PHE G 2929 142.96 -4.21 6.12
CA PHE G 2929 143.45 -5.56 6.34
C PHE G 2929 144.72 -5.82 5.54
N LEU G 2930 144.73 -5.40 4.28
CA LEU G 2930 145.88 -5.70 3.43
C LEU G 2930 147.03 -4.77 3.77
N GLN G 2931 146.72 -3.55 4.26
CA GLN G 2931 147.76 -2.68 4.79
C GLN G 2931 148.48 -3.34 5.95
N MET G 2932 147.73 -4.00 6.84
CA MET G 2932 148.38 -4.78 7.88
C MET G 2932 149.16 -5.94 7.25
N ASN G 2933 148.62 -6.53 6.18
CA ASN G 2933 149.24 -7.71 5.59
C ASN G 2933 150.63 -7.41 5.02
N GLY G 2934 150.76 -6.36 4.21
CA GLY G 2934 152.08 -5.96 3.76
C GLY G 2934 152.23 -5.47 2.32
N TYR G 2935 151.41 -5.92 1.38
CA TYR G 2935 151.61 -5.46 0.00
C TYR G 2935 150.31 -4.97 -0.63
N ALA G 2936 150.00 -3.69 -0.40
CA ALA G 2936 148.80 -3.06 -0.91
C ALA G 2936 149.13 -1.69 -1.47
N VAL G 2937 148.09 -0.91 -1.77
CA VAL G 2937 148.23 0.44 -2.29
C VAL G 2937 148.48 1.37 -1.11
N THR G 2938 149.50 2.23 -1.24
CA THR G 2938 149.80 3.26 -0.27
C THR G 2938 150.44 4.43 -0.99
N ARG G 2939 150.04 5.65 -0.62
CA ARG G 2939 150.56 6.85 -1.23
C ARG G 2939 152.01 7.08 -0.80
N LEU G 2946 142.83 17.32 -4.06
CA LEU G 2946 144.12 16.96 -3.49
C LEU G 2946 144.78 18.16 -2.81
N ASP G 2947 144.85 18.11 -1.48
CA ASP G 2947 145.46 19.17 -0.67
C ASP G 2947 144.71 20.49 -0.80
N THR G 2948 143.54 20.45 -1.43
CA THR G 2948 142.73 21.65 -1.57
C THR G 2948 142.22 22.13 -0.22
N SER G 2949 142.19 23.44 -0.05
CA SER G 2949 141.75 24.02 1.21
C SER G 2949 140.30 23.65 1.48
N SER G 2950 140.00 23.41 2.77
CA SER G 2950 138.62 23.12 3.15
C SER G 2950 137.69 24.26 2.78
N ILE G 2951 138.23 25.47 2.66
CA ILE G 2951 137.41 26.63 2.35
C ILE G 2951 137.20 26.73 0.85
N GLU G 2952 138.18 26.28 0.06
CA GLU G 2952 138.09 26.43 -1.39
C GLU G 2952 137.02 25.52 -1.98
N LYS G 2953 136.81 24.35 -1.37
CA LYS G 2953 135.83 23.43 -1.93
C LYS G 2953 134.41 23.84 -1.58
N ARG G 2954 134.23 25.03 -1.01
CA ARG G 2954 132.89 25.60 -0.91
C ARG G 2954 132.35 25.86 -2.31
N PHE G 2955 131.03 25.73 -2.46
CA PHE G 2955 130.41 25.99 -3.74
C PHE G 2955 130.63 27.44 -4.16
N ALA G 2956 130.58 28.37 -3.21
CA ALA G 2956 130.86 29.75 -3.53
C ALA G 2956 132.28 29.93 -4.04
N PHE G 2957 133.25 29.34 -3.35
CA PHE G 2957 134.64 29.48 -3.78
C PHE G 2957 134.84 28.88 -5.16
N GLY G 2958 134.24 27.72 -5.42
CA GLY G 2958 134.33 27.13 -6.74
C GLY G 2958 133.70 28.00 -7.81
N PHE G 2959 132.52 28.54 -7.52
CA PHE G 2959 131.86 29.41 -8.47
C PHE G 2959 132.68 30.65 -8.75
N LEU G 2960 133.42 31.14 -7.75
CA LEU G 2960 134.21 32.34 -7.97
C LEU G 2960 135.54 32.03 -8.65
N GLN G 2961 136.10 30.84 -8.48
CA GLN G 2961 137.21 30.48 -9.35
C GLN G 2961 136.75 30.36 -10.79
N GLN G 2962 135.60 29.73 -11.01
CA GLN G 2962 135.03 29.70 -12.35
C GLN G 2962 134.72 31.11 -12.82
N LEU G 2963 134.40 32.01 -11.90
CA LEU G 2963 134.10 33.39 -12.28
C LEU G 2963 135.36 34.15 -12.64
N LEU G 2964 136.48 33.84 -11.97
CA LEU G 2964 137.75 34.45 -12.36
C LEU G 2964 138.20 33.94 -13.73
N ARG G 2965 137.93 32.67 -14.03
CA ARG G 2965 138.23 32.19 -15.38
C ARG G 2965 137.28 32.82 -16.39
N TRP G 2966 136.01 32.99 -16.01
CA TRP G 2966 135.10 33.80 -16.81
C TRP G 2966 135.63 35.21 -16.95
N MET G 2967 136.41 35.68 -15.98
CA MET G 2967 136.86 37.06 -16.00
C MET G 2967 138.08 37.21 -16.89
N ASP G 2968 138.91 36.18 -16.96
CA ASP G 2968 139.94 36.14 -17.99
C ASP G 2968 139.29 36.13 -19.38
N ILE G 2969 138.23 35.32 -19.53
CA ILE G 2969 137.44 35.39 -20.76
C ILE G 2969 136.87 36.79 -20.94
N SER G 2970 136.53 37.45 -19.83
CA SER G 2970 136.00 38.80 -19.90
C SER G 2970 137.02 39.76 -20.47
N GLN G 2971 138.24 39.73 -19.95
CA GLN G 2971 139.28 40.60 -20.45
C GLN G 2971 139.55 40.33 -21.92
N GLU G 2972 139.59 39.06 -22.31
CA GLU G 2972 139.92 38.79 -23.71
C GLU G 2972 138.81 39.25 -24.64
N PHE G 2973 137.54 39.03 -24.28
CA PHE G 2973 136.53 39.42 -25.27
C PHE G 2973 136.35 40.93 -25.28
N ILE G 2974 136.59 41.60 -24.15
CA ILE G 2974 136.49 43.05 -24.18
C ILE G 2974 137.62 43.63 -25.01
N ALA G 2975 138.82 43.04 -24.92
CA ALA G 2975 139.90 43.46 -25.80
C ALA G 2975 139.51 43.27 -27.26
N HIS G 2976 138.99 42.09 -27.59
CA HIS G 2976 138.57 41.82 -28.96
C HIS G 2976 137.47 42.77 -29.42
N LEU G 2977 136.50 43.03 -28.55
CA LEU G 2977 135.35 43.85 -28.91
C LEU G 2977 135.77 45.30 -29.10
N GLU G 2978 136.62 45.83 -28.23
CA GLU G 2978 137.15 47.17 -28.45
C GLU G 2978 137.94 47.25 -29.74
N ALA G 2979 138.74 46.21 -30.04
CA ALA G 2979 139.48 46.22 -31.29
C ALA G 2979 138.55 46.28 -32.50
N VAL G 2980 137.54 45.41 -32.52
CA VAL G 2980 136.66 45.33 -33.69
C VAL G 2980 135.78 46.57 -33.78
N VAL G 2981 135.43 47.17 -32.64
CA VAL G 2981 134.65 48.39 -32.66
C VAL G 2981 135.49 49.55 -33.19
N SER G 2982 136.73 49.64 -32.74
CA SER G 2982 137.61 50.70 -33.21
C SER G 2982 137.88 50.58 -34.70
N SER G 2983 138.13 49.37 -35.18
CA SER G 2983 138.43 49.19 -36.60
C SER G 2983 138.16 47.75 -37.01
N GLY G 2984 137.50 47.59 -38.16
CA GLY G 2984 137.32 46.30 -38.76
C GLY G 2984 136.49 45.34 -37.93
N ARG G 2985 135.19 45.62 -37.81
CA ARG G 2985 134.31 44.72 -37.06
C ARG G 2985 134.29 43.35 -37.69
N VAL G 2986 134.43 42.31 -36.86
CA VAL G 2986 134.54 40.95 -37.36
C VAL G 2986 133.15 40.36 -37.53
N GLU G 2987 132.91 39.72 -38.68
CA GLU G 2987 131.65 39.03 -38.88
C GLU G 2987 131.60 37.73 -38.11
N LYS G 2988 132.75 37.06 -37.98
CA LYS G 2988 132.79 35.81 -37.22
C LYS G 2988 132.44 36.04 -35.76
N SER G 2989 133.10 36.98 -35.10
CA SER G 2989 132.91 37.26 -33.68
C SER G 2989 133.00 35.98 -32.87
N PRO G 2990 134.16 35.32 -32.84
CA PRO G 2990 134.26 34.05 -32.10
C PRO G 2990 134.02 34.22 -30.62
N HIS G 2991 134.24 35.42 -30.09
CA HIS G 2991 134.02 35.66 -28.67
C HIS G 2991 132.54 35.79 -28.35
N GLU G 2992 131.69 35.89 -29.38
CA GLU G 2992 130.31 36.33 -29.18
C GLU G 2992 129.50 35.30 -28.40
N GLN G 2993 129.79 34.02 -28.57
CA GLN G 2993 129.06 33.00 -27.83
C GLN G 2993 129.30 33.17 -26.33
N GLU G 2994 130.56 33.33 -25.93
CA GLU G 2994 130.86 33.59 -24.53
C GLU G 2994 130.33 34.96 -24.11
N ILE G 2995 130.26 35.89 -25.06
CA ILE G 2995 129.69 37.21 -24.79
C ILE G 2995 128.26 37.06 -24.31
N LYS G 2996 127.47 36.30 -25.06
CA LYS G 2996 126.08 36.07 -24.70
C LYS G 2996 125.98 35.26 -23.42
N PHE G 2997 126.80 34.22 -23.29
CA PHE G 2997 126.76 33.37 -22.11
C PHE G 2997 127.11 34.15 -20.85
N PHE G 2998 127.86 35.24 -21.01
CA PHE G 2998 128.18 36.07 -19.86
C PHE G 2998 127.10 37.11 -19.62
N ALA G 2999 126.83 37.94 -20.61
CA ALA G 2999 125.92 39.07 -20.43
C ALA G 2999 124.50 38.60 -20.17
N LYS G 3000 123.96 37.74 -21.03
CA LYS G 3000 122.56 37.37 -20.91
C LYS G 3000 122.36 36.28 -19.86
N ILE G 3001 123.41 35.53 -19.54
CA ILE G 3001 123.29 34.39 -18.64
C ILE G 3001 124.10 34.58 -17.36
N LEU G 3002 125.42 34.77 -17.49
CA LEU G 3002 126.26 34.84 -16.30
C LEU G 3002 125.99 36.10 -15.50
N LEU G 3003 125.67 37.21 -16.17
CA LEU G 3003 125.32 38.41 -15.43
C LEU G 3003 124.07 38.22 -14.59
N PRO G 3004 122.94 37.73 -15.12
CA PRO G 3004 121.81 37.41 -14.24
C PRO G 3004 122.14 36.36 -13.20
N LEU G 3005 123.00 35.41 -13.55
CA LEU G 3005 123.46 34.41 -12.58
C LEU G 3005 124.08 35.08 -11.37
N ILE G 3006 125.06 35.94 -11.60
CA ILE G 3006 125.71 36.68 -10.51
C ILE G 3006 124.67 37.51 -9.78
N ASN G 3007 123.77 38.15 -10.53
CA ASN G 3007 122.75 38.99 -9.93
C ASN G 3007 121.95 38.23 -8.87
N GLN G 3008 121.25 37.17 -9.29
CA GLN G 3008 120.36 36.49 -8.35
C GLN G 3008 121.16 35.73 -7.31
N TYR G 3009 122.34 35.21 -7.67
CA TYR G 3009 123.14 34.46 -6.72
C TYR G 3009 123.58 35.36 -5.57
N PHE G 3010 124.15 36.52 -5.88
CA PHE G 3010 124.56 37.44 -4.83
C PHE G 3010 123.34 38.02 -4.13
N THR G 3011 122.22 38.12 -4.84
CA THR G 3011 120.99 38.58 -4.20
C THR G 3011 120.59 37.65 -3.07
N ASN G 3012 120.62 36.34 -3.33
CA ASN G 3012 120.20 35.38 -2.31
C ASN G 3012 121.20 35.31 -1.16
N HIS G 3013 122.47 35.55 -1.46
CA HIS G 3013 123.55 35.25 -0.52
C HIS G 3013 124.34 36.48 -0.08
N CYS G 3014 123.80 37.68 -0.29
CA CYS G 3014 124.46 38.89 0.18
C CYS G 3014 124.69 38.83 1.69
N LEU G 3015 123.69 38.34 2.43
CA LEU G 3015 123.83 38.25 3.88
C LEU G 3015 124.93 37.29 4.27
N TYR G 3016 125.02 36.14 3.60
CA TYR G 3016 126.06 35.18 3.93
C TYR G 3016 127.43 35.74 3.60
N PHE G 3017 127.54 36.46 2.49
CA PHE G 3017 128.80 37.15 2.19
C PHE G 3017 129.13 38.16 3.28
N LEU G 3018 128.12 38.87 3.78
CA LEU G 3018 128.37 39.92 4.77
C LEU G 3018 128.71 39.36 6.14
N SER G 3019 128.29 38.12 6.41
CA SER G 3019 128.44 37.55 7.75
C SER G 3019 129.90 37.52 8.19
N THR G 3020 130.13 37.80 9.46
CA THR G 3020 131.44 37.86 10.07
C THR G 3020 131.51 36.89 11.23
N PRO G 3021 132.70 36.36 11.55
CA PRO G 3021 132.78 35.43 12.68
C PRO G 3021 132.32 36.05 13.99
N ALA G 3022 132.64 37.33 14.21
CA ALA G 3022 132.17 38.00 15.41
C ALA G 3022 130.66 38.19 15.37
N LYS G 3023 130.15 38.68 14.25
CA LYS G 3023 128.71 38.87 14.06
C LYS G 3023 128.37 38.39 12.67
N VAL G 3024 127.70 37.26 12.58
CA VAL G 3024 127.17 36.76 11.31
C VAL G 3024 125.91 37.55 11.00
N LEU G 3025 126.00 38.40 9.98
CA LEU G 3025 124.82 39.17 9.57
C LEU G 3025 123.82 38.27 8.86
N GLY G 3026 124.31 37.32 8.08
CA GLY G 3026 123.44 36.27 7.56
C GLY G 3026 123.08 35.27 8.63
N SER G 3027 122.11 34.41 8.31
CA SER G 3027 121.67 33.41 9.28
C SER G 3027 122.77 32.40 9.56
N GLY G 3028 123.39 31.87 8.52
CA GLY G 3028 124.46 30.90 8.69
C GLY G 3028 125.51 30.96 7.62
N GLY G 3029 126.75 30.63 7.96
CA GLY G 3029 127.80 30.58 6.97
C GLY G 3029 128.53 31.90 6.83
N HIS G 3030 129.86 31.82 6.79
CA HIS G 3030 130.72 32.97 6.58
C HIS G 3030 131.48 32.82 5.28
N ALA G 3031 131.35 33.81 4.40
CA ALA G 3031 132.18 33.85 3.20
C ALA G 3031 133.59 34.30 3.57
N SER G 3032 134.57 33.46 3.23
CA SER G 3032 135.93 33.66 3.69
C SER G 3032 136.46 35.03 3.28
N ASN G 3033 137.51 35.48 3.98
CA ASN G 3033 138.08 36.79 3.67
C ASN G 3033 138.65 36.83 2.27
N LYS G 3034 139.39 35.79 1.88
CA LYS G 3034 139.95 35.74 0.53
C LYS G 3034 138.84 35.68 -0.51
N GLU G 3035 137.77 34.94 -0.20
CA GLU G 3035 136.63 34.88 -1.10
C GLU G 3035 136.02 36.27 -1.26
N LYS G 3036 135.87 37.00 -0.16
CA LYS G 3036 135.37 38.36 -0.21
C LYS G 3036 136.28 39.24 -1.05
N GLU G 3037 137.59 39.03 -0.92
CA GLU G 3037 138.55 39.82 -1.69
C GLU G 3037 138.39 39.56 -3.19
N MET G 3038 138.17 38.30 -3.58
CA MET G 3038 138.00 38.07 -5.01
C MET G 3038 136.66 38.60 -5.50
N ILE G 3039 135.64 38.61 -4.64
CA ILE G 3039 134.40 39.29 -5.02
C ILE G 3039 134.66 40.78 -5.25
N THR G 3040 135.46 41.39 -4.38
CA THR G 3040 135.80 42.80 -4.57
C THR G 3040 136.56 43.01 -5.87
N SER G 3041 137.51 42.12 -6.16
CA SER G 3041 138.25 42.20 -7.41
C SER G 3041 137.32 42.06 -8.59
N LEU G 3042 136.31 41.21 -8.47
CA LEU G 3042 135.34 41.04 -9.54
C LEU G 3042 134.50 42.29 -9.73
N PHE G 3043 134.17 42.97 -8.63
CA PHE G 3043 133.49 44.26 -8.74
C PHE G 3043 134.35 45.26 -9.49
N CYS G 3044 135.63 45.33 -9.14
CA CYS G 3044 136.54 46.23 -9.85
C CYS G 3044 136.64 45.85 -11.32
N LYS G 3045 136.68 44.55 -11.62
CA LYS G 3045 136.79 44.10 -12.99
C LYS G 3045 135.54 44.44 -13.79
N LEU G 3046 134.36 44.28 -13.19
CA LEU G 3046 133.14 44.73 -13.84
C LEU G 3046 133.16 46.23 -14.09
N ALA G 3047 133.70 47.00 -13.15
CA ALA G 3047 133.84 48.43 -13.38
C ALA G 3047 134.73 48.70 -14.59
N ALA G 3048 135.86 48.00 -14.67
CA ALA G 3048 136.76 48.18 -15.81
C ALA G 3048 136.09 47.76 -17.11
N LEU G 3049 135.25 46.72 -17.05
CA LEU G 3049 134.55 46.27 -18.25
C LEU G 3049 133.52 47.29 -18.71
N VAL G 3050 132.74 47.83 -17.78
CA VAL G 3050 131.71 48.79 -18.17
C VAL G 3050 132.35 50.12 -18.56
N ARG G 3051 133.62 50.29 -18.20
CA ARG G 3051 134.33 51.51 -18.56
C ARG G 3051 134.29 51.69 -20.07
N HIS G 3052 133.59 52.75 -20.51
CA HIS G 3052 133.22 52.94 -21.92
C HIS G 3052 132.64 51.69 -22.56
N ARG G 3053 131.50 51.20 -22.06
CA ARG G 3053 130.90 49.99 -22.60
C ARG G 3053 129.38 50.08 -22.71
N VAL G 3054 128.78 51.23 -22.38
CA VAL G 3054 127.33 51.32 -22.39
C VAL G 3054 126.79 51.12 -23.80
N SER G 3055 127.38 51.78 -24.79
CA SER G 3055 126.94 51.60 -26.17
C SER G 3055 127.19 50.17 -26.64
N LEU G 3056 128.34 49.60 -26.28
CA LEU G 3056 128.69 48.28 -26.76
C LEU G 3056 127.78 47.21 -26.17
N PHE G 3057 127.57 47.23 -24.86
CA PHE G 3057 126.69 46.26 -24.23
C PHE G 3057 125.24 46.49 -24.63
N GLY G 3058 124.83 47.75 -24.73
CA GLY G 3058 123.47 48.03 -25.14
C GLY G 3058 122.46 47.59 -24.09
N THR G 3059 121.71 46.55 -24.42
CA THR G 3059 120.61 46.11 -23.57
C THR G 3059 121.10 45.61 -22.23
N ASP G 3060 122.32 45.08 -22.19
CA ASP G 3060 122.78 44.41 -20.97
C ASP G 3060 123.34 45.40 -19.95
N ALA G 3061 123.54 46.66 -20.35
CA ALA G 3061 124.09 47.64 -19.43
C ALA G 3061 123.27 47.81 -18.15
N PRO G 3062 121.93 47.86 -18.19
CA PRO G 3062 121.19 47.85 -16.92
C PRO G 3062 121.49 46.64 -16.07
N ALA G 3063 121.59 45.46 -16.68
CA ALA G 3063 121.95 44.28 -15.92
C ALA G 3063 123.32 44.46 -15.27
N VAL G 3064 124.26 45.05 -16.00
CA VAL G 3064 125.59 45.29 -15.45
C VAL G 3064 125.50 46.20 -14.23
N VAL G 3065 124.72 47.27 -14.34
CA VAL G 3065 124.70 48.23 -13.23
C VAL G 3065 124.01 47.61 -12.01
N ASN G 3066 122.96 46.82 -12.21
CA ASN G 3066 122.35 46.14 -11.08
C ASN G 3066 123.31 45.14 -10.45
N CYS G 3067 124.06 44.41 -11.28
CA CYS G 3067 125.04 43.48 -10.73
C CYS G 3067 126.09 44.22 -9.92
N LEU G 3068 126.53 45.38 -10.40
CA LEU G 3068 127.47 46.17 -9.62
C LEU G 3068 126.86 46.62 -8.30
N HIS G 3069 125.58 46.98 -8.32
CA HIS G 3069 124.92 47.36 -7.07
C HIS G 3069 124.92 46.21 -6.06
N ILE G 3070 124.52 45.03 -6.52
CA ILE G 3070 124.49 43.87 -5.63
C ILE G 3070 125.91 43.54 -5.16
N LEU G 3071 126.88 43.70 -6.06
CA LEU G 3071 128.28 43.46 -5.70
C LEU G 3071 128.73 44.39 -4.59
N ALA G 3072 128.38 45.67 -4.70
CA ALA G 3072 128.72 46.62 -3.65
C ALA G 3072 128.04 46.26 -2.34
N ARG G 3073 126.78 45.82 -2.41
CA ARG G 3073 126.06 45.50 -1.18
C ARG G 3073 126.61 44.23 -0.53
N SER G 3074 127.20 43.34 -1.32
CA SER G 3074 127.58 42.03 -0.79
C SER G 3074 128.81 42.09 0.09
N LEU G 3075 129.71 43.04 -0.18
CA LEU G 3075 131.07 42.96 0.35
C LEU G 3075 131.17 43.48 1.78
N ASP G 3076 132.18 43.02 2.50
CA ASP G 3076 132.52 43.53 3.83
C ASP G 3076 133.80 44.34 3.69
N ALA G 3077 133.63 45.65 3.49
CA ALA G 3077 134.74 46.49 3.05
C ALA G 3077 135.74 46.74 4.17
N ARG G 3078 135.29 46.73 5.44
CA ARG G 3078 136.25 46.86 6.53
C ARG G 3078 137.19 45.67 6.57
N THR G 3079 136.65 44.45 6.49
CA THR G 3079 137.53 43.30 6.38
C THR G 3079 138.40 43.41 5.14
N VAL G 3080 137.85 43.98 4.07
CA VAL G 3080 138.59 44.10 2.82
C VAL G 3080 139.85 44.94 3.02
N MET G 3081 139.71 46.15 3.58
CA MET G 3081 140.88 47.01 3.65
C MET G 3081 141.76 46.63 4.84
N LYS G 3082 141.20 45.94 5.83
CA LYS G 3082 142.02 45.46 6.93
C LYS G 3082 142.95 44.34 6.47
N SER G 3083 142.41 43.35 5.75
CA SER G 3083 143.17 42.19 5.32
C SER G 3083 142.80 41.89 3.87
N GLY G 3084 143.60 42.42 2.94
CA GLY G 3084 143.39 42.17 1.53
C GLY G 3084 144.68 42.08 0.76
N PRO G 3085 144.68 41.30 -0.31
CA PRO G 3085 145.84 41.30 -1.22
C PRO G 3085 146.02 42.66 -1.84
N GLU G 3086 147.25 43.17 -1.77
CA GLU G 3086 147.52 44.54 -2.20
C GLU G 3086 147.11 44.74 -3.65
N ILE G 3087 147.13 43.68 -4.45
CA ILE G 3087 146.64 43.78 -5.82
C ILE G 3087 145.16 44.17 -5.83
N VAL G 3088 144.35 43.48 -5.01
CA VAL G 3088 142.92 43.79 -4.98
C VAL G 3088 142.68 45.16 -4.37
N LYS G 3089 143.44 45.49 -3.32
CA LYS G 3089 143.29 46.81 -2.71
C LYS G 3089 143.62 47.91 -3.71
N ALA G 3090 144.69 47.72 -4.50
CA ALA G 3090 145.05 48.70 -5.50
C ALA G 3090 144.04 48.76 -6.63
N GLY G 3091 143.43 47.62 -6.96
CA GLY G 3091 142.37 47.64 -7.95
C GLY G 3091 141.17 48.47 -7.49
N LEU G 3092 140.76 48.28 -6.24
CA LEU G 3092 139.66 49.07 -5.69
C LEU G 3092 140.05 50.54 -5.60
N ARG G 3093 141.29 50.82 -5.20
CA ARG G 3093 141.81 52.18 -5.21
C ARG G 3093 141.68 52.81 -6.59
N SER G 3094 142.18 52.11 -7.61
CA SER G 3094 142.15 52.63 -8.97
C SER G 3094 140.70 52.79 -9.46
N PHE G 3095 139.80 51.94 -8.95
CA PHE G 3095 138.39 52.13 -9.27
C PHE G 3095 137.89 53.47 -8.74
N PHE G 3096 138.17 53.76 -7.47
CA PHE G 3096 137.84 55.10 -6.95
C PHE G 3096 138.48 56.19 -7.78
N GLU G 3097 139.76 56.04 -8.11
CA GLU G 3097 140.47 57.11 -8.82
C GLU G 3097 139.88 57.33 -10.20
N SER G 3098 139.58 56.25 -10.92
CA SER G 3098 138.97 56.38 -12.23
C SER G 3098 137.61 57.05 -12.13
N ALA G 3099 136.82 56.68 -11.11
CA ALA G 3099 135.56 57.36 -10.90
C ALA G 3099 135.76 58.85 -10.68
N SER G 3100 136.76 59.21 -9.89
CA SER G 3100 137.02 60.62 -9.59
C SER G 3100 137.45 61.36 -10.86
N GLU G 3101 138.30 60.75 -11.68
CA GLU G 3101 138.67 61.36 -12.95
C GLU G 3101 137.45 61.57 -13.82
N ASP G 3102 136.55 60.58 -13.84
CA ASP G 3102 135.30 60.75 -14.56
C ASP G 3102 134.54 61.96 -14.04
N ILE G 3103 134.47 62.10 -12.72
CA ILE G 3103 133.74 63.21 -12.13
C ILE G 3103 134.33 64.55 -12.58
N GLU G 3104 135.66 64.64 -12.57
CA GLU G 3104 136.29 65.87 -13.06
C GLU G 3104 136.01 66.08 -14.55
N LYS G 3105 135.84 64.99 -15.30
CA LYS G 3105 135.44 65.14 -16.70
C LYS G 3105 134.04 65.74 -16.81
N MET G 3106 133.09 65.26 -16.00
CA MET G 3106 131.82 65.98 -15.87
C MET G 3106 132.03 67.44 -15.54
N VAL G 3107 132.99 67.75 -14.67
CA VAL G 3107 133.21 69.16 -14.34
C VAL G 3107 133.60 69.94 -15.59
N GLU G 3108 134.61 69.47 -16.32
CA GLU G 3108 135.08 70.24 -17.46
C GLU G 3108 134.03 70.32 -18.55
N ASN G 3109 133.14 69.33 -18.63
CA ASN G 3109 132.00 69.45 -19.53
C ASN G 3109 131.02 70.50 -19.02
N LEU G 3110 130.78 70.54 -17.71
CA LEU G 3110 129.79 71.45 -17.16
C LEU G 3110 130.31 72.88 -17.11
N ARG G 3111 131.58 73.09 -17.45
CA ARG G 3111 132.01 74.45 -17.77
C ARG G 3111 131.39 74.93 -19.08
N LEU G 3112 130.92 74.01 -19.90
CA LEU G 3112 130.29 74.25 -21.20
C LEU G 3112 131.14 75.07 -22.16
N GLY G 3113 132.44 74.83 -22.25
CA GLY G 3113 133.19 75.33 -23.39
C GLY G 3113 132.65 74.77 -24.69
N LYS G 3114 132.26 73.50 -24.68
CA LYS G 3114 131.62 72.87 -25.83
C LYS G 3114 130.28 72.31 -25.40
N VAL G 3115 129.38 72.14 -26.37
CA VAL G 3115 127.95 71.93 -26.08
C VAL G 3115 127.76 70.75 -25.13
N SER G 3116 128.44 69.64 -25.39
CA SER G 3116 128.37 68.44 -24.55
C SER G 3116 126.93 67.95 -24.38
N LYS G 3123 130.68 64.37 -28.53
CA LYS G 3123 130.30 63.10 -29.11
C LYS G 3123 130.73 62.00 -28.13
N GLY G 3124 132.04 61.75 -28.06
CA GLY G 3124 132.54 60.76 -27.11
C GLY G 3124 132.40 61.21 -25.67
N VAL G 3125 132.61 62.50 -25.43
CA VAL G 3125 132.48 63.02 -24.08
C VAL G 3125 131.02 62.97 -23.64
N GLY G 3126 130.09 63.20 -24.57
CA GLY G 3126 128.68 63.09 -24.24
C GLY G 3126 128.27 61.67 -23.87
N GLN G 3127 128.74 60.70 -24.65
CA GLN G 3127 128.42 59.31 -24.31
C GLN G 3127 129.08 58.91 -23.01
N ASN G 3128 130.29 59.43 -22.73
CA ASN G 3128 130.92 59.18 -21.45
C ASN G 3128 130.11 59.79 -20.30
N LEU G 3129 129.59 60.99 -20.50
CA LEU G 3129 128.81 61.63 -19.45
C LEU G 3129 127.54 60.84 -19.17
N THR G 3130 126.85 60.43 -20.23
CA THR G 3130 125.67 59.60 -20.05
C THR G 3130 126.03 58.30 -19.35
N TYR G 3131 127.14 57.67 -19.75
CA TYR G 3131 127.58 56.42 -19.16
C TYR G 3131 127.87 56.57 -17.68
N THR G 3132 128.56 57.64 -17.31
CA THR G 3132 128.80 57.91 -15.90
C THR G 3132 127.49 58.10 -15.15
N THR G 3133 126.52 58.77 -15.78
CA THR G 3133 125.29 59.09 -15.08
C THR G 3133 124.33 57.89 -15.02
N VAL G 3134 124.57 56.86 -15.84
CA VAL G 3134 123.70 55.69 -15.77
C VAL G 3134 124.40 54.57 -15.02
N ALA G 3135 125.72 54.51 -15.10
CA ALA G 3135 126.46 53.46 -14.43
C ALA G 3135 127.31 53.98 -13.28
N LEU G 3136 128.22 54.91 -13.54
CA LEU G 3136 129.17 55.30 -12.50
C LEU G 3136 128.48 56.01 -11.34
N LEU G 3137 127.65 57.01 -11.65
CA LEU G 3137 126.95 57.69 -10.57
C LEU G 3137 126.07 56.74 -9.77
N PRO G 3138 125.27 55.86 -10.39
CA PRO G 3138 124.51 54.89 -9.58
C PRO G 3138 125.38 53.96 -8.76
N VAL G 3139 126.51 53.49 -9.28
CA VAL G 3139 127.30 52.54 -8.51
C VAL G 3139 128.00 53.25 -7.35
N LEU G 3140 128.43 54.50 -7.57
CA LEU G 3140 128.96 55.27 -6.45
C LEU G 3140 127.90 55.49 -5.39
N THR G 3141 126.67 55.79 -5.80
CA THR G 3141 125.60 55.92 -4.81
C THR G 3141 125.42 54.61 -4.05
N THR G 3142 125.49 53.49 -4.76
CA THR G 3142 125.33 52.19 -4.12
C THR G 3142 126.41 51.98 -3.06
N LEU G 3143 127.66 52.25 -3.43
CA LEU G 3143 128.74 52.16 -2.45
C LEU G 3143 128.48 53.10 -1.28
N PHE G 3144 127.95 54.29 -1.57
CA PHE G 3144 127.71 55.24 -0.49
C PHE G 3144 126.72 54.69 0.52
N GLN G 3145 125.55 54.22 0.07
CA GLN G 3145 124.60 53.73 1.08
C GLN G 3145 125.11 52.48 1.74
N HIS G 3146 125.79 51.60 1.00
CA HIS G 3146 126.26 50.36 1.59
C HIS G 3146 127.28 50.64 2.69
N ILE G 3147 128.31 51.43 2.37
CA ILE G 3147 129.27 51.88 3.38
C ILE G 3147 128.56 52.62 4.51
N ALA G 3148 127.50 53.36 4.19
CA ALA G 3148 126.86 54.19 5.20
C ALA G 3148 126.15 53.36 6.26
N GLN G 3149 125.16 52.57 5.84
CA GLN G 3149 124.41 51.80 6.83
C GLN G 3149 125.28 50.70 7.43
N HIS G 3150 126.24 50.19 6.66
CA HIS G 3150 127.20 49.27 7.26
C HIS G 3150 128.26 50.02 8.06
N GLN G 3151 128.30 51.34 7.94
CA GLN G 3151 129.26 52.21 8.61
C GLN G 3151 130.69 51.83 8.27
N PHE G 3152 130.95 51.34 7.06
CA PHE G 3152 132.29 50.94 6.68
C PHE G 3152 133.19 52.15 6.44
N GLY G 3153 132.61 53.35 6.40
CA GLY G 3153 133.34 54.50 5.89
C GLY G 3153 134.60 54.82 6.67
N ASP G 3154 134.51 54.79 8.00
CA ASP G 3154 135.68 55.11 8.81
C ASP G 3154 136.82 54.14 8.53
N ASP G 3155 136.51 52.85 8.43
CA ASP G 3155 137.54 51.86 8.17
C ASP G 3155 138.09 52.00 6.76
N VAL G 3156 137.24 52.30 5.79
CA VAL G 3156 137.62 52.17 4.39
C VAL G 3156 138.28 53.45 3.89
N ILE G 3157 137.58 54.57 4.01
CA ILE G 3157 138.03 55.83 3.44
C ILE G 3157 138.98 56.47 4.43
N LEU G 3158 140.28 56.34 4.19
CA LEU G 3158 141.27 56.98 5.05
C LEU G 3158 142.08 58.05 4.35
N ASP G 3159 142.81 57.71 3.29
CA ASP G 3159 143.57 58.73 2.58
C ASP G 3159 143.22 58.79 1.10
N ASP G 3160 143.36 57.67 0.40
CA ASP G 3160 143.17 57.66 -1.05
C ASP G 3160 141.70 57.82 -1.40
N VAL G 3161 140.83 57.06 -0.74
CA VAL G 3161 139.41 57.29 -0.91
C VAL G 3161 139.06 58.68 -0.42
N GLN G 3162 139.74 59.15 0.62
CA GLN G 3162 139.47 60.49 1.13
C GLN G 3162 139.85 61.57 0.12
N VAL G 3163 141.01 61.43 -0.52
CA VAL G 3163 141.40 62.45 -1.49
C VAL G 3163 140.51 62.39 -2.71
N SER G 3164 140.12 61.18 -3.13
CA SER G 3164 139.18 61.08 -4.24
C SER G 3164 137.85 61.73 -3.88
N CYS G 3165 137.37 61.51 -2.67
CA CYS G 3165 136.11 62.12 -2.24
C CYS G 3165 136.23 63.63 -2.14
N TYR G 3166 137.40 64.13 -1.74
CA TYR G 3166 137.61 65.57 -1.69
C TYR G 3166 137.59 66.17 -3.09
N ARG G 3167 138.22 65.48 -4.05
CA ARG G 3167 138.11 65.90 -5.44
C ARG G 3167 136.67 65.92 -5.89
N THR G 3168 135.91 64.89 -5.53
CA THR G 3168 134.50 64.84 -5.87
C THR G 3168 133.72 65.98 -5.24
N LEU G 3169 134.07 66.35 -4.01
CA LEU G 3169 133.36 67.41 -3.31
C LEU G 3169 133.63 68.76 -3.97
N CYS G 3170 134.90 69.05 -4.24
CA CYS G 3170 135.22 70.28 -4.97
C CYS G 3170 134.54 70.29 -6.33
N SER G 3171 134.47 69.11 -6.97
CA SER G 3171 133.77 68.99 -8.24
C SER G 3171 132.31 69.39 -8.11
N ILE G 3172 131.56 68.70 -7.25
CA ILE G 3172 130.13 68.93 -7.17
C ILE G 3172 129.83 70.37 -6.76
N TYR G 3173 130.67 70.93 -5.88
CA TYR G 3173 130.47 72.33 -5.51
C TYR G 3173 130.71 73.23 -6.71
N SER G 3174 131.71 72.90 -7.53
CA SER G 3174 131.93 73.65 -8.76
C SER G 3174 130.73 73.57 -9.69
N LEU G 3175 130.15 72.37 -9.82
CA LEU G 3175 128.95 72.24 -10.64
C LEU G 3175 127.80 73.05 -10.06
N GLY G 3176 127.79 73.25 -8.74
CA GLY G 3176 126.81 74.13 -8.14
C GLY G 3176 126.97 75.56 -8.59
N THR G 3177 128.21 75.98 -8.86
CA THR G 3177 128.46 77.34 -9.28
C THR G 3177 127.87 77.63 -10.66
N THR G 3178 128.02 76.68 -11.59
CA THR G 3178 127.54 76.90 -12.95
C THR G 3178 126.06 76.62 -13.07
N LYS G 3179 125.40 77.25 -14.05
CA LYS G 3179 123.99 77.05 -14.32
C LYS G 3179 123.82 76.78 -15.81
N ASN G 3180 123.17 75.67 -16.14
CA ASN G 3180 122.88 75.28 -17.51
C ASN G 3180 121.65 74.39 -17.52
N THR G 3181 121.08 74.17 -18.70
CA THR G 3181 120.01 73.19 -18.81
C THR G 3181 120.52 71.80 -18.45
N TYR G 3182 121.73 71.48 -18.90
CA TYR G 3182 122.38 70.24 -18.47
C TYR G 3182 122.51 70.21 -16.96
N VAL G 3183 122.84 71.35 -16.35
CA VAL G 3183 122.85 71.44 -14.89
C VAL G 3183 121.47 71.08 -14.35
N GLU G 3184 120.41 71.61 -14.96
CA GLU G 3184 119.07 71.32 -14.46
C GLU G 3184 118.77 69.83 -14.50
N LYS G 3185 119.09 69.17 -15.61
CA LYS G 3185 118.79 67.73 -15.67
C LYS G 3185 119.66 66.91 -14.72
N LEU G 3186 120.94 67.26 -14.58
CA LEU G 3186 121.80 66.43 -13.75
C LEU G 3186 121.66 66.75 -12.26
N ARG G 3187 121.06 67.89 -11.93
CA ARG G 3187 120.97 68.31 -10.53
C ARG G 3187 120.29 67.30 -9.63
N PRO G 3188 119.19 66.64 -10.00
CA PRO G 3188 118.66 65.59 -9.12
C PRO G 3188 119.65 64.48 -8.86
N ALA G 3189 120.21 63.90 -9.92
CA ALA G 3189 121.16 62.80 -9.75
C ALA G 3189 122.42 63.27 -9.04
N LEU G 3190 122.94 64.43 -9.43
CA LEU G 3190 124.15 64.95 -8.78
C LEU G 3190 123.90 65.18 -7.30
N GLY G 3191 122.76 65.76 -6.96
CA GLY G 3191 122.46 66.04 -5.57
C GLY G 3191 122.29 64.79 -4.74
N GLU G 3192 121.58 63.79 -5.28
CA GLU G 3192 121.42 62.56 -4.52
C GLU G 3192 122.75 61.83 -4.36
N CYS G 3193 123.57 61.80 -5.41
CA CYS G 3193 124.89 61.18 -5.29
C CYS G 3193 125.73 61.90 -4.25
N LEU G 3194 125.69 63.23 -4.24
CA LEU G 3194 126.47 64.00 -3.28
C LEU G 3194 125.97 63.76 -1.86
N ALA G 3195 124.65 63.70 -1.67
CA ALA G 3195 124.12 63.44 -0.34
C ALA G 3195 124.56 62.07 0.16
N ARG G 3196 124.49 61.06 -0.70
CA ARG G 3196 124.94 59.74 -0.30
C ARG G 3196 126.43 59.74 0.02
N LEU G 3197 127.22 60.44 -0.80
CA LEU G 3197 128.65 60.54 -0.56
C LEU G 3197 128.95 61.22 0.77
N ALA G 3198 128.23 62.29 1.09
CA ALA G 3198 128.45 62.99 2.34
C ALA G 3198 128.08 62.11 3.52
N ALA G 3199 126.98 61.36 3.41
CA ALA G 3199 126.61 60.46 4.50
C ALA G 3199 127.65 59.37 4.70
N ALA G 3200 128.21 58.85 3.60
CA ALA G 3200 129.20 57.78 3.73
C ALA G 3200 130.56 58.31 4.14
N MET G 3201 130.81 59.60 3.94
CA MET G 3201 132.15 60.14 4.04
C MET G 3201 132.55 60.24 5.50
N PRO G 3202 133.71 59.68 5.90
CA PRO G 3202 134.04 59.66 7.33
C PRO G 3202 134.65 60.94 7.86
N VAL G 3203 134.81 61.97 7.03
CA VAL G 3203 135.39 63.22 7.52
C VAL G 3203 134.40 64.35 7.38
N ALA G 3204 134.15 65.06 8.48
CA ALA G 3204 133.22 66.18 8.51
C ALA G 3204 133.93 67.43 7.99
N PHE G 3205 133.66 67.79 6.74
CA PHE G 3205 134.50 68.78 6.07
C PHE G 3205 134.16 70.20 6.49
N LEU G 3206 133.00 70.42 7.10
CA LEU G 3206 132.57 71.78 7.37
C LEU G 3206 133.33 72.40 8.54
N GLU G 3207 133.69 71.60 9.54
CA GLU G 3207 134.45 72.10 10.67
C GLU G 3207 135.91 71.73 10.50
N PRO G 3208 136.78 72.69 10.13
CA PRO G 3208 138.16 72.32 9.82
C PRO G 3208 139.01 72.01 11.06
N GLN G 3209 138.94 72.86 12.08
CA GLN G 3209 139.85 72.72 13.22
C GLN G 3209 139.57 71.45 14.00
N LEU G 3210 138.30 71.07 14.12
CA LEU G 3210 137.97 69.85 14.82
C LEU G 3210 138.59 68.64 14.14
N ASN G 3211 138.39 68.51 12.82
CA ASN G 3211 138.97 67.38 12.11
C ASN G 3211 140.48 67.45 12.10
N GLU G 3212 141.04 68.66 12.15
CA GLU G 3212 142.48 68.78 12.34
C GLU G 3212 142.89 68.16 13.66
N TYR G 3213 142.11 68.38 14.72
CA TYR G 3213 142.42 67.76 15.99
C TYR G 3213 142.28 66.25 15.93
N ASN G 3214 141.20 65.76 15.33
CA ASN G 3214 140.94 64.32 15.32
C ASN G 3214 141.93 63.59 14.43
N ALA G 3215 142.15 62.31 14.73
CA ALA G 3215 143.18 61.55 14.02
C ALA G 3215 142.64 60.94 12.74
N CYS G 3216 141.32 61.04 12.51
CA CYS G 3216 140.71 60.51 11.29
C CYS G 3216 140.81 61.58 10.22
N SER G 3217 142.02 61.76 9.67
CA SER G 3217 142.24 62.69 8.58
C SER G 3217 143.48 62.26 7.81
N VAL G 3218 143.61 62.78 6.59
CA VAL G 3218 144.76 62.40 5.76
C VAL G 3218 146.05 62.89 6.38
N TYR G 3219 146.06 64.10 6.95
CA TYR G 3219 147.28 64.62 7.54
C TYR G 3219 147.70 63.80 8.75
N THR G 3220 146.75 63.44 9.61
CA THR G 3220 147.08 62.65 10.79
C THR G 3220 147.51 61.24 10.41
N THR G 3221 146.78 60.59 9.50
CA THR G 3221 147.14 59.24 9.08
C THR G 3221 148.51 59.23 8.40
N LYS G 3222 148.79 60.24 7.58
CA LYS G 3222 150.05 60.36 6.88
C LYS G 3222 150.46 61.83 6.88
N SER G 3223 151.61 62.12 7.49
CA SER G 3223 152.02 63.50 7.65
C SER G 3223 152.28 64.14 6.28
N PRO G 3224 152.11 65.46 6.17
CA PRO G 3224 152.35 66.12 4.87
C PRO G 3224 153.74 65.90 4.33
N ARG G 3225 154.74 65.79 5.22
CA ARG G 3225 156.08 65.42 4.78
C ARG G 3225 156.06 64.07 4.07
N GLU G 3226 155.35 63.10 4.65
CA GLU G 3226 155.11 61.85 3.97
C GLU G 3226 154.16 62.07 2.80
N ARG G 3227 154.25 61.20 1.79
CA ARG G 3227 153.55 61.35 0.51
C ARG G 3227 153.57 62.80 0.02
N ALA G 3228 154.69 63.48 0.26
CA ALA G 3228 154.81 64.86 -0.20
C ALA G 3228 154.68 64.94 -1.71
N ILE G 3229 155.02 63.85 -2.40
CA ILE G 3229 154.77 63.76 -3.84
C ILE G 3229 153.28 63.91 -4.12
N LEU G 3230 152.45 63.26 -3.31
CA LEU G 3230 151.01 63.44 -3.43
C LEU G 3230 150.64 64.87 -3.07
N GLY G 3231 149.62 65.39 -3.74
CA GLY G 3231 149.22 66.77 -3.51
C GLY G 3231 148.84 67.01 -2.07
N LEU G 3232 149.63 67.85 -1.40
CA LEU G 3232 149.39 68.18 0.01
C LEU G 3232 148.83 69.58 0.11
N PRO G 3233 147.52 69.74 0.33
CA PRO G 3233 146.99 71.09 0.61
C PRO G 3233 147.56 71.70 1.88
N ASN G 3234 148.03 70.87 2.80
CA ASN G 3234 148.56 71.21 4.12
C ASN G 3234 147.46 71.73 5.03
N SER G 3235 146.22 71.82 4.55
CA SER G 3235 145.09 72.28 5.33
C SER G 3235 143.82 71.65 4.78
N VAL G 3236 142.95 71.21 5.69
CA VAL G 3236 141.67 70.63 5.25
C VAL G 3236 140.87 71.66 4.48
N GLU G 3237 140.93 72.92 4.91
CA GLU G 3237 140.35 73.99 4.10
C GLU G 3237 141.05 74.08 2.75
N GLU G 3238 142.38 73.94 2.74
CA GLU G 3238 143.13 74.09 1.50
C GLU G 3238 142.76 73.01 0.49
N MET G 3239 142.30 71.85 0.96
CA MET G 3239 141.86 70.81 0.03
C MET G 3239 140.67 71.30 -0.79
N CYS G 3240 139.62 71.77 -0.13
CA CYS G 3240 138.42 72.25 -0.80
C CYS G 3240 138.01 73.60 -0.20
N PRO G 3241 138.74 74.66 -0.54
CA PRO G 3241 138.41 75.97 0.04
C PRO G 3241 137.09 76.54 -0.47
N ASP G 3242 136.62 76.06 -1.62
CA ASP G 3242 135.43 76.65 -2.24
C ASP G 3242 134.20 76.49 -1.36
N ILE G 3243 133.97 75.30 -0.83
CA ILE G 3243 132.76 75.10 -0.02
C ILE G 3243 132.84 75.94 1.25
N PRO G 3244 131.81 76.71 1.59
CA PRO G 3244 131.88 77.55 2.78
C PRO G 3244 131.81 76.76 4.06
N VAL G 3245 132.11 77.45 5.16
CA VAL G 3245 132.07 76.81 6.48
C VAL G 3245 130.62 76.64 6.92
N LEU G 3246 130.42 75.73 7.89
CA LEU G 3246 129.06 75.32 8.25
C LEU G 3246 128.20 76.51 8.68
N ASP G 3247 128.56 77.17 9.78
CA ASP G 3247 127.71 78.23 10.31
C ASP G 3247 127.41 79.28 9.25
N ARG G 3248 128.37 79.55 8.36
CA ARG G 3248 128.09 80.43 7.23
C ARG G 3248 127.00 79.85 6.34
N LEU G 3249 127.08 78.54 6.04
CA LEU G 3249 126.04 77.94 5.20
C LEU G 3249 124.68 77.99 5.87
N MET G 3250 124.62 77.71 7.17
CA MET G 3250 123.36 77.82 7.90
C MET G 3250 122.82 79.24 7.87
N ALA G 3251 123.70 80.23 8.02
CA ALA G 3251 123.26 81.62 7.93
C ALA G 3251 122.67 81.91 6.55
N ASP G 3252 123.33 81.42 5.50
CA ASP G 3252 122.83 81.62 4.15
C ASP G 3252 121.47 80.95 3.97
N ILE G 3253 121.33 79.73 4.50
CA ILE G 3253 120.08 79.00 4.35
C ILE G 3253 118.95 79.72 5.07
N GLY G 3254 119.22 80.21 6.28
CA GLY G 3254 118.22 80.97 7.00
C GLY G 3254 117.84 82.26 6.29
N GLY G 3255 118.84 82.92 5.69
CA GLY G 3255 118.54 84.12 4.92
C GLY G 3255 117.64 83.82 3.73
N LEU G 3256 117.96 82.79 2.96
CA LEU G 3256 117.09 82.41 1.86
C LEU G 3256 115.71 82.02 2.38
N ALA G 3257 115.66 81.38 3.55
CA ALA G 3257 114.39 80.96 4.12
C ALA G 3257 113.49 82.15 4.43
N GLU G 3258 114.01 83.15 5.16
CA GLU G 3258 113.14 84.26 5.53
C GLU G 3258 112.89 85.15 4.32
N SER G 3259 113.79 85.12 3.34
CA SER G 3259 113.53 85.80 2.08
C SER G 3259 112.35 85.17 1.35
N GLY G 3260 112.25 83.84 1.41
CA GLY G 3260 111.16 83.15 0.77
C GLY G 3260 111.20 83.17 -0.75
N ALA G 3261 112.39 83.30 -1.33
CA ALA G 3261 112.50 83.32 -2.78
C ALA G 3261 112.20 81.94 -3.36
N ARG G 3262 111.74 81.94 -4.60
CA ARG G 3262 111.29 80.72 -5.26
C ARG G 3262 112.47 79.76 -5.47
N TYR G 3263 112.12 78.49 -5.71
CA TYR G 3263 113.14 77.47 -5.91
C TYR G 3263 114.03 77.82 -7.09
N THR G 3264 113.47 78.42 -8.13
CA THR G 3264 114.27 78.84 -9.27
C THR G 3264 115.30 79.87 -8.87
N GLU G 3265 115.08 80.56 -7.74
CA GLU G 3265 116.04 81.56 -7.30
C GLU G 3265 117.26 80.90 -6.67
N MET G 3266 117.08 79.81 -5.94
CA MET G 3266 118.19 79.02 -5.41
C MET G 3266 118.02 77.56 -5.81
N PRO G 3267 118.04 77.28 -7.11
CA PRO G 3267 117.84 75.89 -7.55
C PRO G 3267 118.98 74.98 -7.17
N HIS G 3268 120.21 75.47 -7.31
CA HIS G 3268 121.36 74.72 -6.80
C HIS G 3268 121.26 74.52 -5.29
N VAL G 3269 120.89 75.57 -4.56
CA VAL G 3269 120.87 75.48 -3.11
C VAL G 3269 119.89 74.42 -2.64
N ILE G 3270 118.67 74.46 -3.15
CA ILE G 3270 117.69 73.45 -2.73
C ILE G 3270 118.05 72.08 -3.28
N GLU G 3271 118.54 72.02 -4.51
CA GLU G 3271 118.82 70.74 -5.14
C GLU G 3271 120.12 70.12 -4.63
N ILE G 3272 121.06 70.95 -4.19
CA ILE G 3272 122.41 70.50 -3.84
C ILE G 3272 122.76 70.87 -2.41
N THR G 3273 122.68 72.15 -2.05
CA THR G 3273 123.09 72.57 -0.72
C THR G 3273 122.20 71.99 0.35
N LEU G 3274 120.88 72.10 0.18
CA LEU G 3274 119.98 71.48 1.14
C LEU G 3274 120.26 69.98 1.27
N PRO G 3275 120.43 69.21 0.19
CA PRO G 3275 120.76 67.79 0.37
C PRO G 3275 122.06 67.51 1.08
N MET G 3276 123.18 68.15 0.74
CA MET G 3276 124.41 67.67 1.39
C MET G 3276 124.44 68.15 2.83
N LEU G 3277 123.79 69.29 3.11
CA LEU G 3277 123.62 69.68 4.51
C LEU G 3277 122.77 68.66 5.25
N CYS G 3278 121.69 68.19 4.63
CA CYS G 3278 120.83 67.21 5.27
C CYS G 3278 121.58 65.93 5.57
N SER G 3279 122.39 65.46 4.63
CA SER G 3279 123.17 64.25 4.87
C SER G 3279 124.26 64.49 5.90
N TYR G 3280 124.93 65.64 5.84
CA TYR G 3280 126.07 65.93 6.68
C TYR G 3280 125.66 66.03 8.15
N LEU G 3281 124.55 66.71 8.41
CA LEU G 3281 124.28 67.18 9.77
C LEU G 3281 124.14 66.05 10.79
N PRO G 3282 123.27 65.05 10.61
CA PRO G 3282 123.13 64.02 11.66
C PRO G 3282 124.35 63.14 11.79
N ARG G 3283 124.82 62.61 10.66
CA ARG G 3283 125.95 61.67 10.67
C ARG G 3283 127.11 62.22 11.47
N TRP G 3284 127.18 63.54 11.62
CA TRP G 3284 128.17 64.12 12.51
C TRP G 3284 127.55 64.48 13.85
N TRP G 3285 126.22 64.57 13.92
CA TRP G 3285 125.59 64.87 15.20
C TRP G 3285 125.79 63.74 16.20
N GLU G 3286 125.54 62.50 15.78
CA GLU G 3286 125.70 61.40 16.74
C GLU G 3286 127.15 61.23 17.17
N ARG G 3287 128.09 61.39 16.25
CA ARG G 3287 129.49 61.35 16.65
C ARG G 3287 129.91 62.67 17.31
N GLY G 3288 129.10 63.71 17.13
CA GLY G 3288 129.33 64.96 17.82
C GLY G 3288 128.79 64.93 19.22
N PRO G 3289 128.82 66.07 19.90
CA PRO G 3289 128.31 66.12 21.27
C PRO G 3289 126.79 66.05 21.28
N GLU G 3290 126.24 65.97 22.49
CA GLU G 3290 124.80 65.86 22.81
C GLU G 3290 124.25 64.49 22.44
N ALA G 3291 125.03 63.64 21.79
CA ALA G 3291 124.66 62.24 21.65
C ALA G 3291 125.29 61.44 22.78
N PRO G 3292 124.62 60.40 23.26
CA PRO G 3292 125.08 59.70 24.47
C PRO G 3292 126.41 59.02 24.24
N PRO G 3293 127.48 59.52 24.87
CA PRO G 3293 128.79 58.91 24.68
C PRO G 3293 129.05 57.84 25.74
N PRO G 3294 129.59 56.71 25.33
CA PRO G 3294 130.04 55.73 26.34
C PRO G 3294 131.16 56.34 27.17
N ALA G 3295 131.07 56.14 28.49
CA ALA G 3295 131.87 56.93 29.42
C ALA G 3295 133.36 56.76 29.18
N LEU G 3296 133.84 55.51 29.14
CA LEU G 3296 135.27 55.30 28.88
C LEU G 3296 135.67 55.80 27.51
N PRO G 3297 134.96 55.48 26.41
CA PRO G 3297 135.26 56.16 25.14
C PRO G 3297 135.12 57.67 25.22
N ALA G 3298 134.16 58.17 26.00
CA ALA G 3298 134.00 59.61 26.15
C ALA G 3298 135.21 60.21 26.85
N GLY G 3299 135.78 59.50 27.81
CA GLY G 3299 136.88 60.06 28.57
C GLY G 3299 138.23 59.84 27.94
N ALA G 3300 138.67 60.86 27.18
CA ALA G 3300 139.97 61.06 26.54
C ALA G 3300 139.81 62.04 25.38
N PRO G 3301 139.01 61.75 24.35
CA PRO G 3301 138.90 62.68 23.23
C PRO G 3301 137.71 63.61 23.38
N PRO G 3302 137.85 64.87 23.03
CA PRO G 3302 136.69 65.74 22.85
C PRO G 3302 135.87 65.25 21.67
N PRO G 3303 134.57 65.58 21.61
CA PRO G 3303 133.76 65.15 20.47
C PRO G 3303 134.36 65.65 19.17
N CYS G 3304 134.37 64.76 18.16
CA CYS G 3304 135.00 65.11 16.90
C CYS G 3304 134.37 66.33 16.28
N THR G 3305 133.08 66.26 15.96
CA THR G 3305 132.40 67.43 15.39
C THR G 3305 131.77 68.25 16.51
N ALA G 3306 131.23 69.41 16.14
CA ALA G 3306 130.51 70.28 17.06
C ALA G 3306 129.02 70.34 16.77
N VAL G 3307 128.48 69.38 16.03
CA VAL G 3307 127.07 69.40 15.68
C VAL G 3307 126.23 69.27 16.93
N THR G 3308 125.18 70.09 17.03
CA THR G 3308 124.34 70.13 18.21
C THR G 3308 122.88 69.94 17.82
N SER G 3309 122.08 69.59 18.82
CA SER G 3309 120.66 69.35 18.61
C SER G 3309 119.96 70.63 18.17
N ASP G 3310 120.37 71.78 18.71
CA ASP G 3310 119.75 73.03 18.28
C ASP G 3310 120.18 73.37 16.85
N HIS G 3311 121.40 72.99 16.47
CA HIS G 3311 121.80 73.12 15.06
C HIS G 3311 120.89 72.28 14.18
N LEU G 3312 120.64 71.05 14.59
CA LEU G 3312 119.73 70.16 13.87
C LEU G 3312 118.36 70.81 13.72
N ASN G 3313 117.83 71.32 14.83
CA ASN G 3313 116.51 71.92 14.84
C ASN G 3313 116.46 73.16 13.94
N SER G 3314 117.50 73.99 13.99
CA SER G 3314 117.54 75.19 13.16
C SER G 3314 117.54 74.84 11.68
N LEU G 3315 118.34 73.84 11.30
CA LEU G 3315 118.34 73.44 9.90
C LEU G 3315 116.97 72.90 9.50
N LEU G 3316 116.34 72.13 10.39
CA LEU G 3316 115.00 71.64 10.08
C LEU G 3316 114.01 72.79 9.90
N GLY G 3317 114.09 73.79 10.77
CA GLY G 3317 113.22 74.95 10.61
C GLY G 3317 113.46 75.65 9.30
N ASN G 3318 114.73 75.70 8.87
CA ASN G 3318 115.03 76.26 7.57
C ASN G 3318 114.38 75.45 6.45
N ILE G 3319 114.42 74.12 6.56
CA ILE G 3319 113.76 73.28 5.58
C ILE G 3319 112.26 73.56 5.56
N LEU G 3320 111.65 73.68 6.73
CA LEU G 3320 110.23 73.96 6.80
C LEU G 3320 109.91 75.30 6.16
N ARG G 3321 110.74 76.30 6.42
CA ARG G 3321 110.54 77.62 5.82
C ARG G 3321 110.65 77.55 4.30
N ILE G 3322 111.65 76.85 3.79
CA ILE G 3322 111.80 76.75 2.34
C ILE G 3322 110.60 76.01 1.76
N ILE G 3323 110.08 75.04 2.49
CA ILE G 3323 108.91 74.29 2.03
C ILE G 3323 107.71 75.22 1.90
N VAL G 3324 107.42 75.99 2.95
CA VAL G 3324 106.22 76.83 2.90
C VAL G 3324 106.39 77.93 1.86
N ASN G 3325 107.60 78.49 1.75
CA ASN G 3325 107.83 79.52 0.74
C ASN G 3325 107.62 78.98 -0.66
N ASN G 3326 108.08 77.76 -0.92
CA ASN G 3326 107.96 77.17 -2.25
C ASN G 3326 106.61 76.52 -2.51
N LEU G 3327 105.64 76.68 -1.61
CA LEU G 3327 104.32 76.08 -1.83
C LEU G 3327 103.65 76.67 -3.06
N GLY G 3328 104.00 77.91 -3.42
CA GLY G 3328 103.36 78.53 -4.57
C GLY G 3328 103.69 77.86 -5.88
N ILE G 3329 104.86 77.24 -5.97
CA ILE G 3329 105.29 76.62 -7.22
C ILE G 3329 104.38 75.45 -7.58
N ASP G 3330 103.97 75.40 -8.84
CA ASP G 3330 103.04 74.37 -9.27
C ASP G 3330 103.69 72.99 -9.32
N GLU G 3331 104.86 72.88 -9.94
CA GLU G 3331 105.51 71.60 -10.17
C GLU G 3331 106.83 71.57 -9.41
N ALA G 3332 107.06 70.47 -8.68
CA ALA G 3332 108.25 70.32 -7.84
C ALA G 3332 108.38 68.85 -7.45
N THR G 3333 109.52 68.25 -7.74
CA THR G 3333 109.85 66.94 -7.19
C THR G 3333 111.06 67.04 -6.26
N TRP G 3334 111.84 68.09 -6.43
CA TRP G 3334 112.96 68.35 -5.55
C TRP G 3334 112.54 68.40 -4.09
N MET G 3335 111.30 68.85 -3.82
CA MET G 3335 110.90 68.97 -2.42
C MET G 3335 110.53 67.62 -1.82
N LYS G 3336 109.98 66.69 -2.61
CA LYS G 3336 109.80 65.36 -2.05
C LYS G 3336 111.14 64.69 -1.81
N ARG G 3337 112.09 64.87 -2.74
CA ARG G 3337 113.42 64.31 -2.47
C ARG G 3337 114.00 64.92 -1.18
N LEU G 3338 113.88 66.23 -1.02
CA LEU G 3338 114.41 66.89 0.16
C LEU G 3338 113.73 66.37 1.42
N ALA G 3339 112.42 66.17 1.37
CA ALA G 3339 111.70 65.68 2.54
C ALA G 3339 112.13 64.28 2.91
N VAL G 3340 112.25 63.39 1.92
CA VAL G 3340 112.66 62.02 2.23
C VAL G 3340 114.09 62.01 2.74
N PHE G 3341 114.91 62.97 2.30
CA PHE G 3341 116.23 63.11 2.92
C PHE G 3341 116.10 63.61 4.36
N ALA G 3342 115.11 64.47 4.62
CA ALA G 3342 115.02 65.13 5.91
C ALA G 3342 114.17 64.34 6.89
N GLN G 3343 113.77 63.14 6.51
CA GLN G 3343 113.02 62.30 7.44
C GLN G 3343 113.71 62.12 8.79
N PRO G 3344 115.01 61.81 8.87
CA PRO G 3344 115.60 61.57 10.20
C PRO G 3344 115.71 62.82 11.06
N ILE G 3345 116.19 63.93 10.48
CA ILE G 3345 116.35 65.16 11.26
C ILE G 3345 115.03 65.59 11.88
N VAL G 3346 113.91 65.29 11.20
CA VAL G 3346 112.61 65.59 11.80
C VAL G 3346 112.42 64.79 13.07
N SER G 3347 112.79 63.51 13.05
CA SER G 3347 112.73 62.70 14.26
C SER G 3347 113.66 63.23 15.33
N ARG G 3348 114.75 63.88 14.90
CA ARG G 3348 115.73 64.37 15.87
C ARG G 3348 115.28 65.68 16.51
N ALA G 3349 114.44 66.44 15.82
CA ALA G 3349 114.13 67.80 16.23
C ALA G 3349 113.36 67.85 17.55
N ARG G 3350 113.09 69.07 18.02
CA ARG G 3350 112.36 69.26 19.26
C ARG G 3350 111.00 69.91 19.00
N PRO G 3351 110.02 69.69 19.88
CA PRO G 3351 108.65 70.14 19.58
C PRO G 3351 108.44 71.65 19.63
N GLU G 3352 109.29 72.39 20.34
CA GLU G 3352 109.08 73.83 20.47
C GLU G 3352 109.10 74.52 19.11
N LEU G 3353 110.03 74.14 18.24
CA LEU G 3353 110.07 74.73 16.90
C LEU G 3353 108.83 74.36 16.10
N LEU G 3354 108.29 73.16 16.32
CA LEU G 3354 107.01 72.82 15.71
C LEU G 3354 105.94 73.79 16.16
N HIS G 3355 105.90 74.10 17.46
CA HIS G 3355 104.93 75.07 17.94
C HIS G 3355 105.15 76.43 17.28
N SER G 3356 106.42 76.82 17.14
CA SER G 3356 106.72 78.12 16.55
C SER G 3356 106.45 78.14 15.05
N HIS G 3357 106.87 77.10 14.33
CA HIS G 3357 106.87 77.12 12.89
C HIS G 3357 105.91 76.09 12.27
N PHE G 3358 106.01 74.84 12.70
CA PHE G 3358 105.23 73.78 12.05
C PHE G 3358 103.74 74.03 12.25
N ILE G 3359 103.36 74.58 13.41
CA ILE G 3359 101.95 74.94 13.62
C ILE G 3359 101.48 75.99 12.63
N PRO G 3360 102.17 77.11 12.42
CA PRO G 3360 101.76 78.02 11.34
C PRO G 3360 101.74 77.36 9.98
N THR G 3361 102.67 76.44 9.71
CA THR G 3361 102.63 75.74 8.43
C THR G 3361 101.33 74.97 8.26
N ILE G 3362 100.98 74.14 9.25
CA ILE G 3362 99.74 73.38 9.16
C ILE G 3362 98.55 74.33 9.04
N GLY G 3363 98.59 75.46 9.74
CA GLY G 3363 97.51 76.42 9.63
C GLY G 3363 97.36 76.96 8.21
N ARG G 3364 98.48 77.28 7.58
CA ARG G 3364 98.42 77.85 6.23
C ARG G 3364 97.96 76.80 5.22
N LEU G 3365 98.45 75.56 5.37
CA LEU G 3365 97.94 74.49 4.52
C LEU G 3365 96.45 74.27 4.75
N ARG G 3366 95.99 74.45 5.98
CA ARG G 3366 94.58 74.25 6.31
C ARG G 3366 93.72 75.31 5.61
N LYS G 3367 94.13 76.58 5.68
CA LYS G 3367 93.36 77.61 4.99
C LYS G 3367 93.41 77.44 3.47
N ARG G 3368 94.56 77.02 2.94
CA ARG G 3368 94.62 76.66 1.53
C ARG G 3368 93.59 75.59 1.19
N ALA G 3369 93.52 74.56 2.03
CA ALA G 3369 92.54 73.49 1.84
C ALA G 3369 91.13 74.05 1.89
N GLY G 3370 90.87 74.96 2.81
CA GLY G 3370 89.56 75.59 2.87
C GLY G 3370 89.19 76.25 1.56
N LYS G 3371 90.12 77.01 0.99
CA LYS G 3371 89.83 77.67 -0.29
C LYS G 3371 89.55 76.66 -1.39
N VAL G 3372 90.39 75.63 -1.52
CA VAL G 3372 90.22 74.72 -2.65
C VAL G 3372 88.94 73.92 -2.50
N VAL G 3373 88.60 73.50 -1.28
CA VAL G 3373 87.36 72.77 -1.10
C VAL G 3373 86.16 73.69 -1.29
N ALA G 3374 86.31 74.99 -0.98
CA ALA G 3374 85.24 75.93 -1.29
C ALA G 3374 85.02 76.01 -2.80
N GLU G 3375 86.11 76.05 -3.57
CA GLU G 3375 85.97 75.98 -5.02
C GLU G 3375 85.29 74.69 -5.45
N GLU G 3376 85.63 73.57 -4.80
CA GLU G 3376 85.00 72.31 -5.14
C GLU G 3376 83.50 72.34 -4.86
N GLU G 3377 83.09 72.92 -3.73
CA GLU G 3377 81.66 73.05 -3.45
C GLU G 3377 80.99 73.94 -4.48
N GLN G 3378 81.65 74.99 -4.92
CA GLN G 3378 81.07 75.81 -5.99
C GLN G 3378 80.88 74.99 -7.27
N LEU G 3379 81.89 74.19 -7.62
CA LEU G 3379 81.80 73.40 -8.84
C LEU G 3379 80.66 72.39 -8.76
N ARG G 3380 80.52 71.70 -7.63
CA ARG G 3380 79.41 70.76 -7.51
C ARG G 3380 78.08 71.49 -7.37
N LEU G 3381 78.12 72.75 -6.95
CA LEU G 3381 76.92 73.57 -6.89
C LEU G 3381 76.40 73.86 -8.29
N GLU G 3382 77.26 74.33 -9.18
CA GLU G 3382 76.87 74.66 -10.54
C GLU G 3382 77.36 73.55 -11.47
N ALA G 3383 76.42 72.73 -11.93
CA ALA G 3383 76.73 71.57 -12.77
C ALA G 3383 76.37 71.90 -14.21
N LYS G 3384 77.37 71.91 -15.09
CA LYS G 3384 77.18 72.25 -16.49
C LYS G 3384 78.48 71.91 -17.21
N ALA G 3385 78.38 71.72 -18.53
CA ALA G 3385 79.53 71.36 -19.33
C ALA G 3385 80.68 72.36 -19.15
N GLU G 3386 80.37 73.66 -19.09
CA GLU G 3386 81.44 74.65 -19.01
C GLU G 3386 82.16 74.60 -17.66
N ALA G 3387 81.60 73.87 -16.69
CA ALA G 3387 82.29 73.72 -15.41
C ALA G 3387 83.50 72.79 -15.54
N GLU G 3388 83.50 71.93 -16.56
CA GLU G 3388 84.60 70.98 -16.73
C GLU G 3388 85.91 71.72 -17.00
N GLU G 3389 85.87 72.75 -17.84
CA GLU G 3389 86.95 73.73 -17.84
C GLU G 3389 86.95 74.48 -16.50
N GLY G 3390 88.15 74.67 -15.95
CA GLY G 3390 88.27 75.03 -14.56
C GLY G 3390 88.25 73.86 -13.61
N GLU G 3391 87.43 72.84 -13.89
CA GLU G 3391 87.47 71.62 -13.11
C GLU G 3391 88.84 70.95 -13.23
N LEU G 3392 89.39 70.89 -14.44
CA LEU G 3392 90.72 70.31 -14.60
C LEU G 3392 91.78 71.16 -13.92
N LEU G 3393 91.61 72.48 -13.92
CA LEU G 3393 92.59 73.36 -13.30
C LEU G 3393 92.59 73.18 -11.78
N VAL G 3394 91.41 73.16 -11.17
CA VAL G 3394 91.34 72.91 -9.74
C VAL G 3394 91.77 71.48 -9.43
N ARG G 3395 91.61 70.56 -10.38
CA ARG G 3395 92.12 69.21 -10.18
C ARG G 3395 93.64 69.20 -10.15
N ASP G 3396 94.27 69.97 -11.02
CA ASP G 3396 95.72 70.09 -10.98
C ASP G 3396 96.17 70.75 -9.68
N GLU G 3397 95.43 71.76 -9.23
CA GLU G 3397 95.73 72.39 -7.95
C GLU G 3397 95.63 71.39 -6.80
N PHE G 3398 94.60 70.55 -6.82
CA PHE G 3398 94.46 69.52 -5.81
C PHE G 3398 95.61 68.53 -5.89
N SER G 3399 96.05 68.21 -7.11
CA SER G 3399 97.19 67.31 -7.27
C SER G 3399 98.44 67.90 -6.64
N VAL G 3400 98.70 69.19 -6.88
CA VAL G 3400 99.93 69.79 -6.35
C VAL G 3400 99.85 69.93 -4.84
N LEU G 3401 98.66 70.21 -4.30
CA LEU G 3401 98.57 70.33 -2.85
C LEU G 3401 98.60 68.96 -2.19
N CYS G 3402 98.13 67.92 -2.90
CA CYS G 3402 98.36 66.56 -2.45
C CYS G 3402 99.84 66.24 -2.42
N ARG G 3403 100.57 66.70 -3.43
CA ARG G 3403 102.02 66.57 -3.42
C ARG G 3403 102.61 67.20 -2.16
N ASP G 3404 102.20 68.45 -1.88
CA ASP G 3404 102.74 69.14 -0.72
C ASP G 3404 102.41 68.42 0.58
N LEU G 3405 101.15 68.06 0.77
CA LEU G 3405 100.74 67.38 1.99
C LEU G 3405 101.40 66.01 2.12
N TYR G 3406 101.52 65.28 1.02
CA TYR G 3406 102.15 63.96 1.08
C TYR G 3406 103.62 64.08 1.44
N ALA G 3407 104.30 65.10 0.92
CA ALA G 3407 105.67 65.34 1.34
C ALA G 3407 105.74 65.67 2.82
N LEU G 3408 104.81 66.49 3.29
CA LEU G 3408 104.82 66.88 4.70
C LEU G 3408 104.43 65.71 5.60
N TYR G 3409 103.74 64.72 5.04
CA TYR G 3409 103.10 63.71 5.87
C TYR G 3409 104.06 62.83 6.68
N PRO G 3410 105.04 62.14 6.09
CA PRO G 3410 105.76 61.14 6.89
C PRO G 3410 106.60 61.72 8.02
N LEU G 3411 107.31 62.82 7.74
CA LEU G 3411 108.09 63.46 8.77
C LEU G 3411 107.20 63.99 9.88
N LEU G 3412 106.07 64.60 9.51
CA LEU G 3412 105.12 65.04 10.53
C LEU G 3412 104.60 63.85 11.32
N ILE G 3413 104.48 62.69 10.68
CA ILE G 3413 103.95 61.52 11.37
C ILE G 3413 104.95 61.05 12.43
N ARG G 3414 106.22 60.91 12.06
CA ARG G 3414 107.23 60.58 13.07
C ARG G 3414 107.20 61.60 14.20
N TYR G 3415 107.13 62.88 13.82
CA TYR G 3415 107.25 63.96 14.77
C TYR G 3415 106.09 63.93 15.75
N VAL G 3416 104.89 63.61 15.25
CA VAL G 3416 103.74 63.53 16.12
C VAL G 3416 103.74 62.20 16.88
N ASP G 3417 104.54 61.23 16.44
CA ASP G 3417 104.72 60.06 17.31
C ASP G 3417 105.44 60.45 18.59
N ASN G 3418 106.59 61.11 18.48
CA ASN G 3418 107.24 61.54 19.72
C ASN G 3418 106.37 62.55 20.47
N ASN G 3419 105.76 63.48 19.73
CA ASN G 3419 104.88 64.44 20.35
C ASN G 3419 103.70 63.76 21.04
N ARG G 3420 103.23 62.65 20.48
CA ARG G 3420 102.15 61.89 21.10
C ARG G 3420 102.62 61.33 22.43
N ALA G 3421 103.85 60.82 22.47
CA ALA G 3421 104.40 60.41 23.76
C ALA G 3421 104.36 61.55 24.76
N HIS G 3422 104.89 62.71 24.38
CA HIS G 3422 104.97 63.80 25.35
CA HIS G 3422 104.98 63.83 25.32
C HIS G 3422 103.62 64.48 25.56
N TRP G 3423 102.63 64.14 24.73
CA TRP G 3423 101.30 64.74 24.88
C TRP G 3423 100.44 63.87 25.78
N LEU G 3424 100.55 62.56 25.65
CA LEU G 3424 100.04 61.67 26.68
C LEU G 3424 100.72 61.97 28.01
N THR G 3425 101.97 62.43 27.97
CA THR G 3425 102.57 63.01 29.16
C THR G 3425 101.81 64.26 29.60
N GLU G 3426 101.61 65.20 28.69
CA GLU G 3426 100.85 66.42 28.97
C GLU G 3426 100.30 66.98 27.66
N PRO G 3427 98.98 67.02 27.52
CA PRO G 3427 98.38 67.47 26.25
C PRO G 3427 98.67 68.93 25.97
N ASN G 3428 98.69 69.28 24.68
CA ASN G 3428 98.90 70.64 24.21
C ASN G 3428 97.65 71.12 23.50
N ALA G 3429 97.17 72.31 23.88
CA ALA G 3429 95.99 72.88 23.23
C ALA G 3429 96.29 73.23 21.78
N ASN G 3430 97.49 73.73 21.51
CA ASN G 3430 97.88 73.99 20.13
C ASN G 3430 97.90 72.70 19.33
N ALA G 3431 98.41 71.62 19.92
CA ALA G 3431 98.33 70.31 19.29
C ALA G 3431 96.89 69.93 19.02
N GLU G 3432 96.00 70.21 19.96
CA GLU G 3432 94.58 69.95 19.77
C GLU G 3432 94.07 70.69 18.53
N GLU G 3433 94.42 71.97 18.41
CA GLU G 3433 93.98 72.75 17.27
C GLU G 3433 94.51 72.18 15.96
N LEU G 3434 95.78 71.79 15.94
CA LEU G 3434 96.33 71.11 14.76
C LEU G 3434 95.51 69.88 14.43
N PHE G 3435 95.20 69.07 15.44
CA PHE G 3435 94.41 67.86 15.21
C PHE G 3435 93.08 68.20 14.57
N ARG G 3436 92.36 69.19 15.12
CA ARG G 3436 91.05 69.53 14.56
C ARG G 3436 91.18 69.96 13.11
N MET G 3437 92.15 70.82 12.82
CA MET G 3437 92.20 71.39 11.48
C MET G 3437 92.67 70.38 10.44
N VAL G 3438 93.63 69.51 10.80
CA VAL G 3438 94.04 68.50 9.83
C VAL G 3438 92.93 67.48 9.65
N GLY G 3439 92.21 67.15 10.72
CA GLY G 3439 91.07 66.26 10.58
C GLY G 3439 89.99 66.86 9.72
N GLU G 3440 89.79 68.18 9.82
CA GLU G 3440 88.84 68.86 8.94
C GLU G 3440 89.30 68.77 7.50
N ILE G 3441 90.60 68.92 7.26
CA ILE G 3441 91.14 68.72 5.92
C ILE G 3441 90.78 67.32 5.43
N PHE G 3442 90.95 66.32 6.29
CA PHE G 3442 90.59 64.96 5.91
C PHE G 3442 89.10 64.83 5.62
N ILE G 3443 88.26 65.47 6.44
CA ILE G 3443 86.82 65.40 6.20
C ILE G 3443 86.49 65.99 4.83
N TYR G 3444 87.14 67.11 4.49
CA TYR G 3444 86.93 67.70 3.17
C TYR G 3444 87.36 66.74 2.08
N TRP G 3445 88.52 66.10 2.25
CA TRP G 3445 89.02 65.21 1.21
C TRP G 3445 88.11 64.00 1.02
N SER G 3446 87.71 63.36 2.12
CA SER G 3446 86.83 62.21 2.03
C SER G 3446 85.45 62.62 1.50
N LYS G 3447 85.03 63.84 1.82
CA LYS G 3447 83.77 64.34 1.30
C LYS G 3447 83.82 64.47 -0.22
N SER G 3448 84.91 65.02 -0.74
CA SER G 3448 85.06 65.23 -2.17
C SER G 3448 85.67 63.97 -2.79
N HIS G 3449 84.78 63.10 -3.28
CA HIS G 3449 85.26 61.91 -3.98
C HIS G 3449 86.17 62.27 -5.12
N ASN G 3450 85.91 63.39 -5.79
CA ASN G 3450 86.81 63.85 -6.84
C ASN G 3450 88.19 64.15 -6.27
N PHE G 3451 88.24 64.78 -5.10
CA PHE G 3451 89.52 65.06 -4.45
C PHE G 3451 90.25 63.75 -4.17
N LYS G 3452 89.50 62.72 -3.77
CA LYS G 3452 90.09 61.41 -3.56
C LYS G 3452 90.69 60.87 -4.86
N ARG G 3453 89.95 60.99 -5.97
CA ARG G 3453 90.48 60.47 -7.23
C ARG G 3453 91.71 61.24 -7.67
N GLU G 3454 91.70 62.56 -7.57
CA GLU G 3454 92.89 63.33 -7.90
C GLU G 3454 94.06 62.98 -6.99
N GLU G 3455 93.78 62.63 -5.74
CA GLU G 3455 94.87 62.22 -4.85
C GLU G 3455 95.49 60.90 -5.31
N GLN G 3456 94.66 59.92 -5.66
CA GLN G 3456 95.23 58.66 -6.13
C GLN G 3456 95.91 58.82 -7.48
N ASN G 3457 95.38 59.70 -8.33
CA ASN G 3457 96.04 59.99 -9.60
C ASN G 3457 97.38 60.67 -9.36
N PHE G 3458 97.45 61.54 -8.35
CA PHE G 3458 98.73 62.10 -7.95
C PHE G 3458 99.70 61.00 -7.56
N VAL G 3459 99.22 60.03 -6.78
CA VAL G 3459 100.06 58.90 -6.41
C VAL G 3459 100.59 58.19 -7.65
N VAL G 3460 99.71 57.90 -8.60
CA VAL G 3460 100.13 57.11 -9.76
C VAL G 3460 101.08 57.92 -10.66
N GLN G 3461 100.84 59.21 -10.80
CA GLN G 3461 101.72 59.99 -11.68
C GLN G 3461 103.07 60.24 -11.03
N ASN G 3462 103.09 60.32 -9.69
CA ASN G 3462 104.37 60.28 -8.99
C ASN G 3462 105.01 58.91 -9.12
N GLU G 3463 104.19 57.89 -9.40
CA GLU G 3463 104.60 56.50 -9.50
C GLU G 3463 105.16 56.02 -8.17
N ILE G 3464 104.92 56.76 -7.09
CA ILE G 3464 105.32 56.31 -5.76
C ILE G 3464 104.57 55.04 -5.43
N ASN G 3465 105.31 53.99 -5.09
CA ASN G 3465 104.68 52.71 -4.79
C ASN G 3465 103.93 52.77 -3.47
N ASN G 3466 104.12 53.86 -2.71
CA ASN G 3466 103.53 54.10 -1.40
C ASN G 3466 104.10 53.13 -0.37
N MET G 3467 104.97 52.22 -0.84
CA MET G 3467 105.72 51.37 0.08
C MET G 3467 106.79 52.18 0.79
N SER G 3468 107.21 53.29 0.18
CA SER G 3468 108.30 54.09 0.73
C SER G 3468 107.96 54.65 2.11
N PHE G 3469 106.75 55.19 2.26
CA PHE G 3469 106.37 55.78 3.54
C PHE G 3469 106.18 54.70 4.60
N LEU G 3470 105.67 53.54 4.19
CA LEU G 3470 105.53 52.44 5.14
C LEU G 3470 106.90 51.94 5.61
N THR G 3471 107.86 51.83 4.68
CA THR G 3471 109.21 51.45 5.07
C THR G 3471 109.84 52.51 5.96
N ALA G 3472 109.57 53.78 5.70
CA ALA G 3472 110.07 54.83 6.56
C ALA G 3472 109.49 54.71 7.96
N ASP G 3473 108.18 54.42 8.06
CA ASP G 3473 107.56 54.21 9.36
C ASP G 3473 108.18 53.03 10.08
N SER G 3474 108.44 51.94 9.36
CA SER G 3474 109.06 50.77 9.99
C SER G 3474 110.47 51.07 10.48
N LYS G 3475 111.27 51.75 9.64
CA LYS G 3475 112.65 52.05 10.03
C LYS G 3475 112.70 53.10 11.14
N SER G 3476 111.62 53.87 11.30
CA SER G 3476 111.55 54.79 12.43
C SER G 3476 111.01 54.11 13.67
N LYS G 3477 110.31 52.99 13.49
CA LYS G 3477 109.91 52.18 14.64
C LYS G 3477 110.86 51.01 14.85
N MET G 3478 111.96 50.98 14.11
CA MET G 3478 112.96 49.90 14.14
C MET G 3478 112.33 48.52 14.03
N ALA G 3479 111.51 48.29 13.00
CA ALA G 3479 110.86 47.01 12.79
C ALA G 3479 111.87 45.87 12.66
N ARG G 3498 98.29 44.69 -6.90
CA ARG G 3498 98.03 45.84 -7.78
C ARG G 3498 97.57 47.05 -6.96
N ARG G 3499 96.37 47.55 -7.27
CA ARG G 3499 95.85 48.71 -6.57
C ARG G 3499 95.52 48.38 -5.12
N GLY G 3500 94.96 47.20 -4.88
CA GLY G 3500 94.60 46.83 -3.52
C GLY G 3500 95.80 46.55 -2.64
N ASP G 3501 96.99 46.54 -3.23
CA ASP G 3501 98.20 46.27 -2.46
C ASP G 3501 99.06 47.52 -2.34
N ARG G 3502 99.18 48.28 -3.43
CA ARG G 3502 100.09 49.42 -3.42
C ARG G 3502 99.50 50.61 -2.68
N TYR G 3503 98.39 51.16 -3.17
CA TYR G 3503 97.77 52.34 -2.58
C TYR G 3503 96.40 51.94 -2.04
N SER G 3504 96.22 52.13 -0.73
CA SER G 3504 94.96 51.80 -0.09
C SER G 3504 94.74 52.79 1.05
N VAL G 3505 93.59 52.63 1.73
CA VAL G 3505 93.26 53.50 2.85
C VAL G 3505 94.32 53.37 3.94
N GLN G 3506 94.68 52.14 4.30
CA GLN G 3506 95.74 51.94 5.28
C GLN G 3506 97.08 52.46 4.76
N THR G 3507 97.26 52.43 3.44
CA THR G 3507 98.49 52.95 2.86
C THR G 3507 98.42 54.46 2.67
N SER G 3508 97.20 55.01 2.59
CA SER G 3508 97.03 56.44 2.39
C SER G 3508 97.61 57.21 3.57
N LEU G 3509 98.53 58.12 3.27
CA LEU G 3509 99.28 58.78 4.33
C LEU G 3509 98.42 59.70 5.17
N ILE G 3510 97.43 60.34 4.54
CA ILE G 3510 96.50 61.15 5.32
C ILE G 3510 95.75 60.26 6.31
N VAL G 3511 95.33 59.08 5.89
CA VAL G 3511 94.61 58.18 6.79
C VAL G 3511 95.52 57.67 7.90
N ALA G 3512 96.78 57.40 7.58
CA ALA G 3512 97.73 57.04 8.62
C ALA G 3512 97.87 58.16 9.64
N THR G 3513 97.97 59.40 9.15
CA THR G 3513 98.04 60.55 10.05
C THR G 3513 96.78 60.63 10.91
N LEU G 3514 95.63 60.25 10.35
CA LEU G 3514 94.41 60.16 11.14
C LEU G 3514 94.56 59.13 12.24
N LYS G 3515 95.12 57.97 11.91
CA LYS G 3515 95.38 56.96 12.92
C LYS G 3515 96.25 57.54 14.02
N LYS G 3516 97.13 58.47 13.67
CA LYS G 3516 97.99 59.08 14.68
C LYS G 3516 97.24 60.12 15.52
N MET G 3517 96.36 60.90 14.89
CA MET G 3517 95.67 61.94 15.66
C MET G 3517 94.56 61.34 16.52
N LEU G 3518 94.15 60.12 16.19
CA LEU G 3518 93.04 59.52 16.94
C LEU G 3518 93.26 59.54 18.45
N PRO G 3519 94.45 59.22 18.98
CA PRO G 3519 94.70 59.51 20.39
C PRO G 3519 94.51 60.97 20.74
N ILE G 3520 94.95 61.87 19.84
CA ILE G 3520 94.97 63.30 20.16
C ILE G 3520 93.56 63.82 20.44
N GLY G 3521 92.55 63.19 19.84
CA GLY G 3521 91.19 63.55 20.18
C GLY G 3521 90.62 62.69 21.28
N LEU G 3522 90.88 61.37 21.21
CA LEU G 3522 90.20 60.44 22.10
C LEU G 3522 90.60 60.69 23.55
N ASN G 3523 91.82 61.20 23.77
CA ASN G 3523 92.23 61.51 25.13
C ASN G 3523 91.35 62.58 25.75
N MET G 3524 91.05 63.64 25.00
CA MET G 3524 90.25 64.72 25.57
C MET G 3524 88.77 64.38 25.52
N CYS G 3525 88.37 63.42 24.70
CA CYS G 3525 86.99 62.95 24.78
C CYS G 3525 86.68 62.47 26.19
N ALA G 3526 85.56 62.96 26.74
CA ALA G 3526 85.19 62.61 28.09
C ALA G 3526 84.42 61.29 28.10
N PRO G 3527 84.84 60.36 28.96
CA PRO G 3527 84.02 59.15 29.15
C PRO G 3527 82.60 59.47 29.58
N THR G 3528 82.40 60.52 30.38
CA THR G 3528 81.06 61.01 30.61
C THR G 3528 80.38 61.37 29.31
N ASP G 3529 81.11 62.03 28.40
CA ASP G 3529 80.56 62.32 27.09
C ASP G 3529 80.36 61.05 26.28
N GLN G 3530 81.19 60.03 26.51
CA GLN G 3530 81.39 58.97 25.51
C GLN G 3530 80.09 58.38 25.01
N ASP G 3531 79.12 58.17 25.89
CA ASP G 3531 77.82 57.69 25.41
C ASP G 3531 77.20 58.68 24.44
N LEU G 3532 77.23 59.96 24.80
CA LEU G 3532 76.75 61.01 23.90
C LEU G 3532 77.64 61.09 22.65
N ILE G 3533 78.87 60.60 22.73
CA ILE G 3533 79.76 60.61 21.57
C ILE G 3533 79.35 59.54 20.57
N MET G 3534 79.04 58.34 21.05
CA MET G 3534 78.41 57.36 20.16
C MET G 3534 77.09 57.88 19.60
N LEU G 3535 76.29 58.56 20.42
CA LEU G 3535 75.05 59.11 19.92
C LEU G 3535 75.31 60.16 18.84
N ALA G 3536 76.36 60.96 19.02
CA ALA G 3536 76.73 61.94 18.01
C ALA G 3536 77.26 61.26 16.76
N LYS G 3537 77.90 60.09 16.91
CA LYS G 3537 78.28 59.31 15.75
C LYS G 3537 77.03 58.89 14.96
N THR G 3538 75.99 58.46 15.67
CA THR G 3538 74.73 58.17 15.00
C THR G 3538 74.18 59.42 14.31
N ARG G 3539 74.27 60.56 14.99
CA ARG G 3539 73.78 61.81 14.43
C ARG G 3539 74.53 62.16 13.14
N TYR G 3540 75.84 61.99 13.15
CA TYR G 3540 76.62 62.27 11.94
C TYR G 3540 76.34 61.22 10.86
N ALA G 3541 75.97 60.00 11.27
CA ALA G 3541 75.50 59.02 10.31
C ALA G 3541 74.17 59.47 9.70
N LEU G 3542 73.41 60.28 10.44
CA LEU G 3542 72.22 60.91 9.88
C LEU G 3542 72.61 61.96 8.84
N LYS G 3543 73.90 62.28 8.77
CA LYS G 3543 74.50 63.21 7.81
C LYS G 3543 74.05 64.64 8.07
N ASP G 3544 73.62 64.95 9.29
CA ASP G 3544 73.21 66.30 9.62
C ASP G 3544 74.43 67.22 9.71
N THR G 3545 74.21 68.49 9.41
CA THR G 3545 75.30 69.46 9.46
C THR G 3545 75.80 69.64 10.88
N ASP G 3546 77.00 70.22 10.99
CA ASP G 3546 77.62 70.38 12.30
C ASP G 3546 76.82 71.31 13.19
N GLU G 3547 76.16 72.31 12.61
CA GLU G 3547 75.30 73.17 13.41
C GLU G 3547 74.07 72.42 13.89
N GLU G 3548 73.53 71.52 13.06
CA GLU G 3548 72.45 70.66 13.53
C GLU G 3548 72.92 69.75 14.64
N VAL G 3549 74.17 69.30 14.55
CA VAL G 3549 74.77 68.53 15.65
C VAL G 3549 74.87 69.39 16.89
N ARG G 3550 75.21 70.67 16.72
CA ARG G 3550 75.27 71.58 17.86
C ARG G 3550 73.91 71.70 18.53
N GLU G 3551 72.86 71.86 17.73
CA GLU G 3551 71.51 71.94 18.29
C GLU G 3551 71.11 70.63 18.96
N PHE G 3552 71.48 69.50 18.35
CA PHE G 3552 71.22 68.21 18.96
C PHE G 3552 71.90 68.11 20.31
N LEU G 3553 73.11 68.68 20.41
CA LEU G 3553 73.80 68.72 21.69
C LEU G 3553 73.08 69.62 22.68
N GLN G 3554 72.59 70.77 22.21
CA GLN G 3554 71.90 71.69 23.10
C GLN G 3554 70.67 71.04 23.72
N ASN G 3555 69.91 70.32 22.91
CA ASN G 3555 68.84 69.51 23.47
C ASN G 3555 69.41 68.40 24.35
N ASN G 3556 70.52 67.80 23.93
CA ASN G 3556 71.14 66.72 24.68
C ASN G 3556 71.95 67.22 25.87
N LEU G 3557 71.95 68.53 26.12
CA LEU G 3557 72.66 69.07 27.27
C LEU G 3557 72.07 68.52 28.57
N HIS G 3558 71.00 67.75 28.48
CA HIS G 3558 70.38 67.17 29.66
C HIS G 3558 70.49 65.66 29.64
N LEU G 3559 70.75 65.08 28.46
CA LEU G 3559 70.81 63.63 28.32
C LEU G 3559 72.19 63.13 27.94
N GLN G 3560 73.25 63.84 28.32
CA GLN G 3560 74.60 63.35 28.06
C GLN G 3560 74.86 62.07 28.82
N GLY G 3561 75.86 61.32 28.38
CA GLY G 3561 76.17 60.05 29.03
C GLY G 3561 76.57 60.23 30.47
N LYS G 3562 76.34 59.19 31.26
CA LYS G 3562 76.63 59.21 32.68
C LYS G 3562 77.85 58.34 32.97
N VAL G 3563 78.38 58.48 34.18
CA VAL G 3563 79.64 57.83 34.51
C VAL G 3563 79.44 56.77 35.58
N GLU G 3564 78.36 56.88 36.36
CA GLU G 3564 78.05 55.88 37.35
C GLU G 3564 77.71 54.54 36.71
N GLY G 3565 77.47 54.53 35.40
CA GLY G 3565 77.01 53.32 34.74
C GLY G 3565 78.00 52.17 34.83
N SER G 3566 79.28 52.45 34.61
CA SER G 3566 80.25 51.37 34.53
C SER G 3566 81.48 51.65 35.38
N PRO G 3567 82.04 50.62 36.02
CA PRO G 3567 83.32 50.82 36.72
C PRO G 3567 84.44 51.25 35.78
N SER G 3568 84.38 50.80 34.53
CA SER G 3568 85.30 51.30 33.52
C SER G 3568 85.31 52.82 33.51
N LEU G 3569 84.12 53.42 33.53
CA LEU G 3569 84.02 54.87 33.57
C LEU G 3569 84.57 55.42 34.88
N ARG G 3570 84.40 54.68 35.97
CA ARG G 3570 84.96 55.12 37.25
C ARG G 3570 86.47 55.30 37.14
N TRP G 3571 87.18 54.26 36.68
CA TRP G 3571 88.62 54.41 36.53
C TRP G 3571 88.96 55.42 35.44
N GLN G 3572 88.08 55.54 34.45
CA GLN G 3572 88.34 56.48 33.37
C GLN G 3572 88.41 57.91 33.89
N MET G 3573 87.44 58.31 34.70
CA MET G 3573 87.53 59.63 35.33
C MET G 3573 88.62 59.68 36.39
N ALA G 3574 88.90 58.54 37.04
CA ALA G 3574 90.02 58.53 37.97
C ALA G 3574 91.29 59.00 37.29
N LEU G 3575 91.58 58.45 36.11
CA LEU G 3575 92.74 58.90 35.35
C LEU G 3575 92.50 60.27 34.72
N TYR G 3576 91.23 60.60 34.44
CA TYR G 3576 90.94 61.88 33.82
C TYR G 3576 91.35 63.03 34.74
N ARG G 3577 90.89 63.00 36.00
CA ARG G 3577 91.42 63.96 36.96
C ARG G 3577 92.89 63.69 37.23
N GLY G 3578 93.29 62.41 37.20
CA GLY G 3578 94.70 62.09 37.38
C GLY G 3578 95.57 62.75 36.34
N LEU G 3579 95.03 63.01 35.15
CA LEU G 3579 95.75 63.80 34.18
C LEU G 3579 95.75 65.25 34.66
N PRO G 3580 96.92 65.83 34.93
CA PRO G 3580 96.95 67.16 35.55
C PRO G 3580 96.34 68.25 34.69
N GLY G 3581 96.46 68.14 33.37
CA GLY G 3581 95.94 69.18 32.50
C GLY G 3581 94.44 69.18 32.42
N ARG G 3582 93.80 68.11 32.88
CA ARG G 3582 92.35 67.98 32.83
C ARG G 3582 91.74 68.53 34.12
N GLU G 3583 90.88 69.54 33.98
CA GLU G 3583 90.13 70.09 35.10
C GLU G 3583 88.66 70.23 34.69
N GLU G 3584 87.79 69.52 35.41
CA GLU G 3584 86.36 69.63 35.14
C GLU G 3584 85.87 71.05 35.36
N ASP G 3585 86.48 71.76 36.30
CA ASP G 3585 86.19 73.18 36.48
C ASP G 3585 86.53 73.97 35.23
N ALA G 3586 87.68 73.69 34.63
CA ALA G 3586 88.07 74.37 33.39
C ALA G 3586 87.14 73.98 32.25
N ASP G 3587 86.56 72.79 32.30
CA ASP G 3587 85.64 72.36 31.26
C ASP G 3587 84.41 73.26 31.23
N ASP G 3588 83.99 73.61 30.01
CA ASP G 3588 82.88 74.51 29.78
C ASP G 3588 81.86 73.85 28.85
N PRO G 3589 80.58 74.16 28.96
CA PRO G 3589 79.60 73.51 28.08
C PRO G 3589 79.82 73.79 26.61
N GLU G 3590 80.11 75.04 26.25
CA GLU G 3590 80.29 75.38 24.85
C GLU G 3590 81.53 74.69 24.28
N LYS G 3591 82.64 74.75 25.01
CA LYS G 3591 83.85 74.08 24.55
C LYS G 3591 83.62 72.58 24.43
N ILE G 3592 82.93 72.00 25.41
CA ILE G 3592 82.80 70.55 25.43
C ILE G 3592 81.89 70.08 24.30
N VAL G 3593 80.82 70.83 24.00
CA VAL G 3593 79.99 70.46 22.87
C VAL G 3593 80.72 70.68 21.56
N ARG G 3594 81.60 71.69 21.51
CA ARG G 3594 82.38 71.89 20.29
C ARG G 3594 83.29 70.69 20.03
N ARG G 3595 83.98 70.22 21.09
CA ARG G 3595 84.84 69.06 20.89
C ARG G 3595 84.02 67.82 20.58
N VAL G 3596 82.85 67.67 21.22
CA VAL G 3596 81.91 66.64 20.77
C VAL G 3596 81.72 66.70 19.28
N GLN G 3597 81.32 67.86 18.75
CA GLN G 3597 80.86 67.89 17.37
C GLN G 3597 81.99 67.57 16.40
N GLU G 3598 83.15 68.24 16.53
CA GLU G 3598 84.12 68.01 15.46
C GLU G 3598 84.81 66.66 15.65
N VAL G 3599 85.03 66.24 16.90
CA VAL G 3599 85.63 64.94 17.11
C VAL G 3599 84.70 63.83 16.63
N SER G 3600 83.39 64.02 16.82
CA SER G 3600 82.44 63.01 16.36
C SER G 3600 82.38 62.97 14.84
N ALA G 3601 82.43 64.14 14.19
CA ALA G 3601 82.50 64.14 12.73
C ALA G 3601 83.75 63.42 12.26
N VAL G 3602 84.88 63.70 12.91
CA VAL G 3602 86.13 63.04 12.57
C VAL G 3602 86.00 61.53 12.74
N LEU G 3603 85.41 61.11 13.86
CA LEU G 3603 85.27 59.68 14.14
C LEU G 3603 84.36 59.01 13.12
N TYR G 3604 83.28 59.67 12.74
CA TYR G 3604 82.37 59.11 11.75
C TYR G 3604 83.09 58.93 10.41
N HIS G 3605 83.81 59.96 9.99
CA HIS G 3605 84.59 59.82 8.75
C HIS G 3605 85.63 58.73 8.88
N LEU G 3606 86.21 58.56 10.08
CA LEU G 3606 87.16 57.47 10.29
C LEU G 3606 86.48 56.13 10.13
N GLU G 3607 85.23 56.00 10.58
CA GLU G 3607 84.51 54.76 10.31
C GLU G 3607 84.36 54.54 8.82
N GLN G 3608 83.93 55.57 8.09
CA GLN G 3608 83.74 55.43 6.65
C GLN G 3608 85.03 55.00 5.97
N THR G 3609 86.16 55.50 6.44
CA THR G 3609 87.44 55.10 5.86
C THR G 3609 87.83 53.69 6.30
N GLU G 3610 87.62 53.38 7.58
CA GLU G 3610 88.02 52.09 8.13
C GLU G 3610 87.30 50.95 7.43
N HIS G 3611 86.01 51.13 7.14
CA HIS G 3611 85.23 50.18 6.36
C HIS G 3611 84.93 50.84 5.02
N PRO G 3612 85.90 50.85 4.11
CA PRO G 3612 85.66 51.50 2.81
C PRO G 3612 84.89 50.62 1.85
N TYR G 3613 84.73 49.33 2.18
CA TYR G 3613 84.08 48.36 1.31
C TYR G 3613 84.74 48.33 -0.07
N LYS G 3614 86.06 48.17 -0.07
CA LYS G 3614 86.82 48.17 -1.32
C LYS G 3614 86.37 47.04 -2.23
N SER G 3615 86.11 45.86 -1.66
CA SER G 3615 85.54 44.77 -2.44
C SER G 3615 84.04 44.95 -2.57
N LYS G 3616 83.52 44.67 -3.78
CA LYS G 3616 82.11 44.73 -4.12
C LYS G 3616 81.61 46.16 -3.90
N LYS G 3617 82.23 47.13 -4.57
CA LYS G 3617 81.67 48.49 -4.59
C LYS G 3617 81.23 48.88 -6.00
N ALA G 3618 81.85 48.27 -7.00
CA ALA G 3618 81.48 48.42 -8.41
C ALA G 3618 81.90 47.13 -9.11
N VAL G 3619 80.93 46.25 -9.34
CA VAL G 3619 81.26 44.87 -9.73
C VAL G 3619 81.76 44.84 -11.16
N TRP G 3620 82.65 43.89 -11.44
CA TRP G 3620 83.13 43.61 -12.80
C TRP G 3620 83.35 42.09 -12.90
N HIS G 3621 82.45 41.43 -13.64
CA HIS G 3621 82.52 39.98 -13.73
C HIS G 3621 83.37 39.55 -14.94
N LYS G 3622 83.18 40.21 -16.07
CA LYS G 3622 83.90 39.91 -17.31
C LYS G 3622 83.74 38.44 -17.70
N LEU G 3623 82.52 37.92 -17.53
CA LEU G 3623 82.23 36.59 -18.04
C LEU G 3623 81.74 36.66 -19.48
N LEU G 3624 81.16 37.81 -19.86
CA LEU G 3624 80.85 38.04 -21.27
C LEU G 3624 82.10 38.39 -22.06
N SER G 3625 83.12 38.92 -21.38
CA SER G 3625 84.30 39.43 -22.08
C SER G 3625 85.12 38.31 -22.72
N LYS G 3626 85.11 37.13 -22.11
CA LYS G 3626 85.89 36.03 -22.67
C LYS G 3626 85.36 35.58 -24.02
N GLN G 3627 84.04 35.46 -24.14
CA GLN G 3627 83.45 35.14 -25.45
C GLN G 3627 83.40 36.37 -26.35
N ARG G 3628 83.47 37.56 -25.75
CA ARG G 3628 83.49 38.80 -26.53
C ARG G 3628 84.84 38.99 -27.20
N ARG G 3629 85.90 38.41 -26.63
CA ARG G 3629 87.17 38.34 -27.34
C ARG G 3629 87.01 37.53 -28.62
N ARG G 3630 86.33 36.39 -28.54
CA ARG G 3630 86.02 35.63 -29.74
C ARG G 3630 85.12 36.44 -30.68
N ALA G 3631 84.23 37.25 -30.11
CA ALA G 3631 83.36 38.07 -30.93
C ALA G 3631 84.14 39.11 -31.72
N VAL G 3632 85.11 39.77 -31.08
CA VAL G 3632 85.90 40.77 -31.79
C VAL G 3632 86.84 40.10 -32.80
N VAL G 3633 87.31 38.90 -32.47
CA VAL G 3633 88.09 38.14 -33.46
C VAL G 3633 87.22 37.83 -34.68
N ALA G 3634 85.95 37.49 -34.46
CA ALA G 3634 85.07 37.18 -35.58
C ALA G 3634 84.54 38.45 -36.24
N CYS G 3635 84.73 39.60 -35.59
CA CYS G 3635 84.29 40.86 -36.17
C CYS G 3635 85.38 41.48 -37.03
N PHE G 3636 86.63 41.38 -36.60
CA PHE G 3636 87.74 41.67 -37.51
C PHE G 3636 87.79 40.61 -38.61
N ARG G 3637 87.42 39.37 -38.27
CA ARG G 3637 87.25 38.33 -39.28
C ARG G 3637 85.98 38.55 -40.08
N MET G 3638 85.01 39.25 -39.51
CA MET G 3638 83.81 39.62 -40.25
C MET G 3638 84.23 40.34 -41.53
N THR G 3639 83.93 39.72 -42.66
CA THR G 3639 84.35 40.25 -43.93
C THR G 3639 83.36 41.31 -44.41
N PRO G 3640 83.83 42.54 -44.62
CA PRO G 3640 82.95 43.56 -45.19
C PRO G 3640 82.46 43.13 -46.54
N LEU G 3641 81.23 43.54 -46.86
CA LEU G 3641 80.56 43.00 -48.04
C LEU G 3641 81.34 43.31 -49.31
N TYR G 3642 82.23 44.31 -49.27
CA TYR G 3642 83.08 44.54 -50.44
C TYR G 3642 84.14 43.44 -50.56
N ASN G 3643 84.65 42.96 -49.42
CA ASN G 3643 85.60 41.86 -49.44
C ASN G 3643 84.89 40.54 -49.63
N LEU G 3644 83.57 40.53 -49.46
CA LEU G 3644 82.82 39.29 -49.55
C LEU G 3644 82.89 38.75 -50.99
N PRO G 3645 82.94 37.43 -51.17
CA PRO G 3645 82.95 36.88 -52.53
C PRO G 3645 81.71 37.29 -53.29
N THR G 3646 81.90 37.55 -54.60
CA THR G 3646 80.82 38.16 -55.38
C THR G 3646 79.62 37.23 -55.51
N HIS G 3647 79.86 35.97 -55.91
CA HIS G 3647 78.77 35.03 -56.07
C HIS G 3647 78.07 34.74 -54.74
N ARG G 3648 78.84 34.56 -53.67
CA ARG G 3648 78.25 34.31 -52.36
C ARG G 3648 77.40 35.48 -51.93
N ALA G 3649 77.91 36.69 -52.13
CA ALA G 3649 77.17 37.91 -51.80
C ALA G 3649 75.88 37.98 -52.61
N CYS G 3650 75.95 37.62 -53.89
CA CYS G 3650 74.74 37.60 -54.71
C CYS G 3650 73.70 36.66 -54.11
N ASN G 3651 74.13 35.47 -53.70
CA ASN G 3651 73.18 34.52 -53.13
C ASN G 3651 72.54 35.05 -51.85
N MET G 3652 73.36 35.58 -50.93
CA MET G 3652 72.79 36.04 -49.67
C MET G 3652 71.92 37.27 -49.88
N PHE G 3653 72.27 38.11 -50.87
CA PHE G 3653 71.39 39.22 -51.21
C PHE G 3653 70.07 38.72 -51.77
N LEU G 3654 70.11 37.67 -52.58
CA LEU G 3654 68.85 37.11 -53.08
C LEU G 3654 67.97 36.68 -51.93
N GLU G 3655 68.55 35.97 -50.96
CA GLU G 3655 67.78 35.57 -49.78
C GLU G 3655 67.26 36.78 -49.02
N SER G 3656 68.10 37.79 -48.82
CA SER G 3656 67.71 38.97 -48.06
C SER G 3656 66.57 39.70 -48.75
N TYR G 3657 66.66 39.87 -50.06
CA TYR G 3657 65.60 40.56 -50.78
C TYR G 3657 64.31 39.77 -50.75
N LYS G 3658 64.40 38.44 -50.90
CA LYS G 3658 63.19 37.63 -50.88
C LYS G 3658 62.52 37.72 -49.51
N ALA G 3659 63.32 37.87 -48.46
CA ALA G 3659 62.74 38.03 -47.13
C ALA G 3659 62.15 39.43 -46.95
N ALA G 3660 62.86 40.46 -47.42
CA ALA G 3660 62.53 41.83 -47.05
C ALA G 3660 61.39 42.38 -47.89
N TRP G 3661 61.36 42.07 -49.18
CA TRP G 3661 60.42 42.72 -50.07
C TRP G 3661 59.30 41.82 -50.56
N ILE G 3662 59.64 40.73 -51.25
CA ILE G 3662 58.60 40.00 -51.96
C ILE G 3662 57.71 39.24 -50.99
N LEU G 3663 58.27 38.74 -49.89
CA LEU G 3663 57.46 38.07 -48.88
C LEU G 3663 56.53 39.05 -48.20
N THR G 3664 57.01 40.27 -47.96
CA THR G 3664 56.19 41.26 -47.27
C THR G 3664 55.00 41.70 -48.12
N GLU G 3665 55.26 42.04 -49.38
CA GLU G 3665 54.19 42.54 -50.24
C GLU G 3665 53.27 41.43 -50.67
N ASP G 3666 51.97 41.70 -50.64
CA ASP G 3666 50.94 40.78 -51.11
C ASP G 3666 49.70 41.60 -51.41
N HIS G 3667 49.00 41.25 -52.48
CA HIS G 3667 47.71 41.83 -52.79
C HIS G 3667 46.71 40.71 -53.05
N SER G 3668 45.46 40.92 -52.66
CA SER G 3668 44.44 39.90 -52.71
C SER G 3668 43.77 39.90 -54.08
N PHE G 3669 44.35 39.15 -55.02
CA PHE G 3669 43.69 38.89 -56.28
C PHE G 3669 42.70 37.74 -56.17
N GLU G 3670 42.64 37.09 -55.01
CA GLU G 3670 41.83 35.89 -54.86
C GLU G 3670 40.35 36.22 -54.86
N ASP G 3671 39.99 37.40 -54.38
CA ASP G 3671 38.59 37.81 -54.41
C ASP G 3671 38.06 37.84 -55.83
N ARG G 3672 38.75 38.55 -56.72
CA ARG G 3672 38.30 38.59 -58.11
C ARG G 3672 38.49 37.24 -58.77
N MET G 3673 39.49 36.46 -58.33
CA MET G 3673 39.62 35.10 -58.83
C MET G 3673 38.35 34.31 -58.60
N ILE G 3674 37.87 34.29 -57.36
CA ILE G 3674 36.63 33.57 -57.04
C ILE G 3674 35.46 34.18 -57.77
N ASP G 3675 35.44 35.51 -57.90
CA ASP G 3675 34.35 36.16 -58.60
C ASP G 3675 34.28 35.68 -60.04
N ASP G 3676 35.40 35.69 -60.75
CA ASP G 3676 35.43 35.23 -62.13
C ASP G 3676 35.08 33.75 -62.23
N LEU G 3677 35.66 32.93 -61.35
CA LEU G 3677 35.37 31.51 -61.38
C LEU G 3677 33.91 31.24 -61.05
N SER G 3678 33.22 32.23 -60.46
CA SER G 3678 31.83 32.05 -60.08
C SER G 3678 30.89 32.47 -61.21
N LYS G 3679 31.16 33.59 -61.85
CA LYS G 3679 30.20 34.17 -62.78
C LYS G 3679 29.92 33.22 -63.94
N ALA G 3680 28.66 33.22 -64.38
CA ALA G 3680 28.22 32.42 -65.52
C ALA G 3680 27.81 33.35 -66.65
N GLY G 3681 28.35 33.10 -67.84
CA GLY G 3681 28.07 33.98 -68.97
C GLY G 3681 27.77 33.27 -70.27
N GLU G 3682 26.73 33.73 -70.95
CA GLU G 3682 26.23 33.25 -72.24
C GLU G 3682 25.90 31.76 -72.26
N GLN G 3683 25.57 31.15 -71.12
CA GLN G 3683 25.00 29.80 -71.16
C GLN G 3683 23.53 29.84 -71.56
N GLU G 3684 22.84 30.94 -71.25
CA GLU G 3684 21.38 30.96 -71.31
C GLU G 3684 20.87 30.86 -72.74
N GLU G 3685 21.70 31.22 -73.73
CA GLU G 3685 21.23 31.15 -75.11
C GLU G 3685 21.00 29.70 -75.55
N GLU G 3686 21.67 28.76 -74.89
CA GLU G 3686 21.49 27.35 -75.22
C GLU G 3686 20.11 26.87 -74.81
N GLU G 3687 19.69 27.15 -73.58
CA GLU G 3687 18.35 26.92 -73.07
C GLU G 3687 18.06 25.45 -72.75
N GLU G 3688 19.04 24.56 -72.92
CA GLU G 3688 18.84 23.18 -72.44
C GLU G 3688 19.79 22.86 -71.30
N GLU G 3689 20.88 23.62 -71.17
CA GLU G 3689 21.82 23.40 -70.07
C GLU G 3689 21.17 23.77 -68.74
N VAL G 3690 20.20 24.69 -68.76
CA VAL G 3690 19.51 25.08 -67.54
C VAL G 3690 18.75 23.88 -66.95
N GLU G 3691 18.18 23.06 -67.82
CA GLU G 3691 17.51 21.84 -67.35
C GLU G 3691 18.52 20.81 -66.88
N GLU G 3692 19.78 20.94 -67.32
CA GLU G 3692 20.80 19.99 -66.91
C GLU G 3692 21.64 20.55 -65.77
N LYS G 3693 21.59 21.87 -65.57
CA LYS G 3693 22.31 22.54 -64.48
C LYS G 3693 23.82 22.30 -64.63
N LYS G 3694 24.39 22.86 -65.69
CA LYS G 3694 25.82 22.72 -65.92
C LYS G 3694 26.58 23.45 -64.82
N PRO G 3695 27.73 22.93 -64.38
CA PRO G 3695 28.43 23.54 -63.26
C PRO G 3695 29.19 24.79 -63.69
N ASP G 3696 29.05 25.85 -62.89
CA ASP G 3696 29.87 27.03 -63.04
C ASP G 3696 31.32 26.67 -62.74
N PRO G 3697 32.29 27.43 -63.25
CA PRO G 3697 33.70 27.03 -63.08
C PRO G 3697 34.09 26.80 -61.64
N LEU G 3698 33.61 27.63 -60.72
CA LEU G 3698 33.80 27.31 -59.30
C LEU G 3698 33.25 25.93 -58.99
N HIS G 3699 32.01 25.66 -59.40
CA HIS G 3699 31.39 24.38 -59.07
C HIS G 3699 32.16 23.22 -59.68
N GLN G 3700 32.77 23.45 -60.83
CA GLN G 3700 33.56 22.40 -61.48
C GLN G 3700 34.83 22.12 -60.70
N LEU G 3701 35.53 23.17 -60.27
CA LEU G 3701 36.72 22.96 -59.46
C LEU G 3701 36.36 22.24 -58.16
N VAL G 3702 35.24 22.65 -57.55
CA VAL G 3702 34.75 21.97 -56.35
C VAL G 3702 34.46 20.50 -56.64
N LEU G 3703 33.79 20.22 -57.75
CA LEU G 3703 33.42 18.85 -58.04
C LEU G 3703 34.66 17.99 -58.26
N HIS G 3704 35.68 18.54 -58.90
CA HIS G 3704 36.92 17.79 -59.12
C HIS G 3704 37.65 17.55 -57.81
N PHE G 3705 37.68 18.55 -56.92
CA PHE G 3705 38.29 18.33 -55.61
C PHE G 3705 37.55 17.25 -54.84
N SER G 3706 36.22 17.24 -54.93
CA SER G 3706 35.44 16.18 -54.31
C SER G 3706 35.77 14.84 -54.93
N ARG G 3707 35.96 14.82 -56.25
CA ARG G 3707 36.37 13.59 -56.93
C ARG G 3707 37.70 13.07 -56.38
N THR G 3708 38.67 13.97 -56.20
CA THR G 3708 39.96 13.56 -55.66
C THR G 3708 39.81 13.04 -54.23
N ALA G 3709 39.04 13.75 -53.41
CA ALA G 3709 38.94 13.37 -52.00
C ALA G 3709 38.19 12.05 -51.82
N LEU G 3710 37.04 11.91 -52.48
CA LEU G 3710 36.22 10.71 -52.29
C LEU G 3710 36.93 9.47 -52.82
N THR G 3711 37.75 9.63 -53.86
CA THR G 3711 38.52 8.51 -54.37
C THR G 3711 39.37 7.93 -53.26
N GLU G 3712 39.32 6.61 -53.11
CA GLU G 3712 39.94 5.93 -51.98
C GLU G 3712 41.43 5.77 -52.23
N LYS G 3713 42.22 6.15 -51.23
CA LYS G 3713 43.67 5.95 -51.25
C LYS G 3713 44.14 5.62 -49.84
N SER G 3714 45.23 4.87 -49.76
CA SER G 3714 45.72 4.41 -48.47
C SER G 3714 46.13 5.58 -47.59
N LYS G 3715 46.84 6.55 -48.17
CA LYS G 3715 47.33 7.72 -47.43
C LYS G 3715 46.78 8.99 -48.07
N LEU G 3716 46.35 9.92 -47.24
CA LEU G 3716 45.92 11.22 -47.77
C LEU G 3716 47.12 11.95 -48.35
N ASP G 3717 47.18 11.99 -49.67
CA ASP G 3717 48.31 12.57 -50.38
C ASP G 3717 48.19 14.09 -50.36
N GLU G 3718 49.32 14.76 -50.17
CA GLU G 3718 49.32 16.21 -50.21
C GLU G 3718 49.24 16.70 -51.65
N ASP G 3719 48.34 17.65 -51.90
CA ASP G 3719 48.27 18.35 -53.17
C ASP G 3719 48.47 19.83 -52.91
N TYR G 3720 49.55 20.39 -53.46
CA TYR G 3720 49.79 21.81 -53.32
C TYR G 3720 48.67 22.63 -53.96
N LEU G 3721 48.05 22.09 -55.01
CA LEU G 3721 46.96 22.80 -55.64
C LEU G 3721 45.76 22.92 -54.70
N TYR G 3722 45.41 21.82 -54.02
CA TYR G 3722 44.28 21.90 -53.09
C TYR G 3722 44.66 22.74 -51.87
N MET G 3723 45.91 22.63 -51.43
CA MET G 3723 46.48 23.57 -50.46
C MET G 3723 46.10 24.99 -50.81
N ALA G 3724 46.62 25.49 -51.94
CA ALA G 3724 46.49 26.89 -52.26
C ALA G 3724 45.05 27.26 -52.58
N TYR G 3725 44.34 26.38 -53.29
CA TYR G 3725 42.97 26.68 -53.67
C TYR G 3725 42.09 26.81 -52.45
N ALA G 3726 42.21 25.89 -51.49
CA ALA G 3726 41.42 25.98 -50.28
C ALA G 3726 41.75 27.24 -49.49
N ASP G 3727 43.04 27.58 -49.41
CA ASP G 3727 43.38 28.84 -48.76
C ASP G 3727 42.71 30.01 -49.47
N ILE G 3728 42.66 29.95 -50.80
CA ILE G 3728 42.05 31.03 -51.57
C ILE G 3728 40.57 31.14 -51.27
N MET G 3729 39.86 30.01 -51.27
CA MET G 3729 38.42 30.06 -50.98
C MET G 3729 38.17 30.57 -49.58
N ALA G 3730 38.97 30.13 -48.60
CA ALA G 3730 38.77 30.60 -47.24
C ALA G 3730 38.97 32.10 -47.15
N LYS G 3731 40.05 32.61 -47.72
CA LYS G 3731 40.35 34.03 -47.60
C LYS G 3731 39.31 34.86 -48.33
N SER G 3732 38.89 34.42 -49.51
CA SER G 3732 37.84 35.13 -50.23
C SER G 3732 36.52 35.09 -49.47
N CYS G 3733 36.22 33.96 -48.85
CA CYS G 3733 34.96 33.81 -48.15
C CYS G 3733 34.86 34.75 -46.96
N HIS G 3734 35.89 34.79 -46.12
CA HIS G 3734 35.78 35.67 -44.96
C HIS G 3734 36.01 37.13 -45.35
N LEU G 3735 36.92 37.38 -46.29
CA LEU G 3735 37.20 38.71 -46.84
C LEU G 3735 37.19 39.78 -45.74
N GLU G 3736 38.07 39.61 -44.77
CA GLU G 3736 38.17 40.54 -43.65
C GLU G 3736 39.47 40.34 -42.88
N VAL G 3749 34.62 52.80 -35.24
CA VAL G 3749 34.06 51.57 -34.68
C VAL G 3749 32.57 51.72 -34.47
N GLU G 3750 32.06 52.94 -34.68
CA GLU G 3750 30.66 53.26 -34.47
C GLU G 3750 29.87 52.81 -35.69
N VAL G 3751 29.75 51.50 -35.86
CA VAL G 3751 29.02 50.91 -36.98
C VAL G 3751 27.54 50.96 -36.65
N SER G 3752 26.76 51.53 -37.56
CA SER G 3752 25.31 51.52 -37.40
C SER G 3752 24.80 50.08 -37.39
N PHE G 3753 23.57 49.91 -36.93
CA PHE G 3753 22.98 48.57 -37.05
C PHE G 3753 23.01 48.27 -38.52
N GLU G 3754 22.47 49.18 -39.32
CA GLU G 3754 22.40 48.91 -40.76
C GLU G 3754 23.77 48.48 -41.29
N GLU G 3755 24.83 49.16 -40.87
CA GLU G 3755 26.16 48.85 -41.37
C GLU G 3755 26.59 47.46 -40.92
N LYS G 3756 26.40 47.14 -39.65
CA LYS G 3756 26.77 45.83 -39.14
C LYS G 3756 25.97 44.74 -39.83
N GLU G 3757 24.67 44.95 -40.03
CA GLU G 3757 23.87 43.94 -40.71
C GLU G 3757 24.25 43.84 -42.18
N MET G 3758 24.74 44.92 -42.77
CA MET G 3758 25.18 44.82 -44.16
C MET G 3758 26.43 43.98 -44.25
N GLU G 3759 27.34 44.14 -43.29
CA GLU G 3759 28.49 43.22 -43.22
C GLU G 3759 28.01 41.79 -43.04
N LYS G 3760 27.03 41.56 -42.17
CA LYS G 3760 26.52 40.21 -41.96
C LYS G 3760 25.96 39.64 -43.26
N GLN G 3761 25.18 40.43 -43.99
CA GLN G 3761 24.61 39.95 -45.24
C GLN G 3761 25.71 39.70 -46.27
N ARG G 3762 26.76 40.52 -46.26
CA ARG G 3762 27.87 40.27 -47.17
C ARG G 3762 28.53 38.94 -46.86
N LEU G 3763 28.76 38.66 -45.57
CA LEU G 3763 29.35 37.39 -45.17
C LEU G 3763 28.45 36.23 -45.56
N LEU G 3764 27.14 36.41 -45.37
CA LEU G 3764 26.21 35.38 -45.79
C LEU G 3764 26.30 35.14 -47.28
N TYR G 3765 26.46 36.20 -48.06
CA TYR G 3765 26.52 36.00 -49.51
C TYR G 3765 27.79 35.26 -49.92
N GLN G 3766 28.93 35.62 -49.31
CA GLN G 3766 30.15 34.90 -49.70
C GLN G 3766 30.11 33.45 -49.24
N GLN G 3767 29.57 33.20 -48.04
CA GLN G 3767 29.40 31.81 -47.63
C GLN G 3767 28.39 31.10 -48.53
N SER G 3768 27.43 31.84 -49.07
CA SER G 3768 26.45 31.23 -49.96
C SER G 3768 27.11 30.78 -51.25
N ARG G 3769 27.92 31.65 -51.87
CA ARG G 3769 28.51 31.28 -53.14
C ARG G 3769 29.41 30.06 -52.99
N LEU G 3770 29.90 29.82 -51.77
CA LEU G 3770 30.70 28.62 -51.54
C LEU G 3770 29.82 27.41 -51.28
N HIS G 3771 28.84 27.53 -50.39
CA HIS G 3771 28.09 26.35 -49.98
C HIS G 3771 27.13 25.89 -51.08
N THR G 3772 26.92 26.74 -52.08
CA THR G 3772 26.19 26.28 -53.27
C THR G 3772 26.98 25.21 -53.99
N ARG G 3773 28.28 25.11 -53.72
CA ARG G 3773 29.11 24.16 -54.43
C ARG G 3773 29.18 22.81 -53.73
N GLY G 3774 28.92 22.79 -52.42
CA GLY G 3774 29.19 21.61 -51.63
C GLY G 3774 30.54 21.61 -50.94
N ALA G 3775 31.11 22.81 -50.75
CA ALA G 3775 32.47 22.92 -50.23
C ALA G 3775 32.60 22.25 -48.87
N ALA G 3776 31.67 22.52 -47.95
CA ALA G 3776 31.79 21.93 -46.63
C ALA G 3776 31.47 20.44 -46.67
N GLU G 3777 30.63 20.02 -47.61
CA GLU G 3777 30.40 18.59 -47.80
C GLU G 3777 31.70 17.88 -48.11
N MET G 3778 32.47 18.41 -49.08
CA MET G 3778 33.73 17.74 -49.37
C MET G 3778 34.73 18.00 -48.26
N VAL G 3779 34.52 19.03 -47.44
CA VAL G 3779 35.39 19.23 -46.30
C VAL G 3779 35.25 18.05 -45.35
N LEU G 3780 34.01 17.66 -45.09
CA LEU G 3780 33.76 16.44 -44.32
C LEU G 3780 34.36 15.23 -45.03
N GLN G 3781 34.21 15.18 -46.35
CA GLN G 3781 34.82 14.08 -47.10
C GLN G 3781 36.34 14.07 -46.94
N MET G 3782 36.95 15.26 -46.89
CA MET G 3782 38.40 15.33 -46.76
C MET G 3782 38.80 14.76 -45.41
N ILE G 3783 38.02 15.11 -44.38
CA ILE G 3783 38.30 14.58 -43.05
C ILE G 3783 38.20 13.06 -43.06
N SER G 3784 37.15 12.53 -43.70
CA SER G 3784 36.98 11.08 -43.74
C SER G 3784 38.14 10.41 -44.46
N ALA G 3785 38.61 11.01 -45.55
CA ALA G 3785 39.75 10.44 -46.28
C ALA G 3785 41.05 10.69 -45.53
N CYS G 3786 41.08 11.72 -44.67
CA CYS G 3786 42.28 12.04 -43.93
C CYS G 3786 42.49 11.08 -42.78
N LYS G 3787 41.40 10.55 -42.22
CA LYS G 3787 41.48 9.45 -41.27
C LYS G 3787 42.30 9.83 -40.04
N GLY G 3788 42.19 11.08 -39.62
CA GLY G 3788 42.89 11.53 -38.42
C GLY G 3788 44.38 11.56 -38.57
N GLU G 3789 44.88 12.09 -39.69
CA GLU G 3789 46.30 12.25 -39.91
C GLU G 3789 46.63 13.73 -40.04
N THR G 3790 47.28 14.27 -39.02
CA THR G 3790 47.60 15.70 -39.01
C THR G 3790 48.52 16.05 -40.16
N GLY G 3791 48.24 17.19 -40.79
CA GLY G 3791 49.04 17.64 -41.91
C GLY G 3791 48.52 18.95 -42.43
N ALA G 3792 49.30 19.55 -43.32
CA ALA G 3792 48.90 20.82 -43.91
C ALA G 3792 47.58 20.69 -44.65
N MET G 3793 47.33 19.53 -45.25
CA MET G 3793 46.08 19.33 -45.99
C MET G 3793 44.88 19.50 -45.08
N VAL G 3794 44.84 18.73 -43.99
CA VAL G 3794 43.71 18.78 -43.08
C VAL G 3794 43.65 20.13 -42.38
N SER G 3795 44.81 20.71 -42.07
CA SER G 3795 44.83 22.02 -41.44
C SER G 3795 44.15 23.06 -42.31
N SER G 3796 44.55 23.15 -43.58
CA SER G 3796 43.99 24.15 -44.47
C SER G 3796 42.51 23.89 -44.72
N THR G 3797 42.12 22.62 -44.88
CA THR G 3797 40.74 22.37 -45.22
C THR G 3797 39.84 22.63 -44.00
N LEU G 3798 40.33 22.34 -42.80
CA LEU G 3798 39.61 22.75 -41.59
C LEU G 3798 39.51 24.27 -41.51
N LYS G 3799 40.57 24.98 -41.90
CA LYS G 3799 40.50 26.44 -41.93
C LYS G 3799 39.45 26.91 -42.92
N LEU G 3800 39.36 26.26 -44.07
CA LEU G 3800 38.35 26.62 -45.06
C LEU G 3800 36.95 26.36 -44.51
N GLY G 3801 36.78 25.26 -43.81
CA GLY G 3801 35.51 25.01 -43.14
C GLY G 3801 35.21 26.07 -42.10
N ILE G 3802 36.24 26.53 -41.40
CA ILE G 3802 36.08 27.63 -40.46
C ILE G 3802 35.55 28.86 -41.19
N SER G 3803 36.14 29.16 -42.35
CA SER G 3803 35.71 30.32 -43.11
C SER G 3803 34.27 30.19 -43.56
N ILE G 3804 33.90 29.02 -44.07
CA ILE G 3804 32.53 28.85 -44.59
C ILE G 3804 31.53 28.86 -43.44
N LEU G 3805 31.96 28.42 -42.25
CA LEU G 3805 31.04 28.38 -41.12
C LEU G 3805 31.04 29.69 -40.35
N ASN G 3806 31.96 30.60 -40.68
CA ASN G 3806 32.12 31.82 -39.88
C ASN G 3806 30.80 32.54 -39.70
N GLY G 3807 30.52 32.92 -38.47
CA GLY G 3807 29.22 33.45 -38.12
C GLY G 3807 28.15 32.40 -37.91
N GLY G 3808 28.51 31.12 -38.05
CA GLY G 3808 27.53 30.06 -37.82
C GLY G 3808 26.36 30.12 -38.76
N ASN G 3809 26.59 29.88 -40.05
CA ASN G 3809 25.49 29.91 -41.01
C ASN G 3809 24.60 28.69 -40.81
N ALA G 3810 23.34 28.96 -40.47
CA ALA G 3810 22.39 27.88 -40.22
C ALA G 3810 22.25 26.99 -41.44
N GLU G 3811 22.31 27.57 -42.64
CA GLU G 3811 22.16 26.77 -43.85
C GLU G 3811 23.31 25.78 -43.99
N VAL G 3812 24.54 26.24 -43.74
CA VAL G 3812 25.68 25.33 -43.82
C VAL G 3812 25.56 24.26 -42.75
N GLN G 3813 25.23 24.65 -41.53
CA GLN G 3813 25.04 23.65 -40.49
C GLN G 3813 24.01 22.62 -40.92
N GLN G 3814 22.94 23.09 -41.57
CA GLN G 3814 21.89 22.20 -42.04
C GLN G 3814 22.45 21.19 -43.04
N LYS G 3815 23.12 21.68 -44.07
CA LYS G 3815 23.57 20.77 -45.14
C LYS G 3815 24.59 19.77 -44.62
N MET G 3816 25.53 20.21 -43.79
CA MET G 3816 26.48 19.25 -43.22
C MET G 3816 25.80 18.25 -42.29
N LEU G 3817 24.78 18.68 -41.55
CA LEU G 3817 24.04 17.71 -40.75
C LEU G 3817 23.40 16.65 -41.61
N ASP G 3818 22.73 17.07 -42.70
CA ASP G 3818 22.15 16.09 -43.61
C ASP G 3818 23.20 15.19 -44.22
N TYR G 3819 24.35 15.76 -44.59
CA TYR G 3819 25.39 14.94 -45.22
C TYR G 3819 25.91 13.89 -44.26
N LEU G 3820 26.25 14.29 -43.03
CA LEU G 3820 26.67 13.30 -42.05
C LEU G 3820 25.61 12.23 -41.86
N LYS G 3821 24.34 12.64 -41.84
CA LYS G 3821 23.26 11.66 -41.69
C LYS G 3821 23.26 10.67 -42.86
N ASP G 3822 23.32 11.17 -44.08
CA ASP G 3822 23.07 10.30 -45.23
C ASP G 3822 24.31 9.48 -45.57
N LYS G 3823 25.48 9.87 -45.06
CA LYS G 3823 26.63 8.96 -45.17
C LYS G 3823 26.62 7.95 -44.04
N LYS G 3824 26.09 8.32 -42.87
CA LYS G 3824 26.04 7.48 -41.67
C LYS G 3824 27.31 6.65 -41.52
N GLU G 3825 28.46 7.29 -41.69
CA GLU G 3825 29.74 6.60 -41.76
C GLU G 3825 30.60 7.03 -40.59
N VAL G 3826 31.30 6.07 -39.98
CA VAL G 3826 32.01 6.34 -38.74
C VAL G 3826 33.37 6.96 -39.02
N GLY G 3827 33.92 6.72 -40.22
CA GLY G 3827 35.31 7.08 -40.49
C GLY G 3827 35.61 8.54 -40.23
N PHE G 3828 34.66 9.43 -40.54
CA PHE G 3828 34.88 10.85 -40.28
C PHE G 3828 35.05 11.13 -38.79
N PHE G 3829 34.18 10.54 -37.96
CA PHE G 3829 34.30 10.76 -36.53
C PHE G 3829 35.55 10.09 -35.97
N GLN G 3830 35.92 8.95 -36.56
CA GLN G 3830 37.18 8.31 -36.19
C GLN G 3830 38.35 9.22 -36.50
N SER G 3831 38.30 9.90 -37.66
CA SER G 3831 39.30 10.89 -37.99
C SER G 3831 39.33 12.00 -36.95
N ILE G 3832 38.16 12.45 -36.52
CA ILE G 3832 38.08 13.51 -35.52
C ILE G 3832 38.76 13.09 -34.23
N GLN G 3833 38.46 11.87 -33.76
CA GLN G 3833 39.07 11.39 -32.52
C GLN G 3833 40.58 11.26 -32.67
N ALA G 3834 41.04 10.63 -33.74
CA ALA G 3834 42.48 10.54 -33.93
C ALA G 3834 43.11 11.93 -33.94
N LEU G 3835 42.43 12.89 -34.56
CA LEU G 3835 42.98 14.24 -34.64
C LEU G 3835 43.12 14.85 -33.25
N MET G 3836 42.09 14.76 -32.41
CA MET G 3836 42.19 15.44 -31.12
C MET G 3836 43.12 14.67 -30.21
N GLN G 3837 43.35 13.39 -30.51
CA GLN G 3837 44.48 12.68 -29.89
C GLN G 3837 45.80 13.30 -30.29
N THR G 3838 45.93 13.66 -31.56
CA THR G 3838 47.18 14.26 -32.04
C THR G 3838 47.39 15.65 -31.45
N CYS G 3839 46.33 16.30 -30.98
CA CYS G 3839 46.46 17.63 -30.40
C CYS G 3839 47.39 17.60 -29.20
N SER G 3840 48.32 18.55 -29.16
CA SER G 3840 49.38 18.53 -28.17
C SER G 3840 48.96 19.27 -26.89
N VAL G 3841 49.68 18.96 -25.82
CA VAL G 3841 49.58 19.68 -24.55
C VAL G 3841 50.99 20.01 -24.09
N LEU G 3842 51.08 20.91 -23.12
CA LEU G 3842 52.39 21.38 -22.67
C LEU G 3842 53.20 20.24 -22.05
N ASP G 3843 54.46 20.15 -22.48
CA ASP G 3843 55.38 19.13 -21.97
C ASP G 3843 56.49 19.80 -21.19
N LEU G 3844 56.66 19.37 -19.94
CA LEU G 3844 57.73 19.90 -19.12
C LEU G 3844 59.10 19.58 -19.72
N ASN G 3845 59.26 18.37 -20.24
CA ASN G 3845 60.55 18.01 -20.85
C ASN G 3845 60.84 18.89 -22.05
N ALA G 3846 59.84 19.15 -22.88
CA ALA G 3846 60.03 20.04 -24.01
C ALA G 3846 60.39 21.44 -23.54
N PHE G 3847 59.73 21.91 -22.48
CA PHE G 3847 60.00 23.26 -22.01
C PHE G 3847 61.41 23.38 -21.44
N GLU G 3848 61.88 22.33 -20.76
CA GLU G 3848 63.25 22.38 -20.24
C GLU G 3848 64.26 22.21 -21.36
N ARG G 3849 63.92 21.48 -22.42
CA ARG G 3849 64.79 21.45 -23.58
C ARG G 3849 64.89 22.82 -24.23
N GLN G 3850 63.76 23.52 -24.33
CA GLN G 3850 63.78 24.89 -24.83
C GLN G 3850 64.60 25.79 -23.90
N ASN G 3851 64.47 25.58 -22.60
CA ASN G 3851 65.23 26.36 -21.63
C ASN G 3851 66.72 26.14 -21.81
N LYS G 3852 67.11 24.87 -22.03
CA LYS G 3852 68.49 24.58 -22.38
C LYS G 3852 68.90 25.30 -23.65
N ALA G 3853 68.04 25.30 -24.65
CA ALA G 3853 68.36 25.98 -25.91
C ALA G 3853 68.67 27.45 -25.66
N GLU G 3854 67.77 28.15 -24.97
CA GLU G 3854 67.97 29.58 -24.74
C GLU G 3854 69.17 29.83 -23.84
N GLY G 3855 69.31 29.07 -22.75
CA GLY G 3855 70.42 29.30 -21.83
C GLY G 3855 71.77 29.03 -22.45
N LEU G 3856 71.88 27.93 -23.21
CA LEU G 3856 73.12 27.65 -23.91
C LEU G 3856 73.40 28.72 -24.96
N GLY G 3857 72.44 29.00 -25.83
CA GLY G 3857 72.64 30.03 -26.84
C GLY G 3857 73.88 29.80 -27.67
N MET G 3858 74.08 28.55 -28.13
CA MET G 3858 75.33 28.18 -28.76
C MET G 3858 75.60 29.03 -29.98
N VAL G 3859 76.87 29.40 -30.16
CA VAL G 3859 77.26 30.22 -31.29
C VAL G 3859 77.24 29.39 -32.55
N ASN G 3860 76.42 29.80 -33.52
CA ASN G 3860 76.43 29.16 -34.83
C ASN G 3860 77.79 29.37 -35.49
N GLU G 3861 78.29 28.32 -36.15
CA GLU G 3861 79.67 28.31 -36.62
C GLU G 3861 79.93 29.43 -37.61
N ASP G 3862 78.91 29.87 -38.33
CA ASP G 3862 79.08 31.01 -39.24
C ASP G 3862 79.17 32.30 -38.44
N GLY G 3863 80.39 32.83 -38.33
CA GLY G 3863 80.59 34.03 -37.52
C GLY G 3863 80.21 33.79 -36.08
N THR G 3864 79.48 34.74 -35.49
CA THR G 3864 78.99 34.63 -34.13
C THR G 3864 77.49 34.88 -34.13
N VAL G 3865 76.72 33.82 -33.88
CA VAL G 3865 75.27 33.92 -33.81
C VAL G 3865 74.81 33.46 -32.43
N ILE G 3866 74.65 34.41 -31.51
CA ILE G 3866 74.23 34.05 -30.15
C ILE G 3866 72.71 34.03 -30.07
N ASN G 3867 72.19 33.23 -29.13
CA ASN G 3867 70.77 33.20 -28.80
C ASN G 3867 69.91 32.87 -30.03
N ARG G 3868 70.29 31.83 -30.76
CA ARG G 3868 69.44 31.37 -31.85
C ARG G 3868 68.18 30.72 -31.29
N GLN G 3869 67.04 31.04 -31.90
CA GLN G 3869 65.76 30.51 -31.48
C GLN G 3869 65.14 29.70 -32.61
N ASN G 3870 64.87 28.43 -32.34
CA ASN G 3870 64.17 27.59 -33.29
C ASN G 3870 62.66 27.73 -33.08
N GLY G 3871 61.90 27.17 -34.03
CA GLY G 3871 60.47 27.11 -33.86
C GLY G 3871 60.10 26.36 -32.58
N GLU G 3872 59.32 27.03 -31.73
CA GLU G 3872 59.02 26.47 -30.42
C GLU G 3872 58.28 25.15 -30.56
N LYS G 3873 58.93 24.07 -30.14
CA LYS G 3873 58.33 22.75 -30.22
C LYS G 3873 57.07 22.68 -29.37
N VAL G 3874 57.02 23.45 -28.29
CA VAL G 3874 55.84 23.48 -27.45
C VAL G 3874 54.70 24.12 -28.22
N MET G 3875 53.57 23.41 -28.32
CA MET G 3875 52.40 23.89 -29.04
C MET G 3875 52.73 24.23 -30.50
N ALA G 3876 53.46 23.33 -31.15
CA ALA G 3876 53.69 23.46 -32.58
C ALA G 3876 52.38 23.36 -33.36
N ASP G 3877 51.47 22.51 -32.91
CA ASP G 3877 50.18 22.33 -33.57
C ASP G 3877 49.06 23.11 -32.90
N ASP G 3878 49.40 24.07 -32.03
CA ASP G 3878 48.37 24.76 -31.26
C ASP G 3878 47.41 25.52 -32.16
N GLU G 3879 47.92 26.13 -33.24
CA GLU G 3879 47.03 26.83 -34.17
C GLU G 3879 46.04 25.86 -34.82
N PHE G 3880 46.51 24.67 -35.19
CA PHE G 3880 45.61 23.69 -35.79
C PHE G 3880 44.60 23.19 -34.76
N THR G 3881 45.03 23.05 -33.52
CA THR G 3881 44.10 22.67 -32.45
C THR G 3881 43.04 23.73 -32.25
N GLN G 3882 43.46 25.00 -32.27
CA GLN G 3882 42.52 26.11 -32.23
C GLN G 3882 41.53 26.00 -33.37
N ASP G 3883 42.02 25.73 -34.57
CA ASP G 3883 41.17 25.64 -35.75
C ASP G 3883 40.16 24.52 -35.57
N LEU G 3884 40.60 23.35 -35.09
CA LEU G 3884 39.70 22.21 -34.94
C LEU G 3884 38.63 22.49 -33.90
N PHE G 3885 39.01 23.05 -32.75
CA PHE G 3885 38.02 23.30 -31.73
C PHE G 3885 37.06 24.41 -32.13
N ARG G 3886 37.56 25.41 -32.86
CA ARG G 3886 36.67 26.43 -33.40
C ARG G 3886 35.75 25.84 -34.46
N PHE G 3887 36.23 24.83 -35.18
CA PHE G 3887 35.38 24.13 -36.13
C PHE G 3887 34.21 23.46 -35.44
N LEU G 3888 34.49 22.70 -34.40
CA LEU G 3888 33.41 22.08 -33.64
C LEU G 3888 32.49 23.13 -33.04
N GLN G 3889 33.08 24.20 -32.51
CA GLN G 3889 32.33 25.36 -32.05
C GLN G 3889 31.32 25.80 -33.10
N LEU G 3890 31.80 26.06 -34.31
CA LEU G 3890 30.93 26.65 -35.32
C LEU G 3890 29.90 25.66 -35.82
N LEU G 3891 30.24 24.37 -35.85
CA LEU G 3891 29.23 23.36 -36.14
C LEU G 3891 28.11 23.42 -35.12
N CYS G 3892 28.45 23.53 -33.84
CA CYS G 3892 27.41 23.50 -32.83
C CYS G 3892 26.76 24.87 -32.64
N GLU G 3893 27.28 25.91 -33.28
CA GLU G 3893 26.75 27.26 -33.10
C GLU G 3893 25.27 27.34 -33.45
N GLY G 3894 24.65 28.43 -33.01
CA GLY G 3894 23.22 28.61 -33.18
C GLY G 3894 22.38 27.84 -32.20
N HIS G 3895 23.01 27.16 -31.24
CA HIS G 3895 22.31 26.34 -30.26
C HIS G 3895 21.43 25.30 -30.94
N ASN G 3896 21.92 24.76 -32.06
CA ASN G 3896 21.13 23.82 -32.83
C ASN G 3896 21.11 22.48 -32.11
N ASN G 3897 20.03 22.23 -31.37
CA ASN G 3897 19.96 21.07 -30.50
C ASN G 3897 20.11 19.77 -31.28
N ASP G 3898 19.59 19.73 -32.50
CA ASP G 3898 19.75 18.52 -33.30
C ASP G 3898 21.22 18.26 -33.58
N PHE G 3899 21.99 19.30 -33.90
CA PHE G 3899 23.41 19.12 -34.13
C PHE G 3899 24.13 18.69 -32.85
N GLN G 3900 23.76 19.28 -31.71
CA GLN G 3900 24.39 18.84 -30.47
C GLN G 3900 24.06 17.38 -30.17
N ASN G 3901 22.82 16.97 -30.46
CA ASN G 3901 22.46 15.56 -30.28
C ASN G 3901 23.26 14.66 -31.19
N TYR G 3902 23.46 15.08 -32.44
CA TYR G 3902 24.27 14.29 -33.36
C TYR G 3902 25.70 14.16 -32.85
N LEU G 3903 26.24 15.25 -32.32
CA LEU G 3903 27.59 15.20 -31.75
C LEU G 3903 27.64 14.25 -30.56
N ARG G 3904 26.61 14.28 -29.72
CA ARG G 3904 26.58 13.40 -28.55
C ARG G 3904 26.46 11.95 -28.97
N THR G 3905 25.67 11.67 -29.99
CA THR G 3905 25.37 10.30 -30.39
C THR G 3905 25.04 10.28 -31.87
N GLN G 3906 25.63 9.32 -32.58
CA GLN G 3906 25.42 9.13 -34.00
C GLN G 3906 24.67 7.83 -34.21
N THR G 3907 23.33 7.92 -34.22
CA THR G 3907 22.51 6.71 -34.35
C THR G 3907 22.77 6.02 -35.68
N GLY G 3908 22.86 6.79 -36.77
CA GLY G 3908 23.10 6.20 -38.07
C GLY G 3908 24.40 5.44 -38.13
N ASN G 3909 25.41 5.91 -37.40
CA ASN G 3909 26.68 5.21 -37.34
C ASN G 3909 26.51 3.87 -36.64
N THR G 3910 27.20 2.85 -37.15
CA THR G 3910 27.22 1.56 -36.47
C THR G 3910 27.89 1.69 -35.10
N THR G 3911 28.97 2.45 -35.02
CA THR G 3911 29.65 2.75 -33.77
C THR G 3911 29.53 4.24 -33.49
N THR G 3912 29.08 4.58 -32.30
CA THR G 3912 28.78 5.96 -31.92
C THR G 3912 29.87 6.46 -30.98
N ILE G 3913 30.35 7.68 -31.23
CA ILE G 3913 31.40 8.30 -30.44
C ILE G 3913 30.87 9.63 -29.91
N ASN G 3914 31.33 10.01 -28.72
CA ASN G 3914 30.95 11.27 -28.10
C ASN G 3914 32.12 12.25 -28.15
N ILE G 3915 32.10 13.11 -29.18
CA ILE G 3915 33.16 14.08 -29.35
C ILE G 3915 33.24 15.01 -28.15
N ILE G 3916 32.13 15.19 -27.45
CA ILE G 3916 32.15 16.08 -26.28
C ILE G 3916 32.98 15.47 -25.16
N ILE G 3917 32.81 14.17 -24.88
CA ILE G 3917 33.63 13.59 -23.82
C ILE G 3917 35.07 13.46 -24.30
N CYS G 3918 35.28 13.29 -25.61
CA CYS G 3918 36.65 13.37 -26.12
C CYS G 3918 37.26 14.73 -25.84
N THR G 3919 36.49 15.78 -26.05
CA THR G 3919 36.94 17.13 -25.72
C THR G 3919 37.24 17.25 -24.23
N VAL G 3920 36.41 16.63 -23.40
CA VAL G 3920 36.64 16.64 -21.95
C VAL G 3920 37.98 16.00 -21.64
N ASP G 3921 38.27 14.86 -22.27
CA ASP G 3921 39.55 14.19 -22.04
C ASP G 3921 40.71 15.09 -22.45
N TYR G 3922 40.61 15.71 -23.63
CA TYR G 3922 41.67 16.61 -24.05
C TYR G 3922 41.83 17.75 -23.06
N LEU G 3923 40.72 18.24 -22.52
CA LEU G 3923 40.80 19.29 -21.52
C LEU G 3923 41.55 18.81 -20.28
N LEU G 3924 41.32 17.54 -19.90
CA LEU G 3924 42.05 17.01 -18.76
C LEU G 3924 43.55 16.99 -19.02
N ARG G 3925 43.95 16.55 -20.22
CA ARG G 3925 45.38 16.60 -20.55
C ARG G 3925 45.89 18.03 -20.52
N LEU G 3926 45.05 18.98 -20.95
CA LEU G 3926 45.43 20.38 -20.87
C LEU G 3926 45.68 20.81 -19.43
N GLN G 3927 44.81 20.39 -18.51
CA GLN G 3927 45.02 20.75 -17.11
C GLN G 3927 46.30 20.13 -16.58
N GLU G 3928 46.55 18.88 -16.92
CA GLU G 3928 47.75 18.24 -16.41
C GLU G 3928 49.00 18.99 -16.86
N SER G 3929 49.04 19.34 -18.15
CA SER G 3929 50.14 20.13 -18.67
C SER G 3929 50.25 21.47 -17.94
N ILE G 3930 49.11 22.16 -17.79
CA ILE G 3930 49.10 23.48 -17.18
C ILE G 3930 49.58 23.40 -15.74
N SER G 3931 49.18 22.36 -15.02
CA SER G 3931 49.54 22.23 -13.62
C SER G 3931 51.01 21.89 -13.46
N ASP G 3932 51.56 21.05 -14.34
CA ASP G 3932 52.98 20.79 -14.29
C ASP G 3932 53.79 22.06 -14.55
N PHE G 3933 53.38 22.84 -15.54
CA PHE G 3933 54.08 24.12 -15.79
C PHE G 3933 53.89 25.08 -14.63
N TYR G 3934 52.71 25.07 -14.02
CA TYR G 3934 52.49 25.87 -12.83
C TYR G 3934 53.43 25.50 -11.71
N TRP G 3935 53.60 24.21 -11.45
CA TRP G 3935 54.54 23.80 -10.41
C TRP G 3935 55.95 24.22 -10.77
N TYR G 3936 56.33 24.05 -12.04
CA TYR G 3936 57.70 24.38 -12.43
C TYR G 3936 58.00 25.85 -12.20
N TYR G 3937 57.08 26.73 -12.58
CA TYR G 3937 57.31 28.14 -12.38
C TYR G 3937 56.98 28.56 -10.95
N SER G 3938 56.31 27.68 -10.20
CA SER G 3938 56.09 27.94 -8.79
C SER G 3938 57.37 27.74 -7.99
N GLY G 3939 58.17 26.76 -8.40
CA GLY G 3939 59.52 26.66 -7.86
C GLY G 3939 60.32 27.92 -8.10
N LYS G 3940 60.22 28.47 -9.30
CA LYS G 3940 60.87 29.75 -9.61
C LYS G 3940 60.16 30.88 -8.88
N ASP G 3941 60.87 31.99 -8.71
CA ASP G 3941 60.27 33.15 -8.06
C ASP G 3941 59.30 33.86 -8.99
N VAL G 3942 59.62 33.91 -10.28
CA VAL G 3942 58.85 34.67 -11.25
C VAL G 3942 58.92 33.96 -12.60
N ILE G 3943 57.87 34.12 -13.40
CA ILE G 3943 57.81 33.48 -14.71
C ILE G 3943 58.61 34.30 -15.70
N GLU G 3944 59.51 33.63 -16.41
CA GLU G 3944 60.32 34.29 -17.44
C GLU G 3944 59.46 34.56 -18.68
N GLU G 3945 59.90 35.54 -19.49
CA GLU G 3945 59.04 36.08 -20.55
C GLU G 3945 58.61 35.01 -21.55
N GLN G 3946 59.53 34.16 -21.98
CA GLN G 3946 59.17 33.11 -22.93
C GLN G 3946 58.15 32.16 -22.32
N GLY G 3947 58.31 31.85 -21.04
CA GLY G 3947 57.28 31.10 -20.34
C GLY G 3947 55.95 31.82 -20.33
N LYS G 3948 55.98 33.14 -20.12
CA LYS G 3948 54.75 33.92 -20.15
C LYS G 3948 54.05 33.74 -21.49
N ARG G 3949 54.80 33.84 -22.58
CA ARG G 3949 54.21 33.65 -23.90
C ARG G 3949 53.68 32.22 -24.05
N ASN G 3950 54.41 31.25 -23.51
CA ASN G 3950 53.98 29.86 -23.62
C ASN G 3950 52.64 29.63 -22.92
N PHE G 3951 52.54 30.02 -21.65
CA PHE G 3951 51.23 29.99 -20.99
C PHE G 3951 50.20 30.78 -21.76
N SER G 3952 50.58 31.94 -22.33
CA SER G 3952 49.61 32.77 -23.01
C SER G 3952 48.95 32.02 -24.16
N LYS G 3953 49.77 31.43 -25.03
CA LYS G 3953 49.22 30.66 -26.14
C LYS G 3953 48.44 29.45 -25.64
N ALA G 3954 48.93 28.81 -24.58
CA ALA G 3954 48.23 27.65 -24.04
C ALA G 3954 46.84 28.03 -23.54
N MET G 3955 46.73 29.15 -22.84
CA MET G 3955 45.44 29.51 -22.25
C MET G 3955 44.54 30.12 -23.30
N SER G 3956 45.10 30.65 -24.38
CA SER G 3956 44.26 31.00 -25.52
C SER G 3956 43.63 29.75 -26.11
N VAL G 3957 44.42 28.69 -26.25
CA VAL G 3957 43.86 27.41 -26.68
C VAL G 3957 42.78 26.95 -25.71
N ALA G 3958 43.06 27.08 -24.41
CA ALA G 3958 42.09 26.68 -23.40
C ALA G 3958 40.82 27.53 -23.48
N LYS G 3959 40.97 28.81 -23.80
CA LYS G 3959 39.82 29.69 -23.95
C LYS G 3959 38.94 29.22 -25.09
N GLN G 3960 39.55 28.89 -26.22
CA GLN G 3960 38.76 28.37 -27.33
C GLN G 3960 38.09 27.05 -26.96
N VAL G 3961 38.81 26.20 -26.23
CA VAL G 3961 38.24 24.91 -25.82
C VAL G 3961 37.03 25.14 -24.91
N PHE G 3962 37.17 26.04 -23.95
CA PHE G 3962 36.07 26.34 -23.05
C PHE G 3962 34.90 26.92 -23.81
N ASN G 3963 35.17 27.78 -24.79
CA ASN G 3963 34.09 28.32 -25.61
C ASN G 3963 33.39 27.22 -26.37
N SER G 3964 34.15 26.26 -26.89
CA SER G 3964 33.54 25.14 -27.60
C SER G 3964 32.65 24.33 -26.68
N LEU G 3965 33.13 24.03 -25.47
CA LEU G 3965 32.31 23.30 -24.52
C LEU G 3965 31.05 24.07 -24.16
N THR G 3966 31.20 25.39 -23.97
CA THR G 3966 30.06 26.24 -23.67
C THR G 3966 29.03 26.18 -24.79
N GLU G 3967 29.50 26.20 -26.03
CA GLU G 3967 28.58 26.11 -27.16
C GLU G 3967 27.89 24.76 -27.17
N TYR G 3968 28.63 23.68 -26.89
CA TYR G 3968 28.01 22.36 -26.86
C TYR G 3968 26.90 22.31 -25.83
N ILE G 3969 27.15 22.83 -24.63
CA ILE G 3969 26.18 22.69 -23.55
C ILE G 3969 25.01 23.65 -23.77
N GLN G 3970 25.26 24.77 -24.44
CA GLN G 3970 24.26 25.81 -24.59
C GLN G 3970 23.07 25.32 -25.40
N GLY G 3971 21.95 26.05 -25.28
CA GLY G 3971 20.77 25.77 -26.06
C GLY G 3971 19.48 25.70 -25.24
N PRO G 3972 19.51 25.02 -24.09
CA PRO G 3972 20.47 24.03 -23.62
C PRO G 3972 20.06 22.63 -24.11
N CYS G 3973 21.03 21.77 -24.40
CA CYS G 3973 20.74 20.39 -24.78
C CYS G 3973 20.81 19.53 -23.53
N THR G 3974 19.67 18.96 -23.14
CA THR G 3974 19.60 18.22 -21.88
C THR G 3974 20.49 16.97 -21.92
N GLY G 3975 20.54 16.30 -23.06
CA GLY G 3975 21.44 15.17 -23.18
C GLY G 3975 22.88 15.56 -22.97
N ASN G 3976 23.29 16.71 -23.54
CA ASN G 3976 24.62 17.21 -23.28
C ASN G 3976 24.80 17.55 -21.81
N GLN G 3977 23.75 18.11 -21.19
CA GLN G 3977 23.80 18.41 -19.77
C GLN G 3977 24.14 17.17 -18.96
N GLN G 3978 23.40 16.09 -19.20
CA GLN G 3978 23.64 14.84 -18.47
C GLN G 3978 25.02 14.27 -18.79
N SER G 3979 25.41 14.33 -20.06
CA SER G 3979 26.72 13.78 -20.44
C SER G 3979 27.84 14.48 -19.70
N LEU G 3980 27.79 15.81 -19.65
CA LEU G 3980 28.76 16.54 -18.84
C LEU G 3980 28.62 16.19 -17.37
N ALA G 3981 27.39 16.02 -16.89
CA ALA G 3981 27.16 15.76 -15.48
C ALA G 3981 27.86 14.50 -15.02
N HIS G 3982 27.73 13.42 -15.79
CA HIS G 3982 28.36 12.17 -15.40
C HIS G 3982 29.85 12.19 -15.72
N SER G 3983 30.28 13.12 -16.56
CA SER G 3983 31.68 13.21 -16.93
C SER G 3983 32.51 13.77 -15.77
N ARG G 3984 33.81 13.90 -16.02
CA ARG G 3984 34.78 14.31 -15.00
C ARG G 3984 35.12 15.80 -15.11
N LEU G 3985 34.37 16.56 -15.92
CA LEU G 3985 34.69 17.97 -16.08
C LEU G 3985 34.56 18.72 -14.75
N TRP G 3986 33.88 18.13 -13.76
CA TRP G 3986 33.90 18.71 -12.43
C TRP G 3986 35.29 18.66 -11.83
N ASP G 3987 35.94 17.50 -11.89
CA ASP G 3987 37.33 17.43 -11.45
C ASP G 3987 38.20 18.33 -12.31
N ALA G 3988 37.85 18.46 -13.59
CA ALA G 3988 38.55 19.41 -14.44
C ALA G 3988 38.43 20.83 -13.91
N VAL G 3989 37.22 21.22 -13.50
CA VAL G 3989 37.00 22.56 -13.00
C VAL G 3989 37.78 22.76 -11.70
N VAL G 3990 37.83 21.72 -10.86
CA VAL G 3990 38.56 21.83 -9.60
C VAL G 3990 40.04 22.07 -9.87
N GLY G 3991 40.63 21.26 -10.76
CA GLY G 3991 42.03 21.46 -11.09
C GLY G 3991 42.28 22.84 -11.68
N PHE G 3992 41.42 23.27 -12.58
CA PHE G 3992 41.57 24.59 -13.18
C PHE G 3992 41.46 25.67 -12.11
N LEU G 3993 40.56 25.51 -11.15
CA LEU G 3993 40.40 26.52 -10.11
C LEU G 3993 41.63 26.61 -9.23
N HIS G 3994 42.20 25.47 -8.85
CA HIS G 3994 43.43 25.51 -8.06
C HIS G 3994 44.55 26.20 -8.84
N VAL G 3995 44.68 25.85 -10.13
CA VAL G 3995 45.66 26.52 -10.97
C VAL G 3995 45.39 28.01 -11.00
N PHE G 3996 44.13 28.39 -11.20
CA PHE G 3996 43.77 29.80 -11.29
C PHE G 3996 44.21 30.54 -10.05
N ALA G 3997 43.81 30.04 -8.87
CA ALA G 3997 44.14 30.71 -7.62
C ALA G 3997 45.64 30.90 -7.49
N HIS G 3998 46.41 29.83 -7.72
CA HIS G 3998 47.85 29.95 -7.52
C HIS G 3998 48.48 30.92 -8.52
N MET G 3999 48.03 30.92 -9.77
CA MET G 3999 48.55 31.93 -10.70
C MET G 3999 48.17 33.33 -10.30
N MET G 4000 46.97 33.54 -9.75
CA MET G 4000 46.66 34.90 -9.32
C MET G 4000 47.57 35.36 -8.19
N MET G 4001 47.80 34.51 -7.18
CA MET G 4001 48.74 34.93 -6.13
C MET G 4001 50.13 35.16 -6.70
N LYS G 4002 50.58 34.33 -7.65
CA LYS G 4002 51.92 34.51 -8.20
C LYS G 4002 52.02 35.77 -9.05
N LEU G 4003 51.06 35.98 -9.94
CA LEU G 4003 51.10 37.09 -10.89
C LEU G 4003 50.95 38.43 -10.17
N ALA G 4004 50.18 38.45 -9.09
CA ALA G 4004 49.75 39.71 -8.50
C ALA G 4004 50.93 40.59 -8.09
N GLN G 4005 52.08 39.97 -7.78
CA GLN G 4005 53.20 40.74 -7.25
C GLN G 4005 53.84 41.63 -8.30
N ASP G 4006 54.07 41.10 -9.50
CA ASP G 4006 54.90 41.76 -10.50
C ASP G 4006 54.01 42.63 -11.38
N SER G 4007 54.56 43.77 -11.81
CA SER G 4007 53.82 44.68 -12.68
C SER G 4007 53.80 44.17 -14.12
N SER G 4008 54.87 43.53 -14.57
CA SER G 4008 54.93 43.08 -15.96
C SER G 4008 53.94 41.96 -16.23
N GLN G 4009 53.52 41.27 -15.17
CA GLN G 4009 52.70 40.08 -15.35
C GLN G 4009 51.23 40.42 -15.59
N ILE G 4010 50.89 41.71 -15.51
CA ILE G 4010 49.48 42.10 -15.47
C ILE G 4010 48.77 41.72 -16.76
N GLU G 4011 49.49 41.70 -17.88
CA GLU G 4011 48.84 41.37 -19.14
C GLU G 4011 48.41 39.91 -19.18
N LEU G 4012 49.33 39.01 -18.80
CA LEU G 4012 48.96 37.60 -18.68
C LEU G 4012 47.89 37.42 -17.62
N LEU G 4013 47.90 38.25 -16.58
CA LEU G 4013 46.87 38.17 -15.56
C LEU G 4013 45.51 38.55 -16.14
N LYS G 4014 45.47 39.56 -17.01
CA LYS G 4014 44.23 39.93 -17.68
C LYS G 4014 43.74 38.77 -18.55
N GLU G 4015 44.65 38.15 -19.29
CA GLU G 4015 44.25 37.03 -20.13
C GLU G 4015 43.72 35.89 -19.28
N LEU G 4016 44.32 35.69 -18.10
CA LEU G 4016 43.84 34.66 -17.18
C LEU G 4016 42.46 35.03 -16.64
N LEU G 4017 42.23 36.31 -16.38
CA LEU G 4017 40.90 36.74 -15.96
C LEU G 4017 39.87 36.42 -17.03
N ASP G 4018 40.22 36.66 -18.29
CA ASP G 4018 39.31 36.30 -19.37
C ASP G 4018 39.09 34.79 -19.45
N LEU G 4019 40.16 34.02 -19.24
CA LEU G 4019 40.01 32.57 -19.23
C LEU G 4019 39.08 32.11 -18.13
N GLN G 4020 39.23 32.70 -16.94
CA GLN G 4020 38.32 32.37 -15.84
C GLN G 4020 36.91 32.83 -16.14
N LYS G 4021 36.76 33.93 -16.88
CA LYS G 4021 35.44 34.34 -17.34
C LYS G 4021 34.82 33.27 -18.22
N ASP G 4022 35.58 32.73 -19.16
CA ASP G 4022 35.07 31.65 -20.00
C ASP G 4022 34.73 30.43 -19.16
N MET G 4023 35.55 30.17 -18.14
CA MET G 4023 35.29 29.05 -17.23
C MET G 4023 33.95 29.24 -16.52
N VAL G 4024 33.72 30.44 -16.00
CA VAL G 4024 32.49 30.71 -15.28
C VAL G 4024 31.30 30.65 -16.23
N VAL G 4025 31.49 31.10 -17.47
CA VAL G 4025 30.42 31.01 -18.45
C VAL G 4025 30.10 29.56 -18.75
N MET G 4026 31.13 28.71 -18.83
CA MET G 4026 30.91 27.27 -18.98
C MET G 4026 30.08 26.74 -17.83
N LEU G 4027 30.45 27.08 -16.60
CA LEU G 4027 29.70 26.62 -15.44
C LEU G 4027 28.25 27.09 -15.49
N LEU G 4028 28.04 28.36 -15.85
CA LEU G 4028 26.69 28.89 -15.92
C LEU G 4028 25.87 28.17 -16.98
N SER G 4029 26.47 27.96 -18.16
CA SER G 4029 25.76 27.27 -19.23
C SER G 4029 25.38 25.87 -18.81
N LEU G 4030 26.25 25.20 -18.06
CA LEU G 4030 25.86 23.94 -17.45
C LEU G 4030 24.69 24.14 -16.50
N LEU G 4031 24.71 25.24 -15.74
CA LEU G 4031 23.65 25.47 -14.76
C LEU G 4031 22.39 25.99 -15.42
N GLU G 4032 22.46 26.33 -16.71
CA GLU G 4032 21.30 26.87 -17.39
C GLU G 4032 20.18 25.84 -17.43
N GLY G 4033 18.95 26.30 -17.20
CA GLY G 4033 17.80 25.43 -17.17
C GLY G 4033 17.68 24.59 -15.92
N ASN G 4034 18.46 24.87 -14.89
CA ASN G 4034 18.45 24.06 -13.69
C ASN G 4034 17.17 24.25 -12.90
N VAL G 4035 16.72 23.18 -12.25
CA VAL G 4035 15.63 23.27 -11.30
C VAL G 4035 16.19 23.38 -9.89
N VAL G 4036 15.51 24.18 -9.06
CA VAL G 4036 15.99 24.40 -7.69
C VAL G 4036 16.23 23.07 -7.00
N ASN G 4037 17.39 22.96 -6.37
CA ASN G 4037 17.86 21.72 -5.74
C ASN G 4037 17.86 20.58 -6.76
N GLY G 4038 18.26 20.88 -7.99
CA GLY G 4038 18.37 19.86 -9.00
C GLY G 4038 19.68 19.08 -8.87
N MET G 4039 19.78 17.99 -9.63
CA MET G 4039 20.96 17.14 -9.53
C MET G 4039 22.18 17.84 -10.14
N ILE G 4040 21.97 18.58 -11.23
CA ILE G 4040 23.09 19.32 -11.82
C ILE G 4040 23.58 20.37 -10.84
N ALA G 4041 22.66 21.16 -10.27
CA ALA G 4041 23.06 22.16 -9.29
C ALA G 4041 23.71 21.52 -8.08
N ARG G 4042 23.27 20.31 -7.73
CA ARG G 4042 23.89 19.59 -6.63
C ARG G 4042 25.34 19.28 -6.96
N GLN G 4043 25.62 18.85 -8.18
CA GLN G 4043 27.00 18.59 -8.55
C GLN G 4043 27.82 19.88 -8.60
N MET G 4044 27.24 20.98 -9.09
CA MET G 4044 27.96 22.26 -9.00
C MET G 4044 28.33 22.60 -7.58
N VAL G 4045 27.38 22.51 -6.65
CA VAL G 4045 27.68 22.96 -5.30
C VAL G 4045 28.68 22.03 -4.63
N ASP G 4046 28.57 20.72 -4.88
CA ASP G 4046 29.56 19.80 -4.33
C ASP G 4046 30.94 20.08 -4.89
N MET G 4047 31.03 20.42 -6.18
CA MET G 4047 32.34 20.65 -6.78
C MET G 4047 32.93 21.96 -6.27
N LEU G 4048 32.07 22.96 -6.00
CA LEU G 4048 32.53 24.10 -5.22
C LEU G 4048 33.09 23.65 -3.88
N VAL G 4049 32.38 22.73 -3.22
CA VAL G 4049 32.75 22.34 -1.87
C VAL G 4049 34.14 21.70 -1.85
N GLU G 4050 34.40 20.78 -2.80
CA GLU G 4050 35.70 20.13 -2.80
C GLU G 4050 36.81 21.10 -3.19
N SER G 4051 36.45 22.18 -3.87
CA SER G 4051 37.38 23.24 -4.22
C SER G 4051 37.32 24.41 -3.27
N SER G 4052 36.73 24.23 -2.09
CA SER G 4052 36.43 25.35 -1.19
C SER G 4052 37.67 26.19 -0.91
N SER G 4053 38.83 25.55 -0.78
CA SER G 4053 40.05 26.32 -0.57
C SER G 4053 40.29 27.29 -1.71
N ASN G 4054 40.55 26.77 -2.92
CA ASN G 4054 40.84 27.62 -4.05
C ASN G 4054 39.76 28.68 -4.21
N VAL G 4055 38.51 28.30 -3.95
CA VAL G 4055 37.41 29.26 -3.95
C VAL G 4055 37.70 30.39 -2.98
N GLU G 4056 38.13 30.07 -1.76
CA GLU G 4056 38.22 31.12 -0.75
C GLU G 4056 39.40 32.02 -1.01
N MET G 4057 40.54 31.50 -1.48
CA MET G 4057 41.61 32.46 -1.81
C MET G 4057 41.27 33.27 -3.07
N ILE G 4058 40.51 32.70 -4.01
CA ILE G 4058 40.09 33.51 -5.15
C ILE G 4058 39.20 34.65 -4.70
N LEU G 4059 38.19 34.33 -3.89
CA LEU G 4059 37.30 35.35 -3.35
C LEU G 4059 38.08 36.35 -2.53
N LYS G 4060 39.09 35.87 -1.78
CA LYS G 4060 39.92 36.77 -0.99
C LYS G 4060 40.66 37.75 -1.88
N PHE G 4061 41.23 37.26 -2.98
CA PHE G 4061 41.91 38.14 -3.93
C PHE G 4061 40.97 39.26 -4.39
N PHE G 4062 39.79 38.88 -4.88
CA PHE G 4062 38.88 39.90 -5.37
C PHE G 4062 38.46 40.87 -4.28
N ASP G 4063 38.18 40.36 -3.08
CA ASP G 4063 37.68 41.23 -2.04
C ASP G 4063 38.78 42.13 -1.47
N MET G 4064 40.03 41.65 -1.44
CA MET G 4064 41.09 42.53 -0.98
C MET G 4064 41.29 43.67 -1.97
N PHE G 4065 41.21 43.39 -3.27
CA PHE G 4065 41.29 44.50 -4.21
C PHE G 4065 40.11 45.47 -4.06
N LEU G 4066 38.90 44.95 -3.88
CA LEU G 4066 37.77 45.85 -3.71
C LEU G 4066 37.91 46.70 -2.44
N LYS G 4067 38.29 46.07 -1.33
CA LYS G 4067 38.46 46.80 -0.08
C LYS G 4067 39.58 47.82 -0.18
N LEU G 4068 40.68 47.45 -0.82
CA LEU G 4068 41.73 48.42 -1.10
C LEU G 4068 41.18 49.59 -1.89
N LYS G 4069 40.30 49.33 -2.86
CA LYS G 4069 39.72 50.41 -3.65
C LYS G 4069 38.97 51.40 -2.77
N ASP G 4070 38.04 50.92 -1.93
CA ASP G 4070 37.28 51.90 -1.16
C ASP G 4070 38.14 52.54 -0.09
N ILE G 4071 39.18 51.85 0.39
CA ILE G 4071 40.06 52.44 1.40
C ILE G 4071 40.88 53.57 0.79
N VAL G 4072 41.45 53.36 -0.40
CA VAL G 4072 42.18 54.45 -1.03
C VAL G 4072 41.21 55.55 -1.43
N GLY G 4073 39.93 55.20 -1.57
CA GLY G 4073 38.91 56.23 -1.64
C GLY G 4073 38.58 56.83 -0.29
N SER G 4074 38.92 56.12 0.80
CA SER G 4074 38.49 56.51 2.13
C SER G 4074 39.26 57.73 2.63
N GLU G 4075 38.51 58.67 3.20
CA GLU G 4075 39.11 59.92 3.68
C GLU G 4075 40.05 59.68 4.84
N ALA G 4076 39.82 58.63 5.63
CA ALA G 4076 40.75 58.30 6.70
C ALA G 4076 42.11 57.92 6.12
N PHE G 4077 42.11 57.13 5.05
CA PHE G 4077 43.36 56.82 4.37
C PHE G 4077 43.97 58.06 3.75
N GLN G 4078 43.14 58.96 3.21
CA GLN G 4078 43.68 60.20 2.66
C GLN G 4078 44.37 61.02 3.74
N ASP G 4079 43.78 61.10 4.93
CA ASP G 4079 44.42 61.76 6.05
C ASP G 4079 45.72 61.07 6.43
N TYR G 4080 45.72 59.73 6.39
CA TYR G 4080 46.93 58.99 6.68
C TYR G 4080 48.06 59.35 5.71
N VAL G 4081 47.73 59.47 4.42
CA VAL G 4081 48.73 59.90 3.45
C VAL G 4081 49.08 61.36 3.72
N THR G 4082 50.32 61.59 4.12
CA THR G 4082 50.80 62.93 4.45
C THR G 4082 51.68 63.52 3.35
N ASP G 4083 51.84 62.84 2.23
CA ASP G 4083 52.68 63.35 1.15
C ASP G 4083 51.88 64.27 0.26
N PRO G 4084 52.35 65.50 0.04
CA PRO G 4084 51.75 66.32 -1.02
C PRO G 4084 51.90 65.67 -2.38
N ARG G 4085 52.94 64.88 -2.58
CA ARG G 4085 53.11 64.16 -3.84
C ARG G 4085 52.09 63.05 -4.00
N GLY G 4086 51.50 62.61 -2.89
CA GLY G 4086 50.56 61.50 -2.91
C GLY G 4086 51.18 60.13 -2.70
N LEU G 4087 52.39 60.06 -2.17
CA LEU G 4087 53.05 58.78 -1.96
C LEU G 4087 53.08 58.42 -0.49
N ILE G 4088 52.56 57.25 -0.14
CA ILE G 4088 52.44 56.81 1.24
C ILE G 4088 53.55 55.81 1.53
N SER G 4089 54.12 55.90 2.73
CA SER G 4089 55.15 54.95 3.13
C SER G 4089 54.53 53.59 3.44
N LYS G 4090 55.32 52.53 3.27
CA LYS G 4090 54.86 51.21 3.63
C LYS G 4090 54.50 51.14 5.11
N LYS G 4091 55.29 51.81 5.96
CA LYS G 4091 54.95 51.88 7.37
C LYS G 4091 53.67 52.70 7.58
N ASP G 4092 53.56 53.85 6.92
CA ASP G 4092 52.36 54.66 7.03
C ASP G 4092 51.14 53.92 6.49
N PHE G 4093 51.32 53.22 5.36
CA PHE G 4093 50.23 52.44 4.79
C PHE G 4093 49.80 51.32 5.73
N GLN G 4094 50.78 50.61 6.30
CA GLN G 4094 50.51 49.61 7.34
C GLN G 4094 49.69 50.21 8.47
N LYS G 4095 50.10 51.39 8.96
CA LYS G 4095 49.37 52.04 10.04
C LYS G 4095 47.94 52.36 9.62
N ALA G 4096 47.76 52.85 8.40
CA ALA G 4096 46.42 53.15 7.91
C ALA G 4096 45.53 51.90 7.96
N MET G 4097 46.01 50.79 7.38
CA MET G 4097 45.17 49.59 7.36
C MET G 4097 44.92 49.04 8.75
N ASP G 4098 45.95 49.00 9.61
CA ASP G 4098 45.73 48.44 10.94
C ASP G 4098 44.81 49.35 11.75
N SER G 4099 44.75 50.64 11.41
CA SER G 4099 43.73 51.50 11.99
C SER G 4099 42.35 51.13 11.48
N GLN G 4100 42.22 50.92 10.16
CA GLN G 4100 40.92 50.52 9.61
C GLN G 4100 40.56 49.11 10.05
N LYS G 4101 41.55 48.29 10.39
CA LYS G 4101 41.42 46.91 10.83
C LYS G 4101 40.66 46.05 9.82
N GLN G 4102 40.46 46.51 8.59
CA GLN G 4102 39.74 45.71 7.60
C GLN G 4102 40.54 44.47 7.20
N PHE G 4103 41.85 44.63 7.07
CA PHE G 4103 42.73 43.58 6.58
C PHE G 4103 43.50 42.96 7.75
N THR G 4104 43.67 41.64 7.71
CA THR G 4104 44.53 40.98 8.68
C THR G 4104 45.99 41.30 8.39
N GLY G 4105 46.87 40.96 9.34
CA GLY G 4105 48.28 41.20 9.18
C GLY G 4105 48.94 40.47 8.02
N PRO G 4106 48.80 39.16 7.91
CA PRO G 4106 49.32 38.48 6.72
C PRO G 4106 48.69 39.01 5.44
N GLU G 4107 47.42 39.40 5.51
CA GLU G 4107 46.75 39.98 4.35
C GLU G 4107 47.42 41.27 3.93
N ILE G 4108 47.76 42.13 4.90
CA ILE G 4108 48.41 43.39 4.59
C ILE G 4108 49.80 43.15 4.04
N GLN G 4109 50.52 42.18 4.61
CA GLN G 4109 51.83 41.86 4.07
C GLN G 4109 51.74 41.37 2.64
N PHE G 4110 50.77 40.51 2.34
CA PHE G 4110 50.60 40.02 0.98
C PHE G 4110 50.23 41.16 0.04
N LEU G 4111 49.34 42.06 0.47
CA LEU G 4111 48.91 43.14 -0.41
C LEU G 4111 50.02 44.18 -0.58
N LEU G 4112 50.89 44.30 0.41
CA LEU G 4112 52.04 45.18 0.28
C LEU G 4112 53.06 44.60 -0.69
N SER G 4113 53.30 43.29 -0.61
CA SER G 4113 54.16 42.64 -1.59
C SER G 4113 53.60 42.79 -2.99
N CYS G 4114 52.28 42.62 -3.13
CA CYS G 4114 51.65 42.85 -4.42
C CYS G 4114 51.74 44.32 -4.82
N SER G 4115 51.83 45.21 -3.83
CA SER G 4115 51.89 46.64 -4.10
C SER G 4115 53.27 47.02 -4.62
N GLU G 4116 53.29 47.82 -5.69
CA GLU G 4116 54.55 48.30 -6.23
C GLU G 4116 55.12 49.40 -5.35
N ALA G 4117 56.33 49.16 -4.87
CA ALA G 4117 57.07 50.13 -4.06
C ALA G 4117 58.31 50.59 -4.81
N ASP G 4118 58.43 51.89 -5.00
CA ASP G 4118 59.56 52.44 -5.73
C ASP G 4118 60.81 52.47 -4.85
N GLU G 4119 61.84 53.15 -5.36
CA GLU G 4119 63.13 53.17 -4.68
C GLU G 4119 63.01 53.78 -3.28
N ASN G 4120 62.12 54.76 -3.11
CA ASN G 4120 61.97 55.39 -1.81
C ASN G 4120 61.13 54.54 -0.88
N GLU G 4121 60.63 53.40 -1.37
CA GLU G 4121 59.62 52.54 -0.75
C GLU G 4121 58.29 53.28 -0.74
N MET G 4122 58.18 54.41 -1.43
CA MET G 4122 56.93 55.15 -1.47
C MET G 4122 55.92 54.36 -2.30
N ILE G 4123 54.63 54.56 -2.01
CA ILE G 4123 53.57 53.86 -2.72
C ILE G 4123 52.63 54.87 -3.34
N ASN G 4124 52.36 54.72 -4.63
CA ASN G 4124 51.33 55.50 -5.31
C ASN G 4124 50.06 54.66 -5.34
N PHE G 4125 49.13 54.95 -4.43
CA PHE G 4125 47.97 54.09 -4.26
C PHE G 4125 47.02 54.19 -5.43
N GLU G 4126 47.11 55.27 -6.21
CA GLU G 4126 46.14 55.52 -7.27
C GLU G 4126 46.22 54.46 -8.35
N GLU G 4127 47.37 54.35 -9.03
CA GLU G 4127 47.52 53.34 -10.07
C GLU G 4127 47.43 51.94 -9.48
N PHE G 4128 47.86 51.78 -8.23
CA PHE G 4128 47.76 50.48 -7.58
C PHE G 4128 46.31 50.02 -7.52
N ALA G 4129 45.40 50.90 -7.12
CA ALA G 4129 43.99 50.54 -7.07
C ALA G 4129 43.39 50.43 -8.48
N ASN G 4130 43.75 51.36 -9.36
CA ASN G 4130 43.09 51.42 -10.66
C ASN G 4130 43.46 50.23 -11.54
N ARG G 4131 44.73 49.80 -11.48
CA ARG G 4131 45.20 48.78 -12.41
C ARG G 4131 44.49 47.45 -12.21
N PHE G 4132 44.00 47.20 -10.99
CA PHE G 4132 43.43 45.89 -10.71
C PHE G 4132 41.91 45.92 -10.81
N GLN G 4133 41.29 47.03 -10.42
CA GLN G 4133 39.83 47.08 -10.34
C GLN G 4133 39.18 46.89 -11.70
N GLU G 4134 39.66 47.59 -12.72
CA GLU G 4134 39.02 47.52 -14.03
C GLU G 4134 39.03 46.13 -14.63
N PRO G 4135 40.16 45.41 -14.75
CA PRO G 4135 40.10 44.07 -15.33
C PRO G 4135 39.27 43.10 -14.51
N ALA G 4136 39.30 43.24 -13.19
CA ALA G 4136 38.64 42.26 -12.34
C ALA G 4136 37.13 42.43 -12.34
N ARG G 4137 36.63 43.53 -12.93
CA ARG G 4137 35.21 43.83 -12.85
C ARG G 4137 34.36 42.71 -13.46
N ASP G 4138 34.67 42.34 -14.70
CA ASP G 4138 33.84 41.37 -15.40
C ASP G 4138 33.88 39.99 -14.73
N ILE G 4139 35.08 39.55 -14.34
CA ILE G 4139 35.19 38.23 -13.74
C ILE G 4139 34.53 38.20 -12.38
N GLY G 4140 34.70 39.26 -11.59
CA GLY G 4140 34.01 39.33 -10.32
C GLY G 4140 32.51 39.35 -10.48
N PHE G 4141 32.02 40.09 -11.48
CA PHE G 4141 30.59 40.10 -11.76
C PHE G 4141 30.09 38.71 -12.09
N ASN G 4142 30.80 37.99 -12.95
CA ASN G 4142 30.37 36.66 -13.33
C ASN G 4142 30.40 35.70 -12.14
N VAL G 4143 31.44 35.80 -11.31
CA VAL G 4143 31.53 34.95 -10.14
C VAL G 4143 30.37 35.22 -9.20
N ALA G 4144 30.06 36.50 -8.98
CA ALA G 4144 28.93 36.85 -8.13
C ALA G 4144 27.62 36.32 -8.71
N VAL G 4145 27.46 36.43 -10.02
CA VAL G 4145 26.24 35.93 -10.65
C VAL G 4145 26.11 34.43 -10.42
N LEU G 4146 27.21 33.70 -10.59
CA LEU G 4146 27.17 32.26 -10.34
C LEU G 4146 26.82 31.95 -8.90
N LEU G 4147 27.40 32.70 -7.96
CA LEU G 4147 27.13 32.45 -6.56
C LEU G 4147 25.66 32.69 -6.22
N THR G 4148 25.09 33.79 -6.72
CA THR G 4148 23.67 34.04 -6.47
C THR G 4148 22.80 32.98 -7.14
N ASN G 4149 23.17 32.55 -8.35
CA ASN G 4149 22.38 31.53 -9.01
C ASN G 4149 22.36 30.24 -8.22
N LEU G 4150 23.53 29.82 -7.72
CA LEU G 4150 23.58 28.61 -6.91
C LEU G 4150 22.81 28.80 -5.61
N SER G 4151 22.89 29.99 -5.01
CA SER G 4151 22.13 30.26 -3.80
C SER G 4151 20.64 30.13 -4.06
N GLU G 4152 20.16 30.68 -5.18
CA GLU G 4152 18.75 30.58 -5.52
C GLU G 4152 18.34 29.13 -5.77
N HIS G 4153 19.16 28.39 -6.51
CA HIS G 4153 18.79 27.02 -6.85
C HIS G 4153 18.79 26.11 -5.62
N VAL G 4154 19.87 26.15 -4.84
CA VAL G 4154 19.98 25.37 -3.62
C VAL G 4154 19.86 26.33 -2.45
N PRO G 4155 18.72 26.37 -1.75
CA PRO G 4155 18.56 27.36 -0.68
C PRO G 4155 19.32 26.99 0.58
N HIS G 4156 19.52 25.70 0.84
CA HIS G 4156 19.96 25.22 2.15
C HIS G 4156 21.28 24.47 2.02
N ASP G 4157 22.37 25.20 2.21
CA ASP G 4157 23.69 24.61 2.39
C ASP G 4157 24.53 25.55 3.23
N PRO G 4158 24.90 25.17 4.46
CA PRO G 4158 25.77 26.04 5.26
C PRO G 4158 27.09 26.34 4.59
N ARG G 4159 27.62 25.40 3.81
CA ARG G 4159 28.83 25.68 3.06
C ARG G 4159 28.60 26.82 2.07
N LEU G 4160 27.48 26.78 1.35
CA LEU G 4160 27.15 27.87 0.42
C LEU G 4160 27.01 29.17 1.18
N ARG G 4161 26.37 29.14 2.35
CA ARG G 4161 26.27 30.35 3.16
C ARG G 4161 27.64 30.92 3.47
N ASN G 4162 28.57 30.06 3.90
CA ASN G 4162 29.88 30.57 4.29
C ASN G 4162 30.63 31.13 3.09
N PHE G 4163 30.56 30.44 1.94
CA PHE G 4163 31.21 30.98 0.75
C PHE G 4163 30.62 32.34 0.39
N LEU G 4164 29.30 32.47 0.46
CA LEU G 4164 28.68 33.77 0.19
C LEU G 4164 29.17 34.82 1.16
N GLU G 4165 29.31 34.46 2.43
CA GLU G 4165 29.82 35.40 3.42
C GLU G 4165 31.23 35.84 3.06
N LEU G 4166 32.05 34.94 2.53
CA LEU G 4166 33.36 35.34 2.05
C LEU G 4166 33.25 36.36 0.91
N ALA G 4167 32.31 36.14 0.00
CA ALA G 4167 32.11 37.02 -1.14
C ALA G 4167 31.13 38.14 -0.86
N GLU G 4168 30.85 38.44 0.41
CA GLU G 4168 29.82 39.41 0.72
C GLU G 4168 30.16 40.79 0.19
N SER G 4169 31.42 41.20 0.32
CA SER G 4169 31.82 42.51 -0.19
C SER G 4169 31.67 42.58 -1.70
N ILE G 4170 32.06 41.52 -2.41
CA ILE G 4170 31.90 41.49 -3.86
C ILE G 4170 30.43 41.59 -4.22
N LEU G 4171 29.59 40.84 -3.51
CA LEU G 4171 28.16 40.86 -3.78
C LEU G 4171 27.58 42.25 -3.57
N GLU G 4172 27.98 42.91 -2.49
CA GLU G 4172 27.46 44.24 -2.21
C GLU G 4172 27.92 45.25 -3.25
N TYR G 4173 29.20 45.17 -3.65
CA TYR G 4173 29.70 46.09 -4.66
C TYR G 4173 28.98 45.90 -5.98
N PHE G 4174 28.77 44.66 -6.39
CA PHE G 4174 28.12 44.37 -7.66
C PHE G 4174 26.61 44.38 -7.58
N ARG G 4175 26.04 44.62 -6.41
CA ARG G 4175 24.59 44.54 -6.24
C ARG G 4175 23.84 45.41 -7.25
N PRO G 4176 24.15 46.70 -7.42
CA PRO G 4176 23.46 47.45 -8.47
C PRO G 4176 23.69 46.85 -9.84
N TYR G 4177 24.86 46.27 -10.08
CA TYR G 4177 25.23 45.86 -11.43
C TYR G 4177 24.53 44.57 -11.83
N LEU G 4178 24.32 43.66 -10.87
CA LEU G 4178 23.58 42.44 -11.18
C LEU G 4178 22.16 42.79 -11.60
N GLY G 4179 21.69 42.10 -12.64
CA GLY G 4179 20.32 42.27 -13.09
C GLY G 4179 19.55 40.97 -13.01
N ARG G 4180 18.47 40.97 -12.25
CA ARG G 4180 17.66 39.78 -12.03
C ARG G 4180 16.33 39.96 -12.75
N ILE G 4181 15.91 38.94 -13.48
CA ILE G 4181 14.65 39.01 -14.23
C ILE G 4181 14.07 37.61 -14.35
N GLU G 4182 12.75 37.55 -14.47
CA GLU G 4182 12.02 36.30 -14.54
C GLU G 4182 11.48 36.12 -15.95
N ILE G 4183 11.54 34.89 -16.44
CA ILE G 4183 11.18 34.55 -17.81
C ILE G 4183 10.26 33.33 -17.77
N MET G 4184 9.18 33.37 -18.54
CA MET G 4184 8.33 32.19 -18.61
C MET G 4184 9.10 31.10 -19.33
N GLY G 4185 9.20 29.93 -18.70
CA GLY G 4185 10.07 28.90 -19.22
C GLY G 4185 9.47 28.23 -20.44
N ALA G 4186 10.29 28.11 -21.49
CA ALA G 4186 9.89 27.33 -22.66
C ALA G 4186 9.63 25.89 -22.26
N SER G 4187 10.21 25.45 -21.14
CA SER G 4187 9.86 24.15 -20.57
C SER G 4187 8.53 24.20 -19.84
N ARG G 4188 7.76 25.28 -20.04
CA ARG G 4188 6.47 25.48 -19.39
C ARG G 4188 6.64 25.60 -17.88
N ARG G 4189 7.86 25.88 -17.45
CA ARG G 4189 8.18 26.12 -16.05
C ARG G 4189 8.98 27.41 -15.94
N ILE G 4190 8.43 28.39 -15.22
CA ILE G 4190 9.04 29.72 -15.19
C ILE G 4190 10.47 29.63 -14.68
N GLU G 4191 11.31 30.53 -15.15
CA GLU G 4191 12.73 30.50 -14.87
C GLU G 4191 13.22 31.90 -14.54
N ARG G 4192 14.48 31.98 -14.08
CA ARG G 4192 15.13 33.25 -13.79
C ARG G 4192 16.36 33.40 -14.65
N ILE G 4193 16.65 34.63 -15.05
CA ILE G 4193 17.80 34.95 -15.91
C ILE G 4193 18.52 36.14 -15.29
N TYR G 4194 19.85 36.10 -15.33
CA TYR G 4194 20.68 37.14 -14.75
C TYR G 4194 21.54 37.77 -15.84
N PHE G 4195 21.68 39.08 -15.78
CA PHE G 4195 22.34 39.84 -16.83
C PHE G 4195 23.04 41.06 -16.25
N GLU G 4196 23.97 41.63 -17.01
CA GLU G 4196 24.70 42.80 -16.56
C GLU G 4196 23.98 44.07 -16.96
N ILE G 4197 24.01 45.06 -16.08
CA ILE G 4197 23.39 46.35 -16.31
C ILE G 4197 24.47 47.41 -16.34
N SER G 4198 24.51 48.19 -17.42
CA SER G 4198 25.50 49.25 -17.54
C SER G 4198 25.19 50.39 -16.57
N GLU G 4199 26.23 50.88 -15.90
CA GLU G 4199 26.06 52.06 -15.07
C GLU G 4199 25.66 53.26 -15.91
N THR G 4200 26.22 53.37 -17.12
CA THR G 4200 25.79 54.42 -18.03
C THR G 4200 24.32 54.29 -18.37
N ASN G 4201 23.86 53.06 -18.63
CA ASN G 4201 22.45 52.87 -18.95
C ASN G 4201 21.56 53.20 -17.76
N ARG G 4202 21.99 52.86 -16.56
CA ARG G 4202 21.22 53.26 -15.38
C ARG G 4202 21.14 54.77 -15.29
N ALA G 4203 22.28 55.45 -15.46
CA ALA G 4203 22.27 56.90 -15.42
C ALA G 4203 21.30 57.47 -16.44
N GLN G 4204 21.32 56.92 -17.66
CA GLN G 4204 20.35 57.33 -18.67
C GLN G 4204 18.93 57.08 -18.19
N TRP G 4205 18.72 55.99 -17.46
CA TRP G 4205 17.40 55.74 -16.89
C TRP G 4205 17.06 56.78 -15.82
N GLU G 4206 18.07 57.48 -15.31
CA GLU G 4206 17.83 58.37 -14.17
C GLU G 4206 17.36 59.76 -14.62
N MET G 4207 17.22 59.99 -15.91
CA MET G 4207 16.76 61.30 -16.36
C MET G 4207 15.33 61.56 -15.91
N PRO G 4208 15.06 62.73 -15.34
CA PRO G 4208 13.71 63.00 -14.84
C PRO G 4208 12.64 62.91 -15.90
N GLN G 4209 12.92 63.38 -17.12
CA GLN G 4209 11.86 63.39 -18.13
C GLN G 4209 11.54 61.98 -18.60
N VAL G 4210 12.53 61.10 -18.65
CA VAL G 4210 12.21 59.72 -19.01
C VAL G 4210 11.44 59.06 -17.88
N LYS G 4211 11.72 59.44 -16.62
CA LYS G 4211 10.86 58.95 -15.54
C LYS G 4211 9.43 59.46 -15.69
N GLU G 4212 9.26 60.72 -16.09
CA GLU G 4212 7.91 61.24 -16.27
C GLU G 4212 7.17 60.52 -17.39
N SER G 4213 7.87 60.26 -18.50
CA SER G 4213 7.25 59.50 -19.58
C SER G 4213 6.89 58.09 -19.11
N LYS G 4214 7.75 57.51 -18.26
CA LYS G 4214 7.42 56.21 -17.68
C LYS G 4214 6.15 56.30 -16.85
N ARG G 4215 6.00 57.36 -16.06
CA ARG G 4215 4.79 57.51 -15.26
C ARG G 4215 3.57 57.65 -16.15
N GLN G 4216 3.68 58.43 -17.22
CA GLN G 4216 2.57 58.58 -18.15
C GLN G 4216 2.18 57.24 -18.75
N PHE G 4217 3.17 56.49 -19.23
CA PHE G 4217 2.90 55.19 -19.82
C PHE G 4217 2.26 54.25 -18.82
N ILE G 4218 2.74 54.28 -17.57
CA ILE G 4218 2.18 53.43 -16.53
C ILE G 4218 0.72 53.78 -16.30
N PHE G 4219 0.42 55.08 -16.22
CA PHE G 4219 -0.97 55.48 -16.03
C PHE G 4219 -1.84 54.99 -17.17
N ASP G 4220 -1.37 55.17 -18.41
CA ASP G 4220 -2.17 54.76 -19.56
C ASP G 4220 -2.42 53.26 -19.56
N VAL G 4221 -1.41 52.46 -19.27
CA VAL G 4221 -1.63 51.02 -19.34
C VAL G 4221 -2.53 50.58 -18.19
N VAL G 4222 -2.30 51.09 -16.99
CA VAL G 4222 -3.16 50.70 -15.86
C VAL G 4222 -4.60 51.11 -16.12
N ASN G 4223 -4.81 52.17 -16.92
CA ASN G 4223 -6.18 52.67 -17.05
C ASN G 4223 -6.92 52.07 -18.23
N GLU G 4224 -6.28 51.95 -19.41
CA GLU G 4224 -6.99 51.43 -20.57
C GLU G 4224 -6.48 50.07 -21.05
N GLY G 4225 -5.33 49.62 -20.57
CA GLY G 4225 -4.61 48.52 -21.19
C GLY G 4225 -5.06 47.17 -20.65
N GLY G 4226 -5.65 46.37 -21.53
CA GLY G 4226 -5.96 44.99 -21.19
C GLY G 4226 -4.71 44.13 -21.19
N GLU G 4227 -4.86 42.93 -20.63
CA GLU G 4227 -3.69 42.07 -20.40
C GLU G 4227 -2.97 41.73 -21.70
N ALA G 4228 -3.72 41.37 -22.75
CA ALA G 4228 -3.10 41.06 -24.03
C ALA G 4228 -2.41 42.28 -24.61
N GLU G 4229 -3.09 43.44 -24.55
CA GLU G 4229 -2.48 44.66 -25.06
C GLU G 4229 -1.32 45.11 -24.18
N LYS G 4230 -1.49 45.00 -22.85
CA LYS G 4230 -0.50 45.55 -21.92
C LYS G 4230 0.90 45.00 -22.23
N MET G 4231 0.97 43.77 -22.71
CA MET G 4231 2.27 43.17 -23.00
C MET G 4231 2.96 43.91 -24.15
N GLU G 4232 2.25 44.04 -25.27
CA GLU G 4232 2.78 44.78 -26.41
C GLU G 4232 3.04 46.23 -26.06
N LEU G 4233 2.17 46.81 -25.22
CA LEU G 4233 2.35 48.20 -24.81
C LEU G 4233 3.64 48.38 -24.04
N PHE G 4234 3.95 47.45 -23.13
CA PHE G 4234 5.22 47.54 -22.42
C PHE G 4234 6.39 47.40 -23.37
N VAL G 4235 6.30 46.48 -24.33
CA VAL G 4235 7.38 46.34 -25.30
C VAL G 4235 7.58 47.64 -26.06
N SER G 4236 6.48 48.23 -26.54
CA SER G 4236 6.57 49.46 -27.32
C SER G 4236 7.09 50.62 -26.47
N PHE G 4237 6.68 50.66 -25.20
CA PHE G 4237 7.17 51.70 -24.31
C PHE G 4237 8.68 51.58 -24.15
N CYS G 4238 9.18 50.36 -23.97
CA CYS G 4238 10.62 50.18 -23.87
C CYS G 4238 11.32 50.58 -25.16
N GLU G 4239 10.64 50.34 -26.25
CA GLU G 4239 11.27 50.72 -27.52
C GLU G 4239 11.43 52.23 -27.46
N ASP G 4240 10.30 52.90 -27.43
CA ASP G 4240 10.36 54.37 -27.42
C ASP G 4240 11.39 54.85 -26.42
N THR G 4241 11.49 54.17 -25.28
CA THR G 4241 12.41 54.58 -24.23
C THR G 4241 13.85 54.52 -24.72
N ILE G 4242 14.24 53.39 -25.33
CA ILE G 4242 15.62 53.29 -25.83
C ILE G 4242 15.86 54.32 -26.92
N PHE G 4243 14.86 54.53 -27.79
CA PHE G 4243 14.96 55.65 -28.73
C PHE G 4243 15.31 56.92 -28.00
N GLU G 4244 14.66 57.17 -26.87
CA GLU G 4244 14.89 58.42 -26.16
C GLU G 4244 16.27 58.44 -25.53
N MET G 4245 16.78 57.28 -25.11
CA MET G 4245 18.18 57.27 -24.67
C MET G 4245 19.12 57.70 -25.77
N GLN G 4246 18.98 57.16 -26.98
CA GLN G 4246 19.92 57.62 -28.01
C GLN G 4246 19.69 59.09 -28.33
N ILE G 4247 18.44 59.54 -28.29
CA ILE G 4247 18.16 60.95 -28.53
C ILE G 4247 18.92 61.80 -27.52
N ALA G 4248 18.81 61.46 -26.24
CA ALA G 4248 19.53 62.19 -25.21
C ALA G 4248 21.03 62.03 -25.41
N ALA G 4249 21.46 60.93 -26.01
CA ALA G 4249 22.88 60.73 -26.26
C ALA G 4249 23.41 61.78 -27.23
N GLN G 4250 22.73 61.97 -28.36
CA GLN G 4250 23.18 63.02 -29.28
C GLN G 4250 23.01 64.41 -28.68
N ILE G 4251 21.85 64.70 -28.08
CA ILE G 4251 21.61 66.05 -27.60
C ILE G 4251 22.45 66.34 -26.35
N SER G 4252 23.10 65.31 -25.81
CA SER G 4252 23.78 65.44 -24.54
C SER G 4252 25.00 66.36 -24.65
N GLU G 4253 25.33 67.02 -23.56
CA GLU G 4253 26.51 67.85 -23.50
C GLU G 4253 27.76 66.98 -23.63
N PRO G 4254 28.81 67.47 -24.33
CA PRO G 4254 30.11 66.82 -24.44
C PRO G 4254 30.62 66.22 -23.14
N PHE G 4540 34.66 78.06 -44.67
CA PHE G 4540 34.34 78.87 -43.50
C PHE G 4540 33.07 78.37 -42.83
N TRP G 4541 32.41 77.43 -43.50
CA TRP G 4541 31.08 77.02 -43.05
C TRP G 4541 31.14 75.86 -42.06
N GLY G 4542 32.29 75.19 -41.97
CA GLY G 4542 32.42 74.12 -41.00
C GLY G 4542 32.35 74.63 -39.56
N GLU G 4543 33.05 75.73 -39.29
CA GLU G 4543 33.01 76.33 -37.95
C GLU G 4543 31.60 76.79 -37.61
N LEU G 4544 30.93 77.44 -38.56
CA LEU G 4544 29.57 77.89 -38.32
C LEU G 4544 28.63 76.72 -38.09
N GLU G 4545 28.85 75.62 -38.80
CA GLU G 4545 27.98 74.46 -38.65
C GLU G 4545 28.19 73.77 -37.30
N VAL G 4546 29.44 73.67 -36.85
CA VAL G 4546 29.67 73.03 -35.56
C VAL G 4546 29.16 73.93 -34.44
N GLN G 4547 29.30 75.24 -34.58
CA GLN G 4547 28.67 76.13 -33.61
C GLN G 4547 27.15 76.00 -33.65
N ARG G 4548 26.59 75.78 -34.84
CA ARG G 4548 25.15 75.62 -34.98
C ARG G 4548 24.67 74.37 -34.25
N VAL G 4549 25.36 73.25 -34.43
CA VAL G 4549 24.93 72.02 -33.77
C VAL G 4549 25.15 72.13 -32.26
N LYS G 4550 26.20 72.83 -31.85
CA LYS G 4550 26.39 73.07 -30.43
C LYS G 4550 25.22 73.86 -29.86
N PHE G 4551 24.83 74.94 -30.54
CA PHE G 4551 23.72 75.75 -30.07
C PHE G 4551 22.42 74.96 -30.07
N LEU G 4552 22.23 74.12 -31.08
CA LEU G 4552 21.03 73.29 -31.13
C LEU G 4552 20.99 72.33 -29.96
N ASN G 4553 22.11 71.67 -29.67
CA ASN G 4553 22.15 70.77 -28.53
C ASN G 4553 21.91 71.50 -27.23
N TYR G 4554 22.46 72.73 -27.11
CA TYR G 4554 22.24 73.50 -25.89
C TYR G 4554 20.78 73.86 -25.73
N LEU G 4555 20.14 74.34 -26.80
CA LEU G 4555 18.74 74.69 -26.75
C LEU G 4555 17.89 73.47 -26.42
N SER G 4556 18.26 72.31 -26.94
CA SER G 4556 17.52 71.09 -26.64
C SER G 4556 17.68 70.70 -25.18
N ARG G 4557 18.92 70.72 -24.67
CA ARG G 4557 19.15 70.40 -23.27
C ARG G 4557 18.34 71.31 -22.36
N ASN G 4558 18.30 72.60 -22.67
CA ASN G 4558 17.67 73.59 -21.83
C ASN G 4558 16.22 73.86 -22.23
N PHE G 4559 15.52 72.86 -22.78
CA PHE G 4559 14.19 73.12 -23.30
C PHE G 4559 13.22 73.49 -22.19
N TYR G 4560 13.16 72.68 -21.12
CA TYR G 4560 12.22 72.97 -20.04
C TYR G 4560 12.58 74.27 -19.34
N THR G 4561 13.88 74.57 -19.24
CA THR G 4561 14.31 75.84 -18.70
C THR G 4561 13.78 76.99 -19.53
N LEU G 4562 14.01 76.94 -20.85
CA LEU G 4562 13.50 77.99 -21.72
C LEU G 4562 11.99 78.07 -21.60
N ARG G 4563 11.34 76.92 -21.40
CA ARG G 4563 9.89 76.89 -21.30
C ARG G 4563 9.39 77.67 -20.09
N PHE G 4564 9.93 77.37 -18.90
CA PHE G 4564 9.33 78.01 -17.73
C PHE G 4564 9.80 79.45 -17.61
N LEU G 4565 11.01 79.76 -18.09
CA LEU G 4565 11.37 81.17 -18.20
C LEU G 4565 10.45 81.90 -19.17
N ALA G 4566 10.01 81.22 -20.22
CA ALA G 4566 9.09 81.85 -21.16
C ALA G 4566 7.74 82.14 -20.50
N LEU G 4567 7.20 81.18 -19.74
CA LEU G 4567 5.90 81.42 -19.15
C LEU G 4567 5.98 82.46 -18.04
N PHE G 4568 7.09 82.46 -17.29
CA PHE G 4568 7.32 83.52 -16.32
C PHE G 4568 7.44 84.88 -17.00
N LEU G 4569 8.11 84.90 -18.16
CA LEU G 4569 8.22 86.12 -18.93
C LEU G 4569 6.85 86.64 -19.32
N ALA G 4570 5.99 85.74 -19.80
CA ALA G 4570 4.64 86.13 -20.20
C ALA G 4570 3.85 86.67 -19.02
N PHE G 4571 3.99 86.03 -17.86
CA PHE G 4571 3.32 86.54 -16.66
C PHE G 4571 3.81 87.95 -16.32
N ALA G 4572 5.12 88.17 -16.45
CA ALA G 4572 5.67 89.51 -16.21
C ALA G 4572 5.10 90.52 -17.20
N ILE G 4573 4.99 90.13 -18.47
CA ILE G 4573 4.42 91.03 -19.46
C ILE G 4573 2.98 91.37 -19.10
N ASN G 4574 2.22 90.38 -18.64
CA ASN G 4574 0.85 90.65 -18.23
C ASN G 4574 0.81 91.65 -17.09
N PHE G 4575 1.69 91.46 -16.09
CA PHE G 4575 1.73 92.39 -14.96
C PHE G 4575 2.08 93.80 -15.44
N ILE G 4576 2.97 93.91 -16.42
CA ILE G 4576 3.28 95.23 -16.99
C ILE G 4576 2.08 95.78 -17.73
N LEU G 4577 1.30 94.91 -18.37
CA LEU G 4577 0.07 95.35 -19.02
C LEU G 4577 -0.88 95.96 -18.00
N LEU G 4578 -0.89 95.42 -16.79
CA LEU G 4578 -1.60 96.09 -15.70
C LEU G 4578 -1.02 97.49 -15.51
N PHE G 4579 -1.83 98.39 -14.95
CA PHE G 4579 -1.56 99.79 -14.66
C PHE G 4579 -1.67 100.68 -15.89
N TYR G 4580 -2.31 100.23 -16.96
CA TYR G 4580 -2.37 101.00 -18.19
C TYR G 4580 -3.73 101.68 -18.33
N LYS G 4581 -3.73 103.01 -18.20
CA LYS G 4581 -4.96 103.77 -18.04
C LYS G 4581 -5.55 104.07 -19.41
N VAL G 4582 -6.73 104.70 -19.41
CA VAL G 4582 -7.34 105.27 -20.60
C VAL G 4582 -7.94 106.63 -20.25
N SER G 4583 -8.10 107.47 -21.27
CA SER G 4583 -8.83 108.72 -21.18
C SER G 4583 -8.92 109.34 -22.56
N ASP G 4584 -9.85 110.29 -22.71
CA ASP G 4584 -10.08 110.89 -24.02
C ASP G 4584 -8.91 111.76 -24.47
N SER G 4585 -8.44 112.63 -23.58
CA SER G 4585 -7.43 113.60 -23.97
C SER G 4585 -6.09 112.92 -24.18
N PRO G 4586 -5.23 113.46 -25.03
CA PRO G 4586 -3.87 112.93 -25.16
C PRO G 4586 -3.10 113.10 -23.88
N PRO G 4587 -2.13 112.21 -23.59
CA PRO G 4587 -1.35 112.23 -22.35
C PRO G 4587 -0.64 113.56 -22.14
N ASN G 4626 -14.33 111.17 -31.29
CA ASN G 4626 -13.36 111.30 -30.21
C ASN G 4626 -12.57 110.01 -30.02
N MET G 4627 -11.24 110.13 -29.97
CA MET G 4627 -10.36 109.01 -29.72
C MET G 4627 -9.93 109.00 -28.26
N VAL G 4628 -10.24 107.92 -27.56
CA VAL G 4628 -9.83 107.81 -26.17
C VAL G 4628 -8.38 107.33 -26.11
N TYR G 4629 -7.53 108.16 -25.52
CA TYR G 4629 -6.10 107.95 -25.54
C TYR G 4629 -5.71 106.94 -24.46
N TYR G 4630 -5.32 105.74 -24.89
CA TYR G 4630 -4.92 104.68 -23.99
C TYR G 4630 -3.47 104.90 -23.58
N PHE G 4631 -3.29 105.60 -22.46
CA PHE G 4631 -1.95 105.93 -21.96
C PHE G 4631 -1.75 105.36 -20.56
N LEU G 4632 -0.50 105.07 -20.21
CA LEU G 4632 -0.20 104.51 -18.90
C LEU G 4632 0.57 105.51 -18.06
N GLU G 4633 0.09 105.76 -16.84
CA GLU G 4633 0.72 106.68 -15.90
C GLU G 4633 1.38 105.89 -14.78
N GLU G 4634 2.64 106.21 -14.54
CA GLU G 4634 3.36 105.76 -13.34
C GLU G 4634 4.50 106.73 -13.12
N SER G 4635 5.16 106.62 -11.96
CA SER G 4635 6.12 107.63 -11.56
C SER G 4635 7.34 107.67 -12.50
N THR G 4636 7.92 106.51 -12.80
CA THR G 4636 9.20 106.50 -13.49
C THR G 4636 9.05 106.81 -14.98
N GLY G 4637 7.98 106.31 -15.60
CA GLY G 4637 7.86 106.35 -17.05
C GLY G 4637 8.62 105.26 -17.76
N TYR G 4638 9.26 104.34 -17.02
CA TYR G 4638 10.14 103.36 -17.63
C TYR G 4638 9.37 102.17 -18.19
N MET G 4639 8.15 101.94 -17.70
CA MET G 4639 7.47 100.69 -18.00
C MET G 4639 7.06 100.60 -19.47
N GLU G 4640 6.98 101.73 -20.18
CA GLU G 4640 6.67 101.63 -21.60
C GLU G 4640 7.83 101.01 -22.40
N PRO G 4641 9.05 101.55 -22.37
CA PRO G 4641 10.16 100.82 -23.00
C PRO G 4641 10.37 99.46 -22.39
N ALA G 4642 10.11 99.32 -21.08
CA ALA G 4642 10.24 98.02 -20.45
C ALA G 4642 9.32 97.01 -21.11
N LEU G 4643 8.06 97.36 -21.30
CA LEU G 4643 7.10 96.47 -21.94
C LEU G 4643 7.50 96.17 -23.36
N TRP G 4644 7.98 97.18 -24.09
CA TRP G 4644 8.35 96.93 -25.48
C TRP G 4644 9.50 95.93 -25.59
N CYS G 4645 10.56 96.15 -24.80
CA CYS G 4645 11.69 95.23 -24.81
C CYS G 4645 11.26 93.84 -24.32
N LEU G 4646 10.42 93.79 -23.29
CA LEU G 4646 9.96 92.51 -22.78
C LEU G 4646 9.15 91.76 -23.82
N SER G 4647 8.35 92.48 -24.62
CA SER G 4647 7.64 91.85 -25.71
C SER G 4647 8.59 91.26 -26.73
N LEU G 4648 9.63 92.00 -27.08
CA LEU G 4648 10.62 91.45 -28.01
C LEU G 4648 11.25 90.18 -27.45
N LEU G 4649 11.61 90.21 -26.16
CA LEU G 4649 12.19 89.03 -25.53
C LEU G 4649 11.23 87.86 -25.55
N HIS G 4650 9.95 88.11 -25.24
CA HIS G 4650 8.98 87.03 -25.26
C HIS G 4650 8.89 86.41 -26.64
N THR G 4651 8.86 87.24 -27.68
CA THR G 4651 8.74 86.71 -29.02
C THR G 4651 9.94 85.84 -29.39
N LEU G 4652 11.16 86.32 -29.13
CA LEU G 4652 12.31 85.55 -29.56
C LEU G 4652 12.45 84.27 -28.72
N VAL G 4653 12.12 84.35 -27.43
CA VAL G 4653 12.15 83.16 -26.60
C VAL G 4653 11.13 82.15 -27.08
N ALA G 4654 9.94 82.60 -27.47
CA ALA G 4654 8.94 81.69 -27.98
C ALA G 4654 9.41 80.99 -29.24
N PHE G 4655 10.04 81.75 -30.15
CA PHE G 4655 10.55 81.13 -31.37
C PHE G 4655 11.62 80.09 -31.05
N LEU G 4656 12.50 80.41 -30.11
CA LEU G 4656 13.50 79.44 -29.68
C LEU G 4656 12.83 78.19 -29.12
N CYS G 4657 11.77 78.37 -28.34
CA CYS G 4657 11.03 77.24 -27.82
C CYS G 4657 10.49 76.38 -28.96
N ILE G 4658 9.94 77.02 -29.99
CA ILE G 4658 9.37 76.26 -31.10
C ILE G 4658 10.43 75.41 -31.76
N ILE G 4659 11.57 76.02 -32.10
CA ILE G 4659 12.59 75.27 -32.84
C ILE G 4659 13.18 74.18 -31.95
N GLY G 4660 13.38 74.48 -30.66
CA GLY G 4660 13.90 73.47 -29.77
C GLY G 4660 12.99 72.27 -29.64
N TYR G 4661 11.68 72.51 -29.47
CA TYR G 4661 10.75 71.40 -29.39
C TYR G 4661 10.75 70.61 -30.68
N ASN G 4662 10.75 71.30 -31.82
CA ASN G 4662 10.79 70.62 -33.11
C ASN G 4662 11.99 69.71 -33.20
N CYS G 4663 13.12 70.12 -32.61
CA CYS G 4663 14.31 69.28 -32.69
C CYS G 4663 14.31 68.23 -31.59
N LEU G 4664 13.45 68.37 -30.58
CA LEU G 4664 13.55 67.47 -29.44
C LEU G 4664 12.57 66.31 -29.52
N LYS G 4665 11.25 66.59 -29.50
CA LYS G 4665 10.26 65.53 -29.44
C LYS G 4665 9.72 65.11 -30.80
N VAL G 4666 9.73 66.00 -31.79
CA VAL G 4666 9.34 65.60 -33.15
C VAL G 4666 10.12 64.38 -33.61
N PRO G 4667 11.41 64.25 -33.34
CA PRO G 4667 12.07 62.97 -33.66
C PRO G 4667 11.40 61.77 -33.02
N LEU G 4668 10.95 61.89 -31.77
CA LEU G 4668 10.27 60.76 -31.14
C LEU G 4668 8.95 60.48 -31.81
N VAL G 4669 8.19 61.52 -32.16
CA VAL G 4669 6.91 61.31 -32.81
C VAL G 4669 7.11 60.60 -34.15
N ILE G 4670 8.08 61.08 -34.92
CA ILE G 4670 8.40 60.44 -36.19
C ILE G 4670 8.80 59.00 -35.96
N PHE G 4671 9.60 58.75 -34.92
CA PHE G 4671 10.06 57.39 -34.66
C PHE G 4671 8.90 56.46 -34.38
N LYS G 4672 7.99 56.86 -33.49
CA LYS G 4672 6.88 55.97 -33.15
C LYS G 4672 5.98 55.73 -34.36
N ARG G 4673 5.68 56.79 -35.12
CA ARG G 4673 4.82 56.58 -36.28
C ARG G 4673 5.49 55.67 -37.31
N GLU G 4674 6.78 55.90 -37.58
CA GLU G 4674 7.50 55.04 -38.50
C GLU G 4674 7.52 53.60 -38.03
N LYS G 4675 7.75 53.39 -36.72
CA LYS G 4675 7.81 52.03 -36.21
C LYS G 4675 6.47 51.32 -36.34
N GLU G 4676 5.38 52.00 -36.02
CA GLU G 4676 4.10 51.32 -36.07
C GLU G 4676 3.70 51.04 -37.52
N LEU G 4677 3.99 51.97 -38.42
CA LEU G 4677 3.69 51.70 -39.82
C LEU G 4677 4.54 50.55 -40.35
N ALA G 4678 5.80 50.48 -39.92
CA ALA G 4678 6.66 49.39 -40.33
C ALA G 4678 6.12 48.07 -39.84
N ARG G 4679 5.67 48.02 -38.58
CA ARG G 4679 5.08 46.79 -38.07
C ARG G 4679 3.84 46.42 -38.86
N LYS G 4680 2.99 47.40 -39.19
CA LYS G 4680 1.78 47.11 -39.93
C LYS G 4680 2.10 46.51 -41.29
N LEU G 4681 2.97 47.16 -42.06
CA LEU G 4681 3.27 46.64 -43.40
C LEU G 4681 4.11 45.37 -43.32
N GLU G 4682 4.75 45.12 -42.19
CA GLU G 4682 5.51 43.88 -42.03
C GLU G 4682 4.58 42.70 -41.78
N PHE G 4683 3.58 42.88 -40.94
CA PHE G 4683 2.69 41.78 -40.57
C PHE G 4683 1.27 41.98 -41.06
N ASP G 4684 0.63 43.09 -40.69
CA ASP G 4684 -0.71 43.36 -41.22
C ASP G 4684 -0.66 43.54 -42.72
N GLY G 4685 0.30 44.32 -43.21
CA GLY G 4685 0.45 44.53 -44.65
C GLY G 4685 -0.79 45.10 -45.30
N LEU G 4686 -1.48 46.03 -44.62
CA LEU G 4686 -2.73 46.54 -45.14
C LEU G 4686 -2.52 47.24 -46.48
N TYR G 4687 -1.51 48.11 -46.57
CA TYR G 4687 -1.26 48.79 -47.82
C TYR G 4687 -0.84 47.81 -48.91
N ILE G 4688 -0.27 46.67 -48.52
CA ILE G 4688 -0.02 45.61 -49.48
C ILE G 4688 -1.32 44.95 -49.90
N THR G 4689 -2.16 44.58 -48.93
CA THR G 4689 -3.38 43.85 -49.24
C THR G 4689 -4.65 44.55 -48.78
N GLU G 4690 -4.75 44.92 -47.49
CA GLU G 4690 -6.04 45.38 -46.97
C GLU G 4690 -6.37 46.78 -47.43
N GLN G 4691 -5.36 47.60 -47.66
CA GLN G 4691 -5.48 49.01 -48.05
C GLN G 4691 -6.05 49.83 -46.91
N PRO G 4692 -5.91 51.14 -46.92
CA PRO G 4692 -6.48 51.95 -45.85
C PRO G 4692 -8.00 51.88 -45.87
N GLY G 4693 -8.61 52.05 -44.70
CA GLY G 4693 -10.05 52.05 -44.61
C GLY G 4693 -10.68 53.27 -45.25
N ASP G 4694 -9.85 54.23 -45.66
CA ASP G 4694 -10.21 55.51 -46.27
C ASP G 4694 -10.92 56.42 -45.26
N ASP G 4695 -11.10 55.97 -44.02
CA ASP G 4695 -11.64 56.81 -42.97
C ASP G 4695 -10.58 57.27 -41.98
N ASP G 4696 -9.34 56.81 -42.12
CA ASP G 4696 -8.26 57.17 -41.23
C ASP G 4696 -7.33 58.14 -41.94
N VAL G 4697 -7.39 59.41 -41.52
CA VAL G 4697 -6.55 60.42 -42.14
C VAL G 4697 -5.07 60.12 -41.90
N LYS G 4698 -4.74 59.53 -40.75
CA LYS G 4698 -3.37 59.11 -40.52
C LYS G 4698 -2.95 58.08 -41.56
N GLY G 4699 -3.81 57.10 -41.84
CA GLY G 4699 -3.49 56.13 -42.86
C GLY G 4699 -3.34 56.75 -44.23
N GLN G 4700 -4.23 57.68 -44.58
CA GLN G 4700 -4.14 58.33 -45.88
C GLN G 4700 -2.83 59.11 -46.01
N TRP G 4701 -2.45 59.84 -44.97
CA TRP G 4701 -1.16 60.51 -44.97
C TRP G 4701 -0.04 59.49 -45.08
N ASP G 4702 -0.23 58.30 -44.52
CA ASP G 4702 0.82 57.29 -44.55
C ASP G 4702 0.96 56.68 -45.94
N ARG G 4703 0.02 56.99 -46.84
CA ARG G 4703 0.08 56.39 -48.17
C ARG G 4703 1.26 56.91 -48.97
N LEU G 4704 1.51 58.22 -48.89
CA LEU G 4704 2.48 58.83 -49.80
C LEU G 4704 3.93 58.57 -49.36
N VAL G 4705 4.12 58.21 -48.09
CA VAL G 4705 5.48 58.13 -47.56
C VAL G 4705 6.13 56.81 -47.96
N LEU G 4706 5.32 55.81 -48.33
CA LEU G 4706 5.85 54.47 -48.55
C LEU G 4706 6.87 54.44 -49.68
N ASN G 4707 6.61 55.17 -50.77
CA ASN G 4707 7.51 55.11 -51.92
C ASN G 4707 8.77 55.93 -51.69
N THR G 4708 8.75 56.81 -50.70
CA THR G 4708 9.88 57.70 -50.49
C THR G 4708 11.13 56.91 -50.13
N PRO G 4709 12.30 57.33 -50.61
CA PRO G 4709 13.51 56.52 -50.40
C PRO G 4709 14.01 56.53 -48.96
N SER G 4710 13.95 57.68 -48.29
CA SER G 4710 14.54 57.78 -46.96
C SER G 4710 13.89 56.80 -45.99
N PHE G 4711 12.56 56.85 -45.88
CA PHE G 4711 11.79 55.90 -45.10
C PHE G 4711 12.36 55.78 -43.67
N PRO G 4712 12.59 54.56 -43.09
CA PRO G 4712 12.62 54.60 -41.62
C PRO G 4712 13.94 55.14 -41.08
N SER G 4713 14.16 56.45 -41.29
CA SER G 4713 15.36 57.08 -40.77
C SER G 4713 15.39 57.03 -39.25
N ASN G 4714 14.24 57.26 -38.62
CA ASN G 4714 14.18 57.23 -37.16
C ASN G 4714 14.26 55.80 -36.62
N TYR G 4715 13.59 54.86 -37.29
CA TYR G 4715 13.61 53.48 -36.82
C TYR G 4715 15.02 52.91 -36.95
N TRP G 4716 15.35 52.06 -35.99
CA TRP G 4716 16.74 51.57 -35.91
C TRP G 4716 17.05 50.56 -36.98
N ASP G 4717 16.04 49.98 -37.58
CA ASP G 4717 16.22 49.04 -38.68
C ASP G 4717 15.70 49.65 -39.96
N LYS G 4718 16.49 49.58 -41.03
CA LYS G 4718 16.06 50.10 -42.33
C LYS G 4718 15.95 49.01 -43.39
N PHE G 4719 16.22 47.75 -43.06
CA PHE G 4719 15.99 46.66 -44.01
C PHE G 4719 14.53 46.26 -44.09
N VAL G 4720 13.63 47.07 -43.54
CA VAL G 4720 12.21 46.72 -43.52
C VAL G 4720 11.69 46.54 -44.93
N LYS G 4721 12.16 47.35 -45.87
CA LYS G 4721 11.69 47.23 -47.25
C LYS G 4721 12.03 45.86 -47.82
N ARG G 4722 13.28 45.42 -47.66
CA ARG G 4722 13.66 44.10 -48.14
C ARG G 4722 12.89 43.01 -47.43
N LYS G 4723 12.67 43.17 -46.12
CA LYS G 4723 11.94 42.14 -45.38
C LYS G 4723 10.51 42.00 -45.88
N VAL G 4724 9.84 43.14 -46.12
CA VAL G 4724 8.49 43.10 -46.67
C VAL G 4724 8.51 42.47 -48.05
N LEU G 4725 9.52 42.79 -48.85
CA LEU G 4725 9.63 42.16 -50.16
C LEU G 4725 9.68 40.65 -50.03
N ASP G 4726 10.60 40.14 -49.22
CA ASP G 4726 10.72 38.69 -49.06
C ASP G 4726 9.46 38.09 -48.46
N LYS G 4727 8.71 38.89 -47.70
CA LYS G 4727 7.56 38.34 -46.98
C LYS G 4727 6.33 38.22 -47.87
N HIS G 4728 6.08 39.23 -48.70
CA HIS G 4728 4.83 39.26 -49.47
C HIS G 4728 5.02 39.36 -50.98
N GLY G 4729 6.24 39.17 -51.50
CA GLY G 4729 6.43 39.30 -52.93
C GLY G 4729 5.72 38.23 -53.72
N ASP G 4730 5.67 37.01 -53.18
CA ASP G 4730 5.03 35.91 -53.89
C ASP G 4730 3.59 36.25 -54.23
N ILE G 4731 2.82 36.68 -53.22
CA ILE G 4731 1.42 37.03 -53.46
C ILE G 4731 1.32 38.32 -54.26
N PHE G 4732 2.12 39.33 -53.89
CA PHE G 4732 1.90 40.65 -54.46
C PHE G 4732 2.66 40.84 -55.76
N GLY G 4733 3.79 40.16 -55.92
CA GLY G 4733 4.57 40.36 -57.13
C GLY G 4733 5.74 41.29 -56.91
N ARG G 4734 6.90 40.87 -57.45
CA ARG G 4734 8.14 41.63 -57.27
C ARG G 4734 7.99 43.06 -57.76
N GLU G 4735 7.44 43.24 -58.97
CA GLU G 4735 7.25 44.57 -59.50
C GLU G 4735 6.32 45.40 -58.62
N ARG G 4736 5.35 44.74 -57.99
CA ARG G 4736 4.40 45.47 -57.15
C ARG G 4736 5.05 45.93 -55.86
N ILE G 4737 5.86 45.06 -55.24
CA ILE G 4737 6.68 45.52 -54.12
C ILE G 4737 7.56 46.68 -54.56
N ALA G 4738 8.13 46.57 -55.75
CA ALA G 4738 9.01 47.62 -56.25
C ALA G 4738 8.29 48.96 -56.32
N GLU G 4739 7.11 48.99 -56.91
CA GLU G 4739 6.45 50.28 -57.08
C GLU G 4739 5.90 50.78 -55.76
N LEU G 4740 5.45 49.86 -54.90
CA LEU G 4740 4.87 50.28 -53.61
C LEU G 4740 5.94 50.92 -52.73
N LEU G 4741 7.10 50.30 -52.62
CA LEU G 4741 8.14 50.87 -51.77
C LEU G 4741 9.02 51.87 -52.51
N GLY G 4742 8.80 52.07 -53.80
CA GLY G 4742 9.61 53.02 -54.55
C GLY G 4742 11.07 52.65 -54.63
N MET G 4743 11.37 51.36 -54.78
CA MET G 4743 12.74 50.87 -54.90
C MET G 4743 12.85 49.88 -56.04
N ASP G 4744 14.06 49.78 -56.59
CA ASP G 4744 14.31 48.86 -57.70
C ASP G 4744 14.80 47.52 -57.18
N LEU G 4745 14.19 46.45 -57.68
CA LEU G 4745 14.63 45.10 -57.33
C LEU G 4745 16.07 44.87 -57.79
N ALA G 4746 16.40 45.31 -59.00
CA ALA G 4746 17.72 45.09 -59.55
C ALA G 4746 18.80 45.71 -58.67
N SER G 4747 18.54 46.91 -58.15
CA SER G 4747 19.51 47.55 -57.28
C SER G 4747 19.75 46.72 -56.03
N LEU G 4748 18.68 46.22 -55.40
CA LEU G 4748 18.85 45.41 -54.21
C LEU G 4748 19.66 44.15 -54.50
N GLU G 4749 19.35 43.46 -55.61
CA GLU G 4749 20.06 42.21 -55.86
C GLU G 4749 21.53 42.47 -56.21
N ILE G 4750 21.82 43.53 -56.96
CA ILE G 4750 23.22 43.77 -57.32
C ILE G 4750 24.01 44.20 -56.08
N THR G 4751 23.39 44.99 -55.21
CA THR G 4751 24.07 45.35 -53.97
C THR G 4751 24.30 44.12 -53.08
N ALA G 4752 23.33 43.20 -53.05
CA ALA G 4752 23.52 41.97 -52.30
C ALA G 4752 24.66 41.14 -52.88
N HIS G 4753 24.75 41.07 -54.21
CA HIS G 4753 25.81 40.28 -54.84
C HIS G 4753 27.18 40.88 -54.59
N ASN G 4754 27.33 42.18 -54.85
CA ASN G 4754 28.63 42.83 -54.76
C ASN G 4754 28.53 44.08 -53.91
N GLU G 4755 29.54 44.29 -53.07
CA GLU G 4755 29.62 45.50 -52.26
C GLU G 4755 29.78 46.72 -53.15
N ARG G 4756 29.17 47.82 -52.74
CA ARG G 4756 29.20 49.07 -53.50
C ARG G 4756 29.63 50.19 -52.56
N LYS G 4757 30.45 51.11 -53.06
CA LYS G 4757 30.97 52.22 -52.27
C LYS G 4757 30.68 53.53 -52.99
N PRO G 4758 29.47 54.06 -52.91
CA PRO G 4758 29.16 55.31 -53.62
C PRO G 4758 29.46 56.54 -52.78
N ASP G 4759 30.74 56.87 -52.62
CA ASP G 4759 31.11 58.03 -51.84
C ASP G 4759 30.74 59.31 -52.60
N PRO G 4760 29.91 60.17 -52.03
CA PRO G 4760 29.42 61.34 -52.76
C PRO G 4760 30.30 62.55 -52.51
N PRO G 4761 30.49 63.41 -53.51
CA PRO G 4761 31.21 64.66 -53.30
C PRO G 4761 30.40 65.61 -52.44
N PRO G 4762 31.06 66.40 -51.59
CA PRO G 4762 30.34 67.38 -50.77
C PRO G 4762 30.08 68.66 -51.56
N GLY G 4763 28.82 69.07 -51.59
CA GLY G 4763 28.45 70.30 -52.27
C GLY G 4763 27.10 70.79 -51.80
N LEU G 4764 26.92 72.11 -51.85
CA LEU G 4764 25.67 72.69 -51.37
C LEU G 4764 24.50 72.27 -52.25
N LEU G 4765 24.63 72.41 -53.57
CA LEU G 4765 23.56 71.97 -54.45
C LEU G 4765 23.35 70.48 -54.37
N THR G 4766 24.44 69.70 -54.30
CA THR G 4766 24.31 68.26 -54.18
C THR G 4766 23.51 67.87 -52.95
N TRP G 4767 23.81 68.50 -51.83
CA TRP G 4767 23.04 68.29 -50.61
C TRP G 4767 21.60 68.78 -50.79
N LEU G 4768 21.39 69.79 -51.64
CA LEU G 4768 20.03 70.25 -51.88
C LEU G 4768 19.20 69.19 -52.59
N MET G 4769 19.76 68.55 -53.63
CA MET G 4769 19.06 67.43 -54.26
C MET G 4769 18.92 66.26 -53.29
N SER G 4770 19.83 66.15 -52.33
CA SER G 4770 19.76 65.04 -51.37
C SER G 4770 18.45 65.04 -50.60
N ILE G 4771 17.91 66.23 -50.33
CA ILE G 4771 16.64 66.32 -49.62
C ILE G 4771 15.51 65.85 -50.52
N ASP G 4772 14.67 64.96 -50.00
CA ASP G 4772 13.55 64.40 -50.74
C ASP G 4772 12.28 65.13 -50.34
N VAL G 4773 11.65 65.78 -51.31
CA VAL G 4773 10.51 66.64 -51.01
C VAL G 4773 9.34 65.83 -50.49
N LYS G 4774 9.19 64.59 -50.95
CA LYS G 4774 8.04 63.79 -50.52
C LYS G 4774 8.16 63.41 -49.05
N TYR G 4775 9.32 62.89 -48.65
CA TYR G 4775 9.52 62.61 -47.23
C TYR G 4775 9.43 63.88 -46.42
N GLN G 4776 9.93 64.99 -46.96
CA GLN G 4776 9.88 66.24 -46.23
C GLN G 4776 8.45 66.69 -45.98
N ILE G 4777 7.59 66.61 -47.00
CA ILE G 4777 6.21 67.05 -46.82
C ILE G 4777 5.47 66.09 -45.90
N TRP G 4778 5.76 64.79 -45.99
CA TRP G 4778 5.14 63.85 -45.06
C TRP G 4778 5.52 64.17 -43.63
N LYS G 4779 6.81 64.40 -43.38
CA LYS G 4779 7.26 64.72 -42.03
C LYS G 4779 6.67 66.04 -41.56
N PHE G 4780 6.59 67.03 -42.45
CA PHE G 4780 6.03 68.32 -42.08
C PHE G 4780 4.56 68.18 -41.68
N GLY G 4781 3.80 67.42 -42.45
CA GLY G 4781 2.42 67.17 -42.08
C GLY G 4781 2.31 66.46 -40.75
N VAL G 4782 3.16 65.46 -40.53
CA VAL G 4782 3.15 64.75 -39.26
C VAL G 4782 3.42 65.70 -38.12
N ILE G 4783 4.38 66.61 -38.31
CA ILE G 4783 4.66 67.63 -37.30
C ILE G 4783 3.41 68.47 -37.05
N PHE G 4784 2.72 68.87 -38.13
CA PHE G 4784 1.53 69.70 -37.96
C PHE G 4784 0.42 68.94 -37.26
N THR G 4785 0.47 67.61 -37.29
CA THR G 4785 -0.61 66.83 -36.71
C THR G 4785 -0.68 66.97 -35.19
N ASP G 4786 0.48 66.95 -34.51
CA ASP G 4786 0.44 66.72 -33.07
C ASP G 4786 -0.02 67.96 -32.31
N ASN G 4787 -0.78 67.72 -31.24
CA ASN G 4787 -1.39 68.81 -30.49
C ASN G 4787 -0.34 69.63 -29.77
N SER G 4788 0.78 69.02 -29.39
CA SER G 4788 1.85 69.79 -28.75
C SER G 4788 2.38 70.86 -29.69
N PHE G 4789 2.74 70.47 -30.92
CA PHE G 4789 3.21 71.47 -31.87
C PHE G 4789 2.12 72.47 -32.19
N LEU G 4790 0.87 72.01 -32.28
CA LEU G 4790 -0.21 72.96 -32.54
C LEU G 4790 -0.29 74.02 -31.45
N TYR G 4791 -0.17 73.59 -30.18
CA TYR G 4791 -0.24 74.54 -29.08
C TYR G 4791 0.96 75.49 -29.10
N LEU G 4792 2.15 74.98 -29.40
CA LEU G 4792 3.31 75.85 -29.43
C LEU G 4792 3.21 76.85 -30.58
N GLY G 4793 2.68 76.43 -31.73
CA GLY G 4793 2.43 77.37 -32.80
C GLY G 4793 1.39 78.40 -32.42
N TRP G 4794 0.39 77.99 -31.63
CA TRP G 4794 -0.54 78.94 -31.06
C TRP G 4794 0.19 79.98 -30.23
N TYR G 4795 1.11 79.54 -29.39
CA TYR G 4795 1.92 80.48 -28.62
C TYR G 4795 2.67 81.44 -29.54
N MET G 4796 3.26 80.90 -30.60
CA MET G 4796 3.97 81.75 -31.56
C MET G 4796 3.07 82.81 -32.16
N VAL G 4797 1.91 82.41 -32.66
CA VAL G 4797 1.06 83.36 -33.37
C VAL G 4797 0.53 84.41 -32.41
N MET G 4798 0.21 84.00 -31.17
CA MET G 4798 -0.22 85.01 -30.20
C MET G 4798 0.91 85.95 -29.79
N SER G 4799 2.16 85.47 -29.81
CA SER G 4799 3.25 86.40 -29.56
C SER G 4799 3.39 87.41 -30.69
N LEU G 4800 3.30 86.95 -31.93
CA LEU G 4800 3.37 87.88 -33.05
C LEU G 4800 2.21 88.86 -33.00
N LEU G 4801 1.03 88.41 -32.59
CA LEU G 4801 -0.11 89.30 -32.46
C LEU G 4801 0.09 90.29 -31.32
N GLY G 4802 0.68 89.84 -30.22
CA GLY G 4802 0.96 90.73 -29.11
C GLY G 4802 1.93 91.82 -29.51
N HIS G 4803 2.84 91.52 -30.44
CA HIS G 4803 3.65 92.58 -31.01
C HIS G 4803 2.78 93.63 -31.70
N TYR G 4804 1.75 93.19 -32.41
CA TYR G 4804 0.84 94.15 -33.03
C TYR G 4804 0.11 94.98 -32.00
N ASN G 4805 -0.41 94.32 -30.95
CA ASN G 4805 -1.08 95.00 -29.85
C ASN G 4805 -0.65 94.37 -28.54
N ASN G 4806 -0.10 95.19 -27.65
CA ASN G 4806 0.49 94.66 -26.41
C ASN G 4806 -0.55 93.93 -25.58
N PHE G 4807 -1.82 94.34 -25.67
CA PHE G 4807 -2.85 93.72 -24.85
C PHE G 4807 -3.08 92.26 -25.22
N PHE G 4808 -2.95 91.92 -26.51
CA PHE G 4808 -3.20 90.55 -26.94
C PHE G 4808 -2.21 89.58 -26.31
N PHE G 4809 -1.08 90.09 -25.80
CA PHE G 4809 -0.14 89.23 -25.08
C PHE G 4809 -0.77 88.56 -23.88
N ALA G 4810 -1.85 89.13 -23.34
CA ALA G 4810 -2.47 88.56 -22.15
C ALA G 4810 -2.99 87.16 -22.41
N ALA G 4811 -3.23 86.81 -23.69
CA ALA G 4811 -3.73 85.48 -24.00
C ALA G 4811 -2.73 84.40 -23.62
N HIS G 4812 -1.43 84.75 -23.55
CA HIS G 4812 -0.43 83.78 -23.16
C HIS G 4812 -0.60 83.30 -21.73
N LEU G 4813 -1.38 84.03 -20.92
CA LEU G 4813 -1.55 83.66 -19.52
C LEU G 4813 -2.18 82.30 -19.35
N LEU G 4814 -2.84 81.77 -20.39
CA LEU G 4814 -3.49 80.47 -20.27
C LEU G 4814 -2.50 79.32 -20.14
N ASP G 4815 -1.20 79.59 -20.37
CA ASP G 4815 -0.22 78.51 -20.32
C ASP G 4815 -0.15 77.86 -18.95
N ILE G 4816 -0.62 78.55 -17.91
CA ILE G 4816 -0.56 77.99 -16.56
C ILE G 4816 -1.38 76.72 -16.49
N ALA G 4817 -2.51 76.68 -17.20
CA ALA G 4817 -3.36 75.50 -17.18
C ALA G 4817 -2.63 74.28 -17.72
N MET G 4818 -1.90 74.45 -18.83
CA MET G 4818 -1.07 73.36 -19.33
C MET G 4818 0.03 73.03 -18.34
N GLY G 4819 0.61 74.06 -17.72
CA GLY G 4819 1.74 73.82 -16.82
C GLY G 4819 1.40 72.96 -15.62
N VAL G 4820 0.25 73.20 -15.02
CA VAL G 4820 -0.16 72.52 -13.79
C VAL G 4820 -0.93 71.26 -14.15
N LYS G 4821 -0.57 70.15 -13.50
CA LYS G 4821 -1.28 68.90 -13.72
C LYS G 4821 -2.73 69.03 -13.31
N THR G 4822 -3.00 69.66 -12.18
CA THR G 4822 -4.38 69.80 -11.71
C THR G 4822 -5.20 70.66 -12.66
N LEU G 4823 -4.63 71.78 -13.13
CA LEU G 4823 -5.35 72.64 -14.06
C LEU G 4823 -5.60 71.92 -15.37
N ARG G 4824 -4.61 71.16 -15.85
CA ARG G 4824 -4.82 70.34 -17.03
C ARG G 4824 -5.94 69.34 -16.78
N THR G 4825 -6.03 68.81 -15.57
CA THR G 4825 -7.11 67.91 -15.22
C THR G 4825 -8.45 68.61 -15.32
N ILE G 4826 -8.52 69.87 -14.85
CA ILE G 4826 -9.75 70.63 -14.98
C ILE G 4826 -10.15 70.77 -16.45
N LEU G 4827 -9.21 71.22 -17.28
CA LEU G 4827 -9.55 71.51 -18.67
C LEU G 4827 -9.88 70.23 -19.43
N SER G 4828 -9.27 69.11 -19.02
CA SER G 4828 -9.60 67.83 -19.65
C SER G 4828 -10.96 67.34 -19.17
N SER G 4829 -11.30 67.60 -17.91
CA SER G 4829 -12.60 67.19 -17.40
C SER G 4829 -13.72 67.95 -18.09
N VAL G 4830 -13.46 69.21 -18.45
CA VAL G 4830 -14.46 69.97 -19.20
C VAL G 4830 -14.81 69.25 -20.50
N THR G 4831 -13.80 68.76 -21.21
CA THR G 4831 -14.05 68.09 -22.48
C THR G 4831 -14.43 66.63 -22.28
N HIS G 4832 -14.29 66.14 -21.05
CA HIS G 4832 -14.46 64.71 -20.80
C HIS G 4832 -15.89 64.25 -21.06
N ASN G 4833 -16.86 65.14 -20.85
CA ASN G 4833 -18.26 64.83 -21.08
C ASN G 4833 -18.91 65.82 -22.05
N GLY G 4834 -18.16 66.30 -23.04
CA GLY G 4834 -18.65 67.37 -23.89
C GLY G 4834 -19.91 67.02 -24.64
N LYS G 4835 -20.03 65.77 -25.09
CA LYS G 4835 -21.22 65.37 -25.83
C LYS G 4835 -22.46 65.49 -24.97
N GLN G 4836 -22.44 64.86 -23.79
CA GLN G 4836 -23.57 64.91 -22.88
C GLN G 4836 -23.87 66.35 -22.48
N LEU G 4837 -22.82 67.15 -22.27
CA LEU G 4837 -23.05 68.57 -22.06
C LEU G 4837 -23.82 69.19 -23.22
N VAL G 4838 -23.49 68.77 -24.44
CA VAL G 4838 -24.14 69.36 -25.61
C VAL G 4838 -25.62 69.04 -25.62
N MET G 4839 -25.99 67.76 -25.45
CA MET G 4839 -27.42 67.47 -25.48
C MET G 4839 -28.15 68.04 -24.26
N THR G 4840 -27.49 68.14 -23.11
CA THR G 4840 -28.14 68.75 -21.97
C THR G 4840 -28.42 70.23 -22.21
N VAL G 4841 -27.45 70.94 -22.78
CA VAL G 4841 -27.67 72.35 -23.09
C VAL G 4841 -28.74 72.48 -24.17
N GLY G 4842 -28.78 71.55 -25.10
CA GLY G 4842 -29.85 71.56 -26.10
C GLY G 4842 -31.21 71.43 -25.47
N LEU G 4843 -31.35 70.52 -24.51
CA LEU G 4843 -32.62 70.38 -23.80
C LEU G 4843 -32.95 71.64 -23.03
N LEU G 4844 -31.93 72.28 -22.45
CA LEU G 4844 -32.15 73.54 -21.74
C LEU G 4844 -32.70 74.60 -22.68
N ALA G 4845 -32.06 74.75 -23.85
CA ALA G 4845 -32.55 75.71 -24.82
C ALA G 4845 -33.97 75.37 -25.27
N VAL G 4846 -34.25 74.07 -25.40
CA VAL G 4846 -35.60 73.65 -25.82
C VAL G 4846 -36.63 74.08 -24.79
N VAL G 4847 -36.39 73.80 -23.51
CA VAL G 4847 -37.40 74.11 -22.50
C VAL G 4847 -37.55 75.62 -22.34
N VAL G 4848 -36.44 76.36 -22.43
CA VAL G 4848 -36.54 77.82 -22.41
C VAL G 4848 -37.36 78.29 -23.59
N TYR G 4849 -37.19 77.67 -24.76
CA TYR G 4849 -37.98 78.03 -25.93
C TYR G 4849 -39.46 77.78 -25.68
N LEU G 4850 -39.80 76.64 -25.09
CA LEU G 4850 -41.21 76.36 -24.83
C LEU G 4850 -41.81 77.40 -23.89
N TYR G 4851 -41.08 77.76 -22.83
CA TYR G 4851 -41.58 78.78 -21.93
C TYR G 4851 -41.72 80.12 -22.66
N THR G 4852 -40.77 80.44 -23.54
CA THR G 4852 -40.85 81.67 -24.31
C THR G 4852 -42.10 81.68 -25.17
N VAL G 4853 -42.40 80.57 -25.82
CA VAL G 4853 -43.60 80.49 -26.65
C VAL G 4853 -44.85 80.67 -25.80
N VAL G 4854 -44.89 80.01 -24.64
CA VAL G 4854 -46.06 80.14 -23.79
C VAL G 4854 -46.29 81.58 -23.39
N ALA G 4855 -45.22 82.26 -22.98
CA ALA G 4855 -45.34 83.67 -22.62
C ALA G 4855 -45.76 84.51 -23.81
N PHE G 4856 -45.19 84.22 -24.98
CA PHE G 4856 -45.46 85.02 -26.16
C PHE G 4856 -46.90 84.86 -26.63
N ASN G 4857 -47.49 83.70 -26.39
CA ASN G 4857 -48.89 83.52 -26.74
C ASN G 4857 -49.81 84.17 -25.72
N PHE G 4858 -49.58 83.92 -24.43
CA PHE G 4858 -50.58 84.29 -23.44
C PHE G 4858 -50.19 85.43 -22.50
N PHE G 4859 -48.95 85.48 -22.03
CA PHE G 4859 -48.54 86.45 -21.02
C PHE G 4859 -47.87 87.67 -21.63
N ARG G 4860 -48.29 88.09 -22.82
CA ARG G 4860 -47.58 89.14 -23.54
C ARG G 4860 -47.61 90.47 -22.79
N LYS G 4861 -48.76 90.83 -22.21
CA LYS G 4861 -48.91 92.14 -21.60
C LYS G 4861 -47.99 92.30 -20.40
N PHE G 4862 -47.52 91.18 -19.84
CA PHE G 4862 -46.81 91.23 -18.57
C PHE G 4862 -45.40 91.78 -18.72
N TYR G 4863 -44.78 91.56 -19.89
CA TYR G 4863 -43.33 91.56 -19.95
C TYR G 4863 -42.75 92.97 -20.07
N ASN G 4864 -43.51 93.99 -19.71
CA ASN G 4864 -42.98 95.35 -19.75
C ASN G 4864 -42.04 95.56 -18.58
N LYS G 4865 -40.80 95.98 -18.89
CA LYS G 4865 -39.81 96.25 -17.86
C LYS G 4865 -39.42 97.72 -17.81
N SER G 4866 -40.09 98.57 -18.61
CA SER G 4866 -39.75 99.98 -18.64
C SER G 4866 -40.08 100.64 -17.32
N GLU G 4867 -39.16 101.47 -16.82
CA GLU G 4867 -39.42 102.19 -15.58
C GLU G 4867 -40.46 103.27 -15.77
N ASP G 4868 -40.38 104.01 -16.87
CA ASP G 4868 -41.32 105.08 -17.16
C ASP G 4868 -42.45 104.56 -18.04
N GLU G 4869 -43.62 105.19 -17.93
CA GLU G 4869 -44.76 104.79 -18.74
C GLU G 4869 -44.67 105.35 -20.16
N ASP G 4870 -44.04 106.52 -20.31
CA ASP G 4870 -44.03 107.19 -21.59
C ASP G 4870 -43.22 106.41 -22.63
N GLU G 4871 -42.09 105.86 -22.21
CA GLU G 4871 -41.29 105.03 -23.10
C GLU G 4871 -41.40 103.59 -22.64
N PRO G 4872 -42.31 102.81 -23.19
CA PRO G 4872 -42.47 101.42 -22.73
C PRO G 4872 -41.58 100.45 -23.48
N ASP G 4873 -41.17 99.38 -22.82
CA ASP G 4873 -40.42 98.31 -23.47
C ASP G 4873 -41.27 97.05 -23.45
N MET G 4874 -41.37 96.40 -24.60
CA MET G 4874 -42.05 95.12 -24.71
C MET G 4874 -41.01 94.08 -25.04
N LYS G 4875 -40.79 93.15 -24.11
CA LYS G 4875 -39.90 92.04 -24.42
C LYS G 4875 -40.43 91.21 -25.58
N CYS G 4876 -41.73 90.96 -25.61
CA CYS G 4876 -42.17 90.16 -26.75
C CYS G 4876 -43.54 90.55 -27.27
N ASP G 4877 -43.73 91.85 -27.52
CA ASP G 4877 -44.29 92.24 -28.80
C ASP G 4877 -43.32 91.89 -29.93
N ASP G 4878 -42.07 91.59 -29.57
CA ASP G 4878 -41.05 91.19 -30.53
C ASP G 4878 -40.47 89.83 -30.19
N MET G 4879 -40.31 88.98 -31.20
CA MET G 4879 -39.91 87.59 -31.00
C MET G 4879 -38.47 87.45 -30.50
N MET G 4880 -37.50 88.08 -31.18
CA MET G 4880 -36.12 88.03 -30.72
C MET G 4880 -36.01 88.48 -29.28
N THR G 4881 -36.73 89.53 -28.92
CA THR G 4881 -36.59 90.10 -27.60
C THR G 4881 -37.24 89.19 -26.55
N CYS G 4882 -38.39 88.59 -26.86
CA CYS G 4882 -38.94 87.56 -25.98
C CYS G 4882 -37.90 86.49 -25.69
N TYR G 4883 -37.33 85.92 -26.74
CA TYR G 4883 -36.40 84.82 -26.52
C TYR G 4883 -35.16 85.28 -25.77
N LEU G 4884 -34.58 86.41 -26.20
CA LEU G 4884 -33.33 86.89 -25.61
C LEU G 4884 -33.53 87.26 -24.14
N PHE G 4885 -34.52 88.09 -23.84
CA PHE G 4885 -34.80 88.39 -22.45
C PHE G 4885 -35.02 87.12 -21.67
N HIS G 4886 -35.85 86.21 -22.19
CA HIS G 4886 -36.18 85.01 -21.46
C HIS G 4886 -34.93 84.26 -21.03
N MET G 4887 -34.16 83.72 -22.00
CA MET G 4887 -33.09 82.85 -21.58
C MET G 4887 -32.01 83.64 -20.85
N TYR G 4888 -31.73 84.86 -21.32
CA TYR G 4888 -30.64 85.63 -20.75
C TYR G 4888 -30.88 85.93 -19.29
N VAL G 4889 -32.07 86.44 -18.93
CA VAL G 4889 -32.30 86.77 -17.54
C VAL G 4889 -32.63 85.53 -16.74
N GLY G 4890 -33.35 84.57 -17.32
CA GLY G 4890 -33.78 83.41 -16.56
C GLY G 4890 -32.62 82.53 -16.15
N VAL G 4891 -31.67 82.30 -17.05
CA VAL G 4891 -30.55 81.43 -16.71
C VAL G 4891 -29.74 82.03 -15.56
N ARG G 4892 -29.50 83.35 -15.60
CA ARG G 4892 -28.71 83.96 -14.54
C ARG G 4892 -29.49 84.03 -13.24
N ALA G 4893 -30.75 84.42 -13.30
CA ALA G 4893 -31.48 84.80 -12.10
C ALA G 4893 -31.69 83.61 -11.19
N GLY G 4894 -31.14 83.69 -9.97
CA GLY G 4894 -31.43 82.70 -8.97
C GLY G 4894 -32.89 82.73 -8.56
N GLY G 4895 -33.46 83.93 -8.42
CA GLY G 4895 -34.88 84.03 -8.15
C GLY G 4895 -35.72 83.62 -9.35
N GLY G 4896 -35.14 83.69 -10.54
CA GLY G 4896 -35.83 83.23 -11.73
C GLY G 4896 -36.60 84.32 -12.44
N ILE G 4897 -37.36 83.89 -13.44
CA ILE G 4897 -38.12 84.84 -14.27
C ILE G 4897 -39.14 85.58 -13.42
N GLY G 4898 -39.66 84.93 -12.39
CA GLY G 4898 -40.59 85.60 -11.50
C GLY G 4898 -39.96 86.81 -10.82
N ASP G 4899 -38.69 86.69 -10.43
CA ASP G 4899 -37.99 87.82 -9.84
C ASP G 4899 -37.88 88.98 -10.83
N GLU G 4900 -37.59 88.66 -12.09
CA GLU G 4900 -37.42 89.71 -13.09
C GLU G 4900 -38.74 90.40 -13.40
N ILE G 4901 -39.80 89.63 -13.63
CA ILE G 4901 -41.07 90.22 -14.03
C ILE G 4901 -41.86 90.65 -12.79
N GLU G 4902 -42.91 91.44 -13.03
CA GLU G 4902 -43.69 91.99 -11.93
C GLU G 4902 -44.53 90.90 -11.27
N ASP G 4903 -45.24 91.28 -10.22
CA ASP G 4903 -46.04 90.32 -9.49
C ASP G 4903 -47.28 89.93 -10.30
N PRO G 4904 -47.85 88.74 -10.05
CA PRO G 4904 -49.10 88.39 -10.73
C PRO G 4904 -50.32 89.00 -10.08
N ALA G 4905 -50.23 89.37 -8.80
CA ALA G 4905 -51.39 89.82 -8.06
C ALA G 4905 -52.05 91.02 -8.73
N GLY G 4906 -53.37 91.00 -8.77
CA GLY G 4906 -54.13 92.03 -9.44
C GLY G 4906 -54.62 91.68 -10.82
N ASP G 4907 -54.47 90.43 -11.24
CA ASP G 4907 -54.93 90.00 -12.56
C ASP G 4907 -55.66 88.68 -12.45
N GLU G 4908 -56.58 88.44 -13.38
CA GLU G 4908 -57.36 87.21 -13.37
C GLU G 4908 -56.51 86.01 -13.76
N TYR G 4909 -55.45 86.23 -14.53
CA TYR G 4909 -54.53 85.17 -14.91
C TYR G 4909 -53.42 84.96 -13.90
N GLU G 4910 -53.56 85.52 -12.69
CA GLU G 4910 -52.47 85.45 -11.73
C GLU G 4910 -52.16 84.02 -11.32
N LEU G 4911 -53.17 83.15 -11.29
CA LEU G 4911 -52.92 81.75 -10.93
C LEU G 4911 -52.04 81.08 -11.98
N TYR G 4912 -52.37 81.26 -13.26
CA TYR G 4912 -51.55 80.69 -14.31
C TYR G 4912 -50.16 81.31 -14.34
N ARG G 4913 -50.06 82.62 -14.05
CA ARG G 4913 -48.74 83.23 -13.99
C ARG G 4913 -47.91 82.63 -12.88
N VAL G 4914 -48.52 82.40 -11.71
CA VAL G 4914 -47.81 81.75 -10.62
C VAL G 4914 -47.34 80.36 -11.04
N VAL G 4915 -48.22 79.61 -11.69
CA VAL G 4915 -47.83 78.27 -12.16
C VAL G 4915 -46.64 78.38 -13.10
N PHE G 4916 -46.70 79.34 -14.03
CA PHE G 4916 -45.64 79.50 -15.02
C PHE G 4916 -44.30 79.80 -14.35
N ASP G 4917 -44.27 80.81 -13.48
CA ASP G 4917 -43.01 81.19 -12.84
C ASP G 4917 -42.48 80.08 -11.95
N ILE G 4918 -43.37 79.47 -11.14
CA ILE G 4918 -42.93 78.42 -10.24
C ILE G 4918 -42.38 77.24 -11.02
N THR G 4919 -43.05 76.85 -12.11
CA THR G 4919 -42.57 75.73 -12.90
C THR G 4919 -41.22 76.05 -13.53
N PHE G 4920 -41.08 77.25 -14.10
CA PHE G 4920 -39.80 77.62 -14.69
C PHE G 4920 -38.68 77.56 -13.66
N PHE G 4921 -38.91 78.15 -12.49
CA PHE G 4921 -37.88 78.16 -11.45
C PHE G 4921 -37.61 76.75 -10.95
N PHE G 4922 -38.65 75.90 -10.90
CA PHE G 4922 -38.52 74.60 -10.28
C PHE G 4922 -37.75 73.65 -11.18
N PHE G 4923 -38.06 73.64 -12.48
CA PHE G 4923 -37.38 72.74 -13.40
C PHE G 4923 -36.16 73.37 -14.05
N VAL G 4924 -36.34 74.48 -14.78
CA VAL G 4924 -35.29 74.95 -15.66
C VAL G 4924 -34.12 75.52 -14.86
N ILE G 4925 -34.41 76.31 -13.83
CA ILE G 4925 -33.36 77.16 -13.25
C ILE G 4925 -32.61 76.42 -12.15
N VAL G 4926 -33.27 75.55 -11.40
CA VAL G 4926 -32.64 74.86 -10.29
C VAL G 4926 -32.32 73.41 -10.62
N ILE G 4927 -33.29 72.65 -11.12
CA ILE G 4927 -33.05 71.22 -11.38
C ILE G 4927 -32.13 71.06 -12.58
N LEU G 4928 -32.43 71.71 -13.69
CA LEU G 4928 -31.64 71.50 -14.91
C LEU G 4928 -30.23 72.08 -14.75
N LEU G 4929 -30.13 73.30 -14.22
CA LEU G 4929 -28.82 73.85 -13.94
C LEU G 4929 -28.05 72.95 -12.98
N ALA G 4930 -28.74 72.42 -11.97
CA ALA G 4930 -28.08 71.51 -11.03
C ALA G 4930 -27.54 70.29 -11.74
N ILE G 4931 -28.32 69.70 -12.66
CA ILE G 4931 -27.85 68.51 -13.34
C ILE G 4931 -26.63 68.82 -14.20
N ILE G 4932 -26.68 69.92 -14.97
CA ILE G 4932 -25.59 70.19 -15.88
C ILE G 4932 -24.33 70.55 -15.11
N GLN G 4933 -24.47 71.28 -14.00
CA GLN G 4933 -23.32 71.59 -13.17
C GLN G 4933 -22.76 70.33 -12.52
N GLY G 4934 -23.65 69.47 -12.01
CA GLY G 4934 -23.22 68.24 -11.39
C GLY G 4934 -22.45 67.37 -12.36
N LEU G 4935 -22.86 67.36 -13.62
CA LEU G 4935 -22.17 66.54 -14.61
C LEU G 4935 -20.69 66.91 -14.67
N ILE G 4936 -20.38 68.20 -14.78
CA ILE G 4936 -18.97 68.58 -14.92
C ILE G 4936 -18.23 68.36 -13.60
N ILE G 4937 -18.85 68.67 -12.46
CA ILE G 4937 -18.10 68.55 -11.22
C ILE G 4937 -17.80 67.09 -10.92
N ASP G 4938 -18.77 66.20 -11.10
CA ASP G 4938 -18.50 64.80 -10.81
C ASP G 4938 -17.66 64.18 -11.92
N ALA G 4939 -17.63 64.80 -13.11
CA ALA G 4939 -16.66 64.38 -14.11
C ALA G 4939 -15.24 64.64 -13.63
N PHE G 4940 -14.99 65.83 -13.07
CA PHE G 4940 -13.69 66.08 -12.47
C PHE G 4940 -13.39 65.14 -11.31
N GLY G 4941 -14.38 64.92 -10.45
CA GLY G 4941 -14.18 63.98 -9.36
C GLY G 4941 -13.83 62.59 -9.85
N GLU G 4942 -14.51 62.14 -10.90
CA GLU G 4942 -14.23 60.84 -11.48
C GLU G 4942 -12.82 60.78 -12.05
N LEU G 4943 -12.39 61.84 -12.74
CA LEU G 4943 -11.04 61.86 -13.28
C LEU G 4943 -10.01 61.75 -12.16
N ARG G 4944 -10.18 62.56 -11.11
CA ARG G 4944 -9.23 62.54 -10.01
C ARG G 4944 -9.20 61.17 -9.34
N ASP G 4945 -10.37 60.58 -9.12
CA ASP G 4945 -10.38 59.27 -8.48
C ASP G 4945 -9.83 58.21 -9.41
N GLN G 4946 -9.91 58.42 -10.72
CA GLN G 4946 -9.20 57.53 -11.64
C GLN G 4946 -7.70 57.59 -11.41
N GLN G 4947 -7.16 58.79 -11.26
CA GLN G 4947 -5.73 58.90 -10.97
C GLN G 4947 -5.39 58.17 -9.68
N GLU G 4948 -6.15 58.45 -8.63
CA GLU G 4948 -5.89 57.81 -7.34
C GLU G 4948 -6.02 56.30 -7.44
N GLN G 4949 -7.03 55.82 -8.15
CA GLN G 4949 -7.28 54.40 -8.27
C GLN G 4949 -6.16 53.73 -9.07
N VAL G 4950 -5.66 54.41 -10.10
CA VAL G 4950 -4.54 53.87 -10.87
C VAL G 4950 -3.33 53.72 -9.97
N LYS G 4951 -3.03 54.75 -9.17
CA LYS G 4951 -1.90 54.64 -8.26
C LYS G 4951 -2.11 53.49 -7.27
N GLU G 4952 -3.31 53.41 -6.68
CA GLU G 4952 -3.58 52.38 -5.68
C GLU G 4952 -3.47 51.00 -6.28
N ASP G 4953 -4.03 50.78 -7.47
CA ASP G 4953 -3.94 49.49 -8.13
C ASP G 4953 -2.50 49.15 -8.45
N MET G 4954 -1.72 50.14 -8.87
CA MET G 4954 -0.32 49.89 -9.21
C MET G 4954 0.42 49.38 -7.97
N GLU G 4955 0.16 50.00 -6.82
CA GLU G 4955 0.76 49.48 -5.58
C GLU G 4955 0.15 48.16 -5.17
N THR G 4956 -1.10 47.89 -5.56
CA THR G 4956 -1.79 46.70 -5.08
C THR G 4956 -1.42 45.48 -5.90
N LYS G 4957 -0.89 45.68 -7.09
CA LYS G 4957 -0.68 44.59 -8.04
C LYS G 4957 0.72 44.67 -8.61
N CYS G 4958 1.32 43.51 -8.83
CA CYS G 4958 2.58 43.46 -9.57
C CYS G 4958 2.29 43.62 -11.05
N PHE G 4959 2.97 44.59 -11.67
CA PHE G 4959 2.60 45.01 -13.02
C PHE G 4959 2.76 43.88 -14.03
N ILE G 4960 3.83 43.10 -13.91
CA ILE G 4960 4.05 42.01 -14.85
C ILE G 4960 3.43 40.72 -14.34
N CYS G 4961 3.53 40.46 -13.04
CA CYS G 4961 2.89 39.27 -12.48
C CYS G 4961 1.40 39.26 -12.73
N GLY G 4962 0.74 40.38 -12.45
CA GLY G 4962 -0.71 40.34 -12.36
C GLY G 4962 -1.19 39.51 -11.20
N ILE G 4963 -0.36 39.38 -10.16
CA ILE G 4963 -0.62 38.49 -9.04
C ILE G 4963 -0.70 39.32 -7.77
N GLY G 4964 -1.63 38.94 -6.90
CA GLY G 4964 -1.94 39.78 -5.75
C GLY G 4964 -0.70 40.04 -4.90
N SER G 4965 -0.52 41.31 -4.55
CA SER G 4965 0.59 41.70 -3.69
C SER G 4965 0.53 40.99 -2.35
N ASP G 4966 -0.67 40.56 -1.95
CA ASP G 4966 -0.84 39.89 -0.66
C ASP G 4966 -0.06 38.59 -0.60
N TYR G 4967 -0.10 37.80 -1.67
CA TYR G 4967 0.58 36.51 -1.67
C TYR G 4967 2.06 36.68 -1.41
N PHE G 4968 2.69 37.64 -2.09
CA PHE G 4968 4.06 37.98 -1.76
C PHE G 4968 4.17 38.49 -0.33
N ASP G 4969 3.18 39.27 0.10
CA ASP G 4969 3.29 40.03 1.34
C ASP G 4969 3.14 39.16 2.58
N THR G 4970 2.87 37.86 2.42
CA THR G 4970 2.89 36.97 3.58
C THR G 4970 4.26 36.99 4.24
N THR G 4971 5.32 36.95 3.44
CA THR G 4971 6.63 37.32 3.94
C THR G 4971 6.71 38.83 4.10
N PRO G 4972 7.49 39.31 5.07
CA PRO G 4972 7.59 40.77 5.26
C PRO G 4972 8.10 41.46 4.00
N HIS G 4973 7.48 42.61 3.69
CA HIS G 4973 7.68 43.33 2.44
C HIS G 4973 7.86 42.40 1.25
N GLY G 4974 7.05 41.35 1.18
CA GLY G 4974 7.18 40.40 0.08
C GLY G 4974 6.87 41.02 -1.26
N PHE G 4975 5.81 41.82 -1.32
CA PHE G 4975 5.51 42.52 -2.56
C PHE G 4975 6.61 43.49 -2.91
N GLU G 4976 7.18 44.17 -1.90
CA GLU G 4976 8.29 45.07 -2.16
C GLU G 4976 9.46 44.32 -2.78
N THR G 4977 9.78 43.13 -2.25
CA THR G 4977 10.83 42.33 -2.84
C THR G 4977 10.48 41.93 -4.27
N HIS G 4978 9.23 41.50 -4.49
CA HIS G 4978 8.80 41.17 -5.84
C HIS G 4978 9.06 42.32 -6.80
N THR G 4979 8.75 43.53 -6.37
CA THR G 4979 8.93 44.68 -7.25
C THR G 4979 10.40 44.98 -7.49
N LEU G 4980 11.21 45.03 -6.43
CA LEU G 4980 12.57 45.50 -6.61
C LEU G 4980 13.46 44.45 -7.28
N GLU G 4981 13.35 43.19 -6.88
CA GLU G 4981 14.24 42.20 -7.49
C GLU G 4981 13.51 41.28 -8.45
N GLU G 4982 12.44 40.64 -8.00
CA GLU G 4982 11.82 39.55 -8.76
C GLU G 4982 11.31 40.05 -10.11
N HIS G 4983 10.50 41.10 -10.10
CA HIS G 4983 9.76 41.51 -11.29
C HIS G 4983 9.83 43.01 -11.55
N ASN G 4984 11.03 43.59 -11.52
CA ASN G 4984 11.14 45.03 -11.78
C ASN G 4984 11.00 45.32 -13.26
N LEU G 4985 10.11 46.27 -13.58
CA LEU G 4985 9.96 46.68 -14.98
C LEU G 4985 11.24 47.33 -15.48
N ALA G 4986 11.97 48.01 -14.59
CA ALA G 4986 13.26 48.53 -14.96
C ALA G 4986 14.21 47.39 -15.30
N ASN G 4987 14.16 46.30 -14.54
CA ASN G 4987 14.95 45.13 -14.87
C ASN G 4987 14.57 44.59 -16.24
N TYR G 4988 13.27 44.57 -16.54
CA TYR G 4988 12.85 44.09 -17.86
C TYR G 4988 13.43 44.94 -18.98
N MET G 4989 13.29 46.26 -18.87
CA MET G 4989 13.80 47.13 -19.92
C MET G 4989 15.31 47.04 -20.01
N PHE G 4990 15.98 46.94 -18.87
CA PHE G 4990 17.44 46.78 -18.88
C PHE G 4990 17.84 45.50 -19.58
N PHE G 4991 17.14 44.41 -19.31
CA PHE G 4991 17.42 43.16 -20.00
C PHE G 4991 17.21 43.32 -21.50
N LEU G 4992 16.18 44.05 -21.89
CA LEU G 4992 15.93 44.25 -23.31
C LEU G 4992 17.09 44.99 -23.97
N MET G 4993 17.53 46.09 -23.36
CA MET G 4993 18.64 46.83 -23.98
C MET G 4993 19.91 46.00 -23.98
N TYR G 4994 20.12 45.21 -22.92
CA TYR G 4994 21.28 44.34 -22.89
C TYR G 4994 21.23 43.33 -24.03
N LEU G 4995 20.03 42.79 -24.29
CA LEU G 4995 19.88 41.86 -25.41
C LEU G 4995 20.20 42.56 -26.73
N ILE G 4996 19.77 43.81 -26.88
CA ILE G 4996 20.08 44.55 -28.09
C ILE G 4996 21.58 44.72 -28.24
N ASN G 4997 22.26 45.10 -27.16
CA ASN G 4997 23.68 45.40 -27.24
C ASN G 4997 24.53 44.15 -27.49
N LYS G 4998 24.26 43.08 -26.76
CA LYS G 4998 25.11 41.90 -26.86
C LYS G 4998 24.98 41.23 -28.23
N ASP G 4999 26.07 40.64 -28.69
CA ASP G 4999 26.05 39.92 -29.95
C ASP G 4999 25.19 38.66 -29.82
N GLU G 5000 24.46 38.35 -30.88
CA GLU G 5000 23.53 37.22 -30.84
C GLU G 5000 24.28 35.90 -30.71
N THR G 5001 25.45 35.78 -31.35
CA THR G 5001 26.23 34.57 -31.19
C THR G 5001 26.68 34.39 -29.74
N GLU G 5002 26.99 35.49 -29.06
CA GLU G 5002 27.39 35.39 -27.67
C GLU G 5002 26.18 35.24 -26.75
N HIS G 5003 24.99 35.51 -27.26
CA HIS G 5003 23.78 35.33 -26.48
C HIS G 5003 23.69 33.90 -25.98
N THR G 5004 23.25 33.75 -24.72
CA THR G 5004 23.04 32.42 -24.16
C THR G 5004 21.93 31.71 -24.91
N GLY G 5005 21.67 30.46 -24.53
CA GLY G 5005 20.56 29.73 -25.12
C GLY G 5005 19.24 30.41 -24.86
N GLN G 5006 18.97 30.74 -23.59
CA GLN G 5006 17.72 31.43 -23.26
C GLN G 5006 17.73 32.85 -23.78
N GLU G 5007 18.91 33.49 -23.81
CA GLU G 5007 18.98 34.83 -24.37
C GLU G 5007 18.56 34.83 -25.84
N SER G 5008 19.10 33.88 -26.61
CA SER G 5008 18.72 33.77 -28.01
C SER G 5008 17.27 33.39 -28.15
N TYR G 5009 16.76 32.56 -27.23
CA TYR G 5009 15.35 32.20 -27.27
C TYR G 5009 14.47 33.42 -27.10
N VAL G 5010 14.79 34.26 -26.12
CA VAL G 5010 14.00 35.47 -25.90
C VAL G 5010 14.14 36.42 -27.08
N TRP G 5011 15.34 36.52 -27.64
CA TRP G 5011 15.52 37.39 -28.80
C TRP G 5011 14.69 36.93 -29.98
N LYS G 5012 14.70 35.63 -30.26
CA LYS G 5012 13.88 35.09 -31.32
C LYS G 5012 12.40 35.32 -31.04
N MET G 5013 12.02 35.20 -29.77
CA MET G 5013 10.63 35.44 -29.40
C MET G 5013 10.25 36.89 -29.66
N TYR G 5014 11.21 37.79 -29.55
CA TYR G 5014 10.84 39.20 -29.78
C TYR G 5014 10.76 39.40 -31.26
N GLN G 5015 11.67 38.78 -31.98
CA GLN G 5015 11.57 38.92 -33.43
C GLN G 5015 10.23 38.38 -33.92
N GLU G 5016 9.74 37.31 -33.31
CA GLU G 5016 8.44 36.77 -33.67
C GLU G 5016 7.32 37.72 -33.28
N ARG G 5017 7.62 38.67 -32.39
CA ARG G 5017 6.70 39.65 -31.82
C ARG G 5017 5.66 39.00 -30.92
N CYS G 5018 5.67 37.68 -30.75
CA CYS G 5018 4.83 37.06 -29.73
C CYS G 5018 5.36 37.44 -28.36
N TRP G 5019 4.46 37.49 -27.37
CA TRP G 5019 4.82 37.97 -26.05
C TRP G 5019 4.63 36.92 -24.96
N ASP G 5020 4.65 35.63 -25.33
CA ASP G 5020 4.46 34.59 -24.33
C ASP G 5020 5.62 34.54 -23.34
N PHE G 5021 6.78 35.03 -23.75
CA PHE G 5021 7.97 34.94 -22.91
C PHE G 5021 7.76 35.64 -21.59
N PHE G 5022 7.05 36.75 -21.60
CA PHE G 5022 6.75 37.43 -20.35
C PHE G 5022 5.90 36.53 -19.46
N PRO G 5023 6.30 36.33 -18.20
CA PRO G 5023 5.51 35.49 -17.30
C PRO G 5023 4.12 36.05 -17.08
N ALA G 5024 3.15 35.15 -16.95
CA ALA G 5024 1.76 35.52 -16.72
C ALA G 5024 1.18 34.66 -15.61
N GLY G 5025 0.64 35.31 -14.58
CA GLY G 5025 -0.02 34.59 -13.51
C GLY G 5025 0.84 33.55 -12.81
N ASP G 5026 2.16 33.73 -12.85
CA ASP G 5026 3.06 32.81 -12.18
C ASP G 5026 4.25 33.59 -11.63
N CYS G 5027 4.88 33.03 -10.61
CA CYS G 5027 6.05 33.64 -10.00
C CYS G 5027 7.05 32.54 -9.64
N PHE G 5028 8.31 32.95 -9.53
CA PHE G 5028 9.36 32.01 -9.16
C PHE G 5028 9.02 31.28 -7.88
N ARG G 5029 8.50 32.00 -6.88
CA ARG G 5029 8.20 31.37 -5.61
C ARG G 5029 7.07 30.37 -5.76
N LYS G 5030 5.88 30.82 -6.14
CA LYS G 5030 4.71 29.94 -6.12
C LYS G 5030 4.87 28.78 -7.08
N GLN G 5031 5.64 28.95 -8.15
CA GLN G 5031 5.86 27.81 -9.03
C GLN G 5031 6.83 26.82 -8.38
N TYR G 5032 7.69 27.32 -7.50
CA TYR G 5032 8.62 26.50 -6.75
C TYR G 5032 8.24 26.34 -5.29
N GLU G 5033 7.08 26.88 -4.87
CA GLU G 5033 6.77 27.01 -3.46
C GLU G 5033 6.83 25.66 -2.74
N ASP G 5034 6.26 24.63 -3.34
CA ASP G 5034 6.16 23.33 -2.67
C ASP G 5034 7.53 22.81 -2.26
N GLN G 5035 8.56 23.11 -3.05
CA GLN G 5035 9.89 22.57 -2.76
C GLN G 5035 10.71 23.59 -1.99
N LEU G 5036 10.67 24.86 -2.40
CA LEU G 5036 11.46 25.89 -1.76
C LEU G 5036 11.05 26.08 -0.30
N SER G 5037 9.75 26.09 -0.03
CA SER G 5037 9.20 26.34 1.30
C SER G 5037 9.83 27.56 1.96
N GLU H 10 -24.49 -14.94 6.22
CA GLU H 10 -25.76 -14.97 6.93
C GLU H 10 -26.34 -16.38 6.96
N VAL H 11 -27.25 -16.63 7.89
CA VAL H 11 -28.01 -17.87 7.94
C VAL H 11 -28.98 -17.85 6.78
N GLN H 12 -28.83 -18.82 5.87
CA GLN H 12 -29.68 -18.85 4.69
C GLN H 12 -31.14 -18.98 5.09
N PHE H 13 -31.91 -17.94 4.81
CA PHE H 13 -33.31 -17.87 5.19
C PHE H 13 -34.16 -18.25 3.98
N LEU H 14 -34.88 -19.36 4.12
CA LEU H 14 -35.55 -19.97 2.98
C LEU H 14 -36.70 -19.10 2.49
N ARG H 15 -36.47 -18.39 1.39
CA ARG H 15 -37.49 -17.59 0.74
C ARG H 15 -38.28 -18.49 -0.20
N THR H 16 -39.58 -18.24 -0.27
CA THR H 16 -40.42 -18.95 -1.24
C THR H 16 -39.82 -18.89 -2.64
N ASP H 17 -40.12 -19.92 -3.43
CA ASP H 17 -39.64 -20.18 -4.78
C ASP H 17 -38.22 -20.74 -4.77
N ASP H 18 -37.66 -21.06 -3.61
CA ASP H 18 -36.38 -21.73 -3.55
C ASP H 18 -36.52 -23.16 -4.09
N GLU H 19 -35.43 -23.68 -4.65
CA GLU H 19 -35.39 -25.07 -5.08
C GLU H 19 -34.71 -25.91 -4.00
N VAL H 20 -35.38 -26.97 -3.57
CA VAL H 20 -35.16 -27.57 -2.26
C VAL H 20 -35.23 -29.09 -2.37
N VAL H 21 -34.39 -29.76 -1.57
CA VAL H 21 -34.55 -31.19 -1.31
C VAL H 21 -34.69 -31.38 0.19
N LEU H 22 -35.71 -32.15 0.59
CA LEU H 22 -35.86 -32.53 1.99
C LEU H 22 -35.07 -33.80 2.26
N GLN H 23 -34.57 -33.94 3.48
CA GLN H 23 -33.62 -35.00 3.81
C GLN H 23 -34.02 -35.64 5.14
N CYS H 24 -33.85 -36.95 5.23
CA CYS H 24 -34.04 -37.70 6.46
C CYS H 24 -32.82 -38.57 6.70
N SER H 25 -32.39 -38.65 7.96
CA SER H 25 -31.23 -39.44 8.34
C SER H 25 -31.63 -40.49 9.36
N ALA H 26 -31.65 -41.74 8.94
CA ALA H 26 -31.95 -42.86 9.82
C ALA H 26 -30.74 -43.78 9.86
N THR H 27 -30.34 -44.18 11.05
CA THR H 27 -29.15 -45.01 11.19
C THR H 27 -29.40 -46.41 10.63
N VAL H 28 -28.41 -46.93 9.92
CA VAL H 28 -28.46 -48.27 9.36
C VAL H 28 -27.24 -49.03 9.90
N LEU H 29 -27.49 -50.22 10.46
CA LEU H 29 -26.44 -51.03 11.08
C LEU H 29 -25.56 -50.19 12.02
N LYS H 30 -26.22 -49.52 12.97
CA LYS H 30 -25.68 -48.56 13.93
C LYS H 30 -24.97 -47.38 13.26
N GLU H 31 -25.07 -47.24 11.95
CA GLU H 31 -24.39 -46.17 11.23
C GLU H 31 -25.44 -45.30 10.57
N GLN H 32 -25.30 -43.99 10.69
CA GLN H 32 -26.31 -43.09 10.15
C GLN H 32 -26.22 -43.04 8.63
N LEU H 33 -27.33 -43.37 7.98
CA LEU H 33 -27.43 -43.33 6.53
C LEU H 33 -28.24 -42.11 6.12
N LYS H 34 -27.73 -41.36 5.16
CA LYS H 34 -28.38 -40.15 4.68
C LYS H 34 -29.25 -40.50 3.49
N LEU H 35 -30.56 -40.28 3.63
CA LEU H 35 -31.52 -40.59 2.59
C LEU H 35 -32.36 -39.35 2.26
N CYS H 36 -32.89 -39.31 1.05
CA CYS H 36 -33.71 -38.21 0.59
C CYS H 36 -34.97 -38.77 -0.06
N LEU H 37 -36.08 -38.03 0.07
CA LEU H 37 -37.32 -38.46 -0.54
C LEU H 37 -37.43 -38.02 -1.99
N ALA H 38 -37.72 -38.97 -2.87
CA ALA H 38 -37.99 -38.70 -4.26
C ALA H 38 -39.22 -39.49 -4.69
N ALA H 39 -40.10 -38.82 -5.42
CA ALA H 39 -41.30 -39.44 -5.97
C ALA H 39 -41.20 -39.41 -7.49
N GLU H 40 -41.28 -40.59 -8.11
CA GLU H 40 -41.05 -40.70 -9.54
C GLU H 40 -42.08 -39.89 -10.33
N GLY H 41 -43.27 -39.70 -9.77
CA GLY H 41 -44.29 -38.96 -10.49
C GLY H 41 -44.99 -39.89 -11.46
N PHE H 42 -44.62 -39.77 -12.73
CA PHE H 42 -45.14 -40.70 -13.73
C PHE H 42 -44.76 -42.13 -13.36
N GLY H 43 -45.73 -43.03 -13.51
CA GLY H 43 -45.50 -44.41 -13.14
C GLY H 43 -45.95 -44.72 -11.73
N ASN H 44 -45.41 -44.00 -10.75
CA ASN H 44 -45.77 -44.19 -9.35
C ASN H 44 -45.98 -42.84 -8.70
N ARG H 45 -47.12 -42.65 -8.04
CA ARG H 45 -47.35 -41.44 -7.29
C ARG H 45 -46.55 -41.43 -5.98
N LEU H 46 -46.45 -42.60 -5.33
CA LEU H 46 -45.82 -42.67 -4.03
C LEU H 46 -44.34 -42.34 -4.12
N CYS H 47 -43.83 -41.68 -3.08
CA CYS H 47 -42.42 -41.36 -3.02
C CYS H 47 -41.62 -42.51 -2.43
N PHE H 48 -40.33 -42.54 -2.77
CA PHE H 48 -39.42 -43.55 -2.26
C PHE H 48 -38.13 -42.88 -1.81
N LEU H 49 -37.46 -43.52 -0.85
CA LEU H 49 -36.24 -42.98 -0.27
C LEU H 49 -35.05 -43.30 -1.16
N GLU H 50 -34.18 -42.32 -1.36
CA GLU H 50 -32.92 -42.55 -2.04
C GLU H 50 -31.78 -42.15 -1.11
N PRO H 51 -30.82 -43.04 -0.87
CA PRO H 51 -29.71 -42.70 0.03
C PRO H 51 -28.58 -41.99 -0.69
N THR H 52 -28.14 -40.86 -0.15
CA THR H 52 -27.02 -40.11 -0.70
C THR H 52 -25.73 -40.33 0.08
N SER H 53 -25.71 -41.30 0.98
CA SER H 53 -24.53 -41.51 1.82
C SER H 53 -23.32 -41.92 0.99
N ASN H 54 -23.52 -42.78 -0.01
CA ASN H 54 -22.39 -43.30 -0.78
C ASN H 54 -21.69 -42.18 -1.54
N ALA H 55 -22.38 -41.56 -2.50
CA ALA H 55 -21.82 -40.50 -3.32
C ALA H 55 -20.52 -40.93 -3.98
N GLN H 56 -19.45 -40.99 -3.19
CA GLN H 56 -18.16 -41.46 -3.70
C GLN H 56 -18.26 -42.89 -4.20
N ASN H 57 -19.20 -43.66 -3.65
CA ASN H 57 -19.38 -45.03 -4.13
C ASN H 57 -20.37 -45.07 -5.29
N VAL H 58 -21.50 -44.40 -5.15
CA VAL H 58 -22.54 -44.41 -6.17
C VAL H 58 -23.30 -43.08 -6.10
N PRO H 59 -23.65 -42.48 -7.23
CA PRO H 59 -24.33 -41.20 -7.22
C PRO H 59 -25.83 -41.37 -7.07
N PRO H 60 -26.43 -40.75 -6.05
CA PRO H 60 -27.88 -40.65 -6.03
C PRO H 60 -28.37 -39.73 -7.14
N ASP H 61 -29.58 -39.98 -7.61
CA ASP H 61 -30.17 -39.17 -8.66
C ASP H 61 -30.83 -37.96 -8.01
N LEU H 62 -30.11 -36.85 -7.94
CA LEU H 62 -30.64 -35.66 -7.27
C LEU H 62 -31.80 -35.06 -8.05
N ALA H 63 -31.81 -35.24 -9.37
CA ALA H 63 -32.81 -34.57 -10.20
C ALA H 63 -34.21 -35.01 -9.82
N ILE H 64 -34.43 -36.31 -9.62
CA ILE H 64 -35.75 -36.79 -9.23
C ILE H 64 -36.06 -36.32 -7.80
N CYS H 65 -35.02 -36.16 -6.99
CA CYS H 65 -35.23 -35.72 -5.61
C CYS H 65 -35.45 -34.21 -5.54
N CYS H 66 -35.19 -33.49 -6.64
CA CYS H 66 -35.35 -32.06 -6.63
C CYS H 66 -36.80 -31.68 -6.38
N PHE H 67 -37.01 -30.71 -5.50
CA PHE H 67 -38.34 -30.20 -5.19
C PHE H 67 -38.28 -28.69 -5.13
N THR H 68 -39.43 -28.07 -5.33
CA THR H 68 -39.56 -26.62 -5.22
C THR H 68 -40.75 -26.29 -4.35
N LEU H 69 -40.68 -25.17 -3.65
CA LEU H 69 -41.75 -24.72 -2.77
C LEU H 69 -42.28 -23.41 -3.32
N GLU H 70 -43.61 -23.25 -3.33
CA GLU H 70 -44.21 -22.15 -4.09
C GLU H 70 -44.78 -21.08 -3.16
N GLN H 71 -45.69 -21.46 -2.27
CA GLN H 71 -46.37 -20.48 -1.43
C GLN H 71 -46.29 -20.90 0.02
N SER H 72 -46.11 -19.91 0.90
CA SER H 72 -46.10 -20.11 2.33
C SER H 72 -47.22 -19.28 2.95
N LEU H 73 -48.17 -19.95 3.58
CA LEU H 73 -49.36 -19.31 4.14
C LEU H 73 -49.54 -19.75 5.58
N SER H 74 -50.00 -18.83 6.42
CA SER H 74 -50.39 -19.20 7.77
C SER H 74 -51.54 -20.19 7.73
N VAL H 75 -51.79 -20.85 8.86
CA VAL H 75 -52.87 -21.83 8.92
C VAL H 75 -54.20 -21.17 8.60
N ARG H 76 -54.45 -20.00 9.22
CA ARG H 76 -55.71 -19.31 8.97
C ARG H 76 -55.83 -18.87 7.52
N ALA H 77 -54.82 -18.17 7.02
CA ALA H 77 -54.83 -17.72 5.63
C ALA H 77 -55.10 -18.89 4.69
N LEU H 78 -54.48 -20.02 4.98
CA LEU H 78 -54.73 -21.22 4.20
C LEU H 78 -56.18 -21.66 4.31
N GLN H 79 -56.76 -21.57 5.51
CA GLN H 79 -58.17 -21.93 5.63
C GLN H 79 -59.05 -21.07 4.72
N GLU H 80 -58.86 -19.75 4.76
CA GLU H 80 -59.77 -18.93 3.97
C GLU H 80 -59.48 -19.03 2.48
N MET H 81 -58.22 -19.26 2.08
CA MET H 81 -57.99 -19.28 0.64
C MET H 81 -58.42 -20.62 0.06
N LEU H 82 -58.44 -21.67 0.89
CA LEU H 82 -59.14 -22.89 0.48
C LEU H 82 -60.65 -22.66 0.42
N ALA H 83 -61.17 -21.86 1.35
CA ALA H 83 -62.59 -21.51 1.30
C ALA H 83 -62.90 -20.72 0.04
N ASN H 84 -61.91 -20.05 -0.52
CA ASN H 84 -62.08 -19.30 -1.76
C ASN H 84 -61.27 -19.93 -2.89
N HIS H 98 -43.47 -13.55 -2.46
CA HIS H 98 -42.13 -13.75 -1.93
C HIS H 98 -42.07 -13.48 -0.44
N ARG H 99 -42.15 -14.56 0.35
CA ARG H 99 -42.03 -14.48 1.80
C ARG H 99 -41.09 -15.57 2.27
N THR H 100 -40.17 -15.22 3.16
CA THR H 100 -39.27 -16.21 3.73
C THR H 100 -40.06 -17.17 4.62
N LEU H 101 -39.63 -18.43 4.65
CA LEU H 101 -40.36 -19.44 5.39
C LEU H 101 -40.45 -19.09 6.87
N LEU H 102 -41.67 -19.18 7.41
CA LEU H 102 -41.94 -18.89 8.80
C LEU H 102 -42.49 -20.15 9.46
N TYR H 103 -42.02 -20.44 10.67
CA TYR H 103 -42.57 -21.56 11.42
C TYR H 103 -44.06 -21.39 11.61
N GLY H 104 -44.82 -22.46 11.35
CA GLY H 104 -46.24 -22.44 11.45
C GLY H 104 -46.98 -22.05 10.19
N HIS H 105 -46.34 -21.31 9.29
CA HIS H 105 -46.97 -20.98 8.02
C HIS H 105 -46.78 -22.11 7.03
N ALA H 106 -47.88 -22.74 6.63
CA ALA H 106 -47.82 -23.90 5.76
C ALA H 106 -47.23 -23.55 4.41
N ILE H 107 -46.45 -24.47 3.85
CA ILE H 107 -45.78 -24.26 2.57
C ILE H 107 -46.30 -25.28 1.56
N LEU H 108 -46.57 -24.83 0.34
CA LEU H 108 -46.81 -25.68 -0.80
C LEU H 108 -45.47 -25.98 -1.47
N LEU H 109 -45.14 -27.28 -1.59
CA LEU H 109 -43.84 -27.69 -2.09
C LEU H 109 -44.03 -28.75 -3.16
N ARG H 110 -43.61 -28.43 -4.39
CA ARG H 110 -43.93 -29.20 -5.57
C ARG H 110 -42.64 -29.74 -6.18
N HIS H 111 -42.73 -30.88 -6.87
CA HIS H 111 -41.54 -31.50 -7.42
C HIS H 111 -41.24 -30.92 -8.79
N ALA H 112 -39.96 -30.61 -9.02
CA ALA H 112 -39.56 -29.90 -10.23
C ALA H 112 -39.86 -30.72 -11.48
N HIS H 113 -39.39 -31.97 -11.53
CA HIS H 113 -39.60 -32.79 -12.71
C HIS H 113 -41.08 -33.09 -12.92
N SER H 114 -41.80 -33.38 -11.84
CA SER H 114 -43.22 -33.70 -11.98
C SER H 114 -44.02 -32.46 -12.38
N ARG H 115 -43.57 -31.27 -11.97
CA ARG H 115 -44.40 -30.08 -11.97
C ARG H 115 -45.72 -30.36 -11.26
N MET H 116 -45.65 -31.21 -10.24
CA MET H 116 -46.82 -31.70 -9.53
C MET H 116 -46.47 -31.72 -8.04
N TYR H 117 -47.46 -31.45 -7.20
CA TYR H 117 -47.22 -31.09 -5.82
C TYR H 117 -47.53 -32.27 -4.91
N LEU H 118 -46.74 -32.42 -3.84
CA LEU H 118 -46.81 -33.61 -2.99
C LEU H 118 -48.04 -33.59 -2.08
N SER H 119 -48.59 -34.77 -1.84
CA SER H 119 -49.74 -34.92 -0.95
C SER H 119 -49.74 -36.34 -0.37
N CYS H 120 -50.48 -36.52 0.71
CA CYS H 120 -50.66 -37.86 1.25
C CYS H 120 -51.88 -38.52 0.62
N LEU H 121 -51.66 -39.66 -0.01
CA LEU H 121 -52.76 -40.39 -0.62
C LEU H 121 -53.70 -40.93 0.46
N THR H 122 -54.99 -40.91 0.18
CA THR H 122 -55.97 -41.39 1.13
C THR H 122 -55.77 -42.87 1.44
N THR H 123 -55.18 -43.60 0.49
CA THR H 123 -54.96 -45.03 0.68
C THR H 123 -53.94 -45.27 1.77
N SER H 124 -53.92 -46.51 2.27
CA SER H 124 -52.96 -46.93 3.30
C SER H 124 -52.21 -48.14 2.79
N ARG H 125 -51.08 -47.90 2.14
CA ARG H 125 -50.25 -48.98 1.65
C ARG H 125 -49.71 -49.81 2.81
N SER H 126 -49.62 -49.22 4.00
CA SER H 126 -49.10 -49.93 5.15
C SER H 126 -50.06 -51.04 5.58
N MET H 127 -49.62 -52.28 5.43
CA MET H 127 -50.41 -53.40 5.95
C MET H 127 -50.44 -53.38 7.46
N THR H 128 -49.34 -52.97 8.09
CA THR H 128 -49.24 -53.05 9.55
C THR H 128 -50.12 -52.00 10.21
N ASP H 129 -50.10 -50.77 9.70
CA ASP H 129 -50.88 -49.68 10.27
C ASP H 129 -51.87 -49.18 9.23
N LYS H 130 -53.16 -49.20 9.58
CA LYS H 130 -54.18 -48.67 8.67
C LYS H 130 -54.10 -47.15 8.61
N LEU H 131 -53.71 -46.52 9.72
CA LEU H 131 -53.60 -45.06 9.73
C LEU H 131 -52.50 -44.58 8.81
N ALA H 132 -51.42 -45.34 8.70
CA ALA H 132 -50.28 -44.93 7.90
C ALA H 132 -50.67 -44.82 6.43
N PHE H 133 -50.47 -43.63 5.86
CA PHE H 133 -50.94 -43.32 4.51
C PHE H 133 -49.74 -42.96 3.65
N ASP H 134 -49.71 -43.53 2.44
CA ASP H 134 -48.64 -43.21 1.50
C ASP H 134 -48.75 -41.77 1.03
N VAL H 135 -47.60 -41.15 0.80
CA VAL H 135 -47.52 -39.77 0.35
C VAL H 135 -47.22 -39.77 -1.14
N GLY H 136 -48.02 -39.04 -1.91
CA GLY H 136 -47.87 -39.02 -3.35
C GLY H 136 -48.09 -37.65 -3.94
N LEU H 137 -47.45 -37.42 -5.08
CA LEU H 137 -47.58 -36.13 -5.73
C LEU H 137 -48.98 -35.97 -6.32
N GLN H 138 -49.61 -34.83 -6.04
CA GLN H 138 -50.99 -34.58 -6.42
C GLN H 138 -51.03 -33.53 -7.53
N GLU H 139 -51.93 -33.74 -8.50
CA GLU H 139 -52.09 -32.79 -9.59
C GLU H 139 -52.66 -31.46 -9.09
N ASP H 140 -53.47 -31.51 -8.04
CA ASP H 140 -54.11 -30.32 -7.50
C ASP H 140 -53.32 -29.85 -6.29
N ALA H 141 -53.44 -28.56 -5.97
CA ALA H 141 -52.79 -28.02 -4.79
C ALA H 141 -53.74 -27.99 -3.60
N THR H 142 -55.05 -27.99 -3.86
CA THR H 142 -56.02 -27.96 -2.78
C THR H 142 -56.05 -29.30 -2.05
N GLY H 143 -56.53 -29.26 -0.82
CA GLY H 143 -56.54 -30.43 0.03
C GLY H 143 -55.64 -30.24 1.23
N GLU H 144 -56.23 -30.40 2.42
CA GLU H 144 -55.49 -30.08 3.64
C GLU H 144 -54.45 -31.15 3.93
N ALA H 145 -54.77 -32.41 3.62
CA ALA H 145 -53.77 -33.48 3.72
C ALA H 145 -52.58 -33.18 2.83
N CYS H 146 -52.82 -32.58 1.67
CA CYS H 146 -51.73 -32.17 0.80
C CYS H 146 -50.83 -31.16 1.49
N TRP H 147 -51.42 -30.27 2.28
CA TRP H 147 -50.66 -29.26 3.00
C TRP H 147 -50.07 -29.85 4.27
N TRP H 148 -49.08 -29.15 4.83
CA TRP H 148 -48.36 -29.64 5.98
C TRP H 148 -48.17 -28.48 6.96
N THR H 149 -47.91 -28.84 8.22
CA THR H 149 -47.57 -27.87 9.25
C THR H 149 -46.14 -28.08 9.67
N MET H 150 -45.40 -26.99 9.83
CA MET H 150 -43.98 -27.03 10.15
C MET H 150 -43.73 -26.39 11.50
N HIS H 151 -43.00 -27.09 12.36
CA HIS H 151 -42.73 -26.66 13.71
C HIS H 151 -41.28 -26.93 14.07
N PRO H 152 -40.70 -26.12 14.95
CA PRO H 152 -39.34 -26.41 15.42
C PRO H 152 -39.28 -27.75 16.12
N ALA H 153 -38.19 -28.48 15.86
CA ALA H 153 -38.02 -29.78 16.51
C ALA H 153 -37.79 -29.62 18.00
N SER H 154 -36.87 -28.74 18.38
CA SER H 154 -36.55 -28.49 19.78
C SER H 154 -36.83 -27.04 20.11
N LYS H 155 -36.41 -26.63 21.31
CA LYS H 155 -36.91 -25.40 21.89
C LYS H 155 -36.05 -24.19 21.53
N GLN H 156 -34.79 -24.42 21.14
CA GLN H 156 -33.96 -23.27 20.75
C GLN H 156 -34.56 -22.55 19.55
N ARG H 157 -35.03 -23.32 18.56
CA ARG H 157 -35.92 -22.75 17.56
C ARG H 157 -37.31 -22.59 18.17
N SER H 158 -38.01 -21.55 17.76
CA SER H 158 -39.30 -21.20 18.34
C SER H 158 -40.40 -21.38 17.30
N GLU H 159 -41.61 -21.68 17.77
CA GLU H 159 -42.76 -21.71 16.90
C GLU H 159 -43.18 -20.30 16.52
N GLY H 160 -43.70 -20.16 15.31
CA GLY H 160 -44.16 -18.86 14.83
C GLY H 160 -43.05 -17.86 14.63
N GLU H 161 -41.90 -18.31 14.15
CA GLU H 161 -40.80 -17.42 13.82
C GLU H 161 -40.18 -17.87 12.50
N LYS H 162 -39.08 -17.23 12.13
CA LYS H 162 -38.48 -17.48 10.83
C LYS H 162 -37.71 -18.79 10.83
N VAL H 163 -37.85 -19.55 9.74
CA VAL H 163 -37.14 -20.82 9.63
C VAL H 163 -35.74 -20.58 9.09
N ARG H 164 -34.77 -21.30 9.65
CA ARG H 164 -33.36 -21.17 9.26
C ARG H 164 -32.96 -22.33 8.38
N VAL H 165 -31.85 -22.18 7.67
CA VAL H 165 -31.31 -23.28 6.87
C VAL H 165 -30.82 -24.40 7.77
N GLY H 166 -30.97 -25.63 7.30
CA GLY H 166 -30.47 -26.78 8.04
C GLY H 166 -31.23 -27.12 9.30
N ASP H 167 -32.37 -26.48 9.52
CA ASP H 167 -33.13 -26.71 10.74
C ASP H 167 -33.74 -28.10 10.74
N ASP H 168 -34.16 -28.53 11.92
CA ASP H 168 -34.83 -29.82 12.05
C ASP H 168 -36.33 -29.61 12.16
N LEU H 169 -37.07 -30.16 11.20
CA LEU H 169 -38.50 -29.92 11.10
C LEU H 169 -39.27 -31.23 11.14
N ILE H 170 -40.39 -31.22 11.85
CA ILE H 170 -41.26 -32.38 11.97
C ILE H 170 -42.66 -31.95 11.50
N LEU H 171 -43.26 -32.76 10.63
CA LEU H 171 -44.36 -32.31 9.80
C LEU H 171 -45.54 -33.27 9.89
N VAL H 172 -46.72 -32.75 10.19
CA VAL H 172 -47.98 -33.49 10.06
C VAL H 172 -48.71 -32.99 8.82
N SER H 173 -49.16 -33.91 7.98
CA SER H 173 -50.13 -33.55 6.97
C SER H 173 -51.45 -33.23 7.63
N VAL H 174 -52.04 -32.10 7.24
CA VAL H 174 -53.05 -31.45 8.09
C VAL H 174 -54.28 -32.33 8.24
N SER H 175 -54.83 -32.81 7.13
CA SER H 175 -55.96 -33.73 7.25
C SER H 175 -55.53 -35.00 7.95
N SER H 176 -54.34 -35.49 7.61
CA SER H 176 -53.81 -36.67 8.29
C SER H 176 -53.57 -36.39 9.77
N GLU H 177 -53.04 -35.21 10.08
CA GLU H 177 -52.43 -34.95 11.39
C GLU H 177 -51.41 -36.03 11.71
N ARG H 178 -50.78 -36.56 10.67
CA ARG H 178 -49.84 -37.67 10.78
C ARG H 178 -48.45 -37.14 10.46
N TYR H 179 -47.53 -37.33 11.40
CA TYR H 179 -46.15 -36.96 11.15
C TYR H 179 -45.54 -37.85 10.08
N LEU H 180 -44.65 -37.26 9.27
CA LEU H 180 -43.95 -38.06 8.28
C LEU H 180 -43.02 -39.04 8.97
N HIS H 181 -43.05 -40.29 8.53
CA HIS H 181 -42.40 -41.36 9.26
C HIS H 181 -41.92 -42.44 8.29
N LEU H 182 -40.98 -43.24 8.77
CA LEU H 182 -40.42 -44.36 8.02
C LEU H 182 -40.98 -45.66 8.56
N SER H 183 -41.58 -46.46 7.68
CA SER H 183 -42.15 -47.74 8.06
C SER H 183 -41.00 -48.73 8.26
N THR H 184 -40.36 -48.67 9.41
CA THR H 184 -39.31 -49.62 9.75
C THR H 184 -39.85 -51.03 9.92
N ALA H 185 -41.17 -51.18 10.04
CA ALA H 185 -41.77 -52.51 9.98
C ALA H 185 -41.36 -53.21 8.69
N SER H 186 -41.46 -52.52 7.57
CA SER H 186 -40.75 -52.95 6.38
C SER H 186 -39.27 -52.94 6.68
N GLY H 187 -38.58 -54.01 6.29
CA GLY H 187 -37.16 -54.10 6.56
C GLY H 187 -36.39 -52.92 6.02
N GLU H 188 -36.68 -52.53 4.78
CA GLU H 188 -36.20 -51.26 4.27
C GLU H 188 -37.04 -50.13 4.82
N LEU H 189 -36.42 -48.97 5.02
CA LEU H 189 -37.19 -47.81 5.42
C LEU H 189 -38.12 -47.39 4.30
N GLN H 190 -39.41 -47.25 4.63
CA GLN H 190 -40.43 -46.82 3.68
C GLN H 190 -41.23 -45.70 4.31
N VAL H 191 -41.37 -44.59 3.58
CA VAL H 191 -42.01 -43.42 4.16
C VAL H 191 -43.49 -43.66 4.34
N ASP H 192 -44.02 -43.18 5.46
CA ASP H 192 -45.42 -43.34 5.80
C ASP H 192 -45.86 -42.17 6.66
N ALA H 193 -47.09 -41.71 6.44
CA ALA H 193 -47.68 -40.64 7.22
C ALA H 193 -48.34 -41.25 8.45
N SER H 194 -47.75 -41.02 9.61
CA SER H 194 -48.24 -41.61 10.85
C SER H 194 -48.25 -40.55 11.94
N PHE H 195 -49.13 -40.77 12.92
CA PHE H 195 -49.18 -39.84 14.05
C PHE H 195 -47.83 -39.75 14.75
N MET H 196 -47.11 -40.86 14.86
CA MET H 196 -45.77 -40.83 15.43
C MET H 196 -44.83 -40.07 14.51
N GLN H 197 -43.78 -39.50 15.09
CA GLN H 197 -42.96 -38.49 14.44
C GLN H 197 -41.65 -39.10 13.96
N THR H 198 -41.18 -38.61 12.81
CA THR H 198 -39.83 -38.85 12.32
C THR H 198 -39.27 -37.54 11.78
N LEU H 199 -38.13 -37.13 12.30
CA LEU H 199 -37.59 -35.81 12.01
C LEU H 199 -37.22 -35.71 10.53
N TRP H 200 -37.30 -34.50 9.99
CA TRP H 200 -36.95 -34.23 8.59
C TRP H 200 -36.14 -32.94 8.51
N ASN H 201 -35.04 -32.98 7.78
CA ASN H 201 -34.14 -31.83 7.69
C ASN H 201 -34.05 -31.31 6.27
N MET H 202 -34.04 -29.98 6.16
CA MET H 202 -34.09 -29.25 4.89
C MET H 202 -32.69 -28.85 4.49
N ASN H 203 -32.37 -29.03 3.20
CA ASN H 203 -31.08 -28.69 2.63
C ASN H 203 -31.32 -27.96 1.30
N PRO H 204 -30.82 -26.74 1.15
CA PRO H 204 -31.11 -25.98 -0.08
C PRO H 204 -30.39 -26.58 -1.28
N ILE H 205 -31.03 -26.48 -2.45
CA ILE H 205 -30.34 -26.85 -3.69
C ILE H 205 -29.94 -25.62 -4.47
N CYS H 206 -30.90 -24.75 -4.76
CA CYS H 206 -30.64 -23.51 -5.47
C CYS H 206 -31.69 -22.49 -5.08
N SER H 207 -31.27 -21.22 -5.03
CA SER H 207 -32.15 -20.15 -4.60
C SER H 207 -32.53 -19.19 -5.72
N CYS H 208 -31.54 -18.57 -6.36
CA CYS H 208 -31.82 -17.61 -7.42
C CYS H 208 -30.67 -17.64 -8.41
N CYS H 209 -31.03 -17.80 -9.69
CA CYS H 209 -30.07 -17.88 -10.77
C CYS H 209 -30.24 -16.68 -11.69
N GLU H 210 -29.14 -15.98 -11.95
CA GLU H 210 -29.20 -14.83 -12.83
C GLU H 210 -29.44 -15.27 -14.26
N GLU H 211 -29.86 -14.33 -15.11
CA GLU H 211 -30.05 -14.65 -16.52
C GLU H 211 -28.76 -15.16 -17.12
N GLY H 212 -28.86 -16.22 -17.92
CA GLY H 212 -27.65 -16.90 -18.33
C GLY H 212 -26.97 -17.50 -17.12
N TYR H 213 -25.63 -17.47 -17.15
CA TYR H 213 -24.84 -17.77 -15.97
C TYR H 213 -25.11 -19.17 -15.42
N VAL H 214 -24.63 -20.21 -16.10
CA VAL H 214 -24.96 -21.58 -15.76
C VAL H 214 -24.92 -21.83 -14.27
N THR H 215 -25.88 -22.62 -13.80
CA THR H 215 -25.96 -23.03 -12.41
C THR H 215 -26.15 -24.53 -12.37
N GLY H 216 -25.78 -25.13 -11.24
CA GLY H 216 -25.96 -26.56 -11.09
C GLY H 216 -27.42 -26.96 -11.14
N GLY H 217 -27.66 -28.23 -11.45
CA GLY H 217 -29.01 -28.74 -11.47
C GLY H 217 -29.84 -28.36 -12.67
N HIS H 218 -29.23 -27.83 -13.73
CA HIS H 218 -29.94 -27.44 -14.93
C HIS H 218 -29.43 -28.26 -16.11
N VAL H 219 -30.36 -28.82 -16.87
CA VAL H 219 -30.00 -29.62 -18.04
C VAL H 219 -29.41 -28.69 -19.10
N LEU H 220 -28.51 -29.23 -19.91
CA LEU H 220 -27.71 -28.42 -20.83
C LEU H 220 -27.32 -29.25 -22.04
N ARG H 221 -26.98 -28.54 -23.11
CA ARG H 221 -26.46 -29.13 -24.33
C ARG H 221 -25.17 -28.41 -24.72
N LEU H 222 -24.17 -29.17 -25.14
CA LEU H 222 -22.82 -28.65 -25.35
C LEU H 222 -22.37 -28.93 -26.78
N PHE H 223 -21.85 -27.91 -27.44
CA PHE H 223 -21.41 -27.99 -28.83
C PHE H 223 -19.91 -27.80 -28.89
N HIS H 224 -19.17 -28.86 -29.24
CA HIS H 224 -17.73 -28.73 -29.40
C HIS H 224 -17.38 -27.78 -30.53
N GLY H 225 -18.07 -27.90 -31.65
CA GLY H 225 -17.92 -26.93 -32.71
C GLY H 225 -18.77 -25.70 -32.48
N HIS H 226 -18.64 -24.74 -33.38
CA HIS H 226 -19.41 -23.49 -33.31
C HIS H 226 -20.81 -23.71 -33.91
N MET H 227 -21.62 -24.41 -33.11
CA MET H 227 -23.01 -24.77 -33.41
C MET H 227 -23.12 -25.74 -34.58
N ASP H 228 -22.00 -26.14 -35.20
CA ASP H 228 -22.09 -27.08 -36.31
C ASP H 228 -22.39 -28.49 -35.81
N GLU H 229 -21.97 -28.80 -34.59
CA GLU H 229 -22.11 -30.16 -34.07
C GLU H 229 -22.10 -30.14 -32.55
N CYS H 230 -22.64 -31.20 -31.97
CA CYS H 230 -22.81 -31.30 -30.52
C CYS H 230 -22.41 -32.69 -30.04
N LEU H 231 -22.11 -32.78 -28.75
CA LEU H 231 -21.74 -34.06 -28.16
C LEU H 231 -22.98 -34.88 -27.86
N THR H 232 -22.98 -36.13 -28.34
CA THR H 232 -24.15 -36.99 -28.21
C THR H 232 -23.72 -38.45 -28.10
N ILE H 233 -24.62 -39.26 -27.56
CA ILE H 233 -24.43 -40.70 -27.57
C ILE H 233 -24.72 -41.24 -28.96
N SER H 234 -24.38 -42.51 -29.17
CA SER H 234 -24.74 -43.17 -30.41
C SER H 234 -26.25 -43.29 -30.53
N ALA H 235 -26.73 -43.45 -31.76
CA ALA H 235 -28.16 -43.63 -31.97
C ALA H 235 -28.63 -44.92 -31.32
N ALA H 236 -29.92 -44.96 -30.99
CA ALA H 236 -30.47 -46.11 -30.30
C ALA H 236 -30.36 -47.36 -31.15
N ASP H 237 -30.41 -48.51 -30.48
CA ASP H 237 -30.29 -49.85 -31.06
C ASP H 237 -28.94 -50.07 -31.72
N SER H 238 -27.93 -49.25 -31.43
CA SER H 238 -26.61 -49.45 -32.00
C SER H 238 -25.92 -50.64 -31.35
N ASP H 239 -24.98 -51.24 -32.10
CA ASP H 239 -24.24 -52.38 -31.59
C ASP H 239 -23.41 -52.01 -30.38
N ASP H 240 -22.84 -50.80 -30.37
CA ASP H 240 -22.03 -50.37 -29.24
C ASP H 240 -22.87 -50.17 -27.98
N GLN H 241 -24.20 -50.20 -28.12
CA GLN H 241 -25.14 -49.93 -27.06
C GLN H 241 -25.02 -48.50 -26.54
N ARG H 242 -24.63 -47.57 -27.40
CA ARG H 242 -24.49 -46.15 -27.12
C ARG H 242 -23.46 -45.87 -26.03
N ARG H 243 -22.57 -46.82 -25.75
CA ARG H 243 -21.49 -46.55 -24.80
C ARG H 243 -20.54 -45.47 -25.33
N LEU H 244 -20.23 -45.53 -26.62
CA LEU H 244 -19.31 -44.59 -27.24
C LEU H 244 -20.05 -43.31 -27.62
N VAL H 245 -19.47 -42.16 -27.25
CA VAL H 245 -20.03 -40.86 -27.56
C VAL H 245 -19.14 -40.20 -28.60
N TYR H 246 -19.76 -39.74 -29.69
CA TYR H 246 -19.04 -39.15 -30.80
C TYR H 246 -19.56 -37.74 -31.04
N TYR H 247 -18.66 -36.84 -31.40
CA TYR H 247 -19.07 -35.49 -31.75
C TYR H 247 -19.82 -35.50 -33.08
N GLU H 248 -21.12 -35.26 -33.03
CA GLU H 248 -21.99 -35.41 -34.19
C GLU H 248 -22.82 -34.15 -34.38
N GLY H 249 -23.10 -33.83 -35.63
CA GLY H 249 -23.91 -32.67 -35.96
C GLY H 249 -25.05 -32.97 -36.90
N GLY H 250 -26.19 -32.32 -36.69
CA GLY H 250 -27.34 -32.53 -37.54
C GLY H 250 -28.62 -32.45 -36.74
N ALA H 251 -29.59 -33.27 -37.14
CA ALA H 251 -30.83 -33.36 -36.39
C ALA H 251 -30.60 -33.87 -34.98
N VAL H 252 -29.50 -34.59 -34.77
CA VAL H 252 -29.17 -35.08 -33.43
C VAL H 252 -29.03 -33.90 -32.47
N CYS H 253 -28.57 -32.76 -32.97
CA CYS H 253 -28.43 -31.58 -32.13
C CYS H 253 -29.76 -31.16 -31.53
N THR H 254 -30.82 -31.21 -32.35
CA THR H 254 -32.16 -30.97 -31.82
C THR H 254 -32.63 -32.15 -30.98
N HIS H 255 -32.10 -33.34 -31.26
CA HIS H 255 -32.58 -34.55 -30.61
C HIS H 255 -32.20 -34.58 -29.13
N ALA H 256 -32.86 -35.49 -28.41
CA ALA H 256 -32.64 -35.58 -26.97
C ALA H 256 -31.33 -36.27 -26.64
N ARG H 257 -30.89 -37.17 -27.51
CA ARG H 257 -29.64 -37.89 -27.26
C ARG H 257 -28.46 -36.92 -27.15
N SER H 258 -28.55 -35.77 -27.81
CA SER H 258 -27.51 -34.77 -27.68
C SER H 258 -27.60 -34.02 -26.36
N LEU H 259 -28.78 -34.02 -25.75
CA LEU H 259 -28.95 -33.40 -24.44
C LEU H 259 -28.18 -34.19 -23.40
N TRP H 260 -27.62 -33.47 -22.42
CA TRP H 260 -26.84 -34.11 -21.36
C TRP H 260 -27.25 -33.53 -20.02
N ARG H 261 -27.00 -34.32 -18.97
CA ARG H 261 -27.29 -33.93 -17.61
C ARG H 261 -25.98 -33.80 -16.83
N LEU H 262 -25.84 -32.71 -16.10
CA LEU H 262 -24.62 -32.40 -15.36
C LEU H 262 -24.97 -32.11 -13.91
N GLU H 263 -24.29 -32.77 -12.98
CA GLU H 263 -24.55 -32.59 -11.57
C GLU H 263 -23.26 -32.38 -10.81
N PRO H 264 -23.25 -31.57 -9.76
CA PRO H 264 -22.04 -31.38 -8.97
C PRO H 264 -21.79 -32.55 -8.04
N LEU H 265 -20.60 -32.56 -7.43
CA LEU H 265 -20.26 -33.62 -6.50
C LEU H 265 -20.97 -33.42 -5.16
N ARG H 266 -20.83 -32.24 -4.57
CA ARG H 266 -21.46 -31.97 -3.28
C ARG H 266 -22.97 -31.90 -3.43
N ILE H 267 -23.67 -32.54 -2.49
CA ILE H 267 -25.14 -32.56 -2.57
C ILE H 267 -25.71 -31.20 -2.20
N SER H 268 -25.26 -30.63 -1.09
CA SER H 268 -25.80 -29.35 -0.64
C SER H 268 -25.44 -28.26 -1.63
N TRP H 269 -26.41 -27.38 -1.90
CA TRP H 269 -26.23 -26.28 -2.85
C TRP H 269 -25.76 -26.79 -4.21
N SER H 270 -26.33 -27.90 -4.63
CA SER H 270 -25.99 -28.45 -5.94
C SER H 270 -26.40 -27.49 -7.05
N GLY H 271 -27.51 -26.77 -6.86
CA GLY H 271 -27.98 -25.86 -7.87
C GLY H 271 -27.25 -24.53 -7.91
N SER H 272 -26.21 -24.37 -7.11
CA SER H 272 -25.50 -23.10 -7.04
C SER H 272 -24.86 -22.75 -8.38
N HIS H 273 -24.37 -21.52 -8.49
CA HIS H 273 -23.59 -21.14 -9.66
C HIS H 273 -22.44 -22.10 -9.88
N LEU H 274 -22.35 -22.64 -11.08
CA LEU H 274 -21.24 -23.51 -11.42
C LEU H 274 -19.93 -22.72 -11.41
N ARG H 275 -18.91 -23.27 -10.78
CA ARG H 275 -17.65 -22.58 -10.56
C ARG H 275 -16.58 -23.12 -11.50
N TRP H 276 -15.66 -22.24 -11.87
CA TRP H 276 -14.58 -22.63 -12.78
C TRP H 276 -13.71 -23.69 -12.11
N GLY H 277 -13.48 -24.79 -12.82
CA GLY H 277 -12.74 -25.90 -12.27
C GLY H 277 -13.49 -26.71 -11.24
N GLN H 278 -14.80 -26.56 -11.14
CA GLN H 278 -15.56 -27.29 -10.15
C GLN H 278 -15.53 -28.78 -10.45
N PRO H 279 -15.43 -29.63 -9.42
CA PRO H 279 -15.65 -31.06 -9.64
C PRO H 279 -17.09 -31.32 -10.03
N LEU H 280 -17.27 -32.07 -11.11
CA LEU H 280 -18.59 -32.24 -11.70
C LEU H 280 -18.75 -33.67 -12.17
N ARG H 281 -20.00 -34.14 -12.18
CA ARG H 281 -20.31 -35.48 -12.65
C ARG H 281 -21.28 -35.37 -13.82
N ILE H 282 -21.04 -36.17 -14.85
CA ILE H 282 -21.79 -36.09 -16.10
C ILE H 282 -22.55 -37.39 -16.29
N ARG H 283 -23.88 -37.28 -16.38
CA ARG H 283 -24.75 -38.42 -16.66
C ARG H 283 -25.62 -38.05 -17.86
N HIS H 284 -25.71 -38.95 -18.84
CA HIS H 284 -26.51 -38.64 -20.00
C HIS H 284 -27.99 -38.79 -19.65
N VAL H 285 -28.79 -37.82 -20.07
CA VAL H 285 -30.17 -37.72 -19.57
C VAL H 285 -30.99 -38.91 -20.03
N THR H 286 -30.92 -39.26 -21.32
CA THR H 286 -31.76 -40.32 -21.84
C THR H 286 -31.31 -41.68 -21.31
N THR H 287 -30.00 -41.95 -21.38
CA THR H 287 -29.50 -43.22 -20.87
C THR H 287 -29.68 -43.33 -19.36
N GLY H 288 -29.37 -42.26 -18.64
CA GLY H 288 -29.23 -42.34 -17.21
C GLY H 288 -27.90 -42.91 -16.76
N ARG H 289 -27.00 -43.19 -17.68
CA ARG H 289 -25.67 -43.64 -17.33
C ARG H 289 -24.69 -42.48 -17.33
N TYR H 290 -23.60 -42.64 -16.58
CA TYR H 290 -22.63 -41.58 -16.35
C TYR H 290 -21.49 -41.67 -17.35
N LEU H 291 -20.89 -40.52 -17.65
CA LEU H 291 -19.68 -40.50 -18.45
C LEU H 291 -18.46 -40.62 -17.54
N ALA H 292 -17.55 -41.52 -17.90
CA ALA H 292 -16.41 -41.81 -17.05
C ALA H 292 -15.29 -42.39 -17.90
N LEU H 293 -14.16 -42.66 -17.25
CA LEU H 293 -12.97 -43.19 -17.89
C LEU H 293 -12.81 -44.65 -17.50
N THR H 294 -12.61 -45.51 -18.50
CA THR H 294 -12.27 -46.92 -18.28
C THR H 294 -10.94 -47.20 -18.95
N GLU H 295 -10.07 -47.94 -18.27
CA GLU H 295 -8.74 -48.22 -18.82
C GLU H 295 -8.84 -48.92 -20.16
N ASP H 296 -9.77 -49.86 -20.29
CA ASP H 296 -9.89 -50.61 -21.53
C ASP H 296 -10.46 -49.75 -22.67
N GLN H 297 -11.49 -48.97 -22.38
CA GLN H 297 -12.22 -48.26 -23.42
C GLN H 297 -11.99 -46.75 -23.40
N GLY H 298 -10.96 -46.28 -22.72
CA GLY H 298 -10.81 -44.84 -22.60
C GLY H 298 -11.96 -44.28 -21.80
N LEU H 299 -12.71 -43.37 -22.41
CA LEU H 299 -13.90 -42.82 -21.79
C LEU H 299 -15.14 -43.24 -22.55
N VAL H 300 -16.10 -43.82 -21.84
CA VAL H 300 -17.39 -44.20 -22.39
C VAL H 300 -18.45 -43.90 -21.34
N VAL H 301 -19.70 -43.86 -21.79
CA VAL H 301 -20.81 -43.68 -20.86
C VAL H 301 -21.03 -44.98 -20.09
N VAL H 302 -21.02 -44.87 -18.76
CA VAL H 302 -21.06 -46.05 -17.90
C VAL H 302 -22.24 -45.94 -16.94
N ASP H 303 -22.72 -47.10 -16.50
CA ASP H 303 -23.83 -47.16 -15.57
C ASP H 303 -23.43 -46.53 -14.24
N ALA H 304 -24.43 -46.02 -13.53
CA ALA H 304 -24.17 -45.35 -12.26
C ALA H 304 -23.57 -46.30 -11.23
N CYS H 305 -24.07 -47.53 -11.17
CA CYS H 305 -23.51 -48.50 -10.23
C CYS H 305 -22.05 -48.78 -10.55
N LYS H 306 -21.72 -48.90 -11.83
CA LYS H 306 -20.33 -49.09 -12.21
C LYS H 306 -19.50 -47.84 -11.95
N ALA H 307 -20.15 -46.68 -11.94
CA ALA H 307 -19.44 -45.43 -11.78
C ALA H 307 -18.75 -45.35 -10.43
N HIS H 308 -17.50 -44.92 -10.44
CA HIS H 308 -16.64 -44.95 -9.27
C HIS H 308 -16.43 -43.55 -8.68
N THR H 309 -17.00 -42.53 -9.32
CA THR H 309 -17.16 -41.18 -8.79
C THR H 309 -15.83 -40.42 -8.78
N LYS H 310 -14.72 -41.10 -9.03
CA LYS H 310 -13.46 -40.40 -9.14
C LYS H 310 -13.00 -40.39 -10.59
N ALA H 311 -12.90 -41.57 -11.20
CA ALA H 311 -12.77 -41.62 -12.65
C ALA H 311 -14.00 -41.02 -13.32
N THR H 312 -15.15 -41.07 -12.64
CA THR H 312 -16.36 -40.46 -13.16
C THR H 312 -16.31 -38.94 -13.03
N SER H 313 -15.58 -38.44 -12.03
CA SER H 313 -15.55 -37.01 -11.77
C SER H 313 -14.76 -36.26 -12.84
N PHE H 314 -15.36 -35.21 -13.38
CA PHE H 314 -14.72 -34.35 -14.37
C PHE H 314 -14.85 -32.91 -13.93
N CYS H 315 -13.95 -32.06 -14.42
CA CYS H 315 -13.97 -30.64 -14.10
C CYS H 315 -14.02 -29.83 -15.38
N PHE H 316 -14.66 -28.67 -15.32
CA PHE H 316 -14.76 -27.80 -16.47
C PHE H 316 -13.82 -26.61 -16.31
N ARG H 317 -13.10 -26.28 -17.38
CA ARG H 317 -12.01 -25.31 -17.31
C ARG H 317 -12.20 -24.22 -18.36
N VAL H 318 -11.87 -22.98 -17.98
CA VAL H 318 -11.91 -21.89 -18.93
C VAL H 318 -10.62 -21.82 -19.74
N SER H 319 -9.57 -22.48 -19.26
CA SER H 319 -8.24 -22.33 -19.81
C SER H 319 -7.63 -23.70 -20.10
N LYS H 320 -6.96 -23.81 -21.25
CA LYS H 320 -6.25 -25.05 -21.57
C LYS H 320 -5.02 -25.24 -20.70
N GLU H 321 -4.20 -24.20 -20.56
CA GLU H 321 -3.01 -24.32 -19.72
C GLU H 321 -3.43 -24.55 -18.28
N LYS H 322 -2.66 -25.36 -17.57
CA LYS H 322 -3.08 -25.93 -16.30
C LYS H 322 -2.10 -25.54 -15.21
N LEU H 323 -2.62 -24.95 -14.13
CA LEU H 323 -1.81 -24.78 -12.93
C LEU H 323 -2.34 -25.64 -11.79
N ASP H 324 -3.66 -25.69 -11.62
CA ASP H 324 -4.35 -26.51 -10.62
C ASP H 324 -3.70 -26.44 -9.25
N THR H 325 -3.17 -25.28 -8.86
CA THR H 325 -2.34 -25.22 -7.66
C THR H 325 -3.18 -25.30 -6.39
N ALA H 326 -4.06 -24.32 -6.19
CA ALA H 326 -4.82 -24.22 -4.95
C ALA H 326 -6.30 -24.48 -5.25
N PRO H 327 -6.92 -25.45 -4.58
CA PRO H 327 -8.35 -25.68 -4.79
C PRO H 327 -9.18 -24.54 -4.22
N LYS H 328 -10.25 -24.21 -4.92
CA LYS H 328 -11.17 -23.19 -4.45
C LYS H 328 -11.88 -23.65 -3.18
N ARG H 329 -12.16 -22.70 -2.30
CA ARG H 329 -12.87 -23.02 -1.06
C ARG H 329 -14.35 -23.21 -1.35
N ASP H 330 -14.92 -24.27 -0.78
CA ASP H 330 -16.34 -24.52 -0.97
C ASP H 330 -17.17 -23.43 -0.30
N VAL H 331 -18.20 -22.98 -1.00
CA VAL H 331 -19.05 -21.89 -0.53
C VAL H 331 -20.49 -22.38 -0.52
N GLU H 332 -21.17 -22.19 0.61
CA GLU H 332 -22.59 -22.43 0.67
C GLU H 332 -23.35 -21.21 0.13
N GLY H 333 -24.60 -21.42 -0.22
CA GLY H 333 -25.37 -20.37 -0.83
C GLY H 333 -25.33 -20.44 -2.35
N MET H 334 -25.70 -19.33 -2.97
CA MET H 334 -25.80 -19.30 -4.43
C MET H 334 -24.42 -19.30 -5.06
N GLY H 335 -23.44 -18.69 -4.39
CA GLY H 335 -22.07 -18.70 -4.85
C GLY H 335 -21.79 -17.64 -5.89
N PRO H 336 -20.51 -17.37 -6.15
CA PRO H 336 -20.16 -16.47 -7.24
C PRO H 336 -20.53 -17.09 -8.58
N PRO H 337 -20.99 -16.30 -9.53
CA PRO H 337 -21.30 -16.85 -10.85
C PRO H 337 -20.07 -16.85 -11.77
N GLU H 338 -19.64 -18.03 -12.21
CA GLU H 338 -18.42 -18.10 -13.01
C GLU H 338 -18.73 -18.17 -14.50
N ILE H 339 -19.47 -19.19 -14.92
CA ILE H 339 -19.66 -19.50 -16.33
C ILE H 339 -21.05 -19.02 -16.74
N LYS H 340 -21.18 -18.59 -17.98
CA LYS H 340 -22.41 -17.98 -18.49
C LYS H 340 -23.15 -18.96 -19.38
N TYR H 341 -24.48 -18.98 -19.26
CA TYR H 341 -25.29 -19.98 -19.93
C TYR H 341 -25.48 -19.63 -21.38
N GLY H 342 -24.76 -20.32 -22.26
CA GLY H 342 -24.79 -20.04 -23.68
C GLY H 342 -23.84 -18.95 -24.14
N GLU H 343 -23.00 -18.43 -23.26
CA GLU H 343 -22.06 -17.36 -23.60
C GLU H 343 -20.61 -17.78 -23.47
N SER H 344 -20.23 -18.32 -22.32
CA SER H 344 -18.84 -18.66 -22.07
C SER H 344 -18.42 -19.90 -22.84
N LEU H 345 -17.14 -19.98 -23.17
CA LEU H 345 -16.55 -21.16 -23.78
C LEU H 345 -15.62 -21.80 -22.78
N CYS H 346 -15.62 -23.13 -22.72
CA CYS H 346 -15.04 -23.87 -21.60
C CYS H 346 -14.30 -25.09 -22.10
N PHE H 347 -13.24 -25.46 -21.38
CA PHE H 347 -12.59 -26.74 -21.60
C PHE H 347 -13.09 -27.78 -20.60
N VAL H 348 -13.17 -29.03 -21.04
CA VAL H 348 -13.63 -30.13 -20.20
C VAL H 348 -12.44 -30.99 -19.83
N GLN H 349 -12.28 -31.26 -18.54
CA GLN H 349 -11.10 -31.92 -18.00
C GLN H 349 -11.51 -32.99 -17.00
N HIS H 350 -10.80 -34.12 -17.03
CA HIS H 350 -11.00 -35.16 -16.03
C HIS H 350 -10.03 -34.95 -14.89
N VAL H 351 -10.56 -34.80 -13.68
CA VAL H 351 -9.73 -34.41 -12.53
C VAL H 351 -8.68 -35.47 -12.24
N ALA H 352 -9.06 -36.75 -12.30
CA ALA H 352 -8.10 -37.80 -12.03
C ALA H 352 -7.10 -37.95 -13.16
N SER H 353 -7.60 -37.96 -14.41
CA SER H 353 -6.71 -38.17 -15.54
C SER H 353 -5.85 -36.95 -15.81
N GLY H 354 -6.45 -35.75 -15.77
CA GLY H 354 -5.79 -34.59 -16.31
C GLY H 354 -5.72 -34.58 -17.82
N LEU H 355 -6.27 -35.60 -18.47
CA LEU H 355 -6.24 -35.74 -19.92
C LEU H 355 -7.27 -34.82 -20.54
N TRP H 356 -6.90 -34.17 -21.64
CA TRP H 356 -7.78 -33.22 -22.30
C TRP H 356 -8.72 -33.98 -23.22
N LEU H 357 -10.01 -33.73 -23.09
CA LEU H 357 -10.99 -34.36 -23.97
C LEU H 357 -11.03 -33.65 -25.32
N THR H 358 -10.81 -34.42 -26.37
CA THR H 358 -10.84 -33.89 -27.73
C THR H 358 -11.44 -34.92 -28.66
N TYR H 359 -11.67 -34.49 -29.90
CA TYR H 359 -12.14 -35.40 -30.92
C TYR H 359 -11.04 -36.35 -31.34
N ALA H 360 -11.44 -37.52 -31.86
CA ALA H 360 -10.47 -38.50 -32.31
C ALA H 360 -9.78 -38.07 -33.59
N ALA H 361 -10.27 -36.97 -34.20
CA ALA H 361 -9.83 -36.42 -35.49
C ALA H 361 -10.43 -37.27 -36.60
N PRO H 362 -10.64 -36.72 -37.79
CA PRO H 362 -11.27 -37.52 -38.86
C PRO H 362 -10.39 -38.71 -39.24
N ASP H 363 -10.94 -39.90 -39.05
CA ASP H 363 -10.21 -41.11 -39.37
C ASP H 363 -10.17 -41.32 -40.88
N PRO H 364 -9.12 -41.98 -41.37
CA PRO H 364 -9.12 -42.37 -42.79
C PRO H 364 -10.27 -43.32 -43.08
N LYS H 365 -10.84 -43.18 -44.28
CA LYS H 365 -11.87 -44.04 -44.85
C LYS H 365 -13.20 -43.78 -44.14
N ALA H 366 -13.18 -43.02 -43.04
CA ALA H 366 -14.44 -42.65 -42.38
C ALA H 366 -15.24 -41.70 -43.25
N LEU H 367 -14.57 -40.88 -44.05
CA LEU H 367 -15.27 -40.02 -45.01
C LEU H 367 -16.04 -40.87 -46.02
N ARG H 368 -15.56 -42.08 -46.29
CA ARG H 368 -16.29 -42.98 -47.18
C ARG H 368 -17.64 -43.38 -46.57
N LEU H 369 -17.67 -43.64 -45.27
CA LEU H 369 -18.96 -43.80 -44.58
C LEU H 369 -19.75 -42.50 -44.64
N GLY H 370 -19.07 -41.36 -44.52
CA GLY H 370 -19.74 -40.09 -44.46
C GLY H 370 -20.28 -39.74 -43.10
N VAL H 371 -19.90 -40.47 -42.06
CA VAL H 371 -20.38 -40.16 -40.72
C VAL H 371 -19.83 -38.81 -40.28
N LEU H 372 -20.69 -38.01 -39.67
CA LEU H 372 -20.29 -36.74 -39.08
C LEU H 372 -19.93 -36.88 -37.62
N LYS H 373 -19.93 -38.11 -37.10
CA LYS H 373 -19.68 -38.39 -35.70
C LYS H 373 -18.28 -38.97 -35.53
N LYS H 374 -17.52 -38.38 -34.62
CA LYS H 374 -16.14 -38.79 -34.35
C LYS H 374 -15.94 -38.99 -32.85
N LYS H 375 -15.33 -40.11 -32.51
CA LYS H 375 -15.25 -40.55 -31.12
C LYS H 375 -14.55 -39.52 -30.25
N ALA H 376 -15.09 -39.31 -29.05
CA ALA H 376 -14.42 -38.49 -28.07
C ALA H 376 -13.25 -39.24 -27.46
N ILE H 377 -12.08 -38.61 -27.45
CA ILE H 377 -10.86 -39.24 -26.96
C ILE H 377 -10.18 -38.30 -25.97
N LEU H 378 -9.40 -38.89 -25.07
CA LEU H 378 -8.66 -38.13 -24.07
C LEU H 378 -7.22 -37.98 -24.55
N HIS H 379 -6.79 -36.73 -24.74
CA HIS H 379 -5.48 -36.42 -25.28
C HIS H 379 -4.72 -35.53 -24.31
N GLN H 380 -3.44 -35.84 -24.09
CA GLN H 380 -2.63 -34.99 -23.23
C GLN H 380 -2.50 -33.58 -23.82
N GLU H 381 -2.14 -33.49 -25.10
CA GLU H 381 -2.10 -32.19 -25.75
C GLU H 381 -3.50 -31.73 -26.11
N GLY H 382 -4.40 -32.68 -26.42
CA GLY H 382 -5.74 -32.28 -26.81
C GLY H 382 -5.79 -31.82 -28.26
N HIS H 383 -6.46 -30.70 -28.46
CA HIS H 383 -6.55 -30.06 -29.77
C HIS H 383 -6.87 -28.59 -29.60
N MET H 384 -6.86 -27.87 -30.72
CA MET H 384 -7.17 -26.45 -30.69
C MET H 384 -8.61 -26.21 -30.27
N ASP H 385 -9.53 -27.04 -30.75
CA ASP H 385 -10.96 -26.85 -30.51
C ASP H 385 -11.43 -27.51 -29.22
N ASP H 386 -10.54 -27.72 -28.24
CA ASP H 386 -10.95 -28.33 -26.99
C ASP H 386 -11.91 -27.43 -26.21
N ALA H 387 -11.92 -26.14 -26.53
CA ALA H 387 -12.90 -25.24 -25.92
C ALA H 387 -14.31 -25.66 -26.31
N LEU H 388 -15.13 -25.93 -25.31
CA LEU H 388 -16.46 -26.48 -25.50
C LEU H 388 -17.48 -25.37 -25.28
N PHE H 389 -18.29 -25.11 -26.30
CA PHE H 389 -19.36 -24.15 -26.12
C PHE H 389 -20.62 -24.85 -25.62
N LEU H 390 -21.40 -24.12 -24.83
CA LEU H 390 -22.48 -24.69 -24.04
C LEU H 390 -23.77 -23.95 -24.38
N THR H 391 -24.89 -24.66 -24.31
CA THR H 391 -26.20 -24.09 -24.64
C THR H 391 -27.22 -24.47 -23.58
N ARG H 392 -28.25 -23.63 -23.46
CA ARG H 392 -29.35 -23.87 -22.55
C ARG H 392 -30.30 -24.92 -23.12
N CYS H 393 -30.71 -25.86 -22.28
CA CYS H 393 -31.72 -26.85 -22.61
C CYS H 393 -33.10 -26.23 -22.40
N GLN H 394 -34.14 -26.97 -22.77
CA GLN H 394 -35.49 -26.45 -22.65
C GLN H 394 -36.26 -27.31 -21.64
N GLN H 395 -37.09 -26.66 -20.82
CA GLN H 395 -37.63 -27.29 -19.63
C GLN H 395 -38.49 -28.51 -19.96
N GLU H 396 -39.48 -28.35 -20.82
CA GLU H 396 -40.38 -29.47 -21.09
C GLU H 396 -39.67 -30.56 -21.88
N GLU H 397 -38.68 -30.18 -22.69
CA GLU H 397 -37.87 -31.18 -23.36
C GLU H 397 -37.11 -32.04 -22.36
N SER H 398 -36.50 -31.41 -21.36
CA SER H 398 -35.79 -32.18 -20.33
C SER H 398 -36.75 -33.04 -19.54
N GLN H 399 -37.92 -32.50 -19.21
CA GLN H 399 -38.94 -33.30 -18.53
C GLN H 399 -39.30 -34.52 -19.35
N ALA H 400 -39.53 -34.32 -20.65
CA ALA H 400 -39.86 -35.43 -21.53
C ALA H 400 -38.75 -36.47 -21.53
N ALA H 401 -37.49 -36.02 -21.61
CA ALA H 401 -36.39 -36.95 -21.66
C ALA H 401 -36.30 -37.78 -20.38
N ARG H 402 -36.46 -37.13 -19.23
CA ARG H 402 -36.46 -37.85 -17.97
C ARG H 402 -37.56 -38.90 -17.92
N MET H 403 -38.77 -38.51 -18.29
CA MET H 403 -39.89 -39.45 -18.23
C MET H 403 -39.69 -40.56 -19.25
N ILE H 404 -39.10 -40.25 -20.40
CA ILE H 404 -38.81 -41.28 -21.40
C ILE H 404 -37.81 -42.28 -20.85
N HIS H 405 -36.78 -41.81 -20.14
CA HIS H 405 -35.82 -42.74 -19.58
C HIS H 405 -36.49 -43.67 -18.56
N SER H 406 -37.30 -43.10 -17.67
CA SER H 406 -37.98 -43.94 -16.70
C SER H 406 -38.91 -44.94 -17.39
N THR H 407 -39.64 -44.47 -18.40
CA THR H 407 -40.55 -45.32 -19.15
C THR H 407 -39.80 -46.45 -19.83
N ALA H 408 -38.67 -46.14 -20.46
CA ALA H 408 -37.89 -47.16 -21.14
C ALA H 408 -37.38 -48.20 -20.17
N GLY H 409 -36.87 -47.77 -19.02
CA GLY H 409 -36.40 -48.73 -18.04
C GLY H 409 -37.50 -49.65 -17.56
N LEU H 410 -38.64 -49.08 -17.18
CA LEU H 410 -39.72 -49.90 -16.66
C LEU H 410 -40.25 -50.85 -17.73
N TYR H 411 -40.32 -50.40 -18.98
CA TYR H 411 -40.86 -51.26 -20.02
C TYR H 411 -39.87 -52.36 -20.40
N ASN H 412 -38.58 -52.04 -20.36
CA ASN H 412 -37.58 -53.09 -20.59
C ASN H 412 -37.68 -54.16 -19.52
N GLN H 413 -37.84 -53.75 -18.26
CA GLN H 413 -37.98 -54.75 -17.20
C GLN H 413 -39.26 -55.56 -17.38
N PHE H 414 -40.36 -54.90 -17.77
CA PHE H 414 -41.62 -55.59 -17.94
C PHE H 414 -41.55 -56.58 -19.09
N ILE H 415 -40.92 -56.20 -20.20
CA ILE H 415 -40.69 -57.11 -21.32
C ILE H 415 -39.82 -58.27 -20.87
N LYS H 416 -38.80 -57.99 -20.06
CA LYS H 416 -37.96 -59.07 -19.54
C LYS H 416 -38.79 -60.06 -18.75
N GLY H 417 -39.71 -59.58 -17.93
CA GLY H 417 -40.60 -60.48 -17.22
C GLY H 417 -41.48 -61.30 -18.16
N LEU H 418 -42.03 -60.65 -19.19
CA LEU H 418 -42.82 -61.39 -20.17
C LEU H 418 -42.04 -62.53 -20.77
N ASP H 419 -40.83 -62.24 -21.26
CA ASP H 419 -39.99 -63.29 -21.81
C ASP H 419 -39.66 -64.33 -20.75
N SER H 420 -39.59 -63.91 -19.48
CA SER H 420 -39.30 -64.83 -18.40
C SER H 420 -40.37 -65.89 -18.28
N PHE H 421 -41.64 -65.49 -18.21
CA PHE H 421 -42.67 -66.53 -18.13
C PHE H 421 -43.12 -67.02 -19.50
N SER H 422 -42.64 -66.40 -20.58
CA SER H 422 -43.04 -66.83 -21.91
C SER H 422 -42.57 -68.25 -22.20
N GLY H 423 -41.34 -68.58 -21.80
CA GLY H 423 -40.76 -69.85 -22.19
C GLY H 423 -41.53 -71.05 -21.64
N LYS H 424 -41.98 -70.97 -20.40
CA LYS H 424 -42.58 -72.11 -19.73
C LYS H 424 -44.06 -71.85 -19.45
N PRO H 425 -44.94 -72.75 -19.85
CA PRO H 425 -46.33 -72.66 -19.38
C PRO H 425 -46.40 -72.97 -17.90
N ARG H 426 -46.97 -72.02 -17.14
CA ARG H 426 -47.03 -72.19 -15.69
C ARG H 426 -47.88 -73.39 -15.30
N GLY H 427 -49.02 -73.57 -15.96
CA GLY H 427 -49.89 -74.68 -15.59
C GLY H 427 -50.44 -74.48 -14.19
N SER H 428 -50.72 -75.60 -13.52
CA SER H 428 -51.28 -75.57 -12.17
C SER H 428 -50.15 -75.48 -11.15
N GLY H 429 -49.51 -74.32 -11.13
CA GLY H 429 -48.45 -74.05 -10.21
C GLY H 429 -48.30 -72.56 -9.94
N PRO H 430 -47.23 -72.17 -9.26
CA PRO H 430 -46.94 -70.75 -9.12
C PRO H 430 -46.30 -70.21 -10.38
N PRO H 431 -46.49 -68.92 -10.67
CA PRO H 431 -45.84 -68.36 -11.87
C PRO H 431 -44.32 -68.44 -11.83
N ALA H 432 -43.74 -68.50 -10.63
CA ALA H 432 -42.30 -68.68 -10.42
C ALA H 432 -41.47 -67.54 -11.01
N GLY H 433 -42.08 -66.38 -11.24
CA GLY H 433 -41.37 -65.23 -11.73
C GLY H 433 -41.71 -64.00 -10.92
N PRO H 434 -40.83 -63.00 -10.96
CA PRO H 434 -41.12 -61.74 -10.29
C PRO H 434 -42.41 -61.13 -10.82
N ALA H 435 -43.19 -60.54 -9.92
CA ALA H 435 -44.50 -60.03 -10.28
C ALA H 435 -44.38 -58.96 -11.36
N LEU H 436 -45.24 -59.05 -12.36
CA LEU H 436 -45.27 -58.04 -13.40
C LEU H 436 -45.66 -56.69 -12.81
N PRO H 437 -45.05 -55.61 -13.26
CA PRO H 437 -45.46 -54.28 -12.76
C PRO H 437 -46.75 -53.83 -13.44
N ILE H 438 -47.84 -54.55 -13.12
CA ILE H 438 -49.10 -54.32 -13.82
C ILE H 438 -49.65 -52.94 -13.53
N GLU H 439 -49.89 -52.63 -12.27
CA GLU H 439 -50.38 -51.30 -11.91
C GLU H 439 -49.42 -50.23 -12.41
N ALA H 440 -48.12 -50.52 -12.38
CA ALA H 440 -47.14 -49.55 -12.86
C ALA H 440 -47.34 -49.25 -14.34
N VAL H 441 -47.53 -50.27 -15.17
CA VAL H 441 -47.69 -50.02 -16.60
C VAL H 441 -49.01 -49.35 -16.87
N ILE H 442 -50.06 -49.70 -16.11
CA ILE H 442 -51.34 -49.00 -16.30
C ILE H 442 -51.17 -47.53 -16.01
N LEU H 443 -50.51 -47.18 -14.90
CA LEU H 443 -50.32 -45.77 -14.58
C LEU H 443 -49.44 -45.09 -15.63
N SER H 444 -48.41 -45.77 -16.09
CA SER H 444 -47.53 -45.17 -17.09
C SER H 444 -48.28 -44.88 -18.38
N LEU H 445 -49.05 -45.86 -18.87
CA LEU H 445 -49.86 -45.63 -20.06
C LEU H 445 -50.85 -44.50 -19.85
N GLN H 446 -51.52 -44.47 -18.70
CA GLN H 446 -52.50 -43.43 -18.46
C GLN H 446 -51.86 -42.04 -18.48
N ASP H 447 -50.72 -41.90 -17.81
CA ASP H 447 -50.00 -40.64 -17.84
C ASP H 447 -49.55 -40.29 -19.25
N LEU H 448 -49.14 -41.29 -20.02
CA LEU H 448 -48.68 -41.03 -21.38
C LEU H 448 -49.82 -40.53 -22.26
N ILE H 449 -51.01 -41.13 -22.12
CA ILE H 449 -52.15 -40.61 -22.87
C ILE H 449 -52.46 -39.19 -22.44
N GLY H 450 -52.48 -38.94 -21.12
CA GLY H 450 -52.80 -37.60 -20.64
C GLY H 450 -51.79 -36.58 -21.13
N TYR H 451 -50.53 -36.98 -21.27
CA TYR H 451 -49.49 -36.04 -21.64
C TYR H 451 -49.30 -36.01 -23.15
N PHE H 452 -50.02 -36.88 -23.86
CA PHE H 452 -50.09 -36.87 -25.32
C PHE H 452 -51.43 -36.40 -25.83
N GLU H 453 -52.36 -36.09 -24.94
CA GLU H 453 -53.74 -35.89 -25.34
C GLU H 453 -53.85 -34.61 -26.17
N PRO H 454 -54.36 -34.69 -27.41
CA PRO H 454 -54.26 -33.54 -28.31
C PRO H 454 -55.11 -32.38 -27.81
N PRO H 455 -54.75 -31.15 -28.17
CA PRO H 455 -55.49 -29.99 -27.64
C PRO H 455 -56.93 -29.98 -28.09
N SER H 456 -57.79 -29.42 -27.24
CA SER H 456 -59.17 -29.18 -27.62
C SER H 456 -59.24 -28.16 -28.75
N GLU H 457 -60.10 -28.45 -29.74
CA GLU H 457 -60.18 -27.58 -30.91
C GLU H 457 -60.76 -26.22 -30.54
N GLU H 458 -61.43 -26.12 -29.39
CA GLU H 458 -62.05 -24.86 -29.02
C GLU H 458 -61.02 -23.80 -28.67
N LEU H 459 -59.80 -24.23 -28.33
CA LEU H 459 -58.73 -23.29 -28.04
C LEU H 459 -58.43 -22.45 -29.28
N GLN H 460 -58.02 -21.20 -29.06
CA GLN H 460 -57.82 -20.28 -30.16
C GLN H 460 -56.66 -20.72 -31.04
N HIS H 461 -56.56 -20.06 -32.20
CA HIS H 461 -55.68 -20.56 -33.26
C HIS H 461 -54.22 -20.52 -32.85
N GLU H 462 -53.78 -19.43 -32.21
CA GLU H 462 -52.35 -19.26 -31.97
C GLU H 462 -51.83 -20.24 -30.93
N GLU H 463 -52.47 -20.32 -29.76
CA GLU H 463 -52.02 -21.28 -28.76
C GLU H 463 -52.28 -22.71 -29.23
N LYS H 464 -53.33 -22.90 -30.04
CA LYS H 464 -53.54 -24.22 -30.62
C LYS H 464 -52.37 -24.63 -31.49
N GLN H 465 -51.92 -23.73 -32.36
CA GLN H 465 -50.77 -24.02 -33.21
C GLN H 465 -49.52 -24.26 -32.40
N SER H 466 -49.32 -23.46 -31.34
CA SER H 466 -48.16 -23.66 -30.48
C SER H 466 -48.20 -25.03 -29.82
N LYS H 467 -49.37 -25.44 -29.35
CA LYS H 467 -49.48 -26.72 -28.65
C LYS H 467 -49.28 -27.87 -29.62
N LEU H 468 -49.80 -27.74 -30.86
CA LEU H 468 -49.52 -28.78 -31.85
C LEU H 468 -48.05 -28.80 -32.23
N ARG H 469 -47.39 -27.64 -32.23
CA ARG H 469 -45.94 -27.63 -32.46
C ARG H 469 -45.22 -28.39 -31.36
N SER H 470 -45.64 -28.17 -30.12
CA SER H 470 -45.10 -28.96 -29.01
C SER H 470 -45.40 -30.44 -29.23
N LEU H 471 -46.55 -30.77 -29.79
CA LEU H 471 -46.88 -32.16 -30.10
C LEU H 471 -45.92 -32.73 -31.13
N ARG H 472 -45.60 -31.96 -32.17
CA ARG H 472 -44.61 -32.40 -33.15
C ARG H 472 -43.28 -32.67 -32.47
N ASN H 473 -42.81 -31.73 -31.66
CA ASN H 473 -41.52 -31.90 -30.99
C ASN H 473 -41.55 -33.15 -30.11
N ARG H 474 -42.63 -33.32 -29.35
CA ARG H 474 -42.75 -34.45 -28.44
C ARG H 474 -42.77 -35.77 -29.17
N GLN H 475 -43.58 -35.87 -30.24
CA GLN H 475 -43.63 -37.09 -31.03
C GLN H 475 -42.27 -37.39 -31.64
N SER H 476 -41.57 -36.35 -32.10
CA SER H 476 -40.24 -36.56 -32.65
C SER H 476 -39.30 -37.12 -31.60
N LEU H 477 -39.38 -36.58 -30.37
CA LEU H 477 -38.51 -37.06 -29.30
C LEU H 477 -38.78 -38.52 -28.99
N PHE H 478 -40.04 -38.88 -28.82
CA PHE H 478 -40.36 -40.29 -28.57
C PHE H 478 -39.96 -41.17 -29.75
N GLN H 479 -39.98 -40.60 -30.96
CA GLN H 479 -39.58 -41.38 -32.12
C GLN H 479 -38.09 -41.67 -32.10
N GLU H 480 -37.26 -40.65 -31.87
CA GLU H 480 -35.82 -40.87 -31.84
C GLU H 480 -35.44 -41.77 -30.69
N GLU H 481 -36.14 -41.65 -29.56
CA GLU H 481 -35.80 -42.45 -28.39
C GLU H 481 -36.07 -43.93 -28.64
N GLY H 482 -37.06 -44.25 -29.47
CA GLY H 482 -37.36 -45.64 -29.77
C GLY H 482 -38.54 -46.22 -29.03
N MET H 483 -39.29 -45.39 -28.30
CA MET H 483 -40.47 -45.87 -27.60
C MET H 483 -41.46 -46.50 -28.56
N LEU H 484 -41.59 -45.95 -29.77
CA LEU H 484 -42.46 -46.59 -30.75
C LEU H 484 -42.08 -48.05 -30.94
N SER H 485 -40.80 -48.31 -31.22
CA SER H 485 -40.36 -49.67 -31.48
C SER H 485 -40.55 -50.55 -30.25
N LEU H 486 -40.15 -50.08 -29.07
CA LEU H 486 -40.21 -50.95 -27.92
C LEU H 486 -41.65 -51.24 -27.52
N VAL H 487 -42.54 -50.26 -27.68
CA VAL H 487 -43.95 -50.51 -27.41
C VAL H 487 -44.53 -51.50 -28.42
N LEU H 488 -44.10 -51.41 -29.68
CA LEU H 488 -44.54 -52.40 -30.65
C LEU H 488 -44.09 -53.80 -30.25
N ASN H 489 -42.86 -53.92 -29.74
CA ASN H 489 -42.41 -55.21 -29.23
C ASN H 489 -43.29 -55.67 -28.08
N CYS H 490 -43.69 -54.74 -27.20
CA CYS H 490 -44.62 -55.09 -26.13
C CYS H 490 -45.92 -55.65 -26.70
N ILE H 491 -46.50 -54.96 -27.68
CA ILE H 491 -47.76 -55.42 -28.26
C ILE H 491 -47.58 -56.81 -28.83
N ASP H 492 -46.47 -57.05 -29.53
CA ASP H 492 -46.23 -58.39 -30.07
C ASP H 492 -46.18 -59.43 -28.95
N ARG H 493 -45.45 -59.12 -27.88
CA ARG H 493 -45.28 -60.10 -26.82
C ARG H 493 -46.60 -60.44 -26.12
N LEU H 494 -47.42 -59.44 -25.83
CA LEU H 494 -48.73 -59.77 -25.28
C LEU H 494 -49.65 -60.36 -26.34
N ASN H 495 -49.32 -60.18 -27.62
CA ASN H 495 -50.17 -60.71 -28.67
C ASN H 495 -49.89 -62.20 -28.91
N VAL H 496 -48.73 -62.68 -28.47
CA VAL H 496 -48.47 -64.11 -28.57
C VAL H 496 -49.51 -64.89 -27.79
N TYR H 497 -50.08 -64.27 -26.76
CA TYR H 497 -51.18 -64.88 -26.03
C TYR H 497 -52.51 -64.49 -26.66
N THR H 498 -53.37 -65.48 -26.88
CA THR H 498 -54.62 -65.23 -27.60
C THR H 498 -55.65 -64.58 -26.70
N THR H 499 -56.05 -65.25 -25.62
CA THR H 499 -57.13 -64.79 -24.77
C THR H 499 -56.60 -64.50 -23.38
N ALA H 500 -57.45 -63.90 -22.56
CA ALA H 500 -57.07 -63.59 -21.18
C ALA H 500 -56.77 -64.86 -20.40
N ALA H 501 -57.65 -65.86 -20.48
CA ALA H 501 -57.43 -67.09 -19.75
C ALA H 501 -56.22 -67.84 -20.29
N HIS H 502 -56.03 -67.84 -21.61
CA HIS H 502 -54.89 -68.51 -22.20
C HIS H 502 -53.58 -67.87 -21.73
N PHE H 503 -53.56 -66.53 -21.68
CA PHE H 503 -52.40 -65.84 -21.12
C PHE H 503 -52.21 -66.17 -19.65
N ALA H 504 -53.32 -66.25 -18.91
CA ALA H 504 -53.24 -66.62 -17.49
C ALA H 504 -52.59 -67.97 -17.32
N GLU H 505 -52.86 -68.91 -18.23
CA GLU H 505 -52.30 -70.24 -18.10
C GLU H 505 -50.78 -70.18 -18.06
N TYR H 506 -50.19 -69.16 -18.69
CA TYR H 506 -48.77 -68.90 -18.51
C TYR H 506 -48.50 -68.04 -17.29
N ALA H 507 -49.43 -67.15 -16.94
CA ALA H 507 -49.16 -66.13 -15.94
C ALA H 507 -50.03 -66.24 -14.69
N GLY H 508 -51.30 -66.61 -14.83
CA GLY H 508 -52.20 -66.65 -13.70
C GLY H 508 -53.29 -65.59 -13.79
N GLU H 509 -54.40 -65.86 -13.10
CA GLU H 509 -55.56 -64.98 -13.17
C GLU H 509 -55.23 -63.58 -12.66
N GLU H 510 -54.45 -63.52 -11.57
CA GLU H 510 -54.06 -62.25 -10.97
C GLU H 510 -53.27 -61.38 -11.94
N ALA H 511 -52.69 -62.00 -12.97
CA ALA H 511 -52.11 -61.20 -14.05
C ALA H 511 -53.12 -61.04 -15.18
N ALA H 512 -54.07 -61.96 -15.28
CA ALA H 512 -54.94 -62.01 -16.45
C ALA H 512 -55.95 -60.88 -16.44
N GLU H 513 -56.53 -60.58 -15.27
CA GLU H 513 -57.74 -59.74 -15.27
C GLU H 513 -57.49 -58.42 -15.98
N SER H 514 -56.28 -57.88 -15.83
CA SER H 514 -55.98 -56.58 -16.41
C SER H 514 -55.67 -56.68 -17.91
N TRP H 515 -55.32 -57.89 -18.37
CA TRP H 515 -54.73 -58.05 -19.70
C TRP H 515 -55.55 -57.37 -20.79
N LYS H 516 -56.87 -57.48 -20.72
CA LYS H 516 -57.74 -56.81 -21.69
C LYS H 516 -57.48 -55.30 -21.69
N GLU H 517 -57.55 -54.68 -20.52
CA GLU H 517 -57.31 -53.25 -20.44
C GLU H 517 -55.90 -52.90 -20.86
N ILE H 518 -54.94 -53.75 -20.51
CA ILE H 518 -53.55 -53.49 -20.87
C ILE H 518 -53.41 -53.39 -22.38
N VAL H 519 -53.92 -54.38 -23.11
CA VAL H 519 -53.72 -54.37 -24.55
C VAL H 519 -54.51 -53.23 -25.18
N ASN H 520 -55.73 -52.97 -24.69
CA ASN H 520 -56.52 -51.88 -25.26
C ASN H 520 -55.82 -50.54 -25.05
N LEU H 521 -55.39 -50.26 -23.83
CA LEU H 521 -54.76 -48.98 -23.56
C LEU H 521 -53.40 -48.88 -24.25
N LEU H 522 -52.74 -50.02 -24.47
CA LEU H 522 -51.51 -50.01 -25.22
C LEU H 522 -51.75 -49.59 -26.66
N TYR H 523 -52.73 -50.20 -27.32
CA TYR H 523 -53.08 -49.75 -28.67
C TYR H 523 -53.46 -48.29 -28.67
N GLU H 524 -54.14 -47.83 -27.63
CA GLU H 524 -54.46 -46.41 -27.52
C GLU H 524 -53.20 -45.57 -27.48
N LEU H 525 -52.18 -46.03 -26.74
CA LEU H 525 -50.91 -45.32 -26.71
C LEU H 525 -50.27 -45.26 -28.08
N LEU H 526 -50.29 -46.37 -28.81
CA LEU H 526 -49.74 -46.33 -30.17
C LEU H 526 -50.46 -45.31 -31.02
N ALA H 527 -51.80 -45.31 -30.96
CA ALA H 527 -52.56 -44.36 -31.76
C ALA H 527 -52.23 -42.93 -31.39
N SER H 528 -52.16 -42.64 -30.09
CA SER H 528 -51.85 -41.28 -29.65
C SER H 528 -50.46 -40.86 -30.10
N LEU H 529 -49.48 -41.75 -30.00
CA LEU H 529 -48.12 -41.39 -30.34
C LEU H 529 -47.97 -41.16 -31.84
N ILE H 530 -48.59 -42.03 -32.65
CA ILE H 530 -48.37 -41.95 -34.10
C ILE H 530 -49.21 -40.85 -34.71
N ARG H 531 -50.32 -40.49 -34.06
CA ARG H 531 -51.29 -39.60 -34.70
C ARG H 531 -50.67 -38.25 -35.02
N GLY H 532 -50.88 -37.81 -36.26
CA GLY H 532 -50.46 -36.49 -36.69
C GLY H 532 -48.97 -36.33 -36.96
N ASN H 533 -48.23 -37.41 -37.17
CA ASN H 533 -46.79 -37.33 -37.38
C ASN H 533 -46.39 -38.09 -38.63
N ARG H 534 -45.85 -37.36 -39.60
CA ARG H 534 -45.33 -37.99 -40.81
C ARG H 534 -44.23 -38.98 -40.48
N ALA H 535 -43.30 -38.59 -39.60
CA ALA H 535 -42.21 -39.49 -39.22
C ALA H 535 -42.75 -40.73 -38.54
N ASN H 536 -43.74 -40.58 -37.67
CA ASN H 536 -44.34 -41.73 -37.02
C ASN H 536 -44.96 -42.68 -38.03
N CYS H 537 -45.74 -42.13 -38.98
CA CYS H 537 -46.39 -43.01 -39.95
C CYS H 537 -45.38 -43.61 -40.93
N ALA H 538 -44.21 -42.99 -41.04
CA ALA H 538 -43.22 -43.48 -42.00
C ALA H 538 -42.78 -44.90 -41.67
N LEU H 539 -42.50 -45.17 -40.39
CA LEU H 539 -42.01 -46.50 -40.02
C LEU H 539 -43.08 -47.55 -40.22
N PHE H 540 -44.33 -47.23 -39.92
CA PHE H 540 -45.40 -48.21 -40.09
C PHE H 540 -45.54 -48.61 -41.54
N SER H 541 -45.09 -47.75 -42.46
CA SER H 541 -45.12 -48.10 -43.87
C SER H 541 -44.23 -49.31 -44.17
N THR H 542 -43.13 -49.43 -43.43
CA THR H 542 -42.23 -50.56 -43.65
C THR H 542 -42.93 -51.89 -43.41
N ASN H 543 -43.74 -51.97 -42.36
CA ASN H 543 -44.50 -53.17 -42.04
C ASN H 543 -45.97 -52.80 -41.81
N LEU H 544 -46.72 -52.68 -42.91
CA LEU H 544 -48.15 -52.46 -42.81
C LEU H 544 -48.88 -53.78 -42.56
N ASP H 545 -48.40 -54.86 -43.17
CA ASP H 545 -49.01 -56.16 -42.96
C ASP H 545 -48.97 -56.56 -41.49
N TRP H 546 -47.97 -56.09 -40.75
CA TRP H 546 -47.93 -56.32 -39.32
C TRP H 546 -49.19 -55.78 -38.66
N VAL H 547 -49.58 -54.55 -39.01
CA VAL H 547 -50.85 -54.01 -38.53
C VAL H 547 -52.01 -54.83 -39.08
N VAL H 548 -51.94 -55.19 -40.36
CA VAL H 548 -53.06 -55.84 -41.03
C VAL H 548 -53.45 -57.12 -40.31
N SER H 549 -52.45 -57.94 -39.96
CA SER H 549 -52.75 -59.18 -39.25
C SER H 549 -53.42 -58.91 -37.91
N LYS H 550 -52.98 -57.87 -37.21
CA LYS H 550 -53.57 -57.58 -35.90
C LYS H 550 -54.95 -56.95 -36.03
N LEU H 551 -55.27 -56.42 -37.21
CA LEU H 551 -56.62 -55.87 -37.40
C LEU H 551 -57.69 -56.93 -37.21
N ASP H 552 -57.39 -58.18 -37.58
CA ASP H 552 -58.38 -59.24 -37.44
C ASP H 552 -58.59 -59.62 -35.99
N ARG H 553 -57.63 -59.29 -35.12
CA ARG H 553 -57.71 -59.70 -33.73
C ARG H 553 -58.86 -58.98 -33.04
N LEU H 554 -59.40 -59.59 -31.99
CA LEU H 554 -60.72 -59.19 -31.51
C LEU H 554 -60.63 -58.29 -30.27
N GLU H 555 -59.71 -58.58 -29.37
CA GLU H 555 -59.80 -58.03 -28.01
C GLU H 555 -59.75 -56.51 -28.00
N ALA H 556 -59.02 -55.90 -28.93
CA ALA H 556 -58.85 -54.45 -28.96
C ALA H 556 -59.14 -53.95 -30.38
N SER H 557 -60.22 -54.48 -30.96
CA SER H 557 -60.53 -54.18 -32.35
C SER H 557 -60.66 -52.69 -32.60
N SER H 558 -61.37 -51.99 -31.70
CA SER H 558 -61.53 -50.55 -31.87
C SER H 558 -60.19 -49.84 -31.83
N GLY H 559 -59.33 -50.20 -30.88
CA GLY H 559 -58.03 -49.55 -30.80
C GLY H 559 -57.18 -49.77 -32.03
N ILE H 560 -57.14 -51.00 -32.52
CA ILE H 560 -56.36 -51.27 -33.72
C ILE H 560 -56.94 -50.52 -34.91
N LEU H 561 -58.27 -50.41 -34.96
CA LEU H 561 -58.90 -49.66 -36.04
C LEU H 561 -58.49 -48.20 -35.99
N GLU H 562 -58.48 -47.60 -34.80
CA GLU H 562 -58.04 -46.22 -34.69
C GLU H 562 -56.59 -46.07 -35.10
N VAL H 563 -55.75 -47.02 -34.71
CA VAL H 563 -54.34 -46.98 -35.11
C VAL H 563 -54.23 -46.97 -36.63
N LEU H 564 -54.95 -47.88 -37.28
CA LEU H 564 -54.92 -47.94 -38.74
C LEU H 564 -55.43 -46.63 -39.34
N TYR H 565 -56.47 -46.07 -38.74
CA TYR H 565 -57.01 -44.80 -39.23
C TYR H 565 -55.95 -43.72 -39.22
N CYS H 566 -55.27 -43.55 -38.07
CA CYS H 566 -54.23 -42.53 -37.99
C CYS H 566 -53.11 -42.80 -38.99
N VAL H 567 -52.74 -44.07 -39.17
CA VAL H 567 -51.67 -44.38 -40.11
C VAL H 567 -52.07 -43.98 -41.53
N LEU H 568 -53.29 -44.34 -41.94
CA LEU H 568 -53.69 -44.08 -43.32
C LEU H 568 -53.90 -42.59 -43.58
N ILE H 569 -54.61 -41.90 -42.68
CA ILE H 569 -55.02 -40.53 -42.98
C ILE H 569 -53.82 -39.60 -43.04
N GLU H 570 -52.67 -40.04 -42.52
CA GLU H 570 -51.56 -39.11 -42.35
C GLU H 570 -50.47 -39.33 -43.39
N SER H 571 -50.34 -40.57 -43.88
CA SER H 571 -49.24 -40.90 -44.78
C SER H 571 -49.75 -41.36 -46.13
N PRO H 572 -49.23 -40.80 -47.23
CA PRO H 572 -49.63 -41.31 -48.55
C PRO H 572 -48.92 -42.59 -48.94
N GLU H 573 -47.66 -42.75 -48.55
CA GLU H 573 -46.88 -43.91 -48.96
C GLU H 573 -47.52 -45.20 -48.50
N VAL H 574 -48.06 -45.21 -47.28
CA VAL H 574 -48.81 -46.36 -46.80
C VAL H 574 -49.95 -46.67 -47.77
N LEU H 575 -50.59 -45.63 -48.29
CA LEU H 575 -51.67 -45.85 -49.26
C LEU H 575 -51.12 -46.44 -50.55
N ASN H 576 -49.93 -46.01 -50.97
CA ASN H 576 -49.34 -46.60 -52.17
C ASN H 576 -49.05 -48.08 -51.99
N ILE H 577 -48.57 -48.47 -50.82
CA ILE H 577 -48.00 -49.82 -50.70
C ILE H 577 -49.06 -50.87 -50.40
N ILE H 578 -50.29 -50.46 -50.08
CA ILE H 578 -51.31 -51.42 -49.68
C ILE H 578 -51.66 -52.31 -50.86
N GLN H 579 -52.07 -53.55 -50.59
CA GLN H 579 -52.32 -54.55 -51.61
C GLN H 579 -53.72 -55.16 -51.45
N GLU H 580 -54.09 -55.93 -52.48
CA GLU H 580 -55.44 -56.44 -52.58
C GLU H 580 -55.79 -57.36 -51.42
N ASN H 581 -54.83 -58.18 -50.98
CA ASN H 581 -55.07 -59.01 -49.82
C ASN H 581 -55.40 -58.16 -48.60
N HIS H 582 -54.71 -57.03 -48.44
CA HIS H 582 -54.99 -56.15 -47.31
C HIS H 582 -56.38 -55.56 -47.41
N ILE H 583 -56.76 -55.08 -48.60
CA ILE H 583 -58.10 -54.51 -48.77
C ILE H 583 -59.16 -55.58 -48.47
N LYS H 584 -58.93 -56.79 -48.96
CA LYS H 584 -59.87 -57.88 -48.73
C LYS H 584 -59.97 -58.19 -47.24
N SER H 585 -58.83 -58.12 -46.53
CA SER H 585 -58.88 -58.32 -45.09
C SER H 585 -59.70 -57.24 -44.41
N ILE H 586 -59.58 -56.00 -44.86
CA ILE H 586 -60.39 -54.92 -44.29
C ILE H 586 -61.87 -55.18 -44.51
N ILE H 587 -62.24 -55.61 -45.72
CA ILE H 587 -63.64 -55.91 -45.99
C ILE H 587 -64.10 -57.08 -45.13
N SER H 588 -63.22 -58.06 -44.91
CA SER H 588 -63.55 -59.16 -44.03
C SER H 588 -63.81 -58.68 -42.61
N LEU H 589 -63.02 -57.71 -42.16
CA LEU H 589 -63.29 -57.11 -40.85
C LEU H 589 -64.65 -56.44 -40.83
N LEU H 590 -64.99 -55.72 -41.89
CA LEU H 590 -66.31 -55.12 -41.97
C LEU H 590 -67.39 -56.18 -41.81
N ASP H 591 -67.25 -57.29 -42.54
CA ASP H 591 -68.16 -58.42 -42.39
C ASP H 591 -68.25 -58.87 -40.94
N LYS H 592 -67.12 -59.29 -40.36
CA LYS H 592 -67.17 -60.02 -39.11
C LYS H 592 -67.53 -59.13 -37.93
N HIS H 593 -67.17 -57.85 -37.99
CA HIS H 593 -67.56 -56.92 -36.93
C HIS H 593 -68.85 -56.19 -37.25
N GLY H 594 -69.47 -56.46 -38.38
CA GLY H 594 -70.73 -55.81 -38.72
C GLY H 594 -70.50 -54.41 -39.23
N ARG H 595 -71.63 -53.74 -39.48
CA ARG H 595 -71.59 -52.38 -40.01
C ARG H 595 -70.93 -51.44 -39.02
N ASN H 596 -70.05 -50.57 -39.51
CA ASN H 596 -69.37 -49.58 -38.68
C ASN H 596 -68.98 -48.39 -39.53
N HIS H 597 -69.56 -47.24 -39.21
CA HIS H 597 -69.19 -46.01 -39.89
C HIS H 597 -67.70 -45.73 -39.77
N LYS H 598 -67.09 -46.13 -38.66
CA LYS H 598 -65.66 -45.90 -38.49
C LYS H 598 -64.85 -46.69 -39.52
N VAL H 599 -65.14 -47.99 -39.65
CA VAL H 599 -64.46 -48.79 -40.66
C VAL H 599 -64.72 -48.22 -42.04
N LEU H 600 -65.95 -47.77 -42.28
CA LEU H 600 -66.26 -47.17 -43.56
C LEU H 600 -65.38 -45.95 -43.83
N ASP H 601 -65.19 -45.10 -42.82
CA ASP H 601 -64.36 -43.91 -43.00
C ASP H 601 -62.90 -44.28 -43.22
N VAL H 602 -62.40 -45.29 -42.52
CA VAL H 602 -61.04 -45.74 -42.78
C VAL H 602 -60.91 -46.17 -44.24
N LEU H 603 -61.91 -46.88 -44.75
CA LEU H 603 -61.86 -47.27 -46.15
C LEU H 603 -61.92 -46.05 -47.07
N CYS H 604 -62.74 -45.06 -46.72
CA CYS H 604 -62.77 -43.83 -47.50
C CYS H 604 -61.40 -43.19 -47.57
N SER H 605 -60.70 -43.13 -46.44
CA SER H 605 -59.33 -42.63 -46.45
C SER H 605 -58.45 -43.50 -47.33
N LEU H 606 -58.69 -44.81 -47.32
CA LEU H 606 -57.95 -45.71 -48.20
C LEU H 606 -58.18 -45.36 -49.66
N CYS H 607 -59.33 -44.78 -49.98
CA CYS H 607 -59.59 -44.41 -51.38
C CYS H 607 -58.64 -43.31 -51.85
N VAL H 608 -58.72 -42.13 -51.24
CA VAL H 608 -57.99 -40.95 -51.69
C VAL H 608 -57.21 -40.38 -50.52
N CYS H 609 -56.07 -39.74 -50.81
CA CYS H 609 -55.25 -39.11 -49.80
C CYS H 609 -54.41 -38.00 -50.42
N ASN H 610 -54.18 -36.94 -49.64
CA ASN H 610 -53.30 -35.84 -50.04
C ASN H 610 -53.70 -35.26 -51.40
N GLY H 611 -54.99 -35.29 -51.69
CA GLY H 611 -55.48 -34.75 -52.93
C GLY H 611 -55.25 -35.61 -54.16
N VAL H 612 -54.72 -36.82 -53.98
CA VAL H 612 -54.47 -37.74 -55.08
C VAL H 612 -55.11 -39.07 -54.74
N ALA H 613 -55.69 -39.73 -55.73
CA ALA H 613 -56.40 -40.99 -55.54
C ALA H 613 -55.63 -42.11 -56.23
N VAL H 614 -55.42 -43.21 -55.51
CA VAL H 614 -54.74 -44.35 -56.09
C VAL H 614 -55.69 -45.09 -57.03
N ARG H 615 -55.38 -45.03 -58.32
CA ARG H 615 -56.18 -45.74 -59.33
C ARG H 615 -56.33 -47.20 -58.96
N SER H 616 -55.22 -47.87 -58.64
CA SER H 616 -55.26 -49.29 -58.32
C SER H 616 -56.10 -49.54 -57.07
N ASN H 617 -55.93 -48.73 -56.04
CA ASN H 617 -56.68 -48.96 -54.80
C ASN H 617 -58.18 -48.81 -55.04
N GLN H 618 -58.58 -47.74 -55.71
CA GLN H 618 -60.01 -47.54 -55.99
C GLN H 618 -60.57 -48.68 -56.82
N ASP H 619 -59.85 -49.08 -57.87
CA ASP H 619 -60.34 -50.16 -58.71
C ASP H 619 -60.46 -51.45 -57.91
N LEU H 620 -59.47 -51.76 -57.08
CA LEU H 620 -59.50 -52.99 -56.30
C LEU H 620 -60.66 -53.00 -55.33
N ILE H 621 -60.89 -51.89 -54.62
CA ILE H 621 -61.96 -51.90 -53.64
C ILE H 621 -63.32 -52.00 -54.33
N THR H 622 -63.50 -51.27 -55.43
CA THR H 622 -64.73 -51.43 -56.19
C THR H 622 -64.92 -52.89 -56.58
N GLU H 623 -63.89 -53.50 -57.15
CA GLU H 623 -64.02 -54.87 -57.67
C GLU H 623 -64.38 -55.85 -56.57
N ASN H 624 -63.73 -55.75 -55.42
CA ASN H 624 -63.87 -56.81 -54.43
C ASN H 624 -64.99 -56.54 -53.42
N LEU H 625 -65.50 -55.32 -53.35
CA LEU H 625 -66.58 -55.06 -52.41
C LEU H 625 -67.90 -54.81 -53.11
N LEU H 626 -67.90 -53.91 -54.11
CA LEU H 626 -69.16 -53.42 -54.65
C LEU H 626 -70.08 -54.49 -55.25
N PRO H 627 -69.62 -55.41 -56.10
CA PRO H 627 -70.57 -56.26 -56.83
C PRO H 627 -71.46 -57.11 -55.95
N GLY H 628 -70.91 -57.68 -54.86
CA GLY H 628 -71.73 -58.55 -54.02
C GLY H 628 -72.90 -57.81 -53.40
N ARG H 629 -72.65 -56.61 -52.89
CA ARG H 629 -73.64 -55.69 -52.32
C ARG H 629 -74.32 -56.24 -51.07
N GLU H 630 -73.85 -57.37 -50.53
CA GLU H 630 -74.46 -57.88 -49.31
C GLU H 630 -74.02 -57.08 -48.10
N LEU H 631 -72.77 -56.62 -48.08
CA LEU H 631 -72.28 -55.84 -46.96
C LEU H 631 -72.99 -54.51 -46.85
N LEU H 632 -73.07 -53.77 -47.96
CA LEU H 632 -73.54 -52.39 -47.93
C LEU H 632 -75.03 -52.37 -48.27
N LEU H 633 -75.80 -51.63 -47.49
CA LEU H 633 -77.23 -51.55 -47.70
C LEU H 633 -77.55 -50.91 -49.04
N GLN H 634 -78.54 -51.47 -49.73
CA GLN H 634 -78.86 -51.09 -51.10
C GLN H 634 -80.28 -50.55 -51.16
N THR H 635 -80.47 -49.47 -51.91
CA THR H 635 -81.77 -48.83 -52.05
C THR H 635 -82.19 -48.85 -53.52
N ASN H 636 -83.50 -48.92 -53.74
CA ASN H 636 -84.08 -48.88 -55.08
C ASN H 636 -85.48 -48.32 -55.02
N LEU H 637 -85.92 -47.74 -56.13
CA LEU H 637 -87.27 -47.19 -56.20
C LEU H 637 -88.28 -48.28 -56.52
N ILE H 638 -89.32 -48.38 -55.71
CA ILE H 638 -90.36 -49.37 -55.87
C ILE H 638 -91.72 -48.69 -55.82
N ASN H 639 -92.56 -48.96 -56.80
CA ASN H 639 -93.91 -48.42 -56.81
C ASN H 639 -94.73 -49.03 -55.68
N TYR H 640 -95.68 -48.26 -55.17
CA TYR H 640 -96.53 -48.75 -54.10
C TYR H 640 -97.43 -49.87 -54.59
N VAL H 641 -97.70 -50.82 -53.70
CA VAL H 641 -98.59 -51.94 -53.98
C VAL H 641 -99.70 -51.91 -52.94
N THR H 642 -100.94 -51.94 -53.39
CA THR H 642 -102.10 -51.93 -52.51
C THR H 642 -103.00 -53.09 -52.84
N SER H 643 -103.84 -53.47 -51.89
CA SER H 643 -104.75 -54.59 -52.04
C SER H 643 -106.08 -54.26 -51.37
N ILE H 644 -107.18 -54.59 -52.03
CA ILE H 644 -108.52 -54.31 -51.54
C ILE H 644 -109.33 -55.60 -51.58
N ARG H 645 -110.10 -55.85 -50.54
CA ARG H 645 -110.76 -57.13 -50.34
C ARG H 645 -112.28 -56.94 -50.26
N PRO H 646 -113.06 -57.95 -50.63
CA PRO H 646 -114.49 -57.90 -50.36
C PRO H 646 -114.79 -58.40 -48.95
N ASN H 647 -115.99 -58.08 -48.48
CA ASN H 647 -116.39 -58.42 -47.12
C ASN H 647 -117.02 -59.81 -47.07
N ILE H 648 -116.32 -60.77 -47.67
CA ILE H 648 -116.70 -62.17 -47.67
C ILE H 648 -115.55 -62.97 -47.06
N PHE H 649 -115.87 -63.80 -46.07
CA PHE H 649 -114.87 -64.59 -45.37
C PHE H 649 -115.42 -65.98 -45.09
N VAL H 650 -114.59 -67.00 -45.32
CA VAL H 650 -114.97 -68.39 -45.09
C VAL H 650 -113.78 -69.12 -44.47
N GLY H 651 -114.05 -69.93 -43.47
CA GLY H 651 -113.02 -70.75 -42.85
C GLY H 651 -113.60 -72.07 -42.38
N ARG H 652 -112.74 -73.07 -42.29
CA ARG H 652 -113.16 -74.43 -42.00
C ARG H 652 -112.68 -74.83 -40.62
N ALA H 653 -113.61 -75.29 -39.79
CA ALA H 653 -113.30 -75.87 -38.50
C ALA H 653 -114.34 -76.92 -38.16
N GLU H 654 -114.08 -77.69 -37.11
CA GLU H 654 -115.02 -78.70 -36.67
C GLU H 654 -116.33 -78.04 -36.26
N GLY H 655 -117.41 -78.38 -36.98
CA GLY H 655 -118.68 -77.74 -36.75
C GLY H 655 -118.88 -76.44 -37.49
N SER H 656 -118.11 -76.20 -38.55
CA SER H 656 -118.27 -74.96 -39.32
C SER H 656 -119.64 -74.93 -39.99
N THR H 657 -120.19 -73.73 -40.13
CA THR H 657 -121.49 -73.58 -40.77
C THR H 657 -121.36 -73.35 -42.26
N GLN H 658 -120.23 -72.80 -42.69
CA GLN H 658 -120.05 -72.46 -44.10
C GLN H 658 -119.81 -73.71 -44.94
N TYR H 659 -120.18 -73.61 -46.22
CA TYR H 659 -119.99 -74.73 -47.14
C TYR H 659 -118.57 -74.73 -47.69
N GLY H 660 -118.05 -75.94 -47.92
CA GLY H 660 -116.61 -76.09 -48.08
C GLY H 660 -116.04 -75.47 -49.35
N LYS H 661 -116.82 -75.45 -50.43
CA LYS H 661 -116.29 -75.15 -51.75
C LYS H 661 -116.95 -73.91 -52.34
N TRP H 662 -116.13 -73.01 -52.90
CA TRP H 662 -116.61 -71.78 -53.51
C TRP H 662 -115.74 -71.44 -54.72
N TYR H 663 -116.26 -70.55 -55.56
CA TYR H 663 -115.59 -70.12 -56.78
C TYR H 663 -115.91 -68.66 -57.05
N PHE H 664 -114.93 -67.92 -57.54
CA PHE H 664 -115.07 -66.50 -57.87
C PHE H 664 -114.25 -66.19 -59.10
N GLU H 665 -114.53 -65.04 -59.73
CA GLU H 665 -113.77 -64.58 -60.87
C GLU H 665 -113.59 -63.06 -60.80
N VAL H 666 -112.52 -62.58 -61.44
CA VAL H 666 -112.18 -61.16 -61.48
C VAL H 666 -111.90 -60.76 -62.91
N MET H 667 -112.37 -59.56 -63.27
CA MET H 667 -112.40 -59.11 -64.66
C MET H 667 -111.43 -57.93 -64.81
N VAL H 668 -110.37 -58.15 -65.60
CA VAL H 668 -109.27 -57.20 -65.73
C VAL H 668 -109.59 -56.23 -66.86
N ASP H 669 -110.05 -55.03 -66.50
CA ASP H 669 -110.46 -54.07 -67.52
C ASP H 669 -109.28 -53.62 -68.38
N GLU H 670 -108.18 -53.24 -67.76
CA GLU H 670 -107.01 -52.84 -68.53
C GLU H 670 -105.77 -52.99 -67.66
N VAL H 671 -104.62 -53.01 -68.32
CA VAL H 671 -103.34 -53.07 -67.63
C VAL H 671 -102.37 -52.14 -68.33
N VAL H 672 -101.67 -51.33 -67.55
CA VAL H 672 -100.59 -50.49 -68.05
C VAL H 672 -99.28 -51.21 -67.77
N PRO H 673 -98.59 -51.73 -68.78
CA PRO H 673 -97.35 -52.47 -68.52
C PRO H 673 -96.32 -51.64 -67.78
N PHE H 674 -96.19 -50.36 -68.12
CA PHE H 674 -95.29 -49.45 -67.41
C PHE H 674 -96.05 -48.14 -67.14
N LEU H 675 -96.77 -48.10 -66.03
CA LEU H 675 -97.24 -46.82 -65.53
C LEU H 675 -96.06 -45.98 -65.04
N THR H 676 -95.09 -46.63 -64.42
CA THR H 676 -93.83 -46.02 -64.03
C THR H 676 -92.69 -46.83 -64.61
N ALA H 677 -91.46 -46.52 -64.18
CA ALA H 677 -90.32 -47.30 -64.59
C ALA H 677 -90.43 -48.74 -64.12
N GLN H 678 -90.85 -48.94 -62.87
CA GLN H 678 -91.09 -50.29 -62.38
C GLN H 678 -92.40 -50.82 -62.95
N ALA H 679 -92.39 -52.10 -63.31
CA ALA H 679 -93.57 -52.72 -63.89
C ALA H 679 -94.71 -52.80 -62.89
N THR H 680 -95.93 -52.66 -63.37
CA THR H 680 -97.10 -52.72 -62.51
C THR H 680 -97.35 -54.15 -62.05
N HIS H 681 -97.97 -54.29 -60.88
CA HIS H 681 -98.22 -55.59 -60.27
C HIS H 681 -99.70 -55.72 -59.96
N LEU H 682 -100.29 -56.83 -60.39
CA LEU H 682 -101.66 -57.17 -60.04
C LEU H 682 -101.69 -58.63 -59.60
N ARG H 683 -102.39 -58.90 -58.50
CA ARG H 683 -102.53 -60.24 -57.96
C ARG H 683 -104.00 -60.50 -57.65
N VAL H 684 -104.45 -61.73 -57.89
CA VAL H 684 -105.78 -62.18 -57.55
C VAL H 684 -105.65 -63.53 -56.85
N GLY H 685 -106.17 -63.63 -55.63
CA GLY H 685 -106.09 -64.88 -54.90
C GLY H 685 -106.75 -64.78 -53.55
N TRP H 686 -106.77 -65.93 -52.87
CA TRP H 686 -107.37 -66.05 -51.54
C TRP H 686 -106.33 -65.75 -50.49
N ALA H 687 -106.70 -64.95 -49.50
CA ALA H 687 -105.81 -64.59 -48.40
C ALA H 687 -106.43 -64.97 -47.06
N LEU H 688 -105.58 -65.33 -46.11
CA LEU H 688 -106.04 -65.68 -44.78
C LEU H 688 -106.41 -64.42 -44.01
N THR H 689 -107.50 -64.50 -43.25
CA THR H 689 -107.97 -63.34 -42.51
C THR H 689 -106.97 -62.87 -41.48
N GLU H 690 -106.37 -63.78 -40.73
CA GLU H 690 -105.48 -63.44 -39.62
C GLU H 690 -104.05 -63.81 -39.96
N GLY H 691 -103.15 -62.85 -39.79
CA GLY H 691 -101.76 -63.08 -40.10
C GLY H 691 -101.29 -62.50 -41.41
N TYR H 692 -102.20 -62.04 -42.25
CA TYR H 692 -101.86 -61.33 -43.47
C TYR H 692 -102.09 -59.84 -43.23
N SER H 693 -101.01 -59.07 -43.21
CA SER H 693 -101.07 -57.63 -42.92
C SER H 693 -100.36 -56.88 -44.04
N PRO H 694 -101.00 -56.75 -45.20
CA PRO H 694 -100.40 -55.99 -46.29
C PRO H 694 -100.24 -54.53 -45.89
N TYR H 695 -99.00 -54.11 -45.71
CA TYR H 695 -98.75 -52.78 -45.20
C TYR H 695 -98.13 -51.93 -46.29
N PRO H 696 -98.57 -50.69 -46.44
CA PRO H 696 -98.02 -49.82 -47.48
C PRO H 696 -96.54 -49.54 -47.25
N GLY H 697 -95.82 -49.39 -48.35
CA GLY H 697 -94.42 -49.03 -48.25
C GLY H 697 -93.57 -50.20 -47.82
N GLY H 698 -92.95 -50.06 -46.65
CA GLY H 698 -92.02 -51.07 -46.19
C GLY H 698 -92.68 -52.43 -46.07
N GLY H 699 -91.98 -53.45 -46.57
CA GLY H 699 -92.49 -54.80 -46.52
C GLY H 699 -91.36 -55.81 -46.57
N GLU H 700 -91.74 -57.08 -46.45
CA GLU H 700 -90.75 -58.15 -46.51
C GLU H 700 -90.24 -58.31 -47.94
N GLY H 701 -89.07 -58.92 -48.07
CA GLY H 701 -88.52 -59.16 -49.39
C GLY H 701 -88.03 -57.87 -50.00
N TRP H 702 -88.04 -57.81 -51.33
CA TRP H 702 -87.47 -56.69 -52.05
C TRP H 702 -88.33 -55.44 -51.89
N GLY H 703 -89.57 -55.61 -51.45
CA GLY H 703 -90.52 -54.53 -51.35
C GLY H 703 -91.75 -54.77 -52.22
N GLY H 704 -92.67 -53.82 -52.14
CA GLY H 704 -93.93 -53.96 -52.87
C GLY H 704 -94.72 -55.17 -52.45
N ASN H 705 -94.79 -55.43 -51.14
CA ASN H 705 -95.43 -56.64 -50.65
C ASN H 705 -96.90 -56.65 -51.02
N GLY H 706 -97.39 -57.81 -51.47
CA GLY H 706 -98.78 -57.97 -51.85
C GLY H 706 -99.26 -59.38 -51.61
N VAL H 707 -100.47 -59.66 -52.08
CA VAL H 707 -101.01 -61.01 -51.95
C VAL H 707 -100.12 -61.97 -52.71
N GLY H 708 -99.88 -63.14 -52.11
CA GLY H 708 -98.98 -64.11 -52.67
C GLY H 708 -97.51 -63.85 -52.42
N ASP H 709 -97.18 -62.67 -51.88
CA ASP H 709 -95.80 -62.34 -51.55
C ASP H 709 -95.45 -62.70 -50.11
N ASP H 710 -96.38 -63.29 -49.38
CA ASP H 710 -96.16 -63.74 -48.02
C ASP H 710 -96.75 -65.13 -47.87
N LEU H 711 -96.28 -65.85 -46.86
CA LEU H 711 -96.74 -67.22 -46.68
C LEU H 711 -98.21 -67.26 -46.24
N TYR H 712 -98.72 -66.13 -45.75
CA TYR H 712 -100.08 -66.12 -45.22
C TYR H 712 -101.10 -65.95 -46.33
N SER H 713 -100.71 -65.32 -47.44
CA SER H 713 -101.64 -64.98 -48.51
C SER H 713 -101.14 -65.59 -49.82
N TYR H 714 -102.07 -65.83 -50.74
CA TYR H 714 -101.76 -66.50 -51.99
C TYR H 714 -102.52 -65.85 -53.14
N GLY H 715 -101.92 -65.88 -54.34
CA GLY H 715 -102.52 -65.26 -55.49
C GLY H 715 -101.91 -65.78 -56.78
N PHE H 716 -102.36 -65.20 -57.89
CA PHE H 716 -101.95 -65.61 -59.23
C PHE H 716 -101.27 -64.44 -59.92
N ASP H 717 -100.13 -64.73 -60.57
CA ASP H 717 -99.38 -63.68 -61.25
C ASP H 717 -99.69 -63.67 -62.75
N GLY H 718 -100.33 -64.71 -63.25
CA GLY H 718 -100.48 -64.89 -64.68
C GLY H 718 -99.43 -65.78 -65.30
N LEU H 719 -98.16 -65.63 -64.91
CA LEU H 719 -97.13 -66.59 -65.27
C LEU H 719 -96.70 -67.48 -64.12
N HIS H 720 -96.89 -67.04 -62.88
CA HIS H 720 -96.37 -67.78 -61.75
C HIS H 720 -97.45 -67.87 -60.69
N LEU H 721 -97.32 -68.87 -59.84
CA LEU H 721 -98.22 -69.05 -58.72
C LEU H 721 -97.46 -68.69 -57.45
N TRP H 722 -97.89 -67.62 -56.79
CA TRP H 722 -97.10 -66.96 -55.76
C TRP H 722 -97.39 -67.59 -54.40
N THR H 723 -96.33 -67.99 -53.70
CA THR H 723 -96.40 -68.50 -52.35
C THR H 723 -95.22 -67.98 -51.56
N GLY H 724 -95.50 -67.17 -50.53
CA GLY H 724 -94.47 -66.76 -49.61
C GLY H 724 -93.29 -66.06 -50.25
N HIS H 725 -93.56 -65.08 -51.12
CA HIS H 725 -92.55 -64.31 -51.83
C HIS H 725 -91.70 -65.16 -52.76
N VAL H 726 -92.16 -66.36 -53.12
CA VAL H 726 -91.48 -67.20 -54.11
C VAL H 726 -92.44 -67.45 -55.26
N ALA H 727 -92.02 -67.13 -56.47
CA ALA H 727 -92.85 -67.30 -57.66
C ALA H 727 -92.44 -68.56 -58.39
N ARG H 728 -93.37 -69.49 -58.54
CA ARG H 728 -93.14 -70.72 -59.27
C ARG H 728 -93.85 -70.65 -60.61
N PRO H 729 -93.12 -70.68 -61.72
CA PRO H 729 -93.79 -70.64 -63.02
C PRO H 729 -94.67 -71.86 -63.23
N VAL H 730 -95.94 -71.60 -63.52
CA VAL H 730 -96.91 -72.65 -63.81
C VAL H 730 -97.28 -72.58 -65.28
N THR H 731 -97.13 -73.71 -65.97
CA THR H 731 -97.49 -73.77 -67.37
C THR H 731 -98.99 -73.54 -67.53
N SER H 732 -99.36 -72.85 -68.60
CA SER H 732 -100.77 -72.64 -68.92
C SER H 732 -100.91 -72.40 -70.41
N PRO H 733 -101.97 -72.92 -71.02
CA PRO H 733 -102.18 -72.68 -72.46
C PRO H 733 -102.31 -71.19 -72.75
N GLY H 734 -101.56 -70.73 -73.73
CA GLY H 734 -101.53 -69.30 -74.00
C GLY H 734 -101.08 -68.48 -72.82
N GLN H 735 -100.01 -68.93 -72.15
CA GLN H 735 -99.56 -68.26 -70.94
C GLN H 735 -99.17 -66.82 -71.23
N HIS H 736 -99.73 -65.91 -70.44
CA HIS H 736 -99.39 -64.49 -70.54
C HIS H 736 -99.81 -63.81 -69.25
N LEU H 737 -99.27 -62.62 -69.04
CA LEU H 737 -99.67 -61.81 -67.90
C LEU H 737 -101.13 -61.42 -68.04
N LEU H 738 -101.77 -61.13 -66.90
CA LEU H 738 -103.17 -60.74 -66.93
C LEU H 738 -103.35 -59.53 -67.85
N ALA H 739 -104.31 -59.64 -68.75
CA ALA H 739 -104.46 -58.72 -69.86
C ALA H 739 -105.88 -58.16 -69.86
N PRO H 740 -106.09 -57.01 -70.51
CA PRO H 740 -107.45 -56.48 -70.62
C PRO H 740 -108.35 -57.46 -71.32
N GLU H 741 -109.62 -57.48 -70.90
CA GLU H 741 -110.68 -58.36 -71.40
C GLU H 741 -110.41 -59.82 -71.02
N ASP H 742 -109.64 -60.08 -69.97
CA ASP H 742 -109.44 -61.45 -69.52
C ASP H 742 -110.18 -61.68 -68.20
N VAL H 743 -110.71 -62.88 -68.05
CA VAL H 743 -111.42 -63.28 -66.83
C VAL H 743 -110.60 -64.36 -66.15
N VAL H 744 -110.17 -64.10 -64.92
CA VAL H 744 -109.40 -65.03 -64.12
C VAL H 744 -110.31 -65.54 -63.02
N SER H 745 -110.24 -66.85 -62.74
CA SER H 745 -111.12 -67.50 -61.78
C SER H 745 -110.32 -68.36 -60.83
N CYS H 746 -110.73 -68.40 -59.58
CA CYS H 746 -110.09 -69.21 -58.55
C CYS H 746 -111.16 -70.00 -57.81
N CYS H 747 -110.87 -71.26 -57.53
CA CYS H 747 -111.79 -72.13 -56.80
C CYS H 747 -111.06 -72.71 -55.59
N LEU H 748 -111.74 -72.75 -54.45
CA LEU H 748 -111.15 -73.18 -53.20
C LEU H 748 -111.95 -74.34 -52.62
N ASP H 749 -111.24 -75.37 -52.16
CA ASP H 749 -111.83 -76.48 -51.44
C ASP H 749 -111.15 -76.64 -50.09
N LEU H 750 -111.92 -76.52 -49.01
CA LEU H 750 -111.35 -76.70 -47.68
C LEU H 750 -111.26 -78.18 -47.31
N SER H 751 -111.97 -79.03 -48.05
CA SER H 751 -112.01 -80.45 -47.70
C SER H 751 -110.68 -81.13 -47.96
N VAL H 752 -110.05 -80.82 -49.10
CA VAL H 752 -108.81 -81.51 -49.46
C VAL H 752 -107.68 -81.24 -48.47
N PRO H 753 -107.37 -79.99 -48.09
CA PRO H 753 -107.88 -78.70 -48.57
C PRO H 753 -107.17 -78.31 -49.85
N SER H 754 -107.81 -77.59 -50.76
CA SER H 754 -107.19 -77.26 -52.04
C SER H 754 -107.70 -75.93 -52.56
N ILE H 755 -106.84 -75.25 -53.31
CA ILE H 755 -107.18 -74.04 -54.03
C ILE H 755 -106.75 -74.22 -55.48
N SER H 756 -107.65 -73.89 -56.41
CA SER H 756 -107.43 -74.13 -57.83
C SER H 756 -107.69 -72.84 -58.61
N PHE H 757 -107.11 -72.76 -59.80
CA PHE H 757 -107.20 -71.57 -60.63
C PHE H 757 -107.61 -71.97 -62.04
N ARG H 758 -108.44 -71.15 -62.68
CA ARG H 758 -108.85 -71.36 -64.06
C ARG H 758 -108.95 -70.01 -64.75
N ILE H 759 -108.44 -69.92 -65.97
CA ILE H 759 -108.34 -68.65 -66.69
C ILE H 759 -109.03 -68.79 -68.04
N ASN H 760 -109.92 -67.85 -68.33
CA ASN H 760 -110.53 -67.70 -69.66
C ASN H 760 -111.08 -69.02 -70.18
N GLY H 761 -111.65 -69.82 -69.29
CA GLY H 761 -112.20 -71.10 -69.67
C GLY H 761 -111.20 -72.23 -69.74
N CYS H 762 -109.92 -71.95 -69.54
CA CYS H 762 -108.91 -73.00 -69.57
C CYS H 762 -108.34 -73.20 -68.17
N PRO H 763 -108.18 -74.44 -67.73
CA PRO H 763 -107.72 -74.67 -66.35
C PRO H 763 -106.26 -74.31 -66.17
N VAL H 764 -105.91 -73.88 -64.97
CA VAL H 764 -104.53 -73.67 -64.56
C VAL H 764 -104.12 -74.84 -63.70
N GLN H 765 -103.09 -75.57 -64.13
CA GLN H 765 -102.66 -76.78 -63.43
C GLN H 765 -101.75 -76.40 -62.27
N GLY H 766 -102.28 -75.54 -61.41
CA GLY H 766 -101.63 -75.18 -60.17
C GLY H 766 -102.52 -75.49 -58.98
N VAL H 767 -102.04 -76.34 -58.07
CA VAL H 767 -102.84 -76.86 -56.98
C VAL H 767 -102.15 -76.52 -55.66
N PHE H 768 -102.93 -76.09 -54.69
CA PHE H 768 -102.43 -75.76 -53.35
C PHE H 768 -102.82 -76.87 -52.39
N GLU H 769 -101.84 -77.41 -51.69
CA GLU H 769 -102.06 -78.54 -50.80
C GLU H 769 -101.48 -78.26 -49.43
N ALA H 770 -102.10 -78.87 -48.42
CA ALA H 770 -101.57 -78.88 -47.05
C ALA H 770 -101.34 -77.48 -46.51
N PHE H 771 -102.20 -76.54 -46.92
CA PHE H 771 -102.15 -75.23 -46.33
C PHE H 771 -102.95 -75.21 -45.02
N ASN H 772 -102.45 -74.44 -44.06
CA ASN H 772 -103.01 -74.45 -42.72
C ASN H 772 -104.43 -73.88 -42.71
N LEU H 773 -105.26 -74.42 -41.82
CA LEU H 773 -106.66 -74.04 -41.70
C LEU H 773 -106.94 -73.20 -40.46
N ASP H 774 -106.00 -72.35 -40.04
CA ASP H 774 -106.13 -71.66 -38.76
C ASP H 774 -107.32 -70.72 -38.76
N GLY H 775 -107.44 -69.86 -39.78
CA GLY H 775 -108.48 -68.86 -39.79
C GLY H 775 -109.23 -68.85 -41.11
N LEU H 776 -110.13 -67.88 -41.24
CA LEU H 776 -110.95 -67.78 -42.44
C LEU H 776 -110.11 -67.33 -43.63
N PHE H 777 -110.53 -67.72 -44.82
CA PHE H 777 -109.85 -67.40 -46.05
C PHE H 777 -110.74 -66.50 -46.89
N PHE H 778 -110.16 -65.41 -47.40
CA PHE H 778 -110.91 -64.49 -48.23
C PHE H 778 -110.17 -64.23 -49.53
N PRO H 779 -110.87 -64.23 -50.67
CA PRO H 779 -110.24 -63.75 -51.91
C PRO H 779 -109.97 -62.26 -51.81
N VAL H 780 -108.95 -61.80 -52.53
CA VAL H 780 -108.54 -60.41 -52.51
C VAL H 780 -107.68 -60.12 -53.73
N VAL H 781 -107.75 -58.89 -54.21
CA VAL H 781 -107.00 -58.44 -55.38
C VAL H 781 -105.92 -57.47 -54.91
N SER H 782 -104.68 -57.75 -55.28
CA SER H 782 -103.55 -56.89 -54.95
C SER H 782 -103.09 -56.18 -56.22
N PHE H 783 -103.55 -54.95 -56.41
CA PHE H 783 -103.28 -54.19 -57.61
C PHE H 783 -102.28 -53.10 -57.30
N SER H 784 -101.26 -52.96 -58.14
CA SER H 784 -100.41 -51.79 -58.06
C SER H 784 -101.11 -50.60 -58.70
N ALA H 785 -100.37 -49.49 -58.82
CA ALA H 785 -100.96 -48.27 -59.33
C ALA H 785 -101.25 -48.37 -60.82
N GLY H 786 -102.33 -47.71 -61.24
CA GLY H 786 -102.61 -47.50 -62.66
C GLY H 786 -103.42 -48.58 -63.35
N VAL H 787 -104.16 -49.40 -62.62
CA VAL H 787 -104.96 -50.47 -63.23
C VAL H 787 -106.37 -50.41 -62.66
N LYS H 788 -107.33 -50.91 -63.43
CA LYS H 788 -108.69 -51.15 -62.94
C LYS H 788 -109.01 -52.63 -63.12
N VAL H 789 -109.55 -53.25 -62.07
CA VAL H 789 -110.02 -54.63 -62.13
C VAL H 789 -111.46 -54.67 -61.65
N ARG H 790 -112.25 -55.53 -62.28
CA ARG H 790 -113.65 -55.72 -61.95
C ARG H 790 -113.81 -57.07 -61.26
N PHE H 791 -114.46 -57.05 -60.10
CA PHE H 791 -114.67 -58.26 -59.32
C PHE H 791 -116.09 -58.75 -59.56
N LEU H 792 -116.22 -59.99 -60.01
CA LEU H 792 -117.53 -60.60 -60.27
C LEU H 792 -117.79 -61.63 -59.19
N LEU H 793 -118.61 -61.26 -58.21
CA LEU H 793 -118.82 -62.13 -57.06
C LEU H 793 -119.95 -63.13 -57.32
N GLY H 794 -120.80 -62.86 -58.29
CA GLY H 794 -121.80 -63.82 -58.70
C GLY H 794 -123.19 -63.52 -58.18
N GLY H 795 -124.16 -64.25 -58.74
CA GLY H 795 -125.54 -64.11 -58.32
C GLY H 795 -126.07 -62.71 -58.59
N ARG H 796 -126.65 -62.11 -57.55
CA ARG H 796 -127.16 -60.76 -57.67
C ARG H 796 -126.04 -59.76 -57.97
N HIS H 797 -124.84 -60.02 -57.48
CA HIS H 797 -123.71 -59.14 -57.64
C HIS H 797 -122.77 -59.71 -58.70
N GLY H 798 -122.95 -59.26 -59.94
CA GLY H 798 -122.23 -59.82 -61.06
C GLY H 798 -122.68 -61.23 -61.37
N GLU H 799 -122.28 -61.70 -62.54
CA GLU H 799 -122.51 -63.08 -62.93
C GLU H 799 -121.23 -63.66 -63.50
N PHE H 800 -121.11 -64.98 -63.41
CA PHE H 800 -119.91 -65.70 -63.81
C PHE H 800 -119.97 -65.94 -65.31
N LYS H 801 -118.92 -65.51 -66.02
CA LYS H 801 -118.85 -65.78 -67.45
C LYS H 801 -118.78 -67.28 -67.71
N PHE H 802 -118.11 -68.02 -66.85
CA PHE H 802 -117.96 -69.45 -67.00
C PHE H 802 -118.66 -70.14 -65.84
N LEU H 803 -119.36 -71.23 -66.14
CA LEU H 803 -120.16 -71.90 -65.14
C LEU H 803 -119.26 -72.45 -64.02
N PRO H 804 -119.70 -72.38 -62.77
CA PRO H 804 -118.84 -72.80 -61.68
C PRO H 804 -118.56 -74.29 -61.75
N PRO H 805 -117.41 -74.73 -61.28
CA PRO H 805 -117.14 -76.17 -61.18
C PRO H 805 -118.17 -76.84 -60.30
N PRO H 806 -118.55 -78.07 -60.59
CA PRO H 806 -119.66 -78.71 -59.88
C PRO H 806 -119.41 -78.76 -58.38
N GLY H 807 -120.47 -78.51 -57.62
CA GLY H 807 -120.38 -78.54 -56.18
C GLY H 807 -119.72 -77.33 -55.56
N TYR H 808 -119.44 -76.29 -56.33
CA TYR H 808 -118.77 -75.10 -55.81
C TYR H 808 -119.80 -74.00 -55.65
N ALA H 809 -120.05 -73.59 -54.41
CA ALA H 809 -121.02 -72.57 -54.13
C ALA H 809 -120.56 -71.22 -54.68
N PRO H 810 -121.47 -70.38 -55.13
CA PRO H 810 -121.09 -69.02 -55.53
C PRO H 810 -120.51 -68.27 -54.35
N CYS H 811 -119.44 -67.52 -54.62
CA CYS H 811 -118.74 -66.83 -53.54
C CYS H 811 -119.60 -65.73 -52.92
N HIS H 812 -120.49 -65.13 -53.72
CA HIS H 812 -121.37 -64.11 -53.18
C HIS H 812 -122.30 -64.70 -52.12
N GLU H 813 -122.60 -65.99 -52.22
CA GLU H 813 -123.49 -66.62 -51.26
C GLU H 813 -122.88 -66.64 -49.86
N ALA H 814 -121.57 -66.42 -49.77
CA ALA H 814 -120.89 -66.54 -48.48
C ALA H 814 -121.10 -65.29 -47.62
N VAL H 815 -121.78 -64.28 -48.17
CA VAL H 815 -121.95 -63.03 -47.43
C VAL H 815 -122.70 -63.28 -46.13
N LEU H 816 -122.21 -62.66 -45.06
CA LEU H 816 -122.84 -62.84 -43.76
C LEU H 816 -124.09 -61.97 -43.65
N PRO H 817 -125.11 -62.45 -42.93
CA PRO H 817 -126.38 -61.69 -42.88
C PRO H 817 -126.25 -60.31 -42.27
N ARG H 818 -125.34 -60.13 -41.31
CA ARG H 818 -125.33 -58.89 -40.54
C ARG H 818 -124.97 -57.69 -41.40
N GLU H 819 -123.99 -57.83 -42.28
CA GLU H 819 -123.45 -56.70 -43.04
C GLU H 819 -123.73 -56.91 -44.51
N ARG H 820 -123.85 -55.81 -45.24
CA ARG H 820 -124.07 -55.87 -46.68
C ARG H 820 -122.76 -56.01 -47.43
N LEU H 821 -122.85 -56.61 -48.61
CA LEU H 821 -121.65 -56.85 -49.42
C LEU H 821 -121.03 -55.52 -49.84
N ARG H 822 -119.71 -55.43 -49.71
CA ARG H 822 -118.97 -54.21 -50.02
C ARG H 822 -117.49 -54.55 -50.12
N LEU H 823 -116.77 -53.76 -50.91
CA LEU H 823 -115.34 -53.95 -51.11
C LEU H 823 -114.58 -52.97 -50.22
N GLU H 824 -113.64 -53.50 -49.45
CA GLU H 824 -112.95 -52.70 -48.44
C GLU H 824 -111.47 -53.02 -48.37
N PRO H 825 -110.65 -52.02 -48.05
CA PRO H 825 -109.23 -52.27 -47.76
C PRO H 825 -109.08 -53.03 -46.46
N ILE H 826 -108.01 -53.84 -46.38
CA ILE H 826 -107.82 -54.79 -45.29
C ILE H 826 -106.72 -54.26 -44.39
N LYS H 827 -106.99 -54.24 -43.08
CA LYS H 827 -106.09 -53.67 -42.07
C LYS H 827 -105.66 -52.25 -42.44
N GLU H 828 -106.57 -51.48 -43.01
CA GLU H 828 -106.33 -50.08 -43.30
C GLU H 828 -106.34 -49.30 -41.99
N TYR H 829 -105.46 -48.32 -41.87
CA TYR H 829 -105.40 -47.53 -40.64
C TYR H 829 -105.81 -46.09 -40.88
N ARG H 830 -105.45 -45.55 -42.04
CA ARG H 830 -105.70 -44.16 -42.37
C ARG H 830 -106.78 -44.10 -43.44
N ARG H 831 -107.96 -43.60 -43.05
CA ARG H 831 -109.09 -43.46 -43.96
C ARG H 831 -109.41 -41.99 -44.15
N GLU H 832 -109.63 -41.59 -45.40
CA GLU H 832 -109.90 -40.19 -45.68
C GLU H 832 -111.28 -39.79 -45.17
N GLY H 833 -111.31 -38.80 -44.29
CA GLY H 833 -112.54 -38.23 -43.82
C GLY H 833 -112.83 -36.91 -44.51
N PRO H 834 -114.12 -36.57 -44.62
CA PRO H 834 -114.47 -35.33 -45.36
C PRO H 834 -113.83 -34.08 -44.81
N ARG H 835 -113.80 -33.93 -43.49
CA ARG H 835 -113.13 -32.78 -42.91
C ARG H 835 -111.61 -32.95 -42.96
N GLY H 836 -111.14 -34.15 -42.68
CA GLY H 836 -109.73 -34.47 -42.74
C GLY H 836 -109.52 -35.96 -42.63
N PRO H 837 -108.33 -36.43 -42.99
CA PRO H 837 -108.07 -37.88 -42.93
C PRO H 837 -108.28 -38.40 -41.52
N HIS H 838 -108.89 -39.58 -41.43
CA HIS H 838 -109.24 -40.18 -40.15
C HIS H 838 -108.35 -41.39 -39.89
N LEU H 839 -107.66 -41.37 -38.76
CA LEU H 839 -106.96 -42.56 -38.31
C LEU H 839 -107.96 -43.56 -37.76
N VAL H 840 -107.71 -44.85 -38.02
CA VAL H 840 -108.61 -45.92 -37.63
C VAL H 840 -107.83 -46.94 -36.82
N GLY H 841 -108.37 -47.33 -35.68
CA GLY H 841 -107.78 -48.35 -34.85
C GLY H 841 -107.96 -49.73 -35.45
N PRO H 842 -107.32 -50.72 -34.85
CA PRO H 842 -107.44 -52.09 -35.37
C PRO H 842 -108.86 -52.60 -35.27
N SER H 843 -109.27 -53.38 -36.26
CA SER H 843 -110.60 -53.98 -36.21
C SER H 843 -110.53 -55.40 -35.66
N ARG H 844 -111.66 -55.88 -35.17
CA ARG H 844 -111.80 -57.26 -34.72
C ARG H 844 -112.23 -58.11 -35.91
N CYS H 845 -111.67 -59.30 -36.02
CA CYS H 845 -111.97 -60.19 -37.13
C CYS H 845 -112.70 -61.42 -36.61
N LEU H 846 -113.75 -61.80 -37.32
CA LEU H 846 -114.48 -63.01 -36.99
C LEU H 846 -113.58 -64.22 -37.22
N SER H 847 -113.84 -65.29 -36.47
CA SER H 847 -112.99 -66.47 -36.50
C SER H 847 -113.79 -67.72 -36.82
N HIS H 848 -113.06 -68.74 -37.27
CA HIS H 848 -113.66 -70.05 -37.50
C HIS H 848 -114.42 -70.53 -36.26
N THR H 849 -113.84 -70.30 -35.09
CA THR H 849 -114.53 -70.66 -33.85
C THR H 849 -115.87 -69.94 -33.75
N ASP H 850 -115.89 -68.67 -34.13
CA ASP H 850 -117.14 -67.92 -34.13
C ASP H 850 -118.14 -68.52 -35.11
N PHE H 851 -117.66 -68.94 -36.28
CA PHE H 851 -118.55 -69.62 -37.23
C PHE H 851 -119.13 -70.88 -36.63
N VAL H 852 -118.33 -71.61 -35.85
CA VAL H 852 -118.85 -72.83 -35.24
C VAL H 852 -119.77 -72.46 -34.08
N PRO H 853 -120.97 -73.01 -33.99
CA PRO H 853 -121.81 -72.76 -32.81
C PRO H 853 -121.20 -73.38 -31.56
N CYS H 854 -121.47 -72.76 -30.43
CA CYS H 854 -120.96 -73.20 -29.13
C CYS H 854 -122.13 -73.32 -28.15
N PRO H 855 -122.91 -74.39 -28.26
CA PRO H 855 -124.06 -74.57 -27.37
C PRO H 855 -123.64 -74.86 -25.95
N VAL H 856 -124.56 -74.59 -25.02
CA VAL H 856 -124.30 -74.91 -23.63
C VAL H 856 -124.52 -76.41 -23.41
N ASP H 857 -123.82 -76.96 -22.42
CA ASP H 857 -123.81 -78.40 -22.21
C ASP H 857 -125.20 -78.91 -21.84
N THR H 858 -125.56 -80.06 -22.41
CA THR H 858 -126.86 -80.69 -22.16
C THR H 858 -126.75 -82.20 -21.97
N VAL H 859 -125.59 -82.72 -21.58
CA VAL H 859 -125.40 -84.17 -21.53
C VAL H 859 -126.28 -84.79 -20.45
N GLN H 860 -126.28 -84.22 -19.26
CA GLN H 860 -127.03 -84.75 -18.12
C GLN H 860 -128.28 -83.91 -17.91
N ILE H 861 -129.40 -84.55 -17.67
CA ILE H 861 -130.68 -83.89 -17.44
C ILE H 861 -131.27 -84.38 -16.14
N VAL H 862 -131.60 -83.46 -15.25
CA VAL H 862 -132.22 -83.77 -13.96
C VAL H 862 -133.63 -83.22 -13.97
N LEU H 863 -134.61 -84.10 -13.74
CA LEU H 863 -136.00 -83.70 -13.76
C LEU H 863 -136.69 -84.13 -12.49
N PRO H 864 -136.97 -83.20 -11.57
CA PRO H 864 -137.87 -83.51 -10.46
C PRO H 864 -139.25 -83.87 -10.98
N PRO H 865 -140.01 -84.69 -10.27
CA PRO H 865 -141.34 -85.08 -10.80
C PRO H 865 -142.26 -83.91 -11.04
N HIS H 866 -142.26 -82.92 -10.17
CA HIS H 866 -143.11 -81.75 -10.37
C HIS H 866 -142.64 -80.95 -11.58
N LEU H 867 -141.33 -80.71 -11.68
CA LEU H 867 -140.79 -80.09 -12.88
C LEU H 867 -141.21 -80.87 -14.12
N GLU H 868 -141.26 -82.21 -14.02
CA GLU H 868 -141.55 -83.04 -15.17
C GLU H 868 -142.98 -82.89 -15.64
N ARG H 869 -143.94 -83.01 -14.72
CA ARG H 869 -145.34 -82.86 -15.12
C ARG H 869 -145.59 -81.44 -15.61
N ILE H 870 -145.01 -80.45 -14.93
CA ILE H 870 -145.20 -79.07 -15.37
C ILE H 870 -144.54 -78.83 -16.72
N ARG H 871 -143.43 -79.50 -17.02
CA ARG H 871 -142.78 -79.23 -18.30
C ARG H 871 -143.53 -79.88 -19.44
N GLU H 872 -144.20 -81.02 -19.18
CA GLU H 872 -145.13 -81.52 -20.19
C GLU H 872 -146.27 -80.54 -20.40
N LYS H 873 -146.77 -79.97 -19.31
CA LYS H 873 -147.81 -78.96 -19.44
C LYS H 873 -147.33 -77.75 -20.23
N LEU H 874 -146.08 -77.33 -19.99
CA LEU H 874 -145.49 -76.26 -20.78
C LEU H 874 -145.37 -76.67 -22.24
N ALA H 875 -145.02 -77.93 -22.51
CA ALA H 875 -144.92 -78.37 -23.89
C ALA H 875 -146.25 -78.19 -24.62
N GLU H 876 -147.33 -78.73 -24.04
CA GLU H 876 -148.63 -78.58 -24.69
C GLU H 876 -149.04 -77.12 -24.76
N ASN H 877 -148.71 -76.34 -23.74
CA ASN H 877 -149.13 -74.94 -23.68
C ASN H 877 -148.39 -74.10 -24.72
N ILE H 878 -147.09 -74.34 -24.90
CA ILE H 878 -146.34 -73.62 -25.91
C ILE H 878 -146.74 -74.08 -27.30
N HIS H 879 -147.20 -75.34 -27.43
CA HIS H 879 -147.72 -75.76 -28.73
C HIS H 879 -149.02 -75.05 -29.07
N GLU H 880 -149.91 -74.87 -28.09
CA GLU H 880 -151.13 -74.13 -28.39
C GLU H 880 -150.84 -72.66 -28.62
N LEU H 881 -149.84 -72.10 -27.91
CA LEU H 881 -149.40 -70.75 -28.19
C LEU H 881 -148.80 -70.65 -29.59
N TRP H 882 -148.13 -71.71 -30.04
CA TRP H 882 -147.65 -71.78 -31.42
C TRP H 882 -148.82 -71.74 -32.39
N ALA H 883 -149.92 -72.42 -32.03
CA ALA H 883 -151.13 -72.31 -32.82
C ALA H 883 -151.63 -70.86 -32.87
N LEU H 884 -151.57 -70.16 -31.74
CA LEU H 884 -151.90 -68.73 -31.75
C LEU H 884 -150.97 -67.95 -32.68
N THR H 885 -149.67 -68.23 -32.63
CA THR H 885 -148.74 -67.54 -33.52
C THR H 885 -149.10 -67.78 -34.98
N ARG H 886 -149.48 -69.02 -35.30
CA ARG H 886 -149.88 -69.34 -36.66
C ARG H 886 -151.14 -68.58 -37.08
N ILE H 887 -152.13 -68.49 -36.19
CA ILE H 887 -153.38 -67.85 -36.59
C ILE H 887 -153.20 -66.34 -36.70
N GLU H 888 -152.34 -65.75 -35.86
CA GLU H 888 -151.95 -64.36 -36.11
C GLU H 888 -151.21 -64.22 -37.43
N GLN H 889 -150.39 -65.22 -37.78
CA GLN H 889 -149.82 -65.25 -39.13
C GLN H 889 -150.90 -65.37 -40.19
N GLY H 890 -152.10 -65.79 -39.78
CA GLY H 890 -153.18 -66.05 -40.71
C GLY H 890 -153.24 -67.46 -41.20
N TRP H 891 -152.37 -68.33 -40.68
CA TRP H 891 -152.28 -69.70 -41.19
C TRP H 891 -153.56 -70.47 -40.86
N THR H 892 -154.02 -71.26 -41.82
CA THR H 892 -155.18 -72.10 -41.65
C THR H 892 -154.74 -73.56 -41.61
N TYR H 893 -155.69 -74.44 -41.29
CA TYR H 893 -155.40 -75.86 -41.38
C TYR H 893 -155.41 -76.30 -42.84
N GLY H 894 -154.57 -77.28 -43.17
CA GLY H 894 -154.51 -77.75 -44.54
C GLY H 894 -153.66 -78.98 -44.72
N PRO H 895 -153.75 -79.59 -45.91
CA PRO H 895 -152.97 -80.82 -46.15
C PRO H 895 -151.46 -80.61 -46.11
N VAL H 896 -150.98 -79.45 -46.58
CA VAL H 896 -149.55 -79.22 -46.75
C VAL H 896 -149.15 -77.96 -45.99
N ARG H 897 -148.07 -78.07 -45.23
CA ARG H 897 -147.57 -76.95 -44.42
C ARG H 897 -146.83 -75.98 -45.32
N ASP H 898 -147.47 -74.88 -45.66
CA ASP H 898 -146.85 -73.81 -46.44
C ASP H 898 -147.54 -72.49 -46.13
N ASP H 899 -146.73 -71.46 -45.89
CA ASP H 899 -147.29 -70.15 -45.57
C ASP H 899 -147.94 -69.51 -46.80
N ASN H 900 -147.39 -69.79 -47.98
CA ASN H 900 -147.98 -69.24 -49.21
C ASN H 900 -149.39 -69.77 -49.42
N LYS H 901 -149.60 -71.05 -49.17
CA LYS H 901 -150.95 -71.61 -49.29
C LYS H 901 -151.82 -71.16 -48.13
N ARG H 902 -151.21 -70.71 -47.03
CA ARG H 902 -151.92 -70.33 -45.81
C ARG H 902 -152.68 -71.52 -45.21
N LEU H 903 -152.16 -72.72 -45.40
CA LEU H 903 -152.77 -73.95 -44.92
C LEU H 903 -151.70 -74.76 -44.20
N HIS H 904 -152.08 -75.45 -43.11
CA HIS H 904 -151.11 -76.08 -42.23
C HIS H 904 -151.72 -77.31 -41.55
N PRO H 905 -151.12 -78.49 -41.71
CA PRO H 905 -151.69 -79.69 -41.04
C PRO H 905 -151.50 -79.70 -39.54
N CYS H 906 -150.28 -79.39 -39.07
CA CYS H 906 -150.01 -79.50 -37.64
C CYS H 906 -150.77 -78.44 -36.85
N LEU H 907 -151.14 -77.33 -37.49
CA LEU H 907 -151.84 -76.26 -36.81
C LEU H 907 -153.30 -76.64 -36.58
N VAL H 908 -153.65 -76.85 -35.31
CA VAL H 908 -155.01 -77.17 -34.86
C VAL H 908 -155.00 -77.41 -33.35
N ASN H 909 -154.30 -78.45 -32.90
CA ASN H 909 -154.27 -78.79 -31.48
C ASN H 909 -153.02 -79.61 -31.20
N PHE H 910 -152.49 -79.46 -29.98
CA PHE H 910 -151.33 -80.24 -29.58
C PHE H 910 -151.65 -81.74 -29.57
N HIS H 911 -152.85 -82.10 -29.12
CA HIS H 911 -153.28 -83.49 -29.23
C HIS H 911 -153.41 -83.92 -30.68
N SER H 912 -153.99 -83.05 -31.52
CA SER H 912 -154.04 -83.34 -32.96
C SER H 912 -152.65 -83.27 -33.56
N LEU H 913 -151.77 -82.45 -32.99
CA LEU H 913 -150.37 -82.50 -33.36
C LEU H 913 -149.76 -83.82 -32.88
N PRO H 914 -148.82 -84.40 -33.61
CA PRO H 914 -148.20 -85.64 -33.14
C PRO H 914 -147.44 -85.44 -31.83
N GLU H 915 -147.61 -86.40 -30.94
CA GLU H 915 -146.86 -86.39 -29.68
C GLU H 915 -145.35 -86.40 -29.89
N PRO H 916 -144.77 -87.13 -30.87
CA PRO H 916 -143.33 -86.97 -31.12
C PRO H 916 -142.93 -85.54 -31.45
N GLU H 917 -143.77 -84.80 -32.17
CA GLU H 917 -143.48 -83.39 -32.41
C GLU H 917 -143.63 -82.57 -31.14
N ARG H 918 -144.59 -82.94 -30.28
CA ARG H 918 -144.66 -82.32 -28.96
C ARG H 918 -143.41 -82.63 -28.15
N ASN H 919 -142.76 -83.74 -28.46
CA ASN H 919 -141.67 -84.23 -27.63
C ASN H 919 -140.41 -83.39 -27.83
N TYR H 920 -140.29 -82.76 -29.00
CA TYR H 920 -139.12 -81.92 -29.26
C TYR H 920 -139.00 -80.82 -28.24
N ASN H 921 -140.13 -80.41 -27.65
CA ASN H 921 -140.10 -79.34 -26.66
C ASN H 921 -139.95 -79.90 -25.25
N LEU H 922 -140.08 -81.20 -25.09
CA LEU H 922 -139.73 -81.77 -23.80
C LEU H 922 -138.26 -81.53 -23.51
N GLN H 923 -137.40 -81.72 -24.51
CA GLN H 923 -135.97 -81.51 -24.29
C GLN H 923 -135.63 -80.04 -24.15
N MET H 924 -136.35 -79.11 -24.82
CA MET H 924 -135.91 -77.72 -24.64
C MET H 924 -136.39 -77.22 -23.28
N SER H 925 -137.50 -77.79 -22.79
CA SER H 925 -137.89 -77.50 -21.42
C SER H 925 -136.87 -78.04 -20.43
N GLY H 926 -136.44 -79.28 -20.62
CA GLY H 926 -135.38 -79.83 -19.78
C GLY H 926 -134.11 -79.02 -19.88
N GLU H 927 -133.81 -78.49 -21.07
CA GLU H 927 -132.62 -77.68 -21.25
C GLU H 927 -132.77 -76.32 -20.57
N THR H 928 -133.97 -75.75 -20.60
CA THR H 928 -134.20 -74.52 -19.84
C THR H 928 -133.94 -74.75 -18.36
N LEU H 929 -134.55 -75.78 -17.77
CA LEU H 929 -134.29 -76.04 -16.36
C LEU H 929 -132.82 -76.35 -16.12
N LYS H 930 -132.20 -77.10 -17.03
CA LYS H 930 -130.78 -77.42 -16.91
C LYS H 930 -129.93 -76.17 -16.89
N THR H 931 -130.22 -75.22 -17.79
CA THR H 931 -129.43 -74.00 -17.84
C THR H 931 -129.69 -73.13 -16.64
N LEU H 932 -130.91 -73.19 -16.10
CA LEU H 932 -131.20 -72.44 -14.88
C LEU H 932 -130.37 -72.99 -13.71
N LEU H 933 -130.28 -74.31 -13.59
CA LEU H 933 -129.39 -74.88 -12.58
C LEU H 933 -127.93 -74.60 -12.92
N ALA H 934 -127.59 -74.53 -14.21
CA ALA H 934 -126.20 -74.43 -14.60
C ALA H 934 -125.67 -73.02 -14.41
N LEU H 935 -126.55 -72.03 -14.42
CA LEU H 935 -126.12 -70.67 -14.07
C LEU H 935 -126.29 -70.42 -12.59
N GLY H 936 -126.90 -71.35 -11.87
CA GLY H 936 -127.18 -71.17 -10.47
C GLY H 936 -128.53 -70.59 -10.16
N CYS H 937 -129.29 -70.17 -11.17
CA CYS H 937 -130.60 -69.60 -10.93
C CYS H 937 -131.64 -70.70 -10.77
N HIS H 938 -131.99 -71.00 -9.53
CA HIS H 938 -132.93 -72.05 -9.19
C HIS H 938 -134.33 -71.65 -9.63
N VAL H 939 -135.08 -72.63 -10.14
CA VAL H 939 -136.45 -72.43 -10.59
C VAL H 939 -137.38 -73.23 -9.69
N GLY H 940 -138.39 -72.58 -9.15
CA GLY H 940 -139.33 -73.23 -8.27
C GLY H 940 -140.64 -72.46 -8.21
N MET H 941 -141.59 -73.02 -7.46
CA MET H 941 -142.91 -72.41 -7.37
C MET H 941 -142.83 -71.04 -6.74
N ALA H 942 -143.08 -70.00 -7.54
CA ALA H 942 -143.35 -68.68 -6.97
C ALA H 942 -144.72 -68.67 -6.30
N ASP H 943 -145.73 -69.18 -6.99
CA ASP H 943 -147.04 -69.45 -6.43
C ASP H 943 -147.46 -70.84 -6.84
N GLU H 944 -147.86 -71.66 -5.87
CA GLU H 944 -148.22 -73.04 -6.17
C GLU H 944 -149.58 -73.11 -6.86
N LYS H 945 -150.53 -72.27 -6.43
CA LYS H 945 -151.86 -72.27 -7.03
C LYS H 945 -151.80 -71.86 -8.50
N ALA H 946 -150.81 -71.04 -8.86
CA ALA H 946 -150.65 -70.66 -10.26
C ALA H 946 -150.37 -71.87 -11.15
N GLU H 947 -149.50 -72.77 -10.69
CA GLU H 947 -149.23 -73.99 -11.45
C GLU H 947 -150.37 -74.99 -11.31
N ASP H 948 -151.08 -74.96 -10.18
CA ASP H 948 -152.24 -75.83 -10.01
C ASP H 948 -153.33 -75.50 -11.03
N ASN H 949 -153.69 -74.23 -11.14
CA ASN H 949 -154.68 -73.77 -12.09
C ASN H 949 -154.24 -72.43 -12.67
N LEU H 950 -154.43 -72.26 -13.98
CA LEU H 950 -154.04 -71.04 -14.69
C LEU H 950 -155.28 -70.37 -15.26
N LYS H 951 -155.39 -69.06 -15.05
CA LYS H 951 -156.46 -68.30 -15.69
C LYS H 951 -156.25 -68.30 -17.19
N LYS H 952 -157.33 -68.50 -17.95
CA LYS H 952 -157.26 -68.77 -19.37
C LYS H 952 -158.10 -67.74 -20.12
N THR H 953 -157.47 -67.04 -21.06
CA THR H 953 -158.21 -66.17 -21.96
C THR H 953 -158.89 -67.02 -23.03
N LYS H 954 -160.01 -66.52 -23.54
CA LYS H 954 -160.82 -67.23 -24.52
C LYS H 954 -160.53 -66.70 -25.91
N LEU H 955 -160.00 -67.56 -26.78
CA LEU H 955 -159.79 -67.17 -28.16
C LEU H 955 -161.12 -67.12 -28.90
N PRO H 956 -161.40 -66.02 -29.61
CA PRO H 956 -162.62 -65.98 -30.42
C PRO H 956 -162.58 -67.05 -31.50
N LYS H 957 -163.75 -67.63 -31.78
CA LYS H 957 -163.83 -68.59 -32.88
C LYS H 957 -163.70 -67.89 -34.22
N THR H 958 -163.73 -66.56 -34.23
CA THR H 958 -163.55 -65.79 -35.46
C THR H 958 -162.22 -66.12 -36.13
N TYR H 959 -161.22 -66.48 -35.33
CA TYR H 959 -159.94 -66.92 -35.87
C TYR H 959 -160.18 -68.01 -36.91
N MET H 960 -159.58 -67.84 -38.09
CA MET H 960 -159.91 -68.65 -39.25
C MET H 960 -158.83 -69.70 -39.52
N MET H 961 -159.25 -70.96 -39.49
CA MET H 961 -158.48 -72.10 -39.94
C MET H 961 -159.43 -73.25 -40.27
N SER H 962 -158.94 -74.18 -41.10
CA SER H 962 -159.85 -75.16 -41.69
C SER H 962 -160.43 -76.09 -40.63
N ASN H 963 -159.65 -76.44 -39.62
CA ASN H 963 -160.15 -77.37 -38.61
C ASN H 963 -161.16 -76.69 -37.68
N GLY H 964 -160.92 -75.43 -37.33
CA GLY H 964 -161.87 -74.67 -36.56
C GLY H 964 -161.57 -74.51 -35.08
N TYR H 965 -160.45 -75.04 -34.58
CA TYR H 965 -160.19 -75.05 -33.15
C TYR H 965 -158.76 -74.60 -32.84
N LYS H 966 -158.63 -73.76 -31.81
CA LYS H 966 -157.36 -73.43 -31.16
C LYS H 966 -157.57 -73.58 -29.66
N PRO H 967 -156.63 -74.19 -28.93
CA PRO H 967 -156.73 -74.22 -27.47
C PRO H 967 -156.43 -72.85 -26.87
N ALA H 968 -157.05 -72.58 -25.73
CA ALA H 968 -156.96 -71.27 -25.11
C ALA H 968 -155.55 -71.02 -24.54
N PRO H 969 -155.07 -69.78 -24.57
CA PRO H 969 -153.79 -69.46 -23.92
C PRO H 969 -154.01 -68.96 -22.50
N LEU H 970 -152.90 -68.75 -21.81
CA LEU H 970 -152.95 -68.28 -20.43
C LEU H 970 -153.41 -66.82 -20.37
N ASP H 971 -153.71 -66.35 -19.17
CA ASP H 971 -153.88 -64.93 -18.95
C ASP H 971 -152.52 -64.25 -18.94
N LEU H 972 -152.34 -63.29 -19.85
CA LEU H 972 -151.01 -62.69 -20.03
C LEU H 972 -150.79 -61.50 -19.10
N SER H 973 -151.87 -60.82 -18.72
CA SER H 973 -151.75 -59.53 -18.07
C SER H 973 -151.13 -59.64 -16.68
N HIS H 974 -151.49 -60.68 -15.93
CA HIS H 974 -151.19 -60.70 -14.49
C HIS H 974 -149.69 -60.86 -14.23
N VAL H 975 -148.91 -61.19 -15.26
CA VAL H 975 -147.47 -61.35 -15.08
C VAL H 975 -146.73 -60.14 -15.65
N ARG H 976 -145.70 -59.69 -14.93
CA ARG H 976 -144.81 -58.64 -15.40
C ARG H 976 -143.42 -59.21 -15.55
N LEU H 977 -142.52 -58.41 -16.13
CA LEU H 977 -141.18 -58.85 -16.50
C LEU H 977 -140.13 -58.01 -15.80
N THR H 978 -138.95 -58.60 -15.58
CA THR H 978 -137.84 -57.87 -15.00
C THR H 978 -136.64 -57.91 -15.94
N PRO H 979 -135.86 -56.83 -15.99
CA PRO H 979 -134.76 -56.76 -16.97
C PRO H 979 -133.73 -57.86 -16.81
N ALA H 980 -133.40 -58.24 -15.58
CA ALA H 980 -132.47 -59.36 -15.40
C ALA H 980 -133.04 -60.63 -15.99
N GLN H 981 -134.33 -60.88 -15.77
CA GLN H 981 -134.98 -62.03 -16.37
C GLN H 981 -134.93 -61.95 -17.89
N THR H 982 -135.09 -60.74 -18.43
CA THR H 982 -134.98 -60.58 -19.88
C THR H 982 -133.58 -60.98 -20.37
N THR H 983 -132.54 -60.59 -19.63
CA THR H 983 -131.19 -61.00 -20.00
C THR H 983 -131.06 -62.52 -19.98
N LEU H 984 -131.58 -63.16 -18.93
CA LEU H 984 -131.49 -64.62 -18.86
C LEU H 984 -132.21 -65.26 -20.03
N VAL H 985 -133.37 -64.73 -20.42
CA VAL H 985 -134.13 -65.38 -21.48
C VAL H 985 -133.52 -65.06 -22.84
N ASP H 986 -132.81 -63.95 -22.96
CA ASP H 986 -132.01 -63.74 -24.17
C ASP H 986 -130.89 -64.76 -24.26
N ARG H 987 -130.27 -65.10 -23.13
CA ARG H 987 -129.32 -66.21 -23.14
C ARG H 987 -130.01 -67.50 -23.54
N LEU H 988 -131.25 -67.69 -23.08
CA LEU H 988 -132.00 -68.88 -23.44
C LEU H 988 -132.24 -68.93 -24.94
N ALA H 989 -132.56 -67.79 -25.55
CA ALA H 989 -132.72 -67.72 -27.00
C ALA H 989 -131.41 -68.04 -27.71
N GLU H 990 -130.31 -67.50 -27.18
CA GLU H 990 -128.98 -67.87 -27.68
C GLU H 990 -128.81 -69.38 -27.69
N ASN H 991 -129.12 -70.02 -26.57
CA ASN H 991 -128.97 -71.47 -26.47
C ASN H 991 -129.87 -72.20 -27.44
N GLY H 992 -131.12 -71.72 -27.59
CA GLY H 992 -132.03 -72.38 -28.50
C GLY H 992 -131.56 -72.33 -29.94
N HIS H 993 -131.07 -71.16 -30.37
CA HIS H 993 -130.50 -71.07 -31.70
C HIS H 993 -129.29 -71.98 -31.82
N ASN H 994 -128.48 -72.07 -30.77
CA ASN H 994 -127.31 -72.96 -30.81
C ASN H 994 -127.74 -74.41 -30.94
N VAL H 995 -128.80 -74.80 -30.25
CA VAL H 995 -129.31 -76.17 -30.35
C VAL H 995 -129.78 -76.46 -31.77
N TRP H 996 -130.55 -75.53 -32.34
CA TRP H 996 -131.00 -75.71 -33.71
C TRP H 996 -129.79 -75.80 -34.65
N ALA H 997 -128.75 -75.01 -34.37
CA ALA H 997 -127.56 -75.02 -35.20
C ALA H 997 -126.86 -76.37 -35.17
N ARG H 998 -126.65 -76.92 -33.96
CA ARG H 998 -125.95 -78.20 -33.91
C ARG H 998 -126.81 -79.29 -34.54
N ASP H 999 -128.13 -79.23 -34.33
CA ASP H 999 -129.01 -80.20 -34.95
C ASP H 999 -128.90 -80.15 -36.46
N ARG H 1000 -128.89 -78.96 -37.04
CA ARG H 1000 -128.87 -78.84 -38.48
C ARG H 1000 -127.47 -79.19 -39.03
N VAL H 1001 -126.44 -78.97 -38.23
CA VAL H 1001 -125.10 -79.43 -38.60
C VAL H 1001 -125.08 -80.95 -38.67
N ALA H 1002 -125.65 -81.60 -37.66
CA ALA H 1002 -125.79 -83.05 -37.71
C ALA H 1002 -126.62 -83.47 -38.92
N GLN H 1003 -127.58 -82.62 -39.32
CA GLN H 1003 -128.30 -82.86 -40.56
C GLN H 1003 -127.36 -82.77 -41.76
N GLY H 1004 -126.18 -82.17 -41.56
CA GLY H 1004 -125.29 -81.90 -42.66
C GLY H 1004 -125.58 -80.61 -43.39
N TRP H 1005 -126.61 -79.88 -42.96
CA TRP H 1005 -126.99 -78.64 -43.63
C TRP H 1005 -125.89 -77.60 -43.47
N SER H 1006 -125.80 -76.69 -44.43
CA SER H 1006 -124.80 -75.64 -44.39
C SER H 1006 -125.46 -74.28 -44.58
N TYR H 1007 -124.66 -73.23 -44.37
CA TYR H 1007 -125.15 -71.87 -44.55
C TYR H 1007 -125.12 -71.47 -46.01
N SER H 1008 -125.95 -70.49 -46.37
CA SER H 1008 -125.92 -69.90 -47.69
C SER H 1008 -126.63 -68.55 -47.64
N ALA H 1009 -126.53 -67.80 -48.74
CA ALA H 1009 -127.28 -66.57 -48.85
C ALA H 1009 -128.75 -66.85 -49.12
N VAL H 1010 -129.05 -67.98 -49.76
CA VAL H 1010 -130.40 -68.38 -50.11
C VAL H 1010 -130.68 -69.74 -49.47
N GLN H 1011 -131.95 -70.07 -49.32
CA GLN H 1011 -132.36 -71.32 -48.69
C GLN H 1011 -132.85 -72.27 -49.76
N ASP H 1012 -132.32 -73.49 -49.77
CA ASP H 1012 -132.78 -74.54 -50.67
C ASP H 1012 -132.81 -75.86 -49.92
N ILE H 1013 -133.98 -76.52 -49.93
CA ILE H 1013 -134.11 -77.80 -49.24
C ILE H 1013 -133.17 -78.85 -49.83
N PRO H 1014 -133.15 -79.08 -51.16
CA PRO H 1014 -132.23 -80.11 -51.68
C PRO H 1014 -130.76 -79.79 -51.45
N ALA H 1015 -130.35 -78.54 -51.69
CA ALA H 1015 -128.95 -78.18 -51.48
C ALA H 1015 -128.58 -78.23 -50.01
N ARG H 1016 -129.59 -78.26 -49.13
CA ARG H 1016 -129.38 -78.25 -47.69
C ARG H 1016 -128.54 -77.04 -47.27
N ARG H 1017 -128.81 -75.91 -47.91
CA ARG H 1017 -128.12 -74.66 -47.64
C ARG H 1017 -129.15 -73.64 -47.20
N ASN H 1018 -128.86 -72.93 -46.11
CA ASN H 1018 -129.87 -72.08 -45.51
C ASN H 1018 -129.26 -70.87 -44.81
N PRO H 1019 -129.81 -69.68 -45.04
CA PRO H 1019 -129.33 -68.49 -44.33
C PRO H 1019 -129.50 -68.58 -42.82
N ARG H 1020 -130.60 -69.17 -42.36
CA ARG H 1020 -130.87 -69.18 -40.93
C ARG H 1020 -129.80 -69.96 -40.17
N LEU H 1021 -129.18 -70.94 -40.82
CA LEU H 1021 -128.18 -71.78 -40.15
C LEU H 1021 -126.94 -70.92 -39.99
N VAL H 1022 -126.83 -70.31 -38.82
CA VAL H 1022 -125.71 -69.45 -38.46
C VAL H 1022 -125.77 -69.20 -36.96
N PRO H 1023 -124.62 -69.03 -36.32
CA PRO H 1023 -124.64 -68.73 -34.88
C PRO H 1023 -125.42 -67.47 -34.58
N TYR H 1024 -126.11 -67.49 -33.44
CA TYR H 1024 -127.05 -66.43 -33.10
C TYR H 1024 -126.37 -65.07 -33.01
N ARG H 1025 -125.20 -65.02 -32.36
CA ARG H 1025 -124.49 -63.75 -32.29
C ARG H 1025 -124.13 -63.24 -33.68
N LEU H 1026 -123.66 -64.14 -34.55
CA LEU H 1026 -123.26 -63.74 -35.90
C LEU H 1026 -124.48 -63.33 -36.72
N LEU H 1027 -125.67 -63.79 -36.33
CA LEU H 1027 -126.86 -63.54 -37.12
C LEU H 1027 -127.18 -62.05 -37.18
N ASP H 1028 -127.72 -61.63 -38.32
CA ASP H 1028 -128.05 -60.22 -38.52
C ASP H 1028 -129.05 -59.75 -37.47
N GLU H 1029 -129.16 -58.43 -37.35
CA GLU H 1029 -130.06 -57.87 -36.34
C GLU H 1029 -131.52 -58.09 -36.70
N ALA H 1030 -131.86 -58.06 -37.98
CA ALA H 1030 -133.26 -58.24 -38.37
C ALA H 1030 -133.73 -59.67 -38.08
N THR H 1031 -132.98 -60.67 -38.54
CA THR H 1031 -133.36 -62.05 -38.26
C THR H 1031 -133.20 -62.36 -36.78
N LYS H 1032 -132.22 -61.74 -36.14
CA LYS H 1032 -132.07 -61.88 -34.69
C LYS H 1032 -133.31 -61.35 -33.98
N ARG H 1033 -133.84 -60.23 -34.44
CA ARG H 1033 -135.05 -59.68 -33.86
C ARG H 1033 -136.24 -60.57 -34.14
N SER H 1034 -136.29 -61.19 -35.31
CA SER H 1034 -137.39 -62.10 -35.61
C SER H 1034 -137.36 -63.32 -34.69
N ASN H 1035 -136.22 -64.00 -34.63
CA ASN H 1035 -136.11 -65.18 -33.77
C ASN H 1035 -136.25 -64.80 -32.30
N ARG H 1036 -135.80 -63.60 -31.93
CA ARG H 1036 -135.89 -63.18 -30.54
C ARG H 1036 -137.32 -62.78 -30.20
N ASP H 1037 -138.06 -62.24 -31.15
CA ASP H 1037 -139.47 -62.00 -30.93
C ASP H 1037 -140.21 -63.31 -30.71
N SER H 1038 -139.92 -64.31 -31.54
CA SER H 1038 -140.56 -65.61 -31.36
C SER H 1038 -140.18 -66.25 -30.03
N LEU H 1039 -138.89 -66.24 -29.70
CA LEU H 1039 -138.44 -66.93 -28.50
C LEU H 1039 -138.81 -66.15 -27.24
N CYS H 1040 -138.92 -64.83 -27.35
CA CYS H 1040 -139.38 -64.04 -26.21
C CYS H 1040 -140.89 -64.05 -26.10
N GLN H 1041 -141.59 -64.46 -27.16
CA GLN H 1041 -142.99 -64.82 -27.00
C GLN H 1041 -143.12 -66.13 -26.24
N ALA H 1042 -142.26 -67.10 -26.57
CA ALA H 1042 -142.15 -68.29 -25.73
C ALA H 1042 -141.82 -67.91 -24.29
N VAL H 1043 -140.96 -66.91 -24.12
CA VAL H 1043 -140.61 -66.43 -22.78
C VAL H 1043 -141.80 -65.75 -22.12
N ARG H 1044 -142.61 -65.04 -22.91
CA ARG H 1044 -143.82 -64.43 -22.38
C ARG H 1044 -144.73 -65.50 -21.81
N THR H 1045 -144.87 -66.61 -22.54
CA THR H 1045 -145.62 -67.75 -22.03
C THR H 1045 -144.96 -68.32 -20.77
N LEU H 1046 -143.63 -68.41 -20.78
CA LEU H 1046 -142.91 -68.96 -19.63
C LEU H 1046 -143.13 -68.12 -18.38
N LEU H 1047 -143.12 -66.81 -18.53
CA LEU H 1047 -143.40 -65.92 -17.40
C LEU H 1047 -144.86 -66.02 -16.99
N GLY H 1048 -145.76 -66.22 -17.97
CA GLY H 1048 -147.15 -66.46 -17.64
C GLY H 1048 -147.33 -67.73 -16.82
N TYR H 1049 -146.40 -68.68 -16.96
CA TYR H 1049 -146.39 -69.83 -16.06
C TYR H 1049 -146.18 -69.39 -14.62
N GLY H 1050 -145.12 -68.63 -14.36
CA GLY H 1050 -144.95 -67.98 -13.08
C GLY H 1050 -144.19 -68.75 -12.02
N TYR H 1051 -143.13 -69.47 -12.39
CA TYR H 1051 -142.20 -69.96 -11.39
C TYR H 1051 -141.37 -68.84 -10.81
N ASN H 1052 -140.75 -69.08 -9.66
CA ASN H 1052 -139.77 -68.16 -9.13
C ASN H 1052 -138.45 -68.32 -9.87
N ILE H 1053 -137.71 -67.21 -10.00
CA ILE H 1053 -136.40 -67.22 -10.61
C ILE H 1053 -135.44 -66.52 -9.68
N GLU H 1054 -134.79 -67.29 -8.81
CA GLU H 1054 -133.72 -66.78 -7.99
C GLU H 1054 -132.57 -66.36 -8.92
N PRO H 1055 -132.24 -65.08 -9.00
CA PRO H 1055 -131.29 -64.62 -10.02
C PRO H 1055 -129.94 -65.30 -9.85
N PRO H 1056 -129.29 -65.69 -10.95
CA PRO H 1056 -128.02 -66.39 -10.83
C PRO H 1056 -126.91 -65.48 -10.35
N ASP H 1057 -126.00 -66.04 -9.57
CA ASP H 1057 -124.83 -65.29 -9.14
C ASP H 1057 -123.97 -64.95 -10.35
N GLN H 1058 -123.82 -63.66 -10.62
CA GLN H 1058 -123.21 -63.19 -11.85
C GLN H 1058 -121.79 -63.71 -12.00
N GLU H 1059 -121.49 -64.25 -13.18
CA GLU H 1059 -120.18 -64.80 -13.49
C GLU H 1059 -119.48 -63.93 -14.53
N PRO H 1060 -118.39 -63.26 -14.17
CA PRO H 1060 -117.69 -62.44 -15.16
C PRO H 1060 -116.83 -63.31 -16.08
N SER H 1061 -116.37 -62.70 -17.17
CA SER H 1061 -115.54 -63.39 -18.15
C SER H 1061 -114.74 -62.37 -18.95
N GLN H 1062 -113.73 -62.85 -19.66
CA GLN H 1062 -112.88 -62.03 -20.50
C GLN H 1062 -112.90 -62.59 -21.92
N VAL H 1063 -112.88 -61.70 -22.91
CA VAL H 1063 -113.08 -62.12 -24.30
C VAL H 1063 -111.73 -62.33 -25.00
N GLU H 1064 -110.86 -61.32 -24.94
CA GLU H 1064 -109.61 -61.32 -25.70
C GLU H 1064 -109.89 -61.55 -27.19
N ASN H 1065 -110.63 -60.63 -27.80
CA ASN H 1065 -110.93 -60.75 -29.22
C ASN H 1065 -109.68 -60.49 -30.06
N GLN H 1066 -108.85 -59.55 -29.63
CA GLN H 1066 -107.61 -59.22 -30.33
C GLN H 1066 -106.44 -59.45 -29.40
N SER H 1067 -105.29 -59.76 -29.99
CA SER H 1067 -104.09 -59.95 -29.19
C SER H 1067 -103.70 -58.64 -28.52
N ARG H 1068 -103.02 -58.76 -27.39
CA ARG H 1068 -102.70 -57.60 -26.56
C ARG H 1068 -102.00 -56.52 -27.38
N TRP H 1069 -101.15 -56.93 -28.32
CA TRP H 1069 -100.44 -55.96 -29.15
C TRP H 1069 -101.36 -55.35 -30.20
N ASP H 1070 -102.25 -56.18 -30.79
CA ASP H 1070 -103.18 -55.67 -31.77
C ASP H 1070 -104.34 -54.94 -31.10
N ARG H 1071 -104.37 -54.93 -29.77
CA ARG H 1071 -105.44 -54.25 -29.06
C ARG H 1071 -105.48 -52.77 -29.41
N VAL H 1072 -104.35 -52.08 -29.30
CA VAL H 1072 -104.28 -50.63 -29.46
C VAL H 1072 -103.15 -50.30 -30.42
N ARG H 1073 -103.42 -49.38 -31.34
CA ARG H 1073 -102.39 -48.81 -32.20
C ARG H 1073 -102.16 -47.37 -31.79
N ILE H 1074 -100.91 -47.02 -31.53
CA ILE H 1074 -100.54 -45.70 -31.03
C ILE H 1074 -99.86 -44.93 -32.16
N PHE H 1075 -100.26 -43.68 -32.33
CA PHE H 1075 -99.76 -42.83 -33.40
C PHE H 1075 -99.07 -41.62 -32.81
N ARG H 1076 -97.86 -41.34 -33.28
CA ARG H 1076 -97.01 -40.30 -32.71
C ARG H 1076 -96.26 -39.60 -33.82
N ALA H 1077 -95.82 -38.37 -33.52
CA ALA H 1077 -95.05 -37.60 -34.48
C ALA H 1077 -93.58 -38.01 -34.46
N GLU H 1078 -92.87 -37.64 -35.52
CA GLU H 1078 -91.45 -37.97 -35.62
C GLU H 1078 -90.66 -37.20 -34.57
N LYS H 1079 -89.55 -37.81 -34.13
CA LYS H 1079 -88.74 -37.24 -33.06
C LYS H 1079 -88.23 -35.86 -33.42
N SER H 1080 -87.95 -35.63 -34.71
CA SER H 1080 -87.38 -34.35 -35.13
C SER H 1080 -88.32 -33.20 -34.83
N TYR H 1081 -89.62 -33.43 -34.92
CA TYR H 1081 -90.59 -32.36 -34.71
C TYR H 1081 -90.83 -32.08 -33.23
N THR H 1082 -90.07 -32.72 -32.34
CA THR H 1082 -90.25 -32.51 -30.92
C THR H 1082 -89.98 -31.05 -30.55
N VAL H 1083 -90.82 -30.51 -29.67
CA VAL H 1083 -90.67 -29.16 -29.15
C VAL H 1083 -90.17 -29.26 -27.72
N GLN H 1084 -89.21 -28.40 -27.37
CA GLN H 1084 -88.64 -28.39 -26.03
C GLN H 1084 -89.01 -27.13 -25.26
N SER H 1085 -89.79 -26.24 -25.84
CA SER H 1085 -90.21 -25.02 -25.18
C SER H 1085 -91.44 -24.47 -25.88
N GLY H 1086 -91.87 -23.29 -25.46
CA GLY H 1086 -93.02 -22.64 -26.05
C GLY H 1086 -94.33 -23.23 -25.58
N ARG H 1087 -95.41 -22.78 -26.21
CA ARG H 1087 -96.76 -23.22 -25.89
C ARG H 1087 -97.45 -23.66 -27.17
N TRP H 1088 -98.16 -24.79 -27.11
CA TRP H 1088 -98.71 -25.39 -28.31
C TRP H 1088 -100.07 -26.00 -28.04
N TYR H 1089 -100.86 -26.12 -29.10
CA TYR H 1089 -102.20 -26.67 -29.05
C TYR H 1089 -102.42 -27.57 -30.26
N PHE H 1090 -102.95 -28.76 -30.02
CA PHE H 1090 -103.48 -29.60 -31.09
C PHE H 1090 -104.83 -30.15 -30.67
N GLU H 1091 -105.76 -30.19 -31.61
CA GLU H 1091 -107.14 -30.57 -31.36
C GLU H 1091 -107.41 -31.93 -31.98
N PHE H 1092 -108.08 -32.80 -31.23
CA PHE H 1092 -108.41 -34.15 -31.68
C PHE H 1092 -109.91 -34.28 -31.84
N GLU H 1093 -110.33 -34.83 -32.98
CA GLU H 1093 -111.73 -35.13 -33.25
C GLU H 1093 -111.94 -36.62 -33.08
N ALA H 1094 -112.89 -36.98 -32.22
CA ALA H 1094 -113.21 -38.37 -31.95
C ALA H 1094 -114.37 -38.80 -32.84
N VAL H 1095 -114.06 -39.45 -33.96
CA VAL H 1095 -115.10 -39.94 -34.84
C VAL H 1095 -115.90 -41.04 -34.15
N THR H 1096 -115.24 -41.84 -33.33
CA THR H 1096 -115.89 -42.92 -32.59
C THR H 1096 -115.93 -42.59 -31.11
N THR H 1097 -116.99 -43.01 -30.45
CA THR H 1097 -117.13 -42.76 -29.01
C THR H 1097 -116.36 -43.78 -28.18
N GLY H 1098 -115.69 -44.73 -28.82
CA GLY H 1098 -114.91 -45.71 -28.08
C GLY H 1098 -113.77 -45.07 -27.32
N GLU H 1099 -112.91 -45.93 -26.75
CA GLU H 1099 -111.82 -45.41 -25.95
C GLU H 1099 -110.60 -45.12 -26.80
N MET H 1100 -110.13 -43.87 -26.70
CA MET H 1100 -108.81 -43.50 -27.19
C MET H 1100 -108.14 -42.64 -26.12
N ARG H 1101 -106.81 -42.64 -26.11
CA ARG H 1101 -106.03 -41.79 -25.24
C ARG H 1101 -105.21 -40.83 -26.08
N VAL H 1102 -105.23 -39.55 -25.70
CA VAL H 1102 -104.52 -38.50 -26.42
C VAL H 1102 -103.80 -37.64 -25.40
N GLY H 1103 -102.61 -37.16 -25.78
CA GLY H 1103 -101.85 -36.29 -24.90
C GLY H 1103 -100.44 -36.13 -25.38
N TRP H 1104 -99.73 -35.19 -24.75
CA TRP H 1104 -98.34 -34.97 -25.05
C TRP H 1104 -97.49 -36.07 -24.41
N ALA H 1105 -96.38 -36.42 -25.06
CA ALA H 1105 -95.53 -37.50 -24.58
C ALA H 1105 -94.08 -37.25 -24.98
N ARG H 1106 -93.17 -37.96 -24.33
CA ARG H 1106 -91.76 -37.84 -24.66
C ARG H 1106 -91.47 -38.55 -25.98
N PRO H 1107 -90.39 -38.18 -26.67
CA PRO H 1107 -90.18 -38.73 -28.02
C PRO H 1107 -89.89 -40.22 -28.04
N GLU H 1108 -88.97 -40.68 -27.20
CA GLU H 1108 -88.47 -42.04 -27.26
C GLU H 1108 -89.38 -43.06 -26.58
N LEU H 1109 -90.66 -42.75 -26.42
CA LEU H 1109 -91.59 -43.67 -25.76
C LEU H 1109 -91.62 -45.02 -26.48
N ARG H 1110 -91.62 -46.10 -25.70
CA ARG H 1110 -91.65 -47.43 -26.27
C ARG H 1110 -93.05 -47.78 -26.73
N PRO H 1111 -93.20 -48.22 -27.97
CA PRO H 1111 -94.54 -48.59 -28.46
C PRO H 1111 -95.16 -49.75 -27.70
N ASP H 1112 -94.33 -50.65 -27.15
CA ASP H 1112 -94.86 -51.85 -26.51
C ASP H 1112 -95.61 -51.51 -25.23
N VAL H 1113 -95.03 -50.67 -24.38
CA VAL H 1113 -95.65 -50.37 -23.10
C VAL H 1113 -96.92 -49.57 -23.31
N GLU H 1114 -97.93 -49.86 -22.49
CA GLU H 1114 -99.20 -49.14 -22.59
C GLU H 1114 -99.04 -47.69 -22.16
N LEU H 1115 -99.72 -46.80 -22.87
CA LEU H 1115 -99.67 -45.37 -22.54
C LEU H 1115 -100.26 -45.10 -21.17
N GLY H 1116 -99.70 -44.13 -20.47
CA GLY H 1116 -100.25 -43.67 -19.21
C GLY H 1116 -100.01 -44.59 -18.03
N ALA H 1117 -99.78 -45.88 -18.26
CA ALA H 1117 -99.45 -46.77 -17.16
C ALA H 1117 -98.15 -46.36 -16.50
N ASP H 1118 -97.17 -45.95 -17.29
CA ASP H 1118 -95.91 -45.46 -16.77
C ASP H 1118 -95.94 -43.94 -16.62
N GLU H 1119 -94.92 -43.41 -15.96
CA GLU H 1119 -94.75 -41.96 -15.89
C GLU H 1119 -94.29 -41.40 -17.22
N LEU H 1120 -94.20 -42.25 -18.24
CA LEU H 1120 -93.50 -41.90 -19.46
C LEU H 1120 -94.38 -41.11 -20.42
N ALA H 1121 -95.64 -41.50 -20.55
CA ALA H 1121 -96.58 -40.84 -21.46
C ALA H 1121 -97.70 -40.20 -20.65
N TYR H 1122 -98.14 -39.02 -21.10
CA TYR H 1122 -99.23 -38.29 -20.47
C TYR H 1122 -100.41 -38.24 -21.43
N VAL H 1123 -101.51 -38.91 -21.07
CA VAL H 1123 -102.70 -38.99 -21.91
C VAL H 1123 -103.93 -38.98 -21.01
N PHE H 1124 -105.08 -38.69 -21.62
CA PHE H 1124 -106.36 -38.78 -20.96
C PHE H 1124 -107.36 -39.40 -21.91
N ASN H 1125 -108.19 -40.31 -21.40
CA ASN H 1125 -109.22 -40.95 -22.20
C ASN H 1125 -110.58 -40.48 -21.72
N GLY H 1126 -111.39 -39.97 -22.65
CA GLY H 1126 -112.74 -39.59 -22.31
C GLY H 1126 -113.59 -40.78 -21.91
N HIS H 1127 -113.41 -41.92 -22.62
CA HIS H 1127 -114.36 -43.03 -22.46
C HIS H 1127 -114.44 -43.49 -21.01
N ARG H 1128 -113.30 -43.68 -20.35
CA ARG H 1128 -113.35 -43.96 -18.92
C ARG H 1128 -113.52 -42.68 -18.12
N GLY H 1129 -113.34 -41.53 -18.76
CA GLY H 1129 -113.34 -40.28 -18.02
C GLY H 1129 -112.23 -40.17 -17.01
N GLN H 1130 -111.02 -40.57 -17.39
CA GLN H 1130 -109.90 -40.65 -16.46
C GLN H 1130 -108.60 -40.36 -17.19
N ARG H 1131 -107.73 -39.60 -16.54
CA ARG H 1131 -106.43 -39.22 -17.10
C ARG H 1131 -105.38 -40.22 -16.64
N TRP H 1132 -104.42 -40.49 -17.51
CA TRP H 1132 -103.41 -41.51 -17.25
C TRP H 1132 -102.02 -40.88 -17.27
N HIS H 1133 -101.27 -41.11 -16.20
CA HIS H 1133 -99.84 -40.86 -16.15
C HIS H 1133 -99.29 -41.50 -14.89
N LEU H 1134 -98.23 -42.29 -15.04
CA LEU H 1134 -97.74 -43.14 -13.96
C LEU H 1134 -98.91 -43.94 -13.38
N GLY H 1135 -99.68 -44.56 -14.27
CA GLY H 1135 -100.93 -45.15 -13.91
C GLY H 1135 -102.11 -44.28 -14.32
N SER H 1136 -103.30 -44.77 -14.00
CA SER H 1136 -104.55 -44.13 -14.40
C SER H 1136 -105.27 -43.61 -13.18
N GLU H 1137 -105.65 -42.33 -13.22
CA GLU H 1137 -106.40 -41.71 -12.14
C GLU H 1137 -107.47 -40.78 -12.70
N PRO H 1138 -108.64 -40.71 -12.07
CA PRO H 1138 -109.81 -40.11 -12.74
C PRO H 1138 -109.61 -38.63 -13.01
N PHE H 1139 -110.26 -38.15 -14.08
CA PHE H 1139 -110.25 -36.74 -14.43
C PHE H 1139 -111.23 -36.51 -15.57
N GLY H 1140 -111.94 -35.38 -15.50
CA GLY H 1140 -112.79 -34.96 -16.60
C GLY H 1140 -114.10 -35.72 -16.69
N ARG H 1141 -114.74 -35.57 -17.86
CA ARG H 1141 -116.05 -36.12 -18.15
C ARG H 1141 -116.01 -36.90 -19.45
N PRO H 1142 -116.75 -38.01 -19.53
CA PRO H 1142 -116.72 -38.83 -20.74
C PRO H 1142 -117.24 -38.09 -21.96
N TRP H 1143 -116.52 -38.23 -23.07
CA TRP H 1143 -116.88 -37.55 -24.30
C TRP H 1143 -118.02 -38.27 -25.01
N GLN H 1144 -118.52 -37.62 -26.06
CA GLN H 1144 -119.57 -38.17 -26.91
C GLN H 1144 -119.05 -38.26 -28.34
N SER H 1145 -119.84 -38.92 -29.20
CA SER H 1145 -119.47 -39.02 -30.60
C SER H 1145 -119.45 -37.65 -31.25
N GLY H 1146 -118.41 -37.40 -32.05
CA GLY H 1146 -118.24 -36.11 -32.68
C GLY H 1146 -117.59 -35.06 -31.80
N ASP H 1147 -117.22 -35.40 -30.58
CA ASP H 1147 -116.60 -34.43 -29.69
C ASP H 1147 -115.19 -34.09 -30.17
N VAL H 1148 -114.82 -32.83 -30.03
CA VAL H 1148 -113.49 -32.36 -30.39
C VAL H 1148 -112.76 -31.97 -29.11
N VAL H 1149 -111.63 -32.62 -28.86
CA VAL H 1149 -110.85 -32.42 -27.65
C VAL H 1149 -109.53 -31.78 -28.04
N GLY H 1150 -109.08 -30.81 -27.25
CA GLY H 1150 -107.83 -30.10 -27.50
C GLY H 1150 -106.84 -30.34 -26.38
N CYS H 1151 -105.56 -30.30 -26.73
CA CYS H 1151 -104.46 -30.51 -25.80
C CYS H 1151 -103.59 -29.27 -25.76
N MET H 1152 -102.98 -29.02 -24.60
CA MET H 1152 -102.57 -27.68 -24.20
C MET H 1152 -101.31 -27.80 -23.36
N ILE H 1153 -100.16 -27.45 -23.93
CA ILE H 1153 -98.87 -27.69 -23.30
C ILE H 1153 -98.07 -26.39 -23.27
N ASP H 1154 -97.50 -26.10 -22.11
CA ASP H 1154 -96.58 -24.98 -21.93
C ASP H 1154 -95.45 -25.42 -21.04
N LEU H 1155 -94.25 -25.51 -21.63
CA LEU H 1155 -93.08 -25.94 -20.86
C LEU H 1155 -92.67 -24.88 -19.85
N THR H 1156 -92.86 -23.61 -20.18
CA THR H 1156 -92.60 -22.57 -19.20
C THR H 1156 -93.52 -22.70 -18.00
N GLU H 1157 -94.82 -22.92 -18.26
CA GLU H 1157 -95.76 -23.10 -17.17
C GLU H 1157 -95.55 -24.44 -16.49
N ASN H 1158 -95.13 -25.46 -17.25
CA ASN H 1158 -94.81 -26.79 -16.76
C ASN H 1158 -96.06 -27.56 -16.33
N THR H 1159 -97.19 -27.30 -16.98
CA THR H 1159 -98.42 -28.04 -16.75
C THR H 1159 -99.04 -28.44 -18.08
N ILE H 1160 -99.91 -29.44 -18.03
CA ILE H 1160 -100.61 -29.95 -19.20
C ILE H 1160 -102.09 -29.70 -19.01
N ILE H 1161 -102.73 -29.08 -19.99
CA ILE H 1161 -104.13 -28.67 -19.90
C ILE H 1161 -104.91 -29.40 -20.97
N PHE H 1162 -106.16 -29.75 -20.67
CA PHE H 1162 -107.02 -30.46 -21.59
C PHE H 1162 -108.34 -29.71 -21.72
N THR H 1163 -108.86 -29.62 -22.95
CA THR H 1163 -110.10 -28.90 -23.22
C THR H 1163 -110.97 -29.69 -24.18
N LEU H 1164 -112.28 -29.52 -24.06
CA LEU H 1164 -113.25 -30.23 -24.89
C LEU H 1164 -114.27 -29.25 -25.45
N ASN H 1165 -114.49 -29.32 -26.76
CA ASN H 1165 -115.52 -28.53 -27.44
C ASN H 1165 -115.37 -27.04 -27.14
N GLY H 1166 -114.13 -26.59 -27.00
CA GLY H 1166 -113.88 -25.22 -26.62
C GLY H 1166 -113.97 -24.95 -25.13
N GLU H 1167 -114.32 -25.96 -24.33
CA GLU H 1167 -114.47 -25.80 -22.89
C GLU H 1167 -113.38 -26.61 -22.20
N VAL H 1168 -112.66 -25.97 -21.28
CA VAL H 1168 -111.57 -26.63 -20.59
C VAL H 1168 -112.11 -27.72 -19.68
N LEU H 1169 -111.53 -28.91 -19.78
CA LEU H 1169 -111.86 -29.96 -18.84
C LEU H 1169 -111.47 -29.56 -17.43
N MET H 1170 -112.31 -29.93 -16.46
CA MET H 1170 -112.21 -29.41 -15.12
C MET H 1170 -111.97 -30.61 -14.22
N SER H 1171 -110.92 -30.56 -13.41
CA SER H 1171 -110.50 -31.74 -12.66
C SER H 1171 -111.51 -32.12 -11.58
N ASP H 1172 -111.29 -33.29 -10.97
CA ASP H 1172 -112.02 -33.67 -9.76
C ASP H 1172 -111.27 -33.15 -8.54
N SER H 1173 -111.01 -31.84 -8.57
CA SER H 1173 -110.16 -31.19 -7.58
C SER H 1173 -110.33 -29.70 -7.74
N GLY H 1174 -109.46 -28.95 -7.06
CA GLY H 1174 -109.45 -27.51 -7.27
C GLY H 1174 -108.88 -27.11 -8.62
N SER H 1175 -107.76 -27.72 -9.01
CA SER H 1175 -107.01 -27.26 -10.16
C SER H 1175 -107.74 -27.53 -11.47
N GLU H 1176 -107.60 -26.61 -12.42
CA GLU H 1176 -108.11 -26.78 -13.78
C GLU H 1176 -107.29 -27.77 -14.60
N THR H 1177 -105.97 -27.67 -14.57
CA THR H 1177 -105.09 -28.43 -15.45
C THR H 1177 -104.94 -29.86 -14.95
N ALA H 1178 -104.85 -30.81 -15.89
CA ALA H 1178 -104.84 -32.22 -15.52
C ALA H 1178 -103.51 -32.64 -14.91
N PHE H 1179 -102.40 -32.19 -15.49
CA PHE H 1179 -101.07 -32.54 -15.02
C PHE H 1179 -100.30 -31.27 -14.69
N ARG H 1180 -99.49 -31.34 -13.63
CA ARG H 1180 -98.82 -30.18 -13.09
C ARG H 1180 -97.35 -30.48 -12.82
N GLU H 1181 -96.54 -29.43 -12.85
CA GLU H 1181 -95.14 -29.50 -12.43
C GLU H 1181 -94.36 -30.55 -13.20
N ILE H 1182 -94.65 -30.68 -14.50
CA ILE H 1182 -93.89 -31.59 -15.33
C ILE H 1182 -92.63 -30.89 -15.81
N GLU H 1183 -91.52 -31.63 -15.83
CA GLU H 1183 -90.22 -31.10 -16.22
C GLU H 1183 -90.10 -31.13 -17.73
N ILE H 1184 -89.30 -30.22 -18.28
CA ILE H 1184 -89.10 -30.17 -19.73
C ILE H 1184 -88.41 -31.45 -20.20
N GLY H 1185 -87.31 -31.80 -19.56
CA GLY H 1185 -86.58 -33.00 -19.96
C GLY H 1185 -86.05 -32.88 -21.38
N ASP H 1186 -86.02 -34.00 -22.08
CA ASP H 1186 -85.52 -34.01 -23.46
C ASP H 1186 -86.46 -33.26 -24.39
N GLY H 1187 -87.73 -33.19 -24.04
CA GLY H 1187 -88.73 -32.56 -24.89
C GLY H 1187 -89.98 -33.40 -24.93
N PHE H 1188 -91.06 -32.77 -25.40
CA PHE H 1188 -92.37 -33.40 -25.41
C PHE H 1188 -92.92 -33.42 -26.82
N LEU H 1189 -93.66 -34.47 -27.15
CA LEU H 1189 -94.25 -34.66 -28.45
C LEU H 1189 -95.71 -35.04 -28.28
N PRO H 1190 -96.62 -34.57 -29.14
CA PRO H 1190 -98.00 -35.02 -29.05
C PRO H 1190 -98.14 -36.46 -29.51
N VAL H 1191 -98.85 -37.25 -28.71
CA VAL H 1191 -99.07 -38.66 -29.02
C VAL H 1191 -100.56 -38.93 -29.02
N CYS H 1192 -100.98 -39.92 -29.80
CA CYS H 1192 -102.38 -40.29 -29.93
C CYS H 1192 -102.48 -41.79 -30.08
N SER H 1193 -103.33 -42.40 -29.25
CA SER H 1193 -103.54 -43.84 -29.28
C SER H 1193 -105.00 -44.12 -29.58
N LEU H 1194 -105.24 -45.07 -30.47
CA LEU H 1194 -106.60 -45.44 -30.87
C LEU H 1194 -106.91 -46.84 -30.38
N GLY H 1195 -108.06 -46.99 -29.73
CA GLY H 1195 -108.51 -48.29 -29.30
C GLY H 1195 -108.94 -49.11 -30.50
N PRO H 1196 -109.22 -50.39 -30.27
CA PRO H 1196 -109.63 -51.25 -31.38
C PRO H 1196 -110.92 -50.75 -32.01
N GLY H 1197 -110.97 -50.80 -33.34
CA GLY H 1197 -112.17 -50.39 -34.05
C GLY H 1197 -112.58 -48.96 -33.84
N GLN H 1198 -111.67 -48.09 -33.42
CA GLN H 1198 -111.96 -46.70 -33.16
C GLN H 1198 -111.44 -45.83 -34.29
N VAL H 1199 -112.26 -44.89 -34.72
CA VAL H 1199 -111.90 -43.93 -35.76
C VAL H 1199 -111.79 -42.56 -35.11
N GLY H 1200 -110.73 -41.82 -35.45
CA GLY H 1200 -110.52 -40.50 -34.92
C GLY H 1200 -109.71 -39.66 -35.89
N HIS H 1201 -109.79 -38.35 -35.67
CA HIS H 1201 -109.06 -37.38 -36.48
C HIS H 1201 -108.40 -36.36 -35.58
N LEU H 1202 -107.13 -36.05 -35.87
CA LEU H 1202 -106.39 -35.05 -35.13
C LEU H 1202 -105.79 -34.05 -36.10
N ASN H 1203 -105.63 -32.81 -35.66
CA ASN H 1203 -104.97 -31.78 -36.43
C ASN H 1203 -103.99 -31.04 -35.54
N LEU H 1204 -102.78 -30.84 -36.03
CA LEU H 1204 -101.75 -30.12 -35.28
C LEU H 1204 -101.77 -28.63 -35.55
N GLY H 1205 -102.71 -28.16 -36.36
CA GLY H 1205 -102.87 -26.74 -36.61
C GLY H 1205 -102.36 -26.26 -37.95
N GLN H 1206 -102.32 -27.11 -38.97
CA GLN H 1206 -101.88 -26.65 -40.29
C GLN H 1206 -102.82 -25.59 -40.83
N ASP H 1207 -104.12 -25.77 -40.65
CA ASP H 1207 -105.11 -24.75 -40.95
C ASP H 1207 -105.69 -24.25 -39.63
N VAL H 1208 -105.66 -22.94 -39.44
CA VAL H 1208 -106.28 -22.36 -38.25
C VAL H 1208 -107.78 -22.58 -38.28
N SER H 1209 -108.40 -22.42 -39.45
CA SER H 1209 -109.84 -22.56 -39.55
C SER H 1209 -110.30 -23.94 -39.13
N SER H 1210 -109.46 -24.96 -39.33
CA SER H 1210 -109.82 -26.31 -38.91
C SER H 1210 -110.05 -26.37 -37.41
N LEU H 1211 -109.16 -25.76 -36.62
CA LEU H 1211 -109.30 -25.75 -35.17
C LEU H 1211 -110.06 -24.50 -34.75
N ARG H 1212 -111.34 -24.48 -35.10
CA ARG H 1212 -112.21 -23.39 -34.70
C ARG H 1212 -112.32 -23.31 -33.18
N PHE H 1213 -112.28 -24.45 -32.50
CA PHE H 1213 -112.38 -24.45 -31.05
C PHE H 1213 -111.18 -23.78 -30.42
N PHE H 1214 -109.99 -23.97 -31.00
CA PHE H 1214 -108.78 -23.35 -30.46
C PHE H 1214 -108.93 -21.84 -30.40
N ALA H 1215 -109.70 -21.26 -31.33
CA ALA H 1215 -110.05 -19.86 -31.20
C ALA H 1215 -110.87 -19.63 -29.93
N ILE H 1216 -111.81 -20.52 -29.64
CA ILE H 1216 -112.60 -20.39 -28.43
C ILE H 1216 -111.76 -20.72 -27.19
N CYS H 1217 -110.98 -21.81 -27.26
CA CYS H 1217 -110.20 -22.24 -26.10
C CYS H 1217 -108.72 -22.09 -26.38
N GLY H 1218 -108.05 -21.32 -25.54
CA GLY H 1218 -106.60 -21.22 -25.62
C GLY H 1218 -106.05 -20.20 -26.58
N LEU H 1219 -106.91 -19.53 -27.36
CA LEU H 1219 -106.43 -18.52 -28.30
C LEU H 1219 -105.76 -17.37 -27.57
N GLN H 1220 -106.38 -16.90 -26.50
CA GLN H 1220 -105.77 -15.81 -25.72
C GLN H 1220 -104.53 -16.29 -25.00
N GLU H 1221 -104.53 -17.55 -24.56
CA GLU H 1221 -103.32 -18.16 -24.04
C GLU H 1221 -102.26 -18.26 -25.13
N GLY H 1222 -102.68 -18.30 -26.38
CA GLY H 1222 -101.74 -18.17 -27.49
C GLY H 1222 -100.78 -19.33 -27.62
N PHE H 1223 -101.26 -20.55 -27.38
CA PHE H 1223 -100.44 -21.73 -27.59
C PHE H 1223 -100.38 -22.05 -29.08
N GLU H 1224 -99.29 -21.63 -29.72
CA GLU H 1224 -99.19 -21.75 -31.17
C GLU H 1224 -99.33 -23.21 -31.57
N PRO H 1225 -100.22 -23.52 -32.50
CA PRO H 1225 -100.45 -24.93 -32.87
C PRO H 1225 -99.18 -25.58 -33.38
N PHE H 1226 -99.09 -26.89 -33.17
CA PHE H 1226 -97.91 -27.64 -33.60
C PHE H 1226 -97.66 -27.45 -35.08
N ALA H 1227 -98.72 -27.37 -35.89
CA ALA H 1227 -98.60 -27.26 -37.33
C ALA H 1227 -98.97 -25.88 -37.84
N ILE H 1228 -99.01 -24.86 -36.96
CA ILE H 1228 -99.43 -23.54 -37.41
C ILE H 1228 -98.50 -23.02 -38.51
N ASN H 1229 -97.21 -23.39 -38.43
CA ASN H 1229 -96.27 -23.08 -39.51
C ASN H 1229 -95.48 -24.35 -39.84
N MET H 1230 -96.06 -25.21 -40.68
CA MET H 1230 -95.36 -26.24 -41.42
C MET H 1230 -95.73 -26.14 -42.89
N GLN H 1231 -94.75 -26.27 -43.77
CA GLN H 1231 -95.04 -26.32 -45.20
CA GLN H 1231 -95.05 -26.31 -45.20
C GLN H 1231 -95.82 -27.58 -45.56
N ARG H 1232 -95.43 -28.71 -44.98
CA ARG H 1232 -96.04 -30.01 -45.23
C ARG H 1232 -96.65 -30.51 -43.93
N PRO H 1233 -97.62 -31.41 -44.01
CA PRO H 1233 -98.12 -32.05 -42.79
C PRO H 1233 -96.98 -32.77 -42.08
N VAL H 1234 -96.99 -32.68 -40.75
CA VAL H 1234 -95.90 -33.25 -39.98
C VAL H 1234 -95.92 -34.76 -40.11
N THR H 1235 -94.77 -35.32 -40.48
CA THR H 1235 -94.67 -36.76 -40.61
C THR H 1235 -94.87 -37.42 -39.25
N THR H 1236 -95.66 -38.49 -39.24
CA THR H 1236 -96.03 -39.18 -38.01
C THR H 1236 -95.79 -40.67 -38.19
N TRP H 1237 -95.64 -41.36 -37.07
CA TRP H 1237 -95.27 -42.77 -37.06
C TRP H 1237 -96.36 -43.59 -36.35
N PHE H 1238 -96.56 -44.81 -36.82
CA PHE H 1238 -97.55 -45.71 -36.22
C PHE H 1238 -96.82 -46.92 -35.65
N SER H 1239 -97.42 -47.54 -34.63
CA SER H 1239 -96.91 -48.79 -34.13
C SER H 1239 -97.33 -49.93 -35.05
N LYS H 1240 -96.35 -50.70 -35.52
CA LYS H 1240 -96.59 -51.78 -36.46
C LYS H 1240 -96.86 -53.07 -35.70
N SER H 1241 -98.00 -53.68 -35.97
CA SER H 1241 -98.39 -54.90 -35.26
C SER H 1241 -97.46 -56.06 -35.59
N LEU H 1242 -96.96 -56.12 -36.81
CA LEU H 1242 -96.14 -57.24 -37.23
C LEU H 1242 -94.85 -57.30 -36.42
N PRO H 1243 -94.42 -58.47 -35.98
CA PRO H 1243 -93.20 -58.55 -35.18
C PRO H 1243 -91.97 -58.72 -36.04
N GLN H 1244 -90.91 -58.01 -35.67
CA GLN H 1244 -89.60 -58.16 -36.27
C GLN H 1244 -88.61 -58.60 -35.21
N PHE H 1245 -87.66 -59.44 -35.58
CA PHE H 1245 -86.58 -59.79 -34.68
C PHE H 1245 -85.65 -58.59 -34.48
N GLU H 1246 -85.27 -58.36 -33.22
CA GLU H 1246 -84.38 -57.27 -32.86
C GLU H 1246 -83.31 -57.77 -31.91
N PRO H 1247 -82.16 -57.12 -31.87
CA PRO H 1247 -81.11 -57.54 -30.92
C PRO H 1247 -81.61 -57.46 -29.48
N VAL H 1248 -81.17 -58.41 -28.66
CA VAL H 1248 -81.62 -58.43 -27.27
C VAL H 1248 -81.04 -57.22 -26.54
N PRO H 1249 -81.86 -56.41 -25.88
CA PRO H 1249 -81.33 -55.28 -25.12
C PRO H 1249 -80.43 -55.76 -23.99
N PRO H 1250 -79.19 -55.29 -23.95
CA PRO H 1250 -78.27 -55.76 -22.90
C PRO H 1250 -78.78 -55.49 -21.49
N GLU H 1251 -79.53 -54.40 -21.31
CA GLU H 1251 -80.04 -54.01 -20.01
C GLU H 1251 -81.44 -54.55 -19.74
N HIS H 1252 -81.99 -55.34 -20.64
CA HIS H 1252 -83.37 -55.79 -20.50
C HIS H 1252 -83.49 -56.65 -19.25
N PRO H 1253 -84.43 -56.34 -18.34
CA PRO H 1253 -84.36 -56.90 -16.98
C PRO H 1253 -84.49 -58.41 -16.89
N HIS H 1254 -85.28 -59.04 -17.76
CA HIS H 1254 -85.66 -60.42 -17.51
C HIS H 1254 -84.60 -61.40 -17.99
N TYR H 1255 -83.95 -61.09 -19.11
CA TYR H 1255 -83.12 -62.07 -19.80
C TYR H 1255 -81.72 -61.53 -19.97
N GLU H 1256 -80.73 -62.43 -19.87
CA GLU H 1256 -79.33 -62.08 -20.03
C GLU H 1256 -78.68 -63.04 -21.01
N VAL H 1257 -77.95 -62.48 -21.98
CA VAL H 1257 -77.21 -63.26 -22.96
C VAL H 1257 -75.73 -62.94 -22.81
N ALA H 1258 -74.91 -63.97 -22.66
CA ALA H 1258 -73.48 -63.80 -22.44
C ALA H 1258 -72.71 -64.65 -23.42
N ARG H 1259 -71.57 -64.13 -23.89
CA ARG H 1259 -70.71 -64.89 -24.79
C ARG H 1259 -69.65 -65.65 -24.01
N MET H 1260 -69.60 -66.96 -24.23
CA MET H 1260 -68.60 -67.82 -23.61
C MET H 1260 -67.48 -68.08 -24.60
N ASP H 1261 -66.25 -67.79 -24.20
CA ASP H 1261 -65.10 -68.02 -25.05
C ASP H 1261 -64.90 -69.52 -25.23
N GLY H 1262 -64.52 -69.91 -26.45
CA GLY H 1262 -64.23 -71.30 -26.72
C GLY H 1262 -62.96 -71.74 -26.02
N THR H 1263 -62.96 -72.98 -25.56
CA THR H 1263 -61.81 -73.58 -24.90
C THR H 1263 -61.41 -74.85 -25.62
N VAL H 1264 -60.40 -75.53 -25.07
CA VAL H 1264 -59.97 -76.79 -25.65
C VAL H 1264 -61.10 -77.82 -25.61
N ASP H 1265 -61.73 -77.96 -24.45
CA ASP H 1265 -62.84 -78.90 -24.32
C ASP H 1265 -64.14 -78.30 -24.86
N THR H 1266 -64.35 -77.01 -24.65
CA THR H 1266 -65.60 -76.37 -24.99
C THR H 1266 -65.43 -75.46 -26.19
N PRO H 1267 -66.13 -75.70 -27.30
CA PRO H 1267 -66.11 -74.76 -28.40
C PRO H 1267 -66.76 -73.45 -27.99
N PRO H 1268 -66.63 -72.40 -28.80
CA PRO H 1268 -67.30 -71.13 -28.46
C PRO H 1268 -68.80 -71.31 -28.37
N CYS H 1269 -69.40 -70.65 -27.39
CA CYS H 1269 -70.83 -70.73 -27.15
C CYS H 1269 -71.32 -69.39 -26.63
N LEU H 1270 -72.64 -69.23 -26.61
CA LEU H 1270 -73.29 -68.12 -25.94
C LEU H 1270 -74.41 -68.68 -25.07
N ARG H 1271 -74.62 -68.05 -23.91
CA ARG H 1271 -75.45 -68.63 -22.86
C ARG H 1271 -76.56 -67.65 -22.50
N LEU H 1272 -77.76 -68.18 -22.31
CA LEU H 1272 -78.90 -67.39 -21.89
C LEU H 1272 -79.40 -67.91 -20.54
N ALA H 1273 -79.55 -66.99 -19.58
CA ALA H 1273 -80.14 -67.31 -18.29
C ALA H 1273 -81.23 -66.28 -17.99
N HIS H 1274 -82.26 -66.72 -17.29
CA HIS H 1274 -83.37 -65.86 -16.93
C HIS H 1274 -83.01 -65.12 -15.65
N ARG H 1275 -82.86 -63.80 -15.76
CA ARG H 1275 -82.39 -63.01 -14.62
C ARG H 1275 -83.41 -63.01 -13.49
N THR H 1276 -84.70 -62.93 -13.83
CA THR H 1276 -85.72 -62.82 -12.78
C THR H 1276 -86.20 -64.18 -12.30
N TRP H 1277 -85.75 -65.27 -12.95
CA TRP H 1277 -86.20 -66.59 -12.53
C TRP H 1277 -85.77 -66.88 -11.10
N GLY H 1278 -86.65 -67.55 -10.36
CA GLY H 1278 -86.43 -67.76 -8.95
C GLY H 1278 -86.73 -66.57 -8.08
N SER H 1279 -87.29 -65.51 -8.65
CA SER H 1279 -87.56 -64.28 -7.93
C SER H 1279 -89.00 -63.86 -8.14
N GLN H 1280 -89.52 -63.07 -7.20
CA GLN H 1280 -90.88 -62.57 -7.30
C GLN H 1280 -91.01 -61.63 -8.49
N ASN H 1281 -92.22 -61.57 -9.05
CA ASN H 1281 -92.55 -60.81 -10.26
C ASN H 1281 -91.77 -61.28 -11.47
N SER H 1282 -91.35 -62.54 -11.50
CA SER H 1282 -90.69 -63.08 -12.69
C SER H 1282 -91.67 -63.14 -13.84
N LEU H 1283 -91.16 -62.97 -15.06
CA LEU H 1283 -91.96 -63.02 -16.27
C LEU H 1283 -91.62 -64.28 -17.05
N VAL H 1284 -92.64 -65.10 -17.31
CA VAL H 1284 -92.49 -66.33 -18.07
C VAL H 1284 -93.36 -66.24 -19.30
N GLU H 1285 -92.77 -66.52 -20.46
CA GLU H 1285 -93.49 -66.45 -21.73
C GLU H 1285 -92.71 -67.20 -22.79
N MET H 1286 -93.39 -67.46 -23.90
CA MET H 1286 -92.72 -68.10 -25.03
C MET H 1286 -91.66 -67.16 -25.59
N LEU H 1287 -90.43 -67.65 -25.69
CA LEU H 1287 -89.29 -66.83 -26.10
C LEU H 1287 -88.83 -67.26 -27.48
N PHE H 1288 -88.66 -66.28 -28.37
CA PHE H 1288 -88.17 -66.49 -29.72
C PHE H 1288 -86.80 -65.86 -29.84
N LEU H 1289 -85.78 -66.68 -30.03
CA LEU H 1289 -84.41 -66.21 -30.17
C LEU H 1289 -83.89 -66.55 -31.55
N ARG H 1290 -83.28 -65.56 -32.20
CA ARG H 1290 -82.70 -65.72 -33.53
C ARG H 1290 -81.26 -65.23 -33.49
N LEU H 1291 -80.34 -66.02 -34.06
CA LEU H 1291 -79.00 -65.51 -34.27
C LEU H 1291 -79.00 -64.53 -35.43
N SER H 1292 -78.15 -63.50 -35.33
CA SER H 1292 -78.26 -62.36 -36.24
C SER H 1292 -77.97 -62.76 -37.68
N LEU H 1293 -76.87 -63.47 -37.92
CA LEU H 1293 -76.45 -63.70 -39.29
C LEU H 1293 -77.09 -64.94 -39.86
N PRO H 1294 -77.61 -64.87 -41.09
CA PRO H 1294 -78.29 -66.03 -41.67
C PRO H 1294 -77.31 -67.00 -42.31
N VAL H 1295 -77.88 -68.08 -42.85
CA VAL H 1295 -77.15 -69.04 -43.66
C VAL H 1295 -77.85 -69.15 -45.00
N GLN H 1296 -77.09 -69.08 -46.08
CA GLN H 1296 -77.64 -69.12 -47.44
C GLN H 1296 -77.24 -70.40 -48.14
N PHE H 1297 -78.23 -71.12 -48.67
CA PHE H 1297 -77.94 -72.32 -49.43
C PHE H 1297 -77.39 -71.94 -50.79
N HIS H 1298 -76.73 -72.92 -51.43
CA HIS H 1298 -76.08 -72.67 -52.71
C HIS H 1298 -77.10 -72.28 -53.77
N GLN H 1299 -76.68 -71.37 -54.66
CA GLN H 1299 -77.57 -70.92 -55.73
C GLN H 1299 -77.90 -72.06 -56.68
N HIS H 1300 -76.89 -72.78 -57.16
CA HIS H 1300 -77.09 -73.93 -58.03
C HIS H 1300 -76.83 -75.20 -57.23
N PHE H 1301 -77.90 -75.95 -57.00
CA PHE H 1301 -77.78 -77.22 -56.29
C PHE H 1301 -76.93 -78.20 -57.08
N ARG H 1302 -76.23 -79.06 -56.35
CA ARG H 1302 -75.40 -80.08 -56.98
C ARG H 1302 -76.28 -81.00 -57.82
N CYS H 1303 -75.78 -81.34 -59.01
CA CYS H 1303 -76.53 -82.20 -59.91
C CYS H 1303 -76.66 -83.60 -59.34
N THR H 1304 -77.87 -84.16 -59.41
CA THR H 1304 -78.18 -85.48 -58.88
C THR H 1304 -77.83 -85.58 -57.40
N ASP H 1419 -57.12 -90.29 -33.97
CA ASP H 1419 -58.37 -90.45 -34.70
C ASP H 1419 -59.17 -89.14 -34.71
N ASN H 1420 -60.42 -89.25 -35.18
CA ASN H 1420 -61.43 -88.18 -35.17
C ASN H 1420 -60.85 -86.80 -35.51
N ARG H 1421 -59.89 -86.77 -36.42
CA ARG H 1421 -59.46 -85.54 -37.07
C ARG H 1421 -59.84 -85.61 -38.55
N ASP H 1422 -60.61 -84.63 -38.99
CA ASP H 1422 -61.02 -84.59 -40.40
C ASP H 1422 -59.80 -84.48 -41.30
N ASP H 1423 -59.76 -85.32 -42.33
CA ASP H 1423 -58.65 -85.28 -43.25
C ASP H 1423 -58.71 -83.99 -44.07
N PRO H 1424 -57.56 -83.48 -44.53
CA PRO H 1424 -57.60 -82.23 -45.31
C PRO H 1424 -58.49 -82.31 -46.53
N GLU H 1425 -58.48 -83.46 -47.23
CA GLU H 1425 -59.25 -83.56 -48.46
C GLU H 1425 -60.74 -83.36 -48.18
N ILE H 1426 -61.27 -84.02 -47.16
CA ILE H 1426 -62.68 -83.86 -46.85
C ILE H 1426 -62.96 -82.47 -46.30
N ILE H 1427 -62.03 -81.95 -45.49
CA ILE H 1427 -62.30 -80.66 -44.83
C ILE H 1427 -62.22 -79.52 -45.83
N LEU H 1428 -61.70 -79.80 -47.03
CA LEU H 1428 -61.82 -78.82 -48.11
C LEU H 1428 -63.13 -79.00 -48.87
N ASN H 1429 -63.67 -80.22 -48.87
CA ASN H 1429 -64.70 -80.55 -49.86
C ASN H 1429 -66.11 -80.46 -49.30
N THR H 1430 -66.41 -81.20 -48.24
CA THR H 1430 -67.79 -81.35 -47.81
C THR H 1430 -68.39 -80.02 -47.40
N THR H 1431 -69.72 -79.96 -47.41
CA THR H 1431 -70.46 -78.71 -47.26
C THR H 1431 -71.49 -78.81 -46.14
N THR H 1432 -71.32 -79.74 -45.22
CA THR H 1432 -72.23 -79.94 -44.11
C THR H 1432 -71.78 -79.12 -42.91
N TYR H 1433 -72.72 -78.46 -42.25
CA TYR H 1433 -72.45 -77.68 -41.05
C TYR H 1433 -73.36 -78.18 -39.94
N TYR H 1434 -72.83 -78.20 -38.72
CA TYR H 1434 -73.55 -78.70 -37.55
C TYR H 1434 -73.42 -77.72 -36.40
N TYR H 1435 -74.54 -77.17 -35.97
CA TYR H 1435 -74.59 -76.28 -34.82
C TYR H 1435 -75.35 -76.97 -33.70
N SER H 1436 -74.88 -76.79 -32.47
CA SER H 1436 -75.39 -77.53 -31.32
C SER H 1436 -76.15 -76.59 -30.40
N VAL H 1437 -77.38 -76.97 -30.06
CA VAL H 1437 -78.20 -76.26 -29.11
C VAL H 1437 -78.25 -77.06 -27.82
N ARG H 1438 -77.83 -76.45 -26.72
CA ARG H 1438 -77.73 -77.13 -25.44
C ARG H 1438 -78.87 -76.70 -24.54
N VAL H 1439 -79.61 -77.68 -24.01
CA VAL H 1439 -80.71 -77.44 -23.09
C VAL H 1439 -80.22 -77.76 -21.69
N PHE H 1440 -80.19 -76.74 -20.84
CA PHE H 1440 -79.72 -76.94 -19.48
C PHE H 1440 -80.67 -77.83 -18.69
N ALA H 1441 -80.12 -78.54 -17.71
CA ALA H 1441 -80.95 -79.31 -16.81
C ALA H 1441 -81.88 -78.40 -16.03
N GLY H 1442 -83.07 -78.90 -15.72
CA GLY H 1442 -84.09 -78.09 -15.09
C GLY H 1442 -85.04 -77.42 -16.05
N GLN H 1443 -84.80 -77.52 -17.36
CA GLN H 1443 -85.70 -77.01 -18.36
C GLN H 1443 -86.29 -78.18 -19.15
N GLU H 1444 -87.61 -78.24 -19.21
CA GLU H 1444 -88.26 -79.35 -19.90
C GLU H 1444 -88.05 -79.24 -21.39
N PRO H 1445 -87.57 -80.29 -22.06
CA PRO H 1445 -87.45 -80.23 -23.53
C PRO H 1445 -88.78 -80.04 -24.22
N SER H 1446 -89.88 -80.35 -23.52
CA SER H 1446 -91.20 -80.12 -24.09
C SER H 1446 -91.41 -78.66 -24.46
N CYS H 1447 -90.80 -77.75 -23.71
CA CYS H 1447 -90.94 -76.33 -24.02
C CYS H 1447 -89.95 -75.91 -25.09
N VAL H 1448 -88.84 -76.62 -25.21
CA VAL H 1448 -87.80 -76.24 -26.17
C VAL H 1448 -88.23 -76.62 -27.58
N TRP H 1449 -88.07 -75.68 -28.51
CA TRP H 1449 -88.21 -75.95 -29.93
C TRP H 1449 -86.97 -75.45 -30.64
N VAL H 1450 -86.33 -76.33 -31.41
CA VAL H 1450 -85.05 -76.04 -32.03
C VAL H 1450 -85.20 -76.19 -33.54
N GLY H 1451 -84.74 -75.19 -34.29
CA GLY H 1451 -84.72 -75.29 -35.73
C GLY H 1451 -84.53 -73.95 -36.40
N TRP H 1452 -83.91 -74.00 -37.57
CA TRP H 1452 -83.63 -72.79 -38.33
C TRP H 1452 -84.94 -72.16 -38.84
N VAL H 1453 -84.91 -70.84 -39.01
CA VAL H 1453 -86.08 -70.08 -39.42
C VAL H 1453 -85.73 -69.27 -40.66
N THR H 1454 -86.70 -69.13 -41.57
CA THR H 1454 -86.53 -68.24 -42.71
C THR H 1454 -86.79 -66.80 -42.29
N PRO H 1455 -86.27 -65.83 -43.05
CA PRO H 1455 -86.56 -64.43 -42.72
C PRO H 1455 -88.04 -64.09 -42.80
N ASP H 1456 -88.80 -64.83 -43.62
CA ASP H 1456 -90.20 -64.52 -43.82
C ASP H 1456 -90.98 -64.63 -42.50
N TYR H 1457 -90.62 -65.60 -41.67
CA TYR H 1457 -91.39 -65.90 -40.46
C TYR H 1457 -91.52 -64.68 -39.56
N HIS H 1458 -92.75 -64.40 -39.14
CA HIS H 1458 -93.02 -63.35 -38.18
C HIS H 1458 -94.09 -63.72 -37.17
N GLN H 1459 -94.59 -64.95 -37.19
CA GLN H 1459 -95.66 -65.34 -36.30
C GLN H 1459 -95.21 -65.27 -34.85
N HIS H 1460 -96.09 -64.74 -33.99
CA HIS H 1460 -95.84 -64.66 -32.55
C HIS H 1460 -96.98 -65.35 -31.83
N ASP H 1461 -96.68 -66.47 -31.19
CA ASP H 1461 -97.66 -67.23 -30.42
C ASP H 1461 -97.09 -67.56 -29.06
N MET H 1462 -97.89 -67.37 -28.01
CA MET H 1462 -97.48 -67.82 -26.69
C MET H 1462 -97.41 -69.34 -26.62
N ASN H 1463 -98.42 -70.01 -27.17
CA ASN H 1463 -98.44 -71.48 -27.21
C ASN H 1463 -98.00 -71.98 -28.58
N PHE H 1464 -96.73 -71.71 -28.88
CA PHE H 1464 -96.13 -72.21 -30.12
C PHE H 1464 -96.05 -73.74 -30.08
N ASP H 1465 -96.19 -74.35 -31.25
CA ASP H 1465 -96.13 -75.80 -31.36
C ASP H 1465 -95.79 -76.20 -32.78
N LEU H 1466 -95.32 -77.45 -32.93
CA LEU H 1466 -94.90 -77.94 -34.23
C LEU H 1466 -96.07 -78.07 -35.18
N SER H 1467 -97.29 -78.20 -34.65
CA SER H 1467 -98.47 -78.10 -35.50
C SER H 1467 -98.85 -76.66 -35.72
N LYS H 1468 -98.50 -75.78 -34.79
CA LYS H 1468 -98.83 -74.37 -34.92
C LYS H 1468 -98.03 -73.71 -36.03
N VAL H 1469 -96.78 -74.15 -36.23
CA VAL H 1469 -95.93 -73.51 -37.22
C VAL H 1469 -96.56 -73.68 -38.61
N ARG H 1470 -96.60 -72.58 -39.35
CA ARG H 1470 -97.31 -72.57 -40.63
C ARG H 1470 -96.49 -73.29 -41.70
N ALA H 1471 -97.21 -73.89 -42.66
CA ALA H 1471 -96.57 -74.59 -43.77
C ALA H 1471 -97.57 -74.74 -44.90
N VAL H 1472 -97.06 -75.00 -46.10
CA VAL H 1472 -97.88 -75.16 -47.29
C VAL H 1472 -97.13 -76.02 -48.30
N THR H 1473 -97.89 -76.70 -49.15
CA THR H 1473 -97.35 -77.54 -50.20
C THR H 1473 -97.88 -77.09 -51.55
N VAL H 1474 -96.99 -76.96 -52.52
CA VAL H 1474 -97.35 -76.58 -53.89
C VAL H 1474 -96.93 -77.71 -54.81
N THR H 1475 -97.87 -78.17 -55.64
CA THR H 1475 -97.65 -79.30 -56.54
C THR H 1475 -97.77 -78.83 -57.97
N MET H 1476 -96.86 -79.32 -58.82
CA MET H 1476 -96.87 -79.02 -60.25
C MET H 1476 -97.18 -80.30 -61.01
N GLY H 1477 -98.27 -80.29 -61.76
CA GLY H 1477 -98.70 -81.47 -62.49
C GLY H 1477 -99.31 -81.09 -63.82
N ASP H 1478 -99.34 -82.06 -64.72
CA ASP H 1478 -99.89 -81.85 -66.05
C ASP H 1478 -101.41 -81.80 -65.98
N GLU H 1479 -102.04 -81.71 -67.15
CA GLU H 1479 -103.49 -81.85 -67.21
C GLU H 1479 -103.92 -83.19 -66.63
N GLN H 1480 -103.31 -84.28 -67.08
CA GLN H 1480 -103.39 -85.53 -66.36
C GLN H 1480 -102.63 -85.39 -65.05
N GLY H 1481 -102.99 -86.22 -64.06
CA GLY H 1481 -102.45 -86.07 -62.72
C GLY H 1481 -100.96 -85.80 -62.70
N ASN H 1482 -100.17 -86.81 -63.09
CA ASN H 1482 -98.82 -86.65 -63.63
C ASN H 1482 -98.11 -85.47 -62.96
N VAL H 1483 -97.92 -85.58 -61.64
CA VAL H 1483 -97.31 -84.48 -60.91
C VAL H 1483 -95.84 -84.41 -61.26
N HIS H 1484 -95.44 -83.33 -61.94
CA HIS H 1484 -94.04 -83.14 -62.25
C HIS H 1484 -93.21 -82.97 -60.98
N SER H 1485 -93.72 -82.20 -60.03
CA SER H 1485 -93.03 -81.99 -58.76
C SER H 1485 -94.00 -81.39 -57.77
N SER H 1486 -93.77 -81.70 -56.50
CA SER H 1486 -94.53 -81.12 -55.39
C SER H 1486 -93.56 -80.51 -54.41
N LEU H 1487 -93.79 -79.24 -54.07
CA LEU H 1487 -92.89 -78.49 -53.20
C LEU H 1487 -93.60 -78.10 -51.92
N LYS H 1488 -92.92 -78.29 -50.80
CA LYS H 1488 -93.41 -77.88 -49.49
C LYS H 1488 -92.53 -76.76 -48.97
N CYS H 1489 -93.15 -75.67 -48.54
CA CYS H 1489 -92.44 -74.52 -47.99
C CYS H 1489 -93.08 -74.12 -46.67
N SER H 1490 -92.25 -73.74 -45.70
CA SER H 1490 -92.72 -73.29 -44.41
C SER H 1490 -91.86 -72.13 -43.94
N ASN H 1491 -92.46 -71.28 -43.10
CA ASN H 1491 -91.74 -70.11 -42.60
C ASN H 1491 -90.54 -70.52 -41.76
N CYS H 1492 -90.68 -71.58 -40.96
CA CYS H 1492 -89.58 -72.06 -40.15
C CYS H 1492 -89.69 -73.57 -39.97
N TYR H 1493 -88.54 -74.22 -39.94
CA TYR H 1493 -88.45 -75.66 -39.71
C TYR H 1493 -87.80 -75.88 -38.36
N MET H 1494 -88.47 -76.66 -37.51
CA MET H 1494 -88.00 -76.88 -36.14
C MET H 1494 -88.28 -78.32 -35.75
N VAL H 1495 -87.54 -78.80 -34.76
CA VAL H 1495 -87.76 -80.10 -34.16
C VAL H 1495 -88.11 -79.89 -32.69
N TRP H 1496 -89.20 -80.51 -32.25
CA TRP H 1496 -89.63 -80.36 -30.87
C TRP H 1496 -88.72 -81.13 -29.94
N GLY H 1497 -88.29 -80.46 -28.86
CA GLY H 1497 -87.52 -81.17 -27.84
C GLY H 1497 -88.34 -82.22 -27.14
N GLY H 1498 -89.63 -81.97 -26.95
CA GLY H 1498 -90.46 -82.91 -26.22
C GLY H 1498 -90.56 -84.26 -26.87
N ASP H 1499 -90.69 -84.29 -28.20
CA ASP H 1499 -90.77 -85.58 -28.88
C ASP H 1499 -89.39 -86.17 -29.11
N PHE H 1500 -88.35 -85.36 -28.99
CA PHE H 1500 -87.00 -85.84 -29.29
C PHE H 1500 -86.48 -86.73 -28.18
N VAL H 1501 -86.87 -86.45 -26.93
CA VAL H 1501 -86.37 -87.20 -25.79
C VAL H 1501 -86.96 -88.60 -25.81
N SER H 1502 -86.40 -89.46 -24.96
CA SER H 1502 -87.00 -90.75 -24.68
C SER H 1502 -88.42 -90.57 -24.13
N PRO H 1503 -89.23 -91.62 -24.06
CA PRO H 1503 -90.56 -91.48 -23.48
C PRO H 1503 -90.50 -90.79 -22.12
N GLY H 1504 -91.34 -89.77 -21.95
CA GLY H 1504 -91.06 -88.72 -20.99
C GLY H 1504 -91.53 -88.97 -19.57
N GLN H 1505 -92.02 -90.17 -19.28
CA GLN H 1505 -92.22 -90.54 -17.88
C GLN H 1505 -90.88 -90.58 -17.17
N GLN H 1506 -89.87 -91.13 -17.83
CA GLN H 1506 -88.53 -91.17 -17.27
C GLN H 1506 -87.97 -89.76 -17.17
N GLY H 1507 -87.22 -89.51 -16.10
CA GLY H 1507 -86.47 -88.27 -16.02
C GLY H 1507 -87.29 -87.00 -15.96
N ARG H 1508 -88.37 -86.98 -15.18
CA ARG H 1508 -89.04 -85.72 -14.91
C ARG H 1508 -88.10 -84.75 -14.22
N ILE H 1509 -87.34 -85.24 -13.26
CA ILE H 1509 -86.25 -84.48 -12.64
C ILE H 1509 -84.95 -85.15 -13.07
N SER H 1510 -84.32 -84.60 -14.09
CA SER H 1510 -83.12 -85.17 -14.66
C SER H 1510 -81.94 -84.26 -14.36
N HIS H 1511 -80.93 -84.81 -13.69
CA HIS H 1511 -79.69 -84.08 -13.50
C HIS H 1511 -79.00 -83.81 -14.82
N THR H 1512 -79.11 -84.76 -15.75
CA THR H 1512 -78.49 -84.61 -17.06
C THR H 1512 -79.12 -83.45 -17.83
N ASP H 1513 -78.30 -82.81 -18.66
CA ASP H 1513 -78.77 -81.74 -19.54
C ASP H 1513 -78.69 -82.24 -20.98
N LEU H 1514 -79.55 -81.71 -21.83
CA LEU H 1514 -79.65 -82.23 -23.19
C LEU H 1514 -79.06 -81.24 -24.19
N VAL H 1515 -78.55 -81.77 -25.29
CA VAL H 1515 -78.06 -80.98 -26.41
C VAL H 1515 -78.80 -81.44 -27.66
N ILE H 1516 -79.02 -80.52 -28.59
CA ILE H 1516 -79.60 -80.83 -29.89
C ILE H 1516 -78.67 -80.28 -30.97
N GLY H 1517 -78.38 -81.11 -31.97
CA GLY H 1517 -77.59 -80.66 -33.10
C GLY H 1517 -78.32 -80.84 -34.41
N CYS H 1518 -78.12 -79.90 -35.33
CA CYS H 1518 -78.78 -79.91 -36.62
C CYS H 1518 -77.73 -79.86 -37.73
N LEU H 1519 -78.00 -80.58 -38.82
CA LEU H 1519 -77.08 -80.67 -39.94
C LEU H 1519 -77.70 -80.03 -41.17
N VAL H 1520 -76.95 -79.16 -41.83
CA VAL H 1520 -77.37 -78.50 -43.05
C VAL H 1520 -76.21 -78.53 -44.04
N ASP H 1521 -76.53 -78.74 -45.31
CA ASP H 1521 -75.55 -78.73 -46.39
C ASP H 1521 -76.00 -77.74 -47.46
N LEU H 1522 -75.16 -76.75 -47.74
CA LEU H 1522 -75.57 -75.69 -48.66
C LEU H 1522 -75.87 -76.25 -50.05
N ALA H 1523 -75.19 -77.33 -50.43
CA ALA H 1523 -75.46 -77.93 -51.73
C ALA H 1523 -76.60 -78.95 -51.66
N THR H 1524 -76.79 -79.57 -50.51
CA THR H 1524 -77.76 -80.66 -50.35
C THR H 1524 -78.94 -80.18 -49.53
N GLY H 1525 -80.14 -80.26 -50.11
CA GLY H 1525 -81.32 -79.78 -49.41
C GLY H 1525 -81.64 -80.59 -48.17
N LEU H 1526 -80.98 -81.73 -48.01
CA LEU H 1526 -81.18 -82.54 -46.82
C LEU H 1526 -80.82 -81.74 -45.58
N MET H 1527 -81.70 -81.80 -44.59
CA MET H 1527 -81.56 -81.03 -43.37
C MET H 1527 -81.96 -81.94 -42.21
N THR H 1528 -80.99 -82.29 -41.37
CA THR H 1528 -81.15 -83.36 -40.39
C THR H 1528 -80.75 -82.87 -39.01
N PHE H 1529 -81.36 -83.48 -37.99
CA PHE H 1529 -81.12 -83.11 -36.60
C PHE H 1529 -80.77 -84.35 -35.80
N THR H 1530 -79.69 -84.29 -35.03
CA THR H 1530 -79.36 -85.34 -34.08
C THR H 1530 -79.21 -84.71 -32.70
N ALA H 1531 -79.91 -85.26 -31.72
CA ALA H 1531 -79.87 -84.68 -30.38
C ALA H 1531 -78.54 -84.98 -29.69
N ASN H 1532 -78.27 -86.26 -29.43
CA ASN H 1532 -77.10 -86.64 -28.66
C ASN H 1532 -76.43 -87.84 -29.32
N GLY H 1533 -76.27 -87.77 -30.65
CA GLY H 1533 -75.58 -88.81 -31.39
C GLY H 1533 -76.47 -89.73 -32.18
N LYS H 1534 -77.78 -89.56 -32.13
CA LYS H 1534 -78.71 -90.35 -32.91
C LYS H 1534 -79.48 -89.44 -33.84
N GLU H 1535 -79.41 -89.71 -35.14
CA GLU H 1535 -80.15 -88.92 -36.12
C GLU H 1535 -81.64 -89.11 -35.93
N SER H 1536 -82.36 -87.99 -35.92
CA SER H 1536 -83.81 -88.05 -35.88
C SER H 1536 -84.34 -88.61 -37.20
N ASN H 1537 -85.44 -89.35 -37.10
CA ASN H 1537 -86.10 -89.83 -38.31
C ASN H 1537 -86.57 -88.68 -39.17
N THR H 1538 -86.86 -87.53 -38.56
CA THR H 1538 -87.33 -86.37 -39.30
C THR H 1538 -86.18 -85.74 -40.08
N PHE H 1539 -86.51 -85.19 -41.25
CA PHE H 1539 -85.58 -84.41 -42.04
C PHE H 1539 -86.35 -83.41 -42.87
N PHE H 1540 -85.65 -82.38 -43.35
CA PHE H 1540 -86.27 -81.30 -44.09
C PHE H 1540 -85.55 -81.12 -45.41
N GLN H 1541 -86.29 -80.73 -46.44
CA GLN H 1541 -85.73 -80.46 -47.76
C GLN H 1541 -86.02 -79.01 -48.13
N VAL H 1542 -85.04 -78.34 -48.72
CA VAL H 1542 -85.13 -76.92 -49.02
C VAL H 1542 -84.92 -76.70 -50.50
N GLU H 1543 -84.95 -75.43 -50.89
CA GLU H 1543 -84.89 -75.06 -52.29
C GLU H 1543 -83.61 -74.26 -52.55
N PRO H 1544 -83.04 -74.39 -53.75
CA PRO H 1544 -81.71 -73.79 -54.00
C PRO H 1544 -81.71 -72.28 -53.78
N ASN H 1545 -80.59 -71.79 -53.26
CA ASN H 1545 -80.36 -70.39 -52.92
C ASN H 1545 -81.31 -69.97 -51.80
N THR H 1546 -81.63 -70.87 -50.87
CA THR H 1546 -82.47 -70.51 -49.74
C THR H 1546 -81.64 -69.88 -48.64
N LYS H 1547 -82.19 -68.83 -48.03
CA LYS H 1547 -81.58 -68.18 -46.88
C LYS H 1547 -82.35 -68.58 -45.64
N LEU H 1548 -81.63 -68.99 -44.60
CA LEU H 1548 -82.22 -69.39 -43.34
C LEU H 1548 -81.47 -68.76 -42.18
N PHE H 1549 -82.16 -68.65 -41.05
CA PHE H 1549 -81.56 -68.14 -39.83
C PHE H 1549 -81.61 -69.21 -38.76
N PRO H 1550 -80.49 -69.57 -38.14
CA PRO H 1550 -80.53 -70.52 -37.03
C PRO H 1550 -81.20 -69.88 -35.83
N ALA H 1551 -82.18 -70.58 -35.27
CA ALA H 1551 -82.98 -70.02 -34.20
C ALA H 1551 -83.52 -71.14 -33.32
N VAL H 1552 -84.00 -70.75 -32.13
CA VAL H 1552 -84.60 -71.68 -31.19
C VAL H 1552 -85.73 -70.94 -30.48
N PHE H 1553 -86.87 -71.62 -30.32
CA PHE H 1553 -87.99 -71.10 -29.57
C PHE H 1553 -88.16 -71.94 -28.33
N VAL H 1554 -88.13 -71.32 -27.15
CA VAL H 1554 -88.12 -72.03 -25.89
C VAL H 1554 -88.85 -71.21 -24.84
N LEU H 1555 -89.55 -71.90 -23.95
CA LEU H 1555 -90.19 -71.28 -22.80
C LEU H 1555 -89.39 -71.59 -21.55
N PRO H 1556 -88.94 -70.59 -20.82
CA PRO H 1556 -87.99 -70.85 -19.73
C PRO H 1556 -88.65 -71.41 -18.49
N THR H 1557 -88.01 -72.42 -17.89
CA THR H 1557 -88.43 -72.98 -16.62
C THR H 1557 -87.27 -73.18 -15.66
N HIS H 1558 -86.12 -72.58 -15.94
CA HIS H 1558 -84.93 -72.74 -15.12
C HIS H 1558 -84.25 -71.39 -14.95
N GLN H 1559 -83.41 -71.31 -13.93
CA GLN H 1559 -82.62 -70.10 -13.73
C GLN H 1559 -81.72 -69.83 -14.92
N ASN H 1560 -81.13 -70.88 -15.49
CA ASN H 1560 -80.36 -70.81 -16.71
C ASN H 1560 -81.17 -71.49 -17.81
N VAL H 1561 -81.46 -70.74 -18.88
CA VAL H 1561 -82.45 -71.21 -19.84
C VAL H 1561 -81.83 -72.17 -20.84
N ILE H 1562 -80.86 -71.70 -21.63
CA ILE H 1562 -80.39 -72.45 -22.79
C ILE H 1562 -79.07 -71.86 -23.24
N GLN H 1563 -78.19 -72.72 -23.79
CA GLN H 1563 -76.92 -72.31 -24.34
C GLN H 1563 -76.89 -72.61 -25.83
N PHE H 1564 -76.44 -71.63 -26.61
CA PHE H 1564 -76.19 -71.82 -28.04
C PHE H 1564 -74.71 -72.11 -28.21
N GLU H 1565 -74.40 -73.30 -28.73
CA GLU H 1565 -73.02 -73.71 -28.92
C GLU H 1565 -72.70 -73.76 -30.40
N LEU H 1566 -71.49 -73.33 -30.75
CA LEU H 1566 -70.97 -73.48 -32.10
C LEU H 1566 -69.80 -74.45 -31.99
N GLY H 1567 -70.08 -75.74 -32.14
CA GLY H 1567 -69.05 -76.75 -32.09
C GLY H 1567 -69.20 -77.69 -33.28
N LYS H 1568 -68.06 -78.18 -33.74
CA LYS H 1568 -68.00 -78.82 -35.05
C LYS H 1568 -67.61 -80.29 -34.91
N GLN H 1569 -68.43 -81.16 -35.50
CA GLN H 1569 -68.11 -82.57 -35.56
C GLN H 1569 -67.02 -82.81 -36.59
N LYS H 1570 -66.38 -83.97 -36.49
CA LYS H 1570 -65.35 -84.34 -37.45
C LYS H 1570 -65.94 -84.39 -38.85
N ASN H 1571 -65.27 -83.74 -39.79
CA ASN H 1571 -65.66 -83.59 -41.20
C ASN H 1571 -66.86 -82.66 -41.35
N ILE H 1572 -67.16 -81.83 -40.36
CA ILE H 1572 -68.27 -80.88 -40.44
C ILE H 1572 -67.70 -79.47 -40.46
N MET H 1573 -68.09 -78.69 -41.47
CA MET H 1573 -67.56 -77.36 -41.62
C MET H 1573 -68.10 -76.43 -40.54
N PRO H 1574 -67.29 -75.51 -40.04
CA PRO H 1574 -67.77 -74.55 -39.04
C PRO H 1574 -68.91 -73.71 -39.58
N LEU H 1575 -69.88 -73.45 -38.71
CA LEU H 1575 -70.99 -72.59 -39.10
C LEU H 1575 -70.49 -71.20 -39.48
N SER H 1576 -69.50 -70.69 -38.73
CA SER H 1576 -68.92 -69.39 -39.03
C SER H 1576 -68.43 -69.33 -40.47
N ALA H 1577 -67.93 -70.45 -40.99
CA ALA H 1577 -67.52 -70.48 -42.38
C ALA H 1577 -68.71 -70.24 -43.30
N ALA H 1578 -69.86 -70.82 -42.99
CA ALA H 1578 -71.06 -70.52 -43.77
C ALA H 1578 -71.46 -69.06 -43.65
N MET H 1579 -71.33 -68.49 -42.45
CA MET H 1579 -71.72 -67.11 -42.24
C MET H 1579 -70.85 -66.14 -43.04
N PHE H 1580 -69.54 -66.33 -43.02
CA PHE H 1580 -68.61 -65.35 -43.56
C PHE H 1580 -67.67 -65.98 -44.57
N LEU H 1581 -67.43 -65.27 -45.67
CA LEU H 1581 -66.59 -65.80 -46.74
C LEU H 1581 -65.12 -65.85 -46.34
N SER H 1582 -64.71 -64.94 -45.45
CA SER H 1582 -63.28 -64.83 -45.12
C SER H 1582 -62.72 -66.13 -44.59
N GLU H 1583 -63.37 -66.70 -43.58
CA GLU H 1583 -62.96 -67.98 -43.02
C GLU H 1583 -63.77 -69.14 -43.60
N ARG H 1584 -64.54 -68.88 -44.67
CA ARG H 1584 -65.33 -69.95 -45.29
C ARG H 1584 -64.48 -71.17 -45.60
N LYS H 1585 -63.25 -70.95 -46.06
CA LYS H 1585 -62.34 -72.07 -46.25
C LYS H 1585 -61.87 -72.63 -44.92
N ASN H 1586 -61.58 -71.75 -43.96
CA ASN H 1586 -60.97 -72.18 -42.71
C ASN H 1586 -61.91 -73.08 -41.92
N PRO H 1587 -61.41 -74.18 -41.34
CA PRO H 1587 -62.30 -75.03 -40.54
C PRO H 1587 -62.38 -74.62 -39.09
N ALA H 1588 -61.50 -73.74 -38.63
CA ALA H 1588 -61.47 -73.39 -37.22
C ALA H 1588 -62.75 -72.64 -36.83
N PRO H 1589 -63.40 -73.02 -35.72
CA PRO H 1589 -64.61 -72.32 -35.30
C PRO H 1589 -64.29 -71.02 -34.60
N GLN H 1590 -65.07 -69.98 -34.92
CA GLN H 1590 -65.00 -68.72 -34.21
C GLN H 1590 -66.40 -68.16 -34.04
N CYS H 1591 -66.56 -67.26 -33.08
CA CYS H 1591 -67.80 -66.53 -32.90
C CYS H 1591 -67.56 -65.08 -33.28
N PRO H 1592 -68.01 -64.64 -34.45
CA PRO H 1592 -67.79 -63.25 -34.85
C PRO H 1592 -68.54 -62.29 -33.95
N PRO H 1593 -68.01 -61.09 -33.74
CA PRO H 1593 -68.73 -60.10 -32.93
C PRO H 1593 -70.09 -59.75 -33.50
N ARG H 1594 -70.22 -59.74 -34.82
CA ARG H 1594 -71.47 -59.32 -35.45
C ARG H 1594 -72.60 -60.27 -35.09
N LEU H 1595 -72.32 -61.57 -35.02
CA LEU H 1595 -73.34 -62.53 -34.63
C LEU H 1595 -73.88 -62.19 -33.25
N GLU H 1596 -75.20 -62.25 -33.11
CA GLU H 1596 -75.84 -61.88 -31.86
C GLU H 1596 -77.25 -62.47 -31.85
N VAL H 1597 -77.74 -62.77 -30.65
CA VAL H 1597 -79.10 -63.25 -30.50
C VAL H 1597 -80.08 -62.11 -30.78
N GLN H 1598 -81.10 -62.40 -31.58
CA GLN H 1598 -82.16 -61.45 -31.88
C GLN H 1598 -83.41 -61.87 -31.11
N MET H 1599 -84.08 -60.90 -30.51
CA MET H 1599 -85.29 -61.12 -29.75
C MET H 1599 -86.47 -60.60 -30.57
N LEU H 1600 -87.54 -61.40 -30.65
CA LEU H 1600 -88.69 -60.99 -31.43
C LEU H 1600 -89.47 -59.90 -30.70
N MET H 1601 -89.30 -58.67 -31.18
CA MET H 1601 -90.05 -57.54 -30.68
C MET H 1601 -91.39 -57.45 -31.41
N PRO H 1602 -92.50 -57.49 -30.68
CA PRO H 1602 -93.80 -57.62 -31.35
C PRO H 1602 -94.22 -56.38 -32.14
N VAL H 1603 -94.06 -55.19 -31.57
CA VAL H 1603 -94.55 -53.96 -32.19
C VAL H 1603 -93.38 -53.00 -32.38
N SER H 1604 -93.45 -52.21 -33.43
CA SER H 1604 -92.37 -51.30 -33.81
C SER H 1604 -92.97 -50.01 -34.34
N TRP H 1605 -92.26 -48.91 -34.10
CA TRP H 1605 -92.65 -47.65 -34.73
C TRP H 1605 -92.43 -47.74 -36.23
N SER H 1606 -93.30 -47.06 -36.98
CA SER H 1606 -93.21 -47.03 -38.44
C SER H 1606 -93.87 -45.77 -38.96
N ARG H 1607 -93.15 -45.03 -39.80
CA ARG H 1607 -93.71 -43.89 -40.49
C ARG H 1607 -94.75 -44.32 -41.51
N MET H 1608 -95.94 -43.74 -41.45
CA MET H 1608 -96.83 -43.87 -42.59
C MET H 1608 -96.40 -42.92 -43.70
N PRO H 1609 -96.60 -43.28 -44.95
CA PRO H 1609 -96.17 -42.42 -46.05
C PRO H 1609 -96.92 -41.09 -46.04
N ASN H 1610 -96.25 -40.06 -46.58
CA ASN H 1610 -96.88 -38.76 -46.68
C ASN H 1610 -98.08 -38.78 -47.61
N HIS H 1611 -98.16 -39.78 -48.48
CA HIS H 1611 -99.26 -39.93 -49.42
C HIS H 1611 -99.63 -41.40 -49.53
N PHE H 1612 -100.87 -41.67 -49.93
CA PHE H 1612 -101.38 -43.02 -50.07
C PHE H 1612 -102.05 -43.18 -51.42
N LEU H 1613 -102.04 -44.40 -51.95
CA LEU H 1613 -102.70 -44.67 -53.22
C LEU H 1613 -104.19 -44.45 -53.08
N GLN H 1614 -104.80 -43.87 -54.12
CA GLN H 1614 -106.22 -43.54 -54.10
C GLN H 1614 -106.98 -44.53 -54.98
N VAL H 1615 -107.92 -45.24 -54.37
CA VAL H 1615 -108.73 -46.22 -55.08
C VAL H 1615 -110.20 -45.93 -54.80
N GLU H 1616 -111.00 -45.97 -55.86
CA GLU H 1616 -112.44 -45.82 -55.76
C GLU H 1616 -113.10 -47.16 -56.06
N THR H 1617 -114.20 -47.45 -55.37
CA THR H 1617 -114.91 -48.71 -55.49
C THR H 1617 -116.39 -48.43 -55.70
N ARG H 1618 -117.01 -49.21 -56.60
CA ARG H 1618 -118.44 -49.12 -56.80
C ARG H 1618 -118.93 -50.39 -57.49
N ARG H 1619 -120.23 -50.63 -57.38
CA ARG H 1619 -120.90 -51.62 -58.21
C ARG H 1619 -121.24 -50.95 -59.54
N ALA H 1620 -120.48 -51.28 -60.58
CA ALA H 1620 -120.76 -50.70 -61.89
C ALA H 1620 -122.16 -51.07 -62.36
N GLY H 1621 -122.62 -52.25 -62.00
CA GLY H 1621 -123.98 -52.68 -62.32
C GLY H 1621 -124.21 -54.08 -61.82
N GLU H 1622 -125.49 -54.44 -61.70
CA GLU H 1622 -125.82 -55.79 -61.29
C GLU H 1622 -125.25 -56.81 -62.27
N ARG H 1623 -125.39 -56.54 -63.56
CA ARG H 1623 -124.73 -57.38 -64.55
C ARG H 1623 -123.24 -57.05 -64.62
N LEU H 1624 -122.89 -55.76 -64.46
CA LEU H 1624 -121.49 -55.37 -64.53
C LEU H 1624 -120.69 -55.93 -63.35
N GLY H 1625 -121.23 -55.80 -62.13
CA GLY H 1625 -120.51 -56.22 -60.96
C GLY H 1625 -119.70 -55.08 -60.35
N TRP H 1626 -119.01 -55.41 -59.26
CA TRP H 1626 -118.17 -54.45 -58.59
C TRP H 1626 -116.81 -54.34 -59.26
N ALA H 1627 -116.32 -53.11 -59.39
CA ALA H 1627 -115.02 -52.83 -59.96
C ALA H 1627 -114.31 -51.79 -59.13
N VAL H 1628 -112.97 -51.83 -59.17
CA VAL H 1628 -112.14 -50.85 -58.49
C VAL H 1628 -111.28 -50.17 -59.54
N GLN H 1629 -110.83 -48.96 -59.24
CA GLN H 1629 -109.98 -48.20 -60.14
C GLN H 1629 -108.99 -47.39 -59.34
N CYS H 1630 -107.73 -47.39 -59.80
CA CYS H 1630 -106.69 -46.53 -59.26
C CYS H 1630 -105.75 -46.16 -60.39
N GLN H 1631 -105.64 -44.87 -60.69
CA GLN H 1631 -104.89 -44.40 -61.84
C GLN H 1631 -103.79 -43.42 -61.47
N ASP H 1632 -103.36 -43.40 -60.22
CA ASP H 1632 -102.37 -42.46 -59.75
C ASP H 1632 -101.04 -43.17 -59.50
N PRO H 1633 -99.98 -42.77 -60.18
CA PRO H 1633 -98.67 -43.38 -59.90
C PRO H 1633 -98.00 -42.79 -58.67
N LEU H 1634 -97.74 -43.63 -57.69
CA LEU H 1634 -97.10 -43.22 -56.44
C LEU H 1634 -96.00 -44.21 -56.10
N THR H 1635 -94.77 -43.71 -56.00
CA THR H 1635 -93.59 -44.55 -55.84
C THR H 1635 -92.78 -44.05 -54.65
N MET H 1636 -92.22 -44.98 -53.89
CA MET H 1636 -91.43 -44.66 -52.70
C MET H 1636 -90.08 -45.34 -52.79
N MET H 1637 -89.03 -44.62 -52.42
CA MET H 1637 -87.69 -45.20 -52.42
C MET H 1637 -87.48 -46.02 -51.17
N ALA H 1638 -87.27 -47.32 -51.34
CA ALA H 1638 -87.10 -48.24 -50.22
C ALA H 1638 -85.63 -48.61 -50.13
N LEU H 1639 -85.04 -48.40 -48.95
CA LEU H 1639 -83.67 -48.78 -48.69
C LEU H 1639 -83.68 -50.16 -48.05
N HIS H 1640 -83.44 -51.18 -48.88
CA HIS H 1640 -83.51 -52.58 -48.47
C HIS H 1640 -82.20 -52.99 -47.82
N ILE H 1641 -82.30 -53.79 -46.76
CA ILE H 1641 -81.14 -54.27 -46.03
C ILE H 1641 -80.92 -55.73 -46.43
N PRO H 1642 -79.76 -56.09 -46.98
CA PRO H 1642 -79.63 -57.40 -47.63
C PRO H 1642 -79.85 -58.59 -46.72
N GLU H 1643 -79.18 -58.64 -45.57
CA GLU H 1643 -79.17 -59.85 -44.76
C GLU H 1643 -80.57 -60.23 -44.30
N GLU H 1644 -81.35 -59.25 -43.85
CA GLU H 1644 -82.71 -59.55 -43.38
C GLU H 1644 -83.65 -59.77 -44.55
N ASN H 1645 -83.22 -59.42 -45.76
CA ASN H 1645 -84.04 -59.58 -46.96
C ASN H 1645 -85.37 -58.84 -46.83
N ARG H 1646 -85.30 -57.56 -46.49
CA ARG H 1646 -86.48 -56.73 -46.32
C ARG H 1646 -86.21 -55.34 -46.86
N CYS H 1647 -87.27 -54.66 -47.25
CA CYS H 1647 -87.20 -53.27 -47.70
C CYS H 1647 -87.57 -52.39 -46.52
N MET H 1648 -87.13 -51.14 -46.56
CA MET H 1648 -87.40 -50.21 -45.46
C MET H 1648 -87.31 -48.80 -46.02
N ASP H 1649 -88.26 -47.96 -45.64
CA ASP H 1649 -88.37 -46.64 -46.23
C ASP H 1649 -87.22 -45.74 -45.79
N ILE H 1650 -86.70 -44.96 -46.74
CA ILE H 1650 -85.60 -44.06 -46.43
C ILE H 1650 -86.04 -43.01 -45.42
N LEU H 1651 -87.24 -42.47 -45.58
CA LEU H 1651 -87.74 -41.47 -44.65
C LEU H 1651 -87.74 -42.00 -43.23
N GLU H 1652 -88.04 -43.29 -43.06
CA GLU H 1652 -87.99 -43.90 -41.74
C GLU H 1652 -86.58 -43.90 -41.18
N LEU H 1653 -85.58 -44.02 -42.05
CA LEU H 1653 -84.20 -44.10 -41.58
C LEU H 1653 -83.79 -42.83 -40.88
N SER H 1654 -84.50 -41.72 -41.13
CA SER H 1654 -84.17 -40.47 -40.47
C SER H 1654 -84.23 -40.61 -38.95
N GLU H 1655 -85.13 -41.45 -38.44
CA GLU H 1655 -85.25 -41.58 -37.00
C GLU H 1655 -84.12 -42.43 -36.41
N ARG H 1656 -83.68 -43.46 -37.14
CA ARG H 1656 -82.59 -44.30 -36.68
C ARG H 1656 -81.26 -43.64 -37.02
N LEU H 1657 -80.62 -43.05 -35.99
CA LEU H 1657 -79.39 -42.31 -36.21
C LEU H 1657 -78.27 -43.21 -36.69
N ASP H 1658 -78.21 -44.44 -36.19
CA ASP H 1658 -77.16 -45.35 -36.61
C ASP H 1658 -77.24 -45.64 -38.10
N LEU H 1659 -78.43 -45.96 -38.59
CA LEU H 1659 -78.60 -46.22 -40.01
C LEU H 1659 -78.35 -44.97 -40.82
N GLN H 1660 -78.80 -43.81 -40.31
CA GLN H 1660 -78.53 -42.55 -41.00
C GLN H 1660 -77.04 -42.33 -41.18
N ARG H 1661 -76.28 -42.48 -40.10
CA ARG H 1661 -74.84 -42.27 -40.17
C ARG H 1661 -74.18 -43.27 -41.09
N PHE H 1662 -74.57 -44.55 -41.00
CA PHE H 1662 -73.94 -45.56 -41.85
C PHE H 1662 -74.23 -45.30 -43.31
N HIS H 1663 -75.46 -44.92 -43.66
CA HIS H 1663 -75.78 -44.69 -45.05
C HIS H 1663 -75.13 -43.42 -45.57
N SER H 1664 -75.02 -42.40 -44.71
CA SER H 1664 -74.31 -41.20 -45.11
C SER H 1664 -72.85 -41.48 -45.40
N HIS H 1665 -72.21 -42.28 -44.53
CA HIS H 1665 -70.82 -42.65 -44.78
C HIS H 1665 -70.71 -43.57 -45.99
N THR H 1666 -71.76 -44.34 -46.27
CA THR H 1666 -71.78 -45.13 -47.50
C THR H 1666 -71.79 -44.23 -48.72
N LEU H 1667 -72.60 -43.18 -48.68
CA LEU H 1667 -72.63 -42.22 -49.77
C LEU H 1667 -71.27 -41.57 -49.93
N ARG H 1668 -70.66 -41.19 -48.81
CA ARG H 1668 -69.34 -40.59 -48.86
C ARG H 1668 -68.29 -41.58 -49.36
N LEU H 1669 -68.52 -42.87 -49.11
CA LEU H 1669 -67.60 -43.89 -49.61
C LEU H 1669 -67.68 -44.02 -51.12
N TYR H 1670 -68.90 -44.07 -51.65
CA TYR H 1670 -69.05 -43.99 -53.10
C TYR H 1670 -68.36 -42.75 -53.65
N ARG H 1671 -68.50 -41.64 -52.94
CA ARG H 1671 -67.87 -40.41 -53.38
C ARG H 1671 -66.36 -40.54 -53.41
N ALA H 1672 -65.78 -41.11 -52.36
CA ALA H 1672 -64.33 -41.24 -52.29
C ALA H 1672 -63.82 -42.18 -53.38
N VAL H 1673 -64.49 -43.31 -53.57
CA VAL H 1673 -63.99 -44.29 -54.54
C VAL H 1673 -64.14 -43.75 -55.96
N CYS H 1674 -65.13 -42.88 -56.18
CA CYS H 1674 -65.34 -42.36 -57.53
C CYS H 1674 -64.39 -41.19 -57.82
N ALA H 1675 -63.71 -40.69 -56.79
CA ALA H 1675 -63.03 -39.41 -56.86
C ALA H 1675 -62.01 -39.34 -58.00
N LEU H 1676 -61.68 -38.11 -58.39
CA LEU H 1676 -60.61 -37.83 -59.36
C LEU H 1676 -60.98 -38.38 -60.75
N GLY H 1677 -62.27 -38.41 -61.04
CA GLY H 1677 -62.71 -38.81 -62.37
C GLY H 1677 -62.46 -40.27 -62.69
N ASN H 1678 -62.65 -41.14 -61.70
CA ASN H 1678 -62.58 -42.58 -61.93
C ASN H 1678 -63.84 -42.98 -62.70
N ASN H 1679 -63.73 -42.99 -64.02
CA ASN H 1679 -64.92 -43.11 -64.85
C ASN H 1679 -65.47 -44.53 -64.82
N ARG H 1680 -64.61 -45.54 -64.88
CA ARG H 1680 -65.09 -46.91 -64.84
C ARG H 1680 -65.77 -47.19 -63.49
N VAL H 1681 -65.16 -46.72 -62.42
CA VAL H 1681 -65.79 -46.81 -61.10
C VAL H 1681 -67.13 -46.10 -61.11
N ALA H 1682 -67.19 -44.93 -61.75
CA ALA H 1682 -68.43 -44.16 -61.79
C ALA H 1682 -69.53 -44.94 -62.49
N HIS H 1683 -69.21 -45.57 -63.62
CA HIS H 1683 -70.20 -46.40 -64.29
C HIS H 1683 -70.64 -47.56 -63.40
N ALA H 1684 -69.69 -48.16 -62.70
CA ALA H 1684 -70.04 -49.22 -61.76
C ALA H 1684 -71.05 -48.73 -60.73
N LEU H 1685 -70.85 -47.52 -60.22
CA LEU H 1685 -71.82 -46.95 -59.30
C LEU H 1685 -73.17 -46.72 -59.97
N CYS H 1686 -73.15 -46.24 -61.22
CA CYS H 1686 -74.40 -46.09 -61.97
C CYS H 1686 -75.14 -47.41 -62.03
N SER H 1687 -74.42 -48.52 -62.02
CA SER H 1687 -75.10 -49.80 -61.86
C SER H 1687 -75.78 -49.91 -60.51
N HIS H 1688 -75.13 -49.44 -59.44
CA HIS H 1688 -75.71 -49.57 -58.11
C HIS H 1688 -76.70 -48.44 -57.82
N VAL H 1689 -76.40 -47.23 -58.28
CA VAL H 1689 -77.22 -46.06 -58.02
C VAL H 1689 -77.87 -45.62 -59.32
N ASP H 1690 -79.19 -45.51 -59.31
CA ASP H 1690 -79.91 -45.11 -60.51
C ASP H 1690 -79.94 -43.59 -60.63
N GLN H 1691 -79.76 -43.10 -61.86
CA GLN H 1691 -79.84 -41.67 -62.11
C GLN H 1691 -81.22 -41.13 -61.77
N ALA H 1692 -82.27 -41.84 -62.19
CA ALA H 1692 -83.63 -41.40 -61.87
C ALA H 1692 -83.87 -41.45 -60.37
N GLN H 1693 -83.30 -42.44 -59.70
CA GLN H 1693 -83.35 -42.48 -58.25
C GLN H 1693 -82.75 -41.23 -57.64
N LEU H 1694 -81.57 -40.84 -58.14
CA LEU H 1694 -80.93 -39.61 -57.64
C LEU H 1694 -81.82 -38.41 -57.90
N LEU H 1695 -82.42 -38.33 -59.08
CA LEU H 1695 -83.29 -37.20 -59.41
C LEU H 1695 -84.46 -37.13 -58.44
N HIS H 1696 -85.12 -38.26 -58.20
CA HIS H 1696 -86.24 -38.27 -57.27
C HIS H 1696 -85.78 -37.89 -55.88
N ALA H 1697 -84.59 -38.35 -55.48
CA ALA H 1697 -84.05 -37.98 -54.17
C ALA H 1697 -83.88 -36.47 -54.07
N LEU H 1698 -83.41 -35.84 -55.15
CA LEU H 1698 -83.35 -34.38 -55.14
C LEU H 1698 -84.73 -33.78 -54.99
N GLU H 1699 -85.72 -34.32 -55.70
CA GLU H 1699 -87.06 -33.74 -55.65
C GLU H 1699 -87.67 -33.84 -54.26
N ASP H 1700 -87.48 -34.96 -53.58
CA ASP H 1700 -88.13 -35.16 -52.29
C ASP H 1700 -87.50 -34.26 -51.23
N ALA H 1701 -88.36 -33.62 -50.42
CA ALA H 1701 -87.87 -32.70 -49.41
C ALA H 1701 -87.86 -33.36 -48.03
N HIS H 1702 -88.69 -34.38 -47.83
CA HIS H 1702 -88.81 -34.98 -46.50
C HIS H 1702 -87.54 -35.73 -46.11
N LEU H 1703 -86.73 -36.10 -47.10
CA LEU H 1703 -85.58 -36.93 -46.83
C LEU H 1703 -84.55 -36.16 -46.00
N PRO H 1704 -83.83 -36.83 -45.09
CA PRO H 1704 -82.98 -36.10 -44.14
C PRO H 1704 -81.82 -35.38 -44.81
N GLY H 1705 -81.37 -34.30 -44.16
CA GLY H 1705 -80.36 -33.42 -44.70
C GLY H 1705 -79.02 -34.05 -45.02
N PRO H 1706 -78.42 -34.82 -44.10
CA PRO H 1706 -77.16 -35.47 -44.47
C PRO H 1706 -77.30 -36.39 -45.66
N LEU H 1707 -78.42 -37.12 -45.73
CA LEU H 1707 -78.65 -37.97 -46.88
C LEU H 1707 -78.76 -37.16 -48.17
N ARG H 1708 -79.51 -36.06 -48.14
CA ARG H 1708 -79.68 -35.31 -49.39
C ARG H 1708 -78.35 -34.69 -49.80
N ALA H 1709 -77.56 -34.24 -48.83
CA ALA H 1709 -76.23 -33.74 -49.16
C ALA H 1709 -75.41 -34.83 -49.83
N GLY H 1710 -75.45 -36.05 -49.28
CA GLY H 1710 -74.70 -37.14 -49.87
C GLY H 1710 -75.14 -37.45 -51.29
N TYR H 1711 -76.45 -37.58 -51.52
CA TYR H 1711 -76.93 -37.91 -52.85
C TYR H 1711 -76.65 -36.79 -53.84
N TYR H 1712 -76.78 -35.54 -53.40
CA TYR H 1712 -76.47 -34.43 -54.29
C TYR H 1712 -75.01 -34.45 -54.68
N ASP H 1713 -74.13 -34.72 -53.70
CA ASP H 1713 -72.71 -34.83 -54.00
C ASP H 1713 -72.45 -35.97 -54.98
N LEU H 1714 -73.11 -37.10 -54.78
CA LEU H 1714 -72.90 -38.23 -55.69
C LEU H 1714 -73.34 -37.89 -57.10
N LEU H 1715 -74.52 -37.28 -57.26
CA LEU H 1715 -74.93 -36.90 -58.61
C LEU H 1715 -73.91 -35.97 -59.24
N ILE H 1716 -73.60 -34.87 -58.54
CA ILE H 1716 -72.71 -33.85 -59.09
C ILE H 1716 -71.38 -34.47 -59.48
N SER H 1717 -70.84 -35.32 -58.63
CA SER H 1717 -69.52 -35.85 -58.88
C SER H 1717 -69.55 -37.01 -59.87
N ILE H 1718 -70.23 -38.10 -59.52
CA ILE H 1718 -70.25 -39.29 -60.36
C ILE H 1718 -70.66 -38.94 -61.78
N HIS H 1719 -71.32 -37.80 -61.99
CA HIS H 1719 -71.60 -37.43 -63.37
C HIS H 1719 -70.84 -36.21 -63.86
N LEU H 1720 -70.71 -35.16 -63.06
CA LEU H 1720 -70.20 -33.91 -63.61
C LEU H 1720 -68.72 -33.71 -63.31
N GLU H 1721 -68.23 -34.20 -62.17
CA GLU H 1721 -67.01 -33.64 -61.59
C GLU H 1721 -65.83 -33.68 -62.55
N SER H 1722 -65.78 -34.68 -63.43
CA SER H 1722 -64.70 -34.72 -64.41
C SER H 1722 -64.76 -33.53 -65.35
N ALA H 1723 -65.93 -33.31 -65.96
CA ALA H 1723 -66.11 -32.13 -66.78
C ALA H 1723 -65.93 -30.86 -65.95
N CYS H 1724 -66.29 -30.92 -64.68
CA CYS H 1724 -66.15 -29.76 -63.81
C CYS H 1724 -64.70 -29.35 -63.68
N ARG H 1725 -63.84 -30.29 -63.29
CA ARG H 1725 -62.43 -29.97 -63.10
C ARG H 1725 -61.78 -29.59 -64.43
N SER H 1726 -62.14 -30.29 -65.51
CA SER H 1726 -61.58 -29.92 -66.81
C SER H 1726 -61.94 -28.49 -67.18
N ARG H 1727 -63.23 -28.17 -67.12
CA ARG H 1727 -63.69 -26.84 -67.50
C ARG H 1727 -63.07 -25.77 -66.62
N ARG H 1728 -63.02 -26.02 -65.31
CA ARG H 1728 -62.42 -25.04 -64.41
C ARG H 1728 -60.94 -24.83 -64.74
N SER H 1729 -60.24 -25.91 -65.08
CA SER H 1729 -58.84 -25.76 -65.45
C SER H 1729 -58.68 -24.89 -66.70
N MET H 1730 -59.54 -25.09 -67.70
CA MET H 1730 -59.36 -24.31 -68.92
C MET H 1730 -60.10 -22.98 -68.86
N LEU H 1731 -60.74 -22.68 -67.73
CA LEU H 1731 -61.39 -21.38 -67.58
C LEU H 1731 -60.38 -20.25 -67.58
N SER H 1732 -59.20 -20.48 -67.00
CA SER H 1732 -58.22 -19.42 -66.86
C SER H 1732 -57.77 -18.90 -68.23
N GLU H 1733 -57.47 -19.80 -69.15
CA GLU H 1733 -56.99 -19.40 -70.46
C GLU H 1733 -58.08 -18.67 -71.23
N TYR H 1734 -57.71 -17.56 -71.87
CA TYR H 1734 -58.63 -16.68 -72.58
C TYR H 1734 -58.16 -16.58 -74.03
N ILE H 1735 -58.79 -17.36 -74.90
CA ILE H 1735 -58.42 -17.39 -76.32
C ILE H 1735 -59.67 -17.05 -77.13
N VAL H 1736 -59.53 -16.09 -78.04
CA VAL H 1736 -60.65 -15.54 -78.80
C VAL H 1736 -60.35 -15.72 -80.28
N PRO H 1737 -61.20 -16.40 -81.04
CA PRO H 1737 -61.02 -16.44 -82.50
C PRO H 1737 -61.47 -15.14 -83.14
N LEU H 1738 -61.02 -14.94 -84.38
CA LEU H 1738 -61.36 -13.74 -85.14
C LEU H 1738 -62.57 -14.03 -86.03
N THR H 1739 -63.65 -14.47 -85.37
CA THR H 1739 -64.90 -14.70 -86.06
C THR H 1739 -65.57 -13.39 -86.40
N PRO H 1740 -66.32 -13.34 -87.51
CA PRO H 1740 -67.23 -12.20 -87.69
C PRO H 1740 -68.20 -12.06 -86.55
N GLU H 1741 -68.65 -13.18 -85.99
CA GLU H 1741 -69.45 -13.14 -84.78
C GLU H 1741 -68.68 -12.47 -83.64
N THR H 1742 -67.40 -12.81 -83.51
CA THR H 1742 -66.56 -12.13 -82.51
C THR H 1742 -66.53 -10.63 -82.79
N ARG H 1743 -66.42 -10.25 -84.07
CA ARG H 1743 -66.41 -8.84 -84.42
CA ARG H 1743 -66.41 -8.84 -84.42
C ARG H 1743 -67.72 -8.16 -84.01
N ALA H 1744 -68.83 -8.87 -84.08
CA ALA H 1744 -70.12 -8.29 -83.73
C ALA H 1744 -70.16 -7.88 -82.26
N ILE H 1745 -69.35 -8.51 -81.41
CA ILE H 1745 -69.43 -8.24 -79.98
C ILE H 1745 -68.93 -6.84 -79.68
N THR H 1746 -69.60 -6.18 -78.74
CA THR H 1746 -69.19 -4.88 -78.23
C THR H 1746 -69.25 -4.89 -76.71
N LEU H 1747 -68.54 -3.95 -76.10
CA LEU H 1747 -68.53 -3.86 -74.64
C LEU H 1747 -69.92 -3.54 -74.11
N PHE H 1748 -70.62 -2.59 -74.73
CA PHE H 1748 -71.90 -2.14 -74.23
C PHE H 1748 -73.02 -2.51 -75.20
N PRO H 1749 -74.16 -2.96 -74.69
CA PRO H 1749 -75.29 -3.25 -75.56
C PRO H 1749 -75.76 -2.01 -76.29
N PRO H 1750 -76.19 -2.14 -77.54
CA PRO H 1750 -76.69 -0.98 -78.28
C PRO H 1750 -77.96 -0.42 -77.64
N GLY H 1751 -78.16 0.88 -77.82
CA GLY H 1751 -79.33 1.54 -77.27
C GLY H 1751 -79.32 3.02 -77.62
N ARG H 1752 -80.42 3.69 -77.29
CA ARG H 1752 -80.53 5.12 -77.57
C ARG H 1752 -79.61 5.93 -76.66
N LYS H 1753 -79.39 5.45 -75.43
CA LYS H 1753 -78.55 6.17 -74.49
C LYS H 1753 -77.08 5.92 -74.80
N GLY H 1754 -76.23 6.86 -74.39
CA GLY H 1754 -74.80 6.69 -74.59
C GLY H 1754 -74.29 5.46 -73.87
N GLY H 1755 -73.28 4.82 -74.47
CA GLY H 1755 -72.84 3.51 -73.98
C GLY H 1755 -72.39 3.53 -72.53
N ASN H 1756 -71.54 4.50 -72.18
CA ASN H 1756 -71.14 4.64 -70.78
C ASN H 1756 -72.33 4.97 -69.90
N ALA H 1757 -73.22 5.85 -70.38
CA ALA H 1757 -74.44 6.15 -69.65
C ALA H 1757 -75.41 4.97 -69.70
N ARG H 1758 -75.31 4.13 -70.73
CA ARG H 1758 -76.18 2.97 -70.83
C ARG H 1758 -75.88 1.98 -69.71
N ARG H 1759 -76.91 1.28 -69.27
CA ARG H 1759 -76.75 0.27 -68.23
C ARG H 1759 -75.77 -0.80 -68.69
N HIS H 1760 -74.91 -1.24 -67.77
CA HIS H 1760 -74.02 -2.34 -68.07
C HIS H 1760 -74.82 -3.57 -68.48
N GLY H 1761 -74.34 -4.26 -69.50
CA GLY H 1761 -75.02 -5.45 -69.98
C GLY H 1761 -75.24 -6.45 -68.87
N LEU H 1762 -76.40 -7.09 -68.89
CA LEU H 1762 -76.76 -8.02 -67.83
C LEU H 1762 -75.75 -9.16 -67.82
N PRO H 1763 -75.07 -9.40 -66.71
CA PRO H 1763 -73.93 -10.33 -66.71
C PRO H 1763 -74.35 -11.74 -67.10
N GLY H 1764 -73.47 -12.43 -67.79
CA GLY H 1764 -73.73 -13.78 -68.24
C GLY H 1764 -74.60 -13.88 -69.47
N VAL H 1765 -75.05 -12.75 -70.00
CA VAL H 1765 -75.95 -12.71 -71.15
C VAL H 1765 -75.21 -12.12 -72.33
N GLY H 1766 -75.25 -12.80 -73.45
CA GLY H 1766 -74.54 -12.38 -74.64
C GLY H 1766 -73.84 -13.56 -75.25
N VAL H 1767 -72.95 -13.27 -76.20
CA VAL H 1767 -72.20 -14.30 -76.90
C VAL H 1767 -70.75 -14.21 -76.49
N THR H 1768 -70.22 -15.31 -75.96
CA THR H 1768 -68.81 -15.43 -75.62
C THR H 1768 -68.18 -16.47 -76.53
N THR H 1769 -67.25 -16.03 -77.37
CA THR H 1769 -66.64 -16.92 -78.35
C THR H 1769 -65.34 -17.54 -77.86
N SER H 1770 -65.03 -17.44 -76.58
CA SER H 1770 -63.83 -18.08 -76.06
C SER H 1770 -63.89 -19.58 -76.34
N LEU H 1771 -62.82 -20.10 -76.93
CA LEU H 1771 -62.84 -21.47 -77.43
C LEU H 1771 -62.79 -22.46 -76.28
N ARG H 1772 -63.93 -23.10 -76.02
CA ARG H 1772 -64.06 -24.10 -74.97
C ARG H 1772 -64.47 -25.43 -75.61
N PRO H 1773 -63.73 -26.51 -75.38
CA PRO H 1773 -64.12 -27.82 -75.93
C PRO H 1773 -65.46 -28.28 -75.38
N PRO H 1774 -66.27 -28.94 -76.19
CA PRO H 1774 -67.56 -29.43 -75.71
C PRO H 1774 -67.37 -30.52 -74.67
N HIS H 1775 -68.31 -30.58 -73.73
CA HIS H 1775 -68.30 -31.66 -72.75
C HIS H 1775 -68.60 -32.98 -73.44
N HIS H 1776 -67.89 -34.02 -73.02
CA HIS H 1776 -68.00 -35.33 -73.65
C HIS H 1776 -68.45 -36.36 -72.62
N PHE H 1777 -69.50 -37.10 -72.96
CA PHE H 1777 -70.07 -38.08 -72.06
C PHE H 1777 -70.35 -39.37 -72.81
N SER H 1778 -70.36 -40.48 -72.08
CA SER H 1778 -70.66 -41.78 -72.63
C SER H 1778 -71.95 -42.29 -72.02
N PRO H 1779 -72.91 -42.76 -72.82
CA PRO H 1779 -74.13 -43.31 -72.26
C PRO H 1779 -73.83 -44.53 -71.41
N PRO H 1780 -74.49 -44.68 -70.28
CA PRO H 1780 -74.27 -45.85 -69.43
C PRO H 1780 -75.08 -47.04 -69.90
N CYS H 1781 -74.41 -48.07 -70.40
CA CYS H 1781 -75.07 -49.28 -70.87
C CYS H 1781 -74.19 -50.48 -70.53
N PHE H 1782 -74.80 -51.49 -69.93
CA PHE H 1782 -74.07 -52.67 -69.51
C PHE H 1782 -74.32 -53.87 -70.41
N VAL H 1783 -75.25 -53.77 -71.36
CA VAL H 1783 -75.47 -54.86 -72.30
C VAL H 1783 -74.37 -54.87 -73.35
N ALA H 1784 -73.56 -53.82 -73.39
CA ALA H 1784 -72.45 -53.76 -74.32
C ALA H 1784 -71.47 -54.90 -74.07
N ALA H 1785 -70.91 -55.43 -75.15
CA ALA H 1785 -70.00 -56.56 -75.04
C ALA H 1785 -68.73 -56.16 -74.29
N LEU H 1786 -68.16 -57.14 -73.60
CA LEU H 1786 -66.92 -56.90 -72.88
C LEU H 1786 -65.81 -56.55 -73.86
N PRO H 1787 -64.99 -55.55 -73.57
CA PRO H 1787 -63.91 -55.17 -74.50
C PRO H 1787 -62.90 -56.30 -74.66
N ALA H 1788 -62.81 -56.82 -75.88
CA ALA H 1788 -61.81 -57.85 -76.18
C ALA H 1788 -60.40 -57.29 -76.07
N ALA H 1789 -60.24 -56.00 -76.31
CA ALA H 1789 -58.92 -55.38 -76.21
C ALA H 1789 -58.44 -55.40 -74.76
N GLY H 1790 -57.12 -55.50 -74.59
CA GLY H 1790 -56.55 -55.59 -73.26
C GLY H 1790 -56.74 -54.30 -72.47
N VAL H 1791 -56.73 -54.44 -71.15
CA VAL H 1791 -56.86 -53.29 -70.26
C VAL H 1791 -55.64 -52.37 -70.44
N ALA H 1792 -55.88 -51.07 -70.26
CA ALA H 1792 -54.88 -50.01 -70.35
C ALA H 1792 -54.49 -49.73 -71.80
N GLU H 1793 -55.11 -50.45 -72.74
CA GLU H 1793 -54.89 -50.14 -74.15
C GLU H 1793 -56.10 -49.43 -74.75
N ALA H 1794 -57.29 -49.80 -74.31
CA ALA H 1794 -58.49 -49.10 -74.73
C ALA H 1794 -58.51 -47.70 -74.12
N PRO H 1795 -59.08 -46.72 -74.81
CA PRO H 1795 -59.17 -45.37 -74.24
C PRO H 1795 -60.04 -45.37 -72.99
N ALA H 1796 -59.72 -44.48 -72.07
CA ALA H 1796 -60.47 -44.39 -70.82
C ALA H 1796 -61.92 -44.03 -71.09
N ARG H 1797 -62.82 -44.69 -70.36
CA ARG H 1797 -64.24 -44.47 -70.55
C ARG H 1797 -64.60 -43.03 -70.22
N LEU H 1798 -65.55 -42.48 -70.96
CA LEU H 1798 -66.06 -41.15 -70.65
C LEU H 1798 -66.97 -41.22 -69.42
N SER H 1799 -67.22 -40.06 -68.83
CA SER H 1799 -68.12 -39.99 -67.70
C SER H 1799 -69.54 -40.34 -68.15
N PRO H 1800 -70.35 -40.95 -67.29
CA PRO H 1800 -71.72 -41.30 -67.69
C PRO H 1800 -72.53 -40.07 -68.04
N ALA H 1801 -73.46 -40.25 -68.98
CA ALA H 1801 -74.22 -39.12 -69.51
C ALA H 1801 -75.49 -38.89 -68.71
N ILE H 1802 -75.83 -37.61 -68.53
CA ILE H 1802 -77.02 -37.17 -67.82
C ILE H 1802 -77.80 -36.23 -68.74
N PRO H 1803 -79.13 -36.30 -68.71
CA PRO H 1803 -79.91 -35.35 -69.52
C PRO H 1803 -79.77 -33.95 -68.94
N LEU H 1804 -78.94 -33.15 -69.62
CA LEU H 1804 -78.48 -31.91 -69.02
C LEU H 1804 -79.57 -30.84 -69.05
N GLU H 1805 -80.37 -30.80 -70.11
CA GLU H 1805 -81.45 -29.83 -70.17
C GLU H 1805 -82.45 -30.07 -69.04
N ALA H 1806 -82.91 -31.32 -68.89
CA ALA H 1806 -83.86 -31.63 -67.83
C ALA H 1806 -83.25 -31.36 -66.46
N LEU H 1807 -81.98 -31.72 -66.30
CA LEU H 1807 -81.32 -31.44 -65.02
C LEU H 1807 -81.29 -29.94 -64.74
N ARG H 1808 -81.05 -29.13 -65.77
CA ARG H 1808 -81.08 -27.68 -65.58
C ARG H 1808 -82.46 -27.22 -65.14
N ASP H 1809 -83.50 -27.72 -65.81
CA ASP H 1809 -84.85 -27.27 -65.46
C ASP H 1809 -85.19 -27.64 -64.02
N LYS H 1810 -84.86 -28.85 -63.60
CA LYS H 1810 -85.19 -29.21 -62.21
C LYS H 1810 -84.35 -28.40 -61.24
N ALA H 1811 -83.06 -28.21 -61.53
CA ALA H 1811 -82.24 -27.38 -60.64
C ALA H 1811 -82.88 -26.01 -60.46
N LEU H 1812 -83.32 -25.42 -61.57
CA LEU H 1812 -84.02 -24.15 -61.50
C LEU H 1812 -85.28 -24.28 -60.65
N ARG H 1813 -85.99 -25.40 -60.78
CA ARG H 1813 -87.27 -25.54 -60.09
C ARG H 1813 -87.09 -25.57 -58.57
N MET H 1814 -86.23 -26.46 -58.06
CA MET H 1814 -86.02 -26.45 -56.62
C MET H 1814 -85.25 -25.22 -56.15
N LEU H 1815 -84.53 -24.54 -57.05
CA LEU H 1815 -84.00 -23.24 -56.66
C LEU H 1815 -85.13 -22.26 -56.34
N GLY H 1816 -86.13 -22.20 -57.23
CA GLY H 1816 -87.28 -21.37 -56.97
C GLY H 1816 -88.01 -21.79 -55.70
N GLU H 1817 -88.14 -23.09 -55.49
CA GLU H 1817 -88.79 -23.58 -54.27
C GLU H 1817 -88.02 -23.14 -53.03
N ALA H 1818 -86.69 -23.20 -53.08
CA ALA H 1818 -85.90 -22.77 -51.94
C ALA H 1818 -86.08 -21.30 -51.66
N VAL H 1819 -86.08 -20.47 -52.71
CA VAL H 1819 -86.30 -19.04 -52.51
C VAL H 1819 -87.68 -18.80 -51.90
N ARG H 1820 -88.70 -19.48 -52.43
CA ARG H 1820 -90.05 -19.29 -51.92
C ARG H 1820 -90.15 -19.69 -50.45
N ASP H 1821 -89.58 -20.84 -50.09
CA ASP H 1821 -89.66 -21.30 -48.71
C ASP H 1821 -88.89 -20.37 -47.78
N GLY H 1822 -87.74 -19.88 -48.22
CA GLY H 1822 -87.01 -18.90 -47.43
C GLY H 1822 -87.86 -17.67 -47.17
N GLY H 1823 -88.57 -17.20 -48.20
CA GLY H 1823 -89.53 -16.14 -47.98
C GLY H 1823 -90.60 -16.54 -46.98
N GLN H 1824 -91.03 -17.80 -47.02
CA GLN H 1824 -92.09 -18.27 -46.15
C GLN H 1824 -91.64 -18.30 -44.69
N HIS H 1825 -90.36 -18.53 -44.47
CA HIS H 1825 -89.83 -18.73 -43.11
C HIS H 1825 -90.58 -19.84 -42.40
N ALA H 1826 -90.86 -20.93 -43.12
CA ALA H 1826 -91.49 -22.07 -42.51
C ALA H 1826 -90.60 -22.63 -41.41
N ARG H 1827 -91.23 -23.10 -40.33
CA ARG H 1827 -90.44 -23.58 -39.19
C ARG H 1827 -89.57 -24.76 -39.58
N ASP H 1828 -90.09 -25.67 -40.40
CA ASP H 1828 -89.33 -26.83 -40.83
C ASP H 1828 -88.61 -26.53 -42.13
N PRO H 1829 -87.29 -26.41 -42.14
CA PRO H 1829 -86.58 -26.26 -43.41
C PRO H 1829 -86.47 -27.61 -44.10
N VAL H 1830 -86.28 -27.55 -45.42
CA VAL H 1830 -86.06 -28.78 -46.17
C VAL H 1830 -84.76 -29.41 -45.69
N GLY H 1831 -84.83 -30.70 -45.35
CA GLY H 1831 -83.67 -31.39 -44.83
C GLY H 1831 -83.34 -31.11 -43.39
N GLY H 1832 -84.18 -30.35 -42.69
CA GLY H 1832 -83.98 -30.11 -41.28
C GLY H 1832 -83.19 -28.88 -40.92
N SER H 1833 -82.55 -28.23 -41.89
CA SER H 1833 -81.81 -26.99 -41.63
C SER H 1833 -81.89 -26.10 -42.85
N VAL H 1834 -81.74 -24.79 -42.63
CA VAL H 1834 -81.72 -23.86 -43.74
C VAL H 1834 -80.53 -24.14 -44.65
N GLU H 1835 -79.35 -24.31 -44.04
CA GLU H 1835 -78.18 -24.62 -44.84
C GLU H 1835 -78.33 -25.98 -45.50
N PHE H 1836 -78.91 -26.95 -44.81
CA PHE H 1836 -79.15 -28.25 -45.42
C PHE H 1836 -80.07 -28.12 -46.62
N GLN H 1837 -81.04 -27.21 -46.54
CA GLN H 1837 -81.97 -26.99 -47.64
C GLN H 1837 -81.25 -26.37 -48.83
N PHE H 1838 -80.45 -25.34 -48.59
CA PHE H 1838 -79.96 -24.55 -49.71
C PHE H 1838 -78.68 -25.12 -50.31
N VAL H 1839 -77.75 -25.57 -49.45
CA VAL H 1839 -76.38 -25.84 -49.92
C VAL H 1839 -76.35 -26.73 -51.16
N PRO H 1840 -77.02 -27.88 -51.20
CA PRO H 1840 -76.96 -28.69 -52.43
C PRO H 1840 -77.47 -27.96 -53.65
N VAL H 1841 -78.48 -27.09 -53.48
CA VAL H 1841 -78.99 -26.34 -54.61
C VAL H 1841 -77.91 -25.43 -55.18
N LEU H 1842 -77.17 -24.74 -54.30
CA LEU H 1842 -76.11 -23.88 -54.81
C LEU H 1842 -74.97 -24.69 -55.41
N LYS H 1843 -74.70 -25.88 -54.87
CA LYS H 1843 -73.72 -26.74 -55.52
C LYS H 1843 -74.14 -27.08 -56.95
N LEU H 1844 -75.39 -27.50 -57.12
CA LEU H 1844 -75.89 -27.82 -58.45
C LEU H 1844 -75.81 -26.61 -59.38
N VAL H 1845 -76.22 -25.45 -58.88
CA VAL H 1845 -76.20 -24.24 -59.69
C VAL H 1845 -74.77 -23.89 -60.09
N SER H 1846 -73.84 -23.99 -59.14
CA SER H 1846 -72.44 -23.71 -59.43
C SER H 1846 -71.93 -24.61 -60.53
N THR H 1847 -72.15 -25.91 -60.39
CA THR H 1847 -71.64 -26.84 -61.39
C THR H 1847 -72.25 -26.59 -62.75
N LEU H 1848 -73.58 -26.42 -62.80
CA LEU H 1848 -74.23 -26.22 -64.09
C LEU H 1848 -73.78 -24.93 -64.75
N LEU H 1849 -73.68 -23.84 -63.98
CA LEU H 1849 -73.24 -22.58 -64.54
C LEU H 1849 -71.81 -22.67 -65.05
N VAL H 1850 -70.93 -23.35 -64.31
CA VAL H 1850 -69.54 -23.43 -64.74
C VAL H 1850 -69.43 -24.29 -65.99
N MET H 1851 -70.23 -25.36 -66.08
CA MET H 1851 -70.31 -26.09 -67.34
C MET H 1851 -70.81 -25.21 -68.46
N GLY H 1852 -71.67 -24.25 -68.15
CA GLY H 1852 -72.26 -23.41 -69.15
C GLY H 1852 -73.46 -24.01 -69.84
N ILE H 1853 -73.83 -25.25 -69.49
CA ILE H 1853 -75.05 -25.83 -70.03
C ILE H 1853 -76.25 -25.00 -69.61
N PHE H 1854 -76.13 -24.30 -68.49
CA PHE H 1854 -77.24 -23.50 -67.97
C PHE H 1854 -77.57 -22.40 -68.97
N GLY H 1855 -78.72 -22.52 -69.62
CA GLY H 1855 -79.04 -21.63 -70.73
C GLY H 1855 -79.19 -20.19 -70.30
N ASP H 1856 -79.02 -19.28 -71.26
CA ASP H 1856 -78.92 -17.85 -70.96
C ASP H 1856 -80.17 -17.33 -70.26
N GLU H 1857 -81.35 -17.73 -70.75
CA GLU H 1857 -82.58 -17.28 -70.11
C GLU H 1857 -82.63 -17.77 -68.66
N ASP H 1858 -82.22 -19.01 -68.42
CA ASP H 1858 -82.20 -19.51 -67.06
C ASP H 1858 -81.17 -18.77 -66.20
N VAL H 1859 -80.06 -18.35 -66.80
CA VAL H 1859 -79.10 -17.52 -66.07
C VAL H 1859 -79.74 -16.20 -65.68
N LYS H 1860 -80.51 -15.61 -66.59
CA LYS H 1860 -81.29 -14.43 -66.25
C LYS H 1860 -82.19 -14.69 -65.05
N GLN H 1861 -82.89 -15.83 -65.08
CA GLN H 1861 -83.75 -16.20 -63.97
C GLN H 1861 -82.96 -16.27 -62.67
N ILE H 1862 -81.82 -16.95 -62.70
CA ILE H 1862 -80.97 -17.08 -61.51
C ILE H 1862 -80.59 -15.71 -60.99
N LEU H 1863 -80.25 -14.79 -61.89
CA LEU H 1863 -79.91 -13.45 -61.47
C LEU H 1863 -81.10 -12.78 -60.77
N LYS H 1864 -82.30 -12.97 -61.31
CA LYS H 1864 -83.48 -12.41 -60.62
C LYS H 1864 -83.61 -12.97 -59.22
N MET H 1865 -83.40 -14.28 -59.06
CA MET H 1865 -83.50 -14.86 -57.71
C MET H 1865 -82.43 -14.31 -56.79
N ILE H 1866 -81.20 -14.13 -57.30
CA ILE H 1866 -80.15 -13.59 -56.45
C ILE H 1866 -80.50 -12.18 -55.99
N GLU H 1867 -80.86 -11.31 -56.93
CA GLU H 1867 -81.24 -9.93 -56.65
C GLU H 1867 -82.28 -9.48 -57.67
N PRO H 1868 -83.56 -9.55 -57.34
CA PRO H 1868 -84.58 -9.19 -58.34
C PRO H 1868 -84.50 -7.75 -58.78
N GLU H 1869 -84.59 -6.81 -57.84
CA GLU H 1869 -84.62 -5.39 -58.19
C GLU H 1869 -83.38 -4.99 -58.97
N VAL H 1870 -82.26 -5.69 -58.76
CA VAL H 1870 -81.03 -5.33 -59.45
C VAL H 1870 -81.11 -5.72 -60.91
N PHE H 1871 -81.46 -6.97 -61.20
CA PHE H 1871 -81.30 -7.52 -62.54
C PHE H 1871 -82.56 -7.38 -63.38
N THR H 1872 -83.56 -6.64 -62.93
CA THR H 1872 -84.68 -6.32 -63.80
C THR H 1872 -84.18 -5.60 -65.05
N GLU H 1873 -84.71 -6.01 -66.19
CA GLU H 1873 -84.31 -5.46 -67.48
C GLU H 1873 -85.47 -4.68 -68.07
N GLU H 1874 -85.20 -3.46 -68.50
CA GLU H 1874 -86.23 -2.60 -69.09
C GLU H 1874 -86.75 -3.18 -70.39
N LEU H 1922 -93.64 -11.00 -53.12
CA LEU H 1922 -92.51 -10.46 -53.86
C LEU H 1922 -91.25 -11.27 -53.57
N GLU H 1923 -90.49 -11.56 -54.62
CA GLU H 1923 -89.21 -12.23 -54.43
C GLU H 1923 -88.22 -11.28 -53.77
N GLU H 1924 -87.60 -11.73 -52.68
CA GLU H 1924 -86.59 -10.96 -51.98
C GLU H 1924 -85.21 -11.47 -52.37
N GLY H 1925 -84.23 -10.59 -52.34
CA GLY H 1925 -82.88 -11.00 -52.71
C GLY H 1925 -82.36 -12.08 -51.78
N LEU H 1926 -81.55 -12.98 -52.35
CA LEU H 1926 -80.92 -14.00 -51.53
C LEU H 1926 -80.08 -13.39 -50.43
N LEU H 1927 -79.41 -12.27 -50.73
CA LEU H 1927 -78.69 -11.54 -49.70
C LEU H 1927 -79.64 -10.97 -48.66
N GLN H 1928 -80.80 -10.48 -49.11
CA GLN H 1928 -81.78 -9.94 -48.17
C GLN H 1928 -82.30 -11.02 -47.24
N MET H 1929 -82.35 -12.27 -47.72
CA MET H 1929 -82.87 -13.36 -46.92
C MET H 1929 -81.95 -13.65 -45.73
N LYS H 1930 -80.65 -13.42 -45.90
CA LYS H 1930 -79.61 -13.72 -44.92
C LYS H 1930 -79.43 -15.23 -44.84
N LEU H 1931 -78.21 -15.70 -44.73
CA LEU H 1931 -77.94 -17.13 -44.85
C LEU H 1931 -76.83 -17.51 -43.90
N PRO H 1932 -76.75 -18.78 -43.50
CA PRO H 1932 -75.61 -19.24 -42.70
C PRO H 1932 -74.31 -19.15 -43.49
N GLU H 1933 -73.21 -19.34 -42.76
CA GLU H 1933 -71.89 -19.03 -43.30
C GLU H 1933 -71.55 -19.90 -44.51
N SER H 1934 -71.89 -21.18 -44.46
CA SER H 1934 -71.60 -22.04 -45.60
C SER H 1934 -72.39 -21.60 -46.83
N VAL H 1935 -73.66 -21.28 -46.65
CA VAL H 1935 -74.48 -20.81 -47.76
C VAL H 1935 -73.88 -19.54 -48.33
N LYS H 1936 -73.41 -18.66 -47.46
CA LYS H 1936 -72.68 -17.48 -47.91
C LYS H 1936 -71.49 -17.88 -48.76
N LEU H 1937 -70.76 -18.91 -48.32
CA LEU H 1937 -69.59 -19.35 -49.09
C LEU H 1937 -69.98 -19.70 -50.51
N GLN H 1938 -70.99 -20.55 -50.68
CA GLN H 1938 -71.25 -21.01 -52.04
C GLN H 1938 -71.95 -19.96 -52.90
N MET H 1939 -72.78 -19.09 -52.31
CA MET H 1939 -73.35 -18.09 -53.21
C MET H 1939 -72.30 -17.05 -53.56
N CYS H 1940 -71.31 -16.86 -52.69
CA CYS H 1940 -70.14 -16.08 -53.07
C CYS H 1940 -69.42 -16.72 -54.23
N ASN H 1941 -69.33 -18.05 -54.24
CA ASN H 1941 -68.75 -18.73 -55.41
C ASN H 1941 -69.59 -18.45 -56.66
N LEU H 1942 -70.91 -18.42 -56.54
CA LEU H 1942 -71.73 -18.09 -57.69
C LEU H 1942 -71.41 -16.68 -58.21
N LEU H 1943 -71.32 -15.72 -57.30
CA LEU H 1943 -70.94 -14.36 -57.71
C LEU H 1943 -69.57 -14.36 -58.37
N GLU H 1944 -68.65 -15.18 -57.84
CA GLU H 1944 -67.31 -15.25 -58.43
C GLU H 1944 -67.38 -15.74 -59.86
N TYR H 1945 -68.20 -16.77 -60.12
CA TYR H 1945 -68.36 -17.25 -61.48
C TYR H 1945 -68.94 -16.16 -62.38
N PHE H 1946 -69.94 -15.44 -61.89
CA PHE H 1946 -70.53 -14.38 -62.68
C PHE H 1946 -69.50 -13.32 -63.03
N CYS H 1947 -68.66 -12.95 -62.07
CA CYS H 1947 -67.64 -11.93 -62.32
C CYS H 1947 -66.59 -12.45 -63.30
N ASP H 1948 -66.22 -13.72 -63.20
CA ASP H 1948 -65.28 -14.28 -64.16
C ASP H 1948 -65.84 -14.21 -65.57
N GLN H 1949 -67.12 -14.57 -65.73
CA GLN H 1949 -67.73 -14.49 -67.05
C GLN H 1949 -67.75 -13.04 -67.54
N GLU H 1950 -68.02 -12.11 -66.63
CA GLU H 1950 -68.05 -10.70 -67.01
C GLU H 1950 -66.68 -10.26 -67.51
N LEU H 1951 -65.62 -10.65 -66.79
CA LEU H 1951 -64.27 -10.29 -67.20
C LEU H 1951 -63.93 -10.91 -68.54
N GLN H 1952 -64.35 -12.16 -68.76
CA GLN H 1952 -64.15 -12.78 -70.07
C GLN H 1952 -64.83 -11.98 -71.15
N HIS H 1953 -66.04 -11.49 -70.87
CA HIS H 1953 -66.74 -10.64 -71.83
C HIS H 1953 -65.94 -9.39 -72.13
N ARG H 1954 -65.37 -8.77 -71.09
CA ARG H 1954 -64.51 -7.61 -71.32
C ARG H 1954 -63.37 -7.97 -72.26
N VAL H 1955 -62.72 -9.10 -72.01
CA VAL H 1955 -61.56 -9.50 -72.79
C VAL H 1955 -61.95 -9.66 -74.26
N GLU H 1956 -63.06 -10.36 -74.51
CA GLU H 1956 -63.47 -10.54 -75.90
C GLU H 1956 -63.89 -9.21 -76.53
N SER H 1957 -64.41 -8.30 -75.71
CA SER H 1957 -64.77 -6.98 -76.24
C SER H 1957 -63.53 -6.24 -76.72
N LEU H 1958 -62.47 -6.23 -75.91
CA LEU H 1958 -61.25 -5.58 -76.36
C LEU H 1958 -60.68 -6.32 -77.57
N ALA H 1959 -60.85 -7.63 -77.63
CA ALA H 1959 -60.40 -8.37 -78.80
C ALA H 1959 -61.11 -7.91 -80.07
N ALA H 1960 -62.42 -7.75 -80.00
CA ALA H 1960 -63.17 -7.33 -81.17
C ALA H 1960 -62.82 -5.90 -81.56
N PHE H 1961 -62.65 -5.01 -80.58
CA PHE H 1961 -62.20 -3.68 -80.90
C PHE H 1961 -60.83 -3.73 -81.56
N ALA H 1962 -59.97 -4.63 -81.10
CA ALA H 1962 -58.65 -4.79 -81.70
C ALA H 1962 -58.76 -5.23 -83.14
N GLU H 1963 -59.69 -6.12 -83.44
CA GLU H 1963 -59.92 -6.52 -84.82
C GLU H 1963 -60.30 -5.32 -85.68
N ARG H 1964 -61.28 -4.55 -85.23
CA ARG H 1964 -61.69 -3.37 -86.01
C ARG H 1964 -60.52 -2.40 -86.17
N TYR H 1965 -59.81 -2.13 -85.09
CA TYR H 1965 -58.71 -1.19 -85.12
C TYR H 1965 -57.60 -1.63 -86.04
N VAL H 1966 -57.23 -2.91 -86.00
CA VAL H 1966 -56.13 -3.38 -86.85
C VAL H 1966 -56.55 -3.32 -88.30
N ASP H 1967 -57.82 -3.59 -88.60
CA ASP H 1967 -58.29 -3.41 -89.97
C ASP H 1967 -58.12 -1.95 -90.39
N LYS H 1968 -58.51 -1.02 -89.51
CA LYS H 1968 -58.35 0.39 -89.83
C LYS H 1968 -56.89 0.75 -90.03
N LEU H 1969 -56.02 0.21 -89.18
CA LEU H 1969 -54.59 0.50 -89.29
C LEU H 1969 -54.03 -0.02 -90.59
N GLN H 1970 -54.41 -1.22 -90.99
CA GLN H 1970 -53.89 -1.77 -92.24
C GLN H 1970 -54.34 -0.91 -93.41
N ALA H 1971 -55.61 -0.52 -93.44
CA ALA H 1971 -56.08 0.34 -94.52
C ALA H 1971 -55.31 1.67 -94.52
N ASN H 1972 -55.24 2.31 -93.36
CA ASN H 1972 -54.64 3.63 -93.30
C ASN H 1972 -53.15 3.59 -93.59
N GLN H 1973 -52.49 2.48 -93.26
CA GLN H 1973 -51.04 2.48 -93.38
C GLN H 1973 -50.65 2.04 -94.78
N ARG H 1974 -51.49 1.21 -95.43
CA ARG H 1974 -51.41 1.09 -96.89
C ARG H 1974 -51.52 2.44 -97.56
N SER H 1975 -52.52 3.23 -97.15
CA SER H 1975 -52.66 4.57 -97.74
C SER H 1975 -51.43 5.41 -97.47
N ARG H 1976 -50.89 5.34 -96.26
CA ARG H 1976 -49.69 6.08 -95.91
C ARG H 1976 -48.51 5.68 -96.79
N TYR H 1977 -48.32 4.38 -96.99
CA TYR H 1977 -47.21 3.92 -97.82
C TYR H 1977 -47.40 4.34 -99.26
N ALA H 1978 -48.64 4.27 -99.75
CA ALA H 1978 -48.93 4.73 -101.11
C ALA H 1978 -48.59 6.20 -101.26
N LEU H 1979 -48.94 7.01 -100.27
CA LEU H 1979 -48.51 8.40 -100.25
C LEU H 1979 -46.98 8.49 -100.24
N LEU H 1980 -46.33 7.59 -99.49
CA LEU H 1980 -44.88 7.62 -99.39
C LEU H 1980 -44.22 7.45 -100.75
N MET H 1981 -44.62 6.43 -101.52
CA MET H 1981 -44.12 6.31 -102.88
C MET H 1981 -44.54 7.50 -103.73
N ARG H 1982 -45.59 8.20 -103.31
CA ARG H 1982 -46.00 9.40 -104.06
C ARG H 1982 -45.24 10.62 -103.57
N ALA H 1983 -45.14 10.79 -102.24
CA ALA H 1983 -44.66 12.06 -101.70
C ALA H 1983 -43.14 12.07 -101.50
N PHE H 1984 -42.48 10.93 -101.72
CA PHE H 1984 -41.04 10.89 -101.48
C PHE H 1984 -40.28 11.77 -102.46
N THR H 1985 -40.91 12.12 -103.59
CA THR H 1985 -40.25 12.99 -104.56
C THR H 1985 -40.18 14.43 -104.06
N MET H 1986 -41.18 14.87 -103.30
CA MET H 1986 -41.19 16.27 -102.87
C MET H 1986 -40.22 16.51 -101.73
N SER H 1987 -40.44 15.87 -100.58
CA SER H 1987 -39.71 16.15 -99.35
C SER H 1987 -38.86 14.95 -98.99
N ALA H 1988 -37.65 15.20 -98.50
CA ALA H 1988 -36.75 14.11 -98.15
C ALA H 1988 -36.62 13.94 -96.63
N ALA H 1989 -36.53 15.06 -95.90
CA ALA H 1989 -36.31 14.97 -94.45
C ALA H 1989 -37.47 14.28 -93.76
N GLU H 1990 -38.71 14.64 -94.11
CA GLU H 1990 -39.86 13.91 -93.57
C GLU H 1990 -39.93 12.50 -94.14
N THR H 1991 -39.53 12.34 -95.40
CA THR H 1991 -39.48 11.00 -95.99
C THR H 1991 -38.45 10.13 -95.28
N ALA H 1992 -37.32 10.73 -94.87
CA ALA H 1992 -36.30 9.96 -94.17
C ALA H 1992 -36.83 9.41 -92.86
N ARG H 1993 -37.52 10.26 -92.08
CA ARG H 1993 -38.08 9.81 -90.81
C ARG H 1993 -39.21 8.81 -91.04
N ARG H 1994 -40.09 9.08 -92.01
CA ARG H 1994 -41.22 8.19 -92.24
C ARG H 1994 -40.75 6.82 -92.70
N THR H 1995 -39.73 6.77 -93.56
CA THR H 1995 -39.13 5.49 -93.91
C THR H 1995 -38.51 4.82 -92.70
N ARG H 1996 -37.81 5.60 -91.87
CA ARG H 1996 -37.25 5.05 -90.65
C ARG H 1996 -38.35 4.44 -89.78
N GLU H 1997 -39.51 5.07 -89.74
CA GLU H 1997 -40.67 4.45 -89.10
C GLU H 1997 -41.00 3.13 -89.76
N PHE H 1998 -40.97 3.09 -91.09
CA PHE H 1998 -41.17 1.82 -91.78
C PHE H 1998 -39.94 0.93 -91.67
N ARG H 1999 -38.76 1.53 -91.49
CA ARG H 1999 -37.57 0.74 -91.24
C ARG H 1999 -37.68 -0.01 -89.92
N SER H 2000 -38.48 0.50 -89.00
CA SER H 2000 -38.66 -0.14 -87.71
C SER H 2000 -39.32 -1.52 -87.89
N PRO H 2001 -39.04 -2.46 -87.00
CA PRO H 2001 -39.74 -3.73 -87.04
C PRO H 2001 -41.23 -3.52 -86.83
N PRO H 2002 -42.07 -4.38 -87.41
CA PRO H 2002 -43.53 -4.11 -87.39
C PRO H 2002 -44.09 -3.96 -85.99
N GLN H 2003 -43.56 -4.72 -85.03
CA GLN H 2003 -44.06 -4.59 -83.66
C GLN H 2003 -43.76 -3.20 -83.10
N GLU H 2004 -42.54 -2.72 -83.30
CA GLU H 2004 -42.20 -1.38 -82.83
C GLU H 2004 -43.00 -0.33 -83.59
N GLN H 2005 -43.34 -0.65 -84.85
CA GLN H 2005 -44.21 0.24 -85.62
C GLN H 2005 -45.57 0.34 -84.97
N ILE H 2006 -46.16 -0.79 -84.61
CA ILE H 2006 -47.41 -0.76 -83.86
C ILE H 2006 -47.22 0.03 -82.58
N ASN H 2007 -46.08 -0.16 -81.91
CA ASN H 2007 -45.86 0.49 -80.63
C ASN H 2007 -45.88 2.00 -80.74
N MET H 2008 -45.09 2.58 -81.65
CA MET H 2008 -45.03 4.04 -81.66
C MET H 2008 -46.23 4.61 -82.41
N LEU H 2009 -46.96 3.77 -83.15
CA LEU H 2009 -48.29 4.19 -83.56
C LEU H 2009 -49.19 4.37 -82.36
N LEU H 2010 -49.15 3.42 -81.42
CA LEU H 2010 -50.03 3.50 -80.25
C LEU H 2010 -49.65 4.65 -79.32
N HIS H 2011 -48.62 5.40 -79.66
CA HIS H 2011 -48.11 6.46 -78.78
C HIS H 2011 -48.88 7.76 -79.02
N PHE H 2012 -50.19 7.68 -78.82
CA PHE H 2012 -51.06 8.85 -78.86
C PHE H 2012 -51.71 9.15 -77.52
N LYS H 2013 -51.51 8.29 -76.52
CA LYS H 2013 -52.20 8.46 -75.25
C LYS H 2013 -51.78 9.75 -74.54
N ASP H 2014 -50.48 10.05 -74.54
CA ASP H 2014 -49.98 11.15 -73.73
C ASP H 2014 -50.48 12.49 -74.25
N GLU H 2015 -50.73 12.58 -75.56
CA GLU H 2015 -51.11 13.78 -76.32
C GLU H 2015 -49.91 14.71 -76.49
N ALA H 2016 -48.78 14.43 -75.83
CA ALA H 2016 -47.57 15.22 -76.07
C ALA H 2016 -47.03 14.96 -77.47
N ASP H 2017 -47.00 13.70 -77.90
CA ASP H 2017 -46.55 13.34 -79.23
C ASP H 2017 -47.65 12.76 -80.10
N GLU H 2018 -48.92 12.96 -79.71
CA GLU H 2018 -50.03 12.44 -80.51
C GLU H 2018 -49.98 12.98 -81.93
N GLU H 2019 -49.60 14.26 -82.10
CA GLU H 2019 -49.43 14.83 -83.42
C GLU H 2019 -48.32 14.13 -84.19
N ASP H 2020 -47.32 13.59 -83.48
CA ASP H 2020 -46.22 12.89 -84.14
C ASP H 2020 -46.69 11.57 -84.74
N CYS H 2021 -47.71 10.96 -84.14
CA CYS H 2021 -48.24 9.72 -84.68
C CYS H 2021 -48.86 9.96 -86.05
N PRO H 2022 -48.51 9.17 -87.06
CA PRO H 2022 -49.07 9.40 -88.40
C PRO H 2022 -50.59 9.21 -88.46
N LEU H 2023 -51.16 8.48 -87.51
CA LEU H 2023 -52.59 8.22 -87.56
C LEU H 2023 -53.37 9.53 -87.44
N PRO H 2024 -54.47 9.67 -88.17
CA PRO H 2024 -55.22 10.92 -88.12
C PRO H 2024 -56.04 11.08 -86.84
N GLU H 2025 -56.42 12.34 -86.59
CA GLU H 2025 -57.10 12.68 -85.35
C GLU H 2025 -58.44 11.98 -85.24
N ASP H 2026 -59.07 11.68 -86.38
CA ASP H 2026 -60.36 11.00 -86.32
C ASP H 2026 -60.23 9.61 -85.71
N ILE H 2027 -59.29 8.81 -86.23
CA ILE H 2027 -59.13 7.45 -85.72
C ILE H 2027 -58.62 7.49 -84.28
N ARG H 2028 -57.73 8.45 -83.98
CA ARG H 2028 -57.34 8.63 -82.59
C ARG H 2028 -58.55 8.96 -81.72
N GLN H 2029 -59.52 9.69 -82.27
CA GLN H 2029 -60.69 10.05 -81.49
C GLN H 2029 -61.55 8.85 -81.18
N ASP H 2030 -61.81 7.99 -82.18
CA ASP H 2030 -62.65 6.84 -81.87
C ASP H 2030 -61.94 5.86 -80.96
N LEU H 2031 -60.61 5.74 -81.08
CA LEU H 2031 -59.92 4.85 -80.16
C LEU H 2031 -59.95 5.40 -78.75
N GLN H 2032 -59.87 6.73 -78.60
CA GLN H 2032 -60.03 7.32 -77.28
C GLN H 2032 -61.43 7.08 -76.74
N ASP H 2033 -62.43 7.13 -77.63
CA ASP H 2033 -63.78 6.81 -77.21
C ASP H 2033 -63.86 5.38 -76.72
N PHE H 2034 -63.19 4.46 -77.42
CA PHE H 2034 -63.13 3.08 -76.94
C PHE H 2034 -62.49 3.01 -75.57
N HIS H 2035 -61.41 3.75 -75.36
CA HIS H 2035 -60.72 3.70 -74.08
C HIS H 2035 -61.63 4.20 -72.96
N GLN H 2036 -62.35 5.28 -73.21
CA GLN H 2036 -63.30 5.79 -72.22
C GLN H 2036 -64.39 4.76 -71.95
N ASP H 2037 -64.88 4.10 -73.01
CA ASP H 2037 -65.87 3.06 -72.83
C ASP H 2037 -65.35 1.92 -71.97
N LEU H 2038 -64.10 1.52 -72.21
CA LEU H 2038 -63.51 0.45 -71.41
C LEU H 2038 -63.37 0.87 -69.96
N LEU H 2039 -62.94 2.10 -69.72
CA LEU H 2039 -62.84 2.59 -68.35
C LEU H 2039 -64.19 2.60 -67.67
N ALA H 2040 -65.22 3.06 -68.37
CA ALA H 2040 -66.56 3.10 -67.79
C ALA H 2040 -67.06 1.71 -67.45
N HIS H 2041 -66.87 0.76 -68.37
CA HIS H 2041 -67.26 -0.62 -68.08
C HIS H 2041 -66.50 -1.16 -66.88
N CYS H 2042 -65.21 -0.82 -66.77
CA CYS H 2042 -64.45 -1.23 -65.60
C CYS H 2042 -64.91 -0.47 -64.36
N GLY H 2043 -65.66 0.62 -64.55
CA GLY H 2043 -66.02 1.47 -63.44
C GLY H 2043 -64.88 2.34 -62.95
N ILE H 2044 -63.74 2.31 -63.63
CA ILE H 2044 -62.61 3.15 -63.25
C ILE H 2044 -62.97 4.62 -63.37
N GLN H 2045 -63.67 4.98 -64.44
CA GLN H 2045 -64.04 6.38 -64.66
C GLN H 2045 -65.10 6.81 -63.66
N LEU H 2046 -65.17 8.12 -63.42
CA LEU H 2046 -66.16 8.68 -62.51
C LEU H 2046 -67.29 9.31 -63.32
N GLU H 2088 -79.69 6.61 -56.47
CA GLU H 2088 -80.26 5.34 -56.04
C GLU H 2088 -79.33 4.61 -55.08
N LYS H 2089 -79.85 4.25 -53.91
CA LYS H 2089 -79.05 3.53 -52.92
C LYS H 2089 -78.63 2.16 -53.45
N LYS H 2090 -79.53 1.48 -54.13
CA LYS H 2090 -79.20 0.17 -54.67
C LYS H 2090 -78.19 0.33 -55.80
N PRO H 2091 -77.06 -0.40 -55.77
CA PRO H 2091 -75.90 -0.02 -56.59
C PRO H 2091 -76.14 0.01 -58.08
N GLN H 2092 -77.04 -0.85 -58.58
CA GLN H 2092 -77.32 -1.07 -59.99
C GLN H 2092 -76.13 -1.74 -60.68
N SER H 2093 -75.04 -2.00 -59.97
CA SER H 2093 -73.84 -2.60 -60.54
C SER H 2093 -73.45 -3.81 -59.72
N LEU H 2094 -73.12 -4.90 -60.41
CA LEU H 2094 -72.82 -6.16 -59.72
C LEU H 2094 -71.62 -6.01 -58.80
N GLN H 2095 -70.57 -5.32 -59.27
CA GLN H 2095 -69.37 -5.16 -58.45
C GLN H 2095 -69.68 -4.39 -57.18
N GLU H 2096 -70.42 -3.28 -57.31
CA GLU H 2096 -70.71 -2.46 -56.14
C GLU H 2096 -71.64 -3.19 -55.18
N LEU H 2097 -72.59 -3.96 -55.71
CA LEU H 2097 -73.49 -4.70 -54.81
C LEU H 2097 -72.75 -5.81 -54.09
N VAL H 2098 -71.80 -6.46 -54.78
CA VAL H 2098 -70.99 -7.47 -54.12
C VAL H 2098 -70.14 -6.84 -53.03
N SER H 2099 -69.55 -5.68 -53.33
CA SER H 2099 -68.79 -4.96 -52.32
C SER H 2099 -69.66 -4.63 -51.11
N HIS H 2100 -70.87 -4.14 -51.37
CA HIS H 2100 -71.78 -3.81 -50.29
CA HIS H 2100 -71.77 -3.79 -50.28
C HIS H 2100 -72.14 -5.03 -49.47
N MET H 2101 -72.36 -6.16 -50.13
CA MET H 2101 -72.70 -7.38 -49.42
C MET H 2101 -71.55 -7.86 -48.55
N VAL H 2102 -70.32 -7.80 -49.06
CA VAL H 2102 -69.17 -8.18 -48.23
C VAL H 2102 -69.06 -7.26 -47.02
N VAL H 2103 -69.18 -5.95 -47.24
CA VAL H 2103 -69.06 -4.99 -46.15
C VAL H 2103 -70.18 -5.21 -45.14
N ARG H 2104 -71.39 -5.48 -45.62
CA ARG H 2104 -72.53 -5.67 -44.73
C ARG H 2104 -72.37 -6.93 -43.90
N TRP H 2105 -71.81 -7.99 -44.49
CA TRP H 2105 -71.56 -9.21 -43.72
C TRP H 2105 -70.52 -8.98 -42.63
N ALA H 2106 -69.38 -8.39 -43.01
CA ALA H 2106 -68.36 -8.10 -42.01
C ALA H 2106 -68.89 -7.15 -40.96
N GLN H 2107 -69.86 -6.32 -41.32
CA GLN H 2107 -70.48 -5.42 -40.36
C GLN H 2107 -71.39 -6.17 -39.42
N GLU H 2108 -72.19 -7.09 -39.94
CA GLU H 2108 -73.11 -7.86 -39.12
C GLU H 2108 -72.35 -8.70 -38.10
N ASP H 2109 -71.30 -9.38 -38.53
CA ASP H 2109 -70.59 -10.26 -37.61
C ASP H 2109 -69.20 -10.56 -38.14
N TYR H 2110 -68.34 -11.00 -37.22
CA TYR H 2110 -67.05 -11.53 -37.62
C TYR H 2110 -67.22 -12.93 -38.19
N VAL H 2111 -66.66 -13.16 -39.36
CA VAL H 2111 -66.74 -14.47 -39.99
C VAL H 2111 -65.83 -15.44 -39.25
N GLN H 2112 -66.36 -16.62 -38.95
CA GLN H 2112 -65.61 -17.63 -38.21
C GLN H 2112 -65.01 -18.71 -39.10
N SER H 2113 -65.26 -18.66 -40.40
CA SER H 2113 -64.69 -19.62 -41.33
C SER H 2113 -63.58 -18.97 -42.13
N PRO H 2114 -62.32 -19.31 -41.88
CA PRO H 2114 -61.23 -18.64 -42.61
C PRO H 2114 -61.31 -18.80 -44.12
N GLU H 2115 -61.77 -19.94 -44.63
CA GLU H 2115 -61.94 -20.06 -46.06
C GLU H 2115 -63.00 -19.10 -46.57
N LEU H 2116 -64.09 -18.95 -45.82
CA LEU H 2116 -65.10 -17.96 -46.18
C LEU H 2116 -64.51 -16.55 -46.19
N VAL H 2117 -63.69 -16.23 -45.19
CA VAL H 2117 -63.07 -14.91 -45.13
C VAL H 2117 -62.21 -14.68 -46.35
N ARG H 2118 -61.38 -15.68 -46.68
CA ARG H 2118 -60.53 -15.61 -47.86
C ARG H 2118 -61.37 -15.35 -49.09
N ALA H 2119 -62.46 -16.10 -49.24
CA ALA H 2119 -63.31 -15.96 -50.42
C ALA H 2119 -63.91 -14.56 -50.52
N MET H 2120 -64.50 -14.08 -49.43
CA MET H 2120 -65.18 -12.79 -49.51
C MET H 2120 -64.19 -11.67 -49.78
N PHE H 2121 -63.03 -11.71 -49.13
CA PHE H 2121 -62.08 -10.62 -49.34
C PHE H 2121 -61.46 -10.68 -50.73
N SER H 2122 -61.23 -11.89 -51.25
CA SER H 2122 -60.77 -11.99 -52.63
C SER H 2122 -61.79 -11.41 -53.59
N LEU H 2123 -63.07 -11.76 -53.39
CA LEU H 2123 -64.11 -11.22 -54.26
C LEU H 2123 -64.19 -9.71 -54.14
N LEU H 2124 -64.09 -9.19 -52.93
CA LEU H 2124 -64.15 -7.75 -52.71
C LEU H 2124 -63.03 -7.04 -53.44
N HIS H 2125 -61.78 -7.48 -53.19
CA HIS H 2125 -60.65 -6.90 -53.88
C HIS H 2125 -60.83 -6.94 -55.39
N ARG H 2126 -61.32 -8.08 -55.89
CA ARG H 2126 -61.46 -8.23 -57.33
C ARG H 2126 -62.49 -7.25 -57.89
N GLN H 2127 -63.65 -7.14 -57.25
CA GLN H 2127 -64.64 -6.15 -57.68
C GLN H 2127 -64.09 -4.74 -57.60
N TYR H 2128 -63.13 -4.51 -56.69
CA TYR H 2128 -62.58 -3.17 -56.61
C TYR H 2128 -61.55 -2.90 -57.70
N ASP H 2129 -60.90 -3.95 -58.22
CA ASP H 2129 -59.84 -3.75 -59.21
C ASP H 2129 -60.14 -4.57 -60.46
N GLY H 2130 -61.04 -4.04 -61.30
CA GLY H 2130 -61.32 -4.67 -62.58
C GLY H 2130 -60.21 -4.39 -63.59
N LEU H 2131 -59.68 -3.16 -63.56
CA LEU H 2131 -58.51 -2.86 -64.35
C LEU H 2131 -57.36 -3.80 -63.98
N GLY H 2132 -57.25 -4.11 -62.69
CA GLY H 2132 -56.23 -5.06 -62.27
C GLY H 2132 -56.47 -6.47 -62.78
N GLU H 2133 -57.73 -6.93 -62.74
CA GLU H 2133 -58.01 -8.22 -63.36
C GLU H 2133 -57.60 -8.21 -64.81
N LEU H 2134 -57.87 -7.11 -65.52
CA LEU H 2134 -57.53 -7.06 -66.93
C LEU H 2134 -56.01 -7.06 -67.13
N LEU H 2135 -55.27 -6.36 -66.26
CA LEU H 2135 -53.82 -6.45 -66.29
C LEU H 2135 -53.37 -7.90 -66.14
N ARG H 2136 -53.94 -8.61 -65.18
CA ARG H 2136 -53.47 -9.96 -64.90
C ARG H 2136 -53.85 -10.92 -66.01
N ALA H 2137 -54.96 -10.67 -66.69
CA ALA H 2137 -55.45 -11.63 -67.67
C ALA H 2137 -54.91 -11.35 -69.06
N LEU H 2138 -54.53 -10.10 -69.34
CA LEU H 2138 -54.09 -9.74 -70.68
C LEU H 2138 -52.94 -10.60 -71.18
N PRO H 2139 -51.89 -10.89 -70.41
CA PRO H 2139 -50.88 -11.84 -70.90
C PRO H 2139 -51.46 -13.19 -71.21
N ARG H 2140 -52.45 -13.62 -70.44
CA ARG H 2140 -53.08 -14.91 -70.68
C ARG H 2140 -53.95 -14.87 -71.94
N ALA H 2141 -54.35 -13.68 -72.36
CA ALA H 2141 -55.20 -13.56 -73.54
C ALA H 2141 -54.41 -13.85 -74.80
N TYR H 2142 -55.12 -14.30 -75.84
CA TYR H 2142 -54.51 -14.57 -77.13
C TYR H 2142 -55.60 -14.61 -78.20
N THR H 2143 -55.20 -14.35 -79.44
CA THR H 2143 -56.12 -14.35 -80.58
C THR H 2143 -55.68 -15.40 -81.59
N ILE H 2144 -56.65 -16.11 -82.16
CA ILE H 2144 -56.38 -17.19 -83.10
C ILE H 2144 -57.17 -16.93 -84.37
N SER H 2145 -56.54 -17.19 -85.51
CA SER H 2145 -57.22 -17.03 -86.79
C SER H 2145 -58.37 -18.03 -86.90
N PRO H 2146 -59.47 -17.66 -87.55
CA PRO H 2146 -60.63 -18.57 -87.61
C PRO H 2146 -60.34 -19.88 -88.32
N SER H 2147 -59.39 -19.89 -89.25
CA SER H 2147 -59.17 -21.08 -90.06
C SER H 2147 -58.71 -22.26 -89.22
N SER H 2148 -57.77 -22.03 -88.30
CA SER H 2148 -57.21 -23.15 -87.54
C SER H 2148 -57.96 -23.36 -86.23
N VAL H 2149 -59.21 -22.92 -86.16
CA VAL H 2149 -59.97 -23.00 -84.92
C VAL H 2149 -60.15 -24.46 -84.49
N GLU H 2150 -60.49 -25.33 -85.44
CA GLU H 2150 -60.76 -26.73 -85.07
C GLU H 2150 -59.50 -27.43 -84.59
N ASP H 2151 -58.35 -27.17 -85.24
CA ASP H 2151 -57.11 -27.77 -84.79
C ASP H 2151 -56.71 -27.24 -83.42
N THR H 2152 -56.91 -25.94 -83.21
CA THR H 2152 -56.65 -25.37 -81.90
C THR H 2152 -57.53 -26.01 -80.85
N MET H 2153 -58.80 -26.24 -81.18
CA MET H 2153 -59.70 -26.91 -80.26
C MET H 2153 -59.21 -28.31 -79.92
N SER H 2154 -58.75 -29.04 -80.93
CA SER H 2154 -58.16 -30.35 -80.68
C SER H 2154 -56.99 -30.24 -79.71
N LEU H 2155 -56.13 -29.24 -79.92
CA LEU H 2155 -54.99 -29.06 -79.03
C LEU H 2155 -55.43 -28.76 -77.61
N LEU H 2156 -56.43 -27.90 -77.45
CA LEU H 2156 -56.95 -27.62 -76.11
C LEU H 2156 -57.49 -28.89 -75.46
N GLU H 2157 -58.14 -29.75 -76.24
CA GLU H 2157 -58.58 -31.02 -75.69
C GLU H 2157 -57.39 -31.84 -75.22
N CYS H 2158 -56.31 -31.88 -76.01
CA CYS H 2158 -55.12 -32.61 -75.57
C CYS H 2158 -54.58 -32.05 -74.26
N LEU H 2159 -54.47 -30.72 -74.17
CA LEU H 2159 -53.95 -30.13 -72.94
C LEU H 2159 -54.86 -30.41 -71.76
N GLY H 2160 -56.17 -30.48 -72.01
CA GLY H 2160 -57.08 -30.89 -70.97
C GLY H 2160 -56.78 -32.29 -70.48
N GLN H 2161 -56.50 -33.20 -71.40
CA GLN H 2161 -56.09 -34.55 -70.99
C GLN H 2161 -54.80 -34.51 -70.18
N ILE H 2162 -53.83 -33.68 -70.60
CA ILE H 2162 -52.58 -33.59 -69.85
C ILE H 2162 -52.83 -33.12 -68.43
N ARG H 2163 -53.58 -32.02 -68.27
CA ARG H 2163 -53.86 -31.52 -66.93
C ARG H 2163 -54.66 -32.54 -66.13
N SER H 2164 -55.47 -33.35 -66.82
CA SER H 2164 -56.26 -34.38 -66.13
C SER H 2164 -55.36 -35.37 -65.41
N LEU H 2165 -54.26 -35.76 -66.05
CA LEU H 2165 -53.45 -36.83 -65.49
C LEU H 2165 -52.56 -36.33 -64.35
N LEU H 2166 -52.45 -35.02 -64.19
CA LEU H 2166 -51.59 -34.49 -63.14
C LEU H 2166 -52.09 -34.87 -61.75
N ILE H 2167 -53.41 -34.83 -61.54
CA ILE H 2167 -53.95 -35.13 -60.21
C ILE H 2167 -53.79 -36.61 -59.89
N VAL H 2168 -53.95 -37.47 -60.88
CA VAL H 2168 -53.89 -38.91 -60.63
C VAL H 2168 -52.46 -39.35 -60.35
N GLN H 2169 -52.33 -40.41 -59.57
CA GLN H 2169 -51.05 -41.08 -59.43
C GLN H 2169 -50.81 -41.96 -60.66
N MET H 2170 -49.55 -42.07 -61.05
CA MET H 2170 -49.22 -42.62 -62.35
C MET H 2170 -49.53 -44.11 -62.40
N GLY H 2171 -50.23 -44.52 -63.46
CA GLY H 2171 -50.51 -45.93 -63.72
C GLY H 2171 -50.38 -46.25 -65.19
N PRO H 2172 -50.21 -47.53 -65.54
CA PRO H 2172 -49.86 -47.89 -66.93
C PRO H 2172 -50.85 -47.40 -67.98
N GLN H 2173 -52.15 -47.44 -67.69
CA GLN H 2173 -53.12 -46.87 -68.61
C GLN H 2173 -52.86 -45.39 -68.81
N GLU H 2174 -52.59 -44.68 -67.72
CA GLU H 2174 -52.27 -43.26 -67.80
C GLU H 2174 -50.99 -43.05 -68.61
N GLU H 2175 -50.05 -43.99 -68.48
CA GLU H 2175 -48.82 -43.95 -69.24
C GLU H 2175 -49.11 -43.97 -70.73
N ASN H 2176 -49.84 -44.96 -71.19
CA ASN H 2176 -50.22 -44.98 -72.60
C ASN H 2176 -50.93 -43.70 -72.97
N LEU H 2177 -51.80 -43.23 -72.06
CA LEU H 2177 -52.63 -42.06 -72.33
C LEU H 2177 -51.78 -40.84 -72.66
N MET H 2178 -50.86 -40.46 -71.76
CA MET H 2178 -50.17 -39.20 -72.02
C MET H 2178 -49.08 -39.38 -73.05
N ILE H 2179 -48.58 -40.61 -73.24
CA ILE H 2179 -47.67 -40.81 -74.38
C ILE H 2179 -48.38 -40.49 -75.69
N GLN H 2180 -49.57 -41.05 -75.90
CA GLN H 2180 -50.24 -40.79 -77.17
C GLN H 2180 -50.74 -39.36 -77.23
N SER H 2181 -51.09 -38.77 -76.08
CA SER H 2181 -51.52 -37.37 -76.06
C SER H 2181 -50.38 -36.44 -76.45
N ILE H 2182 -49.19 -36.68 -75.90
CA ILE H 2182 -48.02 -35.92 -76.29
C ILE H 2182 -47.76 -36.10 -77.79
N GLY H 2183 -47.89 -37.34 -78.28
CA GLY H 2183 -47.73 -37.56 -79.70
C GLY H 2183 -48.70 -36.71 -80.51
N ASN H 2184 -49.95 -36.62 -80.07
CA ASN H 2184 -50.91 -35.74 -80.73
C ASN H 2184 -50.44 -34.29 -80.69
N ILE H 2185 -49.88 -33.86 -79.55
CA ILE H 2185 -49.42 -32.49 -79.43
C ILE H 2185 -48.34 -32.19 -80.47
N MET H 2186 -47.37 -33.09 -80.61
CA MET H 2186 -46.39 -32.92 -81.69
C MET H 2186 -47.05 -32.93 -83.06
N ASN H 2187 -48.05 -33.78 -83.26
CA ASN H 2187 -48.65 -33.88 -84.59
C ASN H 2187 -49.42 -32.60 -84.96
N ASN H 2188 -49.75 -31.78 -83.97
CA ASN H 2188 -50.58 -30.61 -84.24
C ASN H 2188 -49.77 -29.54 -84.95
N LYS H 2189 -50.34 -29.00 -86.04
CA LYS H 2189 -49.68 -27.93 -86.77
C LYS H 2189 -49.77 -26.61 -86.02
N VAL H 2190 -50.91 -26.36 -85.39
CA VAL H 2190 -51.04 -25.18 -84.53
C VAL H 2190 -49.95 -25.22 -83.46
N PHE H 2191 -49.59 -26.43 -83.00
CA PHE H 2191 -48.49 -26.52 -82.04
C PHE H 2191 -47.20 -25.98 -82.64
N TYR H 2192 -47.03 -26.12 -83.96
CA TYR H 2192 -45.89 -25.47 -84.58
C TYR H 2192 -46.10 -23.96 -84.75
N GLN H 2193 -47.36 -23.52 -84.86
CA GLN H 2193 -47.56 -22.22 -85.48
C GLN H 2193 -47.43 -21.06 -84.49
N HIS H 2194 -48.01 -21.15 -83.30
CA HIS H 2194 -48.03 -20.01 -82.37
C HIS H 2194 -47.18 -20.27 -81.12
N PRO H 2195 -45.85 -20.17 -81.20
CA PRO H 2195 -45.03 -20.47 -80.01
C PRO H 2195 -45.39 -19.64 -78.80
N ASN H 2196 -45.68 -18.36 -79.01
CA ASN H 2196 -46.09 -17.51 -77.89
C ASN H 2196 -47.39 -18.03 -77.29
N LEU H 2197 -48.29 -18.54 -78.13
CA LEU H 2197 -49.55 -19.03 -77.61
C LEU H 2197 -49.34 -20.23 -76.71
N MET H 2198 -48.50 -21.20 -77.13
CA MET H 2198 -48.23 -22.28 -76.19
C MET H 2198 -47.59 -21.74 -74.93
N ARG H 2199 -46.61 -20.83 -75.07
CA ARG H 2199 -45.94 -20.27 -73.89
C ARG H 2199 -46.96 -19.74 -72.90
N ALA H 2200 -47.98 -19.05 -73.41
CA ALA H 2200 -49.07 -18.58 -72.55
C ALA H 2200 -49.82 -19.75 -71.96
N LEU H 2201 -50.10 -20.79 -72.75
CA LEU H 2201 -50.93 -21.88 -72.26
C LEU H 2201 -50.19 -22.73 -71.23
N GLY H 2202 -48.87 -22.87 -71.38
CA GLY H 2202 -48.06 -23.49 -70.35
C GLY H 2202 -48.04 -25.01 -70.33
N MET H 2203 -48.28 -25.67 -71.47
CA MET H 2203 -48.21 -27.12 -71.48
C MET H 2203 -46.82 -27.59 -71.11
N HIS H 2204 -45.79 -26.83 -71.48
CA HIS H 2204 -44.44 -27.21 -71.09
C HIS H 2204 -44.27 -27.18 -69.58
N GLU H 2205 -44.85 -26.17 -68.92
CA GLU H 2205 -44.82 -26.15 -67.46
C GLU H 2205 -45.52 -27.36 -66.88
N THR H 2206 -46.70 -27.69 -67.39
CA THR H 2206 -47.40 -28.86 -66.88
C THR H 2206 -46.60 -30.13 -67.14
N VAL H 2207 -45.87 -30.17 -68.26
CA VAL H 2207 -45.12 -31.36 -68.62
C VAL H 2207 -43.94 -31.54 -67.68
N MET H 2208 -43.22 -30.47 -67.38
CA MET H 2208 -42.12 -30.62 -66.43
C MET H 2208 -42.68 -30.95 -65.05
N GLU H 2209 -43.88 -30.46 -64.74
CA GLU H 2209 -44.51 -30.82 -63.47
C GLU H 2209 -44.75 -32.32 -63.39
N VAL H 2210 -45.38 -32.89 -64.41
CA VAL H 2210 -45.66 -34.33 -64.36
C VAL H 2210 -44.34 -35.11 -64.41
N MET H 2211 -43.36 -34.59 -65.14
CA MET H 2211 -42.02 -35.18 -65.12
C MET H 2211 -41.50 -35.32 -63.70
N VAL H 2212 -41.53 -34.24 -62.92
CA VAL H 2212 -40.93 -34.28 -61.61
C VAL H 2212 -41.80 -35.06 -60.64
N ASN H 2213 -43.11 -35.08 -60.87
CA ASN H 2213 -43.95 -35.97 -60.08
C ASN H 2213 -43.56 -37.42 -60.27
N VAL H 2214 -43.31 -37.82 -61.52
CA VAL H 2214 -42.84 -39.18 -61.77
C VAL H 2214 -41.47 -39.39 -61.15
N LEU H 2215 -40.58 -38.41 -61.28
CA LEU H 2215 -39.21 -38.58 -60.84
C LEU H 2215 -39.11 -38.66 -59.32
N GLY H 2216 -39.98 -37.97 -58.60
CA GLY H 2216 -39.80 -37.80 -57.17
C GLY H 2216 -39.81 -39.10 -56.40
N GLY H 2217 -40.55 -40.09 -56.88
CA GLY H 2217 -40.72 -41.34 -56.18
C GLY H 2217 -39.67 -42.37 -56.54
N GLY H 2218 -38.62 -42.45 -55.74
CA GLY H 2218 -37.66 -43.54 -55.85
C GLY H 2218 -37.04 -43.67 -57.23
N GLU H 2219 -36.64 -42.55 -57.84
CA GLU H 2219 -36.04 -42.62 -59.17
C GLU H 2219 -34.72 -43.38 -59.15
N THR H 2220 -33.91 -43.18 -58.11
CA THR H 2220 -32.61 -43.82 -58.04
C THR H 2220 -32.73 -45.34 -57.93
N LYS H 2221 -33.56 -45.82 -57.01
CA LYS H 2221 -33.71 -47.26 -56.84
C LYS H 2221 -34.31 -47.89 -58.09
N GLU H 2222 -35.27 -47.22 -58.71
CA GLU H 2222 -35.94 -47.73 -59.90
C GLU H 2222 -36.40 -46.57 -60.74
N ILE H 2223 -35.90 -46.51 -61.97
CA ILE H 2223 -36.33 -45.51 -62.92
C ILE H 2223 -37.69 -45.96 -63.44
N ARG H 2224 -38.74 -45.60 -62.70
CA ARG H 2224 -40.06 -46.02 -63.11
C ARG H 2224 -40.42 -45.35 -64.44
N PHE H 2225 -40.87 -46.17 -65.38
CA PHE H 2225 -41.34 -45.70 -66.68
C PHE H 2225 -40.32 -44.88 -67.47
N PRO H 2226 -39.28 -45.53 -67.99
CA PRO H 2226 -38.43 -44.83 -68.96
C PRO H 2226 -39.23 -44.36 -70.15
N LYS H 2227 -40.38 -44.98 -70.43
CA LYS H 2227 -41.26 -44.44 -71.45
C LYS H 2227 -41.77 -43.06 -71.04
N MET H 2228 -42.20 -42.89 -69.78
CA MET H 2228 -42.49 -41.54 -69.31
C MET H 2228 -41.34 -40.60 -69.50
N VAL H 2229 -40.15 -40.99 -69.03
CA VAL H 2229 -39.09 -39.99 -69.02
C VAL H 2229 -38.68 -39.63 -70.45
N THR H 2230 -38.61 -40.64 -71.33
CA THR H 2230 -38.24 -40.39 -72.72
C THR H 2230 -39.29 -39.54 -73.44
N SER H 2231 -40.57 -39.83 -73.22
CA SER H 2231 -41.61 -39.02 -73.84
C SER H 2231 -41.56 -37.59 -73.34
N CYS H 2232 -41.35 -37.42 -72.03
CA CYS H 2232 -41.25 -36.08 -71.46
C CYS H 2232 -40.09 -35.31 -72.08
N CYS H 2233 -38.93 -35.96 -72.27
CA CYS H 2233 -37.93 -35.32 -73.09
C CYS H 2233 -38.50 -34.98 -74.44
N ARG H 2234 -38.84 -35.99 -75.25
CA ARG H 2234 -39.21 -35.74 -76.64
C ARG H 2234 -40.05 -34.47 -76.76
N PHE H 2235 -41.04 -34.31 -75.87
CA PHE H 2235 -41.80 -33.07 -75.87
C PHE H 2235 -40.92 -31.86 -75.53
N LEU H 2236 -40.28 -31.87 -74.35
CA LEU H 2236 -39.54 -30.68 -73.92
C LEU H 2236 -38.36 -30.41 -74.82
N CYS H 2237 -37.67 -31.46 -75.24
CA CYS H 2237 -36.56 -31.39 -76.18
C CYS H 2237 -37.01 -30.77 -77.51
N TYR H 2238 -38.17 -31.19 -78.01
CA TYR H 2238 -38.74 -30.55 -79.18
C TYR H 2238 -39.00 -29.07 -78.91
N PHE H 2239 -39.49 -28.76 -77.71
CA PHE H 2239 -39.73 -27.37 -77.35
C PHE H 2239 -38.43 -26.57 -77.41
N CYS H 2240 -37.33 -27.17 -76.95
CA CYS H 2240 -36.02 -26.56 -77.16
C CYS H 2240 -35.79 -26.27 -78.62
N ARG H 2241 -36.05 -27.26 -79.47
CA ARG H 2241 -35.84 -27.06 -80.90
C ARG H 2241 -36.80 -26.00 -81.47
N ILE H 2242 -37.86 -25.69 -80.74
CA ILE H 2242 -38.89 -24.81 -81.28
C ILE H 2242 -38.43 -23.36 -81.29
N SER H 2243 -38.17 -22.79 -80.11
CA SER H 2243 -38.00 -21.34 -80.02
C SER H 2243 -36.91 -20.98 -79.03
N ARG H 2244 -36.28 -19.84 -79.29
CA ARG H 2244 -35.27 -19.31 -78.38
C ARG H 2244 -35.91 -18.67 -77.14
N GLN H 2245 -37.07 -18.04 -77.32
CA GLN H 2245 -37.82 -17.57 -76.16
C GLN H 2245 -38.26 -18.75 -75.30
N ASN H 2246 -38.70 -19.84 -75.94
CA ASN H 2246 -38.99 -21.06 -75.20
C ASN H 2246 -37.74 -21.58 -74.50
N GLN H 2247 -36.59 -21.46 -75.18
CA GLN H 2247 -35.33 -21.87 -74.58
C GLN H 2247 -35.08 -21.12 -73.29
N ARG H 2248 -35.28 -19.80 -73.30
CA ARG H 2248 -35.17 -19.04 -72.05
C ARG H 2248 -36.19 -19.50 -71.03
N SER H 2249 -37.43 -19.74 -71.47
CA SER H 2249 -38.49 -20.12 -70.56
C SER H 2249 -38.10 -21.34 -69.74
N MET H 2250 -37.62 -22.39 -70.39
CA MET H 2250 -37.21 -23.56 -69.63
C MET H 2250 -35.86 -23.36 -68.98
N PHE H 2251 -35.04 -22.47 -69.54
CA PHE H 2251 -33.76 -22.11 -68.92
C PHE H 2251 -33.97 -21.61 -67.51
N ASP H 2252 -35.11 -20.96 -67.25
CA ASP H 2252 -35.40 -20.52 -65.89
C ASP H 2252 -35.38 -21.68 -64.90
N HIS H 2253 -35.81 -22.86 -65.33
CA HIS H 2253 -35.85 -24.02 -64.45
C HIS H 2253 -34.62 -24.89 -64.53
N LEU H 2254 -33.59 -24.46 -65.27
CA LEU H 2254 -32.53 -25.38 -65.66
C LEU H 2254 -31.78 -25.93 -64.45
N SER H 2255 -31.65 -25.13 -63.38
CA SER H 2255 -30.93 -25.61 -62.21
C SER H 2255 -31.61 -26.81 -61.58
N TYR H 2256 -32.91 -26.69 -61.28
CA TYR H 2256 -33.62 -27.80 -60.66
C TYR H 2256 -33.79 -28.95 -61.64
N LEU H 2257 -33.86 -28.64 -62.94
CA LEU H 2257 -33.89 -29.72 -63.93
C LEU H 2257 -32.60 -30.52 -63.88
N LEU H 2258 -31.46 -29.84 -63.79
CA LEU H 2258 -30.18 -30.51 -63.70
C LEU H 2258 -30.08 -31.33 -62.42
N GLU H 2259 -30.61 -30.77 -61.32
CA GLU H 2259 -30.58 -31.50 -60.06
C GLU H 2259 -31.27 -32.85 -60.20
N ASN H 2260 -32.45 -32.87 -60.83
CA ASN H 2260 -33.11 -34.13 -61.12
C ASN H 2260 -32.33 -34.91 -62.18
N SER H 2261 -31.70 -34.21 -63.12
CA SER H 2261 -31.02 -34.89 -64.21
C SER H 2261 -29.73 -35.56 -63.74
N GLY H 2262 -29.35 -35.34 -62.48
CA GLY H 2262 -28.14 -35.96 -61.96
C GLY H 2262 -28.19 -37.47 -62.02
N ILE H 2263 -29.40 -38.04 -61.92
CA ILE H 2263 -29.55 -39.49 -62.08
C ILE H 2263 -30.28 -39.80 -63.38
N GLY H 2264 -30.91 -38.79 -63.97
CA GLY H 2264 -31.75 -39.03 -65.14
C GLY H 2264 -30.95 -39.44 -66.36
N LEU H 2265 -29.67 -39.05 -66.43
CA LEU H 2265 -28.89 -39.34 -67.62
C LEU H 2265 -28.69 -40.84 -67.80
N GLY H 2266 -28.67 -41.59 -66.71
CA GLY H 2266 -28.51 -43.03 -66.81
C GLY H 2266 -29.63 -43.67 -67.61
N MET H 2267 -30.75 -42.97 -67.76
CA MET H 2267 -31.85 -43.48 -68.55
C MET H 2267 -31.46 -43.48 -70.03
N GLN H 2268 -32.15 -44.30 -70.81
CA GLN H 2268 -31.70 -44.60 -72.16
CA GLN H 2268 -31.70 -44.60 -72.16
C GLN H 2268 -31.73 -43.37 -73.06
N GLY H 2269 -30.72 -43.27 -73.92
CA GLY H 2269 -30.71 -42.25 -74.96
C GLY H 2269 -30.99 -40.86 -74.43
N SER H 2270 -32.15 -40.33 -74.80
CA SER H 2270 -32.52 -38.97 -74.42
C SER H 2270 -32.93 -38.92 -72.95
N THR H 2271 -32.40 -37.94 -72.24
CA THR H 2271 -32.53 -37.82 -70.79
C THR H 2271 -32.84 -36.38 -70.39
N PRO H 2272 -33.23 -36.16 -69.14
CA PRO H 2272 -33.32 -34.77 -68.64
C PRO H 2272 -32.02 -34.00 -68.79
N LEU H 2273 -30.89 -34.67 -68.60
CA LEU H 2273 -29.62 -34.03 -68.93
C LEU H 2273 -29.61 -33.59 -70.39
N ASP H 2274 -30.18 -34.41 -71.27
CA ASP H 2274 -30.18 -34.07 -72.69
C ASP H 2274 -31.08 -32.87 -72.96
N VAL H 2275 -32.23 -32.78 -72.29
CA VAL H 2275 -33.09 -31.62 -72.50
C VAL H 2275 -32.43 -30.36 -71.95
N ALA H 2276 -31.72 -30.49 -70.82
CA ALA H 2276 -30.98 -29.35 -70.29
C ALA H 2276 -29.90 -28.91 -71.26
N ALA H 2277 -29.21 -29.87 -71.88
CA ALA H 2277 -28.21 -29.54 -72.89
C ALA H 2277 -28.85 -28.84 -74.08
N ALA H 2278 -30.01 -29.32 -74.51
CA ALA H 2278 -30.71 -28.71 -75.64
C ALA H 2278 -31.15 -27.29 -75.28
N SER H 2279 -31.35 -27.02 -74.00
CA SER H 2279 -31.75 -25.67 -73.61
C SER H 2279 -30.63 -24.66 -73.81
N VAL H 2280 -29.41 -24.99 -73.36
CA VAL H 2280 -28.34 -24.01 -73.33
C VAL H 2280 -27.89 -23.65 -74.75
N ILE H 2281 -27.92 -24.62 -75.66
CA ILE H 2281 -27.29 -24.44 -76.95
C ILE H 2281 -28.11 -23.46 -77.78
N ASP H 2282 -27.44 -22.73 -78.67
CA ASP H 2282 -27.98 -21.75 -79.63
C ASP H 2282 -28.27 -20.38 -79.02
N ASN H 2283 -27.81 -20.08 -77.80
CA ASN H 2283 -27.91 -18.72 -77.27
C ASN H 2283 -26.66 -18.37 -76.47
N ASN H 2284 -25.92 -17.37 -76.95
CA ASN H 2284 -24.79 -16.86 -76.20
C ASN H 2284 -25.25 -16.27 -74.88
N GLU H 2285 -26.42 -15.62 -74.86
CA GLU H 2285 -26.94 -15.08 -73.61
C GLU H 2285 -27.24 -16.19 -72.61
N LEU H 2286 -27.82 -17.29 -73.08
CA LEU H 2286 -28.02 -18.43 -72.20
C LEU H 2286 -26.70 -18.97 -71.70
N ALA H 2287 -25.69 -19.03 -72.58
CA ALA H 2287 -24.38 -19.51 -72.15
C ALA H 2287 -23.79 -18.61 -71.07
N LEU H 2288 -23.95 -17.30 -71.24
CA LEU H 2288 -23.47 -16.37 -70.21
C LEU H 2288 -24.25 -16.55 -68.91
N ALA H 2289 -25.56 -16.82 -69.02
CA ALA H 2289 -26.38 -16.97 -67.84
C ALA H 2289 -26.10 -18.29 -67.13
N LEU H 2290 -25.31 -19.15 -67.75
CA LEU H 2290 -24.95 -20.41 -67.12
C LEU H 2290 -24.28 -20.16 -65.78
N GLN H 2291 -24.58 -21.01 -64.80
CA GLN H 2291 -24.25 -20.74 -63.40
C GLN H 2291 -23.10 -21.62 -62.94
N GLU H 2292 -22.16 -20.99 -62.23
CA GLU H 2292 -20.98 -21.70 -61.75
C GLU H 2292 -21.36 -22.79 -60.76
N GLN H 2293 -22.38 -22.54 -59.93
CA GLN H 2293 -22.84 -23.58 -59.01
C GLN H 2293 -23.49 -24.74 -59.76
N ASP H 2294 -24.19 -24.44 -60.84
CA ASP H 2294 -24.70 -25.51 -61.69
C ASP H 2294 -23.55 -26.33 -62.26
N LEU H 2295 -22.50 -25.64 -62.70
CA LEU H 2295 -21.30 -26.35 -63.14
C LEU H 2295 -20.70 -27.14 -61.99
N GLU H 2296 -20.81 -26.62 -60.76
CA GLU H 2296 -20.33 -27.35 -59.60
C GLU H 2296 -21.05 -28.68 -59.48
N LYS H 2297 -22.37 -28.66 -59.55
CA LYS H 2297 -23.13 -29.89 -59.45
C LYS H 2297 -22.80 -30.84 -60.59
N VAL H 2298 -22.63 -30.30 -61.80
CA VAL H 2298 -22.35 -31.16 -62.95
C VAL H 2298 -21.00 -31.81 -62.81
N VAL H 2299 -19.98 -31.05 -62.41
CA VAL H 2299 -18.63 -31.59 -62.28
C VAL H 2299 -18.56 -32.56 -61.12
N SER H 2300 -19.28 -32.28 -60.04
CA SER H 2300 -19.39 -33.24 -58.95
C SER H 2300 -19.98 -34.54 -59.46
N TYR H 2301 -21.01 -34.44 -60.30
CA TYR H 2301 -21.59 -35.62 -60.92
C TYR H 2301 -20.56 -36.37 -61.74
N LEU H 2302 -19.78 -35.63 -62.54
CA LEU H 2302 -18.76 -36.23 -63.39
C LEU H 2302 -17.72 -36.96 -62.55
N ALA H 2303 -17.28 -36.36 -61.45
CA ALA H 2303 -16.34 -37.02 -60.56
C ALA H 2303 -16.96 -38.28 -59.96
N GLY H 2304 -18.24 -38.20 -59.58
CA GLY H 2304 -18.92 -39.37 -59.04
C GLY H 2304 -18.93 -40.53 -60.01
N CYS H 2305 -19.20 -40.26 -61.28
CA CYS H 2305 -19.09 -41.31 -62.29
C CYS H 2305 -17.68 -41.89 -62.30
N GLY H 2306 -16.66 -41.06 -62.12
CA GLY H 2306 -15.31 -41.56 -62.06
C GLY H 2306 -15.03 -42.33 -60.79
N LEU H 2307 -15.88 -42.17 -59.78
CA LEU H 2307 -15.64 -42.86 -58.52
C LEU H 2307 -15.92 -44.35 -58.63
N GLN H 2308 -17.01 -44.72 -59.32
CA GLN H 2308 -17.31 -46.13 -59.52
C GLN H 2308 -18.13 -46.28 -60.79
N SER H 2309 -18.24 -47.52 -61.26
CA SER H 2309 -19.11 -47.80 -62.38
C SER H 2309 -20.56 -47.81 -61.95
N CYS H 2310 -21.45 -47.81 -62.93
CA CYS H 2310 -22.88 -47.87 -62.65
C CYS H 2310 -23.25 -49.26 -62.11
N PRO H 2311 -24.20 -49.34 -61.18
CA PRO H 2311 -24.56 -50.66 -60.64
C PRO H 2311 -25.31 -51.54 -61.62
N MET H 2312 -26.10 -50.97 -62.54
CA MET H 2312 -26.88 -51.80 -63.45
C MET H 2312 -25.97 -52.56 -64.41
N LEU H 2313 -24.74 -52.09 -64.61
CA LEU H 2313 -23.76 -52.87 -65.35
C LEU H 2313 -23.57 -54.24 -64.71
N LEU H 2314 -23.28 -54.25 -63.41
CA LEU H 2314 -23.24 -55.53 -62.69
C LEU H 2314 -24.58 -56.22 -62.72
N ALA H 2315 -25.67 -55.45 -62.63
CA ALA H 2315 -26.99 -56.04 -62.80
C ALA H 2315 -27.17 -56.60 -64.20
N LYS H 2316 -26.46 -56.04 -65.19
CA LYS H 2316 -26.52 -56.59 -66.54
C LYS H 2316 -25.64 -57.83 -66.64
N GLY H 2317 -24.83 -58.11 -65.63
CA GLY H 2317 -23.74 -59.04 -65.79
C GLY H 2317 -22.54 -58.43 -66.45
N TYR H 2318 -22.61 -57.16 -66.81
CA TYR H 2318 -21.48 -56.43 -67.35
C TYR H 2318 -20.39 -56.32 -66.28
N PRO H 2319 -19.17 -56.77 -66.56
CA PRO H 2319 -18.13 -56.77 -65.53
C PRO H 2319 -17.82 -55.37 -65.02
N ASP H 2320 -17.43 -55.31 -63.74
CA ASP H 2320 -17.25 -54.04 -63.05
C ASP H 2320 -15.99 -53.32 -63.53
N ILE H 2321 -16.04 -51.99 -63.46
CA ILE H 2321 -14.90 -51.14 -63.75
C ILE H 2321 -14.87 -50.04 -62.69
N GLY H 2322 -13.68 -49.48 -62.46
CA GLY H 2322 -13.49 -48.61 -61.30
C GLY H 2322 -14.27 -47.31 -61.40
N TRP H 2323 -14.86 -47.03 -62.55
CA TRP H 2323 -15.54 -45.76 -62.77
C TRP H 2323 -16.66 -45.91 -63.79
N ASN H 2324 -17.56 -44.94 -63.79
CA ASN H 2324 -18.66 -44.92 -64.75
C ASN H 2324 -18.25 -44.06 -65.94
N PRO H 2325 -18.05 -44.65 -67.11
CA PRO H 2325 -17.69 -43.83 -68.28
C PRO H 2325 -18.89 -43.18 -68.95
N CYS H 2326 -20.03 -43.88 -69.02
CA CYS H 2326 -21.12 -43.42 -69.86
C CYS H 2326 -21.77 -42.17 -69.28
N GLY H 2327 -22.10 -42.18 -67.98
CA GLY H 2327 -22.69 -41.00 -67.37
C GLY H 2327 -21.76 -39.81 -67.43
N GLY H 2328 -20.48 -40.04 -67.17
CA GLY H 2328 -19.51 -38.97 -67.31
C GLY H 2328 -19.49 -38.43 -68.73
N GLU H 2329 -19.63 -39.32 -69.72
CA GLU H 2329 -19.67 -38.87 -71.11
C GLU H 2329 -20.88 -37.99 -71.37
N ARG H 2330 -22.04 -38.37 -70.82
CA ARG H 2330 -23.22 -37.54 -71.01
C ARG H 2330 -23.05 -36.17 -70.36
N TYR H 2331 -22.51 -36.14 -69.13
CA TYR H 2331 -22.22 -34.86 -68.51
C TYR H 2331 -21.25 -34.05 -69.35
N LEU H 2332 -20.25 -34.71 -69.92
CA LEU H 2332 -19.24 -34.02 -70.71
C LEU H 2332 -19.86 -33.41 -71.96
N ASP H 2333 -20.70 -34.17 -72.66
CA ASP H 2333 -21.31 -33.63 -73.87
C ASP H 2333 -22.29 -32.51 -73.53
N PHE H 2334 -22.96 -32.61 -72.39
CA PHE H 2334 -23.74 -31.47 -71.90
C PHE H 2334 -22.85 -30.24 -71.76
N LEU H 2335 -21.70 -30.41 -71.11
CA LEU H 2335 -20.80 -29.29 -70.92
C LEU H 2335 -20.29 -28.76 -72.25
N ARG H 2336 -20.17 -29.62 -73.26
CA ARG H 2336 -19.63 -29.18 -74.53
C ARG H 2336 -20.68 -28.44 -75.35
N PHE H 2337 -21.92 -28.90 -75.30
CA PHE H 2337 -23.02 -28.08 -75.81
C PHE H 2337 -23.07 -26.75 -75.08
N ALA H 2338 -22.70 -26.73 -73.81
CA ALA H 2338 -22.66 -25.48 -73.06
C ALA H 2338 -21.57 -24.55 -73.57
N VAL H 2339 -20.35 -25.06 -73.73
CA VAL H 2339 -19.21 -24.20 -74.04
C VAL H 2339 -19.33 -23.62 -75.44
N PHE H 2340 -19.61 -24.46 -76.44
CA PHE H 2340 -19.73 -24.01 -77.82
C PHE H 2340 -21.17 -23.66 -78.13
N VAL H 2341 -21.43 -22.37 -78.29
CA VAL H 2341 -22.66 -21.89 -78.91
C VAL H 2341 -22.26 -21.36 -80.28
N ASN H 2342 -22.87 -21.92 -81.33
CA ASN H 2342 -22.46 -21.65 -82.70
C ASN H 2342 -20.99 -21.98 -82.91
N GLY H 2343 -20.52 -23.03 -82.22
CA GLY H 2343 -19.13 -23.43 -82.31
C GLY H 2343 -18.17 -22.44 -81.67
N GLU H 2344 -18.63 -21.60 -80.78
CA GLU H 2344 -17.82 -20.54 -80.19
C GLU H 2344 -17.76 -20.74 -78.68
N SER H 2345 -16.55 -20.70 -78.14
CA SER H 2345 -16.35 -21.00 -76.73
C SER H 2345 -16.69 -19.79 -75.85
N VAL H 2346 -17.21 -20.07 -74.68
CA VAL H 2346 -17.41 -19.08 -73.63
C VAL H 2346 -16.19 -19.14 -72.71
N GLU H 2347 -15.35 -18.12 -72.76
CA GLU H 2347 -14.07 -18.18 -72.07
C GLU H 2347 -14.27 -18.27 -70.56
N GLU H 2348 -15.23 -17.52 -70.03
CA GLU H 2348 -15.49 -17.61 -68.60
C GLU H 2348 -15.90 -19.02 -68.19
N ASN H 2349 -16.79 -19.63 -68.97
CA ASN H 2349 -17.20 -21.00 -68.69
C ASN H 2349 -16.00 -21.93 -68.76
N ALA H 2350 -15.14 -21.74 -69.75
CA ALA H 2350 -13.95 -22.58 -69.87
C ALA H 2350 -13.07 -22.43 -68.64
N ASN H 2351 -12.89 -21.20 -68.16
CA ASN H 2351 -12.10 -20.99 -66.96
C ASN H 2351 -12.70 -21.70 -65.76
N VAL H 2352 -14.03 -21.60 -65.60
CA VAL H 2352 -14.66 -22.26 -64.46
C VAL H 2352 -14.47 -23.76 -64.54
N VAL H 2353 -14.70 -24.35 -65.73
CA VAL H 2353 -14.53 -25.79 -65.88
C VAL H 2353 -13.09 -26.18 -65.63
N VAL H 2354 -12.15 -25.33 -66.02
CA VAL H 2354 -10.74 -25.60 -65.73
C VAL H 2354 -10.52 -25.64 -64.23
N ARG H 2355 -11.10 -24.67 -63.50
CA ARG H 2355 -11.00 -24.68 -62.05
C ARG H 2355 -11.53 -25.99 -61.50
N LEU H 2356 -12.71 -26.40 -61.94
CA LEU H 2356 -13.31 -27.61 -61.38
C LEU H 2356 -12.49 -28.83 -61.72
N LEU H 2357 -11.94 -28.89 -62.93
CA LEU H 2357 -11.07 -29.99 -63.32
C LEU H 2357 -9.86 -30.07 -62.41
N ILE H 2358 -9.20 -28.93 -62.16
CA ILE H 2358 -8.01 -28.94 -61.34
C ILE H 2358 -8.34 -29.28 -59.89
N ARG H 2359 -9.56 -28.95 -59.46
CA ARG H 2359 -10.03 -29.49 -58.18
C ARG H 2359 -10.24 -31.00 -58.24
N LYS H 2360 -10.61 -31.52 -59.40
CA LYS H 2360 -10.99 -32.93 -59.46
C LYS H 2360 -10.00 -33.73 -60.27
N PRO H 2361 -9.09 -34.47 -59.64
CA PRO H 2361 -8.28 -35.42 -60.40
C PRO H 2361 -9.14 -36.47 -61.09
N GLU H 2362 -10.28 -36.80 -60.49
CA GLU H 2362 -11.20 -37.73 -61.11
C GLU H 2362 -11.74 -37.16 -62.42
N CYS H 2363 -11.78 -35.83 -62.53
CA CYS H 2363 -12.13 -35.21 -63.80
C CYS H 2363 -11.10 -35.55 -64.86
N PHE H 2364 -9.81 -35.54 -64.50
CA PHE H 2364 -8.79 -36.02 -65.42
C PHE H 2364 -8.97 -37.51 -65.69
N GLY H 2365 -9.50 -38.24 -64.71
CA GLY H 2365 -9.85 -39.62 -64.90
C GLY H 2365 -8.70 -40.56 -64.66
N PRO H 2366 -8.99 -41.87 -64.66
CA PRO H 2366 -7.93 -42.86 -64.39
C PRO H 2366 -6.74 -42.73 -65.32
N ALA H 2367 -6.98 -42.67 -66.63
CA ALA H 2367 -5.89 -42.41 -67.57
C ALA H 2367 -5.36 -41.00 -67.33
N LEU H 2368 -4.05 -40.83 -67.53
CA LEU H 2368 -3.38 -39.56 -67.30
C LEU H 2368 -3.63 -39.08 -65.86
N ARG H 2369 -3.60 -40.03 -64.92
CA ARG H 2369 -3.81 -39.67 -63.52
CA ARG H 2369 -3.80 -39.69 -63.52
C ARG H 2369 -2.67 -38.81 -63.00
N GLY H 2370 -1.46 -39.01 -63.53
CA GLY H 2370 -0.28 -38.34 -63.04
C GLY H 2370 0.57 -39.30 -62.24
N GLU H 2371 0.62 -39.12 -60.93
CA GLU H 2371 1.23 -40.14 -60.08
C GLU H 2371 0.37 -41.39 -60.11
N GLY H 2372 1.01 -42.53 -60.37
CA GLY H 2372 0.26 -43.73 -60.67
C GLY H 2372 -0.65 -43.52 -61.85
N GLY H 2373 -0.18 -42.81 -62.87
CA GLY H 2373 -1.01 -42.33 -63.96
C GLY H 2373 -0.82 -43.14 -65.22
N SER H 2374 -1.80 -43.96 -65.53
CA SER H 2374 -1.82 -44.65 -66.81
C SER H 2374 -1.88 -43.63 -67.94
N GLY H 2375 -1.01 -43.80 -68.92
CA GLY H 2375 -1.03 -42.91 -70.07
C GLY H 2375 -2.34 -43.03 -70.82
N LEU H 2376 -2.78 -41.92 -71.41
CA LEU H 2376 -4.02 -41.96 -72.19
C LEU H 2376 -3.87 -42.90 -73.38
N LEU H 2377 -2.71 -42.87 -74.04
CA LEU H 2377 -2.43 -43.83 -75.11
C LEU H 2377 -2.58 -45.26 -74.61
N ALA H 2378 -1.88 -45.59 -73.52
CA ALA H 2378 -1.92 -46.95 -72.99
C ALA H 2378 -3.34 -47.35 -72.64
N ALA H 2379 -4.11 -46.43 -72.07
CA ALA H 2379 -5.52 -46.73 -71.78
C ALA H 2379 -6.28 -47.00 -73.05
N ILE H 2380 -5.98 -46.27 -74.14
CA ILE H 2380 -6.68 -46.51 -75.40
C ILE H 2380 -6.37 -47.91 -75.93
N GLU H 2381 -5.10 -48.30 -75.93
CA GLU H 2381 -4.78 -49.65 -76.40
C GLU H 2381 -5.38 -50.71 -75.49
N GLU H 2382 -5.40 -50.46 -74.18
CA GLU H 2382 -6.03 -51.41 -73.27
C GLU H 2382 -7.52 -51.52 -73.54
N ALA H 2383 -8.16 -50.40 -73.87
CA ALA H 2383 -9.58 -50.43 -74.19
C ALA H 2383 -9.84 -51.19 -75.48
N ILE H 2384 -8.95 -51.01 -76.47
CA ILE H 2384 -9.08 -51.76 -77.71
C ILE H 2384 -8.92 -53.24 -77.43
N ARG H 2385 -7.99 -53.59 -76.55
CA ARG H 2385 -7.79 -54.98 -76.15
C ARG H 2385 -9.02 -55.53 -75.45
N ILE H 2386 -9.66 -54.72 -74.60
CA ILE H 2386 -10.86 -55.15 -73.90
C ILE H 2386 -11.99 -55.39 -74.90
N SER H 2387 -12.17 -54.46 -75.83
CA SER H 2387 -13.17 -54.64 -76.89
C SER H 2387 -12.88 -55.90 -77.68
N GLU H 2388 -11.61 -56.22 -77.88
CA GLU H 2388 -11.24 -57.51 -78.45
C GLU H 2388 -11.69 -58.64 -77.54
N ASP H 2389 -11.58 -58.45 -76.23
CA ASP H 2389 -11.85 -59.52 -75.29
C ASP H 2389 -13.33 -59.86 -75.28
N PRO H 2390 -13.70 -61.11 -75.57
CA PRO H 2390 -15.10 -61.51 -75.46
C PRO H 2390 -15.49 -61.71 -74.00
N ALA H 2391 -16.68 -61.23 -73.64
CA ALA H 2391 -17.31 -61.34 -72.33
C ALA H 2391 -16.65 -60.46 -71.26
N ARG H 2392 -15.55 -59.75 -71.56
CA ARG H 2392 -15.14 -58.70 -70.65
C ARG H 2392 -16.07 -57.50 -70.78
N ASP H 2393 -16.75 -57.38 -71.92
CA ASP H 2393 -17.74 -56.33 -72.08
C ASP H 2393 -19.16 -56.90 -72.06
N GLY H 2394 -19.27 -58.23 -71.97
CA GLY H 2394 -20.57 -58.87 -72.01
C GLY H 2394 -20.77 -59.89 -70.91
N PRO H 2395 -21.99 -59.94 -70.37
CA PRO H 2395 -22.29 -61.01 -69.39
C PRO H 2395 -22.22 -62.40 -69.98
N GLY H 2396 -22.83 -62.62 -71.13
CA GLY H 2396 -22.82 -63.94 -71.75
C GLY H 2396 -23.47 -65.03 -70.92
N VAL H 2397 -24.75 -64.90 -70.64
CA VAL H 2397 -25.45 -65.89 -69.83
C VAL H 2397 -26.24 -66.84 -70.73
N PRO H 2410 -28.98 -59.69 -77.29
CA PRO H 2410 -29.24 -58.28 -76.99
C PRO H 2410 -30.57 -57.79 -77.56
N PRO H 2411 -31.65 -57.99 -76.82
CA PRO H 2411 -32.96 -57.51 -77.29
C PRO H 2411 -33.00 -56.01 -77.54
N GLU H 2412 -32.26 -55.23 -76.75
CA GLU H 2412 -32.26 -53.79 -76.92
C GLU H 2412 -30.99 -53.31 -77.62
N GLU H 2413 -29.96 -54.16 -77.66
CA GLU H 2413 -28.65 -53.92 -78.28
C GLU H 2413 -27.98 -52.65 -77.78
N ASN H 2414 -28.50 -52.02 -76.72
CA ASN H 2414 -27.91 -50.79 -76.22
C ASN H 2414 -26.62 -51.06 -75.48
N ARG H 2415 -26.38 -52.31 -75.10
CA ARG H 2415 -25.16 -52.66 -74.40
C ARG H 2415 -23.97 -52.39 -75.30
N VAL H 2416 -22.95 -51.73 -74.73
CA VAL H 2416 -21.82 -51.20 -75.48
C VAL H 2416 -20.54 -51.68 -74.83
N HIS H 2417 -19.57 -52.07 -75.67
CA HIS H 2417 -18.29 -52.52 -75.16
C HIS H 2417 -17.65 -51.46 -74.27
N LEU H 2418 -17.19 -51.90 -73.10
CA LEU H 2418 -16.63 -50.98 -72.12
C LEU H 2418 -15.45 -50.22 -72.67
N GLY H 2419 -14.66 -50.85 -73.55
CA GLY H 2419 -13.58 -50.12 -74.18
C GLY H 2419 -14.07 -48.96 -75.02
N HIS H 2420 -15.05 -49.22 -75.88
CA HIS H 2420 -15.65 -48.16 -76.69
C HIS H 2420 -16.26 -47.09 -75.79
N ALA H 2421 -16.85 -47.49 -74.67
CA ALA H 2421 -17.49 -46.53 -73.78
C ALA H 2421 -16.47 -45.65 -73.06
N ILE H 2422 -15.39 -46.24 -72.53
CA ILE H 2422 -14.41 -45.44 -71.80
C ILE H 2422 -13.69 -44.50 -72.75
N MET H 2423 -13.31 -44.99 -73.93
CA MET H 2423 -12.68 -44.12 -74.90
C MET H 2423 -13.64 -43.09 -75.45
N SER H 2424 -14.94 -43.39 -75.46
CA SER H 2424 -15.91 -42.35 -75.78
C SER H 2424 -15.88 -41.25 -74.74
N PHE H 2425 -15.84 -41.64 -73.47
CA PHE H 2425 -15.68 -40.67 -72.39
C PHE H 2425 -14.42 -39.85 -72.58
N TYR H 2426 -13.32 -40.49 -72.97
CA TYR H 2426 -12.06 -39.77 -73.04
C TYR H 2426 -12.01 -38.85 -74.25
N ALA H 2427 -12.62 -39.28 -75.36
CA ALA H 2427 -12.75 -38.38 -76.51
C ALA H 2427 -13.64 -37.21 -76.16
N ALA H 2428 -14.67 -37.44 -75.36
CA ALA H 2428 -15.50 -36.34 -74.88
C ALA H 2428 -14.68 -35.38 -74.03
N LEU H 2429 -13.87 -35.92 -73.11
CA LEU H 2429 -13.03 -35.06 -72.27
C LEU H 2429 -12.08 -34.25 -73.14
N ILE H 2430 -11.49 -34.89 -74.15
CA ILE H 2430 -10.61 -34.19 -75.06
C ILE H 2430 -11.38 -33.13 -75.84
N ASP H 2431 -12.64 -33.39 -76.15
CA ASP H 2431 -13.45 -32.41 -76.86
C ASP H 2431 -13.69 -31.18 -76.00
N LEU H 2432 -14.15 -31.38 -74.76
CA LEU H 2432 -14.22 -30.26 -73.80
C LEU H 2432 -12.88 -29.55 -73.71
N LEU H 2433 -11.79 -30.29 -73.65
CA LEU H 2433 -10.50 -29.67 -73.37
C LEU H 2433 -10.03 -28.85 -74.57
N GLY H 2434 -10.37 -29.29 -75.77
CA GLY H 2434 -10.02 -28.53 -76.96
C GLY H 2434 -10.89 -27.32 -77.17
N ARG H 2435 -12.19 -27.45 -76.87
CA ARG H 2435 -13.09 -26.31 -77.01
C ARG H 2435 -12.80 -25.27 -75.94
N CYS H 2436 -12.34 -25.71 -74.77
CA CYS H 2436 -12.05 -24.77 -73.69
C CYS H 2436 -10.79 -23.98 -73.97
N ALA H 2437 -10.03 -24.37 -74.99
CA ALA H 2437 -8.80 -23.66 -75.31
C ALA H 2437 -9.14 -22.24 -75.76
N PRO H 2438 -8.30 -21.26 -75.43
CA PRO H 2438 -8.57 -19.89 -75.86
C PRO H 2438 -8.51 -19.76 -77.37
N GLU H 2439 -8.90 -18.58 -77.85
CA GLU H 2439 -9.06 -18.41 -79.29
C GLU H 2439 -7.85 -17.70 -79.90
N MET H 2440 -7.69 -17.93 -81.21
CA MET H 2440 -6.57 -17.34 -81.94
C MET H 2440 -6.55 -15.84 -81.74
N HIS H 2441 -7.71 -15.20 -81.70
CA HIS H 2441 -7.76 -13.83 -81.21
C HIS H 2441 -7.77 -13.85 -79.69
N LEU H 2442 -7.07 -12.88 -79.10
CA LEU H 2442 -6.72 -12.83 -77.69
C LEU H 2442 -5.66 -13.88 -77.37
N ILE H 2443 -5.31 -14.72 -78.34
CA ILE H 2443 -4.01 -15.38 -78.27
C ILE H 2443 -2.96 -14.59 -79.05
N GLN H 2444 -3.36 -13.98 -80.18
CA GLN H 2444 -2.37 -13.17 -80.91
C GLN H 2444 -2.00 -11.95 -80.08
N ALA H 2445 -2.99 -11.36 -79.40
CA ALA H 2445 -2.69 -10.37 -78.37
C ALA H 2445 -2.16 -11.05 -77.13
N GLY H 2446 -2.54 -12.31 -76.92
CA GLY H 2446 -1.96 -13.08 -75.83
C GLY H 2446 -2.37 -12.64 -74.45
N LYS H 2447 -3.65 -12.83 -74.09
CA LYS H 2447 -4.06 -12.55 -72.73
C LYS H 2447 -3.39 -13.54 -71.79
N GLY H 2448 -2.74 -13.02 -70.75
CA GLY H 2448 -1.85 -13.84 -69.94
C GLY H 2448 -2.54 -15.05 -69.35
N GLU H 2449 -3.72 -14.86 -68.76
CA GLU H 2449 -4.46 -16.00 -68.22
C GLU H 2449 -4.84 -16.97 -69.32
N ALA H 2450 -5.14 -16.45 -70.51
CA ALA H 2450 -5.48 -17.32 -71.63
C ALA H 2450 -4.32 -18.24 -71.98
N LEU H 2451 -3.12 -17.67 -72.18
CA LEU H 2451 -1.98 -18.52 -72.48
C LEU H 2451 -1.65 -19.43 -71.31
N ARG H 2452 -1.92 -18.98 -70.09
CA ARG H 2452 -1.65 -19.82 -68.93
C ARG H 2452 -2.54 -21.05 -68.95
N ILE H 2453 -3.84 -20.87 -69.16
CA ILE H 2453 -4.75 -22.00 -69.28
C ILE H 2453 -4.32 -22.90 -70.44
N ARG H 2454 -3.95 -22.30 -71.57
CA ARG H 2454 -3.52 -23.09 -72.72
C ARG H 2454 -2.28 -23.92 -72.37
N ALA H 2455 -1.36 -23.34 -71.60
CA ALA H 2455 -0.18 -24.07 -71.18
C ALA H 2455 -0.56 -25.22 -70.25
N ILE H 2456 -1.51 -24.99 -69.34
CA ILE H 2456 -1.96 -26.08 -68.48
C ILE H 2456 -2.59 -27.19 -69.32
N LEU H 2457 -3.32 -26.81 -70.36
CA LEU H 2457 -3.91 -27.81 -71.25
C LEU H 2457 -2.81 -28.64 -71.92
N ARG H 2458 -1.80 -27.96 -72.47
CA ARG H 2458 -0.73 -28.68 -73.15
C ARG H 2458 0.07 -29.52 -72.17
N SER H 2459 0.13 -29.10 -70.91
CA SER H 2459 0.81 -29.88 -69.89
C SER H 2459 0.00 -31.14 -69.56
N LEU H 2460 -1.31 -30.98 -69.41
CA LEU H 2460 -2.17 -32.11 -69.11
C LEU H 2460 -2.15 -33.13 -70.24
N VAL H 2461 -2.11 -32.64 -71.47
CA VAL H 2461 -2.21 -33.49 -72.66
C VAL H 2461 -0.90 -33.39 -73.43
N PRO H 2462 -0.01 -34.38 -73.34
CA PRO H 2462 1.25 -34.31 -74.06
C PRO H 2462 1.04 -34.39 -75.57
N LEU H 2463 1.76 -33.53 -76.28
CA LEU H 2463 1.66 -33.50 -77.74
C LEU H 2463 2.10 -34.84 -78.33
N ASP H 2464 3.18 -35.42 -77.79
CA ASP H 2464 3.62 -36.72 -78.28
C ASP H 2464 2.60 -37.79 -77.98
N ASP H 2465 1.92 -37.69 -76.83
CA ASP H 2465 0.83 -38.62 -76.54
C ASP H 2465 -0.27 -38.52 -77.58
N LEU H 2466 -0.65 -37.30 -77.94
CA LEU H 2466 -1.65 -37.12 -78.99
C LEU H 2466 -1.15 -37.62 -80.34
N VAL H 2467 0.16 -37.45 -80.59
CA VAL H 2467 0.74 -37.96 -81.82
C VAL H 2467 0.62 -39.47 -81.87
N GLY H 2468 0.86 -40.13 -80.75
CA GLY H 2468 0.63 -41.56 -80.69
C GLY H 2468 -0.83 -41.92 -80.91
N ILE H 2469 -1.73 -41.13 -80.33
CA ILE H 2469 -3.16 -41.42 -80.47
C ILE H 2469 -3.60 -41.32 -81.92
N ILE H 2470 -3.20 -40.25 -82.61
CA ILE H 2470 -3.55 -40.12 -84.01
C ILE H 2470 -2.84 -41.19 -84.82
N SER H 2471 -1.66 -41.62 -84.36
CA SER H 2471 -0.94 -42.68 -85.05
C SER H 2471 -1.66 -44.00 -84.94
N LEU H 2472 -2.60 -44.12 -84.02
CA LEU H 2472 -3.28 -45.38 -83.82
C LEU H 2472 -4.08 -45.74 -85.07
N PRO H 2473 -3.83 -46.89 -85.68
CA PRO H 2473 -4.61 -47.28 -86.85
C PRO H 2473 -6.04 -47.66 -86.46
N LEU H 2474 -6.93 -47.51 -87.43
CA LEU H 2474 -8.33 -47.88 -87.28
C LEU H 2474 -8.62 -49.07 -88.18
N GLN H 2475 -9.32 -50.07 -87.63
CA GLN H 2475 -9.71 -51.20 -88.45
C GLN H 2475 -10.64 -50.71 -89.56
N ILE H 2476 -10.43 -51.25 -90.74
CA ILE H 2476 -11.24 -50.91 -91.92
C ILE H 2476 -12.07 -52.13 -92.28
N PRO H 2477 -13.37 -51.99 -92.51
CA PRO H 2477 -14.16 -53.12 -92.98
C PRO H 2477 -13.63 -53.65 -94.31
N THR H 2478 -13.54 -54.97 -94.42
CA THR H 2478 -12.95 -55.60 -95.58
C THR H 2478 -13.83 -56.73 -96.08
N LEU H 2479 -13.77 -56.98 -97.39
CA LEU H 2479 -14.45 -58.13 -97.98
C LEU H 2479 -13.81 -59.42 -97.47
N GLY H 2480 -14.62 -60.47 -97.38
CA GLY H 2480 -14.09 -61.75 -96.94
C GLY H 2480 -15.11 -62.85 -97.04
N LYS H 2481 -14.65 -64.05 -96.70
CA LYS H 2481 -15.50 -65.26 -96.63
C LYS H 2481 -16.38 -65.41 -97.86
N ASP H 2482 -15.72 -65.42 -99.04
CA ASP H 2482 -16.11 -65.32 -100.46
C ASP H 2482 -16.13 -63.86 -100.89
N GLY H 2483 -15.67 -62.97 -100.02
CA GLY H 2483 -15.64 -61.56 -100.35
C GLY H 2483 -16.77 -60.74 -99.77
N ALA H 2484 -17.54 -61.28 -98.83
CA ALA H 2484 -18.50 -60.47 -98.11
C ALA H 2484 -17.77 -59.54 -97.15
N LEU H 2485 -18.20 -58.29 -97.10
CA LEU H 2485 -17.52 -57.30 -96.27
C LEU H 2485 -17.69 -57.62 -94.80
N VAL H 2486 -16.60 -57.48 -94.04
CA VAL H 2486 -16.59 -57.73 -92.61
C VAL H 2486 -16.56 -56.40 -91.89
N GLN H 2487 -17.66 -56.07 -91.21
CA GLN H 2487 -17.78 -54.81 -90.49
C GLN H 2487 -17.96 -55.07 -89.01
N PRO H 2488 -17.04 -54.62 -88.17
CA PRO H 2488 -17.24 -54.77 -86.71
C PRO H 2488 -18.37 -53.89 -86.22
N LYS H 2489 -18.89 -54.22 -85.04
CA LYS H 2489 -19.96 -53.45 -84.44
C LYS H 2489 -19.40 -52.18 -83.81
N MET H 2490 -20.12 -51.06 -83.98
CA MET H 2490 -19.59 -49.77 -83.57
C MET H 2490 -19.59 -49.63 -82.05
N SER H 2491 -20.48 -50.34 -81.37
CA SER H 2491 -20.46 -50.32 -79.91
C SER H 2491 -19.19 -50.94 -79.37
N ALA H 2492 -18.45 -51.65 -80.23
CA ALA H 2492 -17.13 -52.14 -79.83
C ALA H 2492 -16.01 -51.38 -80.54
N SER H 2493 -16.31 -50.81 -81.69
CA SER H 2493 -15.27 -50.31 -82.58
C SER H 2493 -14.65 -49.01 -82.06
N PHE H 2494 -13.34 -48.87 -82.27
CA PHE H 2494 -12.67 -47.61 -81.98
C PHE H 2494 -12.91 -46.64 -83.13
N VAL H 2495 -13.44 -45.46 -82.81
CA VAL H 2495 -14.13 -44.71 -83.85
C VAL H 2495 -13.39 -43.48 -84.36
N PRO H 2496 -13.56 -43.19 -85.65
CA PRO H 2496 -13.07 -41.93 -86.21
C PRO H 2496 -13.66 -40.72 -85.52
N ASP H 2497 -14.84 -40.84 -84.90
CA ASP H 2497 -15.36 -39.73 -84.14
C ASP H 2497 -14.40 -39.37 -82.99
N HIS H 2498 -13.94 -40.38 -82.25
CA HIS H 2498 -12.96 -40.11 -81.22
C HIS H 2498 -11.68 -39.57 -81.83
N LYS H 2499 -11.21 -40.19 -82.91
CA LYS H 2499 -9.96 -39.74 -83.51
C LYS H 2499 -10.06 -38.27 -83.92
N ALA H 2500 -11.24 -37.87 -84.42
CA ALA H 2500 -11.45 -36.47 -84.77
C ALA H 2500 -11.50 -35.59 -83.54
N SER H 2501 -12.00 -36.11 -82.41
CA SER H 2501 -11.92 -35.34 -81.18
C SER H 2501 -10.47 -35.04 -80.81
N MET H 2502 -9.61 -36.05 -80.88
CA MET H 2502 -8.18 -35.80 -80.73
C MET H 2502 -7.69 -34.73 -81.69
N VAL H 2503 -7.98 -34.87 -82.98
CA VAL H 2503 -7.42 -33.96 -83.97
C VAL H 2503 -7.92 -32.54 -83.73
N LEU H 2504 -9.18 -32.41 -83.35
CA LEU H 2504 -9.73 -31.09 -83.01
C LEU H 2504 -9.01 -30.50 -81.82
N PHE H 2505 -8.70 -31.32 -80.81
CA PHE H 2505 -7.92 -30.78 -79.69
C PHE H 2505 -6.56 -30.31 -80.16
N LEU H 2506 -5.91 -31.09 -81.03
CA LEU H 2506 -4.60 -30.69 -81.54
C LEU H 2506 -4.68 -29.34 -82.23
N ASP H 2507 -5.62 -29.17 -83.16
CA ASP H 2507 -5.66 -27.92 -83.92
C ASP H 2507 -6.10 -26.77 -83.04
N ARG H 2508 -6.92 -27.05 -82.02
CA ARG H 2508 -7.39 -25.98 -81.15
C ARG H 2508 -6.29 -25.50 -80.21
N VAL H 2509 -5.50 -26.42 -79.66
CA VAL H 2509 -4.54 -26.11 -78.61
C VAL H 2509 -3.13 -26.06 -79.14
N TYR H 2510 -2.61 -27.19 -79.62
CA TYR H 2510 -1.24 -27.19 -80.12
C TYR H 2510 -1.15 -26.53 -81.48
N GLY H 2511 -2.14 -26.74 -82.35
CA GLY H 2511 -2.13 -26.12 -83.65
C GLY H 2511 -0.98 -26.63 -84.52
N ILE H 2512 -0.54 -25.73 -85.41
CA ILE H 2512 0.53 -26.02 -86.35
C ILE H 2512 1.66 -25.02 -86.12
N GLU H 2513 2.87 -25.53 -85.92
CA GLU H 2513 4.04 -24.69 -85.72
C GLU H 2513 5.13 -24.88 -86.76
N ASN H 2514 5.49 -26.13 -87.05
CA ASN H 2514 6.61 -26.43 -87.94
C ASN H 2514 6.14 -27.30 -89.09
N GLN H 2515 6.75 -27.11 -90.26
CA GLN H 2515 6.36 -27.90 -91.42
C GLN H 2515 6.82 -29.35 -91.28
N ASP H 2516 8.04 -29.56 -90.76
CA ASP H 2516 8.50 -30.93 -90.54
C ASP H 2516 7.68 -31.60 -89.43
N PHE H 2517 7.32 -30.83 -88.41
CA PHE H 2517 6.42 -31.35 -87.38
C PHE H 2517 5.09 -31.75 -88.00
N LEU H 2518 4.57 -30.92 -88.90
CA LEU H 2518 3.36 -31.28 -89.64
C LEU H 2518 3.54 -32.57 -90.40
N LEU H 2519 4.67 -32.71 -91.10
CA LEU H 2519 4.91 -33.91 -91.90
C LEU H 2519 4.97 -35.15 -91.04
N HIS H 2520 5.63 -35.06 -89.88
CA HIS H 2520 5.74 -36.24 -89.02
C HIS H 2520 4.39 -36.58 -88.40
N VAL H 2521 3.60 -35.56 -88.05
CA VAL H 2521 2.24 -35.80 -87.56
C VAL H 2521 1.43 -36.51 -88.64
N LEU H 2522 1.55 -36.05 -89.88
CA LEU H 2522 0.83 -36.71 -90.97
C LEU H 2522 1.25 -38.16 -91.10
N ASP H 2523 2.56 -38.42 -91.15
CA ASP H 2523 3.02 -39.77 -91.46
C ASP H 2523 2.79 -40.72 -90.28
N VAL H 2524 2.60 -40.19 -89.08
CA VAL H 2524 2.22 -41.08 -87.98
C VAL H 2524 0.72 -41.33 -87.99
N GLY H 2525 -0.09 -40.28 -88.15
CA GLY H 2525 -1.52 -40.46 -88.05
C GLY H 2525 -2.36 -40.12 -89.26
N PHE H 2526 -1.95 -39.11 -90.03
CA PHE H 2526 -2.82 -38.61 -91.09
C PHE H 2526 -2.60 -39.35 -92.40
N LEU H 2527 -1.34 -39.66 -92.71
CA LEU H 2527 -1.09 -40.39 -93.94
C LEU H 2527 -1.47 -41.87 -93.89
N PRO H 2528 -1.33 -42.60 -92.77
CA PRO H 2528 -1.99 -43.91 -92.76
C PRO H 2528 -3.48 -43.81 -92.99
N ASP H 2529 -4.13 -42.83 -92.37
CA ASP H 2529 -5.55 -42.58 -92.60
C ASP H 2529 -5.83 -42.22 -94.05
N MET H 2530 -4.87 -41.58 -94.72
CA MET H 2530 -5.15 -41.12 -96.07
C MET H 2530 -4.90 -42.22 -97.09
N ARG H 2531 -3.93 -43.12 -96.84
CA ARG H 2531 -3.95 -44.39 -97.59
C ARG H 2531 -5.24 -45.16 -97.35
N ALA H 2532 -5.72 -45.18 -96.11
CA ALA H 2532 -6.99 -45.83 -95.83
C ALA H 2532 -8.12 -45.19 -96.63
N ALA H 2533 -8.13 -43.86 -96.70
CA ALA H 2533 -9.15 -43.16 -97.47
C ALA H 2533 -9.04 -43.48 -98.96
N ALA H 2534 -7.81 -43.56 -99.46
CA ALA H 2534 -7.60 -43.99 -100.84
C ALA H 2534 -8.22 -45.36 -101.07
N SER H 2535 -7.99 -46.28 -100.14
CA SER H 2535 -8.62 -47.59 -100.23
C SER H 2535 -10.14 -47.48 -100.14
N LEU H 2536 -10.65 -46.45 -99.46
CA LEU H 2536 -12.08 -46.33 -99.24
C LEU H 2536 -12.82 -46.11 -100.55
N ASP H 2537 -12.16 -45.54 -101.55
CA ASP H 2537 -12.81 -45.24 -102.82
C ASP H 2537 -13.04 -46.54 -103.60
N THR H 2538 -14.08 -47.25 -103.20
CA THR H 2538 -14.48 -48.50 -103.82
C THR H 2538 -16.00 -48.55 -103.88
N ALA H 2539 -16.53 -49.14 -104.95
CA ALA H 2539 -17.99 -49.15 -105.14
C ALA H 2539 -18.70 -49.76 -103.95
N THR H 2540 -18.28 -50.95 -103.53
CA THR H 2540 -18.86 -51.55 -102.32
C THR H 2540 -18.52 -50.70 -101.10
N PHE H 2541 -17.29 -50.21 -101.02
CA PHE H 2541 -16.89 -49.39 -99.87
C PHE H 2541 -17.67 -48.09 -99.84
N SER H 2542 -17.93 -47.48 -101.00
CA SER H 2542 -18.67 -46.24 -101.04
C SER H 2542 -20.04 -46.38 -100.40
N THR H 2543 -20.59 -47.60 -100.43
CA THR H 2543 -21.87 -47.84 -99.77
C THR H 2543 -21.74 -47.77 -98.26
N THR H 2544 -20.58 -48.16 -97.72
CA THR H 2544 -20.48 -48.38 -96.29
C THR H 2544 -20.53 -47.07 -95.51
N GLU H 2545 -21.49 -47.01 -94.58
CA GLU H 2545 -21.66 -45.85 -93.72
C GLU H 2545 -20.38 -45.54 -92.96
N MET H 2546 -19.58 -46.56 -92.65
CA MET H 2546 -18.36 -46.30 -91.89
C MET H 2546 -17.32 -45.59 -92.73
N ALA H 2547 -17.13 -46.03 -93.98
CA ALA H 2547 -16.24 -45.28 -94.87
C ALA H 2547 -16.78 -43.87 -95.09
N LEU H 2548 -18.11 -43.72 -95.13
CA LEU H 2548 -18.67 -42.38 -95.21
C LEU H 2548 -18.27 -41.55 -94.00
N ALA H 2549 -18.31 -42.14 -92.81
CA ALA H 2549 -17.92 -41.42 -91.60
C ALA H 2549 -16.43 -41.07 -91.61
N LEU H 2550 -15.60 -41.98 -92.12
CA LEU H 2550 -14.20 -41.63 -92.36
C LEU H 2550 -14.10 -40.38 -93.23
N ASN H 2551 -14.81 -40.38 -94.36
CA ASN H 2551 -14.77 -39.20 -95.21
C ASN H 2551 -15.20 -37.97 -94.43
N ARG H 2552 -16.26 -38.09 -93.63
CA ARG H 2552 -16.72 -36.97 -92.81
C ARG H 2552 -15.59 -36.42 -91.96
N TYR H 2553 -15.08 -37.22 -91.02
CA TYR H 2553 -14.22 -36.62 -90.01
C TYR H 2553 -12.88 -36.21 -90.63
N LEU H 2554 -12.44 -36.92 -91.68
CA LEU H 2554 -11.23 -36.47 -92.37
C LEU H 2554 -11.43 -35.09 -92.97
N CYS H 2555 -12.56 -34.88 -93.65
CA CYS H 2555 -12.78 -33.59 -94.28
C CYS H 2555 -12.97 -32.49 -93.24
N LEU H 2556 -13.68 -32.79 -92.15
CA LEU H 2556 -13.92 -31.77 -91.14
C LEU H 2556 -12.62 -31.33 -90.48
N ALA H 2557 -11.62 -32.21 -90.46
CA ALA H 2557 -10.39 -31.93 -89.73
C ALA H 2557 -9.15 -31.85 -90.63
N VAL H 2558 -8.90 -32.90 -91.42
CA VAL H 2558 -7.69 -32.93 -92.22
C VAL H 2558 -7.70 -31.83 -93.26
N LEU H 2559 -8.85 -31.54 -93.85
CA LEU H 2559 -8.92 -30.45 -94.81
C LEU H 2559 -8.59 -29.09 -94.19
N PRO H 2560 -9.19 -28.66 -93.07
CA PRO H 2560 -8.71 -27.41 -92.46
C PRO H 2560 -7.26 -27.47 -92.06
N LEU H 2561 -6.77 -28.65 -91.68
CA LEU H 2561 -5.36 -28.80 -91.39
C LEU H 2561 -4.51 -28.46 -92.60
N ILE H 2562 -4.92 -28.96 -93.78
CA ILE H 2562 -4.20 -28.61 -95.01
C ILE H 2562 -4.31 -27.12 -95.27
N THR H 2563 -5.49 -26.54 -95.04
CA THR H 2563 -5.66 -25.11 -95.27
C THR H 2563 -4.66 -24.30 -94.46
N LYS H 2564 -4.58 -24.57 -93.15
CA LYS H 2564 -3.66 -23.79 -92.32
C LYS H 2564 -2.21 -24.13 -92.62
N CYS H 2565 -1.92 -25.40 -92.93
CA CYS H 2565 -0.55 -25.87 -93.04
C CYS H 2565 0.04 -25.69 -94.43
N ALA H 2566 -0.75 -25.30 -95.42
CA ALA H 2566 -0.24 -25.19 -96.79
C ALA H 2566 0.95 -24.24 -96.91
N PRO H 2567 0.96 -23.04 -96.31
CA PRO H 2567 2.19 -22.24 -96.35
C PRO H 2567 3.39 -22.97 -95.77
N LEU H 2568 3.19 -23.72 -94.69
CA LEU H 2568 4.24 -24.59 -94.19
C LEU H 2568 4.51 -25.73 -95.15
N PHE H 2569 3.46 -26.23 -95.80
CA PHE H 2569 3.62 -27.31 -96.77
C PHE H 2569 4.56 -26.91 -97.89
N ALA H 2570 4.68 -25.60 -98.16
CA ALA H 2570 5.63 -25.13 -99.15
C ALA H 2570 7.07 -25.22 -98.64
N GLY H 2571 7.27 -25.80 -97.46
CA GLY H 2571 8.55 -25.69 -96.80
C GLY H 2571 9.67 -26.49 -97.45
N THR H 2572 9.61 -27.82 -97.37
CA THR H 2572 10.77 -28.67 -97.58
C THR H 2572 10.77 -29.25 -98.99
N GLU H 2573 11.91 -29.82 -99.39
CA GLU H 2573 12.03 -30.39 -100.72
C GLU H 2573 11.92 -31.91 -100.69
N HIS H 2574 12.64 -32.55 -99.75
CA HIS H 2574 12.85 -34.00 -99.80
C HIS H 2574 11.55 -34.78 -99.71
N ARG H 2575 10.59 -34.28 -98.92
CA ARG H 2575 9.35 -35.02 -98.71
C ARG H 2575 8.45 -34.97 -99.93
N ALA H 2576 8.96 -34.47 -101.07
CA ALA H 2576 8.13 -34.25 -102.25
C ALA H 2576 7.45 -35.52 -102.72
N ILE H 2577 8.12 -36.67 -102.57
CA ILE H 2577 7.51 -37.91 -103.04
C ILE H 2577 6.26 -38.23 -102.26
N MET H 2578 6.31 -38.12 -100.94
CA MET H 2578 5.19 -38.56 -100.14
C MET H 2578 4.09 -37.50 -100.24
N VAL H 2579 4.51 -36.23 -100.37
CA VAL H 2579 3.56 -35.14 -100.60
C VAL H 2579 2.79 -35.35 -101.90
N ASP H 2580 3.50 -35.64 -103.00
CA ASP H 2580 2.78 -35.85 -104.24
C ASP H 2580 1.94 -37.11 -104.14
N SER H 2581 2.33 -38.03 -103.26
CA SER H 2581 1.52 -39.22 -103.04
C SER H 2581 0.18 -38.87 -102.40
N MET H 2582 0.17 -38.05 -101.34
CA MET H 2582 -1.15 -37.83 -100.73
C MET H 2582 -1.92 -36.84 -101.59
N LEU H 2583 -1.21 -36.08 -102.43
CA LEU H 2583 -1.89 -35.33 -103.47
C LEU H 2583 -2.65 -36.27 -104.39
N HIS H 2584 -2.01 -37.34 -104.83
CA HIS H 2584 -2.68 -38.31 -105.69
CA HIS H 2584 -2.68 -38.30 -105.69
C HIS H 2584 -3.89 -38.91 -104.99
N THR H 2585 -3.72 -39.28 -103.72
CA THR H 2585 -4.84 -39.87 -103.00
C THR H 2585 -5.99 -38.89 -102.83
N VAL H 2586 -5.69 -37.64 -102.46
CA VAL H 2586 -6.77 -36.69 -102.24
C VAL H 2586 -7.45 -36.34 -103.54
N TYR H 2587 -6.73 -36.38 -104.66
CA TYR H 2587 -7.38 -36.27 -105.95
C TYR H 2587 -8.32 -37.46 -106.18
N ARG H 2588 -7.87 -38.66 -105.82
CA ARG H 2588 -8.74 -39.84 -105.88
C ARG H 2588 -10.02 -39.63 -105.08
N LEU H 2589 -9.88 -39.12 -103.86
CA LEU H 2589 -11.06 -38.88 -103.02
C LEU H 2589 -11.93 -37.77 -103.61
N SER H 2590 -11.31 -36.74 -104.18
CA SER H 2590 -12.05 -35.67 -104.83
C SER H 2590 -12.93 -36.22 -105.94
N ARG H 2591 -12.37 -37.10 -106.77
CA ARG H 2591 -13.19 -37.84 -107.71
C ARG H 2591 -13.74 -39.06 -106.96
N GLY H 2592 -14.67 -38.76 -106.06
CA GLY H 2592 -15.24 -39.76 -105.17
C GLY H 2592 -16.76 -39.72 -105.20
N ARG H 2593 -17.35 -40.87 -105.48
CA ARG H 2593 -18.81 -40.97 -105.53
C ARG H 2593 -19.40 -41.01 -104.13
N SER H 2594 -20.72 -40.81 -104.06
CA SER H 2594 -21.48 -40.84 -102.80
C SER H 2594 -20.85 -39.92 -101.75
N LEU H 2595 -20.46 -38.73 -102.17
CA LEU H 2595 -19.83 -37.76 -101.29
C LEU H 2595 -20.67 -36.47 -101.30
N THR H 2596 -20.89 -35.91 -100.12
CA THR H 2596 -21.72 -34.72 -100.03
C THR H 2596 -21.06 -33.56 -100.77
N LYS H 2597 -21.89 -32.77 -101.46
CA LYS H 2597 -21.37 -31.80 -102.42
C LYS H 2597 -20.55 -30.72 -101.73
N ALA H 2598 -21.05 -30.16 -100.63
CA ALA H 2598 -20.31 -29.10 -99.95
C ALA H 2598 -18.98 -29.62 -99.43
N GLN H 2599 -18.99 -30.80 -98.82
CA GLN H 2599 -17.76 -31.40 -98.34
C GLN H 2599 -16.76 -31.62 -99.47
N ARG H 2600 -17.24 -32.14 -100.60
CA ARG H 2600 -16.37 -32.36 -101.75
C ARG H 2600 -15.78 -31.04 -102.23
N ASP H 2601 -16.60 -29.98 -102.25
CA ASP H 2601 -16.10 -28.66 -102.62
C ASP H 2601 -15.00 -28.21 -101.67
N VAL H 2602 -15.18 -28.46 -100.37
CA VAL H 2602 -14.14 -28.12 -99.41
C VAL H 2602 -12.85 -28.86 -99.74
N ILE H 2603 -12.95 -30.15 -100.08
CA ILE H 2603 -11.75 -30.89 -100.46
C ILE H 2603 -11.08 -30.21 -101.65
N GLU H 2604 -11.87 -29.83 -102.66
CA GLU H 2604 -11.27 -29.21 -103.84
C GLU H 2604 -10.57 -27.91 -103.49
N ASP H 2605 -11.20 -27.09 -102.64
CA ASP H 2605 -10.57 -25.82 -102.24
C ASP H 2605 -9.26 -26.06 -101.51
N CYS H 2606 -9.25 -27.02 -100.59
CA CYS H 2606 -8.00 -27.33 -99.91
C CYS H 2606 -6.95 -27.81 -100.90
N LEU H 2607 -7.37 -28.60 -101.90
CA LEU H 2607 -6.40 -29.10 -102.88
C LEU H 2607 -5.77 -27.96 -103.67
N MET H 2608 -6.59 -27.02 -104.16
CA MET H 2608 -6.00 -25.89 -104.90
C MET H 2608 -5.08 -25.08 -104.00
N ALA H 2609 -5.53 -24.81 -102.77
CA ALA H 2609 -4.74 -23.98 -101.87
C ALA H 2609 -3.39 -24.62 -101.60
N LEU H 2610 -3.38 -25.91 -101.33
CA LEU H 2610 -2.12 -26.62 -101.11
C LEU H 2610 -1.29 -26.64 -102.38
N CYS H 2611 -1.95 -26.78 -103.54
CA CYS H 2611 -1.24 -26.86 -104.80
C CYS H 2611 -0.48 -25.57 -105.09
N ARG H 2612 -1.05 -24.42 -104.71
CA ARG H 2612 -0.35 -23.17 -104.92
CA ARG H 2612 -0.34 -23.16 -104.91
C ARG H 2612 1.01 -23.18 -104.23
N TYR H 2613 1.05 -23.60 -102.97
CA TYR H 2613 2.30 -23.62 -102.23
C TYR H 2613 3.23 -24.72 -102.73
N ILE H 2614 2.67 -25.81 -103.25
CA ILE H 2614 3.50 -26.91 -103.69
C ILE H 2614 4.26 -26.53 -104.96
N ARG H 2615 5.54 -26.90 -104.99
CA ARG H 2615 6.42 -26.54 -106.09
C ARG H 2615 5.99 -27.26 -107.39
N PRO H 2616 6.18 -26.60 -108.54
CA PRO H 2616 5.82 -27.26 -109.80
C PRO H 2616 6.59 -28.54 -110.04
N SER H 2617 7.86 -28.58 -109.62
CA SER H 2617 8.63 -29.81 -109.72
C SER H 2617 7.97 -30.92 -108.92
N MET H 2618 7.50 -30.59 -107.70
CA MET H 2618 6.71 -31.53 -106.94
C MET H 2618 5.46 -31.93 -107.71
N LEU H 2619 4.86 -30.97 -108.42
CA LEU H 2619 3.52 -31.15 -108.96
C LEU H 2619 3.48 -32.20 -110.06
N GLN H 2620 4.65 -32.53 -110.64
CA GLN H 2620 4.68 -33.15 -111.97
C GLN H 2620 3.82 -34.40 -112.05
N HIS H 2621 3.92 -35.29 -111.05
CA HIS H 2621 3.20 -36.56 -111.17
C HIS H 2621 1.71 -36.38 -111.00
N LEU H 2622 1.30 -35.53 -110.06
CA LEU H 2622 -0.11 -35.18 -109.96
C LEU H 2622 -0.59 -34.56 -111.25
N LEU H 2623 0.27 -33.76 -111.90
CA LEU H 2623 -0.07 -33.19 -113.19
C LEU H 2623 -0.32 -34.27 -114.21
N ARG H 2624 0.53 -35.30 -114.25
CA ARG H 2624 0.29 -36.39 -115.21
C ARG H 2624 -1.02 -37.09 -114.90
N ARG H 2625 -1.35 -37.24 -113.62
CA ARG H 2625 -2.63 -37.85 -113.27
C ARG H 2625 -3.78 -37.00 -113.77
N LEU H 2626 -3.69 -35.68 -113.62
CA LEU H 2626 -4.74 -34.83 -114.17
C LEU H 2626 -4.78 -34.89 -115.68
N VAL H 2627 -3.62 -35.09 -116.32
CA VAL H 2627 -3.59 -35.33 -117.76
C VAL H 2627 -4.41 -36.55 -118.10
N PHE H 2628 -4.20 -37.65 -117.37
CA PHE H 2628 -4.98 -38.85 -117.60
C PHE H 2628 -6.47 -38.59 -117.34
N ASP H 2629 -6.77 -37.71 -116.40
CA ASP H 2629 -8.16 -37.48 -116.02
C ASP H 2629 -8.84 -36.49 -116.96
N VAL H 2630 -8.06 -35.78 -117.77
CA VAL H 2630 -8.63 -34.73 -118.64
C VAL H 2630 -9.59 -35.29 -119.68
N PRO H 2631 -9.23 -36.31 -120.48
CA PRO H 2631 -9.95 -36.51 -121.75
C PRO H 2631 -11.44 -36.75 -121.63
N ILE H 2632 -11.92 -37.17 -120.46
CA ILE H 2632 -13.36 -37.41 -120.31
C ILE H 2632 -14.13 -36.12 -120.50
N LEU H 2633 -13.58 -35.01 -120.02
CA LEU H 2633 -14.24 -33.70 -120.09
C LEU H 2633 -15.62 -33.71 -119.45
N ASN H 2634 -15.83 -34.59 -118.47
CA ASN H 2634 -17.11 -34.61 -117.79
C ASN H 2634 -17.15 -33.53 -116.71
N GLU H 2635 -18.36 -33.29 -116.19
CA GLU H 2635 -18.55 -32.21 -115.22
C GLU H 2635 -17.73 -32.45 -113.96
N PHE H 2636 -17.40 -33.71 -113.66
CA PHE H 2636 -16.68 -34.01 -112.44
C PHE H 2636 -15.23 -33.52 -112.53
N ALA H 2637 -14.66 -33.51 -113.73
CA ALA H 2637 -13.27 -33.10 -113.87
C ALA H 2637 -13.15 -31.58 -114.01
N LYS H 2638 -14.28 -30.88 -114.14
CA LYS H 2638 -14.22 -29.47 -114.53
C LYS H 2638 -13.55 -28.60 -113.47
N MET H 2639 -13.94 -28.76 -112.20
CA MET H 2639 -13.26 -28.00 -111.15
C MET H 2639 -11.78 -28.34 -111.05
N PRO H 2640 -11.35 -29.61 -111.17
CA PRO H 2640 -9.91 -29.86 -111.34
C PRO H 2640 -9.31 -29.10 -112.51
N LEU H 2641 -10.01 -29.00 -113.64
CA LEU H 2641 -9.45 -28.23 -114.76
C LEU H 2641 -9.28 -26.76 -114.38
N LYS H 2642 -10.27 -26.20 -113.67
CA LYS H 2642 -10.14 -24.80 -113.28
C LYS H 2642 -8.98 -24.60 -112.31
N LEU H 2643 -8.82 -25.49 -111.33
CA LEU H 2643 -7.69 -25.33 -110.42
C LEU H 2643 -6.38 -25.52 -111.17
N LEU H 2644 -6.39 -26.38 -112.19
CA LEU H 2644 -5.22 -26.52 -113.05
C LEU H 2644 -4.88 -25.21 -113.72
N THR H 2645 -5.88 -24.56 -114.31
CA THR H 2645 -5.65 -23.28 -114.95
C THR H 2645 -5.10 -22.27 -113.95
N ASN H 2646 -5.65 -22.27 -112.73
CA ASN H 2646 -5.18 -21.32 -111.73
C ASN H 2646 -3.72 -21.54 -111.38
N HIS H 2647 -3.32 -22.79 -111.14
CA HIS H 2647 -1.93 -22.95 -110.67
C HIS H 2647 -0.97 -22.79 -111.83
N TYR H 2648 -1.41 -23.10 -113.05
CA TYR H 2648 -0.60 -22.76 -114.22
C TYR H 2648 -0.43 -21.25 -114.33
N GLU H 2649 -1.48 -20.50 -114.02
CA GLU H 2649 -1.34 -19.05 -113.93
C GLU H 2649 -0.31 -18.69 -112.87
N ARG H 2650 -0.30 -19.42 -111.75
CA ARG H 2650 0.69 -19.16 -110.70
C ARG H 2650 2.10 -19.38 -111.21
N CYS H 2651 2.33 -20.49 -111.92
CA CYS H 2651 3.66 -20.82 -112.43
C CYS H 2651 3.81 -20.50 -113.91
N TRP H 2652 2.99 -19.59 -114.45
CA TRP H 2652 3.13 -19.20 -115.85
C TRP H 2652 4.50 -18.60 -116.11
N LYS H 2653 5.00 -17.79 -115.18
CA LYS H 2653 6.34 -17.25 -115.31
C LYS H 2653 7.38 -18.35 -115.34
N TYR H 2654 7.23 -19.35 -114.46
CA TYR H 2654 8.19 -20.44 -114.41
C TYR H 2654 8.20 -21.22 -115.72
N TYR H 2655 7.03 -21.49 -116.28
CA TYR H 2655 6.96 -22.24 -117.52
C TYR H 2655 7.49 -21.43 -118.70
N CYS H 2656 7.16 -20.14 -118.75
CA CYS H 2656 7.52 -19.34 -119.92
C CYS H 2656 9.00 -18.97 -119.91
N LEU H 2657 9.58 -18.84 -118.72
CA LEU H 2657 10.96 -18.35 -118.62
C LEU H 2657 11.92 -19.35 -119.24
N PRO H 2658 12.68 -18.97 -120.27
CA PRO H 2658 13.75 -19.85 -120.76
C PRO H 2658 14.78 -20.15 -119.70
N THR H 2659 15.12 -19.15 -118.88
CA THR H 2659 16.02 -19.38 -117.76
C THR H 2659 15.31 -20.14 -116.65
N GLY H 2660 14.00 -19.98 -116.55
CA GLY H 2660 13.23 -20.60 -115.49
C GLY H 2660 13.10 -19.69 -114.28
N TRP H 2661 12.01 -19.88 -113.55
CA TRP H 2661 11.75 -19.08 -112.37
C TRP H 2661 12.73 -19.44 -111.26
N ALA H 2662 13.24 -18.41 -110.59
CA ALA H 2662 14.18 -18.61 -109.50
C ALA H 2662 13.57 -19.50 -108.42
N ASN H 2663 14.38 -20.47 -107.96
CA ASN H 2663 13.97 -21.42 -106.92
C ASN H 2663 12.91 -22.37 -107.44
N PHE H 2664 12.47 -22.18 -108.69
CA PHE H 2664 11.46 -23.07 -109.26
C PHE H 2664 12.06 -23.95 -110.34
N GLY H 2665 13.07 -23.45 -111.06
CA GLY H 2665 13.68 -24.24 -112.10
C GLY H 2665 13.00 -24.04 -113.43
N VAL H 2666 13.14 -25.05 -114.29
CA VAL H 2666 12.59 -25.04 -115.64
C VAL H 2666 11.73 -26.28 -115.82
N THR H 2667 10.80 -26.23 -116.77
CA THR H 2667 10.00 -27.39 -117.10
C THR H 2667 10.85 -28.45 -117.78
N SER H 2668 10.54 -29.71 -117.49
CA SER H 2668 11.23 -30.81 -118.16
C SER H 2668 10.83 -30.90 -119.62
N GLU H 2669 9.69 -30.30 -119.98
CA GLU H 2669 9.10 -30.16 -121.31
C GLU H 2669 8.40 -31.44 -121.78
N GLU H 2670 8.59 -32.58 -121.12
CA GLU H 2670 7.65 -33.67 -121.35
C GLU H 2670 6.36 -33.39 -120.62
N GLU H 2671 6.46 -32.77 -119.44
CA GLU H 2671 5.28 -32.20 -118.81
C GLU H 2671 4.63 -31.17 -119.73
N LEU H 2672 5.44 -30.31 -120.36
CA LEU H 2672 4.89 -29.38 -121.32
C LEU H 2672 4.38 -30.09 -122.56
N HIS H 2673 4.98 -31.23 -122.90
CA HIS H 2673 4.45 -32.03 -124.00
C HIS H 2673 3.03 -32.49 -123.71
N LEU H 2674 2.82 -33.05 -122.51
CA LEU H 2674 1.46 -33.46 -122.14
C LEU H 2674 0.56 -32.25 -122.01
N THR H 2675 1.11 -31.11 -121.63
CA THR H 2675 0.29 -29.90 -121.54
C THR H 2675 -0.18 -29.46 -122.92
N ARG H 2676 0.71 -29.55 -123.91
CA ARG H 2676 0.33 -29.30 -125.30
C ARG H 2676 -0.76 -30.28 -125.74
N LYS H 2677 -0.58 -31.55 -125.41
CA LYS H 2677 -1.55 -32.55 -125.84
C LYS H 2677 -2.88 -32.34 -125.14
N LEU H 2678 -2.85 -31.81 -123.91
CA LEU H 2678 -4.10 -31.46 -123.23
C LEU H 2678 -4.75 -30.25 -123.89
N PHE H 2679 -3.96 -29.28 -124.32
CA PHE H 2679 -4.50 -28.19 -125.12
C PHE H 2679 -5.26 -28.75 -126.31
N TRP H 2680 -4.61 -29.62 -127.08
CA TRP H 2680 -5.24 -30.19 -128.26
C TRP H 2680 -6.47 -31.02 -127.89
N GLY H 2681 -6.37 -31.83 -126.84
CA GLY H 2681 -7.47 -32.70 -126.48
C GLY H 2681 -8.67 -31.93 -125.98
N ILE H 2682 -8.44 -30.92 -125.14
CA ILE H 2682 -9.53 -30.09 -124.65
C ILE H 2682 -10.21 -29.37 -125.81
N PHE H 2683 -9.41 -28.80 -126.72
CA PHE H 2683 -10.00 -28.12 -127.86
C PHE H 2683 -10.82 -29.09 -128.72
N ASP H 2684 -10.26 -30.27 -129.01
CA ASP H 2684 -10.97 -31.24 -129.83
C ASP H 2684 -12.25 -31.71 -129.15
N SER H 2685 -12.17 -32.02 -127.86
CA SER H 2685 -13.33 -32.53 -127.14
C SER H 2685 -14.43 -31.48 -127.08
N LEU H 2686 -14.06 -30.22 -126.84
CA LEU H 2686 -15.07 -29.18 -126.80
C LEU H 2686 -15.68 -28.97 -128.18
N ALA H 2687 -14.86 -29.10 -129.23
CA ALA H 2687 -15.39 -29.01 -130.59
C ALA H 2687 -16.40 -30.11 -130.85
N HIS H 2688 -16.10 -31.34 -130.43
CA HIS H 2688 -17.05 -32.43 -130.58
C HIS H 2688 -18.31 -32.17 -129.77
N LYS H 2689 -18.16 -31.68 -128.54
CA LYS H 2689 -19.30 -31.37 -127.70
C LYS H 2689 -20.10 -30.21 -128.29
N LYS H 2690 -21.42 -30.32 -128.21
CA LYS H 2690 -22.27 -29.21 -128.59
C LYS H 2690 -22.20 -28.13 -127.52
N TYR H 2691 -22.54 -26.91 -127.91
CA TYR H 2691 -22.47 -25.80 -126.97
C TYR H 2691 -23.34 -26.07 -125.75
N ASP H 2692 -22.78 -25.84 -124.57
CA ASP H 2692 -23.53 -25.86 -123.33
C ASP H 2692 -23.11 -24.64 -122.53
N GLN H 2693 -24.10 -23.96 -121.94
CA GLN H 2693 -23.78 -22.78 -121.15
C GLN H 2693 -22.95 -23.14 -119.93
N GLU H 2694 -23.23 -24.29 -119.31
CA GLU H 2694 -22.43 -24.70 -118.16
C GLU H 2694 -21.02 -25.08 -118.60
N LEU H 2695 -20.89 -25.67 -119.78
CA LEU H 2695 -19.58 -25.94 -120.33
C LEU H 2695 -18.80 -24.65 -120.54
N TYR H 2696 -19.45 -23.62 -121.07
CA TYR H 2696 -18.76 -22.36 -121.27
C TYR H 2696 -18.51 -21.67 -119.93
N ARG H 2697 -19.36 -21.94 -118.94
CA ARG H 2697 -19.12 -21.43 -117.59
C ARG H 2697 -17.85 -22.04 -117.01
N MET H 2698 -17.63 -23.32 -117.27
CA MET H 2698 -16.33 -23.91 -117.02
C MET H 2698 -15.27 -23.18 -117.83
N ALA H 2699 -15.58 -22.83 -119.07
CA ALA H 2699 -14.54 -22.53 -120.04
C ALA H 2699 -14.23 -21.05 -120.20
N MET H 2700 -14.76 -20.16 -119.35
CA MET H 2700 -14.14 -18.83 -119.34
C MET H 2700 -12.69 -18.88 -118.84
N PRO H 2701 -12.36 -19.57 -117.75
CA PRO H 2701 -10.92 -19.77 -117.46
C PRO H 2701 -10.20 -20.46 -118.59
N CYS H 2702 -10.90 -21.35 -119.30
CA CYS H 2702 -10.51 -21.91 -120.59
C CYS H 2702 -9.13 -22.54 -120.60
N LEU H 2703 -8.70 -22.93 -121.79
CA LEU H 2703 -7.34 -23.33 -122.05
C LEU H 2703 -6.47 -22.13 -122.43
N CYS H 2704 -7.00 -20.92 -122.29
CA CYS H 2704 -6.21 -19.72 -122.55
C CYS H 2704 -5.10 -19.57 -121.53
N ALA H 2705 -5.38 -19.91 -120.27
CA ALA H 2705 -4.31 -19.94 -119.27
C ALA H 2705 -3.25 -20.95 -119.65
N ILE H 2706 -3.67 -22.11 -120.15
CA ILE H 2706 -2.72 -23.10 -120.64
C ILE H 2706 -1.86 -22.51 -121.75
N ALA H 2707 -2.50 -21.85 -122.72
CA ALA H 2707 -1.76 -21.27 -123.84
C ALA H 2707 -0.76 -20.24 -123.36
N GLY H 2708 -1.16 -19.39 -122.40
CA GLY H 2708 -0.23 -18.44 -121.83
C GLY H 2708 0.93 -19.12 -121.13
N ALA H 2709 0.66 -20.25 -120.50
CA ALA H 2709 1.74 -21.02 -119.86
C ALA H 2709 2.73 -21.54 -120.91
N LEU H 2710 2.22 -22.07 -122.01
CA LEU H 2710 3.10 -22.59 -123.04
C LEU H 2710 3.87 -21.46 -123.74
N PRO H 2711 5.17 -21.61 -123.91
CA PRO H 2711 5.89 -20.77 -124.88
C PRO H 2711 5.62 -21.28 -126.28
N PRO H 2712 5.39 -20.38 -127.25
CA PRO H 2712 5.04 -20.84 -128.59
C PRO H 2712 6.17 -21.55 -129.32
N ASP H 2713 7.41 -21.29 -128.90
CA ASP H 2713 8.55 -21.62 -129.76
C ASP H 2713 9.05 -23.04 -129.53
N TYR H 2714 8.72 -23.64 -128.39
CA TYR H 2714 9.32 -24.93 -128.08
C TYR H 2714 8.73 -26.01 -128.98
N VAL H 2715 9.46 -27.11 -129.11
CA VAL H 2715 9.06 -28.22 -129.97
C VAL H 2715 8.89 -29.46 -129.09
N ASP H 2716 7.76 -30.14 -129.27
CA ASP H 2716 7.49 -31.37 -128.53
C ASP H 2716 8.51 -32.44 -128.88
N ALA H 2717 8.77 -33.34 -127.94
CA ALA H 2717 9.80 -34.35 -128.13
C ALA H 2717 9.49 -35.24 -129.32
N SER H 2718 8.24 -35.67 -129.46
CA SER H 2718 7.83 -36.50 -130.57
C SER H 2718 6.54 -35.95 -131.17
N TYR H 2719 6.41 -36.11 -132.49
CA TYR H 2719 5.22 -35.67 -133.23
C TYR H 2719 4.72 -36.86 -134.05
N SER H 2720 3.89 -37.69 -133.42
CA SER H 2720 3.31 -38.85 -134.08
C SER H 2720 2.04 -39.24 -133.35
N SER H 2721 1.19 -40.00 -134.04
CA SER H 2721 -0.04 -40.47 -133.41
C SER H 2721 0.26 -41.57 -132.41
N LYS H 2722 -0.31 -41.43 -131.21
CA LYS H 2722 -0.11 -42.45 -130.18
C LYS H 2722 -0.82 -43.74 -130.54
N ALA H 2723 -1.99 -43.64 -131.17
CA ALA H 2723 -2.79 -44.81 -131.56
C ALA H 2723 -3.09 -45.70 -130.36
N GLU H 2724 -3.36 -45.08 -129.22
CA GLU H 2724 -3.65 -45.80 -128.00
C GLU H 2724 -4.74 -45.07 -127.22
N LYS H 2725 -5.71 -45.84 -126.72
CA LYS H 2725 -6.80 -45.30 -125.93
C LYS H 2725 -7.09 -46.18 -124.72
N ASN H 2734 -12.20 -47.94 -118.98
CA ASN H 2734 -11.30 -46.87 -118.63
C ASN H 2734 -10.23 -46.68 -119.71
N PHE H 2735 -9.12 -47.39 -119.56
CA PHE H 2735 -8.02 -47.36 -120.51
C PHE H 2735 -7.65 -48.78 -120.89
N ASP H 2736 -7.62 -49.07 -122.19
CA ASP H 2736 -7.40 -50.41 -122.68
C ASP H 2736 -6.27 -50.44 -123.68
N PRO H 2737 -5.09 -50.98 -123.32
CA PRO H 2737 -4.03 -51.15 -124.31
C PRO H 2737 -4.08 -52.52 -124.97
N ARG H 2738 -3.68 -52.59 -126.24
CA ARG H 2738 -3.73 -53.84 -126.98
C ARG H 2738 -2.33 -54.22 -127.45
N PRO H 2739 -1.81 -55.36 -127.02
CA PRO H 2739 -0.51 -55.81 -127.50
C PRO H 2739 -0.61 -56.47 -128.88
N VAL H 2740 0.54 -56.57 -129.53
CA VAL H 2740 0.66 -57.23 -130.83
C VAL H 2740 1.58 -58.43 -130.66
N GLU H 2741 1.11 -59.59 -131.13
CA GLU H 2741 1.79 -60.86 -130.89
C GLU H 2741 1.85 -61.65 -132.19
N THR H 2742 2.88 -62.49 -132.32
CA THR H 2742 3.13 -63.21 -133.57
C THR H 2742 2.46 -64.58 -133.60
N LEU H 2743 1.63 -64.92 -132.62
CA LEU H 2743 0.84 -66.14 -132.73
C LEU H 2743 -0.11 -66.06 -133.93
N ASN H 2744 -0.65 -64.87 -134.21
CA ASN H 2744 -1.46 -64.70 -135.40
C ASN H 2744 -0.59 -64.41 -136.62
N VAL H 2745 0.43 -63.56 -136.45
CA VAL H 2745 1.32 -63.19 -137.54
C VAL H 2745 2.16 -64.40 -137.93
N ILE H 2746 2.81 -64.36 -139.10
CA ILE H 2746 3.68 -65.45 -139.49
C ILE H 2746 4.85 -65.53 -138.53
N ILE H 2747 4.91 -66.62 -137.76
CA ILE H 2747 5.95 -66.84 -136.78
C ILE H 2747 7.09 -67.60 -137.45
N PRO H 2748 8.31 -67.07 -137.44
CA PRO H 2748 9.43 -67.82 -138.00
C PRO H 2748 10.11 -68.67 -136.93
N GLU H 2749 10.30 -69.96 -137.25
CA GLU H 2749 11.14 -70.81 -136.41
C GLU H 2749 12.61 -70.42 -136.58
N LYS H 2750 12.93 -69.71 -137.65
CA LYS H 2750 14.32 -69.49 -138.05
C LYS H 2750 15.14 -68.83 -136.95
N LEU H 2751 14.63 -67.74 -136.37
CA LEU H 2751 15.48 -66.94 -135.47
C LEU H 2751 15.56 -67.54 -134.08
N ASP H 2752 15.09 -68.77 -133.90
CA ASP H 2752 15.25 -69.45 -132.61
C ASP H 2752 16.73 -69.61 -132.27
N SER H 2753 17.58 -69.70 -133.29
CA SER H 2753 19.02 -69.65 -133.05
C SER H 2753 19.40 -68.33 -132.39
N PHE H 2754 18.84 -67.22 -132.87
CA PHE H 2754 19.11 -65.93 -132.22
C PHE H 2754 18.50 -65.87 -130.83
N ILE H 2755 17.37 -66.53 -130.62
CA ILE H 2755 16.78 -66.56 -129.28
C ILE H 2755 17.71 -67.25 -128.29
N ASN H 2756 18.25 -68.40 -128.67
CA ASN H 2756 19.23 -69.07 -127.82
C ASN H 2756 20.49 -68.25 -127.68
N LYS H 2757 20.92 -67.59 -128.75
CA LYS H 2757 22.13 -66.77 -128.72
C LYS H 2757 21.96 -65.60 -127.76
N PHE H 2758 20.79 -64.95 -127.79
CA PHE H 2758 20.53 -63.84 -126.89
C PHE H 2758 20.34 -64.32 -125.46
N ALA H 2759 19.79 -65.52 -125.26
CA ALA H 2759 19.73 -66.06 -123.91
C ALA H 2759 21.14 -66.27 -123.36
N GLU H 2760 22.01 -66.89 -124.15
CA GLU H 2760 23.39 -67.10 -123.73
C GLU H 2760 24.10 -65.78 -123.47
N TYR H 2761 23.86 -64.78 -124.32
CA TYR H 2761 24.60 -63.54 -124.21
C TYR H 2761 23.99 -62.60 -123.17
N THR H 2762 22.74 -62.85 -122.77
CA THR H 2762 22.21 -62.16 -121.59
C THR H 2762 22.74 -62.80 -120.32
N HIS H 2763 22.94 -64.12 -120.35
CA HIS H 2763 23.65 -64.77 -119.26
C HIS H 2763 25.07 -64.22 -119.17
N GLU H 2764 25.67 -63.92 -120.33
CA GLU H 2764 27.00 -63.32 -120.38
C GLU H 2764 26.97 -61.86 -119.90
N LYS H 2765 25.95 -61.10 -120.31
CA LYS H 2765 25.64 -59.83 -119.68
C LYS H 2765 25.78 -59.91 -118.18
N TRP H 2766 24.97 -60.77 -117.55
CA TRP H 2766 24.93 -60.82 -116.09
C TRP H 2766 26.27 -61.26 -115.52
N ALA H 2767 26.87 -62.30 -116.11
CA ALA H 2767 28.14 -62.81 -115.58
C ALA H 2767 29.23 -61.75 -115.65
N PHE H 2768 29.37 -61.08 -116.79
CA PHE H 2768 30.45 -60.12 -116.94
C PHE H 2768 30.18 -58.89 -116.09
N ASP H 2769 28.91 -58.54 -115.87
CA ASP H 2769 28.60 -57.44 -114.97
C ASP H 2769 29.00 -57.77 -113.54
N LYS H 2770 28.70 -58.98 -113.08
CA LYS H 2770 29.11 -59.33 -111.72
C LYS H 2770 30.62 -59.57 -111.63
N ILE H 2771 31.29 -59.74 -112.78
CA ILE H 2771 32.75 -59.66 -112.77
C ILE H 2771 33.22 -58.22 -112.57
N GLN H 2772 32.59 -57.26 -113.25
CA GLN H 2772 33.01 -55.87 -113.08
C GLN H 2772 32.63 -55.35 -111.69
N ASN H 2773 31.71 -56.03 -111.01
CA ASN H 2773 31.19 -55.48 -109.76
C ASN H 2773 32.23 -55.57 -108.64
N ASN H 2774 33.28 -56.36 -108.83
CA ASN H 2774 34.47 -56.44 -107.98
C ASN H 2774 34.25 -57.09 -106.62
N TRP H 2775 33.14 -57.78 -106.39
CA TRP H 2775 32.88 -58.44 -105.12
C TRP H 2775 32.95 -59.95 -105.28
N SER H 2776 32.98 -60.66 -104.16
CA SER H 2776 33.22 -62.10 -104.16
C SER H 2776 32.11 -62.83 -104.91
N TYR H 2777 32.51 -63.74 -105.80
CA TYR H 2777 31.56 -64.47 -106.63
C TYR H 2777 30.97 -65.64 -105.85
N GLY H 2778 29.75 -66.01 -106.19
CA GLY H 2778 29.08 -67.12 -105.54
C GLY H 2778 28.16 -67.86 -106.49
N GLU H 2779 28.40 -69.18 -106.60
CA GLU H 2779 27.54 -70.01 -107.44
C GLU H 2779 26.14 -70.12 -106.87
N ASN H 2780 26.03 -70.22 -105.55
CA ASN H 2780 24.74 -70.29 -104.90
C ASN H 2780 24.03 -68.94 -104.94
N VAL H 2781 22.79 -68.92 -104.46
CA VAL H 2781 21.98 -67.71 -104.38
C VAL H 2781 22.46 -66.90 -103.20
N ASP H 2782 22.79 -65.63 -103.45
CA ASP H 2782 23.07 -64.66 -102.41
C ASP H 2782 22.69 -63.27 -102.91
N GLU H 2783 21.55 -62.77 -102.43
CA GLU H 2783 21.16 -61.41 -102.78
C GLU H 2783 22.15 -60.39 -102.22
N GLU H 2784 22.60 -60.60 -100.98
CA GLU H 2784 23.58 -59.69 -100.39
C GLU H 2784 24.88 -59.70 -101.19
N LEU H 2785 25.36 -60.89 -101.57
CA LEU H 2785 26.56 -60.97 -102.38
C LEU H 2785 26.28 -60.56 -103.81
N LYS H 2786 25.01 -60.33 -104.16
CA LYS H 2786 24.64 -59.92 -105.52
C LYS H 2786 24.89 -61.06 -106.52
N THR H 2787 25.34 -62.20 -106.00
CA THR H 2787 25.74 -63.33 -106.83
C THR H 2787 24.52 -64.19 -107.12
N HIS H 2788 24.13 -64.24 -108.39
CA HIS H 2788 22.95 -64.97 -108.79
C HIS H 2788 23.21 -66.48 -108.69
N PRO H 2789 22.16 -67.30 -108.55
CA PRO H 2789 22.36 -68.75 -108.63
C PRO H 2789 22.90 -69.19 -109.97
N MET H 2790 22.67 -68.39 -111.02
CA MET H 2790 23.20 -68.72 -112.34
C MET H 2790 24.71 -68.49 -112.39
N LEU H 2791 25.26 -67.80 -111.39
CA LEU H 2791 26.67 -67.44 -111.45
C LEU H 2791 27.51 -68.70 -111.47
N ARG H 2792 28.06 -69.01 -112.63
CA ARG H 2792 28.83 -70.22 -112.87
C ARG H 2792 29.86 -69.91 -113.95
N PRO H 2793 30.91 -70.72 -114.05
CA PRO H 2793 31.84 -70.55 -115.17
C PRO H 2793 31.12 -70.73 -116.50
N TYR H 2794 31.61 -70.02 -117.52
CA TYR H 2794 30.92 -69.98 -118.80
C TYR H 2794 30.79 -71.36 -119.42
N LYS H 2795 31.81 -72.20 -119.27
CA LYS H 2795 31.77 -73.54 -119.85
C LYS H 2795 30.75 -74.43 -119.15
N THR H 2796 30.44 -74.13 -117.89
CA THR H 2796 29.48 -74.94 -117.14
C THR H 2796 28.04 -74.57 -117.48
N PHE H 2797 27.84 -73.94 -118.65
CA PHE H 2797 26.54 -73.43 -119.03
C PHE H 2797 25.51 -74.56 -119.06
N SER H 2798 24.36 -74.31 -118.42
CA SER H 2798 23.37 -75.36 -118.19
C SER H 2798 22.20 -75.25 -119.16
N GLU H 2799 21.71 -76.41 -119.60
CA GLU H 2799 20.61 -76.45 -120.56
C GLU H 2799 19.30 -76.03 -119.93
N LYS H 2800 19.15 -76.21 -118.62
CA LYS H 2800 17.89 -75.86 -117.97
C LYS H 2800 17.62 -74.37 -118.04
N ASP H 2801 18.66 -73.54 -117.90
CA ASP H 2801 18.46 -72.10 -118.02
C ASP H 2801 18.32 -71.68 -119.49
N LYS H 2802 18.85 -72.50 -120.41
CA LYS H 2802 18.56 -72.27 -121.83
C LYS H 2802 17.06 -72.43 -122.09
N GLU H 2803 16.47 -73.52 -121.60
CA GLU H 2803 15.08 -73.83 -121.94
C GLU H 2803 14.12 -72.83 -121.32
N ILE H 2804 14.47 -72.26 -120.17
CA ILE H 2804 13.57 -71.33 -119.50
C ILE H 2804 13.74 -69.91 -120.03
N TYR H 2805 14.96 -69.55 -120.43
CA TYR H 2805 15.18 -68.19 -120.94
C TYR H 2805 14.79 -68.10 -122.42
N ARG H 2806 14.49 -69.24 -123.04
CA ARG H 2806 14.03 -69.22 -124.43
C ARG H 2806 12.68 -68.52 -124.54
N TRP H 2807 11.87 -68.58 -123.48
CA TRP H 2807 10.54 -67.99 -123.54
C TRP H 2807 10.54 -66.47 -123.47
N PRO H 2808 11.27 -65.80 -122.55
CA PRO H 2808 11.26 -64.33 -122.58
C PRO H 2808 11.83 -63.74 -123.85
N ILE H 2809 12.99 -64.24 -124.29
CA ILE H 2809 13.59 -63.75 -125.53
C ILE H 2809 12.70 -64.10 -126.72
N LYS H 2810 12.04 -65.27 -126.66
CA LYS H 2810 11.05 -65.63 -127.67
C LYS H 2810 9.94 -64.58 -127.76
N GLU H 2811 9.37 -64.21 -126.60
CA GLU H 2811 8.30 -63.22 -126.60
C GLU H 2811 8.80 -61.88 -127.13
N SER H 2812 10.01 -61.48 -126.75
CA SER H 2812 10.56 -60.22 -127.23
C SER H 2812 10.71 -60.22 -128.75
N LEU H 2813 11.36 -61.25 -129.29
CA LEU H 2813 11.57 -61.32 -130.74
C LEU H 2813 10.25 -61.44 -131.48
N LYS H 2814 9.29 -62.18 -130.94
CA LYS H 2814 8.01 -62.33 -131.62
C LYS H 2814 7.23 -61.03 -131.62
N ALA H 2815 7.27 -60.27 -130.52
CA ALA H 2815 6.65 -58.95 -130.53
C ALA H 2815 7.33 -58.03 -131.54
N MET H 2816 8.67 -58.09 -131.60
CA MET H 2816 9.41 -57.33 -132.60
C MET H 2816 8.94 -57.66 -134.01
N ILE H 2817 8.78 -58.95 -134.31
CA ILE H 2817 8.31 -59.35 -135.64
C ILE H 2817 6.87 -58.87 -135.86
N ALA H 2818 6.02 -59.02 -134.85
CA ALA H 2818 4.60 -58.74 -135.01
C ALA H 2818 4.32 -57.26 -135.24
N TRP H 2819 5.11 -56.38 -134.62
CA TRP H 2819 4.85 -54.94 -134.71
C TRP H 2819 5.22 -54.41 -136.09
N GLU H 2820 4.50 -54.93 -137.10
CA GLU H 2820 4.57 -54.49 -138.51
C GLU H 2820 6.01 -54.19 -138.93
N TRP H 2821 6.96 -55.00 -138.48
CA TRP H 2821 8.36 -54.81 -138.80
C TRP H 2821 8.90 -56.05 -139.51
N THR H 2822 9.48 -55.83 -140.68
CA THR H 2822 10.15 -56.92 -141.40
C THR H 2822 11.57 -57.08 -140.90
N ILE H 2823 12.30 -58.03 -141.48
CA ILE H 2823 13.67 -58.33 -141.10
C ILE H 2823 14.51 -58.47 -142.35
N GLU H 2824 15.19 -57.38 -142.75
CA GLU H 2824 16.14 -57.44 -143.84
C GLU H 2824 17.15 -56.31 -143.67
N LYS H 2825 18.38 -56.69 -143.31
CA LYS H 2825 19.50 -55.76 -143.22
C LYS H 2825 20.42 -55.98 -144.40
N ALA H 2826 21.58 -55.32 -144.37
CA ALA H 2826 22.53 -55.45 -145.47
C ALA H 2826 23.09 -56.88 -145.55
N ARG H 2827 23.50 -57.44 -144.41
CA ARG H 2827 24.13 -58.76 -144.40
C ARG H 2827 23.88 -59.45 -143.07
N GLU H 2828 24.04 -60.77 -143.06
CA GLU H 2828 23.96 -61.55 -141.83
C GLU H 2828 25.22 -61.35 -140.99
N GLY H 2829 25.03 -61.26 -139.68
CA GLY H 2829 26.13 -61.14 -138.73
C GLY H 2829 26.15 -62.33 -137.78
N GLU H 2830 27.22 -63.14 -137.91
CA GLU H 2830 27.45 -64.35 -137.12
C GLU H 2830 26.18 -65.07 -136.63
N TYR H 2855 26.51 -52.87 -116.34
CA TYR H 2855 25.90 -53.41 -117.54
C TYR H 2855 26.78 -53.18 -118.77
N ASN H 2856 27.37 -54.27 -119.28
CA ASN H 2856 28.19 -54.19 -120.47
C ASN H 2856 28.24 -55.55 -121.17
N PRO H 2857 27.99 -55.58 -122.48
CA PRO H 2857 27.98 -56.87 -123.19
C PRO H 2857 29.33 -57.18 -123.80
N GLN H 2858 29.44 -58.38 -124.39
CA GLN H 2858 30.63 -58.71 -125.15
C GLN H 2858 30.73 -57.92 -126.44
N PRO H 2859 29.72 -57.84 -127.30
CA PRO H 2859 29.74 -56.84 -128.38
C PRO H 2859 29.28 -55.50 -127.84
N PRO H 2860 30.11 -54.47 -127.92
CA PRO H 2860 29.81 -53.23 -127.20
C PRO H 2860 28.63 -52.47 -127.81
N ASP H 2861 27.48 -52.56 -127.15
CA ASP H 2861 26.29 -51.84 -127.59
C ASP H 2861 26.14 -50.58 -126.77
N LEU H 2862 26.87 -49.53 -127.15
CA LEU H 2862 26.98 -48.33 -126.34
C LEU H 2862 26.40 -47.16 -127.12
N SER H 2863 25.95 -46.15 -126.38
CA SER H 2863 25.38 -44.95 -127.01
C SER H 2863 26.43 -44.25 -127.88
N GLY H 2864 27.70 -44.52 -127.64
CA GLY H 2864 28.73 -44.01 -128.53
C GLY H 2864 28.57 -44.50 -129.96
N VAL H 2865 28.14 -45.76 -130.12
CA VAL H 2865 27.79 -46.26 -131.43
C VAL H 2865 26.59 -45.49 -131.97
N THR H 2866 26.66 -45.11 -133.24
CA THR H 2866 25.62 -44.28 -133.84
C THR H 2866 24.29 -45.03 -133.90
N LEU H 2867 23.21 -44.28 -133.74
CA LEU H 2867 21.86 -44.82 -133.79
C LEU H 2867 20.92 -43.78 -134.39
N SER H 2868 19.84 -44.26 -135.00
CA SER H 2868 18.89 -43.38 -135.67
C SER H 2868 17.80 -42.92 -134.71
N ARG H 2869 17.36 -41.67 -134.89
CA ARG H 2869 16.33 -41.11 -134.03
C ARG H 2869 15.01 -41.87 -134.18
N GLU H 2870 14.61 -42.17 -135.42
CA GLU H 2870 13.39 -42.96 -135.62
CA GLU H 2870 13.39 -42.96 -135.61
C GLU H 2870 13.57 -44.38 -135.11
N LEU H 2871 14.79 -44.92 -135.21
CA LEU H 2871 15.04 -46.24 -134.66
C LEU H 2871 14.84 -46.24 -133.15
N GLN H 2872 15.32 -45.19 -132.47
CA GLN H 2872 15.08 -45.07 -131.03
C GLN H 2872 13.61 -44.86 -130.73
N ALA H 2873 12.90 -44.13 -131.58
CA ALA H 2873 11.46 -43.91 -131.35
C ALA H 2873 10.69 -45.21 -131.43
N MET H 2874 10.97 -46.04 -132.43
CA MET H 2874 10.27 -47.31 -132.54
C MET H 2874 10.81 -48.33 -131.54
N ALA H 2875 12.03 -48.13 -131.06
CA ALA H 2875 12.51 -48.91 -129.92
C ALA H 2875 11.70 -48.59 -128.67
N GLU H 2876 11.45 -47.31 -128.42
CA GLU H 2876 10.59 -46.91 -127.31
C GLU H 2876 9.16 -47.41 -127.53
N GLN H 2877 8.73 -47.49 -128.79
CA GLN H 2877 7.42 -48.06 -129.09
C GLN H 2877 7.36 -49.54 -128.70
N LEU H 2878 8.38 -50.31 -129.06
CA LEU H 2878 8.41 -51.72 -128.67
C LEU H 2878 8.51 -51.88 -127.16
N ALA H 2879 9.28 -50.99 -126.51
CA ALA H 2879 9.35 -51.02 -125.05
C ALA H 2879 8.01 -50.64 -124.44
N GLU H 2880 7.27 -49.75 -125.10
CA GLU H 2880 5.93 -49.39 -124.64
C GLU H 2880 4.98 -50.57 -124.76
N ASN H 2881 5.12 -51.36 -125.83
CA ASN H 2881 4.30 -52.57 -125.94
C ASN H 2881 4.70 -53.60 -124.88
N TYR H 2882 5.99 -53.70 -124.59
CA TYR H 2882 6.43 -54.58 -123.50
C TYR H 2882 5.83 -54.12 -122.18
N HIS H 2883 5.81 -52.80 -121.96
CA HIS H 2883 5.11 -52.24 -120.80
C HIS H 2883 3.63 -52.60 -120.83
N ASN H 2884 2.99 -52.49 -122.00
CA ASN H 2884 1.58 -52.82 -122.11
C ASN H 2884 1.31 -54.25 -121.69
N THR H 2885 2.11 -55.19 -122.21
CA THR H 2885 1.88 -56.60 -121.91
C THR H 2885 2.21 -56.92 -120.46
N TRP H 2886 3.35 -56.44 -119.96
CA TRP H 2886 3.74 -56.74 -118.59
C TRP H 2886 2.77 -56.14 -117.59
N GLY H 2887 2.52 -54.84 -117.70
CA GLY H 2887 1.56 -54.21 -116.81
C GLY H 2887 0.16 -54.76 -117.02
N ARG H 2888 -0.13 -55.27 -118.22
CA ARG H 2888 -1.43 -55.84 -118.48
C ARG H 2888 -1.65 -57.11 -117.69
N LYS H 2889 -0.73 -58.08 -117.79
CA LYS H 2889 -0.94 -59.30 -117.04
C LYS H 2889 -0.78 -59.03 -115.55
N LYS H 2890 0.01 -58.01 -115.19
CA LYS H 2890 0.09 -57.58 -113.80
C LYS H 2890 -1.26 -57.09 -113.28
N LYS H 2891 -1.96 -56.27 -114.08
CA LYS H 2891 -3.27 -55.80 -113.65
C LYS H 2891 -4.29 -56.93 -113.64
N GLN H 2892 -4.20 -57.87 -114.60
CA GLN H 2892 -5.12 -59.01 -114.57
C GLN H 2892 -4.94 -59.83 -113.28
N GLU H 2893 -3.69 -60.03 -112.85
CA GLU H 2893 -3.48 -60.66 -111.55
C GLU H 2893 -4.02 -59.80 -110.43
N LEU H 2894 -3.84 -58.48 -110.52
CA LEU H 2894 -4.13 -57.61 -109.37
C LEU H 2894 -5.62 -57.35 -109.20
N GLU H 2895 -6.42 -57.51 -110.26
CA GLU H 2895 -7.83 -57.14 -110.14
C GLU H 2895 -8.62 -58.21 -109.39
N ALA H 2896 -8.09 -59.44 -109.35
CA ALA H 2896 -8.74 -60.48 -108.57
C ALA H 2896 -8.84 -60.09 -107.11
N LYS H 2897 -7.89 -59.31 -106.61
CA LYS H 2897 -8.02 -58.71 -105.28
C LYS H 2897 -9.17 -57.71 -105.26
N GLY H 2898 -9.36 -56.97 -106.35
CA GLY H 2898 -10.42 -55.99 -106.42
C GLY H 2898 -10.01 -54.56 -106.14
N GLY H 2899 -8.72 -54.29 -106.05
CA GLY H 2899 -8.25 -52.94 -105.78
C GLY H 2899 -6.78 -52.81 -106.07
N GLY H 2900 -6.20 -51.73 -105.55
CA GLY H 2900 -4.78 -51.47 -105.74
C GLY H 2900 -4.39 -51.18 -107.18
N THR H 2901 -5.20 -50.39 -107.88
CA THR H 2901 -4.83 -49.95 -109.22
C THR H 2901 -3.57 -49.10 -109.15
N HIS H 2902 -2.60 -49.42 -110.00
CA HIS H 2902 -1.30 -48.77 -109.91
C HIS H 2902 -1.36 -47.35 -110.47
N PRO H 2903 -1.10 -46.33 -109.65
CA PRO H 2903 -0.98 -44.97 -110.20
C PRO H 2903 0.19 -44.83 -111.16
N LEU H 2904 1.26 -45.57 -110.93
CA LEU H 2904 2.45 -45.46 -111.76
C LEU H 2904 2.20 -46.02 -113.15
N LEU H 2905 1.30 -46.99 -113.26
CA LEU H 2905 1.03 -47.62 -114.55
C LEU H 2905 0.12 -46.73 -115.38
N VAL H 2906 0.72 -46.01 -116.33
CA VAL H 2906 0.02 -44.99 -117.11
C VAL H 2906 0.57 -45.02 -118.54
N PRO H 2907 0.00 -44.27 -119.48
CA PRO H 2907 0.59 -44.21 -120.83
C PRO H 2907 2.02 -43.70 -120.81
N TYR H 2908 2.80 -44.12 -121.82
CA TYR H 2908 4.24 -43.87 -121.84
C TYR H 2908 4.56 -42.38 -121.83
N ASP H 2909 3.82 -41.60 -122.62
CA ASP H 2909 4.09 -40.15 -122.67
C ASP H 2909 3.82 -39.51 -121.31
N THR H 2910 2.73 -39.92 -120.65
CA THR H 2910 2.39 -39.31 -119.36
C THR H 2910 3.45 -39.58 -118.31
N LEU H 2911 3.91 -40.83 -118.20
CA LEU H 2911 4.91 -41.18 -117.20
C LEU H 2911 6.25 -40.55 -117.56
N THR H 2912 6.99 -40.17 -116.52
CA THR H 2912 8.22 -39.41 -116.69
C THR H 2912 9.28 -40.25 -117.37
N ALA H 2913 10.21 -39.58 -118.07
CA ALA H 2913 11.25 -40.28 -118.81
C ALA H 2913 12.19 -41.04 -117.88
N LYS H 2914 12.49 -40.48 -116.71
CA LYS H 2914 13.44 -41.13 -115.81
C LYS H 2914 12.88 -42.45 -115.29
N GLU H 2915 11.57 -42.53 -115.09
CA GLU H 2915 10.96 -43.81 -114.75
C GLU H 2915 11.09 -44.80 -115.90
N LYS H 2916 10.90 -44.32 -117.14
CA LYS H 2916 11.01 -45.20 -118.29
C LYS H 2916 12.44 -45.24 -118.82
N ALA H 2917 13.39 -44.71 -118.04
CA ALA H 2917 14.78 -44.69 -118.48
C ALA H 2917 15.32 -46.11 -118.68
N ARG H 2918 15.02 -47.01 -117.75
CA ARG H 2918 15.47 -48.39 -117.90
C ARG H 2918 14.85 -49.05 -119.13
N ASP H 2919 13.55 -48.83 -119.34
CA ASP H 2919 12.87 -49.41 -120.50
C ASP H 2919 13.48 -48.89 -121.81
N ARG H 2920 13.72 -47.58 -121.88
CA ARG H 2920 14.29 -46.99 -123.08
C ARG H 2920 15.72 -47.48 -123.32
N GLU H 2921 16.52 -47.58 -122.26
CA GLU H 2921 17.88 -48.07 -122.41
C GLU H 2921 17.88 -49.52 -122.88
N LYS H 2922 17.01 -50.36 -122.30
CA LYS H 2922 16.92 -51.75 -122.75
C LYS H 2922 16.49 -51.82 -124.20
N ALA H 2923 15.52 -51.00 -124.60
CA ALA H 2923 15.06 -51.00 -125.99
C ALA H 2923 16.17 -50.59 -126.95
N GLN H 2924 16.90 -49.51 -126.63
CA GLN H 2924 17.97 -49.07 -127.51
C GLN H 2924 19.08 -50.10 -127.59
N GLU H 2925 19.44 -50.70 -126.46
CA GLU H 2925 20.46 -51.76 -126.46
C GLU H 2925 20.02 -52.94 -127.32
N LEU H 2926 18.77 -53.39 -127.15
CA LEU H 2926 18.27 -54.51 -127.93
C LEU H 2926 18.29 -54.19 -129.42
N LEU H 2927 17.83 -52.99 -129.79
CA LEU H 2927 17.79 -52.62 -131.20
C LEU H 2927 19.19 -52.57 -131.82
N LYS H 2928 20.14 -51.91 -131.16
CA LYS H 2928 21.48 -51.83 -131.75
C LYS H 2928 22.15 -53.20 -131.79
N PHE H 2929 22.02 -53.98 -130.71
CA PHE H 2929 22.63 -55.30 -130.65
C PHE H 2929 22.06 -56.22 -131.73
N LEU H 2930 20.73 -56.19 -131.90
CA LEU H 2930 20.11 -57.09 -132.85
C LEU H 2930 20.34 -56.59 -134.28
N GLN H 2931 20.46 -55.26 -134.44
CA GLN H 2931 20.86 -54.72 -135.73
C GLN H 2931 22.23 -55.25 -136.15
N MET H 2932 23.16 -55.32 -135.21
CA MET H 2932 24.43 -55.98 -135.51
C MET H 2932 24.19 -57.46 -135.79
N ASN H 2933 23.26 -58.09 -135.08
CA ASN H 2933 23.05 -59.53 -135.21
C ASN H 2933 22.57 -59.91 -136.61
N GLY H 2934 21.54 -59.24 -137.13
CA GLY H 2934 21.15 -59.48 -138.50
C GLY H 2934 19.66 -59.50 -138.84
N TYR H 2935 18.78 -59.85 -137.91
CA TYR H 2935 17.36 -59.91 -138.26
C TYR H 2935 16.50 -59.16 -137.25
N ALA H 2936 16.36 -57.84 -137.45
CA ALA H 2936 15.58 -56.98 -136.58
C ALA H 2936 14.73 -56.03 -137.40
N VAL H 2937 14.15 -55.04 -136.74
CA VAL H 2937 13.32 -54.03 -137.37
C VAL H 2937 14.24 -52.97 -137.96
N THR H 2938 14.01 -52.61 -139.22
CA THR H 2938 14.73 -51.53 -139.89
C THR H 2938 13.80 -50.92 -140.93
N ARG H 2939 13.81 -49.60 -141.01
CA ARG H 2939 12.97 -48.87 -141.96
C ARG H 2939 13.49 -49.08 -143.38
N LEU H 2946 6.82 -37.51 -138.77
CA LEU H 2946 7.60 -38.14 -139.82
C LEU H 2946 8.01 -37.13 -140.89
N ASP H 2947 9.32 -36.83 -140.92
CA ASP H 2947 9.90 -35.89 -141.89
C ASP H 2947 9.36 -34.48 -141.70
N THR H 2948 8.65 -34.25 -140.60
CA THR H 2948 8.12 -32.93 -140.30
C THR H 2948 9.25 -31.96 -140.01
N SER H 2949 9.08 -30.73 -140.47
CA SER H 2949 10.10 -29.71 -140.28
C SER H 2949 10.30 -29.43 -138.79
N SER H 2950 11.56 -29.19 -138.42
CA SER H 2950 11.87 -28.84 -137.03
C SER H 2950 11.12 -27.59 -136.61
N ILE H 2951 10.76 -26.75 -137.56
CA ILE H 2951 10.09 -25.50 -137.24
C ILE H 2951 8.59 -25.74 -137.08
N GLU H 2952 8.05 -26.71 -137.83
CA GLU H 2952 6.61 -26.94 -137.81
C GLU H 2952 6.16 -27.52 -136.48
N LYS H 2953 7.00 -28.33 -135.84
CA LYS H 2953 6.60 -28.94 -134.58
C LYS H 2953 6.69 -27.96 -133.42
N ARG H 2954 6.92 -26.68 -133.70
CA ARG H 2954 6.73 -25.67 -132.68
C ARG H 2954 5.27 -25.61 -132.28
N PHE H 2955 5.02 -25.29 -131.00
CA PHE H 2955 3.64 -25.19 -130.54
C PHE H 2955 2.90 -24.09 -131.30
N ALA H 2956 3.59 -22.98 -131.59
CA ALA H 2956 2.96 -21.93 -132.37
C ALA H 2956 2.56 -22.43 -133.75
N PHE H 2957 3.48 -23.12 -134.44
CA PHE H 2957 3.18 -23.61 -135.77
C PHE H 2957 2.02 -24.60 -135.74
N GLY H 2958 2.00 -25.48 -134.74
CA GLY H 2958 0.88 -26.41 -134.61
C GLY H 2958 -0.43 -25.69 -134.36
N PHE H 2959 -0.41 -24.70 -133.47
CA PHE H 2959 -1.61 -23.94 -133.18
C PHE H 2959 -2.09 -23.21 -134.42
N LEU H 2960 -1.18 -22.78 -135.28
CA LEU H 2960 -1.62 -22.05 -136.47
C LEU H 2960 -2.06 -22.99 -137.59
N GLN H 2961 -1.52 -24.21 -137.65
CA GLN H 2961 -2.15 -25.18 -138.55
C GLN H 2961 -3.57 -25.50 -138.09
N GLN H 2962 -3.74 -25.70 -136.78
CA GLN H 2962 -5.08 -25.89 -136.25
C GLN H 2962 -5.93 -24.65 -136.49
N LEU H 2963 -5.29 -23.48 -136.54
CA LEU H 2963 -6.02 -22.25 -136.78
C LEU H 2963 -6.43 -22.12 -138.23
N LEU H 2964 -5.60 -22.62 -139.15
CA LEU H 2964 -6.00 -22.65 -140.55
C LEU H 2964 -7.13 -23.63 -140.78
N ARG H 2965 -7.13 -24.76 -140.06
CA ARG H 2965 -8.28 -25.65 -140.15
C ARG H 2965 -9.51 -25.02 -139.52
N TRP H 2966 -9.33 -24.31 -138.41
CA TRP H 2966 -10.39 -23.47 -137.87
C TRP H 2966 -10.84 -22.44 -138.89
N MET H 2967 -9.93 -22.05 -139.80
CA MET H 2967 -10.24 -20.98 -140.73
C MET H 2967 -11.01 -21.53 -141.92
N ASP H 2968 -10.72 -22.77 -142.30
CA ASP H 2968 -11.60 -23.46 -143.24
C ASP H 2968 -13.00 -23.61 -142.64
N ILE H 2969 -13.07 -23.99 -141.36
CA ILE H 2969 -14.35 -23.98 -140.65
C ILE H 2969 -14.93 -22.57 -140.66
N SER H 2970 -14.06 -21.57 -140.59
CA SER H 2970 -14.51 -20.19 -140.61
C SER H 2970 -15.21 -19.85 -141.91
N GLN H 2971 -14.57 -20.18 -143.03
CA GLN H 2971 -15.16 -19.91 -144.33
C GLN H 2971 -16.48 -20.66 -144.48
N GLU H 2972 -16.53 -21.91 -144.04
CA GLU H 2972 -17.76 -22.66 -144.24
C GLU H 2972 -18.90 -22.09 -143.40
N PHE H 2973 -18.64 -21.72 -142.12
CA PHE H 2973 -19.80 -21.29 -141.35
C PHE H 2973 -20.19 -19.88 -141.75
N ILE H 2974 -19.25 -19.06 -142.23
CA ILE H 2974 -19.65 -17.73 -142.68
C ILE H 2974 -20.48 -17.85 -143.95
N ALA H 2975 -20.12 -18.79 -144.83
CA ALA H 2975 -20.96 -19.04 -146.00
C ALA H 2975 -22.36 -19.47 -145.57
N HIS H 2976 -22.44 -20.42 -144.64
CA HIS H 2976 -23.73 -20.89 -144.15
C HIS H 2976 -24.51 -19.77 -143.50
N LEU H 2977 -23.85 -18.94 -142.69
CA LEU H 2977 -24.52 -17.90 -141.95
C LEU H 2977 -25.03 -16.80 -142.88
N GLU H 2978 -24.24 -16.42 -143.87
CA GLU H 2978 -24.71 -15.47 -144.86
C GLU H 2978 -25.90 -16.04 -145.62
N ALA H 2979 -25.85 -17.32 -145.97
CA ALA H 2979 -26.98 -17.93 -146.67
C ALA H 2979 -28.24 -17.87 -145.84
N VAL H 2980 -28.16 -18.29 -144.57
CA VAL H 2980 -29.36 -18.35 -143.73
C VAL H 2980 -29.85 -16.96 -143.38
N VAL H 2981 -28.94 -15.99 -143.29
CA VAL H 2981 -29.34 -14.61 -143.01
C VAL H 2981 -30.05 -14.02 -144.23
N SER H 2982 -29.51 -14.28 -145.43
CA SER H 2982 -30.14 -13.79 -146.64
C SER H 2982 -31.53 -14.39 -146.84
N SER H 2983 -31.66 -15.69 -146.62
CA SER H 2983 -32.95 -16.34 -146.83
C SER H 2983 -33.00 -17.64 -146.04
N GLY H 2984 -34.13 -17.85 -145.38
CA GLY H 2984 -34.40 -19.11 -144.72
C GLY H 2984 -33.45 -19.44 -143.58
N ARG H 2985 -33.54 -18.68 -142.49
CA ARG H 2985 -32.70 -18.95 -141.33
C ARG H 2985 -32.97 -20.35 -140.80
N VAL H 2986 -31.89 -21.09 -140.54
CA VAL H 2986 -32.02 -22.49 -140.12
C VAL H 2986 -32.18 -22.55 -138.61
N GLU H 2987 -33.15 -23.35 -138.16
CA GLU H 2987 -33.31 -23.55 -136.73
C GLU H 2987 -32.25 -24.49 -136.19
N LYS H 2988 -31.82 -25.47 -136.99
CA LYS H 2988 -30.77 -26.39 -136.56
C LYS H 2988 -29.46 -25.66 -136.31
N SER H 2989 -29.00 -24.88 -137.28
CA SER H 2989 -27.73 -24.18 -137.20
C SER H 2989 -26.62 -25.14 -136.80
N PRO H 2990 -26.30 -26.13 -137.63
CA PRO H 2990 -25.26 -27.10 -137.24
C PRO H 2990 -23.89 -26.46 -137.07
N HIS H 2991 -23.67 -25.32 -137.73
CA HIS H 2991 -22.38 -24.65 -137.61
C HIS H 2991 -22.27 -23.90 -136.28
N GLU H 2992 -23.38 -23.78 -135.55
CA GLU H 2992 -23.44 -22.84 -134.44
C GLU H 2992 -22.51 -23.25 -133.29
N GLN H 2993 -22.33 -24.55 -133.08
CA GLN H 2993 -21.43 -24.98 -132.01
C GLN H 2993 -20.00 -24.52 -132.29
N GLU H 2994 -19.53 -24.73 -133.52
CA GLU H 2994 -18.22 -24.22 -133.89
C GLU H 2994 -18.21 -22.70 -133.92
N ILE H 2995 -19.37 -22.09 -134.21
CA ILE H 2995 -19.49 -20.64 -134.18
C ILE H 2995 -19.15 -20.12 -132.80
N LYS H 2996 -19.77 -20.72 -131.78
CA LYS H 2996 -19.50 -20.31 -130.40
C LYS H 2996 -18.08 -20.66 -130.00
N PHE H 2997 -17.61 -21.85 -130.37
CA PHE H 2997 -16.27 -22.27 -130.00
C PHE H 2997 -15.22 -21.36 -130.62
N PHE H 2998 -15.56 -20.71 -131.73
CA PHE H 2998 -14.62 -19.77 -132.33
C PHE H 2998 -14.77 -18.38 -131.72
N ALA H 2999 -15.97 -17.81 -131.80
CA ALA H 2999 -16.16 -16.44 -131.38
C ALA H 2999 -15.94 -16.26 -129.88
N LYS H 3000 -16.62 -17.07 -129.07
CA LYS H 3000 -16.55 -16.86 -127.63
C LYS H 3000 -15.30 -17.47 -127.02
N ILE H 3001 -14.68 -18.43 -127.71
CA ILE H 3001 -13.55 -19.17 -127.17
C ILE H 3001 -12.29 -18.94 -127.99
N LEU H 3002 -12.32 -19.28 -129.28
CA LEU H 3002 -11.10 -19.20 -130.08
C LEU H 3002 -10.67 -17.77 -130.31
N LEU H 3003 -11.63 -16.84 -130.42
CA LEU H 3003 -11.24 -15.44 -130.56
C LEU H 3003 -10.52 -14.92 -129.31
N PRO H 3004 -11.03 -15.10 -128.09
CA PRO H 3004 -10.22 -14.73 -126.92
C PRO H 3004 -8.93 -15.51 -126.83
N LEU H 3005 -8.94 -16.77 -127.28
CA LEU H 3005 -7.71 -17.55 -127.32
C LEU H 3005 -6.64 -16.86 -128.14
N ILE H 3006 -6.98 -16.51 -129.37
CA ILE H 3006 -6.05 -15.79 -130.24
C ILE H 3006 -5.65 -14.47 -129.60
N ASN H 3007 -6.62 -13.79 -129.01
CA ASN H 3007 -6.37 -12.50 -128.38
C ASN H 3007 -5.25 -12.60 -127.35
N GLN H 3008 -5.47 -13.40 -126.30
CA GLN H 3008 -4.49 -13.43 -125.22
C GLN H 3008 -3.20 -14.11 -125.67
N TYR H 3009 -3.30 -15.10 -126.56
CA TYR H 3009 -2.11 -15.80 -127.03
C TYR H 3009 -1.18 -14.85 -127.76
N PHE H 3010 -1.72 -14.11 -128.73
CA PHE H 3010 -0.89 -13.15 -129.45
C PHE H 3010 -0.48 -12.00 -128.54
N THR H 3011 -1.31 -11.69 -127.54
CA THR H 3011 -0.94 -10.67 -126.58
C THR H 3011 0.33 -11.05 -125.85
N ASN H 3012 0.42 -12.29 -125.38
CA ASN H 3012 1.59 -12.72 -124.63
C ASN H 3012 2.82 -12.82 -125.53
N HIS H 3013 2.62 -13.16 -126.80
CA HIS H 3013 3.71 -13.56 -127.67
C HIS H 3013 3.89 -12.64 -128.88
N CYS H 3014 3.34 -11.42 -128.82
CA CYS H 3014 3.57 -10.46 -129.89
C CYS H 3014 5.05 -10.18 -130.08
N LEU H 3015 5.78 -10.05 -128.97
CA LEU H 3015 7.21 -9.79 -129.06
C LEU H 3015 7.94 -10.95 -129.71
N TYR H 3016 7.60 -12.19 -129.35
CA TYR H 3016 8.27 -13.33 -129.95
C TYR H 3016 7.96 -13.42 -131.44
N PHE H 3017 6.72 -13.11 -131.82
CA PHE H 3017 6.40 -13.04 -133.24
C PHE H 3017 7.23 -11.96 -133.93
N LEU H 3018 7.43 -10.83 -133.26
CA LEU H 3018 8.13 -9.71 -133.89
C LEU H 3018 9.62 -9.97 -133.99
N SER H 3019 10.16 -10.84 -133.13
CA SER H 3019 11.60 -11.04 -133.05
C SER H 3019 12.18 -11.48 -134.39
N THR H 3020 13.37 -10.97 -134.70
CA THR H 3020 14.07 -11.22 -135.94
C THR H 3020 15.44 -11.80 -135.63
N PRO H 3021 16.01 -12.62 -136.53
CA PRO H 3021 17.34 -13.17 -136.25
C PRO H 3021 18.39 -12.10 -136.06
N ALA H 3022 18.33 -11.01 -136.84
CA ALA H 3022 19.25 -9.91 -136.65
C ALA H 3022 19.01 -9.21 -135.33
N LYS H 3023 17.75 -8.89 -135.03
CA LYS H 3023 17.37 -8.25 -133.78
C LYS H 3023 16.12 -8.93 -133.29
N VAL H 3024 16.25 -9.72 -132.23
CA VAL H 3024 15.10 -10.32 -131.56
C VAL H 3024 14.46 -9.24 -130.70
N LEU H 3025 13.28 -8.78 -131.10
CA LEU H 3025 12.57 -7.79 -130.30
C LEU H 3025 12.00 -8.42 -129.04
N GLY H 3026 11.54 -9.67 -129.14
CA GLY H 3026 11.21 -10.42 -127.94
C GLY H 3026 12.45 -10.89 -127.22
N SER H 3027 12.26 -11.38 -126.00
CA SER H 3027 13.40 -11.86 -125.21
C SER H 3027 14.04 -13.08 -125.85
N GLY H 3028 13.23 -14.07 -126.23
CA GLY H 3028 13.75 -15.27 -126.85
C GLY H 3028 12.81 -15.89 -127.85
N GLY H 3029 13.36 -16.54 -128.87
CA GLY H 3029 12.53 -17.24 -129.83
C GLY H 3029 12.14 -16.36 -131.00
N HIS H 3030 12.26 -16.93 -132.20
CA HIS H 3030 11.87 -16.27 -133.43
C HIS H 3030 10.73 -17.04 -134.09
N ALA H 3031 9.62 -16.35 -134.34
CA ALA H 3031 8.54 -16.93 -135.13
C ALA H 3031 8.94 -16.95 -136.60
N SER H 3032 8.91 -18.14 -137.19
CA SER H 3032 9.45 -18.34 -138.53
C SER H 3032 8.78 -17.41 -139.53
N ASN H 3033 9.44 -17.21 -140.68
CA ASN H 3033 8.89 -16.32 -141.70
C ASN H 3033 7.58 -16.88 -142.25
N LYS H 3034 7.54 -18.18 -142.55
CA LYS H 3034 6.32 -18.79 -143.04
C LYS H 3034 5.22 -18.73 -141.99
N GLU H 3035 5.58 -18.92 -140.73
CA GLU H 3035 4.61 -18.80 -139.66
C GLU H 3035 4.05 -17.38 -139.61
N LYS H 3036 4.92 -16.38 -139.74
CA LYS H 3036 4.47 -15.00 -139.79
C LYS H 3036 3.53 -14.78 -140.97
N GLU H 3037 3.86 -15.40 -142.10
CA GLU H 3037 3.02 -15.25 -143.29
C GLU H 3037 1.63 -15.83 -143.05
N MET H 3038 1.54 -16.98 -142.37
CA MET H 3038 0.20 -17.52 -142.14
C MET H 3038 -0.55 -16.69 -141.10
N ILE H 3039 0.17 -16.08 -140.15
CA ILE H 3039 -0.50 -15.12 -139.26
C ILE H 3039 -1.06 -13.95 -140.07
N THR H 3040 -0.30 -13.46 -141.04
CA THR H 3040 -0.79 -12.38 -141.89
C THR H 3040 -2.01 -12.83 -142.67
N SER H 3041 -1.97 -14.04 -143.22
CA SER H 3041 -3.12 -14.57 -143.94
C SER H 3041 -4.32 -14.69 -143.03
N LEU H 3042 -4.09 -15.04 -141.76
CA LEU H 3042 -5.19 -15.13 -140.81
C LEU H 3042 -5.77 -13.77 -140.51
N PHE H 3043 -4.91 -12.74 -140.45
CA PHE H 3043 -5.42 -11.38 -140.31
C PHE H 3043 -6.30 -11.00 -141.48
N CYS H 3044 -5.84 -11.32 -142.70
CA CYS H 3044 -6.65 -11.04 -143.88
C CYS H 3044 -7.97 -11.81 -143.84
N LYS H 3045 -7.91 -13.05 -143.38
CA LYS H 3045 -9.12 -13.87 -143.32
C LYS H 3045 -10.11 -13.33 -142.30
N LEU H 3046 -9.61 -12.88 -141.14
CA LEU H 3046 -10.47 -12.21 -140.18
C LEU H 3046 -11.09 -10.95 -140.77
N ALA H 3047 -10.31 -10.20 -141.55
CA ALA H 3047 -10.90 -9.04 -142.23
C ALA H 3047 -12.03 -9.46 -143.16
N ALA H 3048 -11.81 -10.51 -143.94
CA ALA H 3048 -12.86 -10.99 -144.85
C ALA H 3048 -14.07 -11.47 -144.06
N LEU H 3049 -13.84 -12.08 -142.90
CA LEU H 3049 -14.95 -12.56 -142.08
C LEU H 3049 -15.76 -11.39 -141.52
N VAL H 3050 -15.09 -10.37 -141.00
CA VAL H 3050 -15.81 -9.25 -140.40
C VAL H 3050 -16.45 -8.40 -141.49
N ARG H 3051 -16.02 -8.61 -142.74
CA ARG H 3051 -16.59 -7.88 -143.87
C ARG H 3051 -18.10 -8.12 -143.90
N HIS H 3052 -18.86 -7.05 -143.65
CA HIS H 3052 -20.31 -7.12 -143.39
C HIS H 3052 -20.66 -8.21 -142.38
N ARG H 3053 -20.17 -8.08 -141.14
CA ARG H 3053 -20.47 -9.09 -140.12
C ARG H 3053 -20.74 -8.49 -138.75
N VAL H 3054 -20.78 -7.16 -138.63
CA VAL H 3054 -20.96 -6.56 -137.31
C VAL H 3054 -22.34 -6.92 -136.74
N SER H 3055 -23.39 -6.82 -137.55
CA SER H 3055 -24.71 -7.19 -137.07
C SER H 3055 -24.79 -8.68 -136.77
N LEU H 3056 -24.18 -9.50 -137.62
CA LEU H 3056 -24.28 -10.95 -137.44
C LEU H 3056 -23.54 -11.41 -136.19
N PHE H 3057 -22.29 -10.96 -136.01
CA PHE H 3057 -21.54 -11.34 -134.82
C PHE H 3057 -22.13 -10.72 -133.57
N GLY H 3058 -22.58 -9.47 -133.66
CA GLY H 3058 -23.19 -8.83 -132.51
C GLY H 3058 -22.18 -8.57 -131.41
N THR H 3059 -22.33 -9.32 -130.32
CA THR H 3059 -21.51 -9.08 -129.14
C THR H 3059 -20.03 -9.35 -129.40
N ASP H 3060 -19.73 -10.25 -130.32
CA ASP H 3060 -18.35 -10.68 -130.50
C ASP H 3060 -17.56 -9.73 -131.38
N ALA H 3061 -18.24 -8.79 -132.04
CA ALA H 3061 -17.54 -7.85 -132.92
C ALA H 3061 -16.44 -7.06 -132.22
N PRO H 3062 -16.63 -6.53 -131.00
CA PRO H 3062 -15.49 -5.93 -130.30
C PRO H 3062 -14.33 -6.89 -130.12
N ALA H 3063 -14.62 -8.14 -129.78
CA ALA H 3063 -13.54 -9.12 -129.67
C ALA H 3063 -12.82 -9.28 -130.99
N VAL H 3064 -13.57 -9.31 -132.09
CA VAL H 3064 -12.97 -9.41 -133.41
C VAL H 3064 -12.03 -8.25 -133.66
N VAL H 3065 -12.48 -7.02 -133.35
CA VAL H 3065 -11.66 -5.86 -133.69
C VAL H 3065 -10.41 -5.84 -132.82
N ASN H 3066 -10.51 -6.22 -131.54
CA ASN H 3066 -9.31 -6.29 -130.71
C ASN H 3066 -8.36 -7.36 -131.23
N CYS H 3067 -8.89 -8.51 -131.64
CA CYS H 3067 -8.03 -9.55 -132.20
C CYS H 3067 -7.32 -9.06 -133.45
N LEU H 3068 -8.03 -8.30 -134.30
CA LEU H 3068 -7.38 -7.73 -135.47
C LEU H 3068 -6.28 -6.75 -135.06
N HIS H 3069 -6.53 -5.96 -134.01
CA HIS H 3069 -5.49 -5.04 -133.54
C HIS H 3069 -4.24 -5.80 -133.11
N ILE H 3070 -4.42 -6.84 -132.29
CA ILE H 3070 -3.27 -7.61 -131.83
C ILE H 3070 -2.59 -8.29 -133.00
N LEU H 3071 -3.38 -8.75 -133.98
CA LEU H 3071 -2.85 -9.37 -135.18
C LEU H 3071 -1.96 -8.40 -135.94
N ALA H 3072 -2.42 -7.17 -136.10
CA ALA H 3072 -1.60 -6.16 -136.77
C ALA H 3072 -0.32 -5.88 -136.00
N ARG H 3073 -0.42 -5.82 -134.68
CA ARG H 3073 0.76 -5.52 -133.88
C ARG H 3073 1.77 -6.67 -133.91
N SER H 3074 1.29 -7.89 -134.12
CA SER H 3074 2.17 -9.06 -133.97
C SER H 3074 3.14 -9.20 -135.14
N LEU H 3075 2.73 -8.76 -136.33
CA LEU H 3075 3.40 -9.18 -137.55
C LEU H 3075 4.66 -8.37 -137.83
N ASP H 3076 5.58 -8.95 -138.60
CA ASP H 3076 6.76 -8.26 -139.10
C ASP H 3076 6.55 -8.04 -140.59
N ALA H 3077 6.02 -6.86 -140.93
CA ALA H 3077 5.51 -6.63 -142.27
C ALA H 3077 6.63 -6.47 -143.29
N ARG H 3078 7.80 -5.98 -142.87
CA ARG H 3078 8.92 -5.91 -143.80
C ARG H 3078 9.36 -7.30 -144.23
N THR H 3079 9.53 -8.21 -143.27
CA THR H 3079 9.80 -9.59 -143.64
C THR H 3079 8.67 -10.14 -144.49
N VAL H 3080 7.44 -9.73 -144.20
CA VAL H 3080 6.29 -10.23 -144.93
C VAL H 3080 6.40 -9.88 -146.42
N MET H 3081 6.63 -8.60 -146.74
CA MET H 3081 6.60 -8.24 -148.15
C MET H 3081 7.93 -8.57 -148.82
N LYS H 3082 9.00 -8.72 -148.03
CA LYS H 3082 10.26 -9.15 -148.61
C LYS H 3082 10.20 -10.60 -149.05
N SER H 3083 9.71 -11.48 -148.17
CA SER H 3083 9.65 -12.92 -148.45
C SER H 3083 8.29 -13.44 -148.00
N GLY H 3084 7.36 -13.51 -148.94
CA GLY H 3084 6.04 -14.03 -148.65
C GLY H 3084 5.45 -14.79 -149.82
N PRO H 3085 4.61 -15.78 -149.53
CA PRO H 3085 3.88 -16.46 -150.60
C PRO H 3085 2.95 -15.48 -151.29
N GLU H 3086 3.02 -15.45 -152.62
CA GLU H 3086 2.29 -14.45 -153.39
C GLU H 3086 0.81 -14.51 -153.08
N ILE H 3087 0.30 -15.68 -152.70
CA ILE H 3087 -1.10 -15.78 -152.30
C ILE H 3087 -1.37 -14.90 -151.07
N VAL H 3088 -0.49 -15.00 -150.06
CA VAL H 3088 -0.67 -14.20 -148.85
C VAL H 3088 -0.47 -12.72 -149.15
N LYS H 3089 0.54 -12.42 -149.97
CA LYS H 3089 0.78 -11.02 -150.33
C LYS H 3089 -0.42 -10.44 -151.06
N ALA H 3090 -1.02 -11.20 -151.97
CA ALA H 3090 -2.19 -10.74 -152.69
C ALA H 3090 -3.39 -10.62 -151.77
N GLY H 3091 -3.49 -11.50 -150.78
CA GLY H 3091 -4.57 -11.36 -149.81
C GLY H 3091 -4.46 -10.07 -149.01
N LEU H 3092 -3.25 -9.76 -148.56
CA LEU H 3092 -3.04 -8.50 -147.84
C LEU H 3092 -3.28 -7.30 -148.75
N ARG H 3093 -2.83 -7.40 -150.00
CA ARG H 3093 -3.13 -6.39 -151.00
C ARG H 3093 -4.62 -6.16 -151.12
N SER H 3094 -5.38 -7.23 -151.32
CA SER H 3094 -6.82 -7.11 -151.49
C SER H 3094 -7.48 -6.60 -150.22
N PHE H 3095 -6.88 -6.87 -149.06
CA PHE H 3095 -7.38 -6.28 -147.83
C PHE H 3095 -7.26 -4.76 -147.87
N PHE H 3096 -6.08 -4.26 -148.24
CA PHE H 3096 -5.95 -2.82 -148.43
C PHE H 3096 -6.95 -2.29 -149.44
N GLU H 3097 -7.10 -2.98 -150.57
CA GLU H 3097 -7.96 -2.47 -151.62
C GLU H 3097 -9.42 -2.45 -151.18
N SER H 3098 -9.87 -3.48 -150.49
CA SER H 3098 -11.24 -3.51 -149.97
C SER H 3098 -11.45 -2.39 -148.98
N ALA H 3099 -10.46 -2.16 -148.10
CA ALA H 3099 -10.56 -1.04 -147.18
C ALA H 3099 -10.70 0.27 -147.94
N SER H 3100 -9.90 0.45 -149.00
CA SER H 3100 -9.96 1.69 -149.77
C SER H 3100 -11.32 1.85 -150.44
N GLU H 3101 -11.86 0.78 -151.01
CA GLU H 3101 -13.20 0.84 -151.59
C GLU H 3101 -14.22 1.23 -150.54
N ASP H 3102 -14.09 0.67 -149.33
CA ASP H 3102 -14.96 1.08 -148.24
C ASP H 3102 -14.84 2.58 -147.99
N ILE H 3103 -13.61 3.09 -147.97
CA ILE H 3103 -13.40 4.51 -147.71
C ILE H 3103 -14.10 5.36 -148.77
N GLU H 3104 -13.98 4.97 -150.03
CA GLU H 3104 -14.69 5.69 -151.09
C GLU H 3104 -16.20 5.57 -150.91
N LYS H 3105 -16.67 4.47 -150.34
CA LYS H 3105 -18.10 4.37 -150.04
C LYS H 3105 -18.50 5.38 -148.96
N MET H 3106 -17.70 5.52 -147.90
CA MET H 3106 -17.90 6.65 -147.00
C MET H 3106 -17.92 7.98 -147.74
N VAL H 3107 -17.06 8.14 -148.74
CA VAL H 3107 -17.07 9.39 -149.48
C VAL H 3107 -18.43 9.62 -150.14
N GLU H 3108 -18.90 8.64 -150.90
CA GLU H 3108 -20.14 8.82 -151.63
C GLU H 3108 -21.32 8.99 -150.69
N ASN H 3109 -21.24 8.41 -149.49
CA ASN H 3109 -22.26 8.69 -148.49
C ASN H 3109 -22.15 10.12 -147.97
N LEU H 3110 -20.91 10.59 -147.77
CA LEU H 3110 -20.72 11.92 -147.19
C LEU H 3110 -20.98 13.02 -148.21
N ARG H 3111 -21.21 12.65 -149.47
CA ARG H 3111 -21.82 13.62 -150.38
C ARG H 3111 -23.26 13.92 -150.00
N LEU H 3112 -23.88 13.04 -149.21
CA LEU H 3112 -25.25 13.13 -148.72
C LEU H 3112 -26.29 13.29 -149.82
N GLY H 3113 -26.18 12.58 -150.94
CA GLY H 3113 -27.33 12.45 -151.82
C GLY H 3113 -28.50 11.78 -151.12
N LYS H 3114 -28.20 10.80 -150.28
CA LYS H 3114 -29.22 10.16 -149.46
C LYS H 3114 -28.81 10.27 -147.99
N VAL H 3115 -29.80 10.18 -147.10
CA VAL H 3115 -29.61 10.58 -145.70
C VAL H 3115 -28.43 9.86 -145.07
N SER H 3116 -28.33 8.55 -145.28
CA SER H 3116 -27.23 7.74 -144.76
C SER H 3116 -27.09 7.87 -143.24
N LYS H 3123 -29.80 2.20 -145.37
CA LYS H 3123 -30.07 1.04 -144.54
C LYS H 3123 -28.82 0.17 -144.52
N GLY H 3124 -28.55 -0.51 -145.64
CA GLY H 3124 -27.33 -1.32 -145.72
C GLY H 3124 -26.07 -0.47 -145.77
N VAL H 3125 -26.13 0.66 -146.45
CA VAL H 3125 -24.97 1.56 -146.51
C VAL H 3125 -24.70 2.16 -145.14
N GLY H 3126 -25.75 2.43 -144.37
CA GLY H 3126 -25.56 2.94 -143.02
C GLY H 3126 -24.89 1.93 -142.11
N GLN H 3127 -25.33 0.67 -142.17
CA GLN H 3127 -24.71 -0.35 -141.36
C GLN H 3127 -23.27 -0.59 -141.81
N ASN H 3128 -23.02 -0.49 -143.12
CA ASN H 3128 -21.66 -0.59 -143.61
C ASN H 3128 -20.79 0.54 -143.09
N LEU H 3129 -21.34 1.76 -143.06
CA LEU H 3129 -20.57 2.89 -142.57
C LEU H 3129 -20.24 2.73 -141.10
N THR H 3130 -21.22 2.33 -140.31
CA THR H 3130 -20.96 2.07 -138.90
C THR H 3130 -19.93 0.97 -138.74
N TYR H 3131 -20.04 -0.10 -139.53
CA TYR H 3131 -19.11 -1.23 -139.47
C TYR H 3131 -17.69 -0.79 -139.79
N THR H 3132 -17.53 0.01 -140.83
CA THR H 3132 -16.22 0.56 -141.15
C THR H 3132 -15.69 1.40 -140.01
N THR H 3133 -16.56 2.18 -139.36
CA THR H 3133 -16.09 3.10 -138.35
C THR H 3133 -15.84 2.40 -137.01
N VAL H 3134 -16.34 1.16 -136.85
CA VAL H 3134 -16.08 0.46 -135.59
C VAL H 3134 -15.00 -0.59 -135.81
N ALA H 3135 -14.92 -1.15 -137.01
CA ALA H 3135 -13.94 -2.17 -137.30
C ALA H 3135 -12.87 -1.70 -138.28
N LEU H 3136 -13.25 -1.27 -139.47
CA LEU H 3136 -12.26 -0.99 -140.50
C LEU H 3136 -11.39 0.21 -140.13
N LEU H 3137 -12.03 1.32 -139.73
CA LEU H 3137 -11.23 2.47 -139.34
C LEU H 3137 -10.32 2.15 -138.16
N PRO H 3138 -10.77 1.50 -137.09
CA PRO H 3138 -9.84 1.13 -136.02
C PRO H 3138 -8.72 0.22 -136.47
N VAL H 3139 -8.98 -0.76 -137.34
CA VAL H 3139 -7.92 -1.68 -137.72
C VAL H 3139 -6.91 -0.99 -138.62
N LEU H 3140 -7.39 -0.09 -139.49
CA LEU H 3140 -6.45 0.70 -140.27
C LEU H 3140 -5.60 1.57 -139.37
N THR H 3141 -6.18 2.18 -138.35
CA THR H 3141 -5.39 2.95 -137.40
C THR H 3141 -4.35 2.05 -136.74
N THR H 3142 -4.74 0.84 -136.38
CA THR H 3142 -3.81 -0.09 -135.74
C THR H 3142 -2.63 -0.38 -136.65
N LEU H 3143 -2.92 -0.70 -137.91
CA LEU H 3143 -1.84 -0.90 -138.88
C LEU H 3143 -0.99 0.35 -138.99
N PHE H 3144 -1.61 1.53 -138.95
CA PHE H 3144 -0.83 2.75 -139.09
C PHE H 3144 0.17 2.90 -137.95
N GLN H 3145 -0.26 2.77 -136.70
CA GLN H 3145 0.72 2.96 -135.63
C GLN H 3145 1.74 1.84 -135.62
N HIS H 3146 1.30 0.61 -135.92
CA HIS H 3146 2.23 -0.51 -135.89
C HIS H 3146 3.33 -0.33 -136.94
N ILE H 3147 2.94 -0.08 -138.19
CA ILE H 3147 3.89 0.25 -139.24
C ILE H 3147 4.72 1.46 -138.86
N ALA H 3148 4.13 2.43 -138.16
CA ALA H 3148 4.82 3.67 -137.88
C ALA H 3148 5.96 3.47 -136.91
N GLN H 3149 5.66 3.01 -135.69
CA GLN H 3149 6.72 2.87 -134.71
C GLN H 3149 7.67 1.75 -135.10
N HIS H 3150 7.16 0.73 -135.79
CA HIS H 3150 8.07 -0.28 -136.33
C HIS H 3150 8.76 0.22 -137.60
N GLN H 3151 8.32 1.35 -138.13
CA GLN H 3151 8.85 1.97 -139.34
C GLN H 3151 8.77 1.01 -140.52
N PHE H 3152 7.75 0.15 -140.58
CA PHE H 3152 7.64 -0.79 -141.68
C PHE H 3152 7.19 -0.11 -142.97
N GLY H 3153 6.79 1.15 -142.88
CA GLY H 3153 6.09 1.79 -143.99
C GLY H 3153 6.88 1.83 -145.28
N ASP H 3154 8.17 2.19 -145.19
CA ASP H 3154 8.99 2.27 -146.39
C ASP H 3154 9.08 0.92 -147.08
N ASP H 3155 9.27 -0.15 -146.30
CA ASP H 3155 9.38 -1.48 -146.88
C ASP H 3155 8.05 -1.94 -147.45
N VAL H 3156 6.95 -1.62 -146.77
CA VAL H 3156 5.67 -2.26 -147.09
C VAL H 3156 4.94 -1.49 -148.18
N ILE H 3157 4.70 -0.21 -147.96
CA ILE H 3157 3.90 0.61 -148.85
C ILE H 3157 4.78 1.10 -149.97
N LEU H 3158 4.72 0.44 -151.13
CA LEU H 3158 5.50 0.89 -152.27
C LEU H 3158 4.63 1.36 -153.43
N ASP H 3159 3.78 0.50 -153.99
CA ASP H 3159 2.92 0.93 -155.08
C ASP H 3159 1.44 0.72 -154.79
N ASP H 3160 1.07 -0.52 -154.48
CA ASP H 3160 -0.34 -0.85 -154.32
C ASP H 3160 -0.88 -0.28 -153.02
N VAL H 3161 -0.15 -0.46 -151.92
CA VAL H 3161 -0.52 0.22 -150.69
C VAL H 3161 -0.44 1.72 -150.89
N GLN H 3162 0.52 2.18 -151.69
CA GLN H 3162 0.65 3.61 -151.95
C GLN H 3162 -0.55 4.15 -152.71
N VAL H 3163 -1.01 3.44 -153.74
CA VAL H 3163 -2.16 3.94 -154.49
C VAL H 3163 -3.42 3.88 -153.64
N SER H 3164 -3.56 2.83 -152.83
CA SER H 3164 -4.70 2.76 -151.92
C SER H 3164 -4.66 3.94 -150.94
N CYS H 3165 -3.48 4.25 -150.41
CA CYS H 3165 -3.35 5.35 -149.46
C CYS H 3165 -3.63 6.69 -150.15
N TYR H 3166 -3.24 6.82 -151.42
CA TYR H 3166 -3.53 8.04 -152.16
C TYR H 3166 -5.03 8.20 -152.37
N ARG H 3167 -5.72 7.10 -152.69
CA ARG H 3167 -7.17 7.14 -152.77
C ARG H 3167 -7.76 7.55 -151.43
N THR H 3168 -7.23 7.01 -150.34
CA THR H 3168 -7.70 7.37 -149.01
C THR H 3168 -7.46 8.85 -148.73
N LEU H 3169 -6.33 9.38 -149.18
CA LEU H 3169 -6.01 10.79 -148.92
C LEU H 3169 -6.95 11.71 -149.69
N CYS H 3170 -7.15 11.44 -150.98
CA CYS H 3170 -8.12 12.21 -151.73
C CYS H 3170 -9.50 12.10 -151.12
N SER H 3171 -9.83 10.91 -150.61
CA SER H 3171 -11.10 10.70 -149.92
C SER H 3171 -11.23 11.63 -148.72
N ILE H 3172 -10.31 11.52 -147.76
CA ILE H 3172 -10.44 12.26 -146.52
C ILE H 3172 -10.43 13.77 -146.80
N TYR H 3173 -9.64 14.20 -147.77
CA TYR H 3173 -9.65 15.61 -148.11
C TYR H 3173 -11.01 16.01 -148.68
N SER H 3174 -11.61 15.13 -149.49
CA SER H 3174 -12.96 15.39 -149.98
C SER H 3174 -13.96 15.49 -148.84
N LEU H 3175 -13.85 14.60 -147.85
CA LEU H 3175 -14.73 14.70 -146.69
C LEU H 3175 -14.50 16.00 -145.93
N GLY H 3176 -13.28 16.53 -145.99
CA GLY H 3176 -13.02 17.83 -145.41
C GLY H 3176 -13.81 18.93 -146.11
N THR H 3177 -14.02 18.78 -147.41
CA THR H 3177 -14.76 19.79 -148.16
C THR H 3177 -16.21 19.88 -147.73
N THR H 3178 -16.85 18.74 -147.51
CA THR H 3178 -18.28 18.73 -147.16
C THR H 3178 -18.46 18.99 -145.67
N LYS H 3179 -19.63 19.52 -145.32
CA LYS H 3179 -20.00 19.79 -143.92
C LYS H 3179 -21.38 19.21 -143.67
N ASN H 3180 -21.49 18.35 -142.65
CA ASN H 3180 -22.75 17.74 -142.24
C ASN H 3180 -22.66 17.40 -140.77
N THR H 3181 -23.80 17.08 -140.16
CA THR H 3181 -23.78 16.57 -138.80
C THR H 3181 -23.03 15.24 -138.74
N TYR H 3182 -23.24 14.39 -139.74
CA TYR H 3182 -22.46 13.18 -139.87
C TYR H 3182 -20.98 13.51 -139.99
N VAL H 3183 -20.65 14.57 -140.72
CA VAL H 3183 -19.26 15.04 -140.75
C VAL H 3183 -18.79 15.37 -139.34
N GLU H 3184 -19.63 16.06 -138.56
CA GLU H 3184 -19.22 16.43 -137.21
C GLU H 3184 -18.91 15.20 -136.37
N LYS H 3185 -19.78 14.18 -136.42
CA LYS H 3185 -19.52 13.00 -135.59
C LYS H 3185 -18.30 12.21 -136.09
N LEU H 3186 -18.12 12.09 -137.41
CA LEU H 3186 -17.02 11.27 -137.89
C LEU H 3186 -15.68 12.02 -137.87
N ARG H 3187 -15.72 13.33 -137.75
CA ARG H 3187 -14.48 14.12 -137.82
C ARG H 3187 -13.43 13.71 -136.80
N PRO H 3188 -13.74 13.42 -135.53
CA PRO H 3188 -12.69 12.92 -134.64
C PRO H 3188 -12.05 11.64 -135.15
N ALA H 3189 -12.87 10.63 -135.44
CA ALA H 3189 -12.33 9.35 -135.90
C ALA H 3189 -11.63 9.50 -137.25
N LEU H 3190 -12.24 10.25 -138.17
CA LEU H 3190 -11.62 10.45 -139.48
C LEU H 3190 -10.28 11.15 -139.34
N GLY H 3191 -10.22 12.17 -138.50
CA GLY H 3191 -8.98 12.91 -138.32
C GLY H 3191 -7.89 12.07 -137.69
N GLU H 3192 -8.23 11.30 -136.65
CA GLU H 3192 -7.21 10.46 -136.03
C GLU H 3192 -6.73 9.37 -136.99
N CYS H 3193 -7.65 8.77 -137.75
CA CYS H 3193 -7.24 7.77 -138.73
C CYS H 3193 -6.32 8.39 -139.77
N LEU H 3194 -6.66 9.58 -140.24
CA LEU H 3194 -5.85 10.25 -141.25
C LEU H 3194 -4.48 10.61 -140.69
N ALA H 3195 -4.41 11.08 -139.46
CA ALA H 3195 -3.12 11.40 -138.86
C ALA H 3195 -2.25 10.16 -138.76
N ARG H 3196 -2.84 9.06 -138.30
CA ARG H 3196 -2.08 7.82 -138.22
C ARG H 3196 -1.61 7.37 -139.59
N LEU H 3197 -2.49 7.48 -140.59
CA LEU H 3197 -2.13 7.11 -141.96
C LEU H 3197 -0.99 7.97 -142.49
N ALA H 3198 -1.03 9.28 -142.22
CA ALA H 3198 0.03 10.16 -142.69
C ALA H 3198 1.35 9.83 -142.01
N ALA H 3199 1.31 9.53 -140.72
CA ALA H 3199 2.54 9.16 -140.02
C ALA H 3199 3.12 7.87 -140.57
N ALA H 3200 2.26 6.90 -140.91
CA ALA H 3200 2.75 5.62 -141.41
C ALA H 3200 3.15 5.71 -142.87
N MET H 3201 2.66 6.71 -143.58
CA MET H 3201 2.76 6.73 -145.04
C MET H 3201 4.19 7.08 -145.44
N PRO H 3202 4.83 6.27 -146.29
CA PRO H 3202 6.25 6.52 -146.59
C PRO H 3202 6.51 7.58 -147.64
N VAL H 3203 5.47 8.22 -148.18
CA VAL H 3203 5.69 9.25 -149.19
C VAL H 3203 5.16 10.58 -148.69
N ALA H 3204 6.02 11.61 -148.73
CA ALA H 3204 5.66 12.95 -148.29
C ALA H 3204 4.93 13.66 -149.42
N PHE H 3205 3.61 13.74 -149.32
CA PHE H 3205 2.81 14.14 -150.47
C PHE H 3205 2.81 15.64 -150.69
N LEU H 3206 3.23 16.43 -149.69
CA LEU H 3206 3.10 17.87 -149.81
C LEU H 3206 4.15 18.46 -150.74
N GLU H 3207 5.35 17.89 -150.77
CA GLU H 3207 6.39 18.36 -151.66
C GLU H 3207 6.48 17.46 -152.88
N PRO H 3208 5.97 17.90 -154.04
CA PRO H 3208 5.93 16.97 -155.19
C PRO H 3208 7.27 16.74 -155.84
N GLN H 3209 8.04 17.79 -156.10
CA GLN H 3209 9.26 17.65 -156.89
C GLN H 3209 10.31 16.83 -156.15
N LEU H 3210 10.38 16.99 -154.83
CA LEU H 3210 11.32 16.21 -154.05
C LEU H 3210 11.03 14.72 -154.18
N ASN H 3211 9.78 14.32 -153.94
CA ASN H 3211 9.42 12.91 -154.06
C ASN H 3211 9.58 12.42 -155.48
N GLU H 3212 9.38 13.31 -156.46
CA GLU H 3212 9.68 12.94 -157.84
C GLU H 3212 11.16 12.60 -157.99
N TYR H 3213 12.03 13.37 -157.33
CA TYR H 3213 13.44 13.06 -157.39
C TYR H 3213 13.75 11.74 -156.68
N ASN H 3214 13.18 11.53 -155.50
CA ASN H 3214 13.50 10.34 -154.72
C ASN H 3214 12.93 9.09 -155.36
N ALA H 3215 13.57 7.95 -155.08
CA ALA H 3215 13.18 6.71 -155.75
C ALA H 3215 12.04 6.01 -155.01
N CYS H 3216 11.66 6.51 -153.85
CA CYS H 3216 10.56 5.92 -153.09
C CYS H 3216 9.26 6.56 -153.58
N SER H 3217 8.83 6.14 -154.76
CA SER H 3217 7.56 6.59 -155.32
C SER H 3217 7.06 5.54 -156.31
N VAL H 3218 5.78 5.62 -156.64
CA VAL H 3218 5.18 4.64 -157.55
C VAL H 3218 5.80 4.78 -158.93
N TYR H 3219 6.04 6.01 -159.40
CA TYR H 3219 6.61 6.19 -160.72
C TYR H 3219 8.02 5.63 -160.80
N THR H 3220 8.84 5.89 -159.78
CA THR H 3220 10.21 5.39 -159.78
C THR H 3220 10.24 3.87 -159.65
N THR H 3221 9.45 3.31 -158.73
CA THR H 3221 9.42 1.86 -158.56
C THR H 3221 8.92 1.17 -159.82
N LYS H 3222 7.90 1.75 -160.46
CA LYS H 3222 7.33 1.21 -161.69
C LYS H 3222 7.01 2.37 -162.62
N SER H 3223 7.64 2.38 -163.78
CA SER H 3223 7.49 3.50 -164.69
C SER H 3223 6.05 3.61 -165.17
N PRO H 3224 5.59 4.81 -165.52
CA PRO H 3224 4.20 4.95 -165.99
C PRO H 3224 3.89 4.11 -167.21
N ARG H 3225 4.87 3.90 -168.08
CA ARG H 3225 4.68 2.96 -169.18
C ARG H 3225 4.34 1.57 -168.65
N GLU H 3226 5.06 1.12 -167.63
CA GLU H 3226 4.69 -0.09 -166.94
C GLU H 3226 3.41 0.14 -166.15
N ARG H 3227 2.66 -0.95 -165.90
CA ARG H 3227 1.32 -0.91 -165.31
C ARG H 3227 0.49 0.23 -165.88
N ALA H 3228 0.67 0.51 -167.17
CA ALA H 3228 -0.10 1.56 -167.81
C ALA H 3228 -1.59 1.27 -167.73
N ILE H 3229 -1.95 -0.01 -167.63
CA ILE H 3229 -3.34 -0.38 -167.37
C ILE H 3229 -3.80 0.21 -166.04
N LEU H 3230 -2.95 0.15 -165.03
CA LEU H 3230 -3.25 0.80 -163.77
C LEU H 3230 -3.31 2.31 -163.96
N GLY H 3231 -4.20 2.96 -163.21
CA GLY H 3231 -4.36 4.40 -163.37
C GLY H 3231 -3.07 5.14 -163.10
N LEU H 3232 -2.55 5.78 -164.14
CA LEU H 3232 -1.31 6.54 -164.05
C LEU H 3232 -1.62 8.03 -164.06
N PRO H 3233 -1.58 8.71 -162.91
CA PRO H 3233 -1.71 10.18 -162.92
C PRO H 3233 -0.58 10.86 -163.67
N ASN H 3234 0.57 10.19 -163.80
CA ASN H 3234 1.80 10.67 -164.42
C ASN H 3234 2.43 11.79 -163.58
N SER H 3235 1.81 12.18 -162.47
CA SER H 3235 2.34 13.21 -161.60
C SER H 3235 1.83 12.97 -160.19
N VAL H 3236 2.71 13.13 -159.21
CA VAL H 3236 2.31 12.96 -157.82
C VAL H 3236 1.23 13.96 -157.46
N GLU H 3237 1.32 15.18 -157.99
CA GLU H 3237 0.22 16.12 -157.86
C GLU H 3237 -1.02 15.58 -158.55
N GLU H 3238 -0.86 14.96 -159.72
CA GLU H 3238 -2.01 14.50 -160.48
C GLU H 3238 -2.75 13.39 -159.73
N MET H 3239 -2.05 12.64 -158.87
CA MET H 3239 -2.75 11.64 -158.08
C MET H 3239 -3.78 12.27 -157.16
N CYS H 3240 -3.37 13.26 -156.36
CA CYS H 3240 -4.26 13.94 -155.42
C CYS H 3240 -4.06 15.44 -155.56
N PRO H 3241 -4.58 16.05 -156.63
CA PRO H 3241 -4.39 17.49 -156.82
C PRO H 3241 -5.16 18.34 -155.82
N ASP H 3242 -6.19 17.77 -155.21
CA ASP H 3242 -7.06 18.55 -154.33
C ASP H 3242 -6.31 19.10 -153.13
N ILE H 3243 -5.52 18.27 -152.46
CA ILE H 3243 -4.83 18.75 -151.26
C ILE H 3243 -3.80 19.81 -151.65
N PRO H 3244 -3.77 20.96 -150.99
CA PRO H 3244 -2.84 22.01 -151.37
C PRO H 3244 -1.41 21.68 -151.00
N VAL H 3245 -0.49 22.48 -151.53
CA VAL H 3245 0.93 22.29 -151.25
C VAL H 3245 1.25 22.78 -149.85
N LEU H 3246 2.38 22.32 -149.31
CA LEU H 3246 2.69 22.54 -147.90
C LEU H 3246 2.71 24.02 -147.55
N ASP H 3247 3.65 24.78 -148.13
CA ASP H 3247 3.80 26.18 -147.74
C ASP H 3247 2.49 26.94 -147.86
N ARG H 3248 1.66 26.58 -148.85
CA ARG H 3248 0.33 27.16 -148.94
C ARG H 3248 -0.50 26.80 -147.71
N LEU H 3249 -0.46 25.53 -147.28
CA LEU H 3249 -1.22 25.13 -146.10
C LEU H 3249 -0.74 25.86 -144.86
N MET H 3250 0.58 25.98 -144.70
CA MET H 3250 1.12 26.73 -143.57
C MET H 3250 0.69 28.19 -143.61
N ALA H 3251 0.68 28.80 -144.80
CA ALA H 3251 0.20 30.17 -144.91
C ALA H 3251 -1.27 30.26 -144.48
N ASP H 3252 -2.08 29.30 -144.91
CA ASP H 3252 -3.49 29.30 -144.52
C ASP H 3252 -3.64 29.14 -143.02
N ILE H 3253 -2.84 28.24 -142.42
CA ILE H 3253 -2.93 28.01 -140.98
C ILE H 3253 -2.53 29.26 -140.22
N GLY H 3254 -1.46 29.93 -140.64
CA GLY H 3254 -1.07 31.16 -140.00
C GLY H 3254 -2.12 32.25 -140.14
N GLY H 3255 -2.75 32.32 -141.31
CA GLY H 3255 -3.83 33.29 -141.49
C GLY H 3255 -4.99 33.03 -140.55
N LEU H 3256 -5.43 31.78 -140.47
CA LEU H 3256 -6.49 31.46 -139.52
C LEU H 3256 -6.05 31.75 -138.09
N ALA H 3257 -4.76 31.54 -137.80
CA ALA H 3257 -4.25 31.76 -136.46
C ALA H 3257 -4.33 33.24 -136.08
N GLU H 3258 -3.84 34.13 -136.93
CA GLU H 3258 -3.85 35.53 -136.55
C GLU H 3258 -5.26 36.09 -136.65
N SER H 3259 -6.10 35.48 -137.49
CA SER H 3259 -7.51 35.84 -137.50
C SER H 3259 -8.17 35.50 -136.18
N GLY H 3260 -7.81 34.37 -135.59
CA GLY H 3260 -8.36 33.98 -134.30
C GLY H 3260 -9.82 33.57 -134.36
N ALA H 3261 -10.28 33.10 -135.51
CA ALA H 3261 -11.67 32.68 -135.62
C ALA H 3261 -11.92 31.40 -134.84
N ARG H 3262 -13.17 31.23 -134.40
CA ARG H 3262 -13.54 30.13 -133.53
C ARG H 3262 -13.37 28.79 -134.25
N TYR H 3263 -13.32 27.72 -133.45
CA TYR H 3263 -13.15 26.39 -134.02
C TYR H 3263 -14.28 26.05 -134.98
N THR H 3264 -15.50 26.50 -134.68
CA THR H 3264 -16.61 26.27 -135.58
C THR H 3264 -16.37 26.94 -136.93
N GLU H 3265 -15.49 27.94 -136.98
CA GLU H 3265 -15.21 28.59 -138.25
C GLU H 3265 -14.31 27.75 -139.13
N MET H 3266 -13.35 27.02 -138.54
CA MET H 3266 -12.53 26.07 -139.27
C MET H 3266 -12.57 24.72 -138.56
N PRO H 3267 -13.75 24.10 -138.48
CA PRO H 3267 -13.84 22.82 -137.77
C PRO H 3267 -13.13 21.70 -138.49
N HIS H 3268 -13.24 21.65 -139.82
CA HIS H 3268 -12.45 20.71 -140.59
C HIS H 3268 -10.96 20.97 -140.41
N VAL H 3269 -10.56 22.24 -140.47
CA VAL H 3269 -9.14 22.56 -140.41
C VAL H 3269 -8.53 22.10 -139.09
N ILE H 3270 -9.16 22.44 -137.98
CA ILE H 3270 -8.61 22.02 -136.70
C ILE H 3270 -8.75 20.52 -136.51
N GLU H 3271 -9.88 19.94 -136.95
CA GLU H 3271 -10.13 18.53 -136.72
C GLU H 3271 -9.34 17.65 -137.70
N ILE H 3272 -9.03 18.16 -138.88
CA ILE H 3272 -8.44 17.37 -139.95
C ILE H 3272 -7.11 17.95 -140.42
N THR H 3273 -7.11 19.22 -140.82
CA THR H 3273 -5.89 19.81 -141.36
C THR H 3273 -4.80 19.91 -140.31
N LEU H 3274 -5.13 20.44 -139.14
CA LEU H 3274 -4.15 20.47 -138.06
C LEU H 3274 -3.62 19.07 -137.75
N PRO H 3275 -4.45 18.03 -137.62
CA PRO H 3275 -3.89 16.69 -137.39
C PRO H 3275 -2.99 16.16 -138.49
N MET H 3276 -3.36 16.23 -139.77
CA MET H 3276 -2.49 15.54 -140.72
C MET H 3276 -1.22 16.35 -140.92
N LEU H 3277 -1.30 17.68 -140.75
CA LEU H 3277 -0.07 18.46 -140.74
C LEU H 3277 0.81 18.06 -139.57
N CYS H 3278 0.22 17.86 -138.39
CA CYS H 3278 0.99 17.48 -137.22
C CYS H 3278 1.68 16.15 -137.43
N SER H 3279 0.97 15.18 -138.02
CA SER H 3279 1.59 13.89 -138.27
C SER H 3279 2.65 13.98 -139.36
N TYR H 3280 2.35 14.75 -140.42
CA TYR H 3280 3.22 14.82 -141.58
C TYR H 3280 4.56 15.46 -141.23
N LEU H 3281 4.52 16.54 -140.47
CA LEU H 3281 5.69 17.43 -140.40
C LEU H 3281 6.94 16.74 -139.83
N PRO H 3282 6.92 16.12 -138.64
CA PRO H 3282 8.17 15.54 -138.12
C PRO H 3282 8.65 14.35 -138.92
N ARG H 3283 7.75 13.40 -139.16
CA ARG H 3283 8.11 12.16 -139.84
C ARG H 3283 8.86 12.44 -141.13
N TRP H 3284 8.69 13.63 -141.70
CA TRP H 3284 9.50 14.04 -142.83
C TRP H 3284 10.64 14.94 -142.38
N TRP H 3285 10.54 15.52 -141.19
CA TRP H 3285 11.63 16.37 -140.71
C TRP H 3285 12.90 15.56 -140.48
N GLU H 3286 12.78 14.42 -139.77
CA GLU H 3286 13.99 13.65 -139.50
C GLU H 3286 14.60 13.11 -140.78
N ARG H 3287 13.78 12.64 -141.72
CA ARG H 3287 14.33 12.21 -143.00
C ARG H 3287 14.66 13.41 -143.88
N GLY H 3288 14.15 14.58 -143.52
CA GLY H 3288 14.52 15.81 -144.20
C GLY H 3288 15.82 16.35 -143.68
N PRO H 3289 16.20 17.54 -144.14
CA PRO H 3289 17.45 18.14 -143.68
C PRO H 3289 17.32 18.63 -142.25
N GLU H 3290 18.44 19.10 -141.70
CA GLU H 3290 18.62 19.61 -140.33
C GLU H 3290 18.55 18.48 -139.31
N ALA H 3291 18.22 17.27 -139.71
CA ALA H 3291 18.40 16.12 -138.83
C ALA H 3291 19.75 15.47 -139.11
N PRO H 3292 20.40 14.92 -138.09
CA PRO H 3292 21.79 14.47 -138.25
C PRO H 3292 21.88 13.31 -139.24
N PRO H 3293 22.47 13.54 -140.41
CA PRO H 3293 22.59 12.47 -141.39
C PRO H 3293 23.89 11.71 -141.22
N PRO H 3294 23.85 10.39 -141.30
CA PRO H 3294 25.11 9.63 -141.35
C PRO H 3294 25.88 9.99 -142.60
N ALA H 3295 27.19 10.21 -142.44
CA ALA H 3295 27.97 10.87 -143.48
C ALA H 3295 27.93 10.11 -144.80
N LEU H 3296 28.26 8.82 -144.77
CA LEU H 3296 28.21 8.04 -146.01
C LEU H 3296 26.81 7.97 -146.58
N PRO H 3297 25.75 7.65 -145.80
CA PRO H 3297 24.40 7.80 -146.34
C PRO H 3297 24.08 9.21 -146.78
N ALA H 3298 24.61 10.22 -146.07
CA ALA H 3298 24.37 11.59 -146.48
C ALA H 3298 25.02 11.88 -147.82
N GLY H 3299 26.19 11.31 -148.08
CA GLY H 3299 26.89 11.61 -149.30
C GLY H 3299 26.48 10.76 -150.48
N ALA H 3300 25.54 11.30 -151.27
CA ALA H 3300 25.01 10.84 -152.55
C ALA H 3300 23.63 11.45 -152.78
N PRO H 3301 22.63 11.20 -151.93
CA PRO H 3301 21.31 11.77 -152.18
C PRO H 3301 21.10 13.06 -151.43
N PRO H 3302 20.46 14.05 -152.05
CA PRO H 3302 19.94 15.18 -151.29
C PRO H 3302 18.84 14.74 -150.35
N PRO H 3303 18.57 15.48 -149.28
CA PRO H 3303 17.50 15.08 -148.36
C PRO H 3303 16.18 14.95 -149.12
N CYS H 3304 15.43 13.89 -148.79
CA CYS H 3304 14.20 13.62 -149.51
C CYS H 3304 13.23 14.79 -149.39
N THR H 3305 12.80 15.10 -148.17
CA THR H 3305 11.90 16.23 -147.99
C THR H 3305 12.70 17.49 -147.71
N ALA H 3306 11.99 18.62 -147.64
CA ALA H 3306 12.59 19.90 -147.31
C ALA H 3306 12.13 20.42 -145.95
N VAL H 3307 11.60 19.56 -145.10
CA VAL H 3307 11.11 20.00 -143.80
C VAL H 3307 12.26 20.53 -142.96
N THR H 3308 12.04 21.67 -142.31
CA THR H 3308 13.08 22.32 -141.54
C THR H 3308 12.60 22.58 -140.12
N SER H 3309 13.57 22.83 -139.24
CA SER H 3309 13.26 23.08 -137.84
C SER H 3309 12.44 24.36 -137.67
N ASP H 3310 12.73 25.38 -138.47
CA ASP H 3310 11.94 26.60 -138.39
C ASP H 3310 10.52 26.36 -138.91
N HIS H 3311 10.38 25.47 -139.90
CA HIS H 3311 9.03 25.06 -140.32
C HIS H 3311 8.29 24.40 -139.17
N LEU H 3312 8.98 23.50 -138.47
CA LEU H 3312 8.41 22.85 -137.29
C LEU H 3312 7.96 23.89 -136.27
N ASN H 3313 8.84 24.83 -135.96
CA ASN H 3313 8.54 25.86 -134.97
C ASN H 3313 7.38 26.72 -135.40
N SER H 3314 7.33 27.10 -136.67
CA SER H 3314 6.23 27.93 -137.16
C SER H 3314 4.90 27.21 -137.05
N LEU H 3315 4.87 25.93 -137.41
CA LEU H 3315 3.62 25.19 -137.26
C LEU H 3315 3.23 25.10 -135.80
N LEU H 3316 4.21 24.90 -134.91
CA LEU H 3316 3.89 24.85 -133.48
C LEU H 3316 3.33 26.18 -133.00
N GLY H 3317 3.92 27.29 -133.45
CA GLY H 3317 3.39 28.59 -133.08
C GLY H 3317 1.97 28.79 -133.58
N ASN H 3318 1.68 28.25 -134.77
CA ASN H 3318 0.31 28.27 -135.28
C ASN H 3318 -0.62 27.49 -134.36
N ILE H 3319 -0.18 26.32 -133.89
CA ILE H 3319 -0.98 25.54 -132.96
C ILE H 3319 -1.23 26.33 -131.68
N LEU H 3320 -0.19 26.98 -131.17
CA LEU H 3320 -0.35 27.76 -129.95
C LEU H 3320 -1.34 28.90 -130.16
N ARG H 3321 -1.25 29.56 -131.31
CA ARG H 3321 -2.18 30.64 -131.63
C ARG H 3321 -3.61 30.13 -131.71
N ILE H 3322 -3.82 29.01 -132.38
CA ILE H 3322 -5.17 28.47 -132.47
C ILE H 3322 -5.68 28.09 -131.10
N ILE H 3323 -4.78 27.61 -130.23
CA ILE H 3323 -5.16 27.24 -128.87
C ILE H 3323 -5.65 28.46 -128.11
N VAL H 3324 -4.86 29.55 -128.13
CA VAL H 3324 -5.25 30.71 -127.34
C VAL H 3324 -6.50 31.35 -127.92
N ASN H 3325 -6.62 31.38 -129.25
CA ASN H 3325 -7.82 31.94 -129.86
C ASN H 3325 -9.06 31.16 -129.48
N ASN H 3326 -8.96 29.83 -129.42
CA ASN H 3326 -10.10 29.00 -129.10
C ASN H 3326 -10.32 28.82 -127.60
N LEU H 3327 -9.61 29.56 -126.76
CA LEU H 3327 -9.81 29.45 -125.32
C LEU H 3327 -11.22 29.88 -124.92
N GLY H 3328 -11.84 30.76 -125.71
CA GLY H 3328 -13.16 31.25 -125.35
C GLY H 3328 -14.22 30.17 -125.41
N ILE H 3329 -14.03 29.16 -126.26
CA ILE H 3329 -15.03 28.12 -126.42
C ILE H 3329 -15.18 27.31 -125.15
N ASP H 3330 -16.42 27.06 -124.75
CA ASP H 3330 -16.68 26.37 -123.50
C ASP H 3330 -16.31 24.89 -123.59
N GLU H 3331 -16.76 24.20 -124.62
CA GLU H 3331 -16.59 22.76 -124.74
C GLU H 3331 -15.71 22.46 -125.95
N ALA H 3332 -14.71 21.60 -125.75
CA ALA H 3332 -13.74 21.27 -126.78
C ALA H 3332 -12.98 20.01 -126.35
N THR H 3333 -13.00 18.98 -127.19
CA THR H 3333 -12.09 17.84 -126.99
C THR H 3333 -11.09 17.74 -128.15
N TRP H 3334 -11.44 18.35 -129.28
CA TRP H 3334 -10.54 18.41 -130.40
C TRP H 3334 -9.20 19.01 -130.02
N MET H 3335 -9.18 19.94 -129.05
CA MET H 3335 -7.91 20.56 -128.72
C MET H 3335 -7.03 19.64 -127.87
N LYS H 3336 -7.62 18.81 -127.00
CA LYS H 3336 -6.76 17.85 -126.33
C LYS H 3336 -6.22 16.83 -127.32
N ARG H 3337 -7.05 16.39 -128.27
CA ARG H 3337 -6.52 15.49 -129.29
C ARG H 3337 -5.37 16.16 -130.05
N LEU H 3338 -5.56 17.42 -130.44
CA LEU H 3338 -4.53 18.14 -131.17
C LEU H 3338 -3.26 18.26 -130.34
N ALA H 3339 -3.40 18.56 -129.05
CA ALA H 3339 -2.22 18.69 -128.20
C ALA H 3339 -1.47 17.38 -128.07
N VAL H 3340 -2.18 16.28 -127.84
CA VAL H 3340 -1.50 15.00 -127.70
C VAL H 3340 -0.86 14.60 -129.02
N PHE H 3341 -1.43 15.05 -130.15
CA PHE H 3341 -0.73 14.86 -131.42
C PHE H 3341 0.51 15.75 -131.48
N ALA H 3342 0.44 16.94 -130.89
CA ALA H 3342 1.51 17.91 -131.06
C ALA H 3342 2.56 17.79 -129.96
N GLN H 3343 2.46 16.75 -129.14
CA GLN H 3343 3.48 16.53 -128.12
C GLN H 3343 4.89 16.48 -128.70
N PRO H 3344 5.19 15.76 -129.78
CA PRO H 3344 6.59 15.69 -130.24
C PRO H 3344 7.12 16.99 -130.80
N ILE H 3345 6.34 17.66 -131.66
CA ILE H 3345 6.79 18.90 -132.28
C ILE H 3345 7.14 19.93 -131.22
N VAL H 3346 6.45 19.89 -130.08
CA VAL H 3346 6.81 20.79 -128.98
C VAL H 3346 8.21 20.50 -128.49
N SER H 3347 8.55 19.21 -128.35
CA SER H 3347 9.91 18.84 -127.98
C SER H 3347 10.90 19.27 -129.06
N ARG H 3348 10.45 19.33 -130.31
CA ARG H 3348 11.37 19.68 -131.40
C ARG H 3348 11.60 21.19 -131.48
N ALA H 3349 10.66 21.98 -130.99
CA ALA H 3349 10.68 23.42 -131.21
C ALA H 3349 11.85 24.10 -130.50
N ARG H 3350 11.96 25.41 -130.72
CA ARG H 3350 13.03 26.19 -130.12
C ARG H 3350 12.49 27.18 -129.10
N PRO H 3351 13.29 27.58 -128.10
CA PRO H 3351 12.74 28.40 -127.00
C PRO H 3351 12.40 29.84 -127.39
N GLU H 3352 12.96 30.38 -128.46
CA GLU H 3352 12.71 31.78 -128.79
C GLU H 3352 11.23 32.02 -129.08
N LEU H 3353 10.59 31.10 -129.79
CA LEU H 3353 9.16 31.25 -130.06
C LEU H 3353 8.36 31.15 -128.77
N LEU H 3354 8.81 30.34 -127.83
CA LEU H 3354 8.17 30.33 -126.52
C LEU H 3354 8.25 31.71 -125.88
N HIS H 3355 9.41 32.35 -125.96
CA HIS H 3355 9.53 33.70 -125.43
C HIS H 3355 8.58 34.65 -126.15
N SER H 3356 8.48 34.50 -127.47
CA SER H 3356 7.62 35.39 -128.24
C SER H 3356 6.14 35.11 -128.01
N HIS H 3357 5.76 33.83 -128.00
CA HIS H 3357 4.35 33.44 -128.02
C HIS H 3357 3.93 32.73 -126.75
N PHE H 3358 4.65 31.67 -126.36
CA PHE H 3358 4.22 30.84 -125.24
C PHE H 3358 4.19 31.66 -123.96
N ILE H 3359 5.13 32.60 -123.81
CA ILE H 3359 5.10 33.49 -122.64
C ILE H 3359 3.82 34.33 -122.60
N PRO H 3360 3.42 35.02 -123.67
CA PRO H 3360 2.11 35.69 -123.63
C PRO H 3360 0.96 34.73 -123.37
N THR H 3361 1.04 33.50 -123.88
CA THR H 3361 -0.03 32.55 -123.59
C THR H 3361 -0.14 32.28 -122.10
N ILE H 3362 0.98 31.94 -121.45
CA ILE H 3362 0.96 31.70 -120.01
C ILE H 3362 0.48 32.94 -119.27
N GLY H 3363 0.88 34.12 -119.73
CA GLY H 3363 0.42 35.34 -119.10
C GLY H 3363 -1.10 35.48 -119.17
N ARG H 3364 -1.67 35.21 -120.34
CA ARG H 3364 -3.11 35.36 -120.50
C ARG H 3364 -3.87 34.32 -119.68
N LEU H 3365 -3.38 33.08 -119.65
CA LEU H 3365 -3.98 32.08 -118.78
C LEU H 3365 -3.85 32.49 -117.32
N ARG H 3366 -2.76 33.14 -116.96
CA ARG H 3366 -2.56 33.58 -115.58
C ARG H 3366 -3.57 34.64 -115.19
N LYS H 3367 -3.79 35.64 -116.04
CA LYS H 3367 -4.79 36.66 -115.72
C LYS H 3367 -6.20 36.07 -115.71
N ARG H 3368 -6.48 35.13 -116.61
CA ARG H 3368 -7.74 34.40 -116.54
C ARG H 3368 -7.91 33.73 -115.18
N ALA H 3369 -6.85 33.06 -114.72
CA ALA H 3369 -6.87 32.42 -113.41
C ALA H 3369 -7.11 33.43 -112.32
N GLY H 3370 -6.48 34.60 -112.42
CA GLY H 3370 -6.72 35.64 -111.45
C GLY H 3370 -8.19 36.02 -111.37
N LYS H 3371 -8.83 36.21 -112.51
CA LYS H 3371 -10.25 36.55 -112.49
C LYS H 3371 -11.09 35.45 -111.85
N VAL H 3372 -10.86 34.19 -112.25
CA VAL H 3372 -11.74 33.14 -111.75
C VAL H 3372 -11.54 32.93 -110.25
N VAL H 3373 -10.29 33.01 -109.78
CA VAL H 3373 -10.06 32.86 -108.35
C VAL H 3373 -10.60 34.06 -107.60
N ALA H 3374 -10.62 35.25 -108.22
CA ALA H 3374 -11.28 36.38 -107.59
C ALA H 3374 -12.76 36.12 -107.42
N GLU H 3375 -13.40 35.56 -108.44
CA GLU H 3375 -14.79 35.15 -108.31
C GLU H 3375 -14.96 34.14 -107.18
N GLU H 3376 -14.02 33.20 -107.07
CA GLU H 3376 -14.09 32.20 -106.00
C GLU H 3376 -13.99 32.85 -104.62
N GLU H 3377 -13.09 33.83 -104.47
CA GLU H 3377 -13.00 34.54 -103.20
C GLU H 3377 -14.28 35.29 -102.91
N GLN H 3378 -14.91 35.88 -103.92
CA GLN H 3378 -16.20 36.52 -103.70
C GLN H 3378 -17.24 35.51 -103.22
N LEU H 3379 -17.27 34.33 -103.85
CA LEU H 3379 -18.25 33.33 -103.47
C LEU H 3379 -18.06 32.88 -102.03
N ARG H 3380 -16.81 32.62 -101.63
CA ARG H 3380 -16.58 32.21 -100.25
C ARG H 3380 -16.76 33.38 -99.30
N LEU H 3381 -16.66 34.61 -99.82
CA LEU H 3381 -16.94 35.79 -99.02
C LEU H 3381 -18.42 35.86 -98.65
N GLU H 3382 -19.29 35.72 -99.63
CA GLU H 3382 -20.73 35.78 -99.39
C GLU H 3382 -21.30 34.37 -99.42
N ALA H 3383 -21.63 33.84 -98.24
CA ALA H 3383 -22.12 32.48 -98.10
C ALA H 3383 -23.63 32.52 -97.89
N LYS H 3384 -24.36 31.92 -98.83
CA LYS H 3384 -25.82 31.91 -98.78
C LYS H 3384 -26.30 30.94 -99.86
N ALA H 3385 -27.53 30.46 -99.70
CA ALA H 3385 -28.09 29.49 -100.64
C ALA H 3385 -28.04 30.01 -102.08
N GLU H 3386 -28.33 31.30 -102.28
CA GLU H 3386 -28.40 31.82 -103.64
C GLU H 3386 -27.01 31.88 -104.28
N ALA H 3387 -25.96 31.69 -103.49
CA ALA H 3387 -24.61 31.66 -104.07
C ALA H 3387 -24.39 30.36 -104.84
N GLU H 3388 -25.14 29.31 -104.51
CA GLU H 3388 -24.95 28.02 -105.17
C GLU H 3388 -25.26 28.12 -106.66
N GLU H 3389 -26.32 28.83 -107.03
CA GLU H 3389 -26.46 29.31 -108.39
C GLU H 3389 -25.37 30.34 -108.67
N GLY H 3390 -24.75 30.22 -109.85
CA GLY H 3390 -23.49 30.88 -110.09
C GLY H 3390 -22.29 30.10 -109.63
N GLU H 3391 -22.39 29.41 -108.48
CA GLU H 3391 -21.32 28.52 -108.07
C GLU H 3391 -21.13 27.40 -109.07
N LEU H 3392 -22.22 26.82 -109.57
CA LEU H 3392 -22.10 25.78 -110.59
C LEU H 3392 -21.54 26.34 -111.88
N LEU H 3393 -21.88 27.57 -112.23
CA LEU H 3393 -21.39 28.17 -113.47
C LEU H 3393 -19.89 28.42 -113.39
N VAL H 3394 -19.43 29.00 -112.28
CA VAL H 3394 -18.00 29.19 -112.12
C VAL H 3394 -17.29 27.84 -111.98
N ARG H 3395 -18.00 26.84 -111.48
CA ARG H 3395 -17.41 25.49 -111.44
C ARG H 3395 -17.22 24.94 -112.85
N ASP H 3396 -18.19 25.15 -113.73
CA ASP H 3396 -18.02 24.75 -115.11
C ASP H 3396 -16.89 25.53 -115.78
N GLU H 3397 -16.78 26.81 -115.47
CA GLU H 3397 -15.68 27.62 -115.98
C GLU H 3397 -14.34 27.07 -115.51
N PHE H 3398 -14.26 26.70 -114.23
CA PHE H 3398 -13.03 26.10 -113.72
C PHE H 3398 -12.75 24.78 -114.40
N SER H 3399 -13.79 24.00 -114.70
CA SER H 3399 -13.59 22.75 -115.41
C SER H 3399 -13.01 22.99 -116.79
N VAL H 3400 -13.53 23.98 -117.52
CA VAL H 3400 -13.05 24.22 -118.88
C VAL H 3400 -11.63 24.77 -118.86
N LEU H 3401 -11.31 25.61 -117.86
CA LEU H 3401 -9.96 26.13 -117.83
C LEU H 3401 -8.99 25.08 -117.33
N CYS H 3402 -9.46 24.14 -116.51
CA CYS H 3402 -8.66 22.96 -116.19
C CYS H 3402 -8.39 22.15 -117.44
N ARG H 3403 -9.40 22.02 -118.30
CA ARG H 3403 -9.20 21.37 -119.59
C ARG H 3403 -8.09 22.08 -120.37
N ASP H 3404 -8.17 23.40 -120.46
CA ASP H 3404 -7.17 24.15 -121.23
C ASP H 3404 -5.77 23.97 -120.64
N LEU H 3405 -5.63 24.16 -119.33
CA LEU H 3405 -4.33 24.03 -118.70
C LEU H 3405 -3.79 22.62 -118.80
N TYR H 3406 -4.65 21.62 -118.63
CA TYR H 3406 -4.20 20.23 -118.71
C TYR H 3406 -3.73 19.90 -120.12
N ALA H 3407 -4.42 20.41 -121.13
CA ALA H 3407 -3.93 20.25 -122.49
C ALA H 3407 -2.58 20.92 -122.68
N LEU H 3408 -2.43 22.12 -122.14
CA LEU H 3408 -1.17 22.85 -122.28
C LEU H 3408 -0.05 22.19 -121.47
N TYR H 3409 -0.41 21.40 -120.46
CA TYR H 3409 0.58 20.96 -119.48
C TYR H 3409 1.67 20.05 -120.03
N PRO H 3410 1.39 18.92 -120.69
CA PRO H 3410 2.48 17.98 -120.97
C PRO H 3410 3.50 18.51 -121.96
N LEU H 3411 3.03 19.15 -123.03
CA LEU H 3411 3.96 19.71 -124.01
C LEU H 3411 4.79 20.81 -123.37
N LEU H 3412 4.17 21.66 -122.56
CA LEU H 3412 4.93 22.68 -121.85
C LEU H 3412 5.94 22.03 -120.91
N ILE H 3413 5.60 20.85 -120.36
CA ILE H 3413 6.50 20.19 -119.43
C ILE H 3413 7.75 19.70 -120.16
N ARG H 3414 7.56 19.03 -121.30
CA ARG H 3414 8.73 18.63 -122.09
C ARG H 3414 9.55 19.85 -122.46
N TYR H 3415 8.85 20.91 -122.87
CA TYR H 3415 9.51 22.10 -123.40
C TYR H 3415 10.33 22.76 -122.30
N VAL H 3416 9.81 22.77 -121.07
CA VAL H 3416 10.55 23.35 -119.98
C VAL H 3416 11.60 22.38 -119.47
N ASP H 3417 11.52 21.10 -119.84
CA ASP H 3417 12.66 20.23 -119.57
C ASP H 3417 13.89 20.66 -120.37
N ASN H 3418 13.73 20.81 -121.70
CA ASN H 3418 14.88 21.28 -122.45
C ASN H 3418 15.25 22.70 -122.02
N ASN H 3419 14.24 23.55 -121.81
CA ASN H 3419 14.52 24.91 -121.35
C ASN H 3419 15.21 24.91 -120.01
N ARG H 3420 14.90 23.94 -119.15
CA ARG H 3420 15.58 23.81 -117.87
C ARG H 3420 17.05 23.52 -118.08
N ALA H 3421 17.35 22.62 -119.03
CA ALA H 3421 18.75 22.41 -119.38
C ALA H 3421 19.42 23.72 -119.77
N HIS H 3422 18.82 24.45 -120.70
CA HIS H 3422 19.49 25.66 -121.19
CA HIS H 3422 19.45 25.67 -121.21
C HIS H 3422 19.38 26.80 -120.19
N TRP H 3423 18.56 26.65 -119.15
CA TRP H 3423 18.42 27.70 -118.15
C TRP H 3423 19.41 27.49 -117.02
N LEU H 3424 19.63 26.23 -116.64
CA LEU H 3424 20.78 25.92 -115.81
C LEU H 3424 22.06 26.29 -116.55
N THR H 3425 22.04 26.23 -117.88
CA THR H 3425 23.10 26.85 -118.66
C THR H 3425 23.14 28.36 -118.42
N GLU H 3426 22.00 29.03 -118.59
CA GLU H 3426 21.88 30.46 -118.35
C GLU H 3426 20.43 30.81 -118.06
N PRO H 3427 20.14 31.30 -116.85
CA PRO H 3427 18.74 31.56 -116.47
C PRO H 3427 18.13 32.69 -117.29
N ASN H 3428 16.81 32.64 -117.44
CA ASN H 3428 16.05 33.65 -118.16
C ASN H 3428 15.10 34.34 -117.18
N ALA H 3429 15.12 35.67 -117.18
CA ALA H 3429 14.23 36.43 -116.31
C ALA H 3429 12.77 36.25 -116.73
N ASN H 3430 12.52 36.18 -118.03
CA ASN H 3430 11.16 35.89 -118.49
C ASN H 3430 10.71 34.51 -118.02
N ALA H 3431 11.61 33.53 -118.08
CA ALA H 3431 11.33 32.22 -117.52
C ALA H 3431 11.01 32.33 -116.04
N GLU H 3432 11.75 33.17 -115.32
CA GLU H 3432 11.47 33.40 -113.91
C GLU H 3432 10.06 33.90 -113.72
N GLU H 3433 9.66 34.87 -114.53
CA GLU H 3433 8.30 35.43 -114.42
C GLU H 3433 7.26 34.37 -114.69
N LEU H 3434 7.47 33.55 -115.74
CA LEU H 3434 6.56 32.43 -115.98
C LEU H 3434 6.46 31.54 -114.76
N PHE H 3435 7.60 31.21 -114.16
CA PHE H 3435 7.60 30.36 -112.98
C PHE H 3435 6.76 30.97 -111.87
N ARG H 3436 6.96 32.26 -111.57
CA ARG H 3436 6.21 32.88 -110.50
C ARG H 3436 4.72 32.84 -110.78
N MET H 3437 4.32 33.16 -112.01
CA MET H 3437 2.89 33.29 -112.29
C MET H 3437 2.20 31.93 -112.33
N VAL H 3438 2.85 30.92 -112.89
CA VAL H 3438 2.23 29.59 -112.89
C VAL H 3438 2.19 29.04 -111.47
N GLY H 3439 3.23 29.29 -110.68
CA GLY H 3439 3.20 28.88 -109.30
C GLY H 3439 2.10 29.57 -108.52
N GLU H 3440 1.85 30.85 -108.84
CA GLU H 3440 0.74 31.56 -108.22
C GLU H 3440 -0.59 30.92 -108.61
N ILE H 3441 -0.72 30.52 -109.88
CA ILE H 3441 -1.90 29.78 -110.30
C ILE H 3441 -2.07 28.53 -109.44
N PHE H 3442 -0.97 27.82 -109.21
CA PHE H 3442 -1.02 26.62 -108.37
C PHE H 3442 -1.43 26.97 -106.94
N ILE H 3443 -0.89 28.07 -106.40
CA ILE H 3443 -1.27 28.47 -105.05
C ILE H 3443 -2.75 28.74 -104.98
N TYR H 3444 -3.30 29.41 -105.99
CA TYR H 3444 -4.73 29.65 -106.03
C TYR H 3444 -5.50 28.34 -106.06
N TRP H 3445 -5.05 27.40 -106.90
CA TRP H 3445 -5.77 26.14 -107.03
C TRP H 3445 -5.76 25.34 -105.73
N SER H 3446 -4.58 25.22 -105.12
CA SER H 3446 -4.47 24.49 -103.86
C SER H 3446 -5.23 25.20 -102.76
N LYS H 3447 -5.27 26.53 -102.81
CA LYS H 3447 -6.04 27.30 -101.84
C LYS H 3447 -7.52 26.98 -101.93
N SER H 3448 -8.04 26.94 -103.15
CA SER H 3448 -9.45 26.68 -103.39
C SER H 3448 -9.67 25.18 -103.47
N HIS H 3449 -10.03 24.57 -102.32
CA HIS H 3449 -10.33 23.16 -102.31
C HIS H 3449 -11.44 22.83 -103.30
N ASN H 3450 -12.39 23.76 -103.48
CA ASN H 3450 -13.42 23.54 -104.50
C ASN H 3450 -12.79 23.46 -105.88
N PHE H 3451 -11.82 24.34 -106.17
CA PHE H 3451 -11.14 24.29 -107.45
C PHE H 3451 -10.46 22.93 -107.63
N LYS H 3452 -9.90 22.41 -106.55
CA LYS H 3452 -9.30 21.07 -106.60
C LYS H 3452 -10.35 20.01 -106.95
N ARG H 3453 -11.53 20.09 -106.31
CA ARG H 3453 -12.56 19.10 -106.61
C ARG H 3453 -13.04 19.21 -108.05
N GLU H 3454 -13.28 20.43 -108.53
CA GLU H 3454 -13.66 20.58 -109.93
C GLU H 3454 -12.58 20.09 -110.87
N GLU H 3455 -11.31 20.23 -110.47
CA GLU H 3455 -10.24 19.71 -111.33
C GLU H 3455 -10.29 18.18 -111.41
N GLN H 3456 -10.47 17.51 -110.27
CA GLN H 3456 -10.53 16.05 -110.33
C GLN H 3456 -11.81 15.58 -111.02
N ASN H 3457 -12.91 16.33 -110.86
CA ASN H 3457 -14.13 16.00 -111.59
C ASN H 3457 -13.93 16.19 -113.09
N PHE H 3458 -13.17 17.21 -113.48
CA PHE H 3458 -12.79 17.36 -114.87
C PHE H 3458 -12.03 16.13 -115.35
N VAL H 3459 -11.10 15.65 -114.53
CA VAL H 3459 -10.36 14.44 -114.89
C VAL H 3459 -11.32 13.28 -115.12
N VAL H 3460 -12.26 13.08 -114.20
CA VAL H 3460 -13.13 11.91 -114.29
C VAL H 3460 -14.10 12.04 -115.47
N GLN H 3461 -14.59 13.25 -115.75
CA GLN H 3461 -15.54 13.38 -116.85
C GLN H 3461 -14.83 13.29 -118.19
N ASN H 3462 -13.56 13.71 -118.24
CA ASN H 3462 -12.74 13.41 -119.41
C ASN H 3462 -12.46 11.92 -119.48
N GLU H 3463 -12.55 11.23 -118.35
CA GLU H 3463 -12.25 9.81 -118.19
C GLU H 3463 -10.80 9.54 -118.53
N ILE H 3464 -9.97 10.60 -118.58
CA ILE H 3464 -8.54 10.40 -118.77
C ILE H 3464 -7.97 9.64 -117.59
N ASN H 3465 -7.32 8.52 -117.89
CA ASN H 3465 -6.77 7.68 -116.82
C ASN H 3465 -5.59 8.37 -116.15
N ASN H 3466 -5.11 9.47 -116.73
CA ASN H 3466 -3.98 10.26 -116.26
C ASN H 3466 -2.68 9.47 -116.43
N MET H 3467 -2.81 8.22 -116.89
CA MET H 3467 -1.63 7.44 -117.25
C MET H 3467 -1.05 7.96 -118.56
N SER H 3468 -1.86 8.63 -119.36
CA SER H 3468 -1.42 9.10 -120.68
C SER H 3468 -0.27 10.10 -120.56
N PHE H 3469 -0.39 11.06 -119.66
CA PHE H 3469 0.66 12.07 -119.52
C PHE H 3469 1.93 11.47 -118.93
N LEU H 3470 1.78 10.51 -118.02
CA LEU H 3470 2.94 9.83 -117.47
C LEU H 3470 3.66 9.02 -118.55
N THR H 3471 2.91 8.33 -119.39
CA THR H 3471 3.51 7.60 -120.51
C THR H 3471 4.17 8.55 -121.49
N ALA H 3472 3.57 9.72 -121.72
CA ALA H 3472 4.19 10.71 -122.58
C ALA H 3472 5.51 11.19 -121.99
N ASP H 3473 5.54 11.43 -120.67
CA ASP H 3473 6.77 11.83 -120.01
C ASP H 3473 7.84 10.74 -120.13
N SER H 3474 7.44 9.48 -119.97
CA SER H 3474 8.40 8.38 -120.09
C SER H 3474 8.94 8.28 -121.52
N LYS H 3475 8.06 8.37 -122.51
CA LYS H 3475 8.49 8.24 -123.90
C LYS H 3475 9.31 9.45 -124.34
N SER H 3476 9.16 10.57 -123.63
CA SER H 3476 10.00 11.72 -123.91
C SER H 3476 11.31 11.65 -123.15
N LYS H 3477 11.35 10.86 -122.09
CA LYS H 3477 12.61 10.59 -121.40
C LYS H 3477 13.21 9.27 -121.84
N MET H 3478 12.62 8.63 -122.85
CA MET H 3478 13.03 7.32 -123.37
C MET H 3478 13.20 6.29 -122.26
N ALA H 3479 12.19 6.11 -121.42
CA ALA H 3479 12.22 5.14 -120.33
C ALA H 3479 12.49 3.73 -120.84
N ARG H 3498 -7.47 2.29 -107.88
CA ARG H 3498 -8.62 3.17 -108.07
C ARG H 3498 -8.19 4.63 -108.11
N ARG H 3499 -8.75 5.43 -107.19
CA ARG H 3499 -8.42 6.85 -107.14
C ARG H 3499 -6.97 7.07 -106.71
N GLY H 3500 -6.50 6.28 -105.74
CA GLY H 3500 -5.14 6.45 -105.26
C GLY H 3500 -4.10 6.00 -106.26
N ASP H 3501 -4.53 5.40 -107.37
CA ASP H 3501 -3.59 4.94 -108.37
C ASP H 3501 -3.70 5.77 -109.65
N ARG H 3502 -4.93 6.10 -110.06
CA ARG H 3502 -5.11 6.79 -111.33
C ARG H 3502 -4.76 8.27 -111.23
N TYR H 3503 -5.48 9.03 -110.40
CA TYR H 3503 -5.28 10.46 -110.28
C TYR H 3503 -4.80 10.76 -108.87
N SER H 3504 -3.61 11.34 -108.76
CA SER H 3504 -3.04 11.68 -107.46
C SER H 3504 -2.22 12.95 -107.62
N VAL H 3505 -1.64 13.41 -106.51
CA VAL H 3505 -0.82 14.61 -106.53
C VAL H 3505 0.37 14.41 -107.45
N GLN H 3506 1.06 13.27 -107.32
CA GLN H 3506 2.17 12.99 -108.22
C GLN H 3506 1.68 12.82 -109.65
N THR H 3507 0.43 12.37 -109.82
CA THR H 3507 -0.12 12.23 -111.16
C THR H 3507 -0.70 13.55 -111.66
N SER H 3508 -1.03 14.46 -110.74
CA SER H 3508 -1.60 15.74 -111.12
C SER H 3508 -0.59 16.54 -111.95
N LEU H 3509 -1.02 16.94 -113.15
CA LEU H 3509 -0.07 17.53 -114.10
C LEU H 3509 0.40 18.90 -113.63
N ILE H 3510 -0.47 19.66 -112.96
CA ILE H 3510 -0.02 20.92 -112.40
C ILE H 3510 1.08 20.68 -111.38
N VAL H 3511 0.93 19.65 -110.54
CA VAL H 3511 1.94 19.36 -109.53
C VAL H 3511 3.23 18.88 -110.17
N ALA H 3512 3.13 18.10 -111.25
CA ALA H 3512 4.33 17.71 -111.98
C ALA H 3512 5.03 18.94 -112.53
N THR H 3513 4.26 19.88 -113.09
CA THR H 3513 4.85 21.12 -113.59
C THR H 3513 5.52 21.87 -112.45
N LEU H 3514 4.95 21.80 -111.25
CA LEU H 3514 5.61 22.38 -110.08
C LEU H 3514 6.94 21.71 -109.82
N LYS H 3515 6.97 20.38 -109.90
CA LYS H 3515 8.23 19.67 -109.76
C LYS H 3515 9.24 20.16 -110.78
N LYS H 3516 8.76 20.58 -111.95
CA LYS H 3516 9.67 21.08 -112.97
C LYS H 3516 10.14 22.50 -112.67
N MET H 3517 9.25 23.36 -112.14
CA MET H 3517 9.65 24.74 -111.91
C MET H 3517 10.51 24.84 -110.65
N LEU H 3518 10.46 23.81 -109.80
CA LEU H 3518 11.21 23.89 -108.54
C LEU H 3518 12.68 24.24 -108.76
N PRO H 3519 13.39 23.66 -109.74
CA PRO H 3519 14.71 24.21 -110.07
C PRO H 3519 14.66 25.68 -110.46
N ILE H 3520 13.62 26.08 -111.20
CA ILE H 3520 13.57 27.43 -111.76
C ILE H 3520 13.56 28.47 -110.64
N GLY H 3521 13.03 28.12 -109.47
CA GLY H 3521 13.12 29.03 -108.35
C GLY H 3521 14.34 28.76 -107.50
N LEU H 3522 14.63 27.49 -107.23
CA LEU H 3522 15.65 27.14 -106.25
C LEU H 3522 17.02 27.60 -106.71
N ASN H 3523 17.24 27.69 -108.03
CA ASN H 3523 18.52 28.17 -108.53
C ASN H 3523 18.75 29.62 -108.12
N MET H 3524 17.73 30.47 -108.25
CA MET H 3524 17.92 31.87 -107.91
C MET H 3524 17.82 32.11 -106.41
N CYS H 3525 17.21 31.16 -105.67
CA CYS H 3525 17.26 31.26 -104.21
C CYS H 3525 18.71 31.33 -103.74
N ALA H 3526 18.99 32.33 -102.89
CA ALA H 3526 20.33 32.52 -102.41
C ALA H 3526 20.60 31.63 -101.21
N PRO H 3527 21.71 30.87 -101.23
CA PRO H 3527 22.10 30.15 -100.01
C PRO H 3527 22.29 31.06 -98.82
N THR H 3528 22.77 32.29 -99.04
CA THR H 3528 22.73 33.28 -97.98
C THR H 3528 21.31 33.48 -97.48
N ASP H 3529 20.36 33.56 -98.41
CA ASP H 3529 18.96 33.67 -98.03
C ASP H 3529 18.48 32.39 -97.36
N GLN H 3530 19.05 31.23 -97.75
CA GLN H 3530 18.37 29.96 -97.54
C GLN H 3530 17.89 29.77 -96.10
N ASP H 3531 18.70 30.17 -95.11
CA ASP H 3531 18.22 30.08 -93.74
C ASP H 3531 16.96 30.93 -93.55
N LEU H 3532 16.99 32.16 -94.06
CA LEU H 3532 15.82 33.01 -94.02
C LEU H 3532 14.69 32.43 -94.86
N ILE H 3533 15.02 31.55 -95.82
CA ILE H 3533 13.99 30.94 -96.65
C ILE H 3533 13.25 29.86 -95.87
N MET H 3534 13.98 29.03 -95.12
CA MET H 3534 13.31 28.14 -94.17
C MET H 3534 12.50 28.94 -93.16
N LEU H 3535 13.04 30.05 -92.67
CA LEU H 3535 12.28 30.85 -91.73
C LEU H 3535 11.00 31.41 -92.37
N ALA H 3536 11.09 31.79 -93.64
CA ALA H 3536 9.91 32.26 -94.36
C ALA H 3536 8.94 31.11 -94.60
N LYS H 3537 9.44 29.89 -94.74
CA LYS H 3537 8.56 28.74 -94.80
C LYS H 3537 7.78 28.60 -93.51
N THR H 3538 8.45 28.78 -92.37
CA THR H 3538 7.75 28.80 -91.09
C THR H 3538 6.72 29.93 -91.05
N ARG H 3539 7.09 31.09 -91.57
CA ARG H 3539 6.19 32.24 -91.59
C ARG H 3539 4.94 31.93 -92.42
N TYR H 3540 5.12 31.30 -93.57
CA TYR H 3540 3.98 30.93 -94.40
C TYR H 3540 3.17 29.81 -93.75
N ALA H 3541 3.83 28.98 -92.96
CA ALA H 3541 3.10 28.01 -92.14
C ALA H 3541 2.27 28.72 -91.08
N LEU H 3542 2.71 29.92 -90.68
CA LEU H 3542 1.86 30.75 -89.83
C LEU H 3542 0.66 31.28 -90.59
N LYS H 3543 0.63 31.08 -91.90
CA LYS H 3543 -0.46 31.42 -92.81
C LYS H 3543 -0.60 32.93 -92.94
N ASP H 3544 0.45 33.69 -92.66
CA ASP H 3544 0.38 35.13 -92.79
C ASP H 3544 0.36 35.53 -94.26
N THR H 3545 -0.26 36.67 -94.53
CA THR H 3545 -0.35 37.15 -95.90
C THR H 3545 1.03 37.51 -96.43
N ASP H 3546 1.12 37.63 -97.76
CA ASP H 3546 2.40 37.90 -98.39
C ASP H 3546 2.94 39.27 -98.00
N GLU H 3547 2.05 40.24 -97.77
CA GLU H 3547 2.52 41.54 -97.29
C GLU H 3547 3.05 41.44 -95.86
N GLU H 3548 2.41 40.61 -95.03
CA GLU H 3548 2.96 40.37 -93.71
C GLU H 3548 4.32 39.68 -93.81
N VAL H 3549 4.48 38.79 -94.79
CA VAL H 3549 5.77 38.20 -95.05
C VAL H 3549 6.78 39.27 -95.45
N ARG H 3550 6.33 40.23 -96.25
CA ARG H 3550 7.19 41.34 -96.65
C ARG H 3550 7.67 42.11 -95.43
N GLU H 3551 6.76 42.42 -94.52
CA GLU H 3551 7.13 43.14 -93.30
C GLU H 3551 8.07 42.30 -92.45
N PHE H 3552 7.79 41.00 -92.35
CA PHE H 3552 8.68 40.11 -91.62
C PHE H 3552 10.07 40.13 -92.22
N LEU H 3553 10.15 40.24 -93.55
CA LEU H 3553 11.44 40.37 -94.20
C LEU H 3553 12.10 41.69 -93.87
N GLN H 3554 11.31 42.77 -93.86
CA GLN H 3554 11.87 44.09 -93.57
C GLN H 3554 12.49 44.12 -92.19
N ASN H 3555 11.80 43.53 -91.20
CA ASN H 3555 12.44 43.34 -89.90
C ASN H 3555 13.62 42.38 -90.00
N ASN H 3556 13.49 41.35 -90.82
CA ASN H 3556 14.55 40.36 -90.97
C ASN H 3556 15.65 40.84 -91.91
N LEU H 3557 15.55 42.07 -92.40
CA LEU H 3557 16.61 42.60 -93.25
C LEU H 3557 17.94 42.68 -92.51
N HIS H 3558 17.93 42.36 -91.21
CA HIS H 3558 19.14 42.39 -90.42
C HIS H 3558 19.52 40.99 -89.96
N LEU H 3559 18.56 40.07 -89.99
CA LEU H 3559 18.78 38.71 -89.49
C LEU H 3559 18.70 37.65 -90.58
N GLN H 3560 19.00 38.01 -91.82
CA GLN H 3560 19.00 37.02 -92.89
C GLN H 3560 20.09 35.99 -92.64
N GLY H 3561 19.96 34.83 -93.29
CA GLY H 3561 20.93 33.77 -93.09
C GLY H 3561 22.32 34.18 -93.54
N LYS H 3562 23.32 33.54 -92.92
CA LYS H 3562 24.71 33.85 -93.19
C LYS H 3562 25.33 32.71 -93.98
N VAL H 3563 26.51 32.97 -94.53
CA VAL H 3563 27.13 32.02 -95.46
C VAL H 3563 28.40 31.44 -94.86
N GLU H 3564 29.00 32.13 -93.90
CA GLU H 3564 30.19 31.62 -93.22
C GLU H 3564 29.87 30.37 -92.41
N GLY H 3565 28.58 30.11 -92.19
CA GLY H 3565 28.20 29.02 -91.31
C GLY H 3565 28.68 27.66 -91.79
N SER H 3566 28.53 27.38 -93.09
CA SER H 3566 28.83 26.05 -93.57
C SER H 3566 29.70 26.08 -94.81
N PRO H 3567 30.64 25.14 -94.95
CA PRO H 3567 31.40 25.04 -96.20
C PRO H 3567 30.51 24.75 -97.40
N SER H 3568 29.40 24.04 -97.18
CA SER H 3568 28.41 23.87 -98.23
C SER H 3568 28.02 25.22 -98.80
N LEU H 3569 27.76 26.19 -97.93
CA LEU H 3569 27.43 27.53 -98.39
C LEU H 3569 28.60 28.18 -99.10
N ARG H 3570 29.83 27.89 -98.67
CA ARG H 3570 31.00 28.42 -99.34
C ARG H 3570 31.02 28.00 -100.80
N TRP H 3571 30.91 26.70 -101.07
CA TRP H 3571 30.89 26.27 -102.46
C TRP H 3571 29.62 26.74 -103.16
N GLN H 3572 28.53 26.90 -102.40
CA GLN H 3572 27.29 27.35 -103.00
C GLN H 3572 27.43 28.73 -103.60
N MET H 3573 28.02 29.67 -102.85
CA MET H 3573 28.31 30.98 -103.43
C MET H 3573 29.43 30.91 -104.46
N ALA H 3574 30.36 29.98 -104.29
CA ALA H 3574 31.38 29.81 -105.31
C ALA H 3574 30.74 29.58 -106.67
N LEU H 3575 29.77 28.67 -106.73
CA LEU H 3575 29.05 28.44 -107.98
C LEU H 3575 28.08 29.57 -108.27
N TYR H 3576 27.59 30.25 -107.24
CA TYR H 3576 26.64 31.34 -107.45
C TYR H 3576 27.29 32.46 -108.25
N ARG H 3577 28.46 32.94 -107.82
CA ARG H 3577 29.20 33.86 -108.66
C ARG H 3577 29.68 33.17 -109.92
N GLY H 3578 30.01 31.88 -109.82
CA GLY H 3578 30.41 31.13 -110.99
C GLY H 3578 29.34 31.13 -112.06
N LEU H 3579 28.07 31.22 -111.65
CA LEU H 3579 27.02 31.40 -112.62
C LEU H 3579 27.12 32.82 -113.17
N PRO H 3580 27.36 32.98 -114.47
CA PRO H 3580 27.62 34.33 -115.00
C PRO H 3580 26.46 35.30 -114.84
N GLY H 3581 25.22 34.79 -114.92
CA GLY H 3581 24.08 35.67 -114.84
C GLY H 3581 23.83 36.20 -113.44
N ARG H 3582 24.48 35.60 -112.44
CA ARG H 3582 24.31 35.99 -111.06
C ARG H 3582 25.35 37.06 -110.70
N GLU H 3583 24.87 38.22 -110.28
CA GLU H 3583 25.73 39.30 -109.79
C GLU H 3583 25.15 39.84 -108.49
N GLU H 3584 25.93 39.73 -107.41
CA GLU H 3584 25.48 40.27 -106.12
C GLU H 3584 25.29 41.78 -106.20
N ASP H 3585 26.09 42.44 -107.05
CA ASP H 3585 25.88 43.86 -107.31
C ASP H 3585 24.50 44.10 -107.93
N ALA H 3586 24.12 43.27 -108.90
CA ALA H 3586 22.80 43.39 -109.51
C ALA H 3586 21.70 43.08 -108.51
N ASP H 3587 22.00 42.24 -107.52
CA ASP H 3587 21.00 41.91 -106.50
C ASP H 3587 20.60 43.15 -105.71
N ASP H 3588 19.31 43.29 -105.47
CA ASP H 3588 18.75 44.43 -104.77
C ASP H 3588 17.90 43.94 -103.59
N PRO H 3589 17.80 44.73 -102.51
CA PRO H 3589 17.01 44.27 -101.35
C PRO H 3589 15.54 44.03 -101.69
N GLU H 3590 14.92 44.94 -102.42
CA GLU H 3590 13.50 44.79 -102.72
C GLU H 3590 13.25 43.58 -103.61
N LYS H 3591 14.06 43.43 -104.65
CA LYS H 3591 13.91 42.27 -105.52
C LYS H 3591 14.15 40.98 -104.74
N ILE H 3592 15.17 40.98 -103.87
CA ILE H 3592 15.54 39.74 -103.21
C ILE H 3592 14.47 39.35 -102.21
N VAL H 3593 13.89 40.33 -101.49
CA VAL H 3593 12.80 39.99 -100.58
C VAL H 3593 11.57 39.57 -101.35
N ARG H 3594 11.35 40.12 -102.55
CA ARG H 3594 10.22 39.69 -103.35
C ARG H 3594 10.36 38.23 -103.73
N ARG H 3595 11.56 37.84 -104.19
CA ARG H 3595 11.76 36.45 -104.55
C ARG H 3595 11.68 35.55 -103.32
N VAL H 3596 12.21 36.01 -102.18
CA VAL H 3596 11.95 35.31 -100.93
C VAL H 3596 10.47 35.03 -100.78
N GLN H 3597 9.63 36.06 -100.84
CA GLN H 3597 8.25 35.88 -100.43
C GLN H 3597 7.51 34.93 -101.36
N GLU H 3598 7.59 35.13 -102.69
CA GLU H 3598 6.72 34.29 -103.50
C GLU H 3598 7.31 32.89 -103.64
N VAL H 3599 8.64 32.78 -103.67
CA VAL H 3599 9.23 31.44 -103.74
C VAL H 3599 8.95 30.67 -102.46
N SER H 3600 8.95 31.36 -101.32
CA SER H 3600 8.66 30.68 -100.06
C SER H 3600 7.20 30.26 -99.99
N ALA H 3601 6.29 31.10 -100.48
CA ALA H 3601 4.90 30.68 -100.54
C ALA H 3601 4.75 29.46 -101.44
N VAL H 3602 5.42 29.47 -102.59
CA VAL H 3602 5.39 28.34 -103.50
C VAL H 3602 5.92 27.10 -102.80
N LEU H 3603 7.04 27.23 -102.10
CA LEU H 3603 7.65 26.09 -101.42
C LEU H 3603 6.74 25.55 -100.33
N TYR H 3604 6.11 26.43 -99.58
CA TYR H 3604 5.19 25.99 -98.54
C TYR H 3604 4.03 25.21 -99.13
N HIS H 3605 3.44 25.73 -100.19
CA HIS H 3605 2.36 25.00 -100.87
C HIS H 3605 2.87 23.67 -101.42
N LEU H 3606 4.13 23.64 -101.88
CA LEU H 3606 4.70 22.39 -102.35
C LEU H 3606 4.81 21.39 -101.21
N GLU H 3607 5.15 21.85 -100.01
CA GLU H 3607 5.12 20.94 -98.87
C GLU H 3607 3.72 20.39 -98.65
N GLN H 3608 2.73 21.28 -98.65
CA GLN H 3608 1.35 20.82 -98.42
C GLN H 3608 0.93 19.79 -99.46
N THR H 3609 1.38 19.95 -100.69
CA THR H 3609 1.06 18.97 -101.72
C THR H 3609 1.88 17.69 -101.56
N GLU H 3610 3.17 17.83 -101.24
CA GLU H 3610 4.06 16.69 -101.12
C GLU H 3610 3.60 15.74 -100.02
N HIS H 3611 3.15 16.30 -98.90
CA HIS H 3611 2.55 15.52 -97.82
C HIS H 3611 1.06 15.85 -97.80
N PRO H 3612 0.28 15.26 -98.70
CA PRO H 3612 -1.15 15.59 -98.72
C PRO H 3612 -1.94 14.81 -97.68
N TYR H 3613 -1.31 13.81 -97.06
CA TYR H 3613 -1.98 12.95 -96.08
C TYR H 3613 -3.23 12.30 -96.69
N LYS H 3614 -3.05 11.68 -97.86
CA LYS H 3614 -4.17 11.07 -98.56
C LYS H 3614 -4.82 9.97 -97.72
N SER H 3615 -4.00 9.17 -97.03
CA SER H 3615 -4.54 8.19 -96.09
C SER H 3615 -4.87 8.87 -94.78
N LYS H 3616 -6.00 8.48 -94.19
CA LYS H 3616 -6.51 8.95 -92.91
C LYS H 3616 -6.70 10.46 -92.99
N LYS H 3617 -7.53 10.94 -93.92
CA LYS H 3617 -7.94 12.33 -93.92
C LYS H 3617 -9.45 12.45 -93.67
N ALA H 3618 -10.20 11.41 -94.01
CA ALA H 3618 -11.63 11.31 -93.73
C ALA H 3618 -11.93 9.81 -93.64
N VAL H 3619 -12.04 9.31 -92.40
CA VAL H 3619 -12.04 7.87 -92.19
C VAL H 3619 -13.35 7.26 -92.65
N TRP H 3620 -13.29 6.02 -93.12
CA TRP H 3620 -14.47 5.22 -93.45
C TRP H 3620 -14.16 3.77 -93.08
N HIS H 3621 -14.80 3.30 -92.00
CA HIS H 3621 -14.53 1.95 -91.52
C HIS H 3621 -15.48 0.94 -92.15
N LYS H 3622 -16.77 1.29 -92.23
CA LYS H 3622 -17.80 0.42 -92.80
C LYS H 3622 -17.83 -0.94 -92.09
N LEU H 3623 -17.67 -0.92 -90.76
CA LEU H 3623 -17.85 -2.13 -89.98
C LEU H 3623 -19.31 -2.28 -89.56
N LEU H 3624 -20.03 -1.16 -89.46
CA LEU H 3624 -21.47 -1.22 -89.27
C LEU H 3624 -22.19 -1.57 -90.56
N SER H 3625 -21.56 -1.29 -91.70
CA SER H 3625 -22.23 -1.45 -92.99
C SER H 3625 -22.48 -2.91 -93.33
N LYS H 3626 -21.60 -3.81 -92.87
CA LYS H 3626 -21.78 -5.22 -93.18
C LYS H 3626 -23.02 -5.79 -92.51
N GLN H 3627 -23.26 -5.45 -91.25
CA GLN H 3627 -24.48 -5.88 -90.59
C GLN H 3627 -25.66 -5.01 -91.01
N ARG H 3628 -25.38 -3.81 -91.53
CA ARG H 3628 -26.43 -2.93 -92.01
C ARG H 3628 -27.00 -3.44 -93.34
N ARG H 3629 -26.18 -4.17 -94.10
CA ARG H 3629 -26.72 -4.89 -95.25
C ARG H 3629 -27.77 -5.91 -94.80
N ARG H 3630 -27.47 -6.65 -93.73
CA ARG H 3630 -28.47 -7.54 -93.17
C ARG H 3630 -29.67 -6.75 -92.65
N ALA H 3631 -29.42 -5.55 -92.12
CA ALA H 3631 -30.50 -4.72 -91.62
C ALA H 3631 -31.45 -4.30 -92.75
N VAL H 3632 -30.90 -3.89 -93.90
CA VAL H 3632 -31.75 -3.48 -95.00
C VAL H 3632 -32.44 -4.68 -95.62
N VAL H 3633 -31.78 -5.84 -95.61
CA VAL H 3633 -32.46 -7.06 -96.04
C VAL H 3633 -33.65 -7.36 -95.13
N ALA H 3634 -33.49 -7.14 -93.82
CA ALA H 3634 -34.57 -7.40 -92.89
C ALA H 3634 -35.58 -6.26 -92.88
N CYS H 3635 -35.23 -5.12 -93.50
CA CYS H 3635 -36.16 -4.00 -93.56
C CYS H 3635 -37.03 -4.08 -94.81
N PHE H 3636 -36.45 -4.50 -95.93
CA PHE H 3636 -37.28 -4.90 -97.07
C PHE H 3636 -38.07 -6.15 -96.71
N ARG H 3637 -37.47 -7.03 -95.90
CA ARG H 3637 -38.19 -8.17 -95.36
C ARG H 3637 -39.16 -7.74 -94.26
N MET H 3638 -38.89 -6.59 -93.63
CA MET H 3638 -39.82 -6.04 -92.67
C MET H 3638 -41.19 -5.89 -93.33
N THR H 3639 -42.15 -6.65 -92.82
CA THR H 3639 -43.46 -6.67 -93.41
C THR H 3639 -44.30 -5.49 -92.90
N PRO H 3640 -44.75 -4.62 -93.79
CA PRO H 3640 -45.65 -3.55 -93.37
C PRO H 3640 -46.90 -4.13 -92.76
N LEU H 3641 -47.43 -3.40 -91.77
CA LEU H 3641 -48.50 -3.97 -90.96
C LEU H 3641 -49.72 -4.32 -91.80
N TYR H 3642 -49.85 -3.73 -93.00
CA TYR H 3642 -50.94 -4.16 -93.88
C TYR H 3642 -50.66 -5.55 -94.44
N ASN H 3643 -49.39 -5.85 -94.73
CA ASN H 3643 -49.04 -7.19 -95.20
C ASN H 3643 -48.96 -8.17 -94.04
N LEU H 3644 -48.94 -7.65 -92.82
CA LEU H 3644 -48.80 -8.50 -91.65
C LEU H 3644 -50.04 -9.40 -91.52
N PRO H 3645 -49.87 -10.64 -91.07
CA PRO H 3645 -51.04 -11.51 -90.87
C PRO H 3645 -52.01 -10.89 -89.88
N THR H 3646 -53.30 -11.09 -90.15
CA THR H 3646 -54.33 -10.37 -89.39
C THR H 3646 -54.35 -10.81 -87.93
N HIS H 3647 -54.39 -12.11 -87.68
CA HIS H 3647 -54.42 -12.60 -86.30
C HIS H 3647 -53.15 -12.24 -85.55
N ARG H 3648 -51.99 -12.40 -86.19
CA ARG H 3648 -50.74 -12.05 -85.55
C ARG H 3648 -50.71 -10.58 -85.20
N ALA H 3649 -51.14 -9.73 -86.14
CA ALA H 3649 -51.21 -8.30 -85.90
C ALA H 3649 -52.14 -7.98 -84.74
N CYS H 3650 -53.27 -8.67 -84.67
CA CYS H 3650 -54.18 -8.47 -83.54
C CYS H 3650 -53.48 -8.77 -82.23
N ASN H 3651 -52.73 -9.88 -82.17
CA ASN H 3651 -52.06 -10.22 -80.93
C ASN H 3651 -51.03 -9.17 -80.54
N MET H 3652 -50.19 -8.75 -81.50
CA MET H 3652 -49.15 -7.79 -81.14
C MET H 3652 -49.75 -6.44 -80.80
N PHE H 3653 -50.88 -6.08 -81.44
CA PHE H 3653 -51.58 -4.87 -81.04
C PHE H 3653 -52.13 -4.98 -79.64
N LEU H 3654 -52.65 -6.16 -79.28
CA LEU H 3654 -53.12 -6.33 -77.91
C LEU H 3654 -51.99 -6.08 -76.92
N GLU H 3655 -50.81 -6.66 -77.20
CA GLU H 3655 -49.67 -6.42 -76.32
C GLU H 3655 -49.29 -4.94 -76.30
N SER H 3656 -49.26 -4.30 -77.46
CA SER H 3656 -48.87 -2.90 -77.53
C SER H 3656 -49.83 -2.01 -76.76
N TYR H 3657 -51.13 -2.25 -76.91
CA TYR H 3657 -52.11 -1.46 -76.19
C TYR H 3657 -52.00 -1.69 -74.69
N LYS H 3658 -51.83 -2.94 -74.28
CA LYS H 3658 -51.72 -3.22 -72.85
C LYS H 3658 -50.50 -2.52 -72.27
N ALA H 3659 -49.43 -2.39 -73.06
CA ALA H 3659 -48.27 -1.68 -72.58
C ALA H 3659 -48.51 -0.17 -72.56
N ALA H 3660 -49.14 0.37 -73.61
CA ALA H 3660 -49.15 1.81 -73.82
C ALA H 3660 -50.22 2.49 -72.98
N TRP H 3661 -51.39 1.87 -72.83
CA TRP H 3661 -52.52 2.55 -72.21
C TRP H 3661 -52.88 2.02 -70.84
N ILE H 3662 -53.23 0.74 -70.74
CA ILE H 3662 -53.85 0.26 -69.50
C ILE H 3662 -52.81 0.18 -68.39
N LEU H 3663 -51.57 -0.18 -68.72
CA LEU H 3663 -50.52 -0.20 -67.71
C LEU H 3663 -50.20 1.20 -67.21
N THR H 3664 -50.23 2.18 -68.12
CA THR H 3664 -49.90 3.55 -67.73
C THR H 3664 -50.95 4.13 -66.81
N GLU H 3665 -52.23 4.00 -67.18
CA GLU H 3665 -53.28 4.60 -66.39
C GLU H 3665 -53.53 3.82 -65.11
N ASP H 3666 -53.69 4.55 -64.00
CA ASP H 3666 -54.03 3.97 -62.71
C ASP H 3666 -54.65 5.07 -61.86
N HIS H 3667 -55.67 4.72 -61.09
CA HIS H 3667 -56.25 5.63 -60.11
C HIS H 3667 -56.33 4.92 -58.77
N SER H 3668 -56.13 5.68 -57.69
CA SER H 3668 -56.02 5.12 -56.36
C SER H 3668 -57.42 4.98 -55.74
N PHE H 3669 -58.07 3.85 -56.01
CA PHE H 3669 -59.29 3.52 -55.29
C PHE H 3669 -59.00 2.89 -53.94
N GLU H 3670 -57.73 2.64 -53.64
CA GLU H 3670 -57.36 1.90 -52.44
C GLU H 3670 -57.61 2.73 -51.19
N ASP H 3671 -57.49 4.06 -51.30
CA ASP H 3671 -57.75 4.91 -50.15
C ASP H 3671 -59.20 4.75 -49.68
N ARG H 3672 -60.16 4.89 -50.59
CA ARG H 3672 -61.55 4.71 -50.20
C ARG H 3672 -61.83 3.25 -49.87
N MET H 3673 -61.11 2.33 -50.49
CA MET H 3673 -61.23 0.92 -50.11
C MET H 3673 -60.95 0.74 -48.62
N ILE H 3674 -59.80 1.25 -48.16
CA ILE H 3674 -59.44 1.13 -46.76
C ILE H 3674 -60.42 1.90 -45.90
N ASP H 3675 -60.88 3.06 -46.38
CA ASP H 3675 -61.82 3.85 -45.62
C ASP H 3675 -63.11 3.05 -45.38
N ASP H 3676 -63.66 2.46 -46.42
CA ASP H 3676 -64.88 1.67 -46.27
C ASP H 3676 -64.64 0.45 -45.40
N LEU H 3677 -63.53 -0.26 -45.62
CA LEU H 3677 -63.23 -1.43 -44.81
C LEU H 3677 -63.00 -1.04 -43.36
N SER H 3678 -62.76 0.24 -43.10
CA SER H 3678 -62.50 0.70 -41.75
C SER H 3678 -63.77 1.10 -41.02
N LYS H 3679 -64.66 1.83 -41.71
CA LYS H 3679 -65.80 2.45 -41.04
C LYS H 3679 -66.71 1.39 -40.42
N ALA H 3680 -67.26 1.71 -39.26
CA ALA H 3680 -68.19 0.85 -38.55
C ALA H 3680 -69.56 1.52 -38.54
N GLY H 3681 -70.59 0.79 -38.93
CA GLY H 3681 -71.92 1.36 -39.01
C GLY H 3681 -73.02 0.48 -38.47
N GLU H 3682 -73.91 1.08 -37.68
CA GLU H 3682 -75.09 0.48 -37.05
C GLU H 3682 -74.77 -0.72 -36.18
N GLN H 3683 -73.55 -0.84 -35.64
CA GLN H 3683 -73.32 -1.84 -34.60
C GLN H 3683 -73.87 -1.38 -33.25
N GLU H 3684 -73.91 -0.07 -33.03
CA GLU H 3684 -74.13 0.47 -31.70
C GLU H 3684 -75.54 0.17 -31.18
N GLU H 3685 -76.49 -0.08 -32.09
CA GLU H 3685 -77.85 -0.34 -31.64
C GLU H 3685 -77.93 -1.66 -30.87
N GLU H 3686 -76.98 -2.57 -31.14
CA GLU H 3686 -76.97 -3.86 -30.44
C GLU H 3686 -76.61 -3.68 -28.97
N GLU H 3687 -75.53 -2.94 -28.69
CA GLU H 3687 -75.12 -2.52 -27.35
C GLU H 3687 -74.48 -3.64 -26.54
N GLU H 3688 -74.32 -4.83 -27.10
CA GLU H 3688 -73.54 -5.86 -26.40
C GLU H 3688 -72.26 -6.17 -27.16
N GLU H 3689 -72.21 -5.86 -28.46
CA GLU H 3689 -71.00 -6.09 -29.23
C GLU H 3689 -69.87 -5.16 -28.78
N VAL H 3690 -70.22 -4.00 -28.22
CA VAL H 3690 -69.22 -3.07 -27.72
C VAL H 3690 -68.44 -3.71 -26.57
N GLU H 3691 -69.13 -4.47 -25.73
CA GLU H 3691 -68.44 -5.18 -24.65
C GLU H 3691 -67.62 -6.33 -25.19
N GLU H 3692 -67.95 -6.80 -26.40
CA GLU H 3692 -67.21 -7.91 -26.99
C GLU H 3692 -66.16 -7.39 -27.97
N LYS H 3693 -66.30 -6.15 -28.42
CA LYS H 3693 -65.35 -5.53 -29.35
C LYS H 3693 -65.28 -6.33 -30.65
N LYS H 3694 -66.38 -6.33 -31.40
CA LYS H 3694 -66.41 -7.03 -32.67
C LYS H 3694 -65.46 -6.35 -33.65
N PRO H 3695 -64.77 -7.12 -34.50
CA PRO H 3695 -63.78 -6.52 -35.39
C PRO H 3695 -64.41 -5.79 -36.57
N ASP H 3696 -63.94 -4.59 -36.83
CA ASP H 3696 -64.29 -3.88 -38.04
C ASP H 3696 -63.75 -4.64 -39.24
N PRO H 3697 -64.34 -4.45 -40.43
CA PRO H 3697 -63.93 -5.28 -41.58
C PRO H 3697 -62.44 -5.24 -41.85
N LEU H 3698 -61.80 -4.07 -41.72
CA LEU H 3698 -60.35 -4.03 -41.77
C LEU H 3698 -59.75 -4.98 -40.73
N HIS H 3699 -60.22 -4.88 -39.49
CA HIS H 3699 -59.64 -5.70 -38.43
C HIS H 3699 -59.85 -7.18 -38.71
N GLN H 3700 -60.97 -7.52 -39.37
CA GLN H 3700 -61.24 -8.91 -39.70
C GLN H 3700 -60.28 -9.42 -40.76
N LEU H 3701 -60.06 -8.62 -41.81
CA LEU H 3701 -59.09 -9.02 -42.83
C LEU H 3701 -57.71 -9.17 -42.22
N VAL H 3702 -57.34 -8.24 -41.35
CA VAL H 3702 -56.08 -8.34 -40.62
C VAL H 3702 -56.02 -9.62 -39.80
N LEU H 3703 -57.09 -9.93 -39.08
CA LEU H 3703 -57.05 -11.10 -38.21
C LEU H 3703 -56.91 -12.37 -39.04
N HIS H 3704 -57.57 -12.41 -40.20
CA HIS H 3704 -57.45 -13.60 -41.06
C HIS H 3704 -56.05 -13.73 -41.64
N PHE H 3705 -55.45 -12.60 -42.04
CA PHE H 3705 -54.07 -12.67 -42.52
C PHE H 3705 -53.14 -13.15 -41.42
N SER H 3706 -53.37 -12.70 -40.19
CA SER H 3706 -52.58 -13.20 -39.07
C SER H 3706 -52.81 -14.68 -38.87
N ARG H 3707 -54.05 -15.13 -39.04
CA ARG H 3707 -54.36 -16.55 -38.96
C ARG H 3707 -53.56 -17.35 -39.98
N THR H 3708 -53.50 -16.85 -41.23
CA THR H 3708 -52.74 -17.54 -42.26
C THR H 3708 -51.26 -17.56 -41.93
N ALA H 3709 -50.72 -16.43 -41.47
CA ALA H 3709 -49.29 -16.33 -41.23
C ALA H 3709 -48.87 -17.20 -40.04
N LEU H 3710 -49.58 -17.08 -38.92
CA LEU H 3710 -49.19 -17.80 -37.72
C LEU H 3710 -49.32 -19.30 -37.90
N THR H 3711 -50.26 -19.74 -38.72
CA THR H 3711 -50.40 -21.17 -39.02
C THR H 3711 -49.09 -21.70 -39.58
N GLU H 3712 -48.63 -22.82 -39.04
CA GLU H 3712 -47.30 -23.33 -39.35
C GLU H 3712 -47.34 -24.07 -40.67
N LYS H 3713 -46.39 -23.76 -41.54
CA LYS H 3713 -46.21 -24.46 -42.81
C LYS H 3713 -44.72 -24.56 -43.11
N SER H 3714 -44.35 -25.60 -43.84
CA SER H 3714 -42.93 -25.83 -44.12
C SER H 3714 -42.34 -24.69 -44.94
N LYS H 3715 -43.06 -24.24 -45.96
CA LYS H 3715 -42.59 -23.18 -46.85
C LYS H 3715 -43.58 -22.03 -46.83
N LEU H 3716 -43.06 -20.80 -46.78
CA LEU H 3716 -43.93 -19.65 -46.86
C LEU H 3716 -44.55 -19.58 -48.26
N ASP H 3717 -45.83 -19.93 -48.34
CA ASP H 3717 -46.53 -20.01 -49.60
C ASP H 3717 -46.91 -18.61 -50.07
N GLU H 3718 -46.78 -18.37 -51.37
CA GLU H 3718 -47.18 -17.08 -51.91
C GLU H 3718 -48.69 -17.02 -52.03
N ASP H 3719 -49.27 -15.91 -51.55
CA ASP H 3719 -50.68 -15.62 -51.76
C ASP H 3719 -50.78 -14.30 -52.51
N TYR H 3720 -51.34 -14.34 -53.72
CA TYR H 3720 -51.53 -13.11 -54.47
C TYR H 3720 -52.46 -12.15 -53.75
N LEU H 3721 -53.40 -12.69 -52.97
CA LEU H 3721 -54.30 -11.83 -52.23
C LEU H 3721 -53.55 -11.04 -51.18
N TYR H 3722 -52.67 -11.70 -50.43
CA TYR H 3722 -51.91 -10.98 -49.42
C TYR H 3722 -50.91 -10.04 -50.07
N MET H 3723 -50.32 -10.47 -51.19
CA MET H 3723 -49.56 -9.57 -52.07
C MET H 3723 -50.29 -8.25 -52.25
N ALA H 3724 -51.44 -8.31 -52.92
CA ALA H 3724 -52.13 -7.10 -53.34
C ALA H 3724 -52.68 -6.34 -52.15
N TYR H 3725 -53.21 -7.06 -51.16
CA TYR H 3725 -53.81 -6.40 -50.01
C TYR H 3725 -52.75 -5.63 -49.23
N ALA H 3726 -51.59 -6.23 -49.00
CA ALA H 3726 -50.52 -5.54 -48.29
C ALA H 3726 -50.05 -4.32 -49.08
N ASP H 3727 -49.91 -4.46 -50.40
CA ASP H 3727 -49.57 -3.28 -51.18
C ASP H 3727 -50.62 -2.19 -51.01
N ILE H 3728 -51.89 -2.57 -50.94
CA ILE H 3728 -52.97 -1.61 -50.79
C ILE H 3728 -52.86 -0.89 -49.45
N MET H 3729 -52.65 -1.65 -48.37
CA MET H 3729 -52.54 -1.00 -47.07
C MET H 3729 -51.35 -0.07 -47.02
N ALA H 3730 -50.21 -0.50 -47.59
CA ALA H 3730 -49.04 0.38 -47.57
C ALA H 3730 -49.30 1.67 -48.32
N LYS H 3731 -49.87 1.56 -49.53
CA LYS H 3731 -50.07 2.76 -50.33
C LYS H 3731 -51.10 3.68 -49.68
N SER H 3732 -52.17 3.11 -49.14
CA SER H 3732 -53.15 3.94 -48.44
C SER H 3732 -52.55 4.58 -47.20
N CYS H 3733 -51.69 3.85 -46.49
CA CYS H 3733 -51.12 4.36 -45.26
C CYS H 3733 -50.23 5.56 -45.52
N HIS H 3734 -49.31 5.45 -46.50
CA HIS H 3734 -48.43 6.60 -46.72
C HIS H 3734 -49.15 7.70 -47.48
N LEU H 3735 -50.01 7.34 -48.42
CA LEU H 3735 -50.84 8.28 -49.19
C LEU H 3735 -50.06 9.53 -49.58
N GLU H 3736 -48.99 9.34 -50.34
CA GLU H 3736 -48.13 10.43 -50.76
C GLU H 3736 -47.21 9.98 -51.90
N VAL H 3749 -43.48 24.92 -52.09
CA VAL H 3749 -42.70 24.18 -51.10
C VAL H 3749 -42.69 24.91 -49.77
N GLU H 3750 -43.25 26.12 -49.77
CA GLU H 3750 -43.28 26.98 -48.59
C GLU H 3750 -44.42 26.53 -47.70
N VAL H 3751 -44.27 25.36 -47.10
CA VAL H 3751 -45.28 24.81 -46.20
C VAL H 3751 -45.13 25.48 -44.84
N SER H 3752 -46.24 26.02 -44.34
CA SER H 3752 -46.23 26.57 -42.98
C SER H 3752 -45.92 25.49 -41.97
N PHE H 3753 -45.55 25.91 -40.77
CA PHE H 3753 -45.40 24.89 -39.71
C PHE H 3753 -46.72 24.21 -39.64
N GLU H 3754 -47.79 24.99 -39.48
CA GLU H 3754 -49.10 24.39 -39.33
C GLU H 3754 -49.37 23.37 -40.43
N GLU H 3755 -49.01 23.71 -41.66
CA GLU H 3755 -49.29 22.81 -42.78
C GLU H 3755 -48.46 21.53 -42.65
N LYS H 3756 -47.18 21.67 -42.35
CA LYS H 3756 -46.32 20.50 -42.20
C LYS H 3756 -46.80 19.62 -41.05
N GLU H 3757 -47.16 20.23 -39.93
CA GLU H 3757 -47.66 19.44 -38.81
C GLU H 3757 -49.02 18.82 -39.12
N MET H 3758 -49.80 19.44 -40.00
CA MET H 3758 -51.06 18.81 -40.35
C MET H 3758 -50.81 17.58 -41.20
N GLU H 3759 -49.83 17.66 -42.11
CA GLU H 3759 -49.41 16.45 -42.81
C GLU H 3759 -48.93 15.38 -41.83
N LYS H 3760 -48.14 15.79 -40.83
CA LYS H 3760 -47.66 14.81 -39.85
C LYS H 3760 -48.82 14.15 -39.12
N GLN H 3761 -49.80 14.95 -38.71
CA GLN H 3761 -50.94 14.39 -38.01
C GLN H 3761 -51.76 13.48 -38.91
N ARG H 3762 -51.85 13.83 -40.20
CA ARG H 3762 -52.54 12.96 -41.14
C ARG H 3762 -51.83 11.62 -41.25
N LEU H 3763 -50.50 11.65 -41.36
CA LEU H 3763 -49.75 10.40 -41.42
C LEU H 3763 -49.92 9.59 -40.14
N LEU H 3764 -49.92 10.27 -39.00
CA LEU H 3764 -50.16 9.59 -37.74
C LEU H 3764 -51.52 8.93 -37.74
N TYR H 3765 -52.53 9.60 -38.29
CA TYR H 3765 -53.87 9.01 -38.28
C TYR H 3765 -53.94 7.78 -39.18
N GLN H 3766 -53.33 7.84 -40.37
CA GLN H 3766 -53.39 6.67 -41.23
C GLN H 3766 -52.59 5.52 -40.65
N GLN H 3767 -51.43 5.80 -40.04
CA GLN H 3767 -50.71 4.75 -39.36
C GLN H 3767 -51.50 4.23 -38.16
N SER H 3768 -52.30 5.09 -37.55
CA SER H 3768 -53.12 4.67 -36.42
C SER H 3768 -54.17 3.66 -36.86
N ARG H 3769 -54.89 3.99 -37.94
CA ARG H 3769 -55.98 3.10 -38.36
C ARG H 3769 -55.42 1.73 -38.72
N LEU H 3770 -54.14 1.66 -39.08
CA LEU H 3770 -53.53 0.38 -39.37
C LEU H 3770 -53.07 -0.32 -38.10
N HIS H 3771 -52.34 0.38 -37.23
CA HIS H 3771 -51.74 -0.29 -36.09
C HIS H 3771 -52.78 -0.64 -35.04
N THR H 3772 -53.98 -0.08 -35.15
CA THR H 3772 -55.08 -0.55 -34.31
C THR H 3772 -55.43 -1.99 -34.64
N ARG H 3773 -55.00 -2.48 -35.80
CA ARG H 3773 -55.37 -3.83 -36.23
C ARG H 3773 -54.34 -4.85 -35.77
N GLY H 3774 -53.10 -4.42 -35.52
CA GLY H 3774 -52.02 -5.37 -35.33
C GLY H 3774 -51.22 -5.65 -36.57
N ALA H 3775 -51.27 -4.75 -37.55
CA ALA H 3775 -50.65 -5.01 -38.85
C ALA H 3775 -49.17 -5.27 -38.71
N ALA H 3776 -48.46 -4.44 -37.96
CA ALA H 3776 -47.01 -4.66 -37.83
C ALA H 3776 -46.71 -5.88 -36.98
N GLU H 3777 -47.61 -6.21 -36.04
CA GLU H 3777 -47.45 -7.45 -35.28
C GLU H 3777 -47.44 -8.64 -36.24
N MET H 3778 -48.41 -8.71 -37.13
CA MET H 3778 -48.40 -9.83 -38.06
C MET H 3778 -47.30 -9.67 -39.08
N VAL H 3779 -46.79 -8.45 -39.27
CA VAL H 3779 -45.64 -8.29 -40.15
C VAL H 3779 -44.45 -9.03 -39.57
N LEU H 3780 -44.23 -8.85 -38.27
CA LEU H 3780 -43.21 -9.64 -37.58
C LEU H 3780 -43.52 -11.13 -37.67
N GLN H 3781 -44.80 -11.49 -37.52
CA GLN H 3781 -45.19 -12.88 -37.67
C GLN H 3781 -44.86 -13.39 -39.08
N MET H 3782 -45.05 -12.55 -40.09
CA MET H 3782 -44.79 -12.98 -41.46
C MET H 3782 -43.31 -13.25 -41.61
N ILE H 3783 -42.49 -12.39 -41.02
CA ILE H 3783 -41.04 -12.61 -41.07
C ILE H 3783 -40.69 -13.93 -40.41
N SER H 3784 -41.27 -14.19 -39.24
CA SER H 3784 -40.98 -15.42 -38.53
C SER H 3784 -41.38 -16.64 -39.35
N ALA H 3785 -42.53 -16.57 -40.02
CA ALA H 3785 -42.96 -17.69 -40.86
C ALA H 3785 -42.17 -17.74 -42.16
N CYS H 3786 -41.59 -16.60 -42.57
CA CYS H 3786 -40.83 -16.54 -43.80
C CYS H 3786 -39.46 -17.17 -43.63
N LYS H 3787 -38.92 -17.09 -42.42
CA LYS H 3787 -37.70 -17.84 -42.07
C LYS H 3787 -36.53 -17.47 -42.97
N GLY H 3788 -36.45 -16.19 -43.34
CA GLY H 3788 -35.34 -15.72 -44.15
C GLY H 3788 -35.34 -16.27 -45.55
N GLU H 3789 -36.49 -16.29 -46.21
CA GLU H 3789 -36.60 -16.72 -47.60
C GLU H 3789 -37.05 -15.55 -48.45
N THR H 3790 -36.15 -15.03 -49.26
CA THR H 3790 -36.45 -13.88 -50.09
C THR H 3790 -37.55 -14.21 -51.08
N GLY H 3791 -38.47 -13.27 -51.26
CA GLY H 3791 -39.58 -13.45 -52.17
C GLY H 3791 -40.47 -12.24 -52.19
N ALA H 3792 -41.40 -12.23 -53.14
CA ALA H 3792 -42.33 -11.12 -53.25
C ALA H 3792 -43.13 -10.96 -51.98
N MET H 3793 -43.46 -12.07 -51.31
CA MET H 3793 -44.25 -11.99 -50.09
C MET H 3793 -43.54 -11.16 -49.04
N VAL H 3794 -42.30 -11.54 -48.70
CA VAL H 3794 -41.55 -10.83 -47.67
C VAL H 3794 -41.22 -9.42 -48.13
N SER H 3795 -40.95 -9.23 -49.42
CA SER H 3795 -40.67 -7.89 -49.92
C SER H 3795 -41.85 -6.96 -49.69
N SER H 3796 -43.04 -7.37 -50.11
CA SER H 3796 -44.21 -6.52 -49.96
C SER H 3796 -44.54 -6.29 -48.50
N THR H 3797 -44.42 -7.32 -47.66
CA THR H 3797 -44.82 -7.13 -46.28
C THR H 3797 -43.82 -6.23 -45.55
N LEU H 3798 -42.54 -6.34 -45.89
CA LEU H 3798 -41.56 -5.39 -45.37
C LEU H 3798 -41.87 -3.98 -45.85
N LYS H 3799 -42.30 -3.85 -47.10
CA LYS H 3799 -42.69 -2.53 -47.58
C LYS H 3799 -43.89 -1.99 -46.80
N LEU H 3800 -44.84 -2.85 -46.47
CA LEU H 3800 -45.99 -2.43 -45.68
C LEU H 3800 -45.55 -2.00 -44.28
N GLY H 3801 -44.61 -2.74 -43.70
CA GLY H 3801 -44.04 -2.31 -42.43
C GLY H 3801 -43.34 -0.98 -42.55
N ILE H 3802 -42.67 -0.75 -43.68
CA ILE H 3802 -42.06 0.55 -43.95
C ILE H 3802 -43.12 1.62 -43.92
N SER H 3803 -44.24 1.37 -44.58
CA SER H 3803 -45.32 2.35 -44.63
C SER H 3803 -45.87 2.64 -43.24
N ILE H 3804 -46.10 1.59 -42.46
CA ILE H 3804 -46.71 1.79 -41.13
C ILE H 3804 -45.71 2.48 -40.21
N LEU H 3805 -44.41 2.25 -40.43
CA LEU H 3805 -43.41 2.86 -39.56
C LEU H 3805 -43.00 4.25 -40.06
N ASN H 3806 -43.45 4.64 -41.25
CA ASN H 3806 -42.97 5.87 -41.86
C ASN H 3806 -43.11 7.04 -40.90
N GLY H 3807 -42.05 7.82 -40.79
CA GLY H 3807 -41.98 8.86 -39.78
C GLY H 3807 -41.63 8.35 -38.40
N GLY H 3808 -41.40 7.06 -38.24
CA GLY H 3808 -41.02 6.53 -36.94
C GLY H 3808 -42.07 6.75 -35.88
N ASN H 3809 -43.23 6.10 -36.01
CA ASN H 3809 -44.26 6.27 -35.00
C ASN H 3809 -43.87 5.56 -33.72
N ALA H 3810 -43.74 6.35 -32.65
CA ALA H 3810 -43.33 5.80 -31.36
C ALA H 3810 -44.30 4.73 -30.90
N GLU H 3811 -45.59 4.90 -31.18
CA GLU H 3811 -46.57 3.90 -30.74
C GLU H 3811 -46.33 2.57 -31.43
N VAL H 3812 -46.08 2.59 -32.74
CA VAL H 3812 -45.81 1.35 -33.46
C VAL H 3812 -44.52 0.73 -32.95
N GLN H 3813 -43.47 1.54 -32.77
CA GLN H 3813 -42.24 1.00 -32.21
C GLN H 3813 -42.51 0.33 -30.87
N GLN H 3814 -43.37 0.95 -30.07
CA GLN H 3814 -43.71 0.42 -28.76
C GLN H 3814 -44.36 -0.95 -28.89
N LYS H 3815 -45.41 -1.05 -29.71
CA LYS H 3815 -46.16 -2.30 -29.78
C LYS H 3815 -45.30 -3.42 -30.34
N MET H 3816 -44.52 -3.15 -31.39
CA MET H 3816 -43.63 -4.20 -31.89
C MET H 3816 -42.56 -4.59 -30.89
N LEU H 3817 -42.06 -3.63 -30.10
CA LEU H 3817 -41.11 -4.00 -29.05
C LEU H 3817 -41.76 -4.96 -28.05
N ASP H 3818 -42.98 -4.63 -27.60
CA ASP H 3818 -43.67 -5.54 -26.69
C ASP H 3818 -43.92 -6.89 -27.33
N TYR H 3819 -44.30 -6.90 -28.61
CA TYR H 3819 -44.58 -8.17 -29.27
C TYR H 3819 -43.34 -9.05 -29.36
N LEU H 3820 -42.23 -8.48 -29.81
CA LEU H 3820 -40.99 -9.25 -29.82
C LEU H 3820 -40.66 -9.76 -28.43
N LYS H 3821 -40.87 -8.94 -27.41
CA LYS H 3821 -40.59 -9.37 -26.04
C LYS H 3821 -41.46 -10.56 -25.67
N ASP H 3822 -42.77 -10.48 -25.92
CA ASP H 3822 -43.69 -11.48 -25.37
C ASP H 3822 -43.68 -12.75 -26.21
N LYS H 3823 -43.15 -12.70 -27.43
CA LYS H 3823 -42.90 -13.94 -28.15
C LYS H 3823 -41.56 -14.55 -27.75
N LYS H 3824 -40.59 -13.69 -27.40
CA LYS H 3824 -39.23 -14.10 -27.03
C LYS H 3824 -38.74 -15.26 -27.89
N GLU H 3825 -38.94 -15.15 -29.20
CA GLU H 3825 -38.71 -16.26 -30.12
C GLU H 3825 -37.60 -15.86 -31.09
N VAL H 3826 -36.70 -16.82 -31.36
CA VAL H 3826 -35.49 -16.50 -32.12
C VAL H 3826 -35.78 -16.52 -33.62
N GLY H 3827 -36.81 -17.25 -34.03
CA GLY H 3827 -37.01 -17.50 -35.46
C GLY H 3827 -37.11 -16.23 -36.29
N PHE H 3828 -37.72 -15.18 -35.74
CA PHE H 3828 -37.81 -13.92 -36.49
C PHE H 3828 -36.43 -13.35 -36.74
N PHE H 3829 -35.58 -13.32 -35.72
CA PHE H 3829 -34.23 -12.77 -35.91
C PHE H 3829 -33.40 -13.68 -36.81
N GLN H 3830 -33.64 -14.99 -36.73
CA GLN H 3830 -33.00 -15.92 -37.65
C GLN H 3830 -33.40 -15.61 -39.08
N SER H 3831 -34.68 -15.31 -39.28
CA SER H 3831 -35.16 -14.88 -40.59
C SER H 3831 -34.42 -13.62 -41.03
N ILE H 3832 -34.25 -12.67 -40.12
CA ILE H 3832 -33.56 -11.43 -40.44
C ILE H 3832 -32.13 -11.70 -40.90
N GLN H 3833 -31.41 -12.54 -40.16
CA GLN H 3833 -30.04 -12.86 -40.55
C GLN H 3833 -29.99 -13.56 -41.90
N ALA H 3834 -30.81 -14.58 -42.09
CA ALA H 3834 -30.82 -15.24 -43.39
C ALA H 3834 -31.11 -14.23 -44.49
N LEU H 3835 -32.02 -13.30 -44.24
CA LEU H 3835 -32.36 -12.32 -45.25
C LEU H 3835 -31.17 -11.45 -45.61
N MET H 3836 -30.45 -10.92 -44.62
CA MET H 3836 -29.37 -10.00 -44.97
C MET H 3836 -28.20 -10.79 -45.54
N GLN H 3837 -28.15 -12.10 -45.26
CA GLN H 3837 -27.25 -12.96 -46.03
C GLN H 3837 -27.65 -13.00 -47.49
N THR H 3838 -28.95 -13.06 -47.75
CA THR H 3838 -29.43 -13.11 -49.14
C THR H 3838 -29.19 -11.79 -49.86
N CYS H 3839 -29.00 -10.70 -49.11
CA CYS H 3839 -28.76 -9.41 -49.74
C CYS H 3839 -27.51 -9.44 -50.59
N SER H 3840 -27.62 -8.93 -51.81
CA SER H 3840 -26.55 -9.05 -52.78
C SER H 3840 -25.55 -7.91 -52.66
N VAL H 3841 -24.35 -8.14 -53.21
CA VAL H 3841 -23.33 -7.12 -53.38
C VAL H 3841 -22.82 -7.22 -54.82
N LEU H 3842 -22.10 -6.18 -55.23
CA LEU H 3842 -21.65 -6.11 -56.62
C LEU H 3842 -20.69 -7.25 -56.94
N ASP H 3843 -20.93 -7.91 -58.07
CA ASP H 3843 -20.10 -9.02 -58.54
C ASP H 3843 -19.40 -8.62 -59.82
N LEU H 3844 -18.07 -8.72 -59.81
CA LEU H 3844 -17.30 -8.40 -61.00
C LEU H 3844 -17.65 -9.35 -62.14
N ASN H 3845 -17.82 -10.64 -61.84
CA ASN H 3845 -18.18 -11.59 -62.89
C ASN H 3845 -19.53 -11.23 -63.50
N ALA H 3846 -20.50 -10.87 -62.68
CA ALA H 3846 -21.80 -10.45 -63.20
C ALA H 3846 -21.67 -9.20 -64.05
N PHE H 3847 -20.82 -8.25 -63.62
CA PHE H 3847 -20.69 -7.02 -64.38
C PHE H 3847 -20.02 -7.28 -65.73
N GLU H 3848 -19.04 -8.20 -65.76
CA GLU H 3848 -18.42 -8.51 -67.04
C GLU H 3848 -19.34 -9.33 -67.93
N ARG H 3849 -20.21 -10.14 -67.33
CA ARG H 3849 -21.24 -10.81 -68.13
C ARG H 3849 -22.19 -9.80 -68.75
N GLN H 3850 -22.58 -8.78 -67.96
CA GLN H 3850 -23.40 -7.71 -68.50
C GLN H 3850 -22.66 -6.95 -69.60
N ASN H 3851 -21.35 -6.73 -69.39
CA ASN H 3851 -20.54 -6.06 -70.39
C ASN H 3851 -20.49 -6.84 -71.68
N LYS H 3852 -20.35 -8.17 -71.57
CA LYS H 3852 -20.47 -9.03 -72.74
C LYS H 3852 -21.82 -8.87 -73.40
N ALA H 3853 -22.89 -8.84 -72.60
CA ALA H 3853 -24.22 -8.69 -73.16
C ALA H 3853 -24.33 -7.42 -74.00
N GLU H 3854 -23.94 -6.29 -73.43
CA GLU H 3854 -24.04 -5.02 -74.15
C GLU H 3854 -23.12 -4.99 -75.36
N GLY H 3855 -21.87 -5.43 -75.20
CA GLY H 3855 -20.92 -5.37 -76.30
C GLY H 3855 -21.30 -6.27 -77.45
N LEU H 3856 -21.75 -7.50 -77.15
CA LEU H 3856 -22.23 -8.39 -78.19
C LEU H 3856 -23.47 -7.82 -78.86
N GLY H 3857 -24.48 -7.45 -78.07
CA GLY H 3857 -25.69 -6.89 -78.66
C GLY H 3857 -26.30 -7.78 -79.72
N MET H 3858 -26.40 -9.07 -79.43
CA MET H 3858 -26.78 -10.04 -80.45
C MET H 3858 -28.16 -9.71 -81.03
N VAL H 3859 -28.28 -9.88 -82.34
CA VAL H 3859 -29.54 -9.60 -83.02
C VAL H 3859 -30.55 -10.68 -82.69
N ASN H 3860 -31.67 -10.28 -82.09
CA ASN H 3860 -32.76 -11.22 -81.87
C ASN H 3860 -33.31 -11.70 -83.20
N GLU H 3861 -33.62 -12.99 -83.26
CA GLU H 3861 -33.93 -13.63 -84.54
C GLU H 3861 -35.13 -12.99 -85.21
N ASP H 3862 -36.05 -12.42 -84.44
CA ASP H 3862 -37.18 -11.72 -85.03
C ASP H 3862 -36.73 -10.39 -85.59
N GLY H 3863 -36.62 -10.33 -86.92
CA GLY H 3863 -36.13 -9.11 -87.55
C GLY H 3863 -34.72 -8.79 -87.11
N THR H 3864 -34.48 -7.53 -86.79
CA THR H 3864 -33.19 -7.07 -86.29
C THR H 3864 -33.40 -6.31 -85.00
N VAL H 3865 -32.99 -6.90 -83.89
CA VAL H 3865 -33.09 -6.26 -82.58
C VAL H 3865 -31.70 -6.15 -81.98
N ILE H 3866 -31.06 -4.98 -82.18
CA ILE H 3866 -29.72 -4.79 -81.66
C ILE H 3866 -29.79 -4.22 -80.24
N ASN H 3867 -28.75 -4.49 -79.46
CA ASN H 3867 -28.57 -3.92 -78.13
C ASN H 3867 -29.75 -4.23 -77.21
N ARG H 3868 -30.17 -5.50 -77.17
CA ARG H 3868 -31.18 -5.90 -76.21
C ARG H 3868 -30.61 -5.86 -74.79
N GLN H 3869 -31.41 -5.33 -73.87
CA GLN H 3869 -31.00 -5.21 -72.47
C GLN H 3869 -31.95 -6.03 -71.60
N ASN H 3870 -31.40 -6.99 -70.88
CA ASN H 3870 -32.17 -7.74 -69.90
C ASN H 3870 -32.18 -7.01 -68.56
N GLY H 3871 -33.02 -7.49 -67.65
CA GLY H 3871 -32.99 -6.97 -66.30
C GLY H 3871 -31.62 -7.16 -65.68
N GLU H 3872 -31.05 -6.06 -65.21
CA GLU H 3872 -29.68 -6.08 -64.71
C GLU H 3872 -29.56 -7.03 -63.52
N LYS H 3873 -28.82 -8.12 -63.72
CA LYS H 3873 -28.63 -9.10 -62.66
C LYS H 3873 -27.93 -8.48 -61.46
N VAL H 3874 -27.08 -7.48 -61.71
CA VAL H 3874 -26.41 -6.79 -60.62
C VAL H 3874 -27.44 -6.02 -59.81
N MET H 3875 -27.46 -6.26 -58.50
CA MET H 3875 -28.41 -5.61 -57.60
C MET H 3875 -29.86 -5.83 -58.03
N ALA H 3876 -30.19 -7.08 -58.38
CA ALA H 3876 -31.57 -7.43 -58.64
C ALA H 3876 -32.43 -7.25 -57.40
N ASP H 3877 -31.89 -7.56 -56.23
CA ASP H 3877 -32.60 -7.43 -54.97
C ASP H 3877 -32.27 -6.14 -54.23
N ASP H 3878 -31.65 -5.17 -54.90
CA ASP H 3878 -31.19 -3.97 -54.21
C ASP H 3878 -32.34 -3.19 -53.60
N GLU H 3879 -33.47 -3.14 -54.31
CA GLU H 3879 -34.63 -2.44 -53.75
C GLU H 3879 -35.12 -3.12 -52.48
N PHE H 3880 -35.14 -4.45 -52.46
CA PHE H 3880 -35.57 -5.16 -51.26
C PHE H 3880 -34.57 -4.96 -50.13
N THR H 3881 -33.27 -4.90 -50.47
CA THR H 3881 -32.26 -4.62 -49.47
C THR H 3881 -32.45 -3.22 -48.89
N GLN H 3882 -32.73 -2.25 -49.75
CA GLN H 3882 -33.08 -0.91 -49.30
C GLN H 3882 -34.25 -0.96 -48.35
N ASP H 3883 -35.29 -1.71 -48.71
CA ASP H 3883 -36.49 -1.80 -47.89
C ASP H 3883 -36.14 -2.39 -46.53
N LEU H 3884 -35.34 -3.45 -46.50
CA LEU H 3884 -35.00 -4.11 -45.23
C LEU H 3884 -34.19 -3.18 -44.33
N PHE H 3885 -33.18 -2.52 -44.90
CA PHE H 3885 -32.35 -1.65 -44.07
C PHE H 3885 -33.13 -0.43 -43.61
N ARG H 3886 -34.03 0.09 -44.45
CA ARG H 3886 -34.89 1.17 -44.01
C ARG H 3886 -35.86 0.69 -42.94
N PHE H 3887 -36.24 -0.58 -43.00
CA PHE H 3887 -37.09 -1.14 -41.96
C PHE H 3887 -36.37 -1.14 -40.62
N LEU H 3888 -35.14 -1.63 -40.59
CA LEU H 3888 -34.39 -1.59 -39.35
C LEU H 3888 -34.16 -0.14 -38.90
N GLN H 3889 -33.85 0.73 -39.85
CA GLN H 3889 -33.80 2.16 -39.59
C GLN H 3889 -35.02 2.64 -38.82
N LEU H 3890 -36.20 2.37 -39.36
CA LEU H 3890 -37.42 2.94 -38.79
C LEU H 3890 -37.74 2.29 -37.46
N LEU H 3891 -37.40 1.01 -37.30
CA LEU H 3891 -37.55 0.40 -35.98
C LEU H 3891 -36.70 1.13 -34.95
N CYS H 3892 -35.46 1.44 -35.31
CA CYS H 3892 -34.59 2.09 -34.34
C CYS H 3892 -34.81 3.59 -34.24
N GLU H 3893 -35.65 4.16 -35.13
CA GLU H 3893 -35.87 5.59 -35.14
C GLU H 3893 -36.37 6.11 -33.81
N GLY H 3894 -36.29 7.43 -33.64
CA GLY H 3894 -36.65 8.05 -32.38
C GLY H 3894 -35.60 7.95 -31.32
N HIS H 3895 -34.44 7.37 -31.64
CA HIS H 3895 -33.37 7.16 -30.67
C HIS H 3895 -33.86 6.37 -29.47
N ASN H 3896 -34.74 5.41 -29.72
CA ASN H 3896 -35.33 4.64 -28.63
C ASN H 3896 -34.29 3.65 -28.12
N ASN H 3897 -33.65 4.02 -27.01
CA ASN H 3897 -32.52 3.26 -26.50
C ASN H 3897 -32.93 1.83 -26.15
N ASP H 3898 -34.16 1.64 -25.67
CA ASP H 3898 -34.61 0.30 -25.36
C ASP H 3898 -34.66 -0.56 -26.62
N PHE H 3899 -35.14 0.01 -27.73
CA PHE H 3899 -35.16 -0.73 -28.97
C PHE H 3899 -33.75 -1.03 -29.47
N GLN H 3900 -32.85 -0.06 -29.35
CA GLN H 3900 -31.47 -0.34 -29.77
C GLN H 3900 -30.85 -1.43 -28.90
N ASN H 3901 -31.15 -1.43 -27.60
CA ASN H 3901 -30.67 -2.50 -26.73
C ASN H 3901 -31.25 -3.84 -27.15
N TYR H 3902 -32.53 -3.88 -27.49
CA TYR H 3902 -33.13 -5.13 -27.94
C TYR H 3902 -32.45 -5.63 -29.21
N LEU H 3903 -32.16 -4.72 -30.13
CA LEU H 3903 -31.45 -5.10 -31.35
C LEU H 3903 -30.07 -5.63 -31.03
N ARG H 3904 -29.37 -5.00 -30.09
CA ARG H 3904 -28.04 -5.46 -29.73
C ARG H 3904 -28.08 -6.83 -29.07
N THR H 3905 -29.08 -7.06 -28.23
CA THR H 3905 -29.15 -8.29 -27.45
C THR H 3905 -30.60 -8.59 -27.13
N GLN H 3906 -30.98 -9.85 -27.32
CA GLN H 3906 -32.33 -10.32 -27.06
C GLN H 3906 -32.28 -11.26 -25.87
N THR H 3907 -32.45 -10.71 -24.66
CA THR H 3907 -32.36 -11.52 -23.45
C THR H 3907 -33.45 -12.59 -23.43
N GLY H 3908 -34.67 -12.23 -23.82
CA GLY H 3908 -35.75 -13.20 -23.81
C GLY H 3908 -35.48 -14.37 -24.73
N ASN H 3909 -34.80 -14.11 -25.84
CA ASN H 3909 -34.44 -15.19 -26.75
C ASN H 3909 -33.44 -16.12 -26.09
N THR H 3910 -33.60 -17.42 -26.34
CA THR H 3910 -32.62 -18.39 -25.88
C THR H 3910 -31.26 -18.15 -26.53
N THR H 3911 -31.26 -17.85 -27.82
CA THR H 3911 -30.07 -17.48 -28.56
C THR H 3911 -30.18 -16.03 -29.01
N THR H 3912 -29.16 -15.24 -28.72
CA THR H 3912 -29.17 -13.81 -28.97
C THR H 3912 -28.28 -13.49 -30.16
N ILE H 3913 -28.78 -12.66 -31.07
CA ILE H 3913 -28.06 -12.26 -32.27
C ILE H 3913 -27.94 -10.74 -32.28
N ASN H 3914 -26.83 -10.25 -32.85
CA ASN H 3914 -26.60 -8.82 -32.97
C ASN H 3914 -26.78 -8.39 -34.43
N ILE H 3915 -27.97 -7.89 -34.73
CA ILE H 3915 -28.28 -7.47 -36.09
C ILE H 3915 -27.34 -6.34 -36.50
N ILE H 3916 -26.83 -5.57 -35.55
CA ILE H 3916 -25.93 -4.49 -35.89
C ILE H 3916 -24.61 -5.01 -36.43
N ILE H 3917 -24.04 -6.04 -35.78
CA ILE H 3917 -22.78 -6.57 -36.32
C ILE H 3917 -23.06 -7.33 -37.61
N CYS H 3918 -24.25 -7.91 -37.73
CA CYS H 3918 -24.62 -8.49 -39.03
C CYS H 3918 -24.63 -7.42 -40.11
N THR H 3919 -25.18 -6.25 -39.80
CA THR H 3919 -25.14 -5.13 -40.72
C THR H 3919 -23.71 -4.73 -41.04
N VAL H 3920 -22.84 -4.75 -40.03
CA VAL H 3920 -21.44 -4.43 -40.25
C VAL H 3920 -20.83 -5.40 -41.25
N ASP H 3921 -21.12 -6.69 -41.09
CA ASP H 3921 -20.60 -7.69 -42.02
C ASP H 3921 -21.09 -7.42 -43.43
N TYR H 3922 -22.39 -7.16 -43.58
CA TYR H 3922 -22.92 -6.85 -44.91
C TYR H 3922 -22.23 -5.63 -45.48
N LEU H 3923 -21.95 -4.63 -44.63
CA LEU H 3923 -21.24 -3.45 -45.10
C LEU H 3923 -19.85 -3.83 -45.61
N LEU H 3924 -19.19 -4.76 -44.92
CA LEU H 3924 -17.88 -5.21 -45.39
C LEU H 3924 -17.97 -5.83 -46.77
N ARG H 3925 -18.97 -6.69 -46.99
CA ARG H 3925 -19.15 -7.26 -48.32
C ARG H 3925 -19.42 -6.15 -49.34
N LEU H 3926 -20.16 -5.13 -48.92
CA LEU H 3926 -20.41 -3.99 -49.80
C LEU H 3926 -19.10 -3.31 -50.18
N GLN H 3927 -18.19 -3.12 -49.21
CA GLN H 3927 -16.92 -2.50 -49.55
C GLN H 3927 -16.12 -3.36 -50.49
N GLU H 3928 -16.09 -4.67 -50.26
CA GLU H 3928 -15.31 -5.53 -51.13
C GLU H 3928 -15.82 -5.43 -52.56
N SER H 3929 -17.14 -5.50 -52.74
CA SER H 3929 -17.71 -5.33 -54.06
C SER H 3929 -17.35 -3.97 -54.66
N ILE H 3930 -17.49 -2.91 -53.87
CA ILE H 3930 -17.24 -1.56 -54.36
C ILE H 3930 -15.78 -1.42 -54.77
N SER H 3931 -14.87 -1.99 -53.99
CA SER H 3931 -13.44 -1.87 -54.27
C SER H 3931 -13.06 -2.66 -55.51
N ASP H 3932 -13.64 -3.84 -55.70
CA ASP H 3932 -13.37 -4.58 -56.93
C ASP H 3932 -13.85 -3.81 -58.15
N PHE H 3933 -15.06 -3.23 -58.07
CA PHE H 3933 -15.53 -2.42 -59.20
C PHE H 3933 -14.68 -1.18 -59.39
N TYR H 3934 -14.21 -0.58 -58.28
CA TYR H 3934 -13.29 0.54 -58.38
C TYR H 3934 -12.02 0.15 -59.11
N TRP H 3935 -11.43 -0.99 -58.77
CA TRP H 3935 -10.23 -1.41 -59.49
C TRP H 3935 -10.53 -1.65 -60.96
N TYR H 3936 -11.66 -2.28 -61.26
CA TYR H 3936 -11.98 -2.60 -62.64
C TYR H 3936 -12.09 -1.33 -63.47
N TYR H 3937 -12.79 -0.32 -62.95
CA TYR H 3937 -12.91 0.93 -63.70
C TYR H 3937 -11.68 1.80 -63.55
N SER H 3938 -10.81 1.46 -62.60
CA SER H 3938 -9.54 2.16 -62.48
C SER H 3938 -8.59 1.73 -63.59
N GLY H 3939 -8.66 0.45 -63.97
CA GLY H 3939 -7.96 0.03 -65.17
C GLY H 3939 -8.43 0.78 -66.40
N LYS H 3940 -9.74 1.00 -66.51
CA LYS H 3940 -10.27 1.81 -67.59
C LYS H 3940 -9.93 3.27 -67.36
N ASP H 3941 -9.97 4.05 -68.44
CA ASP H 3941 -9.70 5.49 -68.32
C ASP H 3941 -10.89 6.22 -67.70
N VAL H 3942 -12.10 5.79 -68.02
CA VAL H 3942 -13.31 6.49 -67.59
C VAL H 3942 -14.42 5.47 -67.39
N ILE H 3943 -15.34 5.78 -66.48
CA ILE H 3943 -16.45 4.87 -66.19
C ILE H 3943 -17.52 5.03 -67.25
N GLU H 3944 -17.95 3.92 -67.83
CA GLU H 3944 -19.01 3.94 -68.83
C GLU H 3944 -20.35 4.15 -68.14
N GLU H 3945 -21.33 4.64 -68.91
CA GLU H 3945 -22.58 5.14 -68.33
C GLU H 3945 -23.33 4.08 -67.53
N GLN H 3946 -23.43 2.87 -68.06
CA GLN H 3946 -24.12 1.80 -67.34
C GLN H 3946 -23.41 1.50 -66.03
N GLY H 3947 -22.07 1.51 -66.05
CA GLY H 3947 -21.32 1.40 -64.82
C GLY H 3947 -21.63 2.54 -63.86
N LYS H 3948 -21.76 3.76 -64.39
CA LYS H 3948 -22.12 4.89 -63.54
C LYS H 3948 -23.44 4.63 -62.83
N ARG H 3949 -24.43 4.15 -63.57
CA ARG H 3949 -25.71 3.82 -62.95
C ARG H 3949 -25.55 2.70 -61.92
N ASN H 3950 -24.70 1.72 -62.22
CA ASN H 3950 -24.51 0.60 -61.30
C ASN H 3950 -23.93 1.07 -59.97
N PHE H 3951 -22.82 1.81 -60.02
CA PHE H 3951 -22.31 2.43 -58.80
C PHE H 3951 -23.37 3.31 -58.15
N SER H 3952 -24.14 4.05 -58.94
CA SER H 3952 -25.12 4.96 -58.35
C SER H 3952 -26.12 4.22 -57.47
N LYS H 3953 -26.70 3.15 -58.00
CA LYS H 3953 -27.65 2.37 -57.21
C LYS H 3953 -26.94 1.71 -56.03
N ALA H 3954 -25.70 1.24 -56.24
CA ALA H 3954 -24.98 0.62 -55.15
C ALA H 3954 -24.73 1.59 -54.00
N MET H 3955 -24.35 2.83 -54.32
CA MET H 3955 -24.02 3.77 -53.26
C MET H 3955 -25.27 4.36 -52.66
N SER H 3956 -26.39 4.32 -53.38
CA SER H 3956 -27.66 4.63 -52.75
C SER H 3956 -27.98 3.59 -51.69
N VAL H 3957 -27.76 2.31 -52.01
CA VAL H 3957 -27.92 1.26 -51.02
C VAL H 3957 -26.97 1.51 -49.84
N ALA H 3958 -25.73 1.88 -50.15
CA ALA H 3958 -24.76 2.15 -49.09
C ALA H 3958 -25.19 3.34 -48.24
N LYS H 3959 -25.80 4.35 -48.86
CA LYS H 3959 -26.28 5.51 -48.13
C LYS H 3959 -27.36 5.10 -47.14
N GLN H 3960 -28.31 4.28 -47.58
CA GLN H 3960 -29.33 3.80 -46.67
C GLN H 3960 -28.70 2.96 -45.55
N VAL H 3961 -27.71 2.14 -45.88
CA VAL H 3961 -27.06 1.32 -44.87
C VAL H 3961 -26.37 2.19 -43.83
N PHE H 3962 -25.66 3.21 -44.30
CA PHE H 3962 -24.97 4.12 -43.40
C PHE H 3962 -25.98 4.86 -42.53
N ASN H 3963 -27.10 5.26 -43.11
CA ASN H 3963 -28.14 5.92 -42.32
C ASN H 3963 -28.67 4.98 -41.25
N SER H 3964 -28.85 3.70 -41.59
CA SER H 3964 -29.33 2.74 -40.61
C SER H 3964 -28.34 2.59 -39.47
N LEU H 3965 -27.05 2.48 -39.81
CA LEU H 3965 -26.03 2.37 -38.76
C LEU H 3965 -26.01 3.63 -37.89
N THR H 3966 -26.15 4.80 -38.52
CA THR H 3966 -26.18 6.06 -37.78
C THR H 3966 -27.36 6.06 -36.82
N GLU H 3967 -28.51 5.57 -37.27
CA GLU H 3967 -29.67 5.52 -36.38
C GLU H 3967 -29.41 4.57 -35.23
N TYR H 3968 -28.78 3.42 -35.51
CA TYR H 3968 -28.49 2.47 -34.44
C TYR H 3968 -27.61 3.11 -33.38
N ILE H 3969 -26.56 3.80 -33.81
CA ILE H 3969 -25.59 4.33 -32.86
C ILE H 3969 -26.15 5.54 -32.14
N GLN H 3970 -27.06 6.26 -32.79
CA GLN H 3970 -27.56 7.52 -32.26
C GLN H 3970 -28.35 7.29 -30.98
N GLY H 3971 -28.55 8.38 -30.22
CA GLY H 3971 -29.34 8.36 -29.02
C GLY H 3971 -28.68 8.98 -27.80
N PRO H 3972 -27.40 8.68 -27.56
CA PRO H 3972 -26.59 7.56 -28.07
C PRO H 3972 -26.75 6.34 -27.18
N CYS H 3973 -26.72 5.14 -27.74
CA CYS H 3973 -26.77 3.92 -26.97
C CYS H 3973 -25.34 3.46 -26.70
N THR H 3974 -24.95 3.48 -25.42
CA THR H 3974 -23.56 3.18 -25.07
C THR H 3974 -23.18 1.75 -25.42
N GLY H 3975 -24.12 0.81 -25.22
CA GLY H 3975 -23.86 -0.55 -25.62
C GLY H 3975 -23.59 -0.67 -27.11
N ASN H 3976 -24.38 0.04 -27.92
CA ASN H 3976 -24.13 0.08 -29.34
C ASN H 3976 -22.77 0.72 -29.63
N GLN H 3977 -22.42 1.77 -28.88
CA GLN H 3977 -21.12 2.41 -29.03
C GLN H 3977 -20.01 1.39 -28.87
N GLN H 3978 -20.04 0.63 -27.77
CA GLN H 3978 -19.00 -0.36 -27.52
C GLN H 3978 -19.02 -1.46 -28.58
N SER H 3979 -20.22 -1.91 -28.99
CA SER H 3979 -20.31 -2.96 -29.97
C SER H 3979 -19.66 -2.55 -31.28
N LEU H 3980 -19.93 -1.33 -31.74
CA LEU H 3980 -19.24 -0.82 -32.91
C LEU H 3980 -17.75 -0.67 -32.64
N ALA H 3981 -17.39 -0.25 -31.43
CA ALA H 3981 -15.99 -0.01 -31.12
C ALA H 3981 -15.15 -1.27 -31.29
N HIS H 3982 -15.63 -2.38 -30.76
CA HIS H 3982 -14.88 -3.62 -30.87
C HIS H 3982 -15.03 -4.24 -32.26
N SER H 3983 -16.03 -3.79 -33.02
CA SER H 3983 -16.25 -4.33 -34.34
C SER H 3983 -15.21 -3.81 -35.32
N ARG H 3984 -15.34 -4.24 -36.58
CA ARG H 3984 -14.36 -3.95 -37.62
C ARG H 3984 -14.79 -2.76 -38.50
N LEU H 3985 -15.85 -2.04 -38.10
CA LEU H 3985 -16.31 -0.93 -38.92
C LEU H 3985 -15.24 0.13 -39.08
N TRP H 3986 -14.22 0.13 -38.23
CA TRP H 3986 -13.07 1.00 -38.46
C TRP H 3986 -12.33 0.62 -39.73
N ASP H 3987 -12.02 -0.67 -39.90
CA ASP H 3987 -11.46 -1.12 -41.16
C ASP H 3987 -12.41 -0.86 -42.30
N ALA H 3988 -13.71 -0.97 -42.04
CA ALA H 3988 -14.70 -0.61 -43.04
C ALA H 3988 -14.55 0.84 -43.46
N VAL H 3989 -14.39 1.74 -42.49
CA VAL H 3989 -14.25 3.16 -42.80
C VAL H 3989 -12.98 3.40 -43.58
N VAL H 3990 -11.90 2.69 -43.23
CA VAL H 3990 -10.64 2.86 -43.95
C VAL H 3990 -10.80 2.46 -45.41
N GLY H 3991 -11.39 1.29 -45.65
CA GLY H 3991 -11.61 0.87 -47.02
C GLY H 3991 -12.49 1.84 -47.79
N PHE H 3992 -13.58 2.29 -47.15
CA PHE H 3992 -14.45 3.26 -47.79
C PHE H 3992 -13.72 4.55 -48.10
N LEU H 3993 -12.84 4.99 -47.19
CA LEU H 3993 -12.12 6.23 -47.42
C LEU H 3993 -11.16 6.11 -48.60
N HIS H 3994 -10.45 4.98 -48.69
CA HIS H 3994 -9.57 4.79 -49.84
C HIS H 3994 -10.38 4.79 -51.14
N VAL H 3995 -11.50 4.08 -51.13
CA VAL H 3995 -12.38 4.09 -52.30
C VAL H 3995 -12.81 5.51 -52.61
N PHE H 3996 -13.24 6.25 -51.59
CA PHE H 3996 -13.72 7.61 -51.80
C PHE H 3996 -12.66 8.45 -52.47
N ALA H 3997 -11.45 8.47 -51.91
CA ALA H 3997 -10.37 9.28 -52.46
C ALA H 3997 -10.13 8.94 -53.92
N HIS H 3998 -10.01 7.65 -54.24
CA HIS H 3998 -9.70 7.29 -55.61
C HIS H 3998 -10.83 7.65 -56.57
N MET H 3999 -12.09 7.48 -56.15
CA MET H 3999 -13.18 7.92 -57.02
C MET H 3999 -13.18 9.43 -57.19
N MET H 4000 -12.83 10.20 -56.16
CA MET H 4000 -12.78 11.65 -56.38
C MET H 4000 -11.73 12.02 -57.40
N MET H 4001 -10.51 11.47 -57.28
CA MET H 4001 -9.51 11.77 -58.31
C MET H 4001 -9.97 11.32 -59.69
N LYS H 4002 -10.62 10.17 -59.79
CA LYS H 4002 -11.05 9.69 -61.10
C LYS H 4002 -12.18 10.55 -61.67
N LEU H 4003 -13.20 10.84 -60.87
CA LEU H 4003 -14.37 11.55 -61.34
C LEU H 4003 -14.04 13.00 -61.69
N ALA H 4004 -13.09 13.59 -60.98
CA ALA H 4004 -12.88 15.04 -61.07
C ALA H 4004 -12.57 15.49 -62.49
N GLN H 4005 -12.01 14.62 -63.32
CA GLN H 4005 -11.57 15.04 -64.64
C GLN H 4005 -12.74 15.31 -65.57
N ASP H 4006 -13.73 14.43 -65.60
CA ASP H 4006 -14.77 14.45 -66.61
C ASP H 4006 -15.93 15.30 -66.13
N SER H 4007 -16.58 16.00 -67.06
CA SER H 4007 -17.72 16.85 -66.73
C SER H 4007 -18.98 16.01 -66.51
N SER H 4008 -19.14 14.93 -67.27
CA SER H 4008 -20.36 14.14 -67.16
C SER H 4008 -20.44 13.42 -65.82
N GLN H 4009 -19.29 13.23 -65.16
CA GLN H 4009 -19.25 12.42 -63.95
C GLN H 4009 -19.72 13.20 -62.73
N ILE H 4010 -20.01 14.50 -62.90
CA ILE H 4010 -20.22 15.36 -61.74
C ILE H 4010 -21.44 14.94 -60.94
N GLU H 4011 -22.43 14.36 -61.61
CA GLU H 4011 -23.64 13.94 -60.88
C GLU H 4011 -23.33 12.79 -59.94
N LEU H 4012 -22.66 11.76 -60.44
CA LEU H 4012 -22.23 10.67 -59.56
C LEU H 4012 -21.28 11.19 -58.50
N LEU H 4013 -20.48 12.20 -58.83
CA LEU H 4013 -19.60 12.79 -57.84
C LEU H 4013 -20.39 13.45 -56.72
N LYS H 4014 -21.48 14.14 -57.07
CA LYS H 4014 -22.35 14.73 -56.06
C LYS H 4014 -22.95 13.65 -55.18
N GLU H 4015 -23.42 12.56 -55.79
CA GLU H 4015 -23.99 11.48 -55.00
C GLU H 4015 -22.93 10.89 -54.07
N LEU H 4016 -21.68 10.82 -54.54
CA LEU H 4016 -20.59 10.32 -53.71
C LEU H 4016 -20.32 11.29 -52.57
N LEU H 4017 -20.41 12.59 -52.84
CA LEU H 4017 -20.24 13.57 -51.78
C LEU H 4017 -21.30 13.37 -50.71
N ASP H 4018 -22.54 13.10 -51.12
CA ASP H 4018 -23.59 12.83 -50.15
C ASP H 4018 -23.31 11.54 -49.37
N LEU H 4019 -22.80 10.52 -50.06
CA LEU H 4019 -22.45 9.28 -49.38
C LEU H 4019 -21.36 9.52 -48.34
N GLN H 4020 -20.35 10.31 -48.69
CA GLN H 4020 -19.31 10.63 -47.73
C GLN H 4020 -19.87 11.48 -46.59
N LYS H 4021 -20.87 12.31 -46.89
CA LYS H 4021 -21.55 13.03 -45.81
C LYS H 4021 -22.19 12.07 -44.83
N ASP H 4022 -22.88 11.06 -45.35
CA ASP H 4022 -23.48 10.05 -44.47
C ASP H 4022 -22.39 9.32 -43.69
N MET H 4023 -21.26 9.05 -44.34
CA MET H 4023 -20.14 8.41 -43.67
C MET H 4023 -19.65 9.25 -42.50
N VAL H 4024 -19.46 10.55 -42.74
CA VAL H 4024 -18.97 11.44 -41.70
C VAL H 4024 -19.99 11.55 -40.58
N VAL H 4025 -21.28 11.55 -40.93
CA VAL H 4025 -22.32 11.59 -39.91
C VAL H 4025 -22.27 10.32 -39.06
N MET H 4026 -22.03 9.18 -39.69
CA MET H 4026 -21.83 7.94 -38.96
C MET H 4026 -20.68 8.07 -37.98
N LEU H 4027 -19.55 8.58 -38.45
CA LEU H 4027 -18.39 8.75 -37.57
C LEU H 4027 -18.72 9.69 -36.41
N LEU H 4028 -19.39 10.80 -36.69
CA LEU H 4028 -19.75 11.74 -35.65
C LEU H 4028 -20.67 11.11 -34.63
N SER H 4029 -21.69 10.39 -35.09
CA SER H 4029 -22.62 9.74 -34.18
C SER H 4029 -21.90 8.74 -33.30
N LEU H 4030 -20.92 8.04 -33.85
CA LEU H 4030 -20.06 7.22 -33.01
C LEU H 4030 -19.31 8.08 -32.00
N LEU H 4031 -18.86 9.26 -32.43
CA LEU H 4031 -18.08 10.11 -31.55
C LEU H 4031 -18.99 10.86 -30.57
N GLU H 4032 -20.30 10.78 -30.77
CA GLU H 4032 -21.22 11.49 -29.90
C GLU H 4032 -21.12 10.98 -28.47
N GLY H 4033 -21.15 11.89 -27.51
CA GLY H 4033 -21.02 11.55 -26.11
C GLY H 4033 -19.61 11.16 -25.69
N ASN H 4034 -18.61 11.43 -26.52
CA ASN H 4034 -17.25 11.04 -26.20
C ASN H 4034 -16.67 11.89 -25.07
N VAL H 4035 -15.84 11.27 -24.25
CA VAL H 4035 -15.06 12.00 -23.26
C VAL H 4035 -13.67 12.27 -23.82
N VAL H 4036 -13.13 13.46 -23.49
CA VAL H 4036 -11.83 13.86 -24.01
C VAL H 4036 -10.80 12.78 -23.73
N ASN H 4037 -10.03 12.43 -24.78
CA ASN H 4037 -9.09 11.32 -24.73
C ASN H 4037 -9.78 10.02 -24.30
N GLY H 4038 -11.00 9.82 -24.79
CA GLY H 4038 -11.70 8.58 -24.51
C GLY H 4038 -11.24 7.46 -25.42
N MET H 4039 -11.68 6.25 -25.11
CA MET H 4039 -11.26 5.09 -25.88
C MET H 4039 -11.89 5.09 -27.28
N ILE H 4040 -13.14 5.54 -27.37
CA ILE H 4040 -13.78 5.63 -28.68
C ILE H 4040 -13.05 6.66 -29.53
N ALA H 4041 -12.79 7.85 -28.98
CA ALA H 4041 -12.06 8.86 -29.72
C ALA H 4041 -10.67 8.38 -30.08
N ARG H 4042 -10.07 7.56 -29.21
CA ARG H 4042 -8.77 6.99 -29.51
C ARG H 4042 -8.85 6.10 -30.75
N GLN H 4043 -9.90 5.28 -30.84
CA GLN H 4043 -10.04 4.45 -32.02
C GLN H 4043 -10.31 5.29 -33.27
N MET H 4044 -11.12 6.35 -33.15
CA MET H 4044 -11.29 7.25 -34.30
C MET H 4044 -9.96 7.80 -34.77
N VAL H 4045 -9.15 8.32 -33.85
CA VAL H 4045 -7.92 8.99 -34.28
C VAL H 4045 -6.95 7.96 -34.86
N ASP H 4046 -6.87 6.77 -34.26
CA ASP H 4046 -6.02 5.74 -34.83
C ASP H 4046 -6.48 5.34 -36.22
N MET H 4047 -7.79 5.26 -36.44
CA MET H 4047 -8.28 4.83 -37.73
C MET H 4047 -8.06 5.92 -38.77
N LEU H 4048 -8.14 7.19 -38.36
CA LEU H 4048 -7.64 8.26 -39.21
C LEU H 4048 -6.17 8.03 -39.55
N VAL H 4049 -5.38 7.64 -38.55
CA VAL H 4049 -3.94 7.52 -38.75
C VAL H 4049 -3.63 6.45 -39.78
N GLU H 4050 -4.27 5.28 -39.67
CA GLU H 4050 -3.97 4.23 -40.64
C GLU H 4050 -4.47 4.58 -42.03
N SER H 4051 -5.44 5.50 -42.10
CA SER H 4051 -5.94 5.99 -43.38
C SER H 4051 -5.33 7.33 -43.75
N SER H 4052 -4.20 7.70 -43.14
CA SER H 4052 -3.65 9.05 -43.29
C SER H 4052 -3.47 9.43 -44.74
N SER H 4053 -3.06 8.47 -45.59
CA SER H 4053 -2.91 8.77 -47.00
C SER H 4053 -4.24 9.24 -47.59
N ASN H 4054 -5.23 8.34 -47.63
CA ASN H 4054 -6.50 8.71 -48.24
C ASN H 4054 -7.05 10.00 -47.63
N VAL H 4055 -6.83 10.18 -46.33
CA VAL H 4055 -7.19 11.43 -45.68
C VAL H 4055 -6.50 12.60 -46.36
N GLU H 4056 -5.20 12.48 -46.63
CA GLU H 4056 -4.48 13.65 -47.11
C GLU H 4056 -4.84 13.97 -48.56
N MET H 4057 -5.04 12.96 -49.41
CA MET H 4057 -5.49 13.34 -50.76
C MET H 4057 -6.93 13.84 -50.76
N ILE H 4058 -7.78 13.36 -49.85
CA ILE H 4058 -9.12 13.91 -49.76
C ILE H 4058 -9.07 15.38 -49.37
N LEU H 4059 -8.32 15.68 -48.31
CA LEU H 4059 -8.14 17.06 -47.87
C LEU H 4059 -7.53 17.90 -48.98
N LYS H 4060 -6.58 17.31 -49.72
CA LYS H 4060 -5.96 18.02 -50.82
C LYS H 4060 -6.98 18.38 -51.89
N PHE H 4061 -7.86 17.44 -52.23
CA PHE H 4061 -8.92 17.72 -53.19
C PHE H 4061 -9.74 18.92 -52.75
N PHE H 4062 -10.23 18.89 -51.51
CA PHE H 4062 -11.06 19.99 -51.06
C PHE H 4062 -10.29 21.30 -51.04
N ASP H 4063 -9.05 21.28 -50.58
CA ASP H 4063 -8.31 22.53 -50.44
C ASP H 4063 -7.88 23.07 -51.80
N MET H 4064 -7.60 22.21 -52.77
CA MET H 4064 -7.26 22.73 -54.09
C MET H 4064 -8.48 23.41 -54.70
N PHE H 4065 -9.67 22.83 -54.53
CA PHE H 4065 -10.84 23.53 -55.03
C PHE H 4065 -11.06 24.87 -54.31
N LEU H 4066 -10.88 24.89 -52.99
CA LEU H 4066 -11.07 26.16 -52.28
C LEU H 4066 -10.05 27.21 -52.73
N LYS H 4067 -8.78 26.81 -52.84
CA LYS H 4067 -7.74 27.73 -53.26
C LYS H 4067 -7.98 28.21 -54.68
N LEU H 4068 -8.39 27.31 -55.57
CA LEU H 4068 -8.79 27.72 -56.91
C LEU H 4068 -9.90 28.75 -56.85
N LYS H 4069 -10.85 28.57 -55.94
CA LYS H 4069 -11.95 29.53 -55.81
C LYS H 4069 -11.43 30.92 -55.48
N ASP H 4070 -10.59 31.06 -54.45
CA ASP H 4070 -10.18 32.42 -54.10
C ASP H 4070 -9.22 32.97 -55.14
N ILE H 4071 -8.48 32.10 -55.83
CA ILE H 4071 -7.57 32.59 -56.87
C ILE H 4071 -8.34 33.13 -58.07
N VAL H 4072 -9.38 32.41 -58.51
CA VAL H 4072 -10.18 32.95 -59.61
C VAL H 4072 -10.94 34.18 -59.12
N GLY H 4073 -11.13 34.29 -57.81
CA GLY H 4073 -11.56 35.56 -57.24
C GLY H 4073 -10.43 36.57 -57.18
N SER H 4074 -9.19 36.11 -57.21
CA SER H 4074 -8.05 36.98 -56.95
C SER H 4074 -7.78 37.93 -58.13
N GLU H 4075 -7.55 39.19 -57.80
CA GLU H 4075 -7.34 40.22 -58.82
C GLU H 4075 -6.05 39.98 -59.59
N ALA H 4076 -5.06 39.34 -58.97
CA ALA H 4076 -3.86 38.99 -59.71
C ALA H 4076 -4.17 38.01 -60.82
N PHE H 4077 -5.00 37.01 -60.53
CA PHE H 4077 -5.45 36.10 -61.57
C PHE H 4077 -6.30 36.81 -62.62
N GLN H 4078 -7.13 37.77 -62.18
CA GLN H 4078 -7.91 38.54 -63.15
C GLN H 4078 -7.01 39.31 -64.10
N ASP H 4079 -5.94 39.91 -63.57
CA ASP H 4079 -4.96 40.58 -64.43
C ASP H 4079 -4.28 39.58 -65.35
N TYR H 4080 -3.99 38.38 -64.85
CA TYR H 4080 -3.38 37.36 -65.70
C TYR H 4080 -4.30 37.02 -66.87
N VAL H 4081 -5.61 36.88 -66.63
CA VAL H 4081 -6.55 36.65 -67.71
C VAL H 4081 -6.61 37.89 -68.58
N THR H 4082 -6.16 37.76 -69.82
CA THR H 4082 -6.12 38.86 -70.77
C THR H 4082 -7.23 38.77 -71.81
N ASP H 4083 -8.12 37.79 -71.70
CA ASP H 4083 -9.20 37.65 -72.67
C ASP H 4083 -10.38 38.53 -72.29
N PRO H 4084 -10.84 39.40 -73.19
CA PRO H 4084 -12.13 40.06 -72.96
C PRO H 4084 -13.27 39.06 -72.84
N ARG H 4085 -13.14 37.91 -73.51
CA ARG H 4085 -14.16 36.88 -73.40
C ARG H 4085 -14.14 36.20 -72.05
N GLY H 4086 -13.03 36.33 -71.32
CA GLY H 4086 -12.87 35.68 -70.04
C GLY H 4086 -12.26 34.30 -70.08
N LEU H 4087 -11.60 33.93 -71.19
CA LEU H 4087 -11.01 32.61 -71.30
C LEU H 4087 -9.50 32.68 -71.20
N ILE H 4088 -8.93 31.91 -70.27
CA ILE H 4088 -7.51 31.93 -69.98
C ILE H 4088 -6.86 30.72 -70.63
N SER H 4089 -5.66 30.92 -71.19
CA SER H 4089 -4.93 29.81 -71.78
C SER H 4089 -4.36 28.92 -70.70
N LYS H 4090 -4.17 27.64 -71.04
CA LYS H 4090 -3.55 26.72 -70.10
C LYS H 4090 -2.14 27.19 -69.75
N LYS H 4091 -1.41 27.74 -70.72
CA LYS H 4091 -0.11 28.31 -70.43
C LYS H 4091 -0.24 29.54 -69.55
N ASP H 4092 -1.18 30.44 -69.89
CA ASP H 4092 -1.40 31.63 -69.08
C ASP H 4092 -1.87 31.26 -67.67
N PHE H 4093 -2.74 30.26 -67.58
CA PHE H 4093 -3.23 29.81 -66.27
C PHE H 4093 -2.08 29.23 -65.46
N GLN H 4094 -1.25 28.40 -66.10
CA GLN H 4094 -0.03 27.89 -65.47
C GLN H 4094 0.82 29.03 -64.93
N LYS H 4095 1.04 30.06 -65.74
CA LYS H 4095 1.84 31.19 -65.32
C LYS H 4095 1.21 31.88 -64.11
N ALA H 4096 -0.11 32.05 -64.13
CA ALA H 4096 -0.80 32.67 -63.00
C ALA H 4096 -0.54 31.90 -61.72
N MET H 4097 -0.77 30.58 -61.74
CA MET H 4097 -0.57 29.81 -60.51
C MET H 4097 0.88 29.79 -60.07
N ASP H 4098 1.82 29.61 -61.00
CA ASP H 4098 3.22 29.55 -60.57
C ASP H 4098 3.67 30.92 -60.07
N SER H 4099 3.02 31.99 -60.50
CA SER H 4099 3.25 33.29 -59.88
C SER H 4099 2.71 33.33 -58.47
N GLN H 4100 1.47 32.83 -58.27
CA GLN H 4100 0.91 32.79 -56.93
C GLN H 4100 1.65 31.78 -56.05
N LYS H 4101 2.28 30.79 -56.66
CA LYS H 4101 3.04 29.72 -56.01
C LYS H 4101 2.21 28.95 -54.99
N GLN H 4102 0.89 29.11 -54.98
CA GLN H 4102 0.06 28.38 -54.02
C GLN H 4102 0.07 26.89 -54.29
N PHE H 4103 0.04 26.50 -55.57
CA PHE H 4103 -0.07 25.12 -55.98
C PHE H 4103 1.28 24.61 -56.45
N THR H 4104 1.59 23.36 -56.11
CA THR H 4104 2.79 22.72 -56.65
C THR H 4104 2.58 22.40 -58.13
N GLY H 4105 3.68 22.03 -58.81
CA GLY H 4105 3.61 21.69 -60.22
C GLY H 4105 2.75 20.50 -60.56
N PRO H 4106 2.96 19.34 -59.93
CA PRO H 4106 2.02 18.23 -60.15
C PRO H 4106 0.60 18.58 -59.77
N GLU H 4107 0.43 19.41 -58.74
CA GLU H 4107 -0.90 19.84 -58.35
C GLU H 4107 -1.56 20.65 -59.46
N ILE H 4108 -0.80 21.55 -60.09
CA ILE H 4108 -1.34 22.36 -61.17
C ILE H 4108 -1.66 21.49 -62.36
N GLN H 4109 -0.81 20.51 -62.66
CA GLN H 4109 -1.09 19.60 -63.77
C GLN H 4109 -2.37 18.81 -63.51
N PHE H 4110 -2.54 18.32 -62.27
CA PHE H 4110 -3.74 17.58 -61.93
C PHE H 4110 -4.97 18.46 -62.03
N LEU H 4111 -4.87 19.70 -61.55
CA LEU H 4111 -6.03 20.58 -61.56
C LEU H 4111 -6.35 21.07 -62.97
N LEU H 4112 -5.33 21.12 -63.84
CA LEU H 4112 -5.56 21.46 -65.23
C LEU H 4112 -6.24 20.31 -65.95
N SER H 4113 -5.80 19.08 -65.67
CA SER H 4113 -6.49 17.91 -66.23
C SER H 4113 -7.93 17.88 -65.77
N CYS H 4114 -8.17 18.17 -64.49
CA CYS H 4114 -9.54 18.26 -63.99
C CYS H 4114 -10.28 19.43 -64.63
N SER H 4115 -9.55 20.45 -65.05
CA SER H 4115 -10.16 21.62 -65.65
C SER H 4115 -10.61 21.33 -67.07
N GLU H 4116 -11.83 21.74 -67.39
CA GLU H 4116 -12.34 21.56 -68.74
C GLU H 4116 -11.70 22.56 -69.68
N ALA H 4117 -11.05 22.06 -70.73
CA ALA H 4117 -10.44 22.87 -71.76
C ALA H 4117 -11.14 22.63 -73.08
N ASP H 4118 -11.65 23.69 -73.69
CA ASP H 4118 -12.37 23.57 -74.94
C ASP H 4118 -11.40 23.39 -76.12
N GLU H 4119 -11.95 23.48 -77.33
CA GLU H 4119 -11.16 23.21 -78.53
C GLU H 4119 -9.98 24.17 -78.64
N ASN H 4120 -10.16 25.42 -78.19
CA ASN H 4120 -9.08 26.40 -78.28
C ASN H 4120 -8.05 26.19 -77.18
N GLU H 4121 -8.30 25.23 -76.29
CA GLU H 4121 -7.60 24.99 -75.02
C GLU H 4121 -7.90 26.13 -74.07
N MET H 4122 -8.87 26.99 -74.40
CA MET H 4122 -9.22 28.09 -73.52
C MET H 4122 -9.93 27.54 -72.30
N ILE H 4123 -9.84 28.26 -71.18
CA ILE H 4123 -10.45 27.82 -69.92
C ILE H 4123 -11.40 28.90 -69.44
N ASN H 4124 -12.64 28.51 -69.15
CA ASN H 4124 -13.59 29.40 -68.49
C ASN H 4124 -13.54 29.09 -67.00
N PHE H 4125 -12.84 29.94 -66.24
CA PHE H 4125 -12.58 29.64 -64.84
C PHE H 4125 -13.84 29.76 -64.00
N GLU H 4126 -14.84 30.49 -64.50
CA GLU H 4126 -16.03 30.76 -63.69
C GLU H 4126 -16.80 29.49 -63.37
N GLU H 4127 -17.29 28.80 -64.40
CA GLU H 4127 -18.04 27.57 -64.15
C GLU H 4127 -17.13 26.51 -63.54
N PHE H 4128 -15.84 26.54 -63.88
CA PHE H 4128 -14.89 25.60 -63.29
C PHE H 4128 -14.87 25.73 -61.78
N ALA H 4129 -14.82 26.96 -61.27
CA ALA H 4129 -14.82 27.16 -59.82
C ALA H 4129 -16.21 26.89 -59.24
N ASN H 4130 -17.26 27.36 -59.91
CA ASN H 4130 -18.60 27.29 -59.33
C ASN H 4130 -19.10 25.87 -59.23
N ARG H 4131 -18.80 25.04 -60.23
CA ARG H 4131 -19.38 23.70 -60.30
C ARG H 4131 -18.95 22.83 -59.13
N PHE H 4132 -17.75 23.11 -58.59
CA PHE H 4132 -17.22 22.23 -57.56
C PHE H 4132 -17.49 22.78 -56.15
N GLN H 4133 -17.46 24.11 -56.01
CA GLN H 4133 -17.54 24.70 -54.67
C GLN H 4133 -18.87 24.39 -54.00
N GLU H 4134 -19.98 24.57 -54.73
CA GLU H 4134 -21.29 24.38 -54.10
C GLU H 4134 -21.51 22.97 -53.58
N PRO H 4135 -21.34 21.90 -54.36
CA PRO H 4135 -21.57 20.56 -53.80
C PRO H 4135 -20.62 20.23 -52.66
N ALA H 4136 -19.38 20.69 -52.73
CA ALA H 4136 -18.38 20.29 -51.76
C ALA H 4136 -18.59 20.99 -50.42
N ARG H 4137 -19.48 21.98 -50.38
CA ARG H 4137 -19.61 22.79 -49.17
C ARG H 4137 -20.03 21.95 -47.98
N ASP H 4138 -21.09 21.15 -48.12
CA ASP H 4138 -21.62 20.41 -46.98
C ASP H 4138 -20.63 19.35 -46.50
N ILE H 4139 -20.01 18.63 -47.43
CA ILE H 4139 -19.09 17.57 -47.04
C ILE H 4139 -17.83 18.16 -46.41
N GLY H 4140 -17.33 19.25 -46.97
CA GLY H 4140 -16.19 19.91 -46.35
C GLY H 4140 -16.51 20.43 -44.97
N PHE H 4141 -17.71 21.00 -44.80
CA PHE H 4141 -18.14 21.45 -43.49
C PHE H 4141 -18.15 20.31 -42.50
N ASN H 4142 -18.73 19.17 -42.89
CA ASN H 4142 -18.80 18.04 -41.98
C ASN H 4142 -17.42 17.49 -41.66
N VAL H 4143 -16.54 17.43 -42.65
CA VAL H 4143 -15.18 16.96 -42.40
C VAL H 4143 -14.46 17.88 -41.43
N ALA H 4144 -14.61 19.19 -41.62
CA ALA H 4144 -14.00 20.14 -40.70
C ALA H 4144 -14.55 19.99 -39.30
N VAL H 4145 -15.87 19.78 -39.19
CA VAL H 4145 -16.48 19.61 -37.87
C VAL H 4145 -15.90 18.39 -37.19
N LEU H 4146 -15.76 17.29 -37.93
CA LEU H 4146 -15.17 16.08 -37.35
C LEU H 4146 -13.74 16.33 -36.90
N LEU H 4147 -12.97 17.04 -37.72
CA LEU H 4147 -11.58 17.30 -37.38
C LEU H 4147 -11.47 18.13 -36.10
N THR H 4148 -12.29 19.18 -35.99
CA THR H 4148 -12.26 19.99 -34.77
C THR H 4148 -12.73 19.19 -33.57
N ASN H 4149 -13.74 18.34 -33.75
CA ASN H 4149 -14.21 17.53 -32.63
C ASN H 4149 -13.13 16.60 -32.13
N LEU H 4150 -12.41 15.95 -33.04
CA LEU H 4150 -11.33 15.07 -32.63
C LEU H 4150 -10.20 15.87 -32.00
N SER H 4151 -9.93 17.07 -32.52
CA SER H 4151 -8.91 17.91 -31.91
C SER H 4151 -9.28 18.26 -30.47
N GLU H 4152 -10.54 18.62 -30.25
CA GLU H 4152 -10.98 18.95 -28.90
C GLU H 4152 -10.91 17.75 -27.98
N HIS H 4153 -11.34 16.59 -28.46
CA HIS H 4153 -11.37 15.41 -27.60
C HIS H 4153 -9.97 14.93 -27.26
N VAL H 4154 -9.11 14.78 -28.26
CA VAL H 4154 -7.73 14.38 -28.07
C VAL H 4154 -6.85 15.60 -28.31
N PRO H 4155 -6.32 16.23 -27.28
CA PRO H 4155 -5.55 17.46 -27.51
C PRO H 4155 -4.16 17.21 -28.05
N HIS H 4156 -3.57 16.05 -27.75
CA HIS H 4156 -2.15 15.82 -27.97
C HIS H 4156 -1.94 14.64 -28.91
N ASP H 4157 -1.83 14.95 -30.20
CA ASP H 4157 -1.36 13.99 -31.19
C ASP H 4157 -0.71 14.75 -32.33
N PRO H 4158 0.61 14.61 -32.52
CA PRO H 4158 1.27 15.29 -33.64
C PRO H 4158 0.68 14.90 -34.98
N ARG H 4159 0.22 13.65 -35.12
CA ARG H 4159 -0.45 13.25 -36.35
C ARG H 4159 -1.71 14.08 -36.57
N LEU H 4160 -2.52 14.27 -35.52
CA LEU H 4160 -3.71 15.10 -35.63
C LEU H 4160 -3.33 16.52 -35.99
N ARG H 4161 -2.26 17.04 -35.38
CA ARG H 4161 -1.79 18.38 -35.74
C ARG H 4161 -1.49 18.47 -37.23
N ASN H 4162 -0.77 17.49 -37.77
CA ASN H 4162 -0.37 17.57 -39.17
C ASN H 4162 -1.59 17.47 -40.08
N PHE H 4163 -2.53 16.57 -39.76
CA PHE H 4163 -3.75 16.50 -40.57
C PHE H 4163 -4.49 17.82 -40.54
N LEU H 4164 -4.60 18.44 -39.37
CA LEU H 4164 -5.26 19.74 -39.29
C LEU H 4164 -4.54 20.77 -40.13
N GLU H 4165 -3.20 20.74 -40.13
CA GLU H 4165 -2.43 21.66 -40.96
C GLU H 4165 -2.74 21.45 -42.42
N LEU H 4166 -2.94 20.20 -42.84
CA LEU H 4166 -3.36 19.95 -44.22
C LEU H 4166 -4.72 20.59 -44.48
N ALA H 4167 -5.64 20.48 -43.54
CA ALA H 4167 -6.98 21.03 -43.70
C ALA H 4167 -7.10 22.46 -43.21
N GLU H 4168 -5.98 23.18 -43.06
CA GLU H 4168 -6.03 24.51 -42.47
C GLU H 4168 -6.86 25.47 -43.30
N SER H 4169 -6.70 25.41 -44.63
CA SER H 4169 -7.47 26.29 -45.50
C SER H 4169 -8.97 26.00 -45.38
N ILE H 4170 -9.34 24.72 -45.36
CA ILE H 4170 -10.74 24.36 -45.19
C ILE H 4170 -11.26 24.88 -43.88
N LEU H 4171 -10.49 24.71 -42.81
CA LEU H 4171 -10.90 25.18 -41.49
C LEU H 4171 -11.11 26.68 -41.49
N GLU H 4172 -10.19 27.42 -42.10
CA GLU H 4172 -10.31 28.87 -42.12
C GLU H 4172 -11.52 29.32 -42.94
N TYR H 4173 -11.74 28.67 -44.08
CA TYR H 4173 -12.89 29.05 -44.89
C TYR H 4173 -14.20 28.78 -44.16
N PHE H 4174 -14.29 27.63 -43.50
CA PHE H 4174 -15.52 27.26 -42.81
C PHE H 4174 -15.61 27.84 -41.40
N ARG H 4175 -14.59 28.59 -40.97
CA ARG H 4175 -14.57 29.08 -39.59
C ARG H 4175 -15.83 29.85 -39.24
N PRO H 4176 -16.29 30.85 -40.01
CA PRO H 4176 -17.57 31.48 -39.65
C PRO H 4176 -18.71 30.49 -39.64
N TYR H 4177 -18.67 29.48 -40.51
CA TYR H 4177 -19.82 28.62 -40.70
C TYR H 4177 -19.96 27.61 -39.57
N LEU H 4178 -18.84 27.13 -39.02
CA LEU H 4178 -18.91 26.24 -37.87
C LEU H 4178 -19.55 26.95 -36.69
N GLY H 4179 -20.43 26.22 -36.00
CA GLY H 4179 -21.04 26.75 -34.80
C GLY H 4179 -20.72 25.89 -33.60
N ARG H 4180 -20.10 26.48 -32.59
CA ARG H 4180 -19.68 25.78 -31.39
C ARG H 4180 -20.56 26.23 -30.23
N ILE H 4181 -21.05 25.27 -29.46
CA ILE H 4181 -21.92 25.58 -28.33
C ILE H 4181 -21.75 24.52 -27.26
N GLU H 4182 -21.98 24.92 -26.02
CA GLU H 4182 -21.82 24.05 -24.86
C GLU H 4182 -23.19 23.69 -24.30
N ILE H 4183 -23.34 22.44 -23.88
CA ILE H 4183 -24.62 21.89 -23.43
C ILE H 4183 -24.37 21.16 -22.13
N MET H 4184 -25.24 21.38 -21.14
CA MET H 4184 -25.10 20.62 -19.91
C MET H 4184 -25.43 19.17 -20.21
N GLY H 4185 -24.53 18.27 -19.86
CA GLY H 4185 -24.68 16.89 -20.27
C GLY H 4185 -25.74 16.16 -19.48
N ALA H 4186 -26.64 15.48 -20.20
CA ALA H 4186 -27.60 14.62 -19.53
C ALA H 4186 -26.89 13.52 -18.74
N SER H 4187 -25.64 13.23 -19.11
CA SER H 4187 -24.81 12.36 -18.29
C SER H 4187 -24.26 13.09 -17.07
N ARG H 4188 -24.81 14.26 -16.77
CA ARG H 4188 -24.36 15.10 -15.65
C ARG H 4188 -22.92 15.55 -15.86
N ARG H 4189 -22.45 15.48 -17.09
CA ARG H 4189 -21.12 15.96 -17.46
C ARG H 4189 -21.26 16.84 -18.70
N ILE H 4190 -20.88 18.11 -18.55
CA ILE H 4190 -21.10 19.09 -19.61
C ILE H 4190 -20.44 18.62 -20.90
N GLU H 4191 -21.04 18.99 -22.03
CA GLU H 4191 -20.59 18.53 -23.34
C GLU H 4191 -20.58 19.70 -24.31
N ARG H 4192 -20.04 19.43 -25.50
CA ARG H 4192 -20.01 20.40 -26.58
C ARG H 4192 -20.75 19.85 -27.79
N ILE H 4193 -21.41 20.74 -28.52
CA ILE H 4193 -22.18 20.38 -29.70
C ILE H 4193 -21.80 21.33 -30.82
N TYR H 4194 -21.70 20.81 -32.03
CA TYR H 4194 -21.31 21.59 -33.20
C TYR H 4194 -22.43 21.54 -34.23
N PHE H 4195 -22.69 22.68 -34.87
CA PHE H 4195 -23.82 22.83 -35.76
C PHE H 4195 -23.49 23.82 -36.86
N GLU H 4196 -24.27 23.78 -37.94
CA GLU H 4196 -24.05 24.68 -39.07
C GLU H 4196 -24.83 25.97 -38.88
N ILE H 4197 -24.23 27.08 -39.28
CA ILE H 4197 -24.84 28.40 -39.19
C ILE H 4197 -25.02 28.94 -40.60
N SER H 4198 -26.25 29.33 -40.93
CA SER H 4198 -26.52 29.87 -42.25
C SER H 4198 -25.91 31.26 -42.39
N GLU H 4199 -25.28 31.52 -43.54
CA GLU H 4199 -24.79 32.86 -43.83
C GLU H 4199 -25.94 33.84 -43.90
N THR H 4200 -27.08 33.41 -44.47
CA THR H 4200 -28.26 34.25 -44.48
C THR H 4200 -28.71 34.57 -43.06
N ASN H 4201 -28.70 33.58 -42.18
CA ASN H 4201 -29.11 33.82 -40.80
C ASN H 4201 -28.14 34.77 -40.09
N ARG H 4202 -26.85 34.63 -40.36
CA ARG H 4202 -25.90 35.60 -39.80
C ARG H 4202 -26.20 37.00 -40.29
N ALA H 4203 -26.41 37.14 -41.60
CA ALA H 4203 -26.74 38.45 -42.15
C ALA H 4203 -27.97 39.02 -41.46
N GLN H 4204 -29.00 38.20 -41.27
CA GLN H 4204 -30.18 38.64 -40.54
C GLN H 4204 -29.81 39.07 -39.12
N TRP H 4205 -28.85 38.37 -38.51
CA TRP H 4205 -28.37 38.79 -37.20
C TRP H 4205 -27.64 40.13 -37.27
N GLU H 4206 -27.23 40.52 -38.47
CA GLU H 4206 -26.39 41.71 -38.58
C GLU H 4206 -27.20 43.00 -38.67
N MET H 4207 -28.52 42.90 -38.64
CA MET H 4207 -29.33 44.11 -38.71
C MET H 4207 -29.12 44.99 -37.47
N PRO H 4208 -28.88 46.28 -37.67
CA PRO H 4208 -28.61 47.15 -36.52
C PRO H 4208 -29.73 47.17 -35.50
N GLN H 4209 -30.99 47.16 -35.93
CA GLN H 4209 -32.08 47.27 -34.97
C GLN H 4209 -32.21 46.01 -34.13
N VAL H 4210 -31.93 44.84 -34.72
CA VAL H 4210 -31.96 43.64 -33.91
C VAL H 4210 -30.79 43.63 -32.94
N LYS H 4211 -29.65 44.20 -33.34
CA LYS H 4211 -28.58 44.39 -32.36
C LYS H 4211 -28.99 45.32 -31.22
N GLU H 4212 -29.71 46.39 -31.54
CA GLU H 4212 -30.16 47.30 -30.48
C GLU H 4212 -31.13 46.62 -29.54
N SER H 4213 -32.07 45.83 -30.08
CA SER H 4213 -32.98 45.08 -29.23
C SER H 4213 -32.21 44.09 -28.37
N LYS H 4214 -31.16 43.49 -28.93
CA LYS H 4214 -30.31 42.61 -28.15
C LYS H 4214 -29.67 43.38 -26.99
N ARG H 4215 -29.19 44.58 -27.25
CA ARG H 4215 -28.58 45.38 -26.20
C ARG H 4215 -29.60 45.70 -25.11
N GLN H 4216 -30.81 46.07 -25.51
CA GLN H 4216 -31.86 46.36 -24.54
C GLN H 4216 -32.15 45.14 -23.67
N PHE H 4217 -32.33 43.98 -24.31
CA PHE H 4217 -32.59 42.76 -23.58
C PHE H 4217 -31.45 42.43 -22.62
N ILE H 4218 -30.22 42.62 -23.08
CA ILE H 4218 -29.06 42.34 -22.23
C ILE H 4218 -29.08 43.25 -21.01
N PHE H 4219 -29.36 44.53 -21.22
CA PHE H 4219 -29.42 45.45 -20.10
C PHE H 4219 -30.49 45.03 -19.11
N ASP H 4220 -31.68 44.67 -19.61
CA ASP H 4220 -32.76 44.29 -18.72
C ASP H 4220 -32.42 43.05 -17.92
N VAL H 4221 -31.83 42.03 -18.55
CA VAL H 4221 -31.56 40.82 -17.81
C VAL H 4221 -30.44 41.05 -16.79
N VAL H 4222 -29.39 41.76 -17.20
CA VAL H 4222 -28.30 42.03 -16.26
C VAL H 4222 -28.80 42.85 -15.08
N ASN H 4223 -29.86 43.65 -15.28
CA ASN H 4223 -30.25 44.56 -14.22
C ASN H 4223 -31.32 43.97 -13.30
N GLU H 4224 -32.35 43.31 -13.85
CA GLU H 4224 -33.42 42.79 -13.00
C GLU H 4224 -33.48 41.27 -12.95
N GLY H 4225 -32.79 40.58 -13.85
CA GLY H 4225 -33.03 39.16 -14.10
C GLY H 4225 -32.22 38.27 -13.18
N GLY H 4226 -32.93 37.54 -12.33
CA GLY H 4226 -32.29 36.51 -11.53
C GLY H 4226 -31.94 35.29 -12.35
N GLU H 4227 -31.12 34.42 -11.77
CA GLU H 4227 -30.56 33.30 -12.52
C GLU H 4227 -31.66 32.38 -13.06
N ALA H 4228 -32.65 32.05 -12.23
CA ALA H 4228 -33.74 31.20 -12.70
C ALA H 4228 -34.53 31.88 -13.79
N GLU H 4229 -34.83 33.17 -13.61
CA GLU H 4229 -35.56 33.90 -14.63
C GLU H 4229 -34.70 34.12 -15.87
N LYS H 4230 -33.42 34.45 -15.68
CA LYS H 4230 -32.55 34.82 -16.79
C LYS H 4230 -32.57 33.75 -17.88
N MET H 4231 -32.72 32.49 -17.49
CA MET H 4231 -32.71 31.41 -18.46
C MET H 4231 -33.93 31.51 -19.39
N GLU H 4232 -35.11 31.57 -18.79
CA GLU H 4232 -36.33 31.72 -19.56
C GLU H 4232 -36.33 33.02 -20.33
N LEU H 4233 -35.77 34.08 -19.75
CA LEU H 4233 -35.71 35.37 -20.43
C LEU H 4233 -34.86 35.27 -21.70
N PHE H 4234 -33.73 34.58 -21.63
CA PHE H 4234 -32.93 34.39 -22.83
C PHE H 4234 -33.69 33.59 -23.88
N VAL H 4235 -34.40 32.54 -23.45
CA VAL H 4235 -35.17 31.76 -24.40
C VAL H 4235 -36.22 32.64 -25.07
N SER H 4236 -36.94 33.43 -24.29
CA SER H 4236 -37.99 34.28 -24.83
C SER H 4236 -37.41 35.36 -25.74
N PHE H 4237 -36.24 35.89 -25.38
CA PHE H 4237 -35.58 36.87 -26.23
C PHE H 4237 -35.24 36.27 -27.57
N CYS H 4238 -34.71 35.04 -27.57
CA CYS H 4238 -34.42 34.39 -28.84
C CYS H 4238 -35.68 34.15 -29.64
N GLU H 4239 -36.75 33.88 -28.92
CA GLU H 4239 -38.00 33.65 -29.65
C GLU H 4239 -38.30 34.95 -30.37
N ASP H 4240 -38.56 35.97 -29.60
CA ASP H 4240 -38.91 37.25 -30.19
C ASP H 4240 -37.96 37.58 -31.34
N THR H 4241 -36.68 37.24 -31.16
CA THR H 4241 -35.69 37.56 -32.16
C THR H 4241 -35.99 36.86 -33.47
N ILE H 4242 -36.25 35.54 -33.41
CA ILE H 4242 -36.56 34.81 -34.65
C ILE H 4242 -37.84 35.35 -35.26
N PHE H 4243 -38.84 35.67 -34.43
CA PHE H 4243 -40.01 36.36 -34.94
C PHE H 4243 -39.58 37.58 -35.76
N GLU H 4244 -38.63 38.34 -35.24
CA GLU H 4244 -38.24 39.57 -35.91
C GLU H 4244 -37.49 39.25 -37.20
N MET H 4245 -36.74 38.15 -37.23
CA MET H 4245 -36.17 37.75 -38.52
C MET H 4245 -37.24 37.49 -39.56
N GLN H 4246 -38.28 36.72 -39.23
CA GLN H 4246 -39.28 36.51 -40.28
C GLN H 4246 -39.99 37.82 -40.62
N ILE H 4247 -40.19 38.70 -39.63
CA ILE H 4247 -40.81 39.99 -39.92
C ILE H 4247 -39.97 40.75 -40.94
N ALA H 4248 -38.67 40.83 -40.70
CA ALA H 4248 -37.77 41.48 -41.64
C ALA H 4248 -37.76 40.75 -42.97
N ALA H 4249 -38.02 39.45 -42.94
CA ALA H 4249 -38.07 38.70 -44.20
C ALA H 4249 -39.21 39.16 -45.08
N GLN H 4250 -40.42 39.29 -44.52
CA GLN H 4250 -41.51 39.81 -45.35
C GLN H 4250 -41.30 41.27 -45.71
N ILE H 4251 -40.93 42.11 -44.74
CA ILE H 4251 -40.82 43.54 -45.03
C ILE H 4251 -39.61 43.82 -45.91
N SER H 4252 -38.76 42.83 -46.12
CA SER H 4252 -37.49 43.04 -46.80
C SER H 4252 -37.71 43.38 -48.27
N GLU H 4253 -36.78 44.15 -48.82
CA GLU H 4253 -36.82 44.48 -50.24
C GLU H 4253 -36.60 43.21 -51.06
N PRO H 4254 -37.27 43.08 -52.21
CA PRO H 4254 -37.09 41.99 -53.19
C PRO H 4254 -35.62 41.63 -53.42
N PHE H 4540 -58.88 44.86 -61.71
CA PHE H 4540 -57.99 46.02 -61.72
C PHE H 4540 -57.37 46.21 -60.34
N TRP H 4541 -57.83 45.43 -59.37
CA TRP H 4541 -57.44 45.67 -57.98
C TRP H 4541 -56.18 44.90 -57.61
N GLY H 4542 -55.81 43.90 -58.41
CA GLY H 4542 -54.59 43.17 -58.13
C GLY H 4542 -53.36 44.03 -58.25
N GLU H 4543 -53.29 44.84 -59.31
CA GLU H 4543 -52.16 45.75 -59.50
C GLU H 4543 -52.09 46.76 -58.37
N LEU H 4544 -53.25 47.32 -58.00
CA LEU H 4544 -53.27 48.28 -56.90
C LEU H 4544 -52.84 47.64 -55.60
N GLU H 4545 -53.24 46.38 -55.38
CA GLU H 4545 -52.89 45.72 -54.13
C GLU H 4545 -51.41 45.40 -54.07
N VAL H 4546 -50.81 44.97 -55.19
CA VAL H 4546 -49.38 44.67 -55.16
C VAL H 4546 -48.58 45.95 -55.01
N GLN H 4547 -49.02 47.04 -55.65
CA GLN H 4547 -48.38 48.33 -55.39
C GLN H 4547 -48.55 48.74 -53.93
N ARG H 4548 -49.71 48.43 -53.35
CA ARG H 4548 -49.95 48.77 -51.94
C ARG H 4548 -48.99 48.03 -51.02
N VAL H 4549 -48.81 46.73 -51.24
CA VAL H 4549 -47.91 45.98 -50.37
C VAL H 4549 -46.46 46.40 -50.61
N LYS H 4550 -46.12 46.75 -51.86
CA LYS H 4550 -44.79 47.29 -52.12
C LYS H 4550 -44.57 48.57 -51.34
N PHE H 4551 -45.54 49.48 -51.38
CA PHE H 4551 -45.40 50.75 -50.66
C PHE H 4551 -45.34 50.51 -49.15
N LEU H 4552 -46.12 49.55 -48.66
CA LEU H 4552 -46.10 49.24 -47.25
C LEU H 4552 -44.73 48.72 -46.83
N ASN H 4553 -44.17 47.80 -47.62
CA ASN H 4553 -42.84 47.28 -47.31
C ASN H 4553 -41.80 48.39 -47.37
N TYR H 4554 -41.93 49.30 -48.33
CA TYR H 4554 -40.98 50.41 -48.42
C TYR H 4554 -41.07 51.31 -47.20
N LEU H 4555 -42.28 51.68 -46.81
CA LEU H 4555 -42.47 52.51 -45.63
C LEU H 4555 -41.94 51.82 -44.38
N SER H 4556 -42.12 50.50 -44.29
CA SER H 4556 -41.59 49.77 -43.14
C SER H 4556 -40.07 49.76 -43.13
N ARG H 4557 -39.46 49.47 -44.29
CA ARG H 4557 -38.01 49.48 -44.38
C ARG H 4557 -37.44 50.83 -43.97
N ASN H 4558 -38.08 51.90 -44.42
CA ASN H 4558 -37.57 53.25 -44.20
C ASN H 4558 -38.18 53.90 -42.98
N PHE H 4559 -38.53 53.12 -41.95
CA PHE H 4559 -39.24 53.70 -40.81
C PHE H 4559 -38.36 54.68 -40.05
N TYR H 4560 -37.13 54.28 -39.70
CA TYR H 4560 -36.27 55.17 -38.92
C TYR H 4560 -35.89 56.38 -39.76
N THR H 4561 -35.73 56.19 -41.06
CA THR H 4561 -35.48 57.33 -41.94
C THR H 4561 -36.63 58.31 -41.89
N LEU H 4562 -37.85 57.83 -42.09
CA LEU H 4562 -39.01 58.72 -42.01
C LEU H 4562 -39.08 59.36 -40.64
N ARG H 4563 -38.67 58.64 -39.61
CA ARG H 4563 -38.70 59.16 -38.25
C ARG H 4563 -37.79 60.36 -38.08
N PHE H 4564 -36.51 60.23 -38.46
CA PHE H 4564 -35.61 61.33 -38.14
C PHE H 4564 -35.80 62.48 -39.13
N LEU H 4565 -36.22 62.19 -40.36
CA LEU H 4565 -36.64 63.28 -41.23
C LEU H 4565 -37.85 63.99 -40.67
N ALA H 4566 -38.75 63.27 -40.00
CA ALA H 4566 -39.90 63.90 -39.38
C ALA H 4566 -39.48 64.84 -38.25
N LEU H 4567 -38.57 64.38 -37.39
CA LEU H 4567 -38.20 65.24 -36.26
C LEU H 4567 -37.38 66.43 -36.74
N PHE H 4568 -36.55 66.23 -37.77
CA PHE H 4568 -35.84 67.36 -38.37
C PHE H 4568 -36.84 68.33 -38.99
N LEU H 4569 -37.88 67.80 -39.63
CA LEU H 4569 -38.92 68.64 -40.19
C LEU H 4569 -39.56 69.49 -39.11
N ALA H 4570 -39.90 68.87 -37.98
CA ALA H 4570 -40.52 69.60 -36.89
C ALA H 4570 -39.60 70.69 -36.35
N PHE H 4571 -38.31 70.39 -36.23
CA PHE H 4571 -37.35 71.41 -35.81
C PHE H 4571 -37.34 72.58 -36.80
N ALA H 4572 -37.37 72.26 -38.09
CA ALA H 4572 -37.42 73.32 -39.10
C ALA H 4572 -38.68 74.16 -38.95
N ILE H 4573 -39.82 73.51 -38.72
CA ILE H 4573 -41.07 74.25 -38.54
C ILE H 4573 -40.95 75.17 -37.33
N ASN H 4574 -40.34 74.69 -36.25
CA ASN H 4574 -40.15 75.55 -35.08
C ASN H 4574 -39.30 76.76 -35.42
N PHE H 4575 -38.21 76.54 -36.15
CA PHE H 4575 -37.36 77.66 -36.54
C PHE H 4575 -38.12 78.66 -37.40
N ILE H 4576 -39.00 78.16 -38.26
CA ILE H 4576 -39.84 79.07 -39.05
C ILE H 4576 -40.83 79.80 -38.15
N LEU H 4577 -41.31 79.13 -37.09
CA LEU H 4577 -42.17 79.80 -36.13
C LEU H 4577 -41.45 80.96 -35.49
N LEU H 4578 -40.14 80.82 -35.26
CA LEU H 4578 -39.35 81.97 -34.86
C LEU H 4578 -39.45 83.05 -35.92
N PHE H 4579 -39.22 84.30 -35.50
CA PHE H 4579 -39.26 85.53 -36.29
C PHE H 4579 -40.68 86.03 -36.53
N TYR H 4580 -41.66 85.58 -35.76
CA TYR H 4580 -43.05 85.93 -36.01
C TYR H 4580 -43.49 87.00 -35.01
N LYS H 4581 -43.71 88.22 -35.51
CA LYS H 4581 -43.88 89.39 -34.65
C LYS H 4581 -45.32 89.50 -34.22
N VAL H 4582 -45.60 90.50 -33.37
CA VAL H 4582 -46.96 90.90 -33.02
C VAL H 4582 -47.02 92.41 -32.99
N SER H 4583 -48.23 92.95 -33.16
CA SER H 4583 -48.54 94.36 -32.95
C SER H 4583 -50.04 94.57 -33.11
N ASP H 4584 -50.52 95.71 -32.61
CA ASP H 4584 -51.95 95.97 -32.62
C ASP H 4584 -52.47 96.21 -34.04
N SER H 4585 -51.78 97.04 -34.80
CA SER H 4585 -52.30 97.44 -36.09
C SER H 4585 -52.19 96.29 -37.09
N PRO H 4586 -53.05 96.23 -38.10
CA PRO H 4586 -52.91 95.22 -39.15
C PRO H 4586 -51.62 95.44 -39.93
N PRO H 4587 -51.03 94.38 -40.49
CA PRO H 4587 -49.76 94.46 -41.21
C PRO H 4587 -49.81 95.44 -42.37
N ASN H 4626 -59.47 95.80 -28.82
CA ASN H 4626 -58.36 95.85 -29.77
C ASN H 4626 -57.76 94.47 -30.00
N MET H 4627 -57.61 94.11 -31.28
CA MET H 4627 -56.99 92.84 -31.67
C MET H 4627 -55.54 93.09 -32.07
N VAL H 4628 -54.63 92.41 -31.36
CA VAL H 4628 -53.22 92.55 -31.69
C VAL H 4628 -52.90 91.62 -32.85
N TYR H 4629 -52.44 92.21 -33.95
CA TYR H 4629 -52.25 91.49 -35.21
C TYR H 4629 -50.93 90.75 -35.17
N TYR H 4630 -51.00 89.43 -35.09
CA TYR H 4630 -49.82 88.57 -35.06
C TYR H 4630 -49.33 88.36 -36.47
N PHE H 4631 -48.39 89.21 -36.91
CA PHE H 4631 -47.86 89.16 -38.26
C PHE H 4631 -46.35 88.96 -38.23
N LEU H 4632 -45.82 88.34 -39.28
CA LEU H 4632 -44.38 88.09 -39.35
C LEU H 4632 -43.74 88.93 -40.44
N GLU H 4633 -42.69 89.66 -40.07
CA GLU H 4633 -41.95 90.50 -41.01
C GLU H 4633 -40.60 89.87 -41.32
N GLU H 4634 -40.30 89.76 -42.61
CA GLU H 4634 -38.97 89.42 -43.09
C GLU H 4634 -38.88 89.94 -44.52
N SER H 4635 -37.67 89.91 -45.08
CA SER H 4635 -37.43 90.56 -46.36
C SER H 4635 -38.22 89.92 -47.49
N THR H 4636 -38.16 88.59 -47.61
CA THR H 4636 -38.69 87.92 -48.79
C THR H 4636 -40.22 87.85 -48.76
N GLY H 4637 -40.80 87.62 -47.59
CA GLY H 4637 -42.21 87.31 -47.50
C GLY H 4637 -42.55 85.87 -47.80
N TYR H 4638 -41.53 85.03 -48.02
CA TYR H 4638 -41.78 83.65 -48.48
C TYR H 4638 -42.11 82.73 -47.31
N MET H 4639 -41.70 83.10 -46.10
CA MET H 4639 -41.76 82.15 -44.99
C MET H 4639 -43.19 81.82 -44.59
N GLU H 4640 -44.16 82.66 -44.95
CA GLU H 4640 -45.53 82.30 -44.63
C GLU H 4640 -46.02 81.11 -45.46
N PRO H 4641 -46.00 81.16 -46.81
CA PRO H 4641 -46.30 79.93 -47.56
C PRO H 4641 -45.35 78.80 -47.23
N ALA H 4642 -44.10 79.14 -46.95
CA ALA H 4642 -43.15 78.10 -46.56
C ALA H 4642 -43.63 77.35 -45.33
N LEU H 4643 -44.03 78.08 -44.29
CA LEU H 4643 -44.51 77.45 -43.07
C LEU H 4643 -45.78 76.65 -43.34
N TRP H 4644 -46.68 77.17 -44.17
CA TRP H 4644 -47.92 76.45 -44.42
C TRP H 4644 -47.64 75.11 -45.11
N CYS H 4645 -46.84 75.14 -46.18
CA CYS H 4645 -46.49 73.89 -46.86
C CYS H 4645 -45.72 72.95 -45.94
N LEU H 4646 -44.81 73.49 -45.14
CA LEU H 4646 -44.04 72.66 -44.22
C LEU H 4646 -44.94 72.00 -43.19
N SER H 4647 -45.97 72.71 -42.74
CA SER H 4647 -46.93 72.12 -41.83
C SER H 4647 -47.67 70.96 -42.49
N LEU H 4648 -48.09 71.15 -43.74
CA LEU H 4648 -48.74 70.05 -44.46
C LEU H 4648 -47.81 68.84 -44.55
N LEU H 4649 -46.55 69.08 -44.89
CA LEU H 4649 -45.58 68.00 -45.00
C LEU H 4649 -45.40 67.30 -43.66
N HIS H 4650 -45.31 68.07 -42.57
CA HIS H 4650 -45.15 67.45 -41.26
C HIS H 4650 -46.33 66.55 -40.94
N THR H 4651 -47.55 67.03 -41.22
CA THR H 4651 -48.73 66.22 -40.92
C THR H 4651 -48.72 64.92 -41.71
N LEU H 4652 -48.47 64.99 -43.01
CA LEU H 4652 -48.56 63.75 -43.80
C LEU H 4652 -47.43 62.80 -43.45
N VAL H 4653 -46.24 63.34 -43.15
CA VAL H 4653 -45.13 62.49 -42.74
C VAL H 4653 -45.45 61.82 -41.40
N ALA H 4654 -46.07 62.56 -40.49
CA ALA H 4654 -46.43 61.96 -39.21
C ALA H 4654 -47.44 60.83 -39.40
N PHE H 4655 -48.43 61.03 -40.26
CA PHE H 4655 -49.39 59.96 -40.50
C PHE H 4655 -48.72 58.73 -41.09
N LEU H 4656 -47.80 58.95 -42.04
CA LEU H 4656 -47.04 57.84 -42.59
C LEU H 4656 -46.26 57.13 -41.50
N CYS H 4657 -45.66 57.89 -40.58
CA CYS H 4657 -44.96 57.28 -39.46
C CYS H 4657 -45.89 56.40 -38.65
N ILE H 4658 -47.10 56.89 -38.38
CA ILE H 4658 -48.04 56.13 -37.57
C ILE H 4658 -48.35 54.80 -38.24
N ILE H 4659 -48.71 54.84 -39.52
CA ILE H 4659 -49.12 53.61 -40.18
C ILE H 4659 -47.94 52.65 -40.30
N GLY H 4660 -46.76 53.20 -40.60
CA GLY H 4660 -45.58 52.36 -40.71
C GLY H 4660 -45.25 51.65 -39.40
N TYR H 4661 -45.28 52.38 -38.29
CA TYR H 4661 -45.03 51.75 -37.00
C TYR H 4661 -46.08 50.70 -36.70
N ASN H 4662 -47.35 51.01 -36.98
CA ASN H 4662 -48.41 50.03 -36.76
C ASN H 4662 -48.14 48.76 -37.52
N CYS H 4663 -47.57 48.88 -38.72
CA CYS H 4663 -47.30 47.69 -39.50
C CYS H 4663 -45.97 47.04 -39.11
N LEU H 4664 -45.14 47.76 -38.36
CA LEU H 4664 -43.80 47.23 -38.11
C LEU H 4664 -43.69 46.53 -36.75
N LYS H 4665 -43.88 47.26 -35.65
CA LYS H 4665 -43.66 46.68 -34.33
C LYS H 4665 -44.92 46.14 -33.68
N VAL H 4666 -46.10 46.66 -34.03
CA VAL H 4666 -47.34 46.08 -33.52
C VAL H 4666 -47.40 44.58 -33.77
N PRO H 4667 -46.97 44.06 -34.93
CA PRO H 4667 -46.89 42.60 -35.05
C PRO H 4667 -46.05 41.95 -33.97
N LEU H 4668 -44.92 42.56 -33.61
CA LEU H 4668 -44.10 41.98 -32.55
C LEU H 4668 -44.82 42.01 -31.21
N VAL H 4669 -45.49 43.13 -30.91
CA VAL H 4669 -46.21 43.23 -29.64
C VAL H 4669 -47.29 42.16 -29.57
N ILE H 4670 -48.06 42.02 -30.64
CA ILE H 4670 -49.08 40.99 -30.70
C ILE H 4670 -48.45 39.62 -30.52
N PHE H 4671 -47.31 39.39 -31.17
CA PHE H 4671 -46.67 38.09 -31.08
C PHE H 4671 -46.28 37.76 -29.65
N LYS H 4672 -45.63 38.69 -28.96
CA LYS H 4672 -45.19 38.38 -27.61
C LYS H 4672 -46.39 38.17 -26.68
N ARG H 4673 -47.42 39.01 -26.80
CA ARG H 4673 -48.58 38.82 -25.93
C ARG H 4673 -49.27 37.50 -26.21
N GLU H 4674 -49.44 37.15 -27.49
CA GLU H 4674 -50.05 35.88 -27.84
C GLU H 4674 -49.23 34.71 -27.31
N LYS H 4675 -47.90 34.80 -27.44
CA LYS H 4675 -47.05 33.70 -26.99
C LYS H 4675 -47.15 33.53 -25.48
N GLU H 4676 -47.12 34.62 -24.72
CA GLU H 4676 -47.13 34.46 -23.27
C GLU H 4676 -48.50 33.95 -22.80
N LEU H 4677 -49.57 34.43 -23.42
CA LEU H 4677 -50.89 33.93 -23.05
C LEU H 4677 -51.02 32.45 -23.40
N ALA H 4678 -50.45 32.05 -24.55
CA ALA H 4678 -50.48 30.65 -24.93
C ALA H 4678 -49.73 29.80 -23.92
N ARG H 4679 -48.55 30.26 -23.49
CA ARG H 4679 -47.82 29.52 -22.47
C ARG H 4679 -48.62 29.42 -21.18
N LYS H 4680 -49.26 30.52 -20.77
CA LYS H 4680 -50.04 30.49 -19.54
C LYS H 4680 -51.17 29.47 -19.62
N LEU H 4681 -51.97 29.52 -20.69
CA LEU H 4681 -53.10 28.60 -20.75
C LEU H 4681 -52.62 27.18 -21.05
N GLU H 4682 -51.40 27.03 -21.56
CA GLU H 4682 -50.86 25.70 -21.79
C GLU H 4682 -50.43 25.05 -20.48
N PHE H 4683 -49.76 25.80 -19.61
CA PHE H 4683 -49.23 25.25 -18.38
C PHE H 4683 -49.90 25.80 -17.14
N ASP H 4684 -49.89 27.13 -16.97
CA ASP H 4684 -50.60 27.71 -15.84
C ASP H 4684 -52.10 27.45 -15.95
N GLY H 4685 -52.66 27.66 -17.13
CA GLY H 4685 -54.08 27.40 -17.35
C GLY H 4685 -54.98 28.18 -16.42
N LEU H 4686 -54.62 29.44 -16.14
CA LEU H 4686 -55.39 30.21 -15.17
C LEU H 4686 -56.83 30.39 -15.64
N TYR H 4687 -57.03 30.78 -16.90
CA TYR H 4687 -58.38 30.96 -17.39
C TYR H 4687 -59.14 29.64 -17.41
N ILE H 4688 -58.41 28.53 -17.52
CA ILE H 4688 -59.04 27.23 -17.35
C ILE H 4688 -59.42 26.99 -15.89
N THR H 4689 -58.49 27.23 -14.97
CA THR H 4689 -58.72 26.94 -13.57
C THR H 4689 -58.59 28.15 -12.66
N GLU H 4690 -57.46 28.86 -12.70
CA GLU H 4690 -57.20 29.87 -11.67
C GLU H 4690 -58.03 31.13 -11.90
N GLN H 4691 -58.36 31.43 -13.16
CA GLN H 4691 -59.10 32.61 -13.57
C GLN H 4691 -58.26 33.87 -13.36
N PRO H 4692 -58.59 34.99 -13.98
CA PRO H 4692 -57.82 36.21 -13.75
C PRO H 4692 -57.98 36.69 -12.32
N GLY H 4693 -56.96 37.38 -11.82
CA GLY H 4693 -57.03 37.93 -10.48
C GLY H 4693 -58.02 39.06 -10.36
N ASP H 4694 -58.56 39.51 -11.49
CA ASP H 4694 -59.51 40.62 -11.64
C ASP H 4694 -58.84 41.96 -11.33
N ASP H 4695 -57.55 41.96 -10.99
CA ASP H 4695 -56.81 43.19 -10.80
C ASP H 4695 -55.86 43.48 -11.95
N ASP H 4696 -55.75 42.58 -12.92
CA ASP H 4696 -54.87 42.76 -14.06
C ASP H 4696 -55.69 43.09 -15.29
N VAL H 4697 -55.61 44.35 -15.71
CA VAL H 4697 -56.37 44.79 -16.88
C VAL H 4697 -55.92 44.05 -18.13
N LYS H 4698 -54.63 43.72 -18.20
CA LYS H 4698 -54.16 42.90 -19.32
C LYS H 4698 -54.85 41.55 -19.33
N GLY H 4699 -54.96 40.91 -18.16
CA GLY H 4699 -55.67 39.65 -18.09
C GLY H 4699 -57.13 39.79 -18.48
N GLN H 4700 -57.79 40.84 -17.99
CA GLN H 4700 -59.19 41.04 -18.33
C GLN H 4700 -59.39 41.22 -19.83
N TRP H 4701 -58.52 42.02 -20.46
CA TRP H 4701 -58.56 42.14 -21.91
C TRP H 4701 -58.29 40.80 -22.57
N ASP H 4702 -57.47 39.96 -21.93
CA ASP H 4702 -57.14 38.66 -22.53
C ASP H 4702 -58.31 37.70 -22.42
N ARG H 4703 -59.35 38.06 -21.67
CA ARG H 4703 -60.47 37.15 -21.50
C ARG H 4703 -61.25 36.97 -22.80
N LEU H 4704 -61.47 38.06 -23.53
CA LEU H 4704 -62.40 38.00 -24.66
C LEU H 4704 -61.76 37.37 -25.89
N VAL H 4705 -60.43 37.32 -25.93
CA VAL H 4705 -59.75 36.91 -27.17
C VAL H 4705 -59.73 35.38 -27.26
N LEU H 4706 -59.93 34.69 -26.14
CA LEU H 4706 -59.75 33.24 -26.12
C LEU H 4706 -60.73 32.54 -27.06
N ASN H 4707 -61.98 32.99 -27.10
CA ASN H 4707 -62.98 32.29 -27.91
C ASN H 4707 -62.83 32.63 -29.39
N THR H 4708 -62.09 33.68 -29.70
CA THR H 4708 -61.99 34.13 -31.08
C THR H 4708 -61.32 33.06 -31.94
N PRO H 4709 -61.77 32.89 -33.18
CA PRO H 4709 -61.23 31.79 -34.00
C PRO H 4709 -59.80 32.01 -34.45
N SER H 4710 -59.44 33.23 -34.84
CA SER H 4710 -58.13 33.47 -35.42
C SER H 4710 -57.02 33.10 -34.45
N PHE H 4711 -57.07 33.65 -33.24
CA PHE H 4711 -56.16 33.30 -32.15
C PHE H 4711 -54.69 33.36 -32.63
N PRO H 4712 -53.81 32.35 -32.39
CA PRO H 4712 -52.40 32.78 -32.42
C PRO H 4712 -51.88 32.94 -33.85
N SER H 4713 -52.38 33.95 -34.54
CA SER H 4713 -51.92 34.23 -35.89
C SER H 4713 -50.44 34.58 -35.89
N ASN H 4714 -50.01 35.37 -34.91
CA ASN H 4714 -48.59 35.76 -34.85
C ASN H 4714 -47.72 34.62 -34.37
N TYR H 4715 -48.19 33.84 -33.41
CA TYR H 4715 -47.40 32.73 -32.90
C TYR H 4715 -47.23 31.68 -33.98
N TRP H 4716 -46.06 31.06 -33.98
CA TRP H 4716 -45.71 30.14 -35.08
C TRP H 4716 -46.46 28.83 -34.98
N ASP H 4717 -47.00 28.51 -33.82
CA ASP H 4717 -47.79 27.31 -33.65
C ASP H 4717 -49.24 27.70 -33.39
N LYS H 4718 -50.17 27.07 -34.10
CA LYS H 4718 -51.59 27.32 -33.90
C LYS H 4718 -52.36 26.11 -33.39
N PHE H 4719 -51.69 24.98 -33.17
CA PHE H 4719 -52.35 23.84 -32.55
C PHE H 4719 -52.48 23.98 -31.04
N VAL H 4720 -52.25 25.18 -30.52
CA VAL H 4720 -52.29 25.39 -29.07
C VAL H 4720 -53.66 25.03 -28.52
N LYS H 4721 -54.72 25.33 -29.27
CA LYS H 4721 -56.06 25.02 -28.80
C LYS H 4721 -56.24 23.52 -28.59
N ARG H 4722 -55.84 22.72 -29.58
CA ARG H 4722 -55.93 21.27 -29.44
C ARG H 4722 -55.06 20.78 -28.30
N LYS H 4723 -53.86 21.34 -28.16
CA LYS H 4723 -52.96 20.90 -27.10
C LYS H 4723 -53.56 21.17 -25.73
N VAL H 4724 -54.15 22.35 -25.54
CA VAL H 4724 -54.81 22.66 -24.26
C VAL H 4724 -55.98 21.72 -24.05
N LEU H 4725 -56.73 21.42 -25.11
CA LEU H 4725 -57.82 20.46 -24.97
C LEU H 4725 -57.31 19.13 -24.45
N ASP H 4726 -56.30 18.56 -25.11
CA ASP H 4726 -55.78 17.27 -24.67
C ASP H 4726 -55.18 17.36 -23.28
N LYS H 4727 -54.73 18.54 -22.88
CA LYS H 4727 -54.02 18.66 -21.61
C LYS H 4727 -54.97 18.76 -20.42
N HIS H 4728 -56.06 19.53 -20.57
CA HIS H 4728 -56.94 19.80 -19.44
C HIS H 4728 -58.39 19.41 -19.66
N GLY H 4729 -58.72 18.67 -20.71
CA GLY H 4729 -60.10 18.32 -20.94
C GLY H 4729 -60.67 17.41 -19.88
N ASP H 4730 -59.84 16.48 -19.37
CA ASP H 4730 -60.33 15.54 -18.37
C ASP H 4730 -60.89 16.29 -17.16
N ILE H 4731 -60.11 17.21 -16.61
CA ILE H 4731 -60.57 17.97 -15.45
C ILE H 4731 -61.68 18.93 -15.85
N PHE H 4732 -61.49 19.65 -16.96
CA PHE H 4732 -62.38 20.76 -17.26
C PHE H 4732 -63.61 20.29 -18.04
N GLY H 4733 -63.48 19.24 -18.82
CA GLY H 4733 -64.61 18.80 -19.63
C GLY H 4733 -64.50 19.25 -21.08
N ARG H 4734 -64.79 18.31 -21.99
CA ARG H 4734 -64.68 18.59 -23.41
C ARG H 4734 -65.53 19.79 -23.82
N GLU H 4735 -66.79 19.82 -23.38
CA GLU H 4735 -67.66 20.94 -23.71
C GLU H 4735 -67.12 22.24 -23.16
N ARG H 4736 -66.45 22.18 -22.01
CA ARG H 4736 -65.93 23.40 -21.40
C ARG H 4736 -64.73 23.92 -22.18
N ILE H 4737 -63.83 23.03 -22.60
CA ILE H 4737 -62.78 23.45 -23.53
C ILE H 4737 -63.40 24.05 -24.78
N ALA H 4738 -64.47 23.42 -25.27
CA ALA H 4738 -65.11 23.89 -26.49
C ALA H 4738 -65.58 25.32 -26.33
N GLU H 4739 -66.30 25.63 -25.24
CA GLU H 4739 -66.85 26.97 -25.12
C GLU H 4739 -65.76 27.97 -24.79
N LEU H 4740 -64.74 27.55 -24.04
CA LEU H 4740 -63.68 28.48 -23.65
C LEU H 4740 -62.87 28.90 -24.88
N LEU H 4741 -62.49 27.96 -25.72
CA LEU H 4741 -61.71 28.33 -26.90
C LEU H 4741 -62.57 28.70 -28.09
N GLY H 4742 -63.89 28.59 -27.96
CA GLY H 4742 -64.77 28.95 -29.07
C GLY H 4742 -64.59 28.07 -30.29
N MET H 4743 -64.39 26.77 -30.07
CA MET H 4743 -64.22 25.82 -31.16
C MET H 4743 -65.06 24.58 -30.90
N ASP H 4744 -65.44 23.89 -31.97
CA ASP H 4744 -66.26 22.69 -31.86
C ASP H 4744 -65.38 21.45 -31.81
N LEU H 4745 -65.65 20.58 -30.84
CA LEU H 4745 -64.93 19.32 -30.74
C LEU H 4745 -65.16 18.46 -31.98
N ALA H 4746 -66.40 18.42 -32.46
CA ALA H 4746 -66.73 17.58 -33.60
C ALA H 4746 -65.93 17.98 -34.83
N SER H 4747 -65.76 19.29 -35.04
CA SER H 4747 -64.98 19.75 -36.18
C SER H 4747 -63.54 19.26 -36.09
N LEU H 4748 -62.92 19.36 -34.91
CA LEU H 4748 -61.55 18.90 -34.75
C LEU H 4748 -61.44 17.41 -35.03
N GLU H 4749 -62.37 16.61 -34.48
CA GLU H 4749 -62.22 15.17 -34.67
C GLU H 4749 -62.46 14.77 -36.12
N ILE H 4750 -63.42 15.40 -36.80
CA ILE H 4750 -63.68 15.02 -38.19
C ILE H 4750 -62.51 15.44 -39.08
N THR H 4751 -61.92 16.61 -38.80
CA THR H 4751 -60.75 17.02 -39.56
C THR H 4751 -59.57 16.09 -39.32
N ALA H 4752 -59.41 15.63 -38.07
CA ALA H 4752 -58.36 14.67 -37.77
C ALA H 4752 -58.60 13.36 -38.52
N HIS H 4753 -59.84 12.89 -38.57
CA HIS H 4753 -60.13 11.64 -39.25
C HIS H 4753 -59.91 11.74 -40.75
N ASN H 4754 -60.47 12.77 -41.39
CA ASN H 4754 -60.41 12.90 -42.84
C ASN H 4754 -59.91 14.29 -43.22
N GLU H 4755 -59.05 14.33 -44.23
CA GLU H 4755 -58.56 15.60 -44.75
C GLU H 4755 -59.71 16.39 -45.37
N ARG H 4756 -59.66 17.71 -45.21
CA ARG H 4756 -60.69 18.60 -45.72
C ARG H 4756 -60.03 19.71 -46.53
N LYS H 4757 -60.65 20.08 -47.64
CA LYS H 4757 -60.12 21.10 -48.54
C LYS H 4757 -61.17 22.18 -48.77
N PRO H 4758 -61.36 23.12 -47.85
CA PRO H 4758 -62.38 24.15 -48.04
C PRO H 4758 -61.85 25.36 -48.78
N ASP H 4759 -61.64 25.24 -50.09
CA ASP H 4759 -61.15 26.36 -50.87
C ASP H 4759 -62.24 27.42 -51.01
N PRO H 4760 -61.98 28.64 -50.56
CA PRO H 4760 -63.03 29.66 -50.56
C PRO H 4760 -63.00 30.49 -51.83
N PRO H 4761 -64.16 30.92 -52.33
CA PRO H 4761 -64.19 31.83 -53.47
C PRO H 4761 -63.70 33.21 -53.08
N PRO H 4762 -62.99 33.89 -53.99
CA PRO H 4762 -62.54 35.26 -53.68
C PRO H 4762 -63.64 36.27 -53.92
N GLY H 4763 -63.91 37.10 -52.92
CA GLY H 4763 -64.92 38.13 -53.04
C GLY H 4763 -64.72 39.18 -51.97
N LEU H 4764 -65.11 40.42 -52.31
CA LEU H 4764 -64.94 41.53 -51.38
C LEU H 4764 -65.80 41.34 -50.14
N LEU H 4765 -67.08 41.04 -50.32
CA LEU H 4765 -67.94 40.82 -49.15
C LEU H 4765 -67.51 39.57 -48.39
N THR H 4766 -67.14 38.50 -49.11
CA THR H 4766 -66.68 37.29 -48.45
C THR H 4766 -65.48 37.58 -47.55
N TRP H 4767 -64.52 38.34 -48.07
CA TRP H 4767 -63.38 38.77 -47.26
C TRP H 4767 -63.83 39.67 -46.12
N LEU H 4768 -64.92 40.42 -46.31
CA LEU H 4768 -65.41 41.25 -45.22
C LEU H 4768 -65.91 40.41 -44.06
N MET H 4769 -66.70 39.37 -44.34
CA MET H 4769 -67.09 38.44 -43.28
C MET H 4769 -65.88 37.72 -42.69
N SER H 4770 -64.83 37.54 -43.50
CA SER H 4770 -63.65 36.83 -43.01
C SER H 4770 -63.04 37.53 -41.80
N ILE H 4771 -63.13 38.87 -41.74
CA ILE H 4771 -62.61 39.60 -40.60
C ILE H 4771 -63.47 39.34 -39.38
N ASP H 4772 -62.84 38.99 -38.26
CA ASP H 4772 -63.53 38.70 -37.01
C ASP H 4772 -63.46 39.93 -36.12
N VAL H 4773 -64.63 40.47 -35.77
CA VAL H 4773 -64.67 41.73 -35.05
C VAL H 4773 -64.10 41.57 -33.65
N LYS H 4774 -64.24 40.39 -33.05
CA LYS H 4774 -63.74 40.22 -31.69
C LYS H 4774 -62.23 40.23 -31.64
N TYR H 4775 -61.59 39.46 -32.51
CA TYR H 4775 -60.13 39.51 -32.59
C TYR H 4775 -59.67 40.91 -32.99
N GLN H 4776 -60.42 41.56 -33.87
CA GLN H 4776 -60.04 42.91 -34.30
C GLN H 4776 -60.07 43.89 -33.14
N ILE H 4777 -61.11 43.84 -32.31
CA ILE H 4777 -61.19 44.79 -31.21
C ILE H 4777 -60.14 44.45 -30.16
N TRP H 4778 -59.88 43.17 -29.93
CA TRP H 4778 -58.81 42.81 -29.00
C TRP H 4778 -57.47 43.35 -29.47
N LYS H 4779 -57.17 43.15 -30.75
CA LYS H 4779 -55.90 43.64 -31.28
C LYS H 4779 -55.84 45.16 -31.23
N PHE H 4780 -56.95 45.83 -31.54
CA PHE H 4780 -56.97 47.29 -31.50
C PHE H 4780 -56.71 47.80 -30.09
N GLY H 4781 -57.35 47.18 -29.10
CA GLY H 4781 -57.07 47.56 -27.73
C GLY H 4781 -55.63 47.33 -27.35
N VAL H 4782 -55.06 46.18 -27.77
CA VAL H 4782 -53.66 45.90 -27.47
C VAL H 4782 -52.78 46.97 -28.10
N ILE H 4783 -53.08 47.38 -29.32
CA ILE H 4783 -52.34 48.46 -29.96
C ILE H 4783 -52.44 49.73 -29.13
N PHE H 4784 -53.65 50.04 -28.65
CA PHE H 4784 -53.82 51.25 -27.86
C PHE H 4784 -53.08 51.18 -26.53
N THR H 4785 -52.76 49.96 -26.08
CA THR H 4785 -52.13 49.82 -24.77
C THR H 4785 -50.70 50.38 -24.77
N ASP H 4786 -49.93 50.13 -25.82
CA ASP H 4786 -48.49 50.33 -25.70
C ASP H 4786 -48.12 51.81 -25.73
N ASN H 4787 -47.11 52.15 -24.94
CA ASN H 4787 -46.72 53.55 -24.78
C ASN H 4787 -46.12 54.11 -26.07
N SER H 4788 -45.49 53.26 -26.88
CA SER H 4788 -44.96 53.73 -28.14
C SER H 4788 -46.06 54.23 -29.05
N PHE H 4789 -47.11 53.43 -29.25
CA PHE H 4789 -48.24 53.88 -30.05
C PHE H 4789 -48.91 55.08 -29.43
N LEU H 4790 -49.02 55.11 -28.10
CA LEU H 4790 -49.61 56.27 -27.45
C LEU H 4790 -48.83 57.53 -27.78
N TYR H 4791 -47.50 57.46 -27.72
CA TYR H 4791 -46.68 58.63 -28.02
C TYR H 4791 -46.81 59.04 -29.48
N LEU H 4792 -46.84 58.06 -30.39
CA LEU H 4792 -46.98 58.42 -31.80
C LEU H 4792 -48.34 59.03 -32.09
N GLY H 4793 -49.39 58.53 -31.44
CA GLY H 4793 -50.68 59.17 -31.56
C GLY H 4793 -50.69 60.57 -30.99
N TRP H 4794 -49.93 60.78 -29.91
CA TRP H 4794 -49.72 62.13 -29.40
C TRP H 4794 -49.10 63.02 -30.46
N TYR H 4795 -48.09 62.51 -31.16
CA TYR H 4795 -47.49 63.25 -32.26
C TYR H 4795 -48.53 63.59 -33.31
N MET H 4796 -49.37 62.62 -33.66
CA MET H 4796 -50.42 62.84 -34.65
C MET H 4796 -51.37 63.96 -34.21
N VAL H 4797 -51.87 63.89 -32.98
CA VAL H 4797 -52.88 64.85 -32.57
C VAL H 4797 -52.27 66.25 -32.46
N MET H 4798 -51.01 66.34 -32.02
CA MET H 4798 -50.38 67.66 -31.99
C MET H 4798 -50.10 68.18 -33.39
N SER H 4799 -49.87 67.30 -34.36
CA SER H 4799 -49.74 67.79 -35.74
C SER H 4799 -51.06 68.34 -36.25
N LEU H 4800 -52.15 67.62 -35.99
CA LEU H 4800 -53.47 68.12 -36.40
C LEU H 4800 -53.79 69.44 -35.70
N LEU H 4801 -53.38 69.57 -34.44
CA LEU H 4801 -53.62 70.81 -33.72
C LEU H 4801 -52.74 71.94 -34.27
N GLY H 4802 -51.51 71.61 -34.65
CA GLY H 4802 -50.65 72.61 -35.24
C GLY H 4802 -51.19 73.13 -36.56
N HIS H 4803 -51.90 72.27 -37.29
CA HIS H 4803 -52.64 72.77 -38.45
C HIS H 4803 -53.65 73.83 -38.04
N TYR H 4804 -54.34 73.63 -36.91
CA TYR H 4804 -55.28 74.63 -36.43
C TYR H 4804 -54.56 75.92 -36.06
N ASN H 4805 -53.46 75.81 -35.34
CA ASN H 4805 -52.64 76.96 -34.98
C ASN H 4805 -51.18 76.60 -35.13
N ASN H 4806 -50.46 77.37 -35.95
CA ASN H 4806 -49.08 77.02 -36.28
C ASN H 4806 -48.20 76.97 -35.03
N PHE H 4807 -48.52 77.78 -34.02
CA PHE H 4807 -47.68 77.82 -32.83
C PHE H 4807 -47.70 76.50 -32.08
N PHE H 4808 -48.84 75.81 -32.07
CA PHE H 4808 -48.93 74.56 -31.32
C PHE H 4808 -48.00 73.50 -31.87
N PHE H 4809 -47.50 73.69 -33.10
CA PHE H 4809 -46.51 72.77 -33.64
C PHE H 4809 -45.24 72.73 -32.81
N ALA H 4810 -44.97 73.78 -32.03
CA ALA H 4810 -43.76 73.81 -31.22
C ALA H 4810 -43.71 72.68 -30.20
N ALA H 4811 -44.87 72.12 -29.87
CA ALA H 4811 -44.90 71.02 -28.91
C ALA H 4811 -44.15 69.80 -29.42
N HIS H 4812 -44.03 69.66 -30.74
CA HIS H 4812 -43.32 68.53 -31.31
C HIS H 4812 -41.84 68.57 -30.97
N LEU H 4813 -41.32 69.71 -30.53
CA LEU H 4813 -39.90 69.83 -30.22
C LEU H 4813 -39.47 68.89 -29.11
N LEU H 4814 -40.40 68.38 -28.31
CA LEU H 4814 -40.03 67.49 -27.22
C LEU H 4814 -39.51 66.14 -27.70
N ASP H 4815 -39.66 65.84 -28.99
CA ASP H 4815 -39.24 64.54 -29.50
C ASP H 4815 -37.75 64.31 -29.31
N ILE H 4816 -36.97 65.37 -29.14
CA ILE H 4816 -35.54 65.22 -28.98
C ILE H 4816 -35.24 64.40 -27.74
N ALA H 4817 -36.02 64.59 -26.68
CA ALA H 4817 -35.80 63.85 -25.44
C ALA H 4817 -35.93 62.35 -25.67
N MET H 4818 -36.97 61.94 -26.41
CA MET H 4818 -37.09 60.53 -26.76
C MET H 4818 -35.93 60.10 -27.66
N GLY H 4819 -35.52 60.97 -28.58
CA GLY H 4819 -34.50 60.60 -29.54
C GLY H 4819 -33.16 60.28 -28.89
N VAL H 4820 -32.76 61.08 -27.91
CA VAL H 4820 -31.45 60.96 -27.27
C VAL H 4820 -31.57 60.01 -26.09
N LYS H 4821 -30.62 59.07 -26.00
CA LYS H 4821 -30.59 58.14 -24.87
C LYS H 4821 -30.39 58.90 -23.57
N THR H 4822 -29.48 59.87 -23.56
CA THR H 4822 -29.21 60.63 -22.34
C THR H 4822 -30.44 61.43 -21.90
N LEU H 4823 -31.09 62.09 -22.85
CA LEU H 4823 -32.28 62.87 -22.51
C LEU H 4823 -33.41 61.96 -22.01
N ARG H 4824 -33.56 60.80 -22.64
CA ARG H 4824 -34.51 59.83 -22.14
C ARG H 4824 -34.15 59.40 -20.73
N THR H 4825 -32.85 59.29 -20.45
CA THR H 4825 -32.40 58.98 -19.09
C THR H 4825 -32.82 60.07 -18.13
N ILE H 4826 -32.70 61.33 -18.53
CA ILE H 4826 -33.14 62.43 -17.69
C ILE H 4826 -34.62 62.30 -17.38
N LEU H 4827 -35.44 62.12 -18.43
CA LEU H 4827 -36.88 62.13 -18.22
C LEU H 4827 -37.32 60.91 -17.42
N SER H 4828 -36.59 59.80 -17.56
CA SER H 4828 -36.91 58.61 -16.77
C SER H 4828 -36.48 58.79 -15.33
N SER H 4829 -35.36 59.49 -15.11
CA SER H 4829 -34.90 59.74 -13.76
C SER H 4829 -35.88 60.63 -13.02
N VAL H 4830 -36.51 61.57 -13.72
CA VAL H 4830 -37.52 62.40 -13.09
C VAL H 4830 -38.63 61.54 -12.50
N THR H 4831 -39.09 60.54 -13.25
CA THR H 4831 -40.18 59.69 -12.77
C THR H 4831 -39.64 58.58 -11.87
N HIS H 4832 -38.33 58.42 -11.80
CA HIS H 4832 -37.75 57.27 -11.10
C HIS H 4832 -38.03 57.32 -9.62
N ASN H 4833 -38.15 58.52 -9.04
CA ASN H 4833 -38.45 58.69 -7.64
C ASN H 4833 -39.70 59.55 -7.41
N GLY H 4834 -40.70 59.43 -8.29
CA GLY H 4834 -41.82 60.33 -8.25
C GLY H 4834 -42.59 60.27 -6.94
N LYS H 4835 -42.74 59.08 -6.37
CA LYS H 4835 -43.48 58.95 -5.11
C LYS H 4835 -42.80 59.74 -4.00
N GLN H 4836 -41.50 59.49 -3.79
CA GLN H 4836 -40.76 60.20 -2.75
C GLN H 4836 -40.77 61.70 -3.01
N LEU H 4837 -40.66 62.09 -4.28
CA LEU H 4837 -40.83 63.50 -4.62
C LEU H 4837 -42.18 64.01 -4.14
N VAL H 4838 -43.22 63.19 -4.29
CA VAL H 4838 -44.57 63.63 -3.92
C VAL H 4838 -44.65 63.88 -2.42
N MET H 4839 -44.20 62.92 -1.60
CA MET H 4839 -44.31 63.17 -0.15
C MET H 4839 -43.36 64.28 0.29
N THR H 4840 -42.21 64.43 -0.35
CA THR H 4840 -41.33 65.53 0.04
C THR H 4840 -41.96 66.88 -0.27
N VAL H 4841 -42.58 67.01 -1.44
CA VAL H 4841 -43.27 68.26 -1.78
C VAL H 4841 -44.44 68.47 -0.84
N GLY H 4842 -45.12 67.40 -0.44
CA GLY H 4842 -46.19 67.53 0.52
C GLY H 4842 -45.70 68.07 1.85
N LEU H 4843 -44.56 67.57 2.33
CA LEU H 4843 -43.97 68.10 3.55
C LEU H 4843 -43.58 69.56 3.38
N LEU H 4844 -43.07 69.92 2.20
CA LEU H 4844 -42.73 71.31 1.93
C LEU H 4844 -43.96 72.20 2.04
N ALA H 4845 -45.05 71.80 1.39
CA ALA H 4845 -46.28 72.55 1.48
C ALA H 4845 -46.77 72.64 2.91
N VAL H 4846 -46.60 71.56 3.67
CA VAL H 4846 -47.05 71.55 5.06
C VAL H 4846 -46.28 72.60 5.87
N VAL H 4847 -44.95 72.60 5.74
CA VAL H 4847 -44.16 73.51 6.57
C VAL H 4847 -44.41 74.96 6.14
N VAL H 4848 -44.56 75.19 4.83
CA VAL H 4848 -44.91 76.54 4.38
C VAL H 4848 -46.25 76.93 4.97
N TYR H 4849 -47.20 76.00 5.03
CA TYR H 4849 -48.49 76.30 5.62
C TYR H 4849 -48.36 76.68 7.09
N LEU H 4850 -47.54 75.94 7.84
CA LEU H 4850 -47.36 76.28 9.24
C LEU H 4850 -46.79 77.67 9.41
N TYR H 4851 -45.78 78.01 8.61
CA TYR H 4851 -45.23 79.36 8.68
C TYR H 4851 -46.27 80.40 8.31
N THR H 4852 -47.09 80.10 7.30
CA THR H 4852 -48.15 81.02 6.91
C THR H 4852 -49.12 81.26 8.05
N VAL H 4853 -49.51 80.18 8.75
CA VAL H 4853 -50.41 80.33 9.89
C VAL H 4853 -49.76 81.17 10.98
N VAL H 4854 -48.49 80.92 11.26
CA VAL H 4854 -47.82 81.69 12.32
C VAL H 4854 -47.82 83.17 11.98
N ALA H 4855 -47.48 83.50 10.73
CA ALA H 4855 -47.50 84.90 10.31
C ALA H 4855 -48.90 85.47 10.37
N PHE H 4856 -49.89 84.69 9.96
CA PHE H 4856 -51.27 85.17 9.89
C PHE H 4856 -51.82 85.43 11.29
N ASN H 4857 -51.36 84.67 12.28
CA ASN H 4857 -51.82 84.92 13.64
C ASN H 4857 -51.08 86.11 14.26
N PHE H 4858 -49.76 86.16 14.15
CA PHE H 4858 -48.99 87.14 14.93
C PHE H 4858 -48.35 88.25 14.13
N PHE H 4859 -47.77 87.98 12.97
CA PHE H 4859 -47.00 88.96 12.22
C PHE H 4859 -47.82 89.65 11.14
N ARG H 4860 -49.12 89.85 11.37
CA ARG H 4860 -50.00 90.34 10.31
C ARG H 4860 -49.61 91.72 9.83
N LYS H 4861 -49.27 92.62 10.77
CA LYS H 4861 -49.02 94.02 10.41
C LYS H 4861 -47.80 94.15 9.52
N PHE H 4862 -46.93 93.13 9.51
CA PHE H 4862 -45.65 93.27 8.83
C PHE H 4862 -45.80 93.20 7.32
N TYR H 4863 -46.79 92.46 6.83
CA TYR H 4863 -46.70 91.92 5.48
C TYR H 4863 -47.11 92.93 4.41
N ASN H 4864 -47.10 94.22 4.74
CA ASN H 4864 -47.42 95.22 3.72
C ASN H 4864 -46.25 95.39 2.77
N LYS H 4865 -46.51 95.23 1.47
CA LYS H 4865 -45.49 95.39 0.46
C LYS H 4865 -45.77 96.57 -0.47
N SER H 4866 -46.81 97.35 -0.17
CA SER H 4866 -47.16 98.48 -1.02
C SER H 4866 -46.09 99.55 -0.95
N GLU H 4867 -45.74 100.09 -2.11
CA GLU H 4867 -44.74 101.16 -2.15
C GLU H 4867 -45.30 102.45 -1.59
N ASP H 4868 -46.54 102.79 -1.95
CA ASP H 4868 -47.19 104.00 -1.48
C ASP H 4868 -48.03 103.71 -0.25
N GLU H 4869 -48.21 104.72 0.60
CA GLU H 4869 -49.01 104.56 1.81
C GLU H 4869 -50.49 104.64 1.50
N ASP H 4870 -50.86 105.43 0.48
CA ASP H 4870 -52.27 105.67 0.20
C ASP H 4870 -52.97 104.39 -0.25
N GLU H 4871 -52.33 103.60 -1.09
CA GLU H 4871 -52.89 102.32 -1.52
C GLU H 4871 -52.09 101.21 -0.86
N PRO H 4872 -52.53 100.69 0.27
CA PRO H 4872 -51.75 99.64 0.94
C PRO H 4872 -52.14 98.25 0.48
N ASP H 4873 -51.19 97.33 0.50
CA ASP H 4873 -51.47 95.92 0.23
C ASP H 4873 -51.22 95.11 1.48
N MET H 4874 -52.18 94.26 1.83
CA MET H 4874 -52.04 93.34 2.94
C MET H 4874 -51.99 91.93 2.36
N LYS H 4875 -50.84 91.28 2.51
CA LYS H 4875 -50.75 89.89 2.11
C LYS H 4875 -51.71 89.03 2.90
N CYS H 4876 -51.84 89.26 4.21
CA CYS H 4876 -52.78 88.40 4.92
C CYS H 4876 -53.52 89.11 6.04
N ASP H 4877 -54.10 90.26 5.72
CA ASP H 4877 -55.49 90.47 6.09
C ASP H 4877 -56.38 89.50 5.32
N ASP H 4878 -55.83 88.87 4.28
CA ASP H 4878 -56.55 87.89 3.47
C ASP H 4878 -55.81 86.55 3.45
N MET H 4879 -56.57 85.47 3.62
CA MET H 4879 -55.97 84.13 3.77
C MET H 4879 -55.30 83.63 2.50
N MET H 4880 -56.03 83.65 1.37
CA MET H 4880 -55.42 83.23 0.11
C MET H 4880 -54.14 83.98 -0.16
N THR H 4881 -54.14 85.28 0.11
CA THR H 4881 -52.98 86.09 -0.24
C THR H 4881 -51.81 85.81 0.72
N CYS H 4882 -52.09 85.60 2.01
CA CYS H 4882 -51.03 85.13 2.90
C CYS H 4882 -50.38 83.87 2.34
N TYR H 4883 -51.19 82.87 2.03
CA TYR H 4883 -50.61 81.61 1.59
C TYR H 4883 -49.87 81.78 0.26
N LEU H 4884 -50.50 82.46 -0.70
CA LEU H 4884 -49.93 82.59 -2.03
C LEU H 4884 -48.63 83.38 -1.98
N PHE H 4885 -48.65 84.57 -1.37
CA PHE H 4885 -47.41 85.32 -1.24
C PHE H 4885 -46.36 84.48 -0.55
N HIS H 4886 -46.73 83.84 0.56
CA HIS H 4886 -45.75 83.08 1.33
C HIS H 4886 -45.03 82.07 0.45
N MET H 4887 -45.74 81.05 -0.05
CA MET H 4887 -45.00 79.99 -0.72
C MET H 4887 -44.38 80.51 -2.01
N TYR H 4888 -45.12 81.37 -2.73
CA TYR H 4888 -44.65 81.81 -4.04
C TYR H 4888 -43.33 82.57 -3.92
N VAL H 4889 -43.26 83.54 -3.00
CA VAL H 4889 -42.02 84.31 -2.91
C VAL H 4889 -40.96 83.53 -2.14
N GLY H 4890 -41.37 82.78 -1.11
CA GLY H 4890 -40.39 82.11 -0.28
C GLY H 4890 -39.64 81.01 -1.00
N VAL H 4891 -40.36 80.22 -1.81
CA VAL H 4891 -39.71 79.13 -2.52
C VAL H 4891 -38.66 79.69 -3.48
N ARG H 4892 -38.99 80.76 -4.20
CA ARG H 4892 -38.05 81.30 -5.17
C ARG H 4892 -36.89 82.01 -4.48
N ALA H 4893 -37.18 82.79 -3.45
CA ALA H 4893 -36.20 83.73 -2.91
C ALA H 4893 -35.04 82.99 -2.27
N GLY H 4894 -33.85 83.20 -2.81
CA GLY H 4894 -32.65 82.68 -2.15
C GLY H 4894 -32.42 83.35 -0.81
N GLY H 4895 -32.66 84.66 -0.74
CA GLY H 4895 -32.57 85.34 0.54
C GLY H 4895 -33.70 84.96 1.46
N GLY H 4896 -34.81 84.48 0.90
CA GLY H 4896 -35.91 84.00 1.70
C GLY H 4896 -36.94 85.07 2.00
N ILE H 4897 -37.88 84.69 2.87
CA ILE H 4897 -38.99 85.58 3.21
C ILE H 4897 -38.48 86.84 3.88
N GLY H 4898 -37.37 86.74 4.60
CA GLY H 4898 -36.78 87.92 5.21
C GLY H 4898 -36.37 88.94 4.18
N ASP H 4899 -35.83 88.48 3.05
CA ASP H 4899 -35.47 89.41 1.98
C ASP H 4899 -36.70 90.12 1.43
N GLU H 4900 -37.80 89.39 1.29
CA GLU H 4900 -39.01 89.99 0.73
C GLU H 4900 -39.63 91.00 1.68
N ILE H 4901 -39.76 90.64 2.96
CA ILE H 4901 -40.42 91.51 3.91
C ILE H 4901 -39.43 92.51 4.48
N GLU H 4902 -39.96 93.54 5.15
CA GLU H 4902 -39.13 94.62 5.68
C GLU H 4902 -38.31 94.12 6.86
N ASP H 4903 -37.47 95.00 7.38
CA ASP H 4903 -36.61 94.63 8.49
C ASP H 4903 -37.41 94.52 9.79
N PRO H 4904 -36.94 93.73 10.75
CA PRO H 4904 -37.65 93.70 12.05
C PRO H 4904 -37.29 94.86 12.96
N ALA H 4905 -36.15 95.50 12.72
CA ALA H 4905 -35.67 96.53 13.64
C ALA H 4905 -36.68 97.65 13.78
N GLY H 4906 -36.85 98.11 15.02
CA GLY H 4906 -37.83 99.12 15.33
C GLY H 4906 -39.13 98.61 15.91
N ASP H 4907 -39.22 97.32 16.24
CA ASP H 4907 -40.42 96.75 16.82
C ASP H 4907 -40.05 95.86 18.00
N GLU H 4908 -40.99 95.74 18.94
CA GLU H 4908 -40.76 94.93 20.12
C GLU H 4908 -40.74 93.44 19.79
N TYR H 4909 -41.43 93.05 18.72
CA TYR H 4909 -41.43 91.66 18.27
C TYR H 4909 -40.28 91.35 17.34
N GLU H 4910 -39.28 92.21 17.25
CA GLU H 4910 -38.21 92.02 16.27
C GLU H 4910 -37.44 90.75 16.52
N LEU H 4911 -37.29 90.36 17.79
CA LEU H 4911 -36.58 89.11 18.08
C LEU H 4911 -37.33 87.90 17.53
N TYR H 4912 -38.63 87.85 17.76
CA TYR H 4912 -39.42 86.75 17.21
C TYR H 4912 -39.45 86.79 15.70
N ARG H 4913 -39.49 87.99 15.12
CA ARG H 4913 -39.45 88.09 13.66
C ARG H 4913 -38.14 87.54 13.12
N VAL H 4914 -37.03 87.87 13.77
CA VAL H 4914 -35.73 87.34 13.36
C VAL H 4914 -35.74 85.82 13.45
N VAL H 4915 -36.27 85.28 14.55
CA VAL H 4915 -36.34 83.84 14.68
C VAL H 4915 -37.17 83.23 13.55
N PHE H 4916 -38.30 83.86 13.23
CA PHE H 4916 -39.18 83.35 12.19
C PHE H 4916 -38.47 83.31 10.85
N ASP H 4917 -37.88 84.44 10.43
CA ASP H 4917 -37.23 84.50 9.12
C ASP H 4917 -36.03 83.56 9.06
N ILE H 4918 -35.21 83.55 10.11
CA ILE H 4918 -34.02 82.70 10.10
C ILE H 4918 -34.42 81.24 10.04
N THR H 4919 -35.43 80.83 10.80
CA THR H 4919 -35.88 79.44 10.77
C THR H 4919 -36.42 79.07 9.41
N PHE H 4920 -37.24 79.94 8.82
CA PHE H 4920 -37.78 79.65 7.48
C PHE H 4920 -36.64 79.46 6.48
N PHE H 4921 -35.70 80.40 6.47
CA PHE H 4921 -34.59 80.30 5.53
C PHE H 4921 -33.73 79.08 5.81
N PHE H 4922 -33.57 78.73 7.09
CA PHE H 4922 -32.64 77.68 7.46
C PHE H 4922 -33.20 76.31 7.11
N PHE H 4923 -34.47 76.06 7.39
CA PHE H 4923 -35.05 74.76 7.10
C PHE H 4923 -35.71 74.71 5.73
N VAL H 4924 -36.70 75.56 5.48
CA VAL H 4924 -37.57 75.37 4.31
C VAL H 4924 -36.81 75.66 3.02
N ILE H 4925 -36.05 76.76 3.00
CA ILE H 4925 -35.59 77.28 1.72
C ILE H 4925 -34.26 76.66 1.30
N VAL H 4926 -33.41 76.32 2.25
CA VAL H 4926 -32.09 75.78 1.92
C VAL H 4926 -32.02 74.27 2.18
N ILE H 4927 -32.41 73.82 3.37
CA ILE H 4927 -32.28 72.39 3.67
C ILE H 4927 -33.29 71.58 2.87
N LEU H 4928 -34.56 71.97 2.91
CA LEU H 4928 -35.59 71.16 2.26
C LEU H 4928 -35.44 71.21 0.74
N LEU H 4929 -35.22 72.41 0.19
CA LEU H 4929 -34.94 72.50 -1.25
C LEU H 4929 -33.72 71.68 -1.62
N ALA H 4930 -32.69 71.73 -0.76
CA ALA H 4930 -31.50 70.94 -1.03
C ALA H 4930 -31.81 69.46 -1.08
N ILE H 4931 -32.62 68.97 -0.14
CA ILE H 4931 -32.94 67.55 -0.12
C ILE H 4931 -33.71 67.15 -1.38
N ILE H 4932 -34.73 67.94 -1.73
CA ILE H 4932 -35.56 67.53 -2.87
C ILE H 4932 -34.77 67.61 -4.16
N GLN H 4933 -33.90 68.61 -4.29
CA GLN H 4933 -33.06 68.70 -5.48
C GLN H 4933 -32.06 67.55 -5.52
N GLY H 4934 -31.45 67.26 -4.37
CA GLY H 4934 -30.50 66.15 -4.31
C GLY H 4934 -31.13 64.85 -4.68
N LEU H 4935 -32.39 64.64 -4.30
CA LEU H 4935 -33.06 63.40 -4.64
C LEU H 4935 -33.05 63.17 -6.14
N ILE H 4936 -33.45 64.17 -6.93
CA ILE H 4936 -33.53 63.96 -8.36
C ILE H 4936 -32.13 63.85 -8.98
N ILE H 4937 -31.18 64.68 -8.50
CA ILE H 4937 -29.87 64.62 -9.16
C ILE H 4937 -29.18 63.30 -8.88
N ASP H 4938 -29.24 62.81 -7.64
CA ASP H 4938 -28.60 61.53 -7.37
C ASP H 4938 -29.41 60.37 -7.92
N ALA H 4939 -30.70 60.59 -8.18
CA ALA H 4939 -31.47 59.60 -8.93
C ALA H 4939 -30.91 59.45 -10.34
N PHE H 4940 -30.64 60.57 -11.00
CA PHE H 4940 -29.99 60.49 -12.32
C PHE H 4940 -28.62 59.85 -12.22
N GLY H 4941 -27.83 60.24 -11.22
CA GLY H 4941 -26.52 59.63 -11.05
C GLY H 4941 -26.61 58.13 -10.86
N GLU H 4942 -27.59 57.70 -10.06
CA GLU H 4942 -27.79 56.27 -9.83
C GLU H 4942 -28.18 55.57 -11.11
N LEU H 4943 -29.06 56.16 -11.91
CA LEU H 4943 -29.44 55.54 -13.17
C LEU H 4943 -28.23 55.37 -14.08
N ARG H 4944 -27.44 56.44 -14.22
CA ARG H 4944 -26.27 56.38 -15.10
C ARG H 4944 -25.27 55.33 -14.61
N ASP H 4945 -25.04 55.29 -13.30
CA ASP H 4945 -24.10 54.29 -12.79
C ASP H 4945 -24.67 52.90 -12.89
N GLN H 4946 -26.00 52.75 -12.92
CA GLN H 4946 -26.58 51.46 -13.23
C GLN H 4946 -26.22 51.03 -14.64
N GLN H 4947 -26.31 51.96 -15.60
CA GLN H 4947 -25.92 51.60 -16.96
C GLN H 4947 -24.45 51.18 -17.01
N GLU H 4948 -23.58 51.99 -16.39
CA GLU H 4948 -22.16 51.67 -16.39
C GLU H 4948 -21.89 50.35 -15.70
N GLN H 4949 -22.57 50.10 -14.58
CA GLN H 4949 -22.35 48.88 -13.82
C GLN H 4949 -22.84 47.66 -14.60
N VAL H 4950 -23.94 47.81 -15.33
CA VAL H 4950 -24.43 46.72 -16.17
C VAL H 4950 -23.40 46.38 -17.23
N LYS H 4951 -22.86 47.41 -17.89
CA LYS H 4951 -21.83 47.15 -18.89
C LYS H 4951 -20.62 46.47 -18.26
N GLU H 4952 -20.15 46.99 -17.12
CA GLU H 4952 -18.96 46.46 -16.48
C GLU H 4952 -19.18 45.01 -16.05
N ASP H 4953 -20.33 44.70 -15.45
CA ASP H 4953 -20.62 43.34 -15.05
C ASP H 4953 -20.70 42.42 -16.26
N MET H 4954 -21.27 42.91 -17.37
CA MET H 4954 -21.39 42.09 -18.55
C MET H 4954 -20.00 41.70 -19.04
N GLU H 4955 -19.06 42.66 -19.04
CA GLU H 4955 -17.69 42.33 -19.40
C GLU H 4955 -17.02 41.47 -18.32
N THR H 4956 -17.46 41.58 -17.08
CA THR H 4956 -16.77 40.90 -15.99
C THR H 4956 -17.22 39.45 -15.86
N LYS H 4957 -18.36 39.11 -16.43
CA LYS H 4957 -18.98 37.81 -16.22
C LYS H 4957 -19.40 37.22 -17.54
N CYS H 4958 -19.26 35.90 -17.66
CA CYS H 4958 -19.82 35.21 -18.82
C CYS H 4958 -21.32 35.04 -18.62
N PHE H 4959 -22.08 35.51 -19.60
CA PHE H 4959 -23.53 35.64 -19.43
C PHE H 4959 -24.20 34.31 -19.14
N ILE H 4960 -23.78 33.26 -19.85
CA ILE H 4960 -24.39 31.95 -19.66
C ILE H 4960 -23.64 31.15 -18.58
N CYS H 4961 -22.31 31.24 -18.57
CA CYS H 4961 -21.54 30.56 -17.53
C CYS H 4961 -21.94 31.03 -16.14
N GLY H 4962 -22.03 32.34 -15.95
CA GLY H 4962 -22.08 32.86 -14.61
C GLY H 4962 -20.81 32.60 -13.84
N ILE H 4963 -19.68 32.47 -14.55
CA ILE H 4963 -18.41 32.07 -13.97
C ILE H 4963 -17.40 33.19 -14.21
N GLY H 4964 -16.57 33.43 -13.20
CA GLY H 4964 -15.70 34.60 -13.23
C GLY H 4964 -14.82 34.61 -14.47
N SER H 4965 -14.78 35.78 -15.12
CA SER H 4965 -13.93 35.95 -16.29
C SER H 4965 -12.47 35.71 -15.95
N ASP H 4966 -12.11 35.87 -14.69
CA ASP H 4966 -10.72 35.69 -14.27
C ASP H 4966 -10.25 34.25 -14.50
N TYR H 4967 -11.09 33.28 -14.17
CA TYR H 4967 -10.69 31.88 -14.31
C TYR H 4967 -10.32 31.56 -15.75
N PHE H 4968 -11.16 32.01 -16.69
CA PHE H 4968 -10.78 31.90 -18.09
C PHE H 4968 -9.53 32.72 -18.38
N ASP H 4969 -9.41 33.89 -17.75
CA ASP H 4969 -8.39 34.85 -18.14
C ASP H 4969 -7.00 34.46 -17.67
N THR H 4970 -6.86 33.37 -16.93
CA THR H 4970 -5.51 32.89 -16.61
C THR H 4970 -4.74 32.58 -17.89
N THR H 4971 -5.39 31.94 -18.85
CA THR H 4971 -4.85 31.93 -20.20
C THR H 4971 -5.06 33.29 -20.84
N PRO H 4972 -4.18 33.71 -21.75
CA PRO H 4972 -4.35 35.01 -22.39
C PRO H 4972 -5.67 35.10 -23.13
N HIS H 4973 -6.33 36.26 -22.99
CA HIS H 4973 -7.70 36.51 -23.45
C HIS H 4973 -8.59 35.29 -23.27
N GLY H 4974 -8.48 34.62 -22.12
CA GLY H 4974 -9.27 33.43 -21.89
C GLY H 4974 -10.76 33.73 -21.84
N PHE H 4975 -11.13 34.81 -21.15
CA PHE H 4975 -12.53 35.20 -21.14
C PHE H 4975 -13.00 35.57 -22.55
N GLU H 4976 -12.14 36.25 -23.31
CA GLU H 4976 -12.49 36.57 -24.69
C GLU H 4976 -12.78 35.31 -25.48
N THR H 4977 -11.94 34.29 -25.34
CA THR H 4977 -12.20 33.03 -26.00
C THR H 4977 -13.51 32.41 -25.53
N HIS H 4978 -13.74 32.42 -24.22
CA HIS H 4978 -15.00 31.91 -23.70
C HIS H 4978 -16.19 32.59 -24.37
N THR H 4979 -16.11 33.90 -24.54
CA THR H 4979 -17.23 34.62 -25.14
C THR H 4979 -17.38 34.28 -26.62
N LEU H 4980 -16.28 34.33 -27.38
CA LEU H 4980 -16.43 34.20 -28.83
C LEU H 4980 -16.72 32.76 -29.25
N GLU H 4981 -16.03 31.78 -28.68
CA GLU H 4981 -16.27 30.41 -29.13
C GLU H 4981 -17.05 29.59 -28.11
N GLU H 4982 -16.56 29.54 -26.87
CA GLU H 4982 -17.09 28.59 -25.90
C GLU H 4982 -18.57 28.85 -25.61
N HIS H 4983 -18.91 30.07 -25.25
CA HIS H 4983 -20.23 30.39 -24.74
C HIS H 4983 -20.85 31.63 -25.36
N ASN H 4984 -20.84 31.73 -26.69
CA ASN H 4984 -21.43 32.90 -27.34
C ASN H 4984 -22.95 32.81 -27.32
N LEU H 4985 -23.60 33.88 -26.86
CA LEU H 4985 -25.05 33.92 -26.89
C LEU H 4985 -25.57 33.90 -28.31
N ALA H 4986 -24.81 34.49 -29.24
CA ALA H 4986 -25.15 34.38 -30.64
C ALA H 4986 -25.10 32.93 -31.08
N ASN H 4987 -24.08 32.18 -30.61
CA ASN H 4987 -24.04 30.76 -30.92
C ASN H 4987 -25.25 30.05 -30.36
N TYR H 4988 -25.68 30.40 -29.15
CA TYR H 4988 -26.88 29.78 -28.58
C TYR H 4988 -28.11 30.03 -29.44
N MET H 4989 -28.34 31.28 -29.81
CA MET H 4989 -29.52 31.59 -30.61
C MET H 4989 -29.43 30.94 -31.99
N PHE H 4990 -28.23 30.91 -32.57
CA PHE H 4990 -28.04 30.25 -33.85
C PHE H 4990 -28.36 28.76 -33.75
N PHE H 4991 -27.90 28.12 -32.68
CA PHE H 4991 -28.22 26.71 -32.48
C PHE H 4991 -29.72 26.52 -32.34
N LEU H 4992 -30.39 27.45 -31.66
CA LEU H 4992 -31.84 27.32 -31.51
C LEU H 4992 -32.54 27.39 -32.87
N MET H 4993 -32.18 28.38 -33.69
CA MET H 4993 -32.84 28.46 -35.00
C MET H 4993 -32.49 27.26 -35.86
N TYR H 4994 -31.26 26.77 -35.76
CA TYR H 4994 -30.89 25.57 -36.51
C TYR H 4994 -31.74 24.39 -36.08
N LEU H 4995 -31.98 24.26 -34.77
CA LEU H 4995 -32.84 23.20 -34.27
C LEU H 4995 -34.25 23.34 -34.84
N ILE H 4996 -34.74 24.57 -34.91
CA ILE H 4996 -36.07 24.79 -35.48
C ILE H 4996 -36.11 24.36 -36.94
N ASN H 4997 -35.07 24.74 -37.71
CA ASN H 4997 -35.08 24.47 -39.15
C ASN H 4997 -34.92 22.99 -39.45
N LYS H 4998 -33.98 22.32 -38.80
CA LYS H 4998 -33.68 20.93 -39.14
C LYS H 4998 -34.86 20.02 -38.77
N ASP H 4999 -35.03 18.96 -39.56
CA ASP H 4999 -36.08 17.99 -39.26
C ASP H 4999 -35.72 17.22 -38.00
N GLU H 5000 -36.75 16.92 -37.20
CA GLU H 5000 -36.52 16.26 -35.92
C GLU H 5000 -35.99 14.85 -36.11
N THR H 5001 -36.45 14.15 -37.15
CA THR H 5001 -35.91 12.81 -37.42
C THR H 5001 -34.43 12.89 -37.76
N GLU H 5002 -34.01 13.95 -38.46
CA GLU H 5002 -32.60 14.09 -38.80
C GLU H 5002 -31.81 14.65 -37.62
N HIS H 5003 -32.50 15.18 -36.61
CA HIS H 5003 -31.83 15.67 -35.42
C HIS H 5003 -30.98 14.56 -34.79
N THR H 5004 -29.80 14.93 -34.33
CA THR H 5004 -28.95 13.97 -33.63
C THR H 5004 -29.61 13.54 -32.33
N GLY H 5005 -28.95 12.62 -31.63
CA GLY H 5005 -29.46 12.22 -30.32
C GLY H 5005 -29.51 13.38 -29.35
N GLN H 5006 -28.40 14.11 -29.22
CA GLN H 5006 -28.39 15.25 -28.33
C GLN H 5006 -29.25 16.38 -28.88
N GLU H 5007 -29.30 16.52 -30.20
CA GLU H 5007 -30.18 17.53 -30.78
C GLU H 5007 -31.63 17.28 -30.40
N SER H 5008 -32.08 16.05 -30.55
CA SER H 5008 -33.44 15.70 -30.16
C SER H 5008 -33.63 15.85 -28.66
N TYR H 5009 -32.59 15.53 -27.88
CA TYR H 5009 -32.69 15.71 -26.44
C TYR H 5009 -32.92 17.18 -26.08
N VAL H 5010 -32.16 18.08 -26.69
CA VAL H 5010 -32.33 19.50 -26.42
C VAL H 5010 -33.69 19.98 -26.91
N TRP H 5011 -34.13 19.47 -28.06
CA TRP H 5011 -35.44 19.88 -28.56
C TRP H 5011 -36.55 19.45 -27.62
N LYS H 5012 -36.49 18.21 -27.14
CA LYS H 5012 -37.47 17.74 -26.18
C LYS H 5012 -37.40 18.55 -24.89
N MET H 5013 -36.19 18.93 -24.49
CA MET H 5013 -36.04 19.74 -23.30
C MET H 5013 -36.71 21.10 -23.49
N TYR H 5014 -36.73 21.59 -24.72
CA TYR H 5014 -37.33 22.92 -24.91
C TYR H 5014 -38.81 22.73 -24.92
N GLN H 5015 -39.27 21.65 -25.53
CA GLN H 5015 -40.71 21.41 -25.49
C GLN H 5015 -41.18 21.28 -24.05
N GLU H 5016 -40.37 20.68 -23.20
CA GLU H 5016 -40.73 20.56 -21.78
C GLU H 5016 -40.70 21.93 -21.11
N ARG H 5017 -40.05 22.91 -21.73
CA ARG H 5017 -39.84 24.27 -21.25
C ARG H 5017 -38.93 24.30 -20.04
N CYS H 5018 -38.43 23.18 -19.56
CA CYS H 5018 -37.39 23.21 -18.54
C CYS H 5018 -36.10 23.72 -19.17
N TRP H 5019 -35.27 24.36 -18.36
CA TRP H 5019 -34.07 25.02 -18.87
C TRP H 5019 -32.79 24.45 -18.29
N ASP H 5020 -32.81 23.19 -17.83
CA ASP H 5020 -31.61 22.60 -17.24
C ASP H 5020 -30.52 22.41 -18.30
N PHE H 5021 -30.92 22.31 -19.56
CA PHE H 5021 -29.96 22.03 -20.63
C PHE H 5021 -28.89 23.09 -20.70
N PHE H 5022 -29.25 24.34 -20.45
CA PHE H 5022 -28.25 25.38 -20.43
C PHE H 5022 -27.25 25.13 -19.30
N PRO H 5023 -25.96 25.15 -19.59
CA PRO H 5023 -24.96 24.93 -18.54
C PRO H 5023 -25.04 26.00 -17.46
N ALA H 5024 -24.78 25.59 -16.22
CA ALA H 5024 -24.80 26.48 -15.08
C ALA H 5024 -23.58 26.22 -14.21
N GLY H 5025 -22.81 27.28 -13.96
CA GLY H 5025 -21.66 27.18 -13.07
C GLY H 5025 -20.64 26.13 -13.47
N ASP H 5026 -20.59 25.79 -14.75
CA ASP H 5026 -19.60 24.83 -15.25
C ASP H 5026 -19.16 25.24 -16.64
N CYS H 5027 -17.96 24.79 -17.00
CA CYS H 5027 -17.41 25.06 -18.32
C CYS H 5027 -16.67 23.83 -18.82
N PHE H 5028 -16.54 23.77 -20.15
CA PHE H 5028 -15.85 22.65 -20.76
C PHE H 5028 -14.46 22.47 -20.16
N ARG H 5029 -13.74 23.57 -19.97
CA ARG H 5029 -12.39 23.46 -19.43
C ARG H 5029 -12.40 22.94 -18.00
N LYS H 5030 -13.02 23.67 -17.08
CA LYS H 5030 -12.89 23.32 -15.67
C LYS H 5030 -13.50 21.97 -15.38
N GLN H 5031 -14.49 21.54 -16.16
CA GLN H 5031 -15.04 20.22 -15.93
C GLN H 5031 -14.07 19.15 -16.45
N TYR H 5032 -13.25 19.52 -17.44
CA TYR H 5032 -12.22 18.66 -17.98
C TYR H 5032 -10.82 19.06 -17.56
N GLU H 5033 -10.68 20.07 -16.70
CA GLU H 5033 -9.37 20.68 -16.46
C GLU H 5033 -8.34 19.66 -16.00
N ASP H 5034 -8.72 18.78 -15.07
CA ASP H 5034 -7.76 17.84 -14.50
C ASP H 5034 -7.09 16.99 -15.57
N GLN H 5035 -7.82 16.66 -16.63
CA GLN H 5035 -7.26 15.79 -17.66
C GLN H 5035 -6.70 16.60 -18.81
N LEU H 5036 -7.42 17.63 -19.25
CA LEU H 5036 -6.97 18.44 -20.38
C LEU H 5036 -5.66 19.15 -20.06
N SER H 5037 -5.54 19.71 -18.85
CA SER H 5037 -4.38 20.49 -18.44
C SER H 5037 -3.98 21.54 -19.48
PG ATP I . -12.05 51.99 25.08
O1G ATP I . -12.26 53.05 26.11
O2G ATP I . -11.33 52.51 23.82
O3G ATP I . -11.31 50.76 25.61
PB ATP I . -14.01 50.30 23.59
O1B ATP I . -15.01 49.45 24.27
O2B ATP I . -14.47 50.98 22.30
O3B ATP I . -13.43 51.43 24.55
PA ATP I . -11.37 49.72 22.40
O1A ATP I . -10.16 49.80 23.25
O2A ATP I . -11.62 50.95 21.52
O3A ATP I . -12.68 49.48 23.24
O5' ATP I . -11.34 48.46 21.46
C5' ATP I . -10.32 48.31 20.45
C4' ATP I . -10.76 47.21 19.51
O4' ATP I . -9.61 46.67 18.83
C3' ATP I . -11.42 46.01 20.19
O3' ATP I . -12.83 46.12 20.15
C2' ATP I . -10.92 44.80 19.37
O2' ATP I . -12.00 44.12 18.73
C1' ATP I . -10.00 45.42 18.32
N9 ATP I . -8.78 44.65 18.07
C8 ATP I . -8.46 43.96 16.94
N7 ATP I . -7.31 43.35 16.98
C5 ATP I . -6.82 43.68 18.23
C6 ATP I . -5.63 43.36 18.90
N6 ATP I . -4.66 42.59 18.38
N1 ATP I . -5.45 43.84 20.15
C2 ATP I . -6.41 44.60 20.69
N3 ATP I . -7.57 44.98 20.15
C4 ATP I . -7.71 44.48 18.92
CA CA J . 19.41 32.36 34.78
ZN ZN K . -4.28 38.06 16.61
N1 A1BD2 L . 15.05 49.44 29.47
N3 A1BD2 L . 14.23 51.85 31.89
C4 A1BD2 L . 13.12 51.54 29.59
C5 A1BD2 L . 14.21 49.64 28.40
C6 A1BD2 L . 12.43 50.88 27.32
C7 A1BD2 L . 15.24 51.13 32.46
C8 A1BD2 L . 13.52 52.98 32.47
C10 A1BD2 L . 11.71 51.46 33.24
C1 A1BD2 L . 16.04 48.35 29.43
C2 A1BD2 L . 14.94 50.25 30.57
C3 A1BD2 L . 14.03 51.26 30.64
O1 A1BD2 L . 12.30 52.45 29.57
N2 A1BD2 L . 13.30 50.69 28.49
O2 A1BD2 L . 14.28 48.94 27.41
N4 A1BD2 L . 15.70 50.15 31.69
C9 A1BD2 L . 12.69 52.55 33.64
O3 A1BD2 L . 10.65 51.34 34.18
O4 A1BD2 L . 12.00 53.67 34.15
PG ATP M . -43.34 39.85 2.60
O1G ATP M . -44.71 40.46 2.69
O2G ATP M . -42.30 40.61 3.41
O3G ATP M . -43.30 38.38 2.97
PB ATP M . -41.57 39.40 0.25
O1B ATP M . -42.00 38.64 -0.94
O2B ATP M . -40.67 40.61 -0.01
O3B ATP M . -42.80 39.91 1.10
PA ATP M . -39.97 38.68 2.63
O1A ATP M . -40.67 38.13 3.80
O2A ATP M . -39.63 40.17 2.71
O3A ATP M . -40.80 38.47 1.30
O5' ATP M . -38.64 37.90 2.31
C5' ATP M . -37.54 37.89 3.24
C4' ATP M . -36.32 37.37 2.52
O4' ATP M . -35.38 36.87 3.47
C3' ATP M . -36.59 36.22 1.57
O3' ATP M . -36.74 36.69 0.23
C2' ATP M . -35.33 35.32 1.70
O2' ATP M . -34.61 35.22 0.49
C1' ATP M . -34.49 36.03 2.77
N9 ATP M . -33.85 35.15 3.72
C8 ATP M . -32.52 34.87 3.83
N7 ATP M . -32.22 34.03 4.79
C5 ATP M . -33.44 33.72 5.35
C6 ATP M . -33.82 32.88 6.41
N6 ATP M . -32.96 32.16 7.13
N1 ATP M . -35.13 32.80 6.72
C2 ATP M . -36.00 33.52 6.00
N3 ATP M . -35.77 34.35 4.98
C4 ATP M . -34.46 34.40 4.70
CA CA N . -41.88 10.82 27.57
ZN ZN O . -29.63 28.69 6.26
N1 A1BD2 P . -43.62 29.14 27.99
N3 A1BD2 P . -46.82 30.58 27.87
C4 A1BD2 P . -44.70 31.46 26.72
C5 A1BD2 P . -42.79 29.94 27.25
C6 A1BD2 P . -42.43 31.90 25.85
C7 A1BD2 P . -46.99 29.48 28.65
C8 A1BD2 P . -47.84 31.55 27.49
C10 A1BD2 P . -48.20 30.35 25.35
C1 A1BD2 P . -43.09 27.95 28.65
C2 A1BD2 P . -44.95 29.47 28.11
C3 A1BD2 P . -45.47 30.58 27.52
O1 A1BD2 P . -45.10 32.48 26.16
N2 A1BD2 P . -43.35 31.06 26.65
O2 A1BD2 P . -41.62 29.68 27.11
N4 A1BD2 P . -45.87 28.77 28.82
C9 A1BD2 P . -48.86 30.92 26.58
O3 A1BD2 P . -49.14 30.16 24.29
O4 A1BD2 P . -49.82 31.92 26.23
PG ATP Q . 9.89 57.52 -8.44
O1G ATP Q . 10.59 58.81 -8.63
O2G ATP Q . 8.62 57.37 -9.29
O3G ATP Q . 10.78 56.29 -8.65
PB ATP Q . 8.67 56.31 -5.98
O1B ATP Q . 9.43 56.11 -4.73
O2B ATP Q . 7.22 56.73 -5.83
O3B ATP Q . 9.37 57.37 -6.94
PA ATP Q . 7.94 54.52 -8.21
O1A ATP Q . 8.88 54.38 -9.35
O2A ATP Q . 6.77 55.46 -8.45
O3A ATP Q . 8.68 55.01 -6.90
O5' ATP Q . 7.36 53.12 -7.76
C5' ATP Q . 6.53 52.35 -8.65
C4' ATP Q . 5.85 51.27 -7.83
O4' ATP Q . 5.46 50.19 -8.70
C3' ATP Q . 6.74 50.62 -6.77
O3' ATP Q . 6.53 51.23 -5.50
C2' ATP Q . 6.31 49.14 -6.77
O2' ATP Q . 5.76 48.76 -5.52
C1' ATP Q . 5.25 49.08 -7.87
N9 ATP Q . 5.32 47.88 -8.70
C8 ATP Q . 4.44 46.83 -8.74
N7 ATP Q . 4.75 45.89 -9.58
C5 ATP Q . 5.93 46.35 -10.16
C6 ATP Q . 6.78 45.81 -11.14
N6 ATP Q . 6.57 44.63 -11.74
N1 ATP Q . 7.87 46.52 -11.47
C2 ATP Q . 8.10 47.69 -10.87
N3 ATP Q . 7.36 48.30 -9.94
C4 ATP Q . 6.29 47.58 -9.63
CA CA R . 27.45 31.23 -30.11
ZN ZN S . 6.04 39.98 -10.39
N1 A1BD2 T . 17.61 46.60 -32.54
N3 A1BD2 T . 19.24 49.69 -32.69
C4 A1BD2 T . 16.99 49.21 -31.56
C5 A1BD2 T . 16.44 46.79 -31.86
C6 A1BD2 T . 14.90 48.25 -30.66
C7 A1BD2 T . 20.08 48.85 -33.35
C8 A1BD2 T . 19.44 51.12 -32.45
C10 A1BD2 T . 20.38 50.62 -30.20
C1 A1BD2 T . 17.95 45.26 -33.05
C2 A1BD2 T . 18.46 47.65 -32.74
C3 A1BD2 T . 18.17 48.90 -32.28
O1 A1BD2 T . 16.66 50.31 -31.13
N2 A1BD2 T . 16.16 48.09 -31.40
O2 A1BD2 T . 15.67 45.88 -31.65
N4 A1BD2 T . 19.64 47.59 -33.41
C9 A1BD2 T . 20.60 51.35 -31.52
O3 A1BD2 T . 21.20 51.17 -29.17
O4 A1BD2 T . 20.73 52.75 -31.30
PG ATP U . -21.48 45.38 -30.88
O1G ATP U . -21.92 46.23 -32.03
O2G ATP U . -22.40 45.48 -29.67
O3G ATP U . -21.28 43.91 -31.25
PB ATP U . -18.94 45.42 -29.30
O1B ATP U . -17.61 45.30 -29.92
O2B ATP U . -19.05 46.37 -28.12
O3B ATP U . -20.05 45.86 -30.35
PA ATP U . -20.72 43.49 -27.95
O1A ATP U . -21.68 42.71 -28.77
O2A ATP U . -21.30 44.68 -27.23
O3A ATP U . -19.51 44.01 -28.81
O5' ATP U . -20.00 42.57 -26.88
C5' ATP U . -20.75 41.94 -25.82
C4' ATP U . -19.76 41.45 -24.80
O4' ATP U . -20.37 40.40 -24.02
C3' ATP U . -18.49 40.84 -25.36
O3' ATP U . -17.44 41.80 -25.39
C2' ATP U . -18.16 39.67 -24.41
O2' ATP U . -16.92 39.87 -23.74
C1' ATP U . -19.32 39.70 -23.41
N9 ATP U . -19.81 38.38 -23.02
C8 ATP U . -19.67 37.76 -21.80
N7 ATP U . -20.22 36.58 -21.74
C5 ATP U . -20.76 36.41 -23.01
C6 ATP U . -21.47 35.34 -23.59
N6 ATP U . -21.79 34.21 -22.96
N1 ATP U . -21.86 35.49 -24.88
C2 ATP U . -21.55 36.62 -25.52
N3 ATP U . -20.89 37.68 -25.08
C4 ATP U . -20.51 37.51 -23.81
CA CA V . -33.90 9.69 -37.28
ZN ZN W . -19.38 30.62 -20.70
N1 A1BD2 X . -41.13 26.30 -33.98
N3 A1BD2 X . -41.87 28.43 -36.67
C4 A1BD2 X . -40.90 29.13 -34.39
C5 A1BD2 X . -40.64 27.09 -32.97
C6 A1BD2 X . -40.02 29.27 -32.10
C7 A1BD2 X . -42.21 27.19 -37.12
C8 A1BD2 X . -41.99 29.70 -37.39
C10 A1BD2 X . -39.59 29.53 -38.07
C1 A1BD2 X . -41.24 24.85 -33.80
C2 A1BD2 X . -41.50 26.88 -35.17
C3 A1BD2 X . -41.40 28.23 -35.38
O1 A1BD2 X . -40.80 30.33 -34.51
N2 A1BD2 X . -40.56 28.46 -33.21
O2 A1BD2 X . -40.30 26.61 -31.91
N4 A1BD2 X . -42.00 26.22 -36.24
C9 A1BD2 X . -41.02 29.74 -38.56
O3 A1BD2 X . -38.65 29.98 -39.03
O4 A1BD2 X . -41.15 30.99 -39.20
#